data_7LX0
#
_entry.id   7LX0
#
_cell.length_a   1.00
_cell.length_b   1.00
_cell.length_c   1.00
_cell.angle_alpha   90.00
_cell.angle_beta   90.00
_cell.angle_gamma   90.00
#
_symmetry.space_group_name_H-M   'P 1'
#
loop_
_entity.id
_entity.type
_entity.pdbx_description
1 polymer 'Photosystem I P700 chlorophyll a apoprotein A1'
2 polymer 'Photosystem I P700 chlorophyll a apoprotein A2'
3 polymer 'Photosystem I iron-sulfur center'
4 polymer 'Photosystem I protein PsaD'
5 polymer 'Photosystem I reaction center subunit IV'
6 polymer 'Photosystem I reaction center protein PsaF subunit III'
7 polymer 'photosystem I subunit VIII'
8 polymer 'Photosystem I reaction centre subunit IX / PsaJ'
9 polymer 'Photosystem I reaction center subunit PsaK'
10 polymer 'PSI subunit V'
11 polymer 'Photosystem I reaction center subunit XII'
12 polymer 'Photosystem one PsaX'
13 non-polymer 'CHLOROPHYLL A ISOMER'
14 non-polymer 'CHLOROPHYLL A'
15 non-polymer 'Chlorophyll F'
16 non-polymer PHYLLOQUINONE
17 non-polymer 'IRON/SULFUR CLUSTER'
18 non-polymer BETA-CAROTENE
19 non-polymer 1,2-DIPALMITOYL-PHOSPHATIDYL-GLYCEROLE
20 non-polymer 1,2-DISTEAROYL-MONOGALACTOSYL-DIGLYCERIDE
21 non-polymer DODECYL-BETA-D-MALTOSIDE
22 non-polymer 'CALCIUM ION'
#
loop_
_entity_poly.entity_id
_entity_poly.type
_entity_poly.pdbx_seq_one_letter_code
_entity_poly.pdbx_strand_id
1 'polypeptide(L)'
;MTLTPEREQEVRVVVDNDPVPTSFQKWSQPGHFDRTLAKGAKTTTWIWNLHANAHDFDTHTSDLEDISRKIFAAHFGHLA
VVFIWLSGMYFHGARFSNFEAWMANPTGIKPSAQVVWPIFGQEILNGDMGGGFHGIQITSGLFQMWRAAGFTNTFQLYCT
AIGGLVMAALMLFAGWFHYHKRAPKLEWFQNTQSMLNHHLAGLLGLGSLGWTGHLIHVSLPTNKLLDTGVALKDIPLPHE
FILNPSLMNKLYPHADWGFVKGVVPFFTLQWGHFTDFLTFKGGLNPVTGGLWLTDVAHHHLAIAVMFIIAGHMYRTNWGI
GHSIKEMLDDARTPNMLPFLSFIGPVGHKGLFEVLTTSWHAQLSINLAMLGSLSIIIAHHMYAMPPYPYLATDYGTVVSL
FTHHVWIGGFLIVGGAAHAAIYMVRDYDPEQNFNNVLDRVLRHRDAIISHLAWVCQFLGFHSFAMYCHNDTMRAFGRPQD
MFSDTGIQLQPVFAQWLQHIHTMTIGNPSLQVAAPLGHAFGGLRNLELTGLGTAAPNLHDPVSYAFGGGVVAVGGKVAMM
PITLGTADFLIHHIHAFTIHVTVLVLLKGVLFARSSRLIPDKANLGFRFPCDGPGRGGTCQVSAWDHVFLGLFWMYNSLS
MVIFHFFWKMQSDVWGTVGADGVVTHITGGNFATSSITNNGWLRDFLWAQSTQVITSYNTSLSAYGLMFLGGHFIFGFSL
MFLFSGRGYWQELIESIVWAHNKLKVAPAIQPRALSIIHGRAVGVAHYLLGGIVTTWAFFLARMTAFG
;
G,a,A
2 'polypeptide(L)'
;MATKFPKFSQDLANDPTTRRIFYAIATAHDFESHDGMTEENLYQRIFASHFGHLAIIFLWASGILFHVAWQGNFEVWIKD
PVHVRPIAHAIWDAQFGPGAIKAFTQAGARNPVDICYSGVYHWWYTIGLRTNTELYVGALFLILLAAVFLFAGWLHLQPR
YRPNLGWFKNSEARLNHHLAGLFGVSSLAWAGHLVHVAIPESRGQHVGWDNFLSTPPHPAGLWAFFTGNWGAYAQNPDTA
EHVFSTSQGAGTAILTFLGGFHPQTQSLWLTDMAHHHLAIAVVLIIAGHMYRTNWRIGHSIKEMMDSKTFFGRKVEGPFN
LPHQGLYETVNNSLHFQLSLALACLGVASSLTAQHMYSMPPYAFIAKDFTTMAALYTHHQYIAGFLMVGAFSHAAIFWIK
DYDPEQNKGNVLERVLKHKEAIIAHLSWVSLFLGFHTLGLYVHNDVEVAFGAADKQILIEPVFAQFIQSANGKILYGFHT
LLSNPDSIAFTAWPNHANVWLPGWLDAINNGTNSLFLTIGPGDFYVHHAIALGLHVTTLILVKGALDARGSKLMPDKKDF
GYAFPCDGPGRGGTCDISAWDASYLAVFWMLNTLGWVTFYWHWKHLSIWQGNVAQFNESSTYLMGWFRDYLWANSAQLIN
GYNPYGTNNLAVWAWMFLFGHLAWAVSFMFLITWRGYWQELIETLAWAHEQTPLSFGYWRDKPVALSIVQARLVGLTHFT
VGYIATYGAFLIASTASKFGQ
;
H,b,B
3 'polypeptide(L)'
;MSHTVKIYDTCIGCTQCVRACPTDVLEMVPWDGCRAGQIASSPRTEDCVGCKRCETACPTDFLSIRVYLGAETTRSMGLA
Y
;
N,c,C
4 'polypeptide(L)'
;MSPSAVLGCRKNVERRFMAETLSGQTPIFGGSTGGLLKKAEVEEKYAITWTSPKEQVFEMPTGGAAIMRQGQNLLYLARK
EQCIALGGQLRKFKITDYKIYRIYPNGETVYIHPADGVFPEKVNQGREKVRYNDRRIGQNPSPSKVKFSGIATYDAPNS
;
O,d,D
5 'polypeptide(L)' MVQRGSKVRILRPESYWFQDVGTVASIEQGGTSRYPVIVRFDKVNYAGVNTNNFAQDELVEVEAPKAKAKKA P,e,E
6 'polypeptide(L)'
;MKRIFALILAIFIWFSAVSTALAENTTLVPCYKSPAFVERMKNAPDSYYTTKPLKAYSQLLCGEDGLPRIALDRLSLAVD
VAIPIAIFLYTAGFIGWSGRSYLQAIKKQDKAEEKEVFIDVPLFISCMVMALFWPMAVIKELLAGELVAKDEEIPISVR
;
Q,f,F
7 'polypeptide(L)' MMVDMTQLTGDYAASWLPWIMIPLVFYILPFPVFAILFLWIQKEASEEIKETDNNLAEIGELEVPNS R,i,I
8 'polypeptide(L)' MEARYLFRYLSSAPVVATLALIIISVILIVLNYLFPGLQYGTFFHSLP S,j,J
9 'polypeptide(L)'
;(UNK)(UNK)(UNK)(UNK)(UNK)(UNK)(UNK)(UNK)(UNK)(UNK)(UNK)(UNK)(UNK)(UNK)(UNK)(UNK)
(UNK)(UNK)(UNK)(UNK)(UNK)(UNK)(UNK)(UNK)(UNK)VAAMAFGHVIGVAIVLGLTNIGKI
;
T,k,K
10 'polypeptide(L)'
;MSNTVDTVDNDIIKPFKGDPCLGNLSTPINDSPLAKAFINNLPAYRKGLTPFMRGLEIGMAHGYFLVGPEVVIGPLRESA
HGANLSGLITAIYIAVSACLGISIFAITTFQGNPKGSYSSYSKDSLRPLRTREEWSQLNGGIFLGAMGGAIFAYLLLENF
DALDAILRGAVNAS
;
U,l,L
11 'polypeptide(L)' MSISDTQVYIALVVALVPGFLAWRLATELYK V,m,M
12 'polypeptide(L)'
;MPGKESTALPRLHTLPTSLPLATQNHENIFNESGELGHLFGISEEVLKLGVHFMAKADTTADLPVAKSTTAKPPYTFRTA
WALLLLAINFIVAAYYFHIIE
;
W,x,X
#
loop_
_chem_comp.id
_chem_comp.type
_chem_comp.name
_chem_comp.formula
BCR non-polymer BETA-CAROTENE 'C40 H56'
CA non-polymer 'CALCIUM ION' 'Ca 2'
CL0 non-polymer 'CHLOROPHYLL A ISOMER' 'C55 H72 Mg N4 O5 2'
CLA non-polymer 'CHLOROPHYLL A' 'C55 H72 Mg N4 O5'
F6C non-polymer 'Chlorophyll F' 'C55 H68 Mg N4 O6'
LHG non-polymer 1,2-DIPALMITOYL-PHOSPHATIDYL-GLYCEROLE 'C38 H75 O10 P'
LMG non-polymer 1,2-DISTEAROYL-MONOGALACTOSYL-DIGLYCERIDE 'C45 H86 O10'
LMT D-saccharide DODECYL-BETA-D-MALTOSIDE 'C24 H46 O11'
PQN non-polymer PHYLLOQUINONE 'C31 H46 O2'
SF4 non-polymer 'IRON/SULFUR CLUSTER' 'Fe4 S4'
#
# COMPACT_ATOMS: atom_id res chain seq x y z
N GLU A 10 -15.42 72.45 32.04
CA GLU A 10 -15.20 73.87 31.86
C GLU A 10 -13.73 74.19 32.05
N VAL A 11 -13.09 74.66 30.99
CA VAL A 11 -11.64 74.86 30.98
C VAL A 11 -11.31 76.16 31.70
N ARG A 12 -10.38 76.11 32.64
CA ARG A 12 -10.04 77.24 33.47
C ARG A 12 -8.55 77.18 33.79
N VAL A 13 -7.95 78.33 34.05
CA VAL A 13 -6.58 78.41 34.54
C VAL A 13 -6.64 78.52 36.05
N VAL A 14 -6.24 77.46 36.75
CA VAL A 14 -6.12 77.48 38.21
C VAL A 14 -4.70 77.09 38.57
N VAL A 15 -4.07 77.88 39.45
CA VAL A 15 -2.67 77.72 39.83
C VAL A 15 -2.55 77.89 41.34
N ASP A 16 -1.40 77.49 41.86
CA ASP A 16 -1.02 77.80 43.22
C ASP A 16 -0.11 79.02 43.24
N ASN A 17 0.13 79.53 44.45
CA ASN A 17 0.94 80.72 44.65
C ASN A 17 2.13 80.37 45.53
N ASP A 18 3.33 80.46 44.97
CA ASP A 18 4.57 80.13 45.65
C ASP A 18 4.52 78.79 46.37
N PRO A 19 4.31 77.68 45.65
CA PRO A 19 4.17 76.40 46.35
C PRO A 19 5.47 75.88 46.94
N VAL A 20 6.57 76.00 46.21
CA VAL A 20 7.85 75.45 46.62
C VAL A 20 8.83 76.62 46.78
N PRO A 21 9.46 76.77 47.95
CA PRO A 21 10.44 77.84 48.12
C PRO A 21 11.66 77.63 47.24
N THR A 22 12.41 78.70 47.06
CA THR A 22 13.60 78.70 46.22
C THR A 22 14.81 78.92 47.11
N SER A 23 15.48 77.83 47.47
CA SER A 23 16.67 77.92 48.30
C SER A 23 17.58 76.74 47.97
N PHE A 24 18.84 76.85 48.37
CA PHE A 24 19.79 75.78 48.16
C PHE A 24 19.85 74.81 49.33
N GLN A 25 18.79 74.77 50.15
CA GLN A 25 18.71 73.84 51.27
C GLN A 25 18.88 72.40 50.79
N LYS A 26 18.21 72.03 49.72
CA LYS A 26 18.24 70.66 49.25
C LYS A 26 19.35 70.37 48.26
N TRP A 27 20.06 71.40 47.78
CA TRP A 27 21.23 71.13 46.96
C TRP A 27 22.34 70.49 47.78
N SER A 28 22.50 70.92 49.02
CA SER A 28 23.53 70.41 49.90
C SER A 28 23.20 69.05 50.50
N GLN A 29 21.99 68.54 50.29
CA GLN A 29 21.59 67.23 50.77
C GLN A 29 21.02 66.42 49.62
N PRO A 30 21.88 65.87 48.77
CA PRO A 30 21.42 65.13 47.60
C PRO A 30 20.73 63.83 48.01
N GLY A 31 19.90 63.34 47.11
CA GLY A 31 19.07 62.20 47.42
C GLY A 31 17.87 62.52 48.26
N HIS A 32 17.55 63.79 48.43
CA HIS A 32 16.43 64.20 49.27
C HIS A 32 15.10 63.67 48.74
N PHE A 33 15.01 63.45 47.43
CA PHE A 33 13.76 63.03 46.83
C PHE A 33 13.32 61.64 47.28
N ASP A 34 14.23 60.81 47.74
CA ASP A 34 13.91 59.49 48.25
C ASP A 34 14.26 59.45 49.73
N ARG A 35 13.34 58.98 50.55
CA ARG A 35 13.58 58.85 51.98
C ARG A 35 14.68 57.83 52.27
N THR A 36 14.81 56.80 51.44
CA THR A 36 15.86 55.82 51.62
C THR A 36 17.22 56.41 51.25
N LEU A 37 17.26 57.25 50.23
CA LEU A 37 18.50 57.91 49.86
C LEU A 37 18.87 59.01 50.83
N ALA A 38 17.88 59.68 51.40
CA ALA A 38 18.13 60.84 52.26
C ALA A 38 18.30 60.45 53.73
N LYS A 39 19.13 59.46 53.98
CA LYS A 39 19.48 59.10 55.35
C LYS A 39 20.95 58.77 55.53
N GLY A 40 21.76 58.93 54.49
CA GLY A 40 23.18 58.64 54.58
C GLY A 40 23.65 57.75 53.45
N ALA A 41 24.93 57.88 53.11
CA ALA A 41 25.55 57.09 52.06
C ALA A 41 26.30 55.92 52.69
N LYS A 42 25.55 54.89 53.06
CA LYS A 42 26.18 53.76 53.73
C LYS A 42 27.15 53.02 52.81
N THR A 43 26.76 52.84 51.55
CA THR A 43 27.59 52.16 50.57
C THR A 43 27.63 52.99 49.30
N THR A 44 28.50 52.60 48.38
CA THR A 44 28.55 53.21 47.06
C THR A 44 27.33 52.91 46.21
N THR A 45 26.51 51.95 46.60
CA THR A 45 25.25 51.72 45.90
C THR A 45 24.34 52.93 46.01
N TRP A 46 24.46 53.69 47.10
CA TRP A 46 23.68 54.91 47.28
C TRP A 46 24.00 55.93 46.19
N ILE A 47 25.25 55.97 45.74
CA ILE A 47 25.64 56.91 44.71
C ILE A 47 24.92 56.62 43.42
N TRP A 48 24.86 55.35 43.04
CA TRP A 48 24.22 54.99 41.79
C TRP A 48 22.70 55.08 41.91
N ASN A 49 22.17 54.86 43.10
CA ASN A 49 20.72 54.97 43.27
C ASN A 49 20.26 56.40 43.19
N LEU A 50 21.15 57.34 43.50
CA LEU A 50 20.83 58.75 43.45
C LEU A 50 20.65 59.26 42.03
N HIS A 51 21.22 58.57 41.05
CA HIS A 51 21.09 58.96 39.65
C HIS A 51 20.04 58.16 38.91
N ALA A 52 19.88 56.88 39.26
CA ALA A 52 18.84 56.06 38.68
C ALA A 52 17.46 56.43 39.18
N ASN A 53 17.35 57.30 40.18
CA ASN A 53 16.08 57.70 40.74
C ASN A 53 15.84 59.19 40.67
N ALA A 54 16.75 59.94 40.07
CA ALA A 54 16.66 61.40 40.12
C ALA A 54 15.44 61.92 39.39
N HIS A 55 14.98 61.22 38.37
CA HIS A 55 13.89 61.69 37.53
C HIS A 55 12.65 60.84 37.63
N ASP A 56 12.64 59.79 38.45
CA ASP A 56 11.44 58.99 38.60
C ASP A 56 10.56 59.73 39.61
N PHE A 57 9.89 60.77 39.11
CA PHE A 57 9.09 61.64 39.97
C PHE A 57 7.92 60.91 40.59
N ASP A 58 7.51 59.78 40.01
CA ASP A 58 6.38 59.01 40.52
C ASP A 58 6.71 58.27 41.81
N THR A 59 7.98 58.18 42.17
CA THR A 59 8.39 57.60 43.43
C THR A 59 8.89 58.64 44.42
N HIS A 60 9.10 59.87 43.98
CA HIS A 60 9.41 60.95 44.92
C HIS A 60 8.19 61.31 45.75
N THR A 61 7.05 61.47 45.08
CA THR A 61 5.80 61.82 45.74
C THR A 61 4.72 60.81 45.37
N SER A 62 3.47 61.11 45.71
CA SER A 62 2.39 60.17 45.48
C SER A 62 1.22 60.84 44.75
N ASP A 63 1.05 62.14 44.95
CA ASP A 63 -0.08 62.84 44.37
C ASP A 63 0.24 63.30 42.95
N LEU A 64 -0.72 63.09 42.04
CA LEU A 64 -0.53 63.45 40.65
C LEU A 64 -0.43 64.95 40.44
N GLU A 65 -0.95 65.76 41.37
CA GLU A 65 -0.82 67.20 41.25
C GLU A 65 0.63 67.63 41.35
N ASP A 66 1.35 67.11 42.35
CA ASP A 66 2.73 67.50 42.54
C ASP A 66 3.66 66.82 41.56
N ILE A 67 3.32 65.60 41.12
CA ILE A 67 4.11 64.95 40.08
C ILE A 67 4.06 65.75 38.79
N SER A 68 2.85 66.12 38.38
CA SER A 68 2.67 66.81 37.11
C SER A 68 3.32 68.18 37.10
N ARG A 69 3.45 68.81 38.26
CA ARG A 69 4.17 70.08 38.32
C ARG A 69 5.66 69.88 38.08
N LYS A 70 6.19 68.75 38.52
CA LYS A 70 7.58 68.45 38.22
C LYS A 70 7.78 68.16 36.73
N ILE A 71 6.83 67.47 36.11
CA ILE A 71 6.95 67.15 34.68
C ILE A 71 6.98 68.43 33.88
N PHE A 72 6.03 69.31 34.13
CA PHE A 72 5.87 70.53 33.34
C PHE A 72 7.06 71.46 33.54
N ALA A 73 7.58 71.53 34.76
CA ALA A 73 8.73 72.40 35.01
C ALA A 73 10.01 71.79 34.45
N ALA A 74 10.11 70.47 34.41
CA ALA A 74 11.31 69.84 33.88
C ALA A 74 11.39 69.96 32.37
N HIS A 75 10.24 70.02 31.69
CA HIS A 75 10.24 70.25 30.25
C HIS A 75 10.84 71.60 29.91
N PHE A 76 10.57 72.60 30.73
CA PHE A 76 11.13 73.93 30.47
C PHE A 76 12.64 73.92 30.55
N GLY A 77 13.19 73.25 31.56
CA GLY A 77 14.63 73.10 31.64
C GLY A 77 15.20 72.23 30.55
N HIS A 78 14.38 71.37 29.98
CA HIS A 78 14.83 70.62 28.81
C HIS A 78 14.84 71.49 27.57
N LEU A 79 13.77 72.23 27.32
CA LEU A 79 13.74 73.16 26.20
C LEU A 79 14.87 74.17 26.28
N ALA A 80 15.26 74.54 27.50
CA ALA A 80 16.44 75.38 27.67
C ALA A 80 17.69 74.70 27.14
N VAL A 81 17.81 73.40 27.37
CA VAL A 81 19.00 72.67 26.93
C VAL A 81 19.05 72.59 25.41
N VAL A 82 17.90 72.35 24.77
CA VAL A 82 17.87 72.31 23.32
C VAL A 82 18.17 73.69 22.73
N PHE A 83 17.70 74.75 23.38
CA PHE A 83 18.00 76.08 22.88
C PHE A 83 19.47 76.44 23.06
N ILE A 84 20.11 75.96 24.12
CA ILE A 84 21.56 76.11 24.25
C ILE A 84 22.26 75.39 23.11
N TRP A 85 21.78 74.20 22.76
CA TRP A 85 22.40 73.42 21.71
C TRP A 85 22.14 74.02 20.34
N LEU A 86 20.91 74.51 20.11
CA LEU A 86 20.62 75.19 18.86
C LEU A 86 21.43 76.46 18.72
N SER A 87 21.62 77.19 19.81
CA SER A 87 22.46 78.38 19.78
C SER A 87 23.89 78.02 19.43
N GLY A 88 24.38 76.90 19.96
CA GLY A 88 25.72 76.46 19.62
C GLY A 88 25.89 76.10 18.17
N MET A 89 24.81 75.67 17.51
CA MET A 89 24.94 75.30 16.11
C MET A 89 25.04 76.54 15.24
N TYR A 90 24.21 77.54 15.54
CA TYR A 90 24.24 78.78 14.77
C TYR A 90 25.47 79.60 15.11
N PHE A 91 25.94 79.55 16.36
CA PHE A 91 27.15 80.28 16.69
C PHE A 91 28.36 79.69 16.00
N HIS A 92 28.45 78.37 15.93
CA HIS A 92 29.55 77.75 15.21
C HIS A 92 29.43 77.97 13.72
N GLY A 93 28.21 77.93 13.19
CA GLY A 93 28.01 78.33 11.82
C GLY A 93 28.33 79.79 11.57
N ALA A 94 28.34 80.61 12.62
CA ALA A 94 28.63 82.02 12.45
C ALA A 94 30.13 82.31 12.39
N ARG A 95 30.89 81.90 13.40
CA ARG A 95 32.27 82.36 13.48
C ARG A 95 33.31 81.25 13.48
N PHE A 96 32.92 79.99 13.32
CA PHE A 96 33.88 78.89 13.21
C PHE A 96 33.62 78.03 11.98
N SER A 97 33.07 78.61 10.92
CA SER A 97 32.68 77.81 9.77
C SER A 97 33.13 78.48 8.50
N ASN A 98 33.11 77.71 7.41
CA ASN A 98 33.29 78.21 6.07
C ASN A 98 31.95 78.40 5.37
N PHE A 99 30.95 78.85 6.12
CA PHE A 99 29.61 79.00 5.56
C PHE A 99 29.57 80.10 4.51
N GLU A 100 30.34 81.16 4.68
CA GLU A 100 30.40 82.20 3.65
C GLU A 100 30.94 81.64 2.35
N ALA A 101 32.03 80.87 2.42
CA ALA A 101 32.60 80.26 1.22
C ALA A 101 31.65 79.24 0.62
N TRP A 102 30.96 78.47 1.45
CA TRP A 102 30.08 77.44 0.93
C TRP A 102 28.84 78.01 0.28
N MET A 103 28.39 79.21 0.67
CA MET A 103 27.28 79.83 -0.03
C MET A 103 27.64 80.19 -1.46
N ALA A 104 28.88 80.60 -1.71
CA ALA A 104 29.25 81.00 -3.06
C ALA A 104 29.32 79.80 -3.99
N ASN A 105 29.99 78.73 -3.58
CA ASN A 105 30.19 77.54 -4.41
C ASN A 105 29.82 76.32 -3.60
N PRO A 106 28.54 75.94 -3.56
CA PRO A 106 28.15 74.80 -2.73
C PRO A 106 28.32 73.46 -3.43
N THR A 107 29.39 73.31 -4.21
CA THR A 107 29.68 72.02 -4.81
C THR A 107 31.09 71.59 -4.48
N GLY A 108 32.05 72.50 -4.69
CA GLY A 108 33.45 72.18 -4.49
C GLY A 108 33.94 72.51 -3.10
N ILE A 109 33.17 73.29 -2.36
CA ILE A 109 33.52 73.66 -0.99
C ILE A 109 32.84 72.69 -0.04
N LYS A 110 33.61 72.13 0.86
CA LYS A 110 32.96 71.18 1.78
C LYS A 110 32.46 71.92 3.01
N PRO A 111 31.27 71.57 3.48
CA PRO A 111 30.73 72.22 4.68
C PRO A 111 31.56 71.87 5.89
N SER A 112 31.87 72.87 6.70
CA SER A 112 32.73 72.64 7.85
C SER A 112 32.54 73.75 8.87
N ALA A 113 32.11 73.38 10.06
CA ALA A 113 32.26 74.19 11.26
C ALA A 113 33.18 73.43 12.18
N GLN A 114 33.32 73.92 13.40
CA GLN A 114 34.04 73.19 14.46
C GLN A 114 35.48 72.88 14.03
N VAL A 115 36.26 73.94 13.94
CA VAL A 115 37.71 73.86 13.78
C VAL A 115 38.31 73.35 15.07
N VAL A 116 39.60 72.99 15.03
CA VAL A 116 40.23 72.27 16.12
C VAL A 116 41.46 73.05 16.58
N TRP A 117 41.64 73.14 17.90
CA TRP A 117 42.74 73.90 18.45
C TRP A 117 44.07 73.23 18.18
N PRO A 118 45.12 74.02 17.94
CA PRO A 118 46.46 73.44 17.79
C PRO A 118 47.09 73.03 19.11
N ILE A 119 46.79 71.82 19.56
CA ILE A 119 47.48 71.25 20.72
C ILE A 119 47.45 69.74 20.53
N PHE A 120 48.49 69.06 21.02
CA PHE A 120 48.57 67.60 21.01
C PHE A 120 48.72 67.03 19.61
N GLY A 121 49.08 67.86 18.63
CA GLY A 121 49.21 67.37 17.28
C GLY A 121 47.89 67.12 16.59
N GLN A 122 46.79 67.58 17.16
CA GLN A 122 45.47 67.33 16.60
C GLN A 122 45.08 68.36 15.55
N GLU A 123 45.97 69.29 15.23
CA GLU A 123 45.71 70.22 14.13
C GLU A 123 45.59 69.49 12.81
N ILE A 124 46.06 68.24 12.73
CA ILE A 124 45.91 67.44 11.51
C ILE A 124 44.44 67.20 11.20
N LEU A 125 43.58 67.25 12.21
CA LEU A 125 42.14 67.07 11.97
C LEU A 125 41.54 68.24 11.21
N ASN A 126 42.18 69.40 11.21
CA ASN A 126 41.75 70.54 10.43
C ASN A 126 42.14 70.27 8.97
N GLY A 127 41.35 69.44 8.32
CA GLY A 127 41.62 69.10 6.93
C GLY A 127 41.21 70.20 5.98
N ASP A 128 41.69 70.09 4.75
CA ASP A 128 41.41 71.10 3.74
C ASP A 128 39.97 70.98 3.26
N MET A 129 39.26 72.10 3.22
CA MET A 129 37.85 72.10 2.88
C MET A 129 37.54 72.77 1.55
N GLY A 130 38.56 73.27 0.87
CA GLY A 130 38.32 74.10 -0.29
C GLY A 130 38.18 75.54 0.14
N GLY A 131 38.82 76.45 -0.59
CA GLY A 131 38.79 77.84 -0.20
C GLY A 131 39.77 78.21 0.88
N GLY A 132 40.72 77.34 1.20
CA GLY A 132 41.73 77.65 2.18
C GLY A 132 41.27 77.62 3.62
N PHE A 133 40.09 77.08 3.89
CA PHE A 133 39.57 76.93 5.24
C PHE A 133 39.89 75.54 5.73
N HIS A 134 40.45 75.45 6.93
CA HIS A 134 40.83 74.19 7.53
C HIS A 134 39.92 73.90 8.71
N GLY A 135 39.27 72.74 8.67
CA GLY A 135 38.36 72.37 9.72
C GLY A 135 37.97 70.91 9.61
N ILE A 136 36.83 70.58 10.20
CA ILE A 136 36.28 69.24 10.15
C ILE A 136 35.01 69.26 9.33
N GLN A 137 34.90 68.35 8.37
CA GLN A 137 33.76 68.30 7.47
C GLN A 137 32.54 67.85 8.24
N ILE A 138 31.65 68.78 8.56
CA ILE A 138 30.43 68.43 9.25
C ILE A 138 29.48 67.71 8.29
N THR A 139 28.72 66.77 8.84
CA THR A 139 27.75 66.01 8.07
C THR A 139 26.35 66.18 8.64
N SER A 140 26.11 67.22 9.43
CA SER A 140 24.81 67.43 10.03
C SER A 140 23.84 68.13 9.11
N GLY A 141 24.29 68.63 7.96
CA GLY A 141 23.36 69.27 7.05
C GLY A 141 22.88 70.63 7.49
N LEU A 142 23.59 71.26 8.42
CA LEU A 142 23.19 72.60 8.86
C LEU A 142 23.29 73.59 7.72
N PHE A 143 24.33 73.49 6.91
CA PHE A 143 24.52 74.44 5.81
C PHE A 143 23.42 74.29 4.77
N GLN A 144 23.06 73.05 4.44
CA GLN A 144 22.00 72.84 3.48
C GLN A 144 20.66 73.31 4.00
N MET A 145 20.53 73.48 5.31
CA MET A 145 19.30 73.96 5.91
C MET A 145 19.28 75.47 6.06
N TRP A 146 20.43 76.08 6.31
CA TRP A 146 20.47 77.53 6.40
C TRP A 146 20.33 78.17 5.03
N ARG A 147 20.78 77.50 3.98
CA ARG A 147 20.54 78.01 2.64
C ARG A 147 19.06 77.97 2.30
N ALA A 148 18.36 76.92 2.71
CA ALA A 148 16.93 76.85 2.50
C ALA A 148 16.16 77.79 3.42
N ALA A 149 16.77 78.25 4.50
CA ALA A 149 16.15 79.22 5.36
C ALA A 149 16.39 80.65 4.91
N GLY A 150 17.29 80.87 3.96
CA GLY A 150 17.54 82.19 3.46
C GLY A 150 18.75 82.89 4.06
N PHE A 151 19.49 82.23 4.94
CA PHE A 151 20.70 82.82 5.48
C PHE A 151 21.71 83.08 4.37
N THR A 152 22.36 84.22 4.41
CA THR A 152 23.39 84.51 3.43
C THR A 152 24.71 84.91 4.06
N ASN A 153 24.69 85.65 5.15
CA ASN A 153 25.92 86.06 5.82
C ASN A 153 25.96 85.49 7.22
N THR A 154 27.13 85.61 7.85
CA THR A 154 27.33 85.07 9.18
C THR A 154 26.81 85.98 10.29
N PHE A 155 26.36 87.19 9.95
CA PHE A 155 25.75 88.02 10.98
C PHE A 155 24.37 87.50 11.34
N GLN A 156 23.61 87.04 10.34
CA GLN A 156 22.29 86.46 10.60
C GLN A 156 22.39 85.18 11.41
N LEU A 157 23.42 84.38 11.14
CA LEU A 157 23.64 83.19 11.95
C LEU A 157 23.99 83.56 13.39
N TYR A 158 24.85 84.57 13.57
CA TYR A 158 25.27 84.95 14.91
C TYR A 158 24.11 85.49 15.72
N CYS A 159 23.29 86.35 15.12
CA CYS A 159 22.18 86.93 15.87
C CYS A 159 21.08 85.93 16.15
N THR A 160 21.03 84.84 15.40
CA THR A 160 20.12 83.75 15.75
C THR A 160 20.65 82.97 16.93
N ALA A 161 21.97 82.79 17.00
CA ALA A 161 22.58 82.18 18.18
C ALA A 161 22.34 83.03 19.41
N ILE A 162 22.45 84.35 19.28
CA ILE A 162 22.08 85.24 20.38
C ILE A 162 20.60 85.11 20.67
N GLY A 163 19.78 85.03 19.63
CA GLY A 163 18.34 84.88 19.82
C GLY A 163 17.93 83.55 20.40
N GLY A 164 18.85 82.59 20.47
CA GLY A 164 18.55 81.32 21.10
C GLY A 164 18.99 81.26 22.54
N LEU A 165 20.12 81.92 22.85
CA LEU A 165 20.55 81.99 24.24
C LEU A 165 19.57 82.79 25.07
N VAL A 166 19.06 83.90 24.55
CA VAL A 166 18.04 84.62 25.28
C VAL A 166 16.73 83.87 25.27
N MET A 167 16.56 82.94 24.34
CA MET A 167 15.36 82.13 24.31
C MET A 167 15.48 80.96 25.28
N ALA A 168 16.70 80.50 25.53
CA ALA A 168 16.93 79.49 26.57
C ALA A 168 16.75 80.08 27.96
N ALA A 169 17.16 81.34 28.14
CA ALA A 169 16.94 82.00 29.43
C ALA A 169 15.47 82.12 29.75
N LEU A 170 14.62 82.29 28.74
CA LEU A 170 13.19 82.31 28.98
C LEU A 170 12.69 80.94 29.42
N MET A 171 13.25 79.88 28.85
CA MET A 171 12.83 78.54 29.23
C MET A 171 13.23 78.22 30.66
N LEU A 172 14.42 78.65 31.08
CA LEU A 172 14.81 78.44 32.47
C LEU A 172 13.94 79.25 33.41
N PHE A 173 13.66 80.50 33.07
CA PHE A 173 12.81 81.30 33.94
C PHE A 173 11.39 80.74 33.98
N ALA A 174 10.87 80.28 32.85
CA ALA A 174 9.53 79.73 32.82
C ALA A 174 9.41 78.44 33.60
N GLY A 175 10.49 77.70 33.77
CA GLY A 175 10.46 76.49 34.55
C GLY A 175 10.52 76.76 36.03
N TRP A 176 11.38 77.71 36.42
CA TRP A 176 11.39 78.14 37.81
C TRP A 176 10.09 78.81 38.18
N PHE A 177 9.53 79.59 37.26
CA PHE A 177 8.30 80.31 37.56
C PHE A 177 7.14 79.35 37.75
N HIS A 178 7.11 78.27 36.98
CA HIS A 178 6.00 77.34 37.04
C HIS A 178 6.23 76.20 38.01
N TYR A 179 7.23 76.31 38.87
CA TYR A 179 7.35 75.35 39.95
C TYR A 179 7.45 76.06 41.29
N HIS A 180 7.99 77.28 41.28
CA HIS A 180 8.25 77.99 42.51
C HIS A 180 7.41 79.23 42.72
N LYS A 181 6.78 79.77 41.67
CA LYS A 181 5.93 80.94 41.82
C LYS A 181 4.47 80.63 41.53
N ARG A 182 4.15 80.16 40.33
CA ARG A 182 2.77 79.88 39.93
C ARG A 182 2.73 78.49 39.35
N ALA A 183 2.58 77.52 40.18
CA ALA A 183 2.47 76.16 39.69
C ALA A 183 1.01 75.82 39.44
N PRO A 184 0.66 75.29 38.28
CA PRO A 184 -0.73 74.95 38.02
C PRO A 184 -1.21 73.81 38.89
N LYS A 185 -2.53 73.78 39.13
CA LYS A 185 -3.13 72.68 39.86
C LYS A 185 -3.39 71.51 38.91
N LEU A 186 -3.98 70.45 39.45
CA LEU A 186 -4.19 69.25 38.63
C LEU A 186 -5.30 69.45 37.60
N GLU A 187 -6.29 70.28 37.91
CA GLU A 187 -7.36 70.56 36.96
C GLU A 187 -6.83 71.21 35.70
N TRP A 188 -5.76 71.99 35.82
CA TRP A 188 -5.19 72.61 34.64
C TRP A 188 -4.49 71.58 33.76
N PHE A 189 -3.99 70.51 34.35
CA PHE A 189 -3.26 69.52 33.56
C PHE A 189 -4.21 68.55 32.89
N GLN A 190 -5.30 68.18 33.57
CA GLN A 190 -6.11 67.05 33.14
C GLN A 190 -7.06 67.40 32.00
N ASN A 191 -7.14 68.65 31.59
CA ASN A 191 -7.92 69.00 30.40
C ASN A 191 -7.04 68.85 29.16
N THR A 192 -6.76 67.58 28.85
CA THR A 192 -6.02 67.24 27.65
C THR A 192 -6.77 67.60 26.39
N GLN A 193 -8.08 67.74 26.49
CA GLN A 193 -8.91 68.05 25.34
C GLN A 193 -8.69 69.49 24.87
N SER A 194 -8.36 70.39 25.80
CA SER A 194 -7.95 71.74 25.46
C SER A 194 -6.51 71.82 24.99
N MET A 195 -5.65 70.91 25.46
CA MET A 195 -4.26 70.90 25.02
C MET A 195 -4.14 70.46 23.58
N LEU A 196 -4.99 69.52 23.17
CA LEU A 196 -5.00 69.08 21.78
C LEU A 196 -5.43 70.20 20.84
N ASN A 197 -6.36 71.05 21.28
CA ASN A 197 -6.80 72.16 20.45
C ASN A 197 -5.66 73.14 20.20
N HIS A 198 -4.87 73.44 21.22
CA HIS A 198 -3.81 74.42 21.04
C HIS A 198 -2.57 73.83 20.39
N HIS A 199 -2.30 72.56 20.61
CA HIS A 199 -1.15 71.97 19.97
C HIS A 199 -1.39 71.68 18.50
N LEU A 200 -2.62 71.32 18.15
CA LEU A 200 -2.94 71.07 16.76
C LEU A 200 -3.05 72.38 15.98
N ALA A 201 -3.68 73.39 16.56
CA ALA A 201 -3.91 74.64 15.87
C ALA A 201 -2.85 75.68 16.19
N GLY A 202 -2.58 75.92 17.47
CA GLY A 202 -1.69 76.99 17.83
C GLY A 202 -0.22 76.68 17.67
N LEU A 203 0.15 75.41 17.72
CA LEU A 203 1.56 75.03 17.65
C LEU A 203 1.93 74.47 16.28
N LEU A 204 1.23 73.43 15.83
CA LEU A 204 1.53 72.87 14.53
C LEU A 204 0.87 73.65 13.41
N GLY A 205 -0.30 74.22 13.65
CA GLY A 205 -0.96 74.99 12.61
C GLY A 205 -0.36 76.36 12.44
N LEU A 206 -0.25 77.11 13.53
CA LEU A 206 0.38 78.41 13.46
C LEU A 206 1.87 78.33 13.21
N GLY A 207 2.51 77.23 13.59
CA GLY A 207 3.93 77.09 13.30
C GLY A 207 4.22 76.95 11.83
N SER A 208 3.43 76.11 11.14
CA SER A 208 3.60 75.97 9.70
C SER A 208 2.94 77.08 8.91
N LEU A 209 2.05 77.84 9.54
CA LEU A 209 1.61 79.08 8.93
C LEU A 209 2.67 80.15 9.08
N GLY A 210 3.34 80.20 10.22
CA GLY A 210 4.45 81.11 10.39
C GLY A 210 5.58 80.78 9.45
N TRP A 211 5.88 79.50 9.28
CA TRP A 211 7.01 79.13 8.44
C TRP A 211 6.75 79.41 6.97
N THR A 212 5.54 79.11 6.48
CA THR A 212 5.23 79.46 5.10
C THR A 212 5.20 80.97 4.90
N GLY A 213 5.04 81.75 5.97
CA GLY A 213 5.30 83.17 5.88
C GLY A 213 6.77 83.47 5.62
N HIS A 214 7.65 82.76 6.32
CA HIS A 214 9.08 82.93 6.08
C HIS A 214 9.47 82.46 4.69
N LEU A 215 8.96 81.31 4.27
CA LEU A 215 9.37 80.72 3.00
C LEU A 215 9.06 81.66 1.85
N ILE A 216 7.87 82.26 1.84
CA ILE A 216 7.46 83.12 0.74
C ILE A 216 8.25 84.42 0.73
N HIS A 217 8.58 84.94 1.90
CA HIS A 217 9.17 86.26 1.98
C HIS A 217 10.65 86.28 2.27
N VAL A 218 11.25 85.15 2.63
CA VAL A 218 12.69 85.11 2.83
C VAL A 218 13.30 84.04 1.95
N SER A 219 12.83 82.81 2.09
CA SER A 219 13.51 81.68 1.46
C SER A 219 13.25 81.62 -0.04
N LEU A 220 12.01 81.83 -0.46
CA LEU A 220 11.71 81.79 -1.89
C LEU A 220 12.44 82.87 -2.68
N PRO A 221 12.46 84.15 -2.27
CA PRO A 221 13.24 85.12 -3.04
C PRO A 221 14.74 84.87 -2.98
N THR A 222 15.26 84.56 -1.80
CA THR A 222 16.69 84.37 -1.65
C THR A 222 17.18 83.19 -2.48
N ASN A 223 16.45 82.08 -2.45
CA ASN A 223 16.86 80.93 -3.24
C ASN A 223 16.48 81.09 -4.71
N LYS A 224 15.64 82.05 -5.05
CA LYS A 224 15.41 82.38 -6.46
C LYS A 224 16.65 83.02 -7.07
N LEU A 225 17.22 84.00 -6.37
CA LEU A 225 18.39 84.70 -6.89
C LEU A 225 19.66 83.87 -6.77
N LEU A 226 19.77 83.05 -5.73
CA LEU A 226 20.96 82.20 -5.58
C LEU A 226 21.06 81.16 -6.68
N ASP A 227 19.95 80.82 -7.33
CA ASP A 227 19.99 79.89 -8.45
C ASP A 227 20.42 80.56 -9.75
N THR A 228 20.43 81.90 -9.81
CA THR A 228 20.94 82.61 -10.98
C THR A 228 22.37 83.08 -10.80
N GLY A 229 23.00 82.76 -9.67
CA GLY A 229 24.39 83.11 -9.48
C GLY A 229 24.64 84.60 -9.32
N VAL A 230 24.22 85.15 -8.18
CA VAL A 230 24.48 86.56 -7.88
C VAL A 230 25.61 86.77 -6.89
N ALA A 231 26.10 85.71 -6.25
CA ALA A 231 27.36 85.69 -5.52
C ALA A 231 27.37 86.64 -4.32
N LEU A 232 26.26 86.68 -3.57
CA LEU A 232 26.18 87.26 -2.23
C LEU A 232 26.44 88.76 -2.16
N LYS A 233 26.75 89.40 -3.28
CA LYS A 233 26.67 90.85 -3.38
C LYS A 233 25.24 91.29 -3.67
N ASP A 234 24.70 90.82 -4.80
CA ASP A 234 23.40 91.27 -5.27
C ASP A 234 22.23 90.66 -4.51
N ILE A 235 22.49 89.73 -3.59
CA ILE A 235 21.45 89.24 -2.70
C ILE A 235 20.99 90.38 -1.80
N PRO A 236 19.72 90.76 -1.84
CA PRO A 236 19.20 91.69 -0.85
C PRO A 236 19.02 90.99 0.47
N LEU A 237 19.13 91.75 1.55
CA LEU A 237 18.82 91.20 2.85
C LEU A 237 17.33 90.90 2.91
N PRO A 238 16.92 89.93 3.74
CA PRO A 238 15.53 89.47 3.69
C PRO A 238 14.50 90.56 3.96
N HIS A 239 14.85 91.56 4.75
CA HIS A 239 13.91 92.64 5.00
C HIS A 239 13.78 93.56 3.79
N GLU A 240 14.85 93.69 3.00
CA GLU A 240 14.78 94.53 1.80
C GLU A 240 13.85 93.96 0.75
N PHE A 241 13.39 92.72 0.91
CA PHE A 241 12.32 92.19 0.06
C PHE A 241 10.95 92.71 0.47
N ILE A 242 10.78 93.17 1.69
CA ILE A 242 9.50 93.65 2.18
C ILE A 242 9.45 95.17 2.23
N LEU A 243 10.53 95.81 2.70
CA LEU A 243 10.66 97.25 2.57
C LEU A 243 10.64 97.71 1.13
N ASN A 244 11.15 96.89 0.22
CA ASN A 244 11.09 97.24 -1.19
C ASN A 244 10.20 96.23 -1.89
N PRO A 245 8.88 96.41 -1.84
CA PRO A 245 7.99 95.43 -2.48
C PRO A 245 8.12 95.37 -3.98
N SER A 246 8.64 96.43 -4.61
CA SER A 246 8.91 96.41 -6.05
C SER A 246 10.01 95.43 -6.41
N LEU A 247 10.84 95.05 -5.44
CA LEU A 247 11.94 94.14 -5.69
C LEU A 247 11.46 92.71 -5.95
N MET A 248 10.26 92.34 -5.51
CA MET A 248 9.69 91.03 -5.79
C MET A 248 8.64 91.09 -6.88
N ASN A 249 8.80 91.98 -7.86
CA ASN A 249 7.93 91.91 -9.03
C ASN A 249 8.66 91.43 -10.27
N LYS A 250 9.97 91.61 -10.33
CA LYS A 250 10.75 90.91 -11.35
C LYS A 250 10.78 89.42 -11.07
N LEU A 251 10.68 89.02 -9.80
CA LEU A 251 10.45 87.64 -9.40
C LEU A 251 8.98 87.50 -9.09
N TYR A 252 8.37 86.41 -9.54
CA TYR A 252 6.95 86.15 -9.37
C TYR A 252 6.09 87.32 -9.84
N PRO A 253 6.14 87.67 -11.14
CA PRO A 253 5.44 88.86 -11.60
C PRO A 253 3.92 88.72 -11.62
N HIS A 254 3.39 87.51 -11.50
CA HIS A 254 1.96 87.31 -11.62
C HIS A 254 1.19 87.73 -10.39
N ALA A 255 1.87 88.06 -9.30
CA ALA A 255 1.25 88.61 -8.11
C ALA A 255 1.37 90.13 -8.13
N ASP A 256 1.02 90.78 -7.02
CA ASP A 256 0.98 92.24 -7.00
C ASP A 256 1.97 92.86 -6.03
N TRP A 257 2.17 92.25 -4.86
CA TRP A 257 3.25 92.60 -3.92
C TRP A 257 3.15 94.04 -3.44
N GLY A 258 2.09 94.29 -2.68
CA GLY A 258 1.95 95.52 -1.93
C GLY A 258 1.32 95.20 -0.59
N PHE A 259 1.39 96.18 0.31
CA PHE A 259 0.93 95.99 1.69
C PHE A 259 -0.52 95.50 1.69
N VAL A 260 -1.42 96.29 1.14
CA VAL A 260 -2.82 95.92 1.06
C VAL A 260 -3.19 95.46 -0.34
N LYS A 261 -2.66 96.16 -1.36
CA LYS A 261 -3.00 95.86 -2.74
C LYS A 261 -2.52 94.49 -3.19
N GLY A 262 -1.55 93.89 -2.52
CA GLY A 262 -1.02 92.61 -2.94
C GLY A 262 -1.53 91.43 -2.18
N VAL A 263 -2.30 91.65 -1.12
CA VAL A 263 -2.80 90.58 -0.28
C VAL A 263 -4.26 90.24 -0.58
N VAL A 264 -5.03 91.17 -1.11
CA VAL A 264 -6.45 90.97 -1.40
C VAL A 264 -6.77 89.86 -2.39
N PRO A 265 -5.88 89.37 -3.27
CA PRO A 265 -6.23 88.14 -4.00
C PRO A 265 -6.50 86.95 -3.10
N PHE A 266 -5.93 86.93 -1.90
CA PHE A 266 -6.23 85.83 -0.97
C PHE A 266 -7.67 85.92 -0.48
N PHE A 267 -8.12 87.11 -0.10
CA PHE A 267 -9.46 87.26 0.47
C PHE A 267 -10.55 87.20 -0.59
N THR A 268 -10.31 87.80 -1.76
CA THR A 268 -11.28 87.72 -2.84
C THR A 268 -11.21 86.40 -3.60
N LEU A 269 -10.40 85.46 -3.12
CA LEU A 269 -10.34 84.08 -3.61
C LEU A 269 -9.90 84.01 -5.06
N GLN A 270 -9.16 85.02 -5.52
CA GLN A 270 -8.52 84.95 -6.83
C GLN A 270 -7.10 84.41 -6.68
N TRP A 271 -7.03 83.16 -6.22
CA TRP A 271 -5.75 82.55 -5.87
C TRP A 271 -4.89 82.21 -7.06
N GLY A 272 -5.35 82.49 -8.29
CA GLY A 272 -4.52 82.25 -9.45
C GLY A 272 -3.30 83.13 -9.54
N HIS A 273 -3.31 84.28 -8.87
CA HIS A 273 -2.13 85.13 -8.87
C HIS A 273 -1.01 84.55 -8.03
N PHE A 274 -1.31 83.57 -7.18
CA PHE A 274 -0.33 82.95 -6.32
C PHE A 274 0.33 81.74 -6.95
N THR A 275 -0.10 81.34 -8.15
CA THR A 275 0.36 80.10 -8.76
C THR A 275 1.83 80.12 -9.15
N ASP A 276 2.47 81.28 -9.15
CA ASP A 276 3.86 81.37 -9.55
C ASP A 276 4.83 81.19 -8.39
N PHE A 277 4.39 81.41 -7.15
CA PHE A 277 5.24 81.12 -6.01
C PHE A 277 4.67 80.07 -5.07
N LEU A 278 3.43 79.64 -5.25
CA LEU A 278 2.90 78.48 -4.54
C LEU A 278 2.57 77.45 -5.61
N THR A 279 3.60 76.75 -6.07
CA THR A 279 3.44 75.82 -7.17
C THR A 279 3.11 74.44 -6.63
N PHE A 280 2.83 73.53 -7.53
CA PHE A 280 2.61 72.14 -7.19
C PHE A 280 3.44 71.27 -8.14
N LYS A 281 4.70 71.67 -8.33
CA LYS A 281 5.55 70.99 -9.31
C LYS A 281 5.85 69.57 -8.88
N GLY A 282 6.32 69.40 -7.65
CA GLY A 282 6.54 68.07 -7.11
C GLY A 282 7.65 67.31 -7.79
N GLY A 283 8.87 67.74 -7.59
CA GLY A 283 10.02 67.03 -8.09
C GLY A 283 11.22 67.58 -7.40
N LEU A 284 12.38 67.39 -8.00
CA LEU A 284 13.61 67.96 -7.50
C LEU A 284 14.02 69.12 -8.38
N ASN A 285 14.24 70.27 -7.78
CA ASN A 285 14.82 71.43 -8.44
C ASN A 285 16.16 71.05 -9.02
N PRO A 286 16.31 71.05 -10.35
CA PRO A 286 17.46 70.39 -10.97
C PRO A 286 18.77 71.16 -10.84
N VAL A 287 18.76 72.37 -10.30
CA VAL A 287 20.00 73.12 -10.19
C VAL A 287 20.58 72.91 -8.79
N THR A 288 19.71 72.66 -7.80
CA THR A 288 20.17 72.38 -6.45
C THR A 288 19.94 70.95 -6.00
N GLY A 289 19.02 70.22 -6.63
CA GLY A 289 18.74 68.87 -6.24
C GLY A 289 17.70 68.74 -5.14
N GLY A 290 17.38 69.82 -4.45
CA GLY A 290 16.39 69.80 -3.41
C GLY A 290 14.99 69.96 -3.97
N LEU A 291 14.02 69.91 -3.08
CA LEU A 291 12.64 70.16 -3.49
C LEU A 291 12.49 71.62 -3.90
N TRP A 292 11.53 71.87 -4.78
CA TRP A 292 11.18 73.23 -5.12
C TRP A 292 10.68 73.95 -3.88
N LEU A 293 11.30 75.08 -3.53
CA LEU A 293 10.85 75.80 -2.36
C LEU A 293 9.47 76.39 -2.56
N THR A 294 9.12 76.73 -3.81
CA THR A 294 7.76 77.14 -4.10
C THR A 294 6.79 76.01 -3.84
N ASP A 295 7.23 74.79 -4.07
CA ASP A 295 6.43 73.59 -3.80
C ASP A 295 6.42 73.28 -2.30
N VAL A 296 7.49 73.63 -1.59
CA VAL A 296 7.54 73.47 -0.15
C VAL A 296 6.67 74.52 0.54
N ALA A 297 6.70 75.76 0.05
CA ALA A 297 5.89 76.81 0.65
C ALA A 297 4.41 76.52 0.49
N HIS A 298 4.03 75.92 -0.63
CA HIS A 298 2.65 75.50 -0.81
C HIS A 298 2.29 74.39 0.15
N HIS A 299 3.24 73.52 0.46
CA HIS A 299 3.00 72.42 1.37
C HIS A 299 2.67 72.92 2.77
N HIS A 300 3.46 73.86 3.28
CA HIS A 300 3.26 74.31 4.64
C HIS A 300 1.97 75.08 4.78
N LEU A 301 1.59 75.79 3.73
CA LEU A 301 0.30 76.47 3.71
C LEU A 301 -0.84 75.46 3.71
N ALA A 302 -0.68 74.37 2.97
CA ALA A 302 -1.68 73.31 3.02
C ALA A 302 -1.69 72.62 4.38
N ILE A 303 -0.51 72.43 4.97
CA ILE A 303 -0.42 71.83 6.30
C ILE A 303 -1.00 72.77 7.35
N ALA A 304 -0.69 74.07 7.26
CA ALA A 304 -1.19 75.03 8.23
C ALA A 304 -2.71 75.08 8.22
N VAL A 305 -3.30 75.20 7.04
CA VAL A 305 -4.76 75.26 6.94
C VAL A 305 -5.38 74.00 7.51
N MET A 306 -4.75 72.86 7.26
CA MET A 306 -5.30 71.58 7.66
C MET A 306 -5.03 71.26 9.13
N PHE A 307 -4.07 71.92 9.77
CA PHE A 307 -3.86 71.74 11.20
C PHE A 307 -4.65 72.73 12.04
N ILE A 308 -4.78 73.97 11.58
CA ILE A 308 -5.67 74.90 12.28
C ILE A 308 -7.09 74.37 12.27
N ILE A 309 -7.52 73.80 11.16
CA ILE A 309 -8.81 73.13 11.11
C ILE A 309 -8.86 71.98 12.10
N ALA A 310 -7.78 71.21 12.20
CA ALA A 310 -7.74 70.06 13.11
C ALA A 310 -7.83 70.48 14.56
N GLY A 311 -7.38 71.67 14.89
CA GLY A 311 -7.40 72.13 16.26
C GLY A 311 -8.73 72.58 16.77
N HIS A 312 -9.75 72.59 15.92
CA HIS A 312 -11.11 72.92 16.33
C HIS A 312 -11.97 71.69 16.51
N MET A 313 -11.35 70.52 16.60
CA MET A 313 -12.13 69.29 16.66
C MET A 313 -12.68 69.04 18.05
N TYR A 314 -11.92 69.36 19.09
CA TYR A 314 -12.28 68.99 20.44
C TYR A 314 -12.95 70.13 21.19
N ARG A 315 -13.77 69.78 22.16
CA ARG A 315 -14.70 70.70 22.79
C ARG A 315 -14.07 71.28 24.05
N THR A 316 -13.74 72.56 24.00
CA THR A 316 -13.42 73.33 25.19
C THR A 316 -14.71 73.99 25.70
N ASN A 317 -14.58 74.99 26.54
CA ASN A 317 -15.73 75.52 27.28
C ASN A 317 -16.76 76.26 26.40
N TRP A 318 -16.75 76.27 25.07
CA TRP A 318 -17.83 76.87 24.30
C TRP A 318 -18.75 75.85 23.70
N GLY A 319 -18.98 74.73 24.38
CA GLY A 319 -20.04 73.82 24.01
C GLY A 319 -19.78 72.99 22.77
N ILE A 320 -19.30 73.63 21.72
CA ILE A 320 -19.18 72.99 20.43
C ILE A 320 -17.85 72.27 20.36
N GLY A 321 -17.82 71.12 19.70
CA GLY A 321 -16.63 70.33 19.55
C GLY A 321 -16.88 68.88 19.90
N HIS A 322 -15.81 68.12 19.98
CA HIS A 322 -15.87 66.72 20.35
C HIS A 322 -15.44 66.51 21.78
N SER A 323 -15.90 65.43 22.37
CA SER A 323 -15.41 64.98 23.67
C SER A 323 -14.73 63.65 23.46
N ILE A 324 -13.42 63.60 23.73
CA ILE A 324 -12.68 62.35 23.65
C ILE A 324 -13.22 61.35 24.66
N LYS A 325 -13.71 61.84 25.80
CA LYS A 325 -14.13 60.97 26.89
C LYS A 325 -15.18 59.97 26.46
N GLU A 326 -16.21 60.44 25.75
CA GLU A 326 -17.27 59.55 25.33
C GLU A 326 -17.31 59.38 23.82
N MET A 327 -16.25 59.77 23.12
CA MET A 327 -15.94 59.12 21.86
C MET A 327 -15.28 57.78 22.10
N LEU A 328 -14.43 57.72 23.12
CA LEU A 328 -13.85 56.45 23.54
C LEU A 328 -14.93 55.56 24.12
N ASP A 329 -15.73 56.08 25.05
CA ASP A 329 -16.72 55.27 25.75
C ASP A 329 -17.79 54.70 24.83
N ASP A 330 -17.93 55.24 23.62
CA ASP A 330 -18.90 54.73 22.66
C ASP A 330 -18.31 53.73 21.68
N ALA A 331 -17.05 53.35 21.84
CA ALA A 331 -16.49 52.28 21.02
C ALA A 331 -16.65 50.93 21.71
N ARG A 332 -17.90 50.65 22.11
CA ARG A 332 -18.30 49.40 22.72
C ARG A 332 -18.65 48.42 21.60
N THR A 333 -19.33 47.31 21.92
CA THR A 333 -19.75 46.53 20.77
C THR A 333 -21.25 46.27 20.60
N PRO A 334 -22.13 47.24 20.88
CA PRO A 334 -23.38 47.25 20.10
C PRO A 334 -23.13 48.00 18.80
N ASN A 335 -22.07 48.81 18.79
CA ASN A 335 -21.74 49.68 17.66
C ASN A 335 -20.28 49.58 17.22
N MET A 336 -20.00 48.54 16.43
CA MET A 336 -18.77 48.38 15.69
C MET A 336 -19.09 47.74 14.37
N LEU A 337 -18.10 47.73 13.48
CA LEU A 337 -18.23 46.88 12.31
C LEU A 337 -18.31 45.43 12.76
N PRO A 338 -19.12 44.60 12.09
CA PRO A 338 -19.34 43.24 12.59
C PRO A 338 -18.08 42.40 12.68
N PHE A 339 -17.10 42.63 11.80
CA PHE A 339 -15.91 41.80 11.81
C PHE A 339 -14.91 42.22 12.88
N LEU A 340 -15.06 43.40 13.48
CA LEU A 340 -14.20 43.80 14.58
C LEU A 340 -15.01 44.13 15.82
N SER A 341 -16.18 43.51 15.93
CA SER A 341 -17.05 43.64 17.08
C SER A 341 -16.64 42.75 18.24
N PHE A 342 -15.43 42.20 18.22
CA PHE A 342 -15.00 41.28 19.26
C PHE A 342 -14.44 41.96 20.50
N ILE A 343 -14.24 43.28 20.47
CA ILE A 343 -13.58 43.94 21.60
C ILE A 343 -14.68 44.42 22.56
N GLY A 344 -15.32 43.46 23.21
CA GLY A 344 -15.96 43.69 24.47
C GLY A 344 -17.24 44.52 24.45
N PRO A 345 -18.21 44.16 25.27
CA PRO A 345 -19.31 45.08 25.54
C PRO A 345 -18.83 46.37 26.18
N VAL A 346 -17.79 46.29 27.00
CA VAL A 346 -17.23 47.50 27.61
C VAL A 346 -16.44 48.29 26.59
N GLY A 347 -15.61 47.61 25.82
CA GLY A 347 -14.84 48.26 24.78
C GLY A 347 -13.76 49.17 25.31
N HIS A 348 -13.96 50.48 25.14
CA HIS A 348 -12.95 51.47 25.47
C HIS A 348 -13.28 52.27 26.72
N LYS A 349 -14.30 51.87 27.48
CA LYS A 349 -14.61 52.59 28.69
C LYS A 349 -13.48 52.45 29.70
N GLY A 350 -13.29 53.51 30.48
CA GLY A 350 -12.21 53.51 31.44
C GLY A 350 -10.85 53.72 30.85
N LEU A 351 -10.77 54.04 29.56
CA LEU A 351 -9.49 54.24 28.92
C LEU A 351 -9.15 55.70 28.76
N PHE A 352 -10.14 56.60 28.86
CA PHE A 352 -9.81 58.02 28.95
C PHE A 352 -9.23 58.37 30.31
N GLU A 353 -9.59 57.62 31.35
CA GLU A 353 -8.96 57.82 32.64
C GLU A 353 -7.56 57.23 32.71
N VAL A 354 -7.23 56.30 31.80
CA VAL A 354 -5.87 55.79 31.73
C VAL A 354 -4.93 56.86 31.19
N LEU A 355 -5.29 57.47 30.07
CA LEU A 355 -4.47 58.45 29.39
C LEU A 355 -4.60 59.84 29.96
N THR A 356 -5.23 59.98 31.11
CA THR A 356 -5.33 61.27 31.78
C THR A 356 -4.77 61.24 33.18
N THR A 357 -4.89 60.13 33.90
CA THR A 357 -4.41 60.04 35.26
C THR A 357 -3.02 59.43 35.38
N SER A 358 -2.34 59.19 34.26
CA SER A 358 -1.01 58.61 34.33
C SER A 358 -0.15 59.14 33.21
N TRP A 359 1.03 59.62 33.56
CA TRP A 359 1.94 60.17 32.57
C TRP A 359 2.70 59.10 31.80
N HIS A 360 2.86 57.91 32.38
CA HIS A 360 3.58 56.86 31.67
C HIS A 360 2.75 56.32 30.51
N ALA A 361 1.43 56.31 30.66
CA ALA A 361 0.57 55.96 29.55
C ALA A 361 0.76 56.93 28.40
N GLN A 362 0.85 58.22 28.70
CA GLN A 362 1.09 59.21 27.66
C GLN A 362 2.49 59.10 27.10
N LEU A 363 3.49 58.91 27.97
CA LEU A 363 4.86 58.85 27.50
C LEU A 363 5.10 57.63 26.63
N SER A 364 4.42 56.54 26.90
CA SER A 364 4.58 55.35 26.08
C SER A 364 4.07 55.58 24.66
N ILE A 365 2.92 56.23 24.50
CA ILE A 365 2.40 56.51 23.17
C ILE A 365 3.21 57.59 22.49
N ASN A 366 3.54 58.64 23.21
CA ASN A 366 4.21 59.77 22.61
C ASN A 366 5.63 59.44 22.21
N LEU A 367 6.23 58.42 22.81
CA LEU A 367 7.56 57.98 22.41
C LEU A 367 7.47 57.03 21.22
N ALA A 368 6.51 56.11 21.23
CA ALA A 368 6.38 55.17 20.14
C ALA A 368 5.97 55.85 18.85
N MET A 369 5.30 57.00 18.92
CA MET A 369 5.01 57.76 17.72
C MET A 369 6.05 58.79 17.38
N LEU A 370 6.76 59.33 18.35
CA LEU A 370 7.89 60.16 17.98
C LEU A 370 9.02 59.32 17.42
N GLY A 371 9.15 58.09 17.91
CA GLY A 371 10.14 57.19 17.36
C GLY A 371 9.79 56.75 15.95
N SER A 372 8.53 56.42 15.71
CA SER A 372 8.12 56.02 14.37
C SER A 372 8.14 57.19 13.41
N LEU A 373 7.85 58.39 13.90
CA LEU A 373 7.97 59.58 13.08
C LEU A 373 9.40 59.82 12.64
N SER A 374 10.34 59.63 13.57
CA SER A 374 11.74 59.90 13.25
C SER A 374 12.27 58.93 12.20
N ILE A 375 11.74 57.72 12.15
CA ILE A 375 12.18 56.79 11.12
C ILE A 375 11.49 57.09 9.80
N ILE A 376 10.22 57.51 9.85
CA ILE A 376 9.52 57.95 8.64
C ILE A 376 10.20 59.16 8.05
N ILE A 377 10.60 60.10 8.90
CA ILE A 377 11.30 61.29 8.46
C ILE A 377 12.61 60.93 7.77
N ALA A 378 13.33 59.94 8.31
CA ALA A 378 14.58 59.51 7.70
C ALA A 378 14.36 58.95 6.30
N HIS A 379 13.29 58.19 6.11
CA HIS A 379 12.97 57.64 4.80
C HIS A 379 12.52 58.69 3.81
N HIS A 380 11.98 59.80 4.28
CA HIS A 380 11.47 60.82 3.39
C HIS A 380 12.50 61.86 3.04
N MET A 381 13.54 62.03 3.83
CA MET A 381 14.53 63.04 3.54
C MET A 381 15.69 62.52 2.71
N TYR A 382 15.67 61.27 2.30
CA TYR A 382 16.59 60.80 1.28
C TYR A 382 15.91 60.64 -0.07
N ALA A 383 14.66 60.17 -0.07
CA ALA A 383 13.97 59.87 -1.30
C ALA A 383 13.44 61.11 -1.98
N MET A 384 13.44 62.23 -1.26
CA MET A 384 13.00 63.50 -1.80
C MET A 384 13.63 64.61 -0.97
N PRO A 385 14.90 64.89 -1.21
CA PRO A 385 15.65 65.79 -0.35
C PRO A 385 15.06 67.19 -0.40
N PRO A 386 14.75 67.76 0.77
CA PRO A 386 14.12 69.08 0.81
C PRO A 386 15.08 70.25 0.76
N TYR A 387 16.36 70.00 0.94
CA TYR A 387 17.32 71.06 1.11
C TYR A 387 18.18 71.19 -0.14
N PRO A 388 18.61 72.41 -0.47
CA PRO A 388 19.48 72.58 -1.63
C PRO A 388 20.83 71.94 -1.39
N TYR A 389 21.32 71.23 -2.40
CA TYR A 389 22.63 70.58 -2.38
C TYR A 389 22.74 69.58 -1.24
N LEU A 390 21.61 69.02 -0.82
CA LEU A 390 21.62 68.00 0.22
C LEU A 390 21.94 66.63 -0.39
N ALA A 391 21.24 66.27 -1.46
CA ALA A 391 21.36 64.93 -2.01
C ALA A 391 22.75 64.65 -2.54
N THR A 392 23.44 65.66 -3.03
CA THR A 392 24.77 65.45 -3.57
C THR A 392 25.84 65.36 -2.48
N ASP A 393 25.57 65.90 -1.29
CA ASP A 393 26.47 65.70 -0.18
C ASP A 393 26.17 64.32 0.38
N TYR A 394 26.88 63.32 -0.14
CA TYR A 394 26.57 61.93 0.19
C TYR A 394 26.87 61.63 1.65
N GLY A 395 27.81 62.34 2.25
CA GLY A 395 28.08 62.14 3.66
C GLY A 395 26.98 62.67 4.55
N THR A 396 26.21 63.64 4.07
CA THR A 396 25.12 64.17 4.85
C THR A 396 23.86 63.34 4.69
N VAL A 397 23.61 62.83 3.49
CA VAL A 397 22.45 61.99 3.26
C VAL A 397 22.52 60.74 4.12
N VAL A 398 23.70 60.11 4.20
CA VAL A 398 23.82 58.92 5.03
C VAL A 398 23.76 59.27 6.51
N SER A 399 24.39 60.36 6.91
CA SER A 399 24.45 60.69 8.33
C SER A 399 23.17 61.31 8.85
N LEU A 400 22.27 61.73 7.97
CA LEU A 400 20.98 62.22 8.40
C LEU A 400 19.96 61.10 8.48
N PHE A 401 20.01 60.18 7.51
CA PHE A 401 19.18 58.98 7.58
C PHE A 401 19.57 58.15 8.78
N THR A 402 20.87 57.97 9.00
CA THR A 402 21.32 57.09 10.07
C THR A 402 21.05 57.68 11.43
N HIS A 403 21.20 58.99 11.57
CA HIS A 403 20.94 59.61 12.87
C HIS A 403 19.49 59.46 13.26
N HIS A 404 18.58 59.63 12.32
CA HIS A 404 17.17 59.64 12.66
C HIS A 404 16.59 58.25 12.75
N VAL A 405 17.21 57.26 12.14
CA VAL A 405 16.78 55.89 12.38
C VAL A 405 17.16 55.47 13.79
N TRP A 406 18.39 55.78 14.21
CA TRP A 406 18.82 55.43 15.56
C TRP A 406 18.03 56.18 16.61
N ILE A 407 17.83 57.48 16.40
CA ILE A 407 17.02 58.26 17.33
C ILE A 407 15.61 57.71 17.37
N GLY A 408 15.06 57.37 16.21
CA GLY A 408 13.74 56.81 16.16
C GLY A 408 13.63 55.43 16.78
N GLY A 409 14.71 54.69 16.83
CA GLY A 409 14.64 53.36 17.38
C GLY A 409 14.80 53.33 18.88
N PHE A 410 15.59 54.26 19.42
CA PHE A 410 15.66 54.40 20.87
C PHE A 410 14.33 54.83 21.44
N LEU A 411 13.67 55.77 20.78
CA LEU A 411 12.39 56.28 21.27
C LEU A 411 11.32 55.20 21.25
N ILE A 412 11.35 54.33 20.25
CA ILE A 412 10.38 53.25 20.18
C ILE A 412 10.55 52.30 21.35
N VAL A 413 11.80 51.96 21.69
CA VAL A 413 12.06 51.09 22.83
C VAL A 413 11.63 51.79 24.12
N GLY A 414 11.78 53.11 24.19
CA GLY A 414 11.30 53.83 25.35
C GLY A 414 9.81 53.92 25.43
N GLY A 415 9.13 53.82 24.30
CA GLY A 415 7.69 53.74 24.34
C GLY A 415 7.22 52.40 24.86
N ALA A 416 8.01 51.36 24.68
CA ALA A 416 7.70 50.06 25.25
C ALA A 416 8.18 49.92 26.67
N ALA A 417 9.11 50.77 27.11
CA ALA A 417 9.48 50.78 28.51
C ALA A 417 8.35 51.31 29.36
N HIS A 418 7.80 52.46 29.00
CA HIS A 418 6.76 53.07 29.80
C HIS A 418 5.41 52.45 29.57
N ALA A 419 5.23 51.70 28.49
CA ALA A 419 4.08 50.83 28.41
C ALA A 419 4.14 49.75 29.48
N ALA A 420 5.34 49.40 29.94
CA ALA A 420 5.51 48.42 30.99
C ALA A 420 5.60 49.05 32.36
N ILE A 421 6.12 50.27 32.47
CA ILE A 421 6.07 50.96 33.75
C ILE A 421 4.64 51.35 34.08
N TYR A 422 3.83 51.62 33.06
CA TYR A 422 2.42 51.86 33.31
C TYR A 422 1.75 50.64 33.91
N MET A 423 2.10 49.45 33.43
CA MET A 423 1.45 48.23 33.89
C MET A 423 1.76 47.94 35.34
N VAL A 424 3.00 48.11 35.77
CA VAL A 424 3.32 47.66 37.12
C VAL A 424 3.32 48.82 38.08
N ARG A 425 2.79 49.97 37.66
CA ARG A 425 2.72 51.06 38.62
C ARG A 425 1.38 51.77 38.57
N ASP A 426 0.86 52.00 37.37
CA ASP A 426 -0.34 52.79 37.18
C ASP A 426 -1.52 51.98 36.66
N TYR A 427 -1.34 50.70 36.35
CA TYR A 427 -2.45 49.91 35.88
C TYR A 427 -3.44 49.67 37.01
N ASP A 428 -4.70 49.97 36.75
CA ASP A 428 -5.74 49.92 37.76
C ASP A 428 -6.77 48.90 37.30
N PRO A 429 -6.97 47.80 38.02
CA PRO A 429 -7.93 46.78 37.55
C PRO A 429 -9.37 47.25 37.55
N GLU A 430 -9.79 48.14 38.46
CA GLU A 430 -11.21 48.47 38.53
C GLU A 430 -11.65 49.35 37.37
N GLN A 431 -10.87 50.37 37.01
CA GLN A 431 -11.25 51.18 35.87
C GLN A 431 -11.01 50.47 34.55
N ASN A 432 -10.32 49.35 34.58
CA ASN A 432 -9.97 48.62 33.38
C ASN A 432 -10.54 47.22 33.42
N PHE A 433 -11.81 47.08 33.75
CA PHE A 433 -12.42 45.76 33.81
C PHE A 433 -13.11 45.48 32.48
N ASN A 434 -12.70 44.39 31.83
CA ASN A 434 -13.27 43.87 30.59
C ASN A 434 -13.16 44.86 29.43
N ASN A 435 -12.42 45.94 29.59
CA ASN A 435 -12.31 46.93 28.52
C ASN A 435 -11.25 46.46 27.54
N VAL A 436 -10.82 47.35 26.65
CA VAL A 436 -9.96 46.92 25.56
C VAL A 436 -8.57 46.56 26.07
N LEU A 437 -8.12 47.19 27.16
CA LEU A 437 -6.81 46.88 27.71
C LEU A 437 -6.82 45.57 28.47
N ASP A 438 -7.90 45.29 29.20
CA ASP A 438 -7.96 44.09 30.01
C ASP A 438 -8.10 42.85 29.15
N ARG A 439 -8.83 42.94 28.05
CA ARG A 439 -8.99 41.81 27.15
C ARG A 439 -7.71 41.46 26.42
N VAL A 440 -6.70 42.33 26.44
CA VAL A 440 -5.40 41.98 25.87
C VAL A 440 -4.59 41.17 26.87
N LEU A 441 -4.53 41.62 28.11
CA LEU A 441 -3.88 40.84 29.15
C LEU A 441 -4.56 39.51 29.38
N ARG A 442 -5.80 39.37 28.97
CA ARG A 442 -6.53 38.17 29.28
C ARG A 442 -6.34 37.11 28.19
N HIS A 443 -5.63 37.45 27.11
CA HIS A 443 -5.26 36.45 26.12
C HIS A 443 -3.82 36.62 25.67
N ARG A 444 -2.96 37.12 26.55
CA ARG A 444 -1.58 37.45 26.21
C ARG A 444 -0.71 36.25 25.87
N ASP A 445 -1.24 35.03 25.96
CA ASP A 445 -0.49 33.89 25.46
C ASP A 445 -0.77 33.62 24.00
N ALA A 446 -1.93 34.03 23.49
CA ALA A 446 -2.16 33.94 22.06
C ALA A 446 -1.50 35.08 21.32
N ILE A 447 -1.23 36.19 21.97
CA ILE A 447 -0.47 37.25 21.32
C ILE A 447 1.00 36.90 21.20
N ILE A 448 1.57 36.28 22.22
CA ILE A 448 3.00 36.00 22.20
C ILE A 448 3.30 34.70 21.46
N SER A 449 2.39 33.73 21.50
CA SER A 449 2.59 32.51 20.71
C SER A 449 2.68 32.81 19.23
N HIS A 450 1.82 33.70 18.76
CA HIS A 450 1.76 33.98 17.34
C HIS A 450 2.82 34.99 16.93
N LEU A 451 3.23 35.84 17.86
CA LEU A 451 4.38 36.67 17.62
C LEU A 451 5.66 35.84 17.62
N ALA A 452 5.78 34.90 18.55
CA ALA A 452 6.96 34.04 18.57
C ALA A 452 6.99 33.08 17.41
N TRP A 453 5.86 32.81 16.78
CA TRP A 453 5.88 31.98 15.59
C TRP A 453 6.27 32.80 14.36
N VAL A 454 5.67 33.98 14.20
CA VAL A 454 6.01 34.78 13.04
C VAL A 454 7.45 35.27 13.15
N CYS A 455 7.96 35.50 14.36
CA CYS A 455 9.37 35.82 14.52
C CYS A 455 10.24 34.68 14.04
N GLN A 456 9.74 33.46 14.19
CA GLN A 456 10.49 32.27 13.82
C GLN A 456 10.25 31.86 12.39
N PHE A 457 9.06 32.13 11.84
CA PHE A 457 8.83 31.93 10.42
C PHE A 457 9.72 32.85 9.60
N LEU A 458 9.83 34.12 9.99
CA LEU A 458 10.66 35.05 9.26
C LEU A 458 12.14 34.79 9.48
N GLY A 459 12.50 34.25 10.64
CA GLY A 459 13.90 33.96 10.90
C GLY A 459 14.45 32.94 9.94
N PHE A 460 13.68 31.90 9.65
CA PHE A 460 14.13 30.94 8.66
C PHE A 460 14.00 31.50 7.25
N HIS A 461 12.96 32.25 6.97
CA HIS A 461 12.70 32.63 5.60
C HIS A 461 13.33 33.94 5.21
N SER A 462 14.09 34.55 6.11
CA SER A 462 14.94 35.66 5.73
C SER A 462 16.40 35.32 5.94
N PHE A 463 16.80 34.97 7.16
CA PHE A 463 18.21 34.73 7.41
C PHE A 463 18.65 33.39 6.85
N ALA A 464 17.88 32.33 7.03
CA ALA A 464 18.35 31.03 6.58
C ALA A 464 18.38 30.91 5.08
N MET A 465 17.71 31.80 4.35
CA MET A 465 17.93 31.88 2.92
C MET A 465 19.25 32.55 2.59
N TYR A 466 19.77 33.35 3.50
CA TYR A 466 21.12 33.87 3.31
C TYR A 466 22.16 32.79 3.50
N CYS A 467 21.89 31.82 4.39
CA CYS A 467 22.75 30.67 4.56
C CYS A 467 22.54 29.62 3.48
N HIS A 468 21.39 29.61 2.81
CA HIS A 468 21.27 28.83 1.59
C HIS A 468 22.18 29.41 0.52
N ASN A 469 22.09 30.71 0.28
CA ASN A 469 22.91 31.35 -0.75
C ASN A 469 24.38 31.25 -0.42
N ASP A 470 24.72 31.39 0.85
CA ASP A 470 26.11 31.32 1.27
C ASP A 470 26.71 29.95 1.01
N THR A 471 25.88 28.93 0.87
CA THR A 471 26.30 27.56 0.70
C THR A 471 26.30 27.12 -0.75
N MET A 472 25.34 27.58 -1.54
CA MET A 472 25.39 27.29 -2.98
C MET A 472 26.51 28.05 -3.65
N ARG A 473 26.77 29.28 -3.27
CA ARG A 473 27.87 30.00 -3.87
C ARG A 473 29.22 29.42 -3.46
N ALA A 474 29.29 28.83 -2.26
CA ALA A 474 30.51 28.16 -1.86
C ALA A 474 30.67 26.81 -2.56
N PHE A 475 29.58 26.08 -2.73
CA PHE A 475 29.63 24.85 -3.51
C PHE A 475 29.97 25.11 -4.96
N GLY A 476 29.66 26.29 -5.46
CA GLY A 476 29.82 26.54 -6.87
C GLY A 476 28.57 26.17 -7.61
N ARG A 477 27.42 26.50 -7.02
CA ARG A 477 26.13 26.29 -7.64
C ARG A 477 25.36 27.61 -7.63
N PRO A 478 25.83 28.60 -8.39
CA PRO A 478 25.13 29.89 -8.39
C PRO A 478 23.80 29.88 -9.10
N GLN A 479 23.44 28.77 -9.75
CA GLN A 479 22.15 28.70 -10.43
C GLN A 479 21.05 28.18 -9.55
N ASP A 480 21.39 27.56 -8.41
CA ASP A 480 20.45 27.22 -7.35
C ASP A 480 20.65 28.03 -6.09
N MET A 481 20.92 29.31 -6.22
CA MET A 481 20.88 30.24 -5.11
C MET A 481 19.82 31.29 -5.38
N PHE A 482 19.34 31.93 -4.31
CA PHE A 482 18.28 32.92 -4.42
C PHE A 482 18.85 34.25 -4.95
N SER A 483 19.20 34.22 -6.22
CA SER A 483 19.75 35.36 -6.93
C SER A 483 18.72 35.95 -7.85
N ASP A 484 19.11 37.01 -8.55
CA ASP A 484 18.38 37.42 -9.74
C ASP A 484 18.62 36.47 -10.90
N THR A 485 19.66 35.65 -10.82
CA THR A 485 19.99 34.69 -11.86
C THR A 485 19.64 33.26 -11.48
N GLY A 486 19.52 32.96 -10.19
CA GLY A 486 19.15 31.63 -9.77
C GLY A 486 17.66 31.50 -9.58
N ILE A 487 17.23 31.27 -8.34
CA ILE A 487 15.82 31.19 -7.99
C ILE A 487 15.39 32.61 -7.60
N GLN A 488 14.77 33.32 -8.53
CA GLN A 488 14.39 34.70 -8.28
C GLN A 488 13.27 34.80 -7.27
N LEU A 489 13.38 35.78 -6.39
CA LEU A 489 12.35 36.11 -5.41
C LEU A 489 11.99 37.56 -5.69
N GLN A 490 11.03 37.77 -6.56
CA GLN A 490 10.92 39.19 -6.88
C GLN A 490 9.97 39.88 -5.92
N PRO A 491 10.26 41.09 -5.51
CA PRO A 491 9.30 41.86 -4.72
C PRO A 491 8.14 42.30 -5.57
N VAL A 492 7.20 41.39 -5.80
CA VAL A 492 6.13 41.64 -6.77
C VAL A 492 5.25 42.80 -6.32
N PHE A 493 4.88 42.83 -5.04
CA PHE A 493 3.98 43.87 -4.56
C PHE A 493 4.68 45.19 -4.33
N ALA A 494 6.00 45.24 -4.31
CA ALA A 494 6.69 46.50 -4.17
C ALA A 494 7.13 47.07 -5.50
N GLN A 495 7.44 46.22 -6.47
CA GLN A 495 7.63 46.70 -7.83
C GLN A 495 6.32 47.15 -8.44
N TRP A 496 5.20 46.63 -7.97
CA TRP A 496 3.92 47.12 -8.42
C TRP A 496 3.69 48.55 -7.95
N LEU A 497 3.93 48.82 -6.67
CA LEU A 497 3.77 50.17 -6.15
C LEU A 497 4.73 51.15 -6.80
N GLN A 498 5.93 50.70 -7.13
CA GLN A 498 6.85 51.55 -7.86
C GLN A 498 6.32 51.88 -9.24
N HIS A 499 5.50 51.01 -9.81
CA HIS A 499 4.84 51.31 -11.07
C HIS A 499 3.63 52.21 -10.87
N ILE A 500 2.88 52.00 -9.79
CA ILE A 500 1.72 52.85 -9.50
C ILE A 500 2.14 54.28 -9.24
N HIS A 501 3.22 54.48 -8.49
CA HIS A 501 3.59 55.82 -8.09
C HIS A 501 4.23 56.63 -9.20
N THR A 502 4.56 56.02 -10.33
CA THR A 502 5.12 56.78 -11.44
C THR A 502 4.19 56.90 -12.63
N MET A 503 3.10 56.13 -12.69
CA MET A 503 2.14 56.33 -13.75
C MET A 503 1.08 57.35 -13.38
N THR A 504 1.03 57.78 -12.12
CA THR A 504 0.04 58.75 -11.66
C THR A 504 0.53 60.18 -11.78
N ILE A 505 1.38 60.47 -12.76
CA ILE A 505 1.92 61.80 -12.91
C ILE A 505 1.53 62.37 -14.27
N ALA A 534 -5.22 58.68 -8.71
CA ALA A 534 -5.17 59.46 -9.94
C ALA A 534 -4.09 60.53 -9.86
N ALA A 535 -4.43 61.66 -9.25
CA ALA A 535 -3.55 62.80 -9.02
C ALA A 535 -2.85 63.30 -10.29
N PRO A 536 -3.58 63.94 -11.23
CA PRO A 536 -2.96 64.31 -12.51
C PRO A 536 -2.11 65.57 -12.52
N ASN A 537 -2.42 66.55 -11.65
CA ASN A 537 -1.77 67.87 -11.70
C ASN A 537 -0.26 67.77 -11.47
N LEU A 538 0.19 66.76 -10.73
CA LEU A 538 1.60 66.56 -10.40
C LEU A 538 2.32 66.00 -11.63
N HIS A 539 2.72 66.89 -12.54
CA HIS A 539 3.25 66.42 -13.82
C HIS A 539 4.65 65.85 -13.68
N ASP A 540 5.42 66.35 -12.73
CA ASP A 540 6.77 65.91 -12.40
C ASP A 540 6.66 64.79 -11.36
N PRO A 541 7.29 63.64 -11.57
CA PRO A 541 7.14 62.55 -10.60
C PRO A 541 7.78 62.89 -9.26
N VAL A 542 6.94 62.87 -8.22
CA VAL A 542 7.44 62.91 -6.86
C VAL A 542 8.37 61.73 -6.63
N SER A 543 9.52 61.99 -6.01
CA SER A 543 10.43 60.95 -5.59
C SER A 543 10.93 60.11 -6.78
N TYR A 544 11.90 60.69 -7.47
CA TYR A 544 12.64 59.97 -8.51
C TYR A 544 13.07 58.57 -8.10
N ALA A 545 13.17 58.29 -6.79
CA ALA A 545 13.33 56.93 -6.28
C ALA A 545 12.30 55.96 -6.86
N PHE A 546 11.05 56.40 -6.95
CA PHE A 546 9.99 55.55 -7.46
C PHE A 546 10.23 55.18 -8.92
N GLY A 547 10.70 56.13 -9.70
CA GLY A 547 11.01 55.86 -11.09
C GLY A 547 11.00 57.12 -11.91
N GLY A 548 11.60 57.03 -13.08
CA GLY A 548 11.59 58.12 -14.02
C GLY A 548 12.69 59.12 -13.76
N GLY A 549 13.60 59.29 -14.72
CA GLY A 549 14.57 60.35 -14.65
C GLY A 549 15.72 60.13 -13.69
N VAL A 550 16.82 60.84 -13.91
CA VAL A 550 17.98 60.85 -13.03
C VAL A 550 18.39 62.30 -12.85
N VAL A 551 18.62 62.71 -11.62
CA VAL A 551 19.05 64.08 -11.34
C VAL A 551 20.52 64.06 -10.96
N ALA A 552 21.33 64.75 -11.76
CA ALA A 552 22.74 64.96 -11.46
C ALA A 552 22.96 66.45 -11.31
N VAL A 553 23.48 66.87 -10.16
CA VAL A 553 23.60 68.29 -9.88
C VAL A 553 25.02 68.77 -10.14
N GLY A 554 25.98 68.26 -9.38
CA GLY A 554 27.35 68.66 -9.57
C GLY A 554 28.15 67.57 -10.26
N GLY A 555 27.51 66.89 -11.19
CA GLY A 555 28.03 65.67 -11.76
C GLY A 555 27.62 64.47 -10.94
N LYS A 556 27.60 64.63 -9.63
CA LYS A 556 27.13 63.58 -8.74
C LYS A 556 25.62 63.41 -8.87
N VAL A 557 25.16 62.18 -8.77
CA VAL A 557 23.73 61.89 -8.87
C VAL A 557 23.05 62.33 -7.59
N ALA A 558 22.05 63.20 -7.73
CA ALA A 558 21.23 63.54 -6.57
C ALA A 558 20.26 62.42 -6.25
N MET A 559 19.59 61.86 -7.26
CA MET A 559 18.61 60.84 -6.96
C MET A 559 18.32 60.05 -8.23
N MET A 560 18.21 58.73 -8.11
CA MET A 560 17.90 57.81 -9.19
C MET A 560 16.74 56.93 -8.77
N PRO A 561 16.10 56.25 -9.72
CA PRO A 561 15.20 55.16 -9.34
C PRO A 561 15.94 54.08 -8.58
N ILE A 562 15.29 53.55 -7.56
CA ILE A 562 15.88 52.47 -6.79
C ILE A 562 15.12 51.19 -7.10
N THR A 563 15.60 50.43 -8.07
CA THR A 563 14.91 49.22 -8.48
C THR A 563 15.04 48.15 -7.39
N LEU A 564 14.05 47.27 -7.34
CA LEU A 564 14.00 46.21 -6.34
C LEU A 564 14.10 44.86 -7.03
N GLY A 565 15.06 44.05 -6.61
CA GLY A 565 15.22 42.71 -7.12
C GLY A 565 15.18 41.70 -6.00
N THR A 566 15.78 40.53 -6.21
CA THR A 566 15.77 39.50 -5.18
C THR A 566 16.55 39.93 -3.94
N ALA A 567 17.63 40.69 -4.13
CA ALA A 567 18.40 41.17 -2.99
C ALA A 567 17.58 42.10 -2.11
N ASP A 568 16.55 42.73 -2.67
CA ASP A 568 15.69 43.63 -1.93
C ASP A 568 14.48 42.93 -1.34
N PHE A 569 14.08 41.80 -1.92
CA PHE A 569 13.14 40.92 -1.26
C PHE A 569 13.73 40.38 0.04
N LEU A 570 14.96 39.87 -0.04
CA LEU A 570 15.59 39.22 1.10
C LEU A 570 15.93 40.21 2.19
N ILE A 571 16.38 41.40 1.82
CA ILE A 571 16.78 42.35 2.85
C ILE A 571 15.56 42.97 3.52
N HIS A 572 14.43 43.00 2.85
CA HIS A 572 13.22 43.53 3.46
C HIS A 572 12.59 42.56 4.42
N HIS A 573 12.90 41.28 4.30
CA HIS A 573 12.40 40.30 5.24
C HIS A 573 13.33 40.11 6.41
N ILE A 574 14.59 40.51 6.26
CA ILE A 574 15.43 40.71 7.43
C ILE A 574 14.88 41.83 8.28
N HIS A 575 14.45 42.92 7.63
CA HIS A 575 13.86 44.03 8.35
C HIS A 575 12.58 43.63 9.06
N ALA A 576 11.72 42.89 8.38
CA ALA A 576 10.51 42.40 9.00
C ALA A 576 10.82 41.48 10.16
N PHE A 577 11.84 40.63 10.00
CA PHE A 577 12.20 39.69 11.04
C PHE A 577 12.76 40.39 12.27
N THR A 578 13.69 41.32 12.07
CA THR A 578 14.31 41.97 13.22
C THR A 578 13.36 42.93 13.91
N ILE A 579 12.42 43.53 13.19
CA ILE A 579 11.44 44.39 13.83
C ILE A 579 10.50 43.56 14.68
N HIS A 580 10.12 42.39 14.19
CA HIS A 580 9.19 41.53 14.92
C HIS A 580 9.79 41.00 16.22
N VAL A 581 11.04 40.56 16.18
CA VAL A 581 11.64 40.07 17.41
C VAL A 581 11.85 41.21 18.39
N THR A 582 12.13 42.40 17.89
CA THR A 582 12.17 43.56 18.78
C THR A 582 10.80 43.80 19.38
N VAL A 583 9.74 43.66 18.58
CA VAL A 583 8.39 43.74 19.11
C VAL A 583 8.13 42.59 20.06
N LEU A 584 8.59 41.39 19.72
CA LEU A 584 8.36 40.23 20.60
C LEU A 584 9.01 40.43 21.94
N VAL A 585 10.24 40.91 21.98
CA VAL A 585 10.91 41.16 23.25
C VAL A 585 10.19 42.25 24.02
N LEU A 586 9.82 43.33 23.34
CA LEU A 586 9.23 44.47 24.03
C LEU A 586 7.77 44.23 24.40
N LEU A 587 6.99 43.60 23.54
CA LEU A 587 5.60 43.32 23.87
C LEU A 587 5.49 42.29 24.97
N LYS A 588 6.39 41.32 25.00
CA LYS A 588 6.41 40.34 26.08
C LYS A 588 6.63 41.01 27.43
N GLY A 589 7.48 42.03 27.47
CA GLY A 589 7.72 42.73 28.71
C GLY A 589 6.57 43.59 29.16
N VAL A 590 5.70 43.98 28.25
CA VAL A 590 4.53 44.76 28.61
C VAL A 590 3.39 43.87 29.06
N LEU A 591 3.11 42.81 28.31
CA LEU A 591 2.00 41.93 28.66
C LEU A 591 2.29 41.15 29.94
N PHE A 592 3.51 40.63 30.09
CA PHE A 592 3.88 39.87 31.26
C PHE A 592 4.58 40.72 32.30
N ALA A 593 4.33 42.02 32.29
CA ALA A 593 4.85 42.87 33.36
C ALA A 593 4.13 42.60 34.67
N ARG A 594 2.80 42.42 34.61
CA ARG A 594 2.02 42.23 35.82
C ARG A 594 2.32 40.89 36.47
N SER A 595 2.31 39.82 35.68
CA SER A 595 2.35 38.47 36.22
C SER A 595 2.67 37.52 35.09
N SER A 596 2.88 36.26 35.45
CA SER A 596 3.16 35.21 34.50
C SER A 596 2.63 33.92 35.07
N ARG A 597 3.01 32.79 34.47
CA ARG A 597 2.80 31.52 35.14
C ARG A 597 3.92 31.20 36.11
N LEU A 598 5.13 31.74 35.89
CA LEU A 598 6.16 31.64 36.91
C LEU A 598 5.81 32.45 38.14
N ILE A 599 5.73 33.77 37.99
CA ILE A 599 5.61 34.65 39.14
C ILE A 599 4.27 35.37 39.04
N PRO A 600 3.24 34.87 39.72
CA PRO A 600 1.93 35.52 39.62
C PRO A 600 1.88 36.89 40.27
N ASP A 601 2.84 37.22 41.12
CA ASP A 601 2.89 38.50 41.80
C ASP A 601 4.10 39.30 41.34
N LYS A 602 4.33 39.33 40.03
CA LYS A 602 5.46 40.07 39.47
C LYS A 602 5.28 41.56 39.60
N ALA A 603 4.06 42.04 39.85
CA ALA A 603 3.85 43.47 39.99
C ALA A 603 4.29 43.99 41.35
N ASN A 604 4.27 43.14 42.37
CA ASN A 604 4.72 43.59 43.69
C ASN A 604 6.24 43.68 43.76
N LEU A 605 6.94 42.87 42.95
CA LEU A 605 8.39 42.96 42.92
C LEU A 605 8.88 44.23 42.27
N GLY A 606 8.03 44.94 41.55
CA GLY A 606 8.37 46.21 40.98
C GLY A 606 8.51 46.12 39.47
N PHE A 607 9.00 47.22 38.89
CA PHE A 607 9.33 47.27 37.48
C PHE A 607 10.77 46.84 37.23
N ARG A 608 11.66 47.19 38.14
CA ARG A 608 13.09 47.01 37.99
C ARG A 608 13.59 46.13 39.12
N PHE A 609 13.50 44.83 38.93
CA PHE A 609 14.09 43.90 39.86
C PHE A 609 14.93 42.91 39.09
N PRO A 610 16.02 42.41 39.68
CA PRO A 610 16.88 41.49 38.92
C PRO A 610 16.22 40.19 38.59
N CYS A 611 15.61 39.54 39.56
CA CYS A 611 15.13 38.19 39.42
C CYS A 611 14.17 37.91 40.57
N ASP A 612 13.73 36.67 40.66
CA ASP A 612 13.06 36.12 41.83
C ASP A 612 13.73 34.84 42.26
N GLY A 613 15.04 34.91 42.46
CA GLY A 613 15.78 33.81 43.00
C GLY A 613 16.07 32.74 41.98
N PRO A 614 16.85 31.74 42.38
CA PRO A 614 17.17 30.64 41.47
C PRO A 614 16.14 29.54 41.43
N GLY A 615 15.00 29.72 42.06
CA GLY A 615 13.97 28.71 42.00
C GLY A 615 13.23 28.75 40.71
N ARG A 616 12.33 27.77 40.53
CA ARG A 616 11.66 27.50 39.27
C ARG A 616 12.66 27.24 38.15
N GLY A 617 13.81 26.69 38.50
CA GLY A 617 14.90 26.53 37.58
C GLY A 617 15.77 27.75 37.42
N GLY A 618 15.31 28.91 37.88
CA GLY A 618 16.01 30.16 37.68
C GLY A 618 15.12 31.19 37.03
N THR A 619 14.94 32.34 37.68
CA THR A 619 14.08 33.37 37.14
C THR A 619 14.89 34.63 36.88
N CYS A 620 16.05 34.47 36.26
CA CYS A 620 16.88 35.60 35.90
C CYS A 620 16.16 36.44 34.86
N GLN A 621 16.22 37.76 35.00
CA GLN A 621 15.73 38.66 33.94
C GLN A 621 14.24 38.48 33.65
N VAL A 622 13.43 38.28 34.68
CA VAL A 622 11.98 38.17 34.48
C VAL A 622 11.25 39.49 34.56
N SER A 623 11.92 40.57 34.95
CA SER A 623 11.27 41.84 35.10
C SER A 623 10.91 42.43 33.74
N ALA A 624 10.08 43.47 33.78
CA ALA A 624 9.76 44.20 32.56
C ALA A 624 10.93 45.07 32.13
N TRP A 625 11.77 45.50 33.08
CA TRP A 625 12.97 46.23 32.72
C TRP A 625 13.91 45.38 31.89
N ASP A 626 14.00 44.09 32.22
CA ASP A 626 14.90 43.20 31.53
C ASP A 626 14.45 42.86 30.12
N HIS A 627 13.21 43.17 29.76
CA HIS A 627 12.81 43.07 28.37
C HIS A 627 13.07 44.35 27.60
N VAL A 628 13.16 45.48 28.29
CA VAL A 628 13.67 46.68 27.65
C VAL A 628 15.16 46.53 27.38
N PHE A 629 15.87 45.94 28.34
CA PHE A 629 17.30 45.73 28.20
C PHE A 629 17.62 44.79 27.05
N LEU A 630 16.78 43.80 26.82
CA LEU A 630 17.01 42.90 25.70
C LEU A 630 16.46 43.46 24.40
N GLY A 631 15.40 44.26 24.47
CA GLY A 631 14.90 44.92 23.27
C GLY A 631 15.83 46.00 22.77
N LEU A 632 16.68 46.55 23.63
CA LEU A 632 17.68 47.50 23.17
C LEU A 632 18.69 46.82 22.25
N PHE A 633 19.06 45.59 22.57
CA PHE A 633 19.94 44.82 21.70
C PHE A 633 19.28 44.52 20.36
N TRP A 634 17.99 44.22 20.39
CA TRP A 634 17.28 43.91 19.16
C TRP A 634 16.99 45.15 18.34
N MET A 635 16.77 46.28 19.01
CA MET A 635 16.75 47.55 18.30
C MET A 635 18.10 47.82 17.65
N TYR A 636 19.19 47.53 18.36
CA TYR A 636 20.50 47.72 17.77
C TYR A 636 20.70 46.81 16.57
N ASN A 637 20.29 45.56 16.68
CA ASN A 637 20.41 44.63 15.57
C ASN A 637 19.56 45.06 14.39
N SER A 638 18.33 45.48 14.65
CA SER A 638 17.42 45.82 13.58
C SER A 638 17.87 47.06 12.84
N LEU A 639 18.17 48.12 13.58
CA LEU A 639 18.48 49.38 12.95
C LEU A 639 19.83 49.37 12.29
N SER A 640 20.81 48.69 12.87
CA SER A 640 22.09 48.57 12.21
C SER A 640 22.02 47.74 10.95
N MET A 641 20.98 46.93 10.78
CA MET A 641 20.76 46.32 9.49
C MET A 641 20.04 47.23 8.52
N VAL A 642 19.20 48.13 9.03
CA VAL A 642 18.50 49.10 8.19
C VAL A 642 19.46 50.11 7.60
N ILE A 643 20.38 50.63 8.40
CA ILE A 643 21.35 51.59 7.90
C ILE A 643 22.40 50.92 7.03
N PHE A 644 22.62 49.62 7.20
CA PHE A 644 23.52 48.93 6.28
C PHE A 644 22.84 48.67 4.94
N HIS A 645 21.54 48.36 4.97
CA HIS A 645 20.78 48.25 3.73
C HIS A 645 20.76 49.57 2.99
N PHE A 646 20.60 50.67 3.72
CA PHE A 646 20.63 51.99 3.10
C PHE A 646 22.00 52.27 2.51
N PHE A 647 23.05 52.13 3.31
CA PHE A 647 24.38 52.57 2.91
C PHE A 647 24.88 51.82 1.69
N TRP A 648 24.64 50.52 1.63
CA TRP A 648 25.11 49.78 0.48
C TRP A 648 24.24 49.99 -0.74
N LYS A 649 22.94 50.16 -0.58
CA LYS A 649 22.08 50.28 -1.74
C LYS A 649 22.21 51.63 -2.43
N MET A 650 22.52 52.69 -1.69
CA MET A 650 22.87 53.95 -2.34
C MET A 650 24.19 53.89 -3.05
N GLN A 651 25.21 53.32 -2.41
CA GLN A 651 26.51 53.30 -3.05
C GLN A 651 26.52 52.44 -4.31
N SER A 652 25.67 51.43 -4.37
CA SER A 652 25.66 50.54 -5.50
C SER A 652 24.62 50.92 -6.54
N ASP A 653 23.46 51.43 -6.13
CA ASP A 653 22.38 51.67 -7.08
C ASP A 653 22.00 53.12 -7.29
N VAL A 654 22.29 54.02 -6.36
CA VAL A 654 21.81 55.39 -6.51
C VAL A 654 22.94 56.37 -6.70
N TRP A 655 23.82 56.47 -5.70
CA TRP A 655 24.86 57.48 -5.74
C TRP A 655 25.88 57.14 -6.81
N GLY A 656 26.72 58.11 -7.10
CA GLY A 656 27.71 57.97 -8.14
C GLY A 656 27.87 59.29 -8.86
N THR A 657 28.55 59.23 -9.99
CA THR A 657 28.84 60.41 -10.80
C THR A 657 28.40 60.17 -12.23
N VAL A 658 28.01 61.25 -12.90
CA VAL A 658 27.56 61.20 -14.29
C VAL A 658 28.63 61.83 -15.16
N GLY A 659 29.02 61.13 -16.22
CA GLY A 659 29.99 61.64 -17.17
C GLY A 659 29.35 62.53 -18.21
N ALA A 660 30.02 62.64 -19.37
CA ALA A 660 29.58 63.49 -20.46
C ALA A 660 28.68 62.77 -21.46
N ASP A 661 28.07 61.66 -21.06
CA ASP A 661 27.20 60.91 -21.95
C ASP A 661 25.85 60.61 -21.30
N GLY A 662 25.84 60.46 -19.98
CA GLY A 662 24.63 60.14 -19.23
C GLY A 662 24.73 58.87 -18.42
N VAL A 663 25.73 58.03 -18.64
CA VAL A 663 25.86 56.80 -17.85
C VAL A 663 26.26 57.18 -16.43
N VAL A 664 25.85 56.37 -15.47
CA VAL A 664 26.13 56.60 -14.06
C VAL A 664 27.08 55.52 -13.58
N THR A 665 28.21 55.93 -13.02
CA THR A 665 29.15 55.01 -12.40
C THR A 665 28.95 55.11 -10.90
N HIS A 666 28.30 54.10 -10.33
CA HIS A 666 27.99 54.14 -8.91
C HIS A 666 29.25 53.92 -8.09
N ILE A 667 29.13 54.21 -6.79
CA ILE A 667 30.29 54.22 -5.91
C ILE A 667 30.88 52.82 -5.79
N THR A 668 30.04 51.81 -5.62
CA THR A 668 30.49 50.44 -5.64
C THR A 668 30.08 49.70 -6.91
N GLY A 669 29.19 50.25 -7.71
CA GLY A 669 28.93 49.72 -9.03
C GLY A 669 28.06 48.49 -9.07
N GLY A 670 26.79 48.62 -8.69
CA GLY A 670 25.86 47.51 -8.78
C GLY A 670 26.22 46.35 -7.89
N ASN A 671 26.97 46.60 -6.83
CA ASN A 671 27.49 45.53 -5.98
C ASN A 671 26.39 44.87 -5.17
N PHE A 672 25.33 45.62 -4.83
CA PHE A 672 24.30 45.12 -3.94
C PHE A 672 23.53 43.96 -4.56
N ALA A 673 23.23 44.04 -5.85
CA ALA A 673 22.30 43.09 -6.45
C ALA A 673 22.85 41.67 -6.42
N THR A 674 24.16 41.51 -6.65
CA THR A 674 24.73 40.17 -6.78
C THR A 674 25.38 39.66 -5.51
N SER A 675 25.94 40.52 -4.68
CA SER A 675 26.76 40.06 -3.57
C SER A 675 26.17 40.36 -2.21
N SER A 676 25.03 41.03 -2.13
CA SER A 676 24.37 41.24 -0.85
C SER A 676 23.43 40.12 -0.50
N ILE A 677 23.42 39.05 -1.29
CA ILE A 677 22.51 37.94 -1.06
C ILE A 677 23.16 36.81 -0.29
N THR A 678 24.48 36.81 -0.18
CA THR A 678 25.20 35.93 0.72
C THR A 678 25.78 36.80 1.82
N ASN A 679 25.64 36.38 3.06
CA ASN A 679 26.24 37.16 4.13
C ASN A 679 27.73 36.90 4.31
N ASN A 680 28.37 36.24 3.34
CA ASN A 680 29.80 36.43 3.11
C ASN A 680 30.05 37.64 2.23
N GLY A 681 29.13 37.94 1.32
CA GLY A 681 29.25 39.15 0.54
C GLY A 681 29.11 40.41 1.35
N TRP A 682 28.28 40.36 2.39
CA TRP A 682 28.20 41.50 3.30
C TRP A 682 29.50 41.71 4.03
N LEU A 683 30.19 40.63 4.38
CA LEU A 683 31.40 40.76 5.15
C LEU A 683 32.59 41.17 4.31
N ARG A 684 32.64 40.79 3.03
CA ARG A 684 33.77 41.19 2.20
C ARG A 684 33.45 42.35 1.27
N ASP A 685 32.26 42.43 0.71
CA ASP A 685 31.97 43.50 -0.22
C ASP A 685 31.36 44.72 0.46
N PHE A 686 31.00 44.62 1.72
CA PHE A 686 30.50 45.78 2.44
C PHE A 686 31.33 46.12 3.67
N LEU A 687 31.63 45.15 4.51
CA LEU A 687 32.34 45.50 5.73
C LEU A 687 33.84 45.57 5.49
N TRP A 688 34.41 44.57 4.83
CA TRP A 688 35.84 44.59 4.55
C TRP A 688 36.18 45.61 3.48
N ALA A 689 35.39 45.66 2.41
CA ALA A 689 35.72 46.53 1.28
C ALA A 689 35.55 47.99 1.63
N GLN A 690 34.43 48.35 2.25
CA GLN A 690 34.11 49.74 2.46
C GLN A 690 34.72 50.30 3.73
N SER A 691 35.44 49.51 4.49
CA SER A 691 36.15 50.04 5.63
C SER A 691 37.56 50.47 5.27
N THR A 692 37.91 50.44 3.99
CA THR A 692 39.24 50.86 3.57
C THR A 692 39.52 52.30 3.95
N GLN A 693 38.50 53.14 3.98
CA GLN A 693 38.69 54.55 4.24
C GLN A 693 38.92 54.84 5.72
N VAL A 694 38.41 54.00 6.61
CA VAL A 694 38.61 54.21 8.03
C VAL A 694 39.82 53.43 8.54
N ILE A 695 40.17 52.33 7.87
CA ILE A 695 41.40 51.60 8.15
C ILE A 695 42.64 52.38 7.72
N THR A 696 42.64 52.94 6.52
CA THR A 696 43.81 53.64 6.03
C THR A 696 43.76 55.13 6.34
N SER A 697 43.15 55.51 7.46
CA SER A 697 42.88 56.89 7.76
C SER A 697 43.93 57.55 8.65
N TYR A 698 44.97 56.83 9.07
CA TYR A 698 45.96 57.50 9.88
C TYR A 698 46.80 58.46 9.06
N ASN A 699 47.37 59.44 9.74
CA ASN A 699 48.22 60.48 9.18
C ASN A 699 47.49 61.37 8.18
N THR A 700 46.16 61.25 8.10
CA THR A 700 45.32 62.06 7.23
C THR A 700 44.36 62.87 8.11
N SER A 701 43.49 63.63 7.44
CA SER A 701 42.49 64.40 8.17
C SER A 701 41.38 63.52 8.72
N LEU A 702 41.20 62.33 8.19
CA LEU A 702 40.21 61.39 8.68
C LEU A 702 40.74 60.58 9.83
N SER A 703 41.80 61.04 10.47
CA SER A 703 42.47 60.26 11.49
C SER A 703 41.58 60.00 12.69
N ALA A 704 40.70 60.95 13.02
CA ALA A 704 39.86 60.79 14.19
C ALA A 704 38.78 59.76 13.99
N TYR A 705 38.35 59.53 12.76
CA TYR A 705 37.41 58.43 12.54
C TYR A 705 38.10 57.09 12.68
N GLY A 706 39.40 57.02 12.44
CA GLY A 706 40.13 55.81 12.70
C GLY A 706 40.19 55.48 14.18
N LEU A 707 40.33 56.51 15.02
CA LEU A 707 40.40 56.29 16.44
C LEU A 707 39.04 55.96 17.03
N MET A 708 37.99 56.64 16.56
CA MET A 708 36.63 56.31 16.98
C MET A 708 36.25 54.90 16.56
N PHE A 709 36.73 54.46 15.40
CA PHE A 709 36.42 53.13 14.93
C PHE A 709 37.08 52.06 15.79
N LEU A 710 38.28 52.33 16.26
CA LEU A 710 38.88 51.46 17.28
C LEU A 710 38.25 51.68 18.64
N GLY A 711 37.90 52.93 18.94
CA GLY A 711 37.27 53.21 20.22
C GLY A 711 35.95 52.50 20.38
N GLY A 712 35.15 52.46 19.32
CA GLY A 712 33.91 51.72 19.38
C GLY A 712 34.12 50.23 19.55
N HIS A 713 35.23 49.71 19.04
CA HIS A 713 35.51 48.29 19.19
C HIS A 713 35.90 47.95 20.61
N PHE A 714 36.63 48.86 21.26
CA PHE A 714 36.99 48.65 22.65
C PHE A 714 35.76 48.65 23.53
N ILE A 715 34.86 49.62 23.35
CA ILE A 715 33.71 49.73 24.22
C ILE A 715 32.76 48.57 24.05
N PHE A 716 32.64 48.05 22.84
CA PHE A 716 31.82 46.86 22.63
C PHE A 716 32.40 45.67 23.37
N GLY A 717 33.69 45.42 23.20
CA GLY A 717 34.31 44.33 23.91
C GLY A 717 34.30 44.56 25.41
N PHE A 718 34.42 45.81 25.82
CA PHE A 718 34.38 46.15 27.23
C PHE A 718 33.00 45.90 27.82
N SER A 719 31.94 46.09 27.03
CA SER A 719 30.59 45.85 27.50
C SER A 719 30.38 44.41 27.90
N LEU A 720 31.02 43.48 27.21
CA LEU A 720 30.79 42.08 27.46
C LEU A 720 31.29 41.62 28.82
N MET A 721 32.11 42.43 29.49
CA MET A 721 32.45 42.13 30.88
C MET A 721 31.23 42.19 31.75
N PHE A 722 30.40 43.20 31.55
CA PHE A 722 29.20 43.43 32.33
C PHE A 722 28.06 42.54 31.90
N LEU A 723 28.03 42.13 30.65
CA LEU A 723 26.94 41.31 30.15
C LEU A 723 27.14 39.84 30.46
N PHE A 724 28.35 39.34 30.35
CA PHE A 724 28.58 37.92 30.51
C PHE A 724 28.79 37.51 31.95
N SER A 725 29.14 38.43 32.83
CA SER A 725 29.48 38.12 34.20
C SER A 725 28.40 38.62 35.16
N GLY A 726 28.51 38.19 36.42
CA GLY A 726 27.57 38.57 37.45
C GLY A 726 28.29 39.13 38.66
N ARG A 727 27.52 39.79 39.51
CA ARG A 727 28.13 40.57 40.57
C ARG A 727 28.53 39.76 41.78
N GLY A 728 28.26 38.46 41.82
CA GLY A 728 28.84 37.65 42.88
C GLY A 728 30.34 37.51 42.75
N TYR A 729 30.83 37.36 41.52
CA TYR A 729 32.27 37.33 41.32
C TYR A 729 32.88 38.66 41.69
N TRP A 730 32.23 39.74 41.30
CA TRP A 730 32.83 41.05 41.46
C TRP A 730 32.77 41.52 42.90
N GLN A 731 31.67 41.21 43.59
CA GLN A 731 31.60 41.54 45.02
C GLN A 731 32.66 40.79 45.80
N GLU A 732 32.87 39.52 45.47
CA GLU A 732 33.87 38.73 46.16
C GLU A 732 35.29 39.14 45.79
N LEU A 733 35.46 39.85 44.69
CA LEU A 733 36.76 40.42 44.36
C LEU A 733 37.01 41.72 45.10
N ILE A 734 35.97 42.49 45.38
CA ILE A 734 36.15 43.71 46.16
C ILE A 734 36.60 43.37 47.57
N GLU A 735 36.06 42.30 48.15
CA GLU A 735 36.43 41.89 49.50
C GLU A 735 37.93 41.64 49.61
N SER A 736 38.53 41.04 48.59
CA SER A 736 39.97 40.85 48.59
C SER A 736 40.73 42.15 48.34
N ILE A 737 40.05 43.19 47.89
CA ILE A 737 40.69 44.46 47.57
C ILE A 737 40.44 45.42 48.72
N VAL A 738 39.28 45.28 49.37
CA VAL A 738 39.02 46.01 50.60
C VAL A 738 40.01 45.57 51.68
N TRP A 739 40.39 44.29 51.66
CA TRP A 739 41.37 43.80 52.62
C TRP A 739 42.70 44.50 52.45
N ALA A 740 43.13 44.69 51.21
CA ALA A 740 44.41 45.36 50.97
C ALA A 740 44.39 46.81 51.40
N HIS A 741 43.21 47.40 51.55
CA HIS A 741 43.07 48.74 52.06
C HIS A 741 42.91 48.76 53.58
N ASN A 742 42.19 47.79 54.13
CA ASN A 742 42.15 47.64 55.58
C ASN A 742 43.55 47.41 56.14
N LYS A 743 44.40 46.70 55.39
CA LYS A 743 45.76 46.46 55.86
C LYS A 743 46.53 47.75 56.02
N LEU A 744 46.42 48.65 55.06
CA LEU A 744 47.14 49.91 55.09
C LEU A 744 46.29 51.05 55.66
N LYS A 745 45.19 50.71 56.32
CA LYS A 745 44.35 51.67 57.04
C LYS A 745 43.86 52.78 56.13
N VAL A 746 43.48 52.41 54.92
CA VAL A 746 43.06 53.38 53.91
C VAL A 746 41.70 52.94 53.37
N ALA A 747 40.95 52.20 54.16
CA ALA A 747 39.62 51.82 53.75
C ALA A 747 38.71 53.03 53.74
N PRO A 748 37.75 53.08 52.81
CA PRO A 748 36.73 54.12 52.85
C PRO A 748 35.54 53.70 53.70
N ALA A 749 34.81 54.70 54.19
CA ALA A 749 33.59 54.39 54.93
C ALA A 749 32.39 54.26 54.00
N ILE A 750 32.49 54.82 52.79
CA ILE A 750 31.51 54.51 51.75
C ILE A 750 31.91 53.16 51.21
N GLN A 751 31.32 52.10 51.78
CA GLN A 751 31.73 50.73 51.55
C GLN A 751 31.63 50.38 50.08
N PRO A 752 32.70 49.93 49.46
CA PRO A 752 32.63 49.57 48.05
C PRO A 752 31.78 48.35 47.80
N ARG A 753 30.69 48.53 47.08
CA ARG A 753 29.85 47.43 46.65
C ARG A 753 29.94 47.32 45.14
N ALA A 754 30.02 46.09 44.65
CA ALA A 754 29.87 45.85 43.23
C ALA A 754 28.50 46.35 42.77
N LEU A 755 28.42 46.72 41.50
CA LEU A 755 27.18 47.27 40.96
C LEU A 755 26.04 46.29 41.12
N SER A 756 24.83 46.82 41.21
CA SER A 756 23.63 46.00 41.28
C SER A 756 23.53 45.08 40.07
N ILE A 757 22.68 44.06 40.19
CA ILE A 757 22.46 43.18 39.05
C ILE A 757 21.85 43.96 37.90
N ILE A 758 20.85 44.78 38.20
CA ILE A 758 20.24 45.60 37.16
C ILE A 758 21.20 46.67 36.69
N HIS A 759 21.97 47.25 37.60
CA HIS A 759 22.97 48.24 37.22
C HIS A 759 24.01 47.64 36.30
N GLY A 760 24.50 46.44 36.62
CA GLY A 760 25.49 45.81 35.78
C GLY A 760 24.96 45.45 34.41
N ARG A 761 23.69 45.13 34.31
CA ARG A 761 23.07 44.89 33.02
C ARG A 761 22.84 46.19 32.25
N ALA A 762 22.57 47.28 32.97
CA ALA A 762 22.42 48.56 32.30
C ALA A 762 23.74 49.07 31.78
N VAL A 763 24.83 48.85 32.52
CA VAL A 763 26.15 49.23 32.06
C VAL A 763 26.52 48.43 30.82
N GLY A 764 26.20 47.15 30.80
CA GLY A 764 26.52 46.32 29.66
C GLY A 764 25.82 46.76 28.39
N VAL A 765 24.53 47.08 28.48
CA VAL A 765 23.82 47.48 27.27
C VAL A 765 24.16 48.92 26.89
N ALA A 766 24.54 49.75 27.85
CA ALA A 766 24.89 51.14 27.51
C ALA A 766 26.21 51.21 26.79
N HIS A 767 27.10 50.25 27.02
CA HIS A 767 28.39 50.18 26.36
C HIS A 767 28.35 49.40 25.07
N TYR A 768 27.57 48.34 25.01
CA TYR A 768 27.41 47.60 23.77
C TYR A 768 26.82 48.50 22.71
N LEU A 769 25.79 49.27 23.07
CA LEU A 769 25.17 50.17 22.11
C LEU A 769 26.04 51.37 21.83
N LEU A 770 26.75 51.88 22.84
CA LEU A 770 27.67 52.99 22.58
C LEU A 770 28.80 52.55 21.68
N GLY A 771 29.46 51.46 22.04
CA GLY A 771 30.60 51.02 21.25
C GLY A 771 30.20 50.54 19.87
N GLY A 772 29.09 49.84 19.75
CA GLY A 772 28.69 49.34 18.46
C GLY A 772 28.12 50.39 17.53
N ILE A 773 27.87 51.60 18.02
CA ILE A 773 27.38 52.69 17.20
C ILE A 773 28.50 53.65 16.83
N VAL A 774 29.42 53.90 17.76
CA VAL A 774 30.58 54.73 17.46
C VAL A 774 31.40 54.09 16.35
N THR A 775 31.51 52.77 16.35
CA THR A 775 32.22 52.10 15.27
C THR A 775 31.47 52.20 13.95
N THR A 776 30.14 52.23 13.97
CA THR A 776 29.38 52.43 12.74
C THR A 776 29.38 53.89 12.33
N TRP A 777 29.31 54.79 13.30
CA TRP A 777 29.39 56.23 13.00
C TRP A 777 30.73 56.58 12.39
N ALA A 778 31.81 56.03 12.93
CA ALA A 778 33.13 56.27 12.37
C ALA A 778 33.29 55.66 10.99
N PHE A 779 32.66 54.52 10.74
CA PHE A 779 32.82 53.85 9.47
C PHE A 779 32.03 54.54 8.37
N PHE A 780 30.82 55.02 8.69
CA PHE A 780 30.02 55.73 7.71
C PHE A 780 30.68 57.03 7.30
N LEU A 781 31.16 57.80 8.26
CA LEU A 781 31.62 59.14 7.94
C LEU A 781 33.04 59.13 7.39
N ALA A 782 33.88 58.20 7.79
CA ALA A 782 35.19 58.11 7.16
C ALA A 782 35.07 57.67 5.72
N ARG A 783 34.07 56.86 5.41
CA ARG A 783 33.88 56.39 4.04
C ARG A 783 33.35 57.49 3.15
N MET A 784 32.49 58.36 3.68
CA MET A 784 31.81 59.36 2.87
C MET A 784 32.38 60.77 2.98
N THR A 785 33.22 61.06 3.95
CA THR A 785 34.00 62.28 3.86
C THR A 785 35.29 62.07 3.08
N ALA A 786 35.67 60.82 2.81
CA ALA A 786 36.78 60.55 1.91
C ALA A 786 36.38 60.63 0.45
N PHE A 787 35.08 60.70 0.16
CA PHE A 787 34.58 60.81 -1.20
C PHE A 787 33.96 62.17 -1.47
N GLY A 788 32.99 62.57 -0.65
CA GLY A 788 32.34 63.86 -0.81
C GLY A 788 31.09 64.01 0.06
N ALA B 2 9.54 8.71 36.77
CA ALA B 2 10.75 8.00 37.16
C ALA B 2 11.25 7.12 36.03
N THR B 3 12.15 7.66 35.23
CA THR B 3 12.71 6.93 34.12
C THR B 3 13.96 6.16 34.56
N LYS B 4 14.35 5.20 33.73
CA LYS B 4 15.59 4.47 34.00
C LYS B 4 16.80 5.37 33.82
N PHE B 5 16.79 6.18 32.81
CA PHE B 5 17.89 7.09 32.51
C PHE B 5 17.71 8.40 33.25
N PRO B 6 18.73 8.90 33.94
CA PRO B 6 20.03 8.28 34.11
C PRO B 6 20.05 7.35 35.32
N LYS B 7 20.71 6.20 35.18
CA LYS B 7 20.70 5.26 36.29
C LYS B 7 21.70 5.61 37.38
N PHE B 8 22.65 6.50 37.10
CA PHE B 8 23.65 6.78 38.12
C PHE B 8 23.12 7.69 39.20
N SER B 9 22.17 8.57 38.90
CA SER B 9 21.56 9.43 39.91
C SER B 9 20.06 9.22 39.91
N GLN B 10 19.51 8.94 41.10
CA GLN B 10 18.10 8.66 41.22
C GLN B 10 17.27 9.93 41.10
N ASP B 11 17.69 11.00 41.77
CA ASP B 11 16.88 12.20 41.85
C ASP B 11 16.83 12.98 40.55
N LEU B 12 17.74 12.71 39.62
CA LEU B 12 17.62 13.23 38.28
C LEU B 12 16.74 12.38 37.40
N ALA B 13 16.61 11.09 37.72
CA ALA B 13 15.73 10.23 36.93
C ALA B 13 14.26 10.57 37.17
N ASN B 14 13.92 11.07 38.36
CA ASN B 14 12.58 11.50 38.68
C ASN B 14 12.29 12.95 38.30
N ASP B 15 13.21 13.59 37.61
CA ASP B 15 12.98 14.95 37.10
C ASP B 15 11.93 14.93 36.01
N PRO B 16 10.86 15.70 36.14
CA PRO B 16 9.78 15.65 35.13
C PRO B 16 10.01 16.55 33.93
N THR B 17 11.13 17.25 33.86
CA THR B 17 11.37 18.26 32.85
C THR B 17 12.50 17.81 31.93
N THR B 18 12.88 18.69 31.00
CA THR B 18 13.91 18.37 30.04
C THR B 18 15.31 18.57 30.57
N ARG B 19 15.47 19.08 31.79
CA ARG B 19 16.81 19.26 32.30
C ARG B 19 17.45 17.96 32.74
N ARG B 20 16.71 16.87 32.81
CA ARG B 20 17.34 15.63 33.23
C ARG B 20 18.06 14.94 32.10
N ILE B 21 17.63 15.16 30.86
CA ILE B 21 18.39 14.66 29.73
C ILE B 21 19.73 15.39 29.65
N PHE B 22 19.70 16.70 29.88
CA PHE B 22 20.90 17.52 29.81
C PHE B 22 21.82 17.30 31.00
N TYR B 23 21.27 17.33 32.21
CA TYR B 23 22.11 17.16 33.39
C TYR B 23 22.66 15.76 33.49
N ALA B 24 22.02 14.78 32.86
CA ALA B 24 22.58 13.45 32.81
C ALA B 24 23.86 13.43 31.99
N ILE B 25 23.88 14.16 30.88
CA ILE B 25 25.09 14.22 30.05
C ILE B 25 26.23 14.82 30.84
N ALA B 26 25.97 15.93 31.54
CA ALA B 26 27.02 16.69 32.18
C ALA B 26 27.39 16.17 33.55
N THR B 27 26.69 15.18 34.06
CA THR B 27 27.04 14.58 35.33
C THR B 27 27.53 13.15 35.16
N ALA B 28 27.41 12.61 33.94
CA ALA B 28 27.65 11.18 33.71
C ALA B 28 29.08 10.76 33.99
N HIS B 29 30.02 11.70 34.09
CA HIS B 29 31.40 11.34 34.38
C HIS B 29 31.83 11.78 35.76
N ASP B 30 30.97 12.46 36.52
CA ASP B 30 31.30 12.79 37.90
C ASP B 30 30.94 11.57 38.76
N PHE B 31 31.82 10.55 38.69
CA PHE B 31 31.50 9.30 39.37
C PHE B 31 31.43 9.46 40.88
N GLU B 32 32.17 10.41 41.43
CA GLU B 32 32.20 10.57 42.87
C GLU B 32 30.89 11.12 43.42
N SER B 33 29.98 11.59 42.57
CA SER B 33 28.69 12.09 43.01
C SER B 33 27.54 11.18 42.63
N HIS B 34 27.80 10.05 41.98
CA HIS B 34 26.71 9.17 41.63
C HIS B 34 26.14 8.49 42.86
N ASP B 35 24.88 8.08 42.75
CA ASP B 35 24.23 7.42 43.87
C ASP B 35 24.78 6.02 44.07
N GLY B 36 24.99 5.65 45.33
CA GLY B 36 25.47 4.35 45.68
C GLY B 36 26.87 4.07 45.17
N MET B 37 27.77 5.03 45.35
CA MET B 37 29.17 4.86 45.00
C MET B 37 30.04 4.82 46.24
N THR B 38 30.90 3.82 46.30
CA THR B 38 31.93 3.71 47.31
C THR B 38 33.28 4.10 46.71
N GLU B 39 34.24 4.38 47.57
CA GLU B 39 35.57 4.75 47.10
C GLU B 39 36.23 3.59 46.35
N GLU B 40 35.98 2.37 46.82
CA GLU B 40 36.50 1.18 46.14
C GLU B 40 35.95 1.09 44.74
N ASN B 41 34.65 1.34 44.57
CA ASN B 41 34.04 1.25 43.25
C ASN B 41 34.41 2.45 42.39
N LEU B 42 34.73 3.59 43.01
CA LEU B 42 35.06 4.78 42.23
C LEU B 42 36.31 4.56 41.40
N TYR B 43 37.41 4.12 42.03
CA TYR B 43 38.69 3.99 41.33
C TYR B 43 38.61 2.93 40.25
N GLN B 44 37.90 1.83 40.51
CA GLN B 44 37.77 0.77 39.54
C GLN B 44 36.97 1.18 38.31
N ARG B 45 36.22 2.26 38.39
CA ARG B 45 35.60 2.82 37.20
C ARG B 45 36.43 3.93 36.58
N ILE B 46 37.22 4.64 37.38
CA ILE B 46 38.24 5.53 36.81
C ILE B 46 39.19 4.71 35.97
N PHE B 47 39.69 3.62 36.55
CA PHE B 47 40.69 2.78 35.89
C PHE B 47 40.16 2.19 34.60
N ALA B 48 38.93 1.68 34.62
CA ALA B 48 38.38 1.00 33.46
C ALA B 48 37.94 1.95 32.37
N SER B 49 37.68 3.20 32.69
CA SER B 49 37.36 4.18 31.66
C SER B 49 38.58 4.90 31.12
N HIS B 50 39.75 4.71 31.72
CA HIS B 50 40.98 5.12 31.07
C HIS B 50 41.35 4.17 29.95
N PHE B 51 41.08 2.88 30.12
CA PHE B 51 41.28 1.95 29.03
C PHE B 51 40.39 2.28 27.85
N GLY B 52 39.15 2.62 28.12
CA GLY B 52 38.28 3.08 27.05
C GLY B 52 38.72 4.38 26.43
N HIS B 53 39.52 5.16 27.16
CA HIS B 53 40.05 6.38 26.59
C HIS B 53 41.31 6.13 25.78
N LEU B 54 42.20 5.27 26.27
CA LEU B 54 43.40 4.95 25.52
C LEU B 54 43.08 4.32 24.18
N ALA B 55 42.03 3.53 24.13
CA ALA B 55 41.61 2.93 22.88
C ALA B 55 41.12 3.96 21.88
N ILE B 56 40.48 5.01 22.37
CA ILE B 56 40.00 6.06 21.47
C ILE B 56 41.17 6.83 20.89
N ILE B 57 42.22 7.07 21.68
CA ILE B 57 43.43 7.69 21.16
C ILE B 57 44.06 6.81 20.10
N PHE B 58 44.04 5.50 20.31
CA PHE B 58 44.64 4.60 19.34
C PHE B 58 43.76 4.40 18.11
N LEU B 59 42.45 4.37 18.29
CA LEU B 59 41.58 4.33 17.13
C LEU B 59 41.61 5.64 16.35
N TRP B 60 41.80 6.76 17.05
CA TRP B 60 41.99 8.01 16.34
C TRP B 60 43.30 8.02 15.59
N ALA B 61 44.36 7.52 16.21
CA ALA B 61 45.66 7.49 15.56
C ALA B 61 45.67 6.53 14.37
N SER B 62 44.94 5.42 14.48
CA SER B 62 44.84 4.51 13.34
C SER B 62 43.98 5.09 12.23
N GLY B 63 43.12 6.05 12.55
CA GLY B 63 42.39 6.75 11.50
C GLY B 63 43.23 7.72 10.74
N ILE B 64 44.23 8.33 11.40
CA ILE B 64 45.19 9.16 10.68
C ILE B 64 45.98 8.31 9.70
N LEU B 65 46.48 7.17 10.17
CA LEU B 65 47.32 6.32 9.35
C LEU B 65 46.52 5.68 8.22
N PHE B 66 45.31 5.22 8.51
CA PHE B 66 44.55 4.52 7.50
C PHE B 66 44.18 5.45 6.34
N HIS B 67 43.88 6.70 6.64
CA HIS B 67 43.38 7.58 5.59
C HIS B 67 44.46 8.17 4.73
N VAL B 68 45.68 8.28 5.23
CA VAL B 68 46.75 8.69 4.35
C VAL B 68 47.33 7.48 3.62
N ALA B 69 47.20 6.28 4.20
CA ALA B 69 47.52 5.08 3.45
C ALA B 69 46.52 4.87 2.33
N TRP B 70 45.24 5.08 2.62
CA TRP B 70 44.19 4.81 1.65
C TRP B 70 44.04 5.97 0.68
N GLN B 71 43.90 7.19 1.20
CA GLN B 71 43.52 8.34 0.39
C GLN B 71 44.55 9.44 0.35
N GLY B 72 45.65 9.32 1.08
CA GLY B 72 46.69 10.32 1.04
C GLY B 72 47.61 10.11 -0.13
N ASN B 73 48.65 10.93 -0.18
CA ASN B 73 49.65 10.85 -1.24
C ASN B 73 51.04 10.74 -0.62
N PHE B 74 51.17 9.88 0.38
CA PHE B 74 52.45 9.77 1.09
C PHE B 74 53.57 9.34 0.16
N GLU B 75 53.28 8.41 -0.76
CA GLU B 75 54.29 7.97 -1.71
C GLU B 75 54.73 9.09 -2.63
N VAL B 76 53.77 9.84 -3.16
CA VAL B 76 54.10 10.97 -4.03
C VAL B 76 54.79 12.07 -3.23
N TRP B 77 54.29 12.33 -2.02
CA TRP B 77 54.82 13.42 -1.21
C TRP B 77 56.26 13.18 -0.82
N ILE B 78 56.60 11.92 -0.52
CA ILE B 78 57.88 11.61 0.08
C ILE B 78 59.04 11.75 -0.89
N LYS B 79 58.74 11.84 -2.19
CA LYS B 79 59.75 12.09 -3.19
C LYS B 79 60.07 13.57 -3.38
N ASP B 80 59.28 14.46 -2.79
CA ASP B 80 59.53 15.88 -2.88
C ASP B 80 58.78 16.59 -1.75
N PRO B 81 59.25 16.50 -0.51
CA PRO B 81 58.46 16.97 0.63
C PRO B 81 58.28 18.47 0.71
N VAL B 82 58.79 19.23 -0.24
CA VAL B 82 58.71 20.68 -0.20
C VAL B 82 57.68 21.24 -1.17
N HIS B 83 57.51 20.62 -2.34
CA HIS B 83 56.76 21.21 -3.42
C HIS B 83 55.41 20.56 -3.66
N VAL B 84 55.03 19.59 -2.83
CA VAL B 84 53.75 18.91 -2.98
C VAL B 84 53.04 18.91 -1.64
N ARG B 85 51.72 19.00 -1.69
CA ARG B 85 50.99 19.15 -0.44
C ARG B 85 50.52 17.79 0.07
N PRO B 86 50.63 17.57 1.37
CA PRO B 86 50.11 16.33 1.95
C PRO B 86 48.59 16.29 1.86
N ILE B 87 48.06 15.09 1.67
CA ILE B 87 46.62 14.88 1.57
C ILE B 87 46.14 14.32 2.89
N ALA B 88 45.14 14.98 3.49
CA ALA B 88 44.55 14.47 4.72
C ALA B 88 43.71 13.24 4.45
N HIS B 89 42.62 13.41 3.71
CA HIS B 89 41.76 12.32 3.30
C HIS B 89 41.00 12.80 2.08
N ALA B 90 40.07 12.01 1.62
CA ALA B 90 39.29 12.43 0.48
C ALA B 90 38.02 13.14 0.94
N ILE B 91 37.37 13.78 -0.01
CA ILE B 91 36.11 14.49 0.22
C ILE B 91 35.03 13.70 -0.48
N TRP B 92 33.97 13.37 0.24
CA TRP B 92 32.75 12.89 -0.39
C TRP B 92 31.61 13.73 0.15
N ASP B 93 31.39 14.85 -0.49
CA ASP B 93 30.21 15.65 -0.25
C ASP B 93 29.37 15.58 -1.52
N ALA B 94 28.28 14.85 -1.45
CA ALA B 94 27.44 14.59 -2.62
C ALA B 94 26.68 15.76 -3.06
N GLN B 95 26.93 16.93 -2.49
CA GLN B 95 26.22 18.15 -2.86
C GLN B 95 27.18 19.27 -3.28
N PHE B 96 28.42 18.92 -3.59
CA PHE B 96 29.28 19.86 -4.31
C PHE B 96 28.74 20.14 -5.70
N GLY B 97 29.08 21.29 -6.22
CA GLY B 97 28.87 21.60 -7.61
C GLY B 97 30.15 21.34 -8.37
N PRO B 98 30.14 21.59 -9.67
CA PRO B 98 31.38 21.42 -10.45
C PRO B 98 32.49 22.37 -10.03
N GLY B 99 32.14 23.53 -9.48
CA GLY B 99 33.16 24.47 -9.04
C GLY B 99 33.89 24.03 -7.80
N ALA B 100 33.28 23.19 -6.97
CA ALA B 100 33.95 22.70 -5.78
C ALA B 100 34.71 21.41 -6.03
N ILE B 101 34.26 20.59 -6.97
CA ILE B 101 35.05 19.43 -7.39
C ILE B 101 36.37 19.90 -7.97
N LYS B 102 36.32 20.88 -8.86
CA LYS B 102 37.52 21.38 -9.51
C LYS B 102 38.43 22.07 -8.52
N ALA B 103 37.85 22.84 -7.61
CA ALA B 103 38.66 23.61 -6.66
C ALA B 103 39.38 22.70 -5.68
N PHE B 104 38.69 21.69 -5.16
CA PHE B 104 39.26 20.82 -4.15
C PHE B 104 40.03 19.65 -4.72
N THR B 105 40.01 19.44 -6.03
CA THR B 105 40.88 18.46 -6.66
C THR B 105 42.24 19.13 -6.77
N GLN B 106 43.07 18.92 -5.76
CA GLN B 106 44.29 19.68 -5.61
C GLN B 106 45.40 18.77 -5.12
N ALA B 107 46.63 19.30 -5.17
CA ALA B 107 47.84 18.61 -4.73
C ALA B 107 48.03 17.28 -5.46
N GLY B 108 47.88 17.32 -6.78
CA GLY B 108 48.18 16.16 -7.57
C GLY B 108 47.19 15.03 -7.44
N ALA B 109 46.02 15.30 -6.87
CA ALA B 109 44.99 14.30 -6.70
C ALA B 109 44.07 14.30 -7.90
N ARG B 110 43.34 13.20 -8.05
CA ARG B 110 42.39 13.05 -9.13
C ARG B 110 40.96 12.99 -8.61
N ASN B 111 40.73 13.53 -7.41
CA ASN B 111 39.45 13.54 -6.72
C ASN B 111 39.52 14.64 -5.66
N PRO B 112 38.40 15.18 -5.19
CA PRO B 112 38.46 16.18 -4.12
C PRO B 112 39.16 15.62 -2.89
N VAL B 113 40.05 16.41 -2.32
CA VAL B 113 40.86 16.00 -1.18
C VAL B 113 41.02 17.17 -0.23
N ASP B 114 41.56 16.87 0.95
CA ASP B 114 41.90 17.86 1.94
C ASP B 114 43.40 17.90 2.12
N ILE B 115 43.97 19.08 2.25
CA ILE B 115 45.39 19.22 2.46
C ILE B 115 45.70 19.04 3.94
N CYS B 116 46.53 18.05 4.27
CA CYS B 116 46.88 17.77 5.65
C CYS B 116 47.68 18.92 6.24
N TYR B 117 47.16 19.52 7.30
CA TYR B 117 47.86 20.56 8.04
C TYR B 117 48.26 20.09 9.44
N SER B 118 48.36 18.79 9.63
CA SER B 118 48.73 18.24 10.91
C SER B 118 50.21 17.98 11.05
N GLY B 119 50.93 17.79 9.94
CA GLY B 119 52.33 17.49 10.02
C GLY B 119 52.65 16.04 10.25
N VAL B 120 51.65 15.15 10.22
CA VAL B 120 51.92 13.74 10.38
C VAL B 120 52.76 13.22 9.24
N TYR B 121 52.68 13.84 8.06
CA TYR B 121 53.54 13.45 6.95
C TYR B 121 54.99 13.70 7.28
N HIS B 122 55.29 14.82 7.93
CA HIS B 122 56.66 15.14 8.28
C HIS B 122 57.13 14.30 9.45
N TRP B 123 56.22 13.98 10.37
CA TRP B 123 56.56 13.14 11.49
C TRP B 123 56.91 11.73 11.04
N TRP B 124 56.08 11.17 10.16
CA TRP B 124 56.34 9.81 9.68
C TRP B 124 57.53 9.75 8.76
N TYR B 125 57.75 10.80 7.96
CA TYR B 125 58.93 10.82 7.10
C TYR B 125 60.21 10.87 7.91
N THR B 126 60.16 11.44 9.11
CA THR B 126 61.35 11.55 9.92
C THR B 126 61.63 10.29 10.70
N ILE B 127 60.58 9.64 11.21
CA ILE B 127 60.76 8.45 12.04
C ILE B 127 60.94 7.19 11.22
N GLY B 128 60.98 7.28 9.91
CA GLY B 128 61.34 6.14 9.09
C GLY B 128 60.19 5.35 8.52
N LEU B 129 59.23 6.03 7.89
CA LEU B 129 58.16 5.36 7.16
C LEU B 129 58.21 5.84 5.73
N ARG B 130 58.34 4.91 4.79
CA ARG B 130 58.57 5.27 3.40
C ARG B 130 57.54 4.75 2.42
N THR B 131 56.76 3.74 2.78
CA THR B 131 55.77 3.19 1.87
C THR B 131 54.38 3.28 2.49
N ASN B 132 53.37 3.25 1.61
CA ASN B 132 51.99 3.23 2.08
C ASN B 132 51.68 1.96 2.86
N THR B 133 52.33 0.86 2.53
CA THR B 133 52.08 -0.39 3.23
C THR B 133 52.58 -0.33 4.66
N GLU B 134 53.71 0.35 4.88
CA GLU B 134 54.18 0.60 6.24
C GLU B 134 53.19 1.43 7.04
N LEU B 135 52.48 2.33 6.38
CA LEU B 135 51.44 3.09 7.07
C LEU B 135 50.22 2.23 7.34
N TYR B 136 49.90 1.32 6.42
CA TYR B 136 48.72 0.49 6.57
C TYR B 136 48.89 -0.52 7.69
N VAL B 137 50.05 -1.17 7.77
CA VAL B 137 50.26 -2.12 8.85
C VAL B 137 50.41 -1.40 10.18
N GLY B 138 50.79 -0.13 10.15
CA GLY B 138 50.72 0.68 11.36
C GLY B 138 49.28 0.94 11.77
N ALA B 139 48.41 1.23 10.81
CA ALA B 139 47.00 1.43 11.11
C ALA B 139 46.35 0.16 11.64
N LEU B 140 46.67 -0.98 11.04
CA LEU B 140 46.10 -2.24 11.52
C LEU B 140 46.63 -2.59 12.90
N PHE B 141 47.91 -2.32 13.15
CA PHE B 141 48.47 -2.62 14.46
C PHE B 141 47.82 -1.77 15.54
N LEU B 142 47.58 -0.50 15.26
CA LEU B 142 46.95 0.37 16.25
C LEU B 142 45.50 0.03 16.48
N ILE B 143 44.82 -0.52 15.48
CA ILE B 143 43.45 -1.01 15.70
C ILE B 143 43.47 -2.18 16.67
N LEU B 144 44.39 -3.11 16.47
CA LEU B 144 44.49 -4.25 17.37
C LEU B 144 45.08 -3.85 18.72
N LEU B 145 45.96 -2.86 18.74
CA LEU B 145 46.44 -2.34 20.01
C LEU B 145 45.33 -1.62 20.76
N ALA B 146 44.41 -0.98 20.04
CA ALA B 146 43.23 -0.43 20.69
C ALA B 146 42.30 -1.53 21.20
N ALA B 147 42.31 -2.68 20.52
CA ALA B 147 41.47 -3.79 20.96
C ALA B 147 41.95 -4.36 22.29
N VAL B 148 43.27 -4.48 22.49
CA VAL B 148 43.75 -5.06 23.73
C VAL B 148 43.58 -4.11 24.90
N PHE B 149 43.27 -2.84 24.67
CA PHE B 149 42.90 -1.95 25.75
C PHE B 149 41.39 -1.89 25.98
N LEU B 150 40.58 -2.10 24.94
CA LEU B 150 39.16 -2.28 25.20
C LEU B 150 38.92 -3.58 25.95
N PHE B 151 39.69 -4.63 25.64
CA PHE B 151 39.54 -5.87 26.39
C PHE B 151 40.08 -5.72 27.81
N ALA B 152 41.21 -5.04 27.98
CA ALA B 152 41.78 -4.87 29.31
C ALA B 152 40.84 -4.07 30.19
N GLY B 153 40.17 -3.08 29.63
CA GLY B 153 39.19 -2.34 30.40
C GLY B 153 38.01 -3.19 30.82
N TRP B 154 37.54 -4.05 29.92
CA TRP B 154 36.51 -5.00 30.29
C TRP B 154 37.03 -6.00 31.30
N LEU B 155 38.29 -6.41 31.14
CA LEU B 155 38.88 -7.41 32.02
C LEU B 155 38.92 -6.94 33.46
N HIS B 156 39.25 -5.67 33.68
CA HIS B 156 39.43 -5.17 35.03
C HIS B 156 38.14 -4.64 35.63
N LEU B 157 37.01 -5.08 35.12
CA LEU B 157 35.74 -4.94 35.82
C LEU B 157 35.17 -6.29 36.20
N GLN B 158 35.83 -7.37 35.82
CA GLN B 158 35.46 -8.69 36.32
C GLN B 158 35.90 -8.79 37.78
N PRO B 159 35.09 -9.41 38.63
CA PRO B 159 35.38 -9.39 40.07
C PRO B 159 36.71 -10.03 40.44
N ARG B 160 37.17 -11.02 39.66
CA ARG B 160 38.40 -11.69 39.96
C ARG B 160 39.63 -10.91 39.50
N TYR B 161 39.44 -9.94 38.62
CA TYR B 161 40.53 -9.13 38.09
C TYR B 161 40.44 -7.68 38.49
N ARG B 162 39.34 -7.27 39.10
CA ARG B 162 39.12 -5.90 39.47
C ARG B 162 40.01 -5.52 40.64
N PRO B 163 40.88 -4.52 40.50
CA PRO B 163 41.83 -4.20 41.57
C PRO B 163 41.16 -3.65 42.80
N ASN B 164 41.84 -3.80 43.93
CA ASN B 164 41.32 -3.31 45.20
C ASN B 164 41.83 -1.91 45.47
N LEU B 165 41.23 -1.26 46.46
CA LEU B 165 41.53 0.13 46.76
C LEU B 165 42.98 0.33 47.17
N GLY B 166 43.56 -0.65 47.86
CA GLY B 166 44.95 -0.53 48.26
C GLY B 166 45.91 -0.49 47.09
N TRP B 167 45.57 -1.19 46.01
CA TRP B 167 46.42 -1.16 44.82
C TRP B 167 46.43 0.22 44.18
N PHE B 168 45.27 0.88 44.13
CA PHE B 168 45.20 2.20 43.52
C PHE B 168 45.93 3.25 44.35
N LYS B 169 45.79 3.19 45.67
CA LYS B 169 46.44 4.15 46.54
C LYS B 169 47.88 3.78 46.85
N ASN B 170 48.50 2.94 46.02
CA ASN B 170 49.90 2.59 46.15
C ASN B 170 50.70 3.59 45.31
N SER B 171 50.94 4.76 45.90
CA SER B 171 51.54 5.85 45.14
C SER B 171 53.01 5.57 44.84
N GLU B 172 53.75 5.01 45.77
CA GLU B 172 55.18 4.80 45.55
C GLU B 172 55.44 3.75 44.48
N ALA B 173 54.60 2.73 44.38
CA ALA B 173 54.82 1.72 43.36
C ALA B 173 54.46 2.25 41.97
N ARG B 174 53.46 3.13 41.87
CA ARG B 174 53.09 3.65 40.57
C ARG B 174 54.14 4.64 40.05
N LEU B 175 54.65 5.50 40.94
CA LEU B 175 55.70 6.42 40.53
C LEU B 175 56.94 5.69 40.09
N ASN B 176 57.28 4.60 40.77
CA ASN B 176 58.47 3.85 40.40
C ASN B 176 58.35 3.27 39.01
N HIS B 177 57.19 2.74 38.67
CA HIS B 177 57.03 2.13 37.36
C HIS B 177 56.81 3.18 36.28
N HIS B 178 56.06 4.24 36.58
CA HIS B 178 55.81 5.24 35.56
C HIS B 178 57.07 5.99 35.18
N LEU B 179 57.89 6.32 36.17
CA LEU B 179 59.18 6.93 35.87
C LEU B 179 60.11 5.96 35.16
N ALA B 180 60.28 4.76 35.70
CA ALA B 180 61.24 3.84 35.12
C ALA B 180 60.71 3.17 33.86
N GLY B 181 59.45 2.74 33.88
CA GLY B 181 58.95 1.95 32.77
C GLY B 181 58.11 2.70 31.77
N LEU B 182 57.16 3.51 32.25
CA LEU B 182 56.27 4.18 31.32
C LEU B 182 56.99 5.29 30.56
N PHE B 183 57.87 6.03 31.24
CA PHE B 183 58.64 7.06 30.56
C PHE B 183 60.06 6.63 30.26
N GLY B 184 60.71 5.96 31.19
CA GLY B 184 62.09 5.56 31.01
C GLY B 184 62.27 4.51 29.95
N VAL B 185 61.55 3.39 30.05
CA VAL B 185 61.69 2.33 29.06
C VAL B 185 61.14 2.76 27.70
N SER B 186 60.01 3.49 27.70
CA SER B 186 59.44 3.95 26.44
C SER B 186 60.38 4.86 25.68
N SER B 187 61.05 5.78 26.38
CA SER B 187 62.00 6.64 25.69
C SER B 187 63.28 5.89 25.35
N LEU B 188 63.65 4.90 26.16
CA LEU B 188 64.71 3.98 25.77
C LEU B 188 64.32 3.20 24.53
N ALA B 189 63.07 2.75 24.48
CA ALA B 189 62.59 2.03 23.31
C ALA B 189 62.55 2.94 22.09
N TRP B 190 62.18 4.20 22.28
CA TRP B 190 62.14 5.11 21.15
C TRP B 190 63.52 5.38 20.59
N ALA B 191 64.51 5.56 21.47
CA ALA B 191 65.88 5.63 21.00
C ALA B 191 66.30 4.34 20.31
N GLY B 192 65.67 3.22 20.68
CA GLY B 192 65.88 2.00 19.93
C GLY B 192 65.36 2.07 18.51
N HIS B 193 64.17 2.65 18.33
CA HIS B 193 63.64 2.82 16.98
C HIS B 193 64.49 3.78 16.18
N LEU B 194 64.89 4.89 16.79
CA LEU B 194 65.70 5.88 16.08
C LEU B 194 67.02 5.28 15.63
N VAL B 195 67.69 4.55 16.51
CA VAL B 195 68.99 3.97 16.19
C VAL B 195 68.84 2.88 15.14
N HIS B 196 67.81 2.07 15.23
CA HIS B 196 67.65 0.93 14.34
C HIS B 196 66.91 1.25 13.06
N VAL B 197 65.91 2.13 13.11
CA VAL B 197 65.06 2.31 11.95
C VAL B 197 65.19 3.71 11.38
N ALA B 198 64.97 4.72 12.21
CA ALA B 198 64.84 6.08 11.69
C ALA B 198 66.16 6.60 11.15
N ILE B 199 67.23 6.47 11.91
CA ILE B 199 68.55 6.94 11.46
C ILE B 199 69.02 6.15 10.25
N PRO B 200 69.03 4.80 10.25
CA PRO B 200 69.47 4.10 9.04
C PRO B 200 68.63 4.41 7.81
N GLU B 201 67.34 4.60 7.98
CA GLU B 201 66.46 4.82 6.84
C GLU B 201 66.50 6.27 6.39
N SER B 202 67.07 7.16 7.19
CA SER B 202 67.40 8.50 6.75
C SER B 202 68.72 8.56 6.01
N ARG B 203 69.47 7.46 6.01
CA ARG B 203 70.70 7.34 5.25
C ARG B 203 70.54 6.43 4.04
N GLY B 204 69.32 5.99 3.76
CA GLY B 204 69.09 5.27 2.53
C GLY B 204 68.79 3.80 2.70
N GLN B 205 69.47 3.13 3.61
CA GLN B 205 69.27 1.70 3.75
C GLN B 205 67.90 1.41 4.35
N HIS B 206 67.26 0.36 3.83
CA HIS B 206 65.93 -0.01 4.26
C HIS B 206 66.03 -1.01 5.40
N VAL B 207 65.53 -0.63 6.56
CA VAL B 207 65.50 -1.49 7.72
C VAL B 207 64.04 -1.79 8.05
N GLY B 208 63.70 -3.07 8.10
CA GLY B 208 62.35 -3.47 8.38
C GLY B 208 62.27 -4.58 9.38
N TRP B 209 61.09 -5.16 9.58
CA TRP B 209 60.94 -6.22 10.56
C TRP B 209 61.63 -7.51 10.14
N ASP B 210 61.83 -7.71 8.85
CA ASP B 210 62.53 -8.88 8.34
C ASP B 210 64.01 -8.62 8.11
N ASN B 211 64.50 -7.45 8.51
CA ASN B 211 65.82 -7.00 8.11
C ASN B 211 66.59 -6.59 9.35
N PHE B 212 65.88 -6.04 10.35
CA PHE B 212 66.57 -5.36 11.45
C PHE B 212 67.32 -6.31 12.36
N LEU B 213 66.99 -7.60 12.36
CA LEU B 213 67.70 -8.52 13.24
C LEU B 213 69.07 -8.88 12.72
N SER B 214 69.32 -8.67 11.43
CA SER B 214 70.56 -9.10 10.80
C SER B 214 71.58 -7.98 10.65
N THR B 215 71.16 -6.79 10.25
CA THR B 215 72.08 -5.70 10.00
C THR B 215 72.23 -4.84 11.26
N PRO B 216 73.43 -4.77 11.85
CA PRO B 216 73.60 -3.93 13.02
C PRO B 216 73.56 -2.46 12.64
N PRO B 217 73.07 -1.60 13.54
CA PRO B 217 73.00 -0.17 13.22
C PRO B 217 74.35 0.51 13.24
N HIS B 218 75.36 -0.09 13.86
CA HIS B 218 76.71 0.43 13.88
C HIS B 218 77.67 -0.68 13.54
N PRO B 219 78.80 -0.37 12.90
CA PRO B 219 79.82 -1.40 12.68
C PRO B 219 80.38 -1.99 13.96
N ALA B 220 80.43 -1.22 15.05
CA ALA B 220 80.98 -1.69 16.32
C ALA B 220 79.86 -2.12 17.27
N GLY B 221 78.81 -2.70 16.74
CA GLY B 221 77.60 -2.90 17.52
C GLY B 221 77.79 -3.91 18.64
N LEU B 222 77.13 -3.64 19.77
CA LEU B 222 77.05 -4.47 20.96
C LEU B 222 78.38 -4.71 21.65
N TRP B 223 79.48 -4.20 21.15
CA TRP B 223 80.71 -4.47 21.87
C TRP B 223 81.37 -3.20 22.35
N ALA B 224 81.28 -2.12 21.58
CA ALA B 224 81.77 -0.84 22.05
C ALA B 224 81.01 -0.37 23.27
N PHE B 225 79.75 -0.77 23.41
CA PHE B 225 78.95 -0.38 24.56
C PHE B 225 79.45 -1.05 25.84
N PHE B 226 79.58 -2.38 25.81
CA PHE B 226 79.88 -3.11 27.04
C PHE B 226 81.33 -3.01 27.47
N THR B 227 82.26 -2.83 26.53
CA THR B 227 83.65 -2.58 26.92
C THR B 227 83.76 -1.22 27.60
N GLY B 228 82.94 -0.26 27.19
CA GLY B 228 83.06 1.11 27.65
C GLY B 228 83.62 2.05 26.62
N ASN B 229 83.94 1.57 25.42
CA ASN B 229 84.42 2.41 24.33
C ASN B 229 83.21 3.06 23.67
N TRP B 230 82.56 3.94 24.42
CA TRP B 230 81.30 4.51 24.00
C TRP B 230 81.49 5.54 22.90
N GLY B 231 82.68 6.14 22.81
CA GLY B 231 82.93 7.15 21.80
C GLY B 231 82.87 6.63 20.38
N ALA B 232 82.91 5.31 20.20
CA ALA B 232 82.85 4.73 18.87
C ALA B 232 81.52 4.99 18.17
N TYR B 233 80.47 5.30 18.93
CA TYR B 233 79.15 5.53 18.38
C TYR B 233 79.00 6.92 17.80
N ALA B 234 80.02 7.76 17.86
CA ALA B 234 79.96 9.11 17.34
C ALA B 234 81.22 9.46 16.57
N GLN B 235 81.75 8.51 15.80
CA GLN B 235 83.03 8.74 15.16
C GLN B 235 82.89 9.64 13.93
N ASN B 236 82.16 9.20 12.92
CA ASN B 236 81.90 10.04 11.76
C ASN B 236 80.40 10.32 11.63
N PRO B 237 79.96 11.53 11.90
CA PRO B 237 78.53 11.83 11.77
C PRO B 237 78.18 12.25 10.36
N ASP B 238 76.91 12.59 10.13
CA ASP B 238 76.50 13.08 8.83
C ASP B 238 77.14 14.44 8.55
N THR B 239 77.63 14.62 7.34
CA THR B 239 78.23 15.87 6.97
C THR B 239 77.16 16.90 6.65
N ALA B 240 77.60 18.14 6.45
CA ALA B 240 76.67 19.22 6.17
C ALA B 240 76.08 19.16 4.76
N GLU B 241 76.65 18.35 3.87
CA GLU B 241 76.10 18.20 2.53
C GLU B 241 75.27 16.93 2.39
N HIS B 242 75.03 16.23 3.49
CA HIS B 242 74.15 15.06 3.46
C HIS B 242 72.73 15.49 3.11
N VAL B 243 72.10 14.79 2.18
CA VAL B 243 70.71 15.04 1.85
C VAL B 243 69.88 13.88 2.36
N PHE B 244 68.69 14.20 2.86
CA PHE B 244 67.93 13.27 3.69
C PHE B 244 67.47 12.04 2.89
N SER B 245 67.42 10.92 3.58
CA SER B 245 66.93 9.63 3.08
C SER B 245 67.75 9.11 1.91
N THR B 246 69.02 9.50 1.82
CA THR B 246 69.93 8.98 0.81
C THR B 246 71.25 8.61 1.46
N SER B 247 72.07 7.89 0.72
CA SER B 247 73.38 7.48 1.20
C SER B 247 74.48 8.51 0.95
N GLN B 248 74.21 9.53 0.14
CA GLN B 248 75.24 10.50 -0.19
C GLN B 248 75.38 11.52 0.93
N GLY B 249 76.61 11.70 1.42
CA GLY B 249 76.87 12.56 2.55
C GLY B 249 76.63 11.92 3.89
N ALA B 250 76.12 10.70 3.93
CA ALA B 250 75.73 10.07 5.18
C ALA B 250 76.97 9.61 5.95
N GLY B 251 76.81 9.50 7.27
CA GLY B 251 77.84 8.98 8.14
C GLY B 251 77.45 7.62 8.70
N THR B 252 78.18 7.23 9.74
CA THR B 252 77.86 6.00 10.46
C THR B 252 77.54 6.23 11.92
N ALA B 253 77.74 7.43 12.43
CA ALA B 253 77.44 7.71 13.83
C ALA B 253 75.96 7.58 14.09
N ILE B 254 75.63 6.97 15.23
CA ILE B 254 74.25 6.81 15.63
C ILE B 254 73.89 7.61 16.86
N LEU B 255 74.87 8.06 17.65
CA LEU B 255 74.64 8.82 18.86
C LEU B 255 75.64 9.96 18.88
N THR B 256 75.37 11.04 18.18
CA THR B 256 76.30 12.14 18.14
C THR B 256 75.56 13.44 18.44
N PHE B 257 76.29 14.39 19.00
CA PHE B 257 75.68 15.54 19.65
C PHE B 257 76.17 16.86 19.07
N LEU B 258 76.06 16.98 17.75
CA LEU B 258 76.44 18.20 17.05
C LEU B 258 75.63 19.40 17.54
N GLY B 259 74.33 19.24 17.68
CA GLY B 259 73.46 20.35 17.99
C GLY B 259 73.16 21.17 16.74
N GLY B 260 72.19 22.05 16.87
CA GLY B 260 71.76 22.81 15.72
C GLY B 260 70.90 21.98 14.79
N PHE B 261 70.90 22.37 13.53
CA PHE B 261 69.95 21.86 12.55
C PHE B 261 70.64 21.09 11.43
N HIS B 262 69.92 20.15 10.87
CA HIS B 262 70.35 19.48 9.64
C HIS B 262 70.28 20.47 8.50
N PRO B 263 71.38 20.72 7.78
CA PRO B 263 71.38 21.82 6.80
C PRO B 263 70.41 21.64 5.65
N GLN B 264 69.94 20.43 5.39
CA GLN B 264 69.08 20.17 4.25
C GLN B 264 67.61 20.11 4.63
N THR B 265 67.27 19.47 5.75
CA THR B 265 65.88 19.44 6.20
C THR B 265 65.54 20.59 7.14
N GLN B 266 66.53 21.33 7.63
CA GLN B 266 66.35 22.39 8.62
C GLN B 266 65.60 21.89 9.84
N SER B 267 65.97 20.71 10.31
CA SER B 267 65.42 20.12 11.50
C SER B 267 66.56 19.61 12.37
N LEU B 268 66.24 19.16 13.57
CA LEU B 268 67.25 18.56 14.42
C LEU B 268 67.75 17.26 13.82
N TRP B 269 69.00 16.94 14.11
CA TRP B 269 69.57 15.69 13.61
C TRP B 269 68.89 14.49 14.25
N LEU B 270 68.64 13.46 13.46
CA LEU B 270 68.06 12.24 14.00
C LEU B 270 69.02 11.56 14.97
N THR B 271 70.31 11.60 14.65
CA THR B 271 71.32 11.06 15.56
C THR B 271 71.36 11.85 16.86
N ASP B 272 71.02 13.12 16.81
CA ASP B 272 70.99 13.95 17.99
C ASP B 272 69.75 13.65 18.82
N MET B 273 68.68 13.16 18.20
CA MET B 273 67.49 12.77 18.93
C MET B 273 67.64 11.41 19.60
N ALA B 274 68.27 10.46 18.92
CA ALA B 274 68.47 9.15 19.52
C ALA B 274 69.32 9.24 20.77
N HIS B 275 70.37 10.05 20.69
CA HIS B 275 71.20 10.31 21.85
C HIS B 275 70.43 11.06 22.93
N HIS B 276 69.38 11.78 22.54
CA HIS B 276 68.57 12.51 23.51
C HIS B 276 67.73 11.57 24.35
N HIS B 277 66.93 10.75 23.67
CA HIS B 277 66.04 9.84 24.38
C HIS B 277 66.81 8.77 25.14
N LEU B 278 68.00 8.43 24.66
CA LEU B 278 68.87 7.55 25.42
C LEU B 278 69.30 8.20 26.73
N ALA B 279 69.67 9.48 26.69
CA ALA B 279 70.04 10.16 27.91
C ALA B 279 68.84 10.37 28.82
N ILE B 280 67.69 10.72 28.25
CA ILE B 280 66.48 10.90 29.03
C ILE B 280 66.06 9.60 29.70
N ALA B 281 66.16 8.49 28.97
CA ALA B 281 65.77 7.20 29.51
C ALA B 281 66.59 6.87 30.75
N VAL B 282 67.91 6.99 30.66
CA VAL B 282 68.78 6.62 31.77
C VAL B 282 68.49 7.49 32.98
N VAL B 283 68.30 8.79 32.77
CA VAL B 283 67.94 9.68 33.86
C VAL B 283 66.58 9.31 34.43
N LEU B 284 65.64 8.91 33.58
CA LEU B 284 64.30 8.56 34.06
C LEU B 284 64.29 7.21 34.76
N ILE B 285 65.02 6.23 34.24
CA ILE B 285 65.10 4.94 34.91
C ILE B 285 65.75 5.08 36.27
N ILE B 286 66.82 5.88 36.35
CA ILE B 286 67.42 6.16 37.66
C ILE B 286 66.41 6.81 38.59
N ALA B 287 65.63 7.77 38.08
CA ALA B 287 64.62 8.43 38.89
C ALA B 287 63.55 7.47 39.39
N GLY B 288 63.32 6.37 38.69
CA GLY B 288 62.31 5.42 39.09
C GLY B 288 62.70 4.46 40.18
N HIS B 289 63.92 4.54 40.70
CA HIS B 289 64.36 3.73 41.83
C HIS B 289 64.46 4.58 43.08
N MET B 290 63.57 5.53 43.22
CA MET B 290 63.65 6.50 44.31
C MET B 290 62.75 6.16 45.47
N TYR B 291 61.58 5.58 45.23
CA TYR B 291 60.60 5.34 46.27
C TYR B 291 60.54 3.86 46.59
N ARG B 292 60.50 3.54 47.88
CA ARG B 292 60.46 2.15 48.30
C ARG B 292 59.11 1.54 47.94
N THR B 293 59.14 0.36 47.33
CA THR B 293 57.89 -0.35 47.13
C THR B 293 57.67 -1.44 48.16
N ASN B 294 58.47 -2.49 48.10
CA ASN B 294 58.40 -3.55 49.09
C ASN B 294 59.78 -4.14 49.35
N TRP B 295 60.83 -3.33 49.20
CA TRP B 295 62.18 -3.80 49.42
C TRP B 295 62.97 -2.99 50.43
N ARG B 296 62.31 -2.10 51.19
CA ARG B 296 62.89 -1.39 52.34
C ARG B 296 64.25 -0.75 52.00
N ILE B 297 64.45 -0.44 50.71
CA ILE B 297 65.49 0.45 50.25
C ILE B 297 64.76 1.36 49.25
N GLY B 298 64.68 2.64 49.57
CA GLY B 298 63.89 3.59 48.79
C GLY B 298 63.40 4.72 49.68
N HIS B 299 62.48 5.52 49.15
CA HIS B 299 61.85 6.60 49.91
C HIS B 299 60.40 6.29 50.20
N SER B 300 59.91 6.82 51.31
CA SER B 300 58.51 6.79 51.67
C SER B 300 57.99 8.22 51.64
N ILE B 301 57.03 8.49 50.76
CA ILE B 301 56.55 9.85 50.57
C ILE B 301 55.84 10.36 51.82
N LYS B 302 55.12 9.47 52.50
CA LYS B 302 54.44 9.86 53.73
C LYS B 302 55.43 10.31 54.79
N GLU B 303 56.56 9.61 54.91
CA GLU B 303 57.57 10.01 55.88
C GLU B 303 58.37 11.23 55.40
N MET B 304 58.49 11.43 54.08
CA MET B 304 59.11 12.66 53.61
C MET B 304 58.27 13.88 53.85
N MET B 305 56.99 13.73 54.22
CA MET B 305 56.17 14.85 54.63
C MET B 305 56.39 15.17 56.11
N ASP B 306 56.19 14.18 56.97
CA ASP B 306 56.18 14.39 58.41
C ASP B 306 57.57 14.61 58.99
N SER B 307 58.62 14.57 58.18
CA SER B 307 59.97 14.74 58.69
C SER B 307 60.18 16.16 59.20
N LYS B 308 60.69 16.27 60.43
CA LYS B 308 60.93 17.57 61.04
C LYS B 308 62.35 17.71 61.57
N THR B 309 63.28 16.89 61.09
CA THR B 309 64.65 16.91 61.57
C THR B 309 65.59 17.06 60.38
N PHE B 310 66.31 18.17 60.33
CA PHE B 310 67.28 18.47 59.28
C PHE B 310 68.68 18.31 59.87
N PHE B 311 69.22 17.09 59.79
CA PHE B 311 70.53 16.76 60.35
C PHE B 311 70.61 17.11 61.83
N GLY B 312 69.51 16.84 62.54
CA GLY B 312 69.41 17.16 63.94
C GLY B 312 68.82 18.51 64.26
N ARG B 313 68.79 19.43 63.30
CA ARG B 313 68.23 20.74 63.54
C ARG B 313 66.71 20.69 63.47
N LYS B 314 66.06 21.37 64.41
CA LYS B 314 64.61 21.44 64.45
C LYS B 314 64.09 22.28 63.29
N VAL B 315 63.37 21.64 62.37
CA VAL B 315 62.71 22.32 61.27
C VAL B 315 61.26 21.90 61.24
N GLU B 316 60.44 22.69 60.53
CA GLU B 316 59.02 22.44 60.46
C GLU B 316 58.65 21.45 59.37
N GLY B 317 59.57 21.09 58.50
CA GLY B 317 59.28 20.18 57.43
C GLY B 317 60.13 20.44 56.21
N PRO B 318 59.74 19.86 55.07
CA PRO B 318 60.46 20.12 53.82
C PRO B 318 60.58 21.57 53.48
N PHE B 319 61.83 22.02 53.37
CA PHE B 319 62.23 23.40 53.08
C PHE B 319 61.80 24.34 54.20
N ASN B 320 61.73 23.80 55.42
CA ASN B 320 61.24 24.51 56.61
C ASN B 320 59.83 25.04 56.39
N LEU B 321 58.97 24.18 55.88
CA LEU B 321 57.57 24.49 55.67
C LEU B 321 56.75 23.26 56.08
N PRO B 322 55.66 23.46 56.80
CA PRO B 322 54.92 22.32 57.32
C PRO B 322 54.16 21.57 56.24
N HIS B 323 54.61 20.37 55.90
CA HIS B 323 53.94 19.55 54.90
C HIS B 323 53.23 18.35 55.50
N GLN B 324 53.03 18.33 56.82
CA GLN B 324 52.43 17.17 57.45
C GLN B 324 50.97 17.02 57.02
N GLY B 325 50.55 15.78 56.82
CA GLY B 325 49.20 15.51 56.37
C GLY B 325 48.98 15.72 54.89
N LEU B 326 50.01 16.10 54.14
CA LEU B 326 49.82 16.31 52.71
C LEU B 326 49.77 15.00 51.94
N TYR B 327 50.50 13.98 52.40
CA TYR B 327 50.43 12.69 51.71
C TYR B 327 49.01 12.16 51.71
N GLU B 328 48.39 12.08 52.88
CA GLU B 328 47.00 11.64 52.95
C GLU B 328 46.05 12.66 52.33
N THR B 329 46.49 13.90 52.13
CA THR B 329 45.65 14.84 51.40
C THR B 329 45.72 14.57 49.90
N VAL B 330 46.93 14.50 49.34
CA VAL B 330 47.07 14.24 47.91
C VAL B 330 46.59 12.83 47.56
N ASN B 331 46.93 11.84 48.38
CA ASN B 331 46.65 10.46 48.02
C ASN B 331 45.15 10.17 47.97
N ASN B 332 44.40 10.68 48.94
CA ASN B 332 42.96 10.44 48.95
C ASN B 332 42.19 11.37 48.02
N SER B 333 42.78 12.48 47.62
CA SER B 333 42.12 13.42 46.72
C SER B 333 42.43 13.03 45.30
N LEU B 334 41.38 12.77 44.51
CA LEU B 334 41.60 12.56 43.09
C LEU B 334 41.65 13.87 42.32
N HIS B 335 41.00 14.91 42.83
CA HIS B 335 41.03 16.20 42.16
C HIS B 335 42.34 16.93 42.37
N PHE B 336 42.98 16.74 43.52
CA PHE B 336 44.33 17.25 43.69
C PHE B 336 45.27 16.60 42.70
N GLN B 337 45.16 15.30 42.52
CA GLN B 337 46.01 14.59 41.58
C GLN B 337 45.68 15.00 40.15
N LEU B 338 44.40 15.19 39.84
CA LEU B 338 44.00 15.60 38.50
C LEU B 338 44.41 17.04 38.22
N SER B 339 44.37 17.90 39.23
CA SER B 339 44.80 19.27 39.05
C SER B 339 46.29 19.36 38.75
N LEU B 340 47.08 18.53 39.42
CA LEU B 340 48.52 18.53 39.18
C LEU B 340 48.86 17.95 37.82
N ALA B 341 48.10 16.94 37.38
CA ALA B 341 48.36 16.34 36.08
C ALA B 341 48.02 17.29 34.95
N LEU B 342 46.91 18.01 35.06
CA LEU B 342 46.54 18.95 34.02
C LEU B 342 47.49 20.14 33.97
N ALA B 343 47.93 20.60 35.14
CA ALA B 343 48.88 21.70 35.19
C ALA B 343 50.20 21.31 34.57
N CYS B 344 50.56 20.04 34.63
CA CYS B 344 51.81 19.59 34.06
C CYS B 344 51.69 19.20 32.60
N LEU B 345 50.51 18.85 32.13
CA LEU B 345 50.30 18.75 30.69
C LEU B 345 50.12 20.12 30.05
N GLY B 346 49.54 21.07 30.79
CA GLY B 346 49.42 22.41 30.26
C GLY B 346 50.73 23.12 30.10
N VAL B 347 51.74 22.73 30.86
CA VAL B 347 53.08 23.24 30.65
C VAL B 347 53.79 22.45 29.58
N ALA B 348 53.62 21.14 29.56
CA ALA B 348 54.22 20.33 28.53
C ALA B 348 53.64 20.59 27.16
N SER B 349 52.41 21.12 27.08
CA SER B 349 51.82 21.43 25.80
C SER B 349 52.15 22.83 25.33
N SER B 350 52.30 23.78 26.25
CA SER B 350 52.90 25.06 25.89
C SER B 350 54.34 24.86 25.46
N LEU B 351 55.06 24.01 26.18
CA LEU B 351 56.46 23.78 25.88
C LEU B 351 56.61 23.04 24.56
N THR B 352 55.65 22.20 24.22
CA THR B 352 55.62 21.60 22.89
C THR B 352 55.52 22.67 21.82
N ALA B 353 54.62 23.63 22.00
CA ALA B 353 54.43 24.66 20.99
C ALA B 353 55.59 25.62 20.94
N GLN B 354 56.17 25.97 22.09
CA GLN B 354 57.26 26.93 22.08
C GLN B 354 58.54 26.34 21.52
N HIS B 355 58.70 25.03 21.53
CA HIS B 355 59.92 24.42 21.04
C HIS B 355 59.83 23.89 19.63
N MET B 356 58.67 23.38 19.22
CA MET B 356 58.58 22.80 17.89
C MET B 356 58.50 23.83 16.78
N TYR B 357 58.32 25.11 17.10
CA TYR B 357 58.46 26.10 16.04
C TYR B 357 59.87 26.64 15.99
N SER B 358 60.50 26.82 17.16
CA SER B 358 61.85 27.34 17.20
C SER B 358 62.85 26.27 16.82
N MET B 359 62.64 25.04 17.28
CA MET B 359 63.54 23.93 17.02
C MET B 359 62.73 22.84 16.33
N PRO B 360 62.55 22.92 15.03
CA PRO B 360 61.71 21.96 14.33
C PRO B 360 62.31 20.57 14.40
N PRO B 361 61.56 19.61 14.86
CA PRO B 361 62.10 18.26 14.95
C PRO B 361 61.94 17.45 13.68
N TYR B 362 60.94 17.72 12.87
CA TYR B 362 60.63 16.87 11.74
C TYR B 362 61.16 17.46 10.45
N ALA B 363 61.42 16.58 9.50
CA ALA B 363 62.07 16.98 8.26
C ALA B 363 61.14 17.82 7.42
N PHE B 364 61.64 18.96 6.96
CA PHE B 364 60.94 19.87 6.05
C PHE B 364 59.66 20.42 6.66
N ILE B 365 59.58 20.51 7.98
CA ILE B 365 58.39 21.10 8.59
C ILE B 365 58.54 22.61 8.74
N ALA B 366 59.76 23.13 8.74
CA ALA B 366 59.95 24.57 8.77
C ALA B 366 59.58 25.22 7.45
N LYS B 367 59.52 24.45 6.37
CA LYS B 367 59.12 24.95 5.06
C LYS B 367 57.66 24.72 4.75
N ASP B 368 56.90 24.15 5.68
CA ASP B 368 55.46 24.01 5.54
C ASP B 368 54.85 24.96 6.56
N PHE B 369 54.62 26.20 6.13
CA PHE B 369 54.25 27.24 7.07
C PHE B 369 52.90 27.00 7.69
N THR B 370 51.94 26.52 6.91
CA THR B 370 50.58 26.37 7.43
C THR B 370 50.52 25.25 8.46
N THR B 371 51.22 24.15 8.20
CA THR B 371 51.35 23.09 9.20
C THR B 371 52.07 23.60 10.43
N MET B 372 53.15 24.34 10.23
CA MET B 372 53.90 24.88 11.35
C MET B 372 53.06 25.86 12.16
N ALA B 373 52.21 26.62 11.49
CA ALA B 373 51.37 27.59 12.18
C ALA B 373 50.23 26.92 12.93
N ALA B 374 49.62 25.91 12.33
CA ALA B 374 48.51 25.24 12.97
C ALA B 374 48.97 24.43 14.19
N LEU B 375 50.15 23.84 14.10
CA LEU B 375 50.64 23.03 15.22
C LEU B 375 50.93 23.88 16.44
N TYR B 376 51.43 25.10 16.25
CA TYR B 376 51.65 25.98 17.39
C TYR B 376 50.33 26.37 18.02
N THR B 377 49.40 26.85 17.22
CA THR B 377 48.13 27.33 17.72
C THR B 377 47.33 26.21 18.34
N HIS B 378 47.47 24.99 17.83
CA HIS B 378 46.80 23.85 18.42
C HIS B 378 47.30 23.61 19.84
N HIS B 379 48.60 23.45 20.02
CA HIS B 379 49.09 23.08 21.34
C HIS B 379 49.05 24.22 22.34
N GLN B 380 49.02 25.47 21.90
CA GLN B 380 48.85 26.54 22.87
C GLN B 380 47.42 26.62 23.35
N TYR B 381 46.46 26.42 22.45
CA TYR B 381 45.06 26.40 22.85
C TYR B 381 44.75 25.17 23.70
N ILE B 382 45.34 24.03 23.37
CA ILE B 382 45.21 22.85 24.22
C ILE B 382 45.79 23.13 25.59
N ALA B 383 46.95 23.78 25.63
CA ALA B 383 47.58 24.09 26.90
C ALA B 383 46.81 25.11 27.71
N GLY B 384 46.11 26.02 27.05
CA GLY B 384 45.30 26.97 27.78
C GLY B 384 44.14 26.31 28.48
N PHE B 385 43.49 25.35 27.82
CA PHE B 385 42.40 24.60 28.44
C PHE B 385 42.88 23.74 29.58
N LEU B 386 44.05 23.11 29.44
CA LEU B 386 44.59 22.31 30.52
C LEU B 386 44.93 23.17 31.73
N MET B 387 45.38 24.40 31.51
CA MET B 387 45.61 25.31 32.61
C MET B 387 44.33 25.77 33.28
N VAL B 388 43.25 25.91 32.53
CA VAL B 388 41.98 26.25 33.16
C VAL B 388 41.46 25.07 33.97
N GLY B 389 41.60 23.85 33.44
CA GLY B 389 41.17 22.68 34.17
C GLY B 389 42.04 22.30 35.33
N ALA B 390 43.31 22.69 35.30
CA ALA B 390 44.15 22.51 36.46
C ALA B 390 43.64 23.32 37.62
N PHE B 391 43.15 24.52 37.35
CA PHE B 391 42.61 25.38 38.37
C PHE B 391 41.12 25.16 38.61
N SER B 392 40.43 24.51 37.68
CA SER B 392 39.08 24.07 38.01
C SER B 392 39.12 23.02 39.10
N HIS B 393 39.92 21.98 38.92
CA HIS B 393 39.95 20.90 39.89
C HIS B 393 40.67 21.27 41.16
N ALA B 394 41.44 22.35 41.15
CA ALA B 394 41.86 22.94 42.41
C ALA B 394 40.65 23.41 43.20
N ALA B 395 39.66 23.97 42.50
CA ALA B 395 38.48 24.47 43.19
C ALA B 395 37.58 23.33 43.65
N ILE B 396 37.46 22.25 42.86
CA ILE B 396 36.75 21.08 43.36
C ILE B 396 37.47 20.49 44.56
N PHE B 397 38.81 20.46 44.52
CA PHE B 397 39.55 19.88 45.63
C PHE B 397 39.29 20.62 46.92
N TRP B 398 39.25 21.95 46.88
CA TRP B 398 39.01 22.72 48.08
C TRP B 398 37.63 22.43 48.64
N ILE B 399 36.63 22.33 47.76
CA ILE B 399 35.26 22.13 48.21
C ILE B 399 35.08 20.73 48.77
N LYS B 400 35.24 19.72 47.92
CA LYS B 400 34.81 18.39 48.32
C LYS B 400 35.83 17.70 49.22
N ASP B 401 36.98 17.37 48.67
CA ASP B 401 37.95 16.55 49.39
C ASP B 401 39.09 17.38 49.97
N TYR B 402 38.72 18.29 50.86
CA TYR B 402 39.66 18.98 51.72
C TYR B 402 39.02 19.12 53.09
N ASP B 403 39.79 18.88 54.14
CA ASP B 403 39.35 19.14 55.49
C ASP B 403 40.39 19.87 56.32
N PRO B 404 39.95 20.74 57.22
CA PRO B 404 40.91 21.46 58.06
C PRO B 404 41.53 20.62 59.15
N GLU B 405 41.03 19.40 59.37
CA GLU B 405 41.50 18.58 60.49
C GLU B 405 42.86 17.95 60.18
N GLN B 406 42.94 17.18 59.09
CA GLN B 406 44.21 16.58 58.72
C GLN B 406 45.24 17.63 58.33
N ASN B 407 44.81 18.68 57.63
CA ASN B 407 45.70 19.71 57.16
C ASN B 407 45.86 20.85 58.15
N LYS B 408 45.68 20.57 59.44
CA LYS B 408 45.80 21.60 60.46
C LYS B 408 47.25 22.06 60.54
N GLY B 409 47.48 23.32 60.18
CA GLY B 409 48.79 23.93 60.32
C GLY B 409 49.77 23.63 59.23
N ASN B 410 49.38 22.91 58.19
CA ASN B 410 50.34 22.57 57.14
C ASN B 410 50.40 23.67 56.09
N VAL B 411 51.15 23.39 55.03
CA VAL B 411 51.41 24.39 53.99
C VAL B 411 50.15 24.73 53.23
N LEU B 412 49.20 23.80 53.17
CA LEU B 412 47.97 24.02 52.42
C LEU B 412 47.03 24.94 53.18
N GLU B 413 47.00 24.80 54.50
CA GLU B 413 46.15 25.64 55.34
C GLU B 413 46.75 27.03 55.56
N ARG B 414 48.05 27.19 55.37
CA ARG B 414 48.65 28.51 55.47
C ARG B 414 48.29 29.39 54.29
N VAL B 415 47.97 28.79 53.15
CA VAL B 415 47.54 29.57 51.99
C VAL B 415 46.18 30.20 52.24
N LEU B 416 45.24 29.42 52.78
CA LEU B 416 43.93 29.97 53.09
C LEU B 416 44.01 31.06 54.16
N LYS B 417 45.04 31.05 55.00
CA LYS B 417 45.18 32.10 56.00
C LYS B 417 45.37 33.46 55.36
N HIS B 418 45.90 33.52 54.14
CA HIS B 418 46.17 34.77 53.48
C HIS B 418 45.71 34.73 52.04
N LYS B 419 44.58 34.08 51.78
CA LYS B 419 44.07 34.00 50.42
C LYS B 419 43.72 35.37 49.85
N GLU B 420 43.46 36.36 50.71
CA GLU B 420 43.19 37.70 50.24
C GLU B 420 44.46 38.49 49.96
N ALA B 421 45.58 38.11 50.56
CA ALA B 421 46.85 38.73 50.18
C ALA B 421 47.28 38.29 48.80
N ILE B 422 47.00 37.03 48.44
CA ILE B 422 47.33 36.53 47.12
C ILE B 422 46.44 37.18 46.06
N ILE B 423 45.14 37.23 46.31
CA ILE B 423 44.20 37.73 45.32
C ILE B 423 44.38 39.24 45.12
N ALA B 424 44.63 39.97 46.20
CA ALA B 424 44.86 41.41 46.07
C ALA B 424 46.10 41.71 45.25
N HIS B 425 47.06 40.79 45.21
CA HIS B 425 48.30 41.06 44.50
C HIS B 425 48.23 40.67 43.05
N LEU B 426 47.49 39.60 42.74
CA LEU B 426 47.13 39.36 41.35
C LEU B 426 46.25 40.48 40.82
N SER B 427 45.47 41.12 41.69
CA SER B 427 44.69 42.27 41.29
C SER B 427 45.59 43.47 40.99
N TRP B 428 46.66 43.65 41.75
CA TRP B 428 47.55 44.76 41.49
C TRP B 428 48.31 44.58 40.18
N VAL B 429 48.89 43.39 39.98
CA VAL B 429 49.68 43.14 38.79
C VAL B 429 48.80 43.25 37.55
N SER B 430 47.59 42.72 37.61
CA SER B 430 46.67 42.82 36.50
C SER B 430 46.32 44.28 36.20
N LEU B 431 46.03 45.05 37.24
CA LEU B 431 45.74 46.46 37.06
C LEU B 431 46.98 47.21 36.57
N PHE B 432 48.16 46.87 37.08
CA PHE B 432 49.37 47.53 36.62
C PHE B 432 49.64 47.23 35.16
N LEU B 433 49.49 45.99 34.77
CA LEU B 433 49.88 45.58 33.43
C LEU B 433 48.87 45.96 32.37
N GLY B 434 47.68 46.35 32.75
CA GLY B 434 46.67 46.69 31.77
C GLY B 434 46.59 48.17 31.57
N PHE B 435 46.83 48.92 32.64
CA PHE B 435 46.91 50.37 32.52
C PHE B 435 48.08 50.77 31.64
N HIS B 436 49.22 50.11 31.80
CA HIS B 436 50.44 50.51 31.12
C HIS B 436 50.75 49.69 29.90
N THR B 437 49.86 48.79 29.49
CA THR B 437 50.00 48.17 28.18
C THR B 437 48.94 48.70 27.23
N LEU B 438 47.70 48.76 27.67
CA LEU B 438 46.69 49.45 26.88
C LEU B 438 47.03 50.92 26.76
N GLY B 439 47.44 51.54 27.86
CA GLY B 439 47.79 52.95 27.82
C GLY B 439 49.00 53.25 26.96
N LEU B 440 49.93 52.31 26.85
CA LEU B 440 51.05 52.52 25.97
C LEU B 440 50.71 52.19 24.53
N TYR B 441 49.80 51.24 24.31
CA TYR B 441 49.35 50.99 22.95
C TYR B 441 48.52 52.15 22.42
N VAL B 442 47.55 52.62 23.20
CA VAL B 442 46.68 53.67 22.68
C VAL B 442 47.32 55.04 22.75
N HIS B 443 48.46 55.18 23.41
CA HIS B 443 49.28 56.37 23.19
C HIS B 443 49.96 56.29 21.85
N ASN B 444 50.49 55.13 21.52
CA ASN B 444 51.11 54.92 20.21
C ASN B 444 50.08 55.05 19.10
N ASP B 445 48.86 54.55 19.32
CA ASP B 445 47.79 54.77 18.35
C ASP B 445 47.57 56.24 18.08
N VAL B 446 47.45 57.04 19.14
CA VAL B 446 47.11 58.45 18.99
C VAL B 446 48.25 59.19 18.29
N GLU B 447 49.50 58.88 18.63
CA GLU B 447 50.62 59.57 18.01
C GLU B 447 50.78 59.18 16.55
N VAL B 448 50.62 57.89 16.23
CA VAL B 448 50.65 57.49 14.83
C VAL B 448 49.46 58.07 14.09
N ALA B 449 48.31 58.17 14.76
CA ALA B 449 47.12 58.73 14.13
C ALA B 449 47.33 60.18 13.72
N PHE B 450 47.97 60.97 14.57
CA PHE B 450 48.27 62.35 14.22
C PHE B 450 49.63 62.51 13.55
N GLY B 451 50.13 61.47 12.91
CA GLY B 451 51.32 61.56 12.09
C GLY B 451 52.63 61.45 12.83
N ALA B 452 52.67 61.86 14.10
CA ALA B 452 53.92 61.88 14.85
C ALA B 452 54.26 60.48 15.34
N ALA B 453 54.65 59.63 14.41
CA ALA B 453 55.03 58.27 14.75
C ALA B 453 56.38 58.19 15.44
N ASP B 454 57.16 59.27 15.43
CA ASP B 454 58.40 59.33 16.18
C ASP B 454 58.20 59.66 17.64
N LYS B 455 57.00 60.02 18.04
CA LYS B 455 56.68 60.30 19.43
C LYS B 455 56.08 59.11 20.14
N GLN B 456 56.07 57.95 19.49
CA GLN B 456 55.68 56.71 20.15
C GLN B 456 56.65 56.43 21.30
N ILE B 457 56.12 55.89 22.38
CA ILE B 457 56.94 55.33 23.44
C ILE B 457 57.32 53.92 22.99
N LEU B 458 58.60 53.71 22.69
CA LEU B 458 59.07 52.42 22.22
C LEU B 458 60.12 51.92 23.21
N ILE B 459 59.78 50.87 23.94
CA ILE B 459 60.67 50.32 24.93
C ILE B 459 61.30 49.09 24.32
N GLU B 460 62.60 49.14 24.09
CA GLU B 460 63.31 47.96 23.66
C GLU B 460 63.29 46.89 24.74
N PRO B 461 62.86 45.70 24.42
CA PRO B 461 62.93 44.61 25.39
C PRO B 461 64.35 44.15 25.59
N VAL B 462 65.14 44.96 26.30
CA VAL B 462 66.56 44.70 26.46
C VAL B 462 66.86 43.60 27.46
N PHE B 463 65.84 43.01 28.08
CA PHE B 463 66.11 41.88 28.95
C PHE B 463 66.02 40.57 28.18
N ALA B 464 65.04 40.43 27.30
CA ALA B 464 64.98 39.27 26.43
C ALA B 464 66.07 39.30 25.38
N GLN B 465 66.45 40.49 24.92
CA GLN B 465 67.59 40.60 24.03
C GLN B 465 68.88 40.20 24.72
N PHE B 466 68.94 40.39 26.04
CA PHE B 466 70.08 39.88 26.78
C PHE B 466 70.07 38.36 26.83
N ILE B 467 68.88 37.76 26.92
CA ILE B 467 68.79 36.30 26.91
C ILE B 467 69.34 35.75 25.60
N GLN B 468 68.91 36.34 24.49
CA GLN B 468 69.37 35.88 23.18
C GLN B 468 70.86 36.09 23.04
N SER B 469 71.37 37.20 23.55
CA SER B 469 72.82 37.38 23.55
C SER B 469 73.50 36.44 24.53
N ALA B 470 72.82 36.04 25.59
CA ALA B 470 73.39 35.05 26.49
C ALA B 470 73.28 33.64 25.95
N ASN B 471 72.61 33.44 24.82
CA ASN B 471 72.51 32.13 24.20
C ASN B 471 73.24 32.06 22.87
N GLY B 472 73.73 33.17 22.34
CA GLY B 472 74.54 33.08 21.14
C GLY B 472 74.28 34.17 20.12
N LYS B 473 73.11 34.80 20.17
CA LYS B 473 72.77 35.82 19.18
C LYS B 473 73.72 37.00 19.26
N ILE B 474 74.54 37.17 18.23
CA ILE B 474 75.53 38.23 18.19
C ILE B 474 74.94 39.46 17.53
N LEU B 475 73.63 39.41 17.22
CA LEU B 475 72.99 40.48 16.47
C LEU B 475 72.97 41.78 17.26
N TYR B 476 72.64 41.72 18.54
CA TYR B 476 72.44 42.95 19.30
C TYR B 476 73.76 43.58 19.70
N GLY B 477 74.69 42.78 20.19
CA GLY B 477 75.98 43.27 20.58
C GLY B 477 76.22 43.39 22.07
N PHE B 478 75.44 42.69 22.89
CA PHE B 478 75.73 42.64 24.32
C PHE B 478 77.10 42.04 24.58
N HIS B 479 77.51 41.07 23.76
CA HIS B 479 78.87 40.53 23.74
C HIS B 479 79.22 39.95 25.12
N THR B 480 78.34 39.09 25.60
CA THR B 480 78.55 38.38 26.86
C THR B 480 78.04 36.96 26.72
N LEU B 481 78.79 36.01 27.27
CA LEU B 481 78.24 34.75 27.77
C LEU B 481 77.56 33.95 26.66
N LEU B 482 78.40 33.40 25.76
CA LEU B 482 78.10 32.72 24.49
C LEU B 482 77.86 33.68 23.35
N SER B 483 77.89 34.99 23.59
CA SER B 483 78.19 35.95 22.56
C SER B 483 79.61 36.45 22.67
N ASN B 484 80.28 36.16 23.79
CA ASN B 484 81.65 36.51 24.03
C ASN B 484 82.48 35.25 23.83
N PRO B 485 83.27 35.14 22.76
CA PRO B 485 84.04 33.92 22.55
C PRO B 485 85.16 33.71 23.55
N ASP B 486 85.46 34.69 24.41
CA ASP B 486 86.52 34.58 25.39
C ASP B 486 85.98 34.36 26.81
N SER B 487 84.71 34.00 26.94
CA SER B 487 84.10 33.89 28.26
C SER B 487 84.32 32.50 28.83
N ILE B 488 84.03 32.38 30.13
CA ILE B 488 84.14 31.10 30.81
C ILE B 488 83.08 30.13 30.29
N ALA B 489 81.89 30.64 29.97
CA ALA B 489 80.80 29.78 29.53
C ALA B 489 80.98 29.32 28.10
N PHE B 490 81.49 30.20 27.23
CA PHE B 490 81.67 29.85 25.83
C PHE B 490 82.68 28.73 25.69
N THR B 491 83.77 28.79 26.44
CA THR B 491 84.86 27.86 26.28
C THR B 491 84.75 26.65 27.19
N ALA B 492 84.13 26.81 28.37
CA ALA B 492 84.11 25.81 29.43
C ALA B 492 85.53 25.37 29.78
N TRP B 493 86.25 26.33 30.34
CA TRP B 493 87.70 26.30 30.46
C TRP B 493 88.31 25.00 31.00
N PRO B 494 87.81 24.37 32.07
CA PRO B 494 88.48 23.17 32.55
C PRO B 494 88.31 21.95 31.65
N ASN B 495 87.29 21.90 30.79
CA ASN B 495 87.08 20.67 30.03
C ASN B 495 86.97 20.89 28.53
N HIS B 496 86.47 22.06 28.11
CA HIS B 496 86.29 22.41 26.71
C HIS B 496 85.43 21.39 25.96
N ALA B 497 84.39 20.90 26.63
CA ALA B 497 83.55 19.86 26.07
C ALA B 497 82.23 20.40 25.52
N ASN B 498 82.26 21.61 24.95
CA ASN B 498 81.12 22.14 24.22
C ASN B 498 81.11 21.60 22.79
N VAL B 499 80.90 20.28 22.68
CA VAL B 499 80.72 19.69 21.37
C VAL B 499 79.43 20.16 20.73
N TRP B 500 78.52 20.71 21.51
CA TRP B 500 77.22 21.12 21.02
C TRP B 500 77.19 22.55 20.53
N LEU B 501 78.23 23.32 20.83
CA LEU B 501 78.23 24.77 20.68
C LEU B 501 78.48 25.27 19.26
N PRO B 502 79.45 24.74 18.49
CA PRO B 502 79.59 25.22 17.10
C PRO B 502 78.35 24.96 16.26
N GLY B 503 77.68 23.84 16.48
CA GLY B 503 76.46 23.57 15.74
C GLY B 503 75.30 24.44 16.17
N TRP B 504 75.17 24.65 17.48
CA TRP B 504 74.09 25.48 17.99
C TRP B 504 74.27 26.94 17.60
N LEU B 505 75.48 27.46 17.77
CA LEU B 505 75.74 28.86 17.42
C LEU B 505 75.62 29.09 15.92
N ASP B 506 75.83 28.05 15.13
CA ASP B 506 75.59 28.16 13.70
C ASP B 506 74.12 28.31 13.40
N ALA B 507 73.26 27.72 14.23
CA ALA B 507 71.82 27.78 14.03
C ALA B 507 71.21 29.04 14.61
N ILE B 508 71.63 29.44 15.82
CA ILE B 508 71.04 30.61 16.45
C ILE B 508 71.44 31.88 15.71
N ASN B 509 72.62 31.89 15.11
CA ASN B 509 73.13 33.08 14.41
C ASN B 509 72.71 33.11 12.96
N ASN B 510 72.08 32.06 12.45
CA ASN B 510 71.48 32.08 11.14
C ASN B 510 70.08 32.66 11.27
N GLY B 511 69.74 33.58 10.39
CA GLY B 511 68.46 34.28 10.48
C GLY B 511 67.32 33.66 9.72
N THR B 512 67.51 32.49 9.11
CA THR B 512 66.47 31.88 8.29
C THR B 512 65.60 30.90 9.06
N ASN B 513 65.80 30.79 10.36
CA ASN B 513 65.01 29.88 11.19
C ASN B 513 64.29 30.67 12.27
N SER B 514 63.42 29.98 13.00
CA SER B 514 62.65 30.60 14.07
C SER B 514 63.31 30.43 15.43
N LEU B 515 64.50 29.86 15.49
CA LEU B 515 65.19 29.67 16.75
C LEU B 515 65.68 31.01 17.26
N PHE B 516 65.09 31.49 18.35
CA PHE B 516 65.39 32.78 18.97
C PHE B 516 65.27 33.91 17.95
N LEU B 517 64.03 34.16 17.56
CA LEU B 517 63.71 35.20 16.61
C LEU B 517 64.18 36.57 17.10
N THR B 518 64.44 37.46 16.14
CA THR B 518 64.85 38.81 16.49
C THR B 518 63.71 39.56 17.16
N ILE B 519 64.02 40.30 18.21
CA ILE B 519 63.05 40.83 19.14
C ILE B 519 63.15 42.35 19.13
N GLY B 520 62.01 43.01 18.98
CA GLY B 520 62.00 44.46 18.91
C GLY B 520 60.97 45.07 19.84
N PRO B 521 60.78 46.39 19.73
CA PRO B 521 59.80 47.06 20.61
C PRO B 521 58.39 46.54 20.48
N GLY B 522 57.98 46.11 19.29
CA GLY B 522 56.67 45.51 19.15
C GLY B 522 56.53 44.20 19.91
N ASP B 523 57.63 43.46 20.05
CA ASP B 523 57.61 42.24 20.84
C ASP B 523 57.52 42.54 22.32
N PHE B 524 58.03 43.69 22.75
CA PHE B 524 57.94 44.07 24.15
C PHE B 524 56.50 44.21 24.59
N TYR B 525 55.68 44.87 23.78
CA TYR B 525 54.34 45.21 24.20
C TYR B 525 53.44 43.99 24.27
N VAL B 526 53.61 43.05 23.34
CA VAL B 526 52.77 41.87 23.34
C VAL B 526 53.11 40.97 24.52
N HIS B 527 54.37 40.93 24.92
CA HIS B 527 54.73 40.13 26.08
C HIS B 527 54.16 40.68 27.37
N HIS B 528 53.69 41.91 27.37
CA HIS B 528 52.97 42.44 28.50
C HIS B 528 51.48 42.29 28.36
N ALA B 529 50.98 42.26 27.13
CA ALA B 529 49.63 41.77 26.91
C ALA B 529 49.51 40.32 27.32
N ILE B 530 50.50 39.51 26.95
CA ILE B 530 50.51 38.11 27.33
C ILE B 530 50.65 37.98 28.84
N ALA B 531 51.54 38.77 29.45
CA ALA B 531 51.67 38.76 30.89
C ALA B 531 50.41 39.24 31.58
N LEU B 532 49.78 40.29 31.05
CA LEU B 532 48.49 40.72 31.58
C LEU B 532 47.45 39.62 31.42
N GLY B 533 47.49 38.93 30.28
CA GLY B 533 46.53 37.87 30.07
C GLY B 533 46.70 36.72 31.05
N LEU B 534 47.94 36.27 31.25
CA LEU B 534 48.18 35.16 32.16
C LEU B 534 47.92 35.53 33.60
N HIS B 535 47.92 36.80 33.94
CA HIS B 535 47.71 37.22 35.31
C HIS B 535 46.24 37.37 35.64
N VAL B 536 45.44 37.91 34.73
CA VAL B 536 44.02 38.01 35.00
C VAL B 536 43.39 36.63 35.01
N THR B 537 43.71 35.80 34.03
CA THR B 537 43.12 34.47 34.05
C THR B 537 43.66 33.62 35.18
N THR B 538 44.81 33.94 35.74
CA THR B 538 45.21 33.32 37.00
C THR B 538 44.43 33.94 38.15
N LEU B 539 44.21 35.25 38.11
CA LEU B 539 43.45 35.91 39.15
C LEU B 539 42.03 35.35 39.23
N ILE B 540 41.38 35.17 38.10
CA ILE B 540 40.03 34.62 38.10
C ILE B 540 40.03 33.21 38.66
N LEU B 541 41.00 32.40 38.27
CA LEU B 541 41.02 31.01 38.70
C LEU B 541 41.47 30.87 40.14
N VAL B 542 42.47 31.65 40.56
CA VAL B 542 42.92 31.60 41.95
C VAL B 542 41.85 32.14 42.87
N LYS B 543 41.19 33.23 42.49
CA LYS B 543 40.06 33.73 43.26
C LYS B 543 38.96 32.68 43.34
N GLY B 544 38.73 31.94 42.27
CA GLY B 544 37.69 30.93 42.30
C GLY B 544 38.07 29.70 43.08
N ALA B 545 39.35 29.40 43.16
CA ALA B 545 39.78 28.24 43.94
C ALA B 545 39.85 28.58 45.42
N LEU B 546 40.42 29.73 45.77
CA LEU B 546 40.58 30.08 47.17
C LEU B 546 39.28 30.54 47.80
N ASP B 547 38.36 31.11 47.03
CA ASP B 547 37.05 31.45 47.54
C ASP B 547 36.03 30.33 47.33
N ALA B 548 36.48 29.16 46.89
CA ALA B 548 35.55 28.03 46.74
C ALA B 548 34.98 27.61 48.09
N ARG B 549 35.79 27.68 49.14
CA ARG B 549 35.31 27.44 50.48
C ARG B 549 34.31 28.50 50.92
N GLY B 550 34.40 29.70 50.37
CA GLY B 550 33.44 30.74 50.67
C GLY B 550 34.10 32.03 51.08
N SER B 551 33.41 33.15 50.87
CA SER B 551 33.88 34.43 51.36
C SER B 551 32.72 35.15 52.03
N LYS B 552 32.87 36.43 52.34
CA LYS B 552 31.87 37.14 53.13
C LYS B 552 30.53 37.28 52.41
N LEU B 553 30.50 37.14 51.09
CA LEU B 553 29.22 37.25 50.40
C LEU B 553 28.36 36.01 50.61
N MET B 554 28.98 34.82 50.62
CA MET B 554 28.29 33.62 51.07
C MET B 554 29.31 32.68 51.68
N PRO B 555 29.41 32.66 53.01
CA PRO B 555 30.45 31.88 53.68
C PRO B 555 30.23 30.37 53.68
N ASP B 556 29.21 29.88 52.99
CA ASP B 556 28.87 28.47 53.08
C ASP B 556 28.94 27.78 51.72
N LYS B 557 29.79 28.29 50.80
CA LYS B 557 29.82 27.78 49.44
C LYS B 557 30.13 26.29 49.38
N LYS B 558 30.83 25.76 50.38
CA LYS B 558 31.16 24.34 50.37
C LYS B 558 29.92 23.47 50.45
N ASP B 559 28.88 23.94 51.13
CA ASP B 559 27.65 23.15 51.21
C ASP B 559 26.91 23.12 49.89
N PHE B 560 26.99 24.19 49.11
CA PHE B 560 26.22 24.28 47.89
C PHE B 560 26.86 23.56 46.72
N GLY B 561 28.07 23.06 46.88
CA GLY B 561 28.72 22.33 45.82
C GLY B 561 29.63 23.21 45.00
N TYR B 562 29.93 22.72 43.80
CA TYR B 562 30.84 23.40 42.89
C TYR B 562 30.11 24.25 41.86
N ALA B 563 29.12 23.69 41.19
CA ALA B 563 28.38 24.39 40.14
C ALA B 563 26.96 24.62 40.61
N PHE B 564 26.71 25.80 41.15
CA PHE B 564 25.38 26.26 41.48
C PHE B 564 25.19 27.64 40.88
N PRO B 565 23.95 28.05 40.61
CA PRO B 565 23.74 29.34 39.96
C PRO B 565 24.19 30.53 40.78
N CYS B 566 23.61 30.66 41.96
CA CYS B 566 23.71 31.87 42.75
C CYS B 566 23.23 31.54 44.15
N ASP B 567 23.07 32.58 44.96
CA ASP B 567 22.38 32.50 46.23
C ASP B 567 21.30 33.57 46.26
N GLY B 568 20.48 33.62 45.21
CA GLY B 568 19.37 34.51 45.17
C GLY B 568 19.77 35.95 44.96
N PRO B 569 18.79 36.84 44.88
CA PRO B 569 19.09 38.26 44.74
C PRO B 569 19.34 38.97 46.04
N GLY B 570 19.24 38.28 47.17
CA GLY B 570 19.50 38.91 48.44
C GLY B 570 20.96 39.22 48.63
N ARG B 571 21.23 40.08 49.62
CA ARG B 571 22.58 40.58 49.91
C ARG B 571 23.18 41.26 48.68
N GLY B 572 22.36 42.00 47.96
CA GLY B 572 22.77 42.73 46.79
C GLY B 572 22.63 41.96 45.50
N GLY B 573 22.80 40.65 45.54
CA GLY B 573 22.72 39.85 44.33
C GLY B 573 24.00 39.06 44.19
N THR B 574 23.85 37.76 43.97
CA THR B 574 25.00 36.87 43.99
C THR B 574 25.11 36.09 42.69
N CYS B 575 24.96 36.75 41.56
CA CYS B 575 25.13 36.11 40.27
C CYS B 575 26.57 35.66 40.12
N ASP B 576 26.79 34.50 39.51
CA ASP B 576 28.14 34.02 39.20
C ASP B 576 29.03 33.92 40.45
N ILE B 577 28.44 33.50 41.56
CA ILE B 577 29.19 33.47 42.82
C ILE B 577 29.94 32.16 43.02
N SER B 578 29.52 31.08 42.37
CA SER B 578 30.11 29.78 42.60
C SER B 578 31.55 29.74 42.09
N ALA B 579 32.30 28.75 42.58
CA ALA B 579 33.64 28.52 42.06
C ALA B 579 33.61 28.07 40.62
N TRP B 580 32.51 27.46 40.18
CA TRP B 580 32.37 27.07 38.80
C TRP B 580 32.33 28.29 37.89
N ASP B 581 31.69 29.37 38.36
CA ASP B 581 31.60 30.57 37.54
C ASP B 581 32.91 31.34 37.47
N ALA B 582 33.91 30.98 38.24
CA ALA B 582 35.23 31.51 38.00
C ALA B 582 36.00 30.71 36.98
N SER B 583 35.70 29.42 36.86
CA SER B 583 36.24 28.66 35.74
C SER B 583 35.58 29.07 34.45
N TYR B 584 34.27 29.31 34.48
CA TYR B 584 33.54 29.82 33.33
C TYR B 584 34.04 31.19 32.91
N LEU B 585 34.32 32.06 33.88
CA LEU B 585 34.75 33.41 33.55
C LEU B 585 36.17 33.43 33.05
N ALA B 586 36.97 32.44 33.41
CA ALA B 586 38.37 32.38 33.02
C ALA B 586 38.60 31.68 31.69
N VAL B 587 37.59 31.00 31.16
CA VAL B 587 37.72 30.49 29.80
C VAL B 587 37.69 31.64 28.80
N PHE B 588 36.91 32.69 29.08
CA PHE B 588 36.93 33.88 28.24
C PHE B 588 38.31 34.51 28.24
N TRP B 589 38.93 34.61 29.41
CA TRP B 589 40.25 35.20 29.49
C TRP B 589 41.32 34.28 28.95
N MET B 590 41.13 32.98 29.06
CA MET B 590 42.07 32.05 28.46
C MET B 590 42.00 32.13 26.94
N LEU B 591 40.80 32.13 26.38
CA LEU B 591 40.65 32.28 24.94
C LEU B 591 41.18 33.62 24.47
N ASN B 592 40.94 34.67 25.23
CA ASN B 592 41.45 35.99 24.88
C ASN B 592 42.97 36.01 24.88
N THR B 593 43.57 35.45 25.92
CA THR B 593 45.02 35.49 26.06
C THR B 593 45.70 34.72 24.94
N LEU B 594 45.18 33.53 24.62
CA LEU B 594 45.74 32.79 23.49
C LEU B 594 45.31 33.38 22.16
N GLY B 595 44.31 34.24 22.15
CA GLY B 595 44.08 35.07 20.99
C GLY B 595 45.00 36.25 20.91
N TRP B 596 45.90 36.41 21.87
CA TRP B 596 47.00 37.34 21.75
C TRP B 596 48.31 36.63 21.50
N VAL B 597 48.48 35.46 22.10
CA VAL B 597 49.67 34.66 21.85
C VAL B 597 49.72 34.21 20.41
N THR B 598 48.63 33.63 19.92
CA THR B 598 48.66 33.10 18.57
C THR B 598 48.53 34.18 17.51
N PHE B 599 47.87 35.29 17.83
CA PHE B 599 47.88 36.44 16.92
C PHE B 599 49.29 37.00 16.77
N TYR B 600 50.05 37.01 17.85
CA TYR B 600 51.40 37.54 17.82
C TYR B 600 52.35 36.56 17.18
N TRP B 601 52.17 35.27 17.44
CA TRP B 601 52.98 34.27 16.76
C TRP B 601 52.73 34.31 15.27
N HIS B 602 51.47 34.41 14.87
CA HIS B 602 51.12 34.34 13.46
C HIS B 602 51.61 35.54 12.70
N TRP B 603 51.36 36.74 13.23
CA TRP B 603 51.77 37.95 12.51
C TRP B 603 53.29 38.08 12.48
N LYS B 604 53.96 37.67 13.54
CA LYS B 604 55.42 37.75 13.52
C LYS B 604 55.99 36.81 12.47
N HIS B 605 55.42 35.62 12.36
CA HIS B 605 55.89 34.70 11.32
C HIS B 605 55.36 35.07 9.94
N LEU B 606 54.14 35.60 9.85
CA LEU B 606 53.64 36.05 8.55
C LEU B 606 54.46 37.20 7.99
N SER B 607 55.19 37.92 8.83
CA SER B 607 56.07 38.95 8.30
C SER B 607 57.40 38.37 7.86
N ILE B 608 57.90 37.37 8.58
CA ILE B 608 59.13 36.70 8.18
C ILE B 608 58.90 35.87 6.93
N TRP B 609 57.78 35.16 6.86
CA TRP B 609 57.52 34.28 5.74
C TRP B 609 57.33 35.06 4.43
N GLN B 610 56.61 36.17 4.48
CA GLN B 610 56.45 37.01 3.29
C GLN B 610 57.59 37.96 3.08
N GLY B 611 58.70 37.81 3.80
CA GLY B 611 59.82 38.70 3.65
C GLY B 611 59.63 40.11 4.16
N ASN B 612 58.40 40.50 4.48
CA ASN B 612 58.10 41.85 4.94
C ASN B 612 58.21 41.95 6.46
N VAL B 613 59.42 41.68 6.96
CA VAL B 613 59.66 41.72 8.39
C VAL B 613 59.48 43.13 8.92
N ALA B 614 59.86 44.13 8.12
CA ALA B 614 59.70 45.52 8.52
C ALA B 614 58.25 45.96 8.61
N GLN B 615 57.29 45.08 8.30
CA GLN B 615 55.89 45.43 8.51
C GLN B 615 55.47 45.16 9.95
N PHE B 616 55.91 44.04 10.53
CA PHE B 616 55.62 43.78 11.92
C PHE B 616 56.39 44.72 12.84
N ASN B 617 57.65 45.01 12.52
CA ASN B 617 58.44 45.81 13.44
C ASN B 617 57.96 47.26 13.49
N GLU B 618 57.43 47.79 12.40
CA GLU B 618 57.08 49.20 12.36
C GLU B 618 55.61 49.45 12.65
N SER B 619 54.80 48.41 12.78
CA SER B 619 53.37 48.63 12.96
C SER B 619 52.73 47.72 14.00
N SER B 620 53.52 46.97 14.76
CA SER B 620 52.96 46.21 15.87
C SER B 620 53.01 46.97 17.17
N THR B 621 53.50 48.19 17.14
CA THR B 621 53.63 48.99 18.35
C THR B 621 52.38 49.82 18.63
N TYR B 622 51.46 49.88 17.69
CA TYR B 622 50.19 50.55 17.87
C TYR B 622 49.08 49.64 17.37
N LEU B 623 47.89 49.77 17.96
CA LEU B 623 46.85 48.77 17.79
C LEU B 623 46.17 48.78 16.43
N MET B 624 46.25 49.87 15.68
CA MET B 624 45.70 49.84 14.33
C MET B 624 46.50 48.94 13.41
N GLY B 625 47.83 48.90 13.59
CA GLY B 625 48.64 48.02 12.80
C GLY B 625 48.28 46.56 13.00
N TRP B 626 47.91 46.21 14.23
CA TRP B 626 47.39 44.88 14.48
C TRP B 626 46.07 44.66 13.76
N PHE B 627 45.33 45.73 13.53
CA PHE B 627 44.01 45.67 12.94
C PHE B 627 44.02 45.92 11.45
N ARG B 628 44.95 46.72 10.95
CA ARG B 628 44.99 46.92 9.51
C ARG B 628 45.96 45.99 8.83
N ASP B 629 47.12 45.74 9.42
CA ASP B 629 48.16 44.98 8.76
C ASP B 629 48.08 43.50 9.07
N TYR B 630 47.27 43.10 10.03
CA TYR B 630 47.11 41.68 10.33
C TYR B 630 45.70 41.19 10.02
N LEU B 631 44.68 41.80 10.60
CA LEU B 631 43.34 41.26 10.41
C LEU B 631 42.75 41.70 9.08
N TRP B 632 42.79 43.00 8.79
CA TRP B 632 42.22 43.46 7.54
C TRP B 632 43.08 43.08 6.34
N ALA B 633 44.40 43.07 6.50
CA ALA B 633 45.26 42.79 5.35
C ALA B 633 45.18 41.32 4.95
N ASN B 634 45.26 40.42 5.91
CA ASN B 634 45.33 39.00 5.60
C ASN B 634 43.98 38.31 5.51
N SER B 635 42.89 39.05 5.67
CA SER B 635 41.59 38.45 5.44
C SER B 635 41.22 38.39 3.97
N ALA B 636 41.96 39.09 3.12
CA ALA B 636 41.49 39.39 1.76
C ALA B 636 41.28 38.14 0.93
N GLN B 637 42.23 37.21 0.97
CA GLN B 637 42.10 35.96 0.25
C GLN B 637 41.29 34.91 1.00
N LEU B 638 41.08 35.09 2.30
CA LEU B 638 40.20 34.20 3.04
C LEU B 638 38.74 34.45 2.66
N ILE B 639 38.32 35.72 2.65
CA ILE B 639 36.93 36.03 2.38
C ILE B 639 36.58 35.91 0.91
N ASN B 640 37.58 35.94 0.04
CA ASN B 640 37.37 35.69 -1.38
C ASN B 640 37.51 34.23 -1.73
N GLY B 641 37.31 33.34 -0.76
CA GLY B 641 37.30 31.92 -1.06
C GLY B 641 36.18 31.54 -2.00
N TYR B 642 35.04 32.22 -1.89
CA TYR B 642 34.02 32.15 -2.90
C TYR B 642 33.43 33.54 -3.04
N ASN B 643 33.41 34.04 -4.24
CA ASN B 643 32.90 35.34 -4.60
C ASN B 643 31.80 35.12 -5.64
N PRO B 644 31.11 36.15 -6.12
CA PRO B 644 30.15 35.91 -7.22
C PRO B 644 30.76 35.32 -8.47
N TYR B 645 32.07 35.36 -8.62
CA TYR B 645 32.73 35.00 -9.86
C TYR B 645 33.37 33.63 -9.83
N GLY B 646 33.28 32.90 -8.73
CA GLY B 646 33.87 31.59 -8.68
C GLY B 646 34.06 31.13 -7.24
N THR B 647 34.86 30.08 -7.11
CA THR B 647 35.10 29.40 -5.86
C THR B 647 36.45 28.71 -5.95
N ASN B 648 37.22 28.73 -4.87
CA ASN B 648 38.53 28.10 -4.91
C ASN B 648 38.73 27.16 -3.72
N ASN B 649 39.97 26.71 -3.51
CA ASN B 649 40.24 25.72 -2.47
C ASN B 649 40.05 26.26 -1.06
N LEU B 650 39.90 27.57 -0.90
CA LEU B 650 39.60 28.18 0.37
C LEU B 650 38.12 28.36 0.62
N ALA B 651 37.27 27.77 -0.23
CA ALA B 651 35.83 27.95 -0.07
C ALA B 651 35.32 27.32 1.21
N VAL B 652 36.02 26.32 1.73
CA VAL B 652 35.59 25.73 2.99
C VAL B 652 36.11 26.56 4.16
N TRP B 653 37.30 27.14 4.01
CA TRP B 653 37.83 27.98 5.09
C TRP B 653 37.04 29.27 5.17
N ALA B 654 36.66 29.83 4.03
CA ALA B 654 35.77 30.99 4.01
C ALA B 654 34.41 30.67 4.59
N TRP B 655 33.99 29.42 4.54
CA TRP B 655 32.71 29.04 5.08
C TRP B 655 32.79 28.73 6.57
N MET B 656 33.88 28.12 7.03
CA MET B 656 34.00 27.90 8.47
C MET B 656 34.34 29.18 9.19
N PHE B 657 35.01 30.11 8.50
CA PHE B 657 35.26 31.43 9.07
C PHE B 657 33.96 32.14 9.38
N LEU B 658 33.01 32.05 8.47
CA LEU B 658 31.70 32.63 8.70
C LEU B 658 30.83 31.75 9.58
N PHE B 659 31.09 30.45 9.58
CA PHE B 659 30.45 29.54 10.51
C PHE B 659 30.82 29.88 11.94
N GLY B 660 32.10 30.15 12.20
CA GLY B 660 32.54 30.50 13.53
C GLY B 660 32.09 31.85 13.99
N HIS B 661 31.78 32.76 13.06
CA HIS B 661 31.20 34.03 13.46
C HIS B 661 29.78 33.82 13.97
N LEU B 662 29.05 32.89 13.37
CA LEU B 662 27.70 32.60 13.81
C LEU B 662 27.70 31.85 15.12
N ALA B 663 28.59 30.87 15.26
CA ALA B 663 28.70 30.15 16.51
C ALA B 663 29.14 31.05 17.64
N TRP B 664 29.95 32.07 17.33
CA TRP B 664 30.32 33.05 18.34
C TRP B 664 29.15 33.94 18.71
N ALA B 665 28.40 34.39 17.71
CA ALA B 665 27.31 35.31 17.97
C ALA B 665 26.18 34.64 18.73
N VAL B 666 25.91 33.37 18.43
CA VAL B 666 24.84 32.67 19.13
C VAL B 666 25.24 32.40 20.56
N SER B 667 26.53 32.45 20.89
CA SER B 667 26.94 32.35 22.29
C SER B 667 26.42 33.52 23.09
N PHE B 668 26.43 34.71 22.49
CA PHE B 668 25.98 35.90 23.20
C PHE B 668 24.53 35.77 23.61
N MET B 669 23.73 35.03 22.85
CA MET B 669 22.37 34.75 23.27
C MET B 669 22.34 34.00 24.59
N PHE B 670 23.13 32.95 24.74
CA PHE B 670 23.12 32.25 26.00
C PHE B 670 23.83 33.01 27.10
N LEU B 671 24.66 33.99 26.76
CA LEU B 671 25.40 34.72 27.77
C LEU B 671 24.77 36.05 28.15
N ILE B 672 24.10 36.73 27.23
CA ILE B 672 23.49 38.01 27.55
C ILE B 672 22.09 37.80 28.10
N THR B 673 21.19 37.23 27.31
CA THR B 673 19.85 36.97 27.83
C THR B 673 19.85 35.71 28.68
N TRP B 674 19.17 35.80 29.82
CA TRP B 674 19.25 34.80 30.86
C TRP B 674 17.91 34.08 31.00
N ARG B 675 17.81 33.22 32.00
CA ARG B 675 16.88 32.10 31.93
C ARG B 675 15.43 32.53 31.96
N GLY B 676 15.08 33.41 32.88
CA GLY B 676 13.67 33.69 33.12
C GLY B 676 12.98 34.36 31.96
N TYR B 677 13.73 35.01 31.08
CA TYR B 677 13.13 35.48 29.84
C TYR B 677 12.60 34.30 29.04
N TRP B 678 13.40 33.26 28.90
CA TRP B 678 13.03 32.13 28.06
C TRP B 678 11.98 31.25 28.67
N GLN B 679 11.85 31.24 29.99
CA GLN B 679 10.81 30.41 30.58
C GLN B 679 9.43 31.02 30.34
N GLU B 680 9.32 32.35 30.40
CA GLU B 680 8.04 32.96 30.10
C GLU B 680 7.68 32.84 28.63
N LEU B 681 8.65 32.64 27.76
CA LEU B 681 8.40 32.44 26.34
C LEU B 681 8.10 30.98 26.03
N ILE B 682 8.76 30.05 26.71
CA ILE B 682 8.44 28.63 26.54
C ILE B 682 7.09 28.31 27.17
N GLU B 683 6.79 28.91 28.31
CA GLU B 683 5.46 28.77 28.92
C GLU B 683 4.36 29.19 27.96
N THR B 684 4.63 30.17 27.11
CA THR B 684 3.66 30.59 26.11
C THR B 684 3.57 29.59 24.96
N LEU B 685 4.70 29.08 24.49
CA LEU B 685 4.68 28.08 23.43
C LEU B 685 4.04 26.79 23.90
N ALA B 686 4.20 26.45 25.17
CA ALA B 686 3.52 25.29 25.73
C ALA B 686 2.02 25.50 25.76
N TRP B 687 1.57 26.73 26.00
CA TRP B 687 0.14 27.02 25.87
C TRP B 687 -0.32 26.81 24.44
N ALA B 688 0.45 27.29 23.47
CA ALA B 688 0.03 27.21 22.08
C ALA B 688 -0.06 25.77 21.61
N HIS B 689 0.86 24.92 22.04
CA HIS B 689 0.84 23.54 21.59
C HIS B 689 -0.36 22.79 22.15
N GLU B 690 -0.70 23.03 23.40
CA GLU B 690 -1.83 22.33 24.00
C GLU B 690 -3.15 22.75 23.36
N GLN B 691 -3.27 23.99 22.93
CA GLN B 691 -4.55 24.51 22.46
C GLN B 691 -4.71 24.39 20.96
N THR B 692 -3.80 23.79 20.29
CA THR B 692 -3.96 23.78 18.85
C THR B 692 -4.39 22.42 18.33
N PRO B 693 -5.24 22.39 17.32
CA PRO B 693 -5.66 21.11 16.75
C PRO B 693 -4.59 20.50 15.86
N LEU B 694 -4.74 19.20 15.62
CA LEU B 694 -3.93 18.37 14.75
C LEU B 694 -2.50 18.19 15.24
N SER B 695 -2.09 18.85 16.32
CA SER B 695 -0.78 18.63 16.91
C SER B 695 -0.93 17.52 17.93
N PHE B 696 -0.66 16.30 17.51
CA PHE B 696 -0.95 15.14 18.33
C PHE B 696 0.20 14.74 19.24
N GLY B 697 1.36 15.34 19.08
CA GLY B 697 2.46 15.07 19.98
C GLY B 697 2.34 15.86 21.27
N TYR B 698 2.90 15.30 22.32
CA TYR B 698 2.85 15.93 23.63
C TYR B 698 4.08 15.50 24.41
N TRP B 699 4.66 16.44 25.14
CA TRP B 699 5.95 16.19 25.75
C TRP B 699 5.87 15.15 26.84
N ARG B 700 6.77 14.19 26.75
CA ARG B 700 6.94 13.24 27.84
C ARG B 700 7.48 13.93 29.07
N ASP B 701 8.33 14.93 28.88
CA ASP B 701 8.92 15.72 29.96
C ASP B 701 8.77 17.19 29.64
N LYS B 702 8.33 17.95 30.65
CA LYS B 702 7.89 19.32 30.43
C LYS B 702 9.02 20.17 29.86
N PRO B 703 8.79 20.91 28.78
CA PRO B 703 9.82 21.81 28.25
C PRO B 703 10.03 22.99 29.18
N VAL B 704 11.25 23.12 29.68
CA VAL B 704 11.62 24.25 30.51
C VAL B 704 12.81 24.93 29.86
N ALA B 705 12.93 26.23 30.09
CA ALA B 705 14.14 26.93 29.70
C ALA B 705 15.32 26.33 30.45
N LEU B 706 16.40 26.05 29.73
CA LEU B 706 17.53 25.37 30.31
C LEU B 706 18.18 26.22 31.40
N SER B 707 18.80 25.55 32.36
CA SER B 707 19.06 26.14 33.66
C SER B 707 20.14 27.22 33.59
N ILE B 708 20.43 27.81 34.74
CA ILE B 708 21.34 28.95 34.79
C ILE B 708 22.77 28.51 34.52
N VAL B 709 23.26 27.52 35.28
CA VAL B 709 24.62 27.05 35.09
C VAL B 709 24.80 26.27 33.81
N GLN B 710 23.71 25.93 33.13
CA GLN B 710 23.83 25.22 31.86
C GLN B 710 24.00 26.17 30.70
N ALA B 711 23.23 27.26 30.70
CA ALA B 711 23.39 28.28 29.67
C ALA B 711 24.76 28.92 29.72
N ARG B 712 25.31 29.08 30.91
CA ARG B 712 26.67 29.55 31.02
C ARG B 712 27.64 28.58 30.38
N LEU B 713 27.30 27.30 30.35
CA LEU B 713 28.12 26.29 29.71
C LEU B 713 27.78 26.15 28.24
N VAL B 714 26.51 26.25 27.87
CA VAL B 714 26.11 26.21 26.47
C VAL B 714 26.64 27.44 25.74
N GLY B 715 26.58 28.60 26.38
CA GLY B 715 27.14 29.78 25.77
C GLY B 715 28.65 29.81 25.75
N LEU B 716 29.28 29.13 26.70
CA LEU B 716 30.73 29.05 26.69
C LEU B 716 31.24 28.08 25.64
N THR B 717 30.43 27.08 25.30
CA THR B 717 30.81 26.16 24.23
C THR B 717 30.74 26.83 22.87
N HIS B 718 29.73 27.67 22.65
CA HIS B 718 29.62 28.36 21.38
C HIS B 718 30.68 29.43 21.22
N PHE B 719 30.95 30.17 22.29
CA PHE B 719 32.04 31.12 22.27
C PHE B 719 33.35 30.44 21.94
N THR B 720 33.58 29.25 22.51
CA THR B 720 34.81 28.54 22.25
C THR B 720 34.85 27.96 20.85
N VAL B 721 33.76 27.36 20.39
CA VAL B 721 33.71 26.81 19.04
C VAL B 721 33.78 27.92 18.00
N GLY B 722 33.15 29.05 18.27
CA GLY B 722 33.28 30.18 17.38
C GLY B 722 34.62 30.87 17.45
N TYR B 723 35.30 30.75 18.58
CA TYR B 723 36.64 31.31 18.68
C TYR B 723 37.66 30.47 17.93
N ILE B 724 37.39 29.19 17.79
CA ILE B 724 38.36 28.24 17.24
C ILE B 724 38.09 27.99 15.77
N ALA B 725 36.83 27.96 15.36
CA ALA B 725 36.51 27.82 13.95
C ALA B 725 36.85 29.09 13.19
N THR B 726 36.66 30.25 13.80
CA THR B 726 36.97 31.50 13.11
C THR B 726 38.47 31.67 12.95
N TYR B 727 39.23 31.43 14.01
CA TYR B 727 40.67 31.61 13.91
C TYR B 727 41.34 30.44 13.22
N GLY B 728 40.81 29.24 13.40
CA GLY B 728 41.33 28.12 12.63
C GLY B 728 41.17 28.32 11.14
N ALA B 729 40.05 28.88 10.72
CA ALA B 729 39.85 29.15 9.30
C ALA B 729 40.69 30.32 8.84
N PHE B 730 40.83 31.34 9.67
CA PHE B 730 41.71 32.46 9.34
C PHE B 730 43.15 31.98 9.20
N LEU B 731 43.66 31.30 10.21
CA LEU B 731 45.07 30.94 10.22
C LEU B 731 45.41 29.98 9.09
N ILE B 732 44.55 29.04 8.80
CA ILE B 732 44.80 28.12 7.70
C ILE B 732 44.74 28.85 6.37
N ALA B 733 43.69 29.64 6.15
CA ALA B 733 43.51 30.27 4.85
C ALA B 733 44.44 31.46 4.65
N SER B 734 44.81 32.17 5.70
CA SER B 734 45.72 33.29 5.49
C SER B 734 47.16 32.84 5.34
N THR B 735 47.48 31.60 5.66
CA THR B 735 48.83 31.10 5.49
C THR B 735 48.95 30.20 4.26
N ALA B 736 47.94 29.38 3.99
CA ALA B 736 47.94 28.49 2.85
C ALA B 736 47.35 29.12 1.60
N SER B 737 47.33 30.45 1.53
CA SER B 737 46.94 31.13 0.30
C SER B 737 48.03 32.04 -0.23
N LYS B 738 48.77 32.69 0.66
CA LYS B 738 49.98 33.39 0.23
C LYS B 738 51.00 32.41 -0.29
N PHE B 739 50.97 31.17 0.21
CA PHE B 739 52.04 30.20 0.02
C PHE B 739 51.46 28.86 -0.42
N GLY B 740 52.28 27.83 -0.44
CA GLY B 740 51.83 26.50 -0.82
C GLY B 740 51.06 25.81 0.27
N SER C 2 11.32 19.49 45.84
CA SER C 2 11.91 18.82 46.99
C SER C 2 13.23 19.47 47.34
N HIS C 3 13.14 20.72 47.77
CA HIS C 3 14.30 21.45 48.26
C HIS C 3 14.42 21.17 49.75
N THR C 4 15.33 21.85 50.43
CA THR C 4 15.58 21.59 51.84
C THR C 4 15.76 22.92 52.55
N VAL C 5 14.73 23.36 53.26
CA VAL C 5 14.76 24.65 53.95
C VAL C 5 15.07 24.34 55.41
N LYS C 6 16.35 24.38 55.76
CA LYS C 6 16.76 24.17 57.13
C LYS C 6 16.78 25.48 57.87
N ILE C 7 16.41 25.43 59.15
CA ILE C 7 16.37 26.59 60.02
C ILE C 7 17.39 26.36 61.12
N TYR C 8 18.17 27.39 61.43
CA TYR C 8 19.23 27.28 62.42
C TYR C 8 18.86 28.06 63.67
N ASP C 9 19.62 27.82 64.74
CA ASP C 9 19.26 28.35 66.05
C ASP C 9 19.45 29.85 66.18
N THR C 10 19.85 30.54 65.12
CA THR C 10 20.14 31.95 65.21
C THR C 10 18.91 32.80 64.93
N CYS C 11 17.75 32.17 64.69
CA CYS C 11 16.51 32.93 64.52
C CYS C 11 16.24 33.81 65.72
N ILE C 12 15.54 34.91 65.47
CA ILE C 12 15.10 35.81 66.51
C ILE C 12 13.58 35.90 66.56
N GLY C 13 12.90 35.04 65.79
CA GLY C 13 11.45 35.12 65.71
C GLY C 13 10.94 36.41 65.14
N CYS C 14 11.70 37.02 64.22
CA CYS C 14 11.25 38.25 63.57
C CYS C 14 10.09 38.01 62.63
N THR C 15 9.75 36.76 62.35
CA THR C 15 8.62 36.29 61.55
C THR C 15 8.69 36.69 60.10
N GLN C 16 9.75 37.35 59.66
CA GLN C 16 9.76 37.92 58.33
C GLN C 16 9.93 36.87 57.25
N CYS C 17 10.53 35.74 57.57
CA CYS C 17 10.77 34.72 56.56
C CYS C 17 9.47 34.07 56.11
N VAL C 18 8.50 33.94 57.02
CA VAL C 18 7.23 33.29 56.71
C VAL C 18 6.40 34.15 55.78
N ARG C 19 6.38 35.47 56.02
CA ARG C 19 5.62 36.39 55.18
C ARG C 19 6.14 36.44 53.76
N ALA C 20 7.45 36.33 53.56
CA ALA C 20 7.98 36.43 52.21
C ALA C 20 7.74 35.18 51.38
N CYS C 21 7.40 34.07 52.01
CA CYS C 21 7.30 32.82 51.27
C CYS C 21 6.06 32.85 50.39
N PRO C 22 6.19 32.68 49.07
CA PRO C 22 5.03 32.74 48.20
C PRO C 22 4.23 31.47 48.15
N THR C 23 4.65 30.42 48.84
CA THR C 23 4.05 29.10 48.68
C THR C 23 3.73 28.47 50.03
N ASP C 24 3.85 29.21 51.13
CA ASP C 24 3.50 28.75 52.47
C ASP C 24 4.27 27.47 52.82
N VAL C 25 5.58 27.56 52.76
CA VAL C 25 6.39 26.44 53.21
C VAL C 25 6.75 26.61 54.67
N LEU C 26 6.95 27.84 55.11
CA LEU C 26 7.38 28.14 56.45
C LEU C 26 6.20 28.46 57.34
N GLU C 27 6.38 28.21 58.64
CA GLU C 27 5.43 28.62 59.65
C GLU C 27 6.14 28.65 60.99
N MET C 28 5.54 29.38 61.93
CA MET C 28 6.14 29.54 63.24
C MET C 28 5.65 28.51 64.24
N VAL C 29 6.59 28.04 65.06
CA VAL C 29 6.33 27.09 66.13
C VAL C 29 6.83 27.74 67.41
N PRO C 30 6.29 27.40 68.58
CA PRO C 30 6.81 27.98 69.82
C PRO C 30 8.20 27.49 70.12
N TRP C 31 8.97 28.35 70.77
CA TRP C 31 10.37 28.08 71.07
C TRP C 31 10.74 28.81 72.34
N ASP C 32 11.98 28.65 72.78
CA ASP C 32 12.48 29.32 73.97
C ASP C 32 13.81 30.02 73.79
N GLY C 33 14.47 29.89 72.65
CA GLY C 33 15.77 30.50 72.45
C GLY C 33 15.69 31.92 71.94
N CYS C 34 14.53 32.56 72.11
CA CYS C 34 14.32 33.91 71.64
C CYS C 34 13.52 34.68 72.66
N ARG C 35 13.60 36.01 72.59
CA ARG C 35 12.60 36.81 73.28
C ARG C 35 11.23 36.63 72.65
N ALA C 36 11.19 36.38 71.34
CA ALA C 36 9.92 36.15 70.68
C ALA C 36 9.33 34.79 71.02
N GLY C 37 10.15 33.86 71.50
CA GLY C 37 9.64 32.54 71.81
C GLY C 37 9.20 31.76 70.59
N GLN C 38 9.61 32.17 69.41
CA GLN C 38 9.22 31.54 68.16
C GLN C 38 10.47 31.13 67.40
N ILE C 39 10.27 30.22 66.45
CA ILE C 39 11.30 29.88 65.48
C ILE C 39 10.60 29.40 64.23
N ALA C 40 11.23 29.66 63.08
CA ALA C 40 10.67 29.18 61.83
C ALA C 40 10.81 27.67 61.72
N SER C 41 9.83 27.05 61.06
CA SER C 41 9.92 25.65 60.71
C SER C 41 9.43 25.53 59.28
N SER C 42 9.79 24.42 58.64
CA SER C 42 9.48 24.21 57.23
C SER C 42 8.78 22.87 57.06
N PRO C 43 7.50 22.79 57.42
CA PRO C 43 6.79 21.51 57.29
C PRO C 43 6.37 21.16 55.88
N ARG C 44 6.37 22.12 54.96
CA ARG C 44 5.80 21.89 53.65
C ARG C 44 6.83 22.08 52.54
N THR C 45 8.01 21.48 52.67
CA THR C 45 9.10 21.77 51.76
C THR C 45 9.00 21.10 50.40
N GLU C 46 8.09 20.15 50.19
CA GLU C 46 7.92 19.71 48.82
C GLU C 46 7.28 20.80 47.99
N ASP C 47 6.64 21.76 48.65
CA ASP C 47 6.05 22.92 48.03
C ASP C 47 7.05 24.03 47.80
N CYS C 48 8.25 23.93 48.38
CA CYS C 48 9.27 24.94 48.16
C CYS C 48 9.60 25.05 46.69
N VAL C 49 9.46 26.28 46.18
CA VAL C 49 9.75 26.58 44.80
C VAL C 49 11.20 26.97 44.58
N GLY C 50 11.90 27.35 45.64
CA GLY C 50 13.31 27.66 45.56
C GLY C 50 13.66 29.11 45.39
N CYS C 51 12.69 30.01 45.53
CA CYS C 51 12.88 31.41 45.21
C CYS C 51 13.84 32.12 46.13
N LYS C 52 14.14 31.54 47.29
CA LYS C 52 15.03 32.12 48.30
C LYS C 52 14.55 33.48 48.78
N ARG C 53 13.29 33.80 48.55
CA ARG C 53 12.69 35.02 49.05
C ARG C 53 12.63 35.02 50.57
N CYS C 54 12.66 33.84 51.19
CA CYS C 54 12.74 33.76 52.64
C CYS C 54 14.11 34.16 53.15
N GLU C 55 15.15 33.89 52.37
CA GLU C 55 16.50 34.23 52.77
C GLU C 55 16.77 35.71 52.67
N THR C 56 16.07 36.40 51.78
CA THR C 56 16.25 37.85 51.66
C THR C 56 15.66 38.57 52.87
N ALA C 57 14.67 37.99 53.51
CA ALA C 57 13.98 38.63 54.62
C ALA C 57 14.62 38.36 55.97
N CYS C 58 15.49 37.38 56.07
CA CYS C 58 16.06 37.03 57.36
C CYS C 58 17.10 38.08 57.77
N PRO C 59 16.94 38.74 58.90
CA PRO C 59 17.82 39.87 59.22
C PRO C 59 19.04 39.50 60.02
N THR C 60 19.10 38.29 60.58
CA THR C 60 20.29 37.87 61.29
C THR C 60 21.46 37.79 60.34
N ASP C 61 22.60 38.33 60.76
CA ASP C 61 23.74 38.35 59.87
C ASP C 61 24.23 36.95 59.59
N PHE C 62 24.42 36.69 58.31
CA PHE C 62 24.54 35.35 57.74
C PHE C 62 23.42 34.46 58.27
N LEU C 63 22.28 34.75 57.67
CA LEU C 63 20.92 34.33 57.94
C LEU C 63 20.68 32.88 58.36
N SER C 64 19.65 32.72 59.18
CA SER C 64 19.30 31.49 59.89
C SER C 64 18.52 30.49 59.05
N ILE C 65 18.08 30.85 57.85
CA ILE C 65 17.24 29.97 57.05
C ILE C 65 17.93 29.74 55.71
N ARG C 66 18.20 28.48 55.37
CA ARG C 66 18.85 28.21 54.11
C ARG C 66 17.98 27.35 53.23
N VAL C 67 17.78 27.79 52.01
CA VAL C 67 17.21 26.94 50.99
C VAL C 67 18.36 26.22 50.31
N TYR C 68 18.26 24.91 50.21
CA TYR C 68 19.30 24.06 49.70
C TYR C 68 18.71 23.40 48.47
N LEU C 69 18.94 24.01 47.31
CA LEU C 69 18.29 23.58 46.08
C LEU C 69 18.68 22.16 45.73
N GLY C 70 17.74 21.24 45.83
CA GLY C 70 18.01 19.84 45.60
C GLY C 70 17.29 19.27 44.41
N ALA C 71 16.74 18.07 44.58
CA ALA C 71 16.01 17.42 43.50
C ALA C 71 14.79 18.24 43.13
N GLU C 72 14.76 18.71 41.89
CA GLU C 72 13.68 19.59 41.44
C GLU C 72 12.59 18.77 40.77
N THR C 73 11.37 18.91 41.26
CA THR C 73 10.24 18.13 40.81
C THR C 73 9.21 19.06 40.18
N THR C 74 8.03 18.52 39.89
CA THR C 74 7.05 19.24 39.10
C THR C 74 6.45 20.43 39.84
N ARG C 75 6.44 20.40 41.17
CA ARG C 75 5.90 21.52 41.92
C ARG C 75 6.98 22.36 42.59
N SER C 76 8.23 21.91 42.56
CA SER C 76 9.34 22.74 42.99
C SER C 76 9.95 23.54 41.86
N MET C 77 9.46 23.37 40.63
CA MET C 77 9.85 24.20 39.51
C MET C 77 8.73 25.10 39.06
N GLY C 78 7.56 24.97 39.66
CA GLY C 78 6.43 25.81 39.32
C GLY C 78 6.02 25.74 37.86
N LEU C 79 5.50 24.60 37.44
CA LEU C 79 5.03 24.40 36.08
C LEU C 79 3.51 24.31 36.10
N ALA C 80 2.86 25.17 35.33
CA ALA C 80 1.43 25.09 35.14
C ALA C 80 1.05 24.15 34.02
N TYR C 81 2.03 23.59 33.32
CA TYR C 81 1.77 22.65 32.23
C TYR C 81 2.46 21.33 32.50
N THR D 21 -15.94 19.01 51.54
CA THR D 21 -15.41 19.26 50.20
C THR D 21 -15.30 20.75 49.91
N LEU D 22 -15.56 21.13 48.66
CA LEU D 22 -15.43 22.52 48.25
C LEU D 22 -16.63 22.90 47.40
N SER D 23 -17.03 24.17 47.52
CA SER D 23 -18.12 24.73 46.72
C SER D 23 -18.07 26.24 46.85
N GLY D 24 -18.79 26.90 45.98
CA GLY D 24 -18.84 28.35 45.92
C GLY D 24 -19.17 28.78 44.51
N GLN D 25 -19.60 30.02 44.38
CA GLN D 25 -19.90 30.58 43.08
C GLN D 25 -18.65 31.19 42.48
N THR D 26 -18.40 30.89 41.21
CA THR D 26 -17.22 31.42 40.55
C THR D 26 -17.37 32.91 40.28
N PRO D 27 -16.28 33.66 40.33
CA PRO D 27 -16.35 35.10 40.08
C PRO D 27 -16.71 35.42 38.64
N ILE D 28 -17.22 36.63 38.43
CA ILE D 28 -17.52 37.08 37.07
C ILE D 28 -16.20 37.24 36.35
N PHE D 29 -15.94 36.38 35.37
CA PHE D 29 -14.65 36.43 34.70
C PHE D 29 -14.86 35.89 33.30
N GLY D 30 -14.41 36.65 32.29
CA GLY D 30 -14.67 36.27 30.93
C GLY D 30 -13.83 35.11 30.41
N GLY D 31 -13.13 34.44 31.31
CA GLY D 31 -12.24 33.37 30.93
C GLY D 31 -10.94 33.92 30.39
N SER D 32 -9.83 33.29 30.73
CA SER D 32 -8.53 33.79 30.33
C SER D 32 -7.80 32.77 29.49
N THR D 33 -6.55 33.08 29.17
CA THR D 33 -5.66 32.15 28.53
C THR D 33 -4.62 31.62 29.50
N GLY D 34 -4.49 32.25 30.67
CA GLY D 34 -3.50 31.90 31.65
C GLY D 34 -3.98 30.90 32.67
N GLY D 35 -5.18 30.38 32.51
CA GLY D 35 -5.79 29.50 33.49
C GLY D 35 -5.24 28.10 33.44
N LEU D 36 -6.12 27.16 33.77
CA LEU D 36 -5.72 25.76 33.90
C LEU D 36 -5.35 25.17 32.55
N LEU D 37 -4.32 24.34 32.55
CA LEU D 37 -3.86 23.62 31.37
C LEU D 37 -4.08 22.13 31.63
N LYS D 38 -3.46 21.30 30.78
CA LYS D 38 -3.63 19.86 30.94
C LYS D 38 -3.07 19.31 32.23
N LYS D 39 -2.22 20.06 32.93
CA LYS D 39 -1.73 19.63 34.23
C LYS D 39 -2.81 19.68 35.30
N ALA D 40 -3.89 20.43 35.06
CA ALA D 40 -4.92 20.61 36.09
C ALA D 40 -5.64 19.33 36.39
N GLU D 41 -6.09 18.61 35.36
CA GLU D 41 -6.88 17.41 35.56
C GLU D 41 -6.07 16.14 35.44
N VAL D 42 -4.74 16.23 35.43
CA VAL D 42 -3.89 15.06 35.22
C VAL D 42 -2.94 14.85 36.39
N GLU D 43 -2.32 15.91 36.90
CA GLU D 43 -1.44 15.77 38.04
C GLU D 43 -2.14 16.20 39.32
N GLU D 44 -2.54 17.47 39.43
CA GLU D 44 -3.43 18.01 40.45
C GLU D 44 -3.67 19.50 40.24
N LYS D 45 -4.56 20.07 41.05
CA LYS D 45 -5.15 21.37 40.80
C LYS D 45 -5.49 21.99 42.14
N TYR D 46 -5.54 23.31 42.19
CA TYR D 46 -5.77 24.01 43.44
C TYR D 46 -7.06 24.80 43.38
N ALA D 47 -7.64 25.03 44.55
CA ALA D 47 -8.85 25.82 44.68
C ALA D 47 -8.74 26.71 45.89
N ILE D 48 -8.94 28.01 45.70
CA ILE D 48 -8.99 28.96 46.79
C ILE D 48 -10.44 29.35 47.01
N THR D 49 -10.87 29.32 48.28
CA THR D 49 -12.27 29.54 48.64
C THR D 49 -12.33 30.63 49.68
N TRP D 50 -12.96 31.75 49.36
CA TRP D 50 -13.05 32.85 50.30
C TRP D 50 -14.46 33.44 50.26
N THR D 51 -14.78 34.18 51.31
CA THR D 51 -16.06 34.86 51.45
C THR D 51 -15.83 36.35 51.46
N SER D 52 -16.61 37.08 50.67
CA SER D 52 -16.46 38.51 50.55
C SER D 52 -17.72 39.21 51.01
N PRO D 53 -17.60 40.33 51.74
CA PRO D 53 -18.79 41.10 52.10
C PRO D 53 -19.25 42.07 51.03
N LYS D 54 -18.52 42.19 49.93
CA LYS D 54 -18.81 43.22 48.95
C LYS D 54 -18.55 42.68 47.55
N GLU D 55 -19.20 43.28 46.57
CA GLU D 55 -19.11 42.88 45.17
C GLU D 55 -18.11 43.78 44.46
N GLN D 56 -16.82 43.55 44.72
CA GLN D 56 -15.79 44.35 44.08
C GLN D 56 -14.96 43.49 43.13
N VAL D 57 -13.91 44.08 42.58
CA VAL D 57 -13.12 43.49 41.52
C VAL D 57 -11.70 43.30 42.00
N PHE D 58 -11.12 42.14 41.69
CA PHE D 58 -9.78 41.79 42.10
C PHE D 58 -8.98 41.38 40.88
N GLU D 59 -7.66 41.43 41.00
CA GLU D 59 -6.79 41.09 39.89
C GLU D 59 -6.59 39.58 39.83
N MET D 60 -6.77 39.03 38.66
CA MET D 60 -6.60 37.61 38.48
C MET D 60 -5.10 37.26 38.47
N PRO D 61 -4.69 36.23 39.22
CA PRO D 61 -3.28 35.82 39.14
C PRO D 61 -2.87 35.24 37.81
N THR D 62 -3.84 34.84 36.97
CA THR D 62 -3.56 34.37 35.63
C THR D 62 -3.83 35.43 34.58
N GLY D 63 -3.69 36.70 34.95
CA GLY D 63 -3.89 37.79 34.00
C GLY D 63 -5.34 38.19 33.87
N GLY D 64 -5.61 39.47 33.98
CA GLY D 64 -6.94 39.99 33.86
C GLY D 64 -7.50 40.49 35.18
N ALA D 65 -8.82 40.68 35.19
CA ALA D 65 -9.55 41.12 36.36
C ALA D 65 -10.88 40.40 36.42
N ALA D 66 -11.31 40.06 37.63
CA ALA D 66 -12.57 39.36 37.82
C ALA D 66 -13.31 40.01 38.98
N ILE D 67 -14.63 39.90 38.96
CA ILE D 67 -15.46 40.47 40.01
C ILE D 67 -15.83 39.36 40.99
N MET D 68 -15.37 39.50 42.22
CA MET D 68 -15.66 38.56 43.28
C MET D 68 -17.10 38.74 43.77
N ARG D 69 -17.72 37.64 44.14
CA ARG D 69 -19.16 37.59 44.38
C ARG D 69 -19.48 38.07 45.80
N GLN D 70 -20.75 37.89 46.20
CA GLN D 70 -21.24 38.34 47.49
C GLN D 70 -21.17 37.26 48.56
N GLY D 71 -21.25 35.99 48.19
CA GLY D 71 -21.23 34.95 49.20
C GLY D 71 -19.93 34.19 49.27
N GLN D 72 -20.00 32.89 48.97
CA GLN D 72 -18.84 32.02 48.98
C GLN D 72 -18.25 31.97 47.58
N ASN D 73 -16.98 32.33 47.46
CA ASN D 73 -16.29 32.38 46.18
C ASN D 73 -15.38 31.17 46.01
N LEU D 74 -15.30 30.67 44.79
CA LEU D 74 -14.45 29.52 44.49
C LEU D 74 -13.69 29.79 43.21
N LEU D 75 -12.38 29.56 43.23
CA LEU D 75 -11.56 29.81 42.06
C LEU D 75 -10.56 28.67 41.94
N TYR D 76 -10.37 28.19 40.70
CA TYR D 76 -9.48 27.08 40.41
C TYR D 76 -8.19 27.59 39.81
N LEU D 77 -7.07 27.24 40.43
CA LEU D 77 -5.77 27.75 40.03
C LEU D 77 -4.80 26.61 39.84
N ALA D 78 -3.82 26.80 38.95
CA ALA D 78 -3.00 25.69 38.49
C ALA D 78 -1.94 25.28 39.49
N ARG D 79 -1.40 26.22 40.25
CA ARG D 79 -0.31 25.96 41.16
C ARG D 79 -0.53 26.75 42.43
N LYS D 80 0.11 26.29 43.51
CA LYS D 80 -0.17 26.86 44.83
C LYS D 80 0.30 28.30 44.93
N GLU D 81 1.33 28.68 44.19
CA GLU D 81 1.84 30.04 44.27
C GLU D 81 0.80 31.04 43.82
N GLN D 82 0.00 30.70 42.81
CA GLN D 82 -1.08 31.57 42.37
C GLN D 82 -2.09 31.79 43.47
N CYS D 83 -2.45 30.73 44.19
CA CYS D 83 -3.45 30.83 45.24
C CYS D 83 -2.98 31.74 46.36
N ILE D 84 -1.72 31.61 46.78
CA ILE D 84 -1.21 32.48 47.83
C ILE D 84 -0.81 33.85 47.28
N ALA D 85 -0.58 33.97 45.98
CA ALA D 85 -0.52 35.30 45.39
C ALA D 85 -1.88 35.98 45.45
N LEU D 86 -2.93 35.23 45.14
CA LEU D 86 -4.28 35.78 45.25
C LEU D 86 -4.67 35.97 46.71
N GLY D 87 -4.30 35.03 47.57
CA GLY D 87 -4.60 35.17 48.98
C GLY D 87 -3.97 36.41 49.59
N GLY D 88 -2.73 36.72 49.19
CA GLY D 88 -2.11 37.96 49.61
C GLY D 88 -2.79 39.18 49.04
N GLN D 89 -3.47 39.05 47.91
CA GLN D 89 -4.29 40.15 47.40
C GLN D 89 -5.60 40.29 48.17
N LEU D 90 -6.17 39.18 48.64
CA LEU D 90 -7.40 39.25 49.39
C LEU D 90 -7.19 39.94 50.74
N ARG D 91 -6.01 39.79 51.35
CA ARG D 91 -5.74 40.53 52.57
C ARG D 91 -5.70 42.03 52.36
N LYS D 92 -5.56 42.48 51.12
CA LYS D 92 -5.66 43.91 50.84
C LYS D 92 -7.09 44.37 50.61
N PHE D 93 -8.04 43.43 50.50
CA PHE D 93 -9.46 43.73 50.60
C PHE D 93 -10.02 43.44 51.97
N LYS D 94 -9.14 43.26 52.97
CA LYS D 94 -9.53 42.95 54.35
C LYS D 94 -10.30 41.63 54.42
N ILE D 95 -9.88 40.65 53.64
CA ILE D 95 -10.47 39.32 53.62
C ILE D 95 -9.40 38.33 54.05
N THR D 96 -9.57 37.71 55.21
CA THR D 96 -8.62 36.75 55.76
C THR D 96 -9.32 35.48 56.17
N ASP D 97 -10.34 35.07 55.42
CA ASP D 97 -11.07 33.85 55.70
C ASP D 97 -10.98 32.88 54.53
N TYR D 98 -9.91 32.98 53.75
CA TYR D 98 -9.76 32.13 52.59
C TYR D 98 -9.09 30.82 52.95
N LYS D 99 -9.44 29.80 52.18
CA LYS D 99 -8.93 28.45 52.38
C LYS D 99 -8.47 27.94 51.03
N ILE D 100 -7.32 27.27 51.00
CA ILE D 100 -6.74 26.77 49.77
C ILE D 100 -6.76 25.26 49.79
N TYR D 101 -7.34 24.66 48.77
CA TYR D 101 -7.46 23.23 48.67
C TYR D 101 -6.64 22.70 47.51
N ARG D 102 -6.36 21.41 47.55
CA ARG D 102 -5.57 20.76 46.52
C ARG D 102 -6.35 19.56 46.00
N ILE D 103 -6.75 19.63 44.74
CA ILE D 103 -7.66 18.66 44.15
C ILE D 103 -6.85 17.70 43.30
N TYR D 104 -6.69 16.47 43.79
CA TYR D 104 -6.10 15.42 43.00
C TYR D 104 -7.07 14.94 41.93
N PRO D 105 -6.56 14.40 40.82
CA PRO D 105 -7.44 14.13 39.67
C PRO D 105 -8.52 13.10 39.94
N ASN D 106 -8.21 12.09 40.75
CA ASN D 106 -9.21 11.13 41.20
C ASN D 106 -10.35 11.78 41.96
N GLY D 107 -10.12 12.92 42.58
CA GLY D 107 -11.19 13.78 43.04
C GLY D 107 -11.14 14.23 44.48
N GLU D 108 -10.42 13.56 45.38
CA GLU D 108 -10.45 14.02 46.77
C GLU D 108 -9.74 15.35 46.91
N THR D 109 -10.15 16.09 47.93
CA THR D 109 -9.78 17.48 48.12
C THR D 109 -9.13 17.63 49.49
N VAL D 110 -7.87 17.99 49.49
CA VAL D 110 -7.13 18.17 50.73
C VAL D 110 -7.17 19.63 51.12
N TYR D 111 -7.12 19.88 52.42
CA TYR D 111 -6.99 21.21 52.99
C TYR D 111 -5.50 21.43 53.24
N ILE D 112 -4.92 22.45 52.62
CA ILE D 112 -3.49 22.68 52.74
C ILE D 112 -3.15 24.08 53.24
N HIS D 113 -4.06 25.04 53.18
CA HIS D 113 -3.79 26.40 53.61
C HIS D 113 -5.05 27.10 54.10
N PRO D 114 -5.07 27.63 55.33
CA PRO D 114 -4.01 27.42 56.32
C PRO D 114 -4.13 26.04 56.94
N ALA D 115 -2.99 25.39 57.13
CA ALA D 115 -2.98 23.95 57.39
C ALA D 115 -3.66 23.62 58.71
N ASP D 116 -3.45 24.45 59.74
CA ASP D 116 -4.05 24.25 61.04
C ASP D 116 -5.27 25.11 61.29
N GLY D 117 -5.73 25.84 60.28
CA GLY D 117 -6.83 26.76 60.44
C GLY D 117 -6.43 28.15 60.89
N VAL D 118 -5.19 28.35 61.31
CA VAL D 118 -4.70 29.67 61.66
C VAL D 118 -3.53 29.97 60.74
N PHE D 119 -3.29 31.23 60.53
CA PHE D 119 -2.35 31.61 59.49
C PHE D 119 -0.92 31.38 59.98
N PRO D 120 0.00 30.98 59.09
CA PRO D 120 1.33 30.56 59.55
C PRO D 120 2.17 31.64 60.22
N GLU D 121 1.85 32.92 60.02
CA GLU D 121 2.56 33.96 60.78
C GLU D 121 2.30 33.81 62.27
N LYS D 122 1.05 33.49 62.62
CA LYS D 122 0.70 33.17 64.00
C LYS D 122 1.42 31.91 64.45
N VAL D 123 1.64 31.83 65.76
CA VAL D 123 2.25 30.66 66.37
C VAL D 123 1.18 29.92 67.16
N ASN D 124 1.07 28.61 66.92
CA ASN D 124 0.19 27.77 67.71
C ASN D 124 0.97 27.04 68.79
N GLN D 125 0.28 26.12 69.44
CA GLN D 125 0.87 24.99 70.13
C GLN D 125 0.69 23.75 69.27
N GLY D 126 1.52 22.75 69.54
CA GLY D 126 1.40 21.48 68.85
C GLY D 126 2.11 21.39 67.53
N ARG D 127 2.61 22.50 67.00
CA ARG D 127 3.48 22.43 65.83
C ARG D 127 4.91 22.11 66.24
N GLU D 128 5.62 21.44 65.35
CA GLU D 128 6.90 20.84 65.66
C GLU D 128 8.02 21.52 64.89
N LYS D 129 9.19 21.61 65.52
CA LYS D 129 10.39 22.08 64.85
C LYS D 129 10.81 21.02 63.84
N VAL D 130 10.56 21.29 62.57
CA VAL D 130 10.85 20.35 61.49
C VAL D 130 11.90 20.97 60.57
N ARG D 131 12.91 20.16 60.22
CA ARG D 131 14.13 20.63 59.58
C ARG D 131 14.74 21.80 60.35
N TYR D 132 15.01 21.54 61.62
CA TYR D 132 15.71 22.47 62.49
C TYR D 132 17.07 21.88 62.83
N ASN D 133 18.12 22.67 62.62
CA ASN D 133 19.46 22.30 63.04
C ASN D 133 19.79 23.01 64.33
N ASP D 134 20.30 22.27 65.31
CA ASP D 134 20.59 22.82 66.63
C ASP D 134 22.01 23.36 66.70
N ARG D 135 22.50 23.92 65.59
CA ARG D 135 23.83 24.49 65.51
C ARG D 135 23.74 25.77 64.72
N ARG D 136 24.77 26.60 64.85
CA ARG D 136 24.94 27.69 63.90
C ARG D 136 25.18 27.11 62.53
N ILE D 137 24.77 27.85 61.52
CA ILE D 137 25.05 27.46 60.15
C ILE D 137 26.54 27.43 59.85
N GLY D 138 27.33 28.20 60.61
CA GLY D 138 28.76 28.25 60.38
C GLY D 138 29.48 26.94 60.62
N GLN D 139 29.02 26.12 61.55
CA GLN D 139 29.67 24.86 61.85
C GLN D 139 28.95 23.66 61.24
N ASN D 140 28.41 23.82 60.04
CA ASN D 140 28.08 22.66 59.24
C ASN D 140 29.37 21.95 58.84
N PRO D 141 29.38 20.62 58.82
CA PRO D 141 30.61 19.89 58.50
C PRO D 141 31.07 20.12 57.07
N SER D 142 32.37 19.91 56.87
CA SER D 142 32.95 20.00 55.54
C SER D 142 32.44 18.85 54.68
N PRO D 143 32.38 19.05 53.36
CA PRO D 143 31.92 17.96 52.48
C PRO D 143 32.80 16.73 52.49
N SER D 144 34.05 16.85 52.93
CA SER D 144 34.91 15.68 53.03
C SER D 144 34.46 14.72 54.13
N LYS D 145 33.76 15.23 55.14
CA LYS D 145 33.31 14.37 56.23
C LYS D 145 32.25 13.39 55.77
N VAL D 146 31.35 13.83 54.89
CA VAL D 146 30.23 13.01 54.46
C VAL D 146 30.58 12.34 53.14
N LYS D 147 31.87 12.29 52.83
CA LYS D 147 32.34 11.74 51.56
C LYS D 147 31.91 10.28 51.44
N PHE D 148 31.24 9.97 50.32
CA PHE D 148 30.77 8.62 50.01
C PHE D 148 29.80 8.12 51.07
N SER D 149 28.93 9.01 51.54
CA SER D 149 27.87 8.70 52.46
C SER D 149 26.56 9.23 51.90
N GLY D 150 25.45 8.68 52.39
CA GLY D 150 24.15 9.06 51.86
C GLY D 150 23.78 10.51 52.17
N ILE D 151 24.10 10.97 53.37
CA ILE D 151 23.66 12.28 53.84
C ILE D 151 24.46 13.39 53.17
N ALA D 152 23.98 14.62 53.29
CA ALA D 152 24.69 15.82 52.89
C ALA D 152 25.25 16.50 54.14
N THR D 153 25.98 17.60 53.91
CA THR D 153 26.66 18.26 55.02
C THR D 153 25.71 19.03 55.91
N TYR D 154 24.47 19.18 55.51
CA TYR D 154 23.55 20.10 56.12
C TYR D 154 22.47 19.39 56.93
N ASP D 155 22.39 18.07 56.78
CA ASP D 155 21.60 17.24 57.69
C ASP D 155 22.43 16.91 58.92
N ALA D 156 23.54 16.18 58.72
CA ALA D 156 24.72 16.15 59.58
C ALA D 156 24.39 16.00 61.07
N PRO D 157 24.05 14.80 61.52
CA PRO D 157 23.49 14.63 62.88
C PRO D 157 24.41 15.11 64.01
N ASN D 158 25.64 15.51 63.72
CA ASN D 158 26.50 16.09 64.74
C ASN D 158 26.06 17.53 65.01
N SER D 159 25.78 17.83 66.28
CA SER D 159 25.36 19.16 66.74
C SER D 159 24.14 19.68 65.98
N VAL E 2 30.64 41.83 79.67
CA VAL E 2 30.25 42.52 78.46
C VAL E 2 28.92 43.23 78.68
N GLN E 3 28.97 44.43 79.24
CA GLN E 3 27.77 45.19 79.53
C GLN E 3 27.55 46.24 78.44
N ARG E 4 26.40 46.92 78.53
CA ARG E 4 25.96 47.82 77.47
C ARG E 4 26.90 49.01 77.33
N GLY E 5 27.17 49.38 76.08
CA GLY E 5 28.02 50.50 75.77
C GLY E 5 29.47 50.17 75.49
N SER E 6 29.89 48.94 75.76
CA SER E 6 31.29 48.57 75.59
C SER E 6 31.58 48.18 74.16
N LYS E 7 32.68 48.70 73.63
CA LYS E 7 33.14 48.30 72.31
C LYS E 7 33.71 46.90 72.39
N VAL E 8 33.28 46.03 71.48
CA VAL E 8 33.57 44.61 71.59
C VAL E 8 33.91 44.07 70.20
N ARG E 9 34.64 42.97 70.17
CA ARG E 9 35.12 42.38 68.93
C ARG E 9 34.45 41.05 68.69
N ILE E 10 34.28 40.69 67.42
CA ILE E 10 33.52 39.51 67.02
C ILE E 10 34.48 38.36 66.75
N LEU E 11 34.17 37.19 67.30
CA LEU E 11 34.93 35.97 67.03
C LEU E 11 34.08 34.93 66.32
N ARG E 12 33.17 35.37 65.47
CA ARG E 12 32.27 34.47 64.75
C ARG E 12 32.67 34.43 63.29
N PRO E 13 33.27 33.34 62.80
CA PRO E 13 33.83 33.36 61.43
C PRO E 13 32.81 33.51 60.32
N GLU E 14 31.60 33.01 60.53
CA GLU E 14 30.50 33.12 59.57
C GLU E 14 29.93 34.53 59.47
N SER E 15 30.31 35.45 60.34
CA SER E 15 29.68 36.75 60.38
C SER E 15 30.39 37.70 59.43
N TYR E 16 29.65 38.66 58.90
CA TYR E 16 30.26 39.70 58.07
C TYR E 16 31.28 40.49 58.86
N TRP E 17 31.03 40.67 60.16
CA TRP E 17 31.86 41.52 61.00
C TRP E 17 32.89 40.73 61.79
N PHE E 18 33.40 39.65 61.22
CA PHE E 18 34.44 38.89 61.88
C PHE E 18 35.69 39.74 62.07
N GLN E 19 36.19 39.75 63.30
CA GLN E 19 37.34 40.57 63.69
C GLN E 19 37.11 42.04 63.39
N ASP E 20 35.90 42.53 63.62
CA ASP E 20 35.63 43.95 63.61
C ASP E 20 34.91 44.35 64.88
N VAL E 21 35.03 45.61 65.25
CA VAL E 21 34.49 46.09 66.52
C VAL E 21 33.08 46.62 66.33
N GLY E 22 32.27 46.45 67.36
CA GLY E 22 30.93 47.02 67.38
C GLY E 22 30.55 47.37 68.81
N THR E 23 29.62 48.31 68.94
CA THR E 23 29.15 48.73 70.25
C THR E 23 27.95 47.87 70.65
N VAL E 24 27.94 47.47 71.91
CA VAL E 24 26.86 46.62 72.42
C VAL E 24 25.63 47.49 72.65
N ALA E 25 24.50 47.07 72.08
CA ALA E 25 23.27 47.84 72.19
C ALA E 25 22.47 47.47 73.43
N SER E 26 22.31 46.18 73.71
CA SER E 26 21.58 45.76 74.89
C SER E 26 21.94 44.33 75.22
N ILE E 27 21.69 43.95 76.47
CA ILE E 27 21.93 42.60 76.96
C ILE E 27 20.59 42.03 77.44
N GLU E 28 20.34 40.77 77.10
CA GLU E 28 19.13 40.07 77.50
C GLU E 28 19.36 39.35 78.83
N GLN E 29 18.51 39.65 79.81
CA GLN E 29 18.70 39.14 81.17
C GLN E 29 17.89 37.88 81.44
N GLY E 30 17.18 37.33 80.45
CA GLY E 30 16.50 36.07 80.66
C GLY E 30 17.45 34.92 80.89
N GLY E 31 18.58 34.92 80.18
CA GLY E 31 19.58 33.87 80.34
C GLY E 31 19.25 32.56 79.64
N THR E 32 18.24 32.55 78.77
CA THR E 32 17.82 31.33 78.08
C THR E 32 17.60 31.57 76.59
N SER E 33 18.30 32.57 76.03
CA SER E 33 18.08 32.99 74.67
C SER E 33 19.22 32.61 73.73
N ARG E 34 20.32 32.10 74.29
CA ARG E 34 21.54 31.52 73.70
C ARG E 34 22.30 32.53 72.86
N TYR E 35 21.71 33.70 72.60
CA TYR E 35 22.38 34.81 71.92
C TYR E 35 21.87 36.10 72.53
N PRO E 36 22.31 36.43 73.74
CA PRO E 36 21.73 37.57 74.45
C PRO E 36 22.23 38.92 73.96
N VAL E 37 23.49 38.99 73.53
CA VAL E 37 24.09 40.29 73.23
C VAL E 37 23.56 40.80 71.89
N ILE E 38 23.08 42.04 71.89
CA ILE E 38 22.77 42.77 70.67
C ILE E 38 23.87 43.80 70.48
N VAL E 39 24.68 43.62 69.46
CA VAL E 39 25.80 44.52 69.19
C VAL E 39 25.56 45.23 67.87
N ARG E 40 25.85 46.53 67.84
CA ARG E 40 25.53 47.38 66.71
C ARG E 40 26.81 47.85 66.04
N PHE E 41 26.82 47.85 64.72
CA PHE E 41 28.01 48.05 63.93
C PHE E 41 27.90 49.31 63.09
N ASP E 42 29.06 49.90 62.80
CA ASP E 42 29.11 51.10 61.99
C ASP E 42 29.13 50.81 60.50
N LYS E 43 29.19 49.53 60.11
CA LYS E 43 29.17 49.13 58.71
C LYS E 43 28.04 48.14 58.48
N VAL E 44 27.12 48.47 57.58
CA VAL E 44 26.10 47.52 57.17
C VAL E 44 26.76 46.35 56.45
N ASN E 45 26.14 45.18 56.53
CA ASN E 45 26.84 44.01 56.03
C ASN E 45 26.73 43.84 54.52
N TYR E 46 25.54 43.54 54.00
CA TYR E 46 25.30 43.41 52.57
C TYR E 46 23.83 43.64 52.34
N ALA E 47 23.50 44.80 51.77
CA ALA E 47 22.13 45.24 51.53
C ALA E 47 21.27 45.04 52.77
N GLY E 48 21.70 45.66 53.86
CA GLY E 48 20.90 45.49 55.06
C GLY E 48 21.48 45.97 56.37
N VAL E 49 21.48 45.06 57.34
CA VAL E 49 21.48 45.43 58.74
C VAL E 49 22.88 45.82 59.19
N ASN E 50 22.93 46.46 60.35
CA ASN E 50 24.17 46.71 61.06
C ASN E 50 24.09 46.19 62.49
N THR E 51 23.11 45.34 62.79
CA THR E 51 22.85 44.84 64.11
C THR E 51 22.74 43.32 64.05
N ASN E 52 23.35 42.63 65.00
CA ASN E 52 23.27 41.18 65.03
C ASN E 52 23.37 40.71 66.47
N ASN E 53 22.73 39.57 66.73
CA ASN E 53 22.74 38.95 68.05
C ASN E 53 23.88 37.96 68.18
N PHE E 54 24.55 37.99 69.33
CA PHE E 54 25.69 37.11 69.58
C PHE E 54 25.62 36.53 70.98
N ALA E 55 26.38 35.47 71.18
CA ALA E 55 26.51 34.83 72.48
C ALA E 55 27.61 35.50 73.28
N GLN E 56 27.81 35.02 74.52
CA GLN E 56 28.83 35.59 75.38
C GLN E 56 30.24 35.20 74.95
N ASP E 57 30.40 34.01 74.38
CA ASP E 57 31.73 33.39 74.26
C ASP E 57 32.50 33.78 73.01
N GLU E 58 31.82 34.22 71.95
CA GLU E 58 32.51 34.70 70.75
C GLU E 58 32.59 36.21 70.69
N LEU E 59 32.64 36.87 71.84
CA LEU E 59 32.91 38.30 71.92
C LEU E 59 34.12 38.53 72.81
N VAL E 60 34.99 39.46 72.44
CA VAL E 60 36.05 39.92 73.32
C VAL E 60 36.03 41.45 73.32
N GLU E 61 36.12 42.04 74.49
CA GLU E 61 36.06 43.48 74.61
C GLU E 61 37.39 44.10 74.22
N VAL E 62 37.31 45.28 73.60
CA VAL E 62 38.52 46.02 73.24
C VAL E 62 38.74 47.23 74.15
N GLU E 63 37.70 47.72 74.82
CA GLU E 63 37.87 48.80 75.78
C GLU E 63 36.81 48.73 76.88
N ASN F 25 73.08 46.86 24.83
CA ASN F 25 72.72 46.79 23.42
C ASN F 25 73.46 47.82 22.60
N THR F 26 73.87 47.42 21.40
CA THR F 26 74.63 48.29 20.52
C THR F 26 73.95 48.52 19.17
N THR F 27 72.82 47.88 18.89
CA THR F 27 72.09 48.19 17.68
C THR F 27 71.52 49.59 17.72
N LEU F 28 71.16 50.06 18.91
CA LEU F 28 70.65 51.41 19.08
C LEU F 28 71.79 52.40 19.02
N VAL F 29 71.63 53.43 18.20
CA VAL F 29 72.60 54.50 18.05
C VAL F 29 71.86 55.80 18.28
N PRO F 30 72.53 56.87 18.71
CA PRO F 30 71.84 58.15 18.83
C PRO F 30 71.29 58.61 17.50
N CYS F 31 70.14 59.31 17.55
CA CYS F 31 69.60 59.94 16.35
C CYS F 31 70.53 60.96 15.69
N TYR F 32 71.63 61.35 16.35
CA TYR F 32 72.66 62.12 15.65
C TYR F 32 73.14 61.36 14.41
N LYS F 33 73.49 60.09 14.59
CA LYS F 33 74.04 59.24 13.53
C LYS F 33 73.05 58.12 13.24
N SER F 34 72.07 58.43 12.41
CA SER F 34 70.98 57.49 12.11
C SER F 34 70.37 57.90 10.78
N PRO F 35 70.68 57.18 9.70
CA PRO F 35 70.18 57.59 8.37
C PRO F 35 68.66 57.59 8.27
N ALA F 36 67.99 56.69 8.98
CA ALA F 36 66.53 56.64 8.91
C ALA F 36 65.86 57.78 9.65
N PHE F 37 66.59 58.50 10.50
CA PHE F 37 65.98 59.58 11.28
C PHE F 37 66.25 60.97 10.73
N VAL F 38 67.39 61.20 10.08
CA VAL F 38 67.54 62.47 9.37
C VAL F 38 66.50 62.60 8.29
N GLU F 39 66.09 61.48 7.70
CA GLU F 39 64.97 61.50 6.75
C GLU F 39 63.69 61.99 7.40
N ARG F 40 63.49 61.67 8.69
CA ARG F 40 62.35 62.22 9.42
C ARG F 40 62.44 63.74 9.52
N MET F 41 63.65 64.26 9.72
CA MET F 41 63.83 65.71 9.79
C MET F 41 63.58 66.37 8.43
N LYS F 42 63.93 65.69 7.34
CA LYS F 42 63.88 66.32 6.03
C LYS F 42 62.43 66.64 5.62
N ASN F 43 61.55 65.66 5.67
CA ASN F 43 60.16 65.85 5.27
C ASN F 43 59.28 66.12 6.48
N ALA F 44 59.60 67.19 7.20
CA ALA F 44 58.91 67.54 8.43
C ALA F 44 58.36 68.96 8.29
N PRO F 45 57.04 69.14 8.35
CA PRO F 45 56.49 70.49 8.53
C PRO F 45 56.79 71.01 9.91
N ASP F 46 56.36 72.22 10.25
CA ASP F 46 56.76 72.70 11.56
C ASP F 46 55.56 72.84 12.50
N SER F 47 54.80 73.89 12.23
CA SER F 47 53.49 74.29 12.72
C SER F 47 53.36 74.45 14.23
N TYR F 48 53.96 73.56 15.04
CA TYR F 48 54.56 73.83 16.35
C TYR F 48 55.41 72.61 16.75
N TYR F 49 55.19 71.48 16.06
CA TYR F 49 55.22 70.14 16.67
C TYR F 49 56.35 69.24 16.21
N THR F 50 56.91 69.48 15.03
CA THR F 50 57.92 68.57 14.49
C THR F 50 59.26 69.26 14.31
N THR F 51 59.49 70.40 14.97
CA THR F 51 60.83 70.97 15.00
C THR F 51 61.35 71.13 16.42
N LYS F 52 60.59 71.82 17.27
CA LYS F 52 61.01 71.99 18.66
C LYS F 52 61.10 70.64 19.39
N PRO F 53 60.11 69.73 19.31
CA PRO F 53 60.36 68.41 19.91
C PRO F 53 61.41 67.59 19.18
N LEU F 54 61.38 67.58 17.84
CA LEU F 54 62.20 66.66 17.08
C LEU F 54 63.69 66.95 17.18
N LYS F 55 64.09 68.18 17.49
CA LYS F 55 65.50 68.41 17.80
C LYS F 55 65.87 67.72 19.10
N ALA F 56 64.97 67.71 20.07
CA ALA F 56 65.24 67.08 21.36
C ALA F 56 65.26 65.56 21.28
N TYR F 57 64.72 64.96 20.21
CA TYR F 57 64.84 63.53 20.05
C TYR F 57 66.19 63.12 19.45
N SER F 58 67.03 64.08 19.08
CA SER F 58 68.35 63.76 18.56
C SER F 58 69.27 63.18 19.62
N GLN F 59 68.97 63.37 20.90
CA GLN F 59 69.80 62.87 21.97
C GLN F 59 69.38 61.50 22.45
N LEU F 60 68.42 60.85 21.79
CA LEU F 60 67.86 59.61 22.27
C LEU F 60 68.48 58.44 21.51
N LEU F 61 68.45 57.27 22.14
CA LEU F 61 68.94 56.05 21.49
C LEU F 61 67.92 55.66 20.43
N CYS F 62 68.36 55.58 19.19
CA CYS F 62 67.46 55.64 18.06
C CYS F 62 67.68 54.40 17.22
N GLY F 63 66.61 53.69 16.92
CA GLY F 63 66.73 52.37 16.33
C GLY F 63 67.20 52.43 14.88
N GLU F 64 67.13 51.26 14.24
CA GLU F 64 67.46 51.15 12.82
C GLU F 64 66.27 51.49 11.94
N ASP F 65 65.31 52.24 12.48
CA ASP F 65 64.12 52.65 11.75
C ASP F 65 63.79 54.13 11.94
N GLY F 66 64.67 54.90 12.57
CA GLY F 66 64.40 56.29 12.84
C GLY F 66 63.29 56.54 13.84
N LEU F 67 63.28 55.80 14.94
CA LEU F 67 62.25 55.94 15.97
C LEU F 67 62.94 56.01 17.33
N PRO F 68 62.76 57.08 18.09
CA PRO F 68 63.38 57.17 19.42
C PRO F 68 62.89 56.05 20.32
N ARG F 69 63.80 55.54 21.15
CA ARG F 69 63.53 54.35 21.94
C ARG F 69 64.04 54.50 23.37
N ILE F 70 63.51 53.66 24.24
CA ILE F 70 63.86 53.64 25.65
C ILE F 70 64.66 52.37 25.89
N ALA F 71 65.97 52.49 25.93
CA ALA F 71 66.84 51.39 26.29
C ALA F 71 67.41 51.59 27.69
N LEU F 72 67.90 50.51 28.26
CA LEU F 72 68.41 50.47 29.63
C LEU F 72 69.86 49.98 29.56
N ASP F 73 70.80 50.90 29.31
CA ASP F 73 72.18 50.46 29.10
C ASP F 73 72.97 50.29 30.39
N ARG F 74 73.44 51.40 30.94
CA ARG F 74 74.26 51.47 32.16
C ARG F 74 74.11 52.91 32.66
N LEU F 75 75.07 53.42 33.44
CA LEU F 75 75.09 54.80 33.93
C LEU F 75 74.86 55.85 32.84
N SER F 76 75.07 55.50 31.57
CA SER F 76 74.77 56.40 30.47
C SER F 76 73.34 56.92 30.54
N LEU F 77 72.39 56.06 30.86
CA LEU F 77 71.00 56.48 31.04
C LEU F 77 70.48 56.20 32.44
N ALA F 78 71.36 56.06 33.44
CA ALA F 78 70.90 55.74 34.79
C ALA F 78 70.21 56.89 35.46
N VAL F 79 70.38 58.11 34.97
CA VAL F 79 69.72 59.26 35.55
C VAL F 79 68.43 59.52 34.78
N ASP F 80 68.41 59.13 33.50
CA ASP F 80 67.23 59.35 32.67
C ASP F 80 66.19 58.26 32.85
N VAL F 81 66.54 57.13 33.43
CA VAL F 81 65.56 56.11 33.81
C VAL F 81 65.37 56.27 35.31
N ALA F 82 65.62 57.48 35.80
CA ALA F 82 65.25 57.84 37.16
C ALA F 82 64.49 59.15 37.25
N ILE F 83 64.62 60.07 36.30
CA ILE F 83 63.81 61.30 36.34
C ILE F 83 62.31 61.00 36.20
N PRO F 84 61.84 60.21 35.22
CA PRO F 84 60.39 59.92 35.20
C PRO F 84 59.94 59.10 36.39
N ILE F 85 60.76 58.15 36.80
CA ILE F 85 60.39 57.24 37.88
C ILE F 85 60.36 57.97 39.22
N ALA F 86 61.31 58.88 39.45
CA ALA F 86 61.26 59.65 40.70
C ALA F 86 60.12 60.66 40.68
N ILE F 87 59.87 61.31 39.54
CA ILE F 87 58.79 62.28 39.48
C ILE F 87 57.44 61.59 39.62
N PHE F 88 57.26 60.41 39.02
CA PHE F 88 55.97 59.75 39.15
C PHE F 88 55.77 59.21 40.56
N LEU F 89 56.71 58.41 41.05
CA LEU F 89 56.52 57.71 42.31
C LEU F 89 56.37 58.68 43.47
N TYR F 90 56.97 59.86 43.36
CA TYR F 90 56.74 60.87 44.38
C TYR F 90 55.30 61.37 44.32
N THR F 91 54.84 61.79 43.14
CA THR F 91 53.51 62.38 43.06
C THR F 91 52.40 61.33 43.06
N ALA F 92 52.71 60.07 42.76
CA ALA F 92 51.73 59.02 42.99
C ALA F 92 51.55 58.76 44.47
N GLY F 93 52.66 58.71 45.22
CA GLY F 93 52.56 58.65 46.66
C GLY F 93 51.96 59.90 47.27
N PHE F 94 52.23 61.06 46.66
CA PHE F 94 51.65 62.30 47.12
C PHE F 94 50.13 62.27 47.05
N ILE F 95 49.59 61.78 45.93
CA ILE F 95 48.15 61.58 45.82
C ILE F 95 47.69 60.52 46.80
N GLY F 96 48.44 59.42 46.89
CA GLY F 96 48.06 58.36 47.81
C GLY F 96 48.15 58.75 49.26
N TRP F 97 49.18 59.50 49.63
CA TRP F 97 49.34 59.88 51.02
C TRP F 97 48.30 60.89 51.46
N SER F 98 48.07 61.93 50.66
CA SER F 98 47.05 62.91 51.01
C SER F 98 45.68 62.27 51.05
N GLY F 99 45.39 61.39 50.09
CA GLY F 99 44.15 60.66 50.11
C GLY F 99 44.04 59.71 51.29
N ARG F 100 45.15 59.09 51.69
CA ARG F 100 45.11 58.21 52.86
C ARG F 100 44.99 59.01 54.15
N SER F 101 45.84 60.01 54.32
CA SER F 101 45.84 60.78 55.56
C SER F 101 44.56 61.57 55.75
N TYR F 102 43.85 61.89 54.67
CA TYR F 102 42.55 62.53 54.82
C TYR F 102 41.50 61.54 55.29
N LEU F 103 41.66 60.26 54.95
CA LEU F 103 40.70 59.25 55.41
C LEU F 103 40.82 59.03 56.91
N GLN F 104 42.03 58.87 57.44
CA GLN F 104 42.13 58.73 58.89
C GLN F 104 41.82 60.03 59.60
N ALA F 105 42.00 61.16 58.93
CA ALA F 105 41.65 62.44 59.52
C ALA F 105 40.17 62.56 59.82
N ILE F 106 39.33 61.81 59.11
CA ILE F 106 37.89 61.86 59.31
C ILE F 106 37.34 60.61 59.99
N LYS F 107 38.07 59.50 59.97
CA LYS F 107 37.68 58.36 60.80
C LYS F 107 37.75 58.72 62.28
N LYS F 108 38.79 59.45 62.68
CA LYS F 108 38.91 59.85 64.08
C LYS F 108 37.86 60.89 64.44
N GLN F 109 37.41 61.69 63.48
CA GLN F 109 36.38 62.68 63.75
C GLN F 109 35.01 62.06 63.95
N ASP F 110 34.86 60.76 63.71
CA ASP F 110 33.61 60.02 63.85
C ASP F 110 32.52 60.55 62.92
N LYS F 111 32.92 61.29 61.89
CA LYS F 111 32.01 61.86 60.90
C LYS F 111 32.31 61.35 59.49
N ALA F 112 33.10 60.28 59.38
CA ALA F 112 33.61 59.84 58.09
C ALA F 112 32.53 59.34 57.14
N GLU F 113 31.32 59.12 57.64
CA GLU F 113 30.27 58.61 56.78
C GLU F 113 29.86 59.65 55.76
N GLU F 114 29.62 60.87 56.21
CA GLU F 114 29.30 61.99 55.34
C GLU F 114 30.49 62.90 55.08
N LYS F 115 31.60 62.70 55.78
CA LYS F 115 32.78 63.51 55.51
C LYS F 115 33.38 63.16 54.16
N GLU F 116 33.00 62.04 53.57
CA GLU F 116 33.53 61.54 52.32
C GLU F 116 32.72 61.98 51.13
N VAL F 117 31.41 62.05 51.29
CA VAL F 117 30.52 62.51 50.24
C VAL F 117 30.61 64.02 50.09
N PHE F 118 30.96 64.73 51.15
CA PHE F 118 31.11 66.17 51.13
C PHE F 118 32.54 66.47 51.58
N ILE F 119 33.42 66.70 50.60
CA ILE F 119 34.83 66.82 50.90
C ILE F 119 35.09 68.07 51.72
N ASP F 120 35.77 67.90 52.85
CA ASP F 120 36.16 69.02 53.71
C ASP F 120 37.46 69.59 53.16
N VAL F 121 37.33 70.46 52.17
CA VAL F 121 38.49 70.99 51.46
C VAL F 121 39.51 71.76 52.29
N PRO F 122 39.20 72.44 53.41
CA PRO F 122 40.32 72.91 54.25
C PRO F 122 41.07 71.78 54.92
N LEU F 123 40.38 70.72 55.32
CA LEU F 123 41.08 69.57 55.89
C LEU F 123 41.85 68.81 54.83
N PHE F 124 41.28 68.69 53.63
CA PHE F 124 41.95 67.96 52.57
C PHE F 124 43.21 68.67 52.10
N ILE F 125 43.16 70.01 52.02
CA ILE F 125 44.36 70.77 51.67
C ILE F 125 45.43 70.63 52.73
N SER F 126 45.03 70.69 54.00
CA SER F 126 45.99 70.50 55.09
C SER F 126 46.54 69.08 55.12
N CYS F 127 45.81 68.11 54.55
CA CYS F 127 46.36 66.78 54.37
C CYS F 127 47.24 66.67 53.14
N MET F 128 47.13 67.60 52.20
CA MET F 128 48.04 67.61 51.06
C MET F 128 49.40 68.18 51.44
N VAL F 129 49.43 69.23 52.28
CA VAL F 129 50.72 69.79 52.69
C VAL F 129 51.47 68.86 53.62
N MET F 130 50.76 67.94 54.27
CA MET F 130 51.45 66.86 54.97
C MET F 130 52.06 65.86 53.99
N ALA F 131 51.53 65.79 52.77
CA ALA F 131 51.94 64.80 51.79
C ALA F 131 53.04 65.30 50.86
N LEU F 132 53.49 66.55 51.01
CA LEU F 132 54.68 66.97 50.27
C LEU F 132 55.90 66.18 50.70
N PHE F 133 56.15 66.12 52.01
CA PHE F 133 57.25 65.30 52.52
C PHE F 133 56.71 63.95 53.00
N TRP F 134 56.05 63.26 52.08
CA TRP F 134 55.53 61.94 52.40
C TRP F 134 56.58 60.83 52.45
N PRO F 135 57.68 60.83 51.65
CA PRO F 135 58.63 59.72 51.79
C PRO F 135 59.23 59.60 53.17
N MET F 136 59.52 60.73 53.82
CA MET F 136 59.97 60.68 55.20
C MET F 136 58.82 60.49 56.19
N ALA F 137 57.59 60.73 55.76
CA ALA F 137 56.46 60.44 56.63
C ALA F 137 56.17 58.94 56.71
N VAL F 138 56.30 58.23 55.60
CA VAL F 138 56.00 56.80 55.59
C VAL F 138 57.00 56.03 56.42
N ILE F 139 58.25 56.48 56.45
CA ILE F 139 59.28 55.81 57.25
C ILE F 139 58.90 55.83 58.73
N LYS F 140 58.53 57.00 59.24
CA LYS F 140 58.10 57.07 60.63
C LYS F 140 56.67 56.57 60.84
N GLU F 141 55.91 56.33 59.77
CA GLU F 141 54.74 55.47 59.91
C GLU F 141 55.17 54.03 60.14
N LEU F 142 56.13 53.56 59.35
CA LEU F 142 56.60 52.18 59.44
C LEU F 142 57.38 51.94 60.73
N LEU F 143 58.31 52.85 61.05
CA LEU F 143 59.17 52.66 62.22
C LEU F 143 58.40 52.77 63.52
N ALA F 144 57.24 53.42 63.52
CA ALA F 144 56.36 53.45 64.67
C ALA F 144 55.41 52.27 64.72
N GLY F 145 55.49 51.38 63.73
CA GLY F 145 54.54 50.29 63.60
C GLY F 145 53.10 50.76 63.45
N GLU F 146 52.88 51.79 62.66
CA GLU F 146 51.57 52.42 62.60
C GLU F 146 50.99 52.49 61.20
N LEU F 147 51.80 52.28 60.16
CA LEU F 147 51.28 52.30 58.79
C LEU F 147 50.33 51.14 58.54
N VAL F 148 50.70 49.94 58.97
CA VAL F 148 50.05 48.71 58.56
C VAL F 148 49.24 48.17 59.72
N ALA F 149 47.97 47.87 59.46
CA ALA F 149 47.11 47.31 60.50
C ALA F 149 47.52 45.87 60.81
N LYS F 150 47.44 45.52 62.09
CA LYS F 150 47.73 44.16 62.51
C LYS F 150 46.66 43.20 62.00
N ASP F 151 47.04 41.93 61.88
CA ASP F 151 46.29 40.98 61.08
C ASP F 151 44.91 40.66 61.65
N GLU F 152 44.76 40.60 62.98
CA GLU F 152 43.46 40.35 63.61
C GLU F 152 42.73 41.64 63.95
N GLU F 153 43.07 42.75 63.28
CA GLU F 153 42.30 43.99 63.24
C GLU F 153 41.34 44.01 62.08
N ILE F 154 41.55 43.13 61.11
CA ILE F 154 41.02 43.33 59.78
C ILE F 154 39.86 42.37 59.57
N PRO F 155 38.70 42.86 59.17
CA PRO F 155 37.60 41.97 58.80
C PRO F 155 38.01 41.08 57.65
N ILE F 156 37.79 39.78 57.82
CA ILE F 156 38.09 38.79 56.81
C ILE F 156 36.91 37.84 56.68
N SER F 157 37.09 36.81 55.86
CA SER F 157 36.08 35.80 55.64
C SER F 157 36.46 34.51 56.37
N VAL F 158 35.62 33.49 56.23
CA VAL F 158 35.92 32.22 56.88
C VAL F 158 37.02 31.50 56.11
N ARG F 159 38.12 31.22 56.81
CA ARG F 159 39.32 30.70 56.16
C ARG F 159 40.33 30.21 57.20
N MET G 5 37.04 18.17 -12.32
CA MET G 5 36.14 17.13 -12.78
C MET G 5 34.73 17.56 -12.37
N THR G 6 33.69 16.85 -12.83
CA THR G 6 32.32 17.20 -12.52
C THR G 6 31.61 16.12 -11.72
N GLN G 7 32.36 15.25 -11.04
CA GLN G 7 31.76 14.18 -10.25
C GLN G 7 32.65 13.89 -9.06
N LEU G 8 32.06 13.26 -8.06
CA LEU G 8 32.84 12.69 -6.97
C LEU G 8 33.31 11.31 -7.39
N THR G 9 34.61 11.13 -7.46
CA THR G 9 35.20 9.85 -7.80
C THR G 9 36.19 9.45 -6.72
N GLY G 10 36.88 8.34 -6.95
CA GLY G 10 37.98 7.98 -6.10
C GLY G 10 39.07 7.25 -6.85
N ASP G 11 40.29 7.78 -6.80
CA ASP G 11 41.44 7.04 -7.28
C ASP G 11 41.87 5.96 -6.31
N TYR G 12 41.53 6.12 -5.04
CA TYR G 12 41.87 5.14 -4.02
C TYR G 12 41.07 3.86 -4.20
N ALA G 13 41.56 2.80 -3.58
CA ALA G 13 40.97 1.48 -3.72
C ALA G 13 39.66 1.41 -2.97
N ALA G 14 38.74 0.59 -3.49
CA ALA G 14 37.37 0.48 -2.99
C ALA G 14 36.72 1.86 -2.95
N SER G 15 36.80 2.57 -4.06
CA SER G 15 36.23 3.91 -4.17
C SER G 15 34.71 3.91 -4.14
N TRP G 16 34.07 2.76 -4.26
CA TRP G 16 32.63 2.63 -4.11
C TRP G 16 32.18 2.74 -2.67
N LEU G 17 33.10 2.68 -1.73
CA LEU G 17 32.79 2.56 -0.32
C LEU G 17 32.40 3.89 0.31
N PRO G 18 33.07 5.02 0.00
CA PRO G 18 32.48 6.30 0.41
C PRO G 18 31.13 6.58 -0.22
N TRP G 19 30.87 6.02 -1.41
CA TRP G 19 29.60 6.27 -2.10
C TRP G 19 28.41 5.81 -1.28
N ILE G 20 28.58 4.78 -0.46
CA ILE G 20 27.49 4.24 0.31
C ILE G 20 27.59 4.57 1.80
N MET G 21 28.79 4.81 2.31
CA MET G 21 28.88 4.96 3.75
C MET G 21 28.71 6.41 4.19
N ILE G 22 29.02 7.36 3.33
CA ILE G 22 28.72 8.76 3.64
C ILE G 22 27.20 8.94 3.74
N PRO G 23 26.37 8.42 2.83
CA PRO G 23 24.94 8.39 3.13
C PRO G 23 24.56 7.57 4.35
N LEU G 24 25.29 6.50 4.64
CA LEU G 24 24.88 5.63 5.74
C LEU G 24 25.05 6.32 7.08
N VAL G 25 26.29 6.66 7.43
CA VAL G 25 26.54 7.16 8.78
C VAL G 25 26.05 8.57 8.99
N PHE G 26 25.60 9.26 7.94
CA PHE G 26 25.29 10.67 8.07
C PHE G 26 23.82 11.01 7.87
N TYR G 27 23.10 10.34 6.98
CA TYR G 27 21.68 10.64 6.92
C TYR G 27 20.77 9.43 6.76
N ILE G 28 21.26 8.21 6.86
CA ILE G 28 20.42 7.02 6.81
C ILE G 28 20.40 6.30 8.15
N LEU G 29 21.57 6.09 8.73
CA LEU G 29 21.66 5.48 10.05
C LEU G 29 21.34 6.37 11.24
N PRO G 30 21.67 7.67 11.28
CA PRO G 30 21.43 8.44 12.52
C PRO G 30 19.99 8.48 12.98
N PHE G 31 19.01 8.51 12.09
CA PHE G 31 17.65 8.61 12.59
C PHE G 31 17.21 7.29 13.24
N PRO G 32 17.56 6.12 12.70
CA PRO G 32 17.48 4.92 13.54
C PRO G 32 18.30 5.01 14.81
N VAL G 33 19.50 5.58 14.76
CA VAL G 33 20.32 5.67 15.96
C VAL G 33 19.71 6.64 16.95
N PHE G 34 19.24 7.80 16.47
CA PHE G 34 18.58 8.73 17.38
C PHE G 34 17.24 8.21 17.88
N ALA G 35 16.67 7.20 17.23
CA ALA G 35 15.45 6.60 17.76
C ALA G 35 15.78 5.57 18.83
N ILE G 36 16.77 4.72 18.58
CA ILE G 36 17.23 3.78 19.60
C ILE G 36 17.75 4.52 20.82
N LEU G 37 18.52 5.57 20.60
CA LEU G 37 19.08 6.34 21.69
C LEU G 37 18.03 7.18 22.39
N PHE G 38 16.88 7.36 21.76
CA PHE G 38 15.72 8.01 22.38
C PHE G 38 14.94 7.04 23.24
N LEU G 39 14.76 5.81 22.77
CA LEU G 39 14.05 4.81 23.54
C LEU G 39 14.77 4.46 24.83
N TRP G 40 16.07 4.71 24.89
CA TRP G 40 16.85 4.37 26.07
C TRP G 40 16.77 5.46 27.12
N ILE G 41 16.67 6.72 26.72
CA ILE G 41 16.61 7.81 27.69
C ILE G 41 15.21 8.07 28.21
N GLN G 42 14.20 7.39 27.70
CA GLN G 42 12.83 7.63 28.12
C GLN G 42 12.09 6.33 28.38
N LYS G 43 12.68 5.46 29.18
CA LYS G 43 12.04 4.21 29.54
C LYS G 43 11.69 4.22 31.02
N GLU G 44 10.47 3.80 31.35
CA GLU G 44 10.05 3.66 32.75
C GLU G 44 10.98 2.75 33.54
N ALA G 45 11.25 3.17 34.77
CA ALA G 45 11.83 2.27 35.78
C ALA G 45 10.64 1.73 36.57
N SER G 46 10.15 0.57 36.15
CA SER G 46 9.01 -0.04 36.81
C SER G 46 9.44 -1.25 37.64
N GLU H 2 20.36 81.16 49.79
CA GLU H 2 21.24 81.44 50.92
C GLU H 2 22.62 80.84 50.64
N ALA H 3 23.67 81.60 50.94
CA ALA H 3 25.03 81.29 50.50
C ALA H 3 25.84 80.56 51.56
N ARG H 4 25.20 79.71 52.35
CA ARG H 4 25.90 78.74 53.20
C ARG H 4 25.71 77.31 52.74
N TYR H 5 24.50 76.97 52.30
CA TYR H 5 24.27 75.64 51.73
C TYR H 5 24.88 75.50 50.34
N LEU H 6 25.01 76.61 49.61
CA LEU H 6 25.57 76.55 48.27
C LEU H 6 27.04 76.19 48.30
N PHE H 7 27.83 76.87 49.14
CA PHE H 7 29.26 76.61 49.18
C PHE H 7 29.58 75.21 49.71
N ARG H 8 28.69 74.62 50.49
CA ARG H 8 28.86 73.22 50.85
C ARG H 8 28.58 72.30 49.68
N TYR H 9 27.58 72.65 48.87
CA TYR H 9 27.31 71.89 47.66
C TYR H 9 28.48 71.96 46.67
N LEU H 10 29.07 73.14 46.52
CA LEU H 10 30.17 73.30 45.58
C LEU H 10 31.32 72.38 45.93
N SER H 11 31.60 72.19 47.21
CA SER H 11 32.58 71.18 47.60
C SER H 11 31.92 69.87 47.98
N SER H 12 31.01 69.28 47.19
CA SER H 12 30.45 68.09 47.81
C SER H 12 31.22 66.82 47.48
N ALA H 13 30.74 66.01 46.52
CA ALA H 13 31.56 64.94 45.94
C ALA H 13 32.01 65.18 44.51
N PRO H 14 31.09 65.41 43.53
CA PRO H 14 31.52 65.39 42.14
C PRO H 14 32.07 66.72 41.69
N VAL H 15 31.61 67.80 42.30
CA VAL H 15 32.08 69.11 41.91
C VAL H 15 33.54 69.29 42.31
N VAL H 16 33.94 68.75 43.46
CA VAL H 16 35.36 68.68 43.79
C VAL H 16 36.07 67.82 42.76
N ALA H 17 35.49 66.68 42.41
CA ALA H 17 36.13 65.78 41.46
C ALA H 17 36.16 66.39 40.06
N THR H 18 35.03 66.94 39.61
CA THR H 18 34.98 67.53 38.27
C THR H 18 35.91 68.73 38.18
N LEU H 19 35.89 69.61 39.19
CA LEU H 19 36.81 70.75 39.17
C LEU H 19 38.25 70.28 39.23
N ALA H 20 38.53 69.24 40.00
CA ALA H 20 39.89 68.69 40.05
C ALA H 20 40.37 68.29 38.66
N LEU H 21 39.52 67.58 37.91
CA LEU H 21 39.86 67.25 36.54
C LEU H 21 39.93 68.48 35.64
N ILE H 22 39.10 69.49 35.91
CA ILE H 22 39.25 70.74 35.21
C ILE H 22 40.52 71.46 35.67
N ILE H 23 40.76 71.49 36.98
CA ILE H 23 42.01 72.03 37.49
C ILE H 23 43.20 71.15 37.07
N ILE H 24 42.99 69.86 36.85
CA ILE H 24 44.09 69.07 36.32
C ILE H 24 43.98 69.29 34.81
N SER H 25 44.49 70.43 34.39
CA SER H 25 44.61 70.82 32.99
C SER H 25 45.98 71.43 32.79
N VAL H 26 46.90 71.17 33.71
CA VAL H 26 48.30 71.48 33.48
C VAL H 26 48.79 70.73 32.26
N ILE H 27 48.25 69.53 31.99
CA ILE H 27 48.66 68.73 30.84
C ILE H 27 48.23 69.41 29.55
N LEU H 28 47.45 70.48 29.66
CA LEU H 28 47.15 71.35 28.54
C LEU H 28 48.01 72.60 28.51
N ILE H 29 48.29 73.22 29.66
CA ILE H 29 49.21 74.35 29.63
C ILE H 29 50.66 73.86 29.58
N VAL H 30 51.04 72.93 30.48
CA VAL H 30 52.43 72.49 30.56
C VAL H 30 52.86 71.86 29.24
N LEU H 31 51.93 71.22 28.54
CA LEU H 31 52.30 70.57 27.29
C LEU H 31 51.99 71.48 26.09
N ASN H 32 51.63 72.74 26.34
CA ASN H 32 51.49 73.69 25.24
C ASN H 32 52.74 74.51 25.00
N TYR H 33 53.52 74.83 26.04
CA TYR H 33 54.70 75.64 25.87
C TYR H 33 56.03 74.96 26.23
N LEU H 34 56.00 73.77 26.82
CA LEU H 34 57.22 72.97 26.89
C LEU H 34 57.35 72.07 25.66
N PHE H 35 57.29 72.71 24.48
CA PHE H 35 57.52 72.14 23.15
C PHE H 35 56.86 70.78 23.02
N PRO H 36 55.53 70.76 22.81
CA PRO H 36 54.65 69.67 23.28
C PRO H 36 55.24 68.27 23.34
N GLY H 37 55.98 67.87 22.32
CA GLY H 37 56.68 66.60 22.36
C GLY H 37 57.64 66.50 23.51
N LEU H 38 57.31 65.66 24.50
CA LEU H 38 58.09 65.52 25.72
C LEU H 38 58.17 64.02 26.03
N GLN H 39 59.14 63.35 25.44
CA GLN H 39 59.28 61.92 25.65
C GLN H 39 60.38 61.70 26.70
N TYR H 40 60.49 60.47 27.19
CA TYR H 40 61.17 60.20 28.45
C TYR H 40 62.64 60.60 28.42
N GLY H 41 63.31 60.41 27.30
CA GLY H 41 64.69 60.83 27.29
C GLY H 41 64.92 62.31 27.06
N THR H 42 63.87 63.09 26.82
CA THR H 42 64.04 64.47 26.41
C THR H 42 64.02 65.42 27.60
N PHE H 43 62.96 65.39 28.40
CA PHE H 43 62.81 66.36 29.47
C PHE H 43 63.83 66.12 30.58
N PHE H 44 64.26 67.22 31.20
CA PHE H 44 65.26 67.17 32.26
C PHE H 44 64.66 67.58 33.61
N UNK I 1 -14.26 89.13 -8.47
CA UNK I 1 -15.26 88.47 -7.63
C UNK I 1 -16.64 88.55 -8.28
N UNK I 2 -17.29 89.70 -8.11
CA UNK I 2 -18.62 89.99 -8.67
C UNK I 2 -19.67 88.94 -8.27
N UNK I 3 -19.63 87.80 -8.94
CA UNK I 3 -20.52 86.69 -8.61
C UNK I 3 -20.01 85.97 -7.36
N UNK I 4 -19.63 84.70 -7.54
CA UNK I 4 -19.16 83.83 -6.45
C UNK I 4 -20.13 83.86 -5.29
N UNK I 5 -19.88 84.77 -4.34
CA UNK I 5 -20.78 85.05 -3.22
C UNK I 5 -21.16 83.79 -2.44
N UNK I 6 -20.18 83.22 -1.75
CA UNK I 6 -20.38 81.98 -1.01
C UNK I 6 -21.05 82.22 0.34
N UNK I 7 -22.10 83.04 0.34
CA UNK I 7 -22.88 83.30 1.55
C UNK I 7 -24.07 82.34 1.55
N UNK I 8 -24.23 81.61 0.47
CA UNK I 8 -25.27 80.61 0.35
C UNK I 8 -24.84 79.33 1.08
N UNK I 9 -23.54 79.08 1.06
CA UNK I 9 -22.97 77.92 1.74
C UNK I 9 -23.05 78.09 3.24
N UNK I 10 -22.81 79.32 3.70
CA UNK I 10 -22.87 79.64 5.12
C UNK I 10 -24.32 79.61 5.60
N UNK I 11 -25.23 80.03 4.72
CA UNK I 11 -26.65 80.04 5.02
C UNK I 11 -27.19 78.62 5.07
N UNK I 12 -26.54 77.73 4.32
CA UNK I 12 -26.90 76.31 4.32
C UNK I 12 -26.19 75.60 5.47
N UNK I 13 -25.37 76.34 6.20
CA UNK I 13 -24.67 75.80 7.35
C UNK I 13 -25.36 76.26 8.63
N UNK I 14 -25.67 77.55 8.72
CA UNK I 14 -26.32 78.12 9.89
C UNK I 14 -27.72 77.55 10.10
N UNK I 15 -28.35 77.13 9.00
CA UNK I 15 -29.68 76.55 9.06
C UNK I 15 -29.63 75.03 9.15
N UNK I 16 -28.43 74.47 9.24
CA UNK I 16 -28.27 73.02 9.31
C UNK I 16 -27.31 72.60 10.42
N UNK I 17 -26.21 73.31 10.58
CA UNK I 17 -25.21 72.96 11.58
C UNK I 17 -25.53 73.58 12.93
N UNK I 18 -26.73 74.14 13.06
CA UNK I 18 -27.22 74.61 14.34
C UNK I 18 -28.03 73.50 14.99
N UNK I 19 -27.95 72.30 14.41
CA UNK I 19 -28.54 71.10 14.97
C UNK I 19 -27.44 70.11 15.32
N UNK I 20 -26.39 70.60 15.97
CA UNK I 20 -25.23 69.79 16.34
C UNK I 20 -25.55 68.99 17.60
N UNK I 21 -24.82 69.27 18.68
CA UNK I 21 -25.10 68.62 19.96
C UNK I 21 -25.43 69.66 21.02
N UNK I 22 -24.43 70.41 21.44
CA UNK I 22 -24.64 71.44 22.45
C UNK I 22 -25.40 72.62 21.85
N UNK I 23 -24.89 73.13 20.73
CA UNK I 23 -25.50 74.24 19.99
C UNK I 23 -25.74 75.46 20.86
N UNK I 24 -24.79 75.73 21.76
CA UNK I 24 -24.92 76.85 22.68
C UNK I 24 -23.55 77.35 23.11
N UNK I 25 -23.42 77.73 24.38
CA UNK I 25 -22.15 78.16 24.92
C UNK I 25 -21.68 77.16 25.98
N VAL I 26 -20.82 81.06 17.08
CA VAL I 26 -21.33 80.42 15.88
C VAL I 26 -20.18 79.89 15.02
N ALA I 27 -20.10 78.57 14.89
CA ALA I 27 -19.08 77.92 14.07
C ALA I 27 -19.60 77.49 12.70
N ALA I 28 -20.90 77.58 12.46
CA ALA I 28 -21.44 77.31 11.13
C ALA I 28 -20.98 78.38 10.13
N MET I 29 -20.76 79.60 10.60
CA MET I 29 -20.23 80.65 9.74
C MET I 29 -18.74 80.50 9.55
N ALA I 30 -18.07 79.77 10.45
CA ALA I 30 -16.73 79.26 10.21
C ALA I 30 -16.74 78.06 9.27
N PHE I 31 -17.67 77.13 9.50
CA PHE I 31 -17.76 75.96 8.64
C PHE I 31 -18.24 76.32 7.25
N GLY I 32 -19.16 77.29 7.14
CA GLY I 32 -19.65 77.70 5.84
C GLY I 32 -18.58 78.25 4.93
N HIS I 33 -17.50 78.77 5.51
CA HIS I 33 -16.34 79.13 4.71
C HIS I 33 -15.55 77.90 4.28
N VAL I 34 -15.39 76.94 5.18
CA VAL I 34 -14.64 75.72 4.85
C VAL I 34 -15.34 74.98 3.72
N ILE I 35 -16.67 74.85 3.81
CA ILE I 35 -17.43 74.28 2.70
C ILE I 35 -17.48 75.25 1.54
N GLY I 36 -17.67 76.55 1.82
CA GLY I 36 -17.84 77.51 0.75
C GLY I 36 -16.60 77.70 -0.10
N VAL I 37 -15.44 77.86 0.55
CA VAL I 37 -14.20 78.07 -0.18
C VAL I 37 -13.81 76.82 -0.96
N ALA I 38 -14.03 75.64 -0.36
CA ALA I 38 -13.68 74.39 -1.04
C ALA I 38 -14.50 74.20 -2.30
N ILE I 39 -15.80 74.51 -2.25
CA ILE I 39 -16.67 74.30 -3.41
C ILE I 39 -16.35 75.30 -4.52
N VAL I 40 -16.19 76.58 -4.17
CA VAL I 40 -15.96 77.59 -5.20
C VAL I 40 -14.58 77.40 -5.82
N LEU I 41 -13.59 76.97 -5.05
CA LEU I 41 -12.30 76.61 -5.61
C LEU I 41 -12.35 75.23 -6.27
N GLY I 42 -13.34 74.42 -5.93
CA GLY I 42 -13.54 73.10 -6.50
C GLY I 42 -14.42 73.06 -7.73
N LEU I 43 -14.82 74.21 -8.26
CA LEU I 43 -15.58 74.25 -9.51
C LEU I 43 -15.09 75.30 -10.48
N THR I 44 -14.05 76.04 -10.15
CA THR I 44 -13.56 77.12 -11.01
C THR I 44 -12.91 76.58 -12.26
N ASN J 10 -24.18 37.98 25.14
CA ASN J 10 -23.75 39.27 24.62
C ASN J 10 -22.42 39.16 23.88
N ASP J 11 -21.33 39.09 24.64
CA ASP J 11 -20.00 39.06 24.04
C ASP J 11 -19.78 37.76 23.27
N ILE J 12 -19.05 37.86 22.16
CA ILE J 12 -18.84 36.71 21.29
C ILE J 12 -17.68 35.84 21.76
N ILE J 13 -16.85 36.34 22.66
CA ILE J 13 -15.71 35.60 23.19
C ILE J 13 -16.10 35.13 24.58
N LYS J 14 -16.42 33.85 24.72
CA LYS J 14 -16.85 33.31 26.00
C LYS J 14 -15.70 32.62 26.70
N PRO J 15 -15.83 32.31 27.99
CA PRO J 15 -14.92 31.34 28.60
C PRO J 15 -15.06 29.98 27.93
N PHE J 16 -13.96 29.25 27.91
CA PHE J 16 -13.87 28.02 27.12
C PHE J 16 -14.73 26.94 27.76
N LYS J 17 -15.73 26.47 27.00
CA LYS J 17 -16.87 25.66 27.45
C LYS J 17 -17.43 26.10 28.80
N GLY J 18 -17.56 27.40 29.01
CA GLY J 18 -18.25 27.92 30.17
C GLY J 18 -17.47 27.87 31.47
N ASP J 19 -16.22 27.41 31.45
CA ASP J 19 -15.41 27.40 32.65
C ASP J 19 -14.43 28.54 32.58
N PRO J 20 -14.58 29.59 33.38
CA PRO J 20 -13.65 30.73 33.30
C PRO J 20 -12.23 30.39 33.72
N CYS J 21 -12.02 29.31 34.44
CA CYS J 21 -10.69 29.00 34.95
C CYS J 21 -9.84 28.25 33.94
N LEU J 22 -10.42 27.78 32.84
CA LEU J 22 -9.65 27.06 31.84
C LEU J 22 -8.79 28.03 31.02
N GLY J 23 -7.59 27.59 30.68
CA GLY J 23 -6.66 28.43 29.96
C GLY J 23 -6.92 28.50 28.47
N ASN J 24 -8.13 28.88 28.10
CA ASN J 24 -8.49 29.05 26.69
C ASN J 24 -9.74 29.90 26.62
N LEU J 25 -10.10 30.27 25.40
CA LEU J 25 -11.26 31.11 25.13
C LEU J 25 -12.10 30.49 24.04
N SER J 26 -13.40 30.67 24.14
CA SER J 26 -14.33 30.25 23.10
C SER J 26 -14.38 31.38 22.08
N THR J 27 -13.68 31.19 20.99
CA THR J 27 -13.42 32.21 20.01
C THR J 27 -13.95 31.77 18.64
N PRO J 28 -14.34 32.70 17.75
CA PRO J 28 -14.74 32.32 16.39
C PRO J 28 -13.79 31.42 15.61
N ILE J 29 -12.55 31.25 16.06
CA ILE J 29 -11.63 30.39 15.33
C ILE J 29 -11.68 28.95 15.83
N ASN J 30 -11.80 28.75 17.13
CA ASN J 30 -11.87 27.38 17.63
C ASN J 30 -13.27 26.90 17.95
N ASP J 31 -14.23 27.79 18.16
CA ASP J 31 -15.57 27.41 18.59
C ASP J 31 -16.63 28.07 17.71
N SER J 32 -16.46 27.98 16.45
CA SER J 32 -17.46 28.45 15.51
C SER J 32 -18.19 27.27 14.89
N PRO J 33 -19.45 27.46 14.48
CA PRO J 33 -20.15 26.36 13.79
C PRO J 33 -19.45 25.89 12.53
N LEU J 34 -18.85 26.80 11.76
CA LEU J 34 -18.08 26.37 10.60
C LEU J 34 -16.73 25.80 10.99
N ALA J 35 -16.03 26.43 11.94
CA ALA J 35 -14.69 26.00 12.27
C ALA J 35 -14.68 24.69 13.02
N LYS J 36 -15.63 24.49 13.93
CA LYS J 36 -15.76 23.18 14.56
C LYS J 36 -16.15 22.11 13.54
N ALA J 37 -17.01 22.45 12.59
CA ALA J 37 -17.41 21.46 11.59
C ALA J 37 -16.27 21.07 10.68
N PHE J 38 -15.34 21.98 10.42
CA PHE J 38 -14.21 21.63 9.55
C PHE J 38 -13.16 20.82 10.30
N ILE J 39 -12.76 21.28 11.47
CA ILE J 39 -11.70 20.60 12.21
C ILE J 39 -12.17 19.26 12.72
N ASN J 40 -13.39 19.17 13.24
CA ASN J 40 -13.84 17.92 13.81
C ASN J 40 -14.27 16.91 12.76
N ASN J 41 -14.10 17.23 11.49
CA ASN J 41 -14.28 16.25 10.43
C ASN J 41 -13.01 16.04 9.62
N LEU J 42 -11.91 16.67 10.00
CA LEU J 42 -10.62 16.26 9.50
C LEU J 42 -10.34 14.84 9.97
N PRO J 43 -9.57 14.06 9.21
CA PRO J 43 -9.38 12.65 9.56
C PRO J 43 -8.77 12.43 10.93
N ALA J 44 -8.06 13.42 11.47
CA ALA J 44 -7.57 13.30 12.84
C ALA J 44 -8.71 13.23 13.84
N TYR J 45 -9.82 13.88 13.54
CA TYR J 45 -10.89 14.02 14.51
C TYR J 45 -12.23 13.47 14.06
N ARG J 46 -12.35 12.95 12.84
CA ARG J 46 -13.64 12.50 12.37
C ARG J 46 -14.15 11.38 13.26
N LYS J 47 -15.37 11.54 13.75
CA LYS J 47 -15.99 10.46 14.50
C LYS J 47 -16.31 9.32 13.56
N GLY J 48 -15.91 8.13 13.98
CA GLY J 48 -16.24 6.91 13.28
C GLY J 48 -15.17 6.34 12.41
N LEU J 49 -13.90 6.60 12.70
CA LEU J 49 -12.82 6.13 11.87
C LEU J 49 -11.95 5.22 12.73
N THR J 50 -11.54 4.10 12.17
CA THR J 50 -10.48 3.35 12.79
C THR J 50 -9.21 4.19 12.69
N PRO J 51 -8.25 3.99 13.60
CA PRO J 51 -7.00 4.72 13.49
C PRO J 51 -6.24 4.46 12.20
N PHE J 52 -6.47 3.34 11.54
CA PHE J 52 -5.84 3.12 10.25
C PHE J 52 -6.36 4.10 9.21
N MET J 53 -7.68 4.28 9.15
CA MET J 53 -8.27 5.24 8.23
C MET J 53 -8.01 6.67 8.63
N ARG J 54 -7.70 6.92 9.90
CA ARG J 54 -7.25 8.25 10.24
C ARG J 54 -5.91 8.52 9.60
N GLY J 55 -4.96 7.60 9.79
CA GLY J 55 -3.63 7.79 9.27
C GLY J 55 -3.56 7.63 7.77
N LEU J 56 -4.38 6.76 7.21
CA LEU J 56 -4.36 6.57 5.76
C LEU J 56 -4.77 7.84 5.03
N GLU J 57 -5.79 8.53 5.53
CA GLU J 57 -6.23 9.75 4.89
C GLU J 57 -5.30 10.92 5.19
N ILE J 58 -4.75 10.97 6.40
CA ILE J 58 -3.72 11.98 6.70
C ILE J 58 -2.48 11.74 5.87
N GLY J 59 -2.09 10.48 5.71
CA GLY J 59 -0.87 10.18 5.00
C GLY J 59 -0.92 10.58 3.55
N MET J 60 -2.00 10.25 2.86
CA MET J 60 -2.07 10.49 1.43
C MET J 60 -2.13 11.96 1.09
N ALA J 61 -2.75 12.76 1.95
CA ALA J 61 -2.75 14.21 1.75
C ALA J 61 -1.35 14.78 1.81
N HIS J 62 -0.46 14.15 2.56
CA HIS J 62 0.86 14.71 2.79
C HIS J 62 1.89 14.17 1.82
N GLY J 63 1.87 12.87 1.57
CA GLY J 63 2.74 12.34 0.55
C GLY J 63 2.47 12.96 -0.80
N TYR J 64 1.24 13.36 -1.06
CA TYR J 64 0.90 13.94 -2.35
C TYR J 64 1.56 15.29 -2.55
N PHE J 65 1.44 16.18 -1.57
CA PHE J 65 1.96 17.52 -1.78
C PHE J 65 3.45 17.60 -1.49
N LEU J 66 4.02 16.64 -0.78
CA LEU J 66 5.42 16.73 -0.41
C LEU J 66 6.36 16.45 -1.57
N VAL J 67 5.88 15.91 -2.68
CA VAL J 67 6.76 15.73 -3.82
C VAL J 67 6.90 16.99 -4.65
N GLY J 68 6.06 17.98 -4.40
CA GLY J 68 6.08 19.21 -5.15
C GLY J 68 7.31 20.06 -4.96
N PRO J 69 7.58 20.51 -3.73
CA PRO J 69 8.68 21.47 -3.53
C PRO J 69 10.07 21.00 -3.91
N GLU J 70 10.23 19.77 -4.37
CA GLU J 70 11.53 19.29 -4.79
C GLU J 70 11.64 19.04 -6.27
N VAL J 71 10.53 18.95 -6.99
CA VAL J 71 10.61 18.67 -8.42
C VAL J 71 10.63 19.94 -9.25
N VAL J 72 10.36 21.11 -8.66
CA VAL J 72 10.43 22.35 -9.41
C VAL J 72 11.41 23.35 -8.83
N ILE J 73 11.77 23.25 -7.55
CA ILE J 73 12.84 24.11 -7.05
C ILE J 73 13.87 23.26 -6.33
N GLY J 74 13.93 21.98 -6.67
CA GLY J 74 14.97 21.15 -6.14
C GLY J 74 16.24 21.25 -6.95
N PRO J 75 17.23 20.45 -6.59
CA PRO J 75 18.47 20.42 -7.36
C PRO J 75 18.33 19.76 -8.72
N LEU J 76 17.35 18.90 -8.91
CA LEU J 76 17.17 18.15 -10.14
C LEU J 76 16.17 18.80 -11.08
N ARG J 77 15.70 20.01 -10.77
CA ARG J 77 14.62 20.63 -11.51
C ARG J 77 15.00 20.91 -12.96
N GLU J 78 16.30 20.90 -13.27
CA GLU J 78 16.74 21.33 -14.58
C GLU J 78 16.29 20.34 -15.65
N SER J 79 16.45 19.06 -15.36
CA SER J 79 15.99 17.98 -16.23
C SER J 79 14.53 17.66 -15.92
N ALA J 80 13.99 16.61 -16.53
CA ALA J 80 12.59 16.25 -16.36
C ALA J 80 12.43 14.91 -15.65
N HIS J 81 13.04 13.84 -16.17
CA HIS J 81 12.87 12.54 -15.55
C HIS J 81 13.54 12.47 -14.18
N GLY J 82 14.67 13.16 -14.03
CA GLY J 82 15.38 13.13 -12.76
C GLY J 82 14.79 14.02 -11.69
N ALA J 83 14.03 15.04 -12.08
CA ALA J 83 13.41 15.91 -11.09
C ALA J 83 12.39 15.16 -10.26
N ASN J 84 11.61 14.30 -10.90
CA ASN J 84 10.54 13.58 -10.22
C ASN J 84 11.08 12.57 -9.23
N LEU J 85 12.22 11.96 -9.53
CA LEU J 85 12.84 11.06 -8.57
C LEU J 85 13.24 11.80 -7.31
N SER J 86 13.85 12.98 -7.47
CA SER J 86 14.30 13.74 -6.31
C SER J 86 13.14 14.22 -5.46
N GLY J 87 11.98 14.43 -6.06
CA GLY J 87 10.81 14.83 -5.31
C GLY J 87 10.13 13.67 -4.62
N LEU J 88 10.08 12.52 -5.29
CA LEU J 88 9.48 11.34 -4.68
C LEU J 88 10.26 10.90 -3.46
N ILE J 89 11.58 10.80 -3.59
CA ILE J 89 12.39 10.26 -2.50
C ILE J 89 12.39 11.21 -1.31
N THR J 90 12.24 12.51 -1.57
CA THR J 90 12.06 13.45 -0.46
C THR J 90 10.80 13.12 0.32
N ALA J 91 9.70 12.85 -0.38
CA ALA J 91 8.50 12.42 0.30
C ALA J 91 8.67 11.04 0.93
N ILE J 92 9.48 10.17 0.32
CA ILE J 92 9.77 8.89 0.95
C ILE J 92 10.53 9.10 2.26
N TYR J 93 11.54 9.98 2.23
CA TYR J 93 12.40 10.15 3.39
C TYR J 93 11.71 10.92 4.49
N ILE J 94 10.95 11.96 4.14
CA ILE J 94 10.25 12.73 5.15
C ILE J 94 9.21 11.88 5.85
N ALA J 95 8.52 11.03 5.10
CA ALA J 95 7.48 10.20 5.70
C ALA J 95 8.07 9.05 6.50
N VAL J 96 9.12 8.40 6.01
CA VAL J 96 9.72 7.30 6.75
C VAL J 96 10.28 7.80 8.07
N SER J 97 10.93 8.96 8.06
CA SER J 97 11.41 9.54 9.31
C SER J 97 10.27 10.07 10.15
N ALA J 98 9.16 10.47 9.54
CA ALA J 98 8.00 10.88 10.33
C ALA J 98 7.31 9.67 10.95
N CYS J 99 7.19 8.58 10.20
CA CYS J 99 6.59 7.38 10.76
C CYS J 99 7.53 6.67 11.71
N LEU J 100 8.83 6.86 11.57
CA LEU J 100 9.75 6.48 12.63
C LEU J 100 9.49 7.31 13.88
N GLY J 101 9.10 8.57 13.69
CA GLY J 101 8.86 9.43 14.84
C GLY J 101 7.66 9.02 15.65
N ILE J 102 6.61 8.51 15.01
CA ILE J 102 5.40 8.20 15.76
C ILE J 102 5.33 6.75 16.19
N SER J 103 6.25 5.91 15.71
CA SER J 103 6.45 4.64 16.37
C SER J 103 7.21 4.83 17.67
N ILE J 104 8.21 5.70 17.69
CA ILE J 104 8.93 5.92 18.93
C ILE J 104 8.21 6.91 19.84
N PHE J 105 7.31 7.73 19.30
CA PHE J 105 6.42 8.49 20.17
C PHE J 105 5.49 7.56 20.91
N ALA J 106 4.91 6.59 20.20
CA ALA J 106 3.96 5.67 20.81
C ALA J 106 4.63 4.78 21.85
N ILE J 107 5.88 4.38 21.60
CA ILE J 107 6.60 3.57 22.57
C ILE J 107 6.85 4.35 23.85
N THR J 108 7.30 5.59 23.73
CA THR J 108 7.78 6.31 24.90
C THR J 108 6.70 7.07 25.66
N THR J 109 5.52 7.29 25.10
CA THR J 109 4.48 7.94 25.88
C THR J 109 3.54 6.96 26.55
N PHE J 110 3.30 5.80 25.93
CA PHE J 110 2.35 4.82 26.43
C PHE J 110 3.14 3.76 27.17
N GLN J 111 3.39 4.04 28.44
CA GLN J 111 4.17 3.16 29.30
C GLN J 111 3.55 3.03 30.69
N GLY J 112 2.22 2.99 30.76
CA GLY J 112 1.56 2.67 32.01
C GLY J 112 0.66 3.77 32.52
N ASN J 113 1.13 4.99 32.47
CA ASN J 113 0.30 6.11 32.85
C ASN J 113 0.90 7.34 32.17
N PRO J 114 0.52 7.60 30.93
CA PRO J 114 1.16 8.67 30.15
C PRO J 114 1.11 10.03 30.82
N LYS J 115 2.27 10.57 31.14
CA LYS J 115 2.36 11.86 31.80
C LYS J 115 1.93 12.93 30.81
N GLY J 116 0.71 13.42 30.95
CA GLY J 116 0.29 14.53 30.14
C GLY J 116 -1.11 14.43 29.61
N SER J 117 -1.28 14.69 28.33
CA SER J 117 -2.59 14.69 27.71
C SER J 117 -3.07 13.31 27.35
N TYR J 118 -2.25 12.28 27.53
CA TYR J 118 -2.63 10.92 27.19
C TYR J 118 -2.89 10.07 28.42
N SER J 119 -3.07 10.70 29.57
CA SER J 119 -3.46 9.98 30.76
C SER J 119 -4.89 9.48 30.64
N SER J 120 -5.25 8.50 31.48
CA SER J 120 -6.58 7.92 31.46
C SER J 120 -7.63 8.96 31.82
N TYR J 121 -7.34 9.76 32.83
CA TYR J 121 -8.16 10.91 33.23
C TYR J 121 -7.62 12.22 32.67
N SER J 122 -7.60 12.29 31.34
CA SER J 122 -7.13 13.50 30.66
C SER J 122 -8.22 14.33 30.02
N LYS J 123 -9.31 13.69 29.58
CA LYS J 123 -10.50 14.32 28.96
C LYS J 123 -10.15 15.45 28.01
N ASP J 124 -9.30 15.13 27.04
CA ASP J 124 -8.83 16.10 26.06
C ASP J 124 -9.35 15.72 24.68
N SER J 125 -10.01 16.67 24.02
CA SER J 125 -10.63 16.45 22.73
C SER J 125 -9.69 16.69 21.55
N LEU J 126 -8.65 17.49 21.72
CA LEU J 126 -7.75 17.81 20.62
C LEU J 126 -6.77 16.71 20.30
N ARG J 127 -6.77 15.62 21.04
CA ARG J 127 -5.91 14.50 20.71
C ARG J 127 -6.54 13.21 21.25
N PRO J 128 -7.38 12.56 20.46
CA PRO J 128 -8.18 11.44 20.95
C PRO J 128 -7.62 10.04 20.73
N LEU J 129 -6.32 9.87 20.46
CA LEU J 129 -5.75 8.57 20.08
C LEU J 129 -5.06 7.83 21.23
N ARG J 130 -5.54 7.94 22.45
CA ARG J 130 -4.77 7.66 23.67
C ARG J 130 -4.75 6.19 24.11
N THR J 131 -4.08 5.34 23.33
CA THR J 131 -4.16 3.92 23.68
C THR J 131 -2.92 3.05 23.49
N ARG J 132 -2.15 3.27 22.42
CA ARG J 132 -1.12 2.40 21.84
C ARG J 132 -1.68 1.16 21.11
N GLU J 133 -2.93 0.79 21.29
CA GLU J 133 -3.64 0.12 20.20
C GLU J 133 -4.12 1.10 19.14
N GLU J 134 -4.37 2.33 19.49
CA GLU J 134 -4.78 3.30 18.50
C GLU J 134 -3.61 3.96 17.79
N TRP J 135 -2.44 4.04 18.41
CA TRP J 135 -1.31 4.68 17.73
C TRP J 135 -0.54 3.76 16.83
N SER J 136 -0.84 2.47 16.81
CA SER J 136 -0.12 1.58 15.93
C SER J 136 -0.80 1.45 14.57
N GLN J 137 -2.14 1.33 14.51
CA GLN J 137 -2.80 1.49 13.22
C GLN J 137 -2.60 2.86 12.63
N LEU J 138 -2.47 3.89 13.47
CA LEU J 138 -2.19 5.22 12.94
C LEU J 138 -0.87 5.24 12.19
N ASN J 139 0.15 4.61 12.77
CA ASN J 139 1.46 4.56 12.12
C ASN J 139 1.41 3.85 10.79
N GLY J 140 0.68 2.74 10.72
CA GLY J 140 0.53 2.04 9.46
C GLY J 140 -0.22 2.85 8.43
N GLY J 141 -1.28 3.53 8.85
CA GLY J 141 -2.01 4.37 7.93
C GLY J 141 -1.19 5.54 7.43
N ILE J 142 -0.50 6.23 8.34
CA ILE J 142 0.32 7.37 7.96
C ILE J 142 1.39 6.93 6.99
N PHE J 143 1.99 5.78 7.23
CA PHE J 143 3.05 5.32 6.36
C PHE J 143 2.51 4.95 4.99
N LEU J 144 1.62 3.97 4.93
CA LEU J 144 1.07 3.51 3.66
C LEU J 144 0.34 4.61 2.93
N GLY J 145 -0.23 5.57 3.66
CA GLY J 145 -0.84 6.69 3.00
C GLY J 145 0.17 7.62 2.38
N ALA J 146 1.17 8.04 3.16
CA ALA J 146 2.17 8.97 2.64
C ALA J 146 3.03 8.35 1.57
N MET J 147 3.04 7.02 1.45
CA MET J 147 3.73 6.37 0.37
C MET J 147 2.89 6.36 -0.90
N GLY J 148 1.61 6.01 -0.77
CA GLY J 148 0.74 6.00 -1.92
C GLY J 148 0.48 7.38 -2.47
N GLY J 149 0.32 8.36 -1.59
CA GLY J 149 0.19 9.74 -2.05
C GLY J 149 1.44 10.22 -2.77
N ALA J 150 2.61 9.82 -2.28
CA ALA J 150 3.85 10.20 -2.93
C ALA J 150 3.98 9.56 -4.30
N ILE J 151 3.58 8.30 -4.42
CA ILE J 151 3.65 7.63 -5.71
C ILE J 151 2.64 8.20 -6.68
N PHE J 152 1.42 8.46 -6.21
CA PHE J 152 0.40 8.99 -7.10
C PHE J 152 0.77 10.37 -7.62
N ALA J 153 1.34 11.21 -6.76
CA ALA J 153 1.86 12.49 -7.24
C ALA J 153 3.12 12.32 -8.07
N TYR J 154 3.81 11.21 -7.93
CA TYR J 154 4.96 10.92 -8.78
C TYR J 154 4.52 10.40 -10.13
N LEU J 155 3.50 9.53 -10.17
CA LEU J 155 3.00 9.02 -11.44
C LEU J 155 2.32 10.10 -12.25
N LEU J 156 1.61 11.01 -11.58
CA LEU J 156 0.95 12.10 -12.29
C LEU J 156 1.93 13.13 -12.80
N LEU J 157 3.11 13.21 -12.20
CA LEU J 157 4.08 14.20 -12.63
C LEU J 157 5.03 13.64 -13.68
N GLU J 158 5.44 12.39 -13.57
CA GLU J 158 6.29 11.84 -14.61
C GLU J 158 5.54 11.58 -15.89
N ASN J 159 4.21 11.51 -15.83
CA ASN J 159 3.36 11.40 -16.99
C ASN J 159 2.67 12.71 -17.32
N PHE J 160 3.29 13.83 -16.99
CA PHE J 160 2.63 15.13 -17.15
C PHE J 160 2.40 15.47 -18.61
N ASP J 161 3.37 15.20 -19.48
CA ASP J 161 3.16 15.43 -20.91
C ASP J 161 2.05 14.54 -21.45
N ALA J 162 1.97 13.30 -20.99
CA ALA J 162 0.87 12.44 -21.42
C ALA J 162 -0.44 12.85 -20.78
N LEU J 163 -0.38 13.49 -19.61
CA LEU J 163 -1.57 13.94 -18.91
C LEU J 163 -1.99 15.34 -19.36
N ASP J 164 -1.03 16.18 -19.72
CA ASP J 164 -1.38 17.48 -20.30
C ASP J 164 -2.11 17.32 -21.61
N ALA J 165 -1.80 16.28 -22.38
CA ALA J 165 -2.49 16.05 -23.64
C ALA J 165 -3.94 15.63 -23.41
N ILE J 166 -4.18 14.79 -22.41
CA ILE J 166 -5.52 14.22 -22.26
C ILE J 166 -6.45 15.16 -21.52
N LEU J 167 -5.94 16.16 -20.81
CA LEU J 167 -6.78 17.24 -20.33
C LEU J 167 -6.80 18.44 -21.26
N ARG J 168 -6.20 18.33 -22.45
CA ARG J 168 -6.33 19.33 -23.49
C ARG J 168 -6.99 18.79 -24.74
N GLY J 169 -7.41 17.53 -24.74
CA GLY J 169 -8.02 16.96 -25.92
C GLY J 169 -7.07 16.63 -27.04
N ALA J 170 -5.76 16.65 -26.79
CA ALA J 170 -4.78 16.37 -27.82
C ALA J 170 -4.76 14.91 -28.24
N VAL J 171 -5.43 14.05 -27.50
CA VAL J 171 -5.49 12.64 -27.81
C VAL J 171 -6.77 12.30 -28.59
N ASN J 172 -7.41 13.30 -29.17
CA ASN J 172 -8.72 13.21 -29.80
C ASN J 172 -9.74 12.65 -28.83
N MET K 1 52.48 3.66 -5.01
CA MET K 1 51.67 2.47 -4.83
C MET K 1 50.75 2.58 -3.62
N SER K 2 49.49 2.91 -3.86
CA SER K 2 48.52 2.95 -2.78
C SER K 2 48.12 1.54 -2.39
N ILE K 3 47.43 1.43 -1.25
CA ILE K 3 47.06 0.12 -0.74
C ILE K 3 45.99 -0.50 -1.64
N SER K 4 45.96 -1.83 -1.66
CA SER K 4 45.16 -2.54 -2.63
C SER K 4 43.68 -2.46 -2.26
N ASP K 5 42.86 -3.01 -3.14
CA ASP K 5 41.41 -2.99 -2.95
C ASP K 5 41.02 -3.86 -1.76
N THR K 6 41.66 -5.00 -1.60
CA THR K 6 41.32 -5.94 -0.54
C THR K 6 41.78 -5.45 0.82
N GLN K 7 42.89 -4.71 0.86
CA GLN K 7 43.42 -4.24 2.14
C GLN K 7 42.47 -3.30 2.86
N VAL K 8 41.61 -2.60 2.11
CA VAL K 8 40.61 -1.77 2.77
C VAL K 8 39.58 -2.64 3.49
N TYR K 9 39.13 -3.72 2.84
CA TYR K 9 38.15 -4.58 3.47
C TYR K 9 38.75 -5.37 4.62
N ILE K 10 40.05 -5.67 4.56
CA ILE K 10 40.70 -6.35 5.68
C ILE K 10 40.69 -5.45 6.91
N ALA K 11 40.94 -4.16 6.71
CA ALA K 11 40.86 -3.23 7.82
C ALA K 11 39.44 -3.09 8.34
N LEU K 12 38.44 -3.22 7.46
CA LEU K 12 37.05 -3.12 7.90
C LEU K 12 36.68 -4.24 8.86
N VAL K 13 37.09 -5.48 8.56
CA VAL K 13 36.76 -6.57 9.46
C VAL K 13 37.68 -6.61 10.65
N VAL K 14 38.92 -6.15 10.51
CA VAL K 14 39.79 -6.06 11.67
C VAL K 14 39.27 -5.02 12.66
N ALA K 15 38.85 -3.86 12.15
CA ALA K 15 38.30 -2.84 13.02
C ALA K 15 36.96 -3.21 13.61
N LEU K 16 36.34 -4.27 13.13
CA LEU K 16 35.13 -4.79 13.76
C LEU K 16 35.45 -5.49 15.07
N VAL K 17 36.69 -5.90 15.28
CA VAL K 17 37.09 -6.52 16.54
C VAL K 17 37.07 -5.49 17.67
N PRO K 18 37.71 -4.31 17.57
CA PRO K 18 37.49 -3.30 18.62
C PRO K 18 36.12 -2.67 18.57
N GLY K 19 35.37 -2.86 17.49
CA GLY K 19 34.00 -2.40 17.48
C GLY K 19 33.12 -3.17 18.44
N PHE K 20 33.35 -4.47 18.58
CA PHE K 20 32.61 -5.27 19.53
C PHE K 20 33.24 -5.24 20.91
N LEU K 21 34.56 -5.13 20.99
CA LEU K 21 35.20 -4.98 22.29
C LEU K 21 34.84 -3.67 22.96
N ALA K 22 34.38 -2.68 22.19
CA ALA K 22 33.83 -1.47 22.79
C ALA K 22 32.47 -1.74 23.40
N TRP K 23 31.68 -2.61 22.76
CA TRP K 23 30.41 -3.04 23.32
C TRP K 23 30.61 -3.88 24.58
N ARG K 24 31.59 -4.79 24.56
CA ARG K 24 32.07 -5.49 25.74
C ARG K 24 32.18 -4.56 26.93
N LEU K 25 32.88 -3.44 26.73
CA LEU K 25 33.29 -2.55 27.81
C LEU K 25 32.26 -1.49 28.13
N ALA K 26 31.58 -0.92 27.13
CA ALA K 26 30.57 0.09 27.41
C ALA K 26 29.42 -0.48 28.22
N THR K 27 28.97 -1.69 27.88
CA THR K 27 27.90 -2.30 28.65
C THR K 27 28.39 -2.84 29.97
N GLU K 28 29.66 -3.23 30.06
CA GLU K 28 30.20 -3.70 31.33
C GLU K 28 30.37 -2.55 32.32
N LEU K 29 30.57 -1.34 31.82
CA LEU K 29 30.53 -0.17 32.67
C LEU K 29 29.11 0.29 32.98
N TYR K 30 28.12 -0.53 32.62
CA TYR K 30 26.71 -0.36 32.97
C TYR K 30 26.18 0.98 32.49
N LYS K 31 26.02 1.06 31.17
CA LYS K 31 25.38 2.18 30.53
C LYS K 31 23.96 2.36 31.05
N PRO L 73 60.64 38.86 65.60
CA PRO L 73 61.98 38.26 65.59
C PRO L 73 62.75 38.56 64.32
N PRO L 74 64.08 38.52 64.39
CA PRO L 74 64.89 38.69 63.17
C PRO L 74 64.66 37.52 62.22
N TYR L 75 64.37 37.84 60.97
CA TYR L 75 64.06 36.83 59.97
C TYR L 75 65.37 36.28 59.42
N THR L 76 65.64 34.99 59.67
CA THR L 76 66.90 34.39 59.27
C THR L 76 66.77 33.35 58.17
N PHE L 77 65.57 32.80 57.96
CA PHE L 77 65.38 31.82 56.90
C PHE L 77 64.64 32.39 55.70
N ARG L 78 63.70 33.31 55.91
CA ARG L 78 63.14 34.07 54.80
C ARG L 78 64.22 34.93 54.15
N THR L 79 64.92 35.72 54.96
CA THR L 79 66.18 36.30 54.55
C THR L 79 67.20 35.17 54.42
N ALA L 80 68.19 35.39 53.54
CA ALA L 80 69.20 34.42 53.10
C ALA L 80 68.62 33.38 52.17
N TRP L 81 67.31 33.41 51.92
CA TRP L 81 66.73 32.80 50.74
C TRP L 81 66.15 33.84 49.80
N ALA L 82 65.81 35.03 50.30
CA ALA L 82 65.53 36.16 49.44
C ALA L 82 66.82 36.83 48.99
N LEU L 83 67.74 37.08 49.91
CA LEU L 83 69.03 37.63 49.57
C LEU L 83 69.86 36.67 48.73
N LEU L 84 69.56 35.37 48.79
CA LEU L 84 70.21 34.43 47.89
C LEU L 84 69.70 34.58 46.47
N LEU L 85 68.39 34.80 46.31
CA LEU L 85 67.83 34.97 44.97
C LEU L 85 68.17 36.33 44.38
N LEU L 86 68.31 37.37 45.21
CA LEU L 86 68.86 38.63 44.71
C LEU L 86 70.30 38.46 44.27
N ALA L 87 71.06 37.64 44.99
CA ALA L 87 72.45 37.39 44.61
C ALA L 87 72.53 36.80 43.21
N ILE L 88 71.74 35.76 42.94
CA ILE L 88 71.67 35.19 41.60
C ILE L 88 71.18 36.24 40.61
N ASN L 89 70.25 37.07 41.04
CA ASN L 89 69.75 38.15 40.18
C ASN L 89 70.83 39.19 39.90
N PHE L 90 71.65 39.52 40.90
CA PHE L 90 72.70 40.50 40.68
C PHE L 90 73.85 39.93 39.84
N ILE L 91 74.09 38.62 39.92
CA ILE L 91 75.07 38.01 39.01
C ILE L 91 74.58 38.12 37.57
N VAL L 92 73.29 37.86 37.33
CA VAL L 92 72.75 37.97 35.98
C VAL L 92 72.87 39.39 35.46
N ALA L 93 72.58 40.37 36.32
CA ALA L 93 72.76 41.76 35.92
C ALA L 93 74.22 42.11 35.70
N ALA L 94 75.14 41.41 36.39
CA ALA L 94 76.56 41.70 36.21
C ALA L 94 77.02 41.36 34.80
N TYR L 95 76.57 40.24 34.24
CA TYR L 95 76.83 39.98 32.83
C TYR L 95 76.01 40.92 31.95
N TYR L 96 74.81 41.27 32.37
CA TYR L 96 73.96 42.17 31.61
C TYR L 96 74.61 43.53 31.41
N PHE L 97 75.15 44.10 32.46
CA PHE L 97 75.77 45.42 32.37
C PHE L 97 77.23 45.38 31.96
N HIS L 98 77.71 44.22 31.51
CA HIS L 98 79.08 44.05 31.00
C HIS L 98 80.07 44.43 32.11
N ILE L 99 79.92 43.74 33.24
CA ILE L 99 80.76 43.96 34.42
C ILE L 99 81.74 42.81 34.61
N ILE L 100 81.23 41.59 34.75
CA ILE L 100 82.07 40.42 34.90
C ILE L 100 81.92 39.55 33.66
N GLU L 101 82.98 38.79 33.37
CA GLU L 101 82.96 37.84 32.27
C GLU L 101 83.13 36.42 32.78
N GLU M 10 54.24 -43.93 40.44
CA GLU M 10 55.55 -44.55 40.35
C GLU M 10 55.49 -45.68 39.34
N VAL M 11 56.24 -45.54 38.25
CA VAL M 11 56.18 -46.47 37.13
C VAL M 11 57.00 -47.71 37.46
N ARG M 12 56.38 -48.88 37.28
CA ARG M 12 57.01 -50.13 37.65
C ARG M 12 56.56 -51.21 36.67
N VAL M 13 57.39 -52.23 36.50
CA VAL M 13 57.01 -53.41 35.72
C VAL M 13 56.50 -54.47 36.69
N VAL M 14 55.19 -54.71 36.66
CA VAL M 14 54.59 -55.78 37.45
C VAL M 14 53.85 -56.71 36.49
N VAL M 15 54.09 -58.02 36.63
CA VAL M 15 53.54 -59.04 35.74
C VAL M 15 53.05 -60.22 36.57
N ASP M 16 52.27 -61.08 35.93
CA ASP M 16 51.94 -62.37 36.49
C ASP M 16 52.85 -63.45 35.93
N ASN M 17 52.77 -64.62 36.53
CA ASN M 17 53.62 -65.76 36.15
C ASN M 17 52.73 -66.91 35.72
N ASP M 18 52.84 -67.27 34.45
CA ASP M 18 52.05 -68.33 33.83
C ASP M 18 50.55 -68.22 34.14
N PRO M 19 49.90 -67.12 33.72
CA PRO M 19 48.49 -66.96 34.11
C PRO M 19 47.56 -67.91 33.37
N VAL M 20 47.77 -68.12 32.08
CA VAL M 20 46.89 -68.92 31.24
C VAL M 20 47.69 -70.10 30.72
N PRO M 21 47.24 -71.34 30.94
CA PRO M 21 47.96 -72.50 30.40
C PRO M 21 47.93 -72.52 28.88
N THR M 22 48.84 -73.30 28.31
CA THR M 22 48.97 -73.43 26.86
C THR M 22 48.59 -74.85 26.48
N SER M 23 47.35 -75.02 26.04
CA SER M 23 46.88 -76.33 25.60
C SER M 23 45.80 -76.14 24.54
N PHE M 24 45.51 -77.20 23.81
CA PHE M 24 44.48 -77.16 22.79
C PHE M 24 43.12 -77.57 23.34
N GLN M 25 42.94 -77.50 24.65
CA GLN M 25 41.64 -77.81 25.27
C GLN M 25 40.53 -76.97 24.67
N LYS M 26 40.77 -75.68 24.51
CA LYS M 26 39.72 -74.79 24.04
C LYS M 26 39.68 -74.64 22.53
N TRP M 27 40.67 -75.17 21.81
CA TRP M 27 40.57 -75.19 20.35
C TRP M 27 39.46 -76.13 19.89
N SER M 28 39.31 -77.25 20.59
CA SER M 28 38.31 -78.25 20.22
C SER M 28 36.91 -77.88 20.69
N GLN M 29 36.75 -76.80 21.44
CA GLN M 29 35.44 -76.34 21.89
C GLN M 29 35.30 -74.86 21.53
N PRO M 30 35.00 -74.56 20.28
CA PRO M 30 34.90 -73.16 19.86
C PRO M 30 33.70 -72.48 20.48
N GLY M 31 33.77 -71.16 20.54
CA GLY M 31 32.76 -70.40 21.23
C GLY M 31 32.90 -70.40 22.72
N HIS M 32 34.04 -70.87 23.24
CA HIS M 32 34.25 -70.96 24.69
C HIS M 32 34.22 -69.59 25.33
N PHE M 33 34.57 -68.55 24.59
CA PHE M 33 34.67 -67.21 25.17
C PHE M 33 33.32 -66.67 25.61
N ASP M 34 32.22 -67.16 25.05
CA ASP M 34 30.89 -66.76 25.47
C ASP M 34 30.18 -67.97 26.07
N ARG M 35 29.59 -67.78 27.24
CA ARG M 35 28.84 -68.85 27.88
C ARG M 35 27.62 -69.25 27.08
N THR M 36 27.02 -68.31 26.34
CA THR M 36 25.88 -68.64 25.50
C THR M 36 26.32 -69.44 24.27
N LEU M 37 27.50 -69.13 23.73
CA LEU M 37 28.02 -69.89 22.61
C LEU M 37 28.54 -71.25 23.05
N ALA M 38 29.08 -71.35 24.26
CA ALA M 38 29.72 -72.57 24.72
C ALA M 38 28.73 -73.50 25.42
N LYS M 39 27.59 -73.75 24.79
CA LYS M 39 26.66 -74.73 25.30
C LYS M 39 26.03 -75.58 24.21
N GLY M 40 26.46 -75.42 22.95
CA GLY M 40 25.91 -76.19 21.86
C GLY M 40 25.51 -75.31 20.70
N ALA M 41 25.53 -75.90 19.50
CA ALA M 41 25.16 -75.20 18.27
C ALA M 41 23.73 -75.58 17.93
N LYS M 42 22.77 -74.95 18.60
CA LYS M 42 21.37 -75.29 18.37
C LYS M 42 20.92 -74.91 16.97
N THR M 43 21.35 -73.74 16.48
CA THR M 43 21.01 -73.27 15.16
C THR M 43 22.27 -72.78 14.46
N THR M 44 22.14 -72.50 13.17
CA THR M 44 23.22 -71.89 12.42
C THR M 44 23.52 -70.46 12.83
N THR M 45 22.64 -69.83 13.60
CA THR M 45 22.94 -68.51 14.13
C THR M 45 24.13 -68.57 15.07
N TRP M 46 24.34 -69.71 15.73
CA TRP M 46 25.49 -69.89 16.60
C TRP M 46 26.81 -69.78 15.83
N ILE M 47 26.81 -70.22 14.58
CA ILE M 47 28.01 -70.17 13.76
C ILE M 47 28.41 -68.72 13.52
N TRP M 48 27.43 -67.88 13.17
CA TRP M 48 27.73 -66.49 12.89
C TRP M 48 28.02 -65.72 14.16
N ASN M 49 27.44 -66.12 15.29
CA ASN M 49 27.70 -65.43 16.53
C ASN M 49 29.11 -65.72 17.02
N LEU M 50 29.67 -66.86 16.63
CA LEU M 50 31.01 -67.25 17.03
C LEU M 50 32.08 -66.38 16.38
N HIS M 51 31.78 -65.76 15.25
CA HIS M 51 32.71 -64.88 14.56
C HIS M 51 32.47 -63.42 14.85
N ALA M 52 31.22 -63.02 15.02
CA ALA M 52 30.91 -61.66 15.39
C ALA M 52 31.28 -61.34 16.83
N ASN M 53 31.65 -62.34 17.62
CA ASN M 53 31.99 -62.13 19.01
C ASN M 53 33.40 -62.59 19.35
N ALA M 54 34.17 -63.03 18.36
CA ALA M 54 35.46 -63.63 18.63
C ALA M 54 36.44 -62.65 19.23
N HIS M 55 36.32 -61.37 18.88
CA HIS M 55 37.27 -60.36 19.30
C HIS M 55 36.68 -59.33 20.24
N ASP M 56 35.42 -59.44 20.59
CA ASP M 56 34.84 -58.50 21.55
C ASP M 56 35.23 -58.98 22.93
N PHE M 57 36.50 -58.69 23.30
CA PHE M 57 37.05 -59.17 24.55
C PHE M 57 36.34 -58.60 25.76
N ASP M 58 35.64 -57.48 25.59
CA ASP M 58 34.95 -56.83 26.68
C ASP M 58 33.70 -57.58 27.11
N THR M 59 33.25 -58.55 26.32
CA THR M 59 32.13 -59.40 26.68
C THR M 59 32.57 -60.82 27.00
N HIS M 60 33.83 -61.17 26.73
CA HIS M 60 34.35 -62.45 27.19
C HIS M 60 34.55 -62.45 28.70
N THR M 61 35.16 -61.39 29.21
CA THR M 61 35.41 -61.26 30.64
C THR M 61 34.85 -59.94 31.14
N SER M 62 35.20 -59.57 32.36
CA SER M 62 34.64 -58.36 32.97
C SER M 62 35.73 -57.46 33.53
N ASP M 63 36.84 -58.05 33.95
CA ASP M 63 37.91 -57.29 34.57
C ASP M 63 38.85 -56.71 33.53
N LEU M 64 39.20 -55.44 33.70
CA LEU M 64 40.06 -54.74 32.77
C LEU M 64 41.48 -55.30 32.75
N GLU M 65 41.90 -55.97 33.82
CA GLU M 65 43.23 -56.59 33.83
C GLU M 65 43.31 -57.70 32.80
N ASP M 66 42.32 -58.58 32.77
CA ASP M 66 42.34 -59.70 31.84
C ASP M 66 41.97 -59.28 30.43
N ILE M 67 41.14 -58.26 30.28
CA ILE M 67 40.83 -57.75 28.95
C ILE M 67 42.09 -57.17 28.33
N SER M 68 42.81 -56.32 29.07
CA SER M 68 43.98 -55.65 28.53
C SER M 68 45.10 -56.62 28.18
N ARG M 69 45.16 -57.76 28.86
CA ARG M 69 46.14 -58.76 28.48
C ARG M 69 45.81 -59.39 27.15
N LYS M 70 44.52 -59.52 26.84
CA LYS M 70 44.13 -60.01 25.53
C LYS M 70 44.44 -58.99 24.44
N ILE M 71 44.25 -57.70 24.73
CA ILE M 71 44.53 -56.66 23.74
C ILE M 71 46.00 -56.68 23.38
N PHE M 72 46.85 -56.66 24.40
CA PHE M 72 48.28 -56.56 24.20
C PHE M 72 48.84 -57.79 23.50
N ALA M 73 48.31 -58.97 23.83
CA ALA M 73 48.79 -60.18 23.18
C ALA M 73 48.25 -60.29 21.76
N ALA M 74 47.06 -59.76 21.49
CA ALA M 74 46.52 -59.84 20.15
C ALA M 74 47.23 -58.90 19.19
N HIS M 75 47.76 -57.79 19.70
CA HIS M 75 48.56 -56.90 18.86
C HIS M 75 49.80 -57.60 18.34
N PHE M 76 50.42 -58.43 19.18
CA PHE M 76 51.61 -59.14 18.74
C PHE M 76 51.30 -60.09 17.60
N GLY M 77 50.19 -60.82 17.69
CA GLY M 77 49.78 -61.65 16.59
C GLY M 77 49.35 -60.88 15.37
N HIS M 78 48.96 -59.63 15.56
CA HIS M 78 48.69 -58.78 14.41
C HIS M 78 49.98 -58.30 13.76
N LEU M 79 50.93 -57.83 14.56
CA LEU M 79 52.23 -57.43 14.02
C LEU M 79 52.90 -58.59 13.30
N ALA M 80 52.66 -59.82 13.77
CA ALA M 80 53.14 -60.98 13.06
C ALA M 80 52.53 -61.07 11.66
N VAL M 81 51.24 -60.74 11.54
CA VAL M 81 50.58 -60.83 10.25
C VAL M 81 51.12 -59.78 9.29
N VAL M 82 51.37 -58.57 9.78
CA VAL M 82 51.94 -57.53 8.92
C VAL M 82 53.36 -57.90 8.50
N PHE M 83 54.12 -58.53 9.40
CA PHE M 83 55.46 -58.93 9.02
C PHE M 83 55.46 -60.08 8.02
N ILE M 84 54.48 -60.97 8.09
CA ILE M 84 54.31 -61.97 7.05
C ILE M 84 54.01 -61.30 5.72
N TRP M 85 53.17 -60.27 5.74
CA TRP M 85 52.81 -59.59 4.51
C TRP M 85 53.96 -58.75 3.98
N LEU M 86 54.70 -58.08 4.87
CA LEU M 86 55.88 -57.34 4.42
C LEU M 86 56.93 -58.28 3.86
N SER M 87 57.10 -59.45 4.46
CA SER M 87 58.02 -60.43 3.93
C SER M 87 57.60 -60.88 2.55
N GLY M 88 56.30 -61.04 2.33
CA GLY M 88 55.81 -61.42 1.02
C GLY M 88 56.06 -60.37 -0.03
N MET M 89 56.12 -59.10 0.37
CA MET M 89 56.36 -58.06 -0.62
C MET M 89 57.80 -58.07 -1.07
N TYR M 90 58.71 -58.20 -0.12
CA TYR M 90 60.13 -58.23 -0.44
C TYR M 90 60.52 -59.54 -1.10
N PHE M 91 59.88 -60.64 -0.73
CA PHE M 91 60.19 -61.90 -1.39
C PHE M 91 59.74 -61.89 -2.84
N HIS M 92 58.56 -61.33 -3.11
CA HIS M 92 58.11 -61.21 -4.49
C HIS M 92 58.94 -60.22 -5.27
N GLY M 93 59.35 -59.13 -4.63
CA GLY M 93 60.30 -58.24 -5.25
C GLY M 93 61.65 -58.87 -5.47
N ALA M 94 61.95 -59.95 -4.75
CA ALA M 94 63.24 -60.62 -4.91
C ALA M 94 63.25 -61.58 -6.08
N ARG M 95 62.35 -62.54 -6.13
CA ARG M 95 62.48 -63.61 -7.11
C ARG M 95 61.31 -63.75 -8.07
N PHE M 96 60.31 -62.86 -8.02
CA PHE M 96 59.22 -62.88 -8.97
C PHE M 96 59.00 -61.52 -9.62
N SER M 97 60.04 -60.72 -9.75
CA SER M 97 59.86 -59.37 -10.23
C SER M 97 60.92 -59.04 -11.27
N ASN M 98 60.67 -57.96 -12.00
CA ASN M 98 61.66 -57.36 -12.90
C ASN M 98 62.34 -56.19 -12.23
N PHE M 99 62.60 -56.30 -10.94
CA PHE M 99 63.19 -55.19 -10.20
C PHE M 99 64.62 -54.91 -10.66
N GLU M 100 65.37 -55.94 -11.04
CA GLU M 100 66.71 -55.71 -11.57
C GLU M 100 66.65 -54.90 -12.86
N ALA M 101 65.75 -55.27 -13.77
CA ALA M 101 65.60 -54.53 -15.00
C ALA M 101 65.10 -53.11 -14.75
N TRP M 102 64.18 -52.94 -13.80
CA TRP M 102 63.62 -51.63 -13.55
C TRP M 102 64.62 -50.69 -12.89
N MET M 103 65.60 -51.21 -12.16
CA MET M 103 66.65 -50.34 -11.62
C MET M 103 67.50 -49.73 -12.72
N ALA M 104 67.76 -50.46 -13.80
CA ALA M 104 68.59 -49.93 -14.86
C ALA M 104 67.89 -48.81 -15.62
N ASN M 105 66.64 -49.04 -16.03
CA ASN M 105 65.89 -48.08 -16.84
C ASN M 105 64.52 -47.90 -16.21
N PRO M 106 64.40 -47.01 -15.23
CA PRO M 106 63.10 -46.85 -14.56
C PRO M 106 62.17 -45.90 -15.28
N THR M 107 62.17 -45.93 -16.61
CA THR M 107 61.21 -45.13 -17.36
C THR M 107 60.45 -46.01 -18.34
N GLY M 108 61.17 -46.82 -19.10
CA GLY M 108 60.57 -47.65 -20.12
C GLY M 108 60.20 -49.03 -19.63
N ILE M 109 60.73 -49.41 -18.48
CA ILE M 109 60.44 -50.71 -17.89
C ILE M 109 59.29 -50.55 -16.91
N LYS M 110 58.28 -51.39 -17.04
CA LYS M 110 57.18 -51.23 -16.09
C LYS M 110 57.43 -52.08 -14.86
N PRO M 111 57.12 -51.55 -13.68
CA PRO M 111 57.30 -52.33 -12.46
C PRO M 111 56.34 -53.50 -12.42
N SER M 112 56.86 -54.67 -12.06
CA SER M 112 56.02 -55.86 -12.06
C SER M 112 56.63 -56.92 -11.17
N ALA M 113 55.88 -57.33 -10.16
CA ALA M 113 56.09 -58.58 -9.46
C ALA M 113 54.86 -59.42 -9.72
N GLN M 114 54.77 -60.56 -9.04
CA GLN M 114 53.57 -61.39 -9.05
C GLN M 114 53.21 -61.81 -10.49
N VAL M 115 54.07 -62.67 -11.02
CA VAL M 115 53.82 -63.38 -12.28
C VAL M 115 52.72 -64.40 -12.04
N VAL M 116 52.20 -64.98 -13.11
CA VAL M 116 50.99 -65.79 -13.06
C VAL M 116 51.27 -67.16 -13.65
N TRP M 117 50.80 -68.20 -12.98
CA TRP M 117 51.06 -69.56 -13.42
C TRP M 117 50.34 -69.87 -14.73
N PRO M 118 50.95 -70.66 -15.59
CA PRO M 118 50.27 -71.11 -16.81
C PRO M 118 49.26 -72.20 -16.57
N ILE M 119 48.02 -71.81 -16.22
CA ILE M 119 46.92 -72.77 -16.13
C ILE M 119 45.66 -71.98 -16.40
N PHE M 120 44.67 -72.63 -17.02
CA PHE M 120 43.35 -72.05 -17.27
C PHE M 120 43.40 -70.93 -18.30
N GLY M 121 44.47 -70.84 -19.07
CA GLY M 121 44.57 -69.77 -20.04
C GLY M 121 44.85 -68.41 -19.44
N GLN M 122 45.23 -68.35 -18.17
CA GLN M 122 45.47 -67.08 -17.51
C GLN M 122 46.88 -66.58 -17.70
N GLU M 123 47.70 -67.29 -18.48
CA GLU M 123 49.02 -66.78 -18.84
C GLU M 123 48.94 -65.49 -19.63
N ILE M 124 47.77 -65.17 -20.19
CA ILE M 124 47.58 -63.91 -20.90
C ILE M 124 47.75 -62.73 -19.96
N LEU M 125 47.53 -62.92 -18.67
CA LEU M 125 47.72 -61.85 -17.71
C LEU M 125 49.18 -61.47 -17.55
N ASN M 126 50.10 -62.35 -17.90
CA ASN M 126 51.52 -62.04 -17.89
C ASN M 126 51.82 -61.16 -19.10
N GLY M 127 51.48 -59.89 -18.99
CA GLY M 127 51.69 -58.96 -20.07
C GLY M 127 53.14 -58.53 -20.19
N ASP M 128 53.47 -57.94 -21.33
CA ASP M 128 54.84 -57.51 -21.58
C ASP M 128 55.17 -56.28 -20.76
N MET M 129 56.31 -56.32 -20.08
CA MET M 129 56.70 -55.25 -19.17
C MET M 129 57.89 -54.46 -19.64
N GLY M 130 58.45 -54.80 -20.79
CA GLY M 130 59.71 -54.21 -21.20
C GLY M 130 60.85 -55.04 -20.66
N GLY M 131 61.85 -55.31 -21.47
CA GLY M 131 62.94 -56.16 -21.05
C GLY M 131 62.65 -57.64 -21.12
N GLY M 132 61.57 -58.04 -21.80
CA GLY M 132 61.28 -59.45 -21.96
C GLY M 132 60.74 -60.14 -20.73
N PHE M 133 60.35 -59.39 -19.72
CA PHE M 133 59.75 -59.95 -18.50
C PHE M 133 58.24 -59.88 -18.63
N HIS M 134 57.58 -60.99 -18.36
CA HIS M 134 56.13 -61.08 -18.45
C HIS M 134 55.54 -61.22 -17.06
N GLY M 135 54.64 -60.32 -16.72
CA GLY M 135 54.04 -60.35 -15.41
C GLY M 135 52.85 -59.42 -15.35
N ILE M 136 52.51 -59.00 -14.14
CA ILE M 136 51.41 -58.07 -13.91
C ILE M 136 52.00 -56.76 -13.39
N GLN M 137 51.59 -55.66 -14.00
CA GLN M 137 52.13 -54.35 -13.65
C GLN M 137 51.61 -53.96 -12.28
N ILE M 138 52.47 -54.05 -11.28
CA ILE M 138 52.07 -53.66 -9.93
C ILE M 138 52.00 -52.14 -9.85
N THR M 139 51.06 -51.66 -9.04
CA THR M 139 50.86 -50.23 -8.83
C THR M 139 51.03 -49.86 -7.37
N SER M 140 51.67 -50.71 -6.58
CA SER M 140 51.83 -50.45 -5.17
C SER M 140 53.00 -49.54 -4.86
N GLY M 141 53.85 -49.24 -5.84
CA GLY M 141 54.96 -48.35 -5.58
C GLY M 141 56.08 -48.95 -4.77
N LEU M 142 56.14 -50.27 -4.69
CA LEU M 142 57.23 -50.91 -3.94
C LEU M 142 58.57 -50.61 -4.58
N PHE M 143 58.63 -50.63 -5.91
CA PHE M 143 59.89 -50.40 -6.59
C PHE M 143 60.38 -48.98 -6.38
N GLN M 144 59.47 -48.00 -6.45
CA GLN M 144 59.86 -46.63 -6.22
C GLN M 144 60.30 -46.39 -4.79
N MET M 145 59.93 -47.29 -3.87
CA MET M 145 60.33 -47.18 -2.48
C MET M 145 61.62 -47.92 -2.18
N TRP M 146 61.87 -49.03 -2.87
CA TRP M 146 63.12 -49.74 -2.67
C TRP M 146 64.28 -49.00 -3.29
N ARG M 147 64.04 -48.25 -4.37
CA ARG M 147 65.08 -47.41 -4.93
C ARG M 147 65.45 -46.29 -3.97
N ALA M 148 64.45 -45.71 -3.30
CA ALA M 148 64.73 -44.68 -2.30
C ALA M 148 65.32 -45.26 -1.03
N ALA M 149 65.19 -46.57 -0.81
CA ALA M 149 65.81 -47.20 0.33
C ALA M 149 67.23 -47.65 0.05
N GLY M 150 67.66 -47.62 -1.20
CA GLY M 150 69.01 -48.00 -1.54
C GLY M 150 69.18 -49.41 -2.04
N PHE M 151 68.10 -50.18 -2.18
CA PHE M 151 68.20 -51.52 -2.75
C PHE M 151 68.70 -51.46 -4.18
N THR M 152 69.60 -52.36 -4.52
CA THR M 152 70.08 -52.42 -5.89
C THR M 152 69.95 -53.80 -6.51
N ASN M 153 70.17 -54.86 -5.74
CA ASN M 153 70.05 -56.21 -6.25
C ASN M 153 68.95 -56.96 -5.51
N THR M 154 68.60 -58.13 -6.04
CA THR M 154 67.54 -58.92 -5.46
C THR M 154 67.98 -59.76 -4.28
N PHE M 155 69.28 -59.78 -3.97
CA PHE M 155 69.70 -60.48 -2.76
C PHE M 155 69.33 -59.68 -1.52
N GLN M 156 69.46 -58.36 -1.59
CA GLN M 156 69.07 -57.51 -0.47
C GLN M 156 67.57 -57.58 -0.22
N LEU M 157 66.78 -57.65 -1.28
CA LEU M 157 65.35 -57.83 -1.12
C LEU M 157 65.03 -59.18 -0.48
N TYR M 158 65.71 -60.24 -0.93
CA TYR M 158 65.42 -61.57 -0.41
C TYR M 158 65.77 -61.68 1.07
N CYS M 159 66.93 -61.15 1.46
CA CYS M 159 67.35 -61.26 2.85
C CYS M 159 66.52 -60.37 3.76
N THR M 160 65.87 -59.36 3.22
CA THR M 160 64.91 -58.59 4.01
C THR M 160 63.62 -59.38 4.21
N ALA M 161 63.20 -60.13 3.18
CA ALA M 161 62.07 -61.03 3.34
C ALA M 161 62.36 -62.10 4.38
N ILE M 162 63.58 -62.64 4.37
CA ILE M 162 63.98 -63.56 5.43
C ILE M 162 64.00 -62.83 6.77
N GLY M 163 64.52 -61.60 6.78
CA GLY M 163 64.54 -60.81 8.00
C GLY M 163 63.18 -60.40 8.51
N GLY M 164 62.14 -60.58 7.72
CA GLY M 164 60.79 -60.28 8.17
C GLY M 164 60.06 -61.51 8.67
N LEU M 165 60.33 -62.66 8.06
CA LEU M 165 59.76 -63.91 8.56
C LEU M 165 60.29 -64.23 9.94
N VAL M 166 61.60 -64.06 10.16
CA VAL M 166 62.13 -64.27 11.51
C VAL M 166 61.67 -63.16 12.44
N MET M 167 61.26 -62.01 11.89
CA MET M 167 60.74 -60.95 12.72
C MET M 167 59.28 -61.19 13.07
N ALA M 168 58.55 -61.87 12.19
CA ALA M 168 57.19 -62.29 12.51
C ALA M 168 57.16 -63.39 13.56
N ALA M 169 58.14 -64.29 13.51
CA ALA M 169 58.25 -65.33 14.53
C ALA M 169 58.48 -64.73 15.90
N LEU M 170 59.20 -63.61 15.98
CA LEU M 170 59.36 -62.94 17.27
C LEU M 170 58.05 -62.37 17.75
N MET M 171 57.23 -61.85 16.83
CA MET M 171 55.95 -61.29 17.23
C MET M 171 55.01 -62.36 17.74
N LEU M 172 55.01 -63.53 17.11
CA LEU M 172 54.18 -64.63 17.61
C LEU M 172 54.67 -65.10 18.96
N PHE M 173 55.98 -65.24 19.14
CA PHE M 173 56.49 -65.68 20.43
C PHE M 173 56.21 -64.64 21.50
N ALA M 174 56.36 -63.35 21.17
CA ALA M 174 56.12 -62.30 22.14
C ALA M 174 54.65 -62.21 22.56
N GLY M 175 53.73 -62.65 21.70
CA GLY M 175 52.34 -62.64 22.05
C GLY M 175 51.96 -63.82 22.92
N TRP M 176 52.50 -64.99 22.60
CA TRP M 176 52.31 -66.13 23.48
C TRP M 176 52.98 -65.90 24.81
N PHE M 177 54.16 -65.29 24.80
CA PHE M 177 54.90 -65.07 26.04
C PHE M 177 54.16 -64.10 26.95
N HIS M 178 53.51 -63.10 26.39
CA HIS M 178 52.84 -62.09 27.17
C HIS M 178 51.38 -62.39 27.43
N TYR M 179 50.96 -63.62 27.18
CA TYR M 179 49.63 -64.02 27.62
C TYR M 179 49.70 -65.30 28.43
N HIS M 180 50.70 -66.13 28.15
CA HIS M 180 50.79 -67.44 28.77
C HIS M 180 51.96 -67.62 29.71
N LYS M 181 52.97 -66.76 29.64
CA LYS M 181 54.11 -66.86 30.55
C LYS M 181 54.22 -65.66 31.49
N ARG M 182 54.35 -64.45 30.96
CA ARG M 182 54.49 -63.25 31.78
C ARG M 182 53.49 -62.23 31.28
N ALA M 183 52.31 -62.29 31.79
CA ALA M 183 51.31 -61.31 31.40
C ALA M 183 51.36 -60.13 32.37
N PRO M 184 51.41 -58.90 31.87
CA PRO M 184 51.47 -57.75 32.78
C PRO M 184 50.17 -57.57 33.54
N LYS M 185 50.28 -56.96 34.71
CA LYS M 185 49.10 -56.62 35.49
C LYS M 185 48.50 -55.33 34.98
N LEU M 186 47.41 -54.89 35.63
CA LEU M 186 46.71 -53.69 35.16
C LEU M 186 47.51 -52.43 35.44
N GLU M 187 48.30 -52.41 36.51
CA GLU M 187 49.12 -51.24 36.81
C GLU M 187 50.14 -50.97 35.72
N TRP M 188 50.60 -52.02 35.05
CA TRP M 188 51.54 -51.82 33.95
C TRP M 188 50.87 -51.18 32.76
N PHE M 189 49.57 -51.42 32.58
CA PHE M 189 48.89 -50.88 31.41
C PHE M 189 48.45 -49.45 31.63
N GLN M 190 48.03 -49.11 32.85
CA GLN M 190 47.35 -47.86 33.10
C GLN M 190 48.29 -46.67 33.20
N ASN M 191 49.60 -46.88 33.18
CA ASN M 191 50.52 -45.75 33.12
C ASN M 191 50.75 -45.36 31.66
N THR M 192 49.70 -44.76 31.09
CA THR M 192 49.75 -44.24 29.74
C THR M 192 50.73 -43.09 29.62
N GLN M 193 51.04 -42.44 30.73
CA GLN M 193 51.93 -41.31 30.73
C GLN M 193 53.37 -41.73 30.45
N SER M 194 53.73 -42.94 30.87
CA SER M 194 55.02 -43.53 30.51
C SER M 194 55.03 -44.10 29.10
N MET M 195 53.88 -44.53 28.59
CA MET M 195 53.80 -45.05 27.23
C MET M 195 53.99 -43.94 26.21
N LEU M 196 53.47 -42.75 26.51
CA LEU M 196 53.65 -41.62 25.63
C LEU M 196 55.10 -41.20 25.55
N ASN M 197 55.84 -41.31 26.64
CA ASN M 197 57.26 -40.97 26.63
C ASN M 197 58.04 -41.88 25.71
N HIS M 198 57.75 -43.18 25.74
CA HIS M 198 58.53 -44.10 24.91
C HIS M 198 58.05 -44.14 23.47
N HIS M 199 56.77 -43.89 23.23
CA HIS M 199 56.30 -43.89 21.86
C HIS M 199 56.70 -42.61 21.14
N LEU M 200 56.72 -41.49 21.85
CA LEU M 200 57.14 -40.25 21.23
C LEU M 200 58.64 -40.21 21.01
N ALA M 201 59.41 -40.66 21.99
CA ALA M 201 60.86 -40.60 21.90
C ALA M 201 61.47 -41.89 21.39
N GLY M 202 61.12 -43.03 21.98
CA GLY M 202 61.78 -44.27 21.63
C GLY M 202 61.30 -44.87 20.33
N LEU M 203 60.08 -44.58 19.92
CA LEU M 203 59.53 -45.20 18.71
C LEU M 203 59.53 -44.25 17.53
N LEU M 204 58.91 -43.08 17.69
CA LEU M 204 58.89 -42.13 16.59
C LEU M 204 60.16 -41.31 16.54
N GLY M 205 60.78 -41.02 17.67
CA GLY M 205 62.01 -40.25 17.67
C GLY M 205 63.19 -41.08 17.25
N LEU M 206 63.39 -42.21 17.91
CA LEU M 206 64.48 -43.10 17.54
C LEU M 206 64.25 -43.76 16.20
N GLY M 207 63.00 -43.93 15.79
CA GLY M 207 62.75 -44.51 14.49
C GLY M 207 63.18 -43.61 13.34
N SER M 208 62.86 -42.33 13.45
CA SER M 208 63.28 -41.37 12.43
C SER M 208 64.72 -40.92 12.61
N LEU M 209 65.29 -41.15 13.79
CA LEU M 209 66.74 -41.01 13.94
C LEU M 209 67.45 -42.20 13.31
N GLY M 210 66.90 -43.39 13.49
CA GLY M 210 67.46 -44.55 12.82
C GLY M 210 67.36 -44.44 11.31
N TRP M 211 66.23 -43.94 10.81
CA TRP M 211 66.04 -43.87 9.37
C TRP M 211 66.95 -42.84 8.73
N THR M 212 67.09 -41.66 9.35
CA THR M 212 68.03 -40.70 8.81
C THR M 212 69.47 -41.18 8.91
N GLY M 213 69.74 -42.15 9.77
CA GLY M 213 71.00 -42.85 9.69
C GLY M 213 71.13 -43.67 8.42
N HIS M 214 70.06 -44.37 8.04
CA HIS M 214 70.05 -45.11 6.80
C HIS M 214 70.14 -44.20 5.59
N LEU M 215 69.37 -43.11 5.60
CA LEU M 215 69.30 -42.22 4.44
C LEU M 215 70.68 -41.67 4.11
N ILE M 216 71.41 -41.21 5.11
CA ILE M 216 72.70 -40.58 4.89
C ILE M 216 73.73 -41.60 4.42
N HIS M 217 73.66 -42.82 4.92
CA HIS M 217 74.71 -43.80 4.67
C HIS M 217 74.35 -44.88 3.67
N VAL M 218 73.09 -44.99 3.29
CA VAL M 218 72.72 -45.96 2.27
C VAL M 218 72.02 -45.26 1.12
N SER M 219 70.94 -44.55 1.42
CA SER M 219 70.07 -44.03 0.37
C SER M 219 70.69 -42.83 -0.34
N LEU M 220 71.25 -41.89 0.41
CA LEU M 220 71.86 -40.73 -0.22
C LEU M 220 73.03 -41.08 -1.14
N PRO M 221 74.00 -41.92 -0.76
CA PRO M 221 75.05 -42.27 -1.71
C PRO M 221 74.54 -43.09 -2.88
N THR M 222 73.69 -44.08 -2.62
CA THR M 222 73.20 -44.93 -3.69
C THR M 222 72.41 -44.15 -4.71
N ASN M 223 71.53 -43.27 -4.26
CA ASN M 223 70.76 -42.46 -5.20
C ASN M 223 71.57 -41.31 -5.77
N LYS M 224 72.72 -40.98 -5.19
CA LYS M 224 73.62 -40.04 -5.82
C LYS M 224 74.24 -40.62 -7.07
N LEU M 225 74.73 -41.85 -6.99
CA LEU M 225 75.36 -42.50 -8.14
C LEU M 225 74.35 -42.96 -9.17
N LEU M 226 73.16 -43.40 -8.74
CA LEU M 226 72.15 -43.83 -9.68
C LEU M 226 71.64 -42.69 -10.55
N ASP M 227 71.80 -41.45 -10.11
CA ASP M 227 71.44 -40.30 -10.94
C ASP M 227 72.50 -39.96 -11.98
N THR M 228 73.70 -40.49 -11.85
CA THR M 228 74.73 -40.30 -12.86
C THR M 228 74.83 -41.46 -13.83
N GLY M 229 73.98 -42.48 -13.69
CA GLY M 229 73.97 -43.57 -14.63
C GLY M 229 75.18 -44.48 -14.54
N VAL M 230 75.28 -45.25 -13.46
CA VAL M 230 76.39 -46.20 -13.31
C VAL M 230 75.97 -47.64 -13.57
N ALA M 231 74.67 -47.91 -13.70
CA ALA M 231 74.13 -49.15 -14.27
C ALA M 231 74.49 -50.39 -13.43
N LEU M 232 74.40 -50.26 -12.10
CA LEU M 232 74.38 -51.37 -11.16
C LEU M 232 75.66 -52.21 -11.13
N LYS M 233 76.64 -51.91 -11.98
CA LYS M 233 77.99 -52.42 -11.78
C LYS M 233 78.74 -51.56 -10.78
N ASP M 234 78.88 -50.27 -11.09
CA ASP M 234 79.71 -49.38 -10.30
C ASP M 234 79.05 -48.94 -9.00
N ILE M 235 77.79 -49.33 -8.76
CA ILE M 235 77.18 -49.11 -7.46
C ILE M 235 77.91 -49.95 -6.42
N PRO M 236 78.48 -49.32 -5.39
CA PRO M 236 79.00 -50.10 -4.27
C PRO M 236 77.85 -50.60 -3.42
N LEU M 237 78.07 -51.73 -2.77
CA LEU M 237 77.10 -52.21 -1.81
C LEU M 237 77.06 -51.24 -0.62
N PRO M 238 75.93 -51.14 0.07
CA PRO M 238 75.78 -50.08 1.09
C PRO M 238 76.81 -50.14 2.19
N HIS M 239 77.32 -51.32 2.52
CA HIS M 239 78.36 -51.39 3.54
C HIS M 239 79.69 -50.89 3.03
N GLU M 240 79.95 -51.02 1.73
CA GLU M 240 81.20 -50.53 1.16
C GLU M 240 81.29 -49.01 1.19
N PHE M 241 80.19 -48.32 1.50
CA PHE M 241 80.26 -46.89 1.77
C PHE M 241 80.79 -46.57 3.15
N ILE M 242 80.72 -47.52 4.09
CA ILE M 242 81.19 -47.30 5.45
C ILE M 242 82.53 -47.96 5.70
N LEU M 243 82.72 -49.19 5.22
CA LEU M 243 84.04 -49.80 5.22
C LEU M 243 85.05 -48.98 4.43
N ASN M 244 84.60 -48.32 3.37
CA ASN M 244 85.50 -47.47 2.61
C ASN M 244 85.03 -46.03 2.77
N PRO M 245 85.41 -45.35 3.85
CA PRO M 245 84.96 -43.98 4.05
C PRO M 245 85.50 -43.01 3.03
N SER M 246 86.62 -43.34 2.38
CA SER M 246 87.14 -42.50 1.31
C SER M 246 86.22 -42.48 0.09
N LEU M 247 85.34 -43.47 -0.02
CA LEU M 247 84.43 -43.56 -1.16
C LEU M 247 83.35 -42.49 -1.12
N MET M 248 83.05 -41.93 0.06
CA MET M 248 82.09 -40.84 0.17
C MET M 248 82.77 -39.50 0.35
N ASN M 249 83.94 -39.30 -0.24
CA ASN M 249 84.51 -37.95 -0.28
C ASN M 249 84.46 -37.33 -1.66
N LYS M 250 84.42 -38.14 -2.72
CA LYS M 250 84.08 -37.60 -4.03
C LYS M 250 82.62 -37.17 -4.06
N LEU M 251 81.77 -37.80 -3.27
CA LEU M 251 80.41 -37.35 -3.02
C LEU M 251 80.40 -36.63 -1.69
N TYR M 252 79.71 -35.50 -1.62
CA TYR M 252 79.66 -34.67 -0.42
C TYR M 252 81.07 -34.35 0.11
N PRO M 253 81.89 -33.63 -0.66
CA PRO M 253 83.28 -33.41 -0.24
C PRO M 253 83.42 -32.45 0.93
N HIS M 254 82.38 -31.70 1.26
CA HIS M 254 82.50 -30.68 2.30
C HIS M 254 82.50 -31.26 3.70
N ALA M 255 82.22 -32.54 3.86
CA ALA M 255 82.34 -33.22 5.14
C ALA M 255 83.69 -33.94 5.21
N ASP M 256 83.87 -34.76 6.23
CA ASP M 256 85.17 -35.38 6.47
C ASP M 256 85.16 -36.90 6.34
N TRP M 257 84.11 -37.56 6.81
CA TRP M 257 83.83 -38.98 6.57
C TRP M 257 84.94 -39.87 7.12
N GLY M 258 85.04 -39.87 8.44
CA GLY M 258 85.85 -40.83 9.15
C GLY M 258 85.13 -41.23 10.42
N PHE M 259 85.62 -42.32 11.03
CA PHE M 259 84.97 -42.91 12.20
C PHE M 259 84.77 -41.86 13.28
N VAL M 260 85.86 -41.28 13.77
CA VAL M 260 85.80 -40.24 14.78
C VAL M 260 86.05 -38.86 14.16
N LYS M 261 86.98 -38.78 13.22
CA LYS M 261 87.35 -37.50 12.62
C LYS M 261 86.22 -36.88 11.80
N GLY M 262 85.25 -37.67 11.36
CA GLY M 262 84.19 -37.14 10.53
C GLY M 262 82.89 -36.84 11.25
N VAL M 263 82.80 -37.21 12.52
CA VAL M 263 81.58 -37.03 13.28
C VAL M 263 81.64 -35.83 14.22
N VAL M 264 82.84 -35.41 14.62
CA VAL M 264 83.02 -34.29 15.55
C VAL M 264 82.49 -32.94 15.06
N PRO M 265 82.26 -32.66 13.76
CA PRO M 265 81.52 -31.43 13.45
C PRO M 265 80.14 -31.37 14.06
N PHE M 266 79.52 -32.51 14.33
CA PHE M 266 78.22 -32.51 14.99
C PHE M 266 78.33 -32.03 16.43
N PHE M 267 79.33 -32.54 17.16
CA PHE M 267 79.47 -32.20 18.58
C PHE M 267 80.04 -30.81 18.79
N THR M 268 81.00 -30.41 17.97
CA THR M 268 81.55 -29.06 18.07
C THR M 268 80.66 -28.02 17.40
N LEU M 269 79.48 -28.43 16.93
CA LEU M 269 78.44 -27.53 16.42
C LEU M 269 78.90 -26.77 15.19
N GLN M 270 79.86 -27.31 14.45
CA GLN M 270 80.23 -26.77 13.16
C GLN M 270 79.44 -27.48 12.06
N TRP M 271 78.12 -27.30 12.12
CA TRP M 271 77.20 -28.03 11.26
C TRP M 271 77.24 -27.58 9.81
N GLY M 272 78.07 -26.59 9.48
CA GLY M 272 78.19 -26.17 8.09
C GLY M 272 78.81 -27.21 7.18
N HIS M 273 79.57 -28.16 7.73
CA HIS M 273 80.12 -29.22 6.91
C HIS M 273 79.06 -30.21 6.46
N PHE M 274 77.90 -30.19 7.09
CA PHE M 274 76.81 -31.09 6.75
C PHE M 274 75.87 -30.53 5.70
N THR M 275 76.08 -29.29 5.27
CA THR M 275 75.14 -28.60 4.38
C THR M 275 75.07 -29.22 3.00
N ASP M 276 76.01 -30.09 2.64
CA ASP M 276 76.00 -30.67 1.31
C ASP M 276 75.19 -31.96 1.22
N PHE M 277 74.95 -32.64 2.34
CA PHE M 277 74.08 -33.80 2.32
C PHE M 277 72.86 -33.67 3.21
N LEU M 278 72.76 -32.62 4.02
CA LEU M 278 71.52 -32.29 4.73
C LEU M 278 71.10 -30.94 4.20
N THR M 279 70.48 -30.92 3.04
CA THR M 279 70.12 -29.68 2.38
C THR M 279 68.73 -29.27 2.80
N PHE M 280 68.33 -28.09 2.36
CA PHE M 280 66.98 -27.59 2.57
C PHE M 280 66.46 -27.05 1.23
N LYS M 281 66.68 -27.83 0.17
CA LYS M 281 66.33 -27.38 -1.17
C LYS M 281 64.82 -27.24 -1.33
N GLY M 282 64.08 -28.29 -0.97
CA GLY M 282 62.63 -28.22 -0.99
C GLY M 282 62.03 -28.08 -2.37
N GLY M 283 62.13 -29.13 -3.16
CA GLY M 283 61.50 -29.15 -4.45
C GLY M 283 61.51 -30.58 -4.92
N LEU M 284 61.38 -30.76 -6.21
CA LEU M 284 61.48 -32.08 -6.81
C LEU M 284 62.80 -32.20 -7.52
N ASN M 285 63.55 -33.26 -7.20
CA ASN M 285 64.75 -33.64 -7.90
C ASN M 285 64.41 -33.87 -9.36
N PRO M 286 64.94 -33.05 -10.28
CA PRO M 286 64.41 -33.02 -11.64
C PRO M 286 64.81 -34.19 -12.50
N VAL M 287 65.67 -35.09 -12.01
CA VAL M 287 66.08 -36.22 -12.83
C VAL M 287 65.22 -37.43 -12.47
N THR M 288 64.74 -37.48 -11.23
CA THR M 288 63.86 -38.56 -10.81
C THR M 288 62.43 -38.11 -10.53
N GLY M 289 62.20 -36.83 -10.28
CA GLY M 289 60.88 -36.35 -9.99
C GLY M 289 60.48 -36.44 -8.53
N GLY M 290 61.22 -37.19 -7.72
CA GLY M 290 60.95 -37.29 -6.31
C GLY M 290 61.56 -36.16 -5.53
N LEU M 291 61.32 -36.17 -4.23
CA LEU M 291 61.95 -35.19 -3.37
C LEU M 291 63.44 -35.45 -3.31
N TRP M 292 64.21 -34.39 -3.04
CA TRP M 292 65.63 -34.53 -2.81
C TRP M 292 65.85 -35.39 -1.58
N LEU M 293 66.60 -36.47 -1.72
CA LEU M 293 66.84 -37.32 -0.56
C LEU M 293 67.70 -36.62 0.47
N THR M 294 68.57 -35.72 0.04
CA THR M 294 69.30 -34.90 0.99
C THR M 294 68.34 -34.01 1.77
N ASP M 295 67.27 -33.58 1.13
CA ASP M 295 66.23 -32.80 1.78
C ASP M 295 65.34 -33.68 2.65
N VAL M 296 65.16 -34.94 2.27
CA VAL M 296 64.43 -35.90 3.09
C VAL M 296 65.22 -36.29 4.32
N ALA M 297 66.54 -36.51 4.15
CA ALA M 297 67.38 -36.89 5.28
C ALA M 297 67.43 -35.79 6.32
N HIS M 298 67.42 -34.54 5.88
CA HIS M 298 67.36 -33.43 6.80
C HIS M 298 66.03 -33.39 7.53
N HIS M 299 64.97 -33.78 6.85
CA HIS M 299 63.65 -33.80 7.45
C HIS M 299 63.57 -34.78 8.61
N HIS M 300 64.06 -36.00 8.42
CA HIS M 300 63.94 -37.00 9.46
C HIS M 300 64.80 -36.66 10.64
N LEU M 301 65.94 -36.02 10.40
CA LEU M 301 66.77 -35.56 11.49
C LEU M 301 66.07 -34.44 12.26
N ALA M 302 65.37 -33.56 11.57
CA ALA M 302 64.57 -32.55 12.24
C ALA M 302 63.40 -33.18 12.98
N ILE M 303 62.79 -34.20 12.39
CA ILE M 303 61.69 -34.91 13.04
C ILE M 303 62.20 -35.69 14.25
N ALA M 304 63.34 -36.36 14.10
CA ALA M 304 63.89 -37.14 15.20
C ALA M 304 64.19 -36.26 16.41
N VAL M 305 64.89 -35.16 16.18
CA VAL M 305 65.24 -34.26 17.28
C VAL M 305 63.98 -33.74 17.95
N MET M 306 62.97 -33.45 17.16
CA MET M 306 61.74 -32.85 17.67
C MET M 306 60.81 -33.86 18.32
N PHE M 307 60.96 -35.16 18.01
CA PHE M 307 60.18 -36.19 18.69
C PHE M 307 60.85 -36.72 19.95
N ILE M 308 62.18 -36.86 19.94
CA ILE M 308 62.88 -37.21 21.17
C ILE M 308 62.65 -36.14 22.22
N ILE M 309 62.68 -34.88 21.81
CA ILE M 309 62.32 -33.80 22.72
C ILE M 309 60.89 -33.96 23.22
N ALA M 310 59.97 -34.33 22.32
CA ALA M 310 58.58 -34.48 22.70
C ALA M 310 58.35 -35.61 23.69
N GLY M 311 59.21 -36.61 23.69
CA GLY M 311 59.05 -37.73 24.58
C GLY M 311 59.49 -37.49 26.00
N HIS M 312 60.02 -36.31 26.30
CA HIS M 312 60.38 -35.93 27.64
C HIS M 312 59.35 -35.00 28.27
N MET M 313 58.16 -34.94 27.70
CA MET M 313 57.19 -33.99 28.20
C MET M 313 56.48 -34.52 29.44
N TYR M 314 56.20 -35.81 29.50
CA TYR M 314 55.37 -36.36 30.55
C TYR M 314 56.20 -36.96 31.67
N ARG M 315 55.63 -37.00 32.87
CA ARG M 315 56.35 -37.28 34.09
C ARG M 315 56.25 -38.76 34.43
N THR M 316 57.36 -39.46 34.30
CA THR M 316 57.50 -40.80 34.85
C THR M 316 58.11 -40.67 36.25
N ASN M 317 58.63 -41.76 36.80
CA ASN M 317 59.00 -41.80 38.21
C ASN M 317 60.20 -40.92 38.59
N TRP M 318 60.76 -40.02 37.78
CA TRP M 318 61.81 -39.12 38.23
C TRP M 318 61.30 -37.70 38.48
N GLY M 319 60.05 -37.58 38.92
CA GLY M 319 59.58 -36.30 39.43
C GLY M 319 59.30 -35.25 38.37
N ILE M 320 60.22 -35.08 37.45
CA ILE M 320 60.16 -34.00 36.49
C ILE M 320 59.30 -34.43 35.31
N GLY M 321 58.54 -33.50 34.75
CA GLY M 321 57.70 -33.75 33.62
C GLY M 321 56.31 -33.23 33.84
N HIS M 322 55.39 -33.60 32.95
CA HIS M 322 54.00 -33.20 33.05
C HIS M 322 53.16 -34.36 33.55
N SER M 323 52.02 -34.01 34.14
CA SER M 323 51.00 -35.01 34.46
C SER M 323 49.77 -34.69 33.64
N ILE M 324 49.39 -35.63 32.77
CA ILE M 324 48.18 -35.48 31.99
C ILE M 324 46.97 -35.42 32.89
N LYS M 325 47.02 -36.12 34.03
CA LYS M 325 45.86 -36.25 34.91
C LYS M 325 45.33 -34.90 35.35
N GLU M 326 46.22 -34.01 35.79
CA GLU M 326 45.79 -32.71 36.27
C GLU M 326 46.26 -31.57 35.37
N MET M 327 46.71 -31.90 34.16
CA MET M 327 46.60 -30.94 33.08
C MET M 327 45.19 -30.93 32.53
N LEU M 328 44.57 -32.10 32.46
CA LEU M 328 43.15 -32.18 32.11
C LEU M 328 42.30 -31.56 33.19
N ASP M 329 42.52 -31.95 34.45
CA ASP M 329 41.68 -31.49 35.55
C ASP M 329 41.74 -29.98 35.77
N ASP M 330 42.74 -29.30 35.22
CA ASP M 330 42.84 -27.86 35.35
C ASP M 330 42.26 -27.11 34.17
N ALA M 331 41.64 -27.80 33.22
CA ALA M 331 40.91 -27.11 32.15
C ALA M 331 39.45 -26.90 32.53
N ARG M 332 39.25 -26.32 33.71
CA ARG M 332 37.95 -25.97 34.25
C ARG M 332 37.60 -24.58 33.73
N THR M 333 36.60 -23.93 34.31
CA THR M 333 36.44 -22.55 33.85
C THR M 333 36.54 -21.43 34.91
N PRO M 334 37.44 -21.51 35.89
CA PRO M 334 37.98 -20.26 36.40
C PRO M 334 39.15 -19.83 35.52
N ASN M 335 39.69 -20.80 34.78
CA ASN M 335 40.88 -20.60 33.96
C ASN M 335 40.72 -21.11 32.52
N MET M 336 40.06 -20.29 31.70
CA MET M 336 40.01 -20.45 30.26
C MET M 336 40.04 -19.07 29.63
N LEU M 337 40.22 -19.04 28.32
CA LEU M 337 39.98 -17.80 27.60
C LEU M 337 38.50 -17.45 27.76
N PRO M 338 38.17 -16.16 27.90
CA PRO M 338 36.79 -15.78 28.20
C PRO M 338 35.78 -16.23 27.15
N PHE M 339 36.19 -16.30 25.88
CA PHE M 339 35.23 -16.66 24.84
C PHE M 339 34.99 -18.16 24.75
N LEU M 340 35.82 -18.98 25.38
CA LEU M 340 35.58 -20.42 25.41
C LEU M 340 35.51 -20.92 26.85
N SER M 341 35.11 -20.05 27.75
CA SER M 341 34.90 -20.38 29.15
C SER M 341 33.56 -21.03 29.41
N PHE M 342 32.86 -21.50 28.37
CA PHE M 342 31.54 -22.06 28.55
C PHE M 342 31.54 -23.53 28.94
N ILE M 343 32.69 -24.20 28.93
CA ILE M 343 32.72 -25.64 29.17
C ILE M 343 32.94 -25.85 30.68
N GLY M 344 31.91 -25.51 31.44
CA GLY M 344 31.72 -26.10 32.75
C GLY M 344 32.69 -25.68 33.84
N PRO M 345 32.19 -25.51 35.06
CA PRO M 345 33.11 -25.45 36.20
C PRO M 345 33.91 -26.72 36.37
N VAL M 346 33.33 -27.87 36.03
CA VAL M 346 34.05 -29.12 36.12
C VAL M 346 35.05 -29.24 34.97
N GLY M 347 34.61 -28.91 33.76
CA GLY M 347 35.49 -28.93 32.61
C GLY M 347 35.90 -30.31 32.19
N HIS M 348 37.16 -30.65 32.42
CA HIS M 348 37.74 -31.89 31.94
C HIS M 348 38.00 -32.90 33.05
N LYS M 349 37.51 -32.64 34.26
CA LYS M 349 37.71 -33.60 35.33
C LYS M 349 36.97 -34.90 35.03
N GLY M 350 37.57 -36.00 35.47
CA GLY M 350 36.98 -37.29 35.21
C GLY M 350 37.18 -37.78 33.80
N LEU M 351 37.98 -37.09 33.01
CA LEU M 351 38.20 -37.48 31.63
C LEU M 351 39.52 -38.20 31.44
N PHE M 352 40.46 -38.07 32.39
CA PHE M 352 41.63 -38.93 32.38
C PHE M 352 41.28 -40.35 32.78
N GLU M 353 40.24 -40.54 33.59
CA GLU M 353 39.78 -41.88 33.90
C GLU M 353 38.99 -42.49 32.76
N VAL M 354 38.48 -41.67 31.84
CA VAL M 354 37.81 -42.21 30.66
C VAL M 354 38.83 -42.85 29.72
N LEU M 355 39.89 -42.13 29.41
CA LEU M 355 40.91 -42.56 28.48
C LEU M 355 41.94 -43.48 29.10
N THR M 356 41.71 -43.95 30.31
CA THR M 356 42.59 -44.91 30.94
C THR M 356 41.90 -46.19 31.33
N THR M 357 40.62 -46.12 31.72
CA THR M 357 39.90 -47.31 32.17
C THR M 357 39.06 -47.94 31.06
N SER M 358 39.19 -47.47 29.83
CA SER M 358 38.42 -48.06 28.74
C SER M 358 39.20 -48.02 27.46
N TRP M 359 39.29 -49.17 26.79
CA TRP M 359 40.03 -49.27 25.55
C TRP M 359 39.26 -48.73 24.35
N HIS M 360 37.93 -48.71 24.43
CA HIS M 360 37.15 -48.19 23.31
C HIS M 360 37.29 -46.69 23.20
N ALA M 361 37.45 -46.00 24.32
CA ALA M 361 37.74 -44.58 24.29
C ALA M 361 39.05 -44.32 23.56
N GLN M 362 40.06 -45.13 23.84
CA GLN M 362 41.34 -44.99 23.15
C GLN M 362 41.22 -45.39 21.69
N LEU M 363 40.53 -46.49 21.40
CA LEU M 363 40.43 -46.95 20.03
C LEU M 363 39.66 -45.97 19.16
N SER M 364 38.67 -45.29 19.73
CA SER M 364 37.93 -44.31 18.96
C SER M 364 38.81 -43.14 18.53
N ILE M 365 39.65 -42.63 19.43
CA ILE M 365 40.54 -41.53 19.07
C ILE M 365 41.65 -42.00 18.16
N ASN M 366 42.23 -43.15 18.47
CA ASN M 366 43.38 -43.62 17.71
C ASN M 366 43.00 -44.05 16.31
N LEU M 367 41.73 -44.36 16.08
CA LEU M 367 41.28 -44.68 14.72
C LEU M 367 40.93 -43.41 13.96
N ALA M 368 40.28 -42.46 14.62
CA ALA M 368 39.90 -41.23 13.94
C ALA M 368 41.11 -40.40 13.58
N MET M 369 42.22 -40.56 14.29
CA MET M 369 43.45 -39.88 13.90
C MET M 369 44.34 -40.70 12.99
N LEU M 370 44.30 -42.02 13.08
CA LEU M 370 45.01 -42.78 12.07
C LEU M 370 44.28 -42.71 10.74
N GLY M 371 42.94 -42.60 10.78
CA GLY M 371 42.21 -42.41 9.56
C GLY M 371 42.45 -41.05 8.92
N SER M 372 42.47 -40.00 9.73
CA SER M 372 42.73 -38.68 9.21
C SER M 372 44.17 -38.53 8.75
N LEU M 373 45.09 -39.22 9.42
CA LEU M 373 46.48 -39.22 8.98
C LEU M 373 46.62 -39.89 7.63
N SER M 374 45.92 -40.99 7.41
CA SER M 374 46.03 -41.71 6.16
C SER M 374 45.52 -40.89 4.98
N ILE M 375 44.54 -40.03 5.21
CA ILE M 375 44.05 -39.17 4.14
C ILE M 375 44.99 -37.98 3.92
N ILE M 376 45.56 -37.46 5.00
CA ILE M 376 46.57 -36.41 4.89
C ILE M 376 47.79 -36.92 4.15
N ILE M 377 48.21 -38.15 4.46
CA ILE M 377 49.34 -38.77 3.78
C ILE M 377 49.06 -38.92 2.30
N ALA M 378 47.83 -39.28 1.93
CA ALA M 378 47.49 -39.42 0.52
C ALA M 378 47.60 -38.10 -0.21
N HIS M 379 47.17 -37.00 0.42
CA HIS M 379 47.28 -35.68 -0.19
C HIS M 379 48.70 -35.20 -0.30
N HIS M 380 49.60 -35.67 0.55
CA HIS M 380 50.97 -35.20 0.54
C HIS M 380 51.87 -36.01 -0.35
N MET M 381 51.50 -37.24 -0.67
CA MET M 381 52.36 -38.07 -1.50
C MET M 381 52.04 -37.96 -2.98
N TYR M 382 51.09 -37.11 -3.36
CA TYR M 382 50.93 -36.76 -4.76
C TYR M 382 51.45 -35.38 -5.05
N ALA M 383 51.26 -34.44 -4.14
CA ALA M 383 51.62 -33.05 -4.37
C ALA M 383 53.10 -32.81 -4.20
N MET M 384 53.80 -33.78 -3.64
CA MET M 384 55.24 -33.69 -3.45
C MET M 384 55.77 -35.12 -3.31
N PRO M 385 55.91 -35.82 -4.42
CA PRO M 385 56.24 -37.24 -4.38
C PRO M 385 57.61 -37.46 -3.78
N PRO M 386 57.69 -38.31 -2.76
CA PRO M 386 58.96 -38.54 -2.07
C PRO M 386 59.86 -39.58 -2.73
N TYR M 387 59.35 -40.35 -3.64
CA TYR M 387 60.06 -41.48 -4.18
C TYR M 387 60.53 -41.20 -5.59
N PRO M 388 61.69 -41.75 -5.97
CA PRO M 388 62.17 -41.54 -7.34
C PRO M 388 61.26 -42.23 -8.33
N TYR M 389 60.96 -41.52 -9.42
CA TYR M 389 60.14 -42.02 -10.52
C TYR M 389 58.76 -42.44 -10.04
N LEU M 390 58.28 -41.81 -8.96
CA LEU M 390 56.94 -42.09 -8.48
C LEU M 390 55.91 -41.29 -9.27
N ALA M 391 56.15 -39.99 -9.40
CA ALA M 391 55.16 -39.09 -9.99
C ALA M 391 54.88 -39.43 -11.45
N THR M 392 55.87 -39.95 -12.16
CA THR M 392 55.67 -40.27 -13.56
C THR M 392 54.95 -41.60 -13.75
N ASP M 393 55.00 -42.49 -12.78
CA ASP M 393 54.19 -43.70 -12.84
C ASP M 393 52.79 -43.31 -12.43
N TYR M 394 51.98 -42.94 -13.42
CA TYR M 394 50.66 -42.40 -13.17
C TYR M 394 49.74 -43.44 -12.56
N GLY M 395 49.97 -44.71 -12.84
CA GLY M 395 49.15 -45.75 -12.23
C GLY M 395 49.45 -45.94 -10.76
N THR M 396 50.66 -45.57 -10.33
CA THR M 396 51.00 -45.69 -8.92
C THR M 396 50.54 -44.48 -8.13
N VAL M 397 50.62 -43.30 -8.73
CA VAL M 397 50.16 -42.09 -8.04
C VAL M 397 48.67 -42.19 -7.74
N VAL M 398 47.89 -42.67 -8.70
CA VAL M 398 46.46 -42.79 -8.45
C VAL M 398 46.17 -43.92 -7.47
N SER M 399 46.88 -45.03 -7.58
CA SER M 399 46.57 -46.18 -6.74
C SER M 399 47.13 -46.04 -5.34
N LEU M 400 48.03 -45.09 -5.10
CA LEU M 400 48.51 -44.84 -3.76
C LEU M 400 47.66 -43.81 -3.06
N PHE M 401 47.22 -42.78 -3.78
CA PHE M 401 46.26 -41.83 -3.24
C PHE M 401 44.95 -42.52 -2.93
N THR M 402 44.48 -43.36 -3.85
CA THR M 402 43.17 -43.98 -3.67
C THR M 402 43.18 -45.00 -2.56
N HIS M 403 44.27 -45.75 -2.43
CA HIS M 403 44.35 -46.75 -1.37
C HIS M 403 44.30 -46.10 -0.01
N HIS M 404 45.01 -44.99 0.17
CA HIS M 404 45.11 -44.41 1.48
C HIS M 404 43.93 -43.52 1.83
N VAL M 405 43.19 -43.04 0.84
CA VAL M 405 41.94 -42.36 1.15
C VAL M 405 40.91 -43.38 1.65
N TRP M 406 40.80 -44.52 0.97
CA TRP M 406 39.85 -45.54 1.41
C TRP M 406 40.24 -46.12 2.76
N ILE M 407 41.52 -46.42 2.95
CA ILE M 407 41.97 -46.91 4.24
C ILE M 407 41.72 -45.87 5.31
N GLY M 408 41.98 -44.60 5.00
CA GLY M 408 41.72 -43.56 5.95
C GLY M 408 40.27 -43.32 6.24
N GLY M 409 39.39 -43.68 5.32
CA GLY M 409 37.98 -43.44 5.55
C GLY M 409 37.31 -44.55 6.31
N PHE M 410 37.79 -45.78 6.14
CA PHE M 410 37.30 -46.88 6.96
C PHE M 410 37.68 -46.67 8.41
N LEU M 411 38.91 -46.23 8.66
CA LEU M 411 39.39 -46.03 10.01
C LEU M 411 38.61 -44.92 10.71
N ILE M 412 38.24 -43.88 9.99
CA ILE M 412 37.48 -42.80 10.58
C ILE M 412 36.11 -43.29 11.03
N VAL M 413 35.45 -44.10 10.20
CA VAL M 413 34.17 -44.68 10.58
C VAL M 413 34.32 -45.60 11.78
N GLY M 414 35.45 -46.30 11.86
CA GLY M 414 35.70 -47.13 13.03
C GLY M 414 36.02 -46.34 14.27
N GLY M 415 36.51 -45.12 14.11
CA GLY M 415 36.66 -44.26 15.26
C GLY M 415 35.33 -43.77 15.78
N ALA M 416 34.34 -43.68 14.91
CA ALA M 416 33.00 -43.32 15.34
C ALA M 416 32.20 -44.52 15.80
N ALA M 417 32.62 -45.72 15.43
CA ALA M 417 31.99 -46.91 15.99
C ALA M 417 32.31 -47.05 17.47
N HIS M 418 33.59 -46.97 17.82
CA HIS M 418 33.98 -47.16 19.20
C HIS M 418 33.76 -45.94 20.05
N ALA M 419 33.56 -44.78 19.45
CA ALA M 419 33.01 -43.68 20.20
C ALA M 419 31.60 -43.98 20.65
N ALA M 420 30.89 -44.85 19.95
CA ALA M 420 29.55 -45.25 20.32
C ALA M 420 29.53 -46.51 21.16
N ILE M 421 30.48 -47.41 20.96
CA ILE M 421 30.59 -48.56 21.86
C ILE M 421 31.05 -48.11 23.23
N TYR M 422 31.84 -47.04 23.30
CA TYR M 422 32.20 -46.48 24.59
C TYR M 422 30.97 -45.98 25.32
N MET M 423 30.05 -45.35 24.60
CA MET M 423 28.89 -44.75 25.24
C MET M 423 27.98 -45.82 25.84
N VAL M 424 27.73 -46.91 25.13
CA VAL M 424 26.72 -47.82 25.64
C VAL M 424 27.37 -48.98 26.36
N ARG M 425 28.65 -48.88 26.68
CA ARG M 425 29.25 -49.95 27.44
C ARG M 425 30.14 -49.43 28.56
N ASP M 426 30.93 -48.41 28.27
CA ASP M 426 31.93 -47.90 29.21
C ASP M 426 31.62 -46.52 29.73
N TYR M 427 30.57 -45.86 29.24
CA TYR M 427 30.25 -44.54 29.74
C TYR M 427 29.73 -44.63 31.16
N ASP M 428 30.33 -43.84 32.03
CA ASP M 428 30.05 -43.88 33.46
C ASP M 428 29.51 -42.52 33.87
N PRO M 429 28.26 -42.43 34.32
CA PRO M 429 27.71 -41.11 34.67
C PRO M 429 28.37 -40.45 35.87
N GLU M 430 28.87 -41.22 36.85
CA GLU M 430 29.38 -40.57 38.06
C GLU M 430 30.72 -39.90 37.81
N GLN M 431 31.64 -40.54 37.10
CA GLN M 431 32.91 -39.88 36.83
C GLN M 431 32.78 -38.82 35.75
N ASN M 432 31.64 -38.77 35.09
CA ASN M 432 31.42 -37.84 33.99
C ASN M 432 30.26 -36.92 34.29
N PHE M 433 30.20 -36.34 35.49
CA PHE M 433 29.11 -35.45 35.84
C PHE M 433 29.53 -34.02 35.53
N ASN M 434 28.75 -33.36 34.69
CA ASN M 434 28.90 -31.95 34.33
C ASN M 434 30.24 -31.64 33.67
N ASN M 435 31.02 -32.65 33.31
CA ASN M 435 32.32 -32.42 32.71
C ASN M 435 32.12 -32.17 31.22
N VAL M 436 33.20 -32.20 30.46
CA VAL M 436 33.12 -31.76 29.07
C VAL M 436 32.35 -32.78 28.23
N LEU M 437 32.39 -34.06 28.61
CA LEU M 437 31.66 -35.09 27.87
C LEU M 437 30.17 -35.03 28.18
N ASP M 438 29.81 -34.77 29.43
CA ASP M 438 28.41 -34.78 29.82
C ASP M 438 27.67 -33.57 29.25
N ARG M 439 28.34 -32.42 29.18
CA ARG M 439 27.73 -31.24 28.62
C ARG M 439 27.48 -31.34 27.13
N VAL M 440 28.10 -32.32 26.45
CA VAL M 440 27.78 -32.54 25.05
C VAL M 440 26.51 -33.35 24.91
N LEU M 441 26.38 -34.44 25.67
CA LEU M 441 25.14 -35.20 25.68
C LEU M 441 23.98 -34.39 26.18
N ARG M 442 24.24 -33.31 26.90
CA ARG M 442 23.16 -32.58 27.52
C ARG M 442 22.64 -31.50 26.58
N HIS M 443 23.25 -31.32 25.41
CA HIS M 443 22.71 -30.42 24.40
C HIS M 443 22.78 -31.04 23.01
N ARG M 444 22.74 -32.37 22.93
CA ARG M 444 22.92 -33.09 21.68
C ARG M 444 21.84 -32.85 20.64
N ASP M 445 20.80 -32.09 20.95
CA ASP M 445 19.86 -31.68 19.92
C ASP M 445 20.27 -30.42 19.22
N ALA M 446 21.04 -29.56 19.89
CA ALA M 446 21.60 -28.40 19.20
C ALA M 446 22.81 -28.77 18.37
N ILE M 447 23.49 -29.86 18.68
CA ILE M 447 24.57 -30.31 17.83
C ILE M 447 24.04 -30.94 16.56
N ILE M 448 22.97 -31.72 16.64
CA ILE M 448 22.48 -32.43 15.47
C ILE M 448 21.58 -31.54 14.62
N SER M 449 20.85 -30.61 15.25
CA SER M 449 20.05 -29.67 14.47
C SER M 449 20.92 -28.84 13.54
N HIS M 450 22.05 -28.39 14.04
CA HIS M 450 22.90 -27.50 13.26
C HIS M 450 23.78 -28.28 12.31
N LEU M 451 24.08 -29.52 12.66
CA LEU M 451 24.73 -30.39 11.70
C LEU M 451 23.77 -30.79 10.60
N ALA M 452 22.52 -31.10 10.94
CA ALA M 452 21.54 -31.45 9.92
C ALA M 452 21.15 -30.25 9.07
N TRP M 453 21.36 -29.04 9.56
CA TRP M 453 21.11 -27.88 8.71
C TRP M 453 22.28 -27.61 7.78
N VAL M 454 23.50 -27.66 8.30
CA VAL M 454 24.64 -27.42 7.43
C VAL M 454 24.79 -28.54 6.42
N CYS M 455 24.40 -29.77 6.78
CA CYS M 455 24.38 -30.85 5.79
C CYS M 455 23.40 -30.54 4.69
N GLN M 456 22.34 -29.83 5.00
CA GLN M 456 21.30 -29.51 4.05
C GLN M 456 21.57 -28.21 3.33
N PHE M 457 22.24 -27.26 3.98
CA PHE M 457 22.68 -26.06 3.26
C PHE M 457 23.69 -26.41 2.18
N LEU M 458 24.63 -27.30 2.49
CA LEU M 458 25.63 -27.68 1.52
C LEU M 458 25.06 -28.59 0.46
N GLY M 459 24.03 -29.37 0.80
CA GLY M 459 23.42 -30.25 -0.18
C GLY M 459 22.81 -29.48 -1.32
N PHE M 460 22.13 -28.38 -1.02
CA PHE M 460 21.60 -27.55 -2.09
C PHE M 460 22.71 -26.76 -2.77
N HIS M 461 23.67 -26.28 -2.02
CA HIS M 461 24.62 -25.35 -2.59
C HIS M 461 25.84 -26.01 -3.16
N SER M 462 25.89 -27.33 -3.15
CA SER M 462 26.89 -28.06 -3.90
C SER M 462 26.24 -28.92 -4.98
N PHE M 463 25.36 -29.84 -4.60
CA PHE M 463 24.79 -30.73 -5.59
C PHE M 463 23.75 -30.04 -6.45
N ALA M 464 22.87 -29.25 -5.85
CA ALA M 464 21.80 -28.67 -6.65
C ALA M 464 22.32 -27.60 -7.61
N MET M 465 23.53 -27.09 -7.40
CA MET M 465 24.14 -26.27 -8.43
C MET M 465 24.66 -27.11 -9.58
N TYR M 466 24.90 -28.38 -9.35
CA TYR M 466 25.22 -29.27 -10.47
C TYR M 466 23.98 -29.55 -11.29
N CYS M 467 22.81 -29.60 -10.67
CA CYS M 467 21.55 -29.72 -11.40
C CYS M 467 21.09 -28.41 -12.00
N HIS M 468 21.55 -27.27 -11.51
CA HIS M 468 21.39 -26.03 -12.25
C HIS M 468 22.19 -26.07 -13.54
N ASN M 469 23.47 -26.42 -13.44
CA ASN M 469 24.32 -26.48 -14.63
C ASN M 469 23.83 -27.52 -15.60
N ASP M 470 23.38 -28.66 -15.09
CA ASP M 470 22.91 -29.72 -15.95
C ASP M 470 21.69 -29.32 -16.75
N THR M 471 20.97 -28.30 -16.30
CA THR M 471 19.75 -27.85 -16.91
C THR M 471 19.95 -26.66 -17.83
N MET M 472 20.85 -25.75 -17.50
CA MET M 472 21.18 -24.67 -18.43
C MET M 472 21.94 -25.19 -19.63
N ARG M 473 22.84 -26.15 -19.44
CA ARG M 473 23.54 -26.69 -20.60
C ARG M 473 22.61 -27.52 -21.47
N ALA M 474 21.59 -28.12 -20.88
CA ALA M 474 20.61 -28.83 -21.69
C ALA M 474 19.67 -27.86 -22.40
N PHE M 475 19.26 -26.79 -21.74
CA PHE M 475 18.47 -25.77 -22.40
C PHE M 475 19.25 -25.08 -23.51
N GLY M 476 20.56 -25.05 -23.41
CA GLY M 476 21.34 -24.31 -24.36
C GLY M 476 21.53 -22.90 -23.87
N ARG M 477 21.78 -22.76 -22.56
CA ARG M 477 22.07 -21.48 -21.94
C ARG M 477 23.38 -21.60 -21.17
N PRO M 478 24.50 -21.79 -21.87
CA PRO M 478 25.78 -21.94 -21.17
C PRO M 478 26.29 -20.65 -20.54
N GLN M 479 25.63 -19.52 -20.79
CA GLN M 479 26.07 -18.27 -20.20
C GLN M 479 25.42 -17.99 -18.85
N ASP M 480 24.35 -18.71 -18.51
CA ASP M 480 23.77 -18.74 -17.18
C ASP M 480 23.94 -20.07 -16.47
N MET M 481 25.10 -20.68 -16.61
CA MET M 481 25.48 -21.81 -15.78
C MET M 481 26.72 -21.45 -14.99
N PHE M 482 26.92 -22.18 -13.89
CA PHE M 482 28.05 -21.91 -12.99
C PHE M 482 29.34 -22.45 -13.60
N SER M 483 29.79 -21.78 -14.64
CA SER M 483 31.00 -22.11 -15.36
C SER M 483 32.08 -21.11 -15.02
N ASP M 484 33.25 -21.32 -15.63
CA ASP M 484 34.23 -20.26 -15.71
C ASP M 484 33.82 -19.20 -16.72
N THR M 485 32.88 -19.52 -17.60
CA THR M 485 32.38 -18.58 -18.60
C THR M 485 31.01 -18.03 -18.27
N GLY M 486 30.23 -18.71 -17.44
CA GLY M 486 28.93 -18.21 -17.06
C GLY M 486 29.00 -17.40 -15.78
N ILE M 487 28.35 -17.90 -14.73
CA ILE M 487 28.40 -17.27 -13.42
C ILE M 487 29.57 -17.89 -12.66
N GLN M 488 30.70 -17.20 -12.65
CA GLN M 488 31.90 -17.74 -12.03
C GLN M 488 31.77 -17.80 -10.52
N LEU M 489 32.25 -18.89 -9.95
CA LEU M 489 32.32 -19.10 -8.52
C LEU M 489 33.79 -19.32 -8.22
N GLN M 490 34.52 -18.24 -7.97
CA GLN M 490 35.93 -18.57 -7.89
C GLN M 490 36.33 -18.96 -6.47
N PRO M 491 37.19 -19.94 -6.31
CA PRO M 491 37.72 -20.24 -4.98
C PRO M 491 38.66 -19.15 -4.53
N VAL M 492 38.11 -18.05 -4.03
CA VAL M 492 38.91 -16.87 -3.73
C VAL M 492 39.92 -17.16 -2.63
N PHE M 493 39.48 -17.83 -1.56
CA PHE M 493 40.38 -18.08 -0.44
C PHE M 493 41.34 -19.22 -0.68
N ALA M 494 41.14 -20.02 -1.71
CA ALA M 494 42.10 -21.07 -2.02
C ALA M 494 43.08 -20.66 -3.09
N GLN M 495 42.66 -19.81 -4.04
CA GLN M 495 43.61 -19.20 -4.94
C GLN M 495 44.50 -18.21 -4.22
N TRP M 496 44.03 -17.65 -3.11
CA TRP M 496 44.89 -16.79 -2.31
C TRP M 496 46.00 -17.58 -1.67
N LEU M 497 45.68 -18.72 -1.06
CA LEU M 497 46.70 -19.56 -0.44
C LEU M 497 47.68 -20.10 -1.49
N GLN M 498 47.19 -20.40 -2.68
CA GLN M 498 48.11 -20.80 -3.74
C GLN M 498 49.07 -19.68 -4.10
N HIS M 499 48.65 -18.43 -3.90
CA HIS M 499 49.56 -17.32 -4.12
C HIS M 499 50.49 -17.12 -2.93
N ILE M 500 49.99 -17.34 -1.70
CA ILE M 500 50.84 -17.21 -0.52
C ILE M 500 51.94 -18.25 -0.52
N HIS M 501 51.61 -19.48 -0.89
CA HIS M 501 52.59 -20.55 -0.77
C HIS M 501 53.65 -20.52 -1.84
N THR M 502 53.52 -19.67 -2.86
CA THR M 502 54.55 -19.57 -3.88
C THR M 502 55.31 -18.27 -3.84
N MET M 503 54.84 -17.25 -3.12
CA MET M 503 55.62 -16.05 -2.98
C MET M 503 56.58 -16.11 -1.79
N THR M 504 56.44 -17.12 -0.94
CA THR M 504 57.29 -17.27 0.24
C THR M 504 58.53 -18.09 -0.04
N ILE M 505 59.04 -18.05 -1.27
CA ILE M 505 60.21 -18.84 -1.61
C ILE M 505 61.35 -17.92 -2.06
N ALA M 534 56.93 -16.16 6.15
CA ALA M 534 58.12 -15.68 5.48
C ALA M 534 58.86 -16.83 4.80
N ALA M 535 59.68 -17.53 5.58
CA ALA M 535 60.45 -18.70 5.15
C ALA M 535 61.30 -18.45 3.92
N PRO M 536 62.39 -17.67 4.00
CA PRO M 536 63.14 -17.31 2.78
C PRO M 536 64.13 -18.34 2.27
N ASN M 537 64.69 -19.18 3.15
CA ASN M 537 65.77 -20.09 2.77
C ASN M 537 65.33 -21.10 1.72
N LEU M 538 64.05 -21.43 1.68
CA LEU M 538 63.50 -22.40 0.74
C LEU M 538 63.37 -21.75 -0.64
N HIS M 539 64.47 -21.74 -1.39
CA HIS M 539 64.48 -20.98 -2.63
C HIS M 539 63.68 -21.66 -3.73
N ASP M 540 63.60 -22.97 -3.70
CA ASP M 540 62.84 -23.81 -4.61
C ASP M 540 61.43 -23.97 -4.06
N PRO M 541 60.37 -23.71 -4.82
CA PRO M 541 59.03 -23.82 -4.25
C PRO M 541 58.66 -25.25 -3.89
N VAL M 542 58.36 -25.46 -2.62
CA VAL M 542 57.75 -26.72 -2.19
C VAL M 542 56.45 -26.91 -2.93
N SER M 543 56.23 -28.12 -3.43
CA SER M 543 54.95 -28.49 -4.03
C SER M 543 54.62 -27.62 -5.24
N TYR M 544 55.25 -27.97 -6.35
CA TYR M 544 54.90 -27.39 -7.65
C TYR M 544 53.40 -27.32 -7.91
N ALA M 545 52.60 -28.15 -7.23
CA ALA M 545 51.14 -28.02 -7.23
C ALA M 545 50.70 -26.60 -6.88
N PHE M 546 51.34 -25.98 -5.90
CA PHE M 546 50.97 -24.63 -5.48
C PHE M 546 51.21 -23.63 -6.59
N GLY M 547 52.29 -23.78 -7.32
CA GLY M 547 52.56 -22.90 -8.43
C GLY M 547 54.03 -22.86 -8.75
N GLY M 548 54.32 -22.38 -9.95
CA GLY M 548 55.70 -22.20 -10.37
C GLY M 548 56.29 -23.46 -10.96
N GLY M 549 56.69 -23.41 -12.22
CA GLY M 549 57.44 -24.49 -12.83
C GLY M 549 56.64 -25.72 -13.18
N VAL M 550 57.19 -26.52 -14.08
CA VAL M 550 56.62 -27.82 -14.47
C VAL M 550 57.77 -28.80 -14.51
N VAL M 551 57.60 -29.97 -13.90
CA VAL M 551 58.63 -30.99 -13.89
C VAL M 551 58.21 -32.11 -14.84
N ALA M 552 59.01 -32.35 -15.86
CA ALA M 552 58.83 -33.46 -16.78
C ALA M 552 60.07 -34.33 -16.68
N VAL M 553 59.88 -35.61 -16.35
CA VAL M 553 61.00 -36.48 -16.09
C VAL M 553 61.30 -37.35 -17.30
N GLY M 554 60.37 -38.21 -17.66
CA GLY M 554 60.56 -39.07 -18.82
C GLY M 554 59.74 -38.60 -19.98
N GLY M 555 59.62 -37.29 -20.12
CA GLY M 555 58.67 -36.68 -21.04
C GLY M 555 57.33 -36.49 -20.38
N LYS M 556 56.94 -37.45 -19.54
CA LYS M 556 55.71 -37.32 -18.76
C LYS M 556 55.89 -36.27 -17.67
N VAL M 557 54.82 -35.54 -17.40
CA VAL M 557 54.85 -34.51 -16.38
C VAL M 557 54.83 -35.17 -15.01
N ALA M 558 55.84 -34.86 -14.20
CA ALA M 558 55.80 -35.31 -12.82
C ALA M 558 54.83 -34.48 -11.99
N MET M 559 54.88 -33.15 -12.14
CA MET M 559 54.00 -32.34 -11.32
C MET M 559 53.88 -30.96 -11.95
N MET M 560 52.66 -30.42 -11.95
CA MET M 560 52.33 -29.10 -12.47
C MET M 560 51.58 -28.32 -11.41
N PRO M 561 51.47 -27.00 -11.56
CA PRO M 561 50.50 -26.26 -10.76
C PRO M 561 49.10 -26.76 -11.03
N ILE M 562 48.30 -26.84 -9.97
CA ILE M 562 46.92 -27.26 -10.11
C ILE M 562 46.04 -26.04 -9.85
N THR M 563 45.68 -25.34 -10.91
CA THR M 563 44.87 -24.13 -10.76
C THR M 563 43.45 -24.50 -10.34
N LEU M 564 42.81 -23.57 -9.64
CA LEU M 564 41.46 -23.77 -9.14
C LEU M 564 40.52 -22.78 -9.78
N GLY M 565 39.45 -23.29 -10.39
CA GLY M 565 38.43 -22.45 -10.99
C GLY M 565 37.08 -22.75 -10.41
N THR M 566 36.01 -22.47 -11.15
CA THR M 566 34.67 -22.73 -10.65
C THR M 566 34.42 -24.21 -10.47
N ALA M 567 34.99 -25.05 -11.34
CA ALA M 567 34.82 -26.49 -11.20
C ALA M 567 35.42 -27.01 -9.91
N ASP M 568 36.39 -26.29 -9.36
CA ASP M 568 37.05 -26.67 -8.12
C ASP M 568 36.39 -26.06 -6.91
N PHE M 569 35.68 -24.95 -7.08
CA PHE M 569 34.79 -24.47 -6.04
C PHE M 569 33.67 -25.47 -5.80
N LEU M 570 33.04 -25.93 -6.88
CA LEU M 570 31.87 -26.80 -6.76
C LEU M 570 32.25 -28.17 -6.25
N ILE M 571 33.39 -28.70 -6.68
CA ILE M 571 33.75 -30.04 -6.26
C ILE M 571 34.23 -30.05 -4.82
N HIS M 572 34.73 -28.92 -4.33
CA HIS M 572 35.17 -28.86 -2.94
C HIS M 572 34.01 -28.73 -1.99
N HIS M 573 32.86 -28.29 -2.46
CA HIS M 573 31.69 -28.21 -1.62
C HIS M 573 30.87 -29.48 -1.68
N ILE M 574 31.07 -30.29 -2.70
CA ILE M 574 30.63 -31.67 -2.65
C ILE M 574 31.38 -32.41 -1.56
N HIS M 575 32.69 -32.18 -1.47
CA HIS M 575 33.49 -32.81 -0.43
C HIS M 575 33.06 -32.36 0.95
N ALA M 576 32.84 -31.06 1.12
CA ALA M 576 32.34 -30.57 2.40
C ALA M 576 30.98 -31.16 2.73
N PHE M 577 30.12 -31.28 1.73
CA PHE M 577 28.78 -31.80 1.95
C PHE M 577 28.81 -33.27 2.35
N THR M 578 29.56 -34.08 1.60
CA THR M 578 29.57 -35.52 1.88
C THR M 578 30.30 -35.84 3.17
N ILE M 579 31.29 -35.04 3.55
CA ILE M 579 31.97 -35.27 4.82
C ILE M 579 31.04 -34.94 5.97
N HIS M 580 30.26 -33.88 5.82
CA HIS M 580 29.36 -33.47 6.88
C HIS M 580 28.26 -34.48 7.13
N VAL M 581 27.66 -35.01 6.07
CA VAL M 581 26.60 -35.99 6.28
C VAL M 581 27.18 -37.27 6.84
N THR M 582 28.41 -37.61 6.47
CA THR M 582 29.06 -38.73 7.12
C THR M 582 29.28 -38.44 8.59
N VAL M 583 29.65 -37.21 8.92
CA VAL M 583 29.75 -36.81 10.31
C VAL M 583 28.37 -36.82 10.95
N LEU M 584 27.36 -36.34 10.23
CA LEU M 584 26.01 -36.30 10.80
C LEU M 584 25.50 -37.69 11.13
N VAL M 585 25.72 -38.65 10.23
CA VAL M 585 25.30 -40.03 10.51
C VAL M 585 26.08 -40.60 11.66
N LEU M 586 27.39 -40.37 11.69
CA LEU M 586 28.23 -40.99 12.71
C LEU M 586 28.11 -40.28 14.05
N LEU M 587 28.05 -38.95 14.06
CA LEU M 587 27.90 -38.25 15.33
C LEU M 587 26.54 -38.49 15.96
N LYS M 588 25.50 -38.62 15.14
CA LYS M 588 24.18 -38.96 15.65
C LYS M 588 24.19 -40.30 16.38
N GLY M 589 24.94 -41.26 15.85
CA GLY M 589 25.00 -42.55 16.49
C GLY M 589 25.79 -42.55 17.78
N VAL M 590 26.66 -41.57 17.97
CA VAL M 590 27.42 -41.48 19.20
C VAL M 590 26.63 -40.73 20.27
N LEU M 591 26.05 -39.59 19.90
CA LEU M 591 25.30 -38.80 20.87
C LEU M 591 24.04 -39.51 21.33
N PHE M 592 23.29 -40.10 20.39
CA PHE M 592 22.07 -40.80 20.71
C PHE M 592 22.28 -42.29 20.89
N ALA M 593 23.49 -42.70 21.24
CA ALA M 593 23.72 -44.10 21.58
C ALA M 593 23.07 -44.45 22.91
N ARG M 594 23.17 -43.56 23.89
CA ARG M 594 22.62 -43.83 25.22
C ARG M 594 21.11 -43.88 25.20
N SER M 595 20.48 -42.88 24.60
CA SER M 595 19.05 -42.68 24.73
C SER M 595 18.60 -41.70 23.68
N SER M 596 17.29 -41.53 23.58
CA SER M 596 16.69 -40.60 22.64
C SER M 596 15.38 -40.11 23.25
N ARG M 597 14.57 -39.44 22.45
CA ARG M 597 13.20 -39.24 22.86
C ARG M 597 12.31 -40.43 22.52
N LEU M 598 12.67 -41.22 21.50
CA LEU M 598 11.99 -42.49 21.29
C LEU M 598 12.26 -43.47 22.42
N ILE M 599 13.51 -43.88 22.55
CA ILE M 599 13.86 -44.98 23.45
C ILE M 599 14.77 -44.42 24.53
N PRO M 600 14.22 -44.06 25.69
CA PRO M 600 15.07 -43.51 26.75
C PRO M 600 16.03 -44.51 27.34
N ASP M 601 15.82 -45.80 27.14
CA ASP M 601 16.68 -46.84 27.66
C ASP M 601 17.38 -47.58 26.53
N LYS M 602 17.90 -46.84 25.57
CA LYS M 602 18.59 -47.44 24.44
C LYS M 602 19.91 -48.07 24.83
N ALA M 603 20.44 -47.72 26.00
CA ALA M 603 21.71 -48.30 26.44
C ALA M 603 21.53 -49.71 26.97
N ASN M 604 20.35 -50.04 27.51
CA ASN M 604 20.12 -51.39 27.99
C ASN M 604 19.93 -52.37 26.85
N LEU M 605 19.42 -51.90 25.71
CA LEU M 605 19.24 -52.76 24.56
C LEU M 605 20.58 -53.16 23.93
N GLY M 606 21.65 -52.47 24.26
CA GLY M 606 22.97 -52.81 23.80
C GLY M 606 23.48 -51.83 22.77
N PHE M 607 24.61 -52.20 22.17
CA PHE M 607 25.18 -51.45 21.06
C PHE M 607 24.65 -51.94 19.74
N ARG M 608 24.44 -53.24 19.62
CA ARG M 608 24.08 -53.90 18.37
C ARG M 608 22.75 -54.59 18.56
N PHE M 609 21.68 -53.86 18.36
CA PHE M 609 20.36 -54.45 18.34
C PHE M 609 19.65 -53.98 17.08
N PRO M 610 18.77 -54.81 16.52
CA PRO M 610 18.12 -54.41 15.27
C PRO M 610 17.20 -53.23 15.43
N CYS M 611 16.32 -53.27 16.41
CA CYS M 611 15.25 -52.30 16.54
C CYS M 611 14.69 -52.40 17.95
N ASP M 612 13.63 -51.66 18.20
CA ASP M 612 12.78 -51.84 19.37
C ASP M 612 11.33 -51.99 18.93
N GLY M 613 11.09 -52.92 18.03
CA GLY M 613 9.75 -53.26 17.64
C GLY M 613 9.17 -52.27 16.66
N PRO M 614 7.97 -52.57 16.16
CA PRO M 614 7.30 -51.68 15.23
C PRO M 614 6.51 -50.56 15.88
N GLY M 615 6.61 -50.39 17.18
CA GLY M 615 5.91 -49.32 17.83
C GLY M 615 6.61 -48.01 17.65
N ARG M 616 5.97 -46.94 18.13
CA ARG M 616 6.36 -45.56 17.86
C ARG M 616 6.41 -45.29 16.37
N GLY M 617 5.58 -45.96 15.60
CA GLY M 617 5.62 -45.91 14.17
C GLY M 617 6.63 -46.83 13.54
N GLY M 618 7.55 -47.38 14.32
CA GLY M 618 8.63 -48.19 13.80
C GLY M 618 9.98 -47.66 14.24
N THR M 619 10.76 -48.49 14.91
CA THR M 619 12.07 -48.05 15.39
C THR M 619 13.15 -48.90 14.76
N CYS M 620 13.07 -49.09 13.45
CA CYS M 620 14.09 -49.81 12.72
C CYS M 620 15.38 -49.04 12.76
N GLN M 621 16.50 -49.73 12.97
CA GLN M 621 17.83 -49.11 12.84
C GLN M 621 18.05 -47.96 13.80
N VAL M 622 17.58 -48.10 15.05
CA VAL M 622 17.81 -47.05 16.04
C VAL M 622 19.10 -47.24 16.83
N SER M 623 19.78 -48.38 16.67
CA SER M 623 20.97 -48.64 17.44
C SER M 623 22.11 -47.74 16.98
N ALA M 624 23.18 -47.73 17.79
CA ALA M 624 24.38 -47.02 17.38
C ALA M 624 25.15 -47.79 16.32
N TRP M 625 24.99 -49.11 16.28
CA TRP M 625 25.58 -49.89 15.20
C TRP M 625 24.99 -49.51 13.86
N ASP M 626 23.70 -49.25 13.83
CA ASP M 626 23.03 -48.93 12.58
C ASP M 626 23.37 -47.55 12.06
N HIS M 627 24.02 -46.70 12.86
CA HIS M 627 24.58 -45.47 12.33
C HIS M 627 25.99 -45.65 11.82
N VAL M 628 26.70 -46.65 12.30
CA VAL M 628 27.95 -47.03 11.66
C VAL M 628 27.67 -47.66 10.30
N PHE M 629 26.62 -48.49 10.25
CA PHE M 629 26.25 -49.15 9.01
C PHE M 629 25.83 -48.14 7.94
N LEU M 630 25.17 -47.06 8.35
CA LEU M 630 24.79 -46.03 7.38
C LEU M 630 25.92 -45.06 7.11
N GLY M 631 26.80 -44.84 8.08
CA GLY M 631 27.96 -44.02 7.84
C GLY M 631 28.98 -44.67 6.94
N LEU M 632 28.96 -46.00 6.85
CA LEU M 632 29.82 -46.68 5.90
C LEU M 632 29.44 -46.36 4.47
N PHE M 633 28.13 -46.26 4.21
CA PHE M 633 27.65 -45.85 2.89
C PHE M 633 28.04 -44.43 2.58
N TRP M 634 27.99 -43.56 3.57
CA TRP M 634 28.34 -42.16 3.36
C TRP M 634 29.83 -41.97 3.25
N MET M 635 30.61 -42.77 3.96
CA MET M 635 32.04 -42.82 3.71
C MET M 635 32.31 -43.29 2.29
N TYR M 636 31.57 -44.30 1.82
CA TYR M 636 31.76 -44.75 0.44
C TYR M 636 31.41 -43.65 -0.54
N ASN M 637 30.31 -42.95 -0.30
CA ASN M 637 29.92 -41.85 -1.19
C ASN M 637 30.95 -40.74 -1.17
N SER M 638 31.41 -40.37 0.01
CA SER M 638 32.31 -39.24 0.13
C SER M 638 33.65 -39.54 -0.52
N LEU M 639 34.25 -40.67 -0.18
CA LEU M 639 35.59 -40.96 -0.64
C LEU M 639 35.61 -41.31 -2.13
N SER M 640 34.59 -41.99 -2.62
CA SER M 640 34.53 -42.24 -4.05
C SER M 640 34.32 -40.97 -4.85
N MET M 641 33.85 -39.91 -4.22
CA MET M 641 33.86 -38.63 -4.91
C MET M 641 35.21 -37.93 -4.81
N VAL M 642 35.96 -38.17 -3.73
CA VAL M 642 37.29 -37.61 -3.56
C VAL M 642 38.27 -38.20 -4.56
N ILE M 643 38.24 -39.51 -4.73
CA ILE M 643 39.13 -40.16 -5.68
C ILE M 643 38.73 -39.89 -7.11
N PHE M 644 37.45 -39.57 -7.36
CA PHE M 644 37.05 -39.17 -8.70
C PHE M 644 37.49 -37.75 -9.00
N HIS M 645 37.43 -36.88 -8.00
CA HIS M 645 37.96 -35.53 -8.15
C HIS M 645 39.45 -35.58 -8.43
N PHE M 646 40.17 -36.46 -7.71
CA PHE M 646 41.59 -36.62 -7.96
C PHE M 646 41.86 -37.14 -9.35
N PHE M 647 41.21 -38.25 -9.72
CA PHE M 647 41.55 -38.94 -10.95
C PHE M 647 41.29 -38.09 -12.17
N TRP M 648 40.20 -37.35 -12.18
CA TRP M 648 39.91 -36.53 -13.34
C TRP M 648 40.76 -35.26 -13.36
N LYS M 649 41.08 -34.68 -12.21
CA LYS M 649 41.81 -33.42 -12.22
C LYS M 649 43.28 -33.61 -12.57
N MET M 650 43.87 -34.75 -12.24
CA MET M 650 45.21 -35.06 -12.74
C MET M 650 45.22 -35.32 -14.23
N GLN M 651 44.27 -36.11 -14.72
CA GLN M 651 44.28 -36.44 -16.13
C GLN M 651 44.04 -35.21 -17.00
N SER M 652 43.30 -34.25 -16.49
CA SER M 652 42.97 -33.07 -17.28
C SER M 652 43.91 -31.91 -17.03
N ASP M 653 44.40 -31.73 -15.81
CA ASP M 653 45.19 -30.55 -15.50
C ASP M 653 46.64 -30.80 -15.15
N VAL M 654 47.02 -31.99 -14.71
CA VAL M 654 48.38 -32.20 -14.24
C VAL M 654 49.15 -33.16 -15.13
N TRP M 655 48.68 -34.39 -15.21
CA TRP M 655 49.41 -35.41 -15.92
C TRP M 655 49.38 -35.14 -17.41
N GLY M 656 50.21 -35.86 -18.13
CA GLY M 656 50.35 -35.66 -19.56
C GLY M 656 51.79 -35.85 -19.97
N THR M 657 52.09 -35.44 -21.19
CA THR M 657 53.42 -35.56 -21.75
C THR M 657 53.87 -34.22 -22.29
N VAL M 658 55.19 -33.99 -22.26
CA VAL M 658 55.79 -32.76 -22.75
C VAL M 658 56.53 -33.07 -24.04
N GLY M 659 56.28 -32.27 -25.07
CA GLY M 659 56.95 -32.41 -26.34
C GLY M 659 58.30 -31.70 -26.35
N ALA M 660 58.75 -31.35 -27.56
CA ALA M 660 60.03 -30.71 -27.77
C ALA M 660 59.96 -29.19 -27.76
N ASP M 661 58.91 -28.62 -27.17
CA ASP M 661 58.75 -27.18 -27.11
C ASP M 661 58.45 -26.70 -25.69
N GLY M 662 57.78 -27.53 -24.90
CA GLY M 662 57.39 -27.19 -23.55
C GLY M 662 55.90 -27.25 -23.28
N VAL M 663 55.06 -27.34 -24.32
CA VAL M 663 53.63 -27.43 -24.09
C VAL M 663 53.31 -28.81 -23.52
N VAL M 664 52.26 -28.87 -22.71
CA VAL M 664 51.84 -30.10 -22.05
C VAL M 664 50.51 -30.51 -22.64
N THR M 665 50.44 -31.74 -23.14
CA THR M 665 49.20 -32.34 -23.63
C THR M 665 48.71 -33.28 -22.55
N HIS M 666 47.69 -32.86 -21.82
CA HIS M 666 47.19 -33.66 -20.72
C HIS M 666 46.44 -34.88 -21.25
N ILE M 667 46.19 -35.82 -20.34
CA ILE M 667 45.63 -37.11 -20.73
C ILE M 667 44.22 -36.95 -21.28
N THR M 668 43.40 -36.12 -20.64
CA THR M 668 42.10 -35.78 -21.19
C THR M 668 42.03 -34.36 -21.72
N GLY M 669 43.02 -33.52 -21.43
CA GLY M 669 43.12 -32.24 -22.09
C GLY M 669 42.19 -31.17 -21.57
N GLY M 670 42.37 -30.74 -20.32
CA GLY M 670 41.57 -29.66 -19.79
C GLY M 670 40.10 -29.97 -19.67
N ASN M 671 39.77 -31.25 -19.60
CA ASN M 671 38.36 -31.67 -19.63
C ASN M 671 37.63 -31.30 -18.35
N PHE M 672 38.35 -31.22 -17.24
CA PHE M 672 37.71 -31.01 -15.94
C PHE M 672 37.06 -29.64 -15.84
N ALA M 673 37.71 -28.61 -16.38
CA ALA M 673 37.27 -27.25 -16.13
C ALA M 673 35.90 -26.99 -16.72
N THR M 674 35.62 -27.53 -17.91
CA THR M 674 34.38 -27.21 -18.61
C THR M 674 33.29 -28.24 -18.41
N SER M 675 33.62 -29.51 -18.25
CA SER M 675 32.61 -30.55 -18.28
C SER M 675 32.41 -31.26 -16.96
N SER M 676 33.19 -30.93 -15.93
CA SER M 676 32.96 -31.51 -14.62
C SER M 676 31.98 -30.70 -13.80
N ILE M 677 31.34 -29.70 -14.39
CA ILE M 677 30.41 -28.85 -13.68
C ILE M 677 28.97 -29.27 -13.88
N THR M 678 28.70 -30.13 -14.85
CA THR M 678 27.42 -30.80 -14.99
C THR M 678 27.64 -32.26 -14.67
N ASN M 679 26.78 -32.84 -13.86
CA ASN M 679 26.93 -34.26 -13.59
C ASN M 679 26.37 -35.15 -14.70
N ASN M 680 26.06 -34.59 -15.86
CA ASN M 680 26.08 -35.35 -17.11
C ASN M 680 27.49 -35.43 -17.68
N GLY M 681 28.29 -34.39 -17.47
CA GLY M 681 29.66 -34.44 -17.89
C GLY M 681 30.48 -35.45 -17.13
N TRP M 682 30.17 -35.65 -15.85
CA TRP M 682 30.82 -36.71 -15.10
C TRP M 682 30.48 -38.08 -15.66
N LEU M 683 29.26 -38.25 -16.12
CA LEU M 683 28.84 -39.55 -16.61
C LEU M 683 29.36 -39.86 -18.01
N ARG M 684 29.52 -38.85 -18.86
CA ARG M 684 30.03 -39.12 -20.20
C ARG M 684 31.51 -38.79 -20.37
N ASP M 685 32.01 -37.74 -19.75
CA ASP M 685 33.41 -37.40 -19.95
C ASP M 685 34.32 -38.02 -18.92
N PHE M 686 33.78 -38.63 -17.88
CA PHE M 686 34.60 -39.32 -16.90
C PHE M 686 34.26 -40.79 -16.78
N LEU M 687 32.99 -41.14 -16.63
CA LEU M 687 32.69 -42.54 -16.41
C LEU M 687 32.58 -43.29 -17.73
N TRP M 688 31.85 -42.74 -18.70
CA TRP M 688 31.75 -43.41 -19.99
C TRP M 688 33.04 -43.31 -20.78
N ALA M 689 33.66 -42.13 -20.79
CA ALA M 689 34.84 -41.93 -21.63
C ALA M 689 36.04 -42.69 -21.10
N GLN M 690 36.30 -42.60 -19.80
CA GLN M 690 37.51 -43.16 -19.24
C GLN M 690 37.39 -44.63 -18.89
N SER M 691 36.24 -45.24 -19.10
CA SER M 691 36.12 -46.67 -18.91
C SER M 691 36.41 -47.43 -20.18
N THR M 692 36.86 -46.76 -21.24
CA THR M 692 37.16 -47.42 -22.49
C THR M 692 38.25 -48.47 -22.30
N GLN M 693 39.17 -48.25 -21.38
CA GLN M 693 40.29 -49.15 -21.19
C GLN M 693 39.90 -50.42 -20.45
N VAL M 694 38.87 -50.36 -19.61
CA VAL M 694 38.44 -51.55 -18.89
C VAL M 694 37.32 -52.27 -19.64
N ILE M 695 36.56 -51.55 -20.45
CA ILE M 695 35.58 -52.16 -21.35
C ILE M 695 36.23 -52.93 -22.49
N THR M 696 37.23 -52.34 -23.14
CA THR M 696 37.86 -53.00 -24.27
C THR M 696 39.07 -53.82 -23.85
N SER M 697 39.05 -54.39 -22.66
CA SER M 697 40.21 -55.04 -22.08
C SER M 697 40.25 -56.54 -22.29
N TYR M 698 39.25 -57.13 -22.95
CA TYR M 698 39.35 -58.57 -23.16
C TYR M 698 40.40 -58.90 -24.20
N ASN M 699 40.91 -60.13 -24.11
CA ASN M 699 41.92 -60.70 -25.00
C ASN M 699 43.24 -59.94 -24.90
N THR M 700 43.40 -59.07 -23.93
CA THR M 700 44.62 -58.33 -23.68
C THR M 700 45.16 -58.70 -22.31
N SER M 701 46.26 -58.06 -21.92
CA SER M 701 46.83 -58.31 -20.60
C SER M 701 46.01 -57.65 -19.50
N LEU M 702 45.19 -56.66 -19.83
CA LEU M 702 44.31 -56.01 -18.87
C LEU M 702 43.02 -56.76 -18.69
N SER M 703 43.00 -58.03 -19.09
CA SER M 703 41.75 -58.79 -19.10
C SER M 703 41.19 -58.97 -17.71
N ALA M 704 42.05 -59.08 -16.70
CA ALA M 704 41.57 -59.33 -15.34
C ALA M 704 40.92 -58.10 -14.74
N TYR M 705 41.30 -56.90 -15.18
CA TYR M 705 40.57 -55.74 -14.70
C TYR M 705 39.19 -55.66 -15.33
N GLY M 706 39.01 -56.24 -16.51
CA GLY M 706 37.68 -56.31 -17.08
C GLY M 706 36.77 -57.23 -16.28
N LEU M 707 37.32 -58.33 -15.76
CA LEU M 707 36.53 -59.26 -14.98
C LEU M 707 36.22 -58.70 -13.59
N MET M 708 37.21 -58.06 -12.96
CA MET M 708 36.98 -57.39 -11.68
C MET M 708 35.96 -56.28 -11.80
N PHE M 709 35.95 -55.59 -12.93
CA PHE M 709 35.01 -54.51 -13.15
C PHE M 709 33.59 -55.02 -13.27
N LEU M 710 33.42 -56.19 -13.90
CA LEU M 710 32.12 -56.84 -13.88
C LEU M 710 31.88 -57.51 -12.54
N GLY M 711 32.92 -58.05 -11.92
CA GLY M 711 32.77 -58.67 -10.62
C GLY M 711 32.29 -57.70 -9.56
N GLY M 712 32.82 -56.48 -9.58
CA GLY M 712 32.36 -55.47 -8.65
C GLY M 712 30.92 -55.08 -8.90
N HIS M 713 30.47 -55.15 -10.15
CA HIS M 713 29.09 -54.81 -10.46
C HIS M 713 28.13 -55.87 -9.96
N PHE M 714 28.55 -57.13 -10.03
CA PHE M 714 27.74 -58.22 -9.50
C PHE M 714 27.57 -58.09 -8.00
N ILE M 715 28.67 -57.85 -7.29
CA ILE M 715 28.62 -57.82 -5.82
C ILE M 715 27.81 -56.63 -5.33
N PHE M 716 27.87 -55.51 -6.03
CA PHE M 716 27.04 -54.38 -5.65
C PHE M 716 25.56 -54.71 -5.81
N GLY M 717 25.18 -55.25 -6.96
CA GLY M 717 23.81 -55.64 -7.15
C GLY M 717 23.40 -56.75 -6.23
N PHE M 718 24.34 -57.64 -5.92
CA PHE M 718 24.06 -58.72 -4.99
C PHE M 718 23.83 -58.22 -3.59
N SER M 719 24.51 -57.13 -3.21
CA SER M 719 24.33 -56.56 -1.88
C SER M 719 22.92 -56.08 -1.65
N LEU M 720 22.26 -55.59 -2.69
CA LEU M 720 20.94 -55.01 -2.53
C LEU M 720 19.89 -56.04 -2.16
N MET M 721 20.19 -57.33 -2.31
CA MET M 721 19.30 -58.37 -1.79
C MET M 721 19.20 -58.26 -0.27
N PHE M 722 20.34 -58.08 0.37
CA PHE M 722 20.43 -58.00 1.82
C PHE M 722 20.01 -56.65 2.37
N LEU M 723 20.15 -55.59 1.57
CA LEU M 723 19.82 -54.26 2.03
C LEU M 723 18.34 -53.96 1.88
N PHE M 724 17.73 -54.40 0.79
CA PHE M 724 16.35 -54.02 0.53
C PHE M 724 15.35 -54.95 1.19
N SER M 725 15.76 -56.17 1.55
CA SER M 725 14.84 -57.16 2.07
C SER M 725 15.10 -57.40 3.56
N GLY M 726 14.18 -58.14 4.18
CA GLY M 726 14.26 -58.45 5.59
C GLY M 726 14.13 -59.94 5.83
N ARG M 727 14.49 -60.36 7.03
CA ARG M 727 14.66 -61.78 7.27
C ARG M 727 13.35 -62.50 7.59
N GLY M 728 12.22 -61.82 7.66
CA GLY M 728 10.97 -62.52 7.75
C GLY M 728 10.65 -63.26 6.46
N TYR M 729 10.92 -62.64 5.32
CA TYR M 729 10.73 -63.33 4.06
C TYR M 729 11.66 -64.52 3.96
N TRP M 730 12.91 -64.34 4.37
CA TRP M 730 13.91 -65.37 4.17
C TRP M 730 13.74 -66.51 5.14
N GLN M 731 13.37 -66.21 6.38
CA GLN M 731 13.10 -67.28 7.33
C GLN M 731 11.91 -68.12 6.88
N GLU M 732 10.87 -67.47 6.36
CA GLU M 732 9.71 -68.20 5.89
C GLU M 732 9.99 -68.95 4.60
N LEU M 733 11.05 -68.61 3.88
CA LEU M 733 11.47 -69.39 2.73
C LEU M 733 12.28 -70.60 3.14
N ILE M 734 13.04 -70.52 4.23
CA ILE M 734 13.78 -71.68 4.70
C ILE M 734 12.82 -72.77 5.16
N GLU M 735 11.71 -72.38 5.80
CA GLU M 735 10.72 -73.35 6.26
C GLU M 735 10.19 -74.20 5.13
N SER M 736 9.98 -73.60 3.96
CA SER M 736 9.55 -74.37 2.80
C SER M 736 10.69 -75.20 2.21
N ILE M 737 11.92 -74.94 2.60
CA ILE M 737 13.07 -75.64 2.07
C ILE M 737 13.50 -76.69 3.08
N VAL M 738 13.33 -76.39 4.37
CA VAL M 738 13.50 -77.41 5.40
C VAL M 738 12.50 -78.53 5.21
N TRP M 739 11.29 -78.19 4.75
CA TRP M 739 10.28 -79.22 4.49
C TRP M 739 10.75 -80.19 3.43
N ALA M 740 11.37 -79.68 2.35
CA ALA M 740 11.85 -80.55 1.29
C ALA M 740 12.97 -81.46 1.75
N HIS M 741 13.63 -81.11 2.85
CA HIS M 741 14.66 -81.96 3.43
C HIS M 741 14.07 -82.91 4.47
N ASN M 742 13.09 -82.45 5.24
CA ASN M 742 12.37 -83.35 6.13
C ASN M 742 11.70 -84.46 5.33
N LYS M 743 11.23 -84.15 4.12
CA LYS M 743 10.58 -85.17 3.31
C LYS M 743 11.54 -86.29 2.95
N LEU M 744 12.76 -85.94 2.58
CA LEU M 744 13.75 -86.93 2.19
C LEU M 744 14.67 -87.31 3.34
N LYS M 745 14.29 -86.97 4.56
CA LYS M 745 15.00 -87.38 5.78
C LYS M 745 16.45 -86.94 5.75
N VAL M 746 16.69 -85.72 5.27
CA VAL M 746 18.04 -85.21 5.12
C VAL M 746 18.11 -83.84 5.81
N ALA M 747 17.24 -83.63 6.79
CA ALA M 747 17.31 -82.39 7.54
C ALA M 747 18.55 -82.37 8.41
N PRO M 748 19.15 -81.19 8.60
CA PRO M 748 20.24 -81.06 9.57
C PRO M 748 19.71 -80.76 10.97
N ALA M 749 20.53 -81.09 11.96
CA ALA M 749 20.16 -80.75 13.33
C ALA M 749 20.64 -79.35 13.70
N ILE M 750 21.62 -78.82 12.97
CA ILE M 750 21.95 -77.40 13.07
C ILE M 750 20.89 -76.68 12.27
N GLN M 751 19.82 -76.28 12.95
CA GLN M 751 18.60 -75.78 12.30
C GLN M 751 18.92 -74.55 11.46
N PRO M 752 18.58 -74.56 10.19
CA PRO M 752 18.85 -73.41 9.34
C PRO M 752 18.01 -72.22 9.71
N ARG M 753 18.66 -71.16 10.16
CA ARG M 753 18.00 -69.89 10.42
C ARG M 753 18.50 -68.86 9.44
N ALA M 754 17.59 -68.05 8.92
CA ALA M 754 17.99 -66.89 8.16
C ALA M 754 18.86 -65.98 9.02
N LEU M 755 19.73 -65.22 8.37
CA LEU M 755 20.66 -64.37 9.09
C LEU M 755 19.92 -63.37 9.96
N SER M 756 20.57 -62.94 11.04
CA SER M 756 19.99 -61.94 11.93
C SER M 756 19.70 -60.66 11.16
N ILE M 757 18.88 -59.80 11.78
CA ILE M 757 18.60 -58.51 11.16
C ILE M 757 19.87 -57.70 11.04
N ILE M 758 20.66 -57.67 12.11
CA ILE M 758 21.93 -56.95 12.07
C ILE M 758 22.92 -57.65 11.16
N HIS M 759 22.93 -58.98 11.17
CA HIS M 759 23.79 -59.73 10.28
C HIS M 759 23.45 -59.45 8.83
N GLY M 760 22.16 -59.45 8.49
CA GLY M 760 21.78 -59.19 7.12
C GLY M 760 22.10 -57.78 6.67
N ARG M 761 22.08 -56.83 7.59
CA ARG M 761 22.51 -55.48 7.26
C ARG M 761 24.02 -55.38 7.15
N ALA M 762 24.75 -56.17 7.91
CA ALA M 762 26.20 -56.19 7.80
C ALA M 762 26.65 -56.82 6.49
N VAL M 763 25.96 -57.88 6.07
CA VAL M 763 26.26 -58.50 4.78
C VAL M 763 25.99 -57.53 3.65
N GLY M 764 24.91 -56.78 3.74
CA GLY M 764 24.58 -55.83 2.69
C GLY M 764 25.61 -54.74 2.53
N VAL M 765 26.09 -54.18 3.64
CA VAL M 765 27.06 -53.10 3.53
C VAL M 765 28.44 -53.65 3.20
N ALA M 766 28.74 -54.90 3.59
CA ALA M 766 30.04 -55.46 3.28
C ALA M 766 30.18 -55.78 1.81
N HIS M 767 29.08 -56.06 1.14
CA HIS M 767 29.07 -56.34 -0.29
C HIS M 767 28.90 -55.10 -1.14
N TYR M 768 28.11 -54.14 -0.67
CA TYR M 768 27.99 -52.88 -1.40
C TYR M 768 29.34 -52.19 -1.45
N LEU M 769 30.05 -52.16 -0.34
CA LEU M 769 31.35 -51.52 -0.31
C LEU M 769 32.39 -52.36 -1.02
N LEU M 770 32.32 -53.68 -0.90
CA LEU M 770 33.25 -54.52 -1.64
C LEU M 770 33.04 -54.39 -3.14
N GLY M 771 31.80 -54.55 -3.59
CA GLY M 771 31.52 -54.49 -5.01
C GLY M 771 31.74 -53.11 -5.58
N GLY M 772 31.35 -52.08 -4.86
CA GLY M 772 31.50 -50.75 -5.39
C GLY M 772 32.93 -50.22 -5.37
N ILE M 773 33.85 -50.93 -4.72
CA ILE M 773 35.25 -50.55 -4.69
C ILE M 773 36.07 -51.37 -5.68
N VAL M 774 35.75 -52.65 -5.82
CA VAL M 774 36.41 -53.48 -6.81
C VAL M 774 36.16 -52.94 -8.21
N THR M 775 34.96 -52.42 -8.46
CA THR M 775 34.68 -51.83 -9.75
C THR M 775 35.45 -50.52 -9.95
N THR M 776 35.69 -49.76 -8.87
CA THR M 776 36.51 -48.56 -8.99
C THR M 776 37.99 -48.91 -9.06
N TRP M 777 38.41 -49.92 -8.31
CA TRP M 777 39.79 -50.37 -8.37
C TRP M 777 40.13 -50.90 -9.76
N ALA M 778 39.23 -51.66 -10.35
CA ALA M 778 39.44 -52.17 -11.70
C ALA M 778 39.45 -51.05 -12.72
N PHE M 779 38.63 -50.03 -12.52
CA PHE M 779 38.53 -48.96 -13.49
C PHE M 779 39.73 -48.03 -13.44
N PHE M 780 40.24 -47.76 -12.25
CA PHE M 780 41.42 -46.91 -12.12
C PHE M 780 42.64 -47.58 -12.73
N LEU M 781 42.85 -48.85 -12.42
CA LEU M 781 44.10 -49.48 -12.82
C LEU M 781 44.08 -49.94 -14.27
N ALA M 782 42.93 -50.31 -14.80
CA ALA M 782 42.88 -50.62 -16.22
C ALA M 782 43.10 -49.36 -17.06
N ARG M 783 42.67 -48.21 -16.56
CA ARG M 783 42.85 -46.98 -17.29
C ARG M 783 44.30 -46.52 -17.27
N MET M 784 45.01 -46.74 -16.17
CA MET M 784 46.35 -46.22 -15.99
C MET M 784 47.46 -47.22 -16.20
N THR M 785 47.17 -48.52 -16.24
CA THR M 785 48.17 -49.43 -16.77
C THR M 785 48.08 -49.58 -18.27
N ALA M 786 47.01 -49.08 -18.89
CA ALA M 786 46.95 -49.01 -20.34
C ALA M 786 47.69 -47.80 -20.89
N PHE M 787 48.10 -46.87 -20.04
CA PHE M 787 48.84 -45.69 -20.44
C PHE M 787 50.27 -45.71 -19.94
N GLY M 788 50.47 -45.88 -18.64
CA GLY M 788 51.79 -45.95 -18.06
C GLY M 788 51.78 -45.86 -16.54
N ALA N 2 -9.06 -34.54 15.69
CA ALA N 2 -10.07 -35.23 14.89
C ALA N 2 -10.48 -34.37 13.71
N THR N 3 -9.81 -34.58 12.58
CA THR N 3 -10.11 -33.83 11.37
C THR N 3 -11.19 -34.53 10.56
N LYS N 4 -11.78 -33.80 9.63
CA LYS N 4 -12.76 -34.40 8.72
C LYS N 4 -12.09 -35.38 7.78
N PHE N 5 -10.95 -35.03 7.27
CA PHE N 5 -10.21 -35.85 6.33
C PHE N 5 -9.30 -36.82 7.09
N PRO N 6 -9.32 -38.11 6.77
CA PRO N 6 -10.18 -38.73 5.77
C PRO N 6 -11.50 -39.17 6.35
N LYS N 7 -12.59 -38.97 5.62
CA LYS N 7 -13.89 -39.31 6.17
C LYS N 7 -14.19 -40.79 6.08
N PHE N 8 -13.45 -41.55 5.29
CA PHE N 8 -13.79 -42.95 5.14
C PHE N 8 -13.33 -43.79 6.32
N SER N 9 -12.24 -43.39 6.99
CA SER N 9 -11.80 -44.10 8.18
C SER N 9 -11.72 -43.13 9.35
N GLN N 10 -12.37 -43.49 10.46
CA GLN N 10 -12.42 -42.62 11.62
C GLN N 10 -11.09 -42.59 12.35
N ASP N 11 -10.49 -43.75 12.56
CA ASP N 11 -9.30 -43.85 13.40
C ASP N 11 -8.06 -43.26 12.74
N LEU N 12 -8.08 -43.05 11.44
CA LEU N 12 -7.03 -42.29 10.79
C LEU N 12 -7.29 -40.79 10.84
N ALA N 13 -8.54 -40.38 10.99
CA ALA N 13 -8.83 -38.96 11.10
C ALA N 13 -8.38 -38.41 12.44
N ASN N 14 -8.37 -39.23 13.49
CA ASN N 14 -7.88 -38.83 14.80
C ASN N 14 -6.38 -39.03 14.97
N ASP N 15 -5.67 -39.37 13.90
CA ASP N 15 -4.22 -39.48 13.95
C ASP N 15 -3.60 -38.11 14.13
N PRO N 16 -2.78 -37.88 15.14
CA PRO N 16 -2.22 -36.55 15.38
C PRO N 16 -0.97 -36.24 14.59
N THR N 17 -0.50 -37.17 13.76
CA THR N 17 0.77 -37.03 13.07
C THR N 17 0.56 -36.88 11.57
N THR N 18 1.66 -36.85 10.83
CA THR N 18 1.59 -36.66 9.39
C THR N 18 1.32 -37.93 8.63
N ARG N 19 1.24 -39.08 9.30
CA ARG N 19 0.97 -40.31 8.57
C ARG N 19 -0.49 -40.42 8.18
N ARG N 20 -1.37 -39.56 8.67
CA ARG N 20 -2.76 -39.70 8.27
C ARG N 20 -3.04 -39.05 6.94
N ILE N 21 -2.26 -38.04 6.56
CA ILE N 21 -2.38 -37.51 5.20
C ILE N 21 -1.91 -38.54 4.20
N PHE N 22 -0.84 -39.25 4.52
CA PHE N 22 -0.28 -40.26 3.64
C PHE N 22 -1.14 -41.52 3.60
N TYR N 23 -1.50 -42.04 4.76
CA TYR N 23 -2.28 -43.27 4.79
C TYR N 23 -3.68 -43.06 4.24
N ALA N 24 -4.19 -41.83 4.26
CA ALA N 24 -5.46 -41.56 3.60
C ALA N 24 -5.36 -41.74 2.11
N ILE N 25 -4.25 -41.31 1.51
CA ILE N 25 -4.07 -41.48 0.07
C ILE N 25 -4.04 -42.96 -0.28
N ALA N 26 -3.30 -43.75 0.49
CA ALA N 26 -3.07 -45.14 0.13
C ALA N 26 -4.15 -46.08 0.60
N THR N 27 -5.13 -45.59 1.34
CA THR N 27 -6.26 -46.40 1.76
C THR N 27 -7.54 -45.95 1.08
N ALA N 28 -7.51 -44.82 0.37
CA ALA N 28 -8.73 -44.20 -0.13
C ALA N 28 -9.47 -45.05 -1.14
N HIS N 29 -8.84 -46.06 -1.71
CA HIS N 29 -9.52 -46.93 -2.66
C HIS N 29 -9.77 -48.32 -2.11
N ASP N 30 -9.32 -48.63 -0.90
CA ASP N 30 -9.65 -49.89 -0.29
C ASP N 30 -11.03 -49.76 0.36
N PHE N 31 -12.07 -49.78 -0.49
CA PHE N 31 -13.41 -49.52 0.01
C PHE N 31 -13.87 -50.59 0.99
N GLU N 32 -13.38 -51.82 0.86
CA GLU N 32 -13.84 -52.88 1.73
C GLU N 32 -13.35 -52.72 3.16
N SER N 33 -12.41 -51.81 3.41
CA SER N 33 -11.92 -51.56 4.76
C SER N 33 -12.38 -50.23 5.33
N HIS N 34 -13.17 -49.46 4.60
CA HIS N 34 -13.62 -48.19 5.14
C HIS N 34 -14.64 -48.41 6.24
N ASP N 35 -14.74 -47.42 7.11
CA ASP N 35 -15.68 -47.51 8.23
C ASP N 35 -17.11 -47.37 7.73
N GLY N 36 -18.00 -48.20 8.29
CA GLY N 36 -19.40 -48.16 7.94
C GLY N 36 -19.66 -48.52 6.50
N MET N 37 -19.05 -49.59 6.02
CA MET N 37 -19.29 -50.10 4.68
C MET N 37 -19.99 -51.44 4.74
N THR N 38 -21.06 -51.57 3.97
CA THR N 38 -21.76 -52.82 3.75
C THR N 38 -21.40 -53.36 2.39
N GLU N 39 -21.66 -54.65 2.17
CA GLU N 39 -21.37 -55.27 0.89
C GLU N 39 -22.21 -54.65 -0.21
N GLU N 40 -23.45 -54.29 0.10
CA GLU N 40 -24.32 -53.64 -0.86
C GLU N 40 -23.74 -52.31 -1.29
N ASN N 41 -23.22 -51.54 -0.33
CA ASN N 41 -22.65 -50.23 -0.66
C ASN N 41 -21.28 -50.38 -1.32
N LEU N 42 -20.58 -51.47 -1.06
CA LEU N 42 -19.25 -51.66 -1.64
C LEU N 42 -19.32 -51.73 -3.16
N TYR N 43 -20.16 -52.61 -3.69
CA TYR N 43 -20.22 -52.83 -5.14
C TYR N 43 -20.70 -51.58 -5.86
N GLN N 44 -21.66 -50.88 -5.27
CA GLN N 44 -22.21 -49.68 -5.89
C GLN N 44 -21.20 -48.55 -5.96
N ARG N 45 -20.11 -48.62 -5.18
CA ARG N 45 -19.02 -47.69 -5.34
C ARG N 45 -17.93 -48.23 -6.23
N ILE N 46 -17.75 -49.54 -6.28
CA ILE N 46 -16.90 -50.14 -7.31
C ILE N 46 -17.45 -49.77 -8.68
N PHE N 47 -18.75 -49.99 -8.86
CA PHE N 47 -19.40 -49.77 -10.14
C PHE N 47 -19.31 -48.32 -10.58
N ALA N 48 -19.56 -47.39 -9.65
CA ALA N 48 -19.60 -45.99 -10.00
C ALA N 48 -18.21 -45.38 -10.20
N SER N 49 -17.18 -45.99 -9.64
CA SER N 49 -15.83 -45.51 -9.88
C SER N 49 -15.18 -46.17 -11.09
N HIS N 50 -15.81 -47.19 -11.67
CA HIS N 50 -15.37 -47.65 -12.98
C HIS N 50 -15.83 -46.69 -14.07
N PHE N 51 -17.00 -46.10 -13.91
CA PHE N 51 -17.44 -45.07 -14.85
C PHE N 51 -16.50 -43.88 -14.81
N GLY N 52 -16.07 -43.47 -13.62
CA GLY N 52 -15.08 -42.43 -13.52
C GLY N 52 -13.75 -42.83 -14.08
N HIS N 53 -13.48 -44.12 -14.18
CA HIS N 53 -12.25 -44.57 -14.79
C HIS N 53 -12.35 -44.66 -16.30
N LEU N 54 -13.48 -45.14 -16.81
CA LEU N 54 -13.67 -45.22 -18.25
C LEU N 54 -13.61 -43.84 -18.88
N ALA N 55 -14.12 -42.83 -18.18
CA ALA N 55 -14.08 -41.48 -18.69
C ALA N 55 -12.66 -40.95 -18.77
N ILE N 56 -11.80 -41.35 -17.84
CA ILE N 56 -10.41 -40.91 -17.87
C ILE N 56 -9.69 -41.53 -19.06
N ILE N 57 -9.98 -42.79 -19.37
CA ILE N 57 -9.42 -43.41 -20.56
C ILE N 57 -9.88 -42.69 -21.81
N PHE N 58 -11.13 -42.25 -21.82
CA PHE N 58 -11.65 -41.55 -23.00
C PHE N 58 -11.17 -40.12 -23.06
N LEU N 59 -11.03 -39.45 -21.93
CA LEU N 59 -10.44 -38.12 -21.95
C LEU N 59 -8.97 -38.17 -22.28
N TRP N 60 -8.28 -39.23 -21.87
CA TRP N 60 -6.90 -39.41 -22.29
C TRP N 60 -6.81 -39.67 -23.77
N ALA N 61 -7.69 -40.51 -24.31
CA ALA N 61 -7.68 -40.81 -25.73
C ALA N 61 -8.06 -39.60 -26.56
N SER N 62 -8.96 -38.76 -26.07
CA SER N 62 -9.29 -37.54 -26.78
C SER N 62 -8.17 -36.51 -26.70
N GLY N 63 -7.29 -36.63 -25.71
CA GLY N 63 -6.12 -35.79 -25.67
C GLY N 63 -5.06 -36.19 -26.68
N ILE N 64 -4.98 -37.49 -26.99
CA ILE N 64 -4.10 -37.92 -28.08
C ILE N 64 -4.59 -37.35 -29.40
N LEU N 65 -5.90 -37.48 -29.65
CA LEU N 65 -6.47 -37.04 -30.91
C LEU N 65 -6.43 -35.53 -31.04
N PHE N 66 -6.74 -34.82 -29.97
CA PHE N 66 -6.82 -33.37 -30.06
C PHE N 66 -5.46 -32.76 -30.35
N HIS N 67 -4.41 -33.32 -29.78
CA HIS N 67 -3.10 -32.69 -29.90
C HIS N 67 -2.41 -32.99 -31.21
N VAL N 68 -2.72 -34.10 -31.85
CA VAL N 68 -2.18 -34.30 -33.19
C VAL N 68 -3.07 -33.62 -34.22
N ALA N 69 -4.35 -33.42 -33.92
CA ALA N 69 -5.17 -32.58 -34.78
C ALA N 69 -4.73 -31.14 -34.69
N TRP N 70 -4.45 -30.67 -33.48
CA TRP N 70 -4.10 -29.28 -33.27
C TRP N 70 -2.63 -29.02 -33.59
N GLN N 71 -1.73 -29.82 -33.01
CA GLN N 71 -0.31 -29.54 -33.06
C GLN N 71 0.51 -30.60 -33.76
N GLY N 72 -0.08 -31.68 -34.20
CA GLY N 72 0.65 -32.70 -34.93
C GLY N 72 0.78 -32.35 -36.38
N ASN N 73 1.36 -33.28 -37.12
CA ASN N 73 1.53 -33.11 -38.56
C ASN N 73 0.96 -34.30 -39.30
N PHE N 74 -0.25 -34.72 -38.90
CA PHE N 74 -0.86 -35.90 -39.50
C PHE N 74 -1.06 -35.73 -40.99
N GLU N 75 -1.46 -34.54 -41.44
CA GLU N 75 -1.64 -34.28 -42.86
C GLU N 75 -0.34 -34.40 -43.63
N VAL N 76 0.73 -33.80 -43.09
CA VAL N 76 2.03 -33.89 -43.74
C VAL N 76 2.56 -35.31 -43.66
N TRP N 77 2.38 -35.95 -42.51
CA TRP N 77 2.94 -37.29 -42.30
C TRP N 77 2.30 -38.30 -43.22
N ILE N 78 1.00 -38.16 -43.49
CA ILE N 78 0.26 -39.20 -44.17
C ILE N 78 0.58 -39.28 -45.65
N LYS N 79 1.25 -38.26 -46.18
CA LYS N 79 1.71 -38.26 -47.56
C LYS N 79 3.05 -38.96 -47.73
N ASP N 80 3.74 -39.28 -46.64
CA ASP N 80 5.01 -39.98 -46.70
C ASP N 80 5.30 -40.60 -45.35
N PRO N 81 4.63 -41.70 -44.99
CA PRO N 81 4.72 -42.22 -43.62
C PRO N 81 6.06 -42.81 -43.25
N VAL N 82 7.06 -42.78 -44.14
CA VAL N 82 8.34 -43.38 -43.86
C VAL N 82 9.43 -42.36 -43.57
N HIS N 83 9.38 -41.19 -44.21
CA HIS N 83 10.49 -40.26 -44.19
C HIS N 83 10.22 -39.02 -43.36
N VAL N 84 9.09 -38.95 -42.67
CA VAL N 84 8.76 -37.80 -41.84
C VAL N 84 8.34 -38.30 -40.47
N ARG N 85 8.66 -37.53 -39.45
CA ARG N 85 8.42 -38.01 -38.11
C ARG N 85 7.07 -37.50 -37.59
N PRO N 86 6.30 -38.37 -36.93
CA PRO N 86 5.06 -37.92 -36.32
C PRO N 86 5.31 -36.96 -35.19
N ILE N 87 4.41 -35.99 -35.03
CA ILE N 87 4.52 -34.99 -33.98
C ILE N 87 3.55 -35.36 -32.87
N ALA N 88 4.08 -35.45 -31.65
CA ALA N 88 3.22 -35.74 -30.51
C ALA N 88 2.38 -34.53 -30.16
N HIS N 89 3.02 -33.46 -29.72
CA HIS N 89 2.36 -32.20 -29.42
C HIS N 89 3.42 -31.13 -29.50
N ALA N 90 3.06 -29.91 -29.15
CA ALA N 90 4.05 -28.85 -29.16
C ALA N 90 4.71 -28.74 -27.80
N ILE N 91 5.80 -27.98 -27.77
CA ILE N 91 6.54 -27.70 -26.56
C ILE N 91 6.32 -26.24 -26.23
N TRP N 92 5.90 -25.96 -24.99
CA TRP N 92 5.95 -24.60 -24.47
C TRP N 92 6.68 -24.66 -23.14
N ASP N 93 7.99 -24.57 -23.21
CA ASP N 93 8.81 -24.38 -22.04
C ASP N 93 9.41 -22.99 -22.14
N ALA N 94 8.91 -22.08 -21.34
CA ALA N 94 9.31 -20.68 -21.42
C ALA N 94 10.68 -20.43 -20.93
N GLN N 95 11.44 -21.47 -20.64
CA GLN N 95 12.81 -21.32 -20.16
C GLN N 95 13.81 -22.08 -21.01
N PHE N 96 13.43 -22.44 -22.23
CA PHE N 96 14.40 -22.86 -23.22
C PHE N 96 15.31 -21.72 -23.60
N GLY N 97 16.51 -22.06 -24.04
CA GLY N 97 17.38 -21.12 -24.68
C GLY N 97 17.24 -21.23 -26.17
N PRO N 98 18.01 -20.45 -26.92
CA PRO N 98 17.97 -20.58 -28.39
C PRO N 98 18.45 -21.91 -28.88
N GLY N 99 19.32 -22.59 -28.14
CA GLY N 99 19.80 -23.89 -28.56
C GLY N 99 18.77 -24.99 -28.44
N ALA N 100 17.78 -24.83 -27.57
CA ALA N 100 16.74 -25.83 -27.43
C ALA N 100 15.55 -25.56 -28.35
N ILE N 101 15.29 -24.29 -28.67
CA ILE N 101 14.29 -23.99 -29.68
C ILE N 101 14.72 -24.56 -31.02
N LYS N 102 15.97 -24.34 -31.39
CA LYS N 102 16.46 -24.81 -32.66
C LYS N 102 16.53 -26.33 -32.70
N ALA N 103 16.94 -26.95 -31.60
CA ALA N 103 17.09 -28.40 -31.58
C ALA N 103 15.76 -29.11 -31.66
N PHE N 104 14.76 -28.62 -30.93
CA PHE N 104 13.47 -29.28 -30.88
C PHE N 104 12.52 -28.84 -31.97
N THR N 105 12.88 -27.83 -32.77
CA THR N 105 12.11 -27.50 -33.97
C THR N 105 12.51 -28.50 -35.02
N GLN N 106 11.76 -29.60 -35.09
CA GLN N 106 12.18 -30.76 -35.87
C GLN N 106 10.97 -31.35 -36.56
N ALA N 107 11.25 -32.26 -37.50
CA ALA N 107 10.24 -32.98 -38.26
C ALA N 107 9.32 -32.03 -39.02
N GLY N 108 9.93 -31.06 -39.70
CA GLY N 108 9.16 -30.20 -40.55
C GLY N 108 8.26 -29.22 -39.83
N ALA N 109 8.48 -29.04 -38.54
CA ALA N 109 7.68 -28.12 -37.75
C ALA N 109 8.34 -26.75 -37.74
N ARG N 110 7.55 -25.75 -37.39
CA ARG N 110 8.02 -24.38 -37.31
C ARG N 110 7.99 -23.86 -35.87
N ASN N 111 8.04 -24.78 -34.91
CA ASN N 111 7.98 -24.51 -33.48
C ASN N 111 8.51 -25.74 -32.77
N PRO N 112 9.00 -25.63 -31.53
CA PRO N 112 9.44 -26.83 -30.81
C PRO N 112 8.31 -27.84 -30.68
N VAL N 113 8.63 -29.10 -30.95
CA VAL N 113 7.65 -30.18 -30.95
C VAL N 113 8.28 -31.43 -30.36
N ASP N 114 7.44 -32.42 -30.12
CA ASP N 114 7.86 -33.73 -29.66
C ASP N 114 7.54 -34.75 -30.74
N ILE N 115 8.46 -35.68 -30.96
CA ILE N 115 8.24 -36.73 -31.94
C ILE N 115 7.42 -37.84 -31.31
N CYS N 116 6.27 -38.13 -31.90
CA CYS N 116 5.39 -39.17 -31.37
C CYS N 116 6.03 -40.54 -31.50
N TYR N 117 6.22 -41.21 -30.37
CA TYR N 117 6.72 -42.58 -30.35
C TYR N 117 5.66 -43.55 -29.89
N SER N 118 4.39 -43.20 -30.01
CA SER N 118 3.32 -44.06 -29.60
C SER N 118 2.77 -44.92 -30.73
N GLY N 119 2.94 -44.50 -31.97
CA GLY N 119 2.38 -45.24 -33.07
C GLY N 119 0.94 -44.97 -33.37
N VAL N 120 0.34 -43.99 -32.71
CA VAL N 120 -1.05 -43.64 -33.00
C VAL N 120 -1.19 -43.13 -34.42
N TYR N 121 -0.13 -42.55 -34.98
CA TYR N 121 -0.18 -42.13 -36.37
C TYR N 121 -0.34 -43.32 -37.30
N HIS N 122 0.34 -44.41 -36.99
CA HIS N 122 0.25 -45.60 -37.83
C HIS N 122 -1.06 -46.31 -37.60
N TRP N 123 -1.56 -46.28 -36.37
CA TRP N 123 -2.84 -46.88 -36.07
C TRP N 123 -3.98 -46.17 -36.78
N TRP N 124 -3.98 -44.84 -36.74
CA TRP N 124 -5.04 -44.09 -37.39
C TRP N 124 -4.91 -44.14 -38.90
N TYR N 125 -3.69 -44.17 -39.42
CA TYR N 125 -3.52 -44.29 -40.86
C TYR N 125 -4.03 -45.62 -41.38
N THR N 126 -4.00 -46.65 -40.55
CA THR N 126 -4.43 -47.96 -41.00
C THR N 126 -5.94 -48.10 -40.89
N ILE N 127 -6.56 -47.56 -39.83
CA ILE N 127 -7.99 -47.73 -39.63
C ILE N 127 -8.82 -46.73 -40.41
N GLY N 128 -8.20 -45.89 -41.23
CA GLY N 128 -8.94 -45.05 -42.14
C GLY N 128 -9.22 -43.65 -41.68
N LEU N 129 -8.19 -42.95 -41.23
CA LEU N 129 -8.30 -41.53 -40.89
C LEU N 129 -7.28 -40.78 -41.74
N ARG N 130 -7.76 -39.81 -42.52
CA ARG N 130 -6.90 -39.16 -43.50
C ARG N 130 -6.78 -37.65 -43.33
N THR N 131 -7.70 -37.01 -42.63
CA THR N 131 -7.65 -35.57 -42.47
C THR N 131 -7.58 -35.21 -41.00
N ASN N 132 -7.07 -34.00 -40.72
CA ASN N 132 -7.04 -33.49 -39.36
C ASN N 132 -8.44 -33.30 -38.80
N THR N 133 -9.41 -32.98 -39.66
CA THR N 133 -10.77 -32.78 -39.18
C THR N 133 -11.39 -34.09 -38.71
N GLU N 134 -11.08 -35.19 -39.38
CA GLU N 134 -11.49 -36.51 -38.91
C GLU N 134 -10.91 -36.82 -37.54
N LEU N 135 -9.70 -36.34 -37.26
CA LEU N 135 -9.12 -36.53 -35.93
C LEU N 135 -9.80 -35.63 -34.92
N TYR N 136 -10.18 -34.42 -35.34
CA TYR N 136 -10.78 -33.47 -34.42
C TYR N 136 -12.18 -33.90 -34.01
N VAL N 137 -12.98 -34.36 -34.95
CA VAL N 137 -14.32 -34.81 -34.58
C VAL N 137 -14.25 -36.12 -33.81
N GLY N 138 -13.16 -36.88 -33.97
CA GLY N 138 -12.93 -37.99 -33.08
C GLY N 138 -12.61 -37.55 -31.66
N ALA N 139 -11.81 -36.49 -31.53
CA ALA N 139 -11.51 -35.97 -30.20
C ALA N 139 -12.75 -35.40 -29.53
N LEU N 140 -13.57 -34.68 -30.29
CA LEU N 140 -14.80 -34.14 -29.71
C LEU N 140 -15.78 -35.24 -29.34
N PHE N 141 -15.86 -36.28 -30.16
CA PHE N 141 -16.76 -37.38 -29.85
C PHE N 141 -16.34 -38.10 -28.58
N LEU N 142 -15.04 -38.31 -28.41
CA LEU N 142 -14.56 -39.00 -27.21
C LEU N 142 -14.72 -38.14 -25.96
N ILE N 143 -14.67 -36.83 -26.09
CA ILE N 143 -14.96 -35.96 -24.95
C ILE N 143 -16.41 -36.14 -24.53
N LEU N 144 -17.32 -36.13 -25.49
CA LEU N 144 -18.73 -36.33 -25.16
C LEU N 144 -19.03 -37.76 -24.77
N LEU N 145 -18.30 -38.72 -25.33
CA LEU N 145 -18.45 -40.10 -24.87
C LEU N 145 -17.91 -40.27 -23.46
N ALA N 146 -16.89 -39.50 -23.08
CA ALA N 146 -16.47 -39.50 -21.69
C ALA N 146 -17.49 -38.82 -20.81
N ALA N 147 -18.25 -37.87 -21.35
CA ALA N 147 -19.28 -37.20 -20.57
C ALA N 147 -20.41 -38.15 -20.21
N VAL N 148 -20.83 -39.01 -21.14
CA VAL N 148 -21.94 -39.90 -20.85
C VAL N 148 -21.56 -41.01 -19.89
N PHE N 149 -20.27 -41.20 -19.64
CA PHE N 149 -19.85 -42.10 -18.57
C PHE N 149 -19.62 -41.40 -17.24
N LEU N 150 -19.24 -40.13 -17.25
CA LEU N 150 -19.27 -39.38 -16.00
C LEU N 150 -20.69 -39.20 -15.52
N PHE N 151 -21.64 -39.00 -16.43
CA PHE N 151 -23.03 -38.89 -16.03
C PHE N 151 -23.58 -40.23 -15.59
N ALA N 152 -23.24 -41.31 -16.29
CA ALA N 152 -23.72 -42.62 -15.91
C ALA N 152 -23.22 -43.03 -14.54
N GLY N 153 -21.97 -42.67 -14.22
CA GLY N 153 -21.46 -42.94 -12.90
C GLY N 153 -22.19 -42.17 -11.83
N TRP N 154 -22.51 -40.91 -12.10
CA TRP N 154 -23.33 -40.14 -11.17
C TRP N 154 -24.74 -40.70 -11.11
N LEU N 155 -25.26 -41.17 -12.25
CA LEU N 155 -26.62 -41.68 -12.30
C LEU N 155 -26.80 -42.91 -11.42
N HIS N 156 -25.82 -43.79 -11.39
CA HIS N 156 -25.95 -45.03 -10.65
C HIS N 156 -25.50 -44.91 -9.21
N LEU N 157 -25.48 -43.70 -8.68
CA LEU N 157 -25.43 -43.49 -7.25
C LEU N 157 -26.69 -42.84 -6.73
N GLN N 158 -27.61 -42.50 -7.61
CA GLN N 158 -28.93 -42.06 -7.18
C GLN N 158 -29.70 -43.27 -6.66
N PRO N 159 -30.48 -43.11 -5.59
CA PRO N 159 -31.10 -44.28 -4.95
C PRO N 159 -32.05 -45.04 -5.86
N ARG N 160 -32.69 -44.35 -6.80
CA ARG N 160 -33.64 -45.01 -7.69
C ARG N 160 -32.96 -45.74 -8.83
N TYR N 161 -31.69 -45.44 -9.09
CA TYR N 161 -30.94 -46.07 -10.17
C TYR N 161 -29.79 -46.92 -9.67
N ARG N 162 -29.49 -46.86 -8.40
CA ARG N 162 -28.37 -47.57 -7.82
C ARG N 162 -28.67 -49.06 -7.77
N PRO N 163 -27.87 -49.90 -8.42
CA PRO N 163 -28.18 -51.34 -8.50
C PRO N 163 -28.09 -52.01 -7.15
N ASN N 164 -28.80 -53.13 -7.03
CA ASN N 164 -28.80 -53.90 -5.80
C ASN N 164 -27.73 -54.99 -5.86
N LEU N 165 -27.46 -55.59 -4.70
CA LEU N 165 -26.39 -56.57 -4.59
C LEU N 165 -26.64 -57.79 -5.45
N GLY N 166 -27.90 -58.19 -5.62
CA GLY N 166 -28.20 -59.32 -6.46
C GLY N 166 -27.85 -59.11 -7.92
N TRP N 167 -27.96 -57.87 -8.40
CA TRP N 167 -27.59 -57.57 -9.78
C TRP N 167 -26.10 -57.73 -10.00
N PHE N 168 -25.29 -57.30 -9.04
CA PHE N 168 -23.84 -57.40 -9.19
C PHE N 168 -23.38 -58.85 -9.13
N LYS N 169 -23.95 -59.64 -8.23
CA LYS N 169 -23.57 -61.03 -8.10
C LYS N 169 -24.26 -61.94 -9.09
N ASN N 170 -24.79 -61.37 -10.18
CA ASN N 170 -25.39 -62.15 -11.25
C ASN N 170 -24.30 -62.47 -12.27
N SER N 171 -23.53 -63.51 -11.95
CA SER N 171 -22.35 -63.82 -12.75
C SER N 171 -22.72 -64.36 -14.13
N GLU N 172 -23.74 -65.20 -14.21
CA GLU N 172 -24.08 -65.79 -15.50
C GLU N 172 -24.63 -64.77 -16.49
N ALA N 173 -25.35 -63.76 -16.01
CA ALA N 173 -25.87 -62.75 -16.93
C ALA N 173 -24.77 -61.82 -17.41
N ARG N 174 -23.77 -61.55 -16.57
CA ARG N 174 -22.70 -60.66 -17.00
C ARG N 174 -21.79 -61.34 -18.01
N LEU N 175 -21.47 -62.62 -17.78
CA LEU N 175 -20.65 -63.35 -18.73
C LEU N 175 -21.35 -63.48 -20.08
N ASN N 176 -22.66 -63.68 -20.06
CA ASN N 176 -23.39 -63.81 -21.32
C ASN N 176 -23.32 -62.53 -22.13
N HIS N 177 -23.45 -61.39 -21.48
CA HIS N 177 -23.42 -60.14 -22.23
C HIS N 177 -22.00 -59.72 -22.57
N HIS N 178 -21.05 -59.93 -21.67
CA HIS N 178 -19.68 -59.52 -21.95
C HIS N 178 -19.08 -60.33 -23.09
N LEU N 179 -19.33 -61.63 -23.11
CA LEU N 179 -18.88 -62.45 -24.23
C LEU N 179 -19.63 -62.08 -25.51
N ALA N 180 -20.95 -62.04 -25.46
CA ALA N 180 -21.70 -61.82 -26.69
C ALA N 180 -21.69 -60.36 -27.10
N GLY N 181 -21.86 -59.44 -26.15
CA GLY N 181 -22.03 -58.05 -26.52
C GLY N 181 -20.80 -57.20 -26.37
N LEU N 182 -20.11 -57.31 -25.24
CA LEU N 182 -18.96 -56.43 -25.01
C LEU N 182 -17.79 -56.82 -25.90
N PHE N 183 -17.55 -58.12 -26.08
CA PHE N 183 -16.49 -58.54 -26.98
C PHE N 183 -17.00 -59.00 -28.33
N GLY N 184 -18.09 -59.73 -28.37
CA GLY N 184 -18.62 -60.24 -29.61
C GLY N 184 -19.15 -59.17 -30.53
N VAL N 185 -20.06 -58.34 -30.03
CA VAL N 185 -20.63 -57.29 -30.87
C VAL N 185 -19.60 -56.23 -31.20
N SER N 186 -18.75 -55.87 -30.22
CA SER N 186 -17.72 -54.86 -30.48
C SER N 186 -16.74 -55.30 -31.56
N SER N 187 -16.33 -56.56 -31.56
CA SER N 187 -15.45 -57.02 -32.62
C SER N 187 -16.20 -57.22 -33.92
N LEU N 188 -17.48 -57.57 -33.84
CA LEU N 188 -18.33 -57.54 -35.02
C LEU N 188 -18.44 -56.13 -35.57
N ALA N 189 -18.62 -55.16 -34.67
CA ALA N 189 -18.70 -53.76 -35.08
C ALA N 189 -17.38 -53.30 -35.67
N TRP N 190 -16.26 -53.75 -35.12
CA TRP N 190 -14.97 -53.33 -35.64
C TRP N 190 -14.75 -53.88 -37.03
N ALA N 191 -15.13 -55.14 -37.27
CA ALA N 191 -15.10 -55.66 -38.63
C ALA N 191 -16.04 -54.89 -39.53
N GLY N 192 -17.08 -54.29 -38.95
CA GLY N 192 -17.90 -53.38 -39.72
C GLY N 192 -17.16 -52.12 -40.15
N HIS N 193 -16.36 -51.55 -39.25
CA HIS N 193 -15.56 -50.39 -39.62
C HIS N 193 -14.51 -50.75 -40.66
N LEU N 194 -13.85 -51.89 -40.47
CA LEU N 194 -12.81 -52.30 -41.41
C LEU N 194 -13.39 -52.51 -42.79
N VAL N 195 -14.52 -53.20 -42.88
CA VAL N 195 -15.13 -53.49 -44.18
C VAL N 195 -15.65 -52.23 -44.83
N HIS N 196 -16.23 -51.33 -44.05
CA HIS N 196 -16.85 -50.14 -44.61
C HIS N 196 -15.92 -48.96 -44.74
N VAL N 197 -14.98 -48.78 -43.83
CA VAL N 197 -14.19 -47.56 -43.84
C VAL N 197 -12.73 -47.85 -44.11
N ALA N 198 -12.12 -48.72 -43.30
CA ALA N 198 -10.67 -48.87 -43.35
C ALA N 198 -10.21 -49.50 -44.65
N ILE N 199 -10.83 -50.61 -45.05
CA ILE N 199 -10.46 -51.27 -46.30
C ILE N 199 -10.75 -50.39 -47.50
N PRO N 200 -11.95 -49.81 -47.68
CA PRO N 200 -12.15 -48.94 -48.85
C PRO N 200 -11.23 -47.74 -48.89
N GLU N 201 -10.91 -47.16 -47.74
CA GLU N 201 -10.09 -45.98 -47.71
C GLU N 201 -8.61 -46.31 -47.83
N SER N 202 -8.25 -47.58 -47.69
CA SER N 202 -6.92 -48.04 -48.04
C SER N 202 -6.79 -48.34 -49.53
N ARG N 203 -7.90 -48.31 -50.25
CA ARG N 203 -7.91 -48.46 -51.70
C ARG N 203 -8.20 -47.15 -52.41
N GLY N 204 -8.27 -46.05 -51.67
CA GLY N 204 -8.37 -44.76 -52.32
C GLY N 204 -9.69 -44.07 -52.16
N GLN N 205 -10.79 -44.81 -52.24
CA GLN N 205 -12.10 -44.18 -52.17
C GLN N 205 -12.37 -43.65 -50.77
N HIS N 206 -12.97 -42.47 -50.71
CA HIS N 206 -13.25 -41.81 -49.44
C HIS N 206 -14.64 -42.23 -48.96
N VAL N 207 -14.68 -42.90 -47.81
CA VAL N 207 -15.93 -43.31 -47.20
C VAL N 207 -16.08 -42.54 -45.89
N GLY N 208 -17.19 -41.82 -45.75
CA GLY N 208 -17.42 -41.04 -44.56
C GLY N 208 -18.83 -41.21 -44.04
N TRP N 209 -19.21 -40.39 -43.06
CA TRP N 209 -20.54 -40.52 -42.48
C TRP N 209 -21.64 -40.09 -43.44
N ASP N 210 -21.32 -39.24 -44.40
CA ASP N 210 -22.28 -38.80 -45.41
C ASP N 210 -22.20 -39.63 -46.67
N ASN N 211 -21.41 -40.69 -46.67
CA ASN N 211 -21.08 -41.39 -47.91
C ASN N 211 -21.36 -42.87 -47.71
N PHE N 212 -21.15 -43.37 -46.49
CA PHE N 212 -21.11 -44.82 -46.28
C PHE N 212 -22.46 -45.48 -46.45
N LEU N 213 -23.56 -44.73 -46.34
CA LEU N 213 -24.87 -45.35 -46.48
C LEU N 213 -25.22 -45.66 -47.93
N SER N 214 -24.54 -45.02 -48.88
CA SER N 214 -24.89 -45.14 -50.28
C SER N 214 -24.00 -46.12 -51.03
N THR N 215 -22.69 -46.09 -50.79
CA THR N 215 -21.77 -46.93 -51.53
C THR N 215 -21.55 -48.25 -50.80
N PRO N 216 -21.94 -49.39 -51.38
CA PRO N 216 -21.71 -50.65 -50.71
C PRO N 216 -20.22 -51.00 -50.71
N PRO N 217 -19.75 -51.70 -49.67
CA PRO N 217 -18.32 -52.06 -49.64
C PRO N 217 -17.94 -53.15 -50.61
N HIS N 218 -18.91 -53.91 -51.11
CA HIS N 218 -18.68 -54.95 -52.09
C HIS N 218 -19.72 -54.81 -53.20
N PRO N 219 -19.36 -55.17 -54.43
CA PRO N 219 -20.38 -55.18 -55.50
C PRO N 219 -21.53 -56.14 -55.25
N ALA N 220 -21.29 -57.24 -54.54
CA ALA N 220 -22.34 -58.22 -54.26
C ALA N 220 -22.90 -58.04 -52.86
N GLY N 221 -23.04 -56.79 -52.42
CA GLY N 221 -23.33 -56.53 -51.02
C GLY N 221 -24.72 -56.98 -50.62
N LEU N 222 -24.83 -57.48 -49.39
CA LEU N 222 -26.05 -57.90 -48.71
C LEU N 222 -26.79 -59.04 -49.38
N TRP N 223 -26.31 -59.57 -50.48
CA TRP N 223 -27.06 -60.67 -51.05
C TRP N 223 -26.24 -61.94 -51.13
N ALA N 224 -24.93 -61.82 -51.38
CA ALA N 224 -24.07 -62.98 -51.33
C ALA N 224 -24.02 -63.58 -49.93
N PHE N 225 -24.22 -62.74 -48.90
CA PHE N 225 -24.19 -63.24 -47.53
C PHE N 225 -25.42 -64.11 -47.24
N PHE N 226 -26.61 -63.60 -47.53
CA PHE N 226 -27.83 -64.30 -47.11
C PHE N 226 -28.16 -65.50 -47.99
N THR N 227 -27.78 -65.47 -49.27
CA THR N 227 -27.95 -66.67 -50.08
C THR N 227 -27.04 -67.79 -49.60
N GLY N 228 -25.87 -67.44 -49.08
CA GLY N 228 -24.85 -68.40 -48.73
C GLY N 228 -23.67 -68.43 -49.67
N ASN N 229 -23.68 -67.60 -50.71
CA ASN N 229 -22.56 -67.49 -51.64
C ASN N 229 -21.49 -66.60 -51.01
N TRP N 230 -20.91 -67.12 -49.92
CA TRP N 230 -19.99 -66.32 -49.11
C TRP N 230 -18.66 -66.12 -49.81
N GLY N 231 -18.29 -67.03 -50.71
CA GLY N 231 -17.01 -66.92 -51.40
C GLY N 231 -16.89 -65.69 -52.28
N ALA N 232 -18.00 -65.02 -52.57
CA ALA N 232 -17.96 -63.82 -53.40
C ALA N 232 -17.21 -62.69 -52.74
N TYR N 233 -17.07 -62.72 -51.42
CA TYR N 233 -16.40 -61.65 -50.68
C TYR N 233 -14.89 -61.76 -50.73
N ALA N 234 -14.35 -62.77 -51.40
CA ALA N 234 -12.91 -62.96 -51.49
C ALA N 234 -12.50 -63.33 -52.91
N GLN N 235 -13.13 -62.71 -53.91
CA GLN N 235 -12.87 -63.12 -55.28
C GLN N 235 -11.54 -62.59 -55.79
N ASN N 236 -11.40 -61.28 -55.88
CA ASN N 236 -10.12 -60.68 -56.27
C ASN N 236 -9.56 -59.83 -55.13
N PRO N 237 -8.50 -60.27 -54.47
CA PRO N 237 -7.93 -59.47 -53.38
C PRO N 237 -6.92 -58.47 -53.90
N ASP N 238 -6.31 -57.72 -53.00
CA ASP N 238 -5.25 -56.79 -53.40
C ASP N 238 -4.04 -57.56 -53.90
N THR N 239 -3.47 -57.10 -55.00
CA THR N 239 -2.29 -57.75 -55.53
C THR N 239 -1.05 -57.33 -54.76
N ALA N 240 0.06 -57.98 -55.07
CA ALA N 240 1.32 -57.71 -54.36
C ALA N 240 1.93 -56.38 -54.76
N GLU N 241 1.48 -55.75 -55.85
CA GLU N 241 1.99 -54.45 -56.25
C GLU N 241 1.06 -53.32 -55.84
N HIS N 242 0.02 -53.62 -55.07
CA HIS N 242 -0.86 -52.59 -54.54
C HIS N 242 -0.09 -51.70 -53.58
N VAL N 243 -0.23 -50.38 -53.72
CA VAL N 243 0.37 -49.45 -52.79
C VAL N 243 -0.74 -48.80 -51.97
N PHE N 244 -0.45 -48.59 -50.70
CA PHE N 244 -1.49 -48.30 -49.71
C PHE N 244 -2.17 -46.97 -49.98
N SER N 245 -3.46 -46.93 -49.66
CA SER N 245 -4.31 -45.74 -49.74
C SER N 245 -4.45 -45.20 -51.15
N THR N 246 -4.27 -46.05 -52.17
CA THR N 246 -4.48 -45.68 -53.55
C THR N 246 -5.30 -46.74 -54.25
N SER N 247 -5.80 -46.41 -55.44
CA SER N 247 -6.59 -47.34 -56.23
C SER N 247 -5.75 -48.25 -57.12
N GLN N 248 -4.47 -47.98 -57.27
CA GLN N 248 -3.63 -48.78 -58.17
C GLN N 248 -3.20 -50.07 -57.47
N GLY N 249 -3.46 -51.20 -58.12
CA GLY N 249 -3.20 -52.49 -57.54
C GLY N 249 -4.28 -52.99 -56.62
N ALA N 250 -5.30 -52.20 -56.34
CA ALA N 250 -6.32 -52.56 -55.37
C ALA N 250 -7.26 -53.62 -55.93
N GLY N 251 -7.86 -54.38 -55.03
CA GLY N 251 -8.88 -55.35 -55.38
C GLY N 251 -10.25 -54.92 -54.90
N THR N 252 -11.16 -55.90 -54.90
CA THR N 252 -12.49 -55.68 -54.37
C THR N 252 -12.84 -56.58 -53.22
N ALA N 253 -12.00 -57.57 -52.91
CA ALA N 253 -12.27 -58.47 -51.80
C ALA N 253 -12.25 -57.72 -50.48
N ILE N 254 -13.20 -58.04 -49.62
CA ILE N 254 -13.27 -57.42 -48.30
C ILE N 254 -13.01 -58.41 -47.18
N LEU N 255 -13.10 -59.72 -47.43
CA LEU N 255 -12.88 -60.74 -46.42
C LEU N 255 -12.03 -61.83 -47.06
N THR N 256 -10.73 -61.64 -47.13
CA THR N 256 -9.90 -62.66 -47.75
C THR N 256 -8.73 -62.97 -46.82
N PHE N 257 -8.24 -64.19 -46.94
CA PHE N 257 -7.37 -64.78 -45.93
C PHE N 257 -6.02 -65.23 -46.50
N LEU N 258 -5.36 -64.31 -47.20
CA LEU N 258 -4.05 -64.58 -47.76
C LEU N 258 -3.03 -64.95 -46.69
N GLY N 259 -3.02 -64.21 -45.58
CA GLY N 259 -2.00 -64.38 -44.58
C GLY N 259 -0.70 -63.72 -45.00
N GLY N 260 0.21 -63.60 -44.04
CA GLY N 260 1.43 -62.89 -44.31
C GLY N 260 1.22 -61.39 -44.30
N PHE N 261 2.09 -60.69 -45.00
CA PHE N 261 2.19 -59.24 -44.90
C PHE N 261 1.86 -58.57 -46.22
N HIS N 262 1.37 -57.34 -46.11
CA HIS N 262 1.20 -56.46 -47.26
C HIS N 262 2.58 -56.08 -47.78
N PRO N 263 2.90 -56.34 -49.05
CA PRO N 263 4.29 -56.14 -49.50
C PRO N 263 4.76 -54.70 -49.46
N GLN N 264 3.87 -53.72 -49.38
CA GLN N 264 4.26 -52.33 -49.42
C GLN N 264 4.31 -51.69 -48.04
N THR N 265 3.34 -51.98 -47.17
CA THR N 265 3.36 -51.47 -45.82
C THR N 265 4.07 -52.39 -44.84
N GLN N 266 4.34 -53.64 -45.24
CA GLN N 266 4.92 -54.66 -44.37
C GLN N 266 4.10 -54.85 -43.10
N SER N 267 2.79 -54.87 -43.26
CA SER N 267 1.86 -55.11 -42.17
C SER N 267 0.86 -56.16 -42.62
N LEU N 268 0.01 -56.59 -41.70
CA LEU N 268 -1.04 -57.52 -42.06
C LEU N 268 -2.05 -56.83 -42.97
N TRP N 269 -2.68 -57.63 -43.83
CA TRP N 269 -3.69 -57.11 -44.73
C TRP N 269 -4.90 -56.63 -43.95
N LEU N 270 -5.46 -55.49 -44.36
CA LEU N 270 -6.67 -54.99 -43.74
C LEU N 270 -7.84 -55.93 -43.99
N THR N 271 -7.90 -56.50 -45.20
CA THR N 271 -8.93 -57.48 -45.51
C THR N 271 -8.78 -58.73 -44.67
N ASP N 272 -7.55 -59.03 -44.27
CA ASP N 272 -7.29 -60.19 -43.43
C ASP N 272 -7.68 -59.90 -41.98
N MET N 273 -7.68 -58.62 -41.58
CA MET N 273 -8.13 -58.26 -40.24
C MET N 273 -9.65 -58.22 -40.14
N ALA N 274 -10.32 -57.73 -41.16
CA ALA N 274 -11.78 -57.68 -41.11
C ALA N 274 -12.35 -59.08 -41.02
N HIS N 275 -11.79 -60.00 -41.80
CA HIS N 275 -12.16 -61.40 -41.72
C HIS N 275 -11.81 -61.99 -40.36
N HIS N 276 -10.83 -61.43 -39.68
CA HIS N 276 -10.43 -61.93 -38.38
C HIS N 276 -11.48 -61.59 -37.34
N HIS N 277 -11.80 -60.30 -37.19
CA HIS N 277 -12.75 -59.88 -36.19
C HIS N 277 -14.14 -60.40 -36.48
N LEU N 278 -14.46 -60.62 -37.74
CA LEU N 278 -15.71 -61.28 -38.08
C LEU N 278 -15.74 -62.71 -37.55
N ALA N 279 -14.65 -63.44 -37.70
CA ALA N 279 -14.60 -64.79 -37.18
C ALA N 279 -14.58 -64.80 -35.66
N ILE N 280 -13.84 -63.87 -35.06
CA ILE N 280 -13.79 -63.77 -33.61
C ILE N 280 -15.14 -63.42 -33.03
N ALA N 281 -15.86 -62.51 -33.69
CA ALA N 281 -17.17 -62.10 -33.21
C ALA N 281 -18.13 -63.29 -33.15
N VAL N 282 -18.21 -64.05 -34.24
CA VAL N 282 -19.14 -65.16 -34.31
C VAL N 282 -18.81 -66.20 -33.24
N VAL N 283 -17.53 -66.49 -33.06
CA VAL N 283 -17.12 -67.41 -32.01
C VAL N 283 -17.45 -66.84 -30.63
N LEU N 284 -17.29 -65.52 -30.45
CA LEU N 284 -17.57 -64.93 -29.15
C LEU N 284 -19.07 -64.82 -28.88
N ILE N 285 -19.86 -64.47 -29.90
CA ILE N 285 -21.30 -64.41 -29.72
C ILE N 285 -21.85 -65.80 -29.40
N ILE N 286 -21.36 -66.83 -30.09
CA ILE N 286 -21.73 -68.20 -29.74
C ILE N 286 -21.36 -68.51 -28.30
N ALA N 287 -20.16 -68.12 -27.88
CA ALA N 287 -19.74 -68.37 -26.50
C ALA N 287 -20.61 -67.66 -25.48
N GLY N 288 -21.28 -66.58 -25.86
CA GLY N 288 -22.11 -65.85 -24.94
C GLY N 288 -23.49 -66.41 -24.72
N HIS N 289 -23.84 -67.53 -25.36
CA HIS N 289 -25.10 -68.19 -25.12
C HIS N 289 -24.88 -69.49 -24.35
N MET N 290 -23.92 -69.46 -23.43
CA MET N 290 -23.52 -70.66 -22.73
C MET N 290 -24.15 -70.79 -21.35
N TYR N 291 -24.37 -69.69 -20.66
CA TYR N 291 -24.83 -69.70 -19.28
C TYR N 291 -26.29 -69.26 -19.22
N ARG N 292 -27.10 -69.98 -18.46
CA ARG N 292 -28.51 -69.65 -18.35
C ARG N 292 -28.68 -68.36 -17.57
N THR N 293 -29.48 -67.45 -18.11
CA THR N 293 -29.80 -66.26 -17.33
C THR N 293 -31.17 -66.37 -16.67
N ASN N 294 -32.22 -66.35 -17.47
CA ASN N 294 -33.57 -66.53 -16.95
C ASN N 294 -34.44 -67.26 -17.96
N TRP N 295 -33.83 -68.13 -18.77
CA TRP N 295 -34.58 -68.88 -19.77
C TRP N 295 -34.41 -70.38 -19.68
N ARG N 296 -33.83 -70.90 -18.59
CA ARG N 296 -33.76 -72.33 -18.27
C ARG N 296 -33.28 -73.17 -19.46
N ILE N 297 -32.51 -72.54 -20.35
CA ILE N 297 -31.70 -73.22 -21.34
C ILE N 297 -30.36 -72.50 -21.26
N GLY N 298 -29.31 -73.22 -20.84
CA GLY N 298 -28.01 -72.63 -20.58
C GLY N 298 -27.27 -73.43 -19.52
N HIS N 299 -26.18 -72.87 -19.00
CA HIS N 299 -25.42 -73.48 -17.92
C HIS N 299 -25.56 -72.70 -16.64
N SER N 300 -25.47 -73.40 -15.52
CA SER N 300 -25.39 -72.80 -14.20
C SER N 300 -24.02 -73.08 -13.63
N ILE N 301 -23.24 -72.03 -13.36
CA ILE N 301 -21.87 -72.20 -12.94
C ILE N 301 -21.81 -72.87 -11.57
N LYS N 302 -22.76 -72.52 -10.69
CA LYS N 302 -22.80 -73.13 -9.36
C LYS N 302 -23.01 -74.63 -9.46
N GLU N 303 -23.87 -75.07 -10.36
CA GLU N 303 -24.08 -76.50 -10.52
C GLU N 303 -22.94 -77.16 -11.30
N MET N 304 -22.24 -76.42 -12.15
CA MET N 304 -21.05 -76.99 -12.78
C MET N 304 -19.91 -77.19 -11.81
N MET N 305 -19.98 -76.63 -10.61
CA MET N 305 -19.01 -76.91 -9.57
C MET N 305 -19.36 -78.18 -8.81
N ASP N 306 -20.57 -78.23 -8.26
CA ASP N 306 -20.96 -79.30 -7.36
C ASP N 306 -21.26 -80.61 -8.08
N SER N 307 -21.14 -80.66 -9.40
CA SER N 307 -21.44 -81.88 -10.13
C SER N 307 -20.41 -82.96 -9.81
N LYS N 308 -20.90 -84.15 -9.46
CA LYS N 308 -20.03 -85.26 -9.12
C LYS N 308 -20.37 -86.52 -9.90
N THR N 309 -21.06 -86.40 -11.03
CA THR N 309 -21.48 -87.54 -11.83
C THR N 309 -21.03 -87.35 -13.26
N PHE N 310 -20.14 -88.22 -13.72
CA PHE N 310 -19.61 -88.19 -15.08
C PHE N 310 -20.23 -89.35 -15.85
N PHE N 311 -21.38 -89.09 -16.48
CA PHE N 311 -22.13 -90.10 -17.22
C PHE N 311 -22.45 -91.31 -16.34
N GLY N 312 -22.78 -91.04 -15.09
CA GLY N 312 -23.07 -92.07 -14.12
C GLY N 312 -21.89 -92.52 -13.30
N ARG N 313 -20.66 -92.22 -13.73
CA ARG N 313 -19.48 -92.64 -12.99
C ARG N 313 -19.24 -91.67 -11.84
N LYS N 314 -18.91 -92.21 -10.68
CA LYS N 314 -18.61 -91.43 -9.49
C LYS N 314 -17.30 -90.68 -9.68
N VAL N 315 -17.36 -89.36 -9.74
CA VAL N 315 -16.18 -88.51 -9.81
C VAL N 315 -16.29 -87.45 -8.73
N GLU N 316 -15.15 -86.83 -8.42
CA GLU N 316 -15.11 -85.83 -7.36
C GLU N 316 -15.47 -84.43 -7.85
N GLY N 317 -15.60 -84.23 -9.15
CA GLY N 317 -15.93 -82.93 -9.67
C GLY N 317 -15.33 -82.72 -11.05
N PRO N 318 -15.31 -81.46 -11.49
CA PRO N 318 -14.71 -81.14 -12.79
C PRO N 318 -13.27 -81.60 -12.91
N PHE N 319 -13.05 -82.45 -13.90
CA PHE N 319 -11.77 -83.09 -14.22
C PHE N 319 -11.31 -84.00 -13.09
N ASN N 320 -12.28 -84.56 -12.37
CA ASN N 320 -12.06 -85.39 -11.18
C ASN N 320 -11.23 -84.64 -10.14
N LEU N 321 -11.65 -83.40 -9.87
CA LEU N 321 -11.05 -82.57 -8.84
C LEU N 321 -12.17 -81.85 -8.11
N PRO N 322 -12.10 -81.77 -6.80
CA PRO N 322 -13.22 -81.21 -6.05
C PRO N 322 -13.29 -79.70 -6.18
N HIS N 323 -14.32 -79.22 -6.88
CA HIS N 323 -14.52 -77.79 -7.06
C HIS N 323 -15.72 -77.27 -6.29
N GLN N 324 -16.25 -78.04 -5.35
CA GLN N 324 -17.44 -77.61 -4.63
C GLN N 324 -17.14 -76.39 -3.77
N GLY N 325 -18.10 -75.48 -3.71
CA GLY N 325 -17.92 -74.27 -2.95
C GLY N 325 -17.09 -73.21 -3.64
N LEU N 326 -16.61 -73.47 -4.85
CA LEU N 326 -15.81 -72.47 -5.53
C LEU N 326 -16.65 -71.35 -6.12
N TYR N 327 -17.88 -71.65 -6.55
CA TYR N 327 -18.74 -70.60 -7.07
C TYR N 327 -18.97 -69.53 -6.01
N GLU N 328 -19.41 -69.92 -4.83
CA GLU N 328 -19.59 -68.97 -3.75
C GLU N 328 -18.27 -68.42 -3.25
N THR N 329 -17.14 -69.06 -3.56
CA THR N 329 -15.85 -68.48 -3.23
C THR N 329 -15.49 -67.37 -4.21
N VAL N 330 -15.54 -67.68 -5.50
CA VAL N 330 -15.21 -66.67 -6.52
C VAL N 330 -16.23 -65.55 -6.52
N ASN N 331 -17.52 -65.88 -6.42
CA ASN N 331 -18.56 -64.87 -6.59
C ASN N 331 -18.54 -63.85 -5.47
N ASN N 332 -18.35 -64.28 -4.23
CA ASN N 332 -18.32 -63.34 -3.11
C ASN N 332 -16.98 -62.65 -2.95
N SER N 333 -15.91 -63.20 -3.52
CA SER N 333 -14.59 -62.59 -3.42
C SER N 333 -14.40 -61.63 -4.58
N LEU N 334 -14.14 -60.36 -4.26
CA LEU N 334 -13.78 -59.43 -5.30
C LEU N 334 -12.30 -59.49 -5.65
N HIS N 335 -11.47 -59.90 -4.70
CA HIS N 335 -10.04 -60.01 -4.97
C HIS N 335 -9.70 -61.25 -5.78
N PHE N 336 -10.45 -62.33 -5.62
CA PHE N 336 -10.30 -63.46 -6.52
C PHE N 336 -10.63 -63.06 -7.94
N GLN N 337 -11.71 -62.31 -8.12
CA GLN N 337 -12.09 -61.86 -9.45
C GLN N 337 -11.08 -60.87 -10.00
N LEU N 338 -10.56 -59.99 -9.15
CA LEU N 338 -9.58 -59.02 -9.60
C LEU N 338 -8.25 -59.67 -9.91
N SER N 339 -7.88 -60.70 -9.15
CA SER N 339 -6.65 -61.42 -9.43
C SER N 339 -6.72 -62.14 -10.77
N LEU N 340 -7.88 -62.71 -11.11
CA LEU N 340 -8.03 -63.40 -12.38
C LEU N 340 -8.04 -62.41 -13.53
N ALA N 341 -8.63 -61.24 -13.34
CA ALA N 341 -8.68 -60.24 -14.39
C ALA N 341 -7.30 -59.68 -14.69
N LEU N 342 -6.51 -59.40 -13.65
CA LEU N 342 -5.17 -58.87 -13.87
C LEU N 342 -4.27 -59.91 -14.50
N ALA N 343 -4.40 -61.18 -14.09
CA ALA N 343 -3.60 -62.23 -14.68
C ALA N 343 -3.93 -62.44 -16.14
N CYS N 344 -5.15 -62.13 -16.54
CA CYS N 344 -5.54 -62.29 -17.93
C CYS N 344 -5.26 -61.06 -18.76
N LEU N 345 -5.18 -59.88 -18.16
CA LEU N 345 -4.64 -58.73 -18.88
C LEU N 345 -3.12 -58.78 -18.94
N GLY N 346 -2.47 -59.36 -17.93
CA GLY N 346 -1.03 -59.48 -17.98
C GLY N 346 -0.56 -60.46 -19.02
N VAL N 347 -1.40 -61.40 -19.40
CA VAL N 347 -1.08 -62.27 -20.53
C VAL N 347 -1.47 -61.63 -21.83
N ALA N 348 -2.61 -60.94 -21.87
CA ALA N 348 -3.02 -60.25 -23.07
C ALA N 348 -2.11 -59.07 -23.40
N SER N 349 -1.41 -58.53 -22.42
CA SER N 349 -0.50 -57.43 -22.68
C SER N 349 0.90 -57.90 -23.05
N SER N 350 1.34 -59.03 -22.50
CA SER N 350 2.53 -59.68 -23.03
C SER N 350 2.29 -60.16 -24.45
N LEU N 351 1.09 -60.71 -24.69
CA LEU N 351 0.77 -61.23 -26.00
C LEU N 351 0.63 -60.10 -27.01
N THR N 352 0.18 -58.94 -26.56
CA THR N 352 0.21 -57.76 -27.40
C THR N 352 1.61 -57.43 -27.85
N ALA N 353 2.55 -57.43 -26.90
CA ALA N 353 3.91 -57.06 -27.23
C ALA N 353 4.60 -58.12 -28.07
N GLN N 354 4.34 -59.40 -27.77
CA GLN N 354 5.01 -60.45 -28.52
C GLN N 354 4.50 -60.57 -29.95
N HIS N 355 3.29 -60.10 -30.23
CA HIS N 355 2.74 -60.23 -31.57
C HIS N 355 2.86 -58.98 -32.41
N MET N 356 2.77 -57.81 -31.81
CA MET N 356 2.82 -56.60 -32.61
C MET N 356 4.21 -56.24 -33.08
N TYR N 357 5.25 -56.89 -32.59
CA TYR N 357 6.55 -56.68 -33.21
C TYR N 357 6.81 -57.72 -34.29
N SER N 358 6.39 -58.95 -34.05
CA SER N 358 6.59 -60.00 -35.03
C SER N 358 5.62 -59.88 -36.20
N MET N 359 4.37 -59.53 -35.90
CA MET N 359 3.33 -59.41 -36.90
C MET N 359 2.77 -58.00 -36.81
N PRO N 360 3.42 -57.03 -37.44
CA PRO N 360 2.99 -55.65 -37.32
C PRO N 360 1.62 -55.46 -37.92
N PRO N 361 0.70 -54.91 -37.18
CA PRO N 361 -0.65 -54.71 -37.72
C PRO N 361 -0.83 -53.40 -38.46
N TYR N 362 -0.07 -52.37 -38.12
CA TYR N 362 -0.31 -51.05 -38.65
C TYR N 362 0.66 -50.74 -39.78
N ALA N 363 0.22 -49.86 -40.66
CA ALA N 363 0.96 -49.57 -41.88
C ALA N 363 2.24 -48.80 -41.55
N PHE N 364 3.35 -49.27 -42.08
CA PHE N 364 4.67 -48.63 -41.96
C PHE N 364 5.13 -48.53 -40.51
N ILE N 365 4.67 -49.42 -39.64
CA ILE N 365 5.16 -49.40 -38.27
C ILE N 365 6.42 -50.23 -38.11
N ALA N 366 6.68 -51.17 -39.01
CA ALA N 366 7.91 -51.92 -38.95
C ALA N 366 9.11 -51.09 -39.37
N LYS N 367 8.87 -49.98 -40.07
CA LYS N 367 9.92 -49.07 -40.49
C LYS N 367 10.11 -47.89 -39.56
N ASP N 368 9.35 -47.83 -38.46
CA ASP N 368 9.53 -46.82 -37.43
C ASP N 368 10.06 -47.58 -36.22
N PHE N 369 11.39 -47.68 -36.14
CA PHE N 369 12.00 -48.55 -35.16
C PHE N 369 11.76 -48.07 -33.74
N THR N 370 11.82 -46.76 -33.52
CA THR N 370 11.70 -46.26 -32.15
C THR N 370 10.28 -46.44 -31.62
N THR N 371 9.28 -46.20 -32.47
CA THR N 371 7.91 -46.51 -32.10
C THR N 371 7.73 -48.00 -31.86
N MET N 372 8.29 -48.82 -32.74
CA MET N 372 8.19 -50.26 -32.59
C MET N 372 8.87 -50.74 -31.32
N ALA N 373 9.98 -50.11 -30.96
CA ALA N 373 10.71 -50.50 -29.75
C ALA N 373 10.00 -50.05 -28.50
N ALA N 374 9.44 -48.84 -28.50
CA ALA N 374 8.76 -48.35 -27.31
C ALA N 374 7.48 -49.10 -27.05
N LEU N 375 6.76 -49.48 -28.11
CA LEU N 375 5.50 -50.19 -27.93
C LEU N 375 5.70 -51.56 -27.31
N TYR N 376 6.79 -52.24 -27.66
CA TYR N 376 7.07 -53.52 -27.05
C TYR N 376 7.39 -53.35 -25.57
N THR N 377 8.31 -52.45 -25.27
CA THR N 377 8.75 -52.26 -23.90
C THR N 377 7.63 -51.74 -23.03
N HIS N 378 6.74 -50.94 -23.61
CA HIS N 378 5.57 -50.47 -22.87
C HIS N 378 4.69 -51.62 -22.43
N HIS N 379 4.26 -52.45 -23.37
CA HIS N 379 3.30 -53.48 -23.01
C HIS N 379 3.90 -54.63 -22.24
N GLN N 380 5.21 -54.84 -22.32
CA GLN N 380 5.80 -55.87 -21.47
C GLN N 380 5.93 -55.39 -20.03
N TYR N 381 6.28 -54.12 -19.85
CA TYR N 381 6.33 -53.57 -18.51
C TYR N 381 4.94 -53.44 -17.90
N ILE N 382 3.96 -53.07 -18.71
CA ILE N 382 2.58 -53.06 -18.24
C ILE N 382 2.16 -54.46 -17.83
N ALA N 383 2.53 -55.45 -18.64
CA ALA N 383 2.16 -56.83 -18.35
C ALA N 383 2.88 -57.36 -17.12
N GLY N 384 4.09 -56.89 -16.86
CA GLY N 384 4.78 -57.32 -15.66
C GLY N 384 4.10 -56.83 -14.40
N PHE N 385 3.62 -55.58 -14.41
CA PHE N 385 2.89 -55.04 -13.27
C PHE N 385 1.56 -55.75 -13.06
N LEU N 386 0.86 -56.06 -14.15
CA LEU N 386 -0.40 -56.77 -14.03
C LEU N 386 -0.19 -58.17 -13.47
N MET N 387 0.93 -58.81 -13.80
CA MET N 387 1.25 -60.09 -13.20
C MET N 387 1.60 -59.99 -11.73
N VAL N 388 2.23 -58.91 -11.31
CA VAL N 388 2.49 -58.74 -9.89
C VAL N 388 1.20 -58.48 -9.14
N GLY N 389 0.31 -57.67 -9.71
CA GLY N 389 -0.97 -57.41 -9.08
C GLY N 389 -1.94 -58.56 -9.12
N ALA N 390 -1.80 -59.45 -10.09
CA ALA N 390 -2.59 -60.67 -10.08
C ALA N 390 -2.24 -61.51 -8.87
N PHE N 391 -0.98 -61.54 -8.50
CA PHE N 391 -0.53 -62.29 -7.35
C PHE N 391 -0.58 -61.49 -6.07
N SER N 392 -0.65 -60.17 -6.16
CA SER N 392 -0.95 -59.40 -4.95
C SER N 392 -2.35 -59.73 -4.46
N HIS N 393 -3.34 -59.63 -5.34
CA HIS N 393 -4.72 -59.85 -4.90
C HIS N 393 -5.03 -61.30 -4.65
N ALA N 394 -4.19 -62.21 -5.13
CA ALA N 394 -4.25 -63.57 -4.63
C ALA N 394 -3.94 -63.59 -3.15
N ALA N 395 -2.98 -62.79 -2.72
CA ALA N 395 -2.62 -62.76 -1.31
C ALA N 395 -3.68 -62.07 -0.47
N ILE N 396 -4.29 -60.99 -0.98
CA ILE N 396 -5.42 -60.40 -0.27
C ILE N 396 -6.57 -61.39 -0.19
N PHE N 397 -6.80 -62.16 -1.26
CA PHE N 397 -7.91 -63.10 -1.26
C PHE N 397 -7.75 -64.15 -0.18
N TRP N 398 -6.54 -64.66 -0.01
CA TRP N 398 -6.30 -65.67 1.00
C TRP N 398 -6.54 -65.11 2.39
N ILE N 399 -6.09 -63.88 2.63
CA ILE N 399 -6.22 -63.30 3.96
C ILE N 399 -7.68 -62.98 4.26
N LYS N 400 -8.26 -62.05 3.50
CA LYS N 400 -9.54 -61.50 3.93
C LYS N 400 -10.70 -62.43 3.56
N ASP N 401 -10.97 -62.59 2.29
CA ASP N 401 -12.17 -63.30 1.86
C ASP N 401 -11.86 -64.72 1.41
N TYR N 402 -11.35 -65.50 2.36
CA TYR N 402 -11.24 -66.95 2.22
C TYR N 402 -11.57 -67.56 3.57
N ASP N 403 -12.35 -68.63 3.56
CA ASP N 403 -12.60 -69.40 4.75
C ASP N 403 -12.47 -70.90 4.51
N PRO N 404 -11.98 -71.64 5.51
CA PRO N 404 -11.86 -73.09 5.35
C PRO N 404 -13.17 -73.83 5.41
N GLU N 405 -14.26 -73.16 5.79
CA GLU N 405 -15.52 -73.86 5.98
C GLU N 405 -16.20 -74.17 4.66
N GLN N 406 -16.46 -73.14 3.83
CA GLN N 406 -17.06 -73.38 2.54
C GLN N 406 -16.14 -74.18 1.62
N ASN N 407 -14.85 -73.89 1.67
CA ASN N 407 -13.88 -74.55 0.81
C ASN N 407 -13.30 -75.80 1.43
N LYS N 408 -14.05 -76.46 2.31
CA LYS N 408 -13.56 -77.67 2.95
C LYS N 408 -13.43 -78.77 1.92
N GLY N 409 -12.19 -79.21 1.67
CA GLY N 409 -11.95 -80.33 0.80
C GLY N 409 -11.92 -80.04 -0.67
N ASN N 410 -12.08 -78.78 -1.07
CA ASN N 410 -12.12 -78.50 -2.49
C ASN N 410 -10.71 -78.28 -3.05
N VAL N 411 -10.65 -77.88 -4.32
CA VAL N 411 -9.38 -77.75 -5.03
C VAL N 411 -8.54 -76.62 -4.43
N LEU N 412 -9.18 -75.62 -3.84
CA LEU N 412 -8.47 -74.49 -3.29
C LEU N 412 -7.80 -74.84 -1.98
N GLU N 413 -8.45 -75.68 -1.18
CA GLU N 413 -7.90 -76.11 0.09
C GLU N 413 -6.86 -77.20 -0.06
N ARG N 414 -6.85 -77.91 -1.18
CA ARG N 414 -5.83 -78.90 -1.44
C ARG N 414 -4.49 -78.26 -1.76
N VAL N 415 -4.49 -77.03 -2.27
CA VAL N 415 -3.25 -76.32 -2.53
C VAL N 415 -2.54 -75.96 -1.22
N LEU N 416 -3.31 -75.43 -0.26
CA LEU N 416 -2.72 -75.12 1.04
C LEU N 416 -2.19 -76.36 1.75
N LYS N 417 -2.73 -77.54 1.44
CA LYS N 417 -2.22 -78.76 2.07
C LYS N 417 -0.78 -79.02 1.70
N HIS N 418 -0.32 -78.52 0.56
CA HIS N 418 1.03 -78.76 0.10
C HIS N 418 1.66 -77.48 -0.41
N LYS N 419 1.38 -76.36 0.25
CA LYS N 419 1.97 -75.09 -0.18
C LYS N 419 3.48 -75.09 -0.08
N GLU N 420 4.06 -75.95 0.77
CA GLU N 420 5.51 -76.04 0.87
C GLU N 420 6.10 -76.93 -0.21
N ALA N 421 5.32 -77.85 -0.78
CA ALA N 421 5.81 -78.60 -1.92
C ALA N 421 5.90 -77.72 -3.16
N ILE N 422 4.98 -76.78 -3.30
CA ILE N 422 5.02 -75.85 -4.43
C ILE N 422 6.19 -74.89 -4.28
N ILE N 423 6.36 -74.31 -3.10
CA ILE N 423 7.38 -73.29 -2.90
C ILE N 423 8.77 -73.90 -2.97
N ALA N 424 8.95 -75.11 -2.42
CA ALA N 424 10.25 -75.77 -2.51
C ALA N 424 10.63 -76.06 -3.94
N HIS N 425 9.67 -76.21 -4.83
CA HIS N 425 9.98 -76.58 -6.20
C HIS N 425 10.24 -75.36 -7.07
N LEU N 426 9.55 -74.26 -6.81
CA LEU N 426 9.97 -72.99 -7.39
C LEU N 426 11.34 -72.60 -6.88
N SER N 427 11.68 -73.00 -5.66
CA SER N 427 13.02 -72.77 -5.14
C SER N 427 14.05 -73.61 -5.88
N TRP N 428 13.72 -74.84 -6.24
CA TRP N 428 14.67 -75.66 -6.97
C TRP N 428 14.90 -75.13 -8.38
N VAL N 429 13.83 -74.83 -9.10
CA VAL N 429 13.95 -74.36 -10.47
C VAL N 429 14.72 -73.05 -10.52
N SER N 430 14.42 -72.15 -9.58
CA SER N 430 15.14 -70.89 -9.51
C SER N 430 16.62 -71.11 -9.24
N LEU N 431 16.93 -71.98 -8.29
CA LEU N 431 18.32 -72.29 -8.00
C LEU N 431 18.98 -73.00 -9.16
N PHE N 432 18.26 -73.91 -9.84
CA PHE N 432 18.83 -74.59 -10.98
C PHE N 432 19.12 -73.63 -12.12
N LEU N 433 18.19 -72.74 -12.40
CA LEU N 433 18.31 -71.87 -13.55
C LEU N 433 19.26 -70.72 -13.35
N GLY N 434 19.66 -70.43 -12.13
CA GLY N 434 20.54 -69.31 -11.89
C GLY N 434 21.97 -69.77 -11.75
N PHE N 435 22.15 -70.96 -11.21
CA PHE N 435 23.49 -71.55 -11.17
C PHE N 435 24.00 -71.82 -12.57
N HIS N 436 23.14 -72.31 -13.45
CA HIS N 436 23.57 -72.73 -14.77
C HIS N 436 23.29 -71.72 -15.86
N THR N 437 22.81 -70.54 -15.52
CA THR N 437 22.77 -69.47 -16.49
C THR N 437 23.82 -68.42 -16.16
N LEU N 438 23.91 -68.00 -14.90
CA LEU N 438 25.02 -67.17 -14.50
C LEU N 438 26.33 -67.92 -14.65
N GLY N 439 26.36 -69.18 -14.24
CA GLY N 439 27.57 -69.97 -14.37
C GLY N 439 27.99 -70.22 -15.80
N LEU N 440 27.03 -70.29 -16.72
CA LEU N 440 27.39 -70.44 -18.11
C LEU N 440 27.73 -69.10 -18.75
N TYR N 441 27.15 -68.01 -18.28
CA TYR N 441 27.56 -66.70 -18.78
C TYR N 441 28.96 -66.35 -18.30
N VAL N 442 29.23 -66.51 -17.01
CA VAL N 442 30.53 -66.10 -16.50
C VAL N 442 31.62 -67.11 -16.79
N HIS N 443 31.27 -68.30 -17.27
CA HIS N 443 32.28 -69.14 -17.90
C HIS N 443 32.65 -68.58 -19.26
N ASN N 444 31.65 -68.17 -20.02
CA ASN N 444 31.89 -67.56 -21.32
C ASN N 444 32.64 -66.24 -21.17
N ASP N 445 32.33 -65.46 -20.13
CA ASP N 445 33.10 -64.26 -19.84
C ASP N 445 34.57 -64.58 -19.65
N VAL N 446 34.86 -65.57 -18.81
CA VAL N 446 36.25 -65.88 -18.47
C VAL N 446 37.01 -66.39 -19.68
N GLU N 447 36.37 -67.22 -20.51
CA GLU N 447 37.05 -67.75 -21.69
C GLU N 447 37.27 -66.68 -22.74
N VAL N 448 36.28 -65.82 -22.97
CA VAL N 448 36.49 -64.71 -23.89
C VAL N 448 37.52 -63.75 -23.32
N ALA N 449 37.53 -63.57 -22.00
CA ALA N 449 38.50 -62.67 -21.37
C ALA N 449 39.93 -63.14 -21.61
N PHE N 450 40.17 -64.44 -21.49
CA PHE N 450 41.50 -64.97 -21.77
C PHE N 450 41.68 -65.39 -23.22
N GLY N 451 40.93 -64.80 -24.15
CA GLY N 451 41.14 -64.98 -25.56
C GLY N 451 40.51 -66.21 -26.16
N ALA N 452 40.35 -67.27 -25.37
CA ALA N 452 39.85 -68.54 -25.90
C ALA N 452 38.33 -68.47 -26.04
N ALA N 453 37.89 -67.69 -27.03
CA ALA N 453 36.46 -67.57 -27.30
C ALA N 453 35.88 -68.80 -27.95
N ASP N 454 36.71 -69.72 -28.43
CA ASP N 454 36.24 -70.99 -28.97
C ASP N 454 35.96 -72.01 -27.88
N LYS N 455 36.34 -71.73 -26.64
CA LYS N 455 36.07 -72.61 -25.51
C LYS N 455 34.81 -72.23 -24.77
N GLN N 456 34.04 -71.28 -25.30
CA GLN N 456 32.73 -70.98 -24.75
C GLN N 456 31.84 -72.21 -24.86
N ILE N 457 31.01 -72.42 -23.84
CA ILE N 457 29.92 -73.38 -23.93
C ILE N 457 28.78 -72.69 -24.68
N LEU N 458 28.49 -73.15 -25.89
CA LEU N 458 27.45 -72.56 -26.71
C LEU N 458 26.42 -73.64 -27.00
N ILE N 459 25.24 -73.49 -26.43
CA ILE N 459 24.17 -74.46 -26.59
C ILE N 459 23.21 -73.88 -27.61
N GLU N 460 23.13 -74.51 -28.77
CA GLU N 460 22.12 -74.12 -29.74
C GLU N 460 20.74 -74.38 -29.21
N PRO N 461 19.87 -73.42 -29.20
CA PRO N 461 18.49 -73.66 -28.80
C PRO N 461 17.75 -74.43 -29.86
N VAL N 462 18.05 -75.73 -29.96
CA VAL N 462 17.50 -76.56 -31.01
C VAL N 462 16.06 -76.95 -30.79
N PHE N 463 15.45 -76.52 -29.69
CA PHE N 463 14.03 -76.79 -29.52
C PHE N 463 13.19 -75.65 -30.07
N ALA N 464 13.61 -74.41 -29.84
CA ALA N 464 12.92 -73.28 -30.47
C ALA N 464 13.20 -73.22 -31.95
N GLN N 465 14.39 -73.64 -32.38
CA GLN N 465 14.65 -73.74 -33.80
C GLN N 465 13.79 -74.80 -34.45
N PHE N 466 13.41 -75.83 -33.68
CA PHE N 466 12.45 -76.79 -34.20
C PHE N 466 11.07 -76.17 -34.35
N ILE N 467 10.69 -75.27 -33.43
CA ILE N 467 9.42 -74.58 -33.55
C ILE N 467 9.37 -73.77 -34.84
N GLN N 468 10.43 -73.01 -35.10
CA GLN N 468 10.47 -72.19 -36.30
C GLN N 468 10.46 -73.07 -37.55
N SER N 469 11.15 -74.19 -37.50
CA SER N 469 11.06 -75.13 -38.62
C SER N 469 9.70 -75.78 -38.69
N ALA N 470 9.02 -75.94 -37.55
CA ALA N 470 7.67 -76.47 -37.59
C ALA N 470 6.64 -75.42 -37.99
N ASN N 471 7.06 -74.17 -38.17
CA ASN N 471 6.17 -73.13 -38.64
C ASN N 471 6.51 -72.61 -40.02
N GLY N 472 7.63 -73.02 -40.59
CA GLY N 472 7.91 -72.64 -41.95
C GLY N 472 9.35 -72.26 -42.24
N LYS N 473 10.10 -71.88 -41.20
CA LYS N 473 11.48 -71.43 -41.39
C LYS N 473 12.34 -72.56 -41.96
N ILE N 474 12.77 -72.41 -43.20
CA ILE N 474 13.56 -73.42 -43.88
C ILE N 474 15.05 -73.15 -43.66
N LEU N 475 15.35 -72.15 -42.82
CA LEU N 475 16.72 -71.71 -42.64
C LEU N 475 17.57 -72.78 -41.98
N TYR N 476 17.04 -73.45 -40.95
CA TYR N 476 17.87 -74.37 -40.18
C TYR N 476 18.03 -75.70 -40.91
N GLY N 477 16.96 -76.24 -41.45
CA GLY N 477 17.02 -77.49 -42.16
C GLY N 477 16.46 -78.69 -41.44
N PHE N 478 15.63 -78.49 -40.42
CA PHE N 478 14.95 -79.62 -39.80
C PHE N 478 14.07 -80.35 -40.79
N HIS N 479 13.47 -79.61 -41.73
CA HIS N 479 12.75 -80.18 -42.88
C HIS N 479 11.61 -81.08 -42.40
N THR N 480 10.79 -80.52 -41.52
CA THR N 480 9.60 -81.19 -41.01
C THR N 480 8.48 -80.19 -40.87
N LEU N 481 7.27 -80.60 -41.26
CA LEU N 481 6.04 -80.08 -40.68
C LEU N 481 5.90 -78.57 -40.92
N LEU N 482 5.63 -78.23 -42.18
CA LEU N 482 5.58 -76.88 -42.79
C LEU N 482 6.97 -76.37 -43.18
N SER N 483 8.03 -77.11 -42.89
CA SER N 483 9.27 -76.99 -43.63
C SER N 483 9.42 -78.14 -44.62
N ASN N 484 8.58 -79.15 -44.50
CA ASN N 484 8.55 -80.29 -45.40
C ASN N 484 7.37 -80.10 -46.33
N PRO N 485 7.57 -79.79 -47.61
CA PRO N 485 6.44 -79.57 -48.51
C PRO N 485 5.64 -80.83 -48.81
N ASP N 486 6.11 -82.00 -48.41
CA ASP N 486 5.42 -83.26 -48.66
C ASP N 486 4.73 -83.82 -47.41
N SER N 487 4.58 -83.00 -46.38
CA SER N 487 4.05 -83.50 -45.11
C SER N 487 2.53 -83.43 -45.11
N ILE N 488 1.94 -84.10 -44.12
CA ILE N 488 0.49 -84.06 -43.96
C ILE N 488 0.03 -82.68 -43.55
N ALA N 489 0.83 -81.97 -42.74
CA ALA N 489 0.42 -80.66 -42.26
C ALA N 489 0.57 -79.59 -43.32
N PHE N 490 1.63 -79.68 -44.13
CA PHE N 490 1.86 -78.67 -45.16
C PHE N 490 0.74 -78.68 -46.18
N THR N 491 0.29 -79.87 -46.58
CA THR N 491 -0.67 -80.01 -47.66
C THR N 491 -2.10 -80.05 -47.16
N ALA N 492 -2.33 -80.56 -45.95
CA ALA N 492 -3.67 -80.83 -45.42
C ALA N 492 -4.45 -81.72 -46.38
N TRP N 493 -3.94 -82.95 -46.49
CA TRP N 493 -4.28 -83.88 -47.57
C TRP N 493 -5.76 -84.04 -47.88
N PRO N 494 -6.67 -84.21 -46.92
CA PRO N 494 -8.07 -84.42 -47.31
C PRO N 494 -8.76 -83.19 -47.87
N ASN N 495 -8.28 -81.97 -47.59
CA ASN N 495 -9.02 -80.80 -48.04
C ASN N 495 -8.19 -79.80 -48.83
N HIS N 496 -6.88 -79.72 -48.54
CA HIS N 496 -5.97 -78.80 -49.20
C HIS N 496 -6.42 -77.35 -49.09
N ALA N 497 -6.94 -76.97 -47.94
CA ALA N 497 -7.51 -75.65 -47.73
C ALA N 497 -6.57 -74.74 -46.97
N ASN N 498 -5.27 -74.88 -47.18
CA ASN N 498 -4.28 -73.93 -46.66
C ASN N 498 -4.18 -72.72 -47.57
N VAL N 499 -5.28 -71.96 -47.63
CA VAL N 499 -5.24 -70.70 -48.36
C VAL N 499 -4.33 -69.70 -47.67
N TRP N 500 -4.00 -69.94 -46.41
CA TRP N 500 -3.21 -69.01 -45.63
C TRP N 500 -1.72 -69.28 -45.73
N LEU N 501 -1.34 -70.42 -46.26
CA LEU N 501 0.02 -70.93 -46.18
C LEU N 501 1.01 -70.33 -47.18
N PRO N 502 0.69 -70.15 -48.46
CA PRO N 502 1.66 -69.49 -49.34
C PRO N 502 2.00 -68.08 -48.91
N GLY N 503 1.02 -67.34 -48.38
CA GLY N 503 1.30 -66.00 -47.91
C GLY N 503 2.10 -65.99 -46.62
N TRP N 504 1.77 -66.90 -45.70
CA TRP N 504 2.48 -66.97 -44.44
C TRP N 504 3.92 -67.42 -44.64
N LEU N 505 4.11 -68.49 -45.42
CA LEU N 505 5.46 -68.99 -45.66
C LEU N 505 6.30 -68.00 -46.45
N ASP N 506 5.65 -67.13 -47.22
CA ASP N 506 6.40 -66.07 -47.89
C ASP N 506 6.90 -65.05 -46.87
N ALA N 507 6.18 -64.85 -45.78
CA ALA N 507 6.57 -63.90 -44.75
C ALA N 507 7.56 -64.48 -43.76
N ILE N 508 7.34 -65.72 -43.32
CA ILE N 508 8.24 -66.30 -42.33
C ILE N 508 9.60 -66.59 -42.94
N ASN N 509 9.66 -66.88 -44.23
CA ASN N 509 10.91 -67.21 -44.89
C ASN N 509 11.62 -65.98 -45.44
N ASN N 510 11.00 -64.82 -45.38
CA ASN N 510 11.66 -63.56 -45.69
C ASN N 510 12.36 -63.08 -44.43
N GLY N 511 13.62 -62.67 -44.57
CA GLY N 511 14.42 -62.28 -43.44
C GLY N 511 14.39 -60.82 -43.07
N THR N 512 13.56 -60.01 -43.73
CA THR N 512 13.54 -58.58 -43.48
C THR N 512 12.49 -58.17 -42.45
N ASN N 513 11.81 -59.13 -41.83
CA ASN N 513 10.80 -58.84 -40.83
C ASN N 513 11.19 -59.50 -39.51
N SER N 514 10.42 -59.19 -38.47
CA SER N 514 10.66 -59.74 -37.15
C SER N 514 9.84 -60.97 -36.86
N LEU N 515 9.10 -61.47 -37.84
CA LEU N 515 8.28 -62.67 -37.65
C LEU N 515 9.20 -63.88 -37.57
N PHE N 516 9.28 -64.47 -36.38
CA PHE N 516 10.12 -65.63 -36.09
C PHE N 516 11.58 -65.36 -36.46
N LEU N 517 12.18 -64.46 -35.69
CA LEU N 517 13.56 -64.06 -35.89
C LEU N 517 14.49 -65.26 -35.80
N THR N 518 15.64 -65.15 -36.46
CA THR N 518 16.63 -66.21 -36.40
C THR N 518 17.23 -66.30 -35.01
N ILE N 519 17.39 -67.53 -34.53
CA ILE N 519 17.66 -67.83 -33.13
C ILE N 519 19.00 -68.53 -33.04
N GLY N 520 19.87 -68.04 -32.15
CA GLY N 520 21.19 -68.60 -31.99
C GLY N 520 21.53 -68.90 -30.55
N PRO N 521 22.78 -69.26 -30.29
CA PRO N 521 23.20 -69.58 -28.92
C PRO N 521 23.02 -68.44 -27.94
N GLY N 522 23.20 -67.20 -28.39
CA GLY N 522 22.95 -66.07 -27.51
C GLY N 522 21.50 -65.96 -27.11
N ASP N 523 20.58 -66.38 -27.99
CA ASP N 523 19.17 -66.38 -27.65
C ASP N 523 18.84 -67.46 -26.65
N PHE N 524 19.61 -68.56 -26.65
CA PHE N 524 19.38 -69.63 -25.69
C PHE N 524 19.58 -69.14 -24.27
N TYR N 525 20.65 -68.38 -24.03
CA TYR N 525 21.01 -68.02 -22.67
C TYR N 525 20.04 -67.02 -22.08
N VAL N 526 19.55 -66.09 -22.89
CA VAL N 526 18.65 -65.09 -22.36
C VAL N 526 17.29 -65.70 -22.05
N HIS N 527 16.87 -66.71 -22.80
CA HIS N 527 15.61 -67.36 -22.48
C HIS N 527 15.68 -68.14 -21.19
N HIS N 528 16.86 -68.39 -20.67
CA HIS N 528 17.00 -68.98 -19.34
C HIS N 528 17.18 -67.93 -18.27
N ALA N 529 17.74 -66.78 -18.62
CA ALA N 529 17.63 -65.62 -17.75
C ALA N 529 16.19 -65.22 -17.60
N ILE N 530 15.45 -65.20 -18.71
CA ILE N 530 14.03 -64.87 -18.65
C ILE N 530 13.26 -65.93 -17.87
N ALA N 531 13.58 -67.20 -18.10
CA ALA N 531 12.94 -68.27 -17.35
C ALA N 531 13.30 -68.20 -15.88
N LEU N 532 14.57 -67.91 -15.57
CA LEU N 532 14.97 -67.70 -14.18
C LEU N 532 14.23 -66.52 -13.60
N GLY N 533 14.07 -65.45 -14.39
CA GLY N 533 13.37 -64.28 -13.90
C GLY N 533 11.92 -64.57 -13.58
N LEU N 534 11.22 -65.24 -14.50
CA LEU N 534 9.81 -65.53 -14.28
C LEU N 534 9.58 -66.52 -13.15
N HIS N 535 10.59 -67.29 -12.80
CA HIS N 535 10.44 -68.29 -11.74
C HIS N 535 10.69 -67.71 -10.37
N VAL N 536 11.68 -66.85 -10.22
CA VAL N 536 11.92 -66.23 -8.94
C VAL N 536 10.78 -65.29 -8.60
N THR N 537 10.38 -64.45 -9.55
CA THR N 537 9.28 -63.54 -9.24
C THR N 537 7.96 -64.26 -9.08
N THR N 538 7.82 -65.47 -9.62
CA THR N 538 6.69 -66.29 -9.24
C THR N 538 6.89 -66.90 -7.86
N LEU N 539 8.13 -67.30 -7.56
CA LEU N 539 8.41 -67.84 -6.24
C LEU N 539 8.13 -66.83 -5.15
N ILE N 540 8.55 -65.57 -5.34
CA ILE N 540 8.29 -64.55 -4.33
C ILE N 540 6.80 -64.32 -4.18
N LEU N 541 6.06 -64.29 -5.28
CA LEU N 541 4.64 -64.00 -5.21
C LEU N 541 3.85 -65.20 -4.71
N VAL N 542 4.20 -66.40 -5.15
CA VAL N 542 3.50 -67.59 -4.68
C VAL N 542 3.78 -67.83 -3.20
N LYS N 543 5.04 -67.64 -2.79
CA LYS N 543 5.36 -67.71 -1.37
C LYS N 543 4.58 -66.68 -0.57
N GLY N 544 4.40 -65.49 -1.14
CA GLY N 544 3.67 -64.46 -0.42
C GLY N 544 2.18 -64.69 -0.40
N ALA N 545 1.65 -65.38 -1.40
CA ALA N 545 0.23 -65.67 -1.42
C ALA N 545 -0.10 -66.86 -0.54
N LEU N 546 0.69 -67.93 -0.64
CA LEU N 546 0.39 -69.14 0.12
C LEU N 546 0.78 -69.00 1.59
N ASP N 547 1.77 -68.17 1.92
CA ASP N 547 2.08 -67.90 3.30
C ASP N 547 1.35 -66.67 3.83
N ALA N 548 0.40 -66.13 3.08
CA ALA N 548 -0.38 -65.01 3.58
C ALA N 548 -1.22 -65.40 4.79
N ARG N 549 -1.72 -66.63 4.79
CA ARG N 549 -2.41 -67.16 5.95
C ARG N 549 -1.47 -67.32 7.14
N GLY N 550 -0.19 -67.52 6.88
CA GLY N 550 0.78 -67.60 7.95
C GLY N 550 1.66 -68.84 7.84
N SER N 551 2.86 -68.76 8.39
CA SER N 551 3.73 -69.92 8.48
C SER N 551 4.30 -70.00 9.89
N LYS N 552 5.29 -70.86 10.10
CA LYS N 552 5.76 -71.10 11.46
C LYS N 552 6.42 -69.88 12.10
N LEU N 553 6.86 -68.90 11.31
CA LEU N 553 7.45 -67.72 11.92
C LEU N 553 6.40 -66.82 12.56
N MET N 554 5.24 -66.69 11.94
CA MET N 554 4.08 -66.06 12.60
C MET N 554 2.82 -66.69 12.06
N PRO N 555 2.23 -67.64 12.78
CA PRO N 555 1.08 -68.38 12.26
C PRO N 555 -0.22 -67.61 12.25
N ASP N 556 -0.21 -66.33 12.58
CA ASP N 556 -1.45 -65.58 12.71
C ASP N 556 -1.51 -64.40 11.76
N LYS N 557 -0.83 -64.49 10.60
CA LYS N 557 -0.74 -63.36 9.69
C LYS N 557 -2.09 -62.86 9.23
N LYS N 558 -3.10 -63.73 9.22
CA LYS N 558 -4.42 -63.31 8.77
C LYS N 558 -5.02 -62.25 9.68
N ASP N 559 -4.71 -62.31 10.98
CA ASP N 559 -5.23 -61.30 11.90
C ASP N 559 -4.58 -59.95 11.68
N PHE N 560 -3.32 -59.92 11.28
CA PHE N 560 -2.59 -58.67 11.16
C PHE N 560 -2.88 -57.94 9.86
N GLY N 561 -3.59 -58.54 8.94
CA GLY N 561 -3.92 -57.90 7.70
C GLY N 561 -2.96 -58.25 6.60
N TYR N 562 -2.95 -57.39 5.58
CA TYR N 562 -2.12 -57.59 4.40
C TYR N 562 -0.82 -56.83 4.48
N ALA N 563 -0.87 -55.54 4.77
CA ALA N 563 0.31 -54.69 4.81
C ALA N 563 0.57 -54.27 6.25
N PHE N 564 1.45 -55.00 6.91
CA PHE N 564 1.96 -54.64 8.22
C PHE N 564 3.48 -54.71 8.18
N PRO N 565 4.16 -53.97 9.03
CA PRO N 565 5.63 -53.95 8.97
C PRO N 565 6.27 -55.29 9.26
N CYS N 566 6.01 -55.81 10.44
CA CYS N 566 6.75 -56.93 11.00
C CYS N 566 5.96 -57.46 12.18
N ASP N 567 6.58 -58.37 12.91
CA ASP N 567 6.11 -58.79 14.22
C ASP N 567 7.24 -58.64 15.22
N GLY N 568 7.85 -57.47 15.24
CA GLY N 568 8.86 -57.16 16.20
C GLY N 568 10.17 -57.87 15.94
N PRO N 569 11.17 -57.62 16.77
CA PRO N 569 12.45 -58.30 16.63
C PRO N 569 12.50 -59.66 17.30
N GLY N 570 11.44 -60.07 17.97
CA GLY N 570 11.44 -61.36 18.61
C GLY N 570 11.37 -62.49 17.61
N ARG N 571 11.69 -63.69 18.10
CA ARG N 571 11.79 -64.89 17.28
C ARG N 571 12.79 -64.71 16.15
N GLY N 572 13.90 -64.04 16.46
CA GLY N 572 14.95 -63.80 15.51
C GLY N 572 14.83 -62.51 14.75
N GLY N 573 13.60 -62.06 14.49
CA GLY N 573 13.40 -60.85 13.72
C GLY N 573 12.53 -61.17 12.52
N THR N 574 11.49 -60.37 12.34
CA THR N 574 10.49 -60.68 11.35
C THR N 574 10.30 -59.52 10.37
N CYS N 575 11.38 -58.95 9.89
CA CYS N 575 11.31 -57.89 8.90
C CYS N 575 10.73 -58.44 7.61
N ASP N 576 9.89 -57.66 6.94
CA ASP N 576 9.36 -58.05 5.63
C ASP N 576 8.60 -59.37 5.67
N ILE N 577 7.86 -59.60 6.75
CA ILE N 577 7.20 -60.89 6.90
C ILE N 577 5.81 -60.91 6.27
N SER N 578 5.19 -59.76 6.09
CA SER N 578 3.82 -59.71 5.59
C SER N 578 3.75 -60.19 4.15
N ALA N 579 2.54 -60.54 3.73
CA ALA N 579 2.31 -60.87 2.33
C ALA N 579 2.50 -59.68 1.44
N TRP N 580 2.33 -58.47 1.97
CA TRP N 580 2.58 -57.27 1.18
C TRP N 580 4.04 -57.15 0.83
N ASP N 581 4.93 -57.55 1.74
CA ASP N 581 6.36 -57.47 1.47
C ASP N 581 6.84 -58.51 0.49
N ALA N 582 6.03 -59.47 0.12
CA ALA N 582 6.39 -60.33 -1.00
C ALA N 582 5.95 -59.73 -2.32
N SER N 583 4.90 -58.92 -2.33
CA SER N 583 4.58 -58.15 -3.52
C SER N 583 5.60 -57.03 -3.72
N TYR N 584 6.03 -56.41 -2.63
CA TYR N 584 7.08 -55.40 -2.70
C TYR N 584 8.40 -56.00 -3.16
N LEU N 585 8.73 -57.19 -2.69
CA LEU N 585 10.00 -57.81 -3.06
C LEU N 585 9.98 -58.31 -4.49
N ALA N 586 8.80 -58.59 -5.02
CA ALA N 586 8.67 -59.13 -6.36
C ALA N 586 8.55 -58.06 -7.43
N VAL N 587 8.33 -56.80 -7.04
CA VAL N 587 8.42 -55.73 -8.02
C VAL N 587 9.85 -55.54 -8.46
N PHE N 588 10.81 -55.71 -7.55
CA PHE N 588 12.21 -55.67 -7.92
C PHE N 588 12.54 -56.75 -8.92
N TRP N 589 12.04 -57.96 -8.70
CA TRP N 589 12.32 -59.05 -9.63
C TRP N 589 11.53 -58.91 -10.91
N MET N 590 10.35 -58.31 -10.85
CA MET N 590 9.60 -58.05 -12.07
C MET N 590 10.31 -57.02 -12.92
N LEU N 591 10.76 -55.92 -12.30
CA LEU N 591 11.50 -54.91 -13.04
C LEU N 591 12.81 -55.47 -13.57
N ASN N 592 13.47 -56.30 -12.79
CA ASN N 592 14.71 -56.94 -13.24
C ASN N 592 14.46 -57.83 -14.44
N THR N 593 13.43 -58.67 -14.36
CA THR N 593 13.16 -59.63 -15.42
C THR N 593 12.81 -58.93 -16.72
N LEU N 594 11.98 -57.90 -16.66
CA LEU N 594 11.69 -57.14 -17.86
C LEU N 594 12.83 -56.23 -18.25
N GLY N 595 13.77 -56.00 -17.37
CA GLY N 595 15.03 -55.43 -17.78
C GLY N 595 15.96 -56.42 -18.41
N TRP N 596 15.55 -57.68 -18.52
CA TRP N 596 16.25 -58.65 -19.34
C TRP N 596 15.49 -58.95 -20.62
N VAL N 597 14.16 -58.95 -20.54
CA VAL N 597 13.34 -59.15 -21.72
C VAL N 597 13.53 -57.99 -22.69
N THR N 598 13.40 -56.77 -22.19
CA THR N 598 13.47 -55.63 -23.09
C THR N 598 14.89 -55.29 -23.48
N PHE N 599 15.88 -55.60 -22.64
CA PHE N 599 17.27 -55.48 -23.05
C PHE N 599 17.59 -56.44 -24.19
N TYR N 600 17.03 -57.63 -24.13
CA TYR N 600 17.28 -58.64 -25.15
C TYR N 600 16.50 -58.34 -26.41
N TRP N 601 15.27 -57.85 -26.27
CA TRP N 601 14.51 -57.44 -27.44
C TRP N 601 15.21 -56.30 -28.13
N HIS N 602 15.68 -55.32 -27.37
CA HIS N 602 16.25 -54.12 -27.95
C HIS N 602 17.57 -54.41 -28.65
N TRP N 603 18.47 -55.13 -27.99
CA TRP N 603 19.76 -55.40 -28.59
C TRP N 603 19.64 -56.32 -29.79
N LYS N 604 18.72 -57.29 -29.74
CA LYS N 604 18.54 -58.15 -30.89
C LYS N 604 18.03 -57.37 -32.08
N HIS N 605 17.11 -56.44 -31.86
CA HIS N 605 16.64 -55.62 -32.96
C HIS N 605 17.62 -54.53 -33.32
N LEU N 606 18.35 -53.97 -32.36
CA LEU N 606 19.37 -52.98 -32.69
C LEU N 606 20.49 -53.56 -33.52
N SER N 607 20.67 -54.88 -33.51
CA SER N 607 21.65 -55.49 -34.38
C SER N 607 21.08 -55.72 -35.77
N ILE N 608 19.80 -56.07 -35.85
CA ILE N 608 19.15 -56.24 -37.15
C ILE N 608 18.97 -54.89 -37.83
N TRP N 609 18.55 -53.89 -37.08
CA TRP N 609 18.27 -52.58 -37.66
C TRP N 609 19.53 -51.92 -38.19
N GLN N 610 20.64 -51.99 -37.46
CA GLN N 610 21.90 -51.44 -37.94
C GLN N 610 22.65 -52.38 -38.87
N GLY N 611 22.03 -53.47 -39.31
CA GLY N 611 22.69 -54.41 -40.19
C GLY N 611 23.77 -55.25 -39.55
N ASN N 612 24.20 -54.91 -38.33
CA ASN N 612 25.28 -55.62 -37.66
C ASN N 612 24.71 -56.77 -36.82
N VAL N 613 24.07 -57.71 -37.51
CA VAL N 613 23.47 -58.85 -36.83
C VAL N 613 24.54 -59.72 -36.19
N ALA N 614 25.70 -59.82 -36.84
CA ALA N 614 26.81 -60.59 -36.31
C ALA N 614 27.41 -59.99 -35.06
N GLN N 615 26.93 -58.84 -34.59
CA GLN N 615 27.39 -58.30 -33.32
C GLN N 615 26.63 -58.92 -32.15
N PHE N 616 25.32 -59.10 -32.29
CA PHE N 616 24.55 -59.78 -31.26
C PHE N 616 24.89 -61.25 -31.20
N ASN N 617 25.06 -61.90 -32.34
CA ASN N 617 25.27 -63.34 -32.32
C ASN N 617 26.61 -63.71 -31.73
N GLU N 618 27.63 -62.88 -31.91
CA GLU N 618 28.97 -63.25 -31.47
C GLU N 618 29.33 -62.69 -30.10
N SER N 619 28.49 -61.87 -29.51
CA SER N 619 28.86 -61.23 -28.25
C SER N 619 27.73 -61.18 -27.24
N SER N 620 26.61 -61.83 -27.49
CA SER N 620 25.57 -61.94 -26.48
C SER N 620 25.70 -63.19 -25.64
N THR N 621 26.72 -63.99 -25.90
CA THR N 621 26.92 -65.22 -25.17
C THR N 621 27.76 -65.04 -23.92
N TYR N 622 28.36 -63.87 -23.75
CA TYR N 622 29.11 -63.54 -22.55
C TYR N 622 28.69 -62.15 -22.09
N LEU N 623 28.78 -61.91 -20.78
CA LEU N 623 28.13 -60.75 -20.18
C LEU N 623 28.81 -59.43 -20.47
N MET N 624 30.08 -59.42 -20.85
CA MET N 624 30.71 -58.16 -21.22
C MET N 624 30.14 -57.63 -22.53
N GLY N 625 29.80 -58.51 -23.47
CA GLY N 625 29.20 -58.07 -24.71
C GLY N 625 27.87 -57.38 -24.47
N TRP N 626 27.12 -57.84 -23.49
CA TRP N 626 25.91 -57.13 -23.08
C TRP N 626 26.24 -55.78 -22.51
N PHE N 627 27.42 -55.64 -21.94
CA PHE N 627 27.84 -54.42 -21.25
C PHE N 627 28.68 -53.51 -22.12
N ARG N 628 29.45 -54.06 -23.06
CA ARG N 628 30.20 -53.20 -23.94
C ARG N 628 29.47 -52.90 -25.23
N ASP N 629 28.81 -53.89 -25.81
CA ASP N 629 28.22 -53.71 -27.13
C ASP N 629 26.79 -53.25 -27.07
N TYR N 630 26.17 -53.26 -25.90
CA TYR N 630 24.81 -52.75 -25.76
C TYR N 630 24.74 -51.51 -24.90
N LEU N 631 25.23 -51.56 -23.67
CA LEU N 631 25.06 -50.41 -22.80
C LEU N 631 26.10 -49.34 -23.08
N TRP N 632 27.37 -49.73 -23.12
CA TRP N 632 28.40 -48.73 -23.36
C TRP N 632 28.40 -48.26 -24.81
N ALA N 633 28.11 -49.14 -25.76
CA ALA N 633 28.17 -48.73 -27.16
C ALA N 633 27.04 -47.78 -27.51
N ASN N 634 25.82 -48.10 -27.13
CA ASN N 634 24.67 -47.33 -27.55
C ASN N 634 24.33 -46.18 -26.61
N SER N 635 25.11 -45.96 -25.57
CA SER N 635 24.89 -44.77 -24.76
C SER N 635 25.50 -43.52 -25.35
N ALA N 636 26.35 -43.67 -26.36
CA ALA N 636 27.26 -42.61 -26.78
C ALA N 636 26.51 -41.38 -27.27
N GLN N 637 25.51 -41.57 -28.11
CA GLN N 637 24.70 -40.45 -28.59
C GLN N 637 23.61 -40.04 -27.63
N LEU N 638 23.26 -40.88 -26.67
CA LEU N 638 22.32 -40.48 -25.63
C LEU N 638 22.95 -39.48 -24.67
N ILE N 639 24.16 -39.77 -24.21
CA ILE N 639 24.79 -38.90 -23.22
C ILE N 639 25.36 -37.64 -23.85
N ASN N 640 25.57 -37.63 -25.16
CA ASN N 640 25.96 -36.42 -25.87
C ASN N 640 24.77 -35.64 -26.38
N GLY N 641 23.61 -35.81 -25.75
CA GLY N 641 22.46 -34.99 -26.09
C GLY N 641 22.70 -33.54 -25.82
N TYR N 642 23.46 -33.22 -24.79
CA TYR N 642 24.00 -31.89 -24.58
C TYR N 642 25.40 -32.04 -24.03
N ASN N 643 26.34 -31.43 -24.68
CA ASN N 643 27.75 -31.45 -24.33
C ASN N 643 28.16 -29.99 -24.11
N PRO N 644 29.41 -29.69 -23.74
CA PRO N 644 29.80 -28.27 -23.67
C PRO N 644 29.69 -27.52 -24.98
N TYR N 645 29.56 -28.21 -26.10
CA TYR N 645 29.63 -27.60 -27.41
C TYR N 645 28.29 -27.41 -28.07
N GLY N 646 27.20 -27.80 -27.42
CA GLY N 646 25.89 -27.62 -28.02
C GLY N 646 24.87 -28.51 -27.37
N THR N 647 23.73 -28.62 -28.05
CA THR N 647 22.56 -29.33 -27.56
C THR N 647 21.75 -29.76 -28.77
N ASN N 648 21.20 -30.97 -28.72
CA ASN N 648 20.41 -31.44 -29.85
C ASN N 648 19.06 -31.98 -29.42
N ASN N 649 18.35 -32.66 -30.32
CA ASN N 649 16.99 -33.10 -30.03
C ASN N 649 16.92 -34.18 -28.97
N LEU N 650 18.06 -34.76 -28.59
CA LEU N 650 18.13 -35.73 -27.50
C LEU N 650 18.45 -35.08 -26.18
N ALA N 651 18.42 -33.76 -26.09
CA ALA N 651 18.76 -33.10 -24.84
C ALA N 651 17.76 -33.40 -23.74
N VAL N 652 16.53 -33.74 -24.10
CA VAL N 652 15.56 -34.11 -23.08
C VAL N 652 15.72 -35.56 -22.69
N TRP N 653 16.10 -36.42 -23.63
CA TRP N 653 16.32 -37.81 -23.30
C TRP N 653 17.58 -37.97 -22.46
N ALA N 654 18.61 -37.19 -22.78
CA ALA N 654 19.81 -37.15 -21.96
C ALA N 654 19.52 -36.62 -20.57
N TRP N 655 18.50 -35.81 -20.43
CA TRP N 655 18.15 -35.25 -19.14
C TRP N 655 17.26 -36.18 -18.34
N MET N 656 16.32 -36.88 -18.99
CA MET N 656 15.51 -37.84 -18.27
C MET N 656 16.31 -39.09 -17.93
N PHE N 657 17.31 -39.41 -18.75
CA PHE N 657 18.21 -40.51 -18.46
C PHE N 657 18.95 -40.26 -17.15
N LEU N 658 19.40 -39.04 -16.95
CA LEU N 658 20.06 -38.68 -15.72
C LEU N 658 19.06 -38.38 -14.61
N PHE N 659 17.85 -37.98 -14.98
CA PHE N 659 16.75 -37.85 -14.03
C PHE N 659 16.41 -39.19 -13.41
N GLY N 660 16.32 -40.23 -14.24
CA GLY N 660 16.01 -41.56 -13.73
C GLY N 660 17.12 -42.19 -12.94
N HIS N 661 18.35 -41.75 -13.13
CA HIS N 661 19.42 -42.22 -12.28
C HIS N 661 19.29 -41.66 -10.89
N LEU N 662 18.82 -40.41 -10.79
CA LEU N 662 18.62 -39.79 -9.48
C LEU N 662 17.40 -40.37 -8.79
N ALA N 663 16.32 -40.57 -9.53
CA ALA N 663 15.13 -41.18 -8.95
C ALA N 663 15.40 -42.61 -8.52
N TRP N 664 16.31 -43.30 -9.21
CA TRP N 664 16.70 -44.63 -8.77
C TRP N 664 17.55 -44.59 -7.52
N ALA N 665 18.49 -43.66 -7.47
CA ALA N 665 19.40 -43.57 -6.33
C ALA N 665 18.68 -43.14 -5.07
N VAL N 666 17.71 -42.22 -5.19
CA VAL N 666 16.99 -41.77 -4.03
C VAL N 666 16.08 -42.88 -3.50
N SER N 667 15.77 -43.88 -4.32
CA SER N 667 15.04 -45.03 -3.82
C SER N 667 15.84 -45.79 -2.78
N PHE N 668 17.15 -45.88 -2.99
CA PHE N 668 18.00 -46.62 -2.07
C PHE N 668 17.97 -45.99 -0.69
N MET N 669 17.75 -44.68 -0.62
CA MET N 669 17.57 -44.05 0.68
C MET N 669 16.35 -44.61 1.40
N PHE N 670 15.23 -44.73 0.73
CA PHE N 670 14.08 -45.29 1.42
C PHE N 670 14.18 -46.79 1.61
N LEU N 671 15.06 -47.46 0.88
CA LEU N 671 15.16 -48.89 0.99
C LEU N 671 16.31 -49.35 1.89
N ILE N 672 17.41 -48.61 1.94
CA ILE N 672 18.53 -49.03 2.78
C ILE N 672 18.36 -48.50 4.19
N THR N 673 18.34 -47.18 4.35
CA THR N 673 18.13 -46.63 5.68
C THR N 673 16.65 -46.67 6.04
N TRP N 674 16.36 -47.09 7.27
CA TRP N 674 15.02 -47.42 7.72
C TRP N 674 14.57 -46.41 8.77
N ARG N 675 13.40 -46.68 9.35
CA ARG N 675 12.58 -45.60 9.89
C ARG N 675 13.21 -44.95 11.11
N GLY N 676 13.68 -45.75 12.06
CA GLY N 676 14.07 -45.20 13.34
C GLY N 676 15.27 -44.28 13.27
N TYR N 677 16.08 -44.41 12.22
CA TYR N 677 17.11 -43.40 12.02
C TYR N 677 16.48 -42.04 11.80
N TRP N 678 15.47 -41.97 10.96
CA TRP N 678 14.88 -40.69 10.61
C TRP N 678 14.01 -40.11 11.69
N GLN N 679 13.49 -40.93 12.59
CA GLN N 679 12.69 -40.36 13.65
C GLN N 679 13.56 -39.66 14.67
N GLU N 680 14.74 -40.20 14.96
CA GLU N 680 15.65 -39.51 15.87
C GLU N 680 16.20 -38.23 15.26
N LEU N 681 16.21 -38.12 13.93
CA LEU N 681 16.66 -36.92 13.26
C LEU N 681 15.55 -35.89 13.13
N ILE N 682 14.31 -36.35 12.90
CA ILE N 682 13.17 -35.44 12.87
C ILE N 682 12.85 -34.93 14.27
N GLU N 683 12.97 -35.80 15.28
CA GLU N 683 12.83 -35.37 16.67
C GLU N 683 13.79 -34.25 17.02
N THR N 684 14.97 -34.24 16.41
CA THR N 684 15.93 -33.17 16.62
C THR N 684 15.52 -31.90 15.89
N LEU N 685 15.06 -32.02 14.64
CA LEU N 685 14.61 -30.85 13.90
C LEU N 685 13.36 -30.25 14.52
N ALA N 686 12.51 -31.07 15.12
CA ALA N 686 11.37 -30.55 15.85
C ALA N 686 11.79 -29.78 17.09
N TRP N 687 12.88 -30.20 17.74
CA TRP N 687 13.43 -29.39 18.81
C TRP N 687 13.91 -28.06 18.29
N ALA N 688 14.62 -28.05 17.16
CA ALA N 688 15.18 -26.82 16.64
C ALA N 688 14.11 -25.83 16.26
N HIS N 689 13.01 -26.31 15.68
CA HIS N 689 11.96 -25.38 15.26
C HIS N 689 11.27 -24.75 16.44
N GLU N 690 11.03 -25.50 17.51
CA GLU N 690 10.36 -24.94 18.66
C GLU N 690 11.21 -23.91 19.38
N GLN N 691 12.52 -24.07 19.37
CA GLN N 691 13.41 -23.22 20.15
C GLN N 691 13.95 -22.04 19.37
N THR N 692 13.52 -21.87 18.17
CA THR N 692 14.14 -20.79 17.42
C THR N 692 13.21 -19.60 17.28
N PRO N 693 13.74 -18.39 17.33
CA PRO N 693 12.91 -17.19 17.17
C PRO N 693 12.55 -16.96 15.71
N LEU N 694 11.51 -16.16 15.53
CA LEU N 694 10.98 -15.68 14.25
C LEU N 694 10.36 -16.78 13.40
N SER N 695 10.44 -18.04 13.82
CA SER N 695 9.78 -19.13 13.11
C SER N 695 8.39 -19.26 13.71
N PHE N 696 7.42 -18.62 13.09
CA PHE N 696 6.10 -18.50 13.66
C PHE N 696 5.17 -19.63 13.25
N GLY N 697 5.58 -20.47 12.31
CA GLY N 697 4.77 -21.60 11.95
C GLY N 697 4.96 -22.75 12.92
N TYR N 698 3.94 -23.57 13.04
CA TYR N 698 3.97 -24.70 13.95
C TYR N 698 3.05 -25.77 13.40
N TRP N 699 3.49 -27.02 13.50
CA TRP N 699 2.80 -28.10 12.81
C TRP N 699 1.42 -28.34 13.40
N ARG N 700 0.43 -28.41 12.53
CA ARG N 700 -0.89 -28.85 12.93
C ARG N 700 -0.86 -30.31 13.33
N ASP N 701 -0.04 -31.11 12.66
CA ASP N 701 0.12 -32.53 12.95
C ASP N 701 1.60 -32.86 13.07
N LYS N 702 1.95 -33.60 14.12
CA LYS N 702 3.33 -33.79 14.50
C LYS N 702 4.13 -34.42 13.37
N PRO N 703 5.28 -33.87 13.00
CA PRO N 703 6.11 -34.50 11.97
C PRO N 703 6.75 -35.77 12.51
N VAL N 704 6.45 -36.89 11.87
CA VAL N 704 7.06 -38.16 12.21
C VAL N 704 7.73 -38.70 10.97
N ALA N 705 8.77 -39.50 11.17
CA ALA N 705 9.34 -40.24 10.07
C ALA N 705 8.29 -41.19 9.52
N LEU N 706 8.16 -41.21 8.20
CA LEU N 706 7.12 -41.99 7.57
C LEU N 706 7.32 -43.47 7.82
N SER N 707 6.22 -44.21 7.82
CA SER N 707 6.16 -45.52 8.47
C SER N 707 6.97 -46.56 7.72
N ILE N 708 6.98 -47.78 8.26
CA ILE N 708 7.81 -48.83 7.71
C ILE N 708 7.28 -49.30 6.37
N VAL N 709 6.00 -49.70 6.32
CA VAL N 709 5.43 -50.15 5.06
C VAL N 709 5.23 -49.04 4.06
N GLN N 710 5.38 -47.79 4.46
CA GLN N 710 5.25 -46.70 3.52
C GLN N 710 6.56 -46.41 2.80
N ALA N 711 7.67 -46.42 3.54
CA ALA N 711 8.97 -46.25 2.93
C ALA N 711 9.28 -47.37 1.95
N ARG N 712 8.85 -48.57 2.26
CA ARG N 712 8.99 -49.65 1.30
C ARG N 712 8.21 -49.38 0.04
N LEU N 713 7.14 -48.60 0.14
CA LEU N 713 6.35 -48.21 -1.02
C LEU N 713 6.89 -46.95 -1.67
N VAL N 714 7.36 -45.99 -0.87
CA VAL N 714 7.96 -44.79 -1.41
C VAL N 714 9.27 -45.11 -2.11
N GLY N 715 10.06 -46.03 -1.53
CA GLY N 715 11.28 -46.44 -2.20
C GLY N 715 11.04 -47.33 -3.39
N LEU N 716 9.93 -48.05 -3.40
CA LEU N 716 9.61 -48.87 -4.56
C LEU N 716 9.09 -48.03 -5.71
N THR N 717 8.47 -46.89 -5.41
CA THR N 717 8.03 -46.00 -6.46
C THR N 717 9.20 -45.31 -7.15
N HIS N 718 10.21 -44.92 -6.38
CA HIS N 718 11.38 -44.29 -6.97
C HIS N 718 12.21 -45.26 -7.77
N PHE N 719 12.38 -46.47 -7.24
CA PHE N 719 13.06 -47.51 -8.00
C PHE N 719 12.36 -47.76 -9.32
N THR N 720 11.03 -47.78 -9.30
CA THR N 720 10.27 -48.02 -10.52
C THR N 720 10.33 -46.84 -11.47
N VAL N 721 10.17 -45.63 -10.96
CA VAL N 721 10.24 -44.44 -11.81
C VAL N 721 11.65 -44.25 -12.34
N GLY N 722 12.67 -44.54 -11.54
CA GLY N 722 14.01 -44.48 -12.04
C GLY N 722 14.36 -45.62 -12.97
N TYR N 723 13.68 -46.75 -12.85
CA TYR N 723 13.90 -47.85 -13.76
C TYR N 723 13.30 -47.57 -15.13
N ILE N 724 12.24 -46.78 -15.17
CA ILE N 724 11.46 -46.55 -16.37
C ILE N 724 11.88 -45.29 -17.08
N ALA N 725 12.24 -44.25 -16.33
CA ALA N 725 12.76 -43.04 -16.94
C ALA N 725 14.14 -43.26 -17.51
N THR N 726 14.97 -44.07 -16.85
CA THR N 726 16.32 -44.32 -17.36
C THR N 726 16.28 -45.17 -18.62
N TYR N 727 15.50 -46.23 -18.61
CA TYR N 727 15.44 -47.09 -19.77
C TYR N 727 14.56 -46.51 -20.87
N GLY N 728 13.50 -45.80 -20.50
CA GLY N 728 12.72 -45.11 -21.50
C GLY N 728 13.55 -44.09 -22.25
N ALA N 729 14.42 -43.38 -21.55
CA ALA N 729 15.27 -42.40 -22.21
C ALA N 729 16.37 -43.08 -23.01
N PHE N 730 16.92 -44.18 -22.49
CA PHE N 730 17.90 -44.94 -23.25
C PHE N 730 17.29 -45.49 -24.52
N LEU N 731 16.16 -46.19 -24.41
CA LEU N 731 15.60 -46.87 -25.55
C LEU N 731 15.15 -45.90 -26.62
N ILE N 732 14.57 -44.77 -26.23
CA ILE N 732 14.15 -43.78 -27.22
C ILE N 732 15.37 -43.14 -27.87
N ALA N 733 16.34 -42.71 -27.07
CA ALA N 733 17.48 -42.00 -27.64
C ALA N 733 18.46 -42.91 -28.34
N SER N 734 18.61 -44.16 -27.91
CA SER N 734 19.52 -45.04 -28.62
C SER N 734 18.95 -45.58 -29.91
N THR N 735 17.64 -45.46 -30.12
CA THR N 735 17.03 -45.92 -31.35
C THR N 735 16.71 -44.76 -32.29
N ALA N 736 16.28 -43.64 -31.77
CA ALA N 736 15.94 -42.47 -32.56
C ALA N 736 17.13 -41.54 -32.76
N SER N 737 18.34 -42.04 -32.64
CA SER N 737 19.52 -41.27 -32.98
C SER N 737 20.37 -41.94 -34.04
N LYS N 738 20.47 -43.26 -34.01
CA LYS N 738 21.05 -43.98 -35.14
C LYS N 738 20.20 -43.81 -36.38
N PHE N 739 18.91 -43.61 -36.21
CA PHE N 739 17.92 -43.69 -37.29
C PHE N 739 17.02 -42.47 -37.26
N GLY N 740 15.95 -42.50 -38.05
CA GLY N 740 15.00 -41.39 -38.08
C GLY N 740 14.06 -41.40 -36.90
N SER O 2 -3.40 -46.42 20.95
CA SER O 2 -4.57 -47.26 21.10
C SER O 2 -4.35 -48.56 20.35
N HIS O 3 -3.39 -49.34 20.84
CA HIS O 3 -3.15 -50.67 20.32
C HIS O 3 -4.04 -51.65 21.07
N THR O 4 -3.85 -52.94 20.85
CA THR O 4 -4.71 -53.94 21.48
C THR O 4 -3.85 -55.10 21.92
N VAL O 5 -3.58 -55.17 23.22
CA VAL O 5 -2.71 -56.20 23.78
C VAL O 5 -3.63 -57.26 24.37
N LYS O 6 -3.96 -58.26 23.57
CA LYS O 6 -4.80 -59.35 24.04
C LYS O 6 -3.93 -60.45 24.64
N ILE O 7 -4.43 -61.07 25.69
CA ILE O 7 -3.75 -62.15 26.39
C ILE O 7 -4.58 -63.40 26.23
N TYR O 8 -3.92 -64.51 25.92
CA TYR O 8 -4.59 -65.77 25.67
C TYR O 8 -4.36 -66.74 26.82
N ASP O 9 -5.14 -67.82 26.83
CA ASP O 9 -5.15 -68.73 27.97
C ASP O 9 -3.90 -69.57 28.07
N THR O 10 -2.91 -69.38 27.21
CA THR O 10 -1.73 -70.21 27.22
C THR O 10 -0.65 -69.66 28.15
N CYS O 11 -0.91 -68.54 28.83
CA CYS O 11 0.04 -68.02 29.81
C CYS O 11 0.39 -69.06 30.85
N ILE O 12 1.59 -68.94 31.39
CA ILE O 12 2.05 -69.77 32.48
C ILE O 12 2.36 -68.94 33.71
N GLY O 13 2.03 -67.66 33.69
CA GLY O 13 2.37 -66.78 34.78
C GLY O 13 3.85 -66.64 35.01
N CYS O 14 4.65 -66.72 33.94
CA CYS O 14 6.08 -66.54 34.07
C CYS O 14 6.46 -65.10 34.39
N THR O 15 5.51 -64.18 34.32
CA THR O 15 5.61 -62.75 34.68
C THR O 15 6.56 -61.98 33.80
N GLN O 16 7.15 -62.60 32.78
CA GLN O 16 8.21 -61.93 32.06
C GLN O 16 7.70 -60.83 31.14
N CYS O 17 6.44 -60.92 30.70
CA CYS O 17 5.91 -59.94 29.78
C CYS O 17 5.73 -58.59 30.45
N VAL O 18 5.40 -58.59 31.74
CA VAL O 18 5.16 -57.34 32.48
C VAL O 18 6.46 -56.59 32.69
N ARG O 19 7.53 -57.30 33.02
CA ARG O 19 8.84 -56.68 33.23
C ARG O 19 9.38 -56.03 31.97
N ALA O 20 9.14 -56.61 30.81
CA ALA O 20 9.70 -56.04 29.59
C ALA O 20 8.97 -54.81 29.12
N CYS O 21 7.78 -54.56 29.62
CA CYS O 21 6.98 -53.46 29.10
C CYS O 21 7.57 -52.14 29.55
N PRO O 22 7.95 -51.25 28.63
CA PRO O 22 8.56 -49.99 29.03
C PRO O 22 7.57 -48.94 29.47
N THR O 23 6.27 -49.21 29.43
CA THR O 23 5.26 -48.18 29.63
C THR O 23 4.19 -48.64 30.61
N ASP O 24 4.38 -49.78 31.27
CA ASP O 24 3.47 -50.30 32.30
C ASP O 24 2.05 -50.44 31.75
N VAL O 25 1.94 -51.21 30.68
CA VAL O 25 0.62 -51.53 30.17
C VAL O 25 0.10 -52.82 30.79
N LEU O 26 0.99 -53.75 31.05
CA LEU O 26 0.64 -55.06 31.55
C LEU O 26 0.76 -55.10 33.06
N GLU O 27 -0.03 -56.00 33.66
CA GLU O 27 0.07 -56.29 35.08
C GLU O 27 -0.57 -57.65 35.32
N MET O 28 -0.21 -58.25 36.44
CA MET O 28 -0.72 -59.57 36.79
C MET O 28 -1.97 -59.52 37.63
N VAL O 29 -2.88 -60.44 37.33
CA VAL O 29 -4.12 -60.61 38.07
C VAL O 29 -4.15 -62.06 38.52
N PRO O 30 -4.86 -62.40 39.60
CA PRO O 30 -4.93 -63.80 40.01
C PRO O 30 -5.74 -64.62 39.02
N TRP O 31 -5.37 -65.90 38.92
CA TRP O 31 -5.96 -66.80 37.96
C TRP O 31 -5.89 -68.21 38.52
N ASP O 32 -6.43 -69.17 37.78
CA ASP O 32 -6.40 -70.56 38.20
C ASP O 32 -5.94 -71.53 37.13
N GLY O 33 -5.69 -71.08 35.91
CA GLY O 33 -5.28 -71.98 34.84
C GLY O 33 -3.79 -72.19 34.78
N CYS O 34 -3.09 -71.89 35.88
CA CYS O 34 -1.64 -72.02 35.92
C CYS O 34 -1.24 -72.58 37.28
N ARG O 35 -0.04 -73.15 37.34
CA ARG O 35 0.56 -73.37 38.64
C ARG O 35 0.89 -72.05 39.32
N ALA O 36 1.21 -71.03 38.54
CA ALA O 36 1.50 -69.72 39.11
C ALA O 36 0.24 -69.02 39.61
N GLY O 37 -0.93 -69.44 39.14
CA GLY O 37 -2.15 -68.79 39.55
C GLY O 37 -2.28 -67.36 39.07
N GLN O 38 -1.49 -66.96 38.08
CA GLN O 38 -1.47 -65.61 37.57
C GLN O 38 -1.75 -65.65 36.07
N ILE O 39 -2.12 -64.50 35.53
CA ILE O 39 -2.19 -64.30 34.09
C ILE O 39 -1.99 -62.82 33.83
N ALA O 40 -1.40 -62.51 32.69
CA ALA O 40 -1.21 -61.13 32.31
C ALA O 40 -2.54 -60.48 31.95
N SER O 41 -2.66 -59.20 32.23
CA SER O 41 -3.78 -58.40 31.78
C SER O 41 -3.22 -57.09 31.29
N SER O 42 -4.00 -56.38 30.48
CA SER O 42 -3.56 -55.15 29.86
C SER O 42 -4.58 -54.04 30.14
N PRO O 43 -4.57 -53.50 31.35
CA PRO O 43 -5.55 -52.45 31.67
C PRO O 43 -5.21 -51.09 31.11
N ARG O 44 -3.97 -50.87 30.67
CA ARG O 44 -3.53 -49.53 30.31
C ARG O 44 -3.09 -49.45 28.86
N THR O 45 -3.88 -49.99 27.93
CA THR O 45 -3.42 -50.14 26.56
C THR O 45 -3.44 -48.86 25.74
N GLU O 46 -4.05 -47.78 26.20
CA GLU O 46 -3.85 -46.54 25.45
C GLU O 46 -2.42 -46.06 25.61
N ASP O 47 -1.74 -46.55 26.63
CA ASP O 47 -0.34 -46.28 26.88
C ASP O 47 0.58 -47.19 26.09
N CYS O 48 0.05 -48.25 25.47
CA CYS O 48 0.87 -49.13 24.67
C CYS O 48 1.53 -48.36 23.54
N VAL O 49 2.85 -48.45 23.49
CA VAL O 49 3.65 -47.81 22.48
C VAL O 49 3.84 -48.69 21.25
N GLY O 50 3.63 -49.99 21.38
CA GLY O 50 3.70 -50.89 20.26
C GLY O 50 5.01 -51.60 20.07
N CYS O 51 5.92 -51.52 21.04
CA CYS O 51 7.28 -52.00 20.88
C CYS O 51 7.36 -53.51 20.75
N LYS O 52 6.32 -54.24 21.14
CA LYS O 52 6.27 -55.69 21.13
C LYS O 52 7.36 -56.32 21.97
N ARG O 53 7.96 -55.55 22.87
CA ARG O 53 8.95 -56.07 23.79
C ARG O 53 8.33 -57.07 24.76
N CYS O 54 7.02 -57.01 24.95
CA CYS O 54 6.33 -58.01 25.75
C CYS O 54 6.25 -59.34 25.03
N GLU O 55 6.15 -59.30 23.70
CA GLU O 55 6.05 -60.54 22.92
C GLU O 55 7.39 -61.25 22.84
N THR O 56 8.49 -60.51 22.94
CA THR O 56 9.79 -61.16 22.92
C THR O 56 10.05 -61.95 24.19
N ALA O 57 9.42 -61.55 25.29
CA ALA O 57 9.67 -62.19 26.58
C ALA O 57 8.76 -63.37 26.85
N CYS O 58 7.69 -63.54 26.09
CA CYS O 58 6.75 -64.61 26.38
C CYS O 58 7.34 -65.94 25.94
N PRO O 59 7.50 -66.90 26.83
CA PRO O 59 8.22 -68.13 26.48
C PRO O 59 7.36 -69.24 25.94
N THR O 60 6.04 -69.13 26.08
CA THR O 60 5.16 -70.15 25.51
C THR O 60 5.28 -70.16 24.01
N ASP O 61 5.40 -71.35 23.43
CA ASP O 61 5.60 -71.42 21.99
C ASP O 61 4.37 -70.91 21.27
N PHE O 62 4.63 -70.04 20.30
CA PHE O 62 3.65 -69.15 19.70
C PHE O 62 2.83 -68.47 20.79
N LEU O 63 3.52 -67.51 21.37
CA LEU O 63 3.26 -66.71 22.54
C LEU O 63 1.84 -66.23 22.80
N SER O 64 1.53 -66.12 24.09
CA SER O 64 0.20 -65.87 24.63
C SER O 64 -0.22 -64.42 24.61
N ILE O 65 0.67 -63.49 24.29
CA ILE O 65 0.35 -62.06 24.36
C ILE O 65 0.58 -61.45 22.98
N ARG O 66 -0.44 -60.84 22.41
CA ARG O 66 -0.27 -60.25 21.10
C ARG O 66 -0.54 -58.77 21.14
N VAL O 67 0.39 -58.01 20.63
CA VAL O 67 0.15 -56.61 20.35
C VAL O 67 -0.40 -56.52 18.94
N TYR O 68 -1.51 -55.83 18.80
CA TYR O 68 -2.25 -55.73 17.57
C TYR O 68 -2.22 -54.26 17.20
N LEU O 69 -1.24 -53.85 16.40
CA LEU O 69 -1.01 -52.45 16.13
C LEU O 69 -2.20 -51.82 15.42
N GLY O 70 -2.91 -50.95 16.11
CA GLY O 70 -4.12 -50.37 15.57
C GLY O 70 -4.01 -48.87 15.36
N ALA O 71 -5.06 -48.15 15.74
CA ALA O 71 -5.07 -46.70 15.59
C ALA O 71 -3.98 -46.07 16.43
N GLU O 72 -3.05 -45.41 15.78
CA GLU O 72 -1.89 -44.84 16.47
C GLU O 72 -2.16 -43.39 16.82
N THR O 73 -2.02 -43.07 18.10
CA THR O 73 -2.35 -41.76 18.62
C THR O 73 -1.08 -41.11 19.18
N THR O 74 -1.25 -39.99 19.86
CA THR O 74 -0.11 -39.18 20.24
C THR O 74 0.75 -39.84 21.31
N ARG O 75 0.18 -40.72 22.12
CA ARG O 75 0.95 -41.41 23.15
C ARG O 75 1.25 -42.85 22.80
N SER O 76 0.66 -43.38 21.74
CA SER O 76 1.03 -44.69 21.22
C SER O 76 2.11 -44.61 20.16
N MET O 77 2.54 -43.41 19.79
CA MET O 77 3.68 -43.24 18.91
C MET O 77 4.87 -42.65 19.65
N GLY O 78 4.70 -42.31 20.92
CA GLY O 78 5.78 -41.77 21.70
C GLY O 78 6.39 -40.50 21.16
N LEU O 79 5.63 -39.42 21.16
CA LEU O 79 6.10 -38.13 20.69
C LEU O 79 6.26 -37.20 21.88
N ALA O 80 7.46 -36.66 22.05
CA ALA O 80 7.71 -35.65 23.06
C ALA O 80 7.40 -34.25 22.56
N TYR O 81 7.01 -34.11 21.29
CA TYR O 81 6.67 -32.82 20.73
C TYR O 81 5.26 -32.85 20.17
N THR P 21 -1.39 -34.04 45.90
CA THR P 21 -0.70 -33.53 44.71
C THR P 21 0.72 -34.04 44.63
N LEU P 22 1.63 -33.21 44.13
CA LEU P 22 3.02 -33.59 43.95
C LEU P 22 3.92 -32.46 44.44
N SER P 23 5.07 -32.86 44.97
CA SER P 23 6.10 -31.91 45.41
C SER P 23 7.38 -32.68 45.64
N GLY P 24 8.46 -31.93 45.77
CA GLY P 24 9.79 -32.48 45.96
C GLY P 24 10.81 -31.52 45.40
N GLN P 25 12.05 -31.71 45.83
CA GLN P 25 13.13 -30.88 45.35
C GLN P 25 13.72 -31.48 44.08
N THR P 26 13.92 -30.63 43.07
CA THR P 26 14.46 -31.10 41.82
C THR P 26 15.94 -31.47 41.95
N PRO P 27 16.40 -32.47 41.22
CA PRO P 27 17.80 -32.88 41.31
C PRO P 27 18.73 -31.82 40.76
N ILE P 28 20.00 -31.90 41.18
CA ILE P 28 21.01 -30.98 40.66
C ILE P 28 21.22 -31.34 39.20
N PHE P 29 20.81 -30.47 38.30
CA PHE P 29 20.90 -30.78 36.88
C PHE P 29 21.04 -29.48 36.12
N GLY P 30 22.04 -29.39 35.27
CA GLY P 30 22.32 -28.15 34.59
C GLY P 30 21.36 -27.80 33.48
N GLY P 31 20.25 -28.53 33.38
CA GLY P 31 19.30 -28.34 32.32
C GLY P 31 19.79 -28.99 31.04
N SER P 32 18.89 -29.60 30.29
CA SER P 32 19.28 -30.33 29.09
C SER P 32 18.58 -29.73 27.88
N THR P 33 18.78 -30.39 26.75
CA THR P 33 18.04 -30.09 25.54
C THR P 33 16.99 -31.14 25.25
N GLY P 34 17.06 -32.28 25.93
CA GLY P 34 16.16 -33.40 25.70
C GLY P 34 14.93 -33.37 26.57
N GLY P 35 14.74 -32.32 27.35
CA GLY P 35 13.66 -32.26 28.31
C GLY P 35 12.33 -31.94 27.68
N LEU P 36 11.51 -31.24 28.45
CA LEU P 36 10.14 -30.97 28.04
C LEU P 36 10.10 -30.01 26.85
N LEU P 37 9.18 -30.27 25.95
CA LEU P 37 8.94 -29.43 24.78
C LEU P 37 7.54 -28.84 24.91
N LYS P 38 7.03 -28.28 23.81
CA LYS P 38 5.71 -27.65 23.86
C LYS P 38 4.59 -28.64 24.13
N LYS P 39 4.83 -29.94 23.98
CA LYS P 39 3.82 -30.93 24.33
C LYS P 39 3.62 -31.04 25.84
N ALA P 40 4.57 -30.55 26.63
CA ALA P 40 4.49 -30.73 28.08
C ALA P 40 3.33 -29.95 28.68
N GLU P 41 3.20 -28.68 28.32
CA GLU P 41 2.18 -27.83 28.91
C GLU P 41 0.94 -27.69 28.04
N VAL P 42 0.80 -28.50 27.00
CA VAL P 42 -0.31 -28.37 26.07
C VAL P 42 -1.13 -29.64 25.99
N GLU P 43 -0.50 -30.81 25.94
CA GLU P 43 -1.25 -32.05 25.93
C GLU P 43 -1.27 -32.69 27.31
N GLU P 44 -0.10 -33.06 27.85
CA GLU P 44 0.11 -33.47 29.23
C GLU P 44 1.56 -33.83 29.48
N LYS P 45 1.90 -34.09 30.74
CA LYS P 45 3.26 -34.12 31.22
C LYS P 45 3.33 -35.10 32.37
N TYR P 46 4.50 -35.68 32.60
CA TYR P 46 4.66 -36.69 33.63
C TYR P 46 5.61 -36.23 34.71
N ALA P 47 5.43 -36.78 35.91
CA ALA P 47 6.29 -36.48 37.04
C ALA P 47 6.58 -37.76 37.79
N ILE P 48 7.85 -38.06 38.00
CA ILE P 48 8.26 -39.18 38.81
C ILE P 48 8.77 -38.64 40.14
N THR P 49 8.31 -39.24 41.23
CA THR P 49 8.59 -38.75 42.57
C THR P 49 9.14 -39.90 43.40
N TRP P 50 10.38 -39.78 43.84
CA TRP P 50 11.01 -40.83 44.62
C TRP P 50 11.80 -40.23 45.77
N THR P 51 12.08 -41.08 46.76
CA THR P 51 12.84 -40.69 47.93
C THR P 51 14.15 -41.48 47.94
N SER P 52 15.26 -40.79 48.17
CA SER P 52 16.55 -41.41 48.16
C SER P 52 17.22 -41.28 49.53
N PRO P 53 17.90 -42.32 50.01
CA PRO P 53 18.64 -42.20 51.26
C PRO P 53 20.04 -41.61 51.09
N LYS P 54 20.47 -41.35 49.87
CA LYS P 54 21.85 -40.95 49.63
C LYS P 54 21.88 -39.91 48.50
N GLU P 55 22.94 -39.11 48.50
CA GLU P 55 23.13 -38.04 47.54
C GLU P 55 24.06 -38.54 46.42
N GLN P 56 23.53 -39.39 45.55
CA GLN P 56 24.33 -39.90 44.45
C GLN P 56 23.80 -39.38 43.12
N VAL P 57 24.38 -39.88 42.03
CA VAL P 57 24.14 -39.37 40.69
C VAL P 57 23.54 -40.47 39.84
N PHE P 58 22.53 -40.10 39.06
CA PHE P 58 21.81 -41.03 38.21
C PHE P 58 21.81 -40.49 36.78
N GLU P 59 21.57 -41.38 35.83
CA GLU P 59 21.57 -40.99 34.43
C GLU P 59 20.22 -40.42 34.04
N MET P 60 20.23 -39.28 33.41
CA MET P 60 19.00 -38.65 32.98
C MET P 60 18.43 -39.38 31.77
N PRO P 61 17.13 -39.69 31.76
CA PRO P 61 16.55 -40.31 30.56
C PRO P 61 16.52 -39.39 29.35
N THR P 62 16.68 -38.08 29.56
CA THR P 62 16.75 -37.12 28.47
C THR P 62 18.18 -36.71 28.18
N GLY P 63 19.15 -37.58 28.46
CA GLY P 63 20.53 -37.29 28.17
C GLY P 63 21.19 -36.50 29.27
N GLY P 64 22.34 -36.97 29.72
CA GLY P 64 23.10 -36.32 30.76
C GLY P 64 23.09 -37.10 32.07
N ALA P 65 23.49 -36.41 33.12
CA ALA P 65 23.53 -36.97 34.46
C ALA P 65 23.10 -35.91 35.45
N ALA P 66 22.36 -36.33 36.48
CA ALA P 66 21.89 -35.41 37.51
C ALA P 66 22.12 -36.03 38.87
N ILE P 67 22.26 -35.19 39.88
CA ILE P 67 22.48 -35.66 41.24
C ILE P 67 21.15 -35.64 41.98
N MET P 68 20.68 -36.81 42.38
CA MET P 68 19.45 -36.96 43.14
C MET P 68 19.66 -36.52 44.58
N ARG P 69 18.63 -35.91 45.16
CA ARG P 69 18.74 -35.22 46.43
C ARG P 69 18.64 -36.19 47.61
N GLN P 70 18.54 -35.63 48.81
CA GLN P 70 18.50 -36.42 50.04
C GLN P 70 17.08 -36.72 50.51
N GLY P 71 16.10 -35.88 50.18
CA GLY P 71 14.77 -36.13 50.65
C GLY P 71 13.82 -36.62 49.58
N GLN P 72 12.81 -35.81 49.28
CA GLN P 72 11.81 -36.14 48.26
C GLN P 72 12.25 -35.53 46.94
N ASN P 73 12.39 -36.35 45.92
CA ASN P 73 12.84 -35.91 44.61
C ASN P 73 11.67 -35.81 43.64
N LEU P 74 11.71 -34.81 42.78
CA LEU P 74 10.67 -34.62 41.78
C LEU P 74 11.30 -34.31 40.44
N LEU P 75 10.86 -35.01 39.41
CA LEU P 75 11.41 -34.81 38.08
C LEU P 75 10.27 -34.82 37.07
N TYR P 76 10.32 -33.89 36.12
CA TYR P 76 9.29 -33.74 35.11
C TYR P 76 9.77 -34.32 33.79
N LEU P 77 9.01 -35.26 33.24
CA LEU P 77 9.41 -35.97 32.04
C LEU P 77 8.28 -35.93 31.02
N ALA P 78 8.65 -35.98 29.74
CA ALA P 78 7.71 -35.68 28.67
C ALA P 78 6.75 -36.81 28.39
N ARG P 79 7.19 -38.05 28.55
CA ARG P 79 6.38 -39.21 28.20
C ARG P 79 6.61 -40.29 29.26
N LYS P 80 5.64 -41.21 29.34
CA LYS P 80 5.65 -42.17 30.43
C LYS P 80 6.82 -43.14 30.31
N GLU P 81 7.28 -43.42 29.09
CA GLU P 81 8.38 -44.35 28.91
C GLU P 81 9.65 -43.86 29.58
N GLN P 82 9.88 -42.54 29.55
CA GLN P 82 11.04 -41.99 30.25
C GLN P 82 10.96 -42.23 31.74
N CYS P 83 9.77 -42.04 32.32
CA CYS P 83 9.61 -42.23 33.76
C CYS P 83 9.88 -43.66 34.19
N ILE P 84 9.37 -44.63 33.43
CA ILE P 84 9.63 -46.02 33.76
C ILE P 84 11.01 -46.47 33.30
N ALA P 85 11.62 -45.77 32.34
CA ALA P 85 13.03 -45.97 32.10
C ALA P 85 13.85 -45.50 33.30
N LEU P 86 13.50 -44.35 33.84
CA LEU P 86 14.18 -43.86 35.04
C LEU P 86 13.82 -44.70 36.25
N GLY P 87 12.56 -45.10 36.36
CA GLY P 87 12.15 -45.95 37.47
C GLY P 87 12.90 -47.27 37.49
N GLY P 88 13.12 -47.86 36.32
CA GLY P 88 13.95 -49.04 36.24
C GLY P 88 15.40 -48.78 36.58
N GLN P 89 15.87 -47.55 36.43
CA GLN P 89 17.20 -47.18 36.89
C GLN P 89 17.24 -47.00 38.40
N LEU P 90 16.16 -46.50 39.00
CA LEU P 90 16.12 -46.32 40.44
C LEU P 90 16.14 -47.64 41.17
N ARG P 91 15.56 -48.70 40.60
CA ARG P 91 15.66 -50.01 41.21
C ARG P 91 17.09 -50.53 41.24
N LYS P 92 17.98 -49.97 40.44
CA LYS P 92 19.40 -50.33 40.52
C LYS P 92 20.14 -49.52 41.57
N PHE P 93 19.52 -48.49 42.13
CA PHE P 93 19.99 -47.83 43.34
C PHE P 93 19.26 -48.32 44.58
N LYS P 94 18.54 -49.44 44.47
CA LYS P 94 17.76 -50.01 45.57
C LYS P 94 16.69 -49.04 46.06
N ILE P 95 16.05 -48.34 45.12
CA ILE P 95 14.97 -47.41 45.41
C ILE P 95 13.73 -47.91 44.70
N THR P 96 12.73 -48.32 45.47
CA THR P 96 11.49 -48.85 44.93
C THR P 96 10.29 -48.17 45.57
N ASP P 97 10.41 -46.89 45.87
CA ASP P 97 9.33 -46.12 46.45
C ASP P 97 8.93 -44.96 45.55
N TYR P 98 9.15 -45.10 44.26
CA TYR P 98 8.85 -44.04 43.32
C TYR P 98 7.41 -44.11 42.86
N LYS P 99 6.87 -42.95 42.52
CA LYS P 99 5.49 -42.81 42.08
C LYS P 99 5.51 -41.94 40.84
N ILE P 100 4.72 -42.32 39.84
CA ILE P 100 4.69 -41.62 38.56
C ILE P 100 3.32 -40.96 38.42
N TYR P 101 3.32 -39.67 38.18
CA TYR P 101 2.10 -38.91 38.03
C TYR P 101 1.96 -38.39 36.62
N ARG P 102 0.74 -38.01 36.26
CA ARG P 102 0.44 -37.52 34.93
C ARG P 102 -0.27 -36.18 35.08
N ILE P 103 0.37 -35.11 34.64
CA ILE P 103 -0.10 -33.76 34.88
C ILE P 103 -0.75 -33.25 33.61
N TYR P 104 -2.07 -33.14 33.63
CA TYR P 104 -2.80 -32.51 32.54
C TYR P 104 -2.62 -31.00 32.61
N PRO P 105 -2.74 -30.31 31.46
CA PRO P 105 -2.34 -28.89 31.43
C PRO P 105 -3.20 -27.99 32.30
N ASN P 106 -4.48 -28.30 32.42
CA ASN P 106 -5.35 -27.60 33.36
C ASN P 106 -4.88 -27.72 34.80
N GLY P 107 -4.16 -28.77 35.13
CA GLY P 107 -3.38 -28.81 36.36
C GLY P 107 -3.60 -30.01 37.26
N GLU P 108 -4.69 -30.77 37.15
CA GLU P 108 -4.84 -31.89 38.08
C GLU P 108 -3.83 -32.98 37.77
N THR P 109 -3.52 -33.75 38.80
CA THR P 109 -2.42 -34.69 38.81
C THR P 109 -2.96 -36.08 39.14
N VAL P 110 -2.86 -36.99 38.19
CA VAL P 110 -3.34 -38.34 38.37
C VAL P 110 -2.19 -39.22 38.83
N TYR P 111 -2.51 -40.23 39.61
CA TYR P 111 -1.58 -41.27 40.02
C TYR P 111 -1.75 -42.42 39.04
N ILE P 112 -0.68 -42.78 38.33
CA ILE P 112 -0.77 -43.81 37.30
C ILE P 112 0.23 -44.95 37.51
N HIS P 113 1.27 -44.78 38.31
CA HIS P 113 2.26 -45.82 38.54
C HIS P 113 2.91 -45.70 39.90
N PRO P 114 2.88 -46.76 40.74
CA PRO P 114 2.10 -47.97 40.47
C PRO P 114 0.63 -47.74 40.77
N ALA P 115 -0.24 -48.25 39.90
CA ALA P 115 -1.64 -47.83 39.89
C ALA P 115 -2.36 -48.18 41.18
N ASP P 116 -2.07 -49.36 41.74
CA ASP P 116 -2.68 -49.81 42.97
C ASP P 116 -1.78 -49.61 44.18
N GLY P 117 -0.64 -48.96 44.03
CA GLY P 117 0.31 -48.82 45.10
C GLY P 117 1.29 -49.96 45.24
N VAL P 118 1.07 -51.08 44.55
CA VAL P 118 2.02 -52.17 44.54
C VAL P 118 2.46 -52.37 43.09
N PHE P 119 3.64 -52.90 42.93
CA PHE P 119 4.25 -52.91 41.62
C PHE P 119 3.59 -53.99 40.76
N PRO P 120 3.44 -53.76 39.45
CA PRO P 120 2.64 -54.68 38.62
C PRO P 120 3.19 -56.10 38.51
N GLU P 121 4.47 -56.33 38.80
CA GLU P 121 4.96 -57.70 38.83
C GLU P 121 4.27 -58.50 39.92
N LYS P 122 4.06 -57.87 41.08
CA LYS P 122 3.26 -58.46 42.14
C LYS P 122 1.81 -58.66 41.70
N VAL P 123 1.17 -59.65 42.30
CA VAL P 123 -0.23 -59.93 42.05
C VAL P 123 -1.04 -59.50 43.28
N ASN P 124 -2.09 -58.71 43.05
CA ASN P 124 -3.01 -58.37 44.12
C ASN P 124 -4.24 -59.25 44.06
N GLN P 125 -5.22 -58.89 44.88
CA GLN P 125 -6.61 -59.23 44.69
C GLN P 125 -7.34 -58.01 44.16
N GLY P 126 -8.48 -58.25 43.54
CA GLY P 126 -9.32 -57.17 43.07
C GLY P 126 -8.98 -56.65 41.69
N ARG P 127 -7.85 -57.07 41.11
CA ARG P 127 -7.58 -56.75 39.72
C ARG P 127 -8.29 -57.74 38.81
N GLU P 128 -8.66 -57.27 37.63
CA GLU P 128 -9.54 -57.98 36.73
C GLU P 128 -8.80 -58.41 35.47
N LYS P 129 -9.19 -59.57 34.94
CA LYS P 129 -8.70 -60.03 33.65
C LYS P 129 -9.30 -59.14 32.58
N VAL P 130 -8.50 -58.24 32.03
CA VAL P 130 -8.95 -57.28 31.04
C VAL P 130 -8.20 -57.53 29.73
N ARG P 131 -8.95 -57.54 28.63
CA ARG P 131 -8.48 -58.04 27.33
C ARG P 131 -7.86 -59.43 27.48
N TYR P 132 -8.66 -60.34 28.00
CA TYR P 132 -8.31 -61.75 28.09
C TYR P 132 -9.20 -62.54 27.15
N ASN P 133 -8.60 -63.35 26.30
CA ASN P 133 -9.35 -64.27 25.45
C ASN P 133 -9.30 -65.66 26.06
N ASP P 134 -10.45 -66.30 26.17
CA ASP P 134 -10.55 -67.61 26.80
C ASP P 134 -10.35 -68.74 25.79
N ARG P 135 -9.48 -68.51 24.81
CA ARG P 135 -9.16 -69.49 23.80
C ARG P 135 -7.67 -69.44 23.55
N ARG P 136 -7.16 -70.50 22.91
CA ARG P 136 -5.83 -70.42 22.35
C ARG P 136 -5.83 -69.38 21.25
N ILE P 137 -4.67 -68.76 21.05
CA ILE P 137 -4.51 -67.83 19.96
C ILE P 137 -4.67 -68.51 18.60
N GLY P 138 -4.43 -69.82 18.54
CA GLY P 138 -4.53 -70.53 17.28
C GLY P 138 -5.94 -70.57 16.69
N GLN P 139 -6.97 -70.57 17.53
CA GLN P 139 -8.34 -70.61 17.01
C GLN P 139 -9.04 -69.26 17.07
N ASN P 140 -8.30 -68.18 16.79
CA ASN P 140 -8.96 -66.95 16.42
C ASN P 140 -9.66 -67.14 15.07
N PRO P 141 -10.84 -66.56 14.88
CA PRO P 141 -11.57 -66.77 13.64
C PRO P 141 -10.86 -66.16 12.44
N SER P 142 -11.18 -66.72 11.27
CA SER P 142 -10.66 -66.19 10.02
C SER P 142 -11.24 -64.80 9.76
N PRO P 143 -10.51 -63.94 9.03
CA PRO P 143 -11.04 -62.61 8.72
C PRO P 143 -12.30 -62.61 7.89
N SER P 144 -12.60 -63.71 7.18
CA SER P 144 -13.83 -63.78 6.43
C SER P 144 -15.05 -63.86 7.32
N LYS P 145 -14.90 -64.35 8.55
CA LYS P 145 -16.04 -64.45 9.45
C LYS P 145 -16.54 -63.09 9.89
N VAL P 146 -15.63 -62.14 10.11
CA VAL P 146 -16.00 -60.83 10.63
C VAL P 146 -16.11 -59.85 9.48
N LYS P 147 -16.25 -60.39 8.26
CA LYS P 147 -16.32 -59.57 7.06
C LYS P 147 -17.49 -58.60 7.13
N PHE P 148 -17.19 -57.32 6.94
CA PHE P 148 -18.19 -56.24 6.96
C PHE P 148 -18.91 -56.17 8.30
N SER P 149 -18.14 -56.36 9.37
CA SER P 149 -18.62 -56.23 10.74
C SER P 149 -17.68 -55.29 11.49
N GLY P 150 -18.18 -54.73 12.59
CA GLY P 150 -17.40 -53.76 13.34
C GLY P 150 -16.17 -54.37 13.99
N ILE P 151 -16.30 -55.58 14.53
CA ILE P 151 -15.24 -56.20 15.32
C ILE P 151 -14.12 -56.69 14.44
N ALA P 152 -12.99 -57.02 15.04
CA ALA P 152 -11.87 -57.68 14.39
C ALA P 152 -11.88 -59.15 14.78
N THR P 153 -10.93 -59.91 14.22
CA THR P 153 -10.90 -61.35 14.43
C THR P 153 -10.43 -61.72 15.81
N TYR P 154 -9.90 -60.78 16.56
CA TYR P 154 -9.17 -61.04 17.78
C TYR P 154 -9.95 -60.65 19.02
N ASP P 155 -11.07 -59.94 18.84
CA ASP P 155 -12.04 -59.73 19.90
C ASP P 155 -12.99 -60.92 19.95
N ALA P 156 -13.75 -61.14 18.87
CA ALA P 156 -14.33 -62.41 18.46
C ALA P 156 -15.02 -63.15 19.59
N PRO P 157 -16.22 -62.75 19.98
CA PRO P 157 -16.83 -63.27 21.22
C PRO P 157 -17.04 -64.78 21.25
N ASN P 158 -16.77 -65.49 20.16
CA ASN P 158 -16.82 -66.95 20.17
C ASN P 158 -15.57 -67.49 20.86
N SER P 159 -15.77 -68.30 21.88
CA SER P 159 -14.70 -68.94 22.66
C SER P 159 -13.70 -67.92 23.22
N VAL Q 2 -0.83 -90.52 28.94
CA VAL Q 2 0.38 -89.78 28.62
C VAL Q 2 1.12 -89.44 29.90
N GLN Q 3 1.96 -90.37 30.35
CA GLN Q 3 2.72 -90.19 31.57
C GLN Q 3 4.15 -89.78 31.24
N ARG Q 4 4.91 -89.45 32.29
CA ARG Q 4 6.22 -88.87 32.13
C ARG Q 4 7.19 -89.83 31.45
N GLY Q 5 8.00 -89.29 30.54
CA GLY Q 5 8.99 -90.07 29.84
C GLY Q 5 8.56 -90.58 28.48
N SER Q 6 7.28 -90.50 28.13
CA SER Q 6 6.78 -91.05 26.89
C SER Q 6 6.99 -90.07 25.75
N LYS Q 7 7.50 -90.58 24.63
CA LYS Q 7 7.62 -89.77 23.43
C LYS Q 7 6.24 -89.55 22.84
N VAL Q 8 5.91 -88.30 22.51
CA VAL Q 8 4.55 -87.94 22.17
C VAL Q 8 4.60 -86.96 20.99
N ARG Q 9 3.51 -86.89 20.25
CA ARG Q 9 3.43 -86.07 19.05
C ARG Q 9 2.44 -84.93 19.27
N ILE Q 10 2.69 -83.81 18.59
CA ILE Q 10 1.93 -82.58 18.80
C ILE Q 10 0.86 -82.47 17.72
N LEU Q 11 -0.36 -82.16 18.13
CA LEU Q 11 -1.46 -81.90 17.21
C LEU Q 11 -1.96 -80.46 17.33
N ARG Q 12 -1.05 -79.53 17.60
CA ARG Q 12 -1.40 -78.13 17.76
C ARG Q 12 -0.89 -77.34 16.55
N PRO Q 13 -1.75 -76.89 15.65
CA PRO Q 13 -1.26 -76.30 14.39
C PRO Q 13 -0.49 -75.00 14.56
N GLU Q 14 -0.81 -74.20 15.57
CA GLU Q 14 -0.13 -72.96 15.88
C GLU Q 14 1.26 -73.16 16.46
N SER Q 15 1.65 -74.38 16.80
CA SER Q 15 2.91 -74.60 17.49
C SER Q 15 4.03 -74.78 16.49
N TYR Q 16 5.24 -74.39 16.89
CA TYR Q 16 6.41 -74.64 16.06
C TYR Q 16 6.61 -76.12 15.83
N TRP Q 17 6.27 -76.94 16.82
CA TRP Q 17 6.53 -78.37 16.78
C TRP Q 17 5.33 -79.17 16.33
N PHE Q 18 4.52 -78.61 15.44
CA PHE Q 18 3.38 -79.35 14.90
C PHE Q 18 3.85 -80.58 14.15
N GLN Q 19 3.26 -81.73 14.49
CA GLN Q 19 3.63 -83.02 13.93
C GLN Q 19 5.11 -83.32 14.13
N ASP Q 20 5.65 -82.98 15.29
CA ASP Q 20 6.98 -83.42 15.67
C ASP Q 20 6.91 -84.04 17.06
N VAL Q 21 7.86 -84.91 17.35
CA VAL Q 21 7.85 -85.67 18.59
C VAL Q 21 8.64 -84.93 19.67
N GLY Q 22 8.19 -85.08 20.91
CA GLY Q 22 8.91 -84.56 22.05
C GLY Q 22 8.69 -85.46 23.25
N THR Q 23 9.63 -85.40 24.19
CA THR Q 23 9.53 -86.20 25.40
C THR Q 23 8.80 -85.40 26.48
N VAL Q 24 7.91 -86.08 27.20
CA VAL Q 24 7.13 -85.43 28.24
C VAL Q 24 8.01 -85.23 29.46
N ALA Q 25 8.07 -84.00 29.95
CA ALA Q 25 8.91 -83.68 31.10
C ALA Q 25 8.20 -83.89 32.42
N SER Q 26 6.96 -83.44 32.53
CA SER Q 26 6.20 -83.63 33.77
C SER Q 26 4.73 -83.44 33.49
N ILE Q 27 3.91 -83.99 34.38
CA ILE Q 27 2.46 -83.88 34.31
C ILE Q 27 1.98 -83.18 35.58
N GLU Q 28 1.04 -82.24 35.41
CA GLU Q 28 0.44 -81.50 36.51
C GLU Q 28 -0.79 -82.24 37.03
N GLN Q 29 -0.79 -82.54 38.32
CA GLN Q 29 -1.84 -83.35 38.92
C GLN Q 29 -2.95 -82.52 39.56
N GLY Q 30 -2.90 -81.20 39.45
CA GLY Q 30 -3.99 -80.38 39.95
C GLY Q 30 -5.29 -80.60 39.18
N GLY Q 31 -5.18 -80.78 37.87
CA GLY Q 31 -6.35 -81.03 37.04
C GLY Q 31 -7.16 -79.79 36.70
N THR Q 32 -6.64 -78.59 36.97
CA THR Q 32 -7.36 -77.35 36.74
C THR Q 32 -6.49 -76.31 36.04
N SER Q 33 -5.48 -76.77 35.29
CA SER Q 33 -4.49 -75.89 34.71
C SER Q 33 -4.64 -75.75 33.20
N ARG Q 34 -5.50 -76.56 32.59
CA ARG Q 34 -5.98 -76.64 31.21
C ARG Q 34 -4.85 -76.96 30.22
N TYR Q 35 -3.61 -76.94 30.69
CA TYR Q 35 -2.44 -77.35 29.91
C TYR Q 35 -1.45 -78.02 30.85
N PRO Q 36 -1.75 -79.23 31.27
CA PRO Q 36 -0.94 -79.88 32.31
C PRO Q 36 0.38 -80.42 31.79
N VAL Q 37 0.43 -80.90 30.55
CA VAL Q 37 1.61 -81.59 30.07
C VAL Q 37 2.71 -80.60 29.76
N ILE Q 38 3.90 -80.86 30.30
CA ILE Q 38 5.12 -80.15 29.91
C ILE Q 38 5.93 -81.12 29.07
N VAL Q 39 6.07 -80.83 27.78
CA VAL Q 39 6.79 -81.69 26.86
C VAL Q 39 8.02 -80.95 26.36
N ARG Q 40 9.13 -81.67 26.28
CA ARG Q 40 10.42 -81.07 25.97
C ARG Q 40 10.91 -81.58 24.62
N PHE Q 41 11.46 -80.67 23.83
CA PHE Q 41 11.77 -80.92 22.43
C PHE Q 41 13.26 -80.84 22.18
N ASP Q 42 13.72 -81.57 21.17
CA ASP Q 42 15.12 -81.57 20.81
C ASP Q 42 15.49 -80.44 19.86
N LYS Q 43 14.51 -79.65 19.41
CA LYS Q 43 14.74 -78.50 18.53
C LYS Q 43 14.14 -77.27 19.16
N VAL Q 44 14.97 -76.25 19.39
CA VAL Q 44 14.46 -74.96 19.83
C VAL Q 44 13.61 -74.35 18.73
N ASN Q 45 12.63 -73.53 19.11
CA ASN Q 45 11.68 -73.10 18.09
C ASN Q 45 12.18 -71.93 17.25
N TYR Q 46 12.34 -70.75 17.85
CA TYR Q 46 12.86 -69.57 17.16
C TYR Q 46 13.42 -68.64 18.23
N ALA Q 47 14.74 -68.57 18.29
CA ALA Q 47 15.46 -67.78 19.29
C ALA Q 47 14.91 -68.04 20.68
N GLY Q 48 14.93 -69.31 21.08
CA GLY Q 48 14.42 -69.58 22.40
C GLY Q 48 14.19 -71.02 22.79
N VAL Q 49 12.98 -71.28 23.25
CA VAL Q 49 12.72 -72.40 24.14
C VAL Q 49 12.64 -73.70 23.36
N ASN Q 50 12.72 -74.80 24.09
CA ASN Q 50 12.43 -76.13 23.58
C ASN Q 50 11.37 -76.83 24.42
N THR Q 51 10.67 -76.09 25.26
CA THR Q 51 9.70 -76.62 26.21
C THR Q 51 8.39 -75.86 26.05
N ASN Q 52 7.27 -76.58 26.04
CA ASN Q 52 5.98 -75.92 25.93
C ASN Q 52 4.94 -76.75 26.64
N ASN Q 53 3.92 -76.06 27.15
CA ASN Q 53 2.82 -76.70 27.86
C ASN Q 53 1.68 -77.03 26.90
N PHE Q 54 1.11 -78.22 27.07
CA PHE Q 54 0.04 -78.68 26.20
C PHE Q 54 -1.06 -79.35 27.01
N ALA Q 55 -2.21 -79.48 26.39
CA ALA Q 55 -3.36 -80.15 26.98
C ALA Q 55 -3.28 -81.65 26.67
N GLN Q 56 -4.25 -82.40 27.20
CA GLN Q 56 -4.28 -83.84 26.98
C GLN Q 56 -4.68 -84.20 25.56
N ASP Q 57 -5.54 -83.39 24.93
CA ASP Q 57 -6.26 -83.83 23.74
C ASP Q 57 -5.52 -83.60 22.42
N GLU Q 58 -4.57 -82.67 22.38
CA GLU Q 58 -3.76 -82.45 21.19
C GLU Q 58 -2.39 -83.11 21.29
N LEU Q 59 -2.29 -84.21 22.02
CA LEU Q 59 -1.10 -85.06 22.05
C LEU Q 59 -1.48 -86.48 21.65
N VAL Q 60 -0.63 -87.12 20.86
CA VAL Q 60 -0.76 -88.55 20.61
C VAL Q 60 0.60 -89.20 20.83
N GLU Q 61 0.61 -90.31 21.54
CA GLU Q 61 1.86 -90.99 21.85
C GLU Q 61 2.36 -91.77 20.65
N VAL Q 62 3.68 -91.82 20.50
CA VAL Q 62 4.29 -92.60 19.43
C VAL Q 62 4.95 -93.86 19.95
N GLU Q 63 5.28 -93.93 21.25
CA GLU Q 63 5.82 -95.15 21.83
C GLU Q 63 5.46 -95.24 23.31
N ASN R 25 18.98 -80.22 -36.88
CA ASN R 25 19.56 -79.00 -37.44
C ASN R 25 20.68 -79.34 -38.40
N THR R 26 20.75 -78.58 -39.49
CA THR R 26 21.75 -78.78 -40.51
C THR R 26 22.63 -77.57 -40.76
N THR R 27 22.37 -76.44 -40.11
CA THR R 27 23.28 -75.31 -40.24
C THR R 27 24.62 -75.61 -39.59
N LEU R 28 24.61 -76.41 -38.53
CA LEU R 28 25.84 -76.80 -37.85
C LEU R 28 26.55 -77.87 -38.67
N VAL R 29 27.83 -77.64 -38.91
CA VAL R 29 28.68 -78.57 -39.64
C VAL R 29 29.88 -78.86 -38.75
N PRO R 30 30.55 -80.00 -38.88
CA PRO R 30 31.77 -80.23 -38.10
C PRO R 30 32.83 -79.19 -38.42
N CYS R 31 33.61 -78.84 -37.40
CA CYS R 31 34.77 -77.97 -37.61
C CYS R 31 35.79 -78.52 -38.62
N TYR R 32 35.69 -79.78 -39.04
CA TYR R 32 36.48 -80.24 -40.19
C TYR R 32 36.22 -79.35 -41.39
N LYS R 33 34.95 -79.13 -41.72
CA LYS R 33 34.54 -78.37 -42.90
C LYS R 33 33.82 -77.10 -42.43
N SER R 34 34.62 -76.09 -42.11
CA SER R 34 34.09 -74.84 -41.57
C SER R 34 35.10 -73.75 -41.82
N PRO R 35 34.86 -72.88 -42.82
CA PRO R 35 35.85 -71.85 -43.16
C PRO R 35 36.15 -70.88 -42.03
N ALA R 36 35.17 -70.59 -41.18
CA ALA R 36 35.41 -69.66 -40.09
C ALA R 36 36.24 -70.27 -38.96
N PHE R 37 36.41 -71.59 -38.94
CA PHE R 37 37.16 -72.22 -37.85
C PHE R 37 38.58 -72.60 -38.22
N VAL R 38 38.87 -72.92 -39.48
CA VAL R 38 40.26 -73.07 -39.88
C VAL R 38 41.02 -71.77 -39.69
N GLU R 39 40.32 -70.64 -39.86
CA GLU R 39 40.91 -69.35 -39.55
C GLU R 39 41.31 -69.25 -38.08
N ARG R 40 40.53 -69.87 -37.19
CA ARG R 40 40.92 -69.93 -35.78
C ARG R 40 42.22 -70.71 -35.60
N MET R 41 42.40 -71.78 -36.37
CA MET R 41 43.63 -72.55 -36.29
C MET R 41 44.82 -71.77 -36.82
N LYS R 42 44.61 -70.94 -37.86
CA LYS R 42 45.73 -70.27 -38.52
C LYS R 42 46.42 -69.28 -37.58
N ASN R 43 45.67 -68.38 -36.98
CA ASN R 43 46.25 -67.37 -36.10
C ASN R 43 46.15 -67.78 -34.64
N ALA R 44 46.75 -68.93 -34.34
CA ALA R 44 46.69 -69.52 -33.01
C ALA R 44 48.10 -69.70 -32.47
N PRO R 45 48.47 -69.04 -31.38
CA PRO R 45 49.71 -69.40 -30.67
C PRO R 45 49.55 -70.76 -30.01
N ASP R 46 50.56 -71.26 -29.31
CA ASP R 46 50.39 -72.60 -28.77
C ASP R 46 50.33 -72.59 -27.26
N SER R 47 51.51 -72.42 -26.69
CA SER R 47 51.89 -72.14 -25.31
C SER R 47 51.44 -73.17 -24.28
N TYR R 48 50.21 -73.69 -24.37
CA TYR R 48 49.81 -75.06 -24.03
C TYR R 48 48.40 -75.31 -24.60
N TYR R 49 47.71 -74.23 -24.99
CA TYR R 49 46.26 -74.09 -24.81
C TYR R 49 45.45 -74.05 -26.09
N THR R 50 46.05 -73.68 -27.21
CA THR R 50 45.28 -73.51 -28.44
C THR R 50 45.74 -74.48 -29.54
N THR R 51 46.46 -75.55 -29.18
CA THR R 51 46.71 -76.62 -30.14
C THR R 51 46.18 -77.96 -29.67
N LYS R 52 46.59 -78.40 -28.48
CA LYS R 52 46.09 -79.66 -27.95
C LYS R 52 44.57 -79.63 -27.75
N PRO R 53 43.96 -78.61 -27.12
CA PRO R 53 42.49 -78.60 -27.12
C PRO R 53 41.87 -78.36 -28.49
N LEU R 54 42.42 -77.43 -29.27
CA LEU R 54 41.76 -77.00 -30.50
C LEU R 54 41.72 -78.06 -31.59
N LYS R 55 42.63 -79.04 -31.55
CA LYS R 55 42.47 -80.18 -32.44
C LYS R 55 41.25 -80.99 -32.05
N ALA R 56 41.00 -81.12 -30.76
CA ALA R 56 39.85 -81.89 -30.27
C ALA R 56 38.52 -81.20 -30.52
N TYR R 57 38.52 -79.90 -30.81
CA TYR R 57 37.28 -79.24 -31.19
C TYR R 57 36.93 -79.45 -32.65
N SER R 58 37.80 -80.11 -33.43
CA SER R 58 37.49 -80.38 -34.82
C SER R 58 36.38 -81.41 -34.99
N GLN R 59 36.08 -82.18 -33.94
CA GLN R 59 35.05 -83.20 -34.02
C GLN R 59 33.68 -82.69 -33.57
N LEU R 60 33.56 -81.40 -33.29
CA LEU R 60 32.34 -80.85 -32.72
C LEU R 60 31.49 -80.20 -33.80
N LEU R 61 30.19 -80.12 -33.55
CA LEU R 61 29.30 -79.43 -34.47
C LEU R 61 29.55 -77.94 -34.36
N CYS R 62 29.92 -77.32 -35.47
CA CYS R 62 30.60 -76.05 -35.42
C CYS R 62 29.79 -75.08 -36.26
N GLY R 63 29.47 -73.92 -35.69
CA GLY R 63 28.51 -73.03 -36.30
C GLY R 63 29.07 -72.33 -37.53
N GLU R 64 28.30 -71.35 -38.02
CA GLU R 64 28.73 -70.53 -39.14
C GLU R 64 29.60 -69.37 -38.68
N ASP R 65 30.22 -69.49 -37.51
CA ASP R 65 31.10 -68.46 -36.96
C ASP R 65 32.39 -69.04 -36.40
N GLY R 66 32.66 -70.32 -36.62
CA GLY R 66 33.85 -70.94 -36.07
C GLY R 66 33.85 -71.07 -34.56
N LEU R 67 32.74 -71.51 -33.98
CA LEU R 67 32.63 -71.67 -32.54
C LEU R 67 32.01 -73.02 -32.25
N PRO R 68 32.69 -73.91 -31.52
CA PRO R 68 32.10 -75.22 -31.21
C PRO R 68 30.81 -75.07 -30.41
N ARG R 69 29.86 -75.95 -30.69
CA ARG R 69 28.52 -75.83 -30.15
C ARG R 69 27.98 -77.16 -29.67
N ILE R 70 26.96 -77.08 -28.83
CA ILE R 70 26.30 -78.25 -28.27
C ILE R 70 24.93 -78.34 -28.91
N ALA R 71 24.79 -79.20 -29.90
CA ALA R 71 23.50 -79.48 -30.52
C ALA R 71 23.02 -80.86 -30.10
N LEU R 72 21.72 -81.07 -30.26
CA LEU R 72 21.04 -82.30 -29.86
C LEU R 72 20.38 -82.90 -31.10
N ASP R 73 21.14 -83.68 -31.89
CA ASP R 73 20.59 -84.15 -33.14
C ASP R 73 19.77 -85.43 -33.01
N ARG R 74 20.46 -86.56 -32.92
CA ARG R 74 19.88 -87.90 -32.83
C ARG R 74 20.99 -88.78 -32.23
N LEU R 75 20.95 -90.09 -32.44
CA LEU R 75 21.99 -91.03 -31.99
C LEU R 75 23.40 -90.61 -32.34
N SER R 76 23.58 -89.71 -33.32
CA SER R 76 24.90 -89.17 -33.63
C SER R 76 25.58 -88.60 -32.40
N LEU R 77 24.85 -87.88 -31.55
CA LEU R 77 25.39 -87.37 -30.30
C LEU R 77 24.65 -87.90 -29.08
N ALA R 78 23.97 -89.04 -29.19
CA ALA R 78 23.20 -89.56 -28.06
C ALA R 78 24.07 -90.10 -26.96
N VAL R 79 25.34 -90.38 -27.24
CA VAL R 79 26.24 -90.89 -26.23
C VAL R 79 27.01 -89.72 -25.65
N ASP R 80 27.20 -88.66 -26.45
CA ASP R 80 27.93 -87.49 -25.99
C ASP R 80 27.08 -86.53 -25.19
N VAL R 81 25.75 -86.66 -25.26
CA VAL R 81 24.86 -85.89 -24.39
C VAL R 81 24.41 -86.88 -23.32
N ALA R 82 25.25 -87.88 -23.07
CA ALA R 82 25.08 -88.74 -21.91
C ALA R 82 26.35 -88.93 -21.09
N ILE R 83 27.55 -88.75 -21.65
CA ILE R 83 28.76 -88.81 -20.83
C ILE R 83 28.81 -87.71 -19.78
N PRO R 84 28.60 -86.43 -20.09
CA PRO R 84 28.60 -85.44 -19.00
C PRO R 84 27.45 -85.63 -18.03
N ILE R 85 26.27 -85.98 -18.55
CA ILE R 85 25.09 -86.12 -17.71
C ILE R 85 25.19 -87.33 -16.80
N ALA R 86 25.75 -88.44 -17.29
CA ALA R 86 25.93 -89.59 -16.40
C ALA R 86 27.05 -89.34 -15.39
N ILE R 87 28.12 -88.69 -15.81
CA ILE R 87 29.21 -88.42 -14.87
C ILE R 87 28.78 -87.43 -13.81
N PHE R 88 28.00 -86.41 -14.17
CA PHE R 88 27.58 -85.45 -13.16
C PHE R 88 26.55 -86.06 -12.22
N LEU R 89 25.46 -86.61 -12.77
CA LEU R 89 24.36 -87.07 -11.93
C LEU R 89 24.78 -88.19 -11.00
N TYR R 90 25.77 -88.98 -11.40
CA TYR R 90 26.30 -89.97 -10.48
C TYR R 90 27.02 -89.30 -9.32
N THR R 91 27.95 -88.39 -9.62
CA THR R 91 28.74 -87.80 -8.53
C THR R 91 28.00 -86.71 -7.80
N ALA R 92 26.94 -86.14 -8.37
CA ALA R 92 26.07 -85.26 -7.59
C ALA R 92 25.27 -86.07 -6.59
N GLY R 93 24.73 -87.20 -7.02
CA GLY R 93 24.09 -88.10 -6.08
C GLY R 93 25.07 -88.71 -5.10
N PHE R 94 26.31 -88.94 -5.53
CA PHE R 94 27.34 -89.46 -4.62
C PHE R 94 27.59 -88.49 -3.48
N ILE R 95 27.71 -87.21 -3.79
CA ILE R 95 27.83 -86.19 -2.74
C ILE R 95 26.55 -86.13 -1.92
N GLY R 96 25.40 -86.17 -2.59
CA GLY R 96 24.14 -86.11 -1.88
C GLY R 96 23.88 -87.33 -1.03
N TRP R 97 24.22 -88.51 -1.53
CA TRP R 97 23.95 -89.73 -0.76
C TRP R 97 24.86 -89.83 0.46
N SER R 98 26.16 -89.61 0.27
CA SER R 98 27.07 -89.66 1.41
C SER R 98 26.72 -88.60 2.44
N GLY R 99 26.37 -87.40 1.98
CA GLY R 99 25.92 -86.37 2.88
C GLY R 99 24.62 -86.71 3.57
N ARG R 100 23.70 -87.36 2.86
CA ARG R 100 22.44 -87.77 3.46
C ARG R 100 22.63 -88.91 4.45
N SER R 101 23.33 -89.96 4.01
CA SER R 101 23.50 -91.15 4.84
C SER R 101 24.36 -90.87 6.06
N TYR R 102 25.20 -89.84 6.01
CA TYR R 102 25.94 -89.45 7.21
C TYR R 102 25.04 -88.73 8.19
N LEU R 103 24.01 -88.04 7.71
CA LEU R 103 23.09 -87.36 8.60
C LEU R 103 22.26 -88.36 9.40
N GLN R 104 21.69 -89.38 8.74
CA GLN R 104 20.93 -90.36 9.51
C GLN R 104 21.86 -91.23 10.35
N ALA R 105 23.12 -91.35 9.95
CA ALA R 105 24.09 -92.10 10.74
C ALA R 105 24.33 -91.48 12.10
N ILE R 106 24.09 -90.17 12.24
CA ILE R 106 24.30 -89.49 13.50
C ILE R 106 23.01 -89.10 14.19
N LYS R 107 21.89 -89.03 13.47
CA LYS R 107 20.59 -88.88 14.14
C LYS R 107 20.30 -90.08 15.01
N LYS R 108 20.60 -91.29 14.52
CA LYS R 108 20.37 -92.48 15.32
C LYS R 108 21.33 -92.56 16.50
N GLN R 109 22.52 -91.99 16.36
CA GLN R 109 23.48 -91.98 17.47
C GLN R 109 23.07 -91.06 18.61
N ASP R 110 22.03 -90.23 18.40
CA ASP R 110 21.52 -89.28 19.38
C ASP R 110 22.57 -88.23 19.75
N LYS R 111 23.59 -88.08 18.91
CA LYS R 111 24.67 -87.11 19.09
C LYS R 111 24.74 -86.11 17.96
N ALA R 112 23.69 -86.03 17.13
CA ALA R 112 23.73 -85.26 15.89
C ALA R 112 23.87 -83.77 16.11
N GLU R 113 23.66 -83.29 17.34
CA GLU R 113 23.76 -81.86 17.59
C GLU R 113 25.18 -81.37 17.41
N GLU R 114 26.13 -82.07 18.03
CA GLU R 114 27.54 -81.76 17.90
C GLU R 114 28.25 -82.68 16.93
N LYS R 115 27.59 -83.72 16.45
CA LYS R 115 28.22 -84.58 15.45
C LYS R 115 28.37 -83.87 14.11
N GLU R 116 27.66 -82.75 13.93
CA GLU R 116 27.64 -82.00 12.69
C GLU R 116 28.68 -80.89 12.67
N VAL R 117 28.90 -80.26 13.82
CA VAL R 117 29.89 -79.21 13.94
C VAL R 117 31.29 -79.81 13.96
N PHE R 118 31.42 -81.05 14.42
CA PHE R 118 32.70 -81.75 14.47
C PHE R 118 32.54 -83.02 13.65
N ILE R 119 32.99 -82.97 12.39
CA ILE R 119 32.73 -84.06 11.46
C ILE R 119 33.47 -85.31 11.91
N ASP R 120 32.74 -86.41 12.04
CA ASP R 120 33.32 -87.70 12.39
C ASP R 120 33.82 -88.34 11.10
N VAL R 121 35.04 -87.96 10.71
CA VAL R 121 35.61 -88.38 9.43
C VAL R 121 35.76 -89.89 9.23
N PRO R 122 35.98 -90.76 10.23
CA PRO R 122 35.86 -92.19 9.91
C PRO R 122 34.44 -92.61 9.59
N LEU R 123 33.44 -92.02 10.24
CA LEU R 123 32.06 -92.33 9.89
C LEU R 123 31.69 -91.74 8.55
N PHE R 124 32.16 -90.53 8.26
CA PHE R 124 31.83 -89.88 7.00
C PHE R 124 32.45 -90.61 5.82
N ILE R 125 33.68 -91.11 5.96
CA ILE R 125 34.30 -91.89 4.90
C ILE R 125 33.54 -93.20 4.69
N SER R 126 33.15 -93.86 5.78
CA SER R 126 32.37 -95.08 5.65
C SER R 126 30.99 -94.82 5.05
N CYS R 127 30.49 -93.59 5.17
CA CYS R 127 29.27 -93.22 4.46
C CYS R 127 29.53 -92.84 3.02
N MET R 128 30.77 -92.54 2.65
CA MET R 128 31.08 -92.31 1.25
C MET R 128 31.20 -93.61 0.48
N VAL R 129 31.79 -94.64 1.08
CA VAL R 129 31.90 -95.93 0.39
C VAL R 129 30.56 -96.60 0.24
N MET R 130 29.57 -96.24 1.07
CA MET R 130 28.21 -96.67 0.81
C MET R 130 27.62 -95.92 -0.38
N ALA R 131 28.15 -94.74 -0.69
CA ALA R 131 27.60 -93.89 -1.74
C ALA R 131 28.23 -94.13 -3.10
N LEU R 132 29.22 -95.02 -3.22
CA LEU R 132 29.69 -95.41 -4.55
C LEU R 132 28.59 -96.08 -5.35
N PHE R 133 27.95 -97.08 -4.77
CA PHE R 133 26.82 -97.73 -5.42
C PHE R 133 25.51 -97.17 -4.88
N TRP R 134 25.38 -95.86 -4.99
CA TRP R 134 24.16 -95.19 -4.56
C TRP R 134 22.97 -95.37 -5.50
N PRO R 135 23.11 -95.48 -6.84
CA PRO R 135 21.89 -95.65 -7.65
C PRO R 135 21.10 -96.90 -7.30
N MET R 136 21.80 -98.01 -7.00
CA MET R 136 21.10 -99.20 -6.53
C MET R 136 20.73 -99.11 -5.06
N ALA R 137 21.33 -98.19 -4.31
CA ALA R 137 20.92 -97.99 -2.93
C ALA R 137 19.60 -97.24 -2.84
N VAL R 138 19.39 -96.25 -3.70
CA VAL R 138 18.17 -95.45 -3.65
C VAL R 138 16.96 -96.27 -4.04
N ILE R 139 17.13 -97.23 -4.95
CA ILE R 139 16.03 -98.10 -5.36
C ILE R 139 15.50 -98.89 -4.17
N LYS R 140 16.40 -99.52 -3.42
CA LYS R 140 15.96 -100.25 -2.24
C LYS R 140 15.68 -99.34 -1.05
N GLU R 141 16.04 -98.06 -1.11
CA GLU R 141 15.42 -97.09 -0.22
C GLU R 141 13.96 -96.89 -0.60
N LEU R 142 13.70 -96.71 -1.89
CA LEU R 142 12.35 -96.46 -2.37
C LEU R 142 11.47 -97.70 -2.25
N LEU R 143 11.98 -98.86 -2.67
CA LEU R 143 11.18 -100.08 -2.67
C LEU R 143 10.88 -100.57 -1.27
N ALA R 144 11.67 -100.16 -0.27
CA ALA R 144 11.37 -100.45 1.12
C ALA R 144 10.46 -99.41 1.75
N GLY R 145 10.06 -98.39 0.98
CA GLY R 145 9.30 -97.28 1.52
C GLY R 145 10.02 -96.53 2.61
N GLU R 146 11.31 -96.31 2.45
CA GLU R 146 12.13 -95.77 3.52
C GLU R 146 12.87 -94.48 3.14
N LEU R 147 12.98 -94.16 1.86
CA LEU R 147 13.64 -92.93 1.45
C LEU R 147 12.87 -91.70 1.90
N VAL R 148 11.56 -91.70 1.71
CA VAL R 148 10.74 -90.50 1.83
C VAL R 148 9.92 -90.59 3.11
N ALA R 149 9.97 -89.54 3.91
CA ALA R 149 9.20 -89.50 5.14
C ALA R 149 7.71 -89.34 4.83
N LYS R 150 6.88 -90.01 5.62
CA LYS R 150 5.44 -89.89 5.46
C LYS R 150 4.98 -88.50 5.88
N ASP R 151 3.82 -88.10 5.35
CA ASP R 151 3.44 -86.69 5.35
C ASP R 151 3.16 -86.14 6.74
N GLU R 152 2.58 -86.92 7.66
CA GLU R 152 2.32 -86.49 9.03
C GLU R 152 3.46 -86.85 9.98
N GLU R 153 4.67 -87.06 9.44
CA GLU R 153 5.93 -87.11 10.18
C GLU R 153 6.59 -85.76 10.23
N ILE R 154 6.17 -84.84 9.39
CA ILE R 154 6.99 -83.70 9.01
C ILE R 154 6.42 -82.47 9.69
N PRO R 155 7.22 -81.72 10.41
CA PRO R 155 6.77 -80.44 10.95
C PRO R 155 6.37 -79.50 9.83
N ILE R 156 5.18 -78.93 9.94
CA ILE R 156 4.65 -78.00 8.97
C ILE R 156 4.06 -76.81 9.71
N SER R 157 3.44 -75.91 8.95
CA SER R 157 2.80 -74.72 9.49
C SER R 157 1.30 -74.90 9.46
N VAL R 158 0.57 -73.88 9.92
CA VAL R 158 -0.87 -73.95 9.91
C VAL R 158 -1.40 -73.76 8.49
N ARG R 159 -2.12 -74.77 8.00
CA ARG R 159 -2.53 -74.82 6.60
C ARG R 159 -3.57 -75.90 6.39
N MET S 5 15.05 -21.19 -34.38
CA MET S 5 14.44 -19.90 -34.09
C MET S 5 14.89 -19.52 -32.67
N THR S 6 14.62 -18.29 -32.24
CA THR S 6 15.03 -17.83 -30.92
C THR S 6 13.85 -17.50 -30.02
N GLN S 7 12.66 -18.05 -30.31
CA GLN S 7 11.48 -17.79 -29.51
C GLN S 7 10.59 -19.02 -29.52
N LEU S 8 9.71 -19.09 -28.53
CA LEU S 8 8.63 -20.05 -28.56
C LEU S 8 7.48 -19.47 -29.36
N THR S 9 7.14 -20.12 -30.46
CA THR S 9 6.04 -19.69 -31.29
C THR S 9 5.07 -20.85 -31.47
N GLY S 10 4.06 -20.64 -32.29
CA GLY S 10 3.20 -21.73 -32.70
C GLY S 10 2.67 -21.56 -34.10
N ASP S 11 2.93 -22.54 -34.96
CA ASP S 11 2.27 -22.59 -36.25
C ASP S 11 0.83 -23.06 -36.15
N TYR S 12 0.51 -23.80 -35.09
CA TYR S 12 -0.83 -24.28 -34.87
C TYR S 12 -1.78 -23.14 -34.51
N ALA S 13 -3.07 -23.43 -34.67
CA ALA S 13 -4.10 -22.42 -34.46
C ALA S 13 -4.25 -22.12 -32.98
N ALA S 14 -4.63 -20.88 -32.68
CA ALA S 14 -4.70 -20.36 -31.32
C ALA S 14 -3.38 -20.58 -30.60
N SER S 15 -2.29 -20.16 -31.25
CA SER S 15 -0.95 -20.30 -30.69
C SER S 15 -0.72 -19.42 -29.47
N TRP S 16 -1.60 -18.47 -29.20
CA TRP S 16 -1.53 -17.67 -27.99
C TRP S 16 -1.96 -18.44 -26.75
N LEU S 17 -2.54 -19.60 -26.92
CA LEU S 17 -3.17 -20.33 -25.83
C LEU S 17 -2.17 -21.08 -24.98
N PRO S 18 -1.14 -21.74 -25.53
CA PRO S 18 -0.05 -22.21 -24.66
C PRO S 18 0.67 -21.10 -23.94
N TRP S 19 0.70 -19.90 -24.52
CA TRP S 19 1.41 -18.77 -23.92
C TRP S 19 0.86 -18.44 -22.54
N ILE S 20 -0.43 -18.67 -22.31
CA ILE S 20 -1.06 -18.31 -21.06
C ILE S 20 -1.38 -19.53 -20.20
N MET S 21 -1.57 -20.70 -20.80
CA MET S 21 -2.03 -21.81 -19.98
C MET S 21 -0.88 -22.61 -19.41
N ILE S 22 0.28 -22.60 -20.04
CA ILE S 22 1.45 -23.22 -19.43
C ILE S 22 1.82 -22.46 -18.16
N PRO S 23 1.86 -21.13 -18.12
CA PRO S 23 1.94 -20.46 -16.82
C PRO S 23 0.78 -20.73 -15.90
N LEU S 24 -0.43 -20.92 -16.42
CA LEU S 24 -1.59 -21.06 -15.56
C LEU S 24 -1.54 -22.37 -14.79
N VAL S 25 -1.59 -23.49 -15.50
CA VAL S 25 -1.72 -24.77 -14.83
C VAL S 25 -0.45 -25.22 -14.12
N PHE S 26 0.66 -24.52 -14.32
CA PHE S 26 1.92 -25.01 -13.81
C PHE S 26 2.55 -24.14 -12.73
N TYR S 27 2.43 -22.82 -12.79
CA TYR S 27 2.96 -22.06 -11.66
C TYR S 27 2.09 -20.90 -11.21
N ILE S 28 0.87 -20.75 -11.69
CA ILE S 28 -0.04 -19.72 -11.21
C ILE S 28 -1.24 -20.33 -10.49
N LEU S 29 -1.85 -21.33 -11.08
CA LEU S 29 -2.95 -22.03 -10.44
C LEU S 29 -2.58 -23.04 -9.35
N PRO S 30 -1.48 -23.80 -9.42
CA PRO S 30 -1.26 -24.82 -8.38
C PRO S 30 -1.17 -24.31 -6.96
N PHE S 31 -0.63 -23.12 -6.73
CA PHE S 31 -0.52 -22.69 -5.34
C PHE S 31 -1.90 -22.32 -4.78
N PRO S 32 -2.79 -21.67 -5.53
CA PRO S 32 -4.20 -21.70 -5.11
C PRO S 32 -4.77 -23.09 -4.99
N VAL S 33 -4.42 -24.01 -5.89
CA VAL S 33 -4.97 -25.36 -5.79
C VAL S 33 -4.39 -26.08 -4.59
N PHE S 34 -3.09 -25.96 -4.35
CA PHE S 34 -2.51 -26.58 -3.17
C PHE S 34 -2.97 -25.92 -1.88
N ALA S 35 -3.51 -24.71 -1.95
CA ALA S 35 -4.08 -24.09 -0.76
C ALA S 35 -5.48 -24.58 -0.49
N ILE S 36 -6.31 -24.66 -1.54
CA ILE S 36 -7.64 -25.22 -1.41
C ILE S 36 -7.56 -26.68 -0.98
N LEU S 37 -6.66 -27.43 -1.59
CA LEU S 37 -6.50 -28.84 -1.27
C LEU S 37 -5.86 -29.04 0.09
N PHE S 38 -5.25 -27.99 0.64
CA PHE S 38 -4.73 -28.01 2.01
C PHE S 38 -5.83 -27.72 3.01
N LEU S 39 -6.72 -26.78 2.71
CA LEU S 39 -7.81 -26.46 3.61
C LEU S 39 -8.77 -27.62 3.77
N TRP S 40 -8.78 -28.55 2.81
CA TRP S 40 -9.68 -29.68 2.87
C TRP S 40 -9.13 -30.81 3.71
N ILE S 41 -7.81 -31.00 3.72
CA ILE S 41 -7.23 -32.09 4.48
C ILE S 41 -6.98 -31.72 5.94
N GLN S 42 -7.21 -30.48 6.33
CA GLN S 42 -6.94 -30.05 7.70
C GLN S 42 -8.09 -29.25 8.26
N LYS S 43 -9.30 -29.78 8.17
CA LYS S 43 -10.48 -29.12 8.72
C LYS S 43 -10.99 -29.93 9.90
N GLU S 44 -11.32 -29.26 11.01
CA GLU S 44 -11.93 -29.90 12.15
C GLU S 44 -13.22 -30.62 11.79
N ALA S 45 -13.40 -31.80 12.36
CA ALA S 45 -14.70 -32.45 12.41
C ALA S 45 -15.32 -32.06 13.75
N SER S 46 -16.11 -31.00 13.73
CA SER S 46 -16.75 -30.51 14.95
C SER S 46 -18.24 -30.83 14.95
N GLU T 2 48.53 -80.90 23.99
CA GLU T 2 48.15 -82.32 24.01
C GLU T 2 47.49 -82.69 22.68
N ALA T 3 47.88 -83.84 22.13
CA ALA T 3 47.54 -84.21 20.76
C ALA T 3 46.31 -85.10 20.67
N ARG T 4 45.33 -84.91 21.54
CA ARG T 4 44.00 -85.48 21.38
C ARG T 4 42.94 -84.43 21.07
N TYR T 5 43.02 -83.27 21.71
CA TYR T 5 42.11 -82.17 21.39
C TYR T 5 42.46 -81.53 20.07
N LEU T 6 43.72 -81.58 19.66
CA LEU T 6 44.13 -80.97 18.40
C LEU T 6 43.53 -81.70 17.21
N PHE T 7 43.66 -83.03 17.18
CA PHE T 7 43.16 -83.79 16.04
C PHE T 7 41.64 -83.75 15.94
N ARG T 8 40.94 -83.49 17.04
CA ARG T 8 39.50 -83.25 16.95
C ARG T 8 39.22 -81.88 16.35
N TYR T 9 40.05 -80.89 16.69
CA TYR T 9 39.91 -79.57 16.07
C TYR T 9 40.17 -79.63 14.58
N LEU T 10 41.19 -80.38 14.16
CA LEU T 10 41.53 -80.46 12.74
C LEU T 10 40.36 -80.98 11.93
N SER T 11 39.62 -81.93 12.46
CA SER T 11 38.39 -82.34 11.80
C SER T 11 37.17 -81.65 12.39
N SER T 12 37.12 -80.33 12.56
CA SER T 12 35.89 -79.90 13.22
C SER T 12 34.76 -79.59 12.26
N ALA T 13 34.52 -78.30 11.95
CA ALA T 13 33.65 -77.93 10.83
C ALA T 13 34.39 -77.32 9.64
N PRO T 14 35.15 -76.21 9.82
CA PRO T 14 35.63 -75.49 8.63
C PRO T 14 36.91 -76.09 8.09
N VAL T 15 37.71 -76.69 8.96
CA VAL T 15 38.96 -77.27 8.50
C VAL T 15 38.70 -78.48 7.62
N VAL T 16 37.68 -79.28 7.94
CA VAL T 16 37.24 -80.31 7.00
C VAL T 16 36.76 -79.65 5.71
N ALA T 17 35.98 -78.59 5.82
CA ALA T 17 35.47 -77.93 4.63
C ALA T 17 36.58 -77.24 3.84
N THR T 18 37.45 -76.50 4.53
CA THR T 18 38.53 -75.82 3.83
C THR T 18 39.49 -76.81 3.19
N LEU T 19 39.87 -77.86 3.93
CA LEU T 19 40.73 -78.89 3.34
C LEU T 19 40.05 -79.57 2.17
N ALA T 20 38.73 -79.83 2.28
CA ALA T 20 37.99 -80.41 1.18
C ALA T 20 38.12 -79.57 -0.08
N LEU T 21 37.95 -78.27 0.05
CA LEU T 21 38.15 -77.38 -1.10
C LEU T 21 39.61 -77.33 -1.53
N ILE T 22 40.54 -77.46 -0.59
CA ILE T 22 41.94 -77.61 -0.98
C ILE T 22 42.16 -78.98 -1.61
N ILE T 23 41.60 -80.03 -1.01
CA ILE T 23 41.66 -81.36 -1.63
C ILE T 23 40.85 -81.39 -2.92
N ILE T 24 39.82 -80.55 -3.04
CA ILE T 24 39.13 -80.50 -4.33
C ILE T 24 39.97 -79.51 -5.12
N SER T 25 41.08 -80.02 -5.65
CA SER T 25 41.99 -79.29 -6.52
C SER T 25 42.38 -80.22 -7.66
N VAL T 26 41.60 -81.29 -7.86
CA VAL T 26 41.73 -82.08 -9.06
C VAL T 26 41.48 -81.21 -10.28
N ILE T 27 40.62 -80.20 -10.16
CA ILE T 27 40.30 -79.31 -11.28
C ILE T 27 41.52 -78.46 -11.63
N LEU T 28 42.56 -78.54 -10.82
CA LEU T 28 43.86 -77.97 -11.14
C LEU T 28 44.84 -78.99 -11.69
N ILE T 29 44.88 -80.21 -11.14
CA ILE T 29 45.73 -81.23 -11.75
C ILE T 29 45.07 -81.84 -12.97
N VAL T 30 43.80 -82.27 -12.85
CA VAL T 30 43.13 -82.96 -13.95
C VAL T 30 43.03 -82.03 -15.16
N LEU T 31 42.90 -80.73 -14.93
CA LEU T 31 42.78 -79.82 -16.06
C LEU T 31 44.15 -79.21 -16.42
N ASN T 32 45.23 -79.70 -15.83
CA ASN T 32 46.56 -79.27 -16.26
C ASN T 32 47.17 -80.20 -17.29
N TYR T 33 46.90 -81.51 -17.24
CA TYR T 33 47.48 -82.44 -18.18
C TYR T 33 46.51 -83.17 -19.09
N LEU T 34 45.19 -83.05 -18.86
CA LEU T 34 44.23 -83.47 -19.88
C LEU T 34 43.91 -82.33 -20.83
N PHE T 35 44.99 -81.76 -21.43
CA PHE T 35 44.98 -80.74 -22.47
C PHE T 35 43.93 -79.67 -22.20
N PRO T 36 44.23 -78.73 -21.27
CA PRO T 36 43.21 -78.07 -20.44
C PRO T 36 41.83 -77.86 -21.03
N GLY T 37 41.76 -77.42 -22.29
CA GLY T 37 40.49 -77.32 -22.98
C GLY T 37 39.76 -78.64 -23.05
N LEU T 38 38.67 -78.75 -22.31
CA LEU T 38 37.90 -79.98 -22.20
C LEU T 38 36.42 -79.61 -22.26
N GLN T 39 35.89 -79.48 -23.47
CA GLN T 39 34.50 -79.10 -23.63
C GLN T 39 33.69 -80.37 -23.89
N TYR T 40 32.36 -80.24 -23.83
CA TYR T 40 31.49 -81.39 -23.64
C TYR T 40 31.60 -82.41 -24.77
N GLY T 41 31.78 -81.95 -25.99
CA GLY T 41 31.92 -82.95 -27.05
C GLY T 41 33.29 -83.56 -27.18
N THR T 42 34.27 -83.11 -26.40
CA THR T 42 35.65 -83.52 -26.60
C THR T 42 36.01 -84.74 -25.76
N PHE T 43 35.85 -84.64 -24.44
CA PHE T 43 36.29 -85.70 -23.56
C PHE T 43 35.44 -86.96 -23.72
N PHE T 44 36.09 -88.11 -23.54
CA PHE T 44 35.44 -89.40 -23.71
C PHE T 44 35.36 -90.14 -22.38
N UNK U 1 85.61 -24.00 17.19
CA UNK U 1 84.85 -23.70 18.39
C UNK U 1 85.41 -22.47 19.09
N UNK U 2 86.49 -22.67 19.86
CA UNK U 2 87.19 -21.60 20.59
C UNK U 2 86.28 -20.81 21.51
N UNK U 3 85.50 -19.90 20.94
CA UNK U 3 84.53 -19.14 21.70
C UNK U 3 83.29 -19.99 21.96
N UNK U 4 82.15 -19.57 21.41
CA UNK U 4 80.86 -20.23 21.58
C UNK U 4 80.57 -20.46 23.06
N UNK U 5 80.96 -21.63 23.55
CA UNK U 5 80.92 -21.98 24.97
C UNK U 5 79.54 -21.76 25.58
N UNK U 6 78.58 -22.57 25.16
CA UNK U 6 77.20 -22.45 25.61
C UNK U 6 76.99 -23.06 26.99
N UNK U 7 77.90 -22.79 27.92
CA UNK U 7 77.77 -23.24 29.30
C UNK U 7 77.11 -22.13 30.11
N UNK U 8 76.92 -20.99 29.48
CA UNK U 8 76.23 -19.88 30.10
C UNK U 8 74.72 -20.09 30.04
N UNK U 9 74.28 -20.76 28.98
CA UNK U 9 72.87 -21.06 28.81
C UNK U 9 72.43 -22.13 29.80
N UNK U 10 73.31 -23.10 30.04
CA UNK U 10 73.03 -24.16 31.00
C UNK U 10 73.06 -23.61 32.42
N UNK U 11 73.95 -22.65 32.65
CA UNK U 11 74.07 -22.00 33.96
C UNK U 11 72.86 -21.11 34.22
N UNK U 12 72.25 -20.62 33.14
CA UNK U 12 71.03 -19.82 33.25
C UNK U 12 69.82 -20.73 33.30
N UNK U 13 70.05 -22.03 33.19
CA UNK U 13 68.99 -23.01 33.28
C UNK U 13 69.00 -23.65 34.66
N UNK U 14 70.18 -24.07 35.11
CA UNK U 14 70.32 -24.72 36.40
C UNK U 14 69.96 -23.78 37.56
N UNK U 15 70.13 -22.49 37.33
CA UNK U 15 69.81 -21.49 38.34
C UNK U 15 68.40 -20.94 38.15
N UNK U 16 67.66 -21.50 37.20
CA UNK U 16 66.30 -21.03 36.93
C UNK U 16 65.31 -22.17 36.81
N UNK U 17 65.71 -23.25 36.14
CA UNK U 17 64.81 -24.39 35.92
C UNK U 17 64.88 -25.38 37.07
N UNK U 18 65.53 -24.98 38.15
CA UNK U 18 65.52 -25.75 39.39
C UNK U 18 64.39 -25.24 40.28
N UNK U 19 63.55 -24.40 39.70
CA UNK U 19 62.34 -23.93 40.35
C UNK U 19 61.11 -24.41 39.57
N UNK U 20 61.13 -25.69 39.21
CA UNK U 20 60.05 -26.30 38.43
C UNK U 20 58.87 -26.63 39.34
N UNK U 21 58.57 -27.92 39.46
CA UNK U 21 57.51 -28.36 40.37
C UNK U 21 58.07 -29.32 41.41
N UNK U 22 58.41 -30.52 40.98
CA UNK U 22 58.97 -31.51 41.89
C UNK U 22 60.40 -31.15 42.27
N UNK U 23 61.23 -30.90 41.25
CA UNK U 23 62.62 -30.49 41.42
C UNK U 23 63.41 -31.45 42.29
N UNK U 24 63.13 -32.75 42.14
CA UNK U 24 63.79 -33.77 42.94
C UNK U 24 63.83 -35.09 42.19
N UNK U 25 63.64 -36.18 42.91
CA UNK U 25 63.59 -37.50 42.31
C UNK U 25 62.20 -38.09 42.45
N VAL U 26 69.15 -34.16 36.85
CA VAL U 26 69.14 -32.76 36.44
C VAL U 26 68.82 -32.64 34.95
N ALA U 27 67.67 -32.05 34.63
CA ALA U 27 67.25 -31.82 33.26
C ALA U 27 67.49 -30.40 32.77
N ALA U 28 67.89 -29.49 33.67
CA ALA U 28 68.28 -28.15 33.24
C ALA U 28 69.57 -28.19 32.42
N MET U 29 70.44 -29.16 32.68
CA MET U 29 71.64 -29.32 31.88
C MET U 29 71.33 -30.02 30.56
N ALA U 30 70.20 -30.74 30.50
CA ALA U 30 69.61 -31.17 29.23
C ALA U 30 68.91 -30.00 28.53
N PHE U 31 68.14 -29.22 29.28
CA PHE U 31 67.44 -28.08 28.67
C PHE U 31 68.42 -27.00 28.24
N GLY U 32 69.49 -26.79 29.02
CA GLY U 32 70.46 -25.78 28.68
C GLY U 32 71.14 -26.03 27.35
N HIS U 33 71.20 -27.29 26.92
CA HIS U 33 71.66 -27.58 25.57
C HIS U 33 70.60 -27.25 24.54
N VAL U 34 69.33 -27.55 24.83
CA VAL U 34 68.25 -27.27 23.89
C VAL U 34 68.14 -25.76 23.65
N ILE U 35 68.22 -24.98 24.73
CA ILE U 35 68.28 -23.54 24.59
C ILE U 35 69.64 -23.12 24.03
N GLY U 36 70.72 -23.72 24.53
CA GLY U 36 72.04 -23.29 24.13
C GLY U 36 72.34 -23.55 22.66
N VAL U 37 72.04 -24.74 22.17
CA VAL U 37 72.31 -25.07 20.77
C VAL U 37 71.43 -24.25 19.85
N ALA U 38 70.17 -24.05 20.23
CA ALA U 38 69.26 -23.27 19.39
C ALA U 38 69.73 -21.83 19.23
N ILE U 39 70.21 -21.21 20.32
CA ILE U 39 70.63 -19.83 20.26
C ILE U 39 71.93 -19.68 19.47
N VAL U 40 72.91 -20.54 19.72
CA VAL U 40 74.19 -20.40 19.04
C VAL U 40 74.05 -20.72 17.56
N LEU U 41 73.18 -21.66 17.20
CA LEU U 41 72.87 -21.89 15.80
C LEU U 41 71.91 -20.85 15.26
N GLY U 42 71.20 -20.13 16.14
CA GLY U 42 70.28 -19.08 15.79
C GLY U 42 70.88 -17.70 15.72
N LEU U 43 72.20 -17.57 15.86
CA LEU U 43 72.86 -16.29 15.71
C LEU U 43 74.12 -16.35 14.86
N THR U 44 74.49 -17.51 14.33
CA THR U 44 75.72 -17.66 13.57
C THR U 44 75.62 -16.97 12.22
N ASN V 10 27.75 -19.25 38.92
CA ASN V 10 29.05 -19.71 38.43
C ASN V 10 29.04 -19.94 36.92
N ASP V 11 28.47 -21.07 36.51
CA ASP V 11 28.44 -21.44 35.10
C ASP V 11 27.56 -20.49 34.30
N ILE V 12 28.00 -20.20 33.07
CA ILE V 12 27.27 -19.23 32.23
C ILE V 12 26.11 -19.86 31.50
N ILE V 13 26.03 -21.18 31.45
CA ILE V 13 24.96 -21.89 30.77
C ILE V 13 24.03 -22.42 31.86
N LYS V 14 22.89 -21.77 32.04
CA LYS V 14 21.95 -22.16 33.07
C LYS V 14 20.85 -23.02 32.50
N PRO V 15 20.07 -23.70 33.35
CA PRO V 15 18.79 -24.24 32.88
C PRO V 15 17.87 -23.12 32.42
N PHE V 16 17.03 -23.44 31.44
CA PHE V 16 16.24 -22.43 30.75
C PHE V 16 15.16 -21.88 31.66
N LYS V 17 15.23 -20.58 31.94
CA LYS V 17 14.51 -19.86 33.02
C LYS V 17 14.45 -20.64 34.33
N GLY V 18 15.55 -21.27 34.72
CA GLY V 18 15.66 -21.88 36.02
C GLY V 18 14.94 -23.20 36.19
N ASP V 19 14.33 -23.73 35.13
CA ASP V 19 13.67 -25.03 35.21
C ASP V 19 14.57 -26.05 34.53
N PRO V 20 15.20 -26.96 35.27
CA PRO V 20 16.09 -27.94 34.63
C PRO V 20 15.37 -28.92 33.72
N CYS V 21 14.07 -29.08 33.86
CA CYS V 21 13.35 -30.06 33.08
C CYS V 21 12.94 -29.56 31.70
N LEU V 22 13.08 -28.26 31.43
CA LEU V 22 12.72 -27.73 30.13
C LEU V 22 13.76 -28.09 29.09
N GLY V 23 13.31 -28.37 27.87
CA GLY V 23 14.19 -28.80 26.82
C GLY V 23 14.91 -27.66 26.14
N ASN V 24 15.62 -26.84 26.90
CA ASN V 24 16.40 -25.75 26.38
C ASN V 24 17.42 -25.33 27.42
N LEU V 25 18.32 -24.44 27.02
CA LEU V 25 19.37 -23.93 27.87
C LEU V 25 19.41 -22.42 27.80
N SER V 26 19.77 -21.80 28.92
CA SER V 26 19.98 -20.36 28.97
C SER V 26 21.41 -20.11 28.53
N THR V 27 21.57 -19.70 27.30
CA THR V 27 22.85 -19.61 26.64
C THR V 27 23.10 -18.18 26.17
N PRO V 28 24.37 -17.74 26.05
CA PRO V 28 24.66 -16.41 25.50
C PRO V 28 24.01 -16.05 24.16
N ILE V 29 23.45 -17.02 23.45
CA ILE V 29 22.84 -16.69 22.17
C ILE V 29 21.35 -16.39 22.33
N ASN V 30 20.64 -17.11 23.19
CA ASN V 30 19.23 -16.84 23.37
C ASN V 30 18.91 -16.02 24.61
N ASP V 31 19.79 -15.98 25.61
CA ASP V 31 19.51 -15.32 26.87
C ASP V 31 20.64 -14.38 27.26
N SER V 32 21.05 -13.57 26.37
CA SER V 32 22.03 -12.54 26.63
C SER V 32 21.36 -11.18 26.70
N PRO V 33 21.91 -10.24 27.47
CA PRO V 33 21.34 -8.88 27.47
C PRO V 33 21.32 -8.24 26.09
N LEU V 34 22.33 -8.46 25.27
CA LEU V 34 22.30 -7.93 23.92
C LEU V 34 21.39 -8.75 23.01
N ALA V 35 21.45 -10.07 23.12
CA ALA V 35 20.70 -10.91 22.19
C ALA V 35 19.20 -10.86 22.48
N LYS V 36 18.81 -10.84 23.75
CA LYS V 36 17.41 -10.63 24.07
C LYS V 36 16.94 -9.26 23.63
N ALA V 37 17.79 -8.24 23.78
CA ALA V 37 17.38 -6.89 23.37
C ALA V 37 17.21 -6.77 21.87
N PHE V 38 17.96 -7.54 21.10
CA PHE V 38 17.82 -7.45 19.64
C PHE V 38 16.60 -8.23 19.17
N ILE V 39 16.46 -9.48 19.61
CA ILE V 39 15.37 -10.31 19.13
C ILE V 39 14.03 -9.82 19.65
N ASN V 40 13.96 -9.42 20.90
CA ASN V 40 12.68 -8.99 21.45
C ASN V 40 12.29 -7.60 21.03
N ASN V 41 13.06 -6.95 20.17
CA ASN V 41 12.66 -5.71 19.55
C ASN V 41 12.58 -5.81 18.05
N LEU V 42 12.79 -7.00 17.49
CA LEU V 42 12.41 -7.24 16.11
C LEU V 42 10.90 -7.11 16.00
N PRO V 43 10.38 -6.72 14.84
CA PRO V 43 8.94 -6.47 14.72
C PRO V 43 8.08 -7.66 15.03
N ALA V 44 8.61 -8.88 14.94
CA ALA V 44 7.86 -10.05 15.35
C ALA V 44 7.59 -10.03 16.83
N TYR V 45 8.47 -9.44 17.62
CA TYR V 45 8.40 -9.53 19.07
C TYR V 45 8.31 -8.21 19.78
N ARG V 46 8.37 -7.09 19.08
CA ARG V 46 8.39 -5.80 19.75
C ARG V 46 7.12 -5.62 20.55
N LYS V 47 7.26 -5.33 21.84
CA LYS V 47 6.09 -5.00 22.64
C LYS V 47 5.51 -3.69 22.18
N GLY V 48 4.21 -3.69 21.97
CA GLY V 48 3.46 -2.50 21.66
C GLY V 48 3.13 -2.28 20.21
N LEU V 49 3.02 -3.34 19.43
CA LEU V 49 2.74 -3.22 18.01
C LEU V 49 1.44 -3.92 17.74
N THR V 50 0.59 -3.30 16.94
CA THR V 50 -0.52 -4.02 16.37
C THR V 50 0.04 -5.07 15.42
N PRO V 51 -0.66 -6.17 15.20
CA PRO V 51 -0.17 -7.15 14.22
C PRO V 51 -0.01 -6.60 12.83
N PHE V 52 -0.72 -5.53 12.46
CA PHE V 52 -0.48 -4.92 11.16
C PHE V 52 0.91 -4.33 11.08
N MET V 53 1.33 -3.59 12.10
CA MET V 53 2.67 -3.03 12.12
C MET V 53 3.74 -4.07 12.34
N ARG V 54 3.39 -5.22 12.89
CA ARG V 54 4.36 -6.30 12.91
C ARG V 54 4.63 -6.76 11.50
N GLY V 55 3.57 -7.06 10.75
CA GLY V 55 3.71 -7.56 9.41
C GLY V 55 4.19 -6.51 8.43
N LEU V 56 3.78 -5.27 8.63
CA LEU V 56 4.20 -4.21 7.72
C LEU V 56 5.71 -4.02 7.76
N GLU V 57 6.28 -4.05 8.95
CA GLU V 57 7.73 -3.88 9.07
C GLU V 57 8.49 -5.13 8.67
N ILE V 58 7.94 -6.31 8.96
CA ILE V 58 8.54 -7.55 8.45
C ILE V 58 8.45 -7.61 6.95
N GLY V 59 7.32 -7.19 6.39
CA GLY V 59 7.14 -7.31 4.95
C GLY V 59 8.10 -6.45 4.17
N MET V 60 8.27 -5.20 4.57
CA MET V 60 9.09 -4.27 3.79
C MET V 60 10.56 -4.65 3.82
N ALA V 61 11.03 -5.22 4.92
CA ALA V 61 12.40 -5.69 4.99
C ALA V 61 12.65 -6.81 4.00
N HIS V 62 11.62 -7.57 3.66
CA HIS V 62 11.79 -8.75 2.83
C HIS V 62 11.53 -8.47 1.37
N GLY V 63 10.48 -7.72 1.07
CA GLY V 63 10.27 -7.30 -0.29
C GLY V 63 11.43 -6.50 -0.83
N TYR V 64 12.10 -5.76 0.05
CA TYR V 64 13.22 -4.92 -0.39
C TYR V 64 14.38 -5.77 -0.87
N PHE V 65 14.81 -6.74 -0.07
CA PHE V 65 16.00 -7.48 -0.45
C PHE V 65 15.71 -8.59 -1.43
N LEU V 66 14.45 -9.00 -1.58
CA LEU V 66 14.13 -10.11 -2.45
C LEU V 66 14.19 -9.76 -3.92
N VAL V 67 14.26 -8.48 -4.28
CA VAL V 67 14.40 -8.15 -5.69
C VAL V 67 15.85 -8.21 -6.13
N GLY V 68 16.78 -8.30 -5.19
CA GLY V 68 18.19 -8.32 -5.51
C GLY V 68 18.66 -9.54 -6.27
N PRO V 69 18.50 -10.74 -5.68
CA PRO V 69 19.08 -11.94 -6.31
C PRO V 69 18.59 -12.31 -7.70
N GLU V 70 17.65 -11.56 -8.25
CA GLU V 70 17.16 -11.82 -9.58
C GLU V 70 17.54 -10.77 -10.61
N VAL V 71 17.94 -9.58 -10.17
CA VAL V 71 18.28 -8.54 -11.13
C VAL V 71 19.74 -8.51 -11.48
N VAL V 72 20.58 -9.26 -10.77
CA VAL V 72 21.99 -9.33 -11.11
C VAL V 72 22.48 -10.73 -11.42
N ILE V 73 21.81 -11.78 -10.95
CA ILE V 73 22.18 -13.11 -11.37
C ILE V 73 20.95 -13.85 -11.87
N GLY V 74 19.94 -13.12 -12.28
CA GLY V 74 18.79 -13.72 -12.88
C GLY V 74 18.99 -13.97 -14.36
N PRO V 75 17.95 -14.44 -15.02
CA PRO V 75 18.03 -14.65 -16.47
C PRO V 75 18.02 -13.35 -17.26
N LEU V 76 17.50 -12.27 -16.70
CA LEU V 76 17.38 -11.01 -17.40
C LEU V 76 18.51 -10.05 -17.09
N ARG V 77 19.54 -10.52 -16.39
CA ARG V 77 20.60 -9.63 -15.91
C ARG V 77 21.37 -8.98 -17.04
N GLU V 78 21.27 -9.52 -18.25
CA GLU V 78 22.13 -9.07 -19.33
C GLU V 78 21.76 -7.65 -19.74
N SER V 79 20.46 -7.39 -19.85
CA SER V 79 19.93 -6.07 -20.15
C SER V 79 19.77 -5.28 -18.85
N ALA V 80 19.18 -4.10 -18.93
CA ALA V 80 19.03 -3.23 -17.77
C ALA V 80 17.56 -3.05 -17.37
N HIS V 81 16.72 -2.59 -18.30
CA HIS V 81 15.31 -2.36 -17.96
C HIS V 81 14.58 -3.66 -17.68
N GLY V 82 14.93 -4.73 -18.39
CA GLY V 82 14.27 -6.01 -18.19
C GLY V 82 14.73 -6.76 -16.97
N ALA V 83 15.93 -6.49 -16.47
CA ALA V 83 16.41 -7.17 -15.28
C ALA V 83 15.57 -6.82 -14.06
N ASN V 84 15.21 -5.55 -13.95
CA ASN V 84 14.46 -5.07 -12.78
C ASN V 84 13.06 -5.64 -12.73
N LEU V 85 12.43 -5.84 -13.90
CA LEU V 85 11.14 -6.47 -13.92
C LEU V 85 11.21 -7.90 -13.39
N SER V 86 12.22 -8.65 -13.81
CA SER V 86 12.34 -10.04 -13.37
C SER V 86 12.63 -10.14 -11.89
N GLY V 87 13.27 -9.14 -11.31
CA GLY V 87 13.51 -9.12 -9.89
C GLY V 87 12.31 -8.70 -9.08
N LEU V 88 11.56 -7.72 -9.59
CA LEU V 88 10.36 -7.28 -8.89
C LEU V 88 9.33 -8.39 -8.83
N ILE V 89 9.06 -9.03 -9.95
CA ILE V 89 7.99 -10.02 -10.01
C ILE V 89 8.36 -11.24 -9.17
N THR V 90 9.64 -11.55 -9.04
CA THR V 90 10.06 -12.59 -8.12
C THR V 90 9.67 -12.24 -6.70
N ALA V 91 9.90 -11.00 -6.29
CA ALA V 91 9.44 -10.57 -4.98
C ALA V 91 7.93 -10.51 -4.90
N ILE V 92 7.26 -10.20 -6.02
CA ILE V 92 5.80 -10.25 -6.03
C ILE V 92 5.32 -11.69 -5.82
N TYR V 93 5.95 -12.63 -6.52
CA TYR V 93 5.47 -14.01 -6.48
C TYR V 93 5.83 -14.69 -5.18
N ILE V 94 7.03 -14.45 -4.67
CA ILE V 94 7.43 -15.06 -3.41
C ILE V 94 6.56 -14.55 -2.27
N ALA V 95 6.23 -13.27 -2.29
CA ALA V 95 5.42 -12.71 -1.21
C ALA V 95 3.95 -13.11 -1.33
N VAL V 96 3.39 -13.12 -2.53
CA VAL V 96 2.00 -13.51 -2.70
C VAL V 96 1.81 -14.95 -2.27
N SER V 97 2.73 -15.83 -2.66
CA SER V 97 2.65 -17.21 -2.21
C SER V 97 2.99 -17.35 -0.74
N ALA V 98 3.80 -16.45 -0.18
CA ALA V 98 4.03 -16.47 1.25
C ALA V 98 2.82 -15.98 2.03
N CYS V 99 2.16 -14.93 1.53
CA CYS V 99 0.97 -14.44 2.19
C CYS V 99 -0.23 -15.34 1.93
N LEU V 100 -0.22 -16.09 0.84
CA LEU V 100 -1.15 -17.20 0.72
C LEU V 100 -0.88 -18.26 1.77
N GLY V 101 0.39 -18.44 2.12
CA GLY V 101 0.74 -19.45 3.12
C GLY V 101 0.23 -19.13 4.50
N ILE V 102 0.23 -17.84 4.88
CA ILE V 102 -0.16 -17.50 6.24
C ILE V 102 -1.62 -17.15 6.37
N SER V 103 -2.33 -17.00 5.27
CA SER V 103 -3.77 -17.02 5.35
C SER V 103 -4.28 -18.43 5.56
N ILE V 104 -3.67 -19.42 4.88
CA ILE V 104 -4.10 -20.79 5.09
C ILE V 104 -3.47 -21.40 6.32
N PHE V 105 -2.36 -20.85 6.81
CA PHE V 105 -1.89 -21.25 8.13
C PHE V 105 -2.86 -20.81 9.21
N ALA V 106 -3.33 -19.57 9.11
CA ALA V 106 -4.25 -19.04 10.11
C ALA V 106 -5.59 -19.76 10.09
N ILE V 107 -6.06 -20.14 8.91
CA ILE V 107 -7.31 -20.89 8.83
C ILE V 107 -7.18 -22.25 9.49
N THR V 108 -6.09 -22.96 9.23
CA THR V 108 -6.02 -24.35 9.63
C THR V 108 -5.47 -24.56 11.03
N THR V 109 -4.83 -23.59 11.65
CA THR V 109 -4.39 -23.78 13.03
C THR V 109 -5.38 -23.26 14.05
N PHE V 110 -6.12 -22.21 13.73
CA PHE V 110 -7.04 -21.56 14.66
C PHE V 110 -8.43 -22.08 14.35
N GLN V 111 -8.75 -23.21 14.95
CA GLN V 111 -10.02 -23.88 14.74
C GLN V 111 -10.60 -24.41 16.05
N GLY V 112 -10.44 -23.66 17.13
CA GLY V 112 -11.13 -23.99 18.37
C GLY V 112 -10.20 -24.28 19.53
N ASN V 113 -9.17 -25.05 19.28
CA ASN V 113 -8.17 -25.30 20.30
C ASN V 113 -6.90 -25.71 19.56
N PRO V 114 -6.09 -24.75 19.14
CA PRO V 114 -4.92 -25.06 18.31
C PRO V 114 -3.97 -26.07 18.93
N LYS V 115 -3.82 -27.20 18.27
CA LYS V 115 -2.95 -28.27 18.75
C LYS V 115 -1.51 -27.79 18.63
N GLY V 116 -0.93 -27.37 19.74
CA GLY V 116 0.49 -27.06 19.72
C GLY V 116 0.85 -25.82 20.49
N SER V 117 1.64 -24.96 19.89
CA SER V 117 2.12 -23.76 20.56
C SER V 117 1.12 -22.63 20.54
N TYR V 118 -0.02 -22.80 19.87
CA TYR V 118 -1.03 -21.76 19.80
C TYR V 118 -2.25 -22.08 20.64
N SER V 119 -2.13 -23.03 21.56
CA SER V 119 -3.21 -23.31 22.49
C SER V 119 -3.35 -22.17 23.48
N SER V 120 -4.51 -22.11 24.14
CA SER V 120 -4.79 -21.07 25.12
C SER V 120 -3.83 -21.14 26.29
N TYR V 121 -3.58 -22.34 26.77
CA TYR V 121 -2.57 -22.63 27.79
C TYR V 121 -1.26 -23.12 27.20
N SER V 122 -0.65 -22.26 26.39
CA SER V 122 0.62 -22.59 25.76
C SER V 122 1.82 -21.86 26.34
N LYS V 123 1.62 -20.64 26.86
CA LYS V 123 2.64 -19.79 27.50
C LYS V 123 3.99 -19.83 26.78
N ASP V 124 3.95 -19.53 25.49
CA ASP V 124 5.14 -19.55 24.64
C ASP V 124 5.45 -18.13 24.19
N SER V 125 6.70 -17.71 24.43
CA SER V 125 7.15 -16.36 24.11
C SER V 125 7.67 -16.21 22.69
N LEU V 126 8.14 -17.29 22.07
CA LEU V 126 8.73 -17.20 20.74
C LEU V 126 7.71 -17.09 19.63
N ARG V 127 6.42 -17.12 19.94
CA ARG V 127 5.41 -16.93 18.93
C ARG V 127 4.14 -16.37 19.58
N PRO V 128 4.04 -15.05 19.69
CA PRO V 128 2.96 -14.44 20.48
C PRO V 128 1.71 -14.02 19.74
N LEU V 129 1.43 -14.52 18.53
CA LEU V 129 0.34 -14.04 17.69
C LEU V 129 -0.92 -14.92 17.74
N ARG V 130 -1.24 -15.53 18.88
CA ARG V 130 -2.13 -16.69 18.96
C ARG V 130 -3.63 -16.37 19.03
N THR V 131 -4.19 -15.87 17.92
CA THR V 131 -5.59 -15.46 18.02
C THR V 131 -6.50 -15.68 16.82
N ARG V 132 -6.00 -15.50 15.60
CA ARG V 132 -6.72 -15.34 14.33
C ARG V 132 -7.43 -13.98 14.17
N GLU V 133 -7.63 -13.20 15.22
CA GLU V 133 -7.64 -11.75 15.04
C GLU V 133 -6.25 -11.15 14.90
N GLU V 134 -5.24 -11.78 15.47
CA GLU V 134 -3.90 -11.27 15.31
C GLU V 134 -3.22 -11.76 14.05
N TRP V 135 -3.61 -12.91 13.51
CA TRP V 135 -2.95 -13.39 12.29
C TRP V 135 -3.53 -12.82 11.02
N SER V 136 -4.63 -12.09 11.09
CA SER V 136 -5.19 -11.52 9.88
C SER V 136 -4.62 -10.14 9.58
N GLN V 137 -4.48 -9.27 10.58
CA GLN V 137 -3.69 -8.05 10.35
C GLN V 137 -2.26 -8.36 10.02
N LEU V 138 -1.70 -9.45 10.54
CA LEU V 138 -0.34 -9.82 10.16
C LEU V 138 -0.24 -10.10 8.68
N ASN V 139 -1.22 -10.82 8.13
CA ASN V 139 -1.22 -11.14 6.71
C ASN V 139 -1.31 -9.88 5.86
N GLY V 140 -2.15 -8.93 6.26
CA GLY V 140 -2.23 -7.69 5.53
C GLY V 140 -0.95 -6.89 5.60
N GLY V 141 -0.34 -6.83 6.77
CA GLY V 141 0.93 -6.14 6.90
C GLY V 141 2.03 -6.79 6.09
N ILE V 142 2.16 -8.11 6.19
CA ILE V 142 3.20 -8.83 5.46
C ILE V 142 3.02 -8.61 3.97
N PHE V 143 1.78 -8.62 3.50
CA PHE V 143 1.55 -8.46 2.08
C PHE V 143 1.88 -7.05 1.63
N LEU V 144 1.17 -6.06 2.19
CA LEU V 144 1.38 -4.67 1.79
C LEU V 144 2.80 -4.21 2.07
N GLY V 145 3.45 -4.78 3.08
CA GLY V 145 4.84 -4.46 3.31
C GLY V 145 5.74 -5.02 2.23
N ALA V 146 5.62 -6.32 1.97
CA ALA V 146 6.49 -6.96 0.99
C ALA V 146 6.23 -6.46 -0.41
N MET V 147 5.10 -5.82 -0.64
CA MET V 147 4.84 -5.21 -1.93
C MET V 147 5.49 -3.84 -2.03
N GLY V 148 5.34 -3.03 -1.00
CA GLY V 148 5.96 -1.71 -1.00
C GLY V 148 7.48 -1.79 -0.96
N GLY V 149 8.02 -2.72 -0.17
CA GLY V 149 9.45 -2.91 -0.18
C GLY V 149 9.97 -3.36 -1.53
N ALA V 150 9.21 -4.23 -2.21
CA ALA V 150 9.60 -4.67 -3.54
C ALA V 150 9.58 -3.53 -4.54
N ILE V 151 8.56 -2.67 -4.46
CA ILE V 151 8.48 -1.54 -5.37
C ILE V 151 9.56 -0.52 -5.09
N PHE V 152 9.81 -0.24 -3.80
CA PHE V 152 10.83 0.74 -3.48
C PHE V 152 12.21 0.28 -3.92
N ALA V 153 12.51 -0.99 -3.74
CA ALA V 153 13.77 -1.52 -4.27
C ALA V 153 13.74 -1.63 -5.79
N TYR V 154 12.56 -1.65 -6.39
CA TYR V 154 12.46 -1.63 -7.84
C TYR V 154 12.63 -0.21 -8.38
N LEU V 155 12.04 0.77 -7.70
CA LEU V 155 12.19 2.16 -8.13
C LEU V 155 13.62 2.66 -7.95
N LEU V 156 14.27 2.23 -6.87
CA LEU V 156 15.65 2.64 -6.65
C LEU V 156 16.62 1.96 -7.60
N LEU V 157 16.24 0.82 -8.16
CA LEU V 157 17.13 0.12 -9.06
C LEU V 157 16.90 0.51 -10.52
N GLU V 158 15.65 0.74 -10.92
CA GLU V 158 15.44 1.18 -12.30
C GLU V 158 15.88 2.62 -12.50
N ASN V 159 16.01 3.38 -11.42
CA ASN V 159 16.54 4.73 -11.46
C ASN V 159 17.97 4.79 -10.95
N PHE V 160 18.74 3.72 -11.12
CA PHE V 160 20.07 3.67 -10.53
C PHE V 160 21.02 4.65 -11.18
N ASP V 161 20.97 4.80 -12.50
CA ASP V 161 21.79 5.80 -13.17
C ASP V 161 21.42 7.21 -12.73
N ALA V 162 20.14 7.47 -12.54
CA ALA V 162 19.72 8.77 -12.04
C ALA V 162 20.05 8.93 -10.57
N LEU V 163 20.14 7.84 -9.83
CA LEU V 163 20.47 7.85 -8.41
C LEU V 163 21.97 7.81 -8.18
N ASP V 164 22.72 7.14 -9.05
CA ASP V 164 24.16 7.17 -8.97
C ASP V 164 24.69 8.58 -9.20
N ALA V 165 24.03 9.36 -10.04
CA ALA V 165 24.46 10.74 -10.28
C ALA V 165 24.24 11.60 -9.05
N ILE V 166 23.11 11.43 -8.36
CA ILE V 166 22.77 12.35 -7.29
C ILE V 166 23.48 12.00 -5.99
N LEU V 167 24.00 10.79 -5.84
CA LEU V 167 24.91 10.49 -4.74
C LEU V 167 26.37 10.63 -5.15
N ARG V 168 26.64 11.12 -6.35
CA ARG V 168 27.99 11.48 -6.76
C ARG V 168 28.14 12.96 -7.06
N GLY V 169 27.09 13.75 -6.88
CA GLY V 169 27.17 15.16 -7.18
C GLY V 169 27.17 15.50 -8.64
N ALA V 170 26.86 14.55 -9.52
CA ALA V 170 26.86 14.81 -10.95
C ALA V 170 25.72 15.71 -11.39
N VAL V 171 24.76 15.97 -10.53
CA VAL V 171 23.65 16.82 -10.85
C VAL V 171 23.87 18.24 -10.35
N ASN V 172 25.13 18.60 -10.07
CA ASN V 172 25.54 19.84 -9.43
C ASN V 172 24.81 20.01 -8.10
N MET W 1 -3.60 -28.98 -43.85
CA MET W 1 -4.63 -28.13 -43.26
C MET W 1 -4.88 -28.46 -41.80
N SER W 2 -4.29 -27.67 -40.90
CA SER W 2 -4.54 -27.85 -39.49
C SER W 2 -5.92 -27.31 -39.13
N ILE W 3 -6.36 -27.65 -37.92
CA ILE W 3 -7.70 -27.25 -37.49
C ILE W 3 -7.75 -25.74 -37.29
N SER W 4 -8.94 -25.17 -37.45
CA SER W 4 -9.08 -23.73 -37.50
C SER W 4 -8.95 -23.13 -36.11
N ASP W 5 -8.96 -21.81 -36.07
CA ASP W 5 -8.82 -21.09 -34.82
C ASP W 5 -10.00 -21.31 -33.90
N THR W 6 -11.20 -21.37 -34.48
CA THR W 6 -12.42 -21.50 -33.70
C THR W 6 -12.59 -22.92 -33.17
N GLN W 7 -12.10 -23.92 -33.91
CA GLN W 7 -12.26 -25.30 -33.50
C GLN W 7 -11.55 -25.61 -32.18
N VAL W 8 -10.49 -24.86 -31.86
CA VAL W 8 -9.85 -25.04 -30.57
C VAL W 8 -10.77 -24.58 -29.46
N TYR W 9 -11.43 -23.42 -29.64
CA TYR W 9 -12.33 -22.92 -28.60
C TYR W 9 -13.58 -23.77 -28.48
N ILE W 10 -14.03 -24.38 -29.58
CA ILE W 10 -15.18 -25.27 -29.51
C ILE W 10 -14.85 -26.47 -28.64
N ALA W 11 -13.64 -27.01 -28.79
CA ALA W 11 -13.23 -28.10 -27.92
C ALA W 11 -13.10 -27.66 -26.47
N LEU W 12 -12.72 -26.40 -26.23
CA LEU W 12 -12.60 -25.91 -24.86
C LEU W 12 -13.95 -25.90 -24.15
N VAL W 13 -15.00 -25.44 -24.82
CA VAL W 13 -16.29 -25.42 -24.16
C VAL W 13 -16.95 -26.80 -24.18
N VAL W 14 -16.65 -27.62 -25.17
CA VAL W 14 -17.16 -28.99 -25.14
C VAL W 14 -16.54 -29.76 -24.00
N ALA W 15 -15.22 -29.63 -23.81
CA ALA W 15 -14.55 -30.33 -22.71
C ALA W 15 -14.93 -29.78 -21.35
N LEU W 16 -15.60 -28.64 -21.30
CA LEU W 16 -16.15 -28.14 -20.05
C LEU W 16 -17.35 -28.96 -19.60
N VAL W 17 -17.99 -29.69 -20.51
CA VAL W 17 -19.11 -30.55 -20.15
C VAL W 17 -18.62 -31.73 -19.31
N PRO W 18 -17.61 -32.51 -19.71
CA PRO W 18 -17.09 -33.51 -18.77
C PRO W 18 -16.30 -32.92 -17.63
N GLY W 19 -15.92 -31.63 -17.72
CA GLY W 19 -15.29 -30.99 -16.59
C GLY W 19 -16.24 -30.81 -15.42
N PHE W 20 -17.51 -30.53 -15.71
CA PHE W 20 -18.51 -30.42 -14.66
C PHE W 20 -19.13 -31.76 -14.31
N LEU W 21 -19.26 -32.67 -15.29
CA LEU W 21 -19.73 -34.00 -14.99
C LEU W 21 -18.75 -34.78 -14.11
N ALA W 22 -17.48 -34.37 -14.09
CA ALA W 22 -16.54 -34.94 -13.13
C ALA W 22 -16.83 -34.43 -11.73
N TRP W 23 -17.24 -33.16 -11.61
CA TRP W 23 -17.67 -32.62 -10.33
C TRP W 23 -18.96 -33.28 -9.85
N ARG W 24 -19.92 -33.49 -10.76
CA ARG W 24 -21.10 -34.30 -10.51
C ARG W 24 -20.75 -35.57 -9.76
N LEU W 25 -19.76 -36.30 -10.27
CA LEU W 25 -19.44 -37.64 -9.82
C LEU W 25 -18.45 -37.68 -8.67
N ALA W 26 -17.44 -36.81 -8.67
CA ALA W 26 -16.49 -36.80 -7.56
C ALA W 26 -17.16 -36.44 -6.25
N THR W 27 -18.05 -35.45 -6.26
CA THR W 27 -18.74 -35.09 -5.04
C THR W 27 -19.84 -36.09 -4.70
N GLU W 28 -20.42 -36.75 -5.70
CA GLU W 28 -21.42 -37.76 -5.42
C GLU W 28 -20.80 -39.01 -4.82
N LEU W 29 -19.54 -39.27 -5.09
CA LEU W 29 -18.81 -40.32 -4.40
C LEU W 29 -18.31 -39.85 -3.03
N TYR W 30 -18.76 -38.69 -2.58
CA TYR W 30 -18.53 -38.15 -1.24
C TYR W 30 -17.05 -38.03 -0.93
N LYS W 31 -16.44 -37.06 -1.59
CA LYS W 31 -15.06 -36.67 -1.32
C LYS W 31 -14.89 -36.26 0.14
N PRO X 73 -2.78 -97.52 -3.49
CA PRO X 73 -3.56 -98.03 -4.62
C PRO X 73 -2.89 -97.74 -5.96
N PRO X 74 -3.20 -98.55 -6.99
CA PRO X 74 -2.69 -98.25 -8.33
C PRO X 74 -3.29 -96.96 -8.86
N TYR X 75 -2.43 -96.07 -9.33
CA TYR X 75 -2.86 -94.76 -9.82
C TYR X 75 -3.35 -94.91 -11.24
N THR X 76 -4.64 -94.67 -11.46
CA THR X 76 -5.23 -94.86 -12.78
C THR X 76 -5.68 -93.58 -13.45
N PHE X 77 -5.86 -92.50 -12.70
CA PHE X 77 -6.26 -91.22 -13.28
C PHE X 77 -5.12 -90.22 -13.35
N ARG X 78 -4.21 -90.23 -12.37
CA ARG X 78 -2.97 -89.47 -12.50
C ARG X 78 -2.13 -90.04 -13.64
N THR X 79 -1.89 -91.34 -13.61
CA THR X 79 -1.43 -92.06 -14.79
C THR X 79 -2.56 -92.06 -15.81
N ALA X 80 -2.19 -92.13 -17.10
CA ALA X 80 -3.03 -91.99 -18.28
C ALA X 80 -3.48 -90.56 -18.49
N TRP X 81 -3.10 -89.64 -17.60
CA TRP X 81 -3.04 -88.24 -17.92
C TRP X 81 -1.62 -87.71 -17.90
N ALA X 82 -0.71 -88.37 -17.19
CA ALA X 82 0.71 -88.12 -17.34
C ALA X 82 1.26 -88.85 -18.55
N LEU X 83 0.93 -90.13 -18.68
CA LEU X 83 1.33 -90.90 -19.86
C LEU X 83 0.68 -90.38 -21.14
N LEU X 84 -0.45 -89.67 -21.02
CA LEU X 84 -1.03 -89.03 -22.19
C LEU X 84 -0.20 -87.82 -22.61
N LEU X 85 0.29 -87.05 -21.64
CA LEU X 85 1.11 -85.88 -21.98
C LEU X 85 2.51 -86.28 -22.43
N LEU X 86 3.06 -87.37 -21.92
CA LEU X 86 4.28 -87.91 -22.50
C LEU X 86 4.06 -88.36 -23.93
N ALA X 87 2.90 -88.95 -24.21
CA ALA X 87 2.59 -89.38 -25.56
C ALA X 87 2.63 -88.22 -26.53
N ILE X 88 1.97 -87.11 -26.19
CA ILE X 88 2.03 -85.91 -27.01
C ILE X 88 3.47 -85.40 -27.09
N ASN X 89 4.19 -85.52 -25.99
CA ASN X 89 5.60 -85.13 -25.96
C ASN X 89 6.45 -86.01 -26.87
N PHE X 90 6.18 -87.32 -26.88
CA PHE X 90 6.96 -88.21 -27.73
C PHE X 90 6.60 -88.05 -29.21
N ILE X 91 5.35 -87.67 -29.52
CA ILE X 91 5.02 -87.35 -30.90
C ILE X 91 5.80 -86.13 -31.37
N VAL X 92 5.90 -85.10 -30.53
CA VAL X 92 6.66 -83.90 -30.88
C VAL X 92 8.12 -84.26 -31.11
N ALA X 93 8.70 -85.09 -30.25
CA ALA X 93 10.07 -85.55 -30.46
C ALA X 93 10.19 -86.40 -31.72
N ALA X 94 9.13 -87.09 -32.11
CA ALA X 94 9.20 -87.92 -33.31
C ALA X 94 9.42 -87.08 -34.56
N TYR X 95 8.73 -85.94 -34.67
CA TYR X 95 9.05 -85.01 -35.75
C TYR X 95 10.39 -84.34 -35.52
N TYR X 96 10.74 -84.09 -34.26
CA TYR X 96 12.02 -83.47 -33.94
C TYR X 96 13.19 -84.31 -34.42
N PHE X 97 13.16 -85.60 -34.15
CA PHE X 97 14.26 -86.48 -34.52
C PHE X 97 14.14 -87.02 -35.93
N HIS X 98 13.21 -86.48 -36.72
CA HIS X 98 13.02 -86.86 -38.13
C HIS X 98 12.72 -88.36 -38.22
N ILE X 99 11.66 -88.75 -37.51
CA ILE X 99 11.21 -90.14 -37.45
C ILE X 99 9.93 -90.34 -38.23
N ILE X 100 8.88 -89.59 -37.90
CA ILE X 100 7.62 -89.67 -38.62
C ILE X 100 7.40 -88.36 -39.35
N GLU X 101 6.65 -88.44 -40.44
CA GLU X 101 6.28 -87.25 -41.20
C GLU X 101 4.76 -87.08 -41.21
N GLU Y 10 -65.22 -40.87 -23.88
CA GLU Y 10 -65.97 -41.31 -25.05
C GLU Y 10 -66.56 -40.11 -25.76
N VAL Y 11 -66.12 -39.87 -26.98
CA VAL Y 11 -66.47 -38.66 -27.72
C VAL Y 11 -67.86 -38.83 -28.32
N ARG Y 12 -68.73 -37.86 -28.09
CA ARG Y 12 -70.11 -37.94 -28.51
C ARG Y 12 -70.59 -36.54 -28.88
N VAL Y 13 -71.57 -36.47 -29.77
CA VAL Y 13 -72.25 -35.22 -30.09
C VAL Y 13 -73.50 -35.12 -29.23
N VAL Y 14 -73.49 -34.23 -28.25
CA VAL Y 14 -74.67 -33.96 -27.44
C VAL Y 14 -74.99 -32.46 -27.54
N VAL Y 15 -76.25 -32.15 -27.81
CA VAL Y 15 -76.70 -30.78 -28.05
C VAL Y 15 -78.01 -30.55 -27.31
N ASP Y 16 -78.38 -29.28 -27.19
CA ASP Y 16 -79.72 -28.91 -26.75
C ASP Y 16 -80.61 -28.61 -27.93
N ASN Y 17 -81.89 -28.47 -27.65
CA ASN Y 17 -82.89 -28.23 -28.69
C ASN Y 17 -83.59 -26.91 -28.40
N ASP Y 18 -83.41 -25.95 -29.30
CA ASP Y 18 -83.97 -24.60 -29.17
C ASP Y 18 -83.73 -23.98 -27.80
N PRO Y 19 -82.47 -23.78 -27.39
CA PRO Y 19 -82.25 -23.28 -26.04
C PRO Y 19 -82.64 -21.82 -25.86
N VAL Y 20 -82.33 -20.97 -26.84
CA VAL Y 20 -82.55 -19.55 -26.74
C VAL Y 20 -83.53 -19.15 -27.83
N PRO Y 21 -84.64 -18.51 -27.51
CA PRO Y 21 -85.58 -18.07 -28.54
C PRO Y 21 -84.98 -17.00 -29.43
N THR Y 22 -85.60 -16.81 -30.58
CA THR Y 22 -85.15 -15.85 -31.59
C THR Y 22 -86.19 -14.74 -31.69
N SER Y 23 -85.95 -13.64 -31.00
CA SER Y 23 -86.86 -12.50 -31.06
C SER Y 23 -86.06 -11.23 -30.81
N PHE Y 24 -86.67 -10.10 -31.17
CA PHE Y 24 -86.04 -8.80 -30.96
C PHE Y 24 -86.39 -8.20 -29.61
N GLN Y 25 -86.84 -9.02 -28.66
CA GLN Y 25 -87.14 -8.55 -27.31
C GLN Y 25 -85.96 -7.83 -26.69
N LYS Y 26 -84.78 -8.42 -26.81
CA LYS Y 26 -83.60 -7.86 -26.15
C LYS Y 26 -82.85 -6.86 -27.02
N TRP Y 27 -83.19 -6.73 -28.30
CA TRP Y 27 -82.58 -5.67 -29.10
C TRP Y 27 -83.05 -4.31 -28.62
N SER Y 28 -84.32 -4.20 -28.23
CA SER Y 28 -84.89 -2.94 -27.78
C SER Y 28 -84.50 -2.59 -26.35
N GLN Y 29 -83.83 -3.48 -25.64
CA GLN Y 29 -83.36 -3.20 -24.27
C GLN Y 29 -81.88 -3.51 -24.19
N PRO Y 30 -81.04 -2.61 -24.68
CA PRO Y 30 -79.60 -2.86 -24.68
C PRO Y 30 -79.03 -2.85 -23.27
N GLY Y 31 -77.89 -3.50 -23.12
CA GLY Y 31 -77.32 -3.71 -21.82
C GLY Y 31 -77.96 -4.82 -21.04
N HIS Y 32 -78.79 -5.63 -21.68
CA HIS Y 32 -79.49 -6.71 -20.98
C HIS Y 32 -78.54 -7.74 -20.39
N PHE Y 33 -77.36 -7.88 -20.99
CA PHE Y 33 -76.41 -8.89 -20.56
C PHE Y 33 -75.88 -8.64 -19.15
N ASP Y 34 -75.91 -7.40 -18.69
CA ASP Y 34 -75.49 -7.06 -17.33
C ASP Y 34 -76.69 -6.54 -16.57
N ARG Y 35 -76.89 -7.07 -15.37
CA ARG Y 35 -77.99 -6.61 -14.52
C ARG Y 35 -77.80 -5.16 -14.10
N THR Y 36 -76.56 -4.71 -13.96
CA THR Y 36 -76.32 -3.32 -13.61
C THR Y 36 -76.61 -2.40 -14.79
N LEU Y 37 -76.30 -2.86 -16.01
CA LEU Y 37 -76.62 -2.07 -17.19
C LEU Y 37 -78.10 -2.10 -17.51
N ALA Y 38 -78.78 -3.21 -17.21
CA ALA Y 38 -80.17 -3.37 -17.59
C ALA Y 38 -81.12 -2.87 -16.51
N LYS Y 39 -80.88 -1.67 -16.01
CA LYS Y 39 -81.82 -1.04 -15.09
C LYS Y 39 -82.01 0.45 -15.37
N GLY Y 40 -81.43 0.98 -16.43
CA GLY Y 40 -81.58 2.38 -16.76
C GLY Y 40 -80.25 3.03 -17.04
N ALA Y 41 -80.28 4.10 -17.84
CA ALA Y 41 -79.09 4.86 -18.20
C ALA Y 41 -79.04 6.10 -17.34
N LYS Y 42 -78.59 5.93 -16.10
CA LYS Y 42 -78.56 7.06 -15.17
C LYS Y 42 -77.56 8.12 -15.62
N THR Y 43 -76.39 7.70 -16.09
CA THR Y 43 -75.37 8.61 -16.57
C THR Y 43 -74.87 8.13 -17.92
N THR Y 44 -74.05 8.97 -18.56
CA THR Y 44 -73.38 8.58 -19.80
C THR Y 44 -72.33 7.52 -19.60
N THR Y 45 -71.92 7.24 -18.36
CA THR Y 45 -71.01 6.14 -18.12
C THR Y 45 -71.66 4.81 -18.51
N TRP Y 46 -72.99 4.72 -18.41
CA TRP Y 46 -73.71 3.53 -18.83
C TRP Y 46 -73.52 3.24 -20.30
N ILE Y 47 -73.40 4.28 -21.11
CA ILE Y 47 -73.21 4.11 -22.55
C ILE Y 47 -71.89 3.42 -22.82
N TRP Y 48 -70.83 3.87 -22.17
CA TRP Y 48 -69.52 3.30 -22.39
C TRP Y 48 -69.40 1.92 -21.76
N ASN Y 49 -70.13 1.66 -20.67
CA ASN Y 49 -70.07 0.36 -20.04
C ASN Y 49 -70.77 -0.68 -20.89
N LEU Y 50 -71.72 -0.25 -21.71
CA LEU Y 50 -72.47 -1.15 -22.57
C LEU Y 50 -71.61 -1.71 -23.70
N HIS Y 51 -70.53 -1.03 -24.06
CA HIS Y 51 -69.64 -1.48 -25.11
C HIS Y 51 -68.40 -2.16 -24.57
N ALA Y 52 -67.90 -1.71 -23.43
CA ALA Y 52 -66.77 -2.36 -22.78
C ALA Y 52 -67.14 -3.70 -22.17
N ASN Y 53 -68.43 -4.04 -22.11
CA ASN Y 53 -68.88 -5.28 -21.52
C ASN Y 53 -69.66 -6.14 -22.48
N ALA Y 54 -69.78 -5.73 -23.74
CA ALA Y 54 -70.67 -6.43 -24.68
C ALA Y 54 -70.19 -7.83 -24.97
N HIS Y 55 -68.88 -8.06 -24.92
CA HIS Y 55 -68.32 -9.35 -25.29
C HIS Y 55 -67.67 -10.08 -24.13
N ASP Y 56 -67.70 -9.54 -22.93
CA ASP Y 56 -67.15 -10.25 -21.79
C ASP Y 56 -68.22 -11.23 -21.33
N PHE Y 57 -68.33 -12.34 -22.07
CA PHE Y 57 -69.37 -13.33 -21.81
C PHE Y 57 -69.23 -13.98 -20.44
N ASP Y 58 -68.04 -13.93 -19.85
CA ASP Y 58 -67.79 -14.54 -18.57
C ASP Y 58 -68.42 -13.77 -17.42
N THR Y 59 -68.89 -12.55 -17.66
CA THR Y 59 -69.61 -11.78 -16.67
C THR Y 59 -71.08 -11.65 -17.00
N HIS Y 60 -71.51 -12.05 -18.19
CA HIS Y 60 -72.93 -12.13 -18.49
C HIS Y 60 -73.58 -13.27 -17.74
N THR Y 61 -72.95 -14.44 -17.78
CA THR Y 61 -73.46 -15.63 -17.10
C THR Y 61 -72.39 -16.21 -16.20
N SER Y 62 -72.62 -17.40 -15.68
CA SER Y 62 -71.70 -18.00 -14.73
C SER Y 62 -71.31 -19.42 -15.13
N ASP Y 63 -72.20 -20.11 -15.84
CA ASP Y 63 -71.95 -21.49 -16.21
C ASP Y 63 -71.16 -21.58 -17.50
N LEU Y 64 -70.16 -22.45 -17.51
CA LEU Y 64 -69.30 -22.61 -18.67
C LEU Y 64 -70.05 -23.20 -19.87
N GLU Y 65 -71.16 -23.89 -19.64
CA GLU Y 65 -71.94 -24.41 -20.76
C GLU Y 65 -72.52 -23.29 -21.59
N ASP Y 66 -73.12 -22.31 -20.93
CA ASP Y 66 -73.76 -21.21 -21.65
C ASP Y 66 -72.74 -20.21 -22.16
N ILE Y 67 -71.62 -20.04 -21.45
CA ILE Y 67 -70.56 -19.18 -21.95
C ILE Y 67 -70.00 -19.73 -23.25
N SER Y 68 -69.68 -21.03 -23.26
CA SER Y 68 -69.05 -21.65 -24.43
C SER Y 68 -69.97 -21.65 -25.63
N ARG Y 69 -71.27 -21.66 -25.43
CA ARG Y 69 -72.19 -21.55 -26.55
C ARG Y 69 -72.15 -20.17 -27.17
N LYS Y 70 -71.91 -19.14 -26.35
CA LYS Y 70 -71.74 -17.80 -26.90
C LYS Y 70 -70.44 -17.69 -27.67
N ILE Y 71 -69.37 -18.33 -27.18
CA ILE Y 71 -68.08 -18.26 -27.87
C ILE Y 71 -68.20 -18.87 -29.25
N PHE Y 72 -68.76 -20.08 -29.30
CA PHE Y 72 -68.83 -20.84 -30.55
C PHE Y 72 -69.74 -20.16 -31.56
N ALA Y 73 -70.84 -19.57 -31.09
CA ALA Y 73 -71.73 -18.88 -32.00
C ALA Y 73 -71.17 -17.55 -32.45
N ALA Y 74 -70.38 -16.89 -31.61
CA ALA Y 74 -69.80 -15.61 -32.01
C ALA Y 74 -68.69 -15.78 -33.02
N HIS Y 75 -67.99 -16.91 -33.00
CA HIS Y 75 -66.99 -17.19 -34.02
C HIS Y 75 -67.61 -17.28 -35.39
N PHE Y 76 -68.80 -17.85 -35.49
CA PHE Y 76 -69.48 -17.96 -36.77
C PHE Y 76 -69.80 -16.58 -37.34
N GLY Y 77 -70.29 -15.69 -36.50
CA GLY Y 77 -70.52 -14.33 -36.95
C GLY Y 77 -69.25 -13.58 -37.24
N HIS Y 78 -68.14 -14.00 -36.65
CA HIS Y 78 -66.87 -13.42 -37.04
C HIS Y 78 -66.39 -13.94 -38.38
N LEU Y 79 -66.47 -15.25 -38.60
CA LEU Y 79 -66.11 -15.82 -39.89
C LEU Y 79 -66.96 -15.24 -41.00
N ALA Y 80 -68.21 -14.89 -40.68
CA ALA Y 80 -69.05 -14.18 -41.64
C ALA Y 80 -68.44 -12.83 -42.00
N VAL Y 81 -67.89 -12.13 -41.03
CA VAL Y 81 -67.31 -10.81 -41.28
C VAL Y 81 -66.07 -10.93 -42.16
N VAL Y 82 -65.23 -11.92 -41.91
CA VAL Y 82 -64.05 -12.12 -42.75
C VAL Y 82 -64.45 -12.50 -44.16
N PHE Y 83 -65.51 -13.31 -44.31
CA PHE Y 83 -65.96 -13.67 -45.65
C PHE Y 83 -66.56 -12.49 -46.39
N ILE Y 84 -67.22 -11.58 -45.67
CA ILE Y 84 -67.67 -10.34 -46.30
C ILE Y 84 -66.47 -9.54 -46.79
N TRP Y 85 -65.41 -9.50 -45.98
CA TRP Y 85 -64.23 -8.73 -46.35
C TRP Y 85 -63.46 -9.41 -47.47
N LEU Y 86 -63.35 -10.73 -47.43
CA LEU Y 86 -62.71 -11.45 -48.53
C LEU Y 86 -63.49 -11.28 -49.82
N SER Y 87 -64.82 -11.29 -49.74
CA SER Y 87 -65.65 -11.05 -50.91
C SER Y 87 -65.40 -9.66 -51.48
N GLY Y 88 -65.23 -8.68 -50.60
CA GLY Y 88 -64.95 -7.33 -51.05
C GLY Y 88 -63.62 -7.21 -51.75
N MET Y 89 -62.66 -8.07 -51.40
CA MET Y 89 -61.37 -7.97 -52.05
C MET Y 89 -61.43 -8.52 -53.45
N TYR Y 90 -62.10 -9.65 -53.62
CA TYR Y 90 -62.24 -10.25 -54.93
C TYR Y 90 -63.21 -9.47 -55.81
N PHE Y 91 -64.23 -8.87 -55.21
CA PHE Y 91 -65.15 -8.06 -56.01
C PHE Y 91 -64.45 -6.81 -56.53
N HIS Y 92 -63.64 -6.17 -55.70
CA HIS Y 92 -62.89 -5.00 -56.16
C HIS Y 92 -61.83 -5.39 -57.16
N GLY Y 93 -61.19 -6.54 -56.95
CA GLY Y 93 -60.29 -7.05 -57.97
C GLY Y 93 -61.02 -7.43 -59.24
N ALA Y 94 -62.32 -7.64 -59.18
CA ALA Y 94 -63.08 -8.01 -60.37
C ALA Y 94 -63.46 -6.80 -61.22
N ARG Y 95 -64.14 -5.82 -60.65
CA ARG Y 95 -64.72 -4.77 -61.48
C ARG Y 95 -64.24 -3.36 -61.15
N PHE Y 96 -63.31 -3.19 -60.22
CA PHE Y 96 -62.74 -1.88 -59.93
C PHE Y 96 -61.23 -1.89 -59.98
N SER Y 97 -60.63 -2.76 -60.78
CA SER Y 97 -59.19 -2.90 -60.77
C SER Y 97 -58.65 -2.96 -62.18
N ASN Y 98 -57.34 -2.78 -62.29
CA ASN Y 98 -56.60 -3.00 -63.52
C ASN Y 98 -55.94 -4.35 -63.53
N PHE Y 99 -56.63 -5.35 -62.96
CA PHE Y 99 -56.04 -6.68 -62.85
C PHE Y 99 -55.83 -7.32 -64.21
N GLU Y 100 -56.73 -7.08 -65.16
CA GLU Y 100 -56.54 -7.59 -66.51
C GLU Y 100 -55.28 -7.03 -67.14
N ALA Y 101 -55.08 -5.72 -67.02
CA ALA Y 101 -53.88 -5.09 -67.56
C ALA Y 101 -52.63 -5.58 -66.83
N TRP Y 102 -52.72 -5.76 -65.51
CA TRP Y 102 -51.54 -6.16 -64.76
C TRP Y 102 -51.14 -7.61 -65.03
N MET Y 103 -52.08 -8.47 -65.44
CA MET Y 103 -51.70 -9.82 -65.83
C MET Y 103 -50.85 -9.83 -67.08
N ALA Y 104 -51.11 -8.93 -68.02
CA ALA Y 104 -50.34 -8.94 -69.26
C ALA Y 104 -48.91 -8.47 -69.03
N ASN Y 105 -48.72 -7.37 -68.32
CA ASN Y 105 -47.41 -6.78 -68.10
C ASN Y 105 -47.26 -6.48 -66.61
N PRO Y 106 -46.85 -7.46 -65.81
CA PRO Y 106 -46.75 -7.22 -64.37
C PRO Y 106 -45.45 -6.58 -63.95
N THR Y 107 -44.93 -5.66 -64.75
CA THR Y 107 -43.75 -4.91 -64.35
C THR Y 107 -44.00 -3.41 -64.44
N GLY Y 108 -44.54 -2.98 -65.57
CA GLY Y 108 -44.76 -1.57 -65.81
C GLY Y 108 -46.13 -1.10 -65.41
N ILE Y 109 -47.04 -2.04 -65.17
CA ILE Y 109 -48.39 -1.72 -64.75
C ILE Y 109 -48.44 -1.78 -63.23
N LYS Y 110 -48.98 -0.74 -62.62
CA LYS Y 110 -49.02 -0.80 -61.16
C LYS Y 110 -50.34 -1.42 -60.71
N PRO Y 111 -50.30 -2.28 -59.71
CA PRO Y 111 -51.54 -2.89 -59.20
C PRO Y 111 -52.43 -1.84 -58.57
N SER Y 112 -53.71 -1.89 -58.91
CA SER Y 112 -54.64 -0.88 -58.41
C SER Y 112 -56.05 -1.41 -58.47
N ALA Y 113 -56.70 -1.48 -57.33
CA ALA Y 113 -58.15 -1.55 -57.22
C ALA Y 113 -58.58 -0.28 -56.52
N GLN Y 114 -59.87 -0.21 -56.18
CA GLN Y 114 -60.39 0.87 -55.34
C GLN Y 114 -60.13 2.24 -55.98
N VAL Y 115 -60.82 2.47 -57.08
CA VAL Y 115 -60.89 3.78 -57.73
C VAL Y 115 -61.72 4.70 -56.85
N VAL Y 116 -61.70 6.00 -57.16
CA VAL Y 116 -62.24 7.01 -56.27
C VAL Y 116 -63.28 7.83 -57.02
N TRP Y 117 -64.41 8.11 -56.37
CA TRP Y 117 -65.49 8.84 -57.01
C TRP Y 117 -65.10 10.29 -57.28
N PRO Y 118 -65.56 10.86 -58.38
CA PRO Y 118 -65.33 12.28 -58.63
C PRO Y 118 -66.24 13.19 -57.81
N ILE Y 119 -65.83 13.51 -56.58
CA ILE Y 119 -66.53 14.50 -55.79
C ILE Y 119 -65.49 15.10 -54.86
N PHE Y 120 -65.65 16.38 -54.52
CA PHE Y 120 -64.80 17.09 -53.57
C PHE Y 120 -63.39 17.29 -54.08
N GLY Y 121 -63.17 17.14 -55.39
CA GLY Y 121 -61.82 17.29 -55.91
C GLY Y 121 -60.91 16.14 -55.60
N GLN Y 122 -61.44 15.02 -55.13
CA GLN Y 122 -60.62 13.88 -54.76
C GLN Y 122 -60.34 12.96 -55.93
N GLU Y 123 -60.78 13.31 -57.13
CA GLU Y 123 -60.42 12.55 -58.33
C GLU Y 123 -58.93 12.59 -58.57
N ILE Y 124 -58.20 13.53 -57.95
CA ILE Y 124 -56.75 13.59 -58.07
C ILE Y 124 -56.11 12.34 -57.49
N LEU Y 125 -56.78 11.68 -56.56
CA LEU Y 125 -56.24 10.44 -56.00
C LEU Y 125 -56.22 9.31 -57.01
N ASN Y 126 -57.02 9.39 -58.06
CA ASN Y 126 -56.99 8.41 -59.14
C ASN Y 126 -55.76 8.69 -59.98
N GLY Y 127 -54.61 8.25 -59.48
CA GLY Y 127 -53.37 8.47 -60.20
C GLY Y 127 -53.19 7.51 -61.36
N ASP Y 128 -52.24 7.85 -62.23
CA ASP Y 128 -52.00 7.03 -63.41
C ASP Y 128 -51.29 5.74 -63.02
N MET Y 129 -51.80 4.62 -63.52
CA MET Y 129 -51.28 3.31 -63.13
C MET Y 129 -50.58 2.59 -64.26
N GLY Y 130 -50.51 3.20 -65.45
CA GLY Y 130 -50.04 2.49 -66.61
C GLY Y 130 -51.20 1.80 -67.28
N GLY Y 131 -51.28 1.88 -68.60
CA GLY Y 131 -52.41 1.31 -69.30
C GLY Y 131 -53.64 2.16 -69.31
N GLY Y 132 -53.54 3.42 -68.90
CA GLY Y 132 -54.68 4.32 -68.95
C GLY Y 132 -55.71 4.09 -67.87
N PHE Y 133 -55.40 3.30 -66.86
CA PHE Y 133 -56.29 3.07 -65.73
C PHE Y 133 -55.91 4.01 -64.61
N HIS Y 134 -56.91 4.70 -64.07
CA HIS Y 134 -56.71 5.66 -62.99
C HIS Y 134 -57.30 5.11 -61.70
N GLY Y 135 -56.47 5.03 -60.68
CA GLY Y 135 -56.93 4.50 -59.42
C GLY Y 135 -55.92 4.76 -58.33
N ILE Y 136 -55.98 3.96 -57.27
CA ILE Y 136 -55.05 4.04 -56.15
C ILE Y 136 -54.20 2.79 -56.14
N GLN Y 137 -52.89 2.97 -56.06
CA GLN Y 137 -51.96 1.86 -56.10
C GLN Y 137 -52.08 1.06 -54.82
N ILE Y 138 -52.72 -0.10 -54.90
CA ILE Y 138 -52.85 -0.96 -53.74
C ILE Y 138 -51.52 -1.61 -53.43
N THR Y 139 -51.26 -1.82 -52.14
CA THR Y 139 -50.04 -2.46 -51.69
C THR Y 139 -50.33 -3.72 -50.88
N SER Y 140 -51.53 -4.27 -51.02
CA SER Y 140 -51.90 -5.45 -50.26
C SER Y 140 -51.42 -6.74 -50.89
N GLY Y 141 -50.90 -6.70 -52.12
CA GLY Y 141 -50.40 -7.91 -52.72
C GLY Y 141 -51.45 -8.87 -53.19
N LEU Y 142 -52.68 -8.39 -53.35
CA LEU Y 142 -53.74 -9.27 -53.84
C LEU Y 142 -53.45 -9.75 -55.25
N PHE Y 143 -52.93 -8.87 -56.10
CA PHE Y 143 -52.66 -9.25 -57.48
C PHE Y 143 -51.56 -10.29 -57.56
N GLN Y 144 -50.50 -10.13 -56.76
CA GLN Y 144 -49.43 -11.11 -56.76
C GLN Y 144 -49.89 -12.45 -56.21
N MET Y 145 -51.00 -12.47 -55.49
CA MET Y 145 -51.54 -13.70 -54.94
C MET Y 145 -52.55 -14.35 -55.87
N TRP Y 146 -53.31 -13.56 -56.62
CA TRP Y 146 -54.24 -14.13 -57.58
C TRP Y 146 -53.51 -14.71 -58.78
N ARG Y 147 -52.36 -14.14 -59.14
CA ARG Y 147 -51.56 -14.74 -60.19
C ARG Y 147 -51.02 -16.09 -59.77
N ALA Y 148 -50.61 -16.21 -58.50
CA ALA Y 148 -50.15 -17.49 -57.99
C ALA Y 148 -51.29 -18.46 -57.77
N ALA Y 149 -52.51 -17.98 -57.69
CA ALA Y 149 -53.67 -18.86 -57.57
C ALA Y 149 -54.20 -19.30 -58.92
N GLY Y 150 -53.73 -18.72 -60.01
CA GLY Y 150 -54.16 -19.11 -61.33
C GLY Y 150 -55.25 -18.26 -61.94
N PHE Y 151 -55.69 -17.20 -61.27
CA PHE Y 151 -56.68 -16.31 -61.85
C PHE Y 151 -56.12 -15.66 -63.11
N THR Y 152 -56.95 -15.57 -64.12
CA THR Y 152 -56.52 -14.89 -65.34
C THR Y 152 -57.47 -13.79 -65.77
N ASN Y 153 -58.78 -14.00 -65.62
CA ASN Y 153 -59.76 -12.99 -66.00
C ASN Y 153 -60.53 -12.54 -64.78
N THR Y 154 -61.30 -11.47 -64.98
CA THR Y 154 -62.08 -10.89 -63.89
C THR Y 154 -63.38 -11.61 -63.64
N PHE Y 155 -63.76 -12.58 -64.47
CA PHE Y 155 -64.95 -13.35 -64.16
C PHE Y 155 -64.68 -14.32 -63.03
N GLN Y 156 -63.49 -14.92 -63.00
CA GLN Y 156 -63.13 -15.81 -61.91
C GLN Y 156 -63.03 -15.08 -60.59
N LEU Y 157 -62.53 -13.85 -60.61
CA LEU Y 157 -62.51 -13.04 -59.40
C LEU Y 157 -63.91 -12.71 -58.95
N TYR Y 158 -64.80 -12.35 -59.87
CA TYR Y 158 -66.16 -11.97 -59.50
C TYR Y 158 -66.91 -13.14 -58.90
N CYS Y 159 -66.81 -14.32 -59.52
CA CYS Y 159 -67.55 -15.46 -59.01
C CYS Y 159 -66.98 -15.99 -57.71
N THR Y 160 -65.74 -15.65 -57.39
CA THR Y 160 -65.22 -15.96 -56.06
C THR Y 160 -65.79 -14.99 -55.03
N ALA Y 161 -65.96 -13.73 -55.41
CA ALA Y 161 -66.63 -12.78 -54.54
C ALA Y 161 -68.07 -13.20 -54.27
N ILE Y 162 -68.76 -13.70 -55.30
CA ILE Y 162 -70.09 -14.27 -55.09
C ILE Y 162 -69.99 -15.51 -54.22
N GLY Y 163 -68.98 -16.34 -54.46
CA GLY Y 163 -68.78 -17.53 -53.65
C GLY Y 163 -68.39 -17.25 -52.22
N GLY Y 164 -68.04 -16.01 -51.89
CA GLY Y 164 -67.73 -15.65 -50.53
C GLY Y 164 -68.91 -15.05 -49.81
N LEU Y 165 -69.73 -14.29 -50.53
CA LEU Y 165 -70.96 -13.76 -49.93
C LEU Y 165 -71.91 -14.87 -49.56
N VAL Y 166 -72.06 -15.88 -50.43
CA VAL Y 166 -72.89 -17.02 -50.06
C VAL Y 166 -72.21 -17.86 -49.00
N MET Y 167 -70.89 -17.73 -48.87
CA MET Y 167 -70.19 -18.46 -47.83
C MET Y 167 -70.29 -17.73 -46.50
N ALA Y 168 -70.42 -16.40 -46.53
CA ALA Y 168 -70.69 -15.63 -45.32
C ALA Y 168 -72.09 -15.88 -44.81
N ALA Y 169 -73.05 -16.03 -45.72
CA ALA Y 169 -74.42 -16.34 -45.32
C ALA Y 169 -74.49 -17.68 -44.59
N LEU Y 170 -73.65 -18.63 -44.97
CA LEU Y 170 -73.60 -19.90 -44.26
C LEU Y 170 -73.06 -19.70 -42.85
N MET Y 171 -72.08 -18.82 -42.70
CA MET Y 171 -71.52 -18.57 -41.37
C MET Y 171 -72.53 -17.90 -40.46
N LEU Y 172 -73.31 -16.96 -40.99
CA LEU Y 172 -74.36 -16.34 -40.18
C LEU Y 172 -75.43 -17.36 -39.81
N PHE Y 173 -75.85 -18.19 -40.75
CA PHE Y 173 -76.86 -19.19 -40.42
C PHE Y 173 -76.32 -20.21 -39.42
N ALA Y 174 -75.06 -20.62 -39.59
CA ALA Y 174 -74.47 -21.59 -38.67
C ALA Y 174 -74.31 -21.05 -37.26
N GLY Y 175 -74.19 -19.74 -37.10
CA GLY Y 175 -74.09 -19.15 -35.79
C GLY Y 175 -75.44 -19.02 -35.11
N TRP Y 176 -76.45 -18.62 -35.88
CA TRP Y 176 -77.79 -18.61 -35.33
C TRP Y 176 -78.26 -20.03 -35.04
N PHE Y 177 -77.90 -20.97 -35.90
CA PHE Y 177 -78.34 -22.35 -35.71
C PHE Y 177 -77.73 -22.95 -34.46
N HIS Y 178 -76.48 -22.61 -34.16
CA HIS Y 178 -75.78 -23.19 -33.04
C HIS Y 178 -75.91 -22.38 -31.77
N TYR Y 179 -76.83 -21.43 -31.74
CA TYR Y 179 -77.14 -20.78 -30.48
C TYR Y 179 -78.62 -20.82 -30.21
N HIS Y 180 -79.44 -20.87 -31.26
CA HIS Y 180 -80.88 -20.78 -31.11
C HIS Y 180 -81.62 -22.04 -31.50
N LYS Y 181 -81.00 -22.96 -32.23
CA LYS Y 181 -81.66 -24.21 -32.59
C LYS Y 181 -81.00 -25.43 -31.97
N ARG Y 182 -79.71 -25.66 -32.24
CA ARG Y 182 -79.01 -26.82 -31.71
C ARG Y 182 -77.71 -26.33 -31.09
N ALA Y 183 -77.76 -25.94 -29.86
CA ALA Y 183 -76.55 -25.52 -29.18
C ALA Y 183 -75.91 -26.71 -28.50
N PRO Y 184 -74.62 -26.93 -28.68
CA PRO Y 184 -73.97 -28.08 -28.04
C PRO Y 184 -73.90 -27.91 -26.53
N LYS Y 185 -73.85 -29.03 -25.84
CA LYS Y 185 -73.67 -29.00 -24.40
C LYS Y 185 -72.19 -28.86 -24.06
N LEU Y 186 -71.87 -28.86 -22.77
CA LEU Y 186 -70.50 -28.63 -22.35
C LEU Y 186 -69.62 -29.83 -22.65
N GLU Y 187 -70.19 -31.05 -22.62
CA GLU Y 187 -69.40 -32.23 -22.94
C GLU Y 187 -68.88 -32.20 -24.37
N TRP Y 188 -69.63 -31.57 -25.27
CA TRP Y 188 -69.16 -31.46 -26.64
C TRP Y 188 -67.98 -30.51 -26.75
N PHE Y 189 -67.90 -29.52 -25.87
CA PHE Y 189 -66.81 -28.55 -25.97
C PHE Y 189 -65.54 -29.06 -25.31
N GLN Y 190 -65.67 -29.79 -24.21
CA GLN Y 190 -64.54 -30.09 -23.36
C GLN Y 190 -63.68 -31.23 -23.89
N ASN Y 191 -64.08 -31.89 -24.97
CA ASN Y 191 -63.20 -32.88 -25.60
C ASN Y 191 -62.30 -32.18 -26.59
N THR Y 192 -61.34 -31.43 -26.04
CA THR Y 192 -60.33 -30.76 -26.83
C THR Y 192 -59.42 -31.75 -27.53
N GLN Y 193 -59.35 -32.96 -27.02
CA GLN Y 193 -58.49 -33.98 -27.59
C GLN Y 193 -59.00 -34.46 -28.94
N SER Y 194 -60.32 -34.44 -29.13
CA SER Y 194 -60.92 -34.69 -30.43
C SER Y 194 -60.85 -33.50 -31.36
N MET Y 195 -60.83 -32.29 -30.82
CA MET Y 195 -60.72 -31.09 -31.63
C MET Y 195 -59.34 -30.97 -32.25
N LEU Y 196 -58.32 -31.39 -31.52
CA LEU Y 196 -56.96 -31.37 -32.05
C LEU Y 196 -56.80 -32.36 -33.19
N ASN Y 197 -57.48 -33.49 -33.13
CA ASN Y 197 -57.41 -34.46 -34.21
C ASN Y 197 -58.00 -33.91 -35.50
N HIS Y 198 -59.12 -33.20 -35.41
CA HIS Y 198 -59.74 -32.69 -36.64
C HIS Y 198 -59.09 -31.42 -37.13
N HIS Y 199 -58.55 -30.61 -36.24
CA HIS Y 199 -57.91 -29.39 -36.70
C HIS Y 199 -56.54 -29.67 -37.28
N LEU Y 200 -55.83 -30.66 -36.74
CA LEU Y 200 -54.53 -31.01 -37.28
C LEU Y 200 -54.67 -31.77 -38.59
N ALA Y 201 -55.61 -32.69 -38.67
CA ALA Y 201 -55.77 -33.52 -39.86
C ALA Y 201 -56.81 -32.98 -40.81
N GLY Y 202 -58.02 -32.68 -40.31
CA GLY Y 202 -59.09 -32.30 -41.19
C GLY Y 202 -59.02 -30.87 -41.69
N LEU Y 203 -58.38 -29.98 -40.94
CA LEU Y 203 -58.35 -28.58 -41.31
C LEU Y 203 -57.01 -28.18 -41.89
N LEU Y 204 -55.92 -28.41 -41.17
CA LEU Y 204 -54.62 -28.07 -41.69
C LEU Y 204 -54.06 -29.13 -42.63
N GLY Y 205 -54.39 -30.38 -42.39
CA GLY Y 205 -53.91 -31.44 -43.26
C GLY Y 205 -54.69 -31.51 -44.55
N LEU Y 206 -56.01 -31.59 -44.46
CA LEU Y 206 -56.83 -31.61 -45.65
C LEU Y 206 -56.84 -30.26 -46.36
N GLY Y 207 -56.60 -29.17 -45.64
CA GLY Y 207 -56.55 -27.87 -46.30
C GLY Y 207 -55.35 -27.74 -47.21
N SER Y 208 -54.18 -28.17 -46.74
CA SER Y 208 -52.99 -28.13 -47.56
C SER Y 208 -52.91 -29.30 -48.53
N LEU Y 209 -53.69 -30.35 -48.30
CA LEU Y 209 -53.87 -31.35 -49.33
C LEU Y 209 -54.81 -30.84 -50.42
N GLY Y 210 -55.85 -30.13 -50.03
CA GLY Y 210 -56.70 -29.51 -51.02
C GLY Y 210 -55.97 -28.46 -51.83
N TRP Y 211 -55.13 -27.67 -51.18
CA TRP Y 211 -54.44 -26.60 -51.90
C TRP Y 211 -53.41 -27.14 -52.86
N THR Y 212 -52.64 -28.15 -52.45
CA THR Y 212 -51.71 -28.76 -53.40
C THR Y 212 -52.43 -29.45 -54.54
N GLY Y 213 -53.70 -29.80 -54.36
CA GLY Y 213 -54.52 -30.19 -55.50
C GLY Y 213 -54.74 -29.04 -56.46
N HIS Y 214 -55.03 -27.85 -55.93
CA HIS Y 214 -55.19 -26.67 -56.76
C HIS Y 214 -53.88 -26.29 -57.44
N LEU Y 215 -52.78 -26.31 -56.69
CA LEU Y 215 -51.50 -25.86 -57.22
C LEU Y 215 -51.10 -26.67 -58.45
N ILE Y 216 -51.23 -27.99 -58.36
CA ILE Y 216 -50.81 -28.88 -59.45
C ILE Y 216 -51.70 -28.71 -60.66
N HIS Y 217 -52.99 -28.50 -60.46
CA HIS Y 217 -53.94 -28.54 -61.55
C HIS Y 217 -54.43 -27.18 -62.00
N VAL Y 218 -54.16 -26.12 -61.26
CA VAL Y 218 -54.54 -24.79 -61.70
C VAL Y 218 -53.32 -23.89 -61.74
N SER Y 219 -52.63 -23.76 -60.63
CA SER Y 219 -51.58 -22.75 -60.51
C SER Y 219 -50.32 -23.14 -61.28
N LEU Y 220 -49.89 -24.40 -61.15
CA LEU Y 220 -48.69 -24.82 -61.88
C LEU Y 220 -48.82 -24.72 -63.39
N PRO Y 221 -49.90 -25.20 -64.03
CA PRO Y 221 -50.01 -25.03 -65.47
C PRO Y 221 -50.16 -23.57 -65.87
N THR Y 222 -51.02 -22.83 -65.17
CA THR Y 222 -51.26 -21.44 -65.54
C THR Y 222 -50.00 -20.60 -65.44
N ASN Y 223 -49.24 -20.77 -64.36
CA ASN Y 223 -48.01 -20.02 -64.22
C ASN Y 223 -46.88 -20.60 -65.05
N LYS Y 224 -47.03 -21.81 -65.57
CA LYS Y 224 -46.08 -22.32 -66.54
C LYS Y 224 -46.19 -21.57 -67.86
N LEU Y 225 -47.40 -21.40 -68.35
CA LEU Y 225 -47.61 -20.71 -69.62
C LEU Y 225 -47.45 -19.21 -69.50
N LEU Y 226 -47.80 -18.63 -68.36
CA LEU Y 226 -47.63 -17.18 -68.19
C LEU Y 226 -46.16 -16.78 -68.16
N ASP Y 227 -45.26 -17.70 -67.87
CA ASP Y 227 -43.83 -17.41 -67.94
C ASP Y 227 -43.27 -17.48 -69.35
N THR Y 228 -44.02 -18.04 -70.30
CA THR Y 228 -43.60 -18.05 -71.70
C THR Y 228 -44.26 -16.94 -72.50
N GLY Y 229 -45.08 -16.10 -71.87
CA GLY Y 229 -45.68 -14.98 -72.57
C GLY Y 229 -46.73 -15.38 -73.58
N VAL Y 230 -47.88 -15.85 -73.11
CA VAL Y 230 -48.99 -16.20 -74.00
C VAL Y 230 -50.09 -15.15 -74.01
N ALA Y 231 -50.05 -14.18 -73.09
CA ALA Y 231 -50.85 -12.94 -73.18
C ALA Y 231 -52.36 -13.20 -73.10
N LEU Y 232 -52.77 -14.11 -72.22
CA LEU Y 232 -54.16 -14.27 -71.78
C LEU Y 232 -55.14 -14.68 -72.86
N LYS Y 233 -54.68 -14.80 -74.11
CA LYS Y 233 -55.46 -15.52 -75.12
C LYS Y 233 -55.23 -17.02 -75.01
N ASP Y 234 -53.97 -17.44 -75.15
CA ASP Y 234 -53.64 -18.85 -75.21
C ASP Y 234 -53.68 -19.53 -73.85
N ILE Y 235 -53.89 -18.80 -72.77
CA ILE Y 235 -54.13 -19.41 -71.46
C ILE Y 235 -55.43 -20.21 -71.51
N PRO Y 236 -55.41 -21.51 -71.27
CA PRO Y 236 -56.65 -22.25 -71.11
C PRO Y 236 -57.24 -21.95 -69.74
N LEU Y 237 -58.55 -22.04 -69.67
CA LEU Y 237 -59.21 -21.92 -68.39
C LEU Y 237 -58.83 -23.11 -67.52
N PRO Y 238 -58.83 -22.96 -66.20
CA PRO Y 238 -58.28 -24.02 -65.33
C PRO Y 238 -58.95 -25.36 -65.49
N HIS Y 239 -60.23 -25.39 -65.85
CA HIS Y 239 -60.90 -26.66 -66.05
C HIS Y 239 -60.47 -27.32 -67.35
N GLU Y 240 -60.10 -26.52 -68.36
CA GLU Y 240 -59.64 -27.09 -69.62
C GLU Y 240 -58.31 -27.81 -69.48
N PHE Y 241 -57.62 -27.67 -68.35
CA PHE Y 241 -56.46 -28.51 -68.06
C PHE Y 241 -56.84 -29.90 -67.60
N ILE Y 242 -58.06 -30.09 -67.11
CA ILE Y 242 -58.50 -31.40 -66.62
C ILE Y 242 -59.43 -32.08 -67.62
N LEU Y 243 -60.36 -31.32 -68.21
CA LEU Y 243 -61.14 -31.85 -69.33
C LEU Y 243 -60.26 -32.25 -70.50
N ASN Y 244 -59.16 -31.55 -70.70
CA ASN Y 244 -58.23 -31.92 -71.76
C ASN Y 244 -56.93 -32.37 -71.11
N PRO Y 245 -56.85 -33.62 -70.67
CA PRO Y 245 -55.61 -34.08 -70.03
C PRO Y 245 -54.42 -34.12 -70.95
N SER Y 246 -54.63 -34.19 -72.26
CA SER Y 246 -53.53 -34.13 -73.21
C SER Y 246 -52.87 -32.76 -73.22
N LEU Y 247 -53.55 -31.73 -72.71
CA LEU Y 247 -53.00 -30.39 -72.69
C LEU Y 247 -51.88 -30.23 -71.69
N MET Y 248 -51.81 -31.10 -70.67
CA MET Y 248 -50.71 -31.08 -69.71
C MET Y 248 -49.70 -32.18 -69.98
N ASN Y 249 -49.47 -32.55 -71.23
CA ASN Y 249 -48.36 -33.43 -71.53
C ASN Y 249 -47.23 -32.72 -72.24
N LYS Y 250 -47.51 -31.64 -72.95
CA LYS Y 250 -46.44 -30.77 -73.40
C LYS Y 250 -45.77 -30.07 -72.22
N LEU Y 251 -46.53 -29.84 -71.15
CA LEU Y 251 -45.99 -29.39 -69.87
C LEU Y 251 -45.89 -30.61 -68.97
N TYR Y 252 -44.78 -30.74 -68.25
CA TYR Y 252 -44.52 -31.88 -67.39
C TYR Y 252 -44.70 -33.21 -68.13
N PRO Y 253 -43.88 -33.47 -69.16
CA PRO Y 253 -44.10 -34.67 -69.97
C PRO Y 253 -43.74 -35.96 -69.26
N HIS Y 254 -43.03 -35.91 -68.14
CA HIS Y 254 -42.56 -37.12 -67.48
C HIS Y 254 -43.65 -37.84 -66.71
N ALA Y 255 -44.83 -37.23 -66.56
CA ALA Y 255 -45.98 -37.89 -65.97
C ALA Y 255 -46.89 -38.42 -67.07
N ASP Y 256 -48.08 -38.87 -66.70
CA ASP Y 256 -48.94 -39.54 -67.67
C ASP Y 256 -50.25 -38.80 -67.93
N TRP Y 257 -50.85 -38.21 -66.89
CA TRP Y 257 -51.98 -37.28 -67.00
C TRP Y 257 -53.20 -37.93 -67.65
N GLY Y 258 -53.75 -38.89 -66.94
CA GLY Y 258 -55.04 -39.45 -67.27
C GLY Y 258 -55.81 -39.72 -65.98
N PHE Y 259 -57.11 -39.97 -66.14
CA PHE Y 259 -58.01 -40.12 -64.99
C PHE Y 259 -57.47 -41.20 -64.06
N VAL Y 260 -57.35 -42.42 -64.54
CA VAL Y 260 -56.81 -43.52 -63.76
C VAL Y 260 -55.37 -43.83 -64.15
N LYS Y 261 -55.07 -43.78 -65.45
CA LYS Y 261 -53.75 -44.12 -65.95
C LYS Y 261 -52.66 -43.17 -65.47
N GLY Y 262 -53.02 -41.96 -65.07
CA GLY Y 262 -52.02 -40.98 -64.67
C GLY Y 262 -51.82 -40.84 -63.18
N VAL Y 263 -52.66 -41.50 -62.38
CA VAL Y 263 -52.61 -41.37 -60.93
C VAL Y 263 -51.92 -42.57 -60.28
N VAL Y 264 -51.92 -43.73 -60.91
CA VAL Y 264 -51.33 -44.95 -60.36
C VAL Y 264 -49.83 -44.88 -60.08
N PRO Y 265 -49.01 -43.98 -60.64
CA PRO Y 265 -47.64 -43.86 -60.09
C PRO Y 265 -47.60 -43.47 -58.62
N PHE Y 266 -48.64 -42.81 -58.12
CA PHE Y 266 -48.68 -42.49 -56.69
C PHE Y 266 -48.87 -43.76 -55.86
N PHE Y 267 -49.79 -44.63 -56.27
CA PHE Y 267 -50.09 -45.81 -55.48
C PHE Y 267 -49.03 -46.90 -55.63
N THR Y 268 -48.49 -47.08 -56.83
CA THR Y 268 -47.43 -48.04 -57.02
C THR Y 268 -46.08 -47.51 -56.61
N LEU Y 269 -46.04 -46.32 -56.00
CA LEU Y 269 -44.84 -45.73 -55.39
C LEU Y 269 -43.73 -45.49 -56.39
N GLN Y 270 -44.09 -45.32 -57.66
CA GLN Y 270 -43.13 -44.88 -58.68
C GLN Y 270 -43.18 -43.37 -58.79
N TRP Y 271 -42.81 -42.71 -57.69
CA TRP Y 271 -42.96 -41.26 -57.59
C TRP Y 271 -41.96 -40.49 -58.43
N GLY Y 272 -41.08 -41.17 -59.17
CA GLY Y 272 -40.16 -40.47 -60.04
C GLY Y 272 -40.83 -39.77 -61.21
N HIS Y 273 -42.04 -40.20 -61.59
CA HIS Y 273 -42.74 -39.50 -62.65
C HIS Y 273 -43.26 -38.14 -62.20
N PHE Y 274 -43.29 -37.89 -60.91
CA PHE Y 274 -43.78 -36.63 -60.36
C PHE Y 274 -42.69 -35.60 -60.19
N THR Y 275 -41.43 -35.96 -60.46
CA THR Y 275 -40.29 -35.10 -60.18
C THR Y 275 -40.26 -33.84 -61.03
N ASP Y 276 -41.05 -33.77 -62.09
CA ASP Y 276 -41.04 -32.61 -62.96
C ASP Y 276 -42.00 -31.52 -62.53
N PHE Y 277 -43.03 -31.85 -61.76
CA PHE Y 277 -43.91 -30.83 -61.22
C PHE Y 277 -43.95 -30.77 -59.71
N LEU Y 278 -43.33 -31.72 -59.01
CA LEU Y 278 -43.11 -31.61 -57.56
C LEU Y 278 -41.60 -31.59 -57.38
N THR Y 279 -41.01 -30.42 -57.59
CA THR Y 279 -39.56 -30.30 -57.56
C THR Y 279 -39.12 -29.94 -56.15
N PHE Y 280 -37.81 -29.91 -55.95
CA PHE Y 280 -37.24 -29.46 -54.71
C PHE Y 280 -36.12 -28.48 -55.04
N LYS Y 281 -36.41 -27.55 -55.94
CA LYS Y 281 -35.39 -26.61 -56.41
C LYS Y 281 -34.95 -25.68 -55.30
N GLY Y 282 -35.89 -25.04 -54.64
CA GLY Y 282 -35.59 -24.19 -53.50
C GLY Y 282 -34.78 -22.95 -53.84
N GLY Y 283 -35.41 -22.02 -54.53
CA GLY Y 283 -34.80 -20.76 -54.81
C GLY Y 283 -35.89 -19.84 -55.27
N LEU Y 284 -35.49 -18.79 -55.98
CA LEU Y 284 -36.45 -17.87 -56.56
C LEU Y 284 -36.49 -18.12 -58.06
N ASN Y 285 -37.70 -18.34 -58.58
CA ASN Y 285 -37.95 -18.40 -60.00
C ASN Y 285 -37.50 -17.10 -60.65
N PRO Y 286 -36.49 -17.14 -61.51
CA PRO Y 286 -35.80 -15.90 -61.91
C PRO Y 286 -36.58 -15.04 -62.89
N VAL Y 287 -37.73 -15.51 -63.39
CA VAL Y 287 -38.48 -14.70 -64.35
C VAL Y 287 -39.55 -13.93 -63.60
N THR Y 288 -40.03 -14.46 -62.47
CA THR Y 288 -41.01 -13.78 -61.66
C THR Y 288 -40.49 -13.31 -60.32
N GLY Y 289 -39.41 -13.90 -59.82
CA GLY Y 289 -38.86 -13.53 -58.54
C GLY Y 289 -39.47 -14.25 -57.37
N GLY Y 290 -40.60 -14.92 -57.56
CA GLY Y 290 -41.23 -15.67 -56.51
C GLY Y 290 -40.63 -17.06 -56.38
N LEU Y 291 -41.15 -17.81 -55.41
CA LEU Y 291 -40.73 -19.18 -55.26
C LEU Y 291 -41.24 -20.00 -56.44
N TRP Y 292 -40.53 -21.07 -56.74
CA TRP Y 292 -41.00 -22.01 -57.74
C TRP Y 292 -42.32 -22.62 -57.28
N LEU Y 293 -43.36 -22.50 -58.10
CA LEU Y 293 -44.63 -23.07 -57.70
C LEU Y 293 -44.58 -24.59 -57.66
N THR Y 294 -43.75 -25.20 -58.50
CA THR Y 294 -43.52 -26.64 -58.39
C THR Y 294 -42.89 -26.98 -57.06
N ASP Y 295 -42.05 -26.09 -56.54
CA ASP Y 295 -41.44 -26.26 -55.24
C ASP Y 295 -42.43 -25.95 -54.12
N VAL Y 296 -43.37 -25.04 -54.37
CA VAL Y 296 -44.44 -24.76 -53.42
C VAL Y 296 -45.43 -25.91 -53.35
N ALA Y 297 -45.78 -26.47 -54.51
CA ALA Y 297 -46.74 -27.57 -54.54
C ALA Y 297 -46.19 -28.79 -53.82
N HIS Y 298 -44.88 -29.01 -53.93
CA HIS Y 298 -44.26 -30.09 -53.18
C HIS Y 298 -44.29 -29.82 -51.70
N HIS Y 299 -44.19 -28.55 -51.31
CA HIS Y 299 -44.23 -28.18 -49.90
C HIS Y 299 -45.57 -28.51 -49.27
N HIS Y 300 -46.66 -28.15 -49.93
CA HIS Y 300 -47.96 -28.36 -49.33
C HIS Y 300 -48.29 -29.83 -49.26
N LEU Y 301 -47.82 -30.60 -50.21
CA LEU Y 301 -47.99 -32.04 -50.15
C LEU Y 301 -47.19 -32.63 -49.00
N ALA Y 302 -45.99 -32.11 -48.76
CA ALA Y 302 -45.23 -32.55 -47.60
C ALA Y 302 -45.90 -32.09 -46.30
N ILE Y 303 -46.46 -30.88 -46.30
CA ILE Y 303 -47.17 -30.37 -45.14
C ILE Y 303 -48.45 -31.17 -44.90
N ALA Y 304 -49.19 -31.46 -45.97
CA ALA Y 304 -50.44 -32.20 -45.84
C ALA Y 304 -50.20 -33.58 -45.25
N VAL Y 305 -49.24 -34.32 -45.80
CA VAL Y 305 -48.95 -35.66 -45.30
C VAL Y 305 -48.54 -35.59 -43.84
N MET Y 306 -47.78 -34.57 -43.48
CA MET Y 306 -47.24 -34.46 -42.13
C MET Y 306 -48.26 -33.92 -41.13
N PHE Y 307 -49.32 -33.24 -41.59
CA PHE Y 307 -50.38 -32.81 -40.70
C PHE Y 307 -51.49 -33.83 -40.55
N ILE Y 308 -51.84 -34.55 -41.61
CA ILE Y 308 -52.77 -35.66 -41.47
C ILE Y 308 -52.22 -36.69 -40.52
N ILE Y 309 -50.92 -36.97 -40.63
CA ILE Y 309 -50.26 -37.85 -39.67
C ILE Y 309 -50.37 -37.27 -38.26
N ALA Y 310 -50.17 -35.96 -38.12
CA ALA Y 310 -50.22 -35.32 -36.81
C ALA Y 310 -51.61 -35.39 -36.18
N GLY Y 311 -52.65 -35.47 -36.99
CA GLY Y 311 -53.99 -35.51 -36.46
C GLY Y 311 -54.43 -36.84 -35.93
N HIS Y 312 -53.59 -37.86 -36.01
CA HIS Y 312 -53.86 -39.16 -35.44
C HIS Y 312 -53.13 -39.38 -34.13
N MET Y 313 -52.62 -38.32 -33.52
CA MET Y 313 -51.81 -38.49 -32.33
C MET Y 313 -52.66 -38.69 -31.10
N TYR Y 314 -53.80 -38.01 -31.01
CA TYR Y 314 -54.58 -38.00 -29.78
C TYR Y 314 -55.73 -39.01 -29.85
N ARG Y 315 -56.15 -39.47 -28.68
CA ARG Y 315 -57.03 -40.62 -28.54
C ARG Y 315 -58.48 -40.16 -28.44
N THR Y 316 -59.24 -40.42 -29.48
CA THR Y 316 -60.69 -40.31 -29.42
C THR Y 316 -61.25 -41.68 -29.04
N ASN Y 317 -62.53 -41.90 -29.27
CA ASN Y 317 -63.22 -43.06 -28.72
C ASN Y 317 -62.79 -44.40 -29.33
N TRP Y 318 -61.76 -44.57 -30.15
CA TRP Y 318 -61.31 -45.88 -30.58
C TRP Y 318 -60.07 -46.35 -29.85
N GLY Y 319 -59.91 -45.98 -28.59
CA GLY Y 319 -58.90 -46.58 -27.75
C GLY Y 319 -57.48 -46.15 -28.04
N ILE Y 320 -57.11 -46.13 -29.29
CA ILE Y 320 -55.73 -45.91 -29.68
C ILE Y 320 -55.48 -44.40 -29.78
N GLY Y 321 -54.28 -43.99 -29.41
CA GLY Y 321 -53.91 -42.59 -29.45
C GLY Y 321 -53.29 -42.15 -28.15
N HIS Y 322 -53.09 -40.84 -28.02
CA HIS Y 322 -52.54 -40.25 -26.81
C HIS Y 322 -53.63 -39.60 -25.99
N SER Y 323 -53.38 -39.49 -24.69
CA SER Y 323 -54.23 -38.68 -23.82
C SER Y 323 -53.39 -37.53 -23.30
N ILE Y 324 -53.80 -36.31 -23.65
CA ILE Y 324 -53.14 -35.12 -23.14
C ILE Y 324 -53.25 -35.04 -21.63
N LYS Y 325 -54.35 -35.55 -21.08
CA LYS Y 325 -54.63 -35.42 -19.66
C LYS Y 325 -53.50 -35.99 -18.80
N GLU Y 326 -53.05 -37.20 -19.13
CA GLU Y 326 -52.01 -37.82 -18.33
C GLU Y 326 -50.71 -37.97 -19.11
N MET Y 327 -50.58 -37.28 -20.23
CA MET Y 327 -49.25 -36.88 -20.67
C MET Y 327 -48.77 -35.68 -19.88
N LEU Y 328 -49.69 -34.75 -19.59
CA LEU Y 328 -49.37 -33.65 -18.70
C LEU Y 328 -49.11 -34.16 -17.29
N ASP Y 329 -50.01 -34.97 -16.76
CA ASP Y 329 -49.91 -35.43 -15.38
C ASP Y 329 -48.66 -36.26 -15.11
N ASP Y 330 -48.00 -36.76 -16.14
CA ASP Y 330 -46.78 -37.53 -15.96
C ASP Y 330 -45.52 -36.70 -16.12
N ALA Y 331 -45.65 -35.39 -16.28
CA ALA Y 331 -44.47 -34.52 -16.27
C ALA Y 331 -44.18 -34.01 -14.86
N ARG Y 332 -44.12 -34.95 -13.93
CA ARG Y 332 -43.79 -34.70 -12.53
C ARG Y 332 -42.28 -34.73 -12.39
N THR Y 333 -41.75 -34.82 -11.17
CA THR Y 333 -40.30 -35.00 -11.14
C THR Y 333 -39.76 -36.26 -10.46
N PRO Y 334 -40.38 -37.43 -10.59
CA PRO Y 334 -39.57 -38.64 -10.56
C PRO Y 334 -39.03 -38.91 -11.94
N ASN Y 335 -39.67 -38.30 -12.94
CA ASN Y 335 -39.37 -38.53 -14.35
C ASN Y 335 -39.21 -37.23 -15.15
N MET Y 336 -38.03 -36.63 -15.03
CA MET Y 336 -37.56 -35.54 -15.87
C MET Y 336 -36.08 -35.72 -16.10
N LEU Y 337 -35.55 -34.95 -17.03
CA LEU Y 337 -34.11 -34.83 -17.12
C LEU Y 337 -33.59 -34.24 -15.81
N PRO Y 338 -32.44 -34.68 -15.31
CA PRO Y 338 -31.99 -34.23 -13.99
C PRO Y 338 -31.78 -32.73 -13.88
N PHE Y 339 -31.40 -32.06 -14.97
CA PHE Y 339 -31.13 -30.65 -14.89
C PHE Y 339 -32.38 -29.79 -14.95
N LEU Y 340 -33.52 -30.36 -15.32
CA LEU Y 340 -34.79 -29.63 -15.29
C LEU Y 340 -35.81 -30.35 -14.44
N SER Y 341 -35.33 -31.11 -13.47
CA SER Y 341 -36.17 -31.80 -12.50
C SER Y 341 -36.62 -30.90 -11.37
N PHE Y 342 -36.50 -29.59 -11.50
CA PHE Y 342 -36.85 -28.69 -10.41
C PHE Y 342 -38.32 -28.33 -10.38
N ILE Y 343 -39.12 -28.71 -11.37
CA ILE Y 343 -40.52 -28.27 -11.42
C ILE Y 343 -41.35 -29.34 -10.72
N GLY Y 344 -41.19 -29.41 -9.40
CA GLY Y 344 -42.22 -29.94 -8.53
C GLY Y 344 -42.46 -31.43 -8.60
N PRO Y 345 -42.72 -32.05 -7.44
CA PRO Y 345 -43.30 -33.39 -7.47
C PRO Y 345 -44.64 -33.44 -8.15
N VAL Y 346 -45.43 -32.37 -8.04
CA VAL Y 346 -46.71 -32.32 -8.73
C VAL Y 346 -46.51 -32.07 -10.21
N GLY Y 347 -45.64 -31.14 -10.55
CA GLY Y 347 -45.34 -30.85 -11.94
C GLY Y 347 -46.48 -30.22 -12.70
N HIS Y 348 -47.09 -30.98 -13.61
CA HIS Y 348 -48.11 -30.46 -14.49
C HIS Y 348 -49.51 -30.94 -14.15
N LYS Y 349 -49.70 -31.58 -13.01
CA LYS Y 349 -51.02 -32.03 -12.64
C LYS Y 349 -51.94 -30.83 -12.40
N GLY Y 350 -53.21 -31.01 -12.73
CA GLY Y 350 -54.16 -29.93 -12.60
C GLY Y 350 -54.05 -28.88 -13.66
N LEU Y 351 -53.24 -29.10 -14.69
CA LEU Y 351 -53.07 -28.13 -15.75
C LEU Y 351 -53.86 -28.48 -16.99
N PHE Y 352 -54.29 -29.72 -17.13
CA PHE Y 352 -55.26 -30.04 -18.17
C PHE Y 352 -56.64 -29.50 -17.84
N GLU Y 353 -56.95 -29.37 -16.56
CA GLU Y 353 -58.21 -28.73 -16.18
C GLU Y 353 -58.15 -27.22 -16.31
N VAL Y 354 -56.95 -26.64 -16.36
CA VAL Y 354 -56.83 -25.20 -16.60
C VAL Y 354 -57.20 -24.90 -18.04
N LEU Y 355 -56.61 -25.61 -18.99
CA LEU Y 355 -56.79 -25.39 -20.41
C LEU Y 355 -58.04 -26.03 -20.96
N THR Y 356 -58.91 -26.52 -20.10
CA THR Y 356 -60.19 -27.08 -20.54
C THR Y 356 -61.37 -26.38 -19.91
N THR Y 357 -61.26 -25.92 -18.67
CA THR Y 357 -62.38 -25.29 -17.99
C THR Y 357 -62.34 -23.77 -18.07
N SER Y 358 -61.44 -23.19 -18.86
CA SER Y 358 -61.39 -21.74 -18.96
C SER Y 358 -60.95 -21.35 -20.36
N TRP Y 359 -61.72 -20.45 -20.97
CA TRP Y 359 -61.43 -20.00 -22.32
C TRP Y 359 -60.33 -18.96 -22.35
N HIS Y 360 -60.10 -18.23 -21.26
CA HIS Y 360 -59.05 -17.23 -21.26
C HIS Y 360 -57.67 -17.88 -21.25
N ALA Y 361 -57.56 -19.04 -20.61
CA ALA Y 361 -56.33 -19.79 -20.69
C ALA Y 361 -56.02 -20.18 -22.12
N GLN Y 362 -57.03 -20.62 -22.86
CA GLN Y 362 -56.84 -20.96 -24.25
C GLN Y 362 -56.58 -19.73 -25.10
N LEU Y 363 -57.33 -18.65 -24.85
CA LEU Y 363 -57.16 -17.45 -25.67
C LEU Y 363 -55.80 -16.82 -25.45
N SER Y 364 -55.25 -16.93 -24.25
CA SER Y 364 -53.92 -16.38 -24.01
C SER Y 364 -52.85 -17.10 -24.81
N ILE Y 365 -52.91 -18.43 -24.87
CA ILE Y 365 -51.93 -19.18 -25.65
C ILE Y 365 -52.18 -19.01 -27.14
N ASN Y 366 -53.43 -19.08 -27.55
CA ASN Y 366 -53.73 -19.03 -28.98
C ASN Y 366 -53.47 -17.66 -29.57
N LEU Y 367 -53.44 -16.62 -28.76
CA LEU Y 367 -53.10 -15.30 -29.24
C LEU Y 367 -51.58 -15.11 -29.28
N ALA Y 368 -50.89 -15.58 -28.25
CA ALA Y 368 -49.45 -15.42 -28.20
C ALA Y 368 -48.76 -16.24 -29.27
N MET Y 369 -49.37 -17.32 -29.74
CA MET Y 369 -48.83 -18.07 -30.86
C MET Y 369 -49.35 -17.62 -32.20
N LEU Y 370 -50.55 -17.09 -32.29
CA LEU Y 370 -50.94 -16.49 -33.54
C LEU Y 370 -50.20 -15.18 -33.77
N GLY Y 371 -49.89 -14.47 -32.68
CA GLY Y 371 -49.10 -13.27 -32.80
C GLY Y 371 -47.66 -13.57 -33.21
N SER Y 372 -47.06 -14.59 -32.62
CA SER Y 372 -45.70 -14.94 -32.97
C SER Y 372 -45.63 -15.55 -34.35
N LEU Y 373 -46.67 -16.26 -34.77
CA LEU Y 373 -46.75 -16.77 -36.13
C LEU Y 373 -46.80 -15.65 -37.14
N SER Y 374 -47.58 -14.61 -36.85
CA SER Y 374 -47.73 -13.50 -37.79
C SER Y 374 -46.43 -12.75 -37.99
N ILE Y 375 -45.58 -12.70 -36.96
CA ILE Y 375 -44.29 -12.05 -37.12
C ILE Y 375 -43.30 -12.96 -37.84
N ILE Y 376 -43.38 -14.26 -37.59
CA ILE Y 376 -42.56 -15.23 -38.31
C ILE Y 376 -42.92 -15.21 -39.79
N ILE Y 377 -44.22 -15.15 -40.08
CA ILE Y 377 -44.70 -15.09 -41.46
C ILE Y 377 -44.17 -13.85 -42.16
N ALA Y 378 -44.13 -12.72 -41.45
CA ALA Y 378 -43.62 -11.50 -42.04
C ALA Y 378 -42.15 -11.63 -42.41
N HIS Y 379 -41.35 -12.27 -41.55
CA HIS Y 379 -39.95 -12.48 -41.84
C HIS Y 379 -39.71 -13.45 -42.97
N HIS Y 380 -40.64 -14.36 -43.22
CA HIS Y 380 -40.45 -15.36 -44.25
C HIS Y 380 -40.97 -14.94 -45.61
N MET Y 381 -41.87 -13.98 -45.66
CA MET Y 381 -42.41 -13.57 -46.94
C MET Y 381 -41.65 -12.41 -47.55
N TYR Y 382 -40.58 -11.94 -46.93
CA TYR Y 382 -39.66 -11.05 -47.61
C TYR Y 382 -38.39 -11.76 -48.02
N ALA Y 383 -37.89 -12.66 -47.20
CA ALA Y 383 -36.61 -13.31 -47.45
C ALA Y 383 -36.73 -14.40 -48.48
N MET Y 384 -37.94 -14.78 -48.82
CA MET Y 384 -38.20 -15.80 -49.84
C MET Y 384 -39.62 -15.61 -50.35
N PRO Y 385 -39.82 -14.62 -51.21
CA PRO Y 385 -41.15 -14.23 -51.62
C PRO Y 385 -41.84 -15.36 -52.36
N PRO Y 386 -43.04 -15.74 -51.92
CA PRO Y 386 -43.75 -16.86 -52.54
C PRO Y 386 -44.56 -16.51 -53.77
N TYR Y 387 -44.78 -15.25 -54.01
CA TYR Y 387 -45.69 -14.83 -55.04
C TYR Y 387 -44.95 -14.26 -56.23
N PRO Y 388 -45.48 -14.43 -57.44
CA PRO Y 388 -44.82 -13.88 -58.62
C PRO Y 388 -44.87 -12.36 -58.59
N TYR Y 389 -43.73 -11.75 -58.91
CA TYR Y 389 -43.59 -10.30 -58.99
C TYR Y 389 -43.92 -9.62 -57.67
N LEU Y 390 -43.72 -10.35 -56.56
CA LEU Y 390 -43.94 -9.77 -55.25
C LEU Y 390 -42.72 -8.97 -54.81
N ALA Y 391 -41.54 -9.57 -54.92
CA ALA Y 391 -40.33 -8.96 -54.39
C ALA Y 391 -39.98 -7.66 -55.09
N THR Y 392 -40.33 -7.54 -56.35
CA THR Y 392 -40.01 -6.32 -57.09
C THR Y 392 -40.99 -5.20 -56.81
N ASP Y 393 -42.19 -5.51 -56.35
CA ASP Y 393 -43.13 -4.49 -55.91
C ASP Y 393 -42.70 -4.10 -54.50
N TYR Y 394 -41.82 -3.10 -54.43
CA TYR Y 394 -41.21 -2.73 -53.16
C TYR Y 394 -42.22 -2.16 -52.19
N GLY Y 395 -43.29 -1.55 -52.71
CA GLY Y 395 -44.33 -1.05 -51.83
C GLY Y 395 -45.15 -2.15 -51.20
N THR Y 396 -45.21 -3.31 -51.84
CA THR Y 396 -45.96 -4.42 -51.27
C THR Y 396 -45.12 -5.21 -50.29
N VAL Y 397 -43.82 -5.36 -50.56
CA VAL Y 397 -42.95 -6.07 -49.64
C VAL Y 397 -42.90 -5.36 -48.30
N VAL Y 398 -42.80 -4.03 -48.31
CA VAL Y 398 -42.77 -3.30 -47.05
C VAL Y 398 -44.14 -3.33 -46.38
N SER Y 399 -45.21 -3.19 -47.14
CA SER Y 399 -46.52 -3.09 -46.53
C SER Y 399 -47.08 -4.45 -46.11
N LEU Y 400 -46.48 -5.53 -46.57
CA LEU Y 400 -46.89 -6.85 -46.10
C LEU Y 400 -46.10 -7.26 -44.88
N PHE Y 401 -44.80 -6.95 -44.84
CA PHE Y 401 -44.02 -7.17 -43.64
C PHE Y 401 -44.54 -6.31 -42.50
N THR Y 402 -44.84 -5.04 -42.78
CA THR Y 402 -45.23 -4.13 -41.74
C THR Y 402 -46.60 -4.45 -41.20
N HIS Y 403 -47.52 -4.86 -42.08
CA HIS Y 403 -48.86 -5.21 -41.62
C HIS Y 403 -48.83 -6.38 -40.68
N HIS Y 404 -48.03 -7.40 -40.99
CA HIS Y 404 -48.06 -8.61 -40.21
C HIS Y 404 -47.22 -8.53 -38.96
N VAL Y 405 -46.25 -7.62 -38.90
CA VAL Y 405 -45.56 -7.38 -37.65
C VAL Y 405 -46.49 -6.69 -36.67
N TRP Y 406 -47.21 -5.67 -37.13
CA TRP Y 406 -48.15 -4.98 -36.25
C TRP Y 406 -49.28 -5.87 -35.81
N ILE Y 407 -49.85 -6.64 -36.74
CA ILE Y 407 -50.91 -7.58 -36.39
C ILE Y 407 -50.37 -8.60 -35.41
N GLY Y 408 -49.15 -9.08 -35.65
CA GLY Y 408 -48.55 -10.04 -34.74
C GLY Y 408 -48.21 -9.47 -33.40
N GLY Y 409 -48.00 -8.17 -33.30
CA GLY Y 409 -47.64 -7.60 -32.02
C GLY Y 409 -48.84 -7.25 -31.18
N PHE Y 410 -49.94 -6.88 -31.81
CA PHE Y 410 -51.18 -6.69 -31.07
C PHE Y 410 -51.65 -8.00 -30.46
N LEU Y 411 -51.58 -9.08 -31.23
CA LEU Y 411 -52.03 -10.38 -30.76
C LEU Y 411 -51.20 -10.87 -29.59
N ILE Y 412 -49.90 -10.60 -29.61
CA ILE Y 412 -49.05 -11.02 -28.50
C ILE Y 412 -49.43 -10.30 -27.22
N VAL Y 413 -49.71 -9.01 -27.30
CA VAL Y 413 -50.16 -8.26 -26.14
C VAL Y 413 -51.50 -8.78 -25.65
N GLY Y 414 -52.36 -9.20 -26.58
CA GLY Y 414 -53.62 -9.79 -26.18
C GLY Y 414 -53.49 -11.17 -25.58
N GLY Y 415 -52.41 -11.87 -25.91
CA GLY Y 415 -52.14 -13.12 -25.23
C GLY Y 415 -51.69 -12.90 -23.81
N ALA Y 416 -51.07 -11.76 -23.53
CA ALA Y 416 -50.70 -11.41 -22.18
C ALA Y 416 -51.82 -10.74 -21.42
N ALA Y 417 -52.82 -10.22 -22.12
CA ALA Y 417 -54.00 -9.72 -21.44
C ALA Y 417 -54.79 -10.86 -20.82
N HIS Y 418 -55.09 -11.89 -21.61
CA HIS Y 418 -55.90 -12.98 -21.11
C HIS Y 418 -55.11 -13.96 -20.27
N ALA Y 419 -53.79 -13.92 -20.33
CA ALA Y 419 -53.02 -14.59 -19.30
C ALA Y 419 -53.23 -13.93 -17.96
N ALA Y 420 -53.60 -12.66 -17.92
CA ALA Y 420 -53.87 -11.95 -16.69
C ALA Y 420 -55.35 -11.97 -16.33
N ILE Y 421 -56.24 -12.02 -17.31
CA ILE Y 421 -57.65 -12.21 -17.00
C ILE Y 421 -57.90 -13.61 -16.48
N TYR Y 422 -57.10 -14.58 -16.94
CA TYR Y 422 -57.20 -15.91 -16.37
C TYR Y 422 -56.83 -15.90 -14.90
N MET Y 423 -55.81 -15.14 -14.53
CA MET Y 423 -55.34 -15.15 -13.15
C MET Y 423 -56.38 -14.56 -12.20
N VAL Y 424 -57.02 -13.46 -12.57
CA VAL Y 424 -57.88 -12.83 -11.59
C VAL Y 424 -59.33 -13.21 -11.80
N ARG Y 425 -59.58 -14.22 -12.62
CA ARG Y 425 -60.96 -14.64 -12.76
C ARG Y 425 -61.11 -16.15 -12.72
N ASP Y 426 -60.21 -16.86 -13.40
CA ASP Y 426 -60.32 -18.30 -13.56
C ASP Y 426 -59.23 -19.07 -12.83
N TYR Y 427 -58.27 -18.40 -12.21
CA TYR Y 427 -57.23 -19.11 -11.49
C TYR Y 427 -57.81 -19.74 -10.24
N ASP Y 428 -57.56 -21.03 -10.08
CA ASP Y 428 -58.14 -21.83 -9.01
C ASP Y 428 -57.00 -22.37 -8.16
N PRO Y 429 -56.89 -21.98 -6.89
CA PRO Y 429 -55.75 -22.46 -6.09
C PRO Y 429 -55.78 -23.95 -5.82
N GLU Y 430 -56.94 -24.59 -5.70
CA GLU Y 430 -56.96 -26.00 -5.30
C GLU Y 430 -56.47 -26.91 -6.43
N GLN Y 431 -56.93 -26.69 -7.66
CA GLN Y 431 -56.44 -27.54 -8.74
C GLN Y 431 -55.02 -27.17 -9.15
N ASN Y 432 -54.50 -26.06 -8.64
CA ASN Y 432 -53.19 -25.58 -9.02
C ASN Y 432 -52.29 -25.50 -7.80
N PHE Y 433 -52.25 -26.53 -6.97
CA PHE Y 433 -51.41 -26.51 -5.79
C PHE Y 433 -50.08 -27.16 -6.12
N ASN Y 434 -49.00 -26.40 -5.93
CA ASN Y 434 -47.62 -26.86 -6.10
C ASN Y 434 -47.30 -27.32 -7.51
N ASN Y 435 -48.20 -27.10 -8.46
CA ASN Y 435 -47.96 -27.56 -9.82
C ASN Y 435 -47.09 -26.53 -10.52
N VAL Y 436 -46.98 -26.64 -11.85
CA VAL Y 436 -46.02 -25.82 -12.56
C VAL Y 436 -46.45 -24.36 -12.58
N LEU Y 437 -47.76 -24.09 -12.55
CA LEU Y 437 -48.24 -22.72 -12.55
C LEU Y 437 -48.07 -22.07 -11.18
N ASP Y 438 -48.28 -22.83 -10.12
CA ASP Y 438 -48.21 -22.26 -8.77
C ASP Y 438 -46.78 -21.96 -8.38
N ARG Y 439 -45.84 -22.80 -8.81
CA ARG Y 439 -44.43 -22.55 -8.52
C ARG Y 439 -43.87 -21.35 -9.24
N VAL Y 440 -44.57 -20.82 -10.24
CA VAL Y 440 -44.15 -19.58 -10.88
C VAL Y 440 -44.59 -18.38 -10.06
N LEU Y 441 -45.85 -18.37 -9.64
CA LEU Y 441 -46.32 -17.32 -8.75
C LEU Y 441 -45.60 -17.32 -7.42
N ARG Y 442 -44.98 -18.43 -7.06
CA ARG Y 442 -44.39 -18.53 -5.75
C ARG Y 442 -42.94 -18.03 -5.76
N HIS Y 443 -42.41 -17.68 -6.93
CA HIS Y 443 -41.10 -17.06 -7.00
C HIS Y 443 -41.10 -15.89 -7.97
N ARG Y 444 -42.25 -15.23 -8.15
CA ARG Y 444 -42.40 -14.18 -9.14
C ARG Y 444 -41.58 -12.92 -8.89
N ASP Y 445 -40.85 -12.85 -7.78
CA ASP Y 445 -39.90 -11.76 -7.61
C ASP Y 445 -38.54 -12.08 -8.20
N ALA Y 446 -38.19 -13.35 -8.30
CA ALA Y 446 -36.97 -13.70 -9.00
C ALA Y 446 -37.16 -13.68 -10.50
N ILE Y 447 -38.38 -13.84 -10.98
CA ILE Y 447 -38.63 -13.71 -12.41
C ILE Y 447 -38.57 -12.25 -12.84
N ILE Y 448 -39.12 -11.34 -12.04
CA ILE Y 448 -39.19 -9.95 -12.45
C ILE Y 448 -37.89 -9.22 -12.14
N SER Y 449 -37.18 -9.61 -11.08
CA SER Y 449 -35.89 -9.01 -10.79
C SER Y 449 -34.91 -9.25 -11.93
N HIS Y 450 -34.90 -10.45 -12.47
CA HIS Y 450 -33.94 -10.79 -13.50
C HIS Y 450 -34.40 -10.33 -14.85
N LEU Y 451 -35.70 -10.21 -15.04
CA LEU Y 451 -36.21 -9.57 -16.24
C LEU Y 451 -35.95 -8.07 -16.19
N ALA Y 452 -36.14 -7.45 -15.04
CA ALA Y 452 -35.87 -6.03 -14.93
C ALA Y 452 -34.38 -5.72 -14.98
N TRP Y 453 -33.52 -6.70 -14.71
CA TRP Y 453 -32.10 -6.47 -14.87
C TRP Y 453 -31.68 -6.62 -16.32
N VAL Y 454 -32.15 -7.68 -16.99
CA VAL Y 454 -31.77 -7.87 -18.38
C VAL Y 454 -32.39 -6.78 -19.25
N CYS Y 455 -33.56 -6.28 -18.87
CA CYS Y 455 -34.12 -5.13 -19.58
C CYS Y 455 -33.23 -3.92 -19.44
N GLN Y 456 -32.54 -3.81 -18.32
CA GLN Y 456 -31.68 -2.69 -18.03
C GLN Y 456 -30.27 -2.91 -18.52
N PHE Y 457 -29.79 -4.15 -18.54
CA PHE Y 457 -28.51 -4.45 -19.17
C PHE Y 457 -28.55 -4.14 -20.65
N LEU Y 458 -29.63 -4.54 -21.33
CA LEU Y 458 -29.75 -4.30 -22.76
C LEU Y 458 -30.03 -2.84 -23.05
N GLY Y 459 -30.68 -2.14 -22.13
CA GLY Y 459 -30.97 -0.74 -22.35
C GLY Y 459 -29.70 0.08 -22.45
N PHE Y 460 -28.73 -0.19 -21.60
CA PHE Y 460 -27.45 0.50 -21.72
C PHE Y 460 -26.66 -0.03 -22.91
N HIS Y 461 -26.70 -1.31 -23.16
CA HIS Y 461 -25.80 -1.88 -24.14
C HIS Y 461 -26.37 -1.93 -25.53
N SER Y 462 -27.56 -1.39 -25.72
CA SER Y 462 -28.07 -1.17 -27.05
C SER Y 462 -28.29 0.32 -27.29
N PHE Y 463 -29.11 0.97 -26.48
CA PHE Y 463 -29.42 2.37 -26.74
C PHE Y 463 -28.26 3.27 -26.36
N ALA Y 464 -27.65 3.04 -25.20
CA ALA Y 464 -26.62 3.98 -24.77
C ALA Y 464 -25.35 3.87 -25.62
N MET Y 465 -25.19 2.79 -26.38
CA MET Y 465 -24.14 2.78 -27.39
C MET Y 465 -24.50 3.63 -28.59
N TYR Y 466 -25.79 3.87 -28.81
CA TYR Y 466 -26.18 4.83 -29.84
C TYR Y 466 -25.87 6.25 -29.40
N CYS Y 467 -25.96 6.53 -28.10
CA CYS Y 467 -25.56 7.82 -27.56
C CYS Y 467 -24.06 7.95 -27.40
N HIS Y 468 -23.33 6.84 -27.33
CA HIS Y 468 -21.88 6.92 -27.49
C HIS Y 468 -21.53 7.35 -28.91
N ASN Y 469 -22.10 6.68 -29.90
CA ASN Y 469 -21.81 7.01 -31.29
C ASN Y 469 -22.26 8.41 -31.62
N ASP Y 470 -23.41 8.82 -31.09
CA ASP Y 470 -23.93 10.14 -31.38
C ASP Y 470 -23.03 11.23 -30.84
N THR Y 471 -22.18 10.90 -29.88
CA THR Y 471 -21.31 11.86 -29.22
C THR Y 471 -19.90 11.86 -29.80
N MET Y 472 -19.37 10.70 -30.19
CA MET Y 472 -18.10 10.70 -30.88
C MET Y 472 -18.19 11.30 -32.27
N ARG Y 473 -19.28 11.04 -32.98
CA ARG Y 473 -19.41 11.65 -34.30
C ARG Y 473 -19.63 13.15 -34.20
N ALA Y 474 -20.23 13.61 -33.10
CA ALA Y 474 -20.36 15.04 -32.91
C ALA Y 474 -19.06 15.67 -32.48
N PHE Y 475 -18.29 14.99 -31.63
CA PHE Y 475 -16.96 15.49 -31.28
C PHE Y 475 -16.02 15.49 -32.46
N GLY Y 476 -16.28 14.64 -33.44
CA GLY Y 476 -15.34 14.50 -34.53
C GLY Y 476 -14.32 13.45 -34.21
N ARG Y 477 -14.78 12.36 -33.61
CA ARG Y 477 -13.95 11.21 -33.31
C ARG Y 477 -14.59 9.96 -33.88
N PRO Y 478 -14.66 9.85 -35.21
CA PRO Y 478 -15.31 8.69 -35.81
C PRO Y 478 -14.50 7.41 -35.67
N GLN Y 479 -13.28 7.47 -35.16
CA GLN Y 479 -12.47 6.28 -35.00
C GLN Y 479 -12.67 5.62 -33.64
N ASP Y 480 -13.27 6.33 -32.69
CA ASP Y 480 -13.73 5.77 -31.42
C ASP Y 480 -15.25 5.76 -31.29
N MET Y 481 -15.94 5.43 -32.38
CA MET Y 481 -17.35 5.12 -32.31
C MET Y 481 -17.58 3.70 -32.77
N PHE Y 482 -18.72 3.13 -32.36
CA PHE Y 482 -19.03 1.74 -32.66
C PHE Y 482 -19.49 1.62 -34.12
N SER Y 483 -18.54 1.78 -35.02
CA SER Y 483 -18.75 1.71 -36.45
C SER Y 483 -18.18 0.40 -36.99
N ASP Y 484 -18.33 0.21 -38.29
CA ASP Y 484 -17.51 -0.77 -38.98
C ASP Y 484 -16.07 -0.28 -39.13
N THR Y 485 -15.83 1.01 -38.96
CA THR Y 485 -14.50 1.58 -39.06
C THR Y 485 -13.90 1.94 -37.71
N GLY Y 486 -14.71 2.12 -36.68
CA GLY Y 486 -14.20 2.41 -35.36
C GLY Y 486 -14.02 1.16 -34.54
N ILE Y 487 -14.79 1.03 -33.47
CA ILE Y 487 -14.76 -0.17 -32.63
C ILE Y 487 -15.83 -1.10 -33.18
N GLN Y 488 -15.42 -2.08 -33.97
CA GLN Y 488 -16.36 -2.97 -34.62
C GLN Y 488 -17.01 -3.90 -33.61
N LEU Y 489 -18.31 -4.11 -33.78
CA LEU Y 489 -19.09 -5.05 -32.99
C LEU Y 489 -19.67 -6.03 -34.01
N GLN Y 490 -18.93 -7.09 -34.29
CA GLN Y 490 -19.50 -7.84 -35.41
C GLN Y 490 -20.50 -8.87 -34.90
N PRO Y 491 -21.60 -9.08 -35.60
CA PRO Y 491 -22.51 -10.17 -35.26
C PRO Y 491 -21.89 -11.50 -35.60
N VAL Y 492 -21.00 -11.99 -34.73
CA VAL Y 492 -20.20 -13.16 -35.03
C VAL Y 492 -21.09 -14.39 -35.20
N PHE Y 493 -22.05 -14.58 -34.30
CA PHE Y 493 -22.88 -15.77 -34.35
C PHE Y 493 -23.98 -15.69 -35.40
N ALA Y 494 -24.24 -14.52 -35.97
CA ALA Y 494 -25.21 -14.43 -37.03
C ALA Y 494 -24.58 -14.45 -38.41
N GLN Y 495 -23.36 -13.92 -38.53
CA GLN Y 495 -22.61 -14.12 -39.76
C GLN Y 495 -22.17 -15.57 -39.90
N TRP Y 496 -22.04 -16.28 -38.79
CA TRP Y 496 -21.74 -17.70 -38.87
C TRP Y 496 -22.91 -18.46 -39.47
N LEU Y 497 -24.13 -18.20 -38.98
CA LEU Y 497 -25.31 -18.87 -39.54
C LEU Y 497 -25.54 -18.51 -40.99
N GLN Y 498 -25.22 -17.27 -41.37
CA GLN Y 498 -25.31 -16.90 -42.78
C GLN Y 498 -24.32 -17.71 -43.61
N HIS Y 499 -23.21 -18.13 -43.01
CA HIS Y 499 -22.29 -19.01 -43.71
C HIS Y 499 -22.76 -20.45 -43.71
N ILE Y 500 -23.36 -20.90 -42.61
CA ILE Y 500 -23.88 -22.27 -42.54
C ILE Y 500 -25.00 -22.47 -43.54
N HIS Y 501 -25.90 -21.50 -43.65
CA HIS Y 501 -27.07 -21.70 -44.48
C HIS Y 501 -26.79 -21.60 -45.97
N THR Y 502 -25.59 -21.19 -46.38
CA THR Y 502 -25.26 -21.15 -47.79
C THR Y 502 -24.23 -22.18 -48.20
N MET Y 503 -23.55 -22.83 -47.26
CA MET Y 503 -22.66 -23.91 -47.65
C MET Y 503 -23.36 -25.26 -47.68
N THR Y 504 -24.60 -25.32 -47.20
CA THR Y 504 -25.36 -26.57 -47.17
C THR Y 504 -26.19 -26.76 -48.43
N ILE Y 505 -25.75 -26.24 -49.57
CA ILE Y 505 -26.51 -26.35 -50.80
C ILE Y 505 -25.70 -27.11 -51.85
N ALA Y 534 -26.73 -30.88 -43.19
CA ALA Y 534 -26.23 -31.32 -44.48
C ALA Y 534 -27.11 -30.81 -45.61
N ALA Y 535 -28.21 -31.52 -45.88
CA ALA Y 535 -29.21 -31.18 -46.89
C ALA Y 535 -28.63 -30.94 -48.28
N PRO Y 536 -28.14 -31.98 -48.98
CA PRO Y 536 -27.45 -31.75 -50.26
C PRO Y 536 -28.34 -31.53 -51.48
N ASN Y 537 -29.54 -32.12 -51.50
CA ASN Y 537 -30.39 -32.11 -52.70
C ASN Y 537 -30.78 -30.69 -53.11
N LEU Y 538 -30.85 -29.76 -52.16
CA LEU Y 538 -31.23 -28.38 -52.42
C LEU Y 538 -30.06 -27.65 -53.06
N HIS Y 539 -29.93 -27.78 -54.38
CA HIS Y 539 -28.75 -27.26 -55.05
C HIS Y 539 -28.77 -25.74 -55.15
N ASP Y 540 -29.94 -25.16 -55.24
CA ASP Y 540 -30.18 -23.73 -55.29
C ASP Y 540 -30.31 -23.20 -53.86
N PRO Y 541 -29.58 -22.17 -53.46
CA PRO Y 541 -29.68 -21.72 -52.06
C PRO Y 541 -31.04 -21.13 -51.75
N VAL Y 542 -31.71 -21.74 -50.76
CA VAL Y 542 -32.90 -21.14 -50.19
C VAL Y 542 -32.54 -19.78 -49.63
N SER Y 543 -33.38 -18.78 -49.90
CA SER Y 543 -33.26 -17.47 -49.31
C SER Y 543 -31.92 -16.81 -49.67
N TYR Y 544 -31.87 -16.27 -50.87
CA TYR Y 544 -30.76 -15.44 -51.31
C TYR Y 544 -30.34 -14.39 -50.28
N ALA Y 545 -31.22 -14.02 -49.34
CA ALA Y 545 -30.85 -13.23 -48.17
C ALA Y 545 -29.64 -13.81 -47.44
N PHE Y 546 -29.62 -15.13 -47.27
CA PHE Y 546 -28.52 -15.78 -46.56
C PHE Y 546 -27.21 -15.58 -47.29
N GLY Y 547 -27.22 -15.66 -48.60
CA GLY Y 547 -26.03 -15.43 -49.39
C GLY Y 547 -26.11 -16.10 -50.72
N GLY Y 548 -25.24 -15.66 -51.62
CA GLY Y 548 -25.14 -16.26 -52.93
C GLY Y 548 -26.13 -15.67 -53.91
N GLY Y 549 -25.63 -15.06 -54.98
CA GLY Y 549 -26.47 -14.62 -56.06
C GLY Y 549 -27.30 -13.38 -55.80
N VAL Y 550 -27.74 -12.74 -56.88
CA VAL Y 550 -28.64 -11.60 -56.83
C VAL Y 550 -29.71 -11.83 -57.89
N VAL Y 551 -30.97 -11.63 -57.52
CA VAL Y 551 -32.08 -11.81 -58.46
C VAL Y 551 -32.62 -10.45 -58.83
N ALA Y 552 -32.53 -10.11 -60.11
CA ALA Y 552 -33.13 -8.91 -60.66
C ALA Y 552 -34.17 -9.33 -61.69
N VAL Y 553 -35.40 -8.90 -61.49
CA VAL Y 553 -36.49 -9.37 -62.34
C VAL Y 553 -36.82 -8.34 -63.41
N GLY Y 554 -37.28 -7.17 -63.00
CA GLY Y 554 -37.61 -6.14 -63.96
C GLY Y 554 -36.57 -5.04 -63.95
N GLY Y 555 -35.31 -5.44 -63.78
CA GLY Y 555 -34.23 -4.51 -63.50
C GLY Y 555 -34.10 -4.26 -62.03
N LYS Y 556 -35.24 -4.19 -61.33
CA LYS Y 556 -35.23 -4.06 -59.88
C LYS Y 556 -34.77 -5.35 -59.23
N VAL Y 557 -34.04 -5.21 -58.13
CA VAL Y 557 -33.54 -6.38 -57.41
C VAL Y 557 -34.69 -7.03 -56.66
N ALA Y 558 -34.92 -8.30 -56.92
CA ALA Y 558 -35.89 -9.04 -56.12
C ALA Y 558 -35.31 -9.39 -54.76
N MET Y 559 -34.07 -9.88 -54.71
CA MET Y 559 -33.53 -10.26 -53.42
C MET Y 559 -32.02 -10.35 -53.53
N MET Y 560 -31.33 -9.86 -52.52
CA MET Y 560 -29.87 -9.88 -52.41
C MET Y 560 -29.48 -10.49 -51.08
N PRO Y 561 -28.22 -10.89 -50.92
CA PRO Y 561 -27.72 -11.19 -49.58
C PRO Y 561 -27.81 -9.96 -48.68
N ILE Y 562 -28.18 -10.18 -47.44
CA ILE Y 562 -28.26 -9.09 -46.48
C ILE Y 562 -27.14 -9.26 -45.48
N THR Y 563 -26.00 -8.63 -45.75
CA THR Y 563 -24.85 -8.77 -44.86
C THR Y 563 -25.09 -8.07 -43.54
N LEU Y 564 -24.45 -8.57 -42.50
CA LEU Y 564 -24.60 -8.03 -41.16
C LEU Y 564 -23.28 -7.45 -40.68
N GLY Y 565 -23.31 -6.19 -40.26
CA GLY Y 565 -22.14 -5.54 -39.73
C GLY Y 565 -22.42 -5.00 -38.35
N THR Y 566 -21.67 -3.98 -37.92
CA THR Y 566 -21.87 -3.42 -36.59
C THR Y 566 -23.24 -2.77 -36.46
N ALA Y 567 -23.72 -2.14 -37.55
CA ALA Y 567 -25.04 -1.52 -37.51
C ALA Y 567 -26.13 -2.54 -37.27
N ASP Y 568 -25.89 -3.80 -37.61
CA ASP Y 568 -26.85 -4.87 -37.42
C ASP Y 568 -26.68 -5.58 -36.09
N PHE Y 569 -25.50 -5.52 -35.51
CA PHE Y 569 -25.34 -5.90 -34.11
C PHE Y 569 -26.15 -4.98 -33.22
N LEU Y 570 -26.01 -3.67 -33.43
CA LEU Y 570 -26.63 -2.70 -32.55
C LEU Y 570 -28.13 -2.68 -32.70
N ILE Y 571 -28.63 -2.83 -33.93
CA ILE Y 571 -30.07 -2.75 -34.13
C ILE Y 571 -30.75 -4.02 -33.65
N HIS Y 572 -30.03 -5.14 -33.60
CA HIS Y 572 -30.61 -6.36 -33.10
C HIS Y 572 -30.69 -6.40 -31.60
N HIS Y 573 -29.90 -5.59 -30.92
CA HIS Y 573 -29.98 -5.50 -29.48
C HIS Y 573 -30.95 -4.43 -29.03
N ILE Y 574 -31.29 -3.50 -29.91
CA ILE Y 574 -32.47 -2.68 -29.69
C ILE Y 574 -33.70 -3.56 -29.71
N HIS Y 575 -33.76 -4.49 -30.67
CA HIS Y 575 -34.89 -5.40 -30.76
C HIS Y 575 -34.98 -6.28 -29.53
N ALA Y 576 -33.85 -6.83 -29.09
CA ALA Y 576 -33.84 -7.62 -27.86
C ALA Y 576 -34.28 -6.80 -26.67
N PHE Y 577 -33.83 -5.55 -26.60
CA PHE Y 577 -34.16 -4.68 -25.48
C PHE Y 577 -35.63 -4.35 -25.46
N THR Y 578 -36.19 -3.93 -26.59
CA THR Y 578 -37.59 -3.52 -26.60
C THR Y 578 -38.54 -4.69 -26.45
N ILE Y 579 -38.14 -5.88 -26.91
CA ILE Y 579 -38.99 -7.05 -26.70
C ILE Y 579 -39.01 -7.42 -25.23
N HIS Y 580 -37.87 -7.32 -24.57
CA HIS Y 580 -37.78 -7.69 -23.17
C HIS Y 580 -38.60 -6.77 -22.29
N VAL Y 581 -38.52 -5.46 -22.52
CA VAL Y 581 -39.31 -4.56 -21.68
C VAL Y 581 -40.78 -4.75 -21.95
N THR Y 582 -41.15 -5.07 -23.18
CA THR Y 582 -42.54 -5.42 -23.45
C THR Y 582 -42.92 -6.68 -22.70
N VAL Y 583 -42.02 -7.66 -22.66
CA VAL Y 583 -42.25 -8.84 -21.84
C VAL Y 583 -42.28 -8.46 -20.37
N LEU Y 584 -41.38 -7.58 -19.93
CA LEU Y 584 -41.34 -7.18 -18.53
C LEU Y 584 -42.64 -6.51 -18.11
N VAL Y 585 -43.17 -5.61 -18.93
CA VAL Y 585 -44.43 -4.97 -18.62
C VAL Y 585 -45.56 -5.98 -18.60
N LEU Y 586 -45.59 -6.86 -19.59
CA LEU Y 586 -46.71 -7.79 -19.71
C LEU Y 586 -46.61 -8.95 -18.73
N LEU Y 587 -45.41 -9.48 -18.49
CA LEU Y 587 -45.28 -10.57 -17.53
C LEU Y 587 -45.51 -10.08 -16.11
N LYS Y 588 -45.13 -8.86 -15.80
CA LYS Y 588 -45.41 -8.28 -14.49
C LYS Y 588 -46.90 -8.21 -14.23
N GLY Y 589 -47.68 -7.89 -15.26
CA GLY Y 589 -49.11 -7.82 -15.09
C GLY Y 589 -49.77 -9.15 -14.94
N VAL Y 590 -49.12 -10.22 -15.38
CA VAL Y 590 -49.67 -11.56 -15.22
C VAL Y 590 -49.30 -12.13 -13.87
N LEU Y 591 -48.04 -12.03 -13.48
CA LEU Y 591 -47.61 -12.59 -12.21
C LEU Y 591 -48.21 -11.84 -11.03
N PHE Y 592 -48.22 -10.51 -11.08
CA PHE Y 592 -48.77 -9.70 -10.01
C PHE Y 592 -50.21 -9.31 -10.26
N ALA Y 593 -50.94 -10.10 -11.05
CA ALA Y 593 -52.36 -9.87 -11.20
C ALA Y 593 -53.11 -10.24 -9.93
N ARG Y 594 -52.73 -11.35 -9.30
CA ARG Y 594 -53.43 -11.82 -8.11
C ARG Y 594 -53.20 -10.89 -6.94
N SER Y 595 -51.95 -10.54 -6.68
CA SER Y 595 -51.58 -9.87 -5.44
C SER Y 595 -50.19 -9.30 -5.60
N SER Y 596 -49.77 -8.53 -4.61
CA SER Y 596 -48.45 -7.95 -4.58
C SER Y 596 -48.04 -7.79 -3.13
N ARG Y 597 -46.97 -7.05 -2.88
CA ARG Y 597 -46.71 -6.60 -1.53
C ARG Y 597 -47.49 -5.34 -1.19
N LEU Y 598 -47.85 -4.53 -2.18
CA LEU Y 598 -48.78 -3.43 -1.92
C LEU Y 598 -50.16 -3.94 -1.58
N ILE Y 599 -50.80 -4.59 -2.54
CA ILE Y 599 -52.20 -4.95 -2.41
C ILE Y 599 -52.32 -6.46 -2.41
N PRO Y 600 -52.38 -7.09 -1.24
CA PRO Y 600 -52.47 -8.56 -1.19
C PRO Y 600 -53.77 -9.10 -1.73
N ASP Y 601 -54.80 -8.27 -1.84
CA ASP Y 601 -56.10 -8.70 -2.33
C ASP Y 601 -56.42 -8.02 -3.65
N LYS Y 602 -55.44 -7.99 -4.54
CA LYS Y 602 -55.63 -7.36 -5.85
C LYS Y 602 -56.60 -8.14 -6.73
N ALA Y 603 -56.85 -9.41 -6.41
CA ALA Y 603 -57.77 -10.20 -7.20
C ALA Y 603 -59.23 -9.86 -6.93
N ASN Y 604 -59.53 -9.38 -5.71
CA ASN Y 604 -60.91 -9.00 -5.42
C ASN Y 604 -61.28 -7.70 -6.07
N LEU Y 605 -60.30 -6.81 -6.29
CA LEU Y 605 -60.57 -5.55 -6.96
C LEU Y 605 -60.89 -5.74 -8.43
N GLY Y 606 -60.59 -6.90 -8.99
CA GLY Y 606 -60.95 -7.22 -10.35
C GLY Y 606 -59.73 -7.23 -11.26
N PHE Y 607 -60.01 -7.33 -12.55
CA PHE Y 607 -58.98 -7.24 -13.58
C PHE Y 607 -58.78 -5.80 -14.02
N ARG Y 608 -59.87 -5.03 -14.08
CA ARG Y 608 -59.88 -3.69 -14.64
C ARG Y 608 -60.35 -2.74 -13.56
N PHE Y 609 -59.42 -2.28 -12.75
CA PHE Y 609 -59.71 -1.23 -11.79
C PHE Y 609 -58.65 -0.16 -11.94
N PRO Y 610 -59.01 1.10 -11.68
CA PRO Y 610 -58.03 2.18 -11.87
C PRO Y 610 -56.88 2.10 -10.91
N CYS Y 611 -57.17 1.95 -9.62
CA CYS Y 611 -56.17 2.09 -8.58
C CYS Y 611 -56.74 1.49 -7.30
N ASP Y 612 -56.01 1.65 -6.22
CA ASP Y 612 -56.49 1.42 -4.87
C ASP Y 612 -56.19 2.64 -4.02
N GLY Y 613 -56.62 3.79 -4.48
CA GLY Y 613 -56.53 5.00 -3.70
C GLY Y 613 -55.15 5.59 -3.71
N PRO Y 614 -55.01 6.77 -3.10
CA PRO Y 614 -53.70 7.41 -3.03
C PRO Y 614 -52.83 6.96 -1.87
N GLY Y 615 -53.23 5.95 -1.14
CA GLY Y 615 -52.42 5.44 -0.07
C GLY Y 615 -51.29 4.60 -0.57
N ARG Y 616 -50.42 4.20 0.36
CA ARG Y 616 -49.15 3.56 0.06
C ARG Y 616 -48.29 4.43 -0.85
N GLY Y 617 -48.44 5.73 -0.73
CA GLY Y 617 -47.81 6.67 -1.63
C GLY Y 617 -48.56 6.90 -2.92
N GLY Y 618 -49.52 6.04 -3.24
CA GLY Y 618 -50.22 6.11 -4.50
C GLY Y 618 -50.16 4.79 -5.22
N THR Y 619 -51.32 4.23 -5.56
CA THR Y 619 -51.35 2.94 -6.24
C THR Y 619 -52.03 3.09 -7.59
N CYS Y 620 -51.65 4.12 -8.32
CA CYS Y 620 -52.17 4.34 -9.66
C CYS Y 620 -51.71 3.20 -10.55
N GLN Y 621 -52.61 2.71 -11.40
CA GLN Y 621 -52.23 1.74 -12.45
C GLN Y 621 -51.64 0.45 -11.89
N VAL Y 622 -52.20 -0.06 -10.80
CA VAL Y 622 -51.72 -1.33 -10.25
C VAL Y 622 -52.43 -2.54 -10.81
N SER Y 623 -53.49 -2.35 -11.59
CA SER Y 623 -54.25 -3.47 -12.10
C SER Y 623 -53.46 -4.21 -13.16
N ALA Y 624 -53.95 -5.40 -13.51
CA ALA Y 624 -53.37 -6.14 -14.62
C ALA Y 624 -53.74 -5.53 -15.95
N TRP Y 625 -54.89 -4.85 -16.02
CA TRP Y 625 -55.25 -4.13 -17.23
C TRP Y 625 -54.25 -3.02 -17.53
N ASP Y 626 -53.77 -2.35 -16.49
CA ASP Y 626 -52.86 -1.24 -16.68
C ASP Y 626 -51.47 -1.67 -17.09
N HIS Y 627 -51.15 -2.95 -17.01
CA HIS Y 627 -49.93 -3.45 -17.62
C HIS Y 627 -50.12 -3.87 -19.06
N VAL Y 628 -51.35 -4.19 -19.46
CA VAL Y 628 -51.64 -4.33 -20.88
C VAL Y 628 -51.60 -2.95 -21.55
N PHE Y 629 -52.12 -1.95 -20.87
CA PHE Y 629 -52.15 -0.60 -21.40
C PHE Y 629 -50.74 -0.05 -21.58
N LEU Y 630 -49.83 -0.40 -20.68
CA LEU Y 630 -48.45 0.04 -20.84
C LEU Y 630 -47.66 -0.85 -21.77
N GLY Y 631 -48.01 -2.12 -21.86
CA GLY Y 631 -47.37 -3.00 -22.82
C GLY Y 631 -47.75 -2.71 -24.24
N LEU Y 632 -48.91 -2.07 -24.45
CA LEU Y 632 -49.28 -1.64 -25.78
C LEU Y 632 -48.34 -0.57 -26.29
N PHE Y 633 -47.91 0.34 -25.41
CA PHE Y 633 -46.93 1.35 -25.78
C PHE Y 633 -45.59 0.72 -26.10
N TRP Y 634 -45.21 -0.30 -25.34
CA TRP Y 634 -43.95 -0.95 -25.58
C TRP Y 634 -43.97 -1.85 -26.80
N MET Y 635 -45.13 -2.45 -27.08
CA MET Y 635 -45.31 -3.09 -28.37
C MET Y 635 -45.18 -2.08 -29.49
N TYR Y 636 -45.77 -0.91 -29.33
CA TYR Y 636 -45.64 0.12 -30.35
C TYR Y 636 -44.19 0.54 -30.53
N ASN Y 637 -43.48 0.73 -29.43
CA ASN Y 637 -42.07 1.09 -29.53
C ASN Y 637 -41.25 0.00 -30.18
N SER Y 638 -41.49 -1.25 -29.80
CA SER Y 638 -40.67 -2.34 -30.30
C SER Y 638 -40.92 -2.56 -31.77
N LEU Y 639 -42.17 -2.66 -32.18
CA LEU Y 639 -42.47 -3.01 -33.56
C LEU Y 639 -42.17 -1.86 -34.51
N SER Y 640 -42.40 -0.62 -34.09
CA SER Y 640 -42.03 0.49 -34.94
C SER Y 640 -40.53 0.62 -35.09
N MET Y 641 -39.75 0.01 -34.22
CA MET Y 641 -38.33 -0.06 -34.48
C MET Y 641 -37.98 -1.23 -35.40
N VAL Y 642 -38.76 -2.31 -35.35
CA VAL Y 642 -38.55 -3.45 -36.23
C VAL Y 642 -38.85 -3.10 -37.68
N ILE Y 643 -39.96 -2.40 -37.93
CA ILE Y 643 -40.29 -2.00 -39.28
C ILE Y 643 -39.39 -0.90 -39.78
N PHE Y 644 -38.79 -0.11 -38.89
CA PHE Y 644 -37.82 0.87 -39.34
C PHE Y 644 -36.49 0.22 -39.69
N HIS Y 645 -36.10 -0.81 -38.93
CA HIS Y 645 -34.94 -1.59 -39.27
C HIS Y 645 -35.12 -2.28 -40.62
N PHE Y 646 -36.31 -2.80 -40.86
CA PHE Y 646 -36.61 -3.41 -42.15
C PHE Y 646 -36.55 -2.39 -43.27
N PHE Y 647 -37.27 -1.29 -43.12
CA PHE Y 647 -37.45 -0.34 -44.20
C PHE Y 647 -36.14 0.29 -44.64
N TRP Y 648 -35.28 0.61 -43.69
CA TRP Y 648 -34.01 1.22 -44.06
C TRP Y 648 -33.03 0.20 -44.59
N LYS Y 649 -33.04 -1.03 -44.07
CA LYS Y 649 -32.04 -2.00 -44.50
C LYS Y 649 -32.31 -2.53 -45.89
N MET Y 650 -33.57 -2.62 -46.30
CA MET Y 650 -33.87 -2.93 -47.69
C MET Y 650 -33.50 -1.81 -48.63
N GLN Y 651 -33.84 -0.58 -48.28
CA GLN Y 651 -33.54 0.53 -49.17
C GLN Y 651 -32.05 0.73 -49.35
N SER Y 652 -31.27 0.41 -48.34
CA SER Y 652 -29.84 0.63 -48.42
C SER Y 652 -29.07 -0.58 -48.86
N ASP Y 653 -29.49 -1.78 -48.49
CA ASP Y 653 -28.69 -2.97 -48.78
C ASP Y 653 -29.32 -3.97 -49.75
N VAL Y 654 -30.63 -3.97 -49.92
CA VAL Y 654 -31.23 -5.01 -50.74
C VAL Y 654 -31.86 -4.44 -52.00
N TRP Y 655 -32.86 -3.58 -51.83
CA TRP Y 655 -33.60 -3.09 -52.97
C TRP Y 655 -32.74 -2.16 -53.81
N GLY Y 656 -33.23 -1.86 -54.99
CA GLY Y 656 -32.50 -1.04 -55.92
C GLY Y 656 -32.74 -1.55 -57.33
N THR Y 657 -31.93 -1.07 -58.25
CA THR Y 657 -32.04 -1.42 -59.65
C THR Y 657 -30.69 -1.88 -60.17
N VAL Y 658 -30.72 -2.78 -61.16
CA VAL Y 658 -29.52 -3.33 -61.77
C VAL Y 658 -29.40 -2.75 -63.18
N GLY Y 659 -28.21 -2.24 -63.50
CA GLY Y 659 -27.94 -1.71 -64.81
C GLY Y 659 -27.52 -2.79 -65.78
N ALA Y 660 -26.79 -2.38 -66.82
CA ALA Y 660 -26.36 -3.27 -67.89
C ALA Y 660 -24.99 -3.88 -67.64
N ASP Y 661 -24.55 -3.91 -66.38
CA ASP Y 661 -23.25 -4.48 -66.04
C ASP Y 661 -23.35 -5.47 -64.88
N GLY Y 662 -24.30 -5.26 -63.99
CA GLY Y 662 -24.49 -6.10 -62.82
C GLY Y 662 -24.40 -5.37 -61.50
N VAL Y 663 -23.90 -4.14 -61.47
CA VAL Y 663 -23.82 -3.40 -60.22
C VAL Y 663 -25.24 -3.03 -59.79
N VAL Y 664 -25.44 -2.93 -58.48
CA VAL Y 664 -26.74 -2.61 -57.90
C VAL Y 664 -26.65 -1.23 -57.27
N THR Y 665 -27.53 -0.33 -57.68
CA THR Y 665 -27.64 0.99 -57.06
C THR Y 665 -28.85 0.94 -56.14
N HIS Y 666 -28.60 0.87 -54.84
CA HIS Y 666 -29.68 0.75 -53.89
C HIS Y 666 -30.42 2.07 -53.76
N ILE Y 667 -31.59 2.00 -53.14
CA ILE Y 667 -32.50 3.15 -53.08
C ILE Y 667 -31.88 4.29 -52.30
N THR Y 668 -31.26 3.99 -51.16
CA THR Y 668 -30.51 4.99 -50.41
C THR Y 668 -29.00 4.78 -50.51
N GLY Y 669 -28.54 3.64 -51.00
CA GLY Y 669 -27.14 3.48 -51.32
C GLY Y 669 -26.23 3.23 -50.14
N GLY Y 670 -26.40 2.08 -49.49
CA GLY Y 670 -25.51 1.72 -48.40
C GLY Y 670 -25.59 2.64 -47.21
N ASN Y 671 -26.70 3.34 -47.06
CA ASN Y 671 -26.82 4.36 -46.02
C ASN Y 671 -26.88 3.76 -44.63
N PHE Y 672 -27.41 2.55 -44.50
CA PHE Y 672 -27.64 1.94 -43.20
C PHE Y 672 -26.34 1.68 -42.46
N ALA Y 673 -25.31 1.22 -43.18
CA ALA Y 673 -24.12 0.73 -42.50
C ALA Y 673 -23.40 1.83 -41.74
N THR Y 674 -23.35 3.04 -42.30
CA THR Y 674 -22.57 4.11 -41.71
C THR Y 674 -23.37 5.06 -40.86
N SER Y 675 -24.64 5.30 -41.18
CA SER Y 675 -25.39 6.37 -40.53
C SER Y 675 -26.53 5.88 -39.67
N SER Y 676 -26.79 4.58 -39.62
CA SER Y 676 -27.80 4.06 -38.72
C SER Y 676 -27.26 3.74 -37.35
N ILE Y 677 -26.00 4.09 -37.10
CA ILE Y 677 -25.37 3.79 -35.82
C ILE Y 677 -25.42 4.95 -34.85
N THR Y 678 -25.74 6.14 -35.33
CA THR Y 678 -26.07 7.28 -34.48
C THR Y 678 -27.54 7.56 -34.65
N ASN Y 679 -28.24 7.77 -33.56
CA ASN Y 679 -29.65 8.10 -33.69
C ASN Y 679 -29.90 9.56 -34.03
N ASN Y 680 -28.86 10.31 -34.42
CA ASN Y 680 -29.04 11.47 -35.28
C ASN Y 680 -29.11 11.07 -36.74
N GLY Y 681 -28.40 10.01 -37.11
CA GLY Y 681 -28.52 9.49 -38.46
C GLY Y 681 -29.87 8.93 -38.77
N TRP Y 682 -30.53 8.33 -37.78
CA TRP Y 682 -31.91 7.88 -37.97
C TRP Y 682 -32.83 9.05 -38.21
N LEU Y 683 -32.58 10.17 -37.55
CA LEU Y 683 -33.49 11.30 -37.67
C LEU Y 683 -33.26 12.08 -38.96
N ARG Y 684 -32.04 12.13 -39.48
CA ARG Y 684 -31.81 12.87 -40.72
C ARG Y 684 -31.71 11.98 -41.95
N ASP Y 685 -31.10 10.79 -41.85
CA ASP Y 685 -30.96 9.96 -43.02
C ASP Y 685 -32.10 8.98 -43.20
N PHE Y 686 -32.98 8.85 -42.22
CA PHE Y 686 -34.15 8.00 -42.37
C PHE Y 686 -35.45 8.74 -42.20
N LEU Y 687 -35.60 9.54 -41.16
CA LEU Y 687 -36.90 10.16 -40.96
C LEU Y 687 -37.01 11.45 -41.76
N TRP Y 688 -35.99 12.31 -41.71
CA TRP Y 688 -36.04 13.54 -42.49
C TRP Y 688 -35.85 13.28 -43.97
N ALA Y 689 -34.90 12.42 -44.33
CA ALA Y 689 -34.58 12.20 -45.73
C ALA Y 689 -35.69 11.46 -46.45
N GLN Y 690 -36.18 10.38 -45.86
CA GLN Y 690 -37.13 9.52 -46.56
C GLN Y 690 -38.56 9.98 -46.42
N SER Y 691 -38.82 11.06 -45.72
CA SER Y 691 -40.16 11.62 -45.69
C SER Y 691 -40.38 12.65 -46.78
N THR Y 692 -39.40 12.82 -47.68
CA THR Y 692 -39.54 13.78 -48.77
C THR Y 692 -40.75 13.45 -49.63
N GLN Y 693 -41.09 12.18 -49.77
CA GLN Y 693 -42.16 11.78 -50.66
C GLN Y 693 -43.54 12.05 -50.06
N VAL Y 694 -43.65 12.05 -48.75
CA VAL Y 694 -44.93 12.32 -48.12
C VAL Y 694 -45.08 13.81 -47.77
N ILE Y 695 -43.96 14.50 -47.57
CA ILE Y 695 -43.98 15.95 -47.41
C ILE Y 695 -44.31 16.67 -48.71
N THR Y 696 -43.70 16.29 -49.82
CA THR Y 696 -43.93 16.97 -51.07
C THR Y 696 -45.04 16.32 -51.88
N SER Y 697 -46.04 15.76 -51.21
CA SER Y 697 -47.05 14.96 -51.86
C SER Y 697 -48.32 15.73 -52.22
N TYR Y 698 -48.40 17.01 -51.90
CA TYR Y 698 -49.61 17.72 -52.27
C TYR Y 698 -49.67 17.95 -53.78
N ASN Y 699 -50.90 18.12 -54.27
CA ASN Y 699 -51.21 18.36 -55.67
C ASN Y 699 -50.81 17.19 -56.57
N THR Y 700 -50.45 16.06 -56.00
CA THR Y 700 -50.10 14.85 -56.73
C THR Y 700 -51.10 13.76 -56.37
N SER Y 701 -50.87 12.57 -56.92
CA SER Y 701 -51.73 11.44 -56.60
C SER Y 701 -51.46 10.88 -55.21
N LEU Y 702 -50.28 11.16 -54.64
CA LEU Y 702 -49.96 10.75 -53.29
C LEU Y 702 -50.47 11.71 -52.25
N SER Y 703 -51.44 12.54 -52.64
CA SER Y 703 -51.91 13.60 -51.76
C SER Y 703 -52.54 13.06 -50.49
N ALA Y 704 -53.20 11.91 -50.58
CA ALA Y 704 -53.90 11.38 -49.42
C ALA Y 704 -52.93 10.82 -48.38
N TYR Y 705 -51.75 10.38 -48.79
CA TYR Y 705 -50.77 9.99 -47.79
C TYR Y 705 -50.21 11.20 -47.07
N GLY Y 706 -50.20 12.36 -47.72
CA GLY Y 706 -49.82 13.57 -47.01
C GLY Y 706 -50.81 13.95 -45.94
N LEU Y 707 -52.10 13.74 -46.20
CA LEU Y 707 -53.12 14.08 -45.20
C LEU Y 707 -53.14 13.06 -44.07
N MET Y 708 -52.98 11.77 -44.39
CA MET Y 708 -52.88 10.75 -43.35
C MET Y 708 -51.65 10.96 -42.47
N PHE Y 709 -50.58 11.45 -43.07
CA PHE Y 709 -49.35 11.68 -42.31
C PHE Y 709 -49.52 12.83 -41.34
N LEU Y 710 -50.27 13.86 -41.73
CA LEU Y 710 -50.64 14.88 -40.77
C LEU Y 710 -51.76 14.40 -39.85
N GLY Y 711 -52.67 13.59 -40.37
CA GLY Y 711 -53.73 13.06 -39.54
C GLY Y 711 -53.21 12.20 -38.42
N GLY Y 712 -52.21 11.38 -38.69
CA GLY Y 712 -51.60 10.60 -37.64
C GLY Y 712 -50.91 11.45 -36.60
N HIS Y 713 -50.38 12.59 -37.01
CA HIS Y 713 -49.71 13.47 -36.07
C HIS Y 713 -50.70 14.15 -35.15
N PHE Y 714 -51.87 14.49 -35.67
CA PHE Y 714 -52.92 15.07 -34.86
C PHE Y 714 -53.39 14.08 -33.80
N ILE Y 715 -53.66 12.84 -34.21
CA ILE Y 715 -54.23 11.87 -33.29
C ILE Y 715 -53.23 11.50 -32.20
N PHE Y 716 -51.94 11.45 -32.53
CA PHE Y 716 -50.94 11.21 -31.50
C PHE Y 716 -50.92 12.33 -30.48
N GLY Y 717 -50.87 13.57 -30.94
CA GLY Y 717 -50.89 14.68 -30.01
C GLY Y 717 -52.20 14.77 -29.28
N PHE Y 718 -53.29 14.39 -29.94
CA PHE Y 718 -54.60 14.38 -29.30
C PHE Y 718 -54.67 13.33 -28.20
N SER Y 719 -53.98 12.20 -28.37
CA SER Y 719 -53.97 11.15 -27.37
C SER Y 719 -53.40 11.63 -26.06
N LEU Y 720 -52.43 12.52 -26.11
CA LEU Y 720 -51.75 12.94 -24.89
C LEU Y 720 -52.65 13.75 -23.97
N MET Y 721 -53.79 14.23 -24.46
CA MET Y 721 -54.77 14.84 -23.57
C MET Y 721 -55.28 13.82 -22.57
N PHE Y 722 -55.58 12.62 -23.04
CA PHE Y 722 -56.11 11.55 -22.23
C PHE Y 722 -55.06 10.85 -21.42
N LEU Y 723 -53.81 10.86 -21.87
CA LEU Y 723 -52.75 10.16 -21.17
C LEU Y 723 -52.16 11.00 -20.06
N PHE Y 724 -52.00 12.30 -20.28
CA PHE Y 724 -51.32 13.13 -19.31
C PHE Y 724 -52.25 13.68 -18.24
N SER Y 725 -53.55 13.71 -18.49
CA SER Y 725 -54.51 14.32 -17.58
C SER Y 725 -55.37 13.25 -16.91
N GLY Y 726 -56.13 13.68 -15.91
CA GLY Y 726 -57.00 12.81 -15.16
C GLY Y 726 -58.41 13.36 -15.10
N ARG Y 727 -59.34 12.49 -14.72
CA ARG Y 727 -60.75 12.84 -14.88
C ARG Y 727 -61.30 13.70 -13.75
N GLY Y 728 -60.51 14.02 -12.74
CA GLY Y 728 -60.97 15.02 -11.78
C GLY Y 728 -61.04 16.40 -12.39
N TYR Y 729 -60.06 16.75 -13.22
CA TYR Y 729 -60.14 18.02 -13.92
C TYR Y 729 -61.32 18.04 -14.86
N TRP Y 730 -61.55 16.95 -15.56
CA TRP Y 730 -62.55 16.94 -16.60
C TRP Y 730 -63.95 16.86 -16.03
N GLN Y 731 -64.13 16.10 -14.96
CA GLN Y 731 -65.43 16.07 -14.29
C GLN Y 731 -65.79 17.44 -13.74
N GLU Y 732 -64.81 18.13 -13.15
CA GLU Y 732 -65.07 19.46 -12.62
C GLU Y 732 -65.27 20.49 -13.70
N LEU Y 733 -64.84 20.21 -14.93
CA LEU Y 733 -65.14 21.08 -16.05
C LEU Y 733 -66.54 20.85 -16.60
N ILE Y 734 -67.03 19.61 -16.53
CA ILE Y 734 -68.40 19.35 -16.97
C ILE Y 734 -69.40 20.07 -16.07
N GLU Y 735 -69.12 20.12 -14.76
CA GLU Y 735 -70.01 20.80 -13.83
C GLU Y 735 -70.21 22.26 -14.20
N SER Y 736 -69.16 22.92 -14.66
CA SER Y 736 -69.28 24.30 -15.12
C SER Y 736 -69.99 24.39 -16.46
N ILE Y 737 -70.14 23.28 -17.18
CA ILE Y 737 -70.75 23.27 -18.49
C ILE Y 737 -72.18 22.78 -18.36
N VAL Y 738 -72.40 21.87 -17.41
CA VAL Y 738 -73.77 21.48 -17.04
C VAL Y 738 -74.51 22.69 -16.50
N TRP Y 739 -73.82 23.57 -15.79
CA TRP Y 739 -74.45 24.78 -15.28
C TRP Y 739 -74.97 25.65 -16.41
N ALA Y 740 -74.18 25.81 -17.48
CA ALA Y 740 -74.60 26.62 -18.60
C ALA Y 740 -75.79 26.03 -19.32
N HIS Y 741 -76.05 24.75 -19.15
CA HIS Y 741 -77.23 24.11 -19.70
C HIS Y 741 -78.40 24.14 -18.75
N ASN Y 742 -78.14 23.99 -17.44
CA ASN Y 742 -79.19 24.20 -16.45
C ASN Y 742 -79.74 25.62 -16.53
N LYS Y 743 -78.88 26.59 -16.86
CA LYS Y 743 -79.34 27.96 -16.97
C LYS Y 743 -80.37 28.12 -18.07
N LEU Y 744 -80.11 27.52 -19.23
CA LEU Y 744 -81.02 27.62 -20.36
C LEU Y 744 -81.98 26.45 -20.45
N LYS Y 745 -82.12 25.68 -19.36
CA LYS Y 745 -83.11 24.62 -19.24
C LYS Y 745 -82.95 23.59 -20.35
N VAL Y 746 -81.70 23.26 -20.66
CA VAL Y 746 -81.42 22.34 -21.76
C VAL Y 746 -80.50 21.25 -21.23
N ALA Y 747 -80.55 20.99 -19.93
CA ALA Y 747 -79.76 19.91 -19.38
C ALA Y 747 -80.32 18.57 -19.83
N PRO Y 748 -79.45 17.58 -20.03
CA PRO Y 748 -79.91 16.23 -20.30
C PRO Y 748 -80.13 15.46 -19.01
N ALA Y 749 -80.97 14.43 -19.10
CA ALA Y 749 -81.16 13.56 -17.94
C ALA Y 749 -80.15 12.43 -17.92
N ILE Y 750 -79.53 12.13 -19.07
CA ILE Y 750 -78.38 11.25 -19.08
C ILE Y 750 -77.21 12.12 -18.63
N GLN Y 751 -76.95 12.12 -17.33
CA GLN Y 751 -76.02 13.06 -16.71
C GLN Y 751 -74.64 12.93 -17.30
N PRO Y 752 -74.07 14.00 -17.81
CA PRO Y 752 -72.72 13.93 -18.39
C PRO Y 752 -71.66 13.65 -17.35
N ARG Y 753 -71.01 12.52 -17.46
CA ARG Y 753 -69.88 12.18 -16.62
C ARG Y 753 -68.64 12.11 -17.48
N ALA Y 754 -67.54 12.66 -16.98
CA ALA Y 754 -66.26 12.45 -17.62
C ALA Y 754 -65.96 10.96 -17.66
N LEU Y 755 -65.15 10.57 -18.64
CA LEU Y 755 -64.84 9.15 -18.84
C LEU Y 755 -64.18 8.57 -17.60
N SER Y 756 -64.36 7.28 -17.41
CA SER Y 756 -63.72 6.58 -16.30
C SER Y 756 -62.20 6.72 -16.37
N ILE Y 757 -61.55 6.42 -15.25
CA ILE Y 757 -60.09 6.45 -15.23
C ILE Y 757 -59.54 5.43 -16.21
N ILE Y 758 -60.08 4.22 -16.19
CA ILE Y 758 -59.64 3.19 -17.11
C ILE Y 758 -60.07 3.54 -18.53
N HIS Y 759 -61.27 4.10 -18.69
CA HIS Y 759 -61.72 4.51 -20.02
C HIS Y 759 -60.82 5.59 -20.59
N GLY Y 760 -60.46 6.57 -19.77
CA GLY Y 760 -59.59 7.64 -20.26
C GLY Y 760 -58.21 7.15 -20.62
N ARG Y 761 -57.73 6.13 -19.93
CA ARG Y 761 -56.45 5.52 -20.29
C ARG Y 761 -56.57 4.67 -21.54
N ALA Y 762 -57.73 4.03 -21.75
CA ALA Y 762 -57.94 3.28 -22.97
C ALA Y 762 -58.06 4.17 -24.18
N VAL Y 763 -58.70 5.33 -24.03
CA VAL Y 763 -58.78 6.29 -25.12
C VAL Y 763 -57.41 6.82 -25.47
N GLY Y 764 -56.58 7.06 -24.46
CA GLY Y 764 -55.25 7.57 -24.73
C GLY Y 764 -54.38 6.60 -25.49
N VAL Y 765 -54.41 5.32 -25.12
CA VAL Y 765 -53.58 4.36 -25.84
C VAL Y 765 -54.18 4.00 -27.19
N ALA Y 766 -55.50 4.10 -27.35
CA ALA Y 766 -56.11 3.78 -28.62
C ALA Y 766 -55.81 4.84 -29.66
N HIS Y 767 -55.58 6.08 -29.23
CA HIS Y 767 -55.24 7.18 -30.12
C HIS Y 767 -53.75 7.33 -30.34
N TYR Y 768 -52.96 7.07 -29.32
CA TYR Y 768 -51.51 7.09 -29.50
C TYR Y 768 -51.10 6.04 -30.51
N LEU Y 769 -51.66 4.84 -30.40
CA LEU Y 769 -51.32 3.78 -31.33
C LEU Y 769 -51.97 4.02 -32.68
N LEU Y 770 -53.19 4.55 -32.72
CA LEU Y 770 -53.79 4.85 -34.00
C LEU Y 770 -53.01 5.95 -34.71
N GLY Y 771 -52.77 7.06 -34.03
CA GLY Y 771 -52.08 8.16 -34.67
C GLY Y 771 -50.65 7.84 -35.02
N GLY Y 772 -49.95 7.14 -34.15
CA GLY Y 772 -48.57 6.83 -34.42
C GLY Y 772 -48.35 5.76 -35.46
N ILE Y 773 -49.41 5.07 -35.88
CA ILE Y 773 -49.32 4.06 -36.92
C ILE Y 773 -49.79 4.60 -38.26
N VAL Y 774 -50.83 5.44 -38.26
CA VAL Y 774 -51.28 6.08 -39.49
C VAL Y 774 -50.17 6.96 -40.05
N THR Y 775 -49.41 7.62 -39.19
CA THR Y 775 -48.30 8.40 -39.68
C THR Y 775 -47.18 7.53 -40.24
N THR Y 776 -46.98 6.33 -39.69
CA THR Y 776 -45.99 5.41 -40.26
C THR Y 776 -46.53 4.72 -41.51
N TRP Y 777 -47.82 4.41 -41.51
CA TRP Y 777 -48.44 3.83 -42.69
C TRP Y 777 -48.40 4.79 -43.86
N ALA Y 778 -48.68 6.07 -43.61
CA ALA Y 778 -48.62 7.07 -44.65
C ALA Y 778 -47.20 7.30 -45.14
N PHE Y 779 -46.23 7.19 -44.24
CA PHE Y 779 -44.84 7.47 -44.61
C PHE Y 779 -44.26 6.33 -45.42
N PHE Y 780 -44.58 5.09 -45.07
CA PHE Y 780 -44.08 3.94 -45.81
C PHE Y 780 -44.64 3.92 -47.22
N LEU Y 781 -45.94 4.14 -47.36
CA LEU Y 781 -46.55 3.94 -48.66
C LEU Y 781 -46.36 5.13 -49.57
N ALA Y 782 -46.28 6.35 -49.03
CA ALA Y 782 -45.96 7.47 -49.90
C ALA Y 782 -44.53 7.38 -50.42
N ARG Y 783 -43.64 6.79 -49.63
CA ARG Y 783 -42.26 6.66 -50.05
C ARG Y 783 -42.10 5.60 -51.13
N MET Y 784 -42.89 4.52 -51.06
CA MET Y 784 -42.72 3.38 -51.93
C MET Y 784 -43.73 3.30 -53.07
N THR Y 785 -44.81 4.05 -53.03
CA THR Y 785 -45.59 4.23 -54.24
C THR Y 785 -45.08 5.36 -55.09
N ALA Y 786 -44.20 6.20 -54.56
CA ALA Y 786 -43.53 7.20 -55.38
C ALA Y 786 -42.35 6.62 -56.15
N PHE Y 787 -41.94 5.40 -55.83
CA PHE Y 787 -40.85 4.73 -56.51
C PHE Y 787 -41.32 3.56 -57.35
N GLY Y 788 -42.04 2.63 -56.74
CA GLY Y 788 -42.56 1.47 -57.45
C GLY Y 788 -43.11 0.41 -56.51
N ALA Z 2 -35.72 9.43 12.29
CA ALA Z 2 -35.84 10.86 12.51
C ALA Z 2 -34.52 11.56 12.23
N THR Z 3 -34.36 12.01 11.00
CA THR Z 3 -33.14 12.70 10.60
C THR Z 3 -33.25 14.19 10.87
N LYS Z 4 -32.10 14.87 10.88
CA LYS Z 4 -32.10 16.31 11.03
C LYS Z 4 -32.70 16.99 9.81
N PHE Z 5 -32.39 16.51 8.65
CA PHE Z 5 -32.87 17.07 7.39
C PHE Z 5 -34.20 16.43 7.02
N PRO Z 6 -35.22 17.22 6.67
CA PRO Z 6 -35.21 18.67 6.67
C PRO Z 6 -35.61 19.24 8.01
N LYS Z 7 -34.95 20.30 8.45
CA LYS Z 7 -35.26 20.84 9.77
C LYS Z 7 -36.50 21.71 9.76
N PHE Z 8 -36.97 22.14 8.60
CA PHE Z 8 -38.11 23.05 8.61
C PHE Z 8 -39.42 22.32 8.85
N SER Z 9 -39.53 21.06 8.46
CA SER Z 9 -40.72 20.27 8.73
C SER Z 9 -40.34 19.02 9.49
N GLN Z 10 -41.01 18.79 10.62
CA GLN Z 10 -40.70 17.66 11.47
C GLN Z 10 -41.21 16.36 10.88
N ASP Z 11 -42.45 16.35 10.38
CA ASP Z 11 -43.07 15.12 9.94
C ASP Z 11 -42.50 14.58 8.64
N LEU Z 12 -41.76 15.40 7.89
CA LEU Z 12 -41.00 14.90 6.77
C LEU Z 12 -39.64 14.38 7.19
N ALA Z 13 -39.11 14.84 8.32
CA ALA Z 13 -37.84 14.33 8.80
C ALA Z 13 -37.97 12.91 9.32
N ASN Z 14 -39.14 12.54 9.82
CA ASN Z 14 -39.40 11.18 10.28
C ASN Z 14 -39.91 10.26 9.17
N ASP Z 15 -39.90 10.71 7.94
CA ASP Z 15 -40.27 9.88 6.80
C ASP Z 15 -39.21 8.80 6.60
N PRO Z 16 -39.58 7.52 6.59
CA PRO Z 16 -38.58 6.46 6.46
C PRO Z 16 -38.20 6.13 5.03
N THR Z 17 -38.76 6.82 4.04
CA THR Z 17 -38.57 6.48 2.64
C THR Z 17 -37.79 7.57 1.93
N THR Z 18 -37.64 7.41 0.62
CA THR Z 18 -36.87 8.35 -0.17
C THR Z 18 -37.65 9.58 -0.57
N ARG Z 19 -38.94 9.66 -0.25
CA ARG Z 19 -39.69 10.85 -0.62
C ARG Z 19 -39.39 12.03 0.27
N ARG Z 20 -38.67 11.84 1.36
CA ARG Z 20 -38.38 13.00 2.21
C ARG Z 20 -37.20 13.79 1.70
N ILE Z 21 -36.28 13.16 0.98
CA ILE Z 21 -35.23 13.92 0.33
C ILE Z 21 -35.82 14.78 -0.77
N PHE Z 22 -36.78 14.23 -1.51
CA PHE Z 22 -37.41 14.94 -2.61
C PHE Z 22 -38.38 16.01 -2.11
N TYR Z 23 -39.26 15.65 -1.19
CA TYR Z 23 -40.24 16.62 -0.71
C TYR Z 23 -39.58 17.73 0.09
N ALA Z 24 -38.40 17.50 0.65
CA ALA Z 24 -37.67 18.57 1.29
C ALA Z 24 -37.23 19.62 0.29
N ILE Z 25 -36.79 19.19 -0.90
CA ILE Z 25 -36.38 20.14 -1.93
C ILE Z 25 -37.57 21.01 -2.34
N ALA Z 26 -38.72 20.37 -2.56
CA ALA Z 26 -39.85 21.07 -3.13
C ALA Z 26 -40.70 21.79 -2.11
N THR Z 27 -40.40 21.65 -0.83
CA THR Z 27 -41.11 22.38 0.21
C THR Z 27 -40.20 23.41 0.87
N ALA Z 28 -38.90 23.40 0.55
CA ALA Z 28 -37.93 24.19 1.29
C ALA Z 28 -38.15 25.68 1.16
N HIS Z 29 -38.93 26.13 0.20
CA HIS Z 29 -39.20 27.55 0.05
C HIS Z 29 -40.63 27.92 0.40
N ASP Z 30 -41.47 26.96 0.73
CA ASP Z 30 -42.81 27.29 1.22
C ASP Z 30 -42.71 27.60 2.70
N PHE Z 31 -42.21 28.79 3.01
CA PHE Z 31 -41.95 29.14 4.41
C PHE Z 31 -43.22 29.20 5.23
N GLU Z 32 -44.35 29.52 4.60
CA GLU Z 32 -45.59 29.65 5.36
C GLU Z 32 -46.12 28.32 5.85
N SER Z 33 -45.56 27.19 5.39
CA SER Z 33 -45.98 25.88 5.84
C SER Z 33 -44.94 25.19 6.70
N HIS Z 34 -43.81 25.83 6.98
CA HIS Z 34 -42.83 25.18 7.82
C HIS Z 34 -43.30 25.13 9.27
N ASP Z 35 -42.75 24.16 10.00
CA ASP Z 35 -43.13 24.00 11.40
C ASP Z 35 -42.55 25.13 12.24
N GLY Z 36 -43.37 25.61 13.17
CA GLY Z 36 -42.96 26.66 14.07
C GLY Z 36 -42.64 27.97 13.37
N MET Z 37 -43.51 28.38 12.46
CA MET Z 37 -43.37 29.66 11.79
C MET Z 37 -44.48 30.61 12.20
N THR Z 38 -44.09 31.82 12.56
CA THR Z 38 -45.00 32.91 12.83
C THR Z 38 -44.98 33.87 11.65
N GLU Z 39 -46.00 34.72 11.57
CA GLU Z 39 -46.07 35.69 10.50
C GLU Z 39 -44.92 36.69 10.57
N GLU Z 40 -44.52 37.05 11.78
CA GLU Z 40 -43.39 37.94 11.97
C GLU Z 40 -42.12 37.31 11.42
N ASN Z 41 -41.91 36.03 11.68
CA ASN Z 41 -40.72 35.35 11.20
C ASN Z 41 -40.80 35.06 9.71
N LEU Z 42 -42.02 34.93 9.16
CA LEU Z 42 -42.17 34.63 7.76
C LEU Z 42 -41.59 35.74 6.88
N TYR Z 43 -42.03 36.98 7.11
CA TYR Z 43 -41.61 38.09 6.26
C TYR Z 43 -40.12 38.35 6.36
N GLN Z 44 -39.56 38.21 7.56
CA GLN Z 44 -38.15 38.44 7.76
C GLN Z 44 -37.28 37.40 7.07
N ARG Z 45 -37.84 36.25 6.68
CA ARG Z 45 -37.13 35.32 5.83
C ARG Z 45 -37.44 35.52 4.36
N ILE Z 46 -38.63 36.02 4.02
CA ILE Z 46 -38.88 36.48 2.67
C ILE Z 46 -37.90 37.58 2.33
N PHE Z 47 -37.80 38.56 3.21
CA PHE Z 47 -36.96 39.73 2.99
C PHE Z 47 -35.50 39.34 2.83
N ALA Z 48 -35.00 38.48 3.70
CA ALA Z 48 -33.59 38.13 3.69
C ALA Z 48 -33.21 37.19 2.56
N SER Z 49 -34.16 36.46 2.00
CA SER Z 49 -33.88 35.62 0.85
C SER Z 49 -34.08 36.35 -0.47
N HIS Z 50 -34.65 37.55 -0.45
CA HIS Z 50 -34.59 38.39 -1.63
C HIS Z 50 -33.22 38.99 -1.81
N PHE Z 51 -32.54 39.31 -0.72
CA PHE Z 51 -31.15 39.77 -0.82
C PHE Z 51 -30.27 38.69 -1.39
N GLY Z 52 -30.47 37.45 -0.96
CA GLY Z 52 -29.75 36.35 -1.54
C GLY Z 52 -30.11 36.12 -2.99
N HIS Z 53 -31.27 36.58 -3.41
CA HIS Z 53 -31.63 36.45 -4.82
C HIS Z 53 -31.07 37.59 -5.65
N LEU Z 54 -31.10 38.81 -5.13
CA LEU Z 54 -30.54 39.94 -5.85
C LEU Z 54 -29.05 39.75 -6.11
N ALA Z 55 -28.36 39.14 -5.15
CA ALA Z 55 -26.94 38.89 -5.33
C ALA Z 55 -26.68 37.87 -6.43
N ILE Z 56 -27.57 36.91 -6.60
CA ILE Z 56 -27.40 35.92 -7.66
C ILE Z 56 -27.60 36.56 -9.02
N ILE Z 57 -28.55 37.49 -9.13
CA ILE Z 57 -28.71 38.24 -10.37
C ILE Z 57 -27.47 39.07 -10.67
N PHE Z 58 -26.86 39.62 -9.64
CA PHE Z 58 -25.66 40.43 -9.85
C PHE Z 58 -24.43 39.58 -10.09
N LEU Z 59 -24.33 38.44 -9.43
CA LEU Z 59 -23.23 37.53 -9.75
C LEU Z 59 -23.39 36.91 -11.11
N TRP Z 60 -24.63 36.67 -11.53
CA TRP Z 60 -24.85 36.22 -12.90
C TRP Z 60 -24.50 37.30 -13.90
N ALA Z 61 -24.87 38.54 -13.63
CA ALA Z 61 -24.56 39.63 -14.53
C ALA Z 61 -23.06 39.91 -14.58
N SER Z 62 -22.36 39.75 -13.47
CA SER Z 62 -20.92 39.91 -13.49
C SER Z 62 -20.24 38.75 -14.19
N GLY Z 63 -20.90 37.60 -14.31
CA GLY Z 63 -20.35 36.53 -15.11
C GLY Z 63 -20.48 36.77 -16.59
N ILE Z 64 -21.52 37.48 -17.01
CA ILE Z 64 -21.62 37.90 -18.41
C ILE Z 64 -20.48 38.84 -18.74
N LEU Z 65 -20.27 39.84 -17.88
CA LEU Z 65 -19.26 40.84 -18.14
C LEU Z 65 -17.86 40.27 -18.05
N PHE Z 66 -17.61 39.42 -17.07
CA PHE Z 66 -16.26 38.92 -16.90
C PHE Z 66 -15.83 38.04 -18.06
N HIS Z 67 -16.75 37.27 -18.62
CA HIS Z 67 -16.36 36.32 -19.64
C HIS Z 67 -16.21 36.93 -21.01
N VAL Z 68 -16.89 38.04 -21.29
CA VAL Z 68 -16.62 38.71 -22.55
C VAL Z 68 -15.42 39.65 -22.39
N ALA Z 69 -15.15 40.12 -21.17
CA ALA Z 69 -13.91 40.83 -20.94
C ALA Z 69 -12.72 39.89 -21.06
N TRP Z 70 -12.85 38.69 -20.49
CA TRP Z 70 -11.76 37.74 -20.46
C TRP Z 70 -11.65 36.99 -21.77
N GLN Z 71 -12.75 36.40 -22.24
CA GLN Z 71 -12.72 35.48 -23.36
C GLN Z 71 -13.52 35.92 -24.56
N GLY Z 72 -14.22 37.05 -24.49
CA GLY Z 72 -14.96 37.55 -25.63
C GLY Z 72 -14.06 38.31 -26.57
N ASN Z 73 -14.69 38.88 -27.59
CA ASN Z 73 -13.99 39.68 -28.57
C ASN Z 73 -14.65 41.04 -28.71
N PHE Z 74 -14.97 41.66 -27.57
CA PHE Z 74 -15.67 42.93 -27.59
C PHE Z 74 -14.88 44.01 -28.31
N GLU Z 75 -13.56 44.03 -28.12
CA GLU Z 75 -12.71 45.01 -28.80
C GLU Z 75 -12.73 44.80 -30.30
N VAL Z 76 -12.59 43.56 -30.75
CA VAL Z 76 -12.63 43.26 -32.17
C VAL Z 76 -14.03 43.51 -32.72
N TRP Z 77 -15.05 43.09 -31.97
CA TRP Z 77 -16.42 43.19 -32.45
C TRP Z 77 -16.84 44.65 -32.63
N ILE Z 78 -16.39 45.53 -31.74
CA ILE Z 78 -16.90 46.88 -31.69
C ILE Z 78 -16.42 47.73 -32.85
N LYS Z 79 -15.40 47.27 -33.57
CA LYS Z 79 -14.93 47.94 -34.76
C LYS Z 79 -15.71 47.57 -36.01
N ASP Z 80 -16.56 46.55 -35.94
CA ASP Z 80 -17.38 46.14 -37.07
C ASP Z 80 -18.55 45.31 -36.56
N PRO Z 81 -19.56 45.93 -35.95
CA PRO Z 81 -20.60 45.16 -35.26
C PRO Z 81 -21.52 44.37 -36.17
N VAL Z 82 -21.30 44.38 -37.48
CA VAL Z 82 -22.17 43.68 -38.40
C VAL Z 82 -21.56 42.40 -38.95
N HIS Z 83 -20.24 42.38 -39.16
CA HIS Z 83 -19.61 41.31 -39.91
C HIS Z 83 -18.80 40.36 -39.04
N VAL Z 84 -18.81 40.53 -37.73
CA VAL Z 84 -18.07 39.66 -36.83
C VAL Z 84 -19.01 39.20 -35.73
N ARG Z 85 -18.80 37.97 -35.28
CA ARG Z 85 -19.73 37.41 -34.32
C ARG Z 85 -19.27 37.64 -32.90
N PRO Z 86 -20.17 38.00 -32.01
CA PRO Z 86 -19.82 38.12 -30.60
C PRO Z 86 -19.46 36.78 -30.00
N ILE Z 87 -18.50 36.80 -29.07
CA ILE Z 87 -18.06 35.60 -28.39
C ILE Z 87 -18.69 35.56 -27.02
N ALA Z 88 -19.36 34.45 -26.70
CA ALA Z 88 -19.94 34.30 -25.37
C ALA Z 88 -18.85 34.04 -24.34
N HIS Z 89 -18.18 32.90 -24.45
CA HIS Z 89 -17.06 32.56 -23.60
C HIS Z 89 -16.25 31.52 -24.35
N ALA Z 90 -15.25 30.97 -23.71
CA ALA Z 90 -14.47 29.94 -24.36
C ALA Z 90 -15.04 28.57 -24.05
N ILE Z 91 -14.55 27.58 -24.78
CA ILE Z 91 -14.93 26.19 -24.61
C ILE Z 91 -13.72 25.47 -24.05
N TRP Z 92 -13.91 24.75 -22.95
CA TRP Z 92 -12.91 23.80 -22.50
C TRP Z 92 -13.64 22.49 -22.29
N ASP Z 93 -13.75 21.72 -23.35
CA ASP Z 93 -14.21 20.34 -23.27
C ASP Z 93 -13.02 19.47 -23.62
N ALA Z 94 -12.45 18.82 -22.63
CA ALA Z 94 -11.25 18.04 -22.83
C ALA Z 94 -11.45 16.80 -23.57
N GLN Z 95 -12.63 16.59 -24.14
CA GLN Z 95 -12.94 15.39 -24.90
C GLN Z 95 -13.42 15.71 -26.30
N PHE Z 96 -13.20 16.93 -26.77
CA PHE Z 96 -13.33 17.21 -28.19
C PHE Z 96 -12.30 16.43 -29.00
N GLY Z 97 -12.64 16.18 -30.24
CA GLY Z 97 -11.69 15.69 -31.20
C GLY Z 97 -11.16 16.85 -32.01
N PRO Z 98 -10.28 16.57 -32.98
CA PRO Z 98 -9.78 17.65 -33.83
C PRO Z 98 -10.86 18.29 -34.68
N GLY Z 99 -11.92 17.55 -34.99
CA GLY Z 99 -12.98 18.11 -35.80
C GLY Z 99 -13.84 19.11 -35.05
N ALA Z 100 -13.90 19.02 -33.72
CA ALA Z 100 -14.65 19.98 -32.95
C ALA Z 100 -13.83 21.19 -32.53
N ILE Z 101 -12.52 21.02 -32.35
CA ILE Z 101 -11.66 22.18 -32.13
C ILE Z 101 -11.70 23.08 -33.35
N LYS Z 102 -11.56 22.50 -34.53
CA LYS Z 102 -11.55 23.28 -35.76
C LYS Z 102 -12.91 23.92 -36.01
N ALA Z 103 -13.98 23.18 -35.76
CA ALA Z 103 -15.31 23.70 -36.05
C ALA Z 103 -15.69 24.85 -35.13
N PHE Z 104 -15.37 24.74 -33.84
CA PHE Z 104 -15.77 25.74 -32.87
C PHE Z 104 -14.75 26.87 -32.73
N THR Z 105 -13.60 26.76 -33.36
CA THR Z 105 -12.67 27.89 -33.43
C THR Z 105 -13.21 28.81 -34.52
N GLN Z 106 -14.03 29.77 -34.10
CA GLN Z 106 -14.81 30.54 -35.04
C GLN Z 106 -14.85 31.99 -34.59
N ALA Z 107 -15.33 32.85 -35.48
CA ALA Z 107 -15.49 34.29 -35.24
C ALA Z 107 -14.16 34.94 -34.85
N GLY Z 108 -13.13 34.63 -35.62
CA GLY Z 108 -11.86 35.30 -35.41
C GLY Z 108 -11.14 34.92 -34.15
N ALA Z 109 -11.54 33.82 -33.52
CA ALA Z 109 -10.90 33.36 -32.30
C ALA Z 109 -9.79 32.38 -32.65
N ARG Z 110 -8.91 32.17 -31.68
CA ARG Z 110 -7.79 31.26 -31.84
C ARG Z 110 -7.93 30.07 -30.89
N ASN Z 111 -9.15 29.78 -30.45
CA ASN Z 111 -9.48 28.72 -29.52
C ASN Z 111 -10.97 28.44 -29.66
N PRO Z 112 -11.46 27.26 -29.29
CA PRO Z 112 -12.90 27.03 -29.35
C PRO Z 112 -13.67 28.04 -28.51
N VAL Z 113 -14.74 28.57 -29.08
CA VAL Z 113 -15.54 29.62 -28.44
C VAL Z 113 -17.01 29.37 -28.73
N ASP Z 114 -17.85 30.13 -28.05
CA ASP Z 114 -19.28 30.12 -28.27
C ASP Z 114 -19.71 31.48 -28.80
N ILE Z 115 -20.61 31.49 -29.76
CA ILE Z 115 -21.10 32.74 -30.32
C ILE Z 115 -22.21 33.28 -29.43
N CYS Z 116 -22.03 34.48 -28.90
CA CYS Z 116 -23.02 35.09 -28.02
C CYS Z 116 -24.30 35.37 -28.78
N TYR Z 117 -25.41 34.78 -28.34
CA TYR Z 117 -26.72 35.05 -28.89
C TYR Z 117 -27.61 35.78 -27.89
N SER Z 118 -27.01 36.45 -26.93
CA SER Z 118 -27.77 37.19 -25.93
C SER Z 118 -27.99 38.64 -26.30
N GLY Z 119 -27.12 39.22 -27.12
CA GLY Z 119 -27.24 40.62 -27.45
C GLY Z 119 -26.63 41.56 -26.45
N VAL Z 120 -25.91 41.04 -25.46
CA VAL Z 120 -25.24 41.90 -24.50
C VAL Z 120 -24.18 42.74 -25.18
N TYR Z 121 -23.61 42.25 -26.28
CA TYR Z 121 -22.66 43.05 -27.02
C TYR Z 121 -23.31 44.29 -27.60
N HIS Z 122 -24.54 44.15 -28.10
CA HIS Z 122 -25.24 45.28 -28.68
C HIS Z 122 -25.75 46.20 -27.59
N TRP Z 123 -26.13 45.65 -26.44
CA TRP Z 123 -26.59 46.46 -25.33
C TRP Z 123 -25.46 47.31 -24.79
N TRP Z 124 -24.28 46.71 -24.58
CA TRP Z 124 -23.16 47.46 -24.05
C TRP Z 124 -22.60 48.45 -25.07
N TYR Z 125 -22.63 48.08 -26.34
CA TYR Z 125 -22.17 49.02 -27.36
C TYR Z 125 -23.06 50.24 -27.44
N THR Z 126 -24.33 50.11 -27.09
CA THR Z 126 -25.24 51.23 -27.17
C THR Z 126 -25.16 52.11 -25.93
N ILE Z 127 -24.99 51.51 -24.76
CA ILE Z 127 -24.98 52.29 -23.53
C ILE Z 127 -23.62 52.89 -23.22
N GLY Z 128 -22.64 52.72 -24.09
CA GLY Z 128 -21.40 53.43 -23.96
C GLY Z 128 -20.28 52.68 -23.29
N LEU Z 129 -20.00 51.46 -23.73
CA LEU Z 129 -18.86 50.69 -23.27
C LEU Z 129 -18.02 50.35 -24.48
N ARG Z 130 -16.75 50.75 -24.47
CA ARG Z 130 -15.92 50.62 -25.65
C ARG Z 130 -14.65 49.80 -25.45
N THR Z 131 -14.20 49.59 -24.22
CA THR Z 131 -12.99 48.84 -23.98
C THR Z 131 -13.28 47.63 -23.11
N ASN Z 132 -12.41 46.62 -23.20
CA ASN Z 132 -12.51 45.45 -22.33
C ASN Z 132 -12.33 45.82 -20.87
N THR Z 133 -11.53 46.84 -20.59
CA THR Z 133 -11.31 47.23 -19.20
C THR Z 133 -12.57 47.84 -18.59
N GLU Z 134 -13.33 48.58 -19.39
CA GLU Z 134 -14.63 49.06 -18.93
C GLU Z 134 -15.57 47.92 -18.60
N LEU Z 135 -15.47 46.80 -19.33
CA LEU Z 135 -16.28 45.64 -19.01
C LEU Z 135 -15.77 44.96 -17.75
N TYR Z 136 -14.46 44.94 -17.55
CA TYR Z 136 -13.88 44.26 -16.41
C TYR Z 136 -14.19 44.99 -15.11
N VAL Z 137 -14.08 46.32 -15.11
CA VAL Z 137 -14.41 47.05 -13.88
C VAL Z 137 -15.90 47.04 -13.64
N GLY Z 138 -16.70 46.83 -14.69
CA GLY Z 138 -18.11 46.56 -14.48
C GLY Z 138 -18.35 45.23 -13.81
N ALA Z 139 -17.59 44.20 -14.23
CA ALA Z 139 -17.72 42.89 -13.61
C ALA Z 139 -17.28 42.91 -12.16
N LEU Z 140 -16.18 43.61 -11.86
CA LEU Z 140 -15.71 43.71 -10.49
C LEU Z 140 -16.69 44.50 -9.63
N PHE Z 141 -17.27 45.56 -10.19
CA PHE Z 141 -18.22 46.36 -9.43
C PHE Z 141 -19.46 45.54 -9.09
N LEU Z 142 -19.95 44.74 -10.03
CA LEU Z 142 -21.14 43.94 -9.78
C LEU Z 142 -20.86 42.82 -8.79
N ILE Z 143 -19.63 42.30 -8.75
CA ILE Z 143 -19.28 41.33 -7.72
C ILE Z 143 -19.36 41.97 -6.34
N LEU Z 144 -18.81 43.17 -6.20
CA LEU Z 144 -18.87 43.86 -4.92
C LEU Z 144 -20.26 44.38 -4.63
N LEU Z 145 -21.02 44.74 -5.66
CA LEU Z 145 -22.42 45.11 -5.44
C LEU Z 145 -23.24 43.90 -5.03
N ALA Z 146 -22.88 42.71 -5.51
CA ALA Z 146 -23.52 41.50 -5.01
C ALA Z 146 -23.11 41.21 -3.58
N ALA Z 147 -21.90 41.62 -3.20
CA ALA Z 147 -21.45 41.41 -1.83
C ALA Z 147 -22.25 42.24 -0.84
N VAL Z 148 -22.56 43.49 -1.18
CA VAL Z 148 -23.28 44.33 -0.24
C VAL Z 148 -24.74 43.92 -0.10
N PHE Z 149 -25.24 43.07 -0.99
CA PHE Z 149 -26.56 42.48 -0.79
C PHE Z 149 -26.51 41.14 -0.08
N LEU Z 150 -25.43 40.37 -0.23
CA LEU Z 150 -25.28 39.22 0.64
C LEU Z 150 -25.06 39.65 2.08
N PHE Z 151 -24.34 40.74 2.29
CA PHE Z 151 -24.17 41.24 3.65
C PHE Z 151 -25.47 41.83 4.18
N ALA Z 152 -26.20 42.58 3.35
CA ALA Z 152 -27.45 43.17 3.80
C ALA Z 152 -28.46 42.10 4.18
N GLY Z 153 -28.48 41.00 3.43
CA GLY Z 153 -29.36 39.91 3.80
C GLY Z 153 -28.98 39.28 5.11
N TRP Z 154 -27.68 39.12 5.36
CA TRP Z 154 -27.24 38.63 6.66
C TRP Z 154 -27.53 39.67 7.73
N LEU Z 155 -27.38 40.94 7.40
CA LEU Z 155 -27.59 42.01 8.38
C LEU Z 155 -29.02 42.03 8.90
N HIS Z 156 -29.99 41.81 8.03
CA HIS Z 156 -31.38 41.92 8.43
C HIS Z 156 -31.94 40.60 8.95
N LEU Z 157 -31.08 39.71 9.41
CA LEU Z 157 -31.49 38.61 10.25
C LEU Z 157 -30.91 38.73 11.65
N GLN Z 158 -30.07 39.73 11.89
CA GLN Z 158 -29.64 40.04 13.23
C GLN Z 158 -30.80 40.65 14.01
N PRO Z 159 -30.96 40.30 15.28
CA PRO Z 159 -32.16 40.73 16.01
C PRO Z 159 -32.30 42.24 16.12
N ARG Z 160 -31.19 42.97 16.14
CA ARG Z 160 -31.25 44.41 16.28
C ARG Z 160 -31.56 45.10 14.96
N TYR Z 161 -31.40 44.42 13.84
CA TYR Z 161 -31.65 44.98 12.52
C TYR Z 161 -32.81 44.32 11.80
N ARG Z 162 -33.33 43.24 12.34
CA ARG Z 162 -34.40 42.49 11.72
C ARG Z 162 -35.70 43.28 11.80
N PRO Z 163 -36.33 43.60 10.67
CA PRO Z 163 -37.52 44.45 10.71
C PRO Z 163 -38.71 43.77 11.35
N ASN Z 164 -39.63 44.58 11.85
CA ASN Z 164 -40.82 44.07 12.49
C ASN Z 164 -41.96 43.96 11.48
N LEU Z 165 -43.02 43.25 11.89
CA LEU Z 165 -44.13 42.97 10.99
C LEU Z 165 -44.82 44.22 10.51
N GLY Z 166 -44.88 45.25 11.36
CA GLY Z 166 -45.51 46.49 10.94
C GLY Z 166 -44.78 47.19 9.82
N TRP Z 167 -43.45 47.07 9.77
CA TRP Z 167 -42.68 47.66 8.70
C TRP Z 167 -42.99 47.00 7.36
N PHE Z 168 -43.14 45.67 7.35
CA PHE Z 168 -43.41 44.96 6.11
C PHE Z 168 -44.82 45.27 5.60
N LYS Z 169 -45.80 45.33 6.49
CA LYS Z 169 -47.17 45.60 6.08
C LYS Z 169 -47.44 47.09 5.93
N ASN Z 170 -46.40 47.89 5.75
CA ASN Z 170 -46.55 49.33 5.49
C ASN Z 170 -46.61 49.50 3.98
N SER Z 171 -47.80 49.29 3.43
CA SER Z 171 -47.96 49.27 1.98
C SER Z 171 -47.81 50.66 1.38
N GLU Z 172 -48.35 51.68 2.03
CA GLU Z 172 -48.30 53.02 1.44
C GLU Z 172 -46.88 53.57 1.41
N ALA Z 173 -46.05 53.25 2.40
CA ALA Z 173 -44.67 53.74 2.38
C ALA Z 173 -43.84 53.02 1.33
N ARG Z 174 -44.11 51.75 1.08
CA ARG Z 174 -43.33 51.03 0.08
C ARG Z 174 -43.68 51.47 -1.31
N LEU Z 175 -44.97 51.67 -1.59
CA LEU Z 175 -45.38 52.16 -2.90
C LEU Z 175 -44.82 53.54 -3.18
N ASN Z 176 -44.77 54.39 -2.16
CA ASN Z 176 -44.25 55.74 -2.36
C ASN Z 176 -42.78 55.70 -2.75
N HIS Z 177 -42.00 54.85 -2.11
CA HIS Z 177 -40.58 54.81 -2.43
C HIS Z 177 -40.32 54.03 -3.70
N HIS Z 178 -41.04 52.93 -3.93
CA HIS Z 178 -40.79 52.15 -5.13
C HIS Z 178 -41.14 52.91 -6.38
N LEU Z 179 -42.26 53.64 -6.36
CA LEU Z 179 -42.61 54.49 -7.49
C LEU Z 179 -41.63 55.64 -7.63
N ALA Z 180 -41.39 56.37 -6.55
CA ALA Z 180 -40.55 57.56 -6.67
C ALA Z 180 -39.07 57.21 -6.75
N GLY Z 181 -38.61 56.28 -5.93
CA GLY Z 181 -37.19 56.04 -5.85
C GLY Z 181 -36.70 54.83 -6.62
N LEU Z 182 -37.38 53.70 -6.49
CA LEU Z 182 -36.89 52.49 -7.15
C LEU Z 182 -37.08 52.58 -8.65
N PHE Z 183 -38.20 53.12 -9.12
CA PHE Z 183 -38.40 53.28 -10.55
C PHE Z 183 -38.15 54.70 -11.02
N GLY Z 184 -38.62 55.69 -10.27
CA GLY Z 184 -38.48 57.07 -10.67
C GLY Z 184 -37.04 57.55 -10.67
N VAL Z 185 -36.34 57.40 -9.55
CA VAL Z 185 -34.96 57.86 -9.47
C VAL Z 185 -34.06 57.01 -10.36
N SER Z 186 -34.28 55.70 -10.39
CA SER Z 186 -33.46 54.83 -11.23
C SER Z 186 -33.57 55.19 -12.71
N SER Z 187 -34.76 55.48 -13.19
CA SER Z 187 -34.89 55.88 -14.58
C SER Z 187 -34.41 57.29 -14.79
N LEU Z 188 -34.53 58.14 -13.78
CA LEU Z 188 -33.87 59.45 -13.82
C LEU Z 188 -32.37 59.28 -13.88
N ALA Z 189 -31.84 58.35 -13.08
CA ALA Z 189 -30.40 58.09 -13.10
C ALA Z 189 -29.97 57.52 -14.44
N TRP Z 190 -30.80 56.67 -15.03
CA TRP Z 190 -30.43 56.09 -16.32
C TRP Z 190 -30.39 57.14 -17.41
N ALA Z 191 -31.36 58.06 -17.41
CA ALA Z 191 -31.28 59.20 -18.31
C ALA Z 191 -30.05 60.04 -18.01
N GLY Z 192 -29.56 60.00 -16.77
CA GLY Z 192 -28.29 60.62 -16.47
C GLY Z 192 -27.13 59.94 -17.16
N HIS Z 193 -27.12 58.61 -17.18
CA HIS Z 193 -26.06 57.90 -17.88
C HIS Z 193 -26.14 58.14 -19.38
N LEU Z 194 -27.35 58.11 -19.93
CA LEU Z 194 -27.51 58.32 -21.36
C LEU Z 194 -27.03 59.70 -21.77
N VAL Z 195 -27.42 60.72 -21.01
CA VAL Z 195 -27.04 62.09 -21.35
C VAL Z 195 -25.54 62.30 -21.18
N HIS Z 196 -24.97 61.73 -20.14
CA HIS Z 196 -23.56 61.97 -19.83
C HIS Z 196 -22.62 61.01 -20.51
N VAL Z 197 -22.99 59.75 -20.67
CA VAL Z 197 -22.03 58.77 -21.15
C VAL Z 197 -22.44 58.21 -22.50
N ALA Z 198 -23.65 57.67 -22.60
CA ALA Z 198 -24.02 56.92 -23.80
C ALA Z 198 -24.13 57.81 -25.02
N ILE Z 199 -24.84 58.92 -24.91
CA ILE Z 199 -24.99 59.83 -26.04
C ILE Z 199 -23.65 60.45 -26.43
N PRO Z 200 -22.85 61.03 -25.51
CA PRO Z 200 -21.55 61.58 -25.95
C PRO Z 200 -20.63 60.55 -26.55
N GLU Z 201 -20.64 59.32 -26.04
CA GLU Z 201 -19.73 58.31 -26.52
C GLU Z 201 -20.23 57.66 -27.80
N SER Z 202 -21.50 57.90 -28.16
CA SER Z 202 -22.00 57.55 -29.47
C SER Z 202 -21.67 58.62 -30.50
N ARG Z 203 -21.15 59.77 -30.06
CA ARG Z 203 -20.69 60.82 -30.94
C ARG Z 203 -19.18 60.91 -30.97
N GLY Z 204 -18.48 59.99 -30.35
CA GLY Z 204 -17.05 59.93 -30.51
C GLY Z 204 -16.26 60.31 -29.27
N GLN Z 205 -16.71 61.32 -28.54
CA GLN Z 205 -15.95 61.78 -27.39
C GLN Z 205 -16.00 60.75 -26.28
N HIS Z 206 -14.87 60.56 -25.61
CA HIS Z 206 -14.75 59.58 -24.55
C HIS Z 206 -15.08 60.24 -23.22
N VAL Z 207 -16.14 59.78 -22.57
CA VAL Z 207 -16.54 60.27 -21.27
C VAL Z 207 -16.36 59.13 -20.27
N GLY Z 208 -15.59 59.38 -19.22
CA GLY Z 208 -15.34 58.37 -18.22
C GLY Z 208 -15.46 58.92 -16.82
N TRP Z 209 -15.06 58.13 -15.83
CA TRP Z 209 -15.19 58.57 -14.44
C TRP Z 209 -14.23 59.68 -14.10
N ASP Z 210 -13.13 59.80 -14.83
CA ASP Z 210 -12.16 60.86 -14.62
C ASP Z 210 -12.39 62.05 -15.55
N ASN Z 211 -13.47 62.02 -16.31
CA ASN Z 211 -13.66 62.97 -17.40
C ASN Z 211 -15.02 63.64 -17.24
N PHE Z 212 -16.00 62.89 -16.74
CA PHE Z 212 -17.38 63.34 -16.82
C PHE Z 212 -17.67 64.55 -15.94
N LEU Z 213 -16.86 64.80 -14.92
CA LEU Z 213 -17.13 65.94 -14.05
C LEU Z 213 -16.75 67.25 -14.68
N SER Z 214 -15.90 67.23 -15.70
CA SER Z 214 -15.37 68.45 -16.30
C SER Z 214 -16.09 68.85 -17.57
N THR Z 215 -16.39 67.91 -18.46
CA THR Z 215 -17.01 68.24 -19.73
C THR Z 215 -18.52 68.17 -19.63
N PRO Z 216 -19.24 69.28 -19.81
CA PRO Z 216 -20.69 69.23 -19.74
C PRO Z 216 -21.26 68.50 -20.97
N PRO Z 217 -22.38 67.81 -20.81
CA PRO Z 217 -22.95 67.10 -21.95
C PRO Z 217 -23.60 68.01 -22.97
N HIS Z 218 -23.92 69.24 -22.59
CA HIS Z 218 -24.49 70.23 -23.51
C HIS Z 218 -23.73 71.54 -23.33
N PRO Z 219 -23.60 72.33 -24.40
CA PRO Z 219 -22.99 73.65 -24.24
C PRO Z 219 -23.76 74.57 -23.31
N ALA Z 220 -25.07 74.43 -23.21
CA ALA Z 220 -25.89 75.26 -22.33
C ALA Z 220 -26.21 74.57 -21.03
N GLY Z 221 -25.25 73.81 -20.50
CA GLY Z 221 -25.54 72.91 -19.39
C GLY Z 221 -25.86 73.65 -18.11
N LEU Z 222 -26.79 73.09 -17.35
CA LEU Z 222 -27.24 73.52 -16.02
C LEU Z 222 -27.86 74.90 -15.99
N TRP Z 223 -27.97 75.60 -17.09
CA TRP Z 223 -28.59 76.90 -16.99
C TRP Z 223 -29.83 77.01 -17.84
N ALA Z 224 -29.85 76.36 -19.00
CA ALA Z 224 -31.06 76.32 -19.80
C ALA Z 224 -32.17 75.59 -19.06
N PHE Z 225 -31.81 74.65 -18.18
CA PHE Z 225 -32.82 73.91 -17.44
C PHE Z 225 -33.51 74.80 -16.41
N PHE Z 226 -32.73 75.49 -15.58
CA PHE Z 226 -33.32 76.22 -14.45
C PHE Z 226 -33.97 77.53 -14.87
N THR Z 227 -33.49 78.17 -15.94
CA THR Z 227 -34.21 79.34 -16.45
C THR Z 227 -35.56 78.95 -17.02
N GLY Z 228 -35.66 77.75 -17.58
CA GLY Z 228 -36.85 77.33 -18.28
C GLY Z 228 -36.69 77.29 -19.78
N ASN Z 229 -35.51 77.64 -20.30
CA ASN Z 229 -35.23 77.58 -21.74
C ASN Z 229 -34.88 76.13 -22.09
N TRP Z 230 -35.88 75.27 -21.96
CA TRP Z 230 -35.66 73.83 -22.10
C TRP Z 230 -35.43 73.42 -23.53
N GLY Z 231 -35.92 74.22 -24.49
CA GLY Z 231 -35.77 73.89 -25.89
C GLY Z 231 -34.33 73.88 -26.37
N ALA Z 232 -33.42 74.46 -25.58
CA ALA Z 232 -32.01 74.49 -25.96
C ALA Z 232 -31.39 73.11 -26.01
N TYR Z 233 -31.99 72.13 -25.34
CA TYR Z 233 -31.46 70.78 -25.29
C TYR Z 233 -31.80 69.97 -26.52
N ALA Z 234 -32.51 70.54 -27.48
CA ALA Z 234 -32.89 69.83 -28.69
C ALA Z 234 -32.71 70.72 -29.91
N GLN Z 235 -31.64 71.50 -29.94
CA GLN Z 235 -31.49 72.47 -31.02
C GLN Z 235 -31.03 71.81 -32.31
N ASN Z 236 -29.84 71.22 -32.31
CA ASN Z 236 -29.37 70.48 -33.48
C ASN Z 236 -29.17 69.01 -33.13
N PRO Z 237 -30.02 68.12 -33.62
CA PRO Z 237 -29.85 66.70 -33.32
C PRO Z 237 -28.93 66.03 -34.31
N ASP Z 238 -28.72 64.73 -34.15
CA ASP Z 238 -27.91 63.98 -35.10
C ASP Z 238 -28.60 63.94 -36.46
N THR Z 239 -27.83 64.15 -37.52
CA THR Z 239 -28.40 64.10 -38.85
C THR Z 239 -28.56 62.66 -39.30
N ALA Z 240 -29.21 62.49 -40.46
CA ALA Z 240 -29.46 61.16 -40.98
C ALA Z 240 -28.22 60.50 -41.55
N GLU Z 241 -27.14 61.23 -41.76
CA GLU Z 241 -25.89 60.66 -42.24
C GLU Z 241 -24.89 60.43 -41.12
N HIS Z 242 -25.29 60.66 -39.87
CA HIS Z 242 -24.44 60.36 -38.72
C HIS Z 242 -24.17 58.87 -38.64
N VAL Z 243 -22.91 58.49 -38.46
CA VAL Z 243 -22.55 57.10 -38.27
C VAL Z 243 -22.13 56.91 -36.82
N PHE Z 244 -22.50 55.79 -36.24
CA PHE Z 244 -22.48 55.60 -34.80
C PHE Z 244 -21.05 55.61 -34.25
N SER Z 245 -20.93 56.15 -33.04
CA SER Z 245 -19.69 56.19 -32.27
C SER Z 245 -18.60 57.01 -32.95
N THR Z 246 -18.97 57.96 -33.80
CA THR Z 246 -18.03 58.88 -34.42
C THR Z 246 -18.56 60.29 -34.32
N SER Z 247 -17.68 61.25 -34.61
CA SER Z 247 -18.05 62.67 -34.58
C SER Z 247 -18.65 63.16 -35.89
N GLN Z 248 -18.57 62.39 -36.96
CA GLN Z 248 -19.06 62.85 -38.25
C GLN Z 248 -20.57 62.68 -38.33
N GLY Z 249 -21.27 63.75 -38.66
CA GLY Z 249 -22.71 63.76 -38.69
C GLY Z 249 -23.36 63.98 -37.34
N ALA Z 250 -22.57 64.05 -36.27
CA ALA Z 250 -23.12 64.14 -34.93
C ALA Z 250 -23.68 65.53 -34.66
N GLY Z 251 -24.63 65.60 -33.73
CA GLY Z 251 -25.17 66.86 -33.27
C GLY Z 251 -24.76 67.16 -31.84
N THR Z 252 -25.47 68.11 -31.24
CA THR Z 252 -25.26 68.45 -29.84
C THR Z 252 -26.49 68.24 -28.99
N ALA Z 253 -27.65 67.96 -29.59
CA ALA Z 253 -28.85 67.75 -28.81
C ALA Z 253 -28.73 66.52 -27.95
N ILE Z 254 -29.22 66.62 -26.72
CA ILE Z 254 -29.19 65.50 -25.80
C ILE Z 254 -30.58 65.00 -25.45
N LEU Z 255 -31.62 65.78 -25.69
CA LEU Z 255 -33.00 65.39 -25.38
C LEU Z 255 -33.86 65.80 -26.56
N THR Z 256 -33.88 65.01 -27.62
CA THR Z 256 -34.67 65.36 -28.78
C THR Z 256 -35.55 64.18 -29.17
N PHE Z 257 -36.67 64.48 -29.80
CA PHE Z 257 -37.76 63.53 -29.94
C PHE Z 257 -38.17 63.33 -31.39
N LEU Z 258 -37.17 63.02 -32.22
CA LEU Z 258 -37.41 62.74 -33.63
C LEU Z 258 -38.35 61.56 -33.83
N GLY Z 259 -38.15 60.49 -33.08
CA GLY Z 259 -38.89 59.27 -33.31
C GLY Z 259 -38.35 58.51 -34.50
N GLY Z 260 -38.79 57.27 -34.63
CA GLY Z 260 -38.26 56.42 -35.66
C GLY Z 260 -36.89 55.90 -35.30
N PHE Z 261 -36.12 55.56 -36.33
CA PHE Z 261 -34.88 54.82 -36.17
C PHE Z 261 -33.67 55.63 -36.61
N HIS Z 262 -32.54 55.32 -36.00
CA HIS Z 262 -31.26 55.83 -36.46
C HIS Z 262 -30.93 55.21 -37.80
N PRO Z 263 -30.70 56.00 -38.85
CA PRO Z 263 -30.58 55.40 -40.20
C PRO Z 263 -29.39 54.47 -40.37
N GLN Z 264 -28.39 54.54 -39.50
CA GLN Z 264 -27.19 53.73 -39.66
C GLN Z 264 -27.18 52.48 -38.78
N THR Z 265 -27.64 52.59 -37.53
CA THR Z 265 -27.75 51.43 -36.66
C THR Z 265 -29.10 50.74 -36.76
N GLN Z 266 -30.09 51.38 -37.37
CA GLN Z 266 -31.47 50.89 -37.42
C GLN Z 266 -32.01 50.58 -36.04
N SER Z 267 -31.75 51.48 -35.10
CA SER Z 267 -32.24 51.38 -33.74
C SER Z 267 -32.83 52.73 -33.35
N LEU Z 268 -33.45 52.78 -32.19
CA LEU Z 268 -33.95 54.04 -31.68
C LEU Z 268 -32.79 54.97 -31.35
N TRP Z 269 -33.03 56.27 -31.48
CA TRP Z 269 -32.02 57.26 -31.15
C TRP Z 269 -31.71 57.25 -29.67
N LEU Z 270 -30.42 57.36 -29.34
CA LEU Z 270 -30.03 57.44 -27.95
C LEU Z 270 -30.55 58.71 -27.29
N THR Z 271 -30.56 59.81 -28.04
CA THR Z 271 -31.14 61.05 -27.54
C THR Z 271 -32.63 60.91 -27.31
N ASP Z 272 -33.28 60.05 -28.07
CA ASP Z 272 -34.70 59.81 -27.92
C ASP Z 272 -34.96 58.93 -26.70
N MET Z 273 -33.99 58.12 -26.30
CA MET Z 273 -34.14 57.30 -25.10
C MET Z 273 -33.88 58.11 -23.83
N ALA Z 274 -32.90 59.00 -23.85
CA ALA Z 274 -32.63 59.81 -22.67
C ALA Z 274 -33.82 60.69 -22.34
N HIS Z 275 -34.42 61.27 -23.36
CA HIS Z 275 -35.64 62.04 -23.19
C HIS Z 275 -36.79 61.16 -22.73
N HIS Z 276 -36.73 59.87 -23.03
CA HIS Z 276 -37.79 58.95 -22.61
C HIS Z 276 -37.74 58.72 -21.12
N HIS Z 277 -36.58 58.26 -20.63
CA HIS Z 277 -36.45 57.95 -19.22
C HIS Z 277 -36.56 59.19 -18.35
N LEU Z 278 -36.19 60.34 -18.89
CA LEU Z 278 -36.42 61.60 -18.20
C LEU Z 278 -37.90 61.87 -18.03
N ALA Z 279 -38.69 61.63 -19.07
CA ALA Z 279 -40.12 61.83 -18.96
C ALA Z 279 -40.76 60.78 -18.07
N ILE Z 280 -40.31 59.52 -18.17
CA ILE Z 280 -40.82 58.45 -17.32
C ILE Z 280 -40.51 58.72 -15.87
N ALA Z 281 -39.29 59.20 -15.59
CA ALA Z 281 -38.90 59.48 -14.21
C ALA Z 281 -39.82 60.51 -13.57
N VAL Z 282 -40.04 61.62 -14.26
CA VAL Z 282 -40.86 62.69 -13.69
C VAL Z 282 -42.28 62.21 -13.45
N VAL Z 283 -42.84 61.46 -14.39
CA VAL Z 283 -44.16 60.88 -14.19
C VAL Z 283 -44.16 59.90 -13.03
N LEU Z 284 -43.08 59.12 -12.89
CA LEU Z 284 -43.03 58.14 -11.81
C LEU Z 284 -42.79 58.80 -10.45
N ILE Z 285 -41.92 59.80 -10.40
CA ILE Z 285 -41.71 60.51 -9.14
C ILE Z 285 -42.98 61.20 -8.70
N ILE Z 286 -43.71 61.84 -9.62
CA ILE Z 286 -45.00 62.40 -9.28
C ILE Z 286 -45.94 61.33 -8.74
N ALA Z 287 -45.97 60.16 -9.40
CA ALA Z 287 -46.82 59.08 -8.92
C ALA Z 287 -46.47 58.59 -7.54
N GLY Z 288 -45.23 58.78 -7.11
CA GLY Z 288 -44.80 58.34 -5.81
C GLY Z 288 -45.17 59.23 -4.65
N HIS Z 289 -45.83 60.35 -4.90
CA HIS Z 289 -46.32 61.23 -3.85
C HIS Z 289 -47.83 61.12 -3.71
N MET Z 290 -48.35 59.92 -3.92
CA MET Z 290 -49.78 59.71 -3.96
C MET Z 290 -50.36 59.20 -2.65
N TYR Z 291 -49.62 58.38 -1.92
CA TYR Z 291 -50.12 57.72 -0.73
C TYR Z 291 -49.49 58.34 0.51
N ARG Z 292 -50.31 58.61 1.51
CA ARG Z 292 -49.81 59.23 2.74
C ARG Z 292 -48.95 58.25 3.50
N THR Z 293 -47.77 58.70 3.93
CA THR Z 293 -46.98 57.85 4.79
C THR Z 293 -47.12 58.25 6.25
N ASN Z 294 -46.58 59.41 6.61
CA ASN Z 294 -46.73 59.93 7.97
C ASN Z 294 -46.82 61.45 7.95
N TRP Z 295 -47.36 62.01 6.87
CA TRP Z 295 -47.49 63.46 6.77
C TRP Z 295 -48.90 63.93 6.50
N ARG Z 296 -49.91 63.07 6.64
CA ARG Z 296 -51.33 63.42 6.60
C ARG Z 296 -51.68 64.31 5.38
N ILE Z 297 -50.89 64.19 4.33
CA ILE Z 297 -51.23 64.69 3.01
C ILE Z 297 -50.86 63.53 2.09
N GLY Z 298 -51.85 62.94 1.42
CA GLY Z 298 -51.65 61.73 0.64
C GLY Z 298 -52.93 60.92 0.60
N HIS Z 299 -52.83 59.68 0.11
CA HIS Z 299 -53.95 58.75 0.09
C HIS Z 299 -53.75 57.62 1.07
N SER Z 300 -54.86 57.10 1.58
CA SER Z 300 -54.87 55.89 2.40
C SER Z 300 -55.61 54.81 1.61
N ILE Z 301 -54.90 53.73 1.30
CA ILE Z 301 -55.47 52.69 0.44
C ILE Z 301 -56.63 52.01 1.14
N LYS Z 302 -56.52 51.82 2.46
CA LYS Z 302 -57.61 51.20 3.22
C LYS Z 302 -58.87 52.02 3.14
N GLU Z 303 -58.75 53.35 3.22
CA GLU Z 303 -59.93 54.19 3.10
C GLU Z 303 -60.41 54.33 1.67
N MET Z 304 -59.51 54.19 0.68
CA MET Z 304 -59.97 54.16 -0.69
C MET Z 304 -60.74 52.91 -1.05
N MET Z 305 -60.70 51.88 -0.19
CA MET Z 305 -61.56 50.71 -0.37
C MET Z 305 -62.95 50.95 0.21
N ASP Z 306 -63.01 51.31 1.50
CA ASP Z 306 -64.27 51.39 2.21
C ASP Z 306 -65.10 52.60 1.85
N SER Z 307 -64.62 53.46 0.95
CA SER Z 307 -65.36 54.66 0.59
C SER Z 307 -66.63 54.30 -0.16
N LYS Z 308 -67.76 54.86 0.29
CA LYS Z 308 -69.05 54.59 -0.33
C LYS Z 308 -69.79 55.87 -0.69
N THR Z 309 -69.09 56.99 -0.81
CA THR Z 309 -69.72 58.27 -1.10
C THR Z 309 -69.03 58.90 -2.30
N PHE Z 310 -69.77 59.06 -3.39
CA PHE Z 310 -69.28 59.67 -4.62
C PHE Z 310 -69.90 61.06 -4.74
N PHE Z 311 -69.22 62.06 -4.18
CA PHE Z 311 -69.69 63.44 -4.17
C PHE Z 311 -71.07 63.55 -3.53
N GLY Z 312 -71.29 62.77 -2.47
CA GLY Z 312 -72.56 62.71 -1.80
C GLY Z 312 -73.50 61.65 -2.29
N ARG Z 313 -73.28 61.10 -3.48
CA ARG Z 313 -74.15 60.06 -4.01
C ARG Z 313 -73.80 58.72 -3.39
N LYS Z 314 -74.82 57.97 -3.02
CA LYS Z 314 -74.66 56.64 -2.44
C LYS Z 314 -74.14 55.67 -3.50
N VAL Z 315 -72.91 55.19 -3.32
CA VAL Z 315 -72.33 54.18 -4.18
C VAL Z 315 -71.81 53.04 -3.32
N GLU Z 316 -71.57 51.90 -3.94
CA GLU Z 316 -71.11 50.72 -3.22
C GLU Z 316 -69.62 50.67 -3.05
N GLY Z 317 -68.87 51.55 -3.72
CA GLY Z 317 -67.43 51.55 -3.61
C GLY Z 317 -66.79 52.05 -4.88
N PRO Z 318 -65.48 51.80 -5.01
CA PRO Z 318 -64.76 52.18 -6.23
C PRO Z 318 -65.37 51.62 -7.49
N PHE Z 319 -65.77 52.54 -8.36
CA PHE Z 319 -66.42 52.27 -9.65
C PHE Z 319 -67.79 51.62 -9.43
N ASN Z 320 -68.42 51.94 -8.31
CA ASN Z 320 -69.69 51.35 -7.88
C ASN Z 320 -69.59 49.82 -7.79
N LEU Z 321 -68.52 49.36 -7.16
CA LEU Z 321 -68.30 47.95 -6.91
C LEU Z 321 -67.76 47.80 -5.50
N PRO Z 322 -68.25 46.83 -4.75
CA PRO Z 322 -67.86 46.73 -3.35
C PRO Z 322 -66.44 46.22 -3.18
N HIS Z 323 -65.54 47.10 -2.74
CA HIS Z 323 -64.15 46.73 -2.51
C HIS Z 323 -63.79 46.68 -1.03
N GLN Z 324 -64.78 46.68 -0.13
CA GLN Z 324 -64.48 46.71 1.29
C GLN Z 324 -63.80 45.42 1.72
N GLY Z 325 -62.85 45.55 2.62
CA GLY Z 325 -62.10 44.41 3.09
C GLY Z 325 -61.02 43.94 2.15
N LEU Z 326 -60.83 44.60 1.02
CA LEU Z 326 -59.80 44.17 0.09
C LEU Z 326 -58.41 44.59 0.55
N TYR Z 327 -58.29 45.73 1.22
CA TYR Z 327 -56.98 46.14 1.71
C TYR Z 327 -56.42 45.10 2.66
N GLU Z 328 -57.19 44.73 3.68
CA GLU Z 328 -56.75 43.67 4.59
C GLU Z 328 -56.69 42.32 3.92
N THR Z 329 -57.34 42.15 2.76
CA THR Z 329 -57.16 40.90 2.01
C THR Z 329 -55.84 40.89 1.27
N VAL Z 330 -55.56 41.94 0.49
CA VAL Z 330 -54.31 42.01 -0.25
C VAL Z 330 -53.12 42.14 0.70
N ASN Z 331 -53.24 42.97 1.73
CA ASN Z 331 -52.09 43.27 2.57
C ASN Z 331 -51.63 42.05 3.36
N ASN Z 332 -52.56 41.26 3.91
CA ASN Z 332 -52.18 40.08 4.67
C ASN Z 332 -51.87 38.89 3.79
N SER Z 333 -52.31 38.88 2.54
CA SER Z 333 -52.03 37.78 1.64
C SER Z 333 -50.72 38.04 0.91
N LEU Z 334 -49.77 37.13 1.05
CA LEU Z 334 -48.56 37.22 0.25
C LEU Z 334 -48.74 36.62 -1.12
N HIS Z 335 -49.63 35.65 -1.26
CA HIS Z 335 -49.87 35.04 -2.56
C HIS Z 335 -50.70 35.92 -3.48
N PHE Z 336 -51.61 36.72 -2.91
CA PHE Z 336 -52.28 37.74 -3.71
C PHE Z 336 -51.28 38.73 -4.26
N GLN Z 337 -50.34 39.17 -3.43
CA GLN Z 337 -49.34 40.11 -3.87
C GLN Z 337 -48.38 39.47 -4.87
N LEU Z 338 -48.04 38.20 -4.66
CA LEU Z 338 -47.16 37.51 -5.59
C LEU Z 338 -47.85 37.22 -6.90
N SER Z 339 -49.15 36.93 -6.86
CA SER Z 339 -49.89 36.71 -8.10
C SER Z 339 -49.97 37.97 -8.94
N LEU Z 340 -50.14 39.13 -8.29
CA LEU Z 340 -50.20 40.38 -9.03
C LEU Z 340 -48.84 40.75 -9.59
N ALA Z 341 -47.77 40.46 -8.86
CA ALA Z 341 -46.44 40.78 -9.33
C ALA Z 341 -46.05 39.94 -10.53
N LEU Z 342 -46.36 38.64 -10.49
CA LEU Z 342 -46.03 37.77 -11.62
C LEU Z 342 -46.86 38.11 -12.85
N ALA Z 343 -48.13 38.46 -12.64
CA ALA Z 343 -48.98 38.84 -13.77
C ALA Z 343 -48.50 40.12 -14.42
N CYS Z 344 -47.85 40.98 -13.66
CA CYS Z 344 -47.36 42.23 -14.20
C CYS Z 344 -45.97 42.11 -14.77
N LEU Z 345 -45.18 41.14 -14.32
CA LEU Z 345 -43.95 40.82 -15.03
C LEU Z 345 -44.22 39.98 -16.27
N GLY Z 346 -45.26 39.16 -16.26
CA GLY Z 346 -45.61 38.40 -17.43
C GLY Z 346 -46.13 39.25 -18.56
N VAL Z 347 -46.67 40.42 -18.24
CA VAL Z 347 -47.05 41.37 -19.28
C VAL Z 347 -45.86 42.22 -19.67
N ALA Z 348 -45.04 42.62 -18.71
CA ALA Z 348 -43.85 43.39 -19.03
C ALA Z 348 -42.82 42.57 -19.80
N SER Z 349 -42.86 41.25 -19.69
CA SER Z 349 -41.92 40.42 -20.44
C SER Z 349 -42.44 40.06 -21.81
N SER Z 350 -43.75 39.90 -21.98
CA SER Z 350 -44.32 39.84 -23.31
C SER Z 350 -44.12 41.16 -24.03
N LEU Z 351 -44.32 42.26 -23.31
CA LEU Z 351 -44.18 43.58 -23.91
C LEU Z 351 -42.74 43.86 -24.26
N THR Z 352 -41.80 43.32 -23.49
CA THR Z 352 -40.39 43.39 -23.87
C THR Z 352 -40.17 42.71 -25.21
N ALA Z 353 -40.72 41.51 -25.39
CA ALA Z 353 -40.49 40.77 -26.61
C ALA Z 353 -41.21 41.40 -27.78
N GLN Z 354 -42.43 41.89 -27.57
CA GLN Z 354 -43.18 42.46 -28.68
C GLN Z 354 -42.62 43.79 -29.14
N HIS Z 355 -41.87 44.50 -28.30
CA HIS Z 355 -41.34 45.80 -28.68
C HIS Z 355 -39.90 45.76 -29.13
N MET Z 356 -39.08 44.90 -28.55
CA MET Z 356 -37.67 44.91 -28.92
C MET Z 356 -37.39 44.24 -30.25
N TYR Z 357 -38.36 43.58 -30.87
CA TYR Z 357 -38.14 43.14 -32.24
C TYR Z 357 -38.67 44.17 -33.22
N SER Z 358 -39.80 44.79 -32.91
CA SER Z 358 -40.37 45.79 -33.78
C SER Z 358 -39.61 47.10 -33.70
N MET Z 359 -39.21 47.49 -32.49
CA MET Z 359 -38.51 48.75 -32.26
C MET Z 359 -37.19 48.40 -31.59
N PRO Z 360 -36.18 48.04 -32.36
CA PRO Z 360 -34.92 47.62 -31.78
C PRO Z 360 -34.26 48.76 -31.04
N PRO Z 361 -33.92 48.57 -29.79
CA PRO Z 361 -33.29 49.64 -29.03
C PRO Z 361 -31.78 49.69 -29.17
N TYR Z 362 -31.13 48.56 -29.44
CA TYR Z 362 -29.68 48.51 -29.41
C TYR Z 362 -29.10 48.57 -30.80
N ALA Z 363 -27.88 49.08 -30.88
CA ALA Z 363 -27.25 49.34 -32.16
C ALA Z 363 -26.92 48.03 -32.87
N PHE Z 364 -27.32 47.93 -34.14
CA PHE Z 364 -27.01 46.81 -35.01
C PHE Z 364 -27.60 45.50 -34.50
N ILE Z 365 -28.68 45.55 -33.72
CA ILE Z 365 -29.30 44.31 -33.28
C ILE Z 365 -30.34 43.81 -34.28
N ALA Z 366 -30.85 44.69 -35.14
CA ALA Z 366 -31.76 44.24 -36.18
C ALA Z 366 -31.04 43.46 -37.27
N LYS Z 367 -29.72 43.60 -37.36
CA LYS Z 367 -28.92 42.88 -38.33
C LYS Z 367 -28.28 41.62 -37.76
N ASP Z 368 -28.54 41.31 -36.50
CA ASP Z 368 -28.10 40.06 -35.89
C ASP Z 368 -29.36 39.23 -35.68
N PHE Z 369 -29.71 38.45 -36.69
CA PHE Z 369 -31.00 37.78 -36.70
C PHE Z 369 -31.11 36.75 -35.58
N THR Z 370 -30.04 36.00 -35.33
CA THR Z 370 -30.13 34.92 -34.35
C THR Z 370 -30.28 35.47 -32.95
N THR Z 371 -29.54 36.54 -32.64
CA THR Z 371 -29.73 37.24 -31.37
C THR Z 371 -31.12 37.81 -31.27
N MET Z 372 -31.60 38.43 -32.34
CA MET Z 372 -32.93 39.01 -32.36
C MET Z 372 -34.00 37.93 -32.18
N ALA Z 373 -33.77 36.77 -32.76
CA ALA Z 373 -34.74 35.68 -32.66
C ALA Z 373 -34.74 35.04 -31.29
N ALA Z 374 -33.56 34.87 -30.70
CA ALA Z 374 -33.48 34.23 -29.40
C ALA Z 374 -34.04 35.14 -28.32
N LEU Z 375 -33.84 36.45 -28.43
CA LEU Z 375 -34.32 37.37 -27.42
C LEU Z 375 -35.83 37.42 -27.38
N TYR Z 376 -36.49 37.31 -28.53
CA TYR Z 376 -37.94 37.27 -28.54
C TYR Z 376 -38.45 36.01 -27.88
N THR Z 377 -37.93 34.87 -28.32
CA THR Z 377 -38.40 33.58 -27.81
C THR Z 377 -38.08 33.43 -26.34
N HIS Z 378 -36.98 34.01 -25.88
CA HIS Z 378 -36.67 33.99 -24.46
C HIS Z 378 -37.72 34.70 -23.64
N HIS Z 379 -38.00 35.95 -23.98
CA HIS Z 379 -38.91 36.72 -23.13
C HIS Z 379 -40.36 36.32 -23.29
N GLN Z 380 -40.74 35.70 -24.40
CA GLN Z 380 -42.11 35.21 -24.47
C GLN Z 380 -42.29 33.95 -23.65
N TYR Z 381 -41.29 33.08 -23.65
CA TYR Z 381 -41.36 31.88 -22.82
C TYR Z 381 -41.26 32.23 -21.35
N ILE Z 382 -40.41 33.20 -21.00
CA ILE Z 382 -40.37 33.70 -19.63
C ILE Z 382 -41.72 34.27 -19.24
N ALA Z 383 -42.34 35.03 -20.14
CA ALA Z 383 -43.63 35.64 -19.85
C ALA Z 383 -44.73 34.60 -19.73
N GLY Z 384 -44.64 33.50 -20.47
CA GLY Z 384 -45.63 32.45 -20.35
C GLY Z 384 -45.58 31.79 -18.99
N PHE Z 385 -44.38 31.54 -18.47
CA PHE Z 385 -44.24 30.96 -17.14
C PHE Z 385 -44.73 31.90 -16.06
N LEU Z 386 -44.43 33.19 -16.18
CA LEU Z 386 -44.91 34.16 -15.22
C LEU Z 386 -46.44 34.25 -15.22
N MET Z 387 -47.05 34.09 -16.38
CA MET Z 387 -48.51 34.05 -16.43
C MET Z 387 -49.08 32.79 -15.81
N VAL Z 388 -48.39 31.67 -15.91
CA VAL Z 388 -48.86 30.46 -15.24
C VAL Z 388 -48.72 30.60 -13.74
N GLY Z 389 -47.62 31.18 -13.28
CA GLY Z 389 -47.41 31.39 -11.86
C GLY Z 389 -48.26 32.48 -11.26
N ALA Z 390 -48.68 33.44 -12.08
CA ALA Z 390 -49.64 34.42 -11.60
C ALA Z 390 -50.95 33.76 -11.24
N PHE Z 391 -51.35 32.77 -12.03
CA PHE Z 391 -52.58 32.04 -11.77
C PHE Z 391 -52.37 30.84 -10.87
N SER Z 392 -51.14 30.38 -10.69
CA SER Z 392 -50.89 29.41 -9.64
C SER Z 392 -51.15 30.03 -8.28
N HIS Z 393 -50.53 31.17 -8.01
CA HIS Z 393 -50.66 31.78 -6.69
C HIS Z 393 -52.01 32.41 -6.48
N ALA Z 394 -52.78 32.64 -7.54
CA ALA Z 394 -54.19 32.92 -7.37
C ALA Z 394 -54.88 31.73 -6.72
N ALA Z 395 -54.49 30.52 -7.12
CA ALA Z 395 -55.11 29.33 -6.55
C ALA Z 395 -54.65 29.09 -5.13
N ILE Z 396 -53.38 29.34 -4.81
CA ILE Z 396 -52.95 29.27 -3.42
C ILE Z 396 -53.68 30.32 -2.59
N PHE Z 397 -53.87 31.52 -3.15
CA PHE Z 397 -54.52 32.57 -2.38
C PHE Z 397 -55.94 32.18 -2.00
N TRP Z 398 -56.68 31.57 -2.92
CA TRP Z 398 -58.04 31.16 -2.63
C TRP Z 398 -58.07 30.13 -1.53
N ILE Z 399 -57.15 29.17 -1.58
CA ILE Z 399 -57.15 28.08 -0.60
C ILE Z 399 -56.72 28.60 0.76
N LYS Z 400 -55.49 29.07 0.89
CA LYS Z 400 -54.95 29.30 2.22
C LYS Z 400 -55.42 30.62 2.80
N ASP Z 401 -54.99 31.72 2.22
CA ASP Z 401 -55.25 33.03 2.82
C ASP Z 401 -56.40 33.76 2.13
N TYR Z 402 -57.57 33.16 2.20
CA TYR Z 402 -58.82 33.81 1.86
C TYR Z 402 -59.87 33.33 2.85
N ASP Z 403 -60.69 34.27 3.32
CA ASP Z 403 -61.83 33.92 4.15
C ASP Z 403 -63.09 34.65 3.70
N PRO Z 404 -64.24 34.00 3.83
CA PRO Z 404 -65.51 34.65 3.45
C PRO Z 404 -65.97 35.70 4.45
N GLU Z 405 -65.34 35.80 5.61
CA GLU Z 405 -65.82 36.71 6.64
C GLU Z 405 -65.44 38.15 6.33
N GLN Z 406 -64.15 38.42 6.17
CA GLN Z 406 -63.71 39.78 5.83
C GLN Z 406 -64.20 40.19 4.45
N ASN Z 407 -64.19 39.27 3.50
CA ASN Z 407 -64.60 39.58 2.13
C ASN Z 407 -66.07 39.35 1.89
N LYS Z 408 -66.89 39.46 2.93
CA LYS Z 408 -68.32 39.26 2.79
C LYS Z 408 -68.92 40.36 1.92
N GLY Z 409 -69.41 39.99 0.75
CA GLY Z 409 -70.10 40.91 -0.11
C GLY Z 409 -69.24 41.79 -0.98
N ASN Z 410 -67.92 41.62 -0.95
CA ASN Z 410 -67.07 42.48 -1.74
C ASN Z 410 -66.90 41.94 -3.15
N VAL Z 411 -66.02 42.61 -3.91
CA VAL Z 411 -65.85 42.29 -5.32
C VAL Z 411 -65.22 40.91 -5.49
N LEU Z 412 -64.46 40.45 -4.50
CA LEU Z 412 -63.79 39.17 -4.60
C LEU Z 412 -64.77 38.02 -4.38
N GLU Z 413 -65.72 38.22 -3.48
CA GLU Z 413 -66.73 37.20 -3.20
C GLU Z 413 -67.83 37.17 -4.25
N ARG Z 414 -67.99 38.24 -5.03
CA ARG Z 414 -68.96 38.21 -6.11
C ARG Z 414 -68.48 37.38 -7.28
N VAL Z 415 -67.18 37.20 -7.42
CA VAL Z 415 -66.64 36.34 -8.47
C VAL Z 415 -66.98 34.89 -8.20
N LEU Z 416 -66.78 34.44 -6.95
CA LEU Z 416 -67.13 33.07 -6.60
C LEU Z 416 -68.62 32.81 -6.74
N LYS Z 417 -69.45 33.84 -6.65
CA LYS Z 417 -70.89 33.64 -6.82
C LYS Z 417 -71.22 33.14 -8.22
N HIS Z 418 -70.38 33.44 -9.20
CA HIS Z 418 -70.65 33.05 -10.57
C HIS Z 418 -69.40 32.49 -11.22
N LYS Z 419 -68.62 31.72 -10.46
CA LYS Z 419 -67.41 31.14 -11.02
C LYS Z 419 -67.71 30.17 -12.16
N GLU Z 420 -68.93 29.61 -12.21
CA GLU Z 420 -69.30 28.73 -13.29
C GLU Z 420 -69.76 29.49 -14.52
N ALA Z 421 -70.20 30.74 -14.38
CA ALA Z 421 -70.50 31.56 -15.54
C ALA Z 421 -69.22 31.97 -16.25
N ILE Z 422 -68.16 32.21 -15.49
CA ILE Z 422 -66.86 32.56 -16.09
C ILE Z 422 -66.27 31.36 -16.80
N ILE Z 423 -66.27 30.20 -16.14
CA ILE Z 423 -65.61 29.03 -16.70
C ILE Z 423 -66.37 28.51 -17.92
N ALA Z 424 -67.70 28.55 -17.88
CA ALA Z 424 -68.49 28.13 -19.04
C ALA Z 424 -68.23 29.00 -20.24
N HIS Z 425 -67.83 30.25 -20.04
CA HIS Z 425 -67.64 31.16 -21.15
C HIS Z 425 -66.24 31.08 -21.73
N LEU Z 426 -65.24 30.84 -20.89
CA LEU Z 426 -63.95 30.44 -21.41
C LEU Z 426 -64.05 29.12 -22.14
N SER Z 427 -64.96 28.25 -21.72
CA SER Z 427 -65.20 27.00 -22.43
C SER Z 427 -65.81 27.26 -23.80
N TRP Z 428 -66.72 28.24 -23.90
CA TRP Z 428 -67.31 28.53 -25.20
C TRP Z 428 -66.31 29.12 -26.16
N VAL Z 429 -65.56 30.12 -25.72
CA VAL Z 429 -64.59 30.78 -26.59
C VAL Z 429 -63.53 29.80 -27.05
N SER Z 430 -63.06 28.95 -26.14
CA SER Z 430 -62.08 27.94 -26.50
C SER Z 430 -62.65 26.97 -27.54
N LEU Z 431 -63.87 26.51 -27.32
CA LEU Z 431 -64.51 25.62 -28.28
C LEU Z 431 -64.78 26.34 -29.60
N PHE Z 432 -65.18 27.61 -29.53
CA PHE Z 432 -65.42 28.35 -30.76
C PHE Z 432 -64.15 28.54 -31.55
N LEU Z 433 -63.07 28.90 -30.88
CA LEU Z 433 -61.85 29.25 -31.56
C LEU Z 433 -61.06 28.06 -32.06
N GLY Z 434 -61.38 26.86 -31.59
CA GLY Z 434 -60.63 25.71 -32.00
C GLY Z 434 -61.34 24.96 -33.10
N PHE Z 435 -62.66 24.99 -33.07
CA PHE Z 435 -63.43 24.43 -34.16
C PHE Z 435 -63.19 25.20 -35.45
N HIS Z 436 -63.11 26.52 -35.37
CA HIS Z 436 -63.02 27.35 -36.56
C HIS Z 436 -61.62 27.83 -36.85
N THR Z 437 -60.63 27.37 -36.12
CA THR Z 437 -59.25 27.60 -36.55
C THR Z 437 -58.63 26.31 -37.05
N LEU Z 438 -58.80 25.22 -36.31
CA LEU Z 438 -58.40 23.93 -36.84
C LEU Z 438 -59.24 23.58 -38.05
N GLY Z 439 -60.54 23.82 -37.99
CA GLY Z 439 -61.41 23.53 -39.12
C GLY Z 439 -61.11 24.37 -40.34
N LEU Z 440 -60.63 25.59 -40.14
CA LEU Z 440 -60.26 26.40 -41.29
C LEU Z 440 -58.86 26.06 -41.78
N TYR Z 441 -57.97 25.62 -40.90
CA TYR Z 441 -56.67 25.15 -41.36
C TYR Z 441 -56.80 23.85 -42.13
N VAL Z 442 -57.52 22.88 -41.58
CA VAL Z 442 -57.57 21.59 -42.25
C VAL Z 442 -58.55 21.58 -43.40
N HIS Z 443 -59.36 22.62 -43.57
CA HIS Z 443 -60.02 22.81 -44.86
C HIS Z 443 -59.04 23.28 -45.89
N ASN Z 444 -58.18 24.22 -45.51
CA ASN Z 444 -57.14 24.70 -46.41
C ASN Z 444 -56.15 23.59 -46.75
N ASP Z 445 -55.83 22.73 -45.78
CA ASP Z 445 -55.00 21.56 -46.06
C ASP Z 445 -55.62 20.71 -47.14
N VAL Z 446 -56.91 20.38 -47.00
CA VAL Z 446 -57.56 19.47 -47.93
C VAL Z 446 -57.64 20.07 -49.31
N GLU Z 447 -57.94 21.37 -49.41
CA GLU Z 447 -58.05 21.99 -50.72
C GLU Z 447 -56.70 22.12 -51.39
N VAL Z 448 -55.66 22.50 -50.65
CA VAL Z 448 -54.33 22.52 -51.22
C VAL Z 448 -53.88 21.12 -51.58
N ALA Z 449 -54.26 20.13 -50.77
CA ALA Z 449 -53.89 18.75 -51.05
C ALA Z 449 -54.45 18.26 -52.36
N PHE Z 450 -55.70 18.59 -52.66
CA PHE Z 450 -56.29 18.23 -53.94
C PHE Z 450 -56.10 19.30 -55.00
N GLY Z 451 -55.06 20.12 -54.90
CA GLY Z 451 -54.68 21.03 -55.94
C GLY Z 451 -55.42 22.34 -55.95
N ALA Z 452 -56.67 22.37 -55.48
CA ALA Z 452 -57.51 23.55 -55.56
C ALA Z 452 -57.12 24.52 -54.44
N ALA Z 453 -55.95 25.12 -54.59
CA ALA Z 453 -55.48 26.09 -53.61
C ALA Z 453 -56.21 27.42 -53.70
N ASP Z 454 -56.98 27.65 -54.76
CA ASP Z 454 -57.82 28.83 -54.87
C ASP Z 454 -59.14 28.69 -54.13
N LYS Z 455 -59.46 27.51 -53.64
CA LYS Z 455 -60.65 27.27 -52.86
C LYS Z 455 -60.40 27.34 -51.37
N GLN Z 456 -59.21 27.75 -50.96
CA GLN Z 456 -58.94 28.02 -49.57
C GLN Z 456 -59.85 29.15 -49.07
N ILE Z 457 -60.30 29.03 -47.83
CA ILE Z 457 -60.93 30.15 -47.16
C ILE Z 457 -59.82 31.02 -46.62
N LEU Z 458 -59.68 32.22 -47.18
CA LEU Z 458 -58.63 33.16 -46.78
C LEU Z 458 -59.30 34.41 -46.28
N ILE Z 459 -59.20 34.66 -44.98
CA ILE Z 459 -59.82 35.82 -44.37
C ILE Z 459 -58.72 36.84 -44.15
N GLU Z 460 -58.79 37.95 -44.87
CA GLU Z 460 -57.86 39.04 -44.61
C GLU Z 460 -58.09 39.61 -43.22
N PRO Z 461 -57.08 39.70 -42.41
CA PRO Z 461 -57.21 40.34 -41.11
C PRO Z 461 -57.35 41.84 -41.26
N VAL Z 462 -58.51 42.28 -41.72
CA VAL Z 462 -58.73 43.69 -42.03
C VAL Z 462 -58.92 44.55 -40.79
N PHE Z 463 -58.88 43.98 -39.60
CA PHE Z 463 -58.95 44.81 -38.41
C PHE Z 463 -57.56 45.20 -37.94
N ALA Z 464 -56.62 44.27 -37.98
CA ALA Z 464 -55.23 44.61 -37.68
C ALA Z 464 -54.61 45.44 -38.79
N GLN Z 465 -55.02 45.21 -40.03
CA GLN Z 465 -54.56 46.07 -41.11
C GLN Z 465 -55.11 47.47 -40.95
N PHE Z 466 -56.27 47.62 -40.32
CA PHE Z 466 -56.76 48.94 -39.99
C PHE Z 466 -55.91 49.59 -38.92
N ILE Z 467 -55.41 48.80 -37.96
CA ILE Z 467 -54.51 49.34 -36.93
C ILE Z 467 -53.26 49.91 -37.57
N GLN Z 468 -52.65 49.13 -38.46
CA GLN Z 468 -51.44 49.59 -39.13
C GLN Z 468 -51.70 50.82 -39.97
N SER Z 469 -52.85 50.87 -40.63
CA SER Z 469 -53.22 52.07 -41.35
C SER Z 469 -53.54 53.22 -40.40
N ALA Z 470 -54.03 52.91 -39.21
CA ALA Z 470 -54.25 53.95 -38.22
C ALA Z 470 -52.98 54.38 -37.52
N ASN Z 471 -51.85 53.74 -37.81
CA ASN Z 471 -50.58 54.13 -37.25
C ASN Z 471 -49.61 54.65 -38.30
N GLY Z 472 -49.93 54.55 -39.57
CA GLY Z 472 -49.07 55.16 -40.57
C GLY Z 472 -48.87 54.34 -41.82
N LYS Z 473 -49.08 53.03 -41.75
CA LYS Z 473 -48.84 52.16 -42.89
C LYS Z 473 -49.76 52.51 -44.05
N ILE Z 474 -49.19 53.03 -45.12
CA ILE Z 474 -49.96 53.46 -46.28
C ILE Z 474 -50.05 52.32 -47.27
N LEU Z 475 -49.56 51.15 -46.88
CA LEU Z 475 -49.48 50.02 -47.80
C LEU Z 475 -50.86 49.53 -48.22
N TYR Z 476 -51.78 49.43 -47.26
CA TYR Z 476 -53.07 48.80 -47.57
C TYR Z 476 -53.98 49.77 -48.30
N GLY Z 477 -54.06 51.00 -47.84
CA GLY Z 477 -54.89 51.99 -48.47
C GLY Z 477 -56.17 52.34 -47.75
N PHE Z 478 -56.28 52.05 -46.46
CA PHE Z 478 -57.43 52.51 -45.68
C PHE Z 478 -57.52 54.03 -45.69
N HIS Z 479 -56.36 54.71 -45.69
CA HIS Z 479 -56.27 56.16 -45.89
C HIS Z 479 -57.07 56.89 -44.81
N THR Z 480 -56.80 56.53 -43.56
CA THR Z 480 -57.40 57.17 -42.41
C THR Z 480 -56.37 57.31 -41.31
N LEU Z 481 -56.37 58.46 -40.63
CA LEU Z 481 -55.93 58.56 -39.24
C LEU Z 481 -54.46 58.17 -39.09
N LEU Z 482 -53.58 59.04 -39.59
CA LEU Z 482 -52.13 58.92 -39.77
C LEU Z 482 -51.75 58.15 -41.02
N SER Z 483 -52.71 57.64 -41.78
CA SER Z 483 -52.51 57.37 -43.19
C SER Z 483 -53.16 58.44 -44.05
N ASN Z 484 -53.97 59.29 -43.44
CA ASN Z 484 -54.61 60.41 -44.11
C ASN Z 484 -53.86 61.66 -43.71
N PRO Z 485 -53.08 62.28 -44.60
CA PRO Z 485 -52.33 63.47 -44.21
C PRO Z 485 -53.19 64.69 -43.93
N ASP Z 486 -54.50 64.64 -44.20
CA ASP Z 486 -55.39 65.76 -43.97
C ASP Z 486 -56.28 65.54 -42.74
N SER Z 487 -55.96 64.58 -41.90
CA SER Z 487 -56.83 64.25 -40.78
C SER Z 487 -56.51 65.11 -39.57
N ILE Z 488 -57.41 65.07 -38.59
CA ILE Z 488 -57.19 65.80 -37.35
C ILE Z 488 -56.04 65.20 -36.56
N ALA Z 489 -55.88 63.88 -36.61
CA ALA Z 489 -54.84 63.21 -35.84
C ALA Z 489 -53.47 63.40 -36.46
N PHE Z 490 -53.40 63.37 -37.80
CA PHE Z 490 -52.11 63.50 -38.48
C PHE Z 490 -51.51 64.87 -38.22
N THR Z 491 -52.34 65.91 -38.25
CA THR Z 491 -51.85 67.28 -38.15
C THR Z 491 -51.84 67.80 -36.73
N ALA Z 492 -52.75 67.33 -35.89
CA ALA Z 492 -52.98 67.87 -34.55
C ALA Z 492 -53.25 69.37 -34.62
N TRP Z 493 -54.39 69.67 -35.24
CA TRP Z 493 -54.72 71.00 -35.74
C TRP Z 493 -54.48 72.17 -34.79
N PRO Z 494 -54.87 72.12 -33.51
CA PRO Z 494 -54.65 73.30 -32.67
C PRO Z 494 -53.20 73.56 -32.30
N ASN Z 495 -52.32 72.57 -32.37
CA ASN Z 495 -50.95 72.81 -31.89
C ASN Z 495 -49.88 72.43 -32.91
N HIS Z 496 -50.16 71.43 -33.75
CA HIS Z 496 -49.22 70.95 -34.77
C HIS Z 496 -47.88 70.52 -34.15
N ALA Z 497 -47.93 69.88 -33.00
CA ALA Z 497 -46.73 69.51 -32.26
C ALA Z 497 -46.39 68.03 -32.42
N ASN Z 498 -46.66 67.47 -33.61
CA ASN Z 498 -46.20 66.12 -33.95
C ASN Z 498 -44.75 66.17 -34.43
N VAL Z 499 -43.85 66.53 -33.51
CA VAL Z 499 -42.43 66.47 -33.82
C VAL Z 499 -41.98 65.03 -33.99
N TRP Z 500 -42.77 64.08 -33.53
CA TRP Z 500 -42.39 62.68 -33.56
C TRP Z 500 -42.85 61.98 -34.83
N LEU Z 501 -43.71 62.62 -35.60
CA LEU Z 501 -44.45 61.97 -36.68
C LEU Z 501 -43.66 61.81 -37.98
N PRO Z 502 -42.92 62.82 -38.48
CA PRO Z 502 -42.14 62.56 -39.70
C PRO Z 502 -41.11 61.46 -39.53
N GLY Z 503 -40.49 61.36 -38.35
CA GLY Z 503 -39.54 60.30 -38.11
C GLY Z 503 -40.19 58.94 -37.96
N TRP Z 504 -41.33 58.89 -37.26
CA TRP Z 504 -42.03 57.63 -37.08
C TRP Z 504 -42.61 57.13 -38.38
N LEU Z 505 -43.27 58.00 -39.14
CA LEU Z 505 -43.85 57.59 -40.41
C LEU Z 505 -42.79 57.20 -41.43
N ASP Z 506 -41.58 57.74 -41.27
CA ASP Z 506 -40.49 57.30 -42.12
C ASP Z 506 -40.08 55.87 -41.80
N ALA Z 507 -40.23 55.46 -40.53
CA ALA Z 507 -39.86 54.12 -40.10
C ALA Z 507 -40.97 53.11 -40.36
N ILE Z 508 -42.22 53.46 -40.07
CA ILE Z 508 -43.31 52.51 -40.27
C ILE Z 508 -43.54 52.24 -41.74
N ASN Z 509 -43.28 53.21 -42.60
CA ASN Z 509 -43.52 53.06 -44.03
C ASN Z 509 -42.32 52.50 -44.77
N ASN Z 510 -41.20 52.32 -44.09
CA ASN Z 510 -40.05 51.61 -44.64
C ASN Z 510 -40.26 50.13 -44.38
N GLY Z 511 -40.05 49.31 -45.40
CA GLY Z 511 -40.31 47.89 -45.31
C GLY Z 511 -39.14 47.04 -44.87
N THR Z 512 -38.01 47.63 -44.52
CA THR Z 512 -36.82 46.87 -44.16
C THR Z 512 -36.70 46.61 -42.67
N ASN Z 513 -37.69 46.99 -41.87
CA ASN Z 513 -37.68 46.78 -40.45
C ASN Z 513 -38.88 45.93 -40.04
N SER Z 514 -38.89 45.54 -38.77
CA SER Z 514 -39.96 44.72 -38.24
C SER Z 514 -41.05 45.54 -37.57
N LEU Z 515 -40.97 46.87 -37.63
CA LEU Z 515 -41.98 47.72 -37.03
C LEU Z 515 -43.25 47.65 -37.85
N PHE Z 516 -44.29 47.03 -37.27
CA PHE Z 516 -45.59 46.83 -37.90
C PHE Z 516 -45.43 46.12 -39.25
N LEU Z 517 -45.06 44.85 -39.13
CA LEU Z 517 -44.86 43.99 -40.30
C LEU Z 517 -46.14 43.90 -41.12
N THR Z 518 -45.96 43.62 -42.41
CA THR Z 518 -47.10 43.46 -43.30
C THR Z 518 -47.86 42.19 -42.94
N ILE Z 519 -49.18 42.29 -42.94
CA ILE Z 519 -50.07 41.30 -42.34
C ILE Z 519 -50.97 40.74 -43.42
N GLY Z 520 -51.05 39.42 -43.51
CA GLY Z 520 -51.83 38.77 -44.52
C GLY Z 520 -52.75 37.72 -43.96
N PRO Z 521 -53.40 36.95 -44.85
CA PRO Z 521 -54.33 35.90 -44.38
C PRO Z 521 -53.68 34.84 -43.52
N GLY Z 522 -52.41 34.52 -43.77
CA GLY Z 522 -51.72 33.59 -42.90
C GLY Z 522 -51.52 34.12 -41.50
N ASP Z 523 -51.39 35.44 -41.36
CA ASP Z 523 -51.29 36.04 -40.04
C ASP Z 523 -52.62 36.01 -39.32
N PHE Z 524 -53.72 36.02 -40.05
CA PHE Z 524 -55.04 35.96 -39.43
C PHE Z 524 -55.22 34.66 -38.67
N TYR Z 525 -54.82 33.55 -39.28
CA TYR Z 525 -55.12 32.25 -38.71
C TYR Z 525 -54.30 32.00 -37.46
N VAL Z 526 -53.05 32.43 -37.45
CA VAL Z 526 -52.22 32.18 -36.28
C VAL Z 526 -52.66 33.03 -35.11
N HIS Z 527 -53.18 34.21 -35.36
CA HIS Z 527 -53.68 35.02 -34.26
C HIS Z 527 -54.92 34.44 -33.62
N HIS Z 528 -55.56 33.49 -34.27
CA HIS Z 528 -56.65 32.75 -33.65
C HIS Z 528 -56.18 31.46 -33.03
N ALA Z 529 -55.11 30.88 -33.54
CA ALA Z 529 -54.42 29.85 -32.78
C ALA Z 529 -53.85 30.43 -31.50
N ILE Z 530 -53.26 31.62 -31.57
CA ILE Z 530 -52.75 32.28 -30.39
C ILE Z 530 -53.89 32.64 -29.45
N ALA Z 531 -54.98 33.17 -29.99
CA ALA Z 531 -56.14 33.48 -29.16
C ALA Z 531 -56.74 32.23 -28.56
N LEU Z 532 -56.84 31.14 -29.33
CA LEU Z 532 -57.28 29.88 -28.78
C LEU Z 532 -56.33 29.39 -27.71
N GLY Z 533 -55.03 29.58 -27.92
CA GLY Z 533 -54.06 29.15 -26.93
C GLY Z 533 -54.20 29.92 -25.63
N LEU Z 534 -54.30 31.25 -25.71
CA LEU Z 534 -54.41 32.06 -24.50
C LEU Z 534 -55.71 31.84 -23.77
N HIS Z 535 -56.73 31.33 -24.45
CA HIS Z 535 -58.02 31.12 -23.82
C HIS Z 535 -58.12 29.80 -23.12
N VAL Z 536 -57.58 28.74 -23.71
CA VAL Z 536 -57.60 27.46 -23.03
C VAL Z 536 -56.69 27.49 -21.82
N THR Z 537 -55.47 28.02 -21.97
CA THR Z 537 -54.60 28.06 -20.81
C THR Z 537 -55.09 29.04 -19.76
N THR Z 538 -55.93 30.01 -20.12
CA THR Z 538 -56.62 30.78 -19.10
C THR Z 538 -57.76 29.97 -18.51
N LEU Z 539 -58.46 29.21 -19.35
CA LEU Z 539 -59.54 28.36 -18.85
C LEU Z 539 -59.02 27.35 -17.84
N ILE Z 540 -57.91 26.70 -18.13
CA ILE Z 540 -57.35 25.73 -17.19
C ILE Z 540 -56.96 26.40 -15.89
N LEU Z 541 -56.35 27.58 -15.98
CA LEU Z 541 -55.87 28.25 -14.78
C LEU Z 541 -57.02 28.89 -14.00
N VAL Z 542 -57.97 29.50 -14.69
CA VAL Z 542 -59.11 30.09 -14.01
C VAL Z 542 -59.98 29.01 -13.37
N LYS Z 543 -60.21 27.91 -14.08
CA LYS Z 543 -60.90 26.78 -13.49
C LYS Z 543 -60.17 26.27 -12.26
N GLY Z 544 -58.84 26.24 -12.32
CA GLY Z 544 -58.10 25.73 -11.18
C GLY Z 544 -58.05 26.70 -10.02
N ALA Z 545 -58.16 28.00 -10.30
CA ALA Z 545 -58.17 28.98 -9.22
C ALA Z 545 -59.54 29.07 -8.59
N LEU Z 546 -60.59 29.13 -9.40
CA LEU Z 546 -61.93 29.30 -8.86
C LEU Z 546 -62.48 28.01 -8.26
N ASP Z 547 -62.05 26.85 -8.74
CA ASP Z 547 -62.41 25.60 -8.12
C ASP Z 547 -61.41 25.14 -7.07
N ALA Z 548 -60.46 25.99 -6.70
CA ALA Z 548 -59.52 25.62 -5.65
C ALA Z 548 -60.23 25.47 -4.31
N ARG Z 549 -61.24 26.29 -4.06
CA ARG Z 549 -62.07 26.12 -2.88
C ARG Z 549 -62.87 24.84 -2.94
N GLY Z 550 -63.15 24.33 -4.13
CA GLY Z 550 -63.84 23.07 -4.25
C GLY Z 550 -65.04 23.15 -5.16
N SER Z 551 -65.41 22.03 -5.77
CA SER Z 551 -66.64 21.95 -6.55
C SER Z 551 -67.39 20.69 -6.16
N LYS Z 552 -68.42 20.31 -6.92
CA LYS Z 552 -69.27 19.21 -6.51
C LYS Z 552 -68.56 17.87 -6.49
N LEU Z 553 -67.43 17.73 -7.18
CA LEU Z 553 -66.73 16.45 -7.14
C LEU Z 553 -66.01 16.25 -5.82
N MET Z 554 -65.43 17.31 -5.25
CA MET Z 554 -64.95 17.28 -3.87
C MET Z 554 -65.07 18.66 -3.27
N PRO Z 555 -66.12 18.92 -2.50
CA PRO Z 555 -66.37 20.27 -2.00
C PRO Z 555 -65.45 20.72 -0.87
N ASP Z 556 -64.43 19.93 -0.53
CA ASP Z 556 -63.60 20.25 0.63
C ASP Z 556 -62.14 20.43 0.24
N LYS Z 557 -61.87 20.86 -1.00
CA LYS Z 557 -60.49 20.95 -1.48
C LYS Z 557 -59.63 21.85 -0.63
N LYS Z 558 -60.22 22.82 0.05
CA LYS Z 558 -59.43 23.74 0.87
C LYS Z 558 -58.76 23.00 2.03
N ASP Z 559 -59.41 21.96 2.56
CA ASP Z 559 -58.79 21.21 3.64
C ASP Z 559 -57.60 20.40 3.17
N PHE Z 560 -57.63 19.92 1.94
CA PHE Z 560 -56.58 19.03 1.46
C PHE Z 560 -55.35 19.78 0.99
N GLY Z 561 -55.38 21.09 0.92
CA GLY Z 561 -54.24 21.86 0.52
C GLY Z 561 -54.27 22.19 -0.96
N TYR Z 562 -53.08 22.52 -1.47
CA TYR Z 562 -52.92 22.92 -2.85
C TYR Z 562 -52.49 21.77 -3.75
N ALA Z 563 -51.45 21.05 -3.36
CA ALA Z 563 -50.91 19.96 -4.17
C ALA Z 563 -51.17 18.65 -3.46
N PHE Z 564 -52.25 17.99 -3.84
CA PHE Z 564 -52.56 16.64 -3.40
C PHE Z 564 -52.86 15.80 -4.63
N PRO Z 565 -52.67 14.48 -4.56
CA PRO Z 565 -52.87 13.67 -5.76
C PRO Z 565 -54.30 13.66 -6.26
N CYS Z 566 -55.21 13.22 -5.40
CA CYS Z 566 -56.57 12.88 -5.80
C CYS Z 566 -57.39 12.77 -4.53
N ASP Z 567 -58.61 12.29 -4.68
CA ASP Z 567 -59.46 11.86 -3.58
C ASP Z 567 -59.92 10.44 -3.84
N GLY Z 568 -58.98 9.56 -4.17
CA GLY Z 568 -59.28 8.17 -4.36
C GLY Z 568 -60.03 7.90 -5.63
N PRO Z 569 -60.32 6.62 -5.88
CA PRO Z 569 -61.09 6.25 -7.07
C PRO Z 569 -62.59 6.34 -6.87
N GLY Z 570 -63.05 6.68 -5.68
CA GLY Z 570 -64.47 6.80 -5.45
C GLY Z 570 -65.06 8.01 -6.15
N ARG Z 571 -66.39 8.00 -6.26
CA ARG Z 571 -67.15 9.02 -6.97
C ARG Z 571 -66.69 9.13 -8.42
N GLY Z 572 -66.41 7.97 -9.03
CA GLY Z 572 -65.99 7.89 -10.40
C GLY Z 572 -64.49 7.94 -10.60
N GLY Z 573 -63.78 8.65 -9.74
CA GLY Z 573 -62.34 8.77 -9.89
C GLY Z 573 -61.99 10.25 -9.96
N THR Z 574 -61.02 10.64 -9.15
CA THR Z 574 -60.71 12.05 -9.00
C THR Z 574 -59.25 12.33 -9.29
N CYS Z 575 -58.73 11.76 -10.37
CA CYS Z 575 -57.35 12.03 -10.77
C CYS Z 575 -57.22 13.49 -11.15
N ASP Z 576 -56.10 14.12 -10.81
CA ASP Z 576 -55.81 15.50 -11.23
C ASP Z 576 -56.89 16.47 -10.77
N ILE Z 577 -57.41 16.28 -9.57
CA ILE Z 577 -58.51 17.12 -9.11
C ILE Z 577 -58.03 18.38 -8.40
N SER Z 578 -56.81 18.38 -7.87
CA SER Z 578 -56.33 19.50 -7.09
C SER Z 578 -56.15 20.74 -7.96
N ALA Z 579 -56.09 21.89 -7.30
CA ALA Z 579 -55.77 23.12 -8.01
C ALA Z 579 -54.36 23.12 -8.55
N TRP Z 580 -53.48 22.34 -7.95
CA TRP Z 580 -52.12 22.21 -8.46
C TRP Z 580 -52.13 21.53 -9.82
N ASP Z 581 -53.01 20.56 -10.01
CA ASP Z 581 -53.07 19.86 -11.29
C ASP Z 581 -53.67 20.69 -12.39
N ALA Z 582 -54.25 21.84 -12.10
CA ALA Z 582 -54.62 22.76 -13.16
C ALA Z 582 -53.47 23.67 -13.54
N SER Z 583 -52.56 23.95 -12.61
CA SER Z 583 -51.33 24.61 -12.98
C SER Z 583 -50.42 23.69 -13.77
N TYR Z 584 -50.38 22.41 -13.37
CA TYR Z 584 -49.63 21.40 -14.11
C TYR Z 584 -50.20 21.21 -15.51
N LEU Z 585 -51.53 21.20 -15.63
CA LEU Z 585 -52.14 20.96 -16.93
C LEU Z 585 -52.00 22.17 -17.84
N ALA Z 586 -51.83 23.34 -17.27
CA ALA Z 586 -51.73 24.57 -18.05
C ALA Z 586 -50.32 24.91 -18.45
N VAL Z 587 -49.31 24.24 -17.89
CA VAL Z 587 -47.96 24.41 -18.42
C VAL Z 587 -47.86 23.78 -19.79
N PHE Z 588 -48.56 22.66 -20.01
CA PHE Z 588 -48.60 22.07 -21.35
C PHE Z 588 -49.22 23.02 -22.34
N TRP Z 589 -50.32 23.68 -21.96
CA TRP Z 589 -50.94 24.61 -22.87
C TRP Z 589 -50.16 25.90 -23.01
N MET Z 590 -49.45 26.30 -21.96
CA MET Z 590 -48.59 27.46 -22.08
C MET Z 590 -47.44 27.19 -23.02
N LEU Z 591 -46.78 26.04 -22.87
CA LEU Z 591 -45.70 25.66 -23.77
C LEU Z 591 -46.21 25.50 -25.19
N ASN Z 592 -47.39 24.93 -25.35
CA ASN Z 592 -47.99 24.77 -26.68
C ASN Z 592 -48.26 26.13 -27.31
N THR Z 593 -48.86 27.04 -26.55
CA THR Z 593 -49.24 28.34 -27.09
C THR Z 593 -48.02 29.13 -27.52
N LEU Z 594 -46.98 29.14 -26.69
CA LEU Z 594 -45.75 29.81 -27.10
C LEU Z 594 -44.96 29.01 -28.12
N GLY Z 595 -45.29 27.75 -28.30
CA GLY Z 595 -44.83 27.05 -29.47
C GLY Z 595 -45.61 27.35 -30.72
N TRP Z 596 -46.63 28.20 -30.61
CA TRP Z 596 -47.28 28.77 -31.77
C TRP Z 596 -46.89 30.22 -31.98
N VAL Z 597 -46.70 30.95 -30.89
CA VAL Z 597 -46.24 32.33 -30.98
C VAL Z 597 -44.84 32.39 -31.55
N THR Z 598 -43.93 31.61 -31.01
CA THR Z 598 -42.55 31.68 -31.46
C THR Z 598 -42.34 30.97 -32.79
N PHE Z 599 -43.13 29.94 -33.09
CA PHE Z 599 -43.08 29.35 -34.43
C PHE Z 599 -43.54 30.35 -35.47
N TYR Z 600 -44.53 31.15 -35.14
CA TYR Z 600 -45.05 32.13 -36.09
C TYR Z 600 -44.14 33.32 -36.19
N TRP Z 601 -43.55 33.75 -35.08
CA TRP Z 601 -42.57 34.82 -35.14
C TRP Z 601 -41.37 34.40 -35.96
N HIS Z 602 -40.90 33.18 -35.74
CA HIS Z 602 -39.68 32.73 -36.41
C HIS Z 602 -39.88 32.55 -37.89
N TRP Z 603 -40.96 31.88 -38.29
CA TRP Z 603 -41.18 31.64 -39.71
C TRP Z 603 -41.49 32.92 -40.44
N LYS Z 604 -42.21 33.84 -39.81
CA LYS Z 604 -42.48 35.11 -40.47
C LYS Z 604 -41.20 35.88 -40.69
N HIS Z 605 -40.31 35.88 -39.72
CA HIS Z 605 -39.04 36.56 -39.91
C HIS Z 605 -38.07 35.76 -40.76
N LEU Z 606 -38.10 34.44 -40.69
CA LEU Z 606 -37.26 33.64 -41.57
C LEU Z 606 -37.64 33.80 -43.02
N SER Z 607 -38.84 34.25 -43.32
CA SER Z 607 -39.19 34.53 -44.70
C SER Z 607 -38.74 35.91 -45.12
N ILE Z 608 -38.80 36.87 -44.20
CA ILE Z 608 -38.30 38.21 -44.49
C ILE Z 608 -36.79 38.21 -44.59
N TRP Z 609 -36.12 37.51 -43.68
CA TRP Z 609 -34.66 37.51 -43.64
C TRP Z 609 -34.06 36.85 -44.89
N GLN Z 610 -34.63 35.73 -45.32
CA GLN Z 610 -34.16 35.07 -46.53
C GLN Z 610 -34.75 35.67 -47.80
N GLY Z 611 -35.43 36.81 -47.72
CA GLY Z 611 -36.03 37.42 -48.88
C GLY Z 611 -37.22 36.70 -49.46
N ASN Z 612 -37.50 35.48 -49.02
CA ASN Z 612 -38.60 34.68 -49.56
C ASN Z 612 -39.87 34.94 -48.75
N VAL Z 613 -40.32 36.18 -48.76
CA VAL Z 613 -41.52 36.57 -48.03
C VAL Z 613 -42.74 35.86 -48.60
N ALA Z 614 -42.76 35.67 -49.91
CA ALA Z 614 -43.87 34.98 -50.57
C ALA Z 614 -43.94 33.51 -50.20
N GLN Z 615 -43.02 32.98 -49.40
CA GLN Z 615 -43.15 31.61 -48.94
C GLN Z 615 -44.05 31.53 -47.71
N PHE Z 616 -43.92 32.48 -46.79
CA PHE Z 616 -44.82 32.50 -45.64
C PHE Z 616 -46.23 32.90 -46.05
N ASN Z 617 -46.37 33.86 -46.95
CA ASN Z 617 -47.70 34.34 -47.29
C ASN Z 617 -48.51 33.29 -48.03
N GLU Z 618 -47.87 32.46 -48.85
CA GLU Z 618 -48.60 31.52 -49.69
C GLU Z 618 -48.73 30.15 -49.08
N SER Z 619 -48.08 29.88 -47.96
CA SER Z 619 -48.10 28.53 -47.41
C SER Z 619 -48.28 28.48 -45.90
N SER Z 620 -48.56 29.60 -45.24
CA SER Z 620 -48.90 29.56 -43.83
C SER Z 620 -50.38 29.44 -43.59
N THR Z 621 -51.17 29.36 -44.65
CA THR Z 621 -52.61 29.27 -44.52
C THR Z 621 -53.10 27.84 -44.41
N TYR Z 622 -52.23 26.87 -44.64
CA TYR Z 622 -52.56 25.47 -44.46
C TYR Z 622 -51.43 24.81 -43.67
N LEU Z 623 -51.77 23.76 -42.92
CA LEU Z 623 -50.87 23.23 -41.91
C LEU Z 623 -49.68 22.46 -42.46
N MET Z 624 -49.73 21.97 -43.69
CA MET Z 624 -48.57 21.32 -44.25
C MET Z 624 -47.44 22.32 -44.52
N GLY Z 625 -47.80 23.54 -44.93
CA GLY Z 625 -46.79 24.54 -45.15
C GLY Z 625 -46.03 24.87 -43.87
N TRP Z 626 -46.72 24.85 -42.75
CA TRP Z 626 -46.05 24.98 -41.46
C TRP Z 626 -45.12 23.81 -41.20
N PHE Z 627 -45.44 22.66 -41.77
CA PHE Z 627 -44.71 21.43 -41.54
C PHE Z 627 -43.68 21.14 -42.61
N ARG Z 628 -43.92 21.56 -43.85
CA ARG Z 628 -42.92 21.34 -44.87
C ARG Z 628 -41.99 22.53 -45.03
N ASP Z 629 -42.52 23.75 -44.99
CA ASP Z 629 -41.73 24.92 -45.30
C ASP Z 629 -41.08 25.53 -44.07
N TYR Z 630 -41.47 25.09 -42.87
CA TYR Z 630 -40.84 25.59 -41.65
C TYR Z 630 -40.07 24.50 -40.93
N LEU Z 631 -40.70 23.39 -40.58
CA LEU Z 631 -40.00 22.41 -39.77
C LEU Z 631 -39.11 21.52 -40.63
N TRP Z 632 -39.65 20.97 -41.71
CA TRP Z 632 -38.84 20.10 -42.55
C TRP Z 632 -37.82 20.89 -43.35
N ALA Z 633 -38.17 22.09 -43.80
CA ALA Z 633 -37.24 22.84 -44.65
C ALA Z 633 -36.05 23.35 -43.86
N ASN Z 634 -36.29 23.94 -42.69
CA ASN Z 634 -35.21 24.56 -41.95
C ASN Z 634 -34.51 23.64 -40.97
N SER Z 635 -34.89 22.37 -40.93
CA SER Z 635 -34.12 21.44 -40.11
C SER Z 635 -32.86 20.95 -40.81
N ALA Z 636 -32.73 21.20 -42.11
CA ALA Z 636 -31.75 20.49 -42.94
C ALA Z 636 -30.32 20.75 -42.49
N GLN Z 637 -29.98 21.99 -42.23
CA GLN Z 637 -28.65 22.32 -41.75
C GLN Z 637 -28.48 22.13 -40.25
N LEU Z 638 -29.58 22.04 -39.50
CA LEU Z 638 -29.48 21.72 -38.09
C LEU Z 638 -29.08 20.26 -37.88
N ILE Z 639 -29.74 19.35 -38.58
CA ILE Z 639 -29.48 17.92 -38.39
C ILE Z 639 -28.19 17.49 -39.05
N ASN Z 640 -27.67 18.26 -40.00
CA ASN Z 640 -26.38 18.00 -40.60
C ASN Z 640 -25.27 18.71 -39.86
N GLY Z 641 -25.47 19.04 -38.59
CA GLY Z 641 -24.40 19.61 -37.80
C GLY Z 641 -23.24 18.65 -37.64
N TYR Z 642 -23.52 17.36 -37.57
CA TYR Z 642 -22.51 16.33 -37.71
C TYR Z 642 -23.11 15.19 -38.50
N ASN Z 643 -22.46 14.82 -39.56
CA ASN Z 643 -22.86 13.75 -40.46
C ASN Z 643 -21.73 12.75 -40.47
N PRO Z 644 -21.81 11.62 -41.19
CA PRO Z 644 -20.65 10.73 -41.28
C PRO Z 644 -19.42 11.37 -41.89
N TYR Z 645 -19.55 12.51 -42.55
CA TYR Z 645 -18.47 13.10 -43.32
C TYR Z 645 -17.80 14.27 -42.63
N GLY Z 646 -18.23 14.63 -41.44
CA GLY Z 646 -17.59 15.73 -40.74
C GLY Z 646 -18.49 16.28 -39.64
N THR Z 647 -18.11 17.46 -39.18
CA THR Z 647 -18.74 18.13 -38.05
C THR Z 647 -18.50 19.62 -38.19
N ASN Z 648 -19.50 20.43 -37.87
CA ASN Z 648 -19.32 21.87 -38.01
C ASN Z 648 -19.75 22.60 -36.74
N ASN Z 649 -19.87 23.92 -36.81
CA ASN Z 649 -20.14 24.72 -35.62
C ASN Z 649 -21.54 24.49 -35.07
N LEU Z 650 -22.41 23.81 -35.80
CA LEU Z 650 -23.73 23.44 -35.32
C LEU Z 650 -23.76 22.06 -34.69
N ALA Z 651 -22.60 21.46 -34.44
CA ALA Z 651 -22.59 20.11 -33.88
C ALA Z 651 -23.13 20.08 -32.47
N VAL Z 652 -23.08 21.21 -31.76
CA VAL Z 652 -23.65 21.24 -30.43
C VAL Z 652 -25.14 21.50 -30.50
N TRP Z 653 -25.58 22.28 -31.47
CA TRP Z 653 -27.01 22.53 -31.61
C TRP Z 653 -27.71 21.27 -32.13
N ALA Z 654 -27.07 20.55 -33.04
CA ALA Z 654 -27.57 19.26 -33.47
C ALA Z 654 -27.62 18.25 -32.36
N TRP Z 655 -26.77 18.41 -31.35
CA TRP Z 655 -26.75 17.50 -30.23
C TRP Z 655 -27.75 17.88 -29.16
N MET Z 656 -27.94 19.18 -28.91
CA MET Z 656 -28.97 19.56 -27.95
C MET Z 656 -30.36 19.39 -28.54
N PHE Z 657 -30.48 19.51 -29.86
CA PHE Z 657 -31.75 19.24 -30.52
C PHE Z 657 -32.19 17.82 -30.29
N LEU Z 658 -31.25 16.89 -30.38
CA LEU Z 658 -31.55 15.49 -30.10
C LEU Z 658 -31.56 15.20 -28.62
N PHE Z 659 -30.85 15.99 -27.83
CA PHE Z 659 -30.94 15.93 -26.38
C PHE Z 659 -32.32 16.29 -25.91
N GLY Z 660 -32.91 17.35 -26.47
CA GLY Z 660 -34.23 17.77 -26.08
C GLY Z 660 -35.32 16.84 -26.55
N HIS Z 661 -35.06 16.05 -27.59
CA HIS Z 661 -36.03 15.03 -27.98
C HIS Z 661 -36.06 13.91 -26.96
N LEU Z 662 -34.91 13.59 -26.37
CA LEU Z 662 -34.86 12.56 -25.36
C LEU Z 662 -35.45 13.05 -24.05
N ALA Z 663 -35.14 14.29 -23.67
CA ALA Z 663 -35.72 14.85 -22.45
C ALA Z 663 -37.22 15.00 -22.59
N TRP Z 664 -37.72 15.24 -23.80
CA TRP Z 664 -39.16 15.27 -24.02
C TRP Z 664 -39.77 13.90 -23.92
N ALA Z 665 -39.12 12.90 -24.52
CA ALA Z 665 -39.68 11.56 -24.55
C ALA Z 665 -39.68 10.93 -23.17
N VAL Z 666 -38.65 11.20 -22.36
CA VAL Z 666 -38.60 10.64 -21.02
C VAL Z 666 -39.64 11.29 -20.14
N SER Z 667 -40.15 12.46 -20.52
CA SER Z 667 -41.26 13.04 -19.77
C SER Z 667 -42.50 12.18 -19.88
N PHE Z 668 -42.73 11.60 -21.05
CA PHE Z 668 -43.91 10.77 -21.25
C PHE Z 668 -43.91 9.58 -20.32
N MET Z 669 -42.73 9.09 -19.94
CA MET Z 669 -42.67 8.05 -18.94
C MET Z 669 -43.25 8.50 -17.61
N PHE Z 670 -42.89 9.68 -17.15
CA PHE Z 670 -43.47 10.13 -15.89
C PHE Z 670 -44.91 10.57 -16.05
N LEU Z 671 -45.37 10.85 -17.25
CA LEU Z 671 -46.72 11.32 -17.45
C LEU Z 671 -47.69 10.23 -17.87
N ILE Z 672 -47.25 9.23 -18.62
CA ILE Z 672 -48.16 8.18 -19.06
C ILE Z 672 -48.22 7.08 -18.01
N THR Z 673 -47.11 6.42 -17.72
CA THR Z 673 -47.12 5.41 -16.68
C THR Z 673 -47.06 6.04 -15.31
N TRP Z 674 -47.89 5.55 -14.39
CA TRP Z 674 -48.14 6.17 -13.11
C TRP Z 674 -47.60 5.30 -12.00
N ARG Z 675 -47.86 5.71 -10.75
CA ARG Z 675 -46.98 5.34 -9.65
C ARG Z 675 -47.01 3.86 -9.33
N GLY Z 676 -48.19 3.28 -9.23
CA GLY Z 676 -48.29 1.94 -8.69
C GLY Z 676 -47.66 0.89 -9.57
N TYR Z 677 -47.48 1.18 -10.86
CA TYR Z 677 -46.66 0.28 -11.67
C TYR Z 677 -45.25 0.22 -11.13
N TRP Z 678 -44.66 1.37 -10.83
CA TRP Z 678 -43.28 1.41 -10.42
C TRP Z 678 -43.05 0.93 -9.01
N GLN Z 679 -44.06 0.97 -8.15
CA GLN Z 679 -43.85 0.47 -6.82
C GLN Z 679 -43.80 -1.04 -6.80
N GLU Z 680 -44.60 -1.71 -7.63
CA GLU Z 680 -44.51 -3.15 -7.71
C GLU Z 680 -43.21 -3.61 -8.36
N LEU Z 681 -42.57 -2.76 -9.14
CA LEU Z 681 -41.29 -3.08 -9.75
C LEU Z 681 -40.13 -2.76 -8.82
N ILE Z 682 -40.24 -1.69 -8.05
CA ILE Z 682 -39.21 -1.39 -7.05
C ILE Z 682 -39.27 -2.37 -5.89
N GLU Z 683 -40.49 -2.76 -5.48
CA GLU Z 683 -40.65 -3.81 -4.49
C GLU Z 683 -39.95 -5.10 -4.89
N THR Z 684 -39.91 -5.37 -6.19
CA THR Z 684 -39.20 -6.55 -6.68
C THR Z 684 -37.69 -6.35 -6.65
N LEU Z 685 -37.21 -5.18 -7.04
CA LEU Z 685 -35.78 -4.90 -6.99
C LEU Z 685 -35.27 -4.85 -5.56
N ALA Z 686 -36.11 -4.40 -4.63
CA ALA Z 686 -35.75 -4.45 -3.22
C ALA Z 686 -35.64 -5.87 -2.73
N TRP Z 687 -36.47 -6.78 -3.25
CA TRP Z 687 -36.29 -8.19 -2.92
C TRP Z 687 -34.96 -8.69 -3.45
N ALA Z 688 -34.61 -8.33 -4.69
CA ALA Z 688 -33.39 -8.84 -5.29
C ALA Z 688 -32.16 -8.37 -4.55
N HIS Z 689 -32.16 -7.12 -4.09
CA HIS Z 689 -30.98 -6.60 -3.41
C HIS Z 689 -30.77 -7.29 -2.06
N GLU Z 690 -31.85 -7.54 -1.34
CA GLU Z 690 -31.71 -8.18 -0.04
C GLU Z 690 -31.22 -9.61 -0.15
N GLN Z 691 -31.59 -10.31 -1.21
CA GLN Z 691 -31.31 -11.73 -1.33
C GLN Z 691 -30.03 -12.02 -2.08
N THR Z 692 -29.29 -11.03 -2.46
CA THR Z 692 -28.13 -11.34 -3.24
C THR Z 692 -26.84 -11.20 -2.45
N PRO Z 693 -25.88 -12.07 -2.68
CA PRO Z 693 -24.60 -11.97 -1.98
C PRO Z 693 -23.74 -10.87 -2.54
N LEU Z 694 -22.76 -10.47 -1.74
CA LEU Z 694 -21.71 -9.49 -2.02
C LEU Z 694 -22.24 -8.08 -2.19
N SER Z 695 -23.55 -7.87 -2.16
CA SER Z 695 -24.12 -6.52 -2.20
C SER Z 695 -24.25 -6.06 -0.77
N PHE Z 696 -23.25 -5.34 -0.30
CA PHE Z 696 -23.15 -5.00 1.11
C PHE Z 696 -23.84 -3.69 1.46
N GLY Z 697 -24.26 -2.92 0.47
CA GLY Z 697 -25.00 -1.72 0.75
C GLY Z 697 -26.46 -2.01 1.04
N TYR Z 698 -27.07 -1.13 1.82
CA TYR Z 698 -28.46 -1.28 2.20
C TYR Z 698 -29.03 0.09 2.46
N TRP Z 699 -30.26 0.30 2.01
CA TRP Z 699 -30.82 1.64 2.01
C TRP Z 699 -31.05 2.15 3.41
N ARG Z 700 -30.57 3.36 3.66
CA ARG Z 700 -30.91 4.05 4.89
C ARG Z 700 -32.38 4.39 4.93
N ASP Z 701 -32.97 4.71 3.78
CA ASP Z 701 -34.38 5.02 3.65
C ASP Z 701 -34.98 4.21 2.52
N LYS Z 702 -36.14 3.62 2.78
CA LYS Z 702 -36.70 2.60 1.89
C LYS Z 702 -36.94 3.19 0.51
N PRO Z 703 -36.49 2.52 -0.55
CA PRO Z 703 -36.78 3.00 -1.91
C PRO Z 703 -38.26 2.79 -2.25
N VAL Z 704 -38.93 3.89 -2.54
CA VAL Z 704 -40.32 3.84 -2.97
C VAL Z 704 -40.41 4.53 -4.31
N ALA Z 705 -41.38 4.11 -5.12
CA ALA Z 705 -41.69 4.84 -6.32
C ALA Z 705 -42.14 6.25 -5.95
N LEU Z 706 -41.59 7.24 -6.64
CA LEU Z 706 -41.85 8.62 -6.29
C LEU Z 706 -43.32 8.96 -6.48
N SER Z 707 -43.79 9.93 -5.70
CA SER Z 707 -45.22 10.07 -5.42
C SER Z 707 -45.97 10.56 -6.66
N ILE Z 708 -47.29 10.71 -6.48
CA ILE Z 708 -48.14 11.04 -7.61
C ILE Z 708 -47.93 12.48 -8.06
N VAL Z 709 -48.03 13.43 -7.13
CA VAL Z 709 -47.84 14.83 -7.48
C VAL Z 709 -46.39 15.15 -7.79
N GLN Z 710 -45.47 14.26 -7.52
CA GLN Z 710 -44.08 14.51 -7.85
C GLN Z 710 -43.75 14.11 -9.27
N ALA Z 711 -44.25 12.95 -9.70
CA ALA Z 711 -44.08 12.53 -11.07
C ALA Z 711 -44.73 13.48 -12.05
N ARG Z 712 -45.86 14.06 -11.67
CA ARG Z 712 -46.47 15.08 -12.49
C ARG Z 712 -45.55 16.29 -12.61
N LEU Z 713 -44.71 16.52 -11.60
CA LEU Z 713 -43.76 17.61 -11.64
C LEU Z 713 -42.44 17.20 -12.30
N VAL Z 714 -42.01 15.96 -12.06
CA VAL Z 714 -40.81 15.46 -12.71
C VAL Z 714 -41.04 15.30 -14.21
N GLY Z 715 -42.22 14.84 -14.60
CA GLY Z 715 -42.54 14.75 -16.01
C GLY Z 715 -42.81 16.09 -16.65
N LEU Z 716 -43.25 17.06 -15.87
CA LEU Z 716 -43.45 18.40 -16.42
C LEU Z 716 -42.14 19.13 -16.60
N THR Z 717 -41.14 18.80 -15.80
CA THR Z 717 -39.82 19.41 -15.95
C THR Z 717 -39.14 18.89 -17.21
N HIS Z 718 -39.28 17.59 -17.50
CA HIS Z 718 -38.66 17.04 -18.69
C HIS Z 718 -39.36 17.51 -19.95
N PHE Z 719 -40.68 17.56 -19.92
CA PHE Z 719 -41.42 18.13 -21.04
C PHE Z 719 -40.98 19.55 -21.32
N THR Z 720 -40.78 20.33 -20.26
CA THR Z 720 -40.36 21.71 -20.43
C THR Z 720 -38.92 21.83 -20.90
N VAL Z 721 -38.01 21.04 -20.31
CA VAL Z 721 -36.62 21.08 -20.73
C VAL Z 721 -36.46 20.54 -22.13
N GLY Z 722 -37.23 19.52 -22.48
CA GLY Z 722 -37.21 19.04 -23.86
C GLY Z 722 -37.91 19.95 -24.83
N TYR Z 723 -38.85 20.76 -24.35
CA TYR Z 723 -39.51 21.72 -25.22
C TYR Z 723 -38.59 22.89 -25.53
N ILE Z 724 -37.67 23.20 -24.62
CA ILE Z 724 -36.85 24.39 -24.70
C ILE Z 724 -35.49 24.08 -25.30
N ALA Z 725 -34.94 22.91 -25.00
CA ALA Z 725 -33.69 22.52 -25.63
C ALA Z 725 -33.89 22.18 -27.10
N THR Z 726 -35.03 21.59 -27.45
CA THR Z 726 -35.27 21.24 -28.84
C THR Z 726 -35.51 22.49 -29.68
N TYR Z 727 -36.33 23.40 -29.19
CA TYR Z 727 -36.62 24.60 -29.95
C TYR Z 727 -35.49 25.62 -29.84
N GLY Z 728 -34.83 25.68 -28.70
CA GLY Z 728 -33.66 26.53 -28.61
C GLY Z 728 -32.58 26.13 -29.58
N ALA Z 729 -32.38 24.82 -29.76
CA ALA Z 729 -31.38 24.36 -30.71
C ALA Z 729 -31.85 24.55 -32.14
N PHE Z 730 -33.14 24.33 -32.40
CA PHE Z 730 -33.69 24.60 -33.71
C PHE Z 730 -33.55 26.07 -34.08
N LEU Z 731 -34.03 26.96 -33.21
CA LEU Z 731 -34.07 28.37 -33.53
C LEU Z 731 -32.68 28.95 -33.70
N ILE Z 732 -31.73 28.54 -32.87
CA ILE Z 732 -30.37 29.04 -33.02
C ILE Z 732 -29.75 28.49 -34.29
N ALA Z 733 -29.85 27.19 -34.52
CA ALA Z 733 -29.17 26.60 -35.67
C ALA Z 733 -29.87 26.89 -36.98
N SER Z 734 -31.19 27.04 -36.99
CA SER Z 734 -31.84 27.36 -38.25
C SER Z 734 -31.70 28.82 -38.64
N THR Z 735 -31.28 29.68 -37.73
CA THR Z 735 -31.08 31.09 -38.05
C THR Z 735 -29.61 31.42 -38.21
N ALA Z 736 -28.74 30.84 -37.40
CA ALA Z 736 -27.30 31.07 -37.48
C ALA Z 736 -26.60 30.12 -38.42
N SER Z 737 -27.31 29.53 -39.36
CA SER Z 737 -26.68 28.74 -40.41
C SER Z 737 -26.99 29.25 -41.80
N LYS Z 738 -28.21 29.74 -42.02
CA LYS Z 738 -28.49 30.47 -43.25
C LYS Z 738 -27.67 31.75 -43.32
N PHE Z 739 -27.34 32.31 -42.15
CA PHE Z 739 -26.81 33.66 -42.04
C PHE Z 739 -25.56 33.66 -41.16
N GLY Z 740 -25.08 34.84 -40.80
CA GLY Z 740 -23.92 34.95 -39.94
C GLY Z 740 -24.24 34.70 -38.48
N SER AA 2 -49.53 7.44 9.56
CA SER AA 2 -50.13 8.40 10.47
C SER AA 2 -51.02 9.34 9.69
N HIS AA 3 -52.09 8.79 9.14
CA HIS AA 3 -53.11 9.58 8.47
C HIS AA 3 -54.13 10.00 9.50
N THR AA 4 -55.23 10.60 9.07
CA THR AA 4 -56.22 11.13 10.01
C THR AA 4 -57.60 10.81 9.46
N VAL AA 5 -58.24 9.80 10.02
CA VAL AA 5 -59.56 9.36 9.55
C VAL AA 5 -60.57 9.95 10.52
N LYS AA 6 -61.08 11.13 10.17
CA LYS AA 6 -62.10 11.77 10.99
C LYS AA 6 -63.48 11.32 10.53
N ILE AA 7 -64.38 11.18 11.50
CA ILE AA 7 -65.75 10.77 11.25
C ILE AA 7 -66.65 11.92 11.65
N TYR AA 8 -67.64 12.22 10.82
CA TYR AA 8 -68.53 13.33 11.05
C TYR AA 8 -69.92 12.84 11.44
N ASP AA 9 -70.75 13.75 11.93
CA ASP AA 9 -72.02 13.38 12.52
C ASP AA 9 -73.05 12.93 11.49
N THR AA 10 -72.70 12.85 10.22
CA THR AA 10 -73.66 12.52 9.19
C THR AA 10 -73.74 11.01 8.97
N CYS AA 11 -72.98 10.21 9.72
CA CYS AA 11 -73.08 8.77 9.62
C CYS AA 11 -74.50 8.29 9.85
N ILE AA 12 -74.84 7.17 9.24
CA ILE AA 12 -76.12 6.52 9.44
C ILE AA 12 -75.94 5.13 10.04
N GLY AA 13 -74.73 4.78 10.43
CA GLY AA 13 -74.46 3.45 10.94
C GLY AA 13 -74.69 2.37 9.92
N CYS AA 14 -74.46 2.66 8.64
CA CYS AA 14 -74.61 1.65 7.60
C CYS AA 14 -73.53 0.59 7.67
N THR AA 15 -72.51 0.79 8.49
CA THR AA 15 -71.41 -0.13 8.79
C THR AA 15 -70.52 -0.43 7.60
N GLN AA 16 -70.76 0.20 6.45
CA GLN AA 16 -70.05 -0.22 5.25
C GLN AA 16 -68.61 0.23 5.23
N CYS AA 17 -68.28 1.30 5.95
CA CYS AA 17 -66.92 1.83 5.93
C CYS AA 17 -65.96 0.88 6.64
N VAL AA 18 -66.43 0.19 7.68
CA VAL AA 18 -65.59 -0.70 8.45
C VAL AA 18 -65.23 -1.94 7.65
N ARG AA 19 -66.20 -2.49 6.92
CA ARG AA 19 -65.96 -3.67 6.09
C ARG AA 19 -64.96 -3.42 4.98
N ALA AA 20 -64.96 -2.22 4.40
CA ALA AA 20 -64.06 -1.97 3.29
C ALA AA 20 -62.62 -1.76 3.73
N CYS AA 21 -62.39 -1.51 5.01
CA CYS AA 21 -61.06 -1.16 5.45
C CYS AA 21 -60.16 -2.39 5.41
N PRO AA 22 -59.06 -2.37 4.66
CA PRO AA 22 -58.21 -3.55 4.57
C PRO AA 22 -57.26 -3.73 5.74
N THR AA 23 -57.26 -2.81 6.71
CA THR AA 23 -56.25 -2.80 7.75
C THR AA 23 -56.87 -2.65 9.13
N ASP AA 24 -58.19 -2.71 9.24
CA ASP AA 24 -58.91 -2.65 10.51
C ASP AA 24 -58.56 -1.38 11.28
N VAL AA 25 -58.79 -0.25 10.65
CA VAL AA 25 -58.62 1.01 11.34
C VAL AA 25 -59.93 1.45 11.97
N LEU AA 26 -61.02 1.15 11.31
CA LEU AA 26 -62.34 1.58 11.74
C LEU AA 26 -63.02 0.51 12.55
N GLU AA 27 -63.93 0.95 13.43
CA GLU AA 27 -64.80 0.05 14.16
C GLU AA 27 -65.99 0.85 14.66
N MET AA 28 -67.05 0.13 14.98
CA MET AA 28 -68.29 0.76 15.43
C MET AA 28 -68.37 0.90 16.93
N VAL AA 29 -68.89 2.04 17.35
CA VAL AA 29 -69.13 2.34 18.76
C VAL AA 29 -70.60 2.68 18.89
N PRO AA 30 -71.22 2.51 20.05
CA PRO AA 30 -72.62 2.88 20.19
C PRO AA 30 -72.81 4.38 20.14
N TRP AA 31 -73.96 4.79 19.63
CA TRP AA 31 -74.27 6.20 19.42
C TRP AA 31 -75.77 6.37 19.53
N ASP AA 32 -76.23 7.62 19.39
CA ASP AA 32 -77.65 7.92 19.46
C ASP AA 32 -78.16 8.79 18.33
N GLY AA 33 -77.30 9.29 17.45
CA GLY AA 33 -77.73 10.16 16.38
C GLY AA 33 -78.17 9.42 15.14
N CYS AA 34 -78.48 8.13 15.29
CA CYS AA 34 -78.87 7.30 14.16
C CYS AA 34 -80.01 6.39 14.60
N ARG AA 35 -80.77 5.89 13.62
CA ARG AA 35 -81.61 4.74 13.90
C ARG AA 35 -80.77 3.52 14.21
N ALA AA 36 -79.58 3.41 13.60
CA ALA AA 36 -78.71 2.28 13.88
C ALA AA 36 -78.06 2.38 15.25
N GLY AA 37 -78.02 3.57 15.84
CA GLY AA 37 -77.39 3.72 17.13
C GLY AA 37 -75.90 3.51 17.11
N GLN AA 38 -75.28 3.55 15.94
CA GLN AA 38 -73.87 3.30 15.77
C GLN AA 38 -73.23 4.50 15.08
N ILE AA 39 -71.91 4.59 15.20
CA ILE AA 39 -71.13 5.53 14.41
C ILE AA 39 -69.73 4.95 14.27
N ALA AA 40 -69.10 5.24 13.14
CA ALA AA 40 -67.73 4.79 12.93
C ALA AA 40 -66.77 5.55 13.84
N SER AA 41 -65.73 4.85 14.26
CA SER AA 41 -64.62 5.48 14.96
C SER AA 41 -63.35 4.91 14.38
N SER AA 42 -62.25 5.62 14.60
CA SER AA 42 -60.96 5.25 14.02
C SER AA 42 -59.91 5.17 15.10
N PRO AA 43 -59.92 4.11 15.91
CA PRO AA 43 -58.94 4.00 16.99
C PRO AA 43 -57.56 3.60 16.54
N ARG AA 44 -57.41 3.08 15.34
CA ARG AA 44 -56.14 2.49 14.93
C ARG AA 44 -55.56 3.18 13.71
N THR AA 45 -55.50 4.51 13.72
CA THR AA 45 -55.16 5.24 12.50
C THR AA 45 -53.67 5.26 12.19
N GLU AA 46 -52.78 4.83 13.08
CA GLU AA 46 -51.41 4.68 12.61
C GLU AA 46 -51.30 3.53 11.63
N ASP AA 47 -52.28 2.65 11.66
CA ASP AA 47 -52.40 1.55 10.73
C ASP AA 47 -53.05 1.93 9.42
N CYS AA 48 -53.64 3.12 9.35
CA CYS AA 48 -54.25 3.57 8.11
C CYS AA 48 -53.22 3.63 7.00
N VAL AA 49 -53.52 2.92 5.92
CA VAL AA 49 -52.67 2.87 4.75
C VAL AA 49 -52.99 3.97 3.76
N GLY AA 50 -54.16 4.56 3.84
CA GLY AA 50 -54.53 5.69 3.01
C GLY AA 50 -55.31 5.35 1.78
N CYS AA 51 -55.80 4.13 1.66
CA CYS AA 51 -56.41 3.65 0.43
C CYS AA 51 -57.72 4.34 0.10
N LYS AA 52 -58.34 5.00 1.08
CA LYS AA 52 -59.63 5.68 0.93
C LYS AA 52 -60.73 4.73 0.50
N ARG AA 53 -60.52 3.42 0.67
CA ARG AA 53 -61.55 2.44 0.38
C ARG AA 53 -62.73 2.58 1.33
N CYS AA 54 -62.52 3.19 2.49
CA CYS AA 54 -63.61 3.50 3.40
C CYS AA 54 -64.49 4.60 2.87
N GLU AA 55 -63.88 5.56 2.16
CA GLU AA 55 -64.65 6.67 1.62
C GLU AA 55 -65.49 6.26 0.42
N THR AA 56 -65.09 5.23 -0.30
CA THR AA 56 -65.89 4.76 -1.41
C THR AA 56 -67.17 4.08 -0.94
N ALA AA 57 -67.15 3.52 0.26
CA ALA AA 57 -68.29 2.77 0.76
C ALA AA 57 -69.29 3.64 1.51
N CYS AA 58 -68.94 4.85 1.87
CA CYS AA 58 -69.85 5.67 2.66
C CYS AA 58 -70.96 6.21 1.77
N PRO AA 59 -72.22 5.93 2.07
CA PRO AA 59 -73.29 6.27 1.15
C PRO AA 59 -73.91 7.64 1.38
N THR AA 60 -73.63 8.27 2.52
CA THR AA 60 -74.15 9.61 2.74
C THR AA 60 -73.56 10.57 1.73
N ASP AA 61 -74.40 11.41 1.15
CA ASP AA 61 -73.91 12.30 0.11
C ASP AA 61 -72.94 13.31 0.70
N PHE AA 62 -71.80 13.42 0.03
CA PHE AA 62 -70.59 14.03 0.54
C PHE AA 62 -70.28 13.48 1.93
N LEU AA 63 -69.78 12.26 1.84
CA LEU AA 63 -69.50 11.26 2.85
C LEU AA 63 -68.93 11.71 4.19
N SER AA 64 -69.31 10.96 5.23
CA SER AA 64 -69.07 11.27 6.62
C SER AA 64 -67.68 10.89 7.12
N ILE AA 65 -66.88 10.19 6.34
CA ILE AA 65 -65.59 9.71 6.79
C ILE AA 65 -64.51 10.25 5.86
N ARG AA 66 -63.55 10.98 6.39
CA ARG AA 66 -62.51 11.52 5.53
C ARG AA 66 -61.16 10.99 5.95
N VAL AA 67 -60.42 10.47 4.99
CA VAL AA 67 -59.02 10.19 5.19
C VAL AA 67 -58.27 11.44 4.78
N TYR AA 68 -57.39 11.89 5.66
CA TYR AA 68 -56.65 13.12 5.50
C TYR AA 68 -55.18 12.72 5.44
N LEU AA 69 -54.69 12.51 4.23
CA LEU AA 69 -53.35 11.95 4.04
C LEU AA 69 -52.29 12.86 4.63
N GLY AA 70 -51.67 12.43 5.71
CA GLY AA 70 -50.70 13.25 6.41
C GLY AA 70 -49.30 12.68 6.38
N ALA AA 71 -48.62 12.73 7.52
CA ALA AA 71 -47.26 12.21 7.61
C ALA AA 71 -47.25 10.73 7.32
N GLU AA 72 -46.55 10.33 6.27
CA GLU AA 72 -46.54 8.94 5.85
C GLU AA 72 -45.35 8.22 6.44
N THR AA 73 -45.61 7.13 7.14
CA THR AA 73 -44.59 6.40 7.88
C THR AA 73 -44.48 4.99 7.28
N THR AA 74 -43.72 4.13 7.97
CA THR AA 74 -43.36 2.85 7.39
C THR AA 74 -44.55 1.90 7.29
N ARG AA 75 -45.58 2.08 8.11
CA ARG AA 75 -46.74 1.21 8.04
C ARG AA 75 -47.95 1.91 7.42
N SER AA 76 -47.87 3.21 7.19
CA SER AA 76 -48.90 3.91 6.43
C SER AA 76 -48.58 3.97 4.95
N MET AA 77 -47.44 3.44 4.53
CA MET AA 77 -47.13 3.30 3.12
C MET AA 77 -47.11 1.84 2.69
N GLY AA 78 -47.31 0.92 3.63
CA GLY AA 78 -47.34 -0.48 3.32
C GLY AA 78 -46.10 -1.01 2.65
N LEU AA 79 -44.99 -1.04 3.39
CA LEU AA 79 -43.74 -1.57 2.89
C LEU AA 79 -43.43 -2.87 3.59
N ALA AA 80 -43.23 -3.92 2.81
CA ALA AA 80 -42.79 -5.19 3.34
C ALA AA 80 -41.27 -5.28 3.45
N TYR AA 81 -40.57 -4.25 3.01
CA TYR AA 81 -39.11 -4.23 3.10
C TYR AA 81 -38.65 -3.00 3.87
N THR BA 21 -49.01 -15.99 24.49
CA THR BA 21 -48.19 -15.79 23.31
C THR BA 21 -48.86 -16.37 22.06
N LEU BA 22 -48.07 -16.92 21.15
CA LEU BA 22 -48.57 -17.45 19.90
C LEU BA 22 -47.92 -18.80 19.62
N SER BA 23 -48.68 -19.68 18.99
CA SER BA 23 -48.21 -20.99 18.57
C SER BA 23 -49.21 -21.58 17.59
N GLY BA 24 -48.78 -22.62 16.91
CA GLY BA 24 -49.58 -23.29 15.92
C GLY BA 24 -48.67 -23.93 14.90
N GLN BA 25 -49.22 -24.87 14.15
CA GLN BA 25 -48.47 -25.54 13.10
C GLN BA 25 -48.57 -24.75 11.81
N THR BA 26 -47.45 -24.56 11.14
CA THR BA 26 -47.43 -23.81 9.91
C THR BA 26 -48.08 -24.62 8.79
N PRO BA 27 -48.77 -23.95 7.85
CA PRO BA 27 -49.41 -24.67 6.75
C PRO BA 27 -48.39 -25.30 5.81
N ILE BA 28 -48.85 -26.31 5.06
CA ILE BA 28 -47.99 -26.93 4.06
C ILE BA 28 -47.75 -25.91 2.97
N PHE BA 29 -46.53 -25.42 2.86
CA PHE BA 29 -46.24 -24.37 1.90
C PHE BA 29 -44.79 -24.50 1.50
N GLY BA 30 -44.53 -24.54 0.20
CA GLY BA 30 -43.18 -24.77 -0.27
C GLY BA 30 -42.25 -23.59 -0.13
N GLY BA 31 -42.68 -22.57 0.58
CA GLY BA 31 -41.91 -21.35 0.71
C GLY BA 31 -42.04 -20.49 -0.52
N SER BA 32 -42.13 -19.19 -0.34
CA SER BA 32 -42.35 -18.29 -1.46
C SER BA 32 -41.21 -17.30 -1.57
N THR BA 33 -41.36 -16.36 -2.48
CA THR BA 33 -40.47 -15.22 -2.59
C THR BA 33 -41.12 -13.95 -2.07
N GLY BA 34 -42.42 -13.96 -1.86
CA GLY BA 34 -43.16 -12.81 -1.42
C GLY BA 34 -43.29 -12.68 0.07
N GLY BA 35 -42.65 -13.56 0.82
CA GLY BA 35 -42.79 -13.60 2.26
C GLY BA 35 -42.01 -12.53 2.97
N LEU BA 36 -41.57 -12.85 4.17
CA LEU BA 36 -40.92 -11.88 5.03
C LEU BA 36 -39.57 -11.46 4.46
N LEU BA 37 -39.26 -10.18 4.62
CA LEU BA 37 -38.00 -9.61 4.21
C LEU BA 37 -37.28 -9.12 5.47
N LYS BA 38 -36.24 -8.31 5.27
CA LYS BA 38 -35.47 -7.83 6.42
C LYS BA 38 -36.27 -6.93 7.35
N LYS BA 39 -37.41 -6.42 6.91
CA LYS BA 39 -38.26 -5.63 7.78
C LYS BA 39 -38.96 -6.50 8.84
N ALA BA 40 -39.01 -7.81 8.63
CA ALA BA 40 -39.75 -8.67 9.55
C ALA BA 40 -39.09 -8.75 10.91
N GLU BA 41 -37.79 -8.95 10.96
CA GLU BA 41 -37.09 -9.13 12.22
C GLU BA 41 -36.39 -7.86 12.69
N VAL BA 42 -36.67 -6.72 12.07
CA VAL BA 42 -35.98 -5.49 12.40
C VAL BA 42 -36.94 -4.40 12.86
N GLU BA 43 -38.07 -4.24 12.18
CA GLU BA 43 -39.05 -3.26 12.61
C GLU BA 43 -40.19 -3.91 13.38
N GLU BA 44 -40.94 -4.81 12.73
CA GLU BA 44 -41.92 -5.71 13.34
C GLU BA 44 -42.60 -6.59 12.30
N LYS BA 45 -43.40 -7.54 12.77
CA LYS BA 45 -43.85 -8.66 11.97
C LYS BA 45 -45.23 -9.06 12.50
N TYR BA 46 -46.04 -9.67 11.64
CA TYR BA 46 -47.39 -10.03 12.01
C TYR BA 46 -47.58 -11.54 11.96
N ALA BA 47 -48.54 -12.00 12.76
CA ALA BA 47 -48.88 -13.42 12.79
C ALA BA 47 -50.39 -13.55 12.87
N ILE BA 48 -50.96 -14.31 11.95
CA ILE BA 48 -52.38 -14.64 11.98
C ILE BA 48 -52.52 -16.07 12.45
N THR BA 49 -53.43 -16.29 13.40
CA THR BA 49 -53.59 -17.59 14.03
C THR BA 49 -55.05 -17.99 13.96
N TRP BA 50 -55.34 -19.08 13.26
CA TRP BA 50 -56.71 -19.52 13.10
C TRP BA 50 -56.78 -21.03 13.25
N THR BA 51 -57.99 -21.52 13.52
CA THR BA 51 -58.26 -22.93 13.67
C THR BA 51 -59.20 -23.38 12.56
N SER BA 52 -58.86 -24.48 11.90
CA SER BA 52 -59.65 -24.97 10.80
C SER BA 52 -60.20 -26.35 11.11
N PRO BA 53 -61.45 -26.64 10.73
CA PRO BA 53 -61.98 -27.99 10.92
C PRO BA 53 -61.63 -28.94 9.79
N LYS BA 54 -60.96 -28.48 8.74
CA LYS BA 54 -60.75 -29.31 7.56
C LYS BA 54 -59.36 -28.99 6.99
N GLU BA 55 -58.84 -29.96 6.25
CA GLU BA 55 -57.51 -29.88 5.65
C GLU BA 55 -57.66 -29.45 4.18
N GLN BA 56 -57.96 -28.18 3.98
CA GLN BA 56 -58.11 -27.67 2.62
C GLN BA 56 -57.00 -26.67 2.30
N VAL BA 57 -57.11 -26.06 1.12
CA VAL BA 57 -56.06 -25.22 0.56
C VAL BA 57 -56.58 -23.80 0.40
N PHE BA 58 -55.76 -22.84 0.76
CA PHE BA 58 -56.11 -21.43 0.71
C PHE BA 58 -55.05 -20.69 -0.09
N GLU BA 59 -55.42 -19.51 -0.58
CA GLU BA 59 -54.49 -18.72 -1.37
C GLU BA 59 -53.59 -17.89 -0.47
N MET BA 60 -52.30 -17.96 -0.72
CA MET BA 60 -51.35 -17.22 0.07
C MET BA 60 -51.41 -15.74 -0.31
N PRO BA 61 -51.47 -14.83 0.67
CA PRO BA 61 -51.42 -13.39 0.32
C PRO BA 61 -50.09 -12.96 -0.25
N THR BA 62 -49.03 -13.75 -0.09
CA THR BA 62 -47.74 -13.45 -0.69
C THR BA 62 -47.50 -14.27 -1.94
N GLY BA 63 -48.56 -14.66 -2.64
CA GLY BA 63 -48.42 -15.41 -3.87
C GLY BA 63 -48.28 -16.90 -3.63
N GLY BA 64 -49.08 -17.68 -4.32
CA GLY BA 64 -49.06 -19.12 -4.21
C GLY BA 64 -50.29 -19.66 -3.51
N ALA BA 65 -50.18 -20.92 -3.11
CA ALA BA 65 -51.24 -21.62 -2.40
C ALA BA 65 -50.63 -22.50 -1.33
N ALA BA 66 -51.30 -22.59 -0.19
CA ALA BA 66 -50.81 -23.40 0.92
C ALA BA 66 -51.97 -24.20 1.49
N ILE BA 67 -51.66 -25.34 2.09
CA ILE BA 67 -52.68 -26.20 2.68
C ILE BA 67 -52.73 -25.93 4.18
N MET BA 68 -53.86 -25.43 4.63
CA MET BA 68 -54.09 -25.16 6.04
C MET BA 68 -54.33 -26.46 6.80
N ARG BA 69 -53.85 -26.50 8.03
CA ARG BA 69 -53.77 -27.74 8.80
C ARG BA 69 -55.09 -28.06 9.46
N GLN BA 70 -55.08 -29.07 10.34
CA GLN BA 70 -56.28 -29.55 11.02
C GLN BA 70 -56.50 -28.90 12.38
N GLY BA 71 -55.45 -28.46 13.05
CA GLY BA 71 -55.63 -27.88 14.36
C GLY BA 71 -55.47 -26.38 14.39
N GLN BA 72 -54.45 -25.92 15.12
CA GLN BA 72 -54.15 -24.50 15.25
C GLN BA 72 -53.13 -24.12 14.18
N ASN BA 73 -53.47 -23.15 13.36
CA ASN BA 73 -52.62 -22.70 12.27
C ASN BA 73 -51.93 -21.40 12.63
N LEU BA 74 -50.69 -21.25 12.19
CA LEU BA 74 -49.92 -20.04 12.44
C LEU BA 74 -49.21 -19.62 11.18
N LEU BA 75 -49.33 -18.35 10.81
CA LEU BA 75 -48.70 -17.86 9.61
C LEU BA 75 -48.10 -16.49 9.88
N TYR BA 76 -46.89 -16.27 9.40
CA TYR BA 76 -46.15 -15.04 9.62
C TYR BA 76 -46.22 -14.17 8.37
N LEU BA 77 -46.70 -12.94 8.52
CA LEU BA 77 -46.91 -12.05 7.39
C LEU BA 77 -46.26 -10.71 7.68
N ALA BA 78 -45.84 -10.03 6.61
CA ALA BA 78 -44.98 -8.87 6.73
C ALA BA 78 -45.71 -7.62 7.19
N ARG BA 79 -46.96 -7.47 6.78
CA ARG BA 79 -47.72 -6.26 7.06
C ARG BA 79 -49.15 -6.64 7.39
N LYS BA 80 -49.84 -5.75 8.09
CA LYS BA 80 -51.17 -6.07 8.61
C LYS BA 80 -52.18 -6.27 7.50
N GLU BA 81 -52.00 -5.59 6.37
CA GLU BA 81 -52.95 -5.71 5.28
C GLU BA 81 -53.01 -7.14 4.75
N GLN BA 82 -51.86 -7.82 4.71
CA GLN BA 82 -51.84 -9.21 4.28
C GLN BA 82 -52.67 -10.08 5.22
N CYS BA 83 -52.53 -9.86 6.52
CA CYS BA 83 -53.25 -10.67 7.49
C CYS BA 83 -54.76 -10.51 7.36
N ILE BA 84 -55.23 -9.27 7.18
CA ILE BA 84 -56.66 -9.06 7.00
C ILE BA 84 -57.11 -9.36 5.59
N ALA BA 85 -56.20 -9.38 4.62
CA ALA BA 85 -56.51 -9.96 3.33
C ALA BA 85 -56.72 -11.45 3.47
N LEU BA 86 -55.85 -12.12 4.21
CA LEU BA 86 -56.03 -13.55 4.45
C LEU BA 86 -57.21 -13.80 5.37
N GLY BA 87 -57.41 -12.96 6.38
CA GLY BA 87 -58.55 -13.12 7.26
C GLY BA 87 -59.87 -13.01 6.53
N GLY BA 88 -59.95 -12.09 5.56
CA GLY BA 88 -61.12 -12.02 4.71
C GLY BA 88 -61.29 -13.22 3.81
N GLN BA 89 -60.19 -13.91 3.51
CA GLN BA 89 -60.29 -15.17 2.78
C GLN BA 89 -60.76 -16.31 3.67
N LEU BA 90 -60.36 -16.29 4.96
CA LEU BA 90 -60.79 -17.33 5.87
C LEU BA 90 -62.28 -17.28 6.13
N ARG BA 91 -62.88 -16.09 6.12
CA ARG BA 91 -64.33 -16.01 6.24
C ARG BA 91 -65.05 -16.65 5.06
N LYS BA 92 -64.38 -16.87 3.94
CA LYS BA 92 -64.97 -17.60 2.85
C LYS BA 92 -64.82 -19.11 2.99
N PHE BA 93 -64.01 -19.57 3.94
CA PHE BA 93 -64.00 -20.96 4.38
C PHE BA 93 -64.82 -21.16 5.64
N LYS BA 94 -65.65 -20.19 6.01
CA LYS BA 94 -66.48 -20.23 7.21
C LYS BA 94 -65.64 -20.34 8.47
N ILE BA 95 -64.51 -19.64 8.49
CA ILE BA 95 -63.61 -19.59 9.64
C ILE BA 95 -63.55 -18.16 10.13
N THR BA 96 -64.06 -17.91 11.32
CA THR BA 96 -64.11 -16.59 11.92
C THR BA 96 -63.55 -16.61 13.33
N ASP BA 97 -62.54 -17.44 13.57
CA ASP BA 97 -61.91 -17.53 14.88
C ASP BA 97 -60.43 -17.17 14.80
N TYR BA 98 -60.07 -16.35 13.81
CA TYR BA 98 -58.67 -15.99 13.63
C TYR BA 98 -58.30 -14.79 14.47
N LYS BA 99 -57.04 -14.74 14.85
CA LYS BA 99 -56.49 -13.69 15.68
C LYS BA 99 -55.20 -13.21 15.03
N ILE BA 100 -54.99 -11.91 15.00
CA ILE BA 100 -53.84 -11.31 14.35
C ILE BA 100 -52.96 -10.69 15.41
N TYR BA 101 -51.70 -11.08 15.43
CA TYR BA 101 -50.75 -10.57 16.41
C TYR BA 101 -49.67 -9.75 15.73
N ARG BA 102 -48.98 -8.95 16.52
CA ARG BA 102 -47.93 -8.07 16.02
C ARG BA 102 -46.68 -8.32 16.83
N ILE BA 103 -45.66 -8.86 16.19
CA ILE BA 103 -44.46 -9.33 16.88
C ILE BA 103 -43.37 -8.29 16.70
N TYR BA 104 -43.06 -7.57 17.76
CA TYR BA 104 -41.92 -6.67 17.75
C TYR BA 104 -40.63 -7.47 17.83
N PRO BA 105 -39.51 -6.91 17.33
CA PRO BA 105 -38.30 -7.73 17.18
C PRO BA 105 -37.70 -8.20 18.48
N ASN BA 106 -37.81 -7.40 19.54
CA ASN BA 106 -37.41 -7.82 20.87
C ASN BA 106 -38.19 -9.04 21.36
N GLY BA 107 -39.41 -9.24 20.86
CA GLY BA 107 -40.07 -10.52 20.99
C GLY BA 107 -41.48 -10.49 21.54
N GLU BA 108 -41.93 -9.45 22.24
CA GLU BA 108 -43.29 -9.52 22.77
C GLU BA 108 -44.31 -9.43 21.65
N THR BA 109 -45.48 -9.99 21.94
CA THR BA 109 -46.52 -10.24 20.96
C THR BA 109 -47.80 -9.56 21.40
N VAL BA 110 -48.23 -8.59 20.65
CA VAL BA 110 -49.44 -7.85 20.97
C VAL BA 110 -50.62 -8.46 20.22
N TYR BA 111 -51.79 -8.38 20.83
CA TYR BA 111 -53.04 -8.76 20.20
C TYR BA 111 -53.65 -7.49 19.60
N ILE BA 112 -53.85 -7.49 18.29
CA ILE BA 112 -54.34 -6.29 17.61
C ILE BA 112 -55.62 -6.53 16.81
N HIS BA 113 -55.98 -7.77 16.50
CA HIS BA 113 -57.17 -8.06 15.72
C HIS BA 113 -57.74 -9.44 16.05
N PRO BA 114 -59.02 -9.52 16.44
CA PRO BA 114 -59.86 -8.37 16.74
C PRO BA 114 -59.52 -7.81 18.11
N ALA BA 115 -59.48 -6.48 18.20
CA ALA BA 115 -58.84 -5.83 19.35
C ALA BA 115 -59.57 -6.14 20.66
N ASP BA 116 -60.89 -6.18 20.61
CA ASP BA 116 -61.71 -6.48 21.78
C ASP BA 116 -62.19 -7.91 21.83
N GLY BA 117 -61.73 -8.76 20.92
CA GLY BA 117 -62.22 -10.12 20.84
C GLY BA 117 -63.46 -10.31 20.01
N VAL BA 118 -64.13 -9.23 19.61
CA VAL BA 118 -65.28 -9.31 18.72
C VAL BA 118 -64.94 -8.50 17.48
N PHE BA 119 -65.54 -8.86 16.40
CA PHE BA 119 -65.12 -8.31 15.12
C PHE BA 119 -65.63 -6.88 14.99
N PRO BA 120 -64.87 -5.99 14.35
CA PRO BA 120 -65.21 -4.55 14.36
C PRO BA 120 -66.52 -4.19 13.69
N GLU BA 121 -67.06 -5.05 12.82
CA GLU BA 121 -68.40 -4.77 12.28
C GLU BA 121 -69.44 -4.77 13.39
N LYS BA 122 -69.31 -5.70 14.33
CA LYS BA 122 -70.14 -5.71 15.53
C LYS BA 122 -69.89 -4.47 16.37
N VAL BA 123 -70.90 -4.07 17.13
CA VAL BA 123 -70.81 -2.95 18.05
C VAL BA 123 -70.79 -3.51 19.47
N ASN BA 124 -69.82 -3.07 20.26
CA ASN BA 124 -69.79 -3.39 21.68
C ASN BA 124 -70.34 -2.26 22.50
N GLN BA 125 -70.19 -2.40 23.81
CA GLN BA 125 -70.18 -1.30 24.75
C GLN BA 125 -68.73 -1.03 25.15
N GLY BA 126 -68.50 0.18 25.65
CA GLY BA 126 -67.20 0.53 26.16
C GLY BA 126 -66.22 1.04 25.13
N ARG BA 127 -66.55 0.95 23.84
CA ARG BA 127 -65.74 1.61 22.83
C ARG BA 127 -66.14 3.08 22.72
N GLU BA 128 -65.16 3.91 22.35
CA GLU BA 128 -65.28 5.35 22.41
C GLU BA 128 -65.27 5.96 21.02
N LYS BA 129 -66.02 7.05 20.87
CA LYS BA 129 -66.00 7.83 19.64
C LYS BA 129 -64.65 8.55 19.58
N VAL BA 130 -63.76 8.05 18.73
CA VAL BA 130 -62.41 8.59 18.60
C VAL BA 130 -62.23 9.15 17.20
N ARG BA 131 -61.66 10.36 17.13
CA ARG BA 131 -61.66 11.17 15.91
C ARG BA 131 -63.06 11.31 15.34
N TYR BA 132 -63.96 11.81 16.17
CA TYR BA 132 -65.31 12.15 15.77
C TYR BA 132 -65.48 13.66 15.82
N ASN BA 133 -65.95 14.23 14.72
CA ASN BA 133 -66.30 15.64 14.68
C ASN BA 133 -67.81 15.78 14.84
N ASP BA 134 -68.23 16.68 15.74
CA ASP BA 134 -69.65 16.86 16.03
C ASP BA 134 -70.27 17.90 15.12
N ARG BA 135 -69.81 17.97 13.88
CA ARG BA 135 -70.33 18.90 12.89
C ARG BA 135 -70.45 18.17 11.56
N ARG BA 136 -71.22 18.75 10.65
CA ARG BA 136 -71.15 18.32 9.28
C ARG BA 136 -69.77 18.62 8.75
N ILE BA 137 -69.33 17.81 7.79
CA ILE BA 137 -68.06 18.06 7.12
C ILE BA 137 -68.09 19.38 6.34
N GLY BA 138 -69.27 19.84 5.96
CA GLY BA 138 -69.38 21.07 5.20
C GLY BA 138 -68.92 22.31 5.94
N GLN BA 139 -69.10 22.35 7.25
CA GLN BA 139 -68.69 23.53 8.02
C GLN BA 139 -67.38 23.32 8.77
N ASN BA 140 -66.43 22.62 8.17
CA ASN BA 140 -65.06 22.74 8.60
C ASN BA 140 -64.56 24.15 8.32
N PRO BA 141 -63.75 24.73 9.21
CA PRO BA 141 -63.30 26.11 9.01
C PRO BA 141 -62.39 26.25 7.80
N SER BA 142 -62.35 27.48 7.28
CA SER BA 142 -61.45 27.79 6.18
C SER BA 142 -60.00 27.73 6.65
N PRO BA 143 -59.07 27.42 5.75
CA PRO BA 143 -57.65 27.38 6.15
C PRO BA 143 -57.10 28.70 6.64
N SER BA 144 -57.73 29.81 6.32
CA SER BA 144 -57.27 31.11 6.82
C SER BA 144 -57.50 31.25 8.32
N LYS BA 145 -58.47 30.52 8.87
CA LYS BA 145 -58.74 30.62 10.31
C LYS BA 145 -57.61 30.03 11.13
N VAL BA 146 -57.01 28.94 10.66
CA VAL BA 146 -55.99 28.24 11.43
C VAL BA 146 -54.62 28.68 10.94
N LYS BA 147 -54.57 29.82 10.25
CA LYS BA 147 -53.34 30.33 9.68
C LYS BA 147 -52.30 30.56 10.77
N PHE BA 148 -51.12 29.96 10.59
CA PHE BA 148 -49.99 30.07 11.52
C PHE BA 148 -50.36 29.55 12.90
N SER BA 149 -51.10 28.45 12.92
CA SER BA 149 -51.46 27.74 14.13
C SER BA 149 -51.09 26.27 13.97
N GLY BA 150 -50.95 25.58 15.09
CA GLY BA 150 -50.54 24.19 15.05
C GLY BA 150 -51.56 23.27 14.39
N ILE BA 151 -52.85 23.50 14.67
CA ILE BA 151 -53.90 22.60 14.24
C ILE BA 151 -54.17 22.75 12.76
N ALA BA 152 -54.91 21.81 12.18
CA ALA BA 152 -55.42 21.90 10.83
C ALA BA 152 -56.90 22.25 10.88
N THR BA 153 -57.51 22.39 9.71
CA THR BA 153 -58.89 22.85 9.63
C THR BA 153 -59.89 21.79 10.04
N TYR BA 154 -59.43 20.56 10.20
CA TYR BA 154 -60.29 19.41 10.33
C TYR BA 154 -60.32 18.85 11.74
N ASP BA 155 -59.41 19.33 12.60
CA ASP BA 155 -59.50 19.09 14.02
C ASP BA 155 -60.42 20.12 14.66
N ALA BA 156 -60.03 21.40 14.58
CA ALA BA 156 -60.91 22.57 14.63
C ALA BA 156 -61.92 22.53 15.77
N PRO BA 157 -61.51 22.79 17.00
CA PRO BA 157 -62.38 22.53 18.16
C PRO BA 157 -63.71 23.28 18.16
N ASN BA 158 -63.94 24.17 17.20
CA ASN BA 158 -65.24 24.81 17.06
C ASN BA 158 -66.22 23.84 16.42
N SER BA 159 -67.35 23.60 17.10
CA SER BA 159 -68.42 22.71 16.65
C SER BA 159 -67.91 21.31 16.32
N VAL CA 2 -92.68 19.46 6.86
CA VAL CA 2 -92.09 18.65 5.81
C VAL CA 2 -92.45 17.20 6.02
N GLN CA 3 -93.61 16.80 5.52
CA GLN CA 3 -94.09 15.44 5.66
C GLN CA 3 -93.84 14.65 4.38
N ARG CA 4 -94.12 13.36 4.45
CA ARG CA 4 -93.76 12.43 3.38
C ARG CA 4 -94.51 12.76 2.10
N GLY CA 5 -93.80 12.68 0.97
CA GLY CA 5 -94.38 12.92 -0.33
C GLY CA 5 -94.21 14.33 -0.86
N SER CA 6 -93.75 15.27 -0.03
CA SER CA 6 -93.65 16.66 -0.45
C SER CA 6 -92.34 16.90 -1.19
N LYS CA 7 -92.43 17.59 -2.32
CA LYS CA 7 -91.23 17.99 -3.04
C LYS CA 7 -90.55 19.11 -2.28
N VAL CA 8 -89.24 18.98 -2.07
CA VAL CA 8 -88.52 19.85 -1.15
C VAL CA 8 -87.18 20.20 -1.78
N ARG CA 9 -86.61 21.33 -1.35
CA ARG CA 9 -85.37 21.85 -1.90
C ARG CA 9 -84.27 21.77 -0.86
N ILE CA 10 -83.03 21.60 -1.32
CA ILE CA 10 -81.89 21.38 -0.47
C ILE CA 10 -81.15 22.69 -0.24
N LEU CA 11 -80.82 22.98 1.01
CA LEU CA 11 -80.01 24.14 1.36
C LEU CA 11 -78.68 23.73 1.99
N ARG CA 12 -78.13 22.62 1.54
CA ARG CA 12 -76.88 22.10 2.09
C ARG CA 12 -75.78 22.28 1.06
N PRO CA 13 -74.84 23.22 1.25
CA PRO CA 13 -73.88 23.54 0.17
C PRO CA 13 -72.93 22.42 -0.18
N GLU CA 14 -72.58 21.56 0.77
CA GLU CA 14 -71.72 20.41 0.56
C GLU CA 14 -72.38 19.29 -0.23
N SER CA 15 -73.68 19.36 -0.46
CA SER CA 15 -74.39 18.24 -1.07
C SER CA 15 -74.34 18.37 -2.59
N TYR CA 16 -74.38 17.21 -3.25
CA TYR CA 16 -74.46 17.21 -4.71
C TYR CA 16 -75.73 17.89 -5.18
N TRP CA 17 -76.80 17.76 -4.42
CA TRP CA 17 -78.12 18.25 -4.81
C TRP CA 17 -78.43 19.61 -4.23
N PHE CA 18 -77.42 20.46 -4.05
CA PHE CA 18 -77.65 21.80 -3.56
C PHE CA 18 -78.53 22.58 -4.53
N GLN CA 19 -79.59 23.18 -3.99
CA GLN CA 19 -80.57 23.92 -4.77
C GLN CA 19 -81.19 23.05 -5.87
N ASP CA 20 -81.46 21.78 -5.55
CA ASP CA 20 -82.25 20.93 -6.42
C ASP CA 20 -83.36 20.29 -5.62
N VAL CA 21 -84.43 19.92 -6.29
CA VAL CA 21 -85.61 19.40 -5.62
C VAL CA 21 -85.54 17.87 -5.53
N GLY CA 22 -86.11 17.35 -4.44
CA GLY CA 22 -86.24 15.92 -4.27
C GLY CA 22 -87.50 15.61 -3.48
N THR CA 23 -88.00 14.40 -3.67
CA THR CA 23 -89.20 13.97 -2.95
C THR CA 23 -88.79 13.32 -1.64
N VAL CA 24 -89.54 13.64 -0.58
CA VAL CA 24 -89.24 13.09 0.73
C VAL CA 24 -89.73 11.66 0.79
N ALA CA 25 -88.84 10.75 1.19
CA ALA CA 25 -89.18 9.33 1.24
C ALA CA 25 -89.78 8.93 2.58
N SER CA 26 -89.22 9.38 3.69
CA SER CA 26 -89.75 9.06 4.99
C SER CA 26 -89.21 10.03 6.02
N ILE CA 27 -89.93 10.12 7.14
CA ILE CA 27 -89.54 10.98 8.26
C ILE CA 27 -89.34 10.08 9.48
N GLU CA 28 -88.28 10.34 10.23
CA GLU CA 28 -87.96 9.61 11.45
C GLU CA 28 -88.61 10.29 12.65
N GLN CA 29 -89.42 9.53 13.39
CA GLN CA 29 -90.19 10.09 14.49
C GLN CA 29 -89.52 9.94 15.84
N GLY CA 30 -88.30 9.41 15.90
CA GLY CA 30 -87.58 9.35 17.16
C GLY CA 30 -87.23 10.73 17.70
N GLY CA 31 -86.87 11.65 16.81
CA GLY CA 31 -86.53 13.00 17.20
C GLY CA 31 -85.15 13.18 17.80
N THR CA 32 -84.29 12.17 17.69
CA THR CA 32 -82.95 12.22 18.26
C THR CA 32 -81.89 11.73 17.28
N SER CA 33 -82.17 11.85 15.98
CA SER CA 33 -81.32 11.30 14.95
C SER CA 33 -80.55 12.36 14.18
N ARG CA 34 -80.87 13.64 14.40
CA ARG CA 34 -80.27 14.90 13.94
C ARG CA 34 -80.35 15.05 12.43
N TYR CA 35 -80.76 13.99 11.72
CA TYR CA 35 -81.01 14.03 10.27
C TYR CA 35 -82.17 13.11 9.98
N PRO CA 36 -83.38 13.52 10.32
CA PRO CA 36 -84.53 12.60 10.22
C PRO CA 36 -85.03 12.41 8.80
N VAL CA 37 -84.95 13.45 7.97
CA VAL CA 37 -85.59 13.40 6.66
C VAL CA 37 -84.77 12.53 5.72
N ILE CA 38 -85.44 11.58 5.07
CA ILE CA 38 -84.87 10.83 3.96
C ILE CA 38 -85.52 11.35 2.70
N VAL CA 39 -84.75 12.03 1.86
CA VAL CA 39 -85.27 12.62 0.63
C VAL CA 39 -84.63 11.92 -0.56
N ARG CA 40 -85.43 11.63 -1.58
CA ARG CA 40 -85.00 10.84 -2.71
C ARG CA 40 -84.99 11.71 -3.97
N PHE CA 41 -83.95 11.53 -4.78
CA PHE CA 41 -83.65 12.42 -5.88
C PHE CA 41 -83.74 11.68 -7.20
N ASP CA 42 -84.06 12.42 -8.25
CA ASP CA 42 -84.16 11.86 -9.59
C ASP CA 42 -82.82 11.80 -10.31
N LYS CA 43 -81.76 12.35 -9.71
CA LYS CA 43 -80.42 12.32 -10.28
C LYS CA 43 -79.46 11.70 -9.28
N VAL CA 44 -78.79 10.61 -9.68
CA VAL CA 44 -77.74 10.05 -8.87
C VAL CA 44 -76.59 11.04 -8.78
N ASN CA 45 -75.84 11.00 -7.68
CA ASN CA 45 -74.86 12.06 -7.49
C ASN CA 45 -73.55 11.83 -8.25
N TYR CA 46 -72.78 10.83 -7.88
CA TYR CA 46 -71.53 10.49 -8.56
C TYR CA 46 -71.24 9.03 -8.25
N ALA CA 47 -71.43 8.17 -9.25
CA ALA CA 47 -71.28 6.73 -9.14
C ALA CA 47 -71.98 6.20 -7.88
N GLY CA 48 -73.28 6.46 -7.81
CA GLY CA 48 -73.98 5.98 -6.65
C GLY CA 48 -75.39 6.47 -6.41
N VAL CA 49 -75.60 6.97 -5.21
CA VAL CA 49 -76.91 7.00 -4.60
C VAL CA 49 -77.74 8.15 -5.16
N ASN CA 50 -79.04 8.07 -4.91
CA ASN CA 50 -79.96 9.17 -5.14
C ASN CA 50 -80.75 9.51 -3.89
N THR CA 51 -80.31 9.02 -2.75
CA THR CA 51 -80.99 9.17 -1.47
C THR CA 51 -80.02 9.71 -0.44
N ASN CA 52 -80.46 10.68 0.36
CA ASN CA 52 -79.59 11.22 1.39
C ASN CA 52 -80.44 11.71 2.54
N ASN CA 53 -79.86 11.66 3.74
CA ASN CA 53 -80.52 12.09 4.97
C ASN CA 53 -80.22 13.55 5.24
N PHE CA 54 -81.25 14.29 5.65
CA PHE CA 54 -81.11 15.71 5.93
C PHE CA 54 -81.85 16.08 7.21
N ALA CA 55 -81.50 17.24 7.74
CA ALA CA 55 -82.14 17.80 8.91
C ALA CA 55 -83.37 18.60 8.50
N GLN CA 56 -84.08 19.14 9.49
CA GLN CA 56 -85.28 19.93 9.22
C GLN CA 56 -84.94 21.30 8.64
N ASP CA 57 -83.81 21.88 9.03
CA ASP CA 57 -83.58 23.30 8.84
C ASP CA 57 -82.95 23.67 7.50
N GLU CA 58 -82.27 22.74 6.82
CA GLU CA 58 -81.75 23.00 5.50
C GLU CA 58 -82.63 22.42 4.39
N LEU CA 59 -83.92 22.33 4.63
CA LEU CA 59 -84.90 21.99 3.61
C LEU CA 59 -85.93 23.09 3.50
N VAL CA 60 -86.34 23.41 2.27
CA VAL CA 60 -87.49 24.29 2.06
C VAL CA 60 -88.40 23.63 1.03
N GLU CA 61 -89.69 23.61 1.32
CA GLU CA 61 -90.64 22.96 0.42
C GLU CA 61 -90.93 23.83 -0.77
N VAL CA 62 -91.14 23.19 -1.91
CA VAL CA 62 -91.51 23.90 -3.13
C VAL CA 62 -92.98 23.71 -3.49
N GLU CA 63 -93.63 22.66 -2.98
CA GLU CA 63 -95.06 22.47 -3.20
C GLU CA 63 -95.68 21.70 -2.05
N ASN DA 25 -59.85 48.39 -47.18
CA ASN DA 25 -58.63 47.91 -47.83
C ASN DA 25 -58.72 48.06 -49.33
N THR DA 26 -57.61 48.44 -49.95
CA THR DA 26 -57.56 48.62 -51.38
C THR DA 26 -56.52 47.76 -52.07
N THR DA 27 -55.72 46.98 -51.33
CA THR DA 27 -54.81 46.04 -51.98
C THR DA 27 -55.58 44.94 -52.68
N LEU DA 28 -56.73 44.56 -52.14
CA LEU DA 28 -57.57 43.55 -52.75
C LEU DA 28 -58.31 44.14 -53.93
N VAL DA 29 -58.24 43.44 -55.06
CA VAL DA 29 -58.92 43.85 -56.29
C VAL DA 29 -59.74 42.65 -56.73
N PRO DA 30 -60.82 42.84 -57.49
CA PRO DA 30 -61.56 41.69 -58.00
C PRO DA 30 -60.68 40.83 -58.89
N CYS DA 31 -60.93 39.52 -58.86
CA CYS DA 31 -60.26 38.60 -59.79
C CYS DA 31 -60.51 38.92 -61.27
N TYR DA 32 -61.46 39.82 -61.60
CA TYR DA 32 -61.52 40.32 -62.96
C TYR DA 32 -60.19 40.94 -63.39
N LYS DA 33 -59.64 41.80 -62.55
CA LYS DA 33 -58.41 42.53 -62.84
C LYS DA 33 -57.34 42.09 -61.84
N SER DA 34 -56.70 40.97 -62.15
CA SER DA 34 -55.72 40.37 -61.24
C SER DA 34 -54.80 39.49 -62.06
N PRO DA 35 -53.58 39.94 -62.36
CA PRO DA 35 -52.68 39.15 -63.22
C PRO DA 35 -52.33 37.78 -62.66
N ALA DA 36 -52.26 37.65 -61.34
CA ALA DA 36 -51.91 36.37 -60.75
C ALA DA 36 -53.06 35.36 -60.81
N PHE DA 37 -54.29 35.80 -61.09
CA PHE DA 37 -55.43 34.90 -61.10
C PHE DA 37 -55.85 34.47 -62.49
N VAL DA 38 -55.67 35.30 -63.52
CA VAL DA 38 -55.90 34.82 -64.88
C VAL DA 38 -54.94 33.69 -65.19
N GLU DA 39 -53.73 33.73 -64.61
CA GLU DA 39 -52.81 32.61 -64.73
C GLU DA 39 -53.39 31.34 -64.14
N ARG DA 40 -54.18 31.44 -63.07
CA ARG DA 40 -54.88 30.28 -62.53
C ARG DA 40 -55.87 29.72 -63.55
N MET DA 41 -56.54 30.60 -64.29
CA MET DA 41 -57.48 30.16 -65.32
C MET DA 41 -56.76 29.48 -66.47
N LYS DA 42 -55.56 29.96 -66.82
CA LYS DA 42 -54.88 29.46 -68.01
C LYS DA 42 -54.51 27.99 -67.88
N ASN DA 43 -53.81 27.63 -66.81
CA ASN DA 43 -53.37 26.26 -66.62
C ASN DA 43 -54.33 25.49 -65.70
N ALA DA 44 -55.58 25.42 -66.14
CA ALA DA 44 -56.64 24.80 -65.36
C ALA DA 44 -57.27 23.68 -66.18
N PRO DA 45 -57.19 22.42 -65.72
CA PRO DA 45 -58.02 21.37 -66.31
C PRO DA 45 -59.48 21.60 -65.96
N ASP DA 46 -60.39 20.74 -66.41
CA ASP DA 46 -61.78 21.04 -66.11
C ASP DA 46 -62.38 20.03 -65.15
N SER DA 47 -62.67 18.87 -65.72
CA SER DA 47 -63.05 17.58 -65.15
C SER DA 47 -64.31 17.58 -64.31
N TYR DA 48 -64.54 18.61 -63.46
CA TYR DA 48 -65.83 19.19 -63.10
C TYR DA 48 -65.58 20.52 -62.37
N TYR DA 49 -64.33 20.72 -61.92
CA TYR DA 49 -64.03 21.40 -60.65
C TYR DA 49 -63.34 22.74 -60.78
N THR DA 50 -62.64 22.99 -61.88
CA THR DA 50 -61.86 24.21 -62.00
C THR DA 50 -62.34 25.11 -63.14
N THR DA 51 -63.57 24.90 -63.61
CA THR DA 51 -64.18 25.86 -64.53
C THR DA 51 -65.48 26.43 -64.00
N LYS DA 52 -66.43 25.56 -63.65
CA LYS DA 52 -67.70 26.04 -63.10
C LYS DA 52 -67.49 26.78 -61.78
N PRO DA 53 -66.73 26.28 -60.80
CA PRO DA 53 -66.47 27.14 -59.64
C PRO DA 53 -65.59 28.34 -59.95
N LEU DA 54 -64.52 28.15 -60.73
CA LEU DA 54 -63.51 29.20 -60.90
C LEU DA 54 -64.01 30.42 -61.65
N LYS DA 55 -65.06 30.27 -62.47
CA LYS DA 55 -65.68 31.47 -63.02
C LYS DA 55 -66.37 32.27 -61.92
N ALA DA 56 -66.98 31.59 -60.96
CA ALA DA 56 -67.66 32.25 -59.87
C ALA DA 56 -66.71 32.92 -58.88
N TYR DA 57 -65.43 32.57 -58.90
CA TYR DA 57 -64.47 33.27 -58.06
C TYR DA 57 -63.99 34.57 -58.69
N SER DA 58 -64.42 34.87 -59.92
CA SER DA 58 -64.03 36.12 -60.56
C SER DA 58 -64.70 37.33 -59.90
N GLN DA 59 -65.76 37.12 -59.15
CA GLN DA 59 -66.47 38.22 -58.49
C GLN DA 59 -65.96 38.50 -57.09
N LEU DA 60 -64.90 37.84 -56.66
CA LEU DA 60 -64.43 37.93 -55.29
C LEU DA 60 -63.25 38.89 -55.19
N LEU DA 61 -63.06 39.45 -54.01
CA LEU DA 61 -61.91 40.31 -53.76
C LEU DA 61 -60.67 39.45 -53.72
N CYS DA 62 -59.73 39.73 -54.59
CA CYS DA 62 -58.72 38.75 -54.95
C CYS DA 62 -57.36 39.39 -54.69
N GLY DA 63 -56.50 38.69 -53.94
CA GLY DA 63 -55.30 39.29 -53.45
C GLY DA 63 -54.26 39.50 -54.55
N GLU DA 64 -53.05 39.87 -54.11
CA GLU DA 64 -51.93 40.03 -55.02
C GLU DA 64 -51.23 38.71 -55.29
N ASP DA 65 -51.93 37.59 -55.08
CA ASP DA 65 -51.39 36.27 -55.31
C ASP DA 65 -52.35 35.36 -56.07
N GLY DA 66 -53.46 35.90 -56.58
CA GLY DA 66 -54.44 35.09 -57.26
C GLY DA 66 -55.18 34.12 -56.37
N LEU DA 67 -55.62 34.56 -55.20
CA LEU DA 67 -56.33 33.70 -54.26
C LEU DA 67 -57.56 34.46 -53.76
N PRO DA 68 -58.77 33.93 -53.97
CA PRO DA 68 -59.96 34.61 -53.48
C PRO DA 68 -59.95 34.77 -51.97
N ARG DA 69 -60.45 35.90 -51.51
CA ARG DA 69 -60.32 36.28 -50.10
C ARG DA 69 -61.63 36.84 -49.56
N ILE DA 70 -61.72 36.83 -48.24
CA ILE DA 70 -62.89 37.33 -47.52
C ILE DA 70 -62.47 38.62 -46.84
N ALA DA 71 -62.81 39.75 -47.43
CA ALA DA 71 -62.58 41.05 -46.83
C ALA DA 71 -63.91 41.63 -46.36
N LEU DA 72 -63.80 42.61 -45.47
CA LEU DA 72 -64.96 43.26 -44.84
C LEU DA 72 -64.86 44.76 -45.14
N ASP DA 73 -65.37 45.18 -46.30
CA ASP DA 73 -65.19 46.57 -46.70
C ASP DA 73 -66.23 47.51 -46.12
N ARG DA 74 -67.41 47.52 -46.75
CA ARG DA 74 -68.55 48.37 -46.41
C ARG DA 74 -69.77 47.68 -47.03
N LEU DA 75 -70.86 48.41 -47.30
CA LEU DA 75 -72.06 47.90 -47.96
C LEU DA 75 -71.78 47.12 -49.23
N SER DA 76 -70.61 47.30 -49.84
CA SER DA 76 -70.21 46.51 -51.01
C SER DA 76 -70.33 45.01 -50.73
N LEU DA 77 -69.90 44.56 -49.55
CA LEU DA 77 -70.06 43.17 -49.16
C LEU DA 77 -70.91 42.99 -47.91
N ALA DA 78 -71.76 43.96 -47.58
CA ALA DA 78 -72.56 43.86 -46.36
C ALA DA 78 -73.65 42.82 -46.45
N VAL DA 79 -74.00 42.39 -47.66
CA VAL DA 79 -75.04 41.38 -47.81
C VAL DA 79 -74.35 40.03 -47.92
N ASP DA 80 -73.11 40.02 -48.43
CA ASP DA 80 -72.39 38.77 -48.59
C ASP DA 80 -71.70 38.32 -47.30
N VAL DA 81 -71.55 39.20 -46.32
CA VAL DA 81 -71.08 38.80 -45.01
C VAL DA 81 -72.32 38.75 -44.12
N ALA DA 82 -73.46 38.51 -44.76
CA ALA DA 82 -74.68 38.19 -44.04
C ALA DA 82 -75.41 36.96 -44.57
N ILE DA 83 -75.22 36.56 -45.83
CA ILE DA 83 -75.82 35.32 -46.30
C ILE DA 83 -75.28 34.09 -45.57
N PRO DA 84 -73.96 33.89 -45.43
CA PRO DA 84 -73.52 32.71 -44.64
C PRO DA 84 -73.90 32.81 -43.18
N ILE DA 85 -73.81 34.00 -42.61
CA ILE DA 85 -74.06 34.19 -41.19
C ILE DA 85 -75.54 34.02 -40.87
N ALA DA 86 -76.43 34.50 -41.75
CA ALA DA 86 -77.85 34.28 -41.49
C ALA DA 86 -78.23 32.83 -41.73
N ILE DA 87 -77.67 32.20 -42.76
CA ILE DA 87 -78.00 30.80 -43.01
C ILE DA 87 -77.47 29.90 -41.90
N PHE DA 88 -76.27 30.18 -41.39
CA PHE DA 88 -75.77 29.31 -40.32
C PHE DA 88 -76.53 29.55 -39.02
N LEU DA 89 -76.60 30.79 -38.57
CA LEU DA 89 -77.16 31.08 -37.24
C LEU DA 89 -78.61 30.66 -37.16
N TYR DA 90 -79.33 30.69 -38.28
CA TYR DA 90 -80.69 30.17 -38.26
C TYR DA 90 -80.69 28.67 -38.05
N THR DA 91 -79.92 27.93 -38.85
CA THR DA 91 -79.96 26.48 -38.75
C THR DA 91 -79.17 25.94 -37.58
N ALA DA 92 -78.23 26.72 -37.03
CA ALA DA 92 -77.63 26.32 -35.76
C ALA DA 92 -78.62 26.45 -34.62
N GLY DA 93 -79.37 27.55 -34.60
CA GLY DA 93 -80.45 27.67 -33.64
C GLY DA 93 -81.57 26.68 -33.89
N PHE DA 94 -81.81 26.34 -35.16
CA PHE DA 94 -82.81 25.34 -35.49
C PHE DA 94 -82.47 23.99 -34.88
N ILE DA 95 -81.21 23.58 -35.00
CA ILE DA 95 -80.75 22.36 -34.34
C ILE DA 95 -80.82 22.53 -32.83
N GLY DA 96 -80.38 23.68 -32.33
CA GLY DA 96 -80.39 23.92 -30.90
C GLY DA 96 -81.79 24.00 -30.33
N TRP DA 97 -82.72 24.66 -31.05
CA TRP DA 97 -84.07 24.80 -30.53
C TRP DA 97 -84.82 23.48 -30.53
N SER DA 98 -84.75 22.75 -31.64
CA SER DA 98 -85.44 21.46 -31.67
C SER DA 98 -84.85 20.51 -30.65
N GLY DA 99 -83.53 20.52 -30.51
CA GLY DA 99 -82.90 19.71 -29.47
C GLY DA 99 -83.25 20.16 -28.07
N ARG DA 100 -83.39 21.48 -27.86
CA ARG DA 100 -83.79 21.98 -26.55
C ARG DA 100 -85.25 21.67 -26.25
N SER DA 101 -86.13 22.02 -27.19
CA SER DA 101 -87.56 21.85 -26.97
C SER DA 101 -87.96 20.39 -26.88
N TYR DA 102 -87.17 19.49 -27.44
CA TYR DA 102 -87.43 18.07 -27.26
C TYR DA 102 -87.04 17.61 -25.87
N LEU DA 103 -86.04 18.26 -25.27
CA LEU DA 103 -85.65 17.90 -23.91
C LEU DA 103 -86.72 18.28 -22.90
N GLN DA 104 -87.26 19.50 -22.98
CA GLN DA 104 -88.33 19.83 -22.04
C GLN DA 104 -89.61 19.09 -22.37
N ALA DA 105 -89.78 18.67 -23.62
CA ALA DA 105 -90.94 17.88 -24.00
C ALA DA 105 -90.98 16.54 -23.29
N ILE DA 106 -89.83 16.03 -22.86
CA ILE DA 106 -89.78 14.74 -22.19
C ILE DA 106 -89.48 14.87 -20.70
N LYS DA 107 -88.93 16.00 -20.24
CA LYS DA 107 -88.85 16.23 -18.80
C LYS DA 107 -90.23 16.33 -18.19
N LYS DA 108 -91.16 17.00 -18.88
CA LYS DA 108 -92.52 17.10 -18.36
C LYS DA 108 -93.25 15.76 -18.42
N GLN DA 109 -92.88 14.90 -19.37
CA GLN DA 109 -93.50 13.58 -19.46
C GLN DA 109 -93.05 12.64 -18.33
N ASP DA 110 -92.06 13.05 -17.54
CA ASP DA 110 -91.52 12.27 -16.43
C ASP DA 110 -90.92 10.95 -16.89
N LYS DA 111 -90.60 10.86 -18.19
CA LYS DA 111 -90.01 9.68 -18.81
C LYS DA 111 -88.65 9.99 -19.43
N ALA DA 112 -88.07 11.14 -19.09
CA ALA DA 112 -86.88 11.63 -19.77
C ALA DA 112 -85.65 10.76 -19.56
N GLU DA 113 -85.69 9.85 -18.60
CA GLU DA 113 -84.53 9.01 -18.34
C GLU DA 113 -84.27 8.06 -19.51
N GLU DA 114 -85.31 7.39 -19.97
CA GLU DA 114 -85.22 6.51 -21.13
C GLU DA 114 -85.77 7.14 -22.39
N LYS DA 115 -86.40 8.31 -22.29
CA LYS DA 115 -86.86 8.99 -23.49
C LYS DA 115 -85.69 9.51 -24.32
N GLU DA 116 -84.51 9.58 -23.74
CA GLU DA 116 -83.32 10.12 -24.38
C GLU DA 116 -82.49 9.06 -25.06
N VAL DA 117 -82.43 7.87 -24.46
CA VAL DA 117 -81.72 6.74 -25.05
C VAL DA 117 -82.50 6.15 -26.20
N PHE DA 118 -83.82 6.30 -26.20
CA PHE DA 118 -84.69 5.81 -27.26
C PHE DA 118 -85.46 7.01 -27.78
N ILE DA 119 -84.99 7.59 -28.89
CA ILE DA 119 -85.53 8.84 -29.38
C ILE DA 119 -86.96 8.63 -29.85
N ASP DA 120 -87.88 9.45 -29.33
CA ASP DA 120 -89.27 9.41 -29.75
C ASP DA 120 -89.40 10.28 -30.99
N VAL DA 121 -89.12 9.67 -32.14
CA VAL DA 121 -89.06 10.37 -33.41
C VAL DA 121 -90.35 11.07 -33.84
N PRO DA 122 -91.58 10.63 -33.51
CA PRO DA 122 -92.71 11.53 -33.79
C PRO DA 122 -92.70 12.78 -32.93
N LEU DA 123 -92.28 12.67 -31.67
CA LEU DA 123 -92.17 13.85 -30.82
C LEU DA 123 -91.03 14.73 -31.27
N PHE DA 124 -89.90 14.14 -31.67
CA PHE DA 124 -88.75 14.92 -32.09
C PHE DA 124 -89.03 15.67 -33.38
N ILE DA 125 -89.74 15.05 -34.31
CA ILE DA 125 -90.12 15.75 -35.55
C ILE DA 125 -91.07 16.90 -35.24
N SER DA 126 -92.04 16.68 -34.36
CA SER DA 126 -92.95 17.75 -33.97
C SER DA 126 -92.22 18.86 -33.21
N CYS DA 127 -91.09 18.55 -32.59
CA CYS DA 127 -90.26 19.59 -32.02
C CYS DA 127 -89.36 20.27 -33.04
N MET DA 128 -89.15 19.65 -34.20
CA MET DA 128 -88.43 20.32 -35.27
C MET DA 128 -89.30 21.34 -35.98
N VAL DA 129 -90.57 21.03 -36.21
CA VAL DA 129 -91.46 21.97 -36.88
C VAL DA 129 -91.77 23.17 -35.99
N MET DA 130 -91.62 23.02 -34.67
CA MET DA 130 -91.65 24.19 -33.80
C MET DA 130 -90.40 25.04 -33.96
N ALA DA 131 -89.31 24.43 -34.42
CA ALA DA 131 -88.02 25.11 -34.51
C ALA DA 131 -87.77 25.77 -35.87
N LEU DA 132 -88.70 25.65 -36.82
CA LEU DA 132 -88.58 26.45 -38.04
C LEU DA 132 -88.67 27.93 -37.74
N PHE DA 133 -89.70 28.34 -37.02
CA PHE DA 133 -89.81 29.73 -36.60
C PHE DA 133 -89.30 29.89 -35.17
N TRP DA 134 -88.06 29.49 -34.97
CA TRP DA 134 -87.43 29.62 -33.66
C TRP DA 134 -87.01 31.05 -33.31
N PRO DA 135 -86.57 31.93 -34.25
CA PRO DA 135 -86.19 33.28 -33.79
C PRO DA 135 -87.31 34.03 -33.12
N MET DA 136 -88.54 33.89 -33.62
CA MET DA 136 -89.68 34.49 -32.94
C MET DA 136 -90.15 33.67 -31.75
N ALA DA 137 -89.74 32.41 -31.66
CA ALA DA 137 -90.05 31.63 -30.47
C ALA DA 137 -89.19 32.02 -29.28
N VAL DA 138 -87.91 32.31 -29.51
CA VAL DA 138 -87.00 32.65 -28.42
C VAL DA 138 -87.37 33.99 -27.80
N ILE DA 139 -87.89 34.91 -28.61
CA ILE DA 139 -88.30 36.21 -28.09
C ILE DA 139 -89.41 36.05 -27.06
N LYS DA 140 -90.43 35.29 -27.40
CA LYS DA 140 -91.50 35.04 -26.43
C LYS DA 140 -91.13 34.00 -25.39
N GLU DA 141 -90.01 33.29 -25.54
CA GLU DA 141 -89.41 32.63 -24.39
C GLU DA 141 -88.82 33.66 -23.45
N LEU DA 142 -88.09 34.63 -23.99
CA LEU DA 142 -87.43 35.65 -23.19
C LEU DA 142 -88.43 36.61 -22.58
N LEU DA 143 -89.39 37.09 -23.38
CA LEU DA 143 -90.34 38.08 -22.90
C LEU DA 143 -91.31 37.51 -21.88
N ALA DA 144 -91.49 36.19 -21.85
CA ALA DA 144 -92.27 35.54 -20.82
C ALA DA 144 -91.43 35.21 -19.59
N GLY DA 145 -90.15 35.53 -19.61
CA GLY DA 145 -89.23 35.13 -18.55
C GLY DA 145 -89.14 33.64 -18.36
N GLU DA 146 -89.08 32.89 -19.46
CA GLU DA 146 -89.19 31.45 -19.38
C GLU DA 146 -88.02 30.71 -20.04
N LEU DA 147 -87.21 31.39 -20.85
CA LEU DA 147 -86.06 30.77 -21.47
C LEU DA 147 -85.02 30.38 -20.43
N VAL DA 148 -84.71 31.28 -19.51
CA VAL DA 148 -83.55 31.17 -18.65
C VAL DA 148 -84.00 30.82 -17.25
N ALA DA 149 -83.40 29.79 -16.67
CA ALA DA 149 -83.74 29.39 -15.31
C ALA DA 149 -83.22 30.40 -14.31
N LYS DA 150 -84.00 30.64 -13.27
CA LYS DA 150 -83.58 31.54 -12.21
C LYS DA 150 -82.42 30.94 -11.41
N ASP DA 151 -81.65 31.81 -10.78
CA ASP DA 151 -80.31 31.45 -10.30
C ASP DA 151 -80.34 30.41 -9.17
N GLU DA 152 -81.32 30.47 -8.26
CA GLU DA 152 -81.47 29.49 -7.18
C GLU DA 152 -82.36 28.33 -7.55
N GLU DA 153 -82.55 28.08 -8.86
CA GLU DA 153 -83.11 26.85 -9.41
C GLU DA 153 -82.03 25.84 -9.73
N ILE DA 154 -80.78 26.27 -9.79
CA ILE DA 154 -79.76 25.56 -10.51
C ILE DA 154 -78.83 24.90 -9.50
N PRO DA 155 -78.60 23.61 -9.61
CA PRO DA 155 -77.60 22.97 -8.77
C PRO DA 155 -76.23 23.56 -9.02
N ILE DA 156 -75.57 23.94 -7.93
CA ILE DA 156 -74.23 24.52 -8.00
C ILE DA 156 -73.37 23.85 -6.93
N SER DA 157 -72.15 24.36 -6.79
CA SER DA 157 -71.20 23.86 -5.81
C SER DA 157 -71.09 24.85 -4.66
N VAL DA 158 -70.23 24.52 -3.69
CA VAL DA 158 -70.05 25.41 -2.55
C VAL DA 158 -69.21 26.61 -2.98
N ARG DA 159 -69.77 27.80 -2.83
CA ARG DA 159 -69.18 29.01 -3.35
C ARG DA 159 -69.87 30.26 -2.80
N MET EA 5 -7.33 23.59 -35.25
CA MET EA 5 -6.19 23.22 -34.42
C MET EA 5 -6.49 21.81 -33.87
N THR EA 6 -5.52 21.17 -33.23
CA THR EA 6 -5.69 19.83 -32.70
C THR EA 6 -5.58 19.78 -31.18
N GLN EA 7 -5.76 20.91 -30.50
CA GLN EA 7 -5.67 20.96 -29.05
C GLN EA 7 -6.63 22.01 -28.52
N LEU EA 8 -6.95 21.89 -27.25
CA LEU EA 8 -7.64 22.95 -26.54
C LEU EA 8 -6.61 23.95 -26.04
N THR EA 9 -6.69 25.17 -26.51
CA THR EA 9 -5.80 26.23 -26.09
C THR EA 9 -6.62 27.41 -25.60
N GLY EA 10 -5.93 28.49 -25.26
CA GLY EA 10 -6.61 29.73 -24.98
C GLY EA 10 -5.81 30.94 -25.40
N ASP EA 11 -6.39 31.79 -26.25
CA ASP EA 11 -5.80 33.08 -26.52
C ASP EA 11 -6.04 34.06 -25.37
N TYR EA 12 -7.07 33.83 -24.59
CA TYR EA 12 -7.39 34.69 -23.46
C TYR EA 12 -6.36 34.54 -22.36
N ALA EA 13 -6.34 35.52 -21.47
CA ALA EA 13 -5.37 35.58 -20.41
C ALA EA 13 -5.67 34.54 -19.34
N ALA EA 14 -4.61 34.04 -18.71
CA ALA EA 14 -4.69 32.93 -17.76
C ALA EA 14 -5.38 31.73 -18.40
N SER EA 15 -4.91 31.35 -19.58
CA SER EA 15 -5.48 30.24 -20.32
C SER EA 15 -5.23 28.90 -19.65
N TRP EA 16 -4.34 28.84 -18.66
CA TRP EA 16 -4.11 27.65 -17.87
C TRP EA 16 -5.24 27.36 -16.90
N LEU EA 17 -6.12 28.30 -16.70
CA LEU EA 17 -7.11 28.24 -15.65
C LEU EA 17 -8.31 27.36 -16.02
N PRO EA 18 -8.83 27.40 -17.25
CA PRO EA 18 -9.79 26.35 -17.64
C PRO EA 18 -9.18 24.96 -17.63
N TRP EA 19 -7.87 24.84 -17.84
CA TRP EA 19 -7.22 23.54 -17.88
C TRP EA 19 -7.39 22.78 -16.58
N ILE EA 20 -7.48 23.49 -15.46
CA ILE EA 20 -7.57 22.85 -14.16
C ILE EA 20 -8.96 22.97 -13.55
N MET EA 21 -9.74 23.98 -13.92
CA MET EA 21 -10.99 24.15 -13.21
C MET EA 21 -12.13 23.40 -13.87
N ILE EA 22 -12.06 23.14 -15.17
CA ILE EA 22 -13.05 22.28 -15.80
C ILE EA 22 -12.94 20.87 -15.22
N PRO EA 23 -11.75 20.27 -15.05
CA PRO EA 23 -11.69 19.04 -14.25
C PRO EA 23 -12.13 19.21 -12.81
N LEU EA 24 -11.88 20.38 -12.21
CA LEU EA 24 -12.18 20.52 -10.78
C LEU EA 24 -13.68 20.52 -10.53
N VAL EA 25 -14.39 21.50 -11.08
CA VAL EA 25 -15.80 21.65 -10.74
C VAL EA 25 -16.68 20.59 -11.37
N PHE EA 26 -16.16 19.77 -12.26
CA PHE EA 26 -17.01 18.87 -13.01
C PHE EA 26 -16.76 17.40 -12.74
N TYR EA 27 -15.53 16.96 -12.51
CA TYR EA 27 -15.38 15.56 -12.14
C TYR EA 27 -14.38 15.28 -11.04
N ILE EA 28 -13.86 16.29 -10.35
CA ILE EA 28 -12.99 16.07 -9.20
C ILE EA 28 -13.63 16.54 -7.91
N LEU EA 29 -14.21 17.73 -7.92
CA LEU EA 29 -14.91 18.24 -6.76
C LEU EA 29 -16.32 17.68 -6.51
N PRO EA 30 -17.15 17.38 -7.53
CA PRO EA 30 -18.53 16.97 -7.22
C PRO EA 30 -18.65 15.72 -6.35
N PHE EA 31 -17.77 14.74 -6.49
CA PHE EA 31 -17.96 13.55 -5.68
C PHE EA 31 -17.64 13.83 -4.21
N PRO EA 32 -16.60 14.61 -3.87
CA PRO EA 32 -16.57 15.19 -2.52
C PRO EA 32 -17.79 16.01 -2.17
N VAL EA 33 -18.31 16.80 -3.11
CA VAL EA 33 -19.47 17.63 -2.80
C VAL EA 33 -20.71 16.76 -2.63
N PHE EA 34 -20.89 15.76 -3.49
CA PHE EA 34 -22.02 14.86 -3.31
C PHE EA 34 -21.88 13.97 -2.10
N ALA EA 35 -20.67 13.85 -1.55
CA ALA EA 35 -20.50 13.10 -0.31
C ALA EA 35 -20.84 13.96 0.90
N ILE EA 36 -20.35 15.22 0.90
CA ILE EA 36 -20.69 16.16 1.96
C ILE EA 36 -22.19 16.42 1.96
N LEU EA 37 -22.77 16.60 0.79
CA LEU EA 37 -24.19 16.87 0.67
C LEU EA 37 -25.02 15.64 0.95
N PHE EA 38 -24.40 14.46 0.94
CA PHE EA 38 -25.05 13.22 1.37
C PHE EA 38 -25.03 13.06 2.87
N LEU EA 39 -23.92 13.41 3.50
CA LEU EA 39 -23.82 13.32 4.95
C LEU EA 39 -24.78 14.26 5.64
N TRP EA 40 -25.22 15.30 4.97
CA TRP EA 40 -26.12 16.28 5.55
C TRP EA 40 -27.57 15.83 5.48
N ILE EA 41 -27.95 15.12 4.42
CA ILE EA 41 -29.33 14.69 4.28
C ILE EA 41 -29.63 13.40 5.00
N GLN EA 42 -28.64 12.75 5.58
CA GLN EA 42 -28.85 11.47 6.26
C GLN EA 42 -28.17 11.43 7.61
N LYS EA 43 -28.41 12.44 8.43
CA LYS EA 43 -27.87 12.49 9.78
C LYS EA 43 -28.99 12.33 10.79
N GLU EA 44 -28.77 11.48 11.80
CA GLU EA 44 -29.73 11.33 12.90
C GLU EA 44 -30.01 12.65 13.59
N ALA EA 45 -31.28 12.85 13.93
CA ALA EA 45 -31.69 13.86 14.89
C ALA EA 45 -31.78 13.16 16.23
N SER EA 46 -30.68 13.20 16.99
CA SER EA 46 -30.65 12.54 18.28
C SER EA 46 -30.70 13.56 19.42
N GLU FA 2 -90.58 -10.41 -33.89
CA GLU FA 2 -91.78 -9.60 -33.77
C GLU FA 2 -91.46 -8.15 -34.09
N ALA FA 3 -92.33 -7.50 -34.87
CA ALA FA 3 -92.03 -6.21 -35.48
C ALA FA 3 -92.59 -5.03 -34.67
N ARG FA 4 -92.60 -5.14 -33.35
CA ARG FA 4 -92.82 -4.00 -32.47
C ARG FA 4 -91.57 -3.61 -31.69
N TYR FA 5 -90.81 -4.60 -31.23
CA TYR FA 5 -89.54 -4.30 -30.57
C TYR FA 5 -88.47 -3.87 -31.55
N LEU FA 6 -88.58 -4.32 -32.81
CA LEU FA 6 -87.59 -3.96 -33.81
C LEU FA 6 -87.64 -2.48 -34.14
N PHE FA 7 -88.84 -1.96 -34.43
CA PHE FA 7 -88.98 -0.57 -34.81
C PHE FA 7 -88.63 0.37 -33.67
N ARG FA 8 -88.73 -0.07 -32.43
CA ARG FA 8 -88.23 0.74 -31.32
C ARG FA 8 -86.71 0.73 -31.29
N TYR FA 9 -86.10 -0.41 -31.61
CA TYR FA 9 -84.65 -0.48 -31.70
C TYR FA 9 -84.12 0.41 -32.82
N LEU FA 10 -84.80 0.42 -33.97
CA LEU FA 10 -84.34 1.22 -35.10
C LEU FA 10 -84.27 2.69 -34.74
N SER FA 11 -85.22 3.17 -33.95
CA SER FA 11 -85.10 4.53 -33.42
C SER FA 11 -84.52 4.55 -32.03
N SER FA 12 -83.40 3.89 -31.71
CA SER FA 12 -83.07 3.99 -30.30
C SER FA 12 -82.20 5.18 -29.94
N ALA FA 13 -80.88 4.98 -29.78
CA ALA FA 13 -79.94 6.10 -29.73
C ALA FA 13 -79.04 6.22 -30.94
N PRO FA 14 -78.24 5.17 -31.30
CA PRO FA 14 -77.20 5.40 -32.31
C PRO FA 14 -77.72 5.26 -33.71
N VAL FA 15 -78.77 4.46 -33.89
CA VAL FA 15 -79.31 4.28 -35.23
C VAL FA 15 -79.98 5.56 -35.71
N VAL FA 16 -80.65 6.27 -34.80
CA VAL FA 16 -81.11 7.62 -35.15
C VAL FA 16 -79.92 8.51 -35.47
N ALA FA 17 -78.87 8.44 -34.66
CA ALA FA 17 -77.70 9.27 -34.88
C ALA FA 17 -76.96 8.86 -36.15
N THR FA 18 -76.73 7.55 -36.33
CA THR FA 18 -76.01 7.10 -37.53
C THR FA 18 -76.81 7.40 -38.79
N LEU FA 19 -78.11 7.13 -38.78
CA LEU FA 19 -78.93 7.46 -39.94
C LEU FA 19 -78.95 8.96 -40.18
N ALA FA 20 -78.99 9.76 -39.11
CA ALA FA 20 -78.95 11.21 -39.27
C ALA FA 20 -77.70 11.63 -40.02
N LEU FA 21 -76.55 11.09 -39.65
CA LEU FA 21 -75.32 11.37 -40.39
C LEU FA 21 -75.35 10.78 -41.80
N ILE FA 22 -76.02 9.65 -41.98
CA ILE FA 22 -76.23 9.15 -43.33
C ILE FA 22 -77.24 10.04 -44.07
N ILE FA 23 -78.34 10.40 -43.39
CA ILE FA 23 -79.27 11.36 -43.98
C ILE FA 23 -78.62 12.74 -44.11
N ILE FA 24 -77.65 13.07 -43.27
CA ILE FA 24 -76.96 14.34 -43.50
C ILE FA 24 -75.88 13.96 -44.52
N SER FA 25 -76.32 13.88 -45.77
CA SER FA 25 -75.47 13.63 -46.92
C SER FA 25 -75.90 14.58 -48.03
N VAL FA 26 -76.63 15.63 -47.67
CA VAL FA 26 -76.88 16.72 -48.59
C VAL FA 26 -75.55 17.33 -49.02
N ILE FA 27 -74.55 17.33 -48.15
CA ILE FA 27 -73.24 17.90 -48.46
C ILE FA 27 -72.54 17.05 -49.52
N LEU FA 28 -73.12 15.92 -49.87
CA LEU FA 28 -72.70 15.14 -51.02
C LEU FA 28 -73.57 15.36 -52.24
N ILE FA 29 -74.88 15.48 -52.09
CA ILE FA 29 -75.69 15.83 -53.26
C ILE FA 29 -75.62 17.32 -53.54
N VAL FA 30 -75.84 18.17 -52.52
CA VAL FA 30 -75.88 19.61 -52.75
C VAL FA 30 -74.55 20.11 -53.28
N LEU FA 31 -73.46 19.47 -52.89
CA LEU FA 31 -72.15 19.92 -53.36
C LEU FA 31 -71.69 19.10 -54.57
N ASN FA 32 -72.56 18.27 -55.13
CA ASN FA 32 -72.23 17.60 -56.39
C ASN FA 32 -72.75 18.34 -57.61
N TYR FA 33 -73.89 19.02 -57.52
CA TYR FA 33 -74.44 19.71 -58.67
C TYR FA 33 -74.55 21.23 -58.53
N LEU FA 34 -74.31 21.79 -57.34
CA LEU FA 34 -74.10 23.24 -57.26
C LEU FA 34 -72.63 23.59 -57.44
N PHE FA 35 -72.07 23.12 -58.57
CA PHE FA 35 -70.72 23.40 -59.07
C PHE FA 35 -69.70 23.37 -57.94
N PRO FA 36 -69.29 22.17 -57.50
CA PRO FA 36 -68.87 21.91 -56.12
C PRO FA 36 -68.20 23.04 -55.36
N GLY FA 37 -67.28 23.75 -56.01
CA GLY FA 37 -66.68 24.93 -55.41
C GLY FA 37 -67.71 25.98 -55.04
N LEU FA 38 -67.93 26.16 -53.74
CA LEU FA 38 -68.94 27.08 -53.22
C LEU FA 38 -68.32 27.83 -52.05
N GLN FA 39 -67.62 28.92 -52.34
CA GLN FA 39 -66.97 29.68 -51.30
C GLN FA 39 -67.87 30.88 -50.97
N TYR FA 40 -67.54 31.58 -49.87
CA TYR FA 40 -68.51 32.46 -49.22
C TYR FA 40 -68.96 33.60 -50.11
N GLY FA 41 -68.08 34.13 -50.94
CA GLY FA 41 -68.57 35.18 -51.80
C GLY FA 41 -69.30 34.73 -53.03
N THR FA 42 -69.37 33.43 -53.28
CA THR FA 42 -69.90 32.93 -54.55
C THR FA 42 -71.40 32.66 -54.47
N PHE FA 43 -71.83 31.82 -53.53
CA PHE FA 43 -73.22 31.40 -53.49
C PHE FA 43 -74.14 32.55 -53.07
N PHE FA 44 -75.34 32.54 -53.63
CA PHE FA 44 -76.32 33.59 -53.37
C PHE FA 44 -77.52 33.04 -52.60
N UNK GA 1 -43.31 -52.02 -60.15
CA UNK GA 1 -43.40 -52.52 -58.78
C UNK GA 1 -42.70 -53.88 -58.66
N UNK GA 2 -43.40 -54.93 -59.07
CA UNK GA 2 -42.88 -56.31 -59.06
C UNK GA 2 -42.41 -56.75 -57.68
N UNK GA 3 -41.20 -56.31 -57.31
CA UNK GA 3 -40.67 -56.59 -55.98
C UNK GA 3 -41.31 -55.67 -54.95
N UNK GA 4 -40.49 -54.81 -54.34
CA UNK GA 4 -40.93 -53.87 -53.29
C UNK GA 4 -41.69 -54.62 -52.20
N UNK GA 5 -43.01 -54.66 -52.37
CA UNK GA 5 -43.91 -55.45 -51.51
C UNK GA 5 -43.71 -55.15 -50.04
N UNK GA 6 -44.09 -53.94 -49.63
CA UNK GA 6 -43.91 -53.50 -48.25
C UNK GA 6 -45.00 -54.03 -47.32
N UNK GA 7 -45.30 -55.32 -47.46
CA UNK GA 7 -46.26 -55.98 -46.58
C UNK GA 7 -45.50 -56.63 -45.44
N UNK GA 8 -44.18 -56.60 -45.53
CA UNK GA 8 -43.33 -57.11 -44.47
C UNK GA 8 -43.22 -56.09 -43.34
N UNK GA 9 -43.29 -54.82 -43.71
CA UNK GA 9 -43.23 -53.73 -42.75
C UNK GA 9 -44.51 -53.68 -41.93
N UNK GA 10 -45.63 -53.93 -42.59
CA UNK GA 10 -46.93 -53.96 -41.93
C UNK GA 10 -47.04 -55.18 -41.03
N UNK GA 11 -46.44 -56.28 -41.47
CA UNK GA 11 -46.44 -57.52 -40.70
C UNK GA 11 -45.53 -57.39 -39.49
N UNK GA 12 -44.54 -56.51 -39.59
CA UNK GA 12 -43.64 -56.23 -38.47
C UNK GA 12 -44.25 -55.15 -37.59
N UNK GA 13 -45.41 -54.64 -38.00
CA UNK GA 13 -46.12 -53.65 -37.22
C UNK GA 13 -47.28 -54.30 -36.48
N UNK GA 14 -48.05 -55.11 -37.18
CA UNK GA 14 -49.20 -55.80 -36.60
C UNK GA 14 -48.78 -56.78 -35.51
N UNK GA 15 -47.56 -57.29 -35.62
CA UNK GA 15 -47.04 -58.24 -34.63
C UNK GA 15 -46.21 -57.52 -33.57
N UNK GA 16 -46.17 -56.19 -33.63
CA UNK GA 16 -45.40 -55.43 -32.66
C UNK GA 16 -46.19 -54.25 -32.09
N UNK GA 17 -46.93 -53.55 -32.94
CA UNK GA 17 -47.69 -52.38 -32.50
C UNK GA 17 -49.07 -52.77 -31.98
N UNK GA 18 -49.29 -54.06 -31.80
CA UNK GA 18 -50.49 -54.56 -31.15
C UNK GA 18 -50.20 -54.72 -29.66
N UNK GA 19 -49.05 -54.20 -29.24
CA UNK GA 19 -48.69 -54.15 -27.82
C UNK GA 19 -48.57 -52.68 -27.39
N UNK GA 20 -49.56 -51.89 -27.78
CA UNK GA 20 -49.57 -50.45 -27.47
C UNK GA 20 -50.04 -50.23 -26.03
N UNK GA 21 -51.18 -49.58 -25.87
CA UNK GA 21 -51.76 -49.37 -24.54
C UNK GA 21 -53.14 -49.98 -24.47
N UNK GA 22 -54.10 -49.37 -25.15
CA UNK GA 22 -55.47 -49.87 -25.17
C UNK GA 22 -55.55 -51.12 -26.02
N UNK GA 23 -55.06 -51.03 -27.26
CA UNK GA 23 -55.02 -52.15 -28.20
C UNK GA 23 -56.40 -52.78 -28.42
N UNK GA 24 -57.42 -51.94 -28.44
CA UNK GA 24 -58.79 -52.42 -28.60
C UNK GA 24 -59.66 -51.35 -29.25
N UNK GA 25 -60.90 -51.25 -28.80
CA UNK GA 25 -61.81 -50.22 -29.30
C UNK GA 25 -62.13 -49.25 -28.17
N VAL GA 26 -57.56 -51.25 -36.56
CA VAL GA 26 -56.15 -51.59 -36.62
C VAL GA 26 -55.36 -50.44 -37.26
N ALA GA 27 -54.49 -49.81 -36.46
CA ALA GA 27 -53.64 -48.72 -36.93
C ALA GA 27 -52.21 -49.17 -37.25
N ALA GA 28 -51.85 -50.41 -36.91
CA ALA GA 28 -50.55 -50.93 -37.32
C ALA GA 28 -50.47 -51.11 -38.82
N MET GA 29 -51.60 -51.37 -39.47
CA MET GA 29 -51.63 -51.46 -40.92
C MET GA 29 -51.65 -50.09 -41.56
N ALA GA 30 -52.05 -49.06 -40.79
CA ALA GA 30 -51.80 -47.66 -41.14
C ALA GA 30 -50.34 -47.29 -40.87
N PHE GA 31 -49.81 -47.68 -39.72
CA PHE GA 31 -48.43 -47.37 -39.39
C PHE GA 31 -47.46 -48.13 -40.29
N GLY GA 32 -47.80 -49.37 -40.64
CA GLY GA 32 -46.93 -50.16 -41.49
C GLY GA 32 -46.71 -49.54 -42.86
N HIS GA 33 -47.67 -48.73 -43.32
CA HIS GA 33 -47.44 -47.96 -44.53
C HIS GA 33 -46.52 -46.77 -44.27
N VAL GA 34 -46.69 -46.09 -43.13
CA VAL GA 34 -45.83 -44.95 -42.82
C VAL GA 34 -44.38 -45.39 -42.69
N ILE GA 35 -44.15 -46.51 -41.99
CA ILE GA 35 -42.81 -47.09 -41.96
C ILE GA 35 -42.46 -47.69 -43.31
N GLY GA 36 -43.41 -48.39 -43.94
CA GLY GA 36 -43.10 -49.09 -45.18
C GLY GA 36 -42.77 -48.16 -46.33
N VAL GA 37 -43.57 -47.12 -46.52
CA VAL GA 37 -43.33 -46.19 -47.62
C VAL GA 37 -42.05 -45.39 -47.39
N ALA GA 38 -41.79 -45.01 -46.14
CA ALA GA 38 -40.58 -44.24 -45.83
C ALA GA 38 -39.32 -45.05 -46.12
N ILE GA 39 -39.32 -46.34 -45.77
CA ILE GA 39 -38.13 -47.17 -45.97
C ILE GA 39 -37.91 -47.45 -47.45
N VAL GA 40 -38.96 -47.82 -48.17
CA VAL GA 40 -38.78 -48.17 -49.59
C VAL GA 40 -38.42 -46.94 -50.41
N LEU GA 41 -38.96 -45.77 -50.05
CA LEU GA 41 -38.51 -44.54 -50.67
C LEU GA 41 -37.18 -44.06 -50.11
N GLY GA 42 -36.80 -44.56 -48.94
CA GLY GA 42 -35.53 -44.24 -48.30
C GLY GA 42 -34.39 -45.16 -48.65
N LEU GA 43 -34.58 -46.08 -49.59
CA LEU GA 43 -33.49 -46.94 -50.05
C LEU GA 43 -33.43 -47.07 -51.56
N THR GA 44 -34.31 -46.41 -52.31
CA THR GA 44 -34.34 -46.56 -53.75
C THR GA 44 -33.15 -45.88 -54.41
N ASN HA 10 -37.93 -34.74 -0.85
CA ASN HA 10 -38.37 -34.99 -2.22
C ASN HA 10 -37.95 -33.84 -3.13
N ASP HA 11 -38.70 -32.74 -3.08
CA ASP HA 11 -38.44 -31.61 -3.95
C ASP HA 11 -37.11 -30.94 -3.63
N ILE HA 12 -36.42 -30.48 -4.66
CA ILE HA 12 -35.09 -29.91 -4.48
C ILE HA 12 -35.15 -28.43 -4.09
N ILE HA 13 -36.30 -27.80 -4.23
CA ILE HA 13 -36.48 -26.40 -3.88
C ILE HA 13 -37.23 -26.36 -2.55
N LYS HA 14 -36.53 -26.08 -1.47
CA LYS HA 14 -37.15 -26.08 -0.15
C LYS HA 14 -37.49 -24.66 0.26
N PRO HA 15 -38.30 -24.50 1.31
CA PRO HA 15 -38.37 -23.19 1.97
C PRO HA 15 -37.02 -22.81 2.55
N PHE HA 16 -36.76 -21.50 2.58
CA PHE HA 16 -35.44 -21.01 2.92
C PHE HA 16 -35.14 -21.23 4.40
N LYS HA 17 -34.10 -22.01 4.67
CA LYS HA 17 -33.78 -22.63 5.96
C LYS HA 17 -35.00 -23.15 6.71
N GLY HA 18 -35.91 -23.81 5.99
CA GLY HA 18 -37.01 -24.50 6.63
C GLY HA 18 -38.15 -23.63 7.12
N ASP HA 19 -38.08 -22.32 6.91
CA ASP HA 19 -39.15 -21.42 7.31
C ASP HA 19 -39.95 -21.04 6.07
N PRO HA 20 -41.17 -21.54 5.90
CA PRO HA 20 -41.94 -21.21 4.69
C PRO HA 20 -42.32 -19.74 4.58
N CYS HA 21 -42.30 -18.99 5.68
CA CYS HA 21 -42.73 -17.61 5.65
C CYS HA 21 -41.64 -16.65 5.21
N LEU HA 22 -40.40 -17.10 5.10
CA LEU HA 22 -39.32 -16.23 4.66
C LEU HA 22 -39.39 -15.98 3.17
N GLY HA 23 -39.07 -14.75 2.77
CA GLY HA 23 -39.17 -14.37 1.37
C GLY HA 23 -37.99 -14.82 0.54
N ASN HA 24 -37.71 -16.11 0.55
CA ASN HA 24 -36.63 -16.68 -0.26
C ASN HA 24 -36.87 -18.18 -0.37
N LEU HA 25 -36.06 -18.81 -1.21
CA LEU HA 25 -36.15 -20.23 -1.47
C LEU HA 25 -34.76 -20.86 -1.36
N SER HA 26 -34.73 -22.10 -0.88
CA SER HA 26 -33.50 -22.88 -0.85
C SER HA 26 -33.35 -23.53 -2.20
N THR HA 27 -32.50 -22.95 -3.01
CA THR HA 27 -32.37 -23.29 -4.42
C THR HA 27 -30.94 -23.73 -4.71
N PRO HA 28 -30.72 -24.60 -5.73
CA PRO HA 28 -29.35 -24.96 -6.13
C PRO HA 28 -28.37 -23.81 -6.38
N ILE HA 29 -28.84 -22.58 -6.48
CA ILE HA 29 -27.92 -21.48 -6.73
C ILE HA 29 -27.45 -20.84 -5.43
N ASN HA 30 -28.33 -20.70 -4.45
CA ASN HA 30 -27.91 -20.10 -3.18
C ASN HA 30 -27.63 -21.12 -2.08
N ASP HA 31 -28.17 -22.33 -2.17
CA ASP HA 31 -28.04 -23.32 -1.10
C ASP HA 31 -27.56 -24.66 -1.64
N SER HA 32 -26.54 -24.63 -2.40
CA SER HA 32 -25.89 -25.83 -2.90
C SER HA 32 -24.58 -26.06 -2.15
N PRO HA 33 -24.15 -27.32 -2.00
CA PRO HA 33 -22.84 -27.55 -1.39
C PRO HA 33 -21.70 -26.89 -2.11
N LEU HA 34 -21.73 -26.83 -3.44
CA LEU HA 34 -20.70 -26.11 -4.17
C LEU HA 34 -20.90 -24.60 -4.09
N ALA HA 35 -22.14 -24.14 -4.24
CA ALA HA 35 -22.38 -22.70 -4.31
C ALA HA 35 -22.21 -22.03 -2.96
N LYS HA 36 -22.63 -22.69 -1.87
CA LYS HA 36 -22.34 -22.17 -0.56
C LYS HA 36 -20.84 -22.18 -0.28
N ALA HA 37 -20.14 -23.21 -0.73
CA ALA HA 37 -18.70 -23.28 -0.48
C ALA HA 37 -17.94 -22.19 -1.24
N PHE HA 38 -18.44 -21.78 -2.40
CA PHE HA 38 -17.75 -20.74 -3.14
C PHE HA 38 -18.02 -19.36 -2.58
N ILE HA 39 -19.31 -19.05 -2.34
CA ILE HA 39 -19.68 -17.72 -1.88
C ILE HA 39 -19.20 -17.50 -0.45
N ASN HA 40 -19.35 -18.48 0.41
CA ASN HA 40 -18.99 -18.28 1.80
C ASN HA 40 -17.48 -18.36 2.03
N ASN HA 41 -16.69 -18.50 0.98
CA ASN HA 41 -15.25 -18.38 1.08
C ASN HA 41 -14.71 -17.25 0.23
N LEU HA 42 -15.58 -16.49 -0.43
CA LEU HA 42 -15.16 -15.23 -0.98
C LEU HA 42 -14.75 -14.31 0.15
N PRO HA 43 -13.82 -13.37 -0.09
CA PRO HA 43 -13.31 -12.55 1.01
C PRO HA 43 -14.36 -11.75 1.73
N ALA HA 44 -15.49 -11.47 1.10
CA ALA HA 44 -16.58 -10.81 1.80
C ALA HA 44 -17.14 -11.67 2.91
N TYR HA 45 -17.08 -12.99 2.75
CA TYR HA 45 -17.75 -13.89 3.68
C TYR HA 45 -16.83 -14.90 4.34
N ARG HA 46 -15.55 -14.92 4.00
CA ARG HA 46 -14.69 -15.96 4.56
C ARG HA 46 -14.64 -15.82 6.07
N LYS HA 47 -14.91 -16.92 6.76
CA LYS HA 47 -14.76 -16.91 8.21
C LYS HA 47 -13.29 -16.83 8.55
N GLY HA 48 -12.97 -15.91 9.46
CA GLY HA 48 -11.66 -15.77 10.00
C GLY HA 48 -10.81 -14.67 9.42
N LEU HA 49 -11.42 -13.62 8.91
CA LEU HA 49 -10.68 -12.53 8.29
C LEU HA 49 -10.97 -11.28 9.06
N THR HA 50 -9.95 -10.49 9.31
CA THR HA 50 -10.16 -9.15 9.76
C THR HA 50 -10.81 -8.37 8.62
N PRO HA 51 -11.58 -7.33 8.91
CA PRO HA 51 -12.14 -6.53 7.81
C PRO HA 51 -11.11 -5.91 6.91
N PHE HA 52 -9.88 -5.70 7.37
CA PHE HA 52 -8.84 -5.21 6.49
C PHE HA 52 -8.51 -6.22 5.41
N MET HA 53 -8.33 -7.49 5.79
CA MET HA 53 -8.07 -8.54 4.81
C MET HA 53 -9.28 -8.88 3.97
N ARG HA 54 -10.49 -8.56 4.44
CA ARG HA 54 -11.62 -8.68 3.55
C ARG HA 54 -11.49 -7.66 2.43
N GLY HA 55 -11.27 -6.41 2.77
CA GLY HA 55 -11.20 -5.36 1.80
C GLY HA 55 -9.95 -5.42 0.96
N LEU HA 56 -8.84 -5.85 1.56
CA LEU HA 56 -7.59 -5.93 0.82
C LEU HA 56 -7.70 -6.92 -0.32
N GLU HA 57 -8.31 -8.06 -0.07
CA GLU HA 57 -8.45 -9.07 -1.12
C GLU HA 57 -9.54 -8.71 -2.11
N ILE HA 58 -10.63 -8.07 -1.65
CA ILE HA 58 -11.63 -7.56 -2.58
C ILE HA 58 -11.05 -6.46 -3.43
N GLY HA 59 -10.24 -5.58 -2.82
CA GLY HA 59 -9.73 -4.44 -3.55
C GLY HA 59 -8.80 -4.84 -4.69
N MET HA 60 -7.87 -5.76 -4.42
CA MET HA 60 -6.88 -6.10 -5.42
C MET HA 60 -7.48 -6.82 -6.61
N ALA HA 61 -8.52 -7.61 -6.38
CA ALA HA 61 -9.21 -8.26 -7.48
C ALA HA 61 -9.84 -7.25 -8.42
N HIS HA 62 -10.21 -6.09 -7.90
CA HIS HA 62 -10.95 -5.12 -8.69
C HIS HA 62 -10.05 -4.09 -9.33
N GLY HA 63 -9.08 -3.57 -8.58
CA GLY HA 63 -8.11 -2.70 -9.19
C GLY HA 63 -7.37 -3.36 -10.32
N TYR HA 64 -7.19 -4.68 -10.24
CA TYR HA 64 -6.45 -5.40 -11.27
C TYR HA 64 -7.21 -5.40 -12.59
N PHE HA 65 -8.48 -5.78 -12.57
CA PHE HA 65 -9.19 -5.91 -13.82
C PHE HA 65 -9.73 -4.58 -14.32
N LEU HA 66 -9.82 -3.57 -13.47
CA LEU HA 66 -10.42 -2.30 -13.88
C LEU HA 66 -9.50 -1.48 -14.77
N VAL HA 67 -8.21 -1.83 -14.88
CA VAL HA 67 -7.36 -1.09 -15.81
C VAL HA 67 -7.48 -1.61 -17.22
N GLY HA 68 -8.11 -2.77 -17.40
CA GLY HA 68 -8.25 -3.38 -18.70
C GLY HA 68 -9.12 -2.61 -19.68
N PRO HA 69 -10.39 -2.40 -19.35
CA PRO HA 69 -11.31 -1.81 -20.34
C PRO HA 69 -10.98 -0.41 -20.83
N GLU HA 70 -9.92 0.20 -20.33
CA GLU HA 70 -9.54 1.52 -20.78
C GLU HA 70 -8.24 1.54 -21.56
N VAL HA 71 -7.41 0.50 -21.47
CA VAL HA 71 -6.14 0.51 -22.18
C VAL HA 71 -6.23 -0.13 -23.54
N VAL HA 72 -7.34 -0.79 -23.88
CA VAL HA 72 -7.50 -1.36 -25.21
C VAL HA 72 -8.71 -0.84 -25.95
N ILE HA 73 -9.72 -0.32 -25.27
CA ILE HA 73 -10.82 0.33 -25.98
C ILE HA 73 -11.06 1.71 -25.39
N GLY HA 74 -10.06 2.27 -24.75
CA GLY HA 74 -10.16 3.63 -24.29
C GLY HA 74 -9.81 4.62 -25.37
N PRO HA 75 -9.77 5.90 -25.00
CA PRO HA 75 -9.37 6.93 -25.97
C PRO HA 75 -7.89 6.91 -26.28
N LEU HA 76 -7.07 6.38 -25.39
CA LEU HA 76 -5.62 6.39 -25.55
C LEU HA 76 -5.09 5.09 -26.15
N ARG HA 77 -5.97 4.20 -26.60
CA ARG HA 77 -5.55 2.88 -27.03
C ARG HA 77 -4.64 2.92 -28.23
N GLU HA 78 -4.61 4.04 -28.95
CA GLU HA 78 -3.92 4.09 -30.22
C GLU HA 78 -2.41 3.97 -30.01
N SER HA 79 -1.90 4.70 -29.02
CA SER HA 79 -0.51 4.65 -28.61
C SER HA 79 -0.32 3.51 -27.61
N ALA HA 80 0.88 3.42 -27.04
CA ALA HA 80 1.20 2.34 -26.10
C ALA HA 80 1.46 2.85 -24.70
N HIS HA 81 2.39 3.80 -24.53
CA HIS HA 81 2.71 4.29 -23.20
C HIS HA 81 1.55 5.09 -22.61
N GLY HA 82 0.83 5.82 -23.44
CA GLY HA 82 -0.29 6.62 -22.96
C GLY HA 82 -1.55 5.84 -22.68
N ALA HA 83 -1.71 4.68 -23.30
CA ALA HA 83 -2.90 3.87 -23.04
C ALA HA 83 -2.94 3.38 -21.60
N ASN HA 84 -1.78 2.98 -21.08
CA ASN HA 84 -1.70 2.41 -19.74
C ASN HA 84 -1.99 3.45 -18.68
N LEU HA 85 -1.59 4.69 -18.91
CA LEU HA 85 -1.92 5.76 -17.98
C LEU HA 85 -3.42 5.96 -17.88
N SER HA 86 -4.10 5.97 -19.03
CA SER HA 86 -5.55 6.19 -19.05
C SER HA 86 -6.29 5.05 -18.38
N GLY HA 87 -5.74 3.85 -18.41
CA GLY HA 87 -6.36 2.73 -17.75
C GLY HA 87 -6.11 2.69 -16.27
N LEU HA 88 -4.89 3.07 -15.86
CA LEU HA 88 -4.57 3.11 -14.44
C LEU HA 88 -5.41 4.15 -13.72
N ILE HA 89 -5.48 5.37 -14.27
CA ILE HA 89 -6.16 6.46 -13.59
C ILE HA 89 -7.66 6.19 -13.51
N THR HA 90 -8.20 5.47 -14.49
CA THR HA 90 -9.59 5.04 -14.40
C THR HA 90 -9.80 4.15 -13.19
N ALA HA 91 -8.89 3.20 -12.97
CA ALA HA 91 -8.97 2.38 -11.77
C ALA HA 91 -8.68 3.20 -10.52
N ILE HA 92 -7.83 4.23 -10.62
CA ILE HA 92 -7.63 5.13 -9.48
C ILE HA 92 -8.91 5.87 -9.17
N TYR HA 93 -9.58 6.39 -10.19
CA TYR HA 93 -10.74 7.24 -9.96
C TYR HA 93 -11.95 6.42 -9.55
N ILE HA 94 -12.15 5.25 -10.15
CA ILE HA 94 -13.28 4.43 -9.79
C ILE HA 94 -13.15 3.94 -8.36
N ALA HA 95 -11.94 3.60 -7.94
CA ALA HA 95 -11.74 3.10 -6.58
C ALA HA 95 -11.80 4.22 -5.55
N VAL HA 96 -11.21 5.38 -5.84
CA VAL HA 96 -11.26 6.48 -4.89
C VAL HA 96 -12.69 6.93 -4.66
N SER HA 97 -13.47 7.01 -5.73
CA SER HA 97 -14.88 7.35 -5.57
C SER HA 97 -15.66 6.20 -4.96
N ALA HA 98 -15.22 4.96 -5.16
CA ALA HA 98 -15.88 3.84 -4.48
C ALA HA 98 -15.55 3.83 -3.00
N CYS HA 99 -14.29 4.10 -2.65
CA CYS HA 99 -13.92 4.14 -1.24
C CYS HA 99 -14.41 5.41 -0.56
N LEU HA 100 -14.64 6.47 -1.33
CA LEU HA 100 -15.42 7.58 -0.80
C LEU HA 100 -16.84 7.15 -0.52
N GLY HA 101 -17.37 6.24 -1.33
CA GLY HA 101 -18.74 5.79 -1.13
C GLY HA 101 -18.93 5.01 0.14
N ILE HA 102 -17.94 4.20 0.53
CA ILE HA 102 -18.13 3.34 1.69
C ILE HA 102 -17.62 3.97 2.97
N SER HA 103 -16.90 5.08 2.89
CA SER HA 103 -16.71 5.88 4.07
C SER HA 103 -17.97 6.64 4.42
N ILE HA 104 -18.67 7.17 3.41
CA ILE HA 104 -19.92 7.87 3.71
C ILE HA 104 -21.09 6.92 3.87
N PHE HA 105 -20.99 5.69 3.36
CA PHE HA 105 -21.96 4.68 3.73
C PHE HA 105 -21.83 4.34 5.20
N ALA HA 106 -20.60 4.15 5.67
CA ALA HA 106 -20.38 3.77 7.06
C ALA HA 106 -20.80 4.88 8.02
N ILE HA 107 -20.57 6.13 7.63
CA ILE HA 107 -20.99 7.25 8.48
C ILE HA 107 -22.50 7.30 8.60
N THR HA 108 -23.22 7.15 7.49
CA THR HA 108 -24.65 7.42 7.52
C THR HA 108 -25.51 6.23 7.90
N THR HA 109 -24.99 5.00 7.88
CA THR HA 109 -25.81 3.89 8.35
C THR HA 109 -25.59 3.54 9.80
N PHE HA 110 -24.38 3.76 10.33
CA PHE HA 110 -24.04 3.38 11.68
C PHE HA 110 -24.13 4.64 12.53
N GLN HA 111 -25.34 4.91 13.01
CA GLN HA 111 -25.64 6.09 13.80
C GLN HA 111 -26.54 5.75 14.97
N GLY HA 112 -26.35 4.60 15.60
CA GLY HA 112 -27.02 4.29 16.85
C GLY HA 112 -27.92 3.08 16.77
N ASN HA 113 -28.69 2.97 15.71
CA ASN HA 113 -29.50 1.80 15.50
C ASN HA 113 -29.79 1.72 14.02
N PRO HA 114 -28.90 1.13 13.25
CA PRO HA 114 -29.03 1.13 11.79
C PRO HA 114 -30.35 0.58 11.28
N LYS HA 115 -31.12 1.43 10.62
CA LYS HA 115 -32.42 1.04 10.09
C LYS HA 115 -32.20 0.07 8.94
N GLY HA 116 -32.38 -1.21 9.21
CA GLY HA 116 -32.34 -2.16 8.12
C GLY HA 116 -31.61 -3.44 8.45
N SER HA 117 -30.72 -3.86 7.57
CA SER HA 117 -30.01 -5.12 7.75
C SER HA 117 -28.81 -5.00 8.67
N TYR HA 118 -28.50 -3.80 9.14
CA TYR HA 118 -27.36 -3.60 10.02
C TYR HA 118 -27.79 -3.31 11.45
N SER HA 119 -29.04 -3.60 11.79
CA SER HA 119 -29.48 -3.49 13.17
C SER HA 119 -28.84 -4.57 14.02
N SER HA 120 -28.86 -4.36 15.35
CA SER HA 120 -28.28 -5.31 16.27
C SER HA 120 -28.99 -6.65 16.21
N TYR HA 121 -30.31 -6.61 16.16
CA TYR HA 121 -31.16 -7.79 15.95
C TYR HA 121 -31.58 -7.94 14.49
N SER HA 122 -30.58 -8.12 13.62
CA SER HA 122 -30.84 -8.29 12.20
C SER HA 122 -30.63 -9.71 11.70
N LYS HA 123 -29.72 -10.47 12.32
CA LYS HA 123 -29.39 -11.87 12.01
C LYS HA 123 -29.37 -12.16 10.51
N ASP HA 124 -28.57 -11.38 9.81
CA ASP HA 124 -28.44 -11.50 8.36
C ASP HA 124 -27.04 -11.98 8.00
N SER HA 125 -26.97 -13.06 7.23
CA SER HA 125 -25.71 -13.67 6.85
C SER HA 125 -25.08 -13.08 5.60
N LEU HA 126 -25.87 -12.47 4.72
CA LEU HA 126 -25.35 -11.96 3.47
C LEU HA 126 -24.62 -10.64 3.62
N ARG HA 127 -24.56 -10.08 4.82
CA ARG HA 127 -23.79 -8.86 5.03
C ARG HA 127 -23.35 -8.81 6.49
N PRO HA 128 -22.19 -9.38 6.80
CA PRO HA 128 -21.78 -9.55 8.20
C PRO HA 128 -20.88 -8.47 8.79
N LEU HA 129 -20.80 -7.27 8.21
CA LEU HA 129 -19.83 -6.26 8.64
C LEU HA 129 -20.41 -5.18 9.55
N ARG HA 130 -21.36 -5.51 10.41
CA ARG HA 130 -22.29 -4.55 11.02
C ARG HA 130 -21.78 -3.84 12.29
N THR HA 131 -20.77 -2.97 12.11
CA THR HA 131 -20.21 -2.39 13.33
C THR HA 131 -19.75 -0.92 13.30
N ARG HA 132 -19.18 -0.46 12.19
CA ARG HA 132 -18.38 0.76 12.02
C ARG HA 132 -16.98 0.70 12.64
N GLU HA 133 -16.68 -0.23 13.53
CA GLU HA 133 -15.31 -0.72 13.61
C GLU HA 133 -14.96 -1.70 12.51
N GLU HA 134 -15.93 -2.41 11.98
CA GLU HA 134 -15.63 -3.32 10.89
C GLU HA 134 -15.68 -2.64 9.53
N TRP HA 135 -16.42 -1.55 9.37
CA TRP HA 135 -16.45 -0.91 8.05
C TRP HA 135 -15.32 0.06 7.82
N SER HA 136 -14.51 0.35 8.83
CA SER HA 136 -13.41 1.27 8.60
C SER HA 136 -12.14 0.55 8.15
N GLN HA 137 -11.80 -0.60 8.75
CA GLN HA 137 -10.75 -1.42 8.14
C GLN HA 137 -11.14 -1.91 6.76
N LEU HA 138 -12.42 -2.12 6.51
CA LEU HA 138 -12.83 -2.52 5.17
C LEU HA 138 -12.49 -1.44 4.16
N ASN HA 139 -12.74 -0.18 4.51
CA ASN HA 139 -12.45 0.93 3.62
C ASN HA 139 -10.96 1.03 3.32
N GLY HA 140 -10.13 0.85 4.35
CA GLY HA 140 -8.69 0.86 4.12
C GLY HA 140 -8.22 -0.29 3.26
N GLY HA 141 -8.77 -1.48 3.49
CA GLY HA 141 -8.41 -2.61 2.66
C GLY HA 141 -8.85 -2.43 1.22
N ILE HA 142 -10.11 -2.01 1.02
CA ILE HA 142 -10.61 -1.81 -0.34
C ILE HA 142 -9.78 -0.78 -1.07
N PHE HA 143 -9.39 0.28 -0.38
CA PHE HA 143 -8.61 1.32 -1.03
C PHE HA 143 -7.23 0.82 -1.38
N LEU HA 144 -6.44 0.44 -0.36
CA LEU HA 144 -5.08 -0.01 -0.59
C LEU HA 144 -5.02 -1.23 -1.49
N GLY HA 145 -6.06 -2.06 -1.46
CA GLY HA 145 -6.10 -3.18 -2.37
C GLY HA 145 -6.32 -2.74 -3.81
N ALA HA 146 -7.36 -1.93 -4.04
CA ALA HA 146 -7.68 -1.50 -5.39
C ALA HA 146 -6.61 -0.60 -5.97
N MET HA 147 -5.75 -0.04 -5.14
CA MET HA 147 -4.63 0.74 -5.64
C MET HA 147 -3.48 -0.17 -6.04
N GLY HA 148 -3.14 -1.15 -5.19
CA GLY HA 148 -2.07 -2.07 -5.52
C GLY HA 148 -2.41 -2.96 -6.69
N GLY HA 149 -3.66 -3.42 -6.77
CA GLY HA 149 -4.09 -4.18 -7.93
C GLY HA 149 -4.02 -3.36 -9.21
N ALA HA 150 -4.38 -2.08 -9.13
CA ALA HA 150 -4.31 -1.22 -10.29
C ALA HA 150 -2.87 -1.01 -10.73
N ILE HA 151 -1.96 -0.83 -9.77
CA ILE HA 151 -0.55 -0.63 -10.12
C ILE HA 151 0.05 -1.91 -10.67
N PHE HA 152 -0.27 -3.05 -10.07
CA PHE HA 152 0.30 -4.31 -10.54
C PHE HA 152 -0.17 -4.62 -11.95
N ALA HA 153 -1.44 -4.37 -12.25
CA ALA HA 153 -1.90 -4.52 -13.62
C ALA HA 153 -1.37 -3.42 -14.53
N TYR HA 154 -0.95 -2.30 -13.96
CA TYR HA 154 -0.30 -1.26 -14.75
C TYR HA 154 1.15 -1.60 -15.04
N LEU HA 155 1.86 -2.14 -14.04
CA LEU HA 155 3.25 -2.52 -14.24
C LEU HA 155 3.38 -3.70 -15.19
N LEU HA 156 2.44 -4.64 -15.12
CA LEU HA 156 2.47 -5.78 -16.01
C LEU HA 156 2.09 -5.41 -17.43
N LEU HA 157 1.37 -4.32 -17.62
CA LEU HA 157 0.96 -3.93 -18.95
C LEU HA 157 1.94 -2.97 -19.60
N GLU HA 158 2.53 -2.06 -18.83
CA GLU HA 158 3.53 -1.18 -19.43
C GLU HA 158 4.82 -1.91 -19.73
N ASN HA 159 5.03 -3.06 -19.09
CA ASN HA 159 6.17 -3.91 -19.37
C ASN HA 159 5.77 -5.13 -20.17
N PHE HA 160 4.74 -5.02 -21.01
CA PHE HA 160 4.22 -6.19 -21.72
C PHE HA 160 5.22 -6.73 -22.73
N ASP HA 161 5.89 -5.84 -23.47
CA ASP HA 161 6.92 -6.31 -24.39
C ASP HA 161 8.06 -6.98 -23.67
N ALA HA 162 8.45 -6.47 -22.50
CA ALA HA 162 9.47 -7.12 -21.72
C ALA HA 162 8.96 -8.40 -21.07
N LEU HA 163 7.66 -8.48 -20.83
CA LEU HA 163 7.04 -9.65 -20.23
C LEU HA 163 6.63 -10.68 -21.27
N ASP HA 164 6.27 -10.23 -22.48
CA ASP HA 164 6.02 -11.17 -23.56
C ASP HA 164 7.28 -11.92 -23.94
N ALA HA 165 8.44 -11.29 -23.83
CA ALA HA 165 9.69 -11.97 -24.14
C ALA HA 165 10.00 -13.06 -23.11
N ILE HA 166 9.76 -12.78 -21.83
CA ILE HA 166 10.20 -13.72 -20.82
C ILE HA 166 9.23 -14.87 -20.62
N LEU HA 167 7.99 -14.76 -21.09
CA LEU HA 167 7.12 -15.91 -21.20
C LEU HA 167 7.16 -16.56 -22.57
N ARG HA 168 8.05 -16.11 -23.45
CA ARG HA 168 8.30 -16.78 -24.71
C ARG HA 168 9.73 -17.29 -24.82
N GLY HA 169 10.54 -17.13 -23.79
CA GLY HA 169 11.91 -17.58 -23.85
C GLY HA 169 12.82 -16.73 -24.70
N ALA HA 170 12.38 -15.54 -25.09
CA ALA HA 170 13.20 -14.67 -25.93
C ALA HA 170 14.38 -14.08 -25.19
N VAL HA 171 14.42 -14.21 -23.87
CA VAL HA 171 15.53 -13.70 -23.08
C VAL HA 171 16.55 -14.79 -22.78
N ASN HA 172 16.53 -15.87 -23.56
CA ASN HA 172 17.31 -17.08 -23.34
C ASN HA 172 17.04 -17.64 -21.94
N MET IA 1 -7.19 44.55 -27.19
CA MET IA 1 -6.50 44.39 -25.92
C MET IA 1 -7.36 43.67 -24.89
N SER IA 2 -7.12 42.38 -24.70
CA SER IA 2 -7.83 41.64 -23.68
C SER IA 2 -7.24 41.98 -22.31
N ILE IA 3 -7.97 41.56 -21.27
CA ILE IA 3 -7.57 41.88 -19.91
C ILE IA 3 -6.28 41.13 -19.56
N SER IA 4 -5.50 41.71 -18.65
CA SER IA 4 -4.17 41.19 -18.38
C SER IA 4 -4.23 39.91 -17.58
N ASP IA 5 -3.05 39.33 -17.38
CA ASP IA 5 -2.95 38.06 -16.65
C ASP IA 5 -3.33 38.24 -15.18
N THR IA 6 -2.93 39.37 -14.59
CA THR IA 6 -3.17 39.61 -13.18
C THR IA 6 -4.63 39.96 -12.90
N GLN IA 7 -5.30 40.60 -13.86
CA GLN IA 7 -6.68 41.01 -13.66
C GLN IA 7 -7.61 39.82 -13.47
N VAL IA 8 -7.26 38.66 -14.02
CA VAL IA 8 -8.06 37.48 -13.76
C VAL IA 8 -7.95 37.05 -12.30
N TYR IA 9 -6.73 37.07 -11.75
CA TYR IA 9 -6.55 36.68 -10.35
C TYR IA 9 -7.14 37.71 -9.41
N ILE IA 10 -7.16 38.98 -9.80
CA ILE IA 10 -7.79 39.99 -8.96
C ILE IA 10 -9.28 39.72 -8.85
N ALA IA 11 -9.91 39.33 -9.95
CA ALA IA 11 -11.32 38.96 -9.89
C ALA IA 11 -11.54 37.71 -9.07
N LEU IA 12 -10.57 36.78 -9.06
CA LEU IA 12 -10.72 35.56 -8.27
C LEU IA 12 -10.78 35.86 -6.78
N VAL IA 13 -9.91 36.75 -6.29
CA VAL IA 13 -9.94 37.06 -4.87
C VAL IA 13 -11.04 38.04 -4.54
N VAL IA 14 -11.43 38.91 -5.47
CA VAL IA 14 -12.58 39.77 -5.23
C VAL IA 14 -13.85 38.95 -5.13
N ALA IA 15 -14.03 37.99 -6.04
CA ALA IA 15 -15.22 37.14 -5.99
C ALA IA 15 -15.22 36.21 -4.81
N LEU IA 16 -14.11 36.08 -4.10
CA LEU IA 16 -14.09 35.33 -2.85
C LEU IA 16 -14.80 36.08 -1.74
N VAL IA 17 -14.96 37.40 -1.87
CA VAL IA 17 -15.69 38.18 -0.89
C VAL IA 17 -17.18 37.82 -0.91
N PRO IA 18 -17.89 37.84 -2.04
CA PRO IA 18 -19.26 37.31 -2.02
C PRO IA 18 -19.33 35.80 -1.88
N GLY IA 19 -18.22 35.10 -2.07
CA GLY IA 19 -18.22 33.68 -1.80
C GLY IA 19 -18.38 33.37 -0.33
N PHE IA 20 -17.78 34.19 0.54
CA PHE IA 20 -17.95 34.02 1.97
C PHE IA 20 -19.18 34.73 2.49
N LEU IA 21 -19.56 35.85 1.90
CA LEU IA 21 -20.80 36.50 2.29
C LEU IA 21 -22.02 35.66 1.93
N ALA IA 22 -21.89 34.72 1.01
CA ALA IA 22 -22.96 33.75 0.77
C ALA IA 22 -23.02 32.74 1.91
N TRP IA 23 -21.87 32.36 2.46
CA TRP IA 23 -21.84 31.51 3.65
C TRP IA 23 -22.40 32.21 4.87
N ARG IA 24 -22.06 33.49 5.05
CA ARG IA 24 -22.68 34.37 6.02
C ARG IA 24 -24.19 34.19 6.04
N LEU IA 25 -24.80 34.27 4.86
CA LEU IA 25 -26.25 34.35 4.71
C LEU IA 25 -26.91 33.00 4.61
N ALA IA 26 -26.31 32.03 3.93
CA ALA IA 26 -26.92 30.70 3.85
C ALA IA 26 -27.02 30.05 5.21
N THR IA 27 -25.99 30.15 6.03
CA THR IA 27 -26.04 29.58 7.37
C THR IA 27 -26.89 30.42 8.30
N GLU IA 28 -26.97 31.74 8.07
CA GLU IA 28 -27.82 32.57 8.91
C GLU IA 28 -29.29 32.33 8.63
N LEU IA 29 -29.62 31.88 7.43
CA LEU IA 29 -30.97 31.42 7.15
C LEU IA 29 -31.21 29.99 7.63
N TYR IA 30 -30.27 29.44 8.41
CA TYR IA 30 -30.39 28.17 9.10
C TYR IA 30 -30.66 27.03 8.12
N LYS IA 31 -29.62 26.70 7.38
CA LYS IA 31 -29.62 25.54 6.50
C LYS IA 31 -29.89 24.27 7.29
N PRO JA 73 -85.36 45.85 -12.11
CA PRO JA 73 -85.21 47.30 -12.24
C PRO JA 73 -84.52 47.70 -13.54
N PRO JA 74 -84.76 48.92 -14.01
CA PRO JA 74 -84.03 49.42 -15.18
C PRO JA 74 -82.56 49.59 -14.86
N TYR JA 75 -81.71 49.01 -15.73
CA TYR JA 75 -80.27 49.03 -15.51
C TYR JA 75 -79.73 50.37 -15.99
N THR JA 76 -79.20 51.17 -15.08
CA THR JA 76 -78.73 52.50 -15.42
C THR JA 76 -77.21 52.66 -15.31
N PHE JA 77 -76.53 51.79 -14.59
CA PHE JA 77 -75.08 51.89 -14.46
C PHE JA 77 -74.35 50.83 -15.28
N ARG JA 78 -74.92 49.63 -15.41
CA ARG JA 78 -74.41 48.66 -16.37
C ARG JA 78 -74.59 49.19 -17.79
N THR JA 79 -75.80 49.59 -18.13
CA THR JA 79 -76.04 50.42 -19.28
C THR JA 79 -75.42 51.81 -19.01
N ALA JA 80 -75.02 52.48 -20.08
CA ALA JA 80 -74.26 53.74 -20.10
C ALA JA 80 -72.81 53.53 -19.71
N TRP JA 81 -72.43 52.30 -19.34
CA TRP JA 81 -71.04 51.88 -19.42
C TRP JA 81 -70.84 50.80 -20.46
N ALA JA 82 -71.88 50.07 -20.83
CA ALA JA 82 -71.83 49.22 -22.01
C ALA JA 82 -72.08 50.04 -23.27
N LEU JA 83 -73.11 50.88 -23.25
CA LEU JA 83 -73.38 51.78 -24.37
C LEU JA 83 -72.27 52.81 -24.54
N LEU JA 84 -71.50 53.09 -23.50
CA LEU JA 84 -70.34 53.96 -23.67
C LEU JA 84 -69.23 53.24 -24.42
N LEU JA 85 -69.02 51.94 -24.14
CA LEU JA 85 -67.99 51.19 -24.84
C LEU JA 85 -68.39 50.85 -26.27
N LEU JA 86 -69.69 50.66 -26.52
CA LEU JA 86 -70.14 50.56 -27.91
C LEU JA 86 -69.91 51.87 -28.64
N ALA JA 87 -70.12 52.99 -27.97
CA ALA JA 87 -69.89 54.29 -28.59
C ALA JA 87 -68.45 54.42 -29.06
N ILE JA 88 -67.49 54.10 -28.19
CA ILE JA 88 -66.09 54.10 -28.58
C ILE JA 88 -65.85 53.10 -29.70
N ASN JA 89 -66.54 51.97 -29.64
CA ASN JA 89 -66.44 50.96 -30.68
C ASN JA 89 -67.00 51.46 -32.00
N PHE JA 90 -68.12 52.19 -31.96
CA PHE JA 90 -68.69 52.70 -33.21
C PHE JA 90 -67.88 53.85 -33.78
N ILE JA 91 -67.19 54.62 -32.94
CA ILE JA 91 -66.28 55.64 -33.47
C ILE JA 91 -65.13 54.97 -34.21
N VAL JA 92 -64.59 53.89 -33.65
CA VAL JA 92 -63.50 53.17 -34.32
C VAL JA 92 -63.97 52.62 -35.66
N ALA JA 93 -65.17 52.06 -35.70
CA ALA JA 93 -65.73 51.59 -36.96
C ALA JA 93 -65.99 52.74 -37.92
N ALA JA 94 -66.26 53.93 -37.41
CA ALA JA 94 -66.52 55.07 -38.28
C ALA JA 94 -65.29 55.44 -39.10
N TYR JA 95 -64.11 55.42 -38.49
CA TYR JA 95 -62.89 55.57 -39.27
C TYR JA 95 -62.62 54.34 -40.11
N TYR JA 96 -62.98 53.16 -39.60
CA TYR JA 96 -62.77 51.92 -40.33
C TYR JA 96 -63.53 51.92 -41.66
N PHE JA 97 -64.79 52.31 -41.63
CA PHE JA 97 -65.61 52.30 -42.83
C PHE JA 97 -65.49 53.57 -43.65
N HIS JA 98 -64.52 54.43 -43.32
CA HIS JA 98 -64.25 55.66 -44.06
C HIS JA 98 -65.50 56.55 -44.06
N ILE JA 99 -65.96 56.85 -42.85
CA ILE JA 99 -67.14 57.67 -42.63
C ILE JA 99 -66.77 59.05 -42.13
N ILE JA 100 -66.06 59.11 -41.00
CA ILE JA 100 -65.61 60.39 -40.44
C ILE JA 100 -64.11 60.45 -40.54
N GLU JA 101 -63.59 61.68 -40.62
CA GLU JA 101 -62.15 61.91 -40.63
C GLU JA 101 -61.74 62.72 -39.42
MG CL0 KA . 34.37 44.87 13.25
CHA CL0 KA . 31.48 46.84 13.42
CHB CL0 KA . 33.57 43.73 16.35
CHC CL0 KA . 37.12 42.98 13.06
CHD CL0 KA . 35.10 46.23 10.10
NA CL0 KA . 32.74 45.21 14.71
C1A CL0 KA . 31.74 46.01 14.63
C2A CL0 KA . 30.90 46.07 15.85
C3A CL0 KA . 31.67 45.17 16.74
C4A CL0 KA . 32.72 44.64 15.88
CMA CL0 KA . 32.31 46.04 17.76
CAA CL0 KA . 29.59 45.32 15.66
CBA CL0 KA . 28.95 44.89 16.97
CGA CL0 KA . 27.69 44.13 16.69
O1A CL0 KA . 27.24 43.25 17.37
O2A CL0 KA . 26.91 44.36 15.67
NB CL0 KA . 35.23 43.53 14.54
C1B CL0 KA . 34.76 43.15 15.72
C2B CL0 KA . 35.56 42.10 16.36
C3B CL0 KA . 36.62 41.89 15.41
C4B CL0 KA . 36.33 42.82 14.28
CMB CL0 KA . 35.36 41.42 17.68
CAB CL0 KA . 37.69 40.89 15.61
CBB CL0 KA . 38.81 40.80 14.94
NC CL0 KA . 35.81 44.53 11.74
C1C CL0 KA . 36.88 43.79 11.88
C2C CL0 KA . 37.84 43.83 10.78
C3C CL0 KA . 37.17 44.74 9.86
C4C CL0 KA . 35.94 45.13 10.56
CMC CL0 KA . 39.14 43.10 10.62
CAC CL0 KA . 37.60 45.24 8.54
CBC CL0 KA . 38.43 46.45 8.86
ND CL0 KA . 33.59 46.18 11.97
C1D CL0 KA . 33.90 46.68 10.79
C2D CL0 KA . 32.98 47.71 10.29
C3D CL0 KA . 32.02 47.74 11.40
C4D CL0 KA . 32.43 46.85 12.30
CMD CL0 KA . 32.86 48.57 9.08
CAD CL0 KA . 30.78 48.39 11.83
OBD CL0 KA . 30.09 49.20 11.14
CBD CL0 KA . 30.35 47.79 13.12
CGD CL0 KA . 29.07 47.06 12.90
O1D CL0 KA . 29.06 45.97 12.36
O2D CL0 KA . 27.81 47.59 13.35
CED CL0 KA . 26.69 46.71 13.42
C1 CL0 KA . 25.97 43.24 15.04
C2 CL0 KA . 26.41 42.48 13.83
C3 CL0 KA . 25.76 42.66 12.67
C4 CL0 KA . 24.63 43.62 12.58
C5 CL0 KA . 26.21 41.90 11.46
C6 CL0 KA . 26.53 42.89 10.34
C7 CL0 KA . 27.31 42.20 9.24
C8 CL0 KA . 26.63 40.92 8.82
C9 CL0 KA . 27.61 39.99 8.13
C10 CL0 KA . 25.48 41.26 7.91
C11 CL0 KA . 24.67 40.02 7.56
C12 CL0 KA . 23.58 40.37 6.58
C13 CL0 KA . 22.32 39.57 6.84
C14 CL0 KA . 21.27 39.96 5.83
C15 CL0 KA . 21.84 39.91 8.23
C16 CL0 KA . 21.29 38.69 8.94
C17 CL0 KA . 21.19 39.02 10.41
C18 CL0 KA . 19.97 39.86 10.67
C19 CL0 KA . 18.82 38.99 11.11
C20 CL0 KA . 20.31 40.89 11.72
MG CLA LA . 23.95 38.43 15.06
CHA CLA LA . 27.11 38.09 13.78
CHB CLA LA . 22.86 36.60 12.36
CHC CLA LA . 20.88 38.55 16.41
CHD CLA LA . 25.17 40.45 17.68
NA CLA LA . 24.85 37.46 13.26
C1A CLA LA . 26.06 37.47 12.92
C2A CLA LA . 26.35 36.86 11.59
C3A CLA LA . 24.96 36.47 11.17
C4A CLA LA . 24.17 36.87 12.33
CMA CLA LA . 24.54 37.07 9.85
CAA CLA LA . 27.10 35.56 11.72
CBA CLA LA . 27.84 35.24 10.42
CGA CLA LA . 27.02 34.21 9.70
O1A CLA LA . 26.09 33.62 10.19
O2A CLA LA . 27.20 33.84 8.45
NB CLA LA . 22.15 37.68 14.45
C1B CLA LA . 21.88 36.95 13.37
C2B CLA LA . 20.48 36.52 13.30
C3B CLA LA . 19.94 37.13 14.48
C4B CLA LA . 21.03 37.83 15.15
CMB CLA LA . 19.76 35.70 12.28
CAB CLA LA . 18.56 37.03 14.95
CBB CLA LA . 18.07 35.89 15.32
NC CLA LA . 23.16 39.31 16.82
C1C CLA LA . 21.87 39.33 17.14
C2C CLA LA . 21.50 40.20 18.26
C3C CLA LA . 22.79 40.74 18.65
C4C CLA LA . 23.73 40.13 17.69
CMC CLA LA . 20.13 40.46 18.86
CAC CLA LA . 23.10 41.72 19.73
CBC CLA LA . 22.98 43.10 19.14
ND CLA LA . 25.65 39.26 15.65
C1D CLA LA . 26.11 39.86 16.73
C2D CLA LA . 27.58 39.87 16.87
C3D CLA LA . 27.92 39.14 15.63
C4D CLA LA . 26.80 38.84 15.00
CMD CLA LA . 28.61 40.36 17.84
CAD CLA LA . 29.07 38.63 14.88
OBD CLA LA . 30.07 38.11 15.46
CBD CLA LA . 28.59 38.07 13.61
CGD CLA LA . 29.03 38.92 12.48
O1D CLA LA . 28.72 40.08 12.39
O2D CLA LA . 29.87 38.38 11.46
CED CLA LA . 30.86 39.28 11.01
C1 CLA LA . 26.40 32.62 7.81
C2 CLA LA . 26.49 31.22 8.33
C3 CLA LA . 27.07 30.27 7.60
C4 CLA LA . 27.65 30.58 6.26
C5 CLA LA . 27.13 28.88 8.14
C6 CLA LA . 25.75 28.28 7.91
C7 CLA LA . 25.66 26.95 8.61
C8 CLA LA . 24.22 26.67 8.99
C9 CLA LA . 23.70 27.77 9.89
C10 CLA LA . 24.21 25.36 9.72
C11 CLA LA . 24.61 24.25 8.77
C12 CLA LA . 24.23 22.92 9.38
C13 CLA LA . 25.37 21.96 9.19
C14 CLA LA . 25.65 21.84 7.71
C15 CLA LA . 24.99 20.61 9.78
C16 CLA LA . 26.02 19.57 9.42
C17 CLA LA . 26.24 18.65 10.60
C18 CLA LA . 26.14 17.20 10.15
C19 CLA LA . 27.26 16.91 9.18
C20 CLA LA . 26.21 16.28 11.35
MG CLA MA . 37.61 41.96 31.77
CHA CLA MA . 39.13 41.84 34.94
CHB CLA MA . 39.24 44.88 31.25
CHC CLA MA . 36.33 41.94 28.65
CHD CLA MA . 35.91 39.00 32.54
NA CLA MA . 39.02 43.23 32.93
C1A CLA MA . 39.45 43.07 34.11
C2A CLA MA . 40.26 44.23 34.59
C3A CLA MA . 40.18 45.17 33.41
C4A CLA MA . 39.44 44.37 32.46
CMA CLA MA . 39.56 46.52 33.72
CAA CLA MA . 41.70 43.78 34.83
CBA CLA MA . 42.73 44.10 33.76
CGA CLA MA . 43.31 45.44 34.08
O1A CLA MA . 43.25 45.96 35.17
O2A CLA MA . 43.86 46.24 33.21
NB CLA MA . 37.78 43.23 30.18
C1B CLA MA . 38.48 44.34 30.13
C2B CLA MA . 38.46 45.05 28.85
C3B CLA MA . 37.59 44.19 28.08
C4B CLA MA . 37.20 43.08 28.99
CMB CLA MA . 39.18 46.33 28.58
CAB CLA MA . 37.15 44.30 26.68
CBB CLA MA . 37.63 45.17 25.83
NC CLA MA . 36.38 40.62 30.72
C1C CLA MA . 35.91 40.81 29.50
C2C CLA MA . 34.93 39.80 29.06
C3C CLA MA . 34.88 38.91 30.20
C4C CLA MA . 35.79 39.51 31.17
CMC CLA MA . 34.19 39.68 27.78
CAC CLA MA . 34.05 37.67 30.39
CBC CLA MA . 32.84 38.09 31.19
ND CLA MA . 37.48 40.65 33.27
C1D CLA MA . 36.79 39.57 33.54
C2D CLA MA . 36.95 39.00 34.88
C3D CLA MA . 37.91 39.96 35.40
C4D CLA MA . 38.16 40.87 34.45
CMD CLA MA . 36.39 37.82 35.61
CAD CLA MA . 38.68 40.27 36.62
OBD CLA MA . 38.78 39.52 37.65
CBD CLA MA . 39.67 41.32 36.25
CGD CLA MA . 39.77 42.37 37.29
O1D CLA MA . 38.81 43.05 37.59
O2D CLA MA . 41.03 42.65 37.94
CED CLA MA . 41.01 43.02 39.31
C1 CLA MA . 43.63 47.82 33.29
C2 CLA MA . 42.30 48.46 32.99
C3 CLA MA . 41.88 48.58 31.73
C4 CLA MA . 42.69 48.04 30.61
C5 CLA MA . 40.56 49.24 31.44
C6 CLA MA . 40.83 50.48 30.61
C7 CLA MA . 41.04 51.69 31.49
C8 CLA MA . 39.98 52.74 31.17
C9 CLA MA . 39.87 52.95 29.66
C10 CLA MA . 40.29 54.02 31.94
C11 CLA MA . 39.81 55.27 31.23
C12 CLA MA . 38.40 55.66 31.63
C13 CLA MA . 38.03 57.01 31.06
C14 CLA MA . 36.55 57.31 31.25
C15 CLA MA . 38.38 57.07 29.59
MG CLA NA . 26.87 63.25 40.19
CHA CLA NA . 29.08 61.16 41.83
CHB CLA NA . 28.35 62.24 37.26
CHC CLA NA . 24.63 65.18 38.60
CHD CLA NA . 25.43 64.16 43.31
NA CLA NA . 28.50 61.86 39.59
C1A CLA NA . 29.24 61.16 40.34
C2A CLA NA . 30.25 60.33 39.62
C3A CLA NA . 30.01 60.73 38.18
C4A CLA NA . 28.87 61.67 38.34
CMA CLA NA . 31.19 61.15 37.33
CAA CLA NA . 29.83 58.87 39.72
CBA CLA NA . 30.91 57.93 39.23
CGA CLA NA . 32.08 57.99 40.16
O1A CLA NA . 33.02 58.76 40.07
O2A CLA NA . 32.24 57.20 41.20
NB CLA NA . 26.54 63.63 38.20
C1B CLA NA . 27.24 63.19 37.15
C2B CLA NA . 26.78 63.74 35.85
C3B CLA NA . 25.70 64.60 36.27
C4B CLA NA . 25.61 64.48 37.75
CMB CLA NA . 27.32 63.48 34.47
CAB CLA NA . 24.83 65.42 35.40
CBB CLA NA . 24.77 66.72 35.53
NC CLA NA . 25.24 64.43 40.86
C1C CLA NA . 24.48 65.18 40.05
C2C CLA NA . 23.47 66.00 40.73
C3C CLA NA . 23.69 65.65 42.12
C4C CLA NA . 24.79 64.69 42.08
CMC CLA NA . 22.47 66.94 40.12
CAC CLA NA . 22.96 66.17 43.33
CBC CLA NA . 23.64 67.41 43.82
ND CLA NA . 27.06 62.84 42.13
C1D CLA NA . 26.54 63.21 43.30
C2D CLA NA . 27.16 62.62 44.50
C3D CLA NA . 28.17 61.80 43.84
C4D CLA NA . 28.07 61.96 42.53
CMD CLA NA . 27.01 62.67 45.99
CAD CLA NA . 29.26 60.86 44.16
OBD CLA NA . 29.74 60.65 45.33
CBD CLA NA . 29.87 60.41 42.89
CGD CLA NA . 31.31 60.83 42.89
O1D CLA NA . 32.13 60.24 43.55
O2D CLA NA . 31.77 61.95 42.10
CED CLA NA . 33.03 61.78 41.47
MG CLA OA . 18.55 66.46 36.74
CHA CLA OA . 17.27 67.07 39.93
CHB CLA OA . 16.26 68.70 35.57
CHC CLA OA . 19.82 65.93 33.66
CHD CLA OA . 20.80 64.09 38.08
NA CLA OA . 16.96 67.75 37.61
C1A CLA OA . 16.61 67.86 38.83
C2A CLA OA . 15.46 68.80 39.06
C3A CLA OA . 15.18 69.25 37.64
C4A CLA OA . 16.20 68.53 36.88
CMA CLA OA . 13.78 69.12 37.09
CAA CLA OA . 15.90 70.01 39.88
CBA CLA OA . 16.67 71.08 39.11
CGA CLA OA . 17.23 72.04 40.11
O1A CLA OA . 17.53 71.74 41.24
O2A CLA OA . 17.46 73.32 39.90
NB CLA OA . 18.09 67.22 34.89
C1B CLA OA . 17.15 68.11 34.59
C2B CLA OA . 17.07 68.45 33.15
C3B CLA OA . 18.13 67.61 32.61
C4B CLA OA . 18.71 66.88 33.75
CMB CLA OA . 16.11 69.42 32.52
CAB CLA OA . 18.63 67.42 31.22
CBB CLA OA . 18.02 67.91 30.17
NC CLA OA . 20.15 65.27 36.00
C1C CLA OA . 20.46 65.14 34.72
C2C CLA OA . 21.51 64.14 34.41
C3C CLA OA . 21.82 63.64 35.74
C4C CLA OA . 20.93 64.39 36.65
CMC CLA OA . 22.09 63.74 33.09
CAC CLA OA . 22.82 62.58 36.13
CBC CLA OA . 22.16 61.23 36.05
ND CLA OA . 19.01 65.65 38.51
C1D CLA OA . 19.91 64.80 38.98
C2D CLA OA . 19.86 64.64 40.46
C3D CLA OA . 18.79 65.58 40.77
C4D CLA OA . 18.35 66.12 39.63
CMD CLA OA . 20.58 63.87 41.52
CAD CLA OA . 18.04 66.12 41.91
OBD CLA OA . 18.29 65.87 43.14
CBD CLA OA . 16.98 67.01 41.40
CGD CLA OA . 15.65 66.38 41.65
O1D CLA OA . 15.45 65.22 41.37
O2D CLA OA . 14.57 67.09 42.27
CED CLA OA . 13.69 66.36 43.11
C1 CLA OA . 17.73 73.94 38.45
C2 CLA OA . 19.09 73.95 37.79
C3 CLA OA . 19.60 75.10 37.33
C4 CLA OA . 18.85 76.38 37.47
C5 CLA OA . 20.96 75.10 36.65
C6 CLA OA . 22.05 75.21 37.70
C7 CLA OA . 22.94 73.97 37.68
C8 CLA OA . 24.41 74.37 37.76
C9 CLA OA . 25.20 73.76 36.60
C10 CLA OA . 24.97 73.91 39.10
C11 CLA OA . 26.27 74.63 39.41
C12 CLA OA . 26.08 75.69 40.49
C13 CLA OA . 26.00 77.08 39.89
C14 CLA OA . 27.28 77.87 40.16
C15 CLA OA . 24.78 77.80 40.44
MG CLA PA . 9.20 64.29 29.88
CHA CLA PA . 7.88 64.76 26.73
CHB CLA PA . 11.93 66.07 28.84
CHC CLA PA . 10.40 63.97 32.99
CHD CLA PA . 6.30 62.46 30.82
NA CLA PA . 9.85 65.32 28.04
C1A CLA PA . 9.22 65.38 26.94
C2A CLA PA . 9.92 66.17 25.88
C3A CLA PA . 11.21 66.47 26.56
C4A CLA PA . 10.98 65.94 27.91
CMA CLA PA . 12.37 65.83 25.86
CAA CLA PA . 9.24 67.52 25.87
CBA CLA PA . 8.80 67.95 24.50
CGA CLA PA . 10.05 68.25 23.70
O1A CLA PA . 10.93 69.00 24.08
O2A CLA PA . 10.31 67.73 22.52
NB CLA PA . 10.92 64.95 30.78
C1B CLA PA . 11.93 65.61 30.23
C2B CLA PA . 13.07 65.85 31.16
C3B CLA PA . 12.58 65.20 32.37
C4B CLA PA . 11.25 64.68 32.04
CMB CLA PA . 14.37 66.55 30.88
CAB CLA PA . 13.19 65.05 33.70
CBB CLA PA . 13.95 65.96 34.23
NC CLA PA . 8.44 63.40 31.64
C1C CLA PA . 9.15 63.25 32.75
C2C CLA PA . 8.63 62.31 33.72
C3C CLA PA . 7.41 61.87 33.08
C4C CLA PA . 7.39 62.59 31.81
CMC CLA PA . 9.21 61.94 35.05
CAC CLA PA . 6.42 60.86 33.60
CBC CLA PA . 6.74 59.54 32.95
ND CLA PA . 7.47 63.69 29.10
C1D CLA PA . 6.39 63.02 29.47
C2D CLA PA . 5.36 62.87 28.42
C3D CLA PA . 6.02 63.60 27.35
C4D CLA PA . 7.20 64.03 27.79
CMD CLA PA . 4.00 62.27 28.24
CAD CLA PA . 5.82 64.02 25.96
OBD CLA PA . 4.85 63.65 25.22
CBD CLA PA . 7.02 64.77 25.50
CGD CLA PA . 7.61 64.03 24.36
O1D CLA PA . 8.39 64.55 23.59
O2D CLA PA . 7.31 62.64 24.12
CED CLA PA . 8.22 61.90 23.31
C1 CLA PA . 11.33 68.47 21.54
C2 CLA PA . 11.03 69.82 20.94
C3 CLA PA . 12.04 70.55 20.43
C4 CLA PA . 13.42 69.99 20.50
C5 CLA PA . 11.80 71.92 19.82
C6 CLA PA . 12.98 72.84 20.08
C7 CLA PA . 12.57 74.30 20.06
C8 CLA PA . 12.29 74.80 18.64
C9 CLA PA . 13.43 74.43 17.72
C10 CLA PA . 12.09 76.32 18.62
C11 CLA PA . 11.79 76.82 17.21
C12 CLA PA . 11.58 78.32 17.17
C13 CLA PA . 10.45 78.77 18.08
C14 CLA PA . 9.30 79.37 17.31
C15 CLA PA . 10.98 79.79 19.10
MG CLA QA . 17.11 65.07 24.98
CHA CLA QA . 17.93 64.23 28.28
CHB CLA QA . 14.47 62.95 25.24
CHC CLA QA . 16.21 66.10 21.91
CHD CLA QA . 19.90 67.23 24.90
NA CLA QA . 16.27 63.75 26.55
C1A CLA QA . 16.72 63.53 27.71
C2A CLA QA . 15.96 62.50 28.47
C3A CLA QA . 14.94 62.09 27.45
C4A CLA QA . 15.23 63.00 26.34
CMA CLA QA . 14.98 60.64 27.05
CAA CLA QA . 15.19 63.19 29.57
CBA CLA QA . 14.33 62.21 30.32
CGA CLA QA . 15.05 61.67 31.53
O1A CLA QA . 15.79 62.33 32.24
O2A CLA QA . 14.96 60.43 31.97
NB CLA QA . 15.54 64.59 23.77
C1B CLA QA . 14.57 63.70 23.99
C2B CLA QA . 13.63 63.54 22.85
C3B CLA QA . 14.19 64.49 21.89
C4B CLA QA . 15.37 65.09 22.54
CMB CLA QA . 12.44 62.63 22.75
CAB CLA QA . 13.76 64.85 20.52
CBB CLA QA . 12.50 65.04 20.22
NC CLA QA . 17.90 66.49 23.64
C1C CLA QA . 17.45 66.71 22.41
C2C CLA QA . 18.26 67.60 21.58
C3C CLA QA . 19.33 67.93 22.51
C4C CLA QA . 19.02 67.20 23.73
CMC CLA QA . 18.01 68.05 20.18
CAC CLA QA . 20.53 68.79 22.35
CBC CLA QA . 21.64 67.91 21.85
ND CLA QA . 18.58 65.70 26.19
C1D CLA QA . 19.65 66.48 26.12
C2D CLA QA . 20.53 66.50 27.31
C3D CLA QA . 19.76 65.58 28.14
C4D CLA QA . 18.70 65.16 27.45
CMD CLA QA . 21.80 67.15 27.78
CAD CLA QA . 19.80 64.96 29.46
OBD CLA QA . 20.85 64.85 30.19
CBD CLA QA . 18.56 64.18 29.65
CGD CLA QA . 18.96 62.82 30.09
O1D CLA QA . 18.82 62.48 31.25
O2D CLA QA . 19.54 61.88 29.14
CED CLA QA . 19.34 60.50 29.36
C1 CLA QA . 16.09 59.36 31.60
C2 CLA QA . 16.19 58.79 30.21
C3 CLA QA . 16.66 57.56 30.03
C4 CLA QA . 17.07 56.74 31.20
C5 CLA QA . 16.76 56.99 28.65
C6 CLA QA . 18.13 57.27 28.05
C7 CLA QA . 18.11 56.81 26.60
C8 CLA QA . 19.23 57.35 25.73
C9 CLA QA . 19.79 58.66 26.25
C10 CLA QA . 18.68 57.54 24.32
C11 CLA QA . 17.46 58.43 24.34
C12 CLA QA . 17.15 59.00 22.97
C13 CLA QA . 17.22 60.51 23.01
C14 CLA QA . 16.57 61.14 21.79
C15 CLA QA . 18.67 60.92 23.08
C16 CLA QA . 18.81 62.28 23.70
C17 CLA QA . 20.15 62.89 23.30
C18 CLA QA . 20.95 63.29 24.52
C19 CLA QA . 20.90 62.22 25.60
C20 CLA QA . 22.37 63.62 24.15
MG CLA RA . 30.93 76.28 21.82
CHA CLA RA . 34.32 76.77 21.22
CHB CLA RA . 31.54 72.90 21.57
CHC CLA RA . 27.68 75.79 22.51
CHD CLA RA . 30.45 79.77 22.08
NA CLA RA . 32.68 74.96 21.46
C1A CLA RA . 33.89 75.33 21.25
C2A CLA RA . 34.85 74.19 21.03
C3A CLA RA . 33.93 73.01 21.10
C4A CLA RA . 32.63 73.65 21.40
CMA CLA RA . 33.99 72.05 19.93
CAA CLA RA . 35.79 74.02 22.22
CBA CLA RA . 35.17 74.46 23.54
CGA CLA RA . 35.87 73.83 24.70
O1A CLA RA . 37.08 73.73 24.81
O2A CLA RA . 35.26 73.32 25.74
NB CLA RA . 29.79 74.58 22.02
C1B CLA RA . 30.17 73.31 21.86
C2B CLA RA . 29.06 72.32 22.04
C3B CLA RA . 27.94 73.22 22.31
C4B CLA RA . 28.48 74.59 22.28
CMB CLA RA . 29.15 70.83 21.95
CAB CLA RA . 26.52 72.93 22.58
CBB CLA RA . 25.89 71.94 22.03
NC CLA RA . 29.33 77.58 22.26
C1C CLA RA . 28.07 77.20 22.47
C2C CLA RA . 27.08 78.27 22.67
C3C CLA RA . 27.92 79.45 22.56
C4C CLA RA . 29.27 78.92 22.29
CMC CLA RA . 25.61 78.15 22.94
CAC CLA RA . 27.49 80.89 22.68
CBC CLA RA . 27.90 81.42 24.03
ND CLA RA . 32.01 77.96 21.72
C1D CLA RA . 31.81 79.27 21.80
C2D CLA RA . 33.01 80.10 21.59
C3D CLA RA . 33.99 79.03 21.36
C4D CLA RA . 33.36 77.86 21.45
CMD CLA RA . 33.41 81.55 21.56
CAD CLA RA . 35.42 78.83 21.08
OBD CLA RA . 36.28 79.75 20.87
CBD CLA RA . 35.68 77.37 21.00
CGD CLA RA . 36.18 77.00 19.64
O1D CLA RA . 35.41 76.61 18.78
O2D CLA RA . 37.58 77.10 19.31
CED CLA RA . 37.96 77.48 18.00
MG CLA SA . 32.37 67.06 16.64
CHA CLA SA . 29.59 68.32 14.96
CHB CLA SA . 31.54 69.15 19.24
CHC CLA SA . 34.92 65.70 18.33
CHD CLA SA . 33.08 64.96 13.88
NA CLA SA . 30.77 68.55 17.08
C1A CLA SA . 29.83 68.90 16.32
C2A CLA SA . 28.93 69.93 16.92
C3A CLA SA . 29.62 70.22 18.22
C4A CLA SA . 30.72 69.24 18.20
CMA CLA SA . 29.95 71.67 18.48
CAA CLA SA . 27.67 69.15 17.26
CBA CLA SA . 27.34 68.96 18.74
CGA CLA SA . 27.12 67.51 19.01
O1A CLA SA . 27.71 66.60 18.45
O2A CLA SA . 26.27 67.07 19.90
NB CLA SA . 33.10 67.40 18.52
C1B CLA SA . 32.70 68.28 19.44
C2B CLA SA . 33.50 68.29 20.68
C3B CLA SA . 34.50 67.26 20.37
C4B CLA SA . 34.17 66.76 19.03
CMB CLA SA . 33.31 69.15 21.89
CAB CLA SA . 35.64 66.71 21.14
CBB CLA SA . 35.86 67.00 22.39
NC CLA SA . 33.77 65.55 16.18
C1C CLA SA . 34.76 65.16 16.98
C2C CLA SA . 35.68 64.15 16.43
C3C CLA SA . 35.10 63.94 15.10
C4C CLA SA . 33.95 64.85 15.06
CMC CLA SA . 36.86 63.51 17.06
CAC CLA SA . 35.58 63.02 14.01
CBC CLA SA . 36.43 63.82 13.05
ND CLA SA . 31.64 66.64 14.84
C1D CLA SA . 31.92 65.84 13.82
C2D CLA SA . 30.99 65.92 12.66
C3D CLA SA . 30.09 66.94 13.19
C4D CLA SA . 30.50 67.30 14.40
CMD CLA SA . 30.83 65.30 11.31
CAD CLA SA . 28.88 67.68 12.80
OBD CLA SA . 28.14 67.39 11.81
CBD CLA SA . 28.47 68.51 13.95
CGD CLA SA . 28.24 69.92 13.51
O1D CLA SA . 27.25 70.19 12.87
O2D CLA SA . 29.16 70.99 13.83
CED CLA SA . 28.61 72.28 14.08
C1 CLA SA . 26.58 67.27 21.45
C2 CLA SA . 25.44 67.18 22.43
C3 CLA SA . 25.64 67.40 23.73
C4 CLA SA . 27.01 67.75 24.26
C5 CLA SA . 24.48 67.29 24.68
C6 CLA SA . 24.48 68.49 25.60
C7 CLA SA . 24.05 69.74 24.87
C8 CLA SA . 24.53 70.99 25.61
C9 CLA SA . 25.94 70.81 26.15
C10 CLA SA . 23.54 71.27 26.74
C11 CLA SA . 24.08 72.35 27.68
C12 CLA SA . 24.02 71.87 29.12
C13 CLA SA . 23.37 72.90 30.04
C14 CLA SA . 23.75 74.33 29.67
C15 CLA SA . 23.79 72.62 31.47
MG CLA TA . 41.01 66.56 21.77
CHA CLA TA . 39.04 69.33 21.09
CHB CLA TA . 41.93 68.11 24.68
CHC CLA TA . 42.93 63.85 22.41
CHD CLA TA . 40.01 65.07 18.71
NA CLA TA . 40.56 68.48 22.80
C1A CLA TA . 39.79 69.41 22.38
C2A CLA TA . 39.76 70.62 23.28
C3A CLA TA . 40.72 70.19 24.37
C4A CLA TA . 41.10 68.84 23.93
CMA CLA TA . 41.84 71.14 24.68
CAA CLA TA . 38.42 70.83 23.95
CBA CLA TA . 37.72 69.52 24.27
CGA CLA TA . 36.37 69.81 24.86
O1A CLA TA . 35.64 70.73 24.51
O2A CLA TA . 35.80 69.11 25.82
NB CLA TA . 42.25 66.07 23.33
C1B CLA TA . 42.47 66.77 24.44
C2B CLA TA . 43.36 66.07 25.41
C3B CLA TA . 43.64 64.83 24.69
C4B CLA TA . 42.92 64.92 23.42
CMB CLA TA . 43.85 66.50 26.77
CAB CLA TA . 44.47 63.70 25.12
CBB CLA TA . 45.65 63.53 24.59
NC CLA TA . 41.32 64.70 20.77
C1C CLA TA . 42.14 63.75 21.17
C2C CLA TA . 42.22 62.56 20.32
C3C CLA TA . 41.30 62.90 19.25
C4C CLA TA . 40.81 64.25 19.62
CMC CLA TA . 43.04 61.31 20.50
CAC CLA TA . 40.93 62.09 18.03
CBC CLA TA . 39.62 61.40 18.28
ND CLA TA . 39.84 66.95 20.22
C1D CLA TA . 39.48 66.39 19.08
C2D CLA TA . 38.56 67.20 18.24
C3D CLA TA . 38.43 68.37 19.10
C4D CLA TA . 39.16 68.17 20.20
CMD CLA TA . 37.88 67.08 16.92
CAD CLA TA . 37.75 69.66 19.16
OBD CLA TA . 37.02 70.16 18.24
CBD CLA TA . 38.11 70.32 20.44
CGD CLA TA . 38.87 71.56 20.13
O1D CLA TA . 40.00 71.49 19.70
O2D CLA TA . 38.28 72.87 20.33
CED CLA TA . 38.20 73.78 19.25
MG CLA UA . 3.32 80.84 31.22
CHA CLA UA . 1.11 82.38 33.38
CHB CLA UA . 0.98 78.35 30.84
CHC CLA UA . 5.41 79.41 28.99
CHD CLA UA . 5.70 83.41 31.79
NA CLA UA . 1.29 80.39 31.98
C1A CLA UA . 0.62 81.08 32.80
C2A CLA UA . -0.71 80.49 33.17
C3A CLA UA . -0.69 79.20 32.37
C4A CLA UA . 0.61 79.31 31.67
CMA CLA UA . -0.95 77.94 33.17
CAA CLA UA . -1.86 81.30 32.58
CBA CLA UA . -1.61 81.76 31.15
CGA CLA UA . -2.91 82.08 30.46
O1A CLA UA . -3.02 82.47 29.31
O2A CLA UA . -4.09 81.97 31.03
NB CLA UA . 3.19 79.13 30.08
C1B CLA UA . 2.21 78.24 30.04
C2B CLA UA . 2.43 77.10 29.11
C3B CLA UA . 3.74 77.44 28.59
C4B CLA UA . 4.14 78.71 29.24
CMB CLA UA . 1.49 75.95 28.86
CAB CLA UA . 4.62 76.76 27.60
CBB CLA UA . 4.37 75.55 27.14
NC CLA UA . 5.24 81.35 30.48
C1C CLA UA . 5.90 80.67 29.56
C2C CLA UA . 7.19 81.25 29.13
C3C CLA UA . 7.25 82.44 29.95
C4C CLA UA . 6.02 82.41 30.74
CMC CLA UA . 8.15 80.74 28.11
CAC CLA UA . 8.32 83.50 29.98
CBC CLA UA . 9.40 83.08 30.93
ND CLA UA . 3.51 82.53 32.26
C1D CLA UA . 4.42 83.47 32.48
C2D CLA UA . 4.01 84.52 33.45
C3D CLA UA . 2.68 84.02 33.77
C4D CLA UA . 2.46 82.90 33.08
CMD CLA UA . 4.58 85.77 34.07
CAD CLA UA . 1.51 84.35 34.61
OBD CLA UA . 1.51 85.15 35.61
CBD CLA UA . 0.44 83.35 34.33
CGD CLA UA . 0.08 82.68 35.60
O1D CLA UA . 0.93 82.47 36.44
O2D CLA UA . -1.28 82.25 35.85
CED CLA UA . -1.98 82.80 36.96
MG CLA VA . 14.35 74.00 41.36
CHA CLA VA . 13.19 71.19 43.05
CHB CLA VA . 15.88 74.95 44.28
CHC CLA VA . 15.60 76.64 39.68
CHD CLA VA . 12.63 72.96 38.45
NA CLA VA . 14.55 73.19 43.42
C1A CLA VA . 14.02 72.13 43.88
C2A CLA VA . 14.32 71.88 45.32
C3A CLA VA . 15.12 73.11 45.70
C4A CLA VA . 15.20 73.81 44.39
CMA CLA VA . 14.65 73.87 46.92
CAA CLA VA . 15.23 70.66 45.43
CBA CLA VA . 16.70 70.92 45.13
CGA CLA VA . 17.21 69.97 44.09
O1A CLA VA . 16.64 69.77 43.04
O2A CLA VA . 18.30 69.25 44.21
NB CLA VA . 15.57 75.55 41.91
C1B CLA VA . 16.09 75.81 43.11
C2B CLA VA . 16.92 77.04 43.17
C3B CLA VA . 16.80 77.51 41.80
C4B CLA VA . 15.95 76.53 41.09
CMB CLA VA . 17.66 77.62 44.34
CAB CLA VA . 17.38 78.70 41.14
CBB CLA VA . 18.65 79.00 41.29
NC CLA VA . 14.17 74.68 39.36
C1C CLA VA . 14.78 75.73 38.86
C2C CLA VA . 14.62 75.96 37.41
C3C CLA VA . 13.77 74.84 37.06
C4C CLA VA . 13.54 74.12 38.33
CMC CLA VA . 15.21 77.03 36.56
CAC CLA VA . 13.24 74.47 35.70
CBC CLA VA . 14.03 73.31 35.17
ND CLA VA . 13.19 72.50 40.75
C1D CLA VA . 12.55 72.13 39.65
C2D CLA VA . 11.75 70.88 39.77
C3D CLA VA . 12.06 70.56 41.16
C4D CLA VA . 12.87 71.50 41.66
CMD CLA VA . 10.86 70.02 38.94
CAD CLA VA . 11.76 69.54 42.18
OBD CLA VA . 11.36 68.36 41.89
CBD CLA VA . 12.55 69.86 43.39
CGD CLA VA . 11.66 69.95 44.59
O1D CLA VA . 10.70 70.68 44.63
O2D CLA VA . 11.95 69.15 45.76
CED CLA VA . 10.91 68.41 46.37
C1 CLA VA . 19.39 69.13 43.05
C2 CLA VA . 20.47 70.15 42.80
C3 CLA VA . 20.88 70.45 41.56
C4 CLA VA . 21.96 71.47 41.38
C5 CLA VA . 20.25 69.77 40.38
C6 CLA VA . 20.77 70.39 39.08
C7 CLA VA . 20.77 69.38 37.94
C8 CLA VA . 20.71 70.13 36.63
C9 CLA VA . 19.29 70.63 36.37
C10 CLA VA . 21.21 69.23 35.51
C11 CLA VA . 20.68 69.68 34.15
C12 CLA VA . 21.78 70.10 33.22
C13 CLA VA . 22.77 68.97 32.97
C14 CLA VA . 24.18 69.44 33.32
C15 CLA VA . 22.62 68.50 31.52
C16 CLA VA . 23.95 68.31 30.81
C17 CLA VA . 24.35 66.85 30.78
C18 CLA VA . 25.65 66.68 29.99
C19 CLA VA . 26.86 66.73 30.91
C20 CLA VA . 25.63 65.39 29.17
MG CLA WA . -5.76 79.92 24.60
CHA CLA WA . -6.12 78.67 27.81
CHB CLA WA . -9.15 79.49 24.24
CHC CLA WA . -5.42 81.23 21.52
CHD CLA WA . -2.28 80.29 25.14
NA CLA WA . -7.46 79.19 25.85
C1A CLA WA . -7.40 78.75 27.04
C2A CLA WA . -8.72 78.25 27.58
C3A CLA WA . -9.62 78.49 26.41
C4A CLA WA . -8.69 79.11 25.43
CMA CLA WA . -10.42 77.28 25.96
CAA CLA WA . -9.26 79.07 28.74
CBA CLA WA . -8.85 80.53 28.67
CGA CLA WA . -8.80 81.06 30.08
O1A CLA WA . -9.67 80.90 30.91
O2A CLA WA . -7.80 81.77 30.56
NB CLA WA . -7.11 80.31 23.10
C1B CLA WA . -8.42 80.07 23.11
C2B CLA WA . -9.10 80.45 21.85
C3B CLA WA . -7.99 80.96 21.05
C4B CLA WA . -6.79 80.84 21.91
CMB CLA WA . -10.56 80.34 21.50
CAB CLA WA . -8.06 81.48 19.68
CBB CLA WA . -7.67 82.70 19.39
NC CLA WA . -4.11 80.70 23.52
C1C CLA WA . -4.17 81.14 22.27
C2C CLA WA . -2.88 81.57 21.69
C3C CLA WA . -1.96 81.32 22.79
C4C CLA WA . -2.82 80.78 23.87
CMC CLA WA . -2.59 82.12 20.33
CAC CLA WA . -0.48 81.54 22.84
CBC CLA WA . -0.20 82.82 23.59
ND CLA WA . -4.41 79.63 26.03
C1D CLA WA . -3.11 79.75 26.22
C2D CLA WA . -2.59 79.30 27.54
C3D CLA WA . -3.86 78.89 28.13
C4D CLA WA . -4.84 79.09 27.24
CMD CLA WA . -1.30 79.20 28.26
CAD CLA WA . -4.40 78.31 29.37
OBD CLA WA . -3.70 77.74 30.27
CBD CLA WA . -5.87 78.16 29.21
CGD CLA WA . -6.25 76.72 29.34
O1D CLA WA . -6.43 76.03 28.36
O2D CLA WA . -6.40 76.10 30.62
CED CLA WA . -6.30 74.69 30.70
MG CLA XA . 1.56 73.93 25.63
CHA CLA XA . 4.22 71.84 26.36
CHB CLA XA . 3.44 75.14 23.02
CHC CLA XA . -1.07 75.85 24.82
CHD CLA XA . -0.30 72.52 28.32
NA CLA XA . 3.57 73.56 24.77
C1A CLA XA . 4.45 72.75 25.18
C2A CLA XA . 5.73 72.79 24.41
C3A CLA XA . 5.45 73.87 23.41
C4A CLA XA . 4.06 74.21 23.74
CMA CLA XA . 6.43 75.01 23.36
CAA CLA XA . 5.93 71.52 23.61
CBA CLA XA . 7.38 71.37 23.18
CGA CLA XA . 7.37 71.04 21.70
O1A CLA XA . 6.70 70.17 21.20
O2A CLA XA . 8.10 71.67 20.81
NB CLA XA . 1.24 75.30 24.12
C1B CLA XA . 2.09 75.68 23.17
C2B CLA XA . 1.56 76.72 22.26
C3B CLA XA . 0.22 76.92 22.83
C4B CLA XA . 0.11 75.99 23.97
CMB CLA XA . 2.27 77.35 21.11
CAB CLA XA . -0.86 77.82 22.40
CBB CLA XA . -1.09 78.07 21.13
NC CLA XA . -0.40 74.13 26.43
C1C CLA XA . -1.30 74.98 25.98
C2C CLA XA . -2.57 75.01 26.72
C3C CLA XA . -2.34 74.02 27.75
C4C CLA XA . -0.98 73.54 27.48
CMC CLA XA . -3.78 75.84 26.49
CAC CLA XA . -3.29 73.60 28.84
CBC CLA XA . -4.05 72.36 28.48
ND CLA XA . 1.75 72.53 27.03
C1D CLA XA . 1.05 72.05 28.06
C2D CLA XA . 1.77 71.04 28.88
C3D CLA XA . 3.03 71.01 28.14
C4D CLA XA . 2.95 71.86 27.12
CMD CLA XA . 1.52 70.20 30.09
CAD CLA XA . 4.33 70.34 28.17
OBD CLA XA . 4.84 69.80 29.20
CBD CLA XA . 5.12 70.82 26.99
CGD CLA XA . 6.35 71.49 27.51
O1D CLA XA . 7.37 71.52 26.84
O2D CLA XA . 6.37 72.16 28.77
CED CLA XA . 7.14 73.34 28.81
C1 CLA XA . 8.71 73.11 21.15
C2 CLA XA . 8.28 74.35 20.42
C3 CLA XA . 8.79 75.52 20.83
C4 CLA XA . 7.93 75.98 19.70
C5 CLA XA . 9.02 77.00 20.92
C6 CLA XA . 8.87 77.47 22.35
C7 CLA XA . 8.37 78.92 22.38
C8 CLA XA . 7.31 79.19 23.43
C9 CLA XA . 7.51 78.33 24.68
C10 CLA XA . 5.93 78.95 22.85
C11 CLA XA . 5.69 79.82 21.62
C12 CLA XA . 5.42 81.26 22.01
C13 CLA XA . 4.55 81.97 21.00
C14 CLA XA . 5.35 82.94 20.15
C15 CLA XA . 3.43 82.70 21.71
MG CLA YA . 11.59 84.65 9.80
CHA CLA YA . 14.84 85.81 9.46
CHB CLA YA . 12.90 81.89 11.37
CHC CLA YA . 8.44 83.56 10.20
CHD CLA YA . 10.37 87.47 8.03
NA CLA YA . 13.62 83.92 10.37
C1A CLA YA . 14.74 84.48 10.15
C2A CLA YA . 15.92 83.68 10.62
C3A CLA YA . 15.25 82.45 11.19
C4A CLA YA . 13.82 82.77 10.97
CMA CLA YA . 15.72 81.08 10.75
CAA CLA YA . 16.71 84.38 11.73
CBA CLA YA . 16.10 84.30 13.11
CGA CLA YA . 16.75 85.38 13.94
O1A CLA YA . 17.05 86.47 13.51
O2A CLA YA . 17.12 85.26 15.20
NB CLA YA . 10.81 82.97 10.67
C1B CLA YA . 11.44 81.96 11.26
C2B CLA YA . 10.57 80.89 11.79
C3B CLA YA . 9.25 81.41 11.42
C4B CLA YA . 9.50 82.70 10.74
CMB CLA YA . 10.98 79.62 12.49
CAB CLA YA . 7.89 80.86 11.64
CBB CLA YA . 7.60 80.01 12.58
NC CLA YA . 9.70 85.47 9.32
C1C CLA YA . 8.54 84.85 9.52
C2C CLA YA . 7.35 85.53 9.02
C3C CLA YA . 7.92 86.74 8.44
C4C CLA YA . 9.37 86.59 8.66
CMC CLA YA . 5.94 85.06 9.12
CAC CLA YA . 7.22 87.88 7.76
CBC CLA YA . 7.02 87.57 6.30
ND CLA YA . 12.30 86.29 8.90
C1D CLA YA . 11.81 87.36 8.26
C2D CLA YA . 12.85 88.33 7.82
C3D CLA YA . 14.03 87.65 8.33
C4D CLA YA . 13.66 86.51 8.92
CMD CLA YA . 12.92 89.65 7.10
CAD CLA YA . 15.50 87.82 8.40
OBD CLA YA . 16.15 88.84 8.00
CBD CLA YA . 16.05 86.67 9.18
CGD CLA YA . 17.04 85.97 8.33
O1D CLA YA . 18.22 86.16 8.47
O2D CLA YA . 16.62 85.03 7.32
CED CLA YA . 17.36 83.84 7.13
C1 CLA YA . 16.45 86.17 16.34
C2 CLA YA . 15.27 87.05 16.05
C3 CLA YA . 15.21 88.32 16.48
C4 CLA YA . 16.34 88.92 17.27
C5 CLA YA . 14.00 89.16 16.15
C6 CLA YA . 12.78 88.27 15.93
C7 CLA YA . 12.05 87.98 17.23
C8 CLA YA . 10.66 87.41 16.95
C9 CLA YA . 9.59 88.45 17.26
C10 CLA YA . 10.45 86.14 17.76
MG CLA ZA . 2.29 87.57 3.52
CHA CLA ZA . 2.58 90.63 1.91
CHB CLA ZA . 3.27 89.18 6.39
CHC CLA ZA . 1.98 84.62 5.07
CHD CLA ZA . 1.31 86.06 0.46
NA CLA ZA . 2.85 89.65 4.12
C1A CLA ZA . 2.90 90.68 3.38
C2A CLA ZA . 3.36 91.92 4.09
C3A CLA ZA . 3.59 91.42 5.50
C4A CLA ZA . 3.21 89.99 5.34
CMA CLA ZA . 4.87 91.78 6.22
CAA CLA ZA . 2.26 92.98 4.19
CBA CLA ZA . 0.85 92.39 4.22
CGA CLA ZA . 0.26 92.48 5.60
O1A CLA ZA . 0.33 93.46 6.34
O2A CLA ZA . -0.42 91.51 6.19
NB CLA ZA . 2.59 86.99 5.46
C1B CLA ZA . 2.96 87.75 6.49
C2B CLA ZA . 3.06 87.03 7.78
C3B CLA ZA . 2.68 85.68 7.38
C4B CLA ZA . 2.40 85.74 5.92
CMB CLA ZA . 3.45 87.60 9.12
CAB CLA ZA . 2.61 84.50 8.27
CBB CLA ZA . 1.55 83.74 8.34
NC CLA ZA . 1.67 85.66 2.88
C1C CLA ZA . 1.59 84.59 3.65
C2C CLA ZA . 1.11 83.37 3.01
C3C CLA ZA . 0.86 83.82 1.65
C4C CLA ZA . 1.25 85.23 1.67
CMC CLA ZA . 0.89 82.01 3.59
CAC CLA ZA . 0.33 83.04 0.47
CBC CLA ZA . -1.17 83.09 0.51
ND CLA ZA . 1.96 88.07 1.62
C1D CLA ZA . 1.61 87.49 0.48
C2D CLA ZA . 1.58 88.37 -0.71
C3D CLA ZA . 1.98 89.62 -0.06
C4D CLA ZA . 2.17 89.39 1.25
CMD CLA ZA . 1.28 88.29 -2.18
CAD CLA ZA . 2.22 91.03 -0.37
OBD CLA ZA . 1.67 91.61 -1.37
CBD CLA ZA . 2.58 91.73 0.88
CGD CLA ZA . 3.93 92.35 0.72
O1D CLA ZA . 4.25 93.34 1.34
O2D CLA ZA . 4.91 91.77 -0.18
CED CLA ZA . 6.28 91.89 0.18
MG CLA AB . 14.45 92.45 10.34
CHA CLA AB . 17.61 93.90 10.57
CHB CLA AB . 15.81 89.69 11.87
CHC CLA AB . 11.38 91.07 10.25
CHD CLA AB . 13.17 95.40 8.84
NA CLA AB . 16.45 91.85 11.15
C1A CLA AB . 17.54 92.51 11.12
C2A CLA AB . 18.71 91.77 11.70
C3A CLA AB . 18.08 90.44 12.05
C4A CLA AB . 16.68 90.67 11.68
CMA CLA AB . 18.68 89.19 11.44
CAA CLA AB . 19.26 92.44 12.96
CBA CLA AB . 18.65 91.97 14.27
CGA CLA AB . 19.05 92.94 15.36
O1A CLA AB . 20.21 93.15 15.68
O2A CLA AB . 18.21 93.65 16.07
NB CLA AB . 13.71 90.64 10.98
C1B CLA AB . 14.38 89.65 11.56
C2B CLA AB . 13.55 88.46 11.87
C3B CLA AB . 12.25 88.89 11.39
C4B CLA AB . 12.44 90.25 10.85
CMB CLA AB . 13.97 87.20 12.51
CAB CLA AB . 10.99 88.11 11.40
CBB CLA AB . 9.95 88.50 12.12
NC CLA AB . 12.58 93.14 9.66
C1C CLA AB . 11.45 92.41 9.68
C2C CLA AB . 10.26 93.03 9.11
C3C CLA AB . 10.79 94.32 8.69
C4C CLA AB . 12.22 94.29 9.07
CMC CLA AB . 8.89 92.43 9.00
CAC CLA AB . 10.05 95.42 8.00
CBC CLA AB . 9.69 94.96 6.61
ND CLA AB . 15.09 94.27 9.81
C1D CLA AB . 14.60 95.34 9.20
C2D CLA AB . 15.61 96.41 8.91
C3D CLA AB . 16.78 95.76 9.49
C4D CLA AB . 16.43 94.57 9.98
CMD CLA AB . 15.68 97.76 8.28
CAD CLA AB . 18.22 96.00 9.71
OBD CLA AB . 18.88 97.03 9.32
CBD CLA AB . 18.78 94.85 10.47
CGD CLA AB . 19.93 94.29 9.70
O1D CLA AB . 21.02 94.83 9.75
O2D CLA AB . 19.78 93.11 8.87
CED CLA AB . 20.88 92.21 8.79
MG CLA BB . -4.05 75.04 -2.78
CHA CLA BB . -3.61 74.59 -6.20
CHB CLA BB . -3.37 78.36 -3.29
CHC CLA BB . -4.51 75.48 0.53
CHD CLA BB . -4.66 71.58 -2.40
NA CLA BB . -3.57 76.35 -4.52
C1A CLA BB . -3.44 76.01 -5.74
C2A CLA BB . -3.08 77.14 -6.66
C3A CLA BB . -2.97 78.29 -5.69
C4A CLA BB . -3.33 77.63 -4.41
CMA CLA BB . -1.71 79.10 -5.71
CAA CLA BB . -4.17 77.59 -7.65
CBA CLA BB . -5.53 76.89 -7.71
CGA CLA BB . -6.36 77.11 -6.49
O1A CLA BB . -6.22 78.03 -5.70
O2A CLA BB . -7.38 76.34 -6.14
NB CLA BB . -3.94 76.69 -1.57
C1B CLA BB . -3.67 77.95 -1.92
C2B CLA BB . -3.70 78.92 -0.79
C3B CLA BB . -4.03 78.02 0.32
C4B CLA BB . -4.17 76.67 -0.25
CMB CLA BB . -3.44 80.39 -0.87
CAB CLA BB . -4.24 78.28 1.76
CBB CLA BB . -4.47 79.47 2.26
NC CLA BB . -4.59 73.74 -1.19
C1C CLA BB . -4.71 74.10 0.08
C2C CLA BB . -5.09 73.02 1.01
C3C CLA BB . -5.19 71.88 0.12
C4C CLA BB . -4.85 72.43 -1.20
CMC CLA BB . -5.34 73.09 2.49
CAC CLA BB . -5.56 70.47 0.47
CBC CLA BB . -4.33 69.60 0.54
ND CLA BB . -4.14 73.39 -3.89
C1D CLA BB . -4.40 72.10 -3.74
C2D CLA BB . -4.36 71.28 -4.97
C3D CLA BB . -4.04 72.35 -5.92
C4D CLA BB . -3.93 73.50 -5.26
CMD CLA BB . -4.55 69.85 -5.40
CAD CLA BB . -3.80 72.55 -7.36
OBD CLA BB . -4.01 71.68 -8.28
CBD CLA BB . -3.52 73.99 -7.59
CGD CLA BB . -2.16 74.08 -8.19
O1D CLA BB . -1.93 73.50 -9.23
O2D CLA BB . -1.08 74.85 -7.60
CED CLA BB . -0.24 75.62 -8.45
C1 CLA BB . -7.41 75.65 -4.69
C2 CLA BB . -7.53 74.15 -4.53
C3 CLA BB . -8.12 73.66 -3.44
C4 CLA BB . -8.26 72.17 -3.26
C5 CLA BB . -8.64 74.60 -2.37
C6 CLA BB . -8.04 74.23 -1.03
C7 CLA BB . -9.12 73.78 -0.05
C8 CLA BB . -9.51 74.89 0.90
C9 CLA BB . -8.31 75.70 1.38
C10 CLA BB . -10.24 74.28 2.10
C11 CLA BB . -9.34 73.30 2.83
C12 CLA BB . -10.16 72.22 3.52
C13 CLA BB . -9.55 70.85 3.30
C14 CLA BB . -10.19 70.15 2.11
C15 CLA BB . -9.68 70.02 4.56
C16 CLA BB . -8.31 69.54 5.01
C17 CLA BB . -8.22 68.02 5.03
C18 CLA BB . -7.44 67.44 3.84
C19 CLA BB . -6.29 68.34 3.41
C20 CLA BB . -6.93 66.04 4.15
MG CLA CB . 2.94 67.32 1.22
CHA CLA CB . 6.06 65.84 1.40
CHB CLA CB . 4.23 69.32 -1.25
CHC CLA CB . -0.09 68.78 1.03
CHD CLA CB . 1.79 65.27 3.85
NA CLA CB . 4.89 67.58 0.17
C1A CLA CB . 5.96 66.93 0.38
C2A CLA CB . 7.11 67.39 -0.46
C3A CLA CB . 6.51 68.53 -1.22
C4A CLA CB . 5.11 68.47 -0.76
CMA CLA CB . 7.24 69.84 -1.02
CAA CLA CB . 7.40 66.32 -1.50
CBA CLA CB . 7.18 66.60 -2.98
CGA CLA CB . 5.85 66.02 -3.39
O1A CLA CB . 5.42 66.00 -4.52
O2A CLA CB . 5.00 65.45 -2.54
NB CLA CB . 2.19 68.82 0.04
C1B CLA CB . 2.82 69.50 -0.91
C2B CLA CB . 1.97 70.50 -1.61
C3B CLA CB . 0.71 70.33 -0.90
C4B CLA CB . 0.93 69.26 0.10
CMB CLA CB . 2.37 71.43 -2.71
CAB CLA CB . -0.55 71.02 -1.14
CBB CLA CB . -1.13 70.83 -2.29
NC CLA CB . 1.08 66.97 2.19
C1C CLA CB . 0.01 67.74 2.06
C2C CLA CB . -1.08 67.47 3.02
C3C CLA CB . -0.52 66.38 3.80
C4C CLA CB . 0.81 66.15 3.22
CMC CLA CB . -2.42 68.14 3.16
CAC CLA CB . -1.11 65.62 4.96
CBC CLA CB . -2.21 64.72 4.44
ND CLA CB . 3.63 65.89 2.43
C1D CLA CB . 3.16 65.11 3.39
C2D CLA CB . 4.14 64.12 3.91
C3D CLA CB . 5.28 64.46 3.06
C4D CLA CB . 4.93 65.47 2.26
CMD CLA CB . 4.21 63.03 4.93
CAD CLA CB . 6.68 64.08 2.82
OBD CLA CB . 7.32 63.18 3.46
CBD CLA CB . 7.24 64.98 1.79
CGD CLA CB . 8.29 65.82 2.42
O1D CLA CB . 8.00 66.55 3.32
O2D CLA CB . 9.67 65.75 1.96
CED CLA CB . 10.70 65.62 2.92
C1 CLA CB . 3.51 65.06 -2.98
C2 CLA CB . 2.29 65.87 -2.58
C3 CLA CB . 1.26 65.28 -1.96
C4 CLA CB . 1.32 63.82 -1.64
C5 CLA CB . 0.04 66.07 -1.57
C6 CLA CB . -0.88 65.26 -0.66
C7 CLA CB . -2.32 65.75 -0.76
C8 CLA CB . -3.10 65.30 0.46
C9 CLA CB . -3.01 63.79 0.64
C10 CLA CB . -4.56 65.73 0.34
MG CLA DB . 7.97 71.26 8.19
CHA CLA DB . 11.01 72.38 6.95
CHB CLA DB . 8.02 68.84 5.75
CHC CLA DB . 5.04 70.13 9.41
CHD CLA DB . 7.98 73.81 10.63
NA CLA DB . 9.33 70.65 6.54
C1A CLA DB . 10.42 71.20 6.21
C2A CLA DB . 11.09 70.55 5.04
C3A CLA DB . 10.08 69.50 4.63
C4A CLA DB . 9.07 69.66 5.70
CMA CLA DB . 9.61 69.46 3.19
CAA CLA DB . 12.28 69.83 5.67
CBA CLA DB . 12.26 68.29 5.74
CGA CLA DB . 11.54 67.71 6.91
O1A CLA DB . 10.99 68.36 7.77
O2A CLA DB . 11.41 66.42 7.08
NB CLA DB . 6.72 69.71 7.64
C1B CLA DB . 6.89 68.83 6.67
C2B CLA DB . 5.83 67.79 6.60
C3B CLA DB . 4.96 68.21 7.69
C4B CLA DB . 5.59 69.40 8.27
CMB CLA DB . 5.75 66.66 5.62
CAB CLA DB . 3.69 67.64 8.21
CBB CLA DB . 3.06 66.63 7.68
NC CLA DB . 6.74 71.83 9.81
C1C CLA DB . 5.59 71.28 10.12
C2C CLA DB . 4.87 71.85 11.24
C3C CLA DB . 5.75 72.92 11.64
C4C CLA DB . 6.88 72.84 10.69
CMC CLA DB . 3.56 71.38 11.79
CAC CLA DB . 5.57 73.90 12.75
CBC CLA DB . 5.95 73.25 14.05
ND CLA DB . 9.10 72.81 8.74
C1D CLA DB . 9.11 73.70 9.72
C2D CLA DB . 10.35 74.54 9.76
C3D CLA DB . 11.06 73.96 8.62
C4D CLA DB . 10.31 73.00 8.10
CMD CLA DB . 10.91 75.65 10.59
CAD CLA DB . 12.32 74.10 7.89
OBD CLA DB . 13.31 74.80 8.25
CBD CLA DB . 12.32 73.11 6.77
CGD CLA DB . 12.52 73.88 5.49
O1D CLA DB . 13.24 74.84 5.48
O2D CLA DB . 11.91 73.50 4.24
CED CLA DB . 12.77 73.36 3.11
C1 CLA DB . 10.03 65.70 6.71
C2 CLA DB . 8.89 65.64 7.69
C3 CLA DB . 8.06 64.59 7.70
C4 CLA DB . 8.26 63.47 6.73
C5 CLA DB . 6.92 64.51 8.68
C6 CLA DB . 6.93 65.71 9.59
C7 CLA DB . 6.27 65.39 10.93
C8 CLA DB . 4.96 66.14 11.10
C9 CLA DB . 4.97 67.00 12.36
C10 CLA DB . 3.85 65.12 11.12
C11 CLA DB . 2.56 65.68 11.69
C12 CLA DB . 1.53 64.58 11.83
C13 CLA DB . 0.72 64.43 10.56
C14 CLA DB . -0.72 64.82 10.79
C15 CLA DB . 0.78 62.98 10.13
C16 CLA DB . 1.24 62.87 8.69
C17 CLA DB . 1.68 61.43 8.41
C18 CLA DB . 3.12 61.40 7.97
C19 CLA DB . 4.06 61.89 9.06
C20 CLA DB . 3.53 60.02 7.53
MG CLA EB . -10.46 79.31 16.93
CHA CLA EB . -12.20 77.74 19.49
CHB CLA EB . -13.49 80.26 15.66
CHC CLA EB . -8.75 80.84 14.45
CHD CLA EB . -7.40 78.18 18.29
NA CLA EB . -12.60 79.07 17.48
C1A CLA EB . -13.08 78.44 18.49
C2A CLA EB . -14.58 78.45 18.57
C3A CLA EB . -14.92 79.24 17.32
C4A CLA EB . -13.58 79.55 16.78
CMA CLA EB . -15.97 78.73 16.37
CAA CLA EB . -15.12 79.28 19.74
CBA CLA EB . -14.16 80.38 20.15
CGA CLA EB . -14.82 81.36 21.10
O1A CLA EB . -15.94 81.24 21.55
O2A CLA EB . -14.23 82.45 21.57
NB CLA EB . -11.05 80.41 15.29
C1B CLA EB . -12.30 80.69 14.92
C2B CLA EB . -12.39 81.50 13.68
C3B CLA EB . -10.99 81.65 13.33
C4B CLA EB . -10.21 80.95 14.38
CMB CLA EB . -13.60 82.01 12.97
CAB CLA EB . -10.49 82.41 12.16
CBB CLA EB . -9.47 82.05 11.42
NC CLA EB . -8.39 79.59 16.52
C1C CLA EB . -7.90 80.16 15.43
C2C CLA EB . -6.44 80.11 15.26
C3C CLA EB . -6.04 79.37 16.44
C4C CLA EB . -7.30 79.09 17.14
CMC CLA EB . -5.60 80.68 14.14
CAC CLA EB . -4.65 78.97 16.85
CBC CLA EB . -4.22 79.82 18.01
ND CLA EB . -9.81 78.22 18.46
C1D CLA EB . -8.64 77.85 18.98
C2D CLA EB . -8.75 77.10 20.25
C3D CLA EB . -10.21 77.09 20.39
C4D CLA EB . -10.74 77.73 19.35
CMD CLA EB . -7.83 76.47 21.25
CAD CLA EB . -11.25 76.62 21.32
OBD CLA EB . -11.05 76.46 22.57
CBD CLA EB . -12.57 76.96 20.73
CGD CLA EB . -13.30 75.69 20.46
O1D CLA EB . -14.25 75.37 21.15
O2D CLA EB . -12.89 74.81 19.40
CED CLA EB . -13.90 74.01 18.79
C1 CLA EB . -13.93 83.73 20.66
C2 CLA EB . -13.58 83.63 19.19
C3 CLA EB . -12.55 84.29 18.66
C4 CLA EB . -11.70 85.17 19.52
C5 CLA EB . -12.25 84.15 17.18
C6 CLA EB . -10.74 84.00 17.00
C7 CLA EB . -10.35 84.23 15.54
C8 CLA EB . -9.05 85.02 15.38
C9 CLA EB . -8.31 84.56 14.13
C10 CLA EB . -8.14 84.87 16.59
MG CLA FB . -6.03 63.61 15.13
CHA CLA FB . -8.31 61.53 16.66
CHB CLA FB . -3.88 62.96 17.74
CHC CLA FB . -3.76 65.53 13.59
CHD CLA FB . -8.33 64.22 12.48
NA CLA FB . -6.06 62.40 16.98
C1A CLA FB . -7.01 61.67 17.41
C2A CLA FB . -6.72 60.99 18.71
C3A CLA FB . -5.35 61.54 19.02
C4A CLA FB . -5.07 62.35 17.83
CMA CLA FB . -5.24 62.32 20.30
CAA CLA FB . -6.59 59.49 18.47
CBA CLA FB . -5.54 59.14 17.42
CGA CLA FB . -5.77 57.87 16.67
O1A CLA FB . -6.56 56.99 16.97
O2A CLA FB . -5.12 57.61 15.55
NB CLA FB . -4.11 64.14 15.60
C1B CLA FB . -3.41 63.82 16.67
C2B CLA FB . -2.05 64.40 16.69
C3B CLA FB . -2.03 65.16 15.46
C4B CLA FB . -3.35 64.94 14.86
CMB CLA FB . -1.02 64.22 17.76
CAB CLA FB . -0.97 65.99 14.84
CBB CLA FB . 0.30 65.69 14.94
NC CLA FB . -6.04 64.66 13.30
C1C CLA FB . -5.03 65.39 12.89
C2C CLA FB . -5.19 66.10 11.64
C3C CLA FB . -6.54 65.71 11.26
C4C CLA FB . -6.98 64.83 12.36
CMC CLA FB . -4.13 66.96 11.05
CAC CLA FB . -7.33 66.10 10.04
CBC CLA FB . -8.10 67.37 10.29
ND CLA FB . -7.87 63.10 14.57
C1D CLA FB . -8.71 63.32 13.57
C2D CLA FB . -10.02 62.61 13.69
C3D CLA FB . -9.78 61.91 14.96
C4D CLA FB . -8.57 62.22 15.40
CMD CLA FB . -11.29 62.49 12.92
CAD CLA FB . -10.45 61.00 15.90
OBD CLA FB . -11.67 60.61 15.84
CBD CLA FB . -9.53 60.75 17.05
CGD CLA FB . -10.10 61.31 18.31
O1D CLA FB . -10.83 62.28 18.30
O2D CLA FB . -9.74 60.72 19.58
CED CLA FB . -10.71 60.17 20.46
C1 CLA FB . -4.67 56.15 15.07
C2 CLA FB . -3.69 55.22 15.76
C3 CLA FB . -2.66 54.73 15.05
C4 CLA FB . -2.50 55.15 13.63
C5 CLA FB . -1.64 53.78 15.62
C6 CLA FB . -1.73 53.59 17.13
C7 CLA FB . -0.73 52.54 17.55
C8 CLA FB . -0.39 52.65 19.03
C9 CLA FB . 0.35 53.94 19.33
C10 CLA FB . 0.44 51.46 19.51
C11 CLA FB . 0.00 50.15 18.88
C12 CLA FB . -0.44 49.17 19.94
C13 CLA FB . 0.37 47.88 19.87
C14 CLA FB . 0.21 47.24 18.49
C15 CLA FB . -0.07 46.92 20.96
C16 CLA FB . -0.35 47.62 22.28
C17 CLA FB . -1.24 46.76 23.15
C18 CLA FB . -1.06 47.12 24.61
C19 CLA FB . -2.03 46.37 25.49
C20 CLA FB . 0.36 46.82 25.04
MG CLA GB . -16.89 66.40 13.53
CHA CLA GB . -19.58 67.60 15.37
CHB CLA GB . -18.69 63.55 13.00
CHC CLA GB . -14.26 65.28 11.72
CHD CLA GB . -15.13 69.40 14.18
NA CLA GB . -18.90 65.65 14.09
C1A CLA GB . -19.79 66.24 14.79
C2A CLA GB . -21.05 65.43 14.99
C3A CLA GB . -20.70 64.15 14.24
C4A CLA GB . -19.35 64.46 13.73
CMA CLA GB . -20.94 62.80 14.91
CAA CLA GB . -22.24 66.14 14.34
CBA CLA GB . -22.85 65.47 13.11
CGA CLA GB . -22.25 66.08 11.87
O1A CLA GB . -21.12 66.53 11.80
O2A CLA GB . -22.89 66.18 10.71
NB CLA GB . -16.54 64.66 12.50
C1B CLA GB . -17.36 63.60 12.40
C2B CLA GB . -16.79 62.49 11.61
C3B CLA GB . -15.48 63.03 11.24
C4B CLA GB . -15.42 64.37 11.84
CMB CLA GB . -17.41 61.16 11.27
CAB CLA GB . -14.43 62.37 10.44
CBB CLA GB . -14.08 62.82 9.27
NC CLA GB . -15.03 67.25 12.96
C1C CLA GB . -14.09 66.63 12.27
C2C CLA GB . -12.84 67.38 12.06
C3C CLA GB . -13.14 68.62 12.75
C4C CLA GB . -14.50 68.44 13.27
CMC CLA GB . -11.60 66.98 11.33
CAC CLA GB . -12.29 69.84 12.92
CBC CLA GB . -12.80 70.92 11.99
ND CLA GB . -17.15 68.14 14.48
C1D CLA GB . -16.46 69.24 14.73
C2D CLA GB . -17.12 70.24 15.61
C3D CLA GB . -18.36 69.51 15.83
C4D CLA GB . -18.33 68.35 15.17
CMD CLA GB . -16.80 71.58 16.19
CAD CLA GB . -19.64 69.65 16.55
OBD CLA GB . -19.72 70.24 17.67
CBD CLA GB . -20.47 68.44 16.25
CGD CLA GB . -20.67 67.75 17.54
O1D CLA GB . -21.51 68.16 18.33
O2D CLA GB . -19.89 66.58 17.89
CED CLA GB . -20.47 65.59 18.74
CAA F6C HB . -20.34 56.50 15.77
CAB F6C HB . -13.37 51.12 12.67
CAC F6C HB . -10.62 58.76 11.95
CAD F6C HB . -17.52 60.45 16.25
NA F6C HB . -17.13 55.79 15.42
CBA F6C HB . -21.44 55.45 15.57
CBB F6C HB . -12.13 50.93 13.07
CBC F6C HB . -9.64 58.92 13.08
CBD F6C HB . -18.39 59.27 16.53
NB F6C HB . -15.04 54.15 14.05
OBD F6C HB . -17.59 61.54 16.92
CGA F6C HB . -21.49 55.07 14.11
CGD F6C HB . -18.51 59.09 18.01
ND F6C HB . -15.33 58.15 14.60
CED F6C HB . -19.20 60.61 19.84
CHA F6C HB . -17.61 58.12 15.95
CHB F6C HB . -17.12 53.45 15.18
CHC F6C HB . -12.89 54.28 12.81
CHD F6C HB . -13.35 59.07 13.56
CMA F6C HB . -18.99 53.64 17.54
CMB F6C HB . -16.23 50.58 14.25
CMC F6C HB . -10.29 55.47 11.47
CMD F6C HB . -14.79 61.95 14.86
OMB F6C HB . -15.90 49.58 13.65
C1A F6C HB . -17.90 56.65 15.95
C1B F6C HB . -15.89 53.21 14.43
C1C F6C HB . -12.61 55.71 12.79
C1D F6C HB . -14.60 59.22 14.32
O1A F6C HB . -21.88 55.81 13.23
O1D F6C HB . -17.73 58.36 18.59
C2A F6C HB . -19.13 56.06 16.59
C2B F6C HB . -15.50 51.85 14.01
C2C F6C HB . -11.38 56.23 12.15
C2D F6C HB . -15.14 60.50 14.84
O2A F6C HB . -21.14 53.89 13.64
O2D F6C HB . -19.55 59.75 18.77
C3A F6C HB . -18.90 54.58 16.36
C3B F6C HB . -14.25 52.11 13.33
C3C F6C HB . -11.55 57.66 12.35
C3D F6C HB . -16.36 59.98 15.49
C4A F6C HB . -17.63 54.60 15.60
C4B F6C HB . -14.04 53.57 13.40
C4C F6C HB . -12.82 57.79 13.08
C4D F6C HB . -16.41 58.67 15.31
NC F6C HB . -13.42 56.61 13.32
MG F6C HB . -15.19 56.18 14.39
MG CLA IB . -8.31 51.00 19.90
CHA CLA IB . -9.04 54.31 19.20
CHB CLA IB . -10.36 50.15 17.27
CHC CLA IB . -7.41 47.82 20.40
CHD CLA IB . -6.31 52.00 22.66
NA CLA IB . -9.55 52.07 18.38
C1A CLA IB . -9.71 53.33 18.28
C2A CLA IB . -10.67 53.73 17.20
C3A CLA IB . -11.09 52.38 16.65
C4A CLA IB . -10.28 51.46 17.48
CMA CLA IB . -12.56 52.09 16.50
CAA CLA IB . -9.99 54.48 16.07
CBA CLA IB . -8.64 53.88 15.74
CGA CLA IB . -8.13 54.55 14.49
O1A CLA IB . -7.81 55.72 14.43
O2A CLA IB . -8.01 53.97 13.33
NB CLA IB . -8.81 49.25 18.96
C1B CLA IB . -9.67 49.06 17.96
C2B CLA IB . -9.87 47.63 17.58
C3B CLA IB . -8.98 46.98 18.55
C4B CLA IB . -8.38 48.05 19.34
CMB CLA IB . -10.75 47.05 16.52
CAB CLA IB . -8.68 45.55 18.74
CBB CLA IB . -8.38 44.78 17.74
NC CLA IB . -7.06 50.06 21.32
C1C CLA IB . -6.83 48.76 21.36
C2C CLA IB . -5.93 48.31 22.42
C3C CLA IB . -5.60 49.54 23.09
C4C CLA IB . -6.35 50.57 22.34
CMC CLA IB . -5.45 46.93 22.69
CAC CLA IB . -4.70 49.72 24.27
CBC CLA IB . -5.52 49.75 25.53
ND CLA IB . -7.73 52.67 20.81
C1D CLA IB . -6.98 53.03 21.86
C2D CLA IB . -6.92 54.49 22.10
C3D CLA IB . -7.76 54.94 21.00
C4D CLA IB . -8.18 53.88 20.31
CMD CLA IB . -6.28 55.45 23.07
CAD CLA IB . -8.28 56.17 20.40
OBD CLA IB . -7.86 57.36 20.65
CBD CLA IB . -9.11 55.81 19.22
CGD CLA IB . -10.51 56.27 19.48
O1D CLA IB . -10.91 57.31 19.00
O2D CLA IB . -11.39 55.49 20.29
CED CLA IB . -12.72 55.27 19.84
C1 CLA IB . -7.23 52.57 13.15
C2 CLA IB . -5.87 52.36 13.75
C3 CLA IB . -4.95 51.58 13.15
C4 CLA IB . -5.28 50.91 11.84
C5 CLA IB . -3.61 51.40 13.80
C6 CLA IB . -2.96 50.08 13.39
C7 CLA IB . -3.42 48.94 14.29
C8 CLA IB . -2.24 48.21 14.89
C9 CLA IB . -2.75 47.08 15.77
C10 CLA IB . -1.40 49.17 15.70
MG CLA JB . -2.26 61.77 21.89
CHA CLA JB . -0.02 64.41 21.76
CHB CLA JB . -0.37 60.23 19.50
CHC CLA JB . -4.44 59.21 22.06
CHD CLA JB . -4.13 63.46 24.40
NA CLA JB . -0.39 62.23 20.75
C1A CLA JB . 0.33 63.27 20.85
C2A CLA JB . 1.56 63.26 19.98
C3A CLA JB . 1.41 61.92 19.28
C4A CLA JB . 0.13 61.42 19.87
CMA CLA JB . 1.67 61.79 17.80
CAA CLA JB . 2.82 63.20 20.83
CBA CLA JB . 4.09 63.51 20.03
CGA CLA JB . 4.85 64.60 20.74
O1A CLA JB . 5.93 64.45 21.27
O2A CLA JB . 4.42 65.85 20.84
NB CLA JB . -2.37 59.98 20.92
C1B CLA JB . -1.58 59.53 19.96
C2B CLA JB . -1.99 58.22 19.41
C3B CLA JB . -3.18 57.94 20.20
C4B CLA JB . -3.35 59.09 21.10
CMB CLA JB . -1.29 57.44 18.34
CAB CLA JB . -4.13 56.81 20.18
CBB CLA JB . -4.32 56.05 19.13
NC CLA JB . -3.94 61.34 23.15
C1C CLA JB . -4.75 60.30 22.99
C2C CLA JB . -5.98 60.30 23.79
C3C CLA JB . -5.84 61.54 24.53
C4C CLA JB . -4.56 62.10 24.05
CMC CLA JB . -7.08 59.28 23.84
CAC CLA JB . -6.78 62.13 25.54
CBC CLA JB . -6.29 61.84 26.92
ND CLA JB . -2.22 63.47 22.91
C1D CLA JB . -2.94 64.09 23.84
C2D CLA JB . -2.43 65.42 24.22
C3D CLA JB . -1.27 65.49 23.36
C4D CLA JB . -1.20 64.36 22.64
CMD CLA JB . -2.83 66.51 25.17
CAD CLA JB . -0.16 66.39 23.02
OBD CLA JB . -0.16 67.64 23.25
CBD CLA JB . 0.65 65.74 21.96
CGD CLA JB . 0.56 66.57 20.72
O1D CLA JB . 1.48 66.58 19.92
O2D CLA JB . -0.60 67.37 20.46
CED CLA JB . -1.08 67.49 19.12
C1 CLA JB . 4.86 66.81 22.04
C2 CLA JB . 4.62 66.45 23.50
C3 CLA JB . 4.10 67.35 24.35
C4 CLA JB . 3.77 68.70 23.84
C5 CLA JB . 3.86 67.01 25.80
C6 CLA JB . 2.37 66.83 26.04
C7 CLA JB . 2.07 66.46 27.50
C8 CLA JB . 1.11 65.28 27.69
C9 CLA JB . 0.82 64.54 26.39
C10 CLA JB . -0.19 65.73 28.35
C11 CLA JB . -0.80 64.65 29.23
C12 CLA JB . -1.01 65.17 30.65
C13 CLA JB . -1.95 64.29 31.48
C14 CLA JB . -2.08 64.79 32.90
C15 CLA JB . -1.45 62.85 31.49
MG CLA KB . 8.24 49.93 13.15
CHA CLA KB . 8.89 51.06 9.94
CHB CLA KB . 4.91 50.02 12.31
CHC CLA KB . 7.62 48.56 16.13
CHD CLA KB . 11.68 49.99 13.85
NA CLA KB . 7.02 50.46 11.37
C1A CLA KB . 7.43 50.89 10.25
C2A CLA KB . 6.34 51.19 9.29
C3A CLA KB . 5.10 50.93 10.10
C4A CLA KB . 5.71 50.43 11.35
CMA CLA KB . 4.08 52.04 10.19
CAA CLA KB . 6.42 49.99 8.35
CBA CLA KB . 5.08 49.52 7.80
CGA CLA KB . 5.31 48.39 6.84
O1A CLA KB . 6.29 48.25 6.14
O2A CLA KB . 4.46 47.41 6.67
NB CLA KB . 6.50 49.37 14.07
C1B CLA KB . 5.25 49.50 13.63
C2B CLA KB . 4.22 49.03 14.56
C3B CLA KB . 5.04 48.62 15.69
C4B CLA KB . 6.44 48.86 15.30
CMB CLA KB . 2.73 49.04 14.37
CAB CLA KB . 4.61 48.03 16.97
CBB CLA KB . 3.84 46.98 16.95
NC CLA KB . 9.48 49.36 14.76
C1C CLA KB . 9.04 48.82 15.87
C2C CLA KB . 10.08 48.47 16.86
C3C CLA KB . 11.29 48.89 16.17
C4C CLA KB . 10.80 49.44 14.89
CMC CLA KB . 9.90 47.81 18.20
CAC CLA KB . 12.71 48.82 16.65
CBC CLA KB . 13.43 47.73 15.90
ND CLA KB . 9.96 50.38 12.25
C1D CLA KB . 11.25 50.38 12.52
C2D CLA KB . 12.14 50.81 11.41
C3D CLA KB . 11.12 51.06 10.40
C4D CLA KB . 9.93 50.81 10.93
CMD CLA KB . 13.60 51.00 11.13
CAD CLA KB . 10.99 51.51 9.01
OBD CLA KB . 11.90 52.09 8.32
CBD CLA KB . 9.54 51.53 8.68
CGD CLA KB . 9.14 52.94 8.44
O1D CLA KB . 8.89 53.67 9.37
O2D CLA KB . 9.02 53.45 7.10
CED CLA KB . 9.33 54.80 6.89
C1 CLA KB . 3.77 47.14 5.27
C2 CLA KB . 2.97 48.16 4.51
C3 CLA KB . 1.80 47.82 3.96
C4 CLA KB . 1.29 46.42 4.12
C5 CLA KB . 0.98 48.81 3.18
C6 CLA KB . -0.26 49.23 3.96
C7 CLA KB . -0.65 50.66 3.60
C8 CLA KB . -2.15 50.79 3.34
C9 CLA KB . -2.93 50.76 4.65
C10 CLA KB . -2.63 49.68 2.41
MG CLA LB . 5.95 56.97 2.72
CHA CLA LB . 5.08 54.85 5.27
CHB CLA LB . 3.14 58.79 3.45
CHC CLA LB . 6.86 59.00 0.29
CHD CLA LB . 8.93 55.05 2.16
NA CLA LB . 4.30 56.86 4.19
C1A CLA LB . 4.13 55.98 5.09
C2A CLA LB . 2.87 56.15 5.88
C3A CLA LB . 2.29 57.39 5.24
C4A CLA LB . 3.31 57.72 4.22
CMA CLA LB . 0.85 57.32 4.77
CAA CLA LB . 3.18 56.50 7.33
CBA CLA LB . 2.30 55.68 8.27
CGA CLA LB . 2.10 56.41 9.57
O1A CLA LB . 1.30 56.10 10.42
O2A CLA LB . 2.76 57.48 9.94
NB CLA LB . 5.11 58.68 1.98
C1B CLA LB . 3.98 59.30 2.36
C2B CLA LB . 3.68 60.52 1.58
C3B CLA LB . 4.81 60.56 0.65
C4B CLA LB . 5.63 59.38 0.98
CMB CLA LB . 2.51 61.44 1.73
CAB CLA LB . 5.15 61.50 -0.42
CBB CLA LB . 4.85 62.78 -0.36
NC CLA LB . 7.68 57.05 1.48
C1C CLA LB . 7.80 57.91 0.51
C2C CLA LB . 8.96 57.72 -0.35
C3C CLA LB . 9.61 56.55 0.21
C4C CLA LB . 8.72 56.23 1.34
CMC CLA LB . 9.34 58.52 -1.52
CAC CLA LB . 10.86 55.85 -0.22
CBC CLA LB . 10.60 54.99 -1.42
ND CLA LB . 6.92 55.41 3.46
C1D CLA LB . 7.99 54.67 3.18
C2D CLA LB . 8.13 53.43 3.96
C3D CLA LB . 6.93 53.58 4.78
C4D CLA LB . 6.30 54.70 4.46
CMD CLA LB . 9.09 52.30 4.04
CAD CLA LB . 6.21 52.87 5.83
OBD CLA LB . 6.13 51.61 5.70
CBD CLA LB . 5.04 53.69 6.22
CGD CLA LB . 3.81 52.90 5.94
O1D CLA LB . 3.61 52.43 4.83
O2D CLA LB . 2.81 52.65 6.97
CED CLA LB . 2.07 51.44 6.93
C1 CLA LB . 2.98 57.76 11.50
C2 CLA LB . 2.07 58.61 12.36
C3 CLA LB . 2.60 59.31 13.37
C4 CLA LB . 4.07 59.24 13.62
C5 CLA LB . 1.77 60.17 14.29
C6 CLA LB . 1.04 61.28 13.56
C7 CLA LB . -0.41 60.93 13.22
C8 CLA LB . -1.18 60.31 14.37
C9 CLA LB . -1.50 58.84 14.10
C10 CLA LB . -2.47 61.07 14.56
C11 CLA LB . -3.21 61.23 13.24
C12 CLA LB . -4.58 60.57 13.28
C13 CLA LB . -5.53 61.07 12.21
C14 CLA LB . -6.44 59.94 11.77
C15 CLA LB . -4.80 61.66 11.01
C16 CLA LB . -5.77 62.01 9.91
C17 CLA LB . -5.08 62.03 8.55
C18 CLA LB . -4.50 63.41 8.27
C19 CLA LB . -2.98 63.37 8.30
C20 CLA LB . -5.01 63.94 6.94
MG CLA MB . 24.00 61.39 16.15
CHA CLA MB . 24.48 64.82 16.08
CHB CLA MB . 25.14 61.33 12.91
CHC CLA MB . 23.68 58.05 16.24
CHD CLA MB . 22.71 61.61 19.42
NA CLA MB . 24.72 62.86 14.65
C1A CLA MB . 24.80 64.12 14.79
C2A CLA MB . 25.26 64.83 13.58
C3A CLA MB . 25.39 63.72 12.59
C4A CLA MB . 25.05 62.55 13.43
CMA CLA MB . 24.55 63.89 11.35
CAA CLA MB . 26.69 65.32 13.78
CBA CLA MB . 27.75 64.26 14.08
CGA CLA MB . 28.07 64.16 15.56
O1A CLA MB . 27.44 63.55 16.38
O2A CLA MB . 29.12 64.72 16.11
NB CLA MB . 24.36 59.92 14.77
C1B CLA MB . 24.84 60.05 13.53
C2B CLA MB . 25.08 58.79 12.81
C3B CLA MB . 24.63 57.84 13.82
C4B CLA MB . 24.20 58.62 14.99
CMB CLA MB . 25.61 58.58 11.43
CAB CLA MB . 24.60 56.37 13.76
CBB CLA MB . 25.67 55.70 13.41
NC CLA MB . 23.38 60.02 17.64
C1C CLA MB . 23.23 58.72 17.47
C2C CLA MB . 22.62 57.99 18.58
C3C CLA MB . 22.37 59.05 19.54
C4C CLA MB . 22.87 60.26 18.86
CMC CLA MB . 22.32 56.53 18.68
CAC CLA MB . 21.73 58.96 20.90
CBC CLA MB . 22.78 59.05 21.97
ND CLA MB . 23.58 62.77 17.50
C1D CLA MB . 23.17 62.83 18.76
C2D CLA MB . 23.24 64.18 19.37
C3D CLA MB . 23.76 64.93 18.24
C4D CLA MB . 23.94 64.09 17.23
CMD CLA MB . 22.92 64.81 20.69
CAD CLA MB . 24.15 66.29 17.86
OBD CLA MB . 23.82 67.35 18.49
CBD CLA MB . 24.65 66.26 16.47
CGD CLA MB . 23.79 67.17 15.66
O1D CLA MB . 22.60 67.21 15.89
O2D CLA MB . 24.33 68.01 14.63
CED CLA MB . 23.92 69.37 14.60
C1 CLA MB . 29.97 63.96 17.23
C2 CLA MB . 29.89 64.38 18.67
C3 CLA MB . 30.89 64.10 19.51
C4 CLA MB . 30.80 64.53 20.95
C5 CLA MB . 32.10 63.36 19.03
C6 CLA MB . 32.58 62.40 20.11
C7 CLA MB . 34.06 62.10 19.97
C8 CLA MB . 34.81 62.14 21.30
C9 CLA MB . 34.04 62.84 22.41
C10 CLA MB . 36.16 62.81 21.07
C11 CLA MB . 37.32 61.98 21.61
C12 CLA MB . 37.66 62.38 23.04
C13 CLA MB . 38.82 63.36 23.09
C14 CLA MB . 39.84 62.92 24.14
C15 CLA MB . 38.30 64.74 23.45
MG CLA NB . 16.14 65.98 14.29
CHA CLA NB . 16.73 67.92 11.47
CHB CLA NB . 19.33 66.64 15.26
CHC CLA NB . 15.49 64.16 17.05
CHD CLA NB . 12.85 65.34 13.15
NA CLA NB . 17.86 67.13 13.49
C1A CLA NB . 17.92 67.79 12.39
C2A CLA NB . 19.27 68.37 12.11
C3A CLA NB . 20.06 67.90 13.30
C4A CLA NB . 19.03 67.18 14.08
CMA CLA NB . 21.35 67.18 12.98
CAA CLA NB . 19.23 69.90 12.12
CBA CLA NB . 19.24 70.51 13.50
CGA CLA NB . 18.11 71.50 13.62
O1A CLA NB . 17.73 72.01 14.65
O2A CLA NB . 17.42 71.93 12.60
NB CLA NB . 17.27 65.48 15.92
C1B CLA NB . 18.51 65.85 16.19
C2B CLA NB . 19.01 65.35 17.49
C3B CLA NB . 17.85 64.62 17.99
C4B CLA NB . 16.82 64.76 16.95
CMB CLA NB . 20.37 65.57 18.07
CAB CLA NB . 17.60 63.86 19.24
CBB CLA NB . 18.45 63.80 20.23
NC CLA NB . 14.40 65.00 15.03
C1C CLA NB . 14.35 64.26 16.13
C2C CLA NB . 13.10 63.53 16.39
C3C CLA NB . 12.31 63.93 15.23
C4C CLA NB . 13.21 64.82 14.47
CMC CLA NB . 12.73 62.63 17.52
CAC CLA NB . 10.91 63.54 14.88
CBC CLA NB . 9.98 64.67 15.20
ND CLA NB . 14.95 66.45 12.76
C1D CLA NB . 13.74 66.17 12.36
C2D CLA NB . 13.36 66.74 11.05
C3D CLA NB . 14.61 67.44 10.74
C4D CLA NB . 15.46 67.23 11.74
CMD CLA NB . 12.15 66.73 10.18
CAD CLA NB . 15.22 68.27 9.70
OBD CLA NB . 14.61 68.77 8.70
CBD CLA NB . 16.55 68.71 10.20
CGD CLA NB . 17.60 68.37 9.21
O1D CLA NB . 17.60 67.28 8.69
O2D CLA NB . 18.63 69.32 8.88
CED CLA NB . 19.40 69.11 7.70
C1 CLA NB . 15.85 72.18 12.77
C2 CLA NB . 14.84 71.24 12.18
C3 CLA NB . 13.97 71.71 11.29
C4 CLA NB . 14.04 73.16 10.89
C5 CLA NB . 12.93 70.82 10.68
C6 CLA NB . 11.72 70.80 11.59
C7 CLA NB . 10.54 70.20 10.84
C8 CLA NB . 9.63 69.46 11.79
C9 CLA NB . 8.66 68.58 11.02
C10 CLA NB . 8.88 70.43 12.66
C11 CLA NB . 8.67 69.85 14.04
C12 CLA NB . 7.21 69.81 14.43
C13 CLA NB . 7.08 69.54 15.93
C14 CLA NB . 7.78 70.61 16.74
C15 CLA NB . 7.65 68.18 16.24
C16 CLA NB . 6.63 67.30 16.95
C17 CLA NB . 5.76 66.57 15.93
C18 CLA NB . 4.65 65.78 16.61
C19 CLA NB . 3.86 66.66 17.57
C20 CLA NB . 3.73 65.17 15.58
MG CLA OB . 12.92 56.42 30.34
CHA CLA OB . 13.24 55.02 33.47
CHB CLA OB . 11.68 59.21 31.87
CHC CLA OB . 12.75 57.83 27.28
CHD CLA OB . 14.05 53.44 28.84
NA CLA OB . 12.52 57.08 32.42
C1A CLA OB . 12.68 56.41 33.49
C2A CLA OB . 12.28 57.13 34.72
C3A CLA OB . 11.75 58.42 34.16
C4A CLA OB . 12.00 58.25 32.72
CMA CLA OB . 10.33 58.70 34.53
CAA CLA OB . 13.48 57.50 35.58
CBA CLA OB . 14.61 58.13 34.78
CGA CLA OB . 15.85 58.09 35.62
O1A CLA OB . 16.27 57.09 36.15
O2A CLA OB . 16.63 59.12 35.86
NB CLA OB . 12.32 58.25 29.68
C1B CLA OB . 11.83 59.23 30.42
C2B CLA OB . 11.43 60.39 29.62
C3B CLA OB . 11.73 59.98 28.26
C4B CLA OB . 12.29 58.64 28.41
CMB CLA OB . 10.86 61.61 30.19
CAB CLA OB . 11.57 60.69 26.96
CBB CLA OB . 10.74 61.67 26.77
NC CLA OB . 13.41 55.75 28.38
C1C CLA OB . 13.32 56.49 27.29
C2C CLA OB . 13.85 55.90 26.06
C3C CLA OB . 14.30 54.61 26.55
C4C CLA OB . 13.96 54.62 27.98
CMC CLA OB . 13.90 56.54 24.71
CAC CLA OB . 14.96 53.49 25.79
CBC CLA OB . 16.44 53.49 26.08
ND CLA OB . 13.53 54.61 30.88
C1D CLA OB . 13.94 53.51 30.29
C2D CLA OB . 14.25 52.40 31.22
C3D CLA OB . 13.95 53.06 32.48
C4D CLA OB . 13.55 54.31 32.22
CMD CLA OB . 14.72 50.99 31.08
CAD CLA OB . 13.94 52.83 33.92
OBD CLA OB . 14.14 51.72 34.52
CBD CLA OB . 13.61 54.10 34.62
CGD CLA OB . 12.49 53.79 35.52
O1D CLA OB . 12.68 53.15 36.54
O2D CLA OB . 11.14 54.23 35.27
CED CLA OB . 10.27 54.34 36.37
C1 CLA OB . 17.85 59.44 34.89
C2 CLA OB . 18.82 58.39 34.42
C3 CLA OB . 19.87 58.75 33.67
C4 CLA OB . 20.03 60.18 33.28
C5 CLA OB . 20.85 57.70 33.20
C6 CLA OB . 21.62 58.24 31.99
C7 CLA OB . 22.66 57.24 31.51
C8 CLA OB . 22.49 57.00 30.02
C9 CLA OB . 22.02 55.59 29.75
C10 CLA OB . 23.81 57.26 29.32
C11 CLA OB . 23.61 57.94 27.97
C12 CLA OB . 24.80 57.68 27.07
C13 CLA OB . 25.35 58.99 26.51
C14 CLA OB . 24.36 59.61 25.54
C15 CLA OB . 26.69 58.72 25.83
MG CLA PB . -5.92 39.79 19.70
CHA CLA PB . -9.15 39.64 20.99
CHB CLA PB . -6.27 36.48 18.91
CHC CLA PB . -2.84 39.96 18.35
CHD CLA PB . -5.69 43.18 20.64
NA CLA PB . -7.50 38.23 19.89
C1A CLA PB . -8.66 38.35 20.41
C2A CLA PB . -9.47 37.10 20.43
C3A CLA PB . -8.51 36.12 19.80
C4A CLA PB . -7.34 36.99 19.51
CMA CLA PB . -8.27 34.83 20.54
CAA CLA PB . -10.64 37.19 19.47
CBA CLA PB . -10.31 37.92 18.19
CGA CLA PB . -11.11 37.34 17.06
O1A CLA PB . -11.36 36.16 16.92
O2A CLA PB . -11.64 38.04 16.07
NB CLA PB . -4.74 38.41 18.77
C1B CLA PB . -5.01 37.12 18.54
C2B CLA PB . -3.94 36.41 17.83
C3B CLA PB . -2.94 37.45 17.68
C4B CLA PB . -3.53 38.66 18.29
CMB CLA PB . -3.91 34.97 17.41
CAB CLA PB . -1.61 37.38 17.06
CBB CLA PB . -1.53 37.11 15.78
NC CLA PB . -4.52 41.36 19.45
C1C CLA PB . -3.30 41.22 18.95
C2C CLA PB . -2.42 42.39 19.04
C3C CLA PB . -3.29 43.35 19.70
C4C CLA PB . -4.55 42.62 19.91
CMC CLA PB . -1.01 42.55 18.57
CAC CLA PB . -3.00 44.78 20.08
CBC CLA PB . -3.64 45.72 19.09
ND CLA PB . -7.04 41.19 20.56
C1D CLA PB . -6.91 42.45 20.94
C2D CLA PB . -8.08 42.99 21.66
C3D CLA PB . -8.94 41.82 21.64
C4D CLA PB . -8.30 40.84 21.01
CMD CLA PB . -8.50 44.25 22.31
CAD CLA PB . -10.27 41.38 22.09
OBD CLA PB . -10.92 41.93 23.04
CBD CLA PB . -10.46 39.97 21.67
CGD CLA PB . -10.64 39.19 22.93
O1D CLA PB . -11.64 38.54 23.11
O2D CLA PB . -9.67 39.17 23.99
CED CLA PB . -9.82 38.16 24.98
C1 CLA PB . -11.88 37.37 14.64
C2 CLA PB . -10.72 36.85 13.82
C3 CLA PB . -10.91 36.26 12.64
C4 CLA PB . -9.74 35.75 11.87
C5 CLA PB . -12.31 36.07 12.10
MG CLA QB . -3.67 30.97 15.09
CHA CLA QB . -6.13 30.96 17.50
CHB CLA QB . -2.45 28.13 16.55
CHC CLA QB . -1.33 30.91 12.68
CHD CLA QB . -5.02 33.93 13.70
NA CLA QB . -4.22 29.66 16.80
C1A CLA QB . -5.18 29.82 17.61
C2A CLA QB . -5.26 28.76 18.67
C3A CLA QB . -4.05 27.92 18.35
C4A CLA QB . -3.54 28.60 17.14
CMA CLA QB . -3.05 27.69 19.46
CAA CLA QB . -6.44 27.79 18.46
CBA CLA QB . -6.94 27.80 17.01
CGA CLA QB . -7.68 26.55 16.63
O1A CLA QB . -8.38 25.90 17.39
O2A CLA QB . -7.61 26.03 15.42
NB CLA QB . -2.13 29.68 14.67
C1B CLA QB . -1.76 28.62 15.37
C2B CLA QB . -0.55 27.95 14.87
C3B CLA QB . -0.23 28.80 13.72
C4B CLA QB . -1.26 29.84 13.68
CMB CLA QB . 0.08 26.73 15.46
CAB CLA QB . 0.85 28.73 12.73
CBB CLA QB . 1.59 27.65 12.57
NC CLA QB . -3.27 32.20 13.41
C1C CLA QB . -2.24 32.05 12.59
C2C CLA QB . -2.05 33.10 11.59
C3C CLA QB . -3.17 33.99 11.89
C4C CLA QB . -3.84 33.34 13.03
CMC CLA QB . -1.01 33.22 10.53
CAC CLA QB . -3.57 35.27 11.24
CBC CLA QB . -2.84 36.37 11.97
ND CLA QB . -5.17 32.23 15.39
C1D CLA QB . -5.66 33.34 14.86
C2D CLA QB . -6.85 33.89 15.56
C3D CLA QB . -6.98 32.87 16.61
C4D CLA QB . -6.01 31.98 16.46
CMD CLA QB . -7.79 35.05 15.46
CAD CLA QB . -7.82 32.54 17.74
OBD CLA QB . -9.02 32.90 17.79
CBD CLA QB . -7.33 31.28 18.36
CGD CLA QB . -6.93 31.55 19.77
O1D CLA QB . -6.11 32.39 20.05
O2D CLA QB . -7.52 30.78 20.84
CED CLA QB . -7.91 31.47 22.03
C1 CLA QB . -8.72 26.30 14.31
C2 CLA QB . -8.46 25.92 12.87
C3 CLA QB . -9.07 26.49 11.82
C4 CLA QB . -10.08 27.58 12.03
C5 CLA QB . -8.74 26.03 10.42
C6 CLA QB . -8.79 27.22 9.47
C7 CLA QB . -7.68 27.14 8.43
C8 CLA QB . -7.90 28.12 7.27
C9 CLA QB . -6.59 28.40 6.54
C10 CLA QB . -8.50 29.43 7.77
MG CLA RB . 8.41 26.99 4.52
CHA CLA RB . 7.86 26.83 7.92
CHB CLA RB . 11.39 25.37 5.11
CHC CLA RB . 8.97 27.08 1.18
CHD CLA RB . 5.44 28.81 4.07
NA CLA RB . 9.52 26.18 6.27
C1A CLA RB . 9.17 26.24 7.49
C2A CLA RB . 10.18 25.70 8.45
C3A CLA RB . 11.28 25.30 7.52
C4A CLA RB . 10.69 25.63 6.21
CMA CLA RB . 12.61 25.98 7.76
CAA CLA RB . 9.68 24.44 9.13
CBA CLA RB . 10.79 23.60 9.71
CGA CLA RB . 10.64 23.61 11.20
O1A CLA RB . 10.48 22.61 11.87
O2A CLA RB . 10.65 24.68 11.94
NB CLA RB . 9.96 26.33 3.34
C1B CLA RB . 11.05 25.65 3.71
C2B CLA RB . 11.92 25.24 2.60
C3B CLA RB . 11.18 25.77 1.46
C4B CLA RB . 9.98 26.43 2.01
CMB CLA RB . 13.21 24.50 2.63
CAB CLA RB . 11.51 25.68 0.04
CBB CLA RB . 10.90 24.78 -0.67
NC CLA RB . 7.32 27.73 2.86
C1C CLA RB . 7.72 27.72 1.60
C2C CLA RB . 6.82 28.36 0.63
C3C CLA RB . 5.76 28.82 1.50
C4C CLA RB . 6.16 28.39 2.85
CMC CLA RB . 6.97 28.52 -0.85
CAC CLA RB . 4.51 29.56 1.13
CBC CLA RB . 4.87 31.03 1.11
ND CLA RB . 6.93 27.74 5.62
C1D CLA RB . 5.79 28.37 5.42
C2D CLA RB . 4.99 28.59 6.66
C3D CLA RB . 5.88 27.95 7.62
C4D CLA RB . 6.94 27.49 6.97
CMD CLA RB . 3.69 29.21 7.07
CAD CLA RB . 5.98 27.64 9.05
OBD CLA RB . 5.25 28.13 9.99
CBD CLA RB . 7.24 26.93 9.30
CGD CLA RB . 8.10 27.80 10.16
O1D CLA RB . 8.67 28.74 9.67
O2D CLA RB . 8.28 27.53 11.55
CED CLA RB . 8.12 28.60 12.47
C1 CLA RB . 11.86 24.98 12.93
C2 CLA RB . 12.75 23.90 13.52
C3 CLA RB . 12.83 23.74 14.84
C4 CLA RB . 12.01 24.58 15.77
C5 CLA RB . 13.71 22.66 15.42
C6 CLA RB . 15.18 23.03 15.25
C7 CLA RB . 15.98 21.78 14.97
C8 CLA RB . 16.58 21.21 16.25
C9 CLA RB . 18.07 20.98 16.07
C10 CLA RB . 15.87 19.92 16.61
C11 CLA RB . 16.15 19.48 18.04
C12 CLA RB . 15.94 17.98 18.18
C13 CLA RB . 15.62 17.55 19.61
C14 CLA RB . 14.62 18.50 20.24
C15 CLA RB . 16.90 17.47 20.43
MG CLA SB . 17.99 25.27 1.33
CHA CLA SB . 18.15 23.34 -1.56
CHB CLA SB . 14.95 26.42 0.19
CHC CLA SB . 17.74 27.00 4.19
CHD CLA SB . 21.15 24.04 2.33
NA CLA SB . 16.67 24.94 -0.44
C1A CLA SB . 16.91 24.17 -1.42
C2A CLA SB . 15.82 24.19 -2.45
C3A CLA SB . 14.86 25.21 -1.91
C4A CLA SB . 15.54 25.56 -0.64
CMA CLA SB . 14.48 26.32 -2.85
CAA CLA SB . 15.05 22.87 -2.43
CBA CLA SB . 14.98 22.23 -1.05
CGA CLA SB . 13.58 21.75 -0.79
O1A CLA SB . 12.60 22.14 -1.40
O2A CLA SB . 13.25 20.86 0.11
NB CLA SB . 16.54 26.52 2.07
C1B CLA SB . 15.41 26.91 1.48
C2B CLA SB . 14.61 27.86 2.29
C3B CLA SB . 15.47 28.00 3.45
C4B CLA SB . 16.63 27.15 3.23
CMB CLA SB . 13.29 28.50 1.97
CAB CLA SB . 15.22 28.83 4.63
CBB CLA SB . 14.24 28.44 5.41
NC CLA SB . 19.25 25.47 3.02
C1C CLA SB . 18.99 26.23 4.07
C2C CLA SB . 20.02 26.25 5.12
C3C CLA SB . 21.02 25.37 4.55
C4C CLA SB . 20.45 24.95 3.26
CMC CLA SB . 20.02 27.00 6.41
CAC CLA SB . 22.34 24.93 5.11
CBC CLA SB . 23.33 26.06 5.07
ND CLA SB . 19.41 24.03 0.67
C1D CLA SB . 20.58 23.55 1.08
C2D CLA SB . 21.21 22.57 0.16
C3D CLA SB . 20.18 22.54 -0.87
C4D CLA SB . 19.21 23.37 -0.53
CMD CLA SB . 22.44 21.73 0.08
CAD CLA SB . 19.88 21.89 -2.15
OBD CLA SB . 20.69 21.12 -2.79
CBD CLA SB . 18.58 22.39 -2.65
CGD CLA SB . 18.82 23.03 -3.98
O1D CLA SB . 19.31 22.40 -4.87
O2D CLA SB . 18.44 24.38 -4.30
CED CLA SB . 17.65 24.53 -5.47
C1 CLA SB . 11.72 20.45 0.33
C2 CLA SB . 10.79 21.25 1.20
C3 CLA SB . 9.73 20.64 1.75
C4 CLA SB . 9.48 19.19 1.50
C5 CLA SB . 8.78 21.41 2.63
C6 CLA SB . 8.29 22.67 1.96
C7 CLA SB . 7.62 23.55 3.00
C8 CLA SB . 6.15 23.72 2.69
C9 CLA SB . 5.97 24.38 1.34
C10 CLA SB . 5.51 24.54 3.79
C11 CLA SB . 4.12 25.02 3.37
C12 CLA SB . 3.35 25.47 4.60
C13 CLA SB . 1.93 25.87 4.21
C14 CLA SB . 1.91 27.25 3.59
C15 CLA SB . 1.07 25.82 5.45
C16 CLA SB . -0.40 26.02 5.09
C17 CLA SB . -1.16 24.73 5.32
C18 CLA SB . -2.58 24.75 4.75
C19 CLA SB . -3.56 25.20 5.82
C20 CLA SB . -2.69 25.61 3.51
MG CLA TB . 0.26 54.77 -2.49
CHA CLA TB . -0.07 57.88 -4.01
CHB CLA TB . 2.73 56.15 -0.54
CHC CLA TB . 0.47 51.80 -0.93
CHD CLA TB . -2.21 53.45 -4.64
NA CLA TB . 1.23 56.77 -2.27
C1A CLA TB . 0.99 57.82 -2.94
C2A CLA TB . 1.85 58.99 -2.58
C3A CLA TB . 2.75 58.37 -1.55
C4A CLA TB . 2.21 57.00 -1.43
CMA CLA TB . 4.19 58.43 -1.97
CAA CLA TB . 1.04 60.07 -1.85
CBA CLA TB . 0.30 59.57 -0.62
CGA CLA TB . -0.89 60.45 -0.30
O1A CLA TB . -1.33 61.29 -1.05
O2A CLA TB . -1.61 60.40 0.82
NB CLA TB . 1.44 54.10 -0.96
C1B CLA TB . 2.37 54.75 -0.27
C2B CLA TB . 3.00 53.95 0.78
C3B CLA TB . 2.32 52.67 0.62
C4B CLA TB . 1.36 52.86 -0.47
CMB CLA TB . 4.08 54.37 1.73
CAB CLA TB . 2.43 51.38 1.34
CBB CLA TB . 3.47 51.03 2.04
NC CLA TB . -0.78 52.95 -2.70
C1C CLA TB . -0.54 51.84 -1.99
C2C CLA TB . -1.34 50.65 -2.32
C3C CLA TB . -2.16 51.17 -3.40
C4C CLA TB . -1.74 52.58 -3.56
CMC CLA TB . -1.30 49.29 -1.70
CAC CLA TB . -3.22 50.44 -4.18
CBC CLA TB . -4.57 50.80 -3.59
ND CLA TB . -0.93 55.37 -3.99
C1D CLA TB . -1.84 54.85 -4.78
C2D CLA TB . -2.40 55.79 -5.80
C3D CLA TB . -1.63 56.99 -5.43
C4D CLA TB . -0.83 56.68 -4.40
CMD CLA TB . -3.39 55.80 -6.92
CAD CLA TB . -1.47 58.40 -5.82
OBD CLA TB . -1.68 58.84 -7.01
CBD CLA TB . -0.55 59.04 -4.85
CGD CLA TB . 0.53 59.70 -5.64
O1D CLA TB . 0.68 60.90 -5.57
O2D CLA TB . 1.41 58.94 -6.49
CED CLA TB . 2.81 59.17 -6.42
C1 CLA TB . -1.05 60.97 2.21
C2 CLA TB . -1.30 60.32 3.56
C3 CLA TB . -0.72 60.84 4.66
C4 CLA TB . 0.20 62.02 4.54
C5 CLA TB . -0.89 60.27 6.04
C6 CLA TB . -1.99 59.21 6.17
C7 CLA TB . -1.64 58.27 7.32
C8 CLA TB . -2.46 58.56 8.57
C9 CLA TB . -1.81 59.62 9.44
C10 CLA TB . -2.61 57.28 9.37
C11 CLA TB . -3.92 57.29 10.15
C12 CLA TB . -5.08 57.02 9.21
C13 CLA TB . -6.40 56.67 9.91
C14 CLA TB . -6.19 56.17 11.34
C15 CLA TB . -7.12 55.62 9.08
MG CLA UB . -6.84 61.91 -6.62
CHA CLA UB . -5.89 65.24 -7.03
CHB CLA UB . -4.27 61.64 -4.32
CHC CLA UB . -7.85 58.72 -6.10
CHD CLA UB . -9.42 62.33 -9.03
NA CLA UB . -5.27 63.25 -5.75
C1A CLA UB . -5.06 64.48 -6.02
C2A CLA UB . -3.90 65.09 -5.27
C3A CLA UB . -3.40 63.92 -4.46
C4A CLA UB . -4.37 62.86 -4.86
CMA CLA UB . -1.92 63.60 -4.45
CAA CLA UB . -4.39 66.18 -4.31
CBA CLA UB . -5.36 65.65 -3.26
CGA CLA UB . -6.56 66.54 -3.07
O1A CLA UB . -7.24 66.99 -3.98
O2A CLA UB . -7.00 66.95 -1.90
NB CLA UB . -6.15 60.42 -5.38
C1B CLA UB . -5.11 60.44 -4.56
C2B CLA UB . -4.86 59.17 -3.84
C3B CLA UB . -5.93 58.32 -4.38
C4B CLA UB . -6.68 59.18 -5.33
CMB CLA UB . -3.76 58.90 -2.86
CAB CLA UB . -6.28 56.91 -4.12
CBB CLA UB . -5.38 55.99 -3.82
NC CLA UB . -8.42 60.73 -7.41
C1C CLA UB . -8.65 59.45 -7.10
C2C CLA UB . -9.76 58.79 -7.81
C3C CLA UB . -10.24 59.88 -8.67
C4C CLA UB . -9.34 61.02 -8.35
CMC CLA UB . -10.26 57.38 -7.68
CAC CLA UB . -11.38 59.85 -9.66
CBC CLA UB . -10.93 59.13 -10.92
ND CLA UB . -7.58 63.34 -7.81
C1D CLA UB . -8.57 63.48 -8.69
C2D CLA UB . -8.69 64.85 -9.29
C3D CLA UB . -7.58 65.50 -8.57
C4D CLA UB . -7.01 64.60 -7.76
CMD CLA UB . -9.54 65.59 -10.28
CAD CLA UB . -6.92 66.81 -8.46
OBD CLA UB . -7.20 67.87 -9.12
CBD CLA UB . -5.75 66.66 -7.54
CGD CLA UB . -4.53 66.76 -8.39
O1D CLA UB . -4.65 66.73 -9.60
O2D CLA UB . -3.21 66.89 -7.81
CED CLA UB . -2.20 66.05 -8.35
MG CLA VB . 11.66 50.21 1.95
CHA CLA VB . 9.45 50.36 -0.73
CHB CLA VB . 9.10 48.86 3.79
CHC CLA VB . 13.85 49.89 4.47
CHD CLA VB . 14.20 51.59 -0.07
NA CLA VB . 9.53 49.65 1.60
C1A CLA VB . 8.84 49.79 0.52
C2A CLA VB . 7.39 49.42 0.68
C3A CLA VB . 7.36 48.94 2.12
C4A CLA VB . 8.75 49.15 2.53
CMA CLA VB . 6.33 49.48 3.09
CAA CLA VB . 6.94 48.39 -0.36
CBA CLA VB . 6.28 47.18 0.21
CGA CLA VB . 4.80 47.18 -0.03
O1A CLA VB . 4.06 48.09 0.24
O2A CLA VB . 4.16 46.15 -0.55
NB CLA VB . 11.48 49.46 3.85
C1B CLA VB . 10.41 48.98 4.45
C2B CLA VB . 10.62 48.62 5.86
C3B CLA VB . 12.04 48.94 6.04
C4B CLA VB . 12.48 49.45 4.74
CMB CLA VB . 9.61 48.07 6.81
CAB CLA VB . 12.96 48.83 7.18
CBB CLA VB . 12.62 48.41 8.36
NC CLA VB . 13.73 50.59 2.13
C1C CLA VB . 14.41 50.51 3.27
C2C CLA VB . 15.74 51.10 3.28
C3C CLA VB . 15.86 51.58 1.91
C4C CLA VB . 14.57 51.22 1.30
CMC CLA VB . 16.71 51.18 4.42
CAC CLA VB . 17.01 52.32 1.29
CBC CLA VB . 17.75 51.43 0.35
ND CLA VB . 11.92 50.81 0.08
C1D CLA VB . 12.88 51.39 -0.64
C2D CLA VB . 12.45 51.78 -2.01
C3D CLA VB . 11.08 51.33 -1.97
C4D CLA VB . 10.84 50.80 -0.78
CMD CLA VB . 13.00 52.44 -3.22
CAD CLA VB . 9.92 51.30 -2.84
OBD CLA VB . 9.70 52.09 -3.82
CBD CLA VB . 8.85 50.61 -2.09
CGD CLA VB . 7.76 51.59 -1.93
O1D CLA VB . 6.82 51.61 -2.70
O2D CLA VB . 7.80 52.53 -0.85
CED CLA VB . 6.56 52.94 -0.31
C1 CLA VB . 2.59 45.99 -0.39
C2 CLA VB . 1.71 46.18 -1.59
C3 CLA VB . 0.49 45.66 -1.63
C4 CLA VB . -0.36 45.86 -2.86
C5 CLA VB . -0.05 44.86 -0.48
C6 CLA VB . -1.10 45.68 0.25
C7 CLA VB . -2.49 45.12 -0.01
C8 CLA VB . -3.50 46.24 -0.28
C9 CLA VB . -4.21 46.66 1.00
C10 CLA VB . -4.50 45.78 -1.32
C11 CLA VB . -4.56 46.75 -2.49
C12 CLA VB . -4.67 45.98 -3.80
C13 CLA VB . -5.41 46.79 -4.88
C14 CLA VB . -6.66 47.45 -4.33
C15 CLA VB . -5.75 45.86 -6.05
MG CLA WB . 6.21 39.39 2.64
CHA CLA WB . 6.97 42.17 0.73
CHB CLA WB . 6.73 41.35 5.41
CHC CLA WB . 5.35 36.73 4.52
CHD CLA WB . 5.76 37.46 -0.28
NA CLA WB . 6.76 41.50 3.06
C1A CLA WB . 7.03 42.40 2.21
C2A CLA WB . 7.41 43.71 2.81
C3A CLA WB . 7.36 43.41 4.29
C4A CLA WB . 6.92 41.99 4.27
CMA CLA WB . 8.56 43.81 5.11
CAA CLA WB . 6.33 44.72 2.55
CBA CLA WB . 4.99 44.50 3.24
CGA CLA WB . 3.95 43.83 2.38
O1A CLA WB . 2.76 43.97 2.53
O2A CLA WB . 4.17 43.03 1.37
NB CLA WB . 6.05 39.10 4.68
C1B CLA WB . 6.32 39.96 5.64
C2B CLA WB . 6.14 39.44 6.99
C3B CLA WB . 5.73 38.08 6.73
C4B CLA WB . 5.71 37.94 5.26
CMB CLA WB . 6.34 40.14 8.30
CAB CLA WB . 5.43 37.06 7.76
CBB CLA WB . 4.29 36.41 7.79
NC CLA WB . 5.61 37.41 2.19
C1C CLA WB . 5.32 36.47 3.07
C2C CLA WB . 4.94 35.17 2.54
C3C CLA WB . 5.05 35.40 1.10
C4C CLA WB . 5.48 36.81 1.00
CMC CLA WB . 4.55 33.93 3.28
CAC CLA WB . 4.80 34.45 -0.02
CBC CLA WB . 3.39 34.63 -0.52
ND CLA WB . 6.32 39.61 0.66
C1D CLA WB . 6.11 38.88 -0.42
C2D CLA WB . 6.27 39.62 -1.70
C3D CLA WB . 6.61 40.94 -1.16
C4D CLA WB . 6.62 40.86 0.17
CMD CLA WB . 6.16 39.36 -3.17
CAD CLA WB . 6.96 42.30 -1.60
OBD CLA WB . 6.82 42.76 -2.78
CBD CLA WB . 7.24 43.13 -0.40
CGD CLA WB . 8.69 43.49 -0.41
O1D CLA WB . 9.54 42.64 -0.52
O2D CLA WB . 9.11 44.87 -0.29
CED CLA WB . 10.33 45.24 -0.92
C1 CLA WB . 3.21 41.77 1.18
C2 CLA WB . 2.95 40.84 2.33
C3 CLA WB . 2.45 39.62 2.14
C4 CLA WB . 2.10 39.14 0.77
C5 CLA WB . 2.23 38.74 3.33
C6 CLA WB . 1.72 37.38 2.91
C7 CLA WB . 0.25 37.24 3.30
C8 CLA WB . 0.01 36.40 4.54
C9 CLA WB . -0.76 37.23 5.57
C10 CLA WB . 1.29 35.85 5.14
C11 CLA WB . 1.02 34.98 6.35
C12 CLA WB . 0.47 33.62 5.95
C13 CLA WB . 1.29 32.52 6.60
C14 CLA WB . 2.77 32.69 6.29
C15 CLA WB . 0.76 31.18 6.10
C16 CLA WB . -0.53 30.84 6.81
C17 CLA WB . -0.25 30.05 8.08
C18 CLA WB . -1.36 29.05 8.32
C19 CLA WB . -0.98 28.10 9.44
C20 CLA WB . -2.67 29.74 8.63
MG CLA XB . 2.81 41.45 11.94
CHA CLA XB . 3.99 43.90 9.81
CHB CLA XB . 3.46 43.62 14.53
CHC CLA XB . 1.66 39.09 14.01
CHD CLA XB . 2.25 39.30 9.19
NA CLA XB . 3.61 43.52 12.18
C1A CLA XB . 4.02 44.30 11.26
C2A CLA XB . 4.63 45.57 11.75
C3A CLA XB . 4.46 45.42 13.24
C4A CLA XB . 3.79 44.11 13.34
CMA CLA XB . 5.70 45.58 14.07
CAA CLA XB . 3.94 46.84 11.30
CBA CLA XB . 2.44 46.71 11.20
CGA CLA XB . 2.03 47.51 10.00
O1A CLA XB . 1.72 47.04 8.92
O2A CLA XB . 1.98 48.83 9.97
NB CLA XB . 2.60 41.38 13.97
C1B CLA XB . 2.84 42.34 14.86
C2B CLA XB . 2.50 41.96 16.26
C3B CLA XB . 1.98 40.61 16.05
C4B CLA XB . 2.08 40.34 14.62
CMB CLA XB . 2.66 42.80 17.50
CAB CLA XB . 1.43 39.59 16.96
CBB CLA XB . 1.47 39.70 18.24
NC CLA XB . 1.97 39.54 11.63
C1C CLA XB . 1.62 38.71 12.60
C2C CLA XB . 1.18 37.37 12.18
C3C CLA XB . 1.32 37.47 10.74
C4C CLA XB . 1.81 38.83 10.51
CMC CLA XB . 0.73 36.22 13.04
CAC CLA XB . 1.02 36.42 9.72
CBC CLA XB . -0.37 36.70 9.19
ND CLA XB . 3.05 41.44 9.96
C1D CLA XB . 2.77 40.64 8.95
C2D CLA XB . 3.05 41.23 7.61
C3D CLA XB . 3.54 42.53 8.04
C4D CLA XB . 3.50 42.59 9.36
CMD CLA XB . 2.95 40.84 6.17
CAD CLA XB . 4.05 43.79 7.49
OBD CLA XB . 4.26 44.04 6.26
CBD CLA XB . 4.50 44.65 8.61
CGD CLA XB . 5.97 44.57 8.73
O1D CLA XB . 6.46 43.77 9.49
O2D CLA XB . 6.90 45.41 8.01
CED CLA XB . 8.24 45.26 8.44
C1 CLA XB . 0.58 49.58 10.09
C2 CLA XB . -0.73 48.81 10.05
C3 CLA XB . -1.57 48.93 9.02
C4 CLA XB . -1.24 49.82 7.86
C5 CLA XB . -2.87 48.15 9.02
MG CLA YB . 42.89 51.70 45.42
CHA CLA YB . 44.54 48.69 44.80
CHB CLA YB . 45.57 52.56 47.41
CHC CLA YB . 41.35 54.63 46.01
CHD CLA YB . 40.21 50.70 43.34
NA CLA YB . 44.83 50.78 46.03
C1A CLA YB . 45.28 49.64 45.69
C2A CLA YB . 46.62 49.34 46.31
C3A CLA YB . 46.87 50.56 47.15
C4A CLA YB . 45.67 51.37 46.84
CMA CLA YB . 47.17 50.39 48.60
CAA CLA YB . 47.79 49.24 45.32
CBA CLA YB . 47.55 49.71 43.90
CGA CLA YB . 47.51 51.20 43.83
O1A CLA YB . 48.49 51.93 43.86
O2A CLA YB . 46.38 51.86 43.74
NB CLA YB . 43.39 53.35 46.54
C1B CLA YB . 44.48 53.53 47.29
C2B CLA YB . 44.55 54.82 47.99
C3B CLA YB . 43.28 55.42 47.57
C4B CLA YB . 42.64 54.43 46.68
CMB CLA YB . 45.64 55.32 48.90
CAB CLA YB . 42.68 56.72 47.90
CBB CLA YB . 43.40 57.80 48.07
NC CLA YB . 41.07 52.55 44.74
C1C CLA YB . 40.63 53.76 45.08
C2C CLA YB . 39.38 54.18 44.42
C3C CLA YB . 39.08 53.02 43.60
C4C CLA YB . 40.18 52.08 43.88
CMC CLA YB . 38.63 55.47 44.56
CAC CLA YB . 37.91 52.84 42.68
CBC CLA YB . 38.34 53.20 41.28
ND CLA YB . 42.37 50.15 44.29
C1D CLA YB . 41.34 49.79 43.54
C2D CLA YB . 41.45 48.43 42.95
C3D CLA YB . 42.75 48.05 43.50
C4D CLA YB . 43.22 49.05 44.24
CMD CLA YB . 40.64 47.53 42.07
CAD CLA YB . 43.71 46.94 43.51
OBD CLA YB . 43.55 45.84 42.87
CBD CLA YB . 44.91 47.32 44.29
CGD CLA YB . 45.11 46.31 45.38
O1D CLA YB . 44.26 45.48 45.60
O2D CLA YB . 46.31 46.29 46.21
CED CLA YB . 47.38 45.36 46.04
C1 CLA YB . 45.33 51.56 42.58
C2 CLA YB . 44.50 52.71 42.08
C3 CLA YB . 43.44 52.58 41.30
C4 CLA YB . 43.00 51.23 40.83
C5 CLA YB . 42.68 53.81 40.87
C6 CLA YB . 42.37 54.69 42.07
C7 CLA YB . 43.27 55.91 42.13
C8 CLA YB . 42.48 57.21 42.19
C9 CLA YB . 43.25 58.30 41.46
C10 CLA YB . 42.19 57.52 43.65
C11 CLA YB . 42.43 58.99 44.02
C12 CLA YB . 41.28 59.53 44.86
C13 CLA YB . 41.59 60.91 45.43
C14 CLA YB . 42.96 60.93 46.11
C15 CLA YB . 40.50 61.30 46.40
MG CLA ZB . 35.66 54.34 46.22
CHA CLA ZB . 36.91 57.24 47.65
CHB CLA ZB . 33.16 56.28 44.87
CHC CLA ZB . 34.65 51.58 44.64
CHD CLA ZB . 38.30 52.48 47.72
NA CLA ZB . 35.09 56.50 46.24
C1A CLA ZB . 35.65 57.45 46.86
C2A CLA ZB . 35.00 58.79 46.70
C3A CLA ZB . 33.80 58.42 45.87
C4A CLA ZB . 34.02 56.97 45.63
CMA CLA ZB . 32.46 58.85 46.45
CAA CLA ZB . 35.88 59.63 45.80
CBA CLA ZB . 35.20 60.90 45.27
CGA CLA ZB . 36.12 62.07 45.53
O1A CLA ZB . 35.95 63.20 45.09
O2A CLA ZB . 37.21 62.01 46.26
NB CLA ZB . 34.11 53.99 44.91
C1B CLA ZB . 33.17 54.85 44.52
C2B CLA ZB . 32.15 54.24 43.64
C3B CLA ZB . 32.59 52.86 43.59
C4B CLA ZB . 33.82 52.79 44.40
CMB CLA ZB . 30.96 54.88 43.00
CAB CLA ZB . 31.94 51.77 42.83
CBB CLA ZB . 31.66 50.60 43.36
NC CLA ZB . 36.35 52.34 46.21
C1C CLA ZB . 35.84 51.37 45.46
C2C CLA ZB . 36.54 50.08 45.52
C3C CLA ZB . 37.61 50.36 46.45
C4C CLA ZB . 37.40 51.77 46.81
CMC CLA ZB . 36.23 48.80 44.78
CAC CLA ZB . 38.70 49.45 46.91
CBC CLA ZB . 38.43 48.95 48.31
ND CLA ZB . 37.24 54.63 47.41
C1D CLA ZB . 38.23 53.93 47.93
C2D CLA ZB . 39.19 54.70 48.74
C3D CLA ZB . 38.59 56.02 48.59
C4D CLA ZB . 37.51 55.92 47.83
CMD CLA ZB . 40.43 54.49 49.55
CAD CLA ZB . 38.82 57.41 49.01
OBD CLA ZB . 39.93 57.86 49.46
CBD CLA ZB . 37.81 58.24 48.33
CGD CLA ZB . 37.06 59.02 49.35
O1D CLA ZB . 36.44 58.45 50.21
O2D CLA ZB . 37.06 60.47 49.30
CED CLA ZB . 37.32 61.16 50.51
MG CLA AC . 31.64 53.81 31.63
CHA CLA AC . 28.37 54.41 32.60
CHB CLA AC . 30.96 55.60 28.78
CHC CLA AC . 34.86 53.31 30.75
CHD CLA AC . 32.15 51.87 34.54
NA CLA AC . 29.90 54.90 30.77
C1A CLA AC . 28.74 55.03 31.28
C2A CLA AC . 27.76 55.78 30.42
C3A CLA AC . 28.62 56.10 29.21
C4A CLA AC . 29.92 55.50 29.60
CMA CLA AC . 28.05 55.75 27.86
CAA CLA AC . 27.31 57.08 31.08
CBA CLA AC . 28.28 58.24 30.93
CGA CLA AC . 28.82 58.66 32.27
O1A CLA AC . 29.55 59.62 32.45
O2A CLA AC . 28.57 58.04 33.40
NB CLA AC . 32.76 54.39 29.99
C1B CLA AC . 32.34 55.09 28.94
C2B CLA AC . 33.37 55.32 27.91
C3B CLA AC . 34.52 54.63 28.49
C4B CLA AC . 34.05 54.08 29.79
CMB CLA AC . 33.26 56.05 26.62
CAB CLA AC . 35.86 54.57 27.86
CBB CLA AC . 36.72 53.59 28.01
NC CLA AC . 33.28 52.82 32.55
C1C CLA AC . 34.49 52.69 32.04
C2C CLA AC . 35.45 51.91 32.83
C3C CLA AC . 34.64 51.53 33.97
C4C CLA AC . 33.33 52.13 33.70
CMC CLA AC . 36.88 51.58 32.55
CAC CLA AC . 35.03 50.72 35.17
CBC CLA AC . 34.77 49.25 34.92
ND CLA AC . 30.64 53.20 33.23
C1D CLA AC . 30.86 52.50 34.32
C2D CLA AC . 29.71 52.40 35.25
C3D CLA AC . 28.75 53.20 34.49
C4D CLA AC . 29.34 53.62 33.38
CMD CLA AC . 29.40 51.77 36.57
CAD CLA AC . 27.37 53.69 34.59
OBD CLA AC . 26.77 53.91 35.68
CBD CLA AC . 27.06 54.40 33.33
CGD CLA AC . 26.08 53.60 32.56
O1D CLA AC . 26.39 52.52 32.11
O2D CLA AC . 24.73 54.06 32.32
CED CLA AC . 23.65 53.18 32.59
C1 CLA AC . 29.72 57.79 34.48
C2 CLA AC . 31.12 57.40 34.03
C3 CLA AC . 31.88 56.59 34.76
C4 CLA AC . 31.37 56.03 36.05
C5 CLA AC . 33.26 56.25 34.25
C6 CLA AC . 33.98 55.31 35.20
C7 CLA AC . 35.02 56.04 36.04
C8 CLA AC . 36.47 55.68 35.72
C9 CLA AC . 36.62 54.63 34.64
C10 CLA AC . 37.19 55.24 36.99
C11 CLA AC . 38.02 56.35 37.64
C12 CLA AC . 38.49 57.38 36.62
C13 CLA AC . 39.79 58.06 37.05
C14 CLA AC . 39.68 58.58 38.47
C15 CLA AC . 40.10 59.17 36.04
C16 CLA AC . 41.02 60.23 36.63
C17 CLA AC . 42.30 60.38 35.81
C18 CLA AC . 43.11 61.57 36.29
C19 CLA AC . 43.49 61.43 37.76
C20 CLA AC . 44.36 61.79 35.43
C1 PQN BC . 31.26 44.08 36.23
O1 PQN BC . 31.68 43.67 35.14
C2 PQN BC . 32.14 44.97 37.05
C2M PQN BC . 33.49 45.32 36.53
C3 PQN BC . 31.65 45.46 38.34
C4 PQN BC . 30.30 45.09 38.81
O4 PQN BC . 29.87 45.51 39.89
C5 PQN BC . 29.43 44.22 38.00
C6 PQN BC . 28.18 43.89 38.43
C7 PQN BC . 27.39 43.07 37.66
C8 PQN BC . 27.83 42.59 36.43
C9 PQN BC . 29.09 42.91 35.96
C10 PQN BC . 29.92 43.72 36.70
C11 PQN BC . 32.50 46.36 39.19
C12 PQN BC . 32.29 47.76 38.67
C13 PQN BC . 32.75 48.83 39.33
C14 PQN BC . 33.46 48.66 40.62
C15 PQN BC . 32.49 50.20 38.76
C16 PQN BC . 33.80 50.93 38.59
C17 PQN BC . 33.57 52.44 38.51
C18 PQN BC . 34.65 53.14 39.31
C19 PQN BC . 34.67 52.57 40.72
C20 PQN BC . 34.41 54.65 39.30
C21 PQN BC . 34.86 55.32 40.59
C22 PQN BC . 35.49 56.70 40.39
C23 PQN BC . 36.11 57.15 41.70
C24 PQN BC . 35.14 58.06 42.44
C25 PQN BC . 37.46 57.82 41.46
C26 PQN BC . 37.30 59.30 41.12
C27 PQN BC . 38.30 60.16 41.88
C28 PQN BC . 38.90 61.24 40.99
C29 PQN BC . 37.82 61.95 40.19
C30 PQN BC . 39.71 62.25 41.80
FE1 SF4 CC . 21.59 36.45 39.53
FE2 SF4 CC . 19.81 34.81 38.30
FE3 SF4 CC . 19.01 36.38 40.36
FE4 SF4 CC . 20.63 34.25 40.82
S1 SF4 CC . 18.50 34.19 40.04
S2 SF4 CC . 20.86 36.35 41.68
S3 SF4 CC . 21.91 34.27 38.94
S4 SF4 CC . 19.76 37.08 38.34
C1 BCR DC . -19.86 71.90 12.69
C2 BCR DC . -20.92 70.83 12.46
C3 BCR DC . -20.65 69.97 11.24
C4 BCR DC . -19.29 69.33 11.36
C5 BCR DC . -18.27 70.44 11.44
C6 BCR DC . -18.48 71.52 12.20
C7 BCR DC . -17.33 72.36 12.61
C8 BCR DC . -16.85 73.42 11.97
C9 BCR DC . -15.85 74.03 12.46
C10 BCR DC . -14.86 74.24 11.75
C11 BCR DC . -14.00 75.01 11.53
C33 BCR DC . -16.98 70.23 10.70
C31 BCR DC . -19.76 72.18 14.17
C32 BCR DC . -20.30 73.20 12.03
C34 BCR DC . -15.85 74.50 13.88
C12 BCR DC . -13.06 75.79 11.25
C13 BCR DC . -12.18 76.94 11.44
C14 BCR DC . -11.08 77.02 10.70
C15 BCR DC . -10.14 78.14 10.82
C16 BCR DC . -9.11 78.86 10.43
C17 BCR DC . -8.19 79.25 9.75
C18 BCR DC . -7.18 79.21 8.89
C19 BCR DC . -6.35 80.39 8.58
C20 BCR DC . -5.63 81.03 7.68
C21 BCR DC . -4.94 81.86 7.15
C22 BCR DC . -4.07 82.39 6.28
C23 BCR DC . -3.73 83.82 6.35
C24 BCR DC . -2.52 84.25 5.96
C25 BCR DC . -2.18 85.69 6.01
C26 BCR DC . -1.61 86.21 7.11
C27 BCR DC . -1.12 87.61 7.14
C28 BCR DC . -0.52 87.89 5.77
C29 BCR DC . -1.63 87.82 4.76
C30 BCR DC . -2.44 86.53 4.79
C35 BCR DC . -12.51 78.00 12.45
C36 BCR DC . -6.91 77.93 8.18
C37 BCR DC . -3.46 81.54 5.22
C38 BCR DC . -1.47 85.40 8.35
C39 BCR DC . -2.09 85.71 3.57
C40 BCR DC . -3.91 86.92 4.77
C1 BCR EC . 15.16 81.30 17.61
C2 BCR EC . 15.85 80.15 18.33
C3 BCR EC . 16.75 79.36 17.39
C4 BCR EC . 15.90 78.74 16.30
C5 BCR EC . 15.09 79.81 15.61
C6 BCR EC . 14.55 80.79 16.31
C7 BCR EC . 13.30 81.40 15.78
C8 BCR EC . 13.30 82.64 15.29
C9 BCR EC . 12.25 83.19 14.82
C10 BCR EC . 11.11 82.83 15.06
C11 BCR EC . 10.01 83.13 14.78
C33 BCR EC . 14.94 79.73 14.13
C31 BCR EC . 16.16 82.37 17.28
C32 BCR EC . 14.08 81.84 18.53
C34 BCR EC . 12.41 84.39 13.90
C12 BCR EC . 8.79 83.34 14.53
C13 BCR EC . 7.65 84.05 13.94
C14 BCR EC . 6.48 83.44 13.93
C15 BCR EC . 5.28 84.02 13.36
C16 BCR EC . 3.98 83.92 13.12
C17 BCR EC . 2.82 84.06 12.80
C18 BCR EC . 1.58 83.62 12.71
C19 BCR EC . 0.46 84.36 12.11
C20 BCR EC . -0.87 84.39 11.99
C21 BCR EC . -1.97 84.68 11.67
C22 BCR EC . -3.29 84.51 11.50
C23 BCR EC . -4.11 85.52 10.83
C24 BCR EC . -5.44 85.49 10.99
C25 BCR EC . -6.30 86.48 10.32
C26 BCR EC . -6.63 86.26 9.05
C27 BCR EC . -6.61 87.42 8.08
C28 BCR EC . -7.33 88.59 8.72
C29 BCR EC . -6.72 88.90 10.08
C30 BCR EC . -6.83 87.70 11.02
C35 BCR EC . 7.82 85.43 13.37
C36 BCR EC . 1.28 82.26 13.24
C37 BCR EC . -3.93 83.25 12.00
C38 BCR EC . -6.99 84.89 8.58
C39 BCR EC . -8.29 87.45 11.33
C40 BCR EC . -6.07 87.98 12.31
C1 BCR FC . -0.59 87.53 15.21
C2 BCR FC . -1.28 88.87 15.10
C3 BCR FC . -0.45 90.00 15.70
C4 BCR FC . -0.20 89.72 17.18
C5 BCR FC . 0.43 88.36 17.31
C6 BCR FC . -0.03 87.32 16.61
C7 BCR FC . -0.01 85.98 17.23
C8 BCR FC . 0.90 85.05 16.91
C9 BCR FC . 0.86 83.92 17.50
C10 BCR FC . 1.24 82.89 16.90
C11 BCR FC . 2.10 82.09 16.79
C33 BCR FC . 1.60 88.21 18.24
C31 BCR FC . 0.58 87.47 14.24
C32 BCR FC . -1.61 86.44 14.91
C34 BCR FC . 0.40 83.81 18.91
C12 BCR FC . 3.01 81.24 16.61
C13 BCR FC . 3.76 80.00 16.90
C14 BCR FC . 4.75 79.65 16.08
C15 BCR FC . 5.56 78.45 16.25
C16 BCR FC . 6.49 77.62 15.77
C17 BCR FC . 7.27 76.73 15.62
C18 BCR FC . 8.19 76.01 14.98
C19 BCR FC . 8.76 74.79 15.58
C20 BCR FC . 9.72 73.87 15.62
C21 BCR FC . 10.70 73.26 15.32
C22 BCR FC . 11.93 73.03 14.87
C23 BCR FC . 12.55 71.69 14.97
C24 BCR FC . 12.85 71.20 16.16
C25 BCR FC . 13.49 69.90 16.38
C26 BCR FC . 12.82 68.76 16.43
C27 BCR FC . 13.14 67.80 17.53
C28 BCR FC . 14.63 67.57 17.49
C29 BCR FC . 15.38 68.88 17.64
C30 BCR FC . 14.99 69.86 16.57
C35 BCR FC . 3.40 79.16 18.08
C36 BCR FC . 8.65 76.43 13.63
C37 BCR FC . 12.68 74.13 14.18
C38 BCR FC . 11.72 68.41 15.47
C39 BCR FC . 15.64 69.46 15.26
C40 BCR FC . 15.48 71.24 17.00
C1 BCR GC . -1.94 52.32 26.89
C2 BCR GC . -1.85 51.12 27.82
C3 BCR GC . -0.41 50.67 27.95
C4 BCR GC . 0.07 50.18 26.59
C5 BCR GC . -0.12 51.31 25.61
C6 BCR GC . -1.21 52.07 25.62
C7 BCR GC . -1.67 52.71 24.38
C8 BCR GC . -2.22 51.99 23.40
C9 BCR GC . -2.62 52.51 22.32
C10 BCR GC . -2.76 51.77 21.35
C11 BCR GC . -3.47 51.48 20.47
C33 BCR GC . 0.97 51.55 24.62
C31 BCR GC . -1.23 53.49 27.52
C32 BCR GC . -3.39 52.67 26.64
C34 BCR GC . -2.94 53.96 22.18
C12 BCR GC . -4.20 51.12 19.54
C13 BCR GC . -5.10 51.30 18.40
C14 BCR GC . -5.47 50.19 17.76
C15 BCR GC . -6.34 50.21 16.61
C16 BCR GC . -6.98 49.56 15.67
C17 BCR GC . -7.67 49.29 14.72
C18 BCR GC . -8.29 48.51 13.86
C19 BCR GC . -8.17 47.07 14.01
C20 BCR GC . -8.15 45.87 13.47
C21 BCR GC . -8.07 44.69 13.34
C22 BCR GC . -8.35 43.45 12.91
C23 BCR GC . -7.49 42.35 13.33
C24 BCR GC . -8.03 41.17 13.56
C25 BCR GC . -7.19 40.03 13.98
C26 BCR GC . -6.89 39.12 13.06
C27 BCR GC . -5.71 38.20 13.22
C28 BCR GC . -5.46 37.85 14.68
C29 BCR GC . -6.45 38.44 15.65
C30 BCR GC . -6.71 39.92 15.40
C35 BCR GC . -5.57 52.64 17.97
C36 BCR GC . -9.11 49.08 12.74
C37 BCR GC . -9.52 43.19 12.03
C38 BCR GC . -7.74 38.97 11.84
C39 BCR GC . -5.47 40.77 15.66
C40 BCR GC . -7.79 40.37 16.35
C1 BCR HC . 5.40 47.97 21.21
C2 BCR HC . 5.50 47.37 22.58
C3 BCR HC . 4.19 47.61 23.30
C4 BCR HC . 4.10 49.09 23.61
C5 BCR HC . 4.34 49.91 22.37
C6 BCR HC . 4.98 49.42 21.30
C7 BCR HC . 5.33 50.34 20.21
C8 BCR HC . 4.55 50.48 19.13
C9 BCR HC . 4.89 51.31 18.22
C10 BCR HC . 4.03 51.98 17.65
C11 BCR HC . 3.50 52.18 16.63
C33 BCR HC . 3.84 51.31 22.38
C31 BCR HC . 4.37 47.19 20.41
C32 BCR HC . 6.76 47.91 20.53
C34 BCR HC . 6.30 51.51 17.81
C12 BCR HC . 2.90 52.40 15.58
C13 BCR HC . 2.68 52.89 14.22
C14 BCR HC . 1.57 52.49 13.63
C15 BCR HC . 1.23 52.91 12.30
C16 BCR HC . 0.30 53.04 11.38
C17 BCR HC . -0.30 53.26 10.39
C18 BCR HC . -1.40 53.43 9.67
C19 BCR HC . -1.36 53.68 8.24
C20 BCR HC . -1.98 54.26 7.23
C21 BCR HC . -2.30 54.60 6.14
C22 BCR HC . -3.01 55.22 5.21
C23 BCR HC . -2.67 54.98 3.81
C24 BCR HC . -3.25 55.74 2.90
C25 BCR HC . -2.96 55.53 1.47
C26 BCR HC . -2.03 56.25 0.85
C27 BCR HC . -2.24 56.66 -0.57
C28 BCR HC . -2.85 55.52 -1.35
C29 BCR HC . -4.09 54.99 -0.65
C30 BCR HC . -3.73 54.47 0.72
C35 BCR HC . 3.64 53.79 13.53
C36 BCR HC . -2.74 53.38 10.35
C37 BCR HC . -4.13 56.13 5.58
C38 BCR HC . -0.79 56.72 1.53
C39 BCR HC . -2.85 53.24 0.62
C40 BCR HC . -5.03 54.12 1.44
C1 BCR IC . 29.04 59.51 18.50
C2 BCR IC . 28.54 58.25 17.82
C3 BCR IC . 27.04 58.14 17.97
C4 BCR IC . 26.66 58.03 19.44
C5 BCR IC . 27.24 59.24 20.13
C6 BCR IC . 28.51 59.56 19.90
C7 BCR IC . 29.35 60.00 21.03
C8 BCR IC . 29.97 59.16 21.86
C9 BCR IC . 30.65 59.68 22.78
C10 BCR IC . 31.69 59.16 23.23
C11 BCR IC . 32.60 58.44 23.04
C33 BCR IC . 26.39 60.09 21.01
C31 BCR IC . 28.45 60.71 17.80
C32 BCR IC . 30.55 59.57 18.49
C34 BCR IC . 30.22 60.97 23.41
C12 BCR IC . 33.65 57.78 22.94
C13 BCR IC . 34.48 56.56 22.85
C14 BCR IC . 35.67 56.62 23.43
C15 BCR IC . 36.62 55.52 23.46
C16 BCR IC . 37.69 54.96 24.01
C17 BCR IC . 38.60 54.22 24.27
C18 BCR IC . 39.66 53.78 24.93
C19 BCR IC . 40.20 54.51 26.06
C20 BCR IC . 41.27 54.64 26.82
C21 BCR IC . 42.05 54.99 27.65
C22 BCR IC . 43.03 54.82 28.52
C23 BCR IC . 43.56 55.93 29.29
C24 BCR IC . 43.65 55.82 30.61
C25 BCR IC . 44.23 56.90 31.43
C26 BCR IC . 45.32 56.58 32.12
C27 BCR IC . 45.72 57.34 33.35
C28 BCR IC . 45.42 58.80 33.14
C29 BCR IC . 43.95 58.94 32.82
C30 BCR IC . 43.64 58.29 31.48
C35 BCR IC . 34.01 55.33 22.14
C36 BCR IC . 40.37 52.52 24.56
C37 BCR IC . 43.60 53.45 28.70
C38 BCR IC . 46.14 55.41 31.70
C39 BCR IC . 44.28 59.14 30.37
C40 BCR IC . 42.13 58.29 31.31
O1 LHG JC . 16.16 51.90 44.95
C1 LHG JC . 15.81 51.54 43.62
C2 LHG JC . 17.04 51.67 42.75
O2 LHG JC . 16.73 52.48 41.60
C3 LHG JC . 17.50 50.29 42.30
O3 LHG JC . 17.66 50.29 40.89
P LHG JC . 19.10 50.00 40.25
O4 LHG JC . 20.15 50.63 41.13
O5 LHG JC . 19.15 48.51 40.01
O6 LHG JC . 19.05 50.77 38.85
C4 LHG JC . 20.25 51.21 38.24
C5 LHG JC . 20.08 51.44 36.75
C6 LHG JC . 18.62 51.40 36.30
O7 LHG JC . 20.60 52.72 36.42
C7 LHG JC . 22.04 52.77 36.55
O9 LHG JC . 22.71 51.93 36.02
C8 LHG JC . 22.66 53.88 37.34
C9 LHG JC . 22.88 55.06 36.42
C10 LHG JC . 23.93 55.97 37.02
O8 LHG JC . 18.47 51.95 35.00
C23 LHG JC . 18.06 53.33 34.77
O10 LHG JC . 18.07 54.09 35.71
C24 LHG JC . 17.60 53.81 33.42
C11 LHG JC . 24.57 56.85 35.96
C12 LHG JC . 25.87 57.45 36.48
C13 LHG JC . 26.32 58.68 35.70
C14 LHG JC . 25.18 59.33 34.94
C15 LHG JC . 25.69 60.31 33.89
C16 LHG JC . 25.01 60.08 32.55
C17 LHG JC . 25.04 61.32 31.67
C18 LHG JC . 23.82 61.34 30.77
C19 LHG JC . 24.07 62.15 29.52
C25 LHG JC . 18.65 53.55 32.35
C26 LHG JC . 18.23 52.42 31.43
C27 LHG JC . 18.77 52.58 30.01
C28 LHG JC . 20.21 52.11 29.88
C29 LHG JC . 20.59 51.87 28.43
C30 LHG JC . 20.40 53.10 27.57
C31 LHG JC . 21.16 53.01 26.25
C32 LHG JC . 22.42 53.87 26.25
C33 LHG JC . 22.53 54.67 24.96
C34 LHG JC . 23.95 54.70 24.41
C1 LMG KC . 11.00 30.73 -9.66
O1 LMG KC . 10.75 31.40 -8.44
C2 LMG KC . 12.37 31.14 -10.18
O2 LMG KC . 12.33 32.53 -10.51
C3 LMG KC . 12.76 30.36 -11.42
O3 LMG KC . 14.15 30.56 -11.69
C4 LMG KC . 12.50 28.87 -11.26
O4 LMG KC . 13.42 28.29 -10.34
C5 LMG KC . 11.09 28.63 -10.73
O5 LMG KC . 11.36 26.44 -11.66
C6 LMG KC . 10.85 27.15 -10.53
O6 LMG KC . 10.95 29.31 -9.49
C7 LMG KC . 10.15 30.54 -7.48
C8 LMG KC . 9.72 31.35 -6.27
C9 LMG KC . 8.70 32.40 -6.72
O7 LMG KC . 9.13 30.44 -5.34
C10 LMG KC . 10.04 30.01 -4.29
O9 LMG KC . 11.11 29.51 -4.58
C11 LMG KC . 9.64 30.15 -2.84
C12 LMG KC . 10.83 30.03 -1.91
C13 LMG KC . 10.36 30.23 -0.47
C14 LMG KC . 9.76 31.62 -0.28
C15 LMG KC . 8.84 31.67 0.94
C16 LMG KC . 9.33 32.66 2.00
C17 LMG KC . 8.92 34.09 1.67
C18 LMG KC . 9.22 34.96 2.88
O8 LMG KC . 9.36 33.66 -6.89
C28 LMG KC . 8.64 34.89 -7.15
O10 LMG KC . 8.90 35.52 -8.17
C29 LMG KC . 7.58 35.42 -6.21
C30 LMG KC . 8.13 35.84 -4.85
C31 LMG KC . 8.41 34.66 -3.93
C32 LMG KC . 7.27 34.36 -2.97
C33 LMG KC . 6.65 32.99 -3.19
C34 LMG KC . 5.66 32.99 -4.35
C35 LMG KC . 4.73 34.20 -4.28
C36 LMG KC . 4.23 34.58 -5.66
C37 LMG KC . 3.38 35.58 -5.86
C38 LMG KC . 2.85 36.41 -4.72
C39 LMG KC . 1.62 35.73 -4.15
C40 LMG KC . 1.07 36.18 -3.04
C41 LMG KC . -0.14 35.48 -2.48
C42 LMG KC . -0.73 36.34 -1.38
C43 LMG KC . -1.34 37.48 -1.69
C44 LMG KC . -1.93 38.33 -0.61
C45 LMG KC . -2.71 37.47 0.37
C1B LMT LC . 8.18 46.58 -13.30
C2B LMT LC . 9.61 46.07 -13.53
C3B LMT LC . 10.41 46.22 -12.23
C4B LMT LC . 10.36 47.67 -11.73
C5B LMT LC . 8.88 48.10 -11.67
C6B LMT LC . 8.81 49.57 -11.27
O1B LMT LC . 7.57 45.82 -12.31
O2B LMT LC . 9.53 44.76 -13.91
O3B LMT LC . 11.68 45.75 -12.37
O4' LMT LC . 10.92 47.79 -10.48
O5B LMT LC . 8.21 47.90 -12.89
O6B LMT LC . 9.14 50.37 -12.31
C1' LMT LC . 4.87 42.91 -11.27
C2' LMT LC . 5.89 42.53 -12.35
C3' LMT LC . 7.04 43.54 -12.31
C4' LMT LC . 6.55 44.93 -12.67
C5' LMT LC . 5.32 45.25 -11.78
C6' LMT LC . 4.10 45.72 -12.51
O1' LMT LC . 3.59 42.77 -11.73
O2' LMT LC . 6.40 41.31 -12.03
O3' LMT LC . 8.01 43.17 -13.17
O5' LMT LC . 5.02 44.25 -10.81
O6' LMT LC . 4.39 46.97 -12.93
C1 LMT LC . 2.80 41.89 -10.98
C2 LMT LC . 2.12 42.77 -10.00
C3 LMT LC . 1.05 42.12 -9.19
C4 LMT LC . 0.81 43.00 -8.00
C5 LMT LC . -0.55 42.76 -7.46
C6 LMT LC . -1.46 43.90 -7.78
C7 LMT LC . -2.70 43.82 -6.94
C8 LMT LC . -2.30 43.80 -5.50
C1B LMT MC . -0.48 42.22 12.04
C2B LMT MC . -1.20 41.10 12.82
C3B LMT MC . -1.96 41.68 14.01
C4B LMT MC . -1.22 42.91 14.60
C5B LMT MC . -1.12 43.97 13.50
C6B LMT MC . 0.08 44.87 13.75
O1B LMT MC . -0.33 41.84 10.70
O2B LMT MC . -2.06 40.46 11.96
O3B LMT MC . -2.19 40.72 14.93
O4' LMT MC . -1.93 43.43 15.63
O5B LMT MC . -1.11 43.46 12.18
O6B LMT MC . -0.06 45.52 14.95
C1' LMT MC . -0.45 43.04 6.86
C2' LMT MC . -0.45 44.24 7.82
C3' LMT MC . -0.08 43.72 9.22
C4' LMT MC . -0.98 42.54 9.67
C5' LMT MC . -1.01 41.55 8.47
C6' LMT MC . -1.81 40.30 8.72
O1' LMT MC . -0.77 43.43 5.59
O2' LMT MC . 0.49 45.14 7.42
O3' LMT MC . -0.16 44.74 10.12
O5' LMT MC . -1.46 42.15 7.30
O6' LMT MC . -1.93 39.67 7.52
C1 LMT MC . 0.20 43.06 4.64
C2 LMT MC . -0.56 42.92 3.37
C3 LMT MC . -1.47 41.75 3.28
C4 LMT MC . -0.88 40.81 2.27
C5 LMT MC . -0.85 41.45 0.92
MG CLA NC . 35.87 39.45 12.65
CHA CLA NC . 37.98 37.31 14.41
CHB CLA NC . 33.69 39.21 15.24
CHC CLA NC . 33.93 41.66 11.00
CHD CLA NC . 38.15 39.48 9.98
NA CLA NC . 35.81 38.40 14.60
C1A CLA NC . 36.66 37.58 15.06
C2A CLA NC . 36.23 36.91 16.32
C3A CLA NC . 34.85 37.46 16.47
C4A CLA NC . 34.77 38.43 15.38
CMA CLA NC . 33.91 36.33 16.23
CAA CLA NC . 36.95 37.48 17.50
CBA CLA NC . 36.52 36.73 18.75
CGA CLA NC . 36.86 37.61 19.89
O1A CLA NC . 36.61 37.38 21.05
O2A CLA NC . 37.46 38.76 19.76
NB CLA NC . 34.06 40.30 13.08
C1B CLA NC . 33.35 40.17 14.19
C2B CLA NC . 32.14 41.03 14.22
C3B CLA NC . 32.24 41.72 12.94
C4B CLA NC . 33.46 41.21 12.31
CMB CLA NC . 31.13 41.13 15.32
CAB CLA NC . 31.40 42.75 12.29
CBB CLA NC . 30.12 42.88 12.55
NC CLA NC . 36.06 40.47 10.82
C1C CLA NC . 35.16 41.28 10.30
C2C CLA NC . 35.47 41.79 8.97
C3C CLA NC . 36.74 41.17 8.71
C4C CLA NC . 37.00 40.37 9.90
CMC CLA NC . 34.68 42.72 8.11
CAC CLA NC . 37.62 41.26 7.51
CBC CLA NC . 37.05 40.27 6.54
ND CLA NC . 37.62 38.65 12.16
C1D CLA NC . 38.46 38.69 11.16
C2D CLA NC . 39.68 37.90 11.31
C3D CLA NC . 39.44 37.35 12.64
C4D CLA NC . 38.26 37.81 13.06
CMD CLA NC . 40.89 37.63 10.49
CAD CLA NC . 40.03 36.48 13.66
OBD CLA NC . 41.19 35.97 13.63
CBD CLA NC . 39.24 36.66 14.90
CGD CLA NC . 39.11 35.31 15.53
O1D CLA NC . 39.06 34.31 14.86
O2D CLA NC . 39.10 35.17 16.97
CED CLA NC . 40.28 34.70 17.57
C1 CLA NC . 38.91 39.00 20.38
C2 CLA NC . 39.66 40.22 19.94
C3 CLA NC . 40.98 40.19 19.80
C4 CLA NC . 41.73 38.94 20.09
C5 CLA NC . 41.70 41.42 19.33
C6 CLA NC . 42.34 41.01 18.02
C7 CLA NC . 43.08 42.13 17.30
C8 CLA NC . 43.63 43.18 18.23
C9 CLA NC . 43.40 44.57 17.63
C10 CLA NC . 45.10 42.89 18.43
C11 CLA NC . 45.28 42.17 19.75
C12 CLA NC . 46.69 41.60 19.89
C13 CLA NC . 47.64 42.53 20.63
C14 CLA NC . 48.56 41.68 21.49
C15 CLA NC . 46.90 43.58 21.45
C16 CLA NC . 47.45 43.80 22.85
C17 CLA NC . 46.31 43.68 23.84
C18 CLA NC . 46.15 44.92 24.70
C19 CLA NC . 46.99 44.85 25.96
C20 CLA NC . 46.42 46.22 23.95
MG CLA OC . 39.46 42.85 24.22
CHA CLA OC . 38.58 44.21 21.17
CHB CLA OC . 41.90 45.22 24.39
CHC CLA OC . 40.13 41.66 27.28
CHD CLA OC . 36.92 40.40 23.86
NA CLA OC . 40.18 44.52 22.94
C1A CLA OC . 39.77 44.87 21.80
C2A CLA OC . 40.60 45.92 21.13
C3A CLA OC . 41.64 46.17 22.18
C4A CLA OC . 41.23 45.24 23.25
CMA CLA OC . 43.09 46.05 21.77
CAA CLA OC . 39.90 47.25 20.90
CBA CLA OC . 40.60 48.02 19.80
CGA CLA OC . 41.23 49.25 20.39
O1A CLA OC . 41.17 49.58 21.55
O2A CLA OC . 41.95 50.13 19.71
NB CLA OC . 40.84 43.38 25.63
C1B CLA OC . 41.71 44.37 25.56
C2B CLA OC . 42.53 44.54 26.79
C3B CLA OC . 41.99 43.46 27.61
C4B CLA OC . 40.95 42.79 26.82
CMB CLA OC . 43.60 45.52 27.12
CAB CLA OC . 42.39 43.13 28.97
CBB CLA OC . 42.26 43.99 29.94
NC CLA OC . 38.62 41.29 25.41
C1C CLA OC . 39.10 40.89 26.57
C2C CLA OC . 38.53 39.63 27.09
C3C CLA OC . 37.59 39.27 26.05
C4C CLA OC . 37.73 40.36 25.08
CMC CLA OC . 38.83 38.87 28.34
CAC CLA OC . 36.69 38.08 25.96
CBC CLA OC . 37.30 37.00 25.09
ND CLA OC . 38.09 42.28 22.89
C1D CLA OC . 37.08 41.43 22.84
C2D CLA OC . 36.16 41.59 21.70
C3D CLA OC . 36.84 42.73 21.06
C4D CLA OC . 37.90 43.07 21.78
CMD CLA OC . 34.92 40.95 21.18
CAD CLA OC . 36.69 43.63 19.90
OBD CLA OC . 35.54 44.00 19.51
CBD CLA OC . 37.79 44.61 19.96
CGD CLA OC . 38.54 44.60 18.67
O1D CLA OC . 38.93 45.64 18.18
O2D CLA OC . 38.83 43.39 17.97
CED CLA OC . 39.79 43.51 16.93
C1 CLA OC . 42.85 51.17 20.50
C2 CLA OC . 42.95 52.65 20.24
C3 CLA OC . 41.95 53.46 20.54
C4 CLA OC . 40.70 52.89 21.11
C5 CLA OC . 42.08 54.94 20.28
C6 CLA OC . 40.79 55.64 20.65
C7 CLA OC . 41.09 57.05 21.11
C8 CLA OC . 40.46 57.28 22.46
C9 CLA OC . 39.15 58.03 22.28
C10 CLA OC . 41.46 58.00 23.34
C11 CLA OC . 40.85 59.16 24.12
C12 CLA OC . 40.74 58.83 25.59
C13 CLA OC . 40.15 60.01 26.35
C14 CLA OC . 41.15 60.58 27.35
C15 CLA OC . 38.88 59.54 27.06
C16 CLA OC . 37.78 59.23 26.07
C17 CLA OC . 36.45 59.10 26.79
C18 CLA OC . 35.39 60.00 26.17
C19 CLA OC . 34.05 59.82 26.87
C20 CLA OC . 35.82 61.46 26.21
MG CLA PC . 18.67 35.33 19.27
CHA CLA PC . 15.24 34.86 19.56
CHB CLA PC . 18.66 32.96 16.80
CHC CLA PC . 21.88 36.07 18.74
CHD CLA PC . 18.59 37.55 21.99
NA CLA PC . 17.15 34.05 18.27
C1A CLA PC . 15.92 33.96 18.55
C2A CLA PC . 15.23 32.91 17.76
C3A CLA PC . 16.36 32.32 16.97
C4A CLA PC . 17.48 33.17 17.37
CMA CLA PC . 16.57 30.82 17.03
CAA CLA PC . 14.37 33.63 16.73
CBA CLA PC . 13.48 32.69 15.95
CGA CLA PC . 14.09 32.47 14.59
O1A CLA PC . 14.83 33.25 14.05
O2A CLA PC . 13.94 31.39 13.87
NB CLA PC . 20.06 34.62 17.93
C1B CLA PC . 19.92 33.66 17.04
C2B CLA PC . 21.15 33.35 16.28
C3B CLA PC . 22.08 34.27 16.89
C4B CLA PC . 21.32 35.02 17.90
CMB CLA PC . 21.36 32.33 15.19
CAB CLA PC . 23.49 34.51 16.58
CBB CLA PC . 23.78 34.85 15.35
NC CLA PC . 20.01 36.64 20.22
C1C CLA PC . 21.27 36.76 19.87
C2C CLA PC . 22.07 37.63 20.68
C3C CLA PC . 21.14 38.12 21.68
C4C CLA PC . 19.88 37.42 21.30
CMC CLA PC . 23.50 37.93 20.44
CAC CLA PC . 21.50 39.05 22.80
CBC CLA PC . 20.52 40.14 23.10
ND CLA PC . 17.35 36.11 20.54
C1D CLA PC . 17.35 36.93 21.56
C2D CLA PC . 16.06 37.15 22.21
C3D CLA PC . 15.24 36.29 21.36
C4D CLA PC . 16.03 35.72 20.44
CMD CLA PC . 15.55 37.94 23.36
CAD CLA PC . 13.86 35.83 21.19
OBD CLA PC . 12.85 36.26 21.84
CBD CLA PC . 13.80 35.15 19.88
CGD CLA PC . 12.92 33.94 19.98
O1D CLA PC . 13.05 33.15 20.87
O2D CLA PC . 11.88 33.72 19.01
CED CLA PC . 10.68 33.09 19.41
C1 CLA PC . 15.12 30.98 12.89
C2 CLA PC . 16.40 30.36 13.38
C3 CLA PC . 17.56 30.91 13.07
C4 CLA PC . 17.62 32.17 12.26
C5 CLA PC . 18.83 30.26 13.55
C6 CLA PC . 19.66 29.88 12.34
C7 CLA PC . 18.93 28.80 11.54
C8 CLA PC . 19.89 28.11 10.62
C9 CLA PC . 20.32 29.05 9.52
C10 CLA PC . 19.19 26.88 10.07
C11 CLA PC . 19.82 25.62 10.65
C12 CLA PC . 19.75 24.51 9.63
C13 CLA PC . 19.52 23.17 10.34
C14 CLA PC . 18.34 23.26 11.28
C15 CLA PC . 20.78 22.80 11.09
C16 CLA PC . 20.53 21.56 11.94
C17 CLA PC . 21.32 20.39 11.40
C18 CLA PC . 21.62 19.36 12.48
C19 CLA PC . 22.85 18.56 12.08
C20 CLA PC . 21.80 19.97 13.86
MG CLA QC . 30.18 8.38 28.49
CHA CLA QC . 28.03 6.81 30.69
CHB CLA QC . 32.63 6.17 29.53
CHC CLA QC . 32.25 9.78 26.24
CHD CLA QC . 27.65 10.67 27.58
NA CLA QC . 30.36 6.68 29.91
C1A CLA QC . 29.43 6.25 30.68
C2A CLA QC . 29.86 5.11 31.53
C3A CLA QC . 31.31 4.97 31.17
C4A CLA QC . 31.45 6.01 30.13
CMA CLA QC . 32.30 5.00 32.31
CAA CLA QC . 29.16 3.83 31.03
CBA CLA QC . 29.43 3.41 29.60
CGA CLA QC . 28.45 4.06 28.64
O1A CLA QC . 27.32 4.37 28.91
O2A CLA QC . 28.73 4.38 27.40
NB CLA QC . 32.15 8.01 27.97
C1B CLA QC . 33.00 7.13 28.49
C2B CLA QC . 34.37 7.18 27.92
C3B CLA QC . 34.22 8.26 26.95
C4B CLA QC . 32.83 8.70 27.05
CMB CLA QC . 35.54 6.32 28.30
CAB CLA QC . 35.18 8.86 26.00
CBB CLA QC . 36.48 8.73 26.10
NC CLA QC . 29.97 9.97 27.10
C1C CLA QC . 30.91 10.37 26.25
C2C CLA QC . 30.52 11.43 25.32
C3C CLA QC . 29.14 11.68 25.72
C4C CLA QC . 28.92 10.73 26.82
CMC CLA QC . 31.32 12.07 24.23
CAC CLA QC . 28.16 12.66 25.14
CBC CLA QC . 28.60 14.05 25.49
ND CLA QC . 28.29 8.78 28.94
C1D CLA QC . 27.35 9.62 28.56
C2D CLA QC . 26.03 9.41 29.22
C3D CLA QC . 26.38 8.26 30.07
C4D CLA QC . 27.66 7.97 29.86
CMD CLA QC . 24.66 10.00 29.22
CAD CLA QC . 25.78 7.37 31.05
OBD CLA QC . 24.53 7.27 31.30
CBD CLA QC . 26.80 6.35 31.43
CGD CLA QC . 26.94 6.31 32.90
O1D CLA QC . 26.18 5.62 33.55
O2D CLA QC . 27.94 7.05 33.61
CED CLA QC . 28.19 6.69 34.96
C1 CLA QC . 28.41 5.86 26.86
C2 CLA QC . 27.05 6.22 26.36
C3 CLA QC . 26.92 7.09 25.36
C4 CLA QC . 25.54 7.44 24.87
C5 CLA QC . 28.14 7.70 24.72
C6 CLA QC . 27.77 8.39 23.42
C7 CLA QC . 28.93 8.35 22.45
C8 CLA QC . 28.56 9.02 21.12
C9 CLA QC . 28.51 10.53 21.26
C10 CLA QC . 27.24 8.47 20.60
MG CLA RC . 40.67 10.63 34.23
CHA CLA RC . 44.10 11.10 33.99
CHB CLA RC . 40.66 10.09 30.87
CHC CLA RC . 37.36 10.03 34.51
CHD CLA RC . 40.84 11.25 37.70
NA CLA RC . 42.17 10.58 32.60
C1A CLA RC . 43.42 10.80 32.69
C2A CLA RC . 44.14 10.74 31.38
C3A CLA RC . 43.00 10.49 30.45
C4A CLA RC . 41.87 10.36 31.36
CMA CLA RC . 42.78 11.57 29.42
CAA CLA RC . 45.08 9.53 31.29
CBA CLA RC . 45.30 8.99 29.88
CGA CLA RC . 46.17 9.86 28.99
O1A CLA RC . 46.49 9.58 27.85
O2A CLA RC . 46.69 11.04 29.29
NB CLA RC . 39.22 10.12 32.86
C1B CLA RC . 39.37 9.96 31.55
C2B CLA RC . 38.11 9.64 30.84
C3B CLA RC . 37.15 9.63 31.92
C4B CLA RC . 37.93 9.95 33.15
CMB CLA RC . 37.85 9.39 29.38
CAB CLA RC . 35.72 9.37 31.76
CBB CLA RC . 35.07 8.51 32.47
NC CLA RC . 39.33 10.58 35.87
C1C CLA RC . 38.01 10.45 35.75
C2C CLA RC . 37.25 10.76 36.96
C3C CLA RC . 38.28 11.10 37.91
C4C CLA RC . 39.53 10.96 37.14
CMC CLA RC . 35.78 10.71 37.17
CAC CLA RC . 38.12 11.53 39.33
CBC CLA RC . 38.25 13.02 39.44
ND CLA RC . 42.02 11.07 35.63
C1D CLA RC . 42.07 11.30 36.92
C2D CLA RC . 43.40 11.61 37.47
C3D CLA RC . 44.16 11.52 36.24
C4D CLA RC . 43.35 11.21 35.24
CMD CLA RC . 44.02 11.94 38.79
CAD CLA RC . 45.53 11.65 35.76
OBD CLA RC . 46.52 12.07 36.45
CBD CLA RC . 45.55 11.39 34.29
CGD CLA RC . 45.97 12.66 33.63
O1D CLA RC . 47.14 12.87 33.40
O2D CLA RC . 45.03 13.67 33.27
CED CLA RC . 45.47 14.73 32.43
C1 CLA RC . 48.21 11.10 29.79
C2 CLA RC . 48.65 10.15 30.87
C3 CLA RC . 49.55 10.48 31.78
C4 CLA RC . 50.16 11.84 31.72
C5 CLA RC . 49.96 9.49 32.86
C6 CLA RC . 49.13 9.71 34.12
C7 CLA RC . 48.22 8.53 34.43
C8 CLA RC . 47.75 8.62 35.88
C9 CLA RC . 48.77 7.99 36.80
C10 CLA RC . 46.41 7.92 36.06
C11 CLA RC . 46.00 7.86 37.52
C12 CLA RC . 44.50 8.06 37.68
C13 CLA RC . 43.92 7.61 39.02
C14 CLA RC . 44.97 7.24 40.05
C15 CLA RC . 42.99 6.44 38.81
MG CLA SC . 40.51 13.42 25.36
CHA CLA SC . 37.24 13.02 26.52
CHB CLA SC . 41.23 14.82 28.37
CHC CLA SC . 43.69 13.59 24.32
CHD CLA SC . 39.58 11.94 22.29
NA CLA SC . 39.40 13.87 27.24
C1A CLA SC . 38.18 13.68 27.49
C2A CLA SC . 37.75 14.17 28.83
C3A CLA SC . 39.01 14.79 29.33
C4A CLA SC . 39.96 14.46 28.25
CMA CLA SC . 38.93 16.27 29.59
CAA CLA SC . 37.61 12.99 29.76
CBA CLA SC . 36.18 12.65 30.14
CGA CLA SC . 35.71 13.55 31.23
O1A CLA SC . 36.27 13.67 32.29
O2A CLA SC . 34.65 14.33 31.16
NB CLA SC . 42.22 14.10 26.25
C1B CLA SC . 42.35 14.65 27.44
C2B CLA SC . 43.73 15.10 27.75
C3B CLA SC . 44.42 14.73 26.53
C4B CLA SC . 43.41 14.11 25.66
CMB CLA SC . 44.23 15.77 28.99
CAB CLA SC . 45.82 14.88 26.13
CBB CLA SC . 46.79 14.51 26.94
NC CLA SC . 41.49 12.81 23.59
C1C CLA SC . 42.77 13.02 23.33
C2C CLA SC . 43.22 12.64 21.98
C3C CLA SC . 41.99 12.14 21.41
C4C CLA SC . 40.99 12.29 22.48
CMC CLA SC . 44.57 12.73 21.36
CAC CLA SC . 41.75 11.58 20.05
CBC CLA SC . 41.16 12.65 19.18
ND CLA SC . 38.91 12.62 24.50
C1D CLA SC . 38.57 12.11 23.32
C2D CLA SC . 37.15 11.77 23.14
C3D CLA SC . 36.70 12.17 24.47
C4D CLA SC . 37.72 12.63 25.18
CMD CLA SC . 36.24 11.20 22.10
CAD CLA SC . 35.48 12.21 25.25
OBD CLA SC . 34.37 11.73 24.87
CBD CLA SC . 35.79 12.63 26.63
CGD CLA SC . 34.90 13.77 26.93
O1D CLA SC . 33.86 13.60 27.54
O2D CLA SC . 35.23 15.11 26.49
CED CLA SC . 34.39 16.18 26.86
C1 CLA SC . 34.78 15.76 30.50
C2 CLA SC . 34.68 17.04 31.29
C3 CLA SC . 35.16 18.17 30.76
C4 CLA SC . 35.05 19.43 31.55
C5 CLA SC . 35.81 18.20 29.41
C6 CLA SC . 36.35 19.59 29.08
C7 CLA SC . 36.33 19.79 27.58
C8 CLA SC . 37.49 20.65 27.12
C9 CLA SC . 37.36 20.95 25.63
C10 CLA SC . 38.80 19.97 27.45
C11 CLA SC . 39.94 20.41 26.54
C12 CLA SC . 41.26 19.78 26.94
C13 CLA SC . 41.58 18.46 26.24
C14 CLA SC . 43.06 18.39 25.94
C15 CLA SC . 40.83 18.30 24.93
C16 CLA SC . 40.31 16.89 24.80
C17 CLA SC . 39.90 16.64 23.36
C18 CLA SC . 38.52 16.01 23.30
C19 CLA SC . 37.53 16.77 24.17
C20 CLA SC . 38.04 15.92 21.87
MG CLA TC . 37.20 6.36 8.67
CHA CLA TC . 35.40 7.29 5.84
CHB CLA TC . 36.90 9.59 9.70
CHC CLA TC . 38.90 5.49 11.45
CHD CLA TC . 37.55 3.14 7.41
NA CLA TC . 36.27 8.23 7.90
C1A CLA TC . 35.65 8.40 6.81
C2A CLA TC . 35.19 9.79 6.55
C3A CLA TC . 35.75 10.49 7.75
C4A CLA TC . 36.34 9.38 8.52
CMA CLA TC . 36.71 11.58 7.39
CAA CLA TC . 33.67 9.95 6.63
CBA CLA TC . 32.99 9.42 7.88
CGA CLA TC . 32.69 7.95 7.74
O1A CLA TC . 31.81 7.47 7.07
O2A CLA TC . 33.40 7.00 8.32
NB CLA TC . 37.80 7.40 10.33
C1B CLA TC . 37.57 8.69 10.61
C2B CLA TC . 38.08 9.12 11.93
C3B CLA TC . 38.68 7.89 12.40
C4B CLA TC . 38.45 6.87 11.36
CMB CLA TC . 38.02 10.47 12.59
CAB CLA TC . 39.35 7.63 13.67
CBB CLA TC . 38.63 7.73 14.77
NC CLA TC . 37.99 4.53 9.39
C1C CLA TC . 38.74 4.42 10.47
C2C CLA TC . 39.41 3.12 10.64
C3C CLA TC . 38.95 2.41 9.47
C4C CLA TC . 38.09 3.37 8.75
CMC CLA TC . 40.31 2.67 11.75
CAC CLA TC . 39.31 1.01 9.06
CBC CLA TC . 38.08 0.14 9.08
ND CLA TC . 36.71 5.34 7.05
C1D CLA TC . 36.78 4.10 6.63
C2D CLA TC . 36.08 3.82 5.36
C3D CLA TC . 35.54 5.15 5.09
C4D CLA TC . 35.92 5.95 6.08
CMD CLA TC . 35.84 2.66 4.47
CAD CLA TC . 34.72 5.88 4.12
OBD CLA TC . 33.81 5.34 3.42
CBD CLA TC . 34.70 7.31 4.51
CGD CLA TC . 35.53 8.08 3.55
O1D CLA TC . 36.44 7.54 2.96
O2D CLA TC . 35.30 9.49 3.28
CED CLA TC . 35.51 9.97 1.97
C1 CLA TC . 32.81 5.58 8.69
C2 CLA TC . 33.36 4.88 9.92
C3 CLA TC . 33.97 3.70 9.82
C4 CLA TC . 34.15 3.04 8.50
C5 CLA TC . 34.51 3.04 11.04
C6 CLA TC . 35.48 4.01 11.66
C7 CLA TC . 35.23 4.02 13.14
C8 CLA TC . 36.57 3.89 13.84
C9 CLA TC . 37.15 2.52 13.59
C10 CLA TC . 36.35 4.14 15.31
C11 CLA TC . 35.74 5.52 15.51
C12 CLA TC . 34.99 5.57 16.83
C13 CLA TC . 35.62 6.61 17.74
C14 CLA TC . 37.03 6.21 18.15
C15 CLA TC . 34.74 6.78 18.97
C16 CLA TC . 34.36 8.24 19.14
C17 CLA TC . 32.85 8.37 19.23
C18 CLA TC . 32.46 9.60 20.04
C19 CLA TC . 33.09 9.55 21.43
C20 CLA TC . 32.84 10.88 19.32
MG CLA UC . 39.04 16.22 8.50
CHA CLA UC . 42.39 15.63 9.12
CHB CLA UC . 38.36 13.33 10.21
CHC CLA UC . 35.78 16.82 7.94
CHD CLA UC . 39.86 19.13 6.70
NA CLA UC . 40.20 14.65 9.54
C1A CLA UC . 41.46 14.58 9.64
C2A CLA UC . 41.93 13.41 10.43
C3A CLA UC . 40.65 12.66 10.70
C4A CLA UC . 39.66 13.59 10.11
CMA CLA UC . 40.62 11.24 10.22
CAA CLA UC . 42.40 13.90 11.79
CBA CLA UC . 41.40 14.59 12.73
CGA CLA UC . 41.12 16.01 12.33
O1A CLA UC . 41.96 16.86 12.13
O2A CLA UC . 39.93 16.51 12.13
NB CLA UC . 37.34 15.20 9.01
C1B CLA UC . 37.22 14.08 9.71
C2B CLA UC . 35.82 13.66 9.96
C3B CLA UC . 35.10 14.71 9.26
C4B CLA UC . 36.11 15.61 8.71
CMB CLA UC . 35.34 12.46 10.72
CAB CLA UC . 33.66 14.93 9.09
CBB CLA UC . 32.72 14.11 9.49
NC CLA UC . 37.98 17.78 7.55
C1C CLA UC . 36.67 17.86 7.43
C2C CLA UC . 36.16 19.08 6.78
C3C CLA UC . 37.39 19.78 6.46
C4C CLA UC . 38.43 18.88 6.96
CMC CLA UC . 34.74 19.49 6.54
CAC CLA UC . 37.58 21.09 5.80
CBC CLA UC . 37.78 22.14 6.87
ND CLA UC . 40.65 17.21 7.90
C1D CLA UC . 40.91 18.36 7.33
C2D CLA UC . 42.32 18.78 7.38
C3D CLA UC . 42.88 17.64 8.10
C4D CLA UC . 41.88 16.80 8.36
CMD CLA UC . 43.09 19.96 6.91
CAD CLA UC . 44.14 17.14 8.63
OBD CLA UC . 45.11 17.91 8.94
CBD CLA UC . 43.87 15.86 9.34
CGD CLA UC . 44.79 14.78 8.85
O1D CLA UC . 45.93 14.75 9.23
O2D CLA UC . 44.36 13.74 7.96
CED CLA UC . 44.94 12.46 8.12
C1 CLA UC . 39.80 17.98 11.51
C2 CLA UC . 38.43 18.56 11.38
C3 CLA UC . 38.20 19.74 10.77
C4 CLA UC . 39.33 20.52 10.20
C5 CLA UC . 36.80 20.26 10.67
C6 CLA UC . 35.81 19.11 10.78
C7 CLA UC . 34.94 19.27 12.00
C8 CLA UC . 34.57 17.92 12.57
C9 CLA UC . 33.44 18.07 13.57
C10 CLA UC . 35.78 17.31 13.22
C11 CLA UC . 35.59 15.84 13.53
C12 CLA UC . 36.94 15.14 13.54
C13 CLA UC . 37.27 14.59 14.92
C14 CLA UC . 37.94 15.65 15.77
C15 CLA UC . 38.18 13.40 14.77
C16 CLA UC . 38.30 12.64 16.07
C17 CLA UC . 37.04 11.81 16.31
C18 CLA UC . 37.10 11.07 17.63
C19 CLA UC . 37.98 9.83 17.54
C20 CLA UC . 37.59 12.00 18.73
MG CLA VC . 30.82 19.97 3.53
CHA CLA VC . 32.86 17.27 4.17
CHB CLA VC . 28.24 18.14 4.83
CHC CLA VC . 28.86 22.68 3.14
CHD CLA VC . 33.49 21.70 2.02
NA CLA VC . 30.55 17.96 4.42
C1A CLA VC . 31.44 17.06 4.55
C2A CLA VC . 30.91 15.78 5.13
C3A CLA VC . 29.45 16.07 5.22
C4A CLA VC . 29.40 17.48 4.80
CMA CLA VC . 28.70 15.12 4.33
CAA CLA VC . 31.42 15.66 6.58
CBA CLA VC . 30.48 16.15 7.69
CGA CLA VC . 31.19 16.96 8.75
O1A CLA VC . 32.26 17.51 8.60
O2A CLA VC . 30.73 17.15 9.96
NB CLA VC . 28.84 20.34 3.93
C1B CLA VC . 27.95 19.51 4.42
C2B CLA VC . 26.61 20.07 4.57
C3B CLA VC . 26.80 21.42 4.05
C4B CLA VC . 28.21 21.49 3.68
CMB CLA VC . 25.42 19.37 5.10
CAB CLA VC . 25.84 22.53 3.90
CBB CLA VC . 24.55 22.36 3.79
NC CLA VC . 31.15 21.91 2.75
C1C CLA VC . 30.22 22.82 2.62
C2C CLA VC . 30.59 24.03 1.90
C3C CLA VC . 31.97 23.77 1.59
C4C CLA VC . 32.21 22.42 2.14
CMC CLA VC . 29.72 25.21 1.63
CAC CLA VC . 32.93 24.62 0.82
CBC CLA VC . 32.75 24.29 -0.64
ND CLA VC . 32.73 19.68 3.08
C1D CLA VC . 33.73 20.37 2.58
C2D CLA VC . 35.04 19.70 2.65
C3D CLA VC . 34.62 18.44 3.29
C4D CLA VC . 33.31 18.50 3.50
CMD CLA VC . 36.45 20.01 2.27
CAD CLA VC . 35.15 17.16 3.78
OBD CLA VC . 36.37 16.88 3.97
CBD CLA VC . 34.06 16.40 4.41
CGD CLA VC . 33.91 15.07 3.76
O1D CLA VC . 33.94 14.96 2.56
O2D CLA VC . 33.72 13.89 4.55
CED CLA VC . 34.49 12.75 4.27
CAA F6C WC . 22.16 16.99 -3.01
CAB F6C WC . 25.69 14.50 5.39
CAC F6C WC . 20.67 20.70 7.06
CAD F6C WC . 18.35 19.37 -0.80
NA F6C WC . 21.96 16.57 0.37
CBA F6C WC . 21.25 17.06 -4.23
CBB F6C WC . 25.94 15.16 6.49
CBC F6C WC . 21.52 21.93 6.90
CBD F6C WC . 19.15 18.36 -1.55
NB F6C WC . 23.29 16.05 2.99
OBD F6C WC . 17.24 19.87 -1.18
CGA F6C WC . 20.52 15.79 -4.63
CGD F6C WC . 18.23 17.24 -1.92
ND F6C WC . 20.48 18.76 1.97
CED F6C WC . 16.18 16.06 -1.63
CHA F6C WC . 20.17 17.92 -0.53
CHB F6C WC . 23.71 15.04 0.79
CHC F6C WC . 23.26 16.69 5.35
CHD F6C WC . 20.04 20.03 3.98
CMA F6C WC . 22.88 13.76 -1.70
CMB F6C WC . 25.94 13.46 2.25
CMC F6C WC . 22.73 18.31 8.02
CMD F6C WC . 17.57 21.27 1.94
OMB F6C WC . 26.95 13.85 1.71
C1 F6C WC . 20.09 13.43 -3.72
C1A F6C WC . 21.26 16.90 -0.63
C1B F6C WC . 23.97 15.22 2.20
C1C F6C WC . 22.38 17.86 5.41
C1D F6C WC . 19.76 19.68 2.59
O1A F6C WC . 19.43 15.78 -5.19
O1D F6C WC . 18.63 16.20 -2.36
C2 F6C WC . 18.61 13.21 -3.84
C2A F6C WC . 21.62 16.13 -1.87
C2B F6C WC . 25.02 14.46 2.87
C2C F6C WC . 22.17 18.58 6.66
C2D F6C WC . 18.66 20.25 1.79
O2A F6C WC . 20.94 14.56 -4.46
O2D F6C WC . 16.81 17.31 -1.79
C3 F6C WC . 18.13 12.03 -3.48
C3A F6C WC . 22.76 15.24 -1.39
C3B F6C WC . 24.89 14.95 4.24
C3C F6C WC . 21.26 19.62 6.23
C3D F6C WC . 18.89 19.51 0.55
C4 F6C WC . 16.67 11.86 -3.64
C4A F6C WC . 22.81 15.64 0.02
C4B F6C WC . 23.78 15.94 4.22
C4C F6C WC . 21.07 19.37 4.79
C4D F6C WC . 19.92 18.69 0.71
C5 F6C WC . 19.04 10.93 -2.96
C6 F6C WC . 18.54 10.35 -1.64
C7 F6C WC . 19.50 9.28 -1.13
C8 F6C WC . 18.79 7.99 -0.77
C9 F6C WC . 18.22 7.32 -2.01
C10 F6C WC . 17.69 8.26 0.26
C11 F6C WC . 16.85 7.02 0.53
C12 F6C WC . 16.67 6.79 2.02
C13 F6C WC . 15.48 5.88 2.31
C14 F6C WC . 14.18 6.68 2.26
C15 F6C WC . 15.67 5.14 3.63
NC F6C WC . 21.77 18.32 4.34
MG F6C WC . 21.84 17.39 2.44
C16 F6C WC . 14.91 5.75 4.80
C17 F6C WC . 15.81 6.70 5.61
C18 F6C WC . 15.78 6.48 7.12
C19 F6C WC . 14.83 7.44 7.81
C20 F6C WC . 15.48 5.04 7.50
MG CLA XC . 46.63 -6.09 33.59
CHA CLA XC . 46.50 -8.53 36.05
CHB CLA XC . 47.33 -3.84 36.08
CHC CLA XC . 46.91 -3.75 31.18
CHD CLA XC . 45.85 -8.51 31.13
NA CLA XC . 46.90 -6.14 35.80
C1A CLA XC . 46.81 -7.16 36.56
C2A CLA XC . 46.97 -6.84 38.01
C3A CLA XC . 47.16 -5.36 37.98
C4A CLA XC . 47.13 -5.07 36.52
CMA CLA XC . 46.12 -4.66 38.82
CAA CLA XC . 48.26 -7.41 38.61
CBA CLA XC . 49.45 -7.24 37.67
CGA CLA XC . 50.71 -7.79 38.31
O1A CLA XC . 51.80 -7.77 37.78
O2A CLA XC . 50.78 -8.34 39.50
NB CLA XC . 47.06 -4.08 33.64
C1B CLA XC . 47.32 -3.33 34.70
C2B CLA XC . 47.60 -1.90 34.39
C3B CLA XC . 47.46 -1.91 32.93
C4B CLA XC . 47.13 -3.30 32.56
CMB CLA XC . 47.92 -0.80 35.34
CAB CLA XC . 47.60 -0.85 31.91
CBB CLA XC . 47.55 0.43 32.20
NC CLA XC . 46.43 -6.13 31.48
C1C CLA XC . 46.58 -5.08 30.68
C2C CLA XC . 46.42 -5.35 29.24
C3C CLA XC . 46.12 -6.77 29.24
C4C CLA XC . 46.15 -7.15 30.66
CMC CLA XC . 46.54 -4.41 28.09
CAC CLA XC . 45.85 -7.66 28.06
CBC CLA XC . 44.36 -7.79 27.87
ND CLA XC . 46.26 -8.04 33.46
C1D CLA XC . 45.95 -8.93 32.53
C2D CLA XC . 45.70 -10.31 33.03
C3D CLA XC . 45.94 -10.07 34.46
C4D CLA XC . 46.25 -8.79 34.63
CMD CLA XC . 45.32 -11.66 32.47
CAD CLA XC . 45.95 -10.78 35.74
OBD CLA XC . 45.94 -12.05 35.88
CBD CLA XC . 46.33 -9.82 36.81
CGD CLA XC . 45.20 -9.66 37.77
O1D CLA XC . 44.25 -8.98 37.48
O2D CLA XC . 45.23 -10.30 39.07
CED CLA XC . 44.09 -11.04 39.49
C1 CLA XC . 50.76 -9.94 39.64
C2 CLA XC . 49.48 -10.70 39.91
C3 CLA XC . 49.25 -11.86 39.28
C4 CLA XC . 47.99 -12.62 39.54
C5 CLA XC . 50.22 -12.37 38.26
C6 CLA XC . 49.58 -12.32 36.89
C7 CLA XC . 50.49 -11.65 35.87
C8 CLA XC . 49.70 -10.80 34.90
C9 CLA XC . 49.59 -11.48 33.54
C10 CLA XC . 50.38 -9.44 34.79
C11 CLA XC . 49.80 -8.57 33.68
C12 CLA XC . 50.46 -7.20 33.73
C13 CLA XC . 49.96 -6.30 32.61
C14 CLA XC . 50.41 -6.81 31.26
C15 CLA XC . 50.40 -4.87 32.92
C16 CLA XC . 51.34 -4.27 31.89
C17 CLA XC . 51.16 -2.76 31.75
C18 CLA XC . 50.60 -2.35 30.40
C19 CLA XC . 51.31 -1.11 29.87
C20 CLA XC . 50.66 -3.45 29.35
MG CLA YC . 56.51 -4.47 37.95
CHA CLA YC . 53.91 -4.77 40.24
CHB CLA YC . 58.65 -4.87 40.62
CHC CLA YC . 59.04 -4.29 35.74
CHD CLA YC . 54.18 -4.08 35.32
NA CLA YC . 56.34 -4.80 40.15
C1A CLA YC . 55.28 -4.88 40.85
C2A CLA YC . 55.50 -5.10 42.30
C3A CLA YC . 57.00 -5.05 42.39
C4A CLA YC . 57.36 -4.90 40.96
CMA CLA YC . 57.58 -4.05 43.36
CAA CLA YC . 55.32 -6.60 42.55
CBA CLA YC . 54.03 -7.07 43.18
CGA CLA YC . 53.56 -8.26 42.38
O1A CLA YC . 53.77 -8.40 41.19
O2A CLA YC . 52.89 -9.28 42.87
NB CLA YC . 58.55 -4.58 38.17
C1B CLA YC . 59.25 -4.72 39.30
C2B CLA YC . 60.72 -4.72 39.10
C3B CLA YC . 60.82 -4.54 37.66
C4B CLA YC . 59.42 -4.46 37.16
CMB CLA YC . 61.81 -4.85 40.13
CAB CLA YC . 62.05 -4.45 36.86
CBB CLA YC . 62.35 -5.36 35.97
NC CLA YC . 56.60 -4.27 35.85
C1C CLA YC . 57.72 -4.18 35.13
C2C CLA YC . 57.54 -4.02 33.68
C3C CLA YC . 56.09 -3.98 33.57
C4C CLA YC . 55.61 -4.14 34.95
CMC CLA YC . 58.58 -3.90 32.61
CAC CLA YC . 55.26 -3.82 32.33
CBC CLA YC . 54.87 -5.19 31.84
ND CLA YC . 54.53 -4.46 37.68
C1D CLA YC . 53.68 -4.25 36.69
C2D CLA YC . 52.25 -4.19 37.10
C3D CLA YC . 52.42 -4.42 38.54
C4D CLA YC . 53.71 -4.56 38.80
CMD CLA YC . 50.90 -3.98 36.49
CAD CLA YC . 51.62 -4.53 39.77
OBD CLA YC . 50.39 -4.19 39.90
CBD CLA YC . 52.55 -4.80 40.89
CGD CLA YC . 52.44 -3.70 41.90
O1D CLA YC . 53.25 -2.81 41.94
O2D CLA YC . 51.36 -3.67 42.87
CED CLA YC . 51.18 -2.48 43.62
MG CLA ZC . 50.21 1.93 35.18
CHA CLA ZC . 47.63 3.95 34.03
CHB CLA ZC . 51.57 2.19 32.03
CHC CLA ZC . 52.76 0.10 36.29
CHD CLA ZC . 48.69 1.80 38.38
NA CLA ZC . 49.70 2.94 33.25
C1A CLA ZC . 48.68 3.65 33.01
C2A CLA ZC . 48.63 4.16 31.60
C3A CLA ZC . 49.85 3.55 31.00
C4A CLA ZC . 50.43 2.85 32.17
CMA CLA ZC . 49.71 2.74 29.72
CAA CLA ZC . 48.92 5.64 31.66
CBA CLA ZC . 47.99 6.38 30.73
CGA CLA ZC . 48.70 6.60 29.43
O1A CLA ZC . 49.07 5.73 28.67
O2A CLA ZC . 49.00 7.79 28.98
NB CLA ZC . 51.93 1.26 34.28
C1B CLA ZC . 52.32 1.42 33.02
C2B CLA ZC . 53.60 0.76 32.68
C3B CLA ZC . 53.93 0.13 33.96
C4B CLA ZC . 52.84 0.50 34.89
CMB CLA ZC . 54.30 0.77 31.35
CAB CLA ZC . 55.09 -0.69 34.36
CBB CLA ZC . 56.27 -0.57 33.81
NC CLA ZC . 50.69 1.14 37.09
C1C CLA ZC . 51.74 0.37 37.31
C2C CLA ZC . 51.83 -0.19 38.66
C3C CLA ZC . 50.66 0.34 39.30
C4C CLA ZC . 50.01 1.14 38.24
CMC CLA ZC . 52.88 -1.08 39.23
CAC CLA ZC . 50.22 0.06 40.71
CBC CLA ZC . 50.32 1.26 41.62
ND CLA ZC . 48.61 2.65 36.12
C1D CLA ZC . 48.04 2.57 37.32
C2D CLA ZC . 46.75 3.29 37.45
C3D CLA ZC . 46.64 3.82 36.10
C4D CLA ZC . 47.72 3.43 35.40
CMD CLA ZC . 45.70 3.55 38.49
CAD CLA ZC . 45.77 4.64 35.26
OBD CLA ZC . 44.60 5.02 35.58
CBD CLA ZC . 46.33 4.68 33.88
CGD CLA ZC . 45.45 3.77 33.10
O1D CLA ZC . 44.73 3.00 33.69
O2D CLA ZC . 45.40 3.72 31.67
CED CLA ZC . 44.60 2.67 31.14
C1 CLA ZC . 50.27 8.10 28.08
C2 CLA ZC . 51.64 7.47 28.25
C3 CLA ZC . 52.72 8.22 28.07
C4 CLA ZC . 54.08 7.61 28.21
C5 CLA ZC . 52.57 9.68 27.70
C6 CLA ZC . 53.94 10.34 27.61
C7 CLA ZC . 53.77 11.84 27.56
C8 CLA ZC . 53.99 12.44 28.94
C9 CLA ZC . 52.69 13.09 29.39
C10 CLA ZC . 55.11 13.45 28.90
C11 CLA ZC . 56.45 12.78 29.14
C12 CLA ZC . 57.57 13.82 29.11
C13 CLA ZC . 58.55 13.63 30.26
C14 CLA ZC . 57.80 13.47 31.57
C15 CLA ZC . 59.49 14.82 30.28
C16 CLA ZC . 60.27 14.96 31.58
C17 CLA ZC . 61.45 13.99 31.65
C18 CLA ZC . 62.63 14.57 32.42
C19 CLA ZC . 63.87 13.72 32.22
C20 CLA ZC . 62.91 16.01 32.05
MG CLA AD . 59.60 0.65 16.16
CHA CLA AD . 58.68 0.21 12.83
CHB CLA AD . 57.06 2.95 16.39
CHC CLA AD . 60.39 0.97 19.40
CHD CLA AD . 62.21 -1.71 15.75
NA CLA AD . 58.04 1.48 14.81
C1A CLA AD . 57.84 1.20 13.58
C2A CLA AD . 56.74 1.98 12.94
C3A CLA AD . 56.31 2.85 14.08
C4A CLA AD . 57.18 2.40 15.18
CMA CLA AD . 56.34 4.33 13.80
CAA CLA AD . 55.58 1.09 12.53
CBA CLA AD . 54.95 0.35 13.70
CGA CLA AD . 54.73 -1.09 13.34
O1A CLA AD . 53.94 -1.48 12.50
O2A CLA AD . 55.40 -2.04 13.92
NB CLA AD . 58.82 1.78 17.68
C1B CLA AD . 57.82 2.67 17.61
C2B CLA AD . 57.54 3.37 18.89
C3B CLA AD . 58.54 2.77 19.76
C4B CLA AD . 59.29 1.81 18.92
CMB CLA AD . 56.48 4.41 19.13
CAB CLA AD . 58.86 2.99 21.19
CBB CLA AD . 58.47 4.04 21.87
NC CLA AD . 61.06 -0.27 17.40
C1C CLA AD . 61.22 -0.01 18.68
C2C CLA AD . 62.28 -0.78 19.36
C3C CLA AD . 62.79 -1.59 18.26
C4C CLA AD . 61.98 -1.19 17.10
CMC CLA AD . 62.70 -0.75 20.79
CAC CLA AD . 63.88 -2.61 18.30
CBC CLA AD . 65.17 -1.84 18.30
ND CLA AD . 60.37 -0.53 14.74
C1D CLA AD . 61.34 -1.41 14.61
C2D CLA AD . 61.46 -2.02 13.26
C3D CLA AD . 60.36 -1.31 12.59
C4D CLA AD . 59.79 -0.51 13.48
CMD CLA AD . 62.31 -3.01 12.52
CAD CLA AD . 59.69 -1.22 11.29
OBD CLA AD . 59.92 -1.94 10.26
CBD CLA AD . 58.63 -0.18 11.37
CGD CLA AD . 59.05 0.97 10.52
O1D CLA AD . 59.38 2.04 10.99
O2D CLA AD . 59.07 0.83 9.08
CED CLA AD . 60.32 0.87 8.41
C1 CLA AD . 54.88 -3.51 14.30
C2 CLA AD . 53.80 -4.33 13.63
C3 CLA AD . 53.85 -5.67 13.74
C4 CLA AD . 52.79 -6.50 13.08
C5 CLA AD . 54.98 -6.34 14.51
C6 CLA AD . 54.56 -6.68 15.93
C7 CLA AD . 55.70 -6.43 16.92
C8 CLA AD . 55.16 -5.72 18.16
C9 CLA AD . 54.60 -4.37 17.77
C10 CLA AD . 56.23 -5.57 19.23
C11 CLA AD . 55.62 -5.65 20.64
C12 CLA AD . 55.39 -4.27 21.26
C13 CLA AD . 53.98 -4.12 21.85
C14 CLA AD . 52.94 -4.88 21.04
C15 CLA AD . 53.61 -2.66 21.97
C16 CLA AD . 53.72 -2.18 23.42
C17 CLA AD . 52.37 -1.69 23.96
C18 CLA AD . 51.96 -2.48 25.19
C19 CLA AD . 51.02 -1.67 26.08
C20 CLA AD . 51.32 -3.81 24.81
MG CLA BD . 69.70 -2.06 20.31
CHA CLA BD . 71.64 -4.38 18.59
CHB CLA BD . 67.28 -4.47 20.56
CHC CLA BD . 67.93 0.14 22.13
CHD CLA BD . 72.25 0.36 19.90
NA CLA BD . 69.46 -4.18 19.67
C1A CLA BD . 70.28 -4.89 19.01
C2A CLA BD . 69.76 -6.26 18.67
C3A CLA BD . 68.38 -6.23 19.29
C4A CLA BD . 68.36 -4.87 19.89
CMA CLA BD . 67.21 -6.65 18.45
CAA CLA BD . 70.54 -7.37 19.36
CBA CLA BD . 70.92 -6.99 20.79
CGA CLA BD . 70.37 -8.03 21.74
O1A CLA BD . 70.63 -8.06 22.94
O2A CLA BD . 69.56 -9.01 21.40
NB CLA BD . 67.87 -2.17 21.22
C1B CLA BD . 67.01 -3.19 21.23
C2B CLA BD . 65.76 -2.92 21.96
C3B CLA BD . 65.98 -1.54 22.40
C4B CLA BD . 67.31 -1.17 21.90
CMB CLA BD . 64.58 -3.84 22.15
CAB CLA BD . 65.11 -0.65 23.20
CBB CLA BD . 64.50 -1.09 24.27
NC CLA BD . 70.07 -0.08 20.96
C1C CLA BD . 69.22 0.66 21.68
C2C CLA BD . 69.68 2.03 21.99
C3C CLA BD . 70.98 2.06 21.34
C4C CLA BD . 71.12 0.73 20.74
CMC CLA BD . 68.99 3.09 22.78
CAC CLA BD . 71.99 3.17 21.29
CBC CLA BD . 73.10 2.84 22.27
ND CLA BD . 71.52 -1.90 19.51
C1D CLA BD . 72.44 -0.98 19.35
C2D CLA BD . 73.63 -1.37 18.56
C3D CLA BD . 73.24 -2.75 18.28
C4D CLA BD . 72.06 -2.99 18.84
CMD CLA BD . 74.89 -0.72 18.09
CAD CLA BD . 73.73 -3.96 17.60
OBD CLA BD . 74.63 -3.99 16.69
CBD CLA BD . 72.79 -5.07 17.90
CGD CLA BD . 72.43 -5.76 16.64
O1D CLA BD . 72.66 -6.94 16.50
O2D CLA BD . 71.79 -5.04 15.57
CED CLA BD . 70.84 -5.74 14.78
MG CLA CD . 76.18 10.29 26.58
CHA CLA CD . 78.64 12.07 24.89
CHB CLA CD . 76.97 7.61 24.57
CHC CLA CD . 73.91 8.51 28.33
CHD CLA CD . 75.44 13.14 28.54
NA CLA CD . 77.63 9.85 24.94
C1A CLA CD . 78.47 10.66 24.41
C2A CLA CD . 79.25 10.06 23.27
C3A CLA CD . 78.67 8.67 23.20
C4A CLA CD . 77.68 8.70 24.31
CMA CLA CD . 78.22 8.12 21.86
CAA CLA CD . 80.74 9.92 23.61
CBA CLA CD . 80.99 9.03 24.81
CGA CLA CD . 82.01 9.65 25.72
O1A CLA CD . 82.55 9.05 26.63
O2A CLA CD . 82.41 10.91 25.65
NB CLA CD . 75.55 8.34 26.45
C1B CLA CD . 75.93 7.40 25.59
C2B CLA CD . 75.24 6.10 25.75
C3B CLA CD . 74.35 6.40 26.86
C4B CLA CD . 74.60 7.81 27.23
CMB CLA CD . 75.43 4.84 24.95
CAB CLA CD . 73.36 5.54 27.55
CBB CLA CD . 73.68 4.33 27.94
NC CLA CD . 74.88 10.76 28.19
C1C CLA CD . 74.05 9.90 28.77
C2C CLA CD . 73.24 10.45 29.88
C3C CLA CD . 73.71 11.82 29.94
C4C CLA CD . 74.71 11.91 28.86
CMC CLA CD . 72.23 9.76 30.75
CAC CLA CD . 73.26 12.91 30.88
CBC CLA CD . 74.29 13.09 31.97
ND CLA CD . 76.78 12.17 26.79
C1D CLA CD . 76.49 13.23 27.54
C2D CLA CD . 77.30 14.45 27.25
C3D CLA CD . 78.13 13.91 26.18
C4D CLA CD . 77.80 12.64 25.96
CMD CLA CD . 77.42 15.86 27.72
CAD CLA CD . 79.21 14.32 25.27
OBD CLA CD . 79.86 15.42 25.35
CBD CLA CD . 79.60 13.14 24.46
CGD CLA CD . 79.45 13.56 23.04
O1D CLA CD . 80.17 14.41 22.58
O2D CLA CD . 78.45 12.97 22.17
CED CLA CD . 78.80 12.82 20.80
C1 CLA CD . 82.80 11.71 26.99
C2 CLA CD . 81.88 12.66 27.73
C3 CLA CD . 80.82 12.26 28.44
C4 CLA CD . 80.00 13.29 29.15
C5 CLA CD . 80.43 10.80 28.52
C6 CLA CD . 79.52 10.58 29.72
C7 CLA CD . 78.40 9.59 29.41
C8 CLA CD . 77.24 9.64 30.42
C9 CLA CD . 77.41 10.72 31.49
C10 CLA CD . 77.07 8.29 31.06
C11 CLA CD . 75.74 8.24 31.81
C12 CLA CD . 75.71 7.16 32.87
C13 CLA CD . 75.55 5.76 32.28
C14 CLA CD . 74.48 5.75 31.19
C15 CLA CD . 75.27 4.77 33.41
C16 CLA CD . 74.39 3.60 32.98
C17 CLA CD . 75.22 2.40 32.55
C18 CLA CD . 74.31 1.23 32.21
C19 CLA CD . 73.28 1.64 31.17
C20 CLA CD . 75.13 0.03 31.71
MG CLA DD . 67.76 17.38 25.26
CHA CLA DD . 65.76 19.45 23.36
CHB CLA DD . 69.37 16.56 22.34
CHC CLA DD . 69.91 15.57 27.14
CHD CLA DD . 65.97 18.25 28.18
NA CLA DD . 67.63 17.94 23.10
C1A CLA DD . 66.80 18.74 22.56
C2A CLA DD . 66.92 18.85 21.07
C3A CLA DD . 68.07 17.90 20.79
C4A CLA DD . 68.40 17.43 22.16
CMA CLA DD . 67.88 16.87 19.70
CAA CLA DD . 67.35 20.24 20.62
CBA CLA DD . 68.49 20.77 21.45
CGA CLA DD . 69.56 21.17 20.46
O1A CLA DD . 69.87 20.50 19.49
O2A CLA DD . 70.25 22.28 20.52
NB CLA DD . 69.41 16.26 24.79
C1B CLA DD . 69.87 15.96 23.58
C2B CLA DD . 70.95 14.96 23.60
C3B CLA DD . 71.09 14.69 25.01
C4B CLA DD . 70.11 15.54 25.68
CMB CLA DD . 71.68 14.33 22.48
CAB CLA DD . 72.03 13.77 25.64
CBB CLA DD . 73.10 14.29 26.17
NC CLA DD . 67.91 16.97 27.34
C1C CLA DD . 68.82 16.17 27.90
C2C CLA DD . 68.68 15.94 29.35
C3C CLA DD . 67.51 16.74 29.65
C4C CLA DD . 67.10 17.33 28.35
CMC CLA DD . 69.54 15.11 30.26
CAC CLA DD . 66.83 16.90 30.98
CBC CLA DD . 67.40 18.12 31.64
ND CLA DD . 66.25 18.54 25.81
C1D CLA DD . 65.58 18.85 26.91
C2D CLA DD . 64.45 19.79 26.70
C3D CLA DD . 64.59 20.00 25.25
C4D CLA DD . 65.61 19.27 24.81
CMD CLA DD . 63.37 20.47 27.50
CAD CLA DD . 63.95 20.73 24.14
OBD CLA DD . 62.71 21.00 24.13
CBD CLA DD . 64.68 20.39 22.89
CGD CLA DD . 63.77 19.65 21.97
O1D CLA DD . 63.19 18.67 22.36
O2D CLA DD . 63.57 20.07 20.60
CED CLA DD . 62.29 19.95 20.01
C1 CLA DD . 71.70 22.29 21.19
C2 CLA DD . 71.96 21.72 22.55
C3 CLA DD . 71.89 22.51 23.63
C4 CLA DD . 71.50 23.94 23.50
C5 CLA DD . 72.16 21.94 25.00
C6 CLA DD . 70.88 21.33 25.51
C7 CLA DD . 71.02 19.83 25.71
C8 CLA DD . 70.30 19.36 26.96
C9 CLA DD . 68.98 20.12 27.14
C10 CLA DD . 71.17 19.53 28.19
C11 CLA DD . 72.57 18.98 27.98
C12 CLA DD . 72.80 17.73 28.81
C13 CLA DD . 73.34 18.07 30.19
C14 CLA DD . 74.62 17.30 30.48
C15 CLA DD . 72.25 17.78 31.22
C16 CLA DD . 72.81 17.69 32.64
C17 CLA DD . 71.71 17.24 33.60
C18 CLA DD . 71.67 15.73 33.71
C19 CLA DD . 72.74 15.22 34.66
C20 CLA DD . 70.29 15.24 34.14
MG CLA ED . 60.24 12.63 23.06
CHA CLA ED . 59.82 12.64 19.63
CHB CLA ED . 61.72 15.71 22.74
CHC CLA ED . 60.60 12.68 26.44
CHD CLA ED . 58.81 9.42 23.28
NA CLA ED . 60.73 14.03 21.41
C1A CLA ED . 60.53 13.85 20.17
C2A CLA ED . 61.03 14.97 19.32
C3A CLA ED . 61.71 15.87 20.32
C4A CLA ED . 61.37 15.16 21.58
CMA CLA ED . 63.15 16.26 20.11
CAA CLA ED . 59.78 15.73 18.84
CBA CLA ED . 59.60 17.20 19.24
CGA CLA ED . 58.87 17.38 20.54
O1A CLA ED . 58.63 16.41 21.23
O2A CLA ED . 58.49 18.54 21.08
NB CLA ED . 61.05 13.99 24.37
C1B CLA ED . 61.55 15.18 24.08
C2B CLA ED . 61.96 15.96 25.25
C3B CLA ED . 61.64 15.07 26.33
C4B CLA ED . 61.07 13.87 25.70
CMB CLA ED . 62.56 17.32 25.32
CAB CLA ED . 61.82 15.36 27.76
CBB CLA ED . 62.63 14.66 28.49
NC CLA ED . 59.72 11.29 24.62
C1C CLA ED . 59.98 11.47 25.91
C2C CLA ED . 59.58 10.37 26.80
C3C CLA ED . 59.03 9.44 25.84
C4C CLA ED . 59.17 10.08 24.55
CMC CLA ED . 59.73 10.26 28.29
CAC CLA ED . 58.45 8.10 26.12
CBC CLA ED . 56.94 8.20 26.08
ND CLA ED . 59.50 11.23 21.86
C1D CLA ED . 58.89 10.06 21.96
C2D CLA ED . 58.36 9.51 20.69
C3D CLA ED . 58.77 10.59 19.79
C4D CLA ED . 59.41 11.53 20.51
CMD CLA ED . 57.62 8.29 20.23
CAD CLA ED . 58.73 10.99 18.38
OBD CLA ED . 58.04 10.42 17.47
CBD CLA ED . 59.44 12.28 18.22
CGD CLA ED . 60.67 12.08 17.39
O1D CLA ED . 61.44 11.19 17.63
O2D CLA ED . 60.94 12.94 16.27
CED CLA ED . 61.43 12.36 15.08
C1 CLA ED . 58.80 18.92 22.60
C2 CLA ED . 58.30 18.05 23.72
C3 CLA ED . 58.38 18.35 25.02
C4 CLA ED . 59.00 19.64 25.43
C5 CLA ED . 57.85 17.39 26.08
C6 CLA ED . 56.88 16.37 25.46
C7 CLA ED . 57.49 15.01 25.18
C8 CLA ED . 56.46 13.98 24.71
C9 CLA ED . 56.56 12.70 25.50
C10 CLA ED . 56.61 13.62 23.24
C11 CLA ED . 55.49 12.68 22.83
C12 CLA ED . 55.79 11.99 21.51
C13 CLA ED . 54.86 12.43 20.39
C14 CLA ED . 54.01 11.27 19.88
C15 CLA ED . 55.70 12.94 19.23
MG CLA FD . 60.85 13.72 40.61
CHA CLA FD . 60.23 14.56 43.91
CHB CLA FD . 57.45 13.75 40.14
CHC CLA FD . 61.45 13.03 37.38
CHD CLA FD . 64.34 13.73 41.25
NA CLA FD . 59.05 14.11 41.84
C1A CLA FD . 59.00 14.40 43.08
C2A CLA FD . 57.61 14.59 43.59
C3A CLA FD . 56.77 14.26 42.39
C4A CLA FD . 57.82 14.04 41.38
CMA CLA FD . 55.75 13.16 42.57
CAA CLA FD . 57.43 16.06 43.97
CBA CLA FD . 56.82 16.93 42.87
CGA CLA FD . 57.59 18.17 42.58
O1A CLA FD . 58.43 18.67 43.31
O2A CLA FD . 57.40 18.87 41.47
NB CLA FD . 59.61 13.45 38.99
C1B CLA FD . 58.29 13.47 38.98
C2B CLA FD . 57.69 13.20 37.66
C3B CLA FD . 58.87 13.00 36.85
C4B CLA FD . 60.04 13.16 37.76
CMB CLA FD . 56.25 13.15 37.25
CAB CLA FD . 58.89 12.67 35.42
CBB CLA FD . 59.58 13.39 34.59
NC CLA FD . 62.63 13.47 39.48
C1C CLA FD . 62.66 13.17 38.19
C2C CLA FD . 64.00 12.99 37.60
C3C CLA FD . 64.86 13.23 38.75
C4C CLA FD . 63.91 13.50 39.86
CMC CLA FD . 64.35 12.68 36.18
CAC CLA FD . 66.36 13.20 38.83
CBC CLA FD . 66.82 11.76 38.92
ND CLA FD . 62.11 14.03 42.13
C1D CLA FD . 63.41 14.05 42.34
C2D CLA FD . 63.82 14.39 43.74
C3D CLA FD . 62.49 14.58 44.32
C4D CLA FD . 61.58 14.37 43.36
CMD CLA FD . 65.08 14.56 44.54
CAD CLA FD . 61.82 14.93 45.59
OBD CLA FD . 62.40 15.46 46.61
CBD CLA FD . 60.36 14.89 45.39
CGD CLA FD . 59.76 13.78 46.20
O1D CLA FD . 60.48 12.90 46.62
O2D CLA FD . 58.34 13.74 46.48
CED CLA FD . 57.82 13.91 47.79
C1 CLA FD . 58.54 19.77 40.84
C2 CLA FD . 58.87 21.14 41.38
C3 CLA FD . 59.46 22.05 40.60
C4 CLA FD . 59.78 23.41 41.17
C5 CLA FD . 59.81 21.70 39.17
C6 CLA FD . 60.81 22.71 38.61
C7 CLA FD . 60.96 22.53 37.11
C8 CLA FD . 62.35 22.03 36.73
C9 CLA FD . 63.45 22.63 37.60
C10 CLA FD . 62.60 22.37 35.27
C11 CLA FD . 63.72 21.50 34.70
C12 CLA FD . 63.93 21.87 33.25
C13 CLA FD . 64.74 20.83 32.49
C14 CLA FD . 65.92 21.50 31.78
C15 CLA FD . 63.89 20.07 31.47
C16 CLA FD . 62.44 20.54 31.37
C17 CLA FD . 61.48 19.41 31.69
C18 CLA FD . 60.20 19.53 30.87
C19 CLA FD . 60.12 18.45 29.81
C20 CLA FD . 58.98 19.47 31.78
MG CLA GD . 65.07 -1.96 38.84
CHA CLA GD . 63.44 -1.98 41.90
CHB CLA GD . 67.90 -2.97 40.50
CHC CLA GD . 66.62 -1.98 35.84
CHD CLA GD . 62.08 -0.88 37.25
NA CLA GD . 65.63 -2.45 40.94
C1A CLA GD . 64.88 -2.39 41.97
C2A CLA GD . 65.57 -2.78 43.25
C3A CLA GD . 66.98 -3.04 42.76
C4A CLA GD . 66.83 -2.81 41.29
CMA CLA GD . 68.13 -2.37 43.48
CAA CLA GD . 64.95 -4.09 43.78
CBA CLA GD . 65.82 -5.33 43.64
CGA CLA GD . 64.99 -6.54 43.29
O1A CLA GD . 64.78 -7.48 44.05
O2A CLA GD . 64.38 -6.74 42.14
NB CLA GD . 66.98 -2.42 38.27
C1B CLA GD . 68.01 -2.78 39.05
C2B CLA GD . 69.28 -3.01 38.30
C3B CLA GD . 68.87 -2.71 36.94
C4B CLA GD . 67.43 -2.35 37.00
CMB CLA GD . 70.63 -3.42 38.82
CAB CLA GD . 69.70 -2.74 35.71
CBB CLA GD . 69.46 -3.59 34.76
NC CLA GD . 64.42 -1.58 36.84
C1C CLA GD . 65.21 -1.58 35.76
C2C CLA GD . 64.58 -1.16 34.50
C3C CLA GD . 63.22 -0.88 34.95
C4C CLA GD . 63.24 -1.15 36.39
CMC CLA GD . 65.17 -1.05 33.12
CAC CLA GD . 62.04 -0.40 34.16
CBC CLA GD . 61.18 -1.58 33.79
ND CLA GD . 63.18 -1.50 39.30
C1D CLA GD . 62.07 -1.11 38.70
C2D CLA GD . 60.90 -0.92 39.57
C3D CLA GD . 61.52 -1.28 40.85
C4D CLA GD . 62.80 -1.61 40.63
CMD CLA GD . 59.46 -0.51 39.46
CAD CLA GD . 61.18 -1.42 42.26
OBD CLA GD . 60.04 -1.20 42.78
CBD CLA GD . 62.42 -1.80 43.00
CGD CLA GD . 62.80 -0.67 43.89
O1D CLA GD . 62.83 0.47 43.49
O2D CLA GD . 63.15 -0.93 45.28
CED CLA GD . 62.15 -0.76 46.27
C1 CLA GD . 65.12 -7.47 40.92
C2 CLA GD . 66.01 -6.73 39.95
C3 CLA GD . 65.92 -6.98 38.64
C4 CLA GD . 64.93 -7.98 38.14
C5 CLA GD . 66.81 -6.23 37.67
C6 CLA GD . 66.02 -5.87 36.42
C7 CLA GD . 66.56 -6.59 35.19
C8 CLA GD . 66.51 -5.71 33.94
C9 CLA GD . 65.11 -5.21 33.68
C10 CLA GD . 67.02 -6.52 32.75
MG CLA HD . 67.94 9.25 48.00
CHA CLA HD . 68.04 6.94 50.63
CHB CLA HD . 68.47 11.68 50.34
CHC CLA HD . 67.91 11.45 45.43
CHD CLA HD . 67.40 6.62 45.71
NA CLA HD . 68.24 9.34 50.22
C1A CLA HD . 68.24 8.36 51.05
C2A CLA HD . 68.43 8.78 52.48
C3A CLA HD . 68.56 10.29 52.34
C4A CLA HD . 68.41 10.46 50.87
CMA CLA HD . 67.80 11.20 53.28
CAA CLA HD . 69.72 8.24 53.10
CBA CLA HD . 70.92 8.48 52.19
CGA CLA HD . 72.02 7.56 52.65
O1A CLA HD . 73.15 7.52 52.17
O2A CLA HD . 71.89 6.67 53.61
NB CLA HD . 68.17 11.28 47.92
C1B CLA HD . 68.36 12.12 48.94
C2B CLA HD . 68.46 13.54 48.53
C3B CLA HD . 68.28 13.44 47.07
C4B CLA HD . 68.11 12.00 46.79
CMB CLA HD . 68.68 14.73 49.44
CAB CLA HD . 68.27 14.45 46.01
CBB CLA HD . 68.74 15.66 46.15
NC CLA HD . 67.78 9.04 45.89
C1C CLA HD . 67.73 10.05 45.02
C2C CLA HD . 67.49 9.66 43.62
C3C CLA HD . 67.39 8.21 43.72
C4C CLA HD . 67.57 7.96 45.15
CMC CLA HD . 67.39 10.53 42.40
CAC CLA HD . 67.15 7.20 42.65
CBC CLA HD . 68.45 6.54 42.26
ND CLA HD . 67.78 7.28 48.02
C1D CLA HD . 67.54 6.32 47.13
C2D CLA HD . 67.39 4.98 47.67
C3D CLA HD . 67.60 5.26 49.09
C4D CLA HD . 67.82 6.58 49.22
CMD CLA HD . 67.11 3.66 47.03
CAD CLA HD . 67.66 4.62 50.42
OBD CLA HD . 67.21 3.46 50.69
CBD CLA HD . 67.92 5.68 51.45
CGD CLA HD . 66.71 5.70 52.32
O1D CLA HD . 66.56 4.87 53.20
O2D CLA HD . 65.68 6.71 52.14
CED CLA HD . 65.07 7.32 53.27
MG CLA ID . 64.78 17.90 52.18
CHA CLA ID . 64.47 14.65 53.39
CHB CLA ID . 64.78 18.93 55.44
CHC CLA ID . 65.29 21.04 51.02
CHD CLA ID . 64.73 16.68 48.85
NA CLA ID . 64.65 16.95 54.18
C1A CLA ID . 64.51 15.71 54.46
C2A CLA ID . 64.37 15.42 55.93
C3A CLA ID . 64.47 16.81 56.52
C4A CLA ID . 64.64 17.63 55.30
CMA CLA ID . 63.41 17.28 57.53
CAA CLA ID . 65.53 14.58 56.49
CBA CLA ID . 66.87 15.31 56.57
CGA CLA ID . 67.56 15.29 55.24
O1A CLA ID . 68.29 16.18 54.82
O2A CLA ID . 67.43 14.32 54.36
NB CLA ID . 65.00 19.72 53.11
C1B CLA ID . 64.97 19.97 54.42
C2B CLA ID . 65.16 21.40 54.78
C3B CLA ID . 65.31 21.99 53.47
C4B CLA ID . 65.19 20.89 52.49
CMB CLA ID . 65.18 22.05 56.14
CAB CLA ID . 65.54 23.42 53.19
CBB CLA ID . 66.67 23.83 52.69
NC CLA ID . 65.02 18.72 50.23
C1C CLA ID . 65.14 20.03 49.96
C2C CLA ID . 65.11 20.39 48.54
C3C CLA ID . 64.96 19.10 47.89
C4C CLA ID . 64.91 18.14 49.02
CMC CLA ID . 65.23 21.75 47.91
CAC CLA ID . 64.86 18.85 46.41
CBC CLA ID . 66.04 18.07 45.86
ND CLA ID . 64.66 16.16 51.21
C1D CLA ID . 64.62 15.72 49.96
C2D CLA ID . 64.44 14.25 49.80
C3D CLA ID . 64.40 13.88 51.22
C4D CLA ID . 64.51 15.00 51.96
CMD CLA ID . 64.33 13.24 48.70
CAD CLA ID . 64.25 12.70 52.08
OBD CLA ID . 64.13 11.49 51.69
CBD CLA ID . 64.38 13.14 53.50
CGD CLA ID . 63.13 12.82 54.24
O1D CLA ID . 62.13 13.42 53.97
O2D CLA ID . 63.12 11.84 55.30
CED CLA ID . 62.09 10.85 55.32
MG CLA JD . 55.68 22.44 48.42
CHA CLA JD . 56.99 19.27 47.94
CHB CLA JD . 58.92 23.62 48.50
CHC CLA JD . 54.40 25.52 48.87
CHD CLA JD . 52.39 21.12 48.28
NA CLA JD . 57.72 21.58 48.24
C1A CLA JD . 58.02 20.35 48.05
C2A CLA JD . 59.48 20.09 47.95
C3A CLA JD . 60.07 21.47 48.14
C4A CLA JD . 58.84 22.29 48.32
CMA CLA JD . 61.27 21.62 49.04
CAA CLA JD . 59.81 19.75 46.51
CBA CLA JD . 60.62 18.48 46.43
CGA CLA JD . 61.40 18.55 45.16
O1A CLA JD . 62.28 17.79 44.85
O2A CLA JD . 61.21 19.49 44.25
NB CLA JD . 56.55 24.29 48.65
C1B CLA JD . 57.84 24.61 48.67
C2B CLA JD . 58.09 26.06 48.83
C3B CLA JD . 56.73 26.59 48.95
C4B CLA JD . 55.86 25.42 48.82
CMB CLA JD . 59.41 26.78 48.88
CAB CLA JD . 56.20 27.95 49.13
CBB CLA JD . 56.90 29.06 49.04
NC CLA JD . 53.71 23.20 48.47
C1C CLA JD . 53.39 24.46 48.70
C2C CLA JD . 51.97 24.79 48.79
C3C CLA JD . 51.37 23.48 48.58
C4C CLA JD . 52.53 22.58 48.40
CMC CLA JD . 51.34 26.12 49.04
CAC CLA JD . 49.91 23.13 48.56
CBC CLA JD . 49.48 22.86 47.14
ND CLA JD . 54.77 20.69 48.19
C1D CLA JD . 53.53 20.22 48.10
C2D CLA JD . 53.43 18.76 47.85
C3D CLA JD . 54.85 18.44 47.80
C4D CLA JD . 55.54 19.57 47.98
CMD CLA JD . 52.35 17.73 47.68
CAD CLA JD . 55.76 17.30 47.60
OBD CLA JD . 55.44 16.21 47.02
CBD CLA JD . 57.16 17.78 47.78
CGD CLA JD . 57.70 17.20 49.06
O1D CLA JD . 56.96 16.72 49.88
O2D CLA JD . 59.13 17.22 49.34
CED CLA JD . 59.79 16.09 49.89
C1 CLA JD . 61.62 19.20 42.73
C2 CLA JD . 63.05 19.17 42.25
C3 CLA JD . 63.43 18.19 41.44
C4 CLA JD . 62.44 17.15 41.04
C5 CLA JD . 64.85 18.11 40.92
C6 CLA JD . 65.85 18.41 42.04
C7 CLA JD . 66.83 17.26 42.23
C8 CLA JD . 67.59 16.96 40.95
C9 CLA JD . 68.41 15.67 41.10
C10 CLA JD . 68.51 18.13 40.61
MG CLA KD . 52.56 13.34 41.59
CHA CLA KD . 52.02 11.38 38.80
CHB CLA KD . 53.03 15.98 39.45
CHC CLA KD . 53.04 15.26 44.31
CHD CLA KD . 52.05 10.52 43.70
NA CLA KD . 52.52 13.67 39.39
C1A CLA KD . 52.29 12.81 38.48
C2A CLA KD . 52.30 13.36 37.10
C3A CLA KD . 52.63 14.81 37.36
C4A CLA KD . 52.74 14.84 38.84
CMA CLA KD . 53.68 15.50 36.55
CAA CLA KD . 50.89 13.39 36.55
CBA CLA KD . 50.82 12.83 35.15
CGA CLA KD . 51.78 13.56 34.23
O1A CLA KD . 51.69 14.72 33.92
O2A CLA KD . 52.82 12.99 33.66
NB CLA KD . 52.97 15.34 41.83
C1B CLA KD . 53.17 16.25 40.89
C2B CLA KD . 53.52 17.59 41.41
C3B CLA KD . 53.51 17.34 42.85
C4B CLA KD . 53.16 15.92 43.02
CMB CLA KD . 53.80 18.82 40.61
CAB CLA KD . 53.78 18.25 43.99
CBB CLA KD . 53.47 19.52 43.96
NC CLA KD . 52.46 12.96 43.68
C1C CLA KD . 52.71 13.86 44.62
C2C CLA KD . 52.64 13.38 45.99
C3C CLA KD . 52.29 11.98 45.81
C4C CLA KD . 52.22 11.83 44.34
CMC CLA KD . 52.85 14.13 47.26
CAC CLA KD . 52.06 10.94 46.87
CBC CLA KD . 50.58 10.79 47.08
ND CLA KD . 52.15 11.41 41.45
C1D CLA KD . 51.96 10.38 42.25
C2D CLA KD . 51.67 9.10 41.57
C3D CLA KD . 51.71 9.57 40.19
C4D CLA KD . 51.98 10.87 40.19
CMD CLA KD . 51.40 7.69 41.98
CAD CLA KD . 51.55 9.08 38.81
OBD CLA KD . 51.59 7.86 38.47
CBD CLA KD . 51.77 10.21 37.88
CGD CLA KD . 52.98 9.87 37.08
O1D CLA KD . 52.88 9.48 35.94
O2D CLA KD . 54.29 9.95 37.67
CED CLA KD . 55.42 9.71 36.83
C1 CLA KD . 53.84 13.82 32.75
C2 CLA KD . 54.78 14.88 33.28
C3 CLA KD . 55.03 15.99 32.58
C4 CLA KD . 54.35 16.18 31.26
C5 CLA KD . 55.97 17.05 33.10
C6 CLA KD . 56.38 16.71 34.53
C7 CLA KD . 57.71 17.33 34.93
C8 CLA KD . 57.93 17.18 36.44
C9 CLA KD . 56.70 17.56 37.24
C10 CLA KD . 59.09 18.05 36.86
C11 CLA KD . 59.73 17.52 38.13
C12 CLA KD . 60.93 16.63 37.81
C13 CLA KD . 61.89 17.31 36.86
C14 CLA KD . 62.10 16.47 35.61
C15 CLA KD . 63.21 17.54 37.57
C16 CLA KD . 64.29 18.02 36.61
C17 CLA KD . 65.67 17.67 37.12
C18 CLA KD . 66.46 16.70 36.23
C19 CLA KD . 65.77 16.39 34.91
C20 CLA KD . 67.85 17.25 35.98
MG CLA LD . 51.23 29.61 32.36
CHA CLA LD . 53.73 29.48 29.94
CHB CLA LD . 53.68 29.48 34.71
CHC CLA LD . 48.81 29.92 34.66
CHD CLA LD . 48.78 29.59 29.81
NA CLA LD . 53.45 29.50 32.36
C1A CLA LD . 54.22 29.43 31.36
C2A CLA LD . 55.65 29.34 31.72
C3A CLA LD . 55.60 29.28 33.22
C4A CLA LD . 54.14 29.43 33.45
CMA CLA LD . 56.28 28.11 33.89
CAA CLA LD . 56.17 30.73 31.42
CBA CLA LD . 57.40 31.17 32.19
CGA CLA LD . 57.33 32.66 32.10
O1A CLA LD . 56.29 33.26 32.23
O2A CLA LD . 58.32 33.48 31.83
NB CLA LD . 51.26 29.70 34.40
C1B CLA LD . 52.32 29.61 35.20
C2B CLA LD . 52.01 29.69 36.65
C3B CLA LD . 50.55 29.80 36.61
C4B CLA LD . 50.18 29.81 35.17
CMB CLA LD . 52.99 29.62 37.79
CAB CLA LD . 49.55 29.92 37.69
CBB CLA LD . 49.86 30.33 38.89
NC CLA LD . 49.12 29.83 32.24
C1C CLA LD . 48.31 29.94 33.29
C2C CLA LD . 46.88 30.05 32.97
C3C CLA LD . 46.88 30.01 31.52
C4C CLA LD . 48.31 29.86 31.18
CMC CLA LD . 45.73 30.19 33.92
CAC CLA LD . 45.72 30.09 30.56
CBC CLA LD . 45.74 31.35 29.72
ND CLA LD . 51.13 29.55 30.37
C1D CLA LD . 50.18 29.58 29.44
C2D CLA LD . 50.68 29.55 28.05
C3D CLA LD . 52.11 29.52 28.32
C4D CLA LD . 52.29 29.52 29.63
CMD CLA LD . 50.09 29.57 26.69
CAD CLA LD . 53.40 29.48 27.62
OBD CLA LD . 53.56 29.13 26.41
CBD CLA LD . 54.49 29.50 28.63
CGD CLA LD . 55.30 28.28 28.38
O1D CLA LD . 56.15 28.29 27.51
O2D CLA LD . 55.14 27.06 29.13
CED CLA LD . 56.29 26.26 29.32
C1 CLA LD . 59.63 33.47 32.73
C2 CLA LD . 59.83 34.43 33.88
C3 CLA LD . 61.05 34.87 34.20
C4 CLA LD . 61.18 35.83 35.34
C5 CLA LD . 62.28 34.44 33.42
C6 CLA LD . 62.90 33.15 33.97
C7 CLA LD . 63.82 33.38 35.17
C8 CLA LD . 65.30 33.11 34.91
C9 CLA LD . 65.67 33.21 33.43
C10 CLA LD . 65.67 31.76 35.49
C11 CLA LD . 67.08 31.35 35.08
C12 CLA LD . 68.13 32.10 35.89
C13 CLA LD . 69.38 31.26 36.00
C14 CLA LD . 69.31 30.33 37.21
C15 CLA LD . 70.59 32.18 36.09
C16 CLA LD . 71.88 31.38 36.17
C17 CLA LD . 72.67 31.76 37.42
C18 CLA LD . 74.08 32.21 37.07
C19 CLA LD . 74.10 33.68 36.73
C20 CLA LD . 75.04 31.90 38.23
MG CLA MD . 62.78 27.02 26.34
CHA CLA MD . 60.54 27.75 28.88
CHB CLA MD . 64.10 24.63 28.40
CHC CLA MD . 64.85 26.25 23.83
CHD CLA MD . 61.21 29.44 24.27
NA CLA MD . 62.39 26.26 28.39
C1A CLA MD . 61.52 26.66 29.22
C2A CLA MD . 61.56 25.96 30.56
C3A CLA MD . 62.72 25.00 30.35
C4A CLA MD . 63.10 25.31 28.96
CMA CLA MD . 63.84 24.96 31.36
CAA CLA MD . 60.28 25.16 30.76
CBA CLA MD . 60.40 23.98 31.71
CGA CLA MD . 59.38 24.16 32.79
O1A CLA MD . 58.36 24.82 32.67
O2A CLA MD . 59.46 23.60 33.97
NB CLA MD . 64.28 25.63 26.15
C1B CLA MD . 64.69 24.74 27.06
C2B CLA MD . 65.80 23.88 26.61
C3B CLA MD . 66.00 24.39 25.25
C4B CLA MD . 65.02 25.47 25.06
CMB CLA MD . 66.48 22.81 27.41
CAB CLA MD . 66.96 23.99 24.21
CBB CLA MD . 67.45 22.78 24.13
NC CLA MD . 63.00 27.73 24.35
C1C CLA MD . 63.93 27.35 23.50
C2C CLA MD . 63.97 28.06 22.21
C3C CLA MD . 62.87 29.00 22.37
C4C CLA MD . 62.37 28.73 23.71
CMC CLA MD . 64.89 27.84 21.04
CAC CLA MD . 62.35 30.06 21.44
CBC CLA MD . 62.92 31.41 21.80
ND CLA MD . 61.26 28.30 26.40
C1D CLA MD . 60.73 29.23 25.62
C2D CLA MD . 59.65 30.03 26.24
C3D CLA MD . 59.64 29.37 27.54
C4D CLA MD . 60.56 28.42 27.57
CMD CLA MD . 58.73 31.15 25.90
CAD CLA MD . 58.93 29.46 28.81
OBD CLA MD . 58.32 30.50 29.18
CBD CLA MD . 59.40 28.34 29.67
CGD CLA MD . 59.83 28.87 31.00
O1D CLA MD . 59.59 28.25 32.01
O2D CLA MD . 60.56 30.09 31.14
CED CLA MD . 61.33 30.24 32.33
C1 CLA MD . 58.41 22.47 34.36
C2 CLA MD . 57.17 22.79 35.14
C3 CLA MD . 56.15 21.93 35.16
C4 CLA MD . 56.22 20.65 34.39
C5 CLA MD . 54.92 22.25 35.96
C6 CLA MD . 55.15 21.73 37.37
C7 CLA MD . 54.91 22.82 38.40
C8 CLA MD . 54.05 22.25 39.53
C9 CLA MD . 52.57 22.53 39.27
C10 CLA MD . 54.49 22.76 40.90
C11 CLA MD . 55.31 24.03 40.86
C12 CLA MD . 54.45 25.19 41.33
C13 CLA MD . 55.25 26.49 41.33
C14 CLA MD . 56.53 26.33 42.13
C15 CLA MD . 54.38 27.61 41.89
C16 CLA MD . 55.01 28.96 41.62
C17 CLA MD . 53.97 30.06 41.59
C18 CLA MD . 54.47 31.40 41.03
C19 CLA MD . 54.31 32.51 42.05
C20 CLA MD . 55.93 31.34 40.55
MG CLA ND . 42.97 21.19 17.16
CHA CLA ND . 43.55 18.28 15.38
CHB CLA ND . 44.78 22.83 14.75
CHC CLA ND . 42.41 24.02 18.89
CHD CLA ND . 41.25 19.36 19.64
NA CLA ND . 44.05 20.65 15.29
C1A CLA ND . 44.19 19.50 14.78
C2A CLA ND . 45.09 19.45 13.59
C3A CLA ND . 45.50 20.90 13.47
C4A CLA ND . 44.73 21.51 14.58
CMA CLA ND . 46.99 21.14 13.44
CAA CLA ND . 44.38 19.12 12.28
CBA CLA ND . 43.07 19.88 12.09
CGA CLA ND . 43.30 20.94 11.06
O1A CLA ND . 43.62 20.73 9.92
O2A CLA ND . 43.21 22.23 11.30
NB CLA ND . 43.53 23.12 16.86
C1B CLA ND . 44.18 23.64 15.81
C2B CLA ND . 44.28 25.11 15.82
C3B CLA ND . 43.58 25.42 17.05
C4B CLA ND . 43.15 24.14 17.63
CMB CLA ND . 44.94 25.99 14.80
CAB CLA ND . 43.30 26.73 17.65
CBB CLA ND . 42.58 27.59 16.98
NC CLA ND . 41.83 21.65 18.90
C1C CLA ND . 41.83 22.82 19.51
C2C CLA ND . 41.21 22.86 20.83
C3C CLA ND . 40.80 21.48 21.00
C4C CLA ND . 41.23 20.82 19.76
CMC CLA ND . 41.08 24.00 21.79
CAC CLA ND . 40.11 20.84 22.18
CBC CLA ND . 38.67 20.54 21.85
ND CLA ND . 42.50 19.31 17.59
C1D CLA ND . 41.76 18.68 18.47
C2D CLA ND . 41.51 17.26 18.16
C3D CLA ND . 42.26 17.15 16.92
C4D CLA ND . 42.80 18.34 16.65
CMD CLA ND . 40.77 16.11 18.78
CAD CLA ND . 42.61 16.19 15.87
OBD CLA ND . 42.40 14.93 15.91
CBD CLA ND . 43.48 16.87 14.87
CGD CLA ND . 44.79 16.20 14.91
O1D CLA ND . 45.18 15.81 15.98
O2D CLA ND . 45.57 15.98 13.72
CED CLA ND . 45.76 14.63 13.30
C1 CLA ND . 41.78 22.94 11.28
C2 CLA ND . 41.42 24.04 12.24
C3 CLA ND . 40.53 23.79 13.21
C4 CLA ND . 40.17 24.88 14.15
C5 CLA ND . 39.90 22.43 13.38
C6 CLA ND . 40.50 21.73 14.60
C7 CLA ND . 39.83 20.40 14.90
C8 CLA ND . 38.68 20.59 15.89
C9 CLA ND . 39.02 21.56 17.00
C10 CLA ND . 38.26 19.25 16.47
C11 CLA ND . 37.17 19.44 17.52
C12 CLA ND . 36.97 18.18 18.34
C13 CLA ND . 35.50 17.94 18.61
C14 CLA ND . 35.19 18.09 20.09
C15 CLA ND . 35.12 16.54 18.13
C16 CLA ND . 34.14 16.64 16.95
C17 CLA ND . 32.81 15.98 17.29
C18 CLA ND . 32.63 14.67 16.54
C19 CLA ND . 31.62 13.79 17.26
C20 CLA ND . 32.20 14.89 15.10
MG CLA OD . 49.89 16.63 20.84
CHA CLA OD . 52.11 15.95 18.24
CHB CLA OD . 47.37 16.16 18.59
CHC CLA OD . 47.75 17.13 23.39
CHD CLA OD . 52.61 17.08 23.05
NA CLA OD . 49.73 16.11 18.68
C1A CLA OD . 50.66 15.92 17.85
C2A CLA OD . 50.19 15.67 16.45
C3A CLA OD . 48.70 15.82 16.59
C4A CLA OD . 48.58 16.04 18.05
CMA CLA OD . 48.11 16.89 15.71
CAA CLA OD . 50.51 14.22 16.07
CBA CLA OD . 49.38 13.20 16.18
CGA CLA OD . 49.81 12.06 17.08
O1A CLA OD . 50.40 12.21 18.12
O2A CLA OD . 49.59 10.78 16.83
NB CLA OD . 47.85 16.63 20.95
C1B CLA OD . 47.00 16.42 19.98
C2B CLA OD . 45.58 16.48 20.40
C3B CLA OD . 45.71 16.78 21.82
C4B CLA OD . 47.16 16.85 22.07
CMB CLA OD . 44.42 16.27 19.49
CAB CLA OD . 44.70 16.97 22.87
CBB CLA OD . 43.41 16.90 22.66
NC CLA OD . 50.15 17.02 22.90
C1C CLA OD . 49.17 17.20 23.78
C2C CLA OD . 49.58 17.45 25.15
C3C CLA OD . 51.03 17.41 25.04
C4C CLA OD . 51.27 17.16 23.63
CMC CLA OD . 48.73 17.67 26.37
CAC CLA OD . 52.05 17.61 26.12
CBC CLA OD . 52.54 16.27 26.60
ND CLA OD . 51.87 16.55 20.81
C1D CLA OD . 52.87 16.75 21.65
C2D CLA OD . 54.21 16.64 21.06
C3D CLA OD . 53.84 16.32 19.69
C4D CLA OD . 52.52 16.28 19.61
CMD CLA OD . 55.60 16.77 21.53
CAD CLA OD . 54.45 16.04 18.38
OBD CLA OD . 55.68 16.03 18.11
CBD CLA OD . 53.36 15.69 17.44
CGD CLA OD . 53.39 16.59 16.25
O1D CLA OD . 53.55 17.77 16.39
O2D CLA OD . 53.18 16.06 14.93
CED CLA OD . 53.68 16.77 13.81
C1 CLA OD . 49.29 9.74 18.01
C2 CLA OD . 50.34 9.23 18.98
C3 CLA OD . 50.14 8.09 19.66
C4 CLA OD . 48.89 7.30 19.48
C5 CLA OD . 51.18 7.57 20.63
C6 CLA OD . 52.58 7.89 20.14
C7 CLA OD . 53.58 6.89 20.70
C8 CLA OD . 53.75 7.04 22.20
C9 CLA OD . 54.14 8.45 22.59
C10 CLA OD . 54.82 6.06 22.68
C11 CLA OD . 54.19 4.74 23.09
C12 CLA OD . 55.20 3.92 23.87
C13 CLA OD . 55.35 2.54 23.25
C14 CLA OD . 54.05 1.75 23.37
C15 CLA OD . 56.47 1.82 23.96
C16 CLA OD . 56.56 0.37 23.52
C17 CLA OD . 57.97 -0.15 23.74
C18 CLA OD . 57.96 -1.50 24.44
C19 CLA OD . 58.71 -2.52 23.60
C20 CLA OD . 58.58 -1.39 25.82
MG CLA PD . 36.95 18.53 34.19
CHA CLA PD . 34.02 18.66 35.99
CHB CLA PD . 37.01 15.15 34.82
CHC CLA PD . 39.82 18.37 32.39
CHD CLA PD . 36.90 22.00 33.71
NA CLA PD . 35.68 17.04 35.25
C1A CLA PD . 34.60 17.28 35.87
C2A CLA PD . 33.98 16.06 36.48
C3A CLA PD . 34.97 15.00 36.13
C4A CLA PD . 35.96 15.77 35.35
CMA CLA PD . 35.49 14.22 37.31
CAA CLA PD . 32.67 15.71 35.79
CBA CLA PD . 32.81 15.43 34.31
CGA CLA PD . 31.54 15.83 33.62
O1A CLA PD . 31.11 16.96 33.62
O2A CLA PD . 30.74 15.02 32.97
NB CLA PD . 38.21 16.99 33.69
C1B CLA PD . 38.09 15.72 34.02
C2B CLA PD . 39.17 14.88 33.51
C3B CLA PD . 40.00 15.83 32.79
C4B CLA PD . 39.33 17.12 32.96
CMB CLA PD . 39.26 13.43 33.72
CAB CLA PD . 41.26 15.68 32.04
CBB CLA PD . 42.00 14.61 32.11
NC CLA PD . 38.12 19.95 33.15
C1C CLA PD . 39.19 19.69 32.42
C2C CLA PD . 39.75 20.78 31.65
C3C CLA PD . 38.82 21.85 31.98
C4C CLA PD . 37.88 21.23 32.93
CMC CLA PD . 40.93 20.72 30.72
CAC CLA PD . 38.82 23.27 31.49
CBC CLA PD . 37.73 23.41 30.44
ND CLA PD . 35.82 20.08 34.67
C1D CLA PD . 35.81 21.38 34.47
C2D CLA PD . 34.65 22.08 35.08
C3D CLA PD . 33.98 20.93 35.68
C4D CLA PD . 34.67 19.83 35.40
CMD CLA PD . 34.17 23.49 35.18
CAD CLA PD . 32.78 20.57 36.46
OBD CLA PD . 31.78 21.33 36.69
CBD CLA PD . 32.79 19.10 36.71
CGD CLA PD . 33.01 18.83 38.16
O1D CLA PD . 34.07 19.08 38.68
O2D CLA PD . 31.98 18.23 38.97
CED CLA PD . 31.70 18.79 40.24
C1 CLA PD . 30.78 14.98 31.38
C2 CLA PD . 31.11 16.21 30.58
C3 CLA PD . 30.68 16.37 29.32
C4 CLA PD . 29.85 15.31 28.68
C5 CLA PD . 31.05 17.62 28.58
C6 CLA PD . 29.81 18.24 27.93
C7 CLA PD . 30.11 18.74 26.53
C8 CLA PD . 31.41 19.52 26.48
C9 CLA PD . 31.20 20.99 26.81
C10 CLA PD . 32.07 19.36 25.12
C11 CLA PD . 31.31 20.08 24.01
C12 CLA PD . 32.15 20.13 22.73
C13 CLA PD . 31.29 20.34 21.49
C14 CLA PD . 30.20 19.30 21.42
C15 CLA PD . 32.16 20.29 20.25
C16 CLA PD . 31.50 20.93 19.04
C17 CLA PD . 31.49 19.99 17.83
C18 CLA PD . 31.59 20.73 16.50
C19 CLA PD . 30.36 21.60 16.26
C20 CLA PD . 32.87 21.55 16.40
MG CLA QD . 52.70 33.64 50.52
CHA CLA QD . 53.49 32.90 53.83
CHB CLA QD . 52.48 36.91 51.49
CHC CLA QD . 52.05 34.38 47.30
CHD CLA QD . 52.96 30.21 49.69
NA CLA QD . 52.96 34.80 52.41
C1A CLA QD . 53.26 34.36 53.57
C2A CLA QD . 53.37 35.41 54.63
C3A CLA QD . 53.00 36.64 53.85
C4A CLA QD . 52.81 36.09 52.49
CMA CLA QD . 51.92 37.52 54.43
CAA CLA QD . 54.83 35.52 55.09
CBA CLA QD . 55.45 36.91 55.07
CGA CLA QD . 56.57 36.91 54.06
O1A CLA QD . 56.57 36.23 53.05
O2A CLA QD . 57.65 37.65 54.15
NB CLA QD . 52.33 35.40 49.55
C1B CLA QD . 52.25 36.62 50.07
C2B CLA QD . 51.92 37.67 49.09
C3B CLA QD . 51.79 36.89 47.87
C4B CLA QD . 52.07 35.50 48.24
CMB CLA QD . 51.75 39.14 49.32
CAB CLA QD . 51.47 37.34 46.51
CBB CLA QD . 52.24 38.23 45.93
NC CLA QD . 52.57 32.47 48.76
C1C CLA QD . 52.26 32.94 47.55
C2C CLA QD . 52.15 31.96 46.47
C3C CLA QD . 52.44 30.72 47.18
C4C CLA QD . 52.68 31.14 48.58
CMC CLA QD . 51.83 32.20 45.02
CAC CLA QD . 52.48 29.32 46.61
CBC CLA QD . 53.91 28.96 46.29
ND CLA QD . 53.11 31.90 51.41
C1D CLA QD . 53.20 30.63 51.07
C2D CLA QD . 53.56 29.73 52.20
C3D CLA QD . 53.66 30.70 53.27
C4D CLA QD . 53.39 31.91 52.77
CMD CLA QD . 53.83 28.30 52.47
CAD CLA QD . 53.95 30.78 54.72
OBD CLA QD . 54.14 29.80 55.51
CBD CLA QD . 53.83 32.21 55.13
CGD CLA QD . 52.74 32.34 56.14
O1D CLA QD . 53.00 32.76 57.25
O2D CLA QD . 51.37 31.99 55.82
CED CLA QD . 50.30 32.80 56.30
MG CLA RD . 53.19 43.85 48.89
CHA CLA RD . 52.59 42.39 51.96
CHB CLA RD . 50.93 46.28 49.77
CHC CLA RD . 53.83 45.32 45.93
CHD CLA RD . 55.44 41.25 48.08
NA CLA RD . 51.90 44.33 50.65
C1A CLA RD . 51.80 43.65 51.73
C2A CLA RD . 50.83 44.22 52.71
C3A CLA RD . 50.30 45.42 51.95
C4A CLA RD . 51.09 45.35 50.71
CMA CLA RD . 48.80 45.56 51.83
CAA CLA RD . 51.52 44.81 53.94
CBA CLA RD . 53.00 45.10 53.74
CGA CLA RD . 53.35 46.49 54.18
O1A CLA RD . 52.75 47.48 53.84
O2A CLA RD . 54.37 46.78 54.96
NB CLA RD . 52.48 45.56 47.99
C1B CLA RD . 51.58 46.42 48.46
C2B CLA RD . 51.28 47.54 47.55
C3B CLA RD . 52.15 47.22 46.42
C4B CLA RD . 52.85 45.98 46.79
CMB CLA RD . 50.33 48.68 47.78
CAB CLA RD . 52.37 47.93 45.14
CBB CLA RD . 52.42 49.24 45.05
NC CLA RD . 54.51 43.41 47.30
C1C CLA RD . 54.59 44.10 46.17
C2C CLA RD . 55.48 43.57 45.14
C3C CLA RD . 55.99 42.37 45.79
C4C CLA RD . 55.33 42.36 47.11
CMC CLA RD . 55.74 44.15 43.80
CAC CLA RD . 56.97 41.36 45.23
CBC CLA RD . 58.28 41.40 45.99
ND CLA RD . 53.91 42.18 49.69
C1D CLA RD . 54.80 41.23 49.39
C2D CLA RD . 55.02 40.21 50.45
C3D CLA RD . 54.09 40.74 51.46
C4D CLA RD . 53.51 41.85 50.97
CMD CLA RD . 55.84 38.98 50.69
CAD CLA RD . 53.61 40.47 52.82
OBD CLA RD . 54.22 39.75 53.68
CBD CLA RD . 52.57 41.48 53.15
CGD CLA RD . 51.24 40.81 53.22
O1D CLA RD . 50.95 39.94 52.43
O2D CLA RD . 50.27 41.18 54.22
CED CLA RD . 49.59 40.15 54.91
C1 CLA RD . 55.22 48.11 54.68
C2 CLA RD . 56.04 48.28 53.43
C3 CLA RD . 56.70 49.42 53.18
C4 CLA RD . 56.62 50.56 54.15
C5 CLA RD . 57.50 49.58 51.92
C6 CLA RD . 58.71 48.65 51.94
C7 CLA RD . 58.85 47.90 50.61
C8 CLA RD . 59.87 48.52 49.66
C9 CLA RD . 61.07 49.11 50.40
C10 CLA RD . 59.22 49.55 48.76
MG CLA SD . 52.21 54.66 36.39
CHA CLA SD . 50.27 52.97 38.73
CHB CLA SD . 49.30 56.13 35.32
CHC CLA SD . 54.10 56.44 34.26
CHD CLA SD . 55.10 53.05 37.65
NA CLA SD . 50.05 54.60 36.93
C1A CLA SD . 49.50 53.88 37.83
C2A CLA SD . 48.03 54.06 37.93
C3A CLA SD . 47.74 55.00 36.80
C4A CLA SD . 49.11 55.27 36.31
CMA CLA SD . 46.66 54.63 35.82
CAA CLA SD . 47.85 54.96 39.14
CBA CLA SD . 46.94 54.43 40.22
CGA CLA SD . 46.98 55.40 41.37
O1A CLA SD . 47.38 56.55 41.27
O2A CLA SD . 46.60 55.15 42.61
NB CLA SD . 51.75 56.09 34.99
C1B CLA SD . 50.54 56.55 34.66
C2B CLA SD . 50.56 57.57 33.58
C3B CLA SD . 51.99 57.63 33.29
C4B CLA SD . 52.65 56.69 34.21
CMB CLA SD . 49.36 58.27 33.00
CAB CLA SD . 52.74 58.45 32.32
CBB CLA SD . 52.21 59.41 31.59
NC CLA SD . 54.29 54.74 36.02
C1C CLA SD . 54.87 55.51 35.11
C2C CLA SD . 56.34 55.38 35.00
C3C CLA SD . 56.61 54.37 36.02
C4C CLA SD . 55.28 54.05 36.58
CMC CLA SD . 57.29 56.09 34.09
CAC CLA SD . 57.90 53.75 36.44
CBC CLA SD . 58.21 52.61 35.50
ND CLA SD . 52.71 53.34 37.80
C1D CLA SD . 53.81 52.75 38.26
C2D CLA SD . 53.60 51.80 39.38
C3D CLA SD . 52.15 51.94 39.52
C4D CLA SD . 51.72 52.81 38.61
CMD CLA SD . 54.40 50.88 40.26
CAD CLA SD . 51.03 51.42 40.33
OBD CLA SD . 51.06 50.33 40.99
CBD CLA SD . 49.79 52.08 39.85
CGD CLA SD . 48.85 51.05 39.32
O1D CLA SD . 49.00 50.58 38.23
O2D CLA SD . 47.76 50.57 40.13
CED CLA SD . 47.48 49.18 40.11
C1 CLA SD . 47.64 55.39 43.79
C2 CLA SD . 49.09 55.15 43.47
C3 CLA SD . 49.97 54.69 44.37
C4 CLA SD . 49.51 54.41 45.77
C5 CLA SD . 51.39 54.48 43.94
C6 CLA SD . 52.10 53.49 44.84
C7 CLA SD . 53.61 53.61 44.62
C8 CLA SD . 54.37 53.65 45.94
C9 CLA SD . 55.46 54.71 45.92
C10 CLA SD . 54.93 52.27 46.25
C11 CLA SD . 56.17 51.96 45.41
C12 CLA SD . 55.88 50.87 44.39
C13 CLA SD . 56.54 49.56 44.76
C14 CLA SD . 58.05 49.74 44.85
C15 CLA SD . 56.17 48.50 43.73
CAA F6C TD . 54.25 63.52 27.50
CAB F6C TD . 50.00 55.31 29.39
CAC F6C TD . 44.97 59.11 24.43
CAD F6C TD . 51.41 64.23 23.51
NA F6C TD . 52.41 60.84 26.68
CBA F6C TD . 52.98 63.66 28.32
CBB F6C TD . 50.23 54.82 30.59
CBC F6C TD . 44.22 60.22 25.11
CBD F6C TD . 52.54 63.97 24.43
NB F6C TD . 50.86 58.50 27.68
OBD F6C TD . 51.39 65.11 22.57
CGA F6C TD . 53.17 64.79 29.31
CGD F6C TD . 53.75 63.77 23.60
ND F6C TD . 49.91 61.31 24.94
CED F6C TD . 55.58 62.16 23.15
CHA F6C TD . 52.14 62.72 25.15
CHB F6C TD . 53.15 59.19 28.21
CHC F6C TD . 48.65 57.38 27.51
CHD F6C TD . 47.73 60.72 24.09
CMA F6C TD . 55.90 60.42 27.58
CMB F6C TD . 53.14 56.48 29.93
CMC F6C TD . 45.66 56.90 26.80
CMD F6C TD . 48.31 63.50 22.19
OMB F6C TD . 53.21 55.29 30.18
C1A F6C TD . 52.88 61.90 26.17
C1B F6C TD . 52.02 58.28 28.30
C1C F6C TD . 47.95 58.16 26.50
C1D F6C TD . 48.89 61.58 24.12
O1A F6C TD . 52.29 65.20 30.06
O1D F6C TD . 54.40 64.73 23.27
C2A F6C TD . 54.27 62.26 26.65
C2B F6C TD . 52.02 57.03 29.11
C2C F6C TD . 46.55 57.90 26.17
C2D F6C TD . 49.08 62.78 23.26
O2A F6C TD . 54.30 65.44 29.50
O2D F6C TD . 54.19 62.47 23.13
C3A F6C TD . 54.55 61.11 27.61
C3B F6C TD . 50.68 56.53 28.89
C3C F6C TD . 46.26 58.88 25.15
C3D F6C TD . 50.40 63.19 23.72
C4A F6C TD . 53.29 60.33 27.51
C4B F6C TD . 50.03 57.50 27.99
C4C F6C TD . 47.55 59.59 25.00
C4D F6C TD . 50.80 62.33 24.67
NC F6C TD . 48.51 59.15 25.82
MG F6C TD . 50.44 59.91 26.24
MG CLA UD . 69.86 30.33 28.78
CHA CLA UD . 71.98 27.89 27.47
CHB CLA UD . 67.26 28.59 27.40
CHC CLA UD . 67.82 32.54 30.29
CHD CLA UD . 72.67 32.09 30.03
NA CLA UD . 69.61 28.47 27.60
C1A CLA UD . 70.53 27.68 27.17
C2A CLA UD . 70.02 26.56 26.32
C3A CLA UD . 68.56 26.87 26.27
C4A CLA UD . 68.45 28.05 27.16
CMA CLA UD . 68.09 27.10 24.85
CAA CLA UD . 70.19 25.20 27.00
CBA CLA UD . 69.30 25.00 28.21
CGA CLA UD . 69.77 23.82 29.02
O1A CLA UD . 70.84 23.27 28.86
O2A CLA UD . 69.07 23.28 29.99
NB CLA UD . 67.83 30.51 28.83
C1B CLA UD . 66.91 29.77 28.21
C2B CLA UD . 65.51 30.25 28.40
C3B CLA UD . 65.73 31.42 29.25
C4B CLA UD . 67.19 31.50 29.47
CMB CLA UD . 64.25 29.67 27.88
CAB CLA UD . 64.77 32.36 29.82
CBB CLA UD . 63.77 31.94 30.54
NC CLA UD . 70.20 32.07 29.97
C1C CLA UD . 69.25 32.80 30.54
C2C CLA UD . 69.71 33.88 31.42
C3C CLA UD . 71.15 33.72 31.34
C4C CLA UD . 71.34 32.59 30.42
CMC CLA UD . 68.93 34.86 32.24
CAC CLA UD . 72.20 34.54 32.03
CBC CLA UD . 72.65 33.79 33.27
ND CLA UD . 71.84 30.16 28.84
C1D CLA UD . 72.88 30.85 29.31
C2D CLA UD . 74.21 30.27 29.00
C3D CLA UD . 73.78 29.08 28.26
C4D CLA UD . 72.45 29.08 28.21
CMD CLA UD . 75.65 30.58 29.25
CAD CLA UD . 74.33 27.90 27.57
OBD CLA UD . 75.56 27.67 27.35
CBD CLA UD . 73.19 27.07 27.08
CGD CLA UD . 73.29 26.99 25.60
O1D CLA UD . 73.00 27.95 24.91
O2D CLA UD . 73.75 25.80 24.95
CED CLA UD . 74.56 25.97 23.79
C1 CLA UD . 69.67 23.19 31.46
C2 CLA UD . 70.75 22.19 31.83
C3 CLA UD . 71.32 22.23 33.04
C4 CLA UD . 72.38 21.24 33.40
C5 CLA UD . 70.90 23.27 34.05
C6 CLA UD . 72.08 24.20 34.29
C7 CLA UD . 71.64 25.40 35.12
C8 CLA UD . 72.80 26.36 35.39
C9 CLA UD . 73.99 25.61 35.98
C10 CLA UD . 72.34 27.47 36.32
MG CLA VD . 76.71 27.08 31.86
CHA CLA VD . 78.61 24.26 31.21
CHB CLA VD . 73.99 25.31 30.77
CHC CLA VD . 74.83 29.77 32.67
CHD CLA VD . 79.63 28.85 32.87
NA CLA VD . 76.32 25.03 31.08
C1A CLA VD . 77.15 24.09 30.89
C2A CLA VD . 76.56 22.85 30.25
C3A CLA VD . 75.10 23.24 30.13
C4A CLA VD . 75.13 24.62 30.69
CMA CLA VD . 74.38 22.99 28.82
CAA CLA VD . 76.64 21.60 31.12
CBA CLA VD . 75.88 21.72 32.43
CGA CLA VD . 76.13 20.51 33.27
O1A CLA VD . 77.02 19.69 33.06
O2A CLA VD . 75.44 20.19 34.35
NB CLA VD . 74.70 27.47 31.74
C1B CLA VD . 73.74 26.67 31.28
C2B CLA VD . 72.38 27.26 31.31
C3B CLA VD . 72.66 28.57 31.86
C4B CLA VD . 74.13 28.62 32.10
CMB CLA VD . 71.12 26.62 30.86
CAB CLA VD . 71.75 29.69 32.18
CBB CLA VD . 70.55 29.50 32.67
NC CLA VD . 77.16 28.98 32.69
C1C CLA VD . 76.27 29.95 32.92
C2C CLA VD . 76.81 31.22 33.44
C3C CLA VD . 78.23 30.91 33.52
C4C CLA VD . 78.34 29.53 33.04
CMC CLA VD . 76.08 32.47 33.79
CAC CLA VD . 79.33 31.82 33.99
CBC CLA VD . 79.63 31.50 35.43
ND CLA VD . 78.67 26.78 32.05
C1D CLA VD . 79.75 27.45 32.43
C2D CLA VD . 81.01 26.68 32.38
C3D CLA VD . 80.48 25.41 31.88
C4D CLA VD . 79.17 25.53 31.71
CMD CLA VD . 82.48 26.86 32.67
CAD CLA VD . 80.94 24.07 31.51
OBD CLA VD . 82.05 23.56 31.92
CBD CLA VD . 79.75 23.27 31.13
CGD CLA VD . 79.94 22.78 29.74
O1D CLA VD . 80.10 23.55 28.82
O2D CLA VD . 79.93 21.36 29.50
CED CLA VD . 81.17 20.69 29.35
MG CLA WD . 82.78 24.13 36.15
CHA CLA WD . 84.39 21.05 36.16
CHB CLA WD . 79.95 22.48 35.10
CHC CLA WD . 81.21 27.12 36.23
CHD CLA WD . 85.77 25.71 37.28
NA CLA WD . 82.21 22.03 35.69
C1A CLA WD . 82.95 20.99 35.75
C2A CLA WD . 82.26 19.71 35.36
C3A CLA WD . 80.87 20.22 35.01
C4A CLA WD . 81.01 21.67 35.28
CMA CLA WD . 80.23 19.75 33.72
CAA CLA WD . 82.14 18.77 36.57
CBA CLA WD . 81.15 19.23 37.66
CGA CLA WD . 81.77 20.21 38.64
O1A CLA WD . 81.21 21.21 39.04
O2A CLA WD . 82.97 20.10 39.17
NB CLA WD . 80.86 24.69 35.73
C1B CLA WD . 79.84 23.93 35.31
C2B CLA WD . 78.58 24.67 35.08
C3B CLA WD . 78.98 26.03 35.42
C4B CLA WD . 80.40 25.95 35.81
CMB CLA WD . 77.24 24.18 34.62
CAB CLA WD . 78.14 27.24 35.39
CBB CLA WD . 77.83 27.87 36.50
NC CLA WD . 83.38 26.10 36.71
C1C CLA WD . 82.61 27.18 36.64
C2C CLA WD . 83.26 28.47 36.98
C3C CLA WD . 84.61 28.02 37.31
C4C CLA WD . 84.58 26.56 37.11
CMC CLA WD . 82.66 29.84 37.00
CAC CLA WD . 85.77 28.86 37.75
CBC CLA WD . 86.44 29.45 36.52
ND CLA WD . 84.66 23.64 36.65
C1D CLA WD . 85.77 24.25 37.06
C2D CLA WD . 86.95 23.35 37.24
C3D CLA WD . 86.32 22.08 36.87
C4D CLA WD . 85.04 22.31 36.56
CMD CLA WD . 88.39 23.44 37.64
CAD CLA WD . 86.65 20.65 36.72
OBD CLA WD . 87.83 20.19 36.60
CBD CLA WD . 85.43 19.94 36.24
CGD CLA WD . 85.69 19.44 34.85
O1D CLA WD . 86.40 20.06 34.08
O2D CLA WD . 85.09 18.20 34.40
CED CLA WD . 85.89 17.22 33.73
MG CLA XD . 58.12 34.43 24.28
CHA CLA XD . 61.41 35.26 25.00
CHB CLA XD . 57.65 34.06 27.64
CHC CLA XD . 54.91 33.76 23.56
CHD CLA XD . 58.78 34.91 20.83
NA CLA XD . 59.35 34.64 26.12
C1A CLA XD . 60.58 34.94 26.20
C2A CLA XD . 61.12 34.89 27.59
C3A CLA XD . 59.91 34.47 28.38
C4A CLA XD . 58.89 34.41 27.32
CMA CLA XD . 60.08 33.22 29.19
CAA CLA XD . 61.58 36.24 28.14
CBA CLA XD . 62.33 36.00 29.43
CGA CLA XD . 62.98 37.26 29.90
O1A CLA XD . 63.42 38.11 29.16
O2A CLA XD . 63.16 37.59 31.16
NB CLA XD . 56.51 34.00 25.46
C1B CLA XD . 56.48 33.88 26.78
C2B CLA XD . 55.16 33.49 27.32
C3B CLA XD . 54.38 33.40 26.10
C4B CLA XD . 55.28 33.73 24.99
CMB CLA XD . 54.74 33.26 28.73
CAB CLA XD . 52.95 33.07 25.99
CBB CLA XD . 52.57 31.92 25.53
NC CLA XD . 57.01 34.42 22.47
C1C CLA XD . 55.73 34.11 22.38
C2C CLA XD . 55.17 34.14 21.02
C3C CLA XD . 56.32 34.52 20.22
C4C CLA XD . 57.40 34.66 21.22
CMC CLA XD . 53.77 33.86 20.59
CAC CLA XD . 56.40 34.76 18.74
CBC CLA XD . 57.09 33.63 18.03
ND CLA XD . 59.61 35.02 23.09
C1D CLA XD . 59.86 35.06 21.79
C2D CLA XD . 61.27 35.25 21.41
C3D CLA XD . 61.83 35.33 22.75
C4D CLA XD . 60.86 35.20 23.64
CMD CLA XD . 62.08 35.34 20.15
CAD CLA XD . 63.12 35.51 23.42
OBD CLA XD . 64.24 35.58 22.84
CBD CLA XD . 62.87 35.60 24.88
CGD CLA XD . 63.69 34.52 25.50
O1D CLA XD . 64.22 34.67 26.56
O2D CLA XD . 63.82 33.24 24.84
CED CLA XD . 63.23 32.14 25.49
C1 CLA XD . 64.65 37.76 31.72
C2 CLA XD . 65.12 37.01 32.95
C3 CLA XD . 66.32 37.29 33.48
C4 CLA XD . 67.21 38.30 32.83
C5 CLA XD . 66.80 36.55 34.71
C6 CLA XD . 66.46 37.36 35.96
C7 CLA XD . 66.85 36.61 37.23
C8 CLA XD . 65.70 35.91 37.93
C9 CLA XD . 64.34 36.24 37.32
C10 CLA XD . 65.69 36.29 39.41
C11 CLA XD . 64.68 35.48 40.21
C12 CLA XD . 63.54 36.37 40.74
C13 CLA XD . 63.35 36.28 42.24
C14 CLA XD . 61.99 35.67 42.56
C15 CLA XD . 63.48 37.68 42.80
C16 CLA XD . 63.97 37.69 44.25
C17 CLA XD . 62.84 38.03 45.21
C18 CLA XD . 63.17 39.23 46.07
C19 CLA XD . 61.98 39.70 46.90
C20 CLA XD . 64.31 38.88 47.01
MG CLA YD . 58.60 43.81 32.27
CHA CLA YD . 60.24 41.96 29.86
CHB CLA YD . 56.64 41.04 32.83
CHC CLA YD . 57.03 45.58 34.66
CHD CLA YD . 60.66 46.60 31.56
NA CLA YD . 58.43 41.74 31.47
C1A CLA YD . 59.14 41.23 30.54
C2A CLA YD . 58.81 39.80 30.25
C3A CLA YD . 57.64 39.56 31.16
C4A CLA YD . 57.55 40.86 31.87
CMA CLA YD . 56.41 39.01 30.49
CAA CLA YD . 59.92 38.88 30.78
CBA CLA YD . 60.27 39.01 32.26
CGA CLA YD . 61.27 40.12 32.52
O1A CLA YD . 62.46 40.02 32.37
O2A CLA YD . 60.96 41.34 32.87
NB CLA YD . 57.06 43.36 33.55
C1B CLA YD . 56.38 42.23 33.65
C2B CLA YD . 55.34 42.22 34.70
C3B CLA YD . 55.47 43.58 35.22
C4B CLA YD . 56.56 44.20 34.45
CMB CLA YD . 54.41 41.09 35.05
CAB CLA YD . 54.73 44.29 36.29
CBB CLA YD . 54.08 43.67 37.25
NC CLA YD . 58.87 45.76 33.06
C1C CLA YD . 58.09 46.33 33.98
C2C CLA YD . 58.36 47.75 34.26
C3C CLA YD . 59.47 48.02 33.36
C4C CLA YD . 59.69 46.74 32.67
CMC CLA YD . 57.66 48.66 35.23
CAC CLA YD . 60.20 49.32 33.16
CBC CLA YD . 59.52 50.09 32.07
ND CLA YD . 60.09 44.31 31.06
C1D CLA YD . 60.87 45.35 30.82
C2D CLA YD . 61.90 45.15 29.76
C3D CLA YD . 61.59 43.76 29.42
C4D CLA YD . 60.57 43.35 30.18
CMD CLA YD . 63.00 45.92 29.10
CAD CLA YD . 62.01 42.66 28.53
OBD CLA YD . 63.08 42.62 27.85
CBD CLA YD . 61.15 41.48 28.76
CGD CLA YD . 60.37 41.23 27.52
O1D CLA YD . 59.81 42.13 26.95
O2D CLA YD . 60.27 39.92 26.94
CED CLA YD . 60.15 39.83 25.53
C1 CLA YD . 60.57 41.79 34.35
C2 CLA YD . 61.35 42.91 34.98
C3 CLA YD . 60.97 43.47 36.14
C4 CLA YD . 61.82 44.57 36.68
C5 CLA YD . 59.74 43.05 36.87
C6 CLA YD . 59.09 44.29 37.48
C7 CLA YD . 58.62 44.05 38.92
C8 CLA YD . 58.47 45.37 39.67
C9 CLA YD . 58.03 45.11 41.09
C10 CLA YD . 57.48 46.29 38.97
C11 CLA YD . 57.26 47.56 39.78
C12 CLA YD . 57.85 48.78 39.10
C13 CLA YD . 58.92 49.45 39.95
C14 CLA YD . 58.30 50.16 41.14
C15 CLA YD . 59.71 50.43 39.11
MG CLA ZD . 53.74 36.88 38.60
CHA CLA ZD . 55.14 35.93 35.57
CHB CLA ZD . 51.85 34.04 38.43
CHC CLA ZD . 52.49 37.74 41.59
CHD CLA ZD . 55.72 39.81 38.58
NA CLA ZD . 53.50 35.17 37.20
C1A CLA ZD . 54.11 34.99 36.10
C2A CLA ZD . 53.65 33.79 35.33
C3A CLA ZD . 52.57 33.26 36.24
C4A CLA ZD . 52.63 34.21 37.37
CMA CLA ZD . 51.20 33.08 35.64
CAA CLA ZD . 54.74 32.73 35.28
CBA CLA ZD . 55.55 32.65 36.58
CGA CLA ZD . 56.78 31.82 36.37
O1A CLA ZD . 56.82 30.60 36.44
O2A CLA ZD . 57.97 32.31 36.09
NB CLA ZD . 52.36 36.00 39.84
C1B CLA ZD . 51.70 34.86 39.63
C2B CLA ZD . 50.79 34.48 40.73
C3B CLA ZD . 50.97 35.58 41.66
C4B CLA ZD . 51.97 36.49 41.02
CMB CLA ZD . 49.90 33.29 40.87
CAB CLA ZD . 50.28 35.66 42.96
CBB CLA ZD . 50.03 36.77 43.62
NC CLA ZD . 54.11 38.50 39.92
C1C CLA ZD . 53.45 38.72 41.04
C2C CLA ZD . 53.74 39.98 41.73
C3C CLA ZD . 54.73 40.57 40.83
C4C CLA ZD . 54.86 39.58 39.76
CMC CLA ZD . 53.17 40.51 43.02
CAC CLA ZD . 55.43 41.88 40.94
CBC CLA ZD . 56.82 41.63 41.47
ND CLA ZD . 55.08 37.80 37.45
C1D CLA ZD . 55.86 38.85 37.49
C2D CLA ZD . 56.84 38.97 36.38
C3D CLA ZD . 56.49 37.77 35.64
C4D CLA ZD . 55.51 37.15 36.29
CMD CLA ZD . 57.91 39.91 35.93
CAD CLA ZD . 56.85 37.01 34.44
OBD CLA ZD . 57.84 37.27 33.67
CBD CLA ZD . 55.91 35.90 34.27
CGD CLA ZD . 54.96 36.25 33.18
O1D CLA ZD . 54.02 36.99 33.40
O2D CLA ZD . 55.13 35.74 31.84
CED CLA ZD . 54.23 36.16 30.84
CAA F6C AE . 3.36 25.26 14.91
CAB F6C AE . 5.98 16.84 18.34
CAC F6C AE . 11.94 21.67 20.28
CAD F6C AE . 6.72 27.52 17.63
NA F6C AE . 4.81 23.21 17.17
CBA F6C AE . 4.24 24.41 14.03
CBB F6C AE . 5.41 15.76 17.85
CBC F6C AE . 12.79 22.03 19.08
CBD F6C AE . 5.45 27.01 17.08
NB F6C AE . 5.77 20.49 17.90
OBD F6C AE . 7.20 28.68 17.41
CGA F6C AE . 4.94 25.33 13.09
CGD F6C AE . 4.29 27.59 17.83
ND F6C AE . 7.47 24.11 18.42
CED F6C AE . 2.35 29.10 17.43
CHA F6C AE . 5.54 25.53 17.31
CHB F6C AE . 3.66 21.16 16.85
CHC F6C AE . 7.68 19.25 18.90
CHD F6C AE . 9.57 23.68 19.48
CMA F6C AE . 1.31 23.02 16.66
CMB F6C AE . 3.07 18.05 16.87
CMC F6C AE . 10.55 18.67 20.04
CMD F6C AE . 9.79 27.09 19.14
OMB F6C AE . 2.68 17.00 17.33
C1 F6C AE . 6.82 23.72 13.00
C1A F6C AE . 4.57 24.44 16.95
C1B F6C AE . 4.59 20.16 17.37
C1C F6C AE . 8.66 20.31 19.17
C1D F6C AE . 8.60 24.59 18.90
O1A F6C AE . 4.43 26.28 12.56
O1D F6C AE . 4.37 27.81 19.02
C2 F6C AE . 7.69 23.43 14.19
C2A F6C AE . 3.25 24.69 16.31
C2B F6C AE . 4.31 18.71 17.39
C2C F6C AE . 9.98 20.00 19.71
C2D F6C AE . 8.76 26.06 18.79
O2A F6C AE . 6.20 25.16 12.74
O2D F6C AE . 3.04 27.88 17.16
C3 F6C AE . 8.04 22.17 14.44
C3A F6C AE . 2.71 23.29 16.19
C3B F6C AE . 5.52 18.20 18.00
C3C F6C AE . 10.57 21.31 19.80
C3D F6C AE . 7.49 26.37 18.14
C4 F6C AE . 8.92 21.88 15.61
C4A F6C AE . 3.80 22.48 16.77
C4B F6C AE . 6.36 19.36 18.28
C4C F6C AE . 9.52 22.23 19.32
C4D F6C AE . 6.81 25.24 17.96
C5 F6C AE . 7.51 21.06 13.56
C6 F6C AE . 7.69 19.70 14.22
C7 F6C AE . 6.54 18.77 13.85
C8 F6C AE . 6.83 17.32 14.21
C9 F6C AE . 7.73 17.21 15.43
C10 F6C AE . 7.48 16.65 13.02
C11 F6C AE . 8.09 15.31 13.39
C12 F6C AE . 9.58 15.26 13.04
C13 F6C AE . 10.10 13.86 12.76
C14 F6C AE . 9.13 12.80 13.22
C15 F6C AE . 11.45 13.70 13.45
NC F6C AE . 8.41 21.58 18.95
MG F6C AE . 6.61 22.34 18.13
C16 F6C AE . 12.21 12.49 12.93
C17 F6C AE . 12.30 11.39 13.99
C18 F6C AE . 13.71 10.84 14.10
C19 F6C AE . 14.71 11.96 14.30
C20 F6C AE . 13.80 9.84 15.22
CAA F6C BE . 11.68 14.29 21.39
CAB F6C BE . 14.76 22.25 25.10
CAC F6C BE . 7.12 23.71 22.74
CAD F6C BE . 7.03 15.57 21.76
NA F6C BE . 11.30 17.02 23.24
CBA F6C BE . 12.22 15.39 20.48
CBB F6C BE . 15.64 22.23 26.07
CBC F6C BE . 6.47 24.14 24.02
CBD F6C BE . 8.31 14.89 22.04
NB F6C BE . 12.38 19.70 23.92
OBD F6C BE . 6.21 15.14 20.89
CGA F6C BE . 11.49 15.45 19.16
CGD F6C BE . 8.19 13.87 23.11
ND F6C BE . 8.68 18.57 22.82
CED F6C BE . 7.58 11.57 23.78
CHA F6C BE . 9.22 16.00 22.51
CHB F6C BE . 13.50 17.49 23.93
CHC F6C BE . 11.80 22.10 24.11
CHD F6C BE . 7.37 20.58 22.78
CMA F6C BE . 13.51 14.49 24.44
CMB F6C BE . 15.95 19.06 24.96
CMC F6C BE . 10.13 24.81 23.68
CMD F6C BE . 5.07 18.31 21.65
OMB F6C BE . 16.38 19.14 26.09
C1 F6C BE . 11.53 16.88 17.06
C1A F6C BE . 10.66 15.97 22.89
C1B F6C BE . 13.45 18.94 24.15
C1C F6C BE . 10.40 22.15 23.69
C1D F6C BE . 7.53 19.15 22.56
O1A F6C BE . 10.30 15.26 19.01
O1D F6C BE . 8.26 14.19 24.28
C2 F6C BE . 12.08 17.20 15.68
C2A F6C BE . 11.48 14.73 22.84
C2B F6C BE . 14.62 19.66 24.64
C2C F6C BE . 9.66 23.41 23.51
C2D F6C BE . 6.48 18.25 22.08
O2A F6C BE . 12.10 15.73 18.02
O2D F6C BE . 8.03 12.47 22.78
C3 F6C BE . 12.12 18.48 15.27
C3A F6C BE . 12.82 15.24 23.33
C3B F6C BE . 14.10 21.02 24.68
C3C F6C BE . 8.35 22.93 23.10
C3D F6C BE . 7.22 17.00 22.08
C4 F6C BE . 11.66 19.58 16.16
C4A F6C BE . 12.53 16.68 23.51
C4B F6C BE . 12.70 20.95 24.23
C4C F6C BE . 8.49 21.47 23.10
C4D F6C BE . 8.44 17.25 22.51
C5 F6C BE . 12.64 18.84 13.90
C6 F6C BE . 11.69 18.28 12.86
C7 F6C BE . 11.24 19.31 11.85
C8 F6C BE . 10.95 18.59 10.54
C9 F6C BE . 11.93 19.00 9.46
C10 F6C BE . 9.53 18.87 10.07
C11 F6C BE . 9.09 17.78 9.10
C12 F6C BE . 7.65 17.39 9.40
C13 F6C BE . 7.00 16.67 8.24
C14 F6C BE . 6.86 17.58 7.03
C15 F6C BE . 5.65 16.15 8.71
NC F6C BE . 9.70 21.05 23.44
MG F6C BE . 10.51 19.09 23.40
C16 F6C BE . 4.79 15.66 7.56
C17 F6C BE . 5.04 14.18 7.33
C18 F6C BE . 3.76 13.49 6.89
C19 F6C BE . 3.94 11.98 6.82
C20 F6C BE . 2.61 13.83 7.82
MG CLA CE . 23.79 25.25 19.35
CHA CLA CE . 25.00 22.87 21.57
CHB CLA CE . 26.69 24.82 17.55
CHC CLA CE . 22.55 27.49 17.16
CHD CLA CE . 20.87 25.62 21.31
NA CLA CE . 25.62 23.99 19.49
C1A CLA CE . 25.91 23.15 20.41
C2A CLA CE . 27.27 22.55 20.28
C3A CLA CE . 27.78 23.20 19.01
C4A CLA CE . 26.62 24.06 18.63
CMA CLA CE . 29.13 23.86 19.08
CAA CLA CE . 27.24 21.05 20.03
CBA CLA CE . 26.16 20.71 19.04
CGA CLA CE . 25.89 19.25 19.23
O1A CLA CE . 25.15 18.79 20.07
O2A CLA CE . 26.47 18.30 18.51
NB CLA CE . 24.52 26.02 17.60
C1B CLA CE . 25.68 25.75 17.02
C2B CLA CE . 25.89 26.54 15.78
C3B CLA CE . 24.67 27.31 15.69
C4B CLA CE . 23.88 26.93 16.86
CMB CLA CE . 27.06 26.54 14.87
CAB CLA CE . 24.29 28.28 14.66
CBB CLA CE . 23.28 28.02 13.85
NC CLA CE . 21.97 26.34 19.22
C1C CLA CE . 21.67 27.23 18.29
C2C CLA CE . 20.39 27.93 18.41
C3C CLA CE . 19.88 27.34 19.67
C4C CLA CE . 20.94 26.39 20.06
CMC CLA CE . 19.87 28.95 17.45
CAC CLA CE . 18.63 27.51 20.48
CBC CLA CE . 17.89 28.81 20.30
ND CLA CE . 22.99 24.51 21.01
C1D CLA CE . 21.89 24.67 21.74
C2D CLA CE . 21.83 23.85 22.97
C3D CLA CE . 23.12 23.15 22.83
C4D CLA CE . 23.71 23.56 21.72
CMD CLA CE . 20.91 23.61 24.11
CAD CLA CE . 23.94 22.15 23.53
OBD CLA CE . 23.78 21.80 24.75
CBD CLA CE . 25.18 21.95 22.75
CGD CLA CE . 26.32 22.43 23.59
O1D CLA CE . 26.65 23.59 23.54
O2D CLA CE . 27.03 21.54 24.48
CED CLA CE . 27.41 22.01 25.76
C1 CLA CE . 25.65 17.62 17.33
C2 CLA CE . 24.35 16.92 17.61
C3 CLA CE . 23.54 16.63 16.60
C4 CLA CE . 23.91 17.02 15.20
C5 CLA CE . 22.23 15.92 16.85
C6 CLA CE . 21.11 16.86 16.47
C7 CLA CE . 20.37 16.34 15.25
C8 CLA CE . 18.87 16.39 15.51
C9 CLA CE . 18.53 15.62 16.78
C10 CLA CE . 18.16 15.82 14.30
C11 CLA CE . 17.41 16.95 13.62
C12 CLA CE . 16.95 16.52 12.25
C13 CLA CE . 15.45 16.75 12.12
C14 CLA CE . 14.72 15.46 12.48
C15 CLA CE . 15.12 17.23 10.72
C16 CLA CE . 15.01 16.08 9.73
C17 CLA CE . 14.47 16.55 8.39
C18 CLA CE . 13.24 15.78 7.93
C19 CLA CE . 13.58 14.86 6.76
C20 CLA CE . 12.57 14.98 9.04
C1 PQN DE . 18.87 30.99 25.77
O1 PQN DE . 19.56 31.83 25.16
C2 PQN DE . 17.94 30.13 25.04
C2M PQN DE . 17.86 30.31 23.56
C3 PQN DE . 17.12 29.15 25.77
C4 PQN DE . 17.24 29.04 27.23
O4 PQN DE . 16.57 28.23 27.87
C5 PQN DE . 18.18 29.90 27.96
C6 PQN DE . 18.30 29.80 29.31
C7 PQN DE . 19.18 30.63 29.96
C8 PQN DE . 19.93 31.57 29.28
C9 PQN DE . 19.86 31.69 27.91
C10 PQN DE . 18.99 30.89 27.23
C11 PQN DE . 16.16 28.25 25.05
C12 PQN DE . 16.98 27.15 24.42
C13 PQN DE . 16.52 25.93 24.29
C14 PQN DE . 15.16 25.58 24.80
C15 PQN DE . 17.41 24.90 23.65
C16 PQN DE . 16.61 23.93 22.83
C17 PQN DE . 16.76 24.18 21.34
C18 PQN DE . 16.92 22.86 20.61
C19 PQN DE . 15.92 21.82 21.08
C20 PQN DE . 18.35 22.38 20.85
C21 PQN DE . 19.23 22.77 19.69
C22 PQN DE . 19.96 21.55 19.15
C23 PQN DE . 21.44 21.84 19.08
C24 PQN DE . 21.85 22.32 17.71
C25 PQN DE . 22.21 20.57 19.44
C26 PQN DE . 21.73 20.00 20.76
C27 PQN DE . 21.88 18.49 20.73
C28 PQN DE . 22.61 18.00 21.96
C29 PQN DE . 21.65 17.92 23.13
C30 PQN DE . 23.24 16.64 21.70
C1 BCR EE . 71.39 -1.58 24.83
C2 BCR EE . 71.33 -2.74 23.83
C3 BCR EE . 69.95 -3.30 23.57
C4 BCR EE . 69.24 -3.55 24.88
C5 BCR EE . 69.10 -2.21 25.54
C6 BCR EE . 70.15 -1.41 25.68
C7 BCR EE . 70.15 -0.30 26.66
C8 BCR EE . 70.28 -0.45 27.99
C9 BCR EE . 70.25 0.59 28.72
C10 BCR EE . 69.59 0.58 29.79
C11 BCR EE . 69.60 0.79 30.96
C33 BCR EE . 67.74 -1.81 26.04
C31 BCR EE . 71.62 -0.26 24.11
C32 BCR EE . 72.55 -1.86 25.76
C34 BCR EE . 71.00 1.81 28.32
C12 BCR EE . 69.56 0.97 32.20
C13 BCR EE . 69.84 1.65 33.47
C14 BCR EE . 69.32 1.14 34.60
C15 BCR EE . 69.53 1.75 35.92
C16 BCR EE . 69.49 1.64 37.25
C17 BCR EE . 69.55 1.85 38.43
C18 BCR EE . 69.62 1.49 39.72
C19 BCR EE . 69.62 2.44 40.85
C20 BCR EE . 69.94 2.56 42.12
C21 BCR EE . 70.13 2.92 43.25
C22 BCR EE . 70.34 2.74 44.55
C23 BCR EE . 70.55 3.88 45.47
C24 BCR EE . 71.63 3.81 46.23
C25 BCR EE . 71.97 4.87 47.19
C26 BCR EE . 72.22 6.09 46.74
C27 BCR EE . 71.57 7.27 47.42
C28 BCR EE . 71.58 7.06 48.94
C29 BCR EE . 72.41 5.88 49.40
C30 BCR EE . 72.09 4.58 48.66
C35 BCR EE . 70.66 2.90 33.52
C36 BCR EE . 69.75 0.04 40.04
C37 BCR EE . 70.37 1.34 45.08
C38 BCR EE . 73.12 6.31 45.57
C39 BCR EE . 70.79 3.97 49.15
C40 BCR EE . 73.22 3.58 48.87
C1 BCR FE . 62.67 -3.93 27.36
C2 BCR FE . 64.08 -3.44 27.59
C3 BCR FE . 64.14 -2.44 28.73
C4 BCR FE . 63.69 -3.06 30.05
C5 BCR FE . 62.54 -4.02 29.82
C6 BCR FE . 61.93 -4.13 28.65
C7 BCR FE . 60.52 -4.53 28.59
C8 BCR FE . 59.46 -3.75 28.80
C9 BCR FE . 58.30 -4.26 28.70
C10 BCR FE . 57.26 -3.61 28.91
C11 BCR FE . 56.68 -2.62 28.69
C33 BCR FE . 62.10 -4.88 30.97
C31 BCR FE . 62.66 -5.28 26.64
C32 BCR FE . 61.93 -2.93 26.49
C34 BCR FE . 58.12 -5.70 28.30
C12 BCR FE . 55.98 -1.60 28.50
C13 BCR FE . 55.70 -0.21 28.15
C14 BCR FE . 54.44 0.09 27.83
C15 BCR FE . 53.98 1.42 27.45
C16 BCR FE . 53.01 2.15 26.93
C17 BCR FE . 52.34 3.02 26.47
C18 BCR FE . 51.24 3.62 26.01
C19 BCR FE . 51.28 4.97 25.45
C20 BCR FE . 50.60 6.06 25.16
C21 BCR FE . 50.32 7.16 24.76
C22 BCR FE . 49.51 8.18 24.48
C23 BCR FE . 50.03 9.43 23.91
C24 BCR FE . 49.26 10.50 24.04
C25 BCR FE . 49.70 11.80 23.49
C26 BCR FE . 50.71 12.44 24.04
C27 BCR FE . 51.80 12.99 23.16
C28 BCR FE . 51.32 12.98 21.71
C29 BCR FE . 49.86 13.39 21.62
C30 BCR FE . 48.97 12.40 22.33
C35 BCR FE . 56.78 0.82 28.19
C36 BCR FE . 49.93 2.89 26.05
C37 BCR FE . 48.06 8.04 24.75
C38 BCR FE . 50.77 12.64 25.52
C39 BCR FE . 48.53 11.32 21.37
C40 BCR FE . 47.78 13.12 22.93
C1 BCR GE . 66.68 -7.37 24.53
C2 BCR GE . 67.35 -7.59 25.88
C3 BCR GE . 67.98 -8.96 25.99
C4 BCR GE . 66.87 -9.99 25.92
C5 BCR GE . 66.13 -9.80 24.61
C6 BCR GE . 66.24 -8.68 23.90
C7 BCR GE . 65.93 -8.74 22.46
C8 BCR GE . 64.84 -8.25 21.87
C9 BCR GE . 64.71 -8.40 20.61
C10 BCR GE . 63.95 -7.68 19.93
C11 BCR GE . 63.14 -6.82 19.94
C33 BCR GE . 65.31 -10.95 24.10
C31 BCR GE . 67.66 -6.71 23.58
C32 BCR GE . 65.48 -6.47 24.74
C34 BCR GE . 65.46 -9.48 19.89
C12 BCR GE . 62.28 -5.90 19.83
C13 BCR GE . 61.24 -4.98 20.27
C14 BCR GE . 60.51 -4.36 19.33
C15 BCR GE . 59.43 -3.42 19.62
C16 BCR GE . 58.45 -2.63 19.19
C17 BCR GE . 57.54 -1.86 19.13
C18 BCR GE . 56.58 -1.13 18.54
C19 BCR GE . 55.70 -0.25 19.32
C20 BCR GE . 54.74 0.67 19.35
C21 BCR GE . 53.94 1.47 18.99
C22 BCR GE . 52.92 2.33 19.05
C23 BCR GE . 52.51 3.11 17.88
C24 BCR GE . 53.34 3.28 16.86
C25 BCR GE . 52.96 4.07 15.68
C26 BCR GE . 52.54 3.45 14.57
C27 BCR GE . 52.74 4.09 13.22
C28 BCR GE . 52.49 5.58 13.32
C29 BCR GE . 53.36 6.18 14.40
C30 BCR GE . 53.04 5.58 15.76
C35 BCR GE . 60.99 -4.72 21.73
C36 BCR GE . 56.40 -1.22 17.07
C37 BCR GE . 52.17 2.52 20.34
C38 BCR GE . 51.89 2.11 14.63
C39 BCR GE . 51.71 6.12 16.24
C40 BCR GE . 54.14 6.00 16.72
C1 BCR HE . 70.21 20.40 44.85
C2 BCR HE . 70.73 19.15 44.15
C3 BCR HE . 71.72 19.50 43.05
C4 BCR HE . 71.05 20.37 42.01
C5 BCR HE . 70.42 21.56 42.69
C6 BCR HE . 69.74 21.40 43.83
C7 BCR HE . 68.53 22.22 44.07
C8 BCR HE . 68.54 23.29 44.86
C9 BCR HE . 67.49 23.98 45.05
C10 BCR HE . 66.44 23.73 44.43
C11 BCR HE . 65.28 23.63 44.56
C33 BCR HE . 70.57 22.92 42.07
C31 BCR HE . 71.33 21.05 45.66
C32 BCR HE . 69.08 20.00 45.78
C34 BCR HE . 67.51 25.09 46.05
C12 BCR HE . 64.04 23.49 44.62
C13 BCR HE . 62.68 23.96 44.94
C14 BCR HE . 61.64 23.16 44.71
C15 BCR HE . 60.29 23.60 44.97
C16 BCR HE . 58.97 23.42 44.89
C17 BCR HE . 57.80 23.57 44.95
C18 BCR HE . 56.51 23.23 44.94
C19 BCR HE . 55.45 24.25 44.99
C20 BCR HE . 54.16 24.50 44.91
C21 BCR HE . 53.11 25.06 44.83
C22 BCR HE . 51.82 25.23 44.55
C23 BCR HE . 51.17 26.52 44.74
C24 BCR HE . 49.97 26.69 44.23
C25 BCR HE . 49.24 27.97 44.36
C26 BCR HE . 48.67 28.28 45.52
C27 BCR HE . 48.52 29.71 45.96
C28 BCR HE . 48.37 30.66 44.78
C29 BCR HE . 48.12 29.95 43.47
C30 BCR HE . 49.17 28.90 43.19
C35 BCR HE . 62.45 25.33 45.48
C36 BCR HE . 56.12 21.80 44.87
C37 BCR HE . 51.06 24.07 44.01
C38 BCR HE . 48.14 27.20 46.40
C39 BCR HE . 50.52 29.52 42.92
C40 BCR HE . 48.75 28.11 41.96
C1 BCR IE . 67.07 26.47 34.00
C2 BCR IE . 67.61 26.03 32.65
C3 BCR IE . 67.69 27.18 31.67
C4 BCR IE . 66.29 27.69 31.40
C5 BCR IE . 65.73 28.15 32.72
C6 BCR IE . 65.91 27.42 33.83
C7 BCR IE . 64.95 27.55 34.94
C8 BCR IE . 63.71 27.06 34.87
C9 BCR IE . 62.92 27.22 35.85
C10 BCR IE . 61.91 26.52 35.93
C11 BCR IE . 60.77 26.54 36.16
C33 BCR IE . 65.00 29.44 32.75
C31 BCR IE . 68.13 27.22 34.78
C32 BCR IE . 66.64 25.24 34.77
C34 BCR IE . 63.18 28.23 36.92
C12 BCR IE . 59.56 26.52 36.39
C13 BCR IE . 58.31 26.91 37.06
C14 BCR IE . 57.20 26.23 36.79
C15 BCR IE . 55.97 26.60 37.45
C16 BCR IE . 54.66 26.52 37.55
C17 BCR IE . 53.56 26.20 37.22
C18 BCR IE . 52.27 25.93 37.21
C19 BCR IE . 51.42 25.96 38.40
C20 BCR IE . 50.36 25.40 38.98
C21 BCR IE . 49.50 25.13 39.75
C22 BCR IE . 48.32 24.68 40.16
C23 BCR IE . 48.00 24.66 41.59
C24 BCR IE . 46.82 24.17 41.95
C25 BCR IE . 46.35 24.08 43.34
C26 BCR IE . 45.77 25.15 43.90
C27 BCR IE . 45.34 25.16 45.34
C28 BCR IE . 45.04 23.75 45.80
C29 BCR IE . 46.28 22.92 45.55
C30 BCR IE . 46.50 22.76 44.07
C35 BCR IE . 58.32 28.04 38.02
C36 BCR IE . 51.67 25.55 35.91
C37 BCR IE . 47.31 24.20 39.16
C38 BCR IE . 45.48 26.39 43.12
C39 BCR IE . 45.45 21.81 43.52
C40 BCR IE . 47.87 22.15 43.86
C1 BCR JE . 44.69 76.33 23.65
C2 BCR JE . 44.36 76.54 22.18
C3 BCR JE . 44.00 78.00 21.89
C4 BCR JE . 42.76 78.39 22.69
C5 BCR JE . 42.99 78.07 24.15
C6 BCR JE . 43.61 76.95 24.52
C7 BCR JE . 43.28 76.37 25.84
C8 BCR JE . 42.16 75.67 26.07
C9 BCR JE . 41.92 75.21 27.24
C10 BCR JE . 40.77 74.82 27.54
C11 BCR JE . 40.04 73.91 27.74
C33 BCR JE . 42.50 79.05 25.17
C31 BCR JE . 46.00 77.03 23.98
C32 BCR JE . 44.80 74.85 23.94
C34 BCR JE . 42.99 75.16 28.28
C12 BCR JE . 39.19 73.02 27.96
C13 BCR JE . 38.66 71.71 28.38
C14 BCR JE . 37.41 71.66 28.86
C15 BCR JE . 36.80 70.42 29.31
C16 BCR JE . 35.83 69.70 29.89
C17 BCR JE . 34.82 69.45 30.48
C18 BCR JE . 33.93 68.76 31.21
C19 BCR JE . 32.62 69.37 31.53
C20 BCR JE . 31.62 69.61 32.36
C21 BCR JE . 30.89 69.57 33.32
C22 BCR JE . 30.18 70.04 34.36
C23 BCR JE . 29.36 69.14 35.19
C24 BCR JE . 28.90 69.57 36.37
C25 BCR JE . 28.05 68.77 37.28
C26 BCR JE . 26.77 69.11 37.38
C27 BCR JE . 25.90 68.60 38.50
C28 BCR JE . 26.79 68.32 39.68
C29 BCR JE . 27.80 67.26 39.29
C30 BCR JE . 28.65 67.63 38.08
C35 BCR JE . 39.48 70.47 28.29
C36 BCR JE . 34.26 67.39 31.72
C37 BCR JE . 30.23 71.50 34.69
C38 BCR JE . 26.15 70.04 36.38
C39 BCR JE . 28.80 66.40 37.20
C40 BCR JE . 30.01 68.09 38.59
C1 BCR KE . 55.55 61.41 34.25
C2 BCR KE . 56.25 61.33 32.90
C3 BCR KE . 55.25 61.14 31.77
C4 BCR KE . 54.27 62.30 31.68
C5 BCR KE . 53.82 62.71 33.05
C6 BCR KE . 54.18 62.02 34.14
C7 BCR KE . 53.23 61.91 35.26
C8 BCR KE . 52.12 61.18 35.20
C9 BCR KE . 51.36 61.15 36.23
C10 BCR KE . 50.13 61.06 36.11
C11 BCR KE . 49.19 60.44 36.41
C33 BCR KE . 52.96 63.92 33.19
C31 BCR KE . 56.35 62.30 35.19
C32 BCR KE . 55.43 60.02 34.83
C34 BCR KE . 51.93 61.26 37.61
C12 BCR KE . 48.15 59.81 36.66
C13 BCR KE . 47.23 58.97 37.43
C14 BCR KE . 46.17 58.51 36.78
C15 BCR KE . 45.16 57.66 37.38
C16 BCR KE . 44.16 56.83 37.16
C17 BCR KE . 43.27 56.05 37.22
C18 BCR KE . 42.27 55.35 36.70
C19 BCR KE . 41.51 54.36 37.47
C20 BCR KE . 40.83 53.23 37.39
C21 BCR KE . 40.21 52.25 37.63
C22 BCR KE . 39.32 51.28 37.42
C23 BCR KE . 39.15 50.19 38.38
C24 BCR KE . 38.08 49.42 38.24
C25 BCR KE . 37.76 48.26 39.11
C26 BCR KE . 37.28 48.42 40.34
C27 BCR KE . 37.06 47.25 41.25
C28 BCR KE . 36.67 46.04 40.42
C29 BCR KE . 37.82 45.78 39.47
C30 BCR KE . 37.93 46.91 38.47
C35 BCR KE . 47.46 58.67 38.87
C36 BCR KE . 41.92 55.57 35.26
C37 BCR KE . 38.49 51.30 36.18
C38 BCR KE . 36.94 49.76 40.91
C39 BCR KE . 36.82 46.77 37.44
C40 BCR KE . 39.27 46.80 37.78
C1 BCR LE . 50.36 53.70 50.27
C2 BCR LE . 49.87 55.12 50.20
C3 BCR LE . 50.53 55.82 49.04
C4 BCR LE . 52.00 56.00 49.36
C5 BCR LE . 52.61 54.67 49.74
C6 BCR LE . 51.88 53.65 50.21
C7 BCR LE . 52.56 52.45 50.73
C8 BCR LE . 52.75 51.38 49.96
C9 BCR LE . 53.34 50.35 50.41
C10 BCR LE . 53.94 49.60 49.62
C11 BCR LE . 54.56 48.61 49.49
C33 BCR LE . 54.09 54.53 49.58
C31 BCR LE . 49.79 52.92 49.09
C32 BCR LE . 49.92 53.05 51.57
C34 BCR LE . 53.30 50.01 51.86
C12 BCR LE . 55.25 47.58 49.31
C13 BCR LE . 55.80 46.27 49.66
C14 BCR LE . 56.67 45.67 48.85
C15 BCR LE . 57.09 46.32 47.62
C16 BCR LE . 57.88 46.46 46.57
C17 BCR LE . 58.80 46.29 45.84
C18 BCR LE . 59.84 45.70 45.24
C19 BCR LE . 60.52 46.37 44.12
C20 BCR LE . 61.00 46.29 42.89
C21 BCR LE . 61.50 46.57 41.85
C22 BCR LE . 62.13 46.40 40.69
C23 BCR LE . 62.39 47.55 39.82
C24 BCR LE . 63.26 47.44 38.80
C25 BCR LE . 63.55 48.58 37.89
C26 BCR LE . 64.37 49.59 38.21
C27 BCR LE . 65.27 50.17 37.16
C28 BCR LE . 64.51 50.41 35.85
C29 BCR LE . 63.06 49.96 35.91
C30 BCR LE . 62.91 48.58 36.51
C35 BCR LE . 55.41 45.60 50.94
C36 BCR LE . 60.34 44.37 45.71
C37 BCR LE . 62.53 45.03 40.25
C38 BCR LE . 64.46 50.20 39.59
C39 BCR LE . 63.56 47.53 35.62
C40 BCR LE . 61.42 48.27 36.60
C1 BCR ME . 30.79 21.51 7.50
C2 BCR ME . 31.42 22.32 6.40
C3 BCR ME . 32.86 22.69 6.70
C4 BCR ME . 32.88 23.52 7.96
C5 BCR ME . 32.37 22.66 9.06
C6 BCR ME . 31.31 21.86 8.89
C7 BCR ME . 30.67 21.27 10.07
C8 BCR ME . 29.78 21.84 10.88
C9 BCR ME . 29.36 21.13 11.84
C10 BCR ME . 28.18 21.18 12.22
C11 BCR ME . 27.31 21.81 12.70
C33 BCR ME . 33.09 22.67 10.37
C31 BCR ME . 31.10 20.07 7.24
C32 BCR ME . 29.29 21.66 7.47
C34 BCR ME . 30.28 20.20 12.56
C12 BCR ME . 26.36 22.47 13.15
C13 BCR ME . 25.22 22.64 14.06
C14 BCR ME . 24.29 23.53 13.74
C15 BCR ME . 23.12 23.74 14.57
C16 BCR ME . 21.93 24.30 14.72
C17 BCR ME . 20.86 24.63 15.16
C18 BCR ME . 19.78 25.37 15.27
C19 BCR ME . 18.72 25.04 16.22
C20 BCR ME . 17.60 25.38 16.82
C21 BCR ME . 16.70 26.02 17.26
C22 BCR ME . 15.56 26.69 17.36
C23 BCR ME . 15.11 27.14 18.68
C24 BCR ME . 13.82 27.22 18.93
C25 BCR ME . 13.33 27.67 20.25
C26 BCR ME . 13.04 26.77 21.18
C27 BCR ME . 12.75 27.14 22.61
C28 BCR ME . 12.59 28.64 22.82
C29 BCR ME . 12.11 29.33 21.56
C30 BCR ME . 13.13 29.13 20.47
C35 BCR ME . 25.08 21.81 15.30
C36 BCR ME . 19.62 26.58 14.41
C37 BCR ME . 14.77 27.04 16.15
C38 BCR ME . 12.98 25.31 20.82
C39 BCR ME . 14.45 29.79 20.87
C40 BCR ME . 12.63 29.76 19.19
C1 LMG NE . 25.90 19.77 38.30
O1 LMG NE . 25.88 20.73 37.27
C2 LMG NE . 26.58 20.32 39.55
O2 LMG NE . 28.00 20.33 39.38
C3 LMG NE . 26.29 19.49 40.78
O3 LMG NE . 26.70 20.21 41.94
C4 LMG NE . 24.81 19.18 40.90
O4 LMG NE . 24.09 20.40 41.02
C5 LMG NE . 24.35 18.50 39.62
O5 LMG NE . 22.14 19.30 40.06
C6 LMG NE . 22.88 18.13 39.72
O6 LMG NE . 24.54 19.44 38.58
C7 LMG NE . 27.02 20.69 36.41
C8 LMG NE . 26.69 21.45 35.15
C9 LMG NE . 27.97 21.73 34.36
O7 LMG NE . 25.81 20.64 34.38
C10 LMG NE . 24.98 21.46 33.54
O9 LMG NE . 24.14 22.16 34.08
C11 LMG NE . 25.14 21.45 32.05
C12 LMG NE . 23.91 20.84 31.41
C13 LMG NE . 24.29 19.99 30.22
C14 LMG NE . 25.11 20.77 29.21
C15 LMG NE . 25.93 19.81 28.35
C16 LMG NE . 25.08 19.15 27.27
C17 LMG NE . 25.99 18.33 26.37
C18 LMG NE . 25.28 17.99 25.08
C19 LMG NE . 25.96 17.50 24.05
C20 LMG NE . 27.44 17.25 24.15
C21 LMG NE . 27.98 16.82 22.80
C22 LMG NE . 27.29 15.98 22.05
C23 LMG NE . 27.82 15.55 20.70
C24 LMG NE . 28.83 14.44 20.88
O8 LMG NE . 28.81 20.59 34.42
C28 LMG NE . 29.92 20.43 33.49
O10 LMG NE . 29.96 19.46 32.78
C29 LMG NE . 31.02 21.47 33.42
C30 LMG NE . 31.91 21.16 32.23
C31 LMG NE . 32.84 22.33 31.95
C32 LMG NE . 33.29 22.31 30.50
C33 LMG NE . 33.93 23.60 30.04
C34 LMG NE . 33.84 23.65 28.51
C35 LMG NE . 34.69 24.73 27.89
C36 LMG NE . 34.40 24.75 26.42
C37 LMG NE . 34.64 23.67 25.67
C38 LMG NE . 34.34 23.73 24.19
C39 LMG NE . 35.04 22.62 23.45
O1 LHG OE . 62.94 32.90 59.21
C1 LHG OE . 61.65 33.24 59.70
C2 LHG OE . 61.00 31.99 60.26
O2 LHG OE . 61.74 30.86 59.79
C3 LHG OE . 59.56 31.93 59.74
O3 LHG OE . 58.97 30.65 59.96
P LHG OE . 59.07 29.54 58.82
O4 LHG OE . 60.47 28.99 58.85
O5 LHG OE . 57.87 28.64 58.93
O6 LHG OE . 58.94 30.40 57.47
C4 LHG OE . 59.71 30.00 56.34
C5 LHG OE . 58.97 30.31 55.05
C6 LHG OE . 57.81 31.27 55.29
O7 LHG OE . 59.86 30.92 54.11
C7 LHG OE . 60.39 29.94 53.19
O9 LHG OE . 59.78 28.91 52.98
C8 LHG OE . 61.70 30.20 52.51
C9 LHG OE . 61.43 31.10 51.31
C10 LHG OE . 62.24 30.64 50.12
O8 LHG OE . 57.82 32.29 54.31
C23 LHG OE . 57.21 32.07 53.00
O10 LHG OE . 56.76 30.98 52.73
C24 LHG OE . 57.12 33.19 52.00
C11 LHG OE . 61.34 30.11 49.02
C12 LHG OE . 61.81 30.62 47.67
C13 LHG OE . 63.26 30.23 47.43
C14 LHG OE . 63.34 28.93 46.65
C15 LHG OE . 64.78 28.59 46.32
C16 LHG OE . 64.97 28.42 44.82
C17 LHG OE . 66.43 28.23 44.46
C25 LHG OE . 57.29 32.58 50.61
C26 LHG OE . 56.08 32.90 49.75
C27 LHG OE . 55.99 34.39 49.47
C28 LHG OE . 55.87 34.66 47.99
C29 LHG OE . 55.83 36.15 47.69
C30 LHG OE . 55.80 36.48 46.21
C31 LHG OE . 55.55 35.28 45.32
C32 LHG OE . 55.18 35.71 43.90
C33 LHG OE . 56.40 36.28 43.22
C34 LHG OE . 56.09 36.61 41.77
C35 LHG OE . 56.39 35.44 40.85
C36 LHG OE . 57.64 35.76 40.06
C37 LHG OE . 57.57 35.16 38.67
C38 LHG OE . 58.95 35.08 38.08
FE1 SF4 PE . 10.74 30.53 48.52
FE2 SF4 PE . 9.44 29.88 50.82
FE3 SF4 PE . 12.15 30.17 50.82
FE4 SF4 PE . 11.01 28.03 49.57
S1 SF4 PE . 10.96 28.50 51.81
S2 SF4 PE . 12.67 29.35 48.76
S3 SF4 PE . 9.10 28.96 48.77
S4 SF4 PE . 10.61 31.79 50.41
FE1 SF4 QE . 15.21 34.52 59.72
FE2 SF4 QE . 12.69 33.49 59.99
FE3 SF4 QE . 13.45 35.64 61.46
FE4 SF4 QE . 14.52 33.20 62.00
S1 SF4 QE . 12.33 33.81 62.22
S2 SF4 QE . 15.64 35.18 61.86
S3 SF4 QE . 14.65 32.32 59.90
S4 SF4 QE . 13.24 35.56 59.19
C1 BCR RE . 33.48 9.52 14.08
C2 BCR RE . 34.67 8.66 13.67
C3 BCR RE . 34.41 7.50 12.72
C4 BCR RE . 33.34 7.87 11.70
C5 BCR RE . 32.14 8.14 12.56
C6 BCR RE . 32.21 9.21 13.33
C7 BCR RE . 31.07 10.14 13.46
C8 BCR RE . 30.06 9.95 14.31
C9 BCR RE . 29.14 10.82 14.35
C10 BCR RE . 28.33 10.89 13.40
C11 BCR RE . 27.38 11.46 13.03
C33 BCR RE . 30.97 7.21 12.50
C31 BCR RE . 33.78 10.98 13.83
C32 BCR RE . 33.24 9.32 15.56
C34 BCR RE . 29.03 11.76 15.51
C12 BCR RE . 26.36 12.02 12.59
C13 BCR RE . 25.17 12.85 12.74
C14 BCR RE . 24.39 13.05 11.68
C15 BCR RE . 23.18 13.83 11.79
C16 BCR RE . 22.12 14.46 11.31
C17 BCR RE . 21.39 14.99 10.53
C18 BCR RE . 20.48 15.13 9.57
C19 BCR RE . 19.93 16.44 9.26
C20 BCR RE . 18.98 17.16 8.71
C21 BCR RE . 18.38 18.11 8.33
C22 BCR RE . 17.64 18.83 7.48
C23 BCR RE . 17.25 20.19 7.80
C24 BCR RE . 16.49 20.84 6.93
C25 BCR RE . 16.12 22.24 7.20
C26 BCR RE . 15.31 22.55 8.21
C27 BCR RE . 15.64 23.72 9.09
C28 BCR RE . 16.35 24.81 8.28
C29 BCR RE . 16.12 24.65 6.79
C30 BCR RE . 16.66 23.32 6.33
C35 BCR RE . 24.81 13.45 14.05
C36 BCR RE . 20.08 13.96 8.74
C37 BCR RE . 17.25 18.21 6.18
C38 BCR RE . 14.09 21.75 8.46
C39 BCR RE . 18.17 23.31 6.42
C40 BCR RE . 16.21 23.05 4.90
C1 BCR SE . 18.68 14.56 2.97
C2 BCR SE . 18.94 13.12 3.34
C3 BCR SE . 18.65 12.27 2.13
C4 BCR SE . 17.17 12.23 1.92
C5 BCR SE . 16.66 13.63 1.86
C6 BCR SE . 17.29 14.68 2.40
C7 BCR SE . 16.65 16.01 2.38
C8 BCR SE . 15.74 16.39 3.27
C9 BCR SE . 15.21 17.54 3.21
C10 BCR SE . 14.55 17.92 4.18
C11 BCR SE . 13.66 18.57 4.56
C33 BCR SE . 15.38 13.79 1.11
C31 BCR SE . 19.63 14.92 1.87
C32 BCR SE . 18.90 15.45 4.17
C34 BCR SE . 15.34 18.41 2.02
C12 BCR SE . 12.70 19.20 5.02
C13 BCR SE . 11.89 20.37 5.31
C14 BCR SE . 10.78 20.16 5.99
C15 BCR SE . 9.86 21.22 6.35
C16 BCR SE . 8.76 21.57 6.96
C17 BCR SE . 7.83 22.18 7.38
C18 BCR SE . 6.85 22.49 8.20
C19 BCR SE . 5.97 23.58 7.84
C20 BCR SE . 4.96 24.38 8.12
C21 BCR SE . 4.09 24.92 8.69
C22 BCR SE . 2.95 25.15 9.30
C23 BCR SE . 2.17 24.02 9.82
C24 BCR SE . 1.00 24.28 10.38
C25 BCR SE . 0.17 23.20 10.92
C26 BCR SE . -0.75 22.63 10.15
C27 BCR SE . -1.52 21.41 10.57
C28 BCR SE . -0.98 20.85 11.87
C29 BCR SE . -0.79 21.98 12.86
C30 BCR SE . 0.38 22.79 12.36
C35 BCR SE . 12.29 21.74 4.88
C36 BCR SE . 6.65 21.76 9.48
C37 BCR SE . 2.51 26.55 9.53
C38 BCR SE . -1.07 23.22 8.81
C39 BCR SE . 1.64 21.97 12.53
C40 BCR SE . 0.47 24.07 13.16
C1 LMG TE . 32.29 -1.44 -7.51
O1 LMG TE . 31.21 -2.33 -7.21
C2 LMG TE . 33.38 -2.20 -8.26
O2 LMG TE . 33.87 -3.26 -7.44
C3 LMG TE . 34.52 -1.27 -8.61
O3 LMG TE . 35.42 -1.94 -9.50
C4 LMG TE . 34.02 0.01 -9.27
O4 LMG TE . 33.57 -0.27 -10.60
C5 LMG TE . 32.88 0.62 -8.47
O5 LMG TE . 33.38 2.86 -9.18
C6 LMG TE . 32.35 1.87 -9.15
O6 LMG TE . 31.84 -0.35 -8.31
C7 LMG TE . 31.05 -2.49 -5.81
C8 LMG TE . 30.50 -3.89 -5.52
C9 LMG TE . 31.57 -4.91 -5.86
O7 LMG TE . 30.17 -4.01 -4.14
C10 LMG TE . 28.75 -3.81 -3.93
O9 LMG TE . 28.11 -3.22 -4.77
C11 LMG TE . 28.07 -4.30 -2.67
C12 LMG TE . 29.05 -4.99 -1.74
C13 LMG TE . 28.42 -5.16 -0.36
C14 LMG TE . 27.98 -3.81 0.18
C15 LMG TE . 27.65 -3.86 1.66
C16 LMG TE . 27.35 -2.48 2.20
C17 LMG TE . 27.14 -2.50 3.70
O8 LMG TE . 32.81 -4.53 -5.27
C28 LMG TE . 33.94 -5.45 -5.36
O10 LMG TE . 34.95 -5.10 -5.93
C29 LMG TE . 33.83 -6.82 -4.74
C30 LMG TE . 33.84 -6.70 -3.22
C31 LMG TE . 32.92 -7.73 -2.58
C32 LMG TE . 33.45 -8.20 -1.23
C33 LMG TE . 33.67 -7.03 -0.28
C34 LMG TE . 32.37 -6.35 0.11
C35 LMG TE . 32.68 -5.12 0.95
C36 LMG TE . 31.56 -4.81 1.90
C37 LMG TE . 31.74 -3.92 2.87
MG CLA UE . -15.46 86.42 4.64
CHA CLA UE . -18.07 86.87 2.39
CHB CLA UE . -17.53 87.70 7.08
CHC CLA UE . -12.95 85.87 6.83
CHD CLA UE . -13.43 85.09 2.02
NA CLA UE . -17.55 87.19 4.75
C1A CLA UE . -18.40 87.28 3.80
C2A CLA UE . -19.74 87.87 4.21
C3A CLA UE . -19.50 88.13 5.70
C4A CLA UE . -18.10 87.64 5.86
CMA CLA UE . -19.92 89.45 6.32
CAA CLA UE . -20.90 86.91 4.00
CBA CLA UE . -21.28 86.06 5.21
CGA CLA UE . -20.76 84.66 5.00
O1A CLA UE . -20.49 84.17 3.91
O2A CLA UE . -20.55 83.79 5.98
NB CLA UE . -15.28 86.74 6.66
C1B CLA UE . -16.18 87.29 7.49
C2B CLA UE . -15.70 87.43 8.90
C3B CLA UE . -14.35 86.90 8.79
C4B CLA UE . -14.18 86.48 7.38
CMB CLA UE . -16.42 87.99 10.10
CAB CLA UE . -13.34 86.75 9.86
CBB CLA UE . -12.23 87.45 9.82
NC CLA UE . -13.52 85.53 4.47
C1C CLA UE . -12.64 85.46 5.45
C2C CLA UE . -11.30 84.92 5.10
C3C CLA UE . -11.48 84.65 3.67
C4C CLA UE . -12.87 85.07 3.38
CMC CLA UE . -10.10 84.70 5.97
CAC CLA UE . -10.46 84.09 2.72
CBC CLA UE . -10.66 82.60 2.60
ND CLA UE . -15.58 86.01 2.69
C1D CLA UE . -14.81 85.51 1.72
C2D CLA UE . -15.44 85.45 0.37
C3D CLA UE . -16.75 86.00 0.72
C4D CLA UE . -16.76 86.30 2.02
CMD CLA UE . -15.11 85.01 -1.03
CAD CLA UE . -18.05 86.33 0.10
OBD CLA UE . -18.46 85.92 -1.04
CBD CLA UE . -18.89 87.01 1.12
CGD CLA UE . -18.99 88.45 0.73
O1D CLA UE . -19.50 88.77 -0.34
O2D CLA UE . -18.48 89.51 1.59
CED CLA UE . -19.27 90.67 1.83
CA CA VE . 19.13 24.22 -10.35
MG CLA WE . -11.00 14.01 2.94
CHA CLA WE . -11.04 10.83 1.58
CHB CLA WE . -7.98 14.48 1.42
CHC CLA WE . -10.98 17.09 4.29
CHD CLA WE . -14.18 13.45 4.40
NA CLA WE . -9.64 12.82 1.63
C1A CLA WE . -9.83 11.64 1.22
C2A CLA WE . -8.69 11.11 0.39
C3A CLA WE . -7.75 12.30 0.36
C4A CLA WE . -8.50 13.28 1.19
CMA CLA WE . -6.28 12.14 0.66
CAA CLA WE . -9.08 10.70 -1.03
CBA CLA WE . -9.59 11.84 -1.89
CGA CLA WE . -11.08 12.00 -1.74
O1A CLA WE . -11.87 11.09 -1.74
O2A CLA WE . -11.66 13.16 -1.58
NB CLA WE . -9.66 15.55 2.86
C1B CLA WE . -8.50 15.60 2.20
C2B CLA WE . -7.78 16.88 2.36
C3B CLA WE . -8.69 17.62 3.22
C4B CLA WE . -9.82 16.72 3.47
CMB CLA WE . -6.44 17.24 1.77
CAB CLA WE . -8.65 18.98 3.80
CBB CLA WE . -7.83 19.91 3.40
NC CLA WE . -12.39 15.12 4.12
C1C CLA WE . -12.19 16.34 4.58
C2C CLA WE . -13.28 16.91 5.39
C3C CLA WE . -14.25 15.82 5.38
C4C CLA WE . -13.59 14.77 4.58
CMC CLA WE . -13.37 18.26 6.03
CAC CLA WE . -15.60 15.75 6.02
CBC CLA WE . -16.66 15.96 4.99
ND CLA WE . -12.38 12.58 3.06
C1D CLA WE . -13.57 12.39 3.60
C2D CLA WE . -14.18 11.08 3.35
C3D CLA WE . -13.12 10.49 2.53
C4D CLA WE . -12.14 11.39 2.40
CMD CLA WE . -15.46 10.41 3.72
CAD CLA WE . -12.77 9.27 1.80
OBD CLA WE . -13.36 8.14 1.95
CBD CLA WE . -11.39 9.41 1.26
CGD CLA WE . -10.50 8.53 2.05
O1D CLA WE . -10.84 8.14 3.16
O2D CLA WE . -9.20 8.12 1.55
CED CLA WE . -8.72 6.81 1.81
C1 CLA WE . -12.89 13.35 -0.60
C2 CLA WE . -13.05 14.68 0.09
C3 CLA WE . -14.17 15.00 0.74
C4 CLA WE . -15.33 14.05 0.79
C5 CLA WE . -14.31 16.33 1.42
C6 CLA WE . -13.27 17.28 0.88
C7 CLA WE . -13.56 18.69 1.35
C8 CLA WE . -12.28 19.36 1.79
C9 CLA WE . -12.56 20.71 2.45
C10 CLA WE . -11.34 19.47 0.58
C11 CLA WE . -11.49 20.81 -0.12
C12 CLA WE . -10.40 20.97 -1.17
C13 CLA WE . -10.58 22.26 -1.97
C14 CLA WE . -12.04 22.58 -2.27
C15 CLA WE . -9.81 22.09 -3.26
C16 CLA WE . -8.33 22.29 -2.97
C17 CLA WE . -7.50 21.19 -3.62
C18 CLA WE . -7.42 21.36 -5.12
C19 CLA WE . -7.13 22.79 -5.55
C20 CLA WE . -6.34 20.45 -5.66
MG CLA XE . -0.83 18.79 8.08
CHA CLA XE . -4.12 17.74 7.95
CHB CLA XE . -1.42 20.46 5.14
CHC CLA XE . 2.39 19.77 8.18
CHD CLA XE . -0.36 16.95 11.03
NA CLA XE . -2.54 19.10 6.70
C1A CLA XE . -3.71 18.64 6.82
C2A CLA XE . -4.65 19.04 5.73
C3A CLA XE . -3.74 19.83 4.84
C4A CLA XE . -2.47 19.80 5.60
CMA CLA XE . -3.68 19.32 3.42
CAA CLA XE . -5.68 20.03 6.27
CBA CLA XE . -5.02 21.03 7.21
CGA CLA XE . -5.93 22.05 7.82
O1A CLA XE . -6.49 22.93 7.23
O2A CLA XE . -6.19 22.07 9.11
NB CLA XE . 0.30 19.94 6.82
C1B CLA XE . -0.08 20.55 5.70
C2B CLA XE . 0.98 21.35 5.06
C3B CLA XE . 2.09 21.11 5.97
C4B CLA XE . 1.59 20.24 7.03
CMB CLA XE . 0.94 22.15 3.81
CAB CLA XE . 3.45 21.64 5.86
CBB CLA XE . 4.39 20.83 5.45
NC CLA XE . 0.75 18.49 9.47
C1C CLA XE . 1.97 19.00 9.35
C2C CLA XE . 2.87 18.72 10.48
C3C CLA XE . 2.01 17.95 11.35
C4C CLA XE . 0.73 17.85 10.64
CMC CLA XE . 4.30 19.15 10.69
CAC CLA XE . 2.34 17.39 12.70
CBC CLA XE . 1.61 18.22 13.73
ND CLA XE . -1.86 17.61 9.30
C1D CLA XE . -1.67 16.92 10.41
C2D CLA XE . -2.85 16.14 10.90
C3D CLA XE . -3.80 16.53 9.86
C4D CLA XE . -3.19 17.35 9.01
CMD CLA XE . -3.21 15.22 12.02
CAD CLA XE . -5.20 16.32 9.44
OBD CLA XE . -5.97 15.40 9.86
CBD CLA XE . -5.43 17.05 8.16
CGD CLA XE . -5.52 16.03 7.09
O1D CLA XE . -4.83 15.04 7.14
O2D CLA XE . -6.40 16.18 5.96
CED CLA XE . -6.52 15.08 5.08
C1 CLA XE . -6.18 23.44 9.92
C2 CLA XE . -4.97 24.32 10.11
C3 CLA XE . -4.41 24.41 11.33
C4 CLA XE . -4.98 23.61 12.47
C5 CLA XE . -3.21 25.29 11.57
C6 CLA XE . -3.60 26.75 11.48
C7 CLA XE . -4.48 27.15 12.64
C8 CLA XE . -4.87 28.62 12.63
C9 CLA XE . -6.06 28.80 13.57
C10 CLA XE . -5.22 29.12 11.24
C11 CLA XE . -6.01 30.42 11.29
C12 CLA XE . -5.54 31.39 10.23
C13 CLA XE . -6.71 32.21 9.69
C14 CLA XE . -6.23 33.16 8.59
C15 CLA XE . -7.37 32.98 10.82
MG CLA YE . 2.03 21.81 -4.46
CHA CLA YE . 0.70 20.08 -7.16
CHB CLA YE . 4.78 22.44 -6.39
CHC CLA YE . 3.26 23.53 -1.86
CHD CLA YE . -0.92 21.15 -2.61
NA CLA YE . 2.69 21.35 -6.53
C1A CLA YE . 2.06 20.66 -7.40
C2A CLA YE . 2.81 20.46 -8.67
C3A CLA YE . 4.08 21.20 -8.38
C4A CLA YE . 3.85 21.70 -7.01
CMA CLA YE . 5.32 20.39 -8.62
CAA CLA YE . 2.16 21.21 -9.81
CBA CLA YE . 2.10 20.24 -10.97
CGA CLA YE . 1.52 20.95 -12.14
O1A CLA YE . 1.68 22.14 -12.36
O2A CLA YE . 0.80 20.37 -13.08
NB CLA YE . 3.79 22.84 -4.18
C1B CLA YE . 4.78 23.02 -5.05
C2B CLA YE . 5.89 23.85 -4.51
C3B CLA YE . 5.40 24.14 -3.17
C4B CLA YE . 4.10 23.48 -3.06
CMB CLA YE . 7.15 24.28 -5.17
CAB CLA YE . 6.02 24.94 -2.09
CBB CLA YE . 7.31 25.02 -1.90
NC CLA YE . 1.26 22.29 -2.54
C1C CLA YE . 1.92 23.00 -1.63
C2C CLA YE . 1.21 23.23 -0.37
C3C CLA YE . -0.05 22.53 -0.60
C4C CLA YE . 0.10 21.98 -1.97
CMC CLA YE . 1.69 23.99 0.82
CAC CLA YE . -1.23 22.39 0.32
CBC CLA YE . -1.22 21.04 1.00
ND CLA YE . 0.28 20.90 -4.69
C1D CLA YE . -0.81 20.63 -3.97
C2D CLA YE . -1.84 19.82 -4.66
C3D CLA YE . -1.17 19.64 -5.94
C4D CLA YE . 0.00 20.26 -5.89
CMD CLA YE . -3.19 19.26 -4.35
CAD CLA YE . -1.36 18.99 -7.25
OBD CLA YE . -2.41 18.37 -7.62
CBD CLA YE . -0.13 19.19 -8.05
CGD CLA YE . 0.56 17.89 -8.22
O1D CLA YE . 1.00 17.29 -7.25
O2D CLA YE . 0.75 17.30 -9.51
CED CLA YE . 0.59 15.90 -9.64
C1 CLA YE . -0.14 19.12 -12.74
C2 CLA YE . -1.50 19.26 -12.09
C3 CLA YE . -2.28 18.19 -11.91
C4 CLA YE . -1.81 16.84 -12.34
C5 CLA YE . -3.62 18.34 -11.25
C6 CLA YE . -4.57 17.24 -11.70
C7 CLA YE . -5.78 17.17 -10.78
C8 CLA YE . -5.40 16.52 -9.46
C9 CLA YE . -5.31 15.01 -9.60
C10 CLA YE . -6.46 16.87 -8.41
C11 CLA YE . -5.87 16.80 -7.00
C12 CLA YE . -6.51 15.70 -6.19
C13 CLA YE . -7.96 16.03 -5.83
C14 CLA YE . -8.07 17.42 -5.23
C15 CLA YE . -8.49 14.96 -4.87
C16 CLA YE . -9.57 15.49 -3.93
C17 CLA YE . -9.14 15.38 -2.49
C18 CLA YE . -9.74 16.48 -1.63
C19 CLA YE . -8.83 17.70 -1.60
C20 CLA YE . -11.14 16.87 -2.08
C1 BCR ZE . 23.91 12.07 22.90
C2 BCR ZE . 24.54 11.01 23.79
C3 BCR ZE . 23.75 10.63 25.04
C4 BCR ZE . 22.30 10.41 24.71
C5 BCR ZE . 21.82 11.72 24.18
C6 BCR ZE . 22.42 12.22 23.10
C7 BCR ZE . 21.63 12.96 22.09
C8 BCR ZE . 20.67 12.32 21.42
C9 BCR ZE . 19.96 12.90 20.52
C10 BCR ZE . 18.99 12.28 20.06
C11 BCR ZE . 17.85 12.32 19.77
C33 BCR ZE . 20.71 12.45 24.87
C31 BCR ZE . 24.19 11.75 21.46
C32 BCR ZE . 24.52 13.42 23.25
C34 BCR ZE . 20.28 14.27 20.02
C12 BCR ZE . 16.63 12.30 19.49
C13 BCR ZE . 15.44 12.66 18.72
C14 BCR ZE . 14.30 11.98 18.91
C15 BCR ZE . 13.13 12.37 18.13
C16 BCR ZE . 11.86 12.44 17.79
C17 BCR ZE . 10.67 12.31 17.77
C18 BCR ZE . 9.41 12.14 18.14
C19 BCR ZE . 8.34 12.27 17.17
C20 BCR ZE . 7.10 12.63 16.89
C21 BCR ZE . 6.10 12.82 16.27
C22 BCR ZE . 4.80 12.92 16.07
C23 BCR ZE . 4.25 13.28 14.76
C24 BCR ZE . 3.05 12.79 14.51
C25 BCR ZE . 2.21 12.90 13.31
C26 BCR ZE . 0.91 12.91 13.53
C27 BCR ZE . -0.02 13.66 12.64
C28 BCR ZE . 0.32 13.41 11.18
C29 BCR ZE . 1.57 12.57 10.98
C30 BCR ZE . 2.72 12.94 11.88
C35 BCR ZE . 15.50 13.77 17.74
C36 BCR ZE . 9.08 11.78 19.56
C37 BCR ZE . 3.87 12.65 17.21
C38 BCR ZE . 0.35 12.16 14.69
C39 BCR ZE . 3.33 14.29 11.52
C40 BCR ZE . 3.79 11.93 11.59
C1 BCR AF . 24.04 -6.84 10.65
C2 BCR AF . 24.29 -6.03 11.91
C3 BCR AF . 23.02 -5.72 12.69
C4 BCR AF . 22.26 -6.99 13.03
C5 BCR AF . 22.07 -7.78 11.77
C6 BCR AF . 22.63 -7.40 10.64
C7 BCR AF . 21.91 -7.57 9.38
C8 BCR AF . 20.87 -6.81 9.02
C9 BCR AF . 20.36 -7.11 7.89
C10 BCR AF . 20.15 -6.23 7.04
C11 BCR AF . 19.33 -5.59 6.50
C33 BCR AF . 21.24 -9.04 11.78
C31 BCR AF . 24.98 -8.03 10.58
C32 BCR AF . 24.23 -5.95 9.43
C34 BCR AF . 20.04 -8.54 7.60
C12 BCR AF . 18.49 -4.87 5.93
C13 BCR AF . 17.34 -4.57 5.09
C14 BCR AF . 16.84 -3.34 5.16
C15 BCR AF . 15.69 -2.92 4.39
C16 BCR AF . 14.78 -2.00 4.14
C17 BCR AF . 13.86 -1.38 3.73
C18 BCR AF . 13.12 -0.30 3.57
C19 BCR AF . 11.86 -0.31 2.83
C20 BCR AF . 10.97 0.48 2.29
C21 BCR AF . 10.03 0.93 1.73
C22 BCR AF . 9.18 1.86 1.35
C23 BCR AF . 8.07 1.54 0.45
C24 BCR AF . 7.23 2.50 0.12
C25 BCR AF . 6.09 2.33 -0.80
C26 BCR AF . 4.94 1.76 -0.40
C27 BCR AF . 3.78 1.54 -1.35
C28 BCR AF . 3.84 2.56 -2.47
C29 BCR AF . 5.19 2.44 -3.13
C30 BCR AF . 6.27 2.91 -2.19
C35 BCR AF . 16.73 -5.58 4.16
C36 BCR AF . 13.58 1.00 4.12
C37 BCR AF . 9.37 3.25 1.84
C38 BCR AF . 4.72 1.30 1.01
C39 BCR AF . 6.25 4.43 -2.06
C40 BCR AF . 7.62 2.58 -2.79
C1 LMG BF . 6.34 20.78 -16.34
O1 LMG BF . 6.06 22.14 -16.06
C2 LMG BF . 7.41 20.70 -17.43
O2 LMG BF . 6.94 21.33 -18.62
C3 LMG BF . 7.72 19.24 -17.70
O3 LMG BF . 8.78 19.15 -18.66
C4 LMG BF . 8.12 18.57 -16.41
O4 LMG BF . 9.30 19.20 -15.90
C5 LMG BF . 7.02 18.73 -15.37
O5 LMG BF . 7.76 16.70 -14.32
C6 LMG BF . 7.41 18.06 -14.07
O6 LMG BF . 6.79 20.12 -15.17
C7 LMG BF . 5.00 22.28 -15.11
C8 LMG BF . 4.53 23.73 -15.15
C9 LMG BF . 3.43 23.85 -16.20
O7 LMG BF . 4.00 24.11 -13.88
C10 LMG BF . 5.02 24.31 -12.86
O9 LMG BF . 6.18 24.52 -13.18
C11 LMG BF . 4.63 24.27 -11.40
C12 LMG BF . 4.72 25.69 -10.83
C13 LMG BF . 4.46 25.69 -9.33
C14 LMG BF . 3.04 25.24 -9.05
C15 LMG BF . 2.74 25.38 -7.56
C16 LMG BF . 1.34 24.88 -7.24
C17 LMG BF . 1.13 24.97 -5.74
C18 LMG BF . -0.35 24.86 -5.42
C19 LMG BF . -0.69 25.03 -4.15
C20 LMG BF . -2.13 24.94 -3.72
C21 LMG BF . -2.79 23.77 -4.40
C22 LMG BF . -3.94 23.30 -3.94
C23 LMG BF . -4.61 23.91 -2.74
O8 LMG BF . 3.83 23.24 -17.42
C28 LMG BF . 3.71 23.96 -18.68
O10 LMG BF . 3.78 25.18 -18.66
C29 LMG BF . 3.48 23.21 -19.97
C30 LMG BF . 2.03 23.34 -20.40
C31 LMG BF . 1.11 22.98 -19.23
C32 LMG BF . -0.27 23.58 -19.39
C33 LMG BF . -1.00 23.55 -18.05
C34 LMG BF . -0.31 24.48 -17.08
C35 LMG BF . -0.48 24.01 -15.65
C36 LMG BF . -1.93 24.14 -15.25
C37 LMG BF . -2.29 23.93 -14.00
C38 LMG BF . -1.26 23.57 -12.95
C39 LMG BF . -1.94 23.41 -11.62
C40 LMG BF . -1.18 23.30 -10.54
C41 LMG BF . -1.85 23.14 -9.21
C42 LMG BF . -2.91 22.09 -9.42
C43 LMG BF . -3.80 21.83 -8.48
C44 LMG BF . -4.82 20.77 -8.80
C1 BCR CF . 32.47 5.20 24.21
C2 BCR CF . 32.00 5.33 25.64
C3 BCR CF . 31.75 3.94 26.22
C4 BCR CF . 33.03 3.14 26.31
C5 BCR CF . 33.94 3.45 25.16
C6 BCR CF . 33.58 4.20 24.13
C7 BCR CF . 34.36 4.05 22.88
C8 BCR CF . 34.04 3.16 21.94
C9 BCR CF . 34.79 3.10 20.92
C10 BCR CF . 34.30 3.10 19.78
C11 BCR CF . 34.14 2.46 18.80
C33 BCR CF . 35.32 2.89 25.21
C31 BCR CF . 32.99 6.54 23.70
C32 BCR CF . 31.31 4.75 23.36
C34 BCR CF . 36.26 3.01 21.10
C12 BCR CF . 33.94 1.82 17.76
C13 BCR CF . 34.36 1.08 16.56
C14 BCR CF . 33.46 0.83 15.61
C15 BCR CF . 33.82 0.12 14.40
C16 BCR CF . 33.58 -0.42 13.21
C17 BCR CF . 33.05 -0.89 12.24
C18 BCR CF . 32.76 -1.05 10.94
C19 BCR CF . 31.90 -2.12 10.44
C20 BCR CF . 31.72 -3.06 9.53
C21 BCR CF . 31.92 -3.86 8.66
C22 BCR CF . 31.74 -4.49 7.50
C23 BCR CF . 32.55 -5.68 7.15
C24 BCR CF . 32.06 -6.52 6.24
C25 BCR CF . 32.71 -7.78 5.79
C26 BCR CF . 32.45 -8.93 6.41
C27 BCR CF . 32.58 -10.26 5.72
C28 BCR CF . 33.72 -10.29 4.72
C29 BCR CF . 34.49 -8.99 4.56
C30 BCR CF . 33.61 -7.75 4.57
C35 BCR CF . 35.78 0.63 16.41
C36 BCR CF . 33.28 -0.08 9.95
C37 BCR CF . 30.75 -3.97 6.51
C38 BCR CF . 31.97 -8.98 7.83
C39 BCR CF . 32.76 -7.72 3.32
C40 BCR CF . 34.53 -6.53 4.54
MG CLA DF . 64.78 42.22 39.70
CHA CLA DF . 66.18 42.33 36.53
CHB CLA DF . 67.10 44.57 40.65
CHC CLA DF . 63.29 42.22 42.73
CHD CLA DF . 62.49 39.74 38.59
NA CLA DF . 66.43 43.35 38.73
C1A CLA DF . 66.83 43.26 37.52
C2A CLA DF . 68.01 44.14 37.19
C3A CLA DF . 68.28 44.80 38.53
C4A CLA DF . 67.20 44.21 39.36
CMA CLA DF . 69.70 44.80 39.10
CAA CLA DF . 67.56 45.21 36.20
CBA CLA DF . 68.40 46.47 36.21
CGA CLA DF . 68.11 47.25 34.95
O1A CLA DF . 68.54 46.96 33.85
O2A CLA DF . 67.36 48.33 34.91
NB CLA DF . 65.14 43.26 41.43
C1B CLA DF . 66.13 44.13 41.67
C2B CLA DF . 66.15 44.64 43.07
C3B CLA DF . 65.03 43.92 43.65
C4B CLA DF . 64.46 43.09 42.57
CMB CLA DF . 67.13 45.63 43.66
CAB CLA DF . 64.45 43.93 45.02
CBB CLA DF . 64.53 44.97 45.82
NC CLA DF . 63.11 41.16 40.52
C1C CLA DF . 62.68 41.28 41.77
C2C CLA DF . 61.54 40.42 42.12
C3C CLA DF . 61.30 39.70 40.89
C4C CLA DF . 62.33 40.22 39.97
CMC CLA DF . 60.80 40.31 43.42
CAC CLA DF . 60.25 38.65 40.64
CBC CLA DF . 59.17 39.14 39.71
ND CLA DF . 64.32 41.21 38.05
C1D CLA DF . 63.45 40.28 37.65
C2D CLA DF . 63.59 39.85 36.24
C3D CLA DF . 64.69 40.72 35.85
C4D CLA DF . 65.06 41.46 36.89
CMD CLA DF . 62.93 38.88 35.31
CAD CLA DF . 65.52 41.03 34.69
OBD CLA DF . 65.25 40.67 33.48
CBD CLA DF . 66.50 42.08 35.07
CGD CLA DF . 67.87 41.50 34.92
O1D CLA DF . 68.22 40.54 35.56
O2D CLA DF . 68.78 42.06 33.95
CED CLA DF . 69.15 41.26 32.84
C1 CLA DF . 67.83 49.65 34.14
C2 CLA DF . 69.20 50.25 34.29
C3 CLA DF . 69.45 51.10 35.30
C4 CLA DF . 70.82 51.69 35.45
C5 CLA DF . 68.36 51.41 36.29
C6 CLA DF . 68.65 52.60 37.19
C7 CLA DF . 67.33 53.15 37.73
C8 CLA DF . 67.37 53.36 39.24
C9 CLA DF . 66.03 53.83 39.77
C10 CLA DF . 68.46 54.37 39.57
MG CL0 EF . 28.67 -48.60 -13.56
CHA CL0 EF . 30.86 -47.86 -10.93
CHB CL0 EF . 26.51 -49.77 -11.21
CHC CL0 EF . 26.57 -49.30 -16.08
CHD CL0 EF . 31.06 -47.46 -15.86
NA CL0 EF . 28.66 -48.79 -11.35
C1A CL0 EF . 29.58 -48.49 -10.52
C2A CL0 EF . 29.28 -48.86 -9.11
C3A CL0 EF . 27.98 -49.53 -9.30
C4A CL0 EF . 27.67 -49.34 -10.70
CMA CL0 EF . 28.21 -50.99 -9.07
CAA CL0 EF . 28.91 -47.63 -8.27
CBA CL0 EF . 28.09 -47.97 -7.04
CGA CL0 EF . 27.76 -46.70 -6.32
O1A CL0 EF . 26.76 -46.53 -5.66
O2A CL0 EF . 28.52 -45.65 -6.28
NB CL0 EF . 26.79 -49.43 -13.63
C1B CL0 EF . 26.05 -49.78 -12.59
C2B CL0 EF . 24.71 -50.26 -12.97
C3B CL0 EF . 24.72 -50.13 -14.41
C4B CL0 EF . 26.07 -49.60 -14.74
CMB CL0 EF . 23.59 -50.74 -12.11
CAB CL0 EF . 23.56 -50.48 -15.25
CBB CL0 EF . 23.56 -50.64 -16.55
NC CL0 EF . 28.75 -48.28 -15.64
C1C CL0 EF . 27.83 -48.69 -16.50
C2C CL0 EF . 28.15 -48.52 -17.92
C3C CL0 EF . 29.46 -47.89 -17.82
C4C CL0 EF . 29.73 -47.80 -16.39
CMC CL0 EF . 27.34 -48.88 -19.13
CAC CL0 EF . 30.38 -47.45 -18.91
CBC CL0 EF . 31.19 -48.67 -19.21
ND CL0 EF . 30.50 -47.83 -13.56
C1D CL0 EF . 31.38 -47.43 -14.45
C2D CL0 EF . 32.67 -46.98 -13.89
C3D CL0 EF . 32.40 -47.18 -12.48
C4D CL0 EF . 31.18 -47.66 -12.36
CMD CL0 EF . 33.96 -46.45 -14.43
CAD CL0 EF . 33.02 -47.03 -11.16
OBD CL0 EF . 34.15 -46.50 -10.92
CBD CL0 EF . 32.04 -47.41 -10.11
CGD CL0 EF . 31.69 -46.19 -9.33
O1D CL0 EF . 30.95 -45.34 -9.78
O2D CL0 EF . 32.19 -45.98 -7.99
CED CL0 EF . 31.59 -44.99 -7.18
C1 CL0 EF . 27.92 -44.18 -6.07
C2 CL0 EF . 27.67 -43.29 -7.23
C3 CL0 EF . 28.42 -42.19 -7.40
C4 CL0 EF . 29.52 -41.87 -6.44
C5 CL0 EF . 28.17 -41.29 -8.57
C6 CL0 EF . 29.45 -41.15 -9.37
C7 CL0 EF . 29.16 -40.56 -10.74
C8 CL0 EF . 28.29 -39.32 -10.61
C9 CL0 EF . 27.57 -39.03 -11.92
C10 CL0 EF . 29.18 -38.15 -10.20
C11 CL0 EF . 28.35 -36.92 -9.94
C12 CL0 EF . 29.26 -35.76 -9.63
C13 CL0 EF . 28.66 -34.85 -8.58
C14 CL0 EF . 29.60 -33.70 -8.31
C15 CL0 EF . 28.46 -35.66 -7.32
C16 CL0 EF . 27.18 -35.29 -6.61
C17 CL0 EF . 26.89 -36.39 -5.61
C18 CL0 EF . 27.75 -36.21 -4.38
C19 CL0 EF . 26.98 -35.45 -3.31
C20 CL0 EF . 28.17 -37.57 -3.88
MG CLA FF . 23.97 -40.94 -5.06
CHA CLA FF . 23.65 -41.78 -8.36
CHB CLA FF . 23.63 -37.66 -6.05
CHC CLA FF . 24.05 -40.11 -1.81
CHD CLA FF . 24.49 -44.31 -4.18
NA CLA FF . 23.69 -39.83 -6.97
C1A CLA FF . 23.62 -40.31 -8.13
C2A CLA FF . 23.58 -39.31 -9.23
C3A CLA FF . 23.64 -38.04 -8.44
C4A CLA FF . 23.65 -38.53 -7.06
CMA CLA FF . 24.79 -37.14 -8.82
CAA CLA FF . 22.22 -39.28 -9.92
CBA CLA FF . 22.34 -38.69 -11.31
CGA CLA FF . 21.87 -37.27 -11.23
O1A CLA FF . 21.30 -36.81 -10.27
O2A CLA FF . 22.02 -36.37 -12.16
NB CLA FF . 23.86 -39.14 -4.10
C1B CLA FF . 23.70 -37.93 -4.62
C2B CLA FF . 23.59 -36.86 -3.61
C3B CLA FF . 23.73 -37.62 -2.40
C4B CLA FF . 23.89 -39.02 -2.77
CMB CLA FF . 23.40 -35.40 -3.76
CAB CLA FF . 23.70 -37.09 -1.05
CBB CLA FF . 22.60 -36.57 -0.58
NC CLA FF . 24.16 -42.05 -3.26
C1C CLA FF . 24.28 -41.53 -2.05
C2C CLA FF . 24.66 -42.45 -0.97
C3C CLA FF . 24.77 -43.70 -1.70
C4C CLA FF . 24.44 -43.34 -3.09
CMC CLA FF . 24.88 -42.15 0.49
CAC CLA FF . 25.14 -45.05 -1.16
CBC CLA FF . 26.63 -45.15 -1.25
ND CLA FF . 24.17 -42.70 -5.94
C1D CLA FF . 24.19 -43.97 -5.57
C2D CLA FF . 23.87 -44.94 -6.65
C3D CLA FF . 23.68 -43.98 -7.75
C4D CLA FF . 23.86 -42.76 -7.28
CMD CLA FF . 23.74 -46.42 -6.81
CAD CLA FF . 23.33 -43.92 -9.17
OBD CLA FF . 22.45 -44.69 -9.68
CBD CLA FF . 23.44 -42.52 -9.63
CGD CLA FF . 24.59 -42.38 -10.55
O1D CLA FF . 25.72 -42.64 -10.22
O2D CLA FF . 24.38 -41.94 -11.90
CED CLA FF . 25.19 -42.60 -12.84
C1 CLA FF . 21.33 -34.93 -12.08
C2 CLA FF . 19.85 -34.74 -12.00
C3 CLA FF . 19.20 -34.17 -13.02
C4 CLA FF . 19.92 -33.73 -14.25
C5 CLA FF . 17.73 -33.98 -12.91
C6 CLA FF . 17.53 -32.76 -12.04
C7 CLA FF . 16.06 -32.61 -11.71
C8 CLA FF . 15.90 -31.91 -10.38
C9 CLA FF . 16.60 -32.69 -9.29
C10 CLA FF . 14.42 -31.83 -10.09
C11 CLA FF . 13.75 -30.95 -11.12
C12 CLA FF . 12.38 -30.56 -10.62
C13 CLA FF . 11.40 -30.69 -11.75
C14 CLA FF . 11.86 -29.79 -12.87
C15 CLA FF . 10.02 -30.30 -11.26
C16 CLA FF . 9.06 -30.21 -12.43
C17 CLA FF . 7.70 -30.76 -12.00
C18 CLA FF . 6.62 -29.77 -12.37
C19 CLA FF . 6.56 -29.63 -13.87
C20 CLA FF . 5.28 -30.23 -11.81
MG CLA GF . 17.87 -61.95 -5.33
CHA CLA GF . 16.21 -64.96 -4.64
CHB CLA GF . 20.42 -63.81 -6.56
CHC CLA GF . 19.37 -59.05 -6.20
CHD CLA GF . 15.22 -60.19 -3.90
NA CLA GF . 18.30 -64.11 -5.59
C1A CLA GF . 17.59 -65.11 -5.24
C2A CLA GF . 18.29 -66.41 -5.43
C3A CLA GF . 19.63 -65.96 -5.97
C4A CLA GF . 19.45 -64.53 -6.05
CMA CLA GF . 20.81 -66.39 -5.13
CAA CLA GF . 17.53 -67.23 -6.48
CBA CLA GF . 18.08 -67.25 -7.91
CGA CLA GF . 19.06 -68.38 -8.00
O1A CLA GF . 19.08 -69.31 -7.22
O2A CLA GF . 20.04 -68.45 -8.86
NB CLA GF . 19.65 -61.50 -6.27
C1B CLA GF . 20.53 -62.36 -6.71
C2B CLA GF . 21.70 -61.78 -7.37
C3B CLA GF . 21.39 -60.36 -7.25
C4B CLA GF . 20.10 -60.28 -6.55
CMB CLA GF . 22.83 -62.57 -7.94
CAB CLA GF . 22.15 -59.19 -7.73
CBB CLA GF . 23.19 -59.27 -8.52
NC CLA GF . 17.32 -59.93 -5.16
C1C CLA GF . 18.08 -58.89 -5.50
C2C CLA GF . 17.52 -57.58 -5.12
C3C CLA GF . 16.28 -57.95 -4.50
C4C CLA GF . 16.25 -59.40 -4.56
CMC CLA GF . 18.07 -56.22 -5.32
CAC CLA GF . 15.23 -57.07 -3.89
CBC CLA GF . 15.49 -57.07 -2.41
ND CLA GF . 16.11 -62.32 -4.48
C1D CLA GF . 15.16 -61.64 -3.91
C2D CLA GF . 14.06 -62.41 -3.31
C3D CLA GF . 14.54 -63.75 -3.62
C4D CLA GF . 15.70 -63.63 -4.29
CMD CLA GF . 12.81 -62.07 -2.56
CAD CLA GF . 14.19 -65.18 -3.46
OBD CLA GF . 13.07 -65.61 -3.02
CBD CLA GF . 15.11 -65.95 -4.33
CGD CLA GF . 15.60 -67.17 -3.65
O1D CLA GF . 16.25 -67.11 -2.64
O2D CLA GF . 15.36 -68.47 -4.22
CED CLA GF . 15.13 -69.56 -3.33
C1 CLA GF . 21.45 -69.04 -8.42
C2 CLA GF . 22.39 -68.34 -7.49
C3 CLA GF . 23.08 -67.27 -7.89
C4 CLA GF . 22.91 -66.76 -9.28
C5 CLA GF . 24.02 -66.59 -6.95
C6 CLA GF . 25.42 -66.70 -7.52
C7 CLA GF . 26.12 -67.95 -7.00
C8 CLA GF . 27.36 -67.56 -6.23
C9 CLA GF . 28.19 -66.55 -7.01
C10 CLA GF . 28.13 -68.82 -5.84
C11 CLA GF . 29.63 -68.58 -5.74
C12 CLA GF . 30.06 -68.19 -4.34
C13 CLA GF . 31.58 -68.17 -4.22
C14 CLA GF . 32.01 -67.56 -2.89
C15 CLA GF . 32.16 -67.39 -5.38
MG CLA HF . 35.33 -70.50 10.85
CHA CLA HF . 32.38 -72.04 9.84
CHB CLA HF . 35.38 -68.95 7.80
CHC CLA HF . 38.10 -68.92 11.90
CHD CLA HF . 35.11 -72.18 13.98
NA CLA HF . 34.05 -70.46 9.03
C1A CLA HF . 32.98 -71.11 8.82
C2A CLA HF . 32.36 -70.85 7.49
C3A CLA HF . 33.35 -69.90 6.86
C4A CLA HF . 34.32 -69.75 7.97
CMA CLA HF . 33.87 -70.20 5.47
CAA CLA HF . 31.09 -70.04 7.70
CBA CLA HF . 30.27 -69.95 6.44
CGA CLA HF . 29.73 -71.31 6.08
O1A CLA HF . 30.30 -72.13 5.38
O2A CLA HF . 28.56 -71.77 6.48
NB CLA HF . 36.55 -69.11 9.96
C1B CLA HF . 36.47 -68.63 8.73
C2B CLA HF . 37.56 -67.68 8.38
C3B CLA HF . 38.36 -67.71 9.59
C4B CLA HF . 37.65 -68.61 10.53
CMB CLA HF . 37.81 -66.95 7.09
CAB CLA HF . 39.59 -66.95 9.85
CBB CLA HF . 40.72 -67.57 10.14
NC CLA HF . 36.39 -70.50 12.69
C1C CLA HF . 37.52 -69.82 12.89
C2C CLA HF . 38.16 -70.04 14.20
C3C CLA HF . 37.24 -70.97 14.83
C4C CLA HF . 36.19 -71.19 13.81
CMC CLA HF . 39.41 -69.44 14.74
CAC CLA HF . 37.33 -71.59 16.19
CBC CLA HF . 38.12 -72.86 16.10
ND CLA HF . 34.12 -71.77 11.82
C1D CLA HF . 34.08 -72.41 12.99
C2D CLA HF . 32.93 -73.36 13.14
C3D CLA HF . 32.30 -73.15 11.85
C4D CLA HF . 33.01 -72.26 11.15
CMD CLA HF . 32.39 -74.31 14.17
CAD CLA HF . 31.15 -73.61 11.07
OBD CLA HF . 30.39 -74.59 11.37
CBD CLA HF . 31.16 -72.90 9.76
CGD CLA HF . 31.29 -73.93 8.68
O1D CLA HF . 30.34 -74.61 8.35
O2D CLA HF . 32.52 -74.14 7.98
CED CLA HF . 32.42 -74.38 6.58
MG CLA IF . 41.06 -64.61 15.74
CHA CLA IF . 40.51 -66.29 18.74
CHB CLA IF . 43.95 -63.42 17.12
CHC CLA IF . 41.63 -63.03 12.82
CHD CLA IF . 38.00 -65.83 14.48
NA CLA IF . 42.14 -64.83 17.67
C1A CLA IF . 41.79 -65.50 18.70
C2A CLA IF . 42.73 -65.39 19.86
C3A CLA IF . 43.77 -64.44 19.29
C4A CLA IF . 43.27 -64.22 17.93
CMA CLA IF . 44.12 -63.18 20.05
CAA CLA IF . 43.40 -66.72 20.16
CBA CLA IF . 44.54 -67.11 19.23
CGA CLA IF . 44.89 -68.54 19.50
O1A CLA IF . 44.11 -69.36 19.91
O2A CLA IF . 46.08 -69.08 19.35
NB CLA IF . 42.57 -63.40 15.08
C1B CLA IF . 43.67 -63.02 15.75
C2B CLA IF . 44.57 -62.14 14.99
C3B CLA IF . 43.86 -62.03 13.73
C4B CLA IF . 42.63 -62.85 13.88
CMB CLA IF . 45.86 -61.55 15.49
CAB CLA IF . 44.19 -61.29 12.48
CBB CLA IF . 45.15 -60.42 12.39
NC CLA IF . 40.02 -64.54 13.89
C1C CLA IF . 40.37 -63.79 12.85
C2C CLA IF . 39.42 -63.77 11.72
C3C CLA IF . 38.38 -64.65 12.21
C4C CLA IF . 38.84 -65.07 13.55
CMC CLA IF . 39.52 -63.05 10.42
CAC CLA IF . 37.10 -65.06 11.52
CBC CLA IF . 36.03 -64.03 11.81
ND CLA IF . 39.53 -65.74 16.34
C1D CLA IF . 38.42 -66.23 15.82
C2D CLA IF . 37.67 -67.16 16.72
C3D CLA IF . 38.58 -67.14 17.87
C4D CLA IF . 39.60 -66.34 17.59
CMD CLA IF . 36.42 -67.97 16.69
CAD CLA IF . 38.71 -67.71 19.22
OBD CLA IF . 37.94 -68.59 19.73
CBD CLA IF . 39.91 -67.11 19.86
CGD CLA IF . 39.46 -66.23 20.98
O1D CLA IF . 38.58 -65.43 20.82
O2D CLA IF . 40.04 -66.33 22.30
CED CLA IF . 39.19 -66.06 23.40
C1 CLA IF . 47.19 -68.51 18.34
C2 CLA IF . 47.24 -68.86 16.88
C3 CLA IF . 48.36 -69.33 16.33
C4 CLA IF . 49.59 -69.55 17.18
C5 CLA IF . 48.41 -69.68 14.87
C6 CLA IF . 47.89 -71.09 14.65
C7 CLA IF . 46.64 -71.07 13.77
C8 CLA IF . 46.70 -72.16 12.71
C9 CLA IF . 46.50 -71.57 11.33
C10 CLA IF . 45.64 -73.21 13.02
C11 CLA IF . 45.92 -74.51 12.27
C12 CLA IF . 46.46 -75.58 13.20
C13 CLA IF . 47.98 -75.72 13.08
C14 CLA IF . 48.35 -77.00 12.33
C15 CLA IF . 48.61 -75.69 14.46
MG CLA JF . 43.56 -53.47 18.72
CHA CLA JF . 45.52 -50.75 17.91
CHB CLA JF . 45.11 -55.14 16.16
CHC CLA JF . 41.79 -56.17 19.60
CHD CLA JF . 42.05 -51.62 21.34
NA CLA JF . 45.13 -53.04 17.22
C1A CLA JF . 45.75 -51.94 17.07
C2A CLA JF . 46.76 -51.96 15.98
C3A CLA JF . 46.52 -53.32 15.40
C4A CLA JF . 45.54 -53.89 16.33
CMA CLA JF . 46.05 -53.26 13.99
CAA CLA JF . 48.10 -52.15 16.67
CBA CLA JF . 49.12 -51.13 16.24
CGA CLA JF . 49.51 -51.44 14.82
O1A CLA JF . 49.87 -52.55 14.45
O2A CLA JF . 49.48 -50.57 13.84
NB CLA JF . 43.49 -55.38 17.98
C1B CLA JF . 44.12 -55.90 16.93
C2B CLA JF . 43.76 -57.30 16.62
C3B CLA JF . 42.77 -57.56 17.66
C4B CLA JF . 42.67 -56.33 18.45
CMB CLA JF . 44.28 -58.18 15.53
CAB CLA JF . 41.98 -58.76 17.96
CBB CLA JF . 42.45 -59.98 17.80
NC CLA JF . 42.17 -53.85 20.27
C1C CLA JF . 41.47 -54.96 20.35
C2C CLA JF . 40.31 -54.92 21.23
C3C CLA JF . 40.39 -53.57 21.76
C4C CLA JF . 41.56 -52.99 21.09
CMC CLA JF . 39.33 -56.01 21.52
CAC CLA JF . 39.45 -52.91 22.71
CBC CLA JF . 38.47 -52.09 21.91
ND CLA JF . 43.64 -51.66 19.54
C1D CLA JF . 43.07 -50.99 20.53
C2D CLA JF . 43.56 -49.60 20.70
C3D CLA JF . 44.54 -49.57 19.61
C4D CLA JF . 44.53 -50.75 19.01
CMD CLA JF . 43.34 -48.42 21.58
CAD CLA JF . 45.51 -48.68 18.98
OBD CLA JF . 45.67 -47.45 19.26
CBD CLA JF . 46.17 -49.39 17.86
CGD CLA JF . 45.88 -48.65 16.61
O1D CLA JF . 46.54 -48.81 15.60
O2D CLA JF . 44.79 -47.71 16.53
CED CLA JF . 44.30 -47.38 15.24
C1 CLA JF . 50.37 -50.81 12.53
C2 CLA JF . 51.88 -50.81 12.57
C3 CLA JF . 52.56 -51.37 11.57
C4 CLA JF . 51.79 -51.99 10.45
C5 CLA JF . 54.07 -51.39 11.56
C6 CLA JF . 54.58 -52.66 10.90
C7 CLA JF . 55.97 -53.03 11.39
C8 CLA JF . 57.06 -52.11 10.82
C9 CLA JF . 56.91 -51.99 9.31
C10 CLA JF . 58.45 -52.63 11.14
C11 CLA JF . 59.53 -51.71 10.59
C12 CLA JF . 60.94 -52.21 10.92
C13 CLA JF . 61.16 -52.35 12.43
C14 CLA JF . 62.22 -51.40 12.94
C15 CLA JF . 61.57 -53.79 12.74
MG CLA KF . 44.90 -55.13 9.61
CHA CLA KF . 42.65 -57.49 10.86
CHB CLA KF . 43.36 -52.83 11.60
CHC CLA KF . 47.25 -52.93 8.61
CHD CLA KF . 46.38 -57.63 7.64
NA CLA KF . 43.22 -55.13 11.07
C1A CLA KF . 42.47 -56.11 11.38
C2A CLA KF . 41.37 -55.73 12.31
C3A CLA KF . 41.60 -54.25 12.46
C4A CLA KF . 42.82 -54.05 11.67
CMA CLA KF . 40.45 -53.38 12.00
CAA CLA KF . 41.67 -56.32 13.67
CBA CLA KF . 40.62 -55.92 14.68
CGA CLA KF . 39.53 -56.94 14.77
O1A CLA KF . 39.68 -58.13 14.70
O2A CLA KF . 38.26 -56.66 14.95
NB CLA KF . 45.25 -53.16 10.07
C1B CLA KF . 44.53 -52.35 10.85
C2B CLA KF . 45.01 -50.96 10.90
C3B CLA KF . 46.16 -51.03 9.99
C4B CLA KF . 46.23 -52.43 9.54
CMB CLA KF . 44.46 -49.80 11.66
CAB CLA KF . 47.13 -50.00 9.56
CBB CLA KF . 47.64 -49.12 10.39
NC CLA KF . 46.59 -55.28 8.37
C1C CLA KF . 47.38 -54.26 8.02
C2C CLA KF . 48.38 -54.56 6.99
C3C CLA KF . 48.10 -55.96 6.74
C4C CLA KF . 47.00 -56.30 7.63
CMC CLA KF . 49.39 -53.64 6.39
CAC CLA KF . 48.72 -56.93 5.81
CBC CLA KF . 47.95 -56.87 4.52
ND CLA KF . 44.71 -57.08 9.27
C1D CLA KF . 45.27 -58.00 8.48
C2D CLA KF . 44.63 -59.34 8.51
C3D CLA KF . 43.60 -59.06 9.50
C4D CLA KF . 43.69 -57.79 9.87
CMD CLA KF . 44.80 -60.69 7.87
CAD CLA KF . 42.49 -59.74 10.18
OBD CLA KF . 41.92 -60.80 9.79
CBD CLA KF . 41.94 -58.79 11.18
CGD CLA KF . 40.47 -58.74 10.96
O1D CLA KF . 39.71 -59.30 11.72
O2D CLA KF . 39.92 -58.03 9.82
CED CLA KF . 38.62 -57.47 9.92
C1 CLA KF . 37.25 -56.60 13.71
C2 CLA KF . 37.30 -55.47 12.71
C3 CLA KF . 36.19 -55.09 12.08
C4 CLA KF . 34.90 -55.78 12.36
C5 CLA KF . 36.24 -53.96 11.10
C6 CLA KF . 36.48 -54.48 9.70
C7 CLA KF . 36.67 -53.28 8.79
C8 CLA KF . 37.33 -53.57 7.45
C9 CLA KF . 38.18 -54.82 7.48
C10 CLA KF . 38.16 -52.37 7.05
C11 CLA KF . 39.16 -52.04 8.14
C12 CLA KF . 40.29 -51.16 7.63
C13 CLA KF . 41.62 -51.88 7.79
C14 CLA KF . 42.79 -50.94 7.64
C15 CLA KF . 41.70 -52.96 6.73
C16 CLA KF . 42.64 -54.06 7.16
C17 CLA KF . 43.12 -54.83 5.94
C18 CLA KF . 42.83 -56.31 6.11
C19 CLA KF . 41.44 -56.56 6.65
C20 CLA KF . 43.04 -57.03 4.79
MG CLA LF . 53.84 -65.92 -1.79
CHA CLA LF . 53.93 -67.72 -4.75
CHB CLA LF . 50.81 -64.66 -2.83
CHC CLA LF . 53.68 -64.26 1.13
CHD CLA LF . 56.94 -67.31 -0.83
NA CLA LF . 52.50 -66.14 -3.55
C1A CLA LF . 52.71 -66.87 -4.58
C2A CLA LF . 51.63 -66.80 -5.61
C3A CLA LF . 50.69 -65.79 -4.99
C4A CLA LF . 51.37 -65.51 -3.70
CMA CLA LF . 50.30 -64.62 -5.86
CAA CLA LF . 50.82 -68.09 -5.65
CBA CLA LF . 50.77 -68.81 -4.32
CGA CLA LF . 49.61 -69.76 -4.25
O1A CLA LF . 49.27 -70.51 -5.15
O2A CLA LF . 48.82 -69.89 -3.21
NB CLA LF . 52.43 -64.65 -0.98
C1B CLA LF . 51.30 -64.22 -1.52
C2B CLA LF . 50.54 -63.28 -0.67
C3B CLA LF . 51.42 -63.18 0.49
C4B CLA LF . 52.56 -64.06 0.20
CMB CLA LF . 49.22 -62.62 -0.98
CAB CLA LF . 51.30 -62.41 1.74
CBB CLA LF . 50.73 -61.23 1.78
NC CLA LF . 55.10 -65.83 -0.10
C1C CLA LF . 54.90 -65.07 0.98
C2C CLA LF . 55.94 -65.09 2.00
C3C CLA LF . 56.90 -66.00 1.43
C4C CLA LF . 56.29 -66.40 0.14
CMC CLA LF . 55.98 -64.36 3.31
CAC CLA LF . 58.21 -66.45 2.02
CBC CLA LF . 58.06 -67.85 2.57
ND CLA LF . 55.20 -67.20 -2.49
C1D CLA LF . 56.36 -67.70 -2.12
C2D CLA LF . 56.99 -68.63 -3.10
C3D CLA LF . 55.96 -68.59 -4.14
C4D CLA LF . 54.99 -67.77 -3.73
CMD CLA LF . 58.23 -69.47 -3.24
CAD CLA LF . 55.65 -69.14 -5.46
OBD CLA LF . 56.41 -69.92 -6.14
CBD CLA LF . 54.32 -68.62 -5.89
CGD CLA LF . 54.48 -67.84 -7.15
O1D CLA LF . 54.61 -66.63 -7.11
O2D CLA LF . 54.46 -68.48 -8.44
CED CLA LF . 55.28 -67.97 -9.48
MG CLA MF . 47.47 -59.27 -7.18
CHA CLA MF . 49.77 -57.01 -5.85
CHB CLA MF . 48.42 -61.46 -4.71
CHC CLA MF . 45.13 -61.35 -8.35
CHD CLA MF . 46.61 -56.90 -9.66
NA CLA MF . 48.90 -59.27 -5.48
C1A CLA MF . 49.70 -58.34 -5.15
C2A CLA MF . 50.52 -58.66 -3.95
C3A CLA MF . 50.13 -60.09 -3.67
C4A CLA MF . 49.06 -60.29 -4.68
CMA CLA MF . 51.26 -61.09 -3.59
CAA CLA MF . 49.90 -57.81 -2.84
CBA CLA MF . 49.18 -58.56 -1.72
CGA CLA MF . 47.81 -57.99 -1.57
O1A CLA MF . 47.13 -57.56 -2.48
O2A CLA MF . 47.19 -57.92 -0.41
NB CLA MF . 46.87 -61.14 -6.59
C1B CLA MF . 47.36 -61.90 -5.62
C2B CLA MF . 46.71 -63.24 -5.50
C3B CLA MF . 45.75 -63.16 -6.59
C4B CLA MF . 45.92 -61.83 -7.20
CMB CLA MF . 47.02 -64.31 -4.50
CAB CLA MF . 44.75 -64.12 -7.10
CBB CLA MF . 44.45 -65.24 -6.48
NC CLA MF . 46.07 -59.13 -8.76
C1C CLA MF . 45.23 -60.09 -9.11
C2C CLA MF . 44.39 -59.82 -10.28
C3C CLA MF . 44.84 -58.50 -10.66
C4C CLA MF . 45.87 -58.17 -9.66
CMC CLA MF . 43.34 -60.68 -10.92
CAC CLA MF . 44.39 -57.63 -11.81
CBC CLA MF . 45.35 -57.82 -12.95
ND CLA MF . 47.97 -57.43 -7.75
C1D CLA MF . 47.62 -56.55 -8.67
C2D CLA MF . 48.34 -55.25 -8.64
C3D CLA MF . 49.19 -55.51 -7.47
C4D CLA MF . 48.93 -56.74 -7.03
CMD CLA MF . 48.36 -53.96 -9.40
CAD CLA MF . 50.22 -54.85 -6.68
OBD CLA MF . 50.49 -53.61 -6.71
CBD CLA MF . 50.55 -55.75 -5.54
CGD CLA MF . 52.03 -55.93 -5.46
O1D CLA MF . 52.71 -55.02 -5.04
O2D CLA MF . 52.71 -57.14 -5.86
CED CLA MF . 53.85 -57.53 -5.11
C1 CLA MF . 46.69 -59.24 0.31
C2 CLA MF . 46.39 -59.19 1.78
C3 CLA MF . 46.03 -60.30 2.43
C4 CLA MF . 45.89 -61.61 1.71
C5 CLA MF . 45.74 -60.21 3.91
C6 CLA MF . 46.43 -61.37 4.61
C7 CLA MF . 47.93 -61.15 4.66
C8 CLA MF . 48.65 -62.47 4.89
C9 CLA MF . 48.02 -63.59 4.06
C10 CLA MF . 48.62 -62.78 6.37
C11 CLA MF . 49.10 -64.19 6.65
C12 CLA MF . 48.09 -64.95 7.51
C13 CLA MF . 48.74 -65.64 8.71
C14 CLA MF . 50.11 -66.21 8.36
C15 CLA MF . 47.82 -66.75 9.20
MG CLA NF . 43.42 -67.67 -10.98
CHA CLA NF . 46.52 -67.22 -9.49
CHB CLA NF . 43.44 -70.85 -9.75
CHC CLA NF . 40.41 -68.07 -12.44
CHD CLA NF . 43.52 -64.34 -12.20
NA CLA NF . 44.79 -68.92 -9.76
C1A CLA NF . 45.93 -68.59 -9.29
C2A CLA NF . 46.64 -69.70 -8.58
C3A CLA NF . 45.65 -70.83 -8.73
C4A CLA NF . 44.55 -70.17 -9.46
CMA CLA NF . 46.18 -72.11 -9.32
CAA CLA NF . 46.79 -69.45 -7.08
CBA CLA NF . 45.61 -68.70 -6.51
CGA CLA NF . 45.86 -68.43 -5.04
O1A CLA NF . 46.95 -68.16 -4.57
O2A CLA NF . 44.94 -68.45 -4.11
NB CLA NF . 42.12 -69.25 -11.08
C1B CLA NF . 42.25 -70.44 -10.50
C2B CLA NF . 41.07 -71.33 -10.71
C3B CLA NF . 40.22 -70.47 -11.50
C4B CLA NF . 40.94 -69.21 -11.69
CMB CLA NF . 40.82 -72.73 -10.21
CAB CLA NF . 38.88 -70.76 -12.04
CBB CLA NF . 38.75 -71.02 -13.32
NC CLA NF . 42.12 -66.37 -12.06
C1C CLA NF . 40.95 -66.71 -12.58
C2C CLA NF . 40.22 -65.66 -13.31
C3C CLA NF . 41.13 -64.54 -13.18
C4C CLA NF . 42.27 -65.08 -12.41
CMC CLA NF . 38.90 -65.74 -13.99
CAC CLA NF . 40.97 -63.14 -13.71
CBC CLA NF . 40.48 -62.24 -12.62
ND CLA NF . 44.61 -66.07 -10.94
C1D CLA NF . 44.64 -64.84 -11.42
C2D CLA NF . 45.86 -64.08 -11.09
C3D CLA NF . 46.58 -65.09 -10.32
C4D CLA NF . 45.82 -66.18 -10.26
CMD CLA NF . 46.42 -62.73 -11.36
CAD CLA NF . 47.83 -65.28 -9.58
OBD CLA NF . 48.77 -64.43 -9.51
CBD CLA NF . 47.83 -66.65 -9.02
CGD CLA NF . 48.94 -67.42 -9.65
O1D CLA NF . 48.85 -67.77 -10.82
O2D CLA NF . 50.12 -67.76 -8.90
CED CLA NF . 51.40 -67.38 -9.39
MG CLA OF . 58.84 -58.02 26.21
CHA CLA OF . 59.71 -58.87 29.45
CHB CLA OF . 57.18 -55.31 27.52
CHC CLA OF . 58.11 -57.10 23.05
CHD CLA OF . 60.49 -60.91 24.99
NA CLA OF . 58.47 -57.15 28.21
C1A CLA OF . 58.87 -57.62 29.34
C2A CLA OF . 58.42 -56.82 30.52
C3A CLA OF . 57.60 -55.74 29.87
C4A CLA OF . 57.75 -56.08 28.44
CMA CLA OF . 56.19 -55.59 30.40
CAA CLA OF . 59.60 -56.09 31.17
CBA CLA OF . 60.55 -55.45 30.17
CGA CLA OF . 61.34 -54.36 30.83
O1A CLA OF . 62.19 -53.68 30.27
O2A CLA OF . 61.22 -54.01 32.09
NB CLA OF . 57.80 -56.43 25.42
C1B CLA OF . 57.19 -55.44 26.06
C2B CLA OF . 56.52 -54.45 25.19
C3B CLA OF . 56.80 -55.02 23.87
C4B CLA OF . 57.60 -56.24 24.11
CMB CLA OF . 55.76 -53.23 25.63
CAB CLA OF . 56.45 -54.56 22.51
CBB CLA OF . 55.61 -53.59 22.27
NC CLA OF . 59.27 -58.87 24.31
C1C CLA OF . 58.92 -58.33 23.15
C2C CLA OF . 59.39 -59.04 21.96
C3C CLA OF . 60.12 -60.15 22.55
C4C CLA OF . 59.98 -59.96 24.00
CMC CLA OF . 59.19 -58.69 20.52
CAC CLA OF . 60.86 -61.26 21.85
CBC CLA OF . 59.91 -62.38 21.53
ND CLA OF . 59.88 -59.57 26.91
C1D CLA OF . 60.48 -60.66 26.43
C2D CLA OF . 61.09 -61.54 27.47
C3D CLA OF . 60.74 -60.75 28.66
C4D CLA OF . 60.06 -59.67 28.27
CMD CLA OF . 61.86 -62.83 27.55
CAD CLA OF . 60.88 -60.78 30.12
OBD CLA OF . 61.20 -61.81 30.82
CBD CLA OF . 60.30 -59.52 30.67
CGD CLA OF . 59.24 -59.90 31.64
O1D CLA OF . 58.56 -60.88 31.45
O2D CLA OF . 59.00 -59.08 32.81
CED CLA OF . 59.14 -59.66 34.10
MG CLA PF . 46.64 -68.54 22.78
CHA CLA PF . 43.62 -67.80 24.35
CHB CLA PF . 46.01 -71.84 23.44
CHC CLA PF . 49.47 -69.25 21.11
CHD CLA PF . 47.20 -65.09 22.24
NA CLA PF . 45.02 -69.71 23.76
C1A CLA PF . 43.97 -69.26 24.32
C2A CLA PF . 43.12 -70.33 24.93
C3A CLA PF . 43.91 -71.57 24.67
C4A CLA PF . 45.07 -71.02 23.91
CMA CLA PF . 44.18 -72.46 25.87
CAA CLA PF . 41.82 -70.40 24.11
CBA CLA PF . 41.92 -71.18 22.81
CGA CLA PF . 41.41 -70.36 21.65
O1A CLA PF . 41.76 -69.22 21.45
O2A CLA PF . 40.52 -70.77 20.78
NB CLA PF . 47.59 -70.30 22.33
C1B CLA PF . 47.22 -71.53 22.68
C2B CLA PF . 48.16 -72.59 22.20
C3B CLA PF . 49.17 -71.78 21.54
C4B CLA PF . 48.73 -70.39 21.65
CMB CLA PF . 48.08 -74.07 22.41
CAB CLA PF . 50.41 -72.19 20.83
CBB CLA PF . 50.40 -73.16 19.96
NC CLA PF . 48.09 -67.34 21.80
C1C CLA PF . 49.14 -67.82 21.14
C2C CLA PF . 49.95 -66.83 20.42
C3C CLA PF . 49.25 -65.60 20.74
C4C CLA PF . 48.13 -66.03 21.60
CMC CLA PF . 51.17 -67.06 19.58
CAC CLA PF . 49.58 -64.20 20.31
CBC CLA PF . 48.61 -63.82 19.21
ND CLA PF . 45.73 -66.79 23.13
C1D CLA PF . 45.98 -65.50 22.94
C2D CLA PF . 44.94 -64.58 23.48
C3D CLA PF . 44.03 -65.57 24.03
C4D CLA PF . 44.53 -66.78 23.81
CMD CLA PF . 44.67 -63.11 23.57
CAD CLA PF . 42.75 -65.64 24.75
OBD CLA PF . 41.89 -64.71 24.75
CBD CLA PF . 42.40 -67.09 24.90
CGD CLA PF . 42.14 -67.42 26.33
O1D CLA PF . 42.95 -67.19 27.21
O2D CLA PF . 40.89 -68.05 26.71
CED CLA PF . 40.16 -67.52 27.81
C1 CLA PF . 40.70 -70.57 19.20
C2 CLA PF . 41.53 -71.48 18.33
C3 CLA PF . 42.23 -71.00 17.31
C4 CLA PF . 43.04 -71.94 16.47
C5 CLA PF . 42.23 -69.52 17.00
C6 CLA PF . 43.23 -69.21 15.89
C7 CLA PF . 42.79 -68.00 15.07
C8 CLA PF . 44.02 -67.38 14.43
C9 CLA PF . 44.81 -66.58 15.45
C10 CLA PF . 43.59 -66.52 13.25
C11 CLA PF . 44.64 -65.48 12.91
C12 CLA PF . 45.21 -65.68 11.52
C13 CLA PF . 44.13 -65.60 10.45
C14 CLA PF . 44.16 -66.88 9.62
C15 CLA PF . 44.33 -64.32 9.65
C16 CLA PF . 44.22 -64.54 8.15
C17 CLA PF . 42.85 -64.12 7.62
C18 CLA PF . 42.81 -64.28 6.10
C19 CLA PF . 42.27 -65.64 5.71
C20 CLA PF . 41.99 -63.15 5.47
MG CLA QF . 62.31 -47.74 29.28
CHA CLA QF . 59.94 -49.19 31.34
CHB CLA QF . 62.66 -45.31 31.68
CHC CLA QF . 64.69 -46.39 27.32
CHD CLA QF . 61.82 -50.32 26.90
NA CLA QF . 61.44 -47.28 31.28
C1A CLA QF . 60.54 -47.94 31.89
C2A CLA QF . 60.11 -47.33 33.19
C3A CLA QF . 60.96 -46.09 33.24
C4A CLA QF . 61.75 -46.23 31.99
CMA CLA QF . 60.20 -44.79 33.44
CAA CLA QF . 60.46 -48.15 34.42
CBA CLA QF . 61.72 -48.96 34.24
CGA CLA QF . 61.61 -50.18 35.11
O1A CLA QF . 61.27 -50.17 36.28
O2A CLA QF . 61.87 -51.41 34.71
NB CLA QF . 63.52 -46.09 29.48
C1B CLA QF . 63.53 -45.21 30.50
C2B CLA QF . 64.50 -44.11 30.32
C3B CLA QF . 65.09 -44.44 29.03
C4B CLA QF . 64.42 -45.68 28.58
CMB CLA QF . 64.80 -42.97 31.24
CAB CLA QF . 66.13 -43.68 28.33
CBB CLA QF . 67.27 -44.24 27.99
NC CLA QF . 63.17 -48.32 27.43
C1C CLA QF . 64.09 -47.62 26.77
C2C CLA QF . 64.48 -48.16 25.46
C3C CLA QF . 63.65 -49.35 25.37
C4C CLA QF . 62.88 -49.34 26.63
CMC CLA QF . 65.50 -47.63 24.49
CAC CLA QF . 63.56 -50.36 24.26
CBC CLA QF . 64.36 -51.58 24.64
ND CLA QF . 61.22 -49.39 29.04
C1D CLA QF . 61.04 -50.34 28.14
C2D CLA QF . 60.00 -51.35 28.47
C3D CLA QF . 59.61 -50.84 29.78
C4D CLA QF . 60.33 -49.74 30.04
CMD CLA QF . 59.39 -52.58 27.87
CAD CLA QF . 58.67 -51.12 30.88
OBD CLA QF . 57.66 -51.91 30.79
CBD CLA QF . 58.86 -50.08 31.92
CGD CLA QF . 57.58 -49.32 32.10
O1D CLA QF . 57.40 -48.24 31.59
O2D CLA QF . 56.53 -49.85 32.94
CED CLA QF . 55.22 -49.35 32.73
MG CLA RF . 55.26 -50.19 23.39
CHA CLA RF . 52.63 -51.37 21.47
CHB CLA RF . 57.09 -50.04 20.48
CHC CLA RF . 57.77 -48.92 25.20
CHD CLA RF . 53.22 -50.33 26.29
NA CLA RF . 54.93 -50.64 21.23
C1A CLA RF . 53.88 -51.09 20.68
C2A CLA RF . 54.02 -51.34 19.21
C3A CLA RF . 55.44 -50.94 18.97
C4A CLA RF . 55.85 -50.50 20.31
CMA CLA RF . 56.33 -51.98 18.31
CAA CLA RF . 53.18 -50.36 18.42
CBA CLA RF . 52.96 -50.85 17.00
CGA CLA RF . 53.29 -49.70 16.08
O1A CLA RF . 52.83 -48.58 16.20
O2A CLA RF . 54.09 -49.78 15.04
NB CLA RF . 57.16 -49.56 22.89
C1B CLA RF . 57.75 -49.57 21.70
C2B CLA RF . 59.15 -49.09 21.70
C3B CLA RF . 59.32 -48.77 23.11
C4B CLA RF . 58.04 -49.09 23.78
CMB CLA RF . 60.07 -48.99 20.53
CAB CLA RF . 60.49 -48.22 23.83
CBB CLA RF . 61.28 -47.32 23.27
NC CLA RF . 55.45 -49.67 25.43
C1C CLA RF . 56.55 -49.21 25.99
C2C CLA RF . 56.50 -48.98 27.44
C3C CLA RF . 55.14 -49.38 27.75
C4C CLA RF . 54.59 -49.80 26.44
CMC CLA RF . 57.54 -48.45 28.35
CAC CLA RF . 54.48 -49.40 29.09
CBC CLA RF . 53.66 -48.16 29.32
ND CLA RF . 53.40 -50.66 23.90
C1D CLA RF . 52.66 -50.76 25.00
C2D CLA RF . 51.30 -51.31 24.81
C3D CLA RF . 51.35 -51.53 23.37
C4D CLA RF . 52.56 -51.15 22.92
CMD CLA RF . 50.09 -51.63 25.63
CAD CLA RF . 50.53 -52.03 22.27
OBD CLA RF . 49.52 -52.80 22.43
CBD CLA RF . 51.30 -51.90 21.01
CGD CLA RF . 51.48 -53.25 20.42
O1D CLA RF . 51.60 -53.42 19.23
O2D CLA RF . 51.55 -54.42 21.26
CED CLA RF . 52.45 -55.41 20.83
C1 CLA RF . 55.13 -50.99 14.94
C2 CLA RF . 56.62 -50.79 14.99
C3 CLA RF . 57.41 -51.86 15.00
C4 CLA RF . 58.44 -50.78 15.04
C5 CLA RF . 58.66 -52.69 15.03
C6 CLA RF . 58.52 -53.78 16.08
C7 CLA RF . 59.88 -54.12 16.66
C8 CLA RF . 59.87 -54.34 18.17
C9 CLA RF . 58.55 -54.94 18.66
C10 CLA RF . 60.14 -53.02 18.88
C11 CLA RF . 61.47 -52.41 18.44
C12 CLA RF . 62.64 -53.15 19.07
C13 CLA RF . 63.85 -52.23 19.23
C14 CLA RF . 64.92 -52.55 18.21
C15 CLA RF . 64.39 -52.38 20.65
MG CLA SF . 69.64 -49.89 7.27
CHA CLA SF . 70.25 -52.07 4.64
CHB CLA SF . 66.29 -50.54 6.84
CHC CLA SF . 69.03 -47.83 9.85
CHD CLA SF . 73.10 -49.16 7.51
NA CLA SF . 68.39 -51.15 5.92
C1A CLA SF . 68.79 -51.90 4.98
C2A CLA SF . 67.67 -52.58 4.23
C3A CLA SF . 66.45 -52.05 4.95
C4A CLA SF . 67.08 -51.19 5.98
CMA CLA SF . 65.33 -51.43 4.13
CAA CLA SF . 67.70 -54.10 4.36
CBA CLA SF . 67.17 -54.65 5.68
CGA CLA SF . 67.68 -56.07 5.78
O1A CLA SF . 68.78 -56.41 5.43
O2A CLA SF . 67.00 -57.09 6.24
NB CLA SF . 67.90 -49.28 8.20
C1B CLA SF . 66.65 -49.63 7.92
C2B CLA SF . 65.62 -49.02 8.80
C3B CLA SF . 66.47 -48.22 9.69
C4B CLA SF . 67.85 -48.45 9.24
CMB CLA SF . 64.13 -49.21 8.75
CAB CLA SF . 66.13 -47.33 10.82
CBB CLA SF . 65.02 -47.44 11.52
NC CLA SF . 70.90 -48.79 8.57
C1C CLA SF . 70.46 -47.98 9.53
C2C CLA SF . 71.48 -47.22 10.25
C3C CLA SF . 72.69 -47.68 9.61
C4C CLA SF . 72.22 -48.63 8.57
CMC CLA SF . 71.25 -46.25 11.37
CAC CLA SF . 74.12 -47.29 9.89
CBC CLA SF . 74.47 -46.05 9.12
ND CLA SF . 71.35 -50.38 6.38
C1D CLA SF . 72.64 -50.12 6.51
C2D CLA SF . 73.53 -50.85 5.55
C3D CLA SF . 72.49 -51.61 4.83
C4D CLA SF . 71.30 -51.31 5.34
CMD CLA SF . 74.98 -50.96 5.22
CAD CLA SF . 72.36 -52.58 3.74
OBD CLA SF . 73.33 -53.13 3.10
CBD CLA SF . 70.93 -52.96 3.63
CGD CLA SF . 70.47 -52.65 2.24
O1D CLA SF . 70.39 -53.54 1.42
O2D CLA SF . 70.12 -51.31 1.86
CED CLA SF . 69.00 -51.11 1.01
C1 CLA SF . 67.44 -57.88 7.56
C2 CLA SF . 68.58 -57.36 8.42
C3 CLA SF . 69.54 -58.17 8.89
C4 CLA SF . 69.55 -59.62 8.55
C5 CLA SF . 70.63 -57.58 9.75
C6 CLA SF . 70.14 -56.33 10.47
C7 CLA SF . 69.47 -56.66 11.79
C8 CLA SF . 69.33 -55.41 12.64
C9 CLA SF . 70.31 -55.43 13.80
C10 CLA SF . 67.89 -55.29 13.14
MG CLA TF . 76.44 -41.36 11.18
CHA CLA TF . 79.79 -41.74 10.38
CHB CLA TF . 76.52 -44.58 12.34
CHC CLA TF . 73.21 -40.96 12.00
CHD CLA TF . 76.51 -38.03 9.93
NA CLA TF . 77.96 -42.99 11.37
C1A CLA TF . 79.18 -42.95 11.00
C2A CLA TF . 79.92 -44.24 11.23
C3A CLA TF . 78.84 -45.11 11.83
C4A CLA TF . 77.69 -44.18 11.85
CMA CLA TF . 78.64 -46.53 11.31
CAA CLA TF . 81.01 -44.11 12.29
CBA CLA TF . 80.71 -43.05 13.34
CGA CLA TF . 80.33 -43.69 14.66
O1A CLA TF . 80.89 -44.65 15.16
O2A CLA TF . 79.33 -43.27 15.42
NB CLA TF . 75.06 -42.60 12.05
C1B CLA TF . 75.26 -43.86 12.47
C2B CLA TF . 74.07 -44.49 13.07
C3B CLA TF . 73.09 -43.41 12.97
C4B CLA TF . 73.79 -42.28 12.32
CMB CLA TF . 73.95 -45.87 13.65
CAB CLA TF . 71.68 -43.48 13.41
CBB CLA TF . 71.16 -42.57 14.18
NC CLA TF . 75.10 -39.72 11.05
C1C CLA TF . 73.83 -39.75 11.44
C2C CLA TF . 73.10 -38.50 11.29
C3C CLA TF . 74.10 -37.61 10.72
C4C CLA TF . 75.30 -38.47 10.61
CMC CLA TF . 71.68 -38.19 11.65
CAC CLA TF . 73.98 -36.17 10.33
CBC CLA TF . 74.27 -35.32 11.55
ND CLA TF . 77.72 -40.07 10.36
C1D CLA TF . 77.74 -38.84 9.88
C2D CLA TF . 79.03 -38.39 9.30
C3D CLA TF . 79.80 -39.60 9.53
C4D CLA TF . 79.02 -40.50 10.13
CMD CLA TF . 79.60 -37.17 8.63
CAD CLA TF . 81.14 -40.13 9.33
OBD CLA TF . 82.17 -39.37 9.24
CBD CLA TF . 81.20 -41.51 9.88
CGD CLA TF . 81.58 -42.45 8.80
O1D CLA TF . 82.16 -43.49 9.05
O2D CLA TF . 81.27 -42.17 7.42
CED CLA TF . 81.00 -43.27 6.56
MG CLA UF . 75.89 -55.29 6.30
CHA CLA UF . 76.55 -57.93 4.12
CHB CLA UF . 72.56 -55.95 5.82
CHC CLA UF . 75.22 -52.82 8.50
CHD CLA UF . 79.37 -54.77 6.79
NA CLA UF . 74.67 -56.75 5.14
C1A CLA UF . 75.09 -57.67 4.35
C2A CLA UF . 73.98 -58.43 3.68
C3A CLA UF . 72.75 -57.73 4.22
C4A CLA UF . 73.36 -56.76 5.14
CMA CLA UF . 71.79 -57.14 3.23
CAA CLA UF . 73.96 -59.91 4.09
CBA CLA UF . 73.12 -60.25 5.30
CGA CLA UF . 73.46 -61.64 5.75
O1A CLA UF . 73.32 -62.64 5.08
O2A CLA UF . 73.96 -61.93 6.94
NB CLA UF . 74.14 -54.51 7.04
C1B CLA UF . 72.90 -54.88 6.75
C2B CLA UF . 71.86 -54.08 7.44
C3B CLA UF . 72.65 -53.17 8.23
C4B CLA UF . 74.06 -53.50 7.92
CMB CLA UF . 70.38 -54.23 7.33
CAB CLA UF . 72.17 -52.11 9.14
CBB CLA UF . 72.41 -52.15 10.43
NC CLA UF . 77.11 -54.01 7.47
C1C CLA UF . 76.65 -53.06 8.27
C2C CLA UF . 77.64 -52.22 8.94
C3C CLA UF . 78.88 -52.79 8.43
C4C CLA UF . 78.44 -53.89 7.53
CMC CLA UF . 77.39 -51.08 9.89
CAC CLA UF . 80.29 -52.37 8.74
CBC CLA UF . 80.51 -51.00 8.12
ND CLA UF . 77.62 -56.08 5.72
C1D CLA UF . 78.93 -55.83 5.86
C2D CLA UF . 79.82 -56.68 5.03
C3D CLA UF . 78.79 -57.49 4.36
C4D CLA UF . 77.59 -57.11 4.78
CMD CLA UF . 81.28 -56.88 4.76
CAD CLA UF . 78.68 -58.59 3.39
OBD CLA UF . 79.64 -59.17 2.77
CBD CLA UF . 77.24 -58.95 3.27
CGD CLA UF . 76.86 -58.86 1.83
O1D CLA UF . 77.12 -59.78 1.07
O2D CLA UF . 76.16 -57.70 1.30
CED CLA UF . 75.20 -57.91 0.27
MG CLA VF . 68.92 -27.92 10.83
CHA CLA VF . 69.85 -25.65 8.38
CHB CLA VF . 71.99 -29.40 10.41
CHC CLA VF . 68.03 -30.12 13.25
CHD CLA VF . 65.78 -26.34 11.12
NA CLA VF . 70.72 -27.59 9.57
C1A CLA VF . 70.90 -26.67 8.70
C2A CLA VF . 72.23 -26.74 8.01
C3A CLA VF . 72.83 -27.97 8.64
C4A CLA VF . 71.79 -28.35 9.61
CMA CLA VF . 73.35 -29.05 7.73
CAA CLA VF . 73.22 -25.62 8.32
CBA CLA VF . 72.87 -24.47 9.26
CGA CLA VF . 72.70 -24.92 10.69
O1A CLA VF . 73.17 -25.93 11.16
O2A CLA VF . 72.04 -24.23 11.60
NB CLA VF . 69.88 -29.52 11.69
C1B CLA VF . 71.10 -29.98 11.42
C2B CLA VF . 71.51 -31.15 12.24
C3B CLA VF . 70.31 -31.33 13.06
C4B CLA VF . 69.37 -30.28 12.65
CMB CLA VF . 72.81 -31.89 12.17
CAB CLA VF . 69.98 -32.31 14.13
CBB CLA VF . 70.88 -33.02 14.75
NC CLA VF . 67.20 -28.14 12.06
C1C CLA VF . 67.01 -29.09 12.97
C2C CLA VF . 65.74 -29.04 13.69
C3C CLA VF . 65.10 -27.89 13.09
C4C CLA VF . 66.07 -27.41 12.08
CMC CLA VF . 65.22 -29.93 14.78
CAC CLA VF . 63.75 -27.29 13.41
CBC CLA VF . 62.73 -27.70 12.39
ND CLA VF . 67.92 -26.40 10.03
C1D CLA VF . 66.74 -25.81 10.17
C2D CLA VF . 66.52 -24.63 9.29
C3D CLA VF . 67.80 -24.63 8.60
C4D CLA VF . 68.54 -25.64 9.06
CMD CLA VF . 65.45 -23.61 9.01
CAD CLA VF . 68.53 -23.87 7.58
OBD CLA VF . 68.17 -22.75 7.08
CBD CLA VF . 69.87 -24.50 7.39
CGD CLA VF . 69.97 -24.93 5.97
O1D CLA VF . 69.82 -24.10 5.08
O2D CLA VF . 70.23 -26.30 5.57
CED CLA VF . 71.11 -26.54 4.49
C1 CLA VF . 70.84 -24.89 12.41
C2 CLA VF . 69.45 -24.30 12.43
C3 CLA VF . 68.66 -24.49 13.49
C4 CLA VF . 67.29 -23.89 13.52
C5 CLA VF . 69.15 -25.30 14.66
C6 CLA VF . 68.17 -26.42 14.95
C7 CLA VF . 67.55 -26.26 16.32
C8 CLA VF . 68.22 -27.16 17.35
C9 CLA VF . 68.54 -28.54 16.79
C10 CLA VF . 67.30 -27.28 18.56
C11 CLA VF . 65.97 -27.90 18.17
C12 CLA VF . 64.87 -27.42 19.10
C13 CLA VF . 63.62 -27.04 18.31
C14 CLA VF . 63.59 -25.55 18.02
C15 CLA VF . 62.39 -27.48 19.07
C16 CLA VF . 61.54 -28.39 18.20
C17 CLA VF . 60.15 -27.80 17.95
C18 CLA VF . 59.99 -27.20 16.56
C19 CLA VF . 60.75 -27.97 15.50
C20 CLA VF . 58.52 -27.11 16.17
MG CLA WF . 59.15 -31.48 6.77
CHA CLA WF . 57.21 -32.80 4.23
CHB CLA WF . 61.75 -31.40 4.51
CHC CLA WF . 61.06 -30.17 9.24
CHD CLA WF . 56.44 -31.71 9.01
NA CLA WF . 59.47 -32.01 4.64
C1A CLA WF . 58.63 -32.52 3.84
C2A CLA WF . 59.19 -32.81 2.48
C3A CLA WF . 60.62 -32.43 2.65
C4A CLA WF . 60.62 -31.90 4.02
CMA CLA WF . 61.59 -33.56 2.35
CAA CLA WF . 58.60 -31.81 1.49
CBA CLA WF . 59.50 -30.78 0.81
CGA CLA WF . 59.38 -29.47 1.55
O1A CLA WF . 59.90 -28.43 1.20
O2A CLA WF . 58.68 -29.31 2.66
NB CLA WF . 61.12 -30.88 6.85
C1B CLA WF . 62.01 -30.88 5.85
C2B CLA WF . 63.33 -30.34 6.23
C3B CLA WF . 63.11 -30.00 7.62
C4B CLA WF . 61.71 -30.36 7.93
CMB CLA WF . 64.55 -30.21 5.36
CAB CLA WF . 64.03 -29.39 8.57
CBB CLA WF . 64.44 -28.17 8.31
NC CLA WF . 58.76 -30.89 8.77
C1C CLA WF . 59.69 -30.49 9.64
C2C CLA WF . 59.24 -30.40 11.05
C3C CLA WF . 57.85 -30.79 10.93
C4C CLA WF . 57.66 -31.09 9.51
CMC CLA WF . 60.02 -30.00 12.27
CAC CLA WF . 56.80 -30.91 12.00
CBC CLA WF . 56.40 -29.53 12.46
ND CLA WF . 57.27 -32.10 6.79
C1D CLA WF . 56.24 -32.14 7.63
C2D CLA WF . 54.98 -32.65 7.04
C3D CLA WF . 55.43 -32.89 5.68
C4D CLA WF . 56.72 -32.56 5.60
CMD CLA WF . 53.57 -32.92 7.47
CAD CLA WF . 54.94 -33.38 4.39
OBD CLA WF . 53.76 -33.81 4.14
CBD CLA WF . 56.08 -33.39 3.43
CGD CLA WF . 56.39 -34.80 3.09
O1D CLA WF . 56.71 -35.58 3.95
O2D CLA WF . 56.29 -35.28 1.72
CED CLA WF . 55.60 -36.49 1.47
C1 CLA WF . 58.76 -27.97 3.52
C2 CLA WF . 59.53 -27.86 4.81
C3 CLA WF . 58.93 -27.43 5.93
C4 CLA WF . 57.47 -27.05 5.90
C5 CLA WF . 59.69 -27.31 7.23
C6 CLA WF . 58.75 -27.05 8.40
C7 CLA WF . 59.47 -26.35 9.53
C8 CLA WF . 58.70 -26.52 10.83
C9 CLA WF . 57.26 -26.05 10.68
C10 CLA WF . 59.39 -25.77 11.96
MG CLA XF . 58.94 -40.90 7.49
CHA CLA XF . 59.92 -42.32 4.48
CHB CLA XF . 57.77 -38.22 5.68
CHC CLA XF . 57.93 -39.51 10.39
CHD CLA XF . 60.22 -43.67 9.27
NA CLA XF . 58.84 -40.30 5.35
C1A CLA XF . 59.28 -40.96 4.36
C2A CLA XF . 59.06 -40.27 3.05
C3A CLA XF . 58.46 -38.95 3.47
C4A CLA XF . 58.35 -39.16 4.93
CMA CLA XF . 59.11 -37.67 2.96
CAA CLA XF . 57.95 -41.10 2.40
CBA CLA XF . 56.56 -40.48 2.26
CGA CLA XF . 55.67 -40.61 3.45
O1A CLA XF . 56.00 -41.15 4.49
O2A CLA XF . 54.46 -40.09 3.51
NB CLA XF . 58.00 -39.13 7.95
C1B CLA XF . 57.57 -38.18 7.13
C2B CLA XF . 56.87 -37.06 7.79
C3B CLA XF . 56.94 -37.47 9.18
C4B CLA XF . 57.65 -38.76 9.18
CMB CLA XF . 56.27 -35.86 7.13
CAB CLA XF . 56.43 -36.84 10.43
CBB CLA XF . 55.86 -35.66 10.48
NC CLA XF . 59.00 -41.54 9.51
C1C CLA XF . 58.57 -40.82 10.53
C2C CLA XF . 58.75 -41.41 11.84
C3C CLA XF . 59.39 -42.67 11.52
C4C CLA XF . 59.51 -42.64 10.05
CMC CLA XF . 58.34 -40.81 13.15
CAC CLA XF . 59.84 -43.74 12.46
CBC CLA XF . 58.66 -44.57 12.87
ND CLA XF . 59.90 -42.60 7.13
C1D CLA XF . 60.29 -43.67 7.82
C2D CLA XF . 60.82 -44.78 6.98
C3D CLA XF . 60.64 -44.17 5.66
C4D CLA XF . 60.13 -42.95 5.81
CMD CLA XF . 61.37 -46.16 7.16
CAD CLA XF . 60.85 -44.47 4.24
OBD CLA XF . 61.16 -45.61 3.75
CBD CLA XF . 60.43 -43.29 3.44
CGD CLA XF . 61.60 -42.86 2.61
O1D CLA XF . 62.35 -43.69 2.14
O2D CLA XF . 61.89 -41.48 2.28
CED CLA XF . 62.09 -41.16 0.90
C1 CLA XF . 54.20 -38.72 4.28
C2 CLA XF . 53.95 -38.69 5.76
C3 CLA XF . 53.16 -37.75 6.30
C4 CLA XF . 52.53 -36.73 5.42
C5 CLA XF . 52.88 -37.71 7.77
C6 CLA XF . 53.57 -38.86 8.47
C7 CLA XF . 52.86 -39.25 9.75
C8 CLA XF . 53.69 -38.92 10.98
C9 CLA XF . 53.93 -40.15 11.83
C10 CLA XF . 52.95 -37.84 11.75
C11 CLA XF . 53.44 -37.71 13.18
C12 CLA XF . 52.58 -36.73 13.93
C13 CLA XF . 53.11 -35.31 13.78
C14 CLA XF . 53.62 -34.79 15.11
C15 CLA XF . 51.98 -34.43 13.30
C16 CLA XF . 52.39 -33.68 12.06
C17 CLA XF . 51.15 -33.13 11.37
C18 CLA XF . 51.05 -33.66 9.96
C19 CLA XF . 50.87 -35.16 9.94
C20 CLA XF . 49.92 -33.00 9.20
MG CLA YF . 65.74 -39.47 28.29
CHA CLA YF . 63.58 -39.51 31.01
CHB CLA YF . 67.64 -37.21 30.04
CHC CLA YF . 67.84 -39.43 25.65
CHD CLA YF . 63.64 -41.72 26.56
NA CLA YF . 65.66 -38.47 30.28
C1A CLA YF . 64.77 -38.62 31.18
C2A CLA YF . 65.01 -37.79 32.42
C3A CLA YF . 66.29 -37.07 32.04
C4A CLA YF . 66.56 -37.62 30.70
CMA CLA YF . 66.40 -35.57 32.23
CAA CLA YF . 65.37 -38.62 33.64
CBA CLA YF . 66.02 -39.94 33.27
CGA CLA YF . 66.61 -40.62 34.48
O1A CLA YF . 66.51 -40.21 35.63
O2A CLA YF . 67.29 -41.76 34.45
NB CLA YF . 67.49 -38.46 27.90
C1B CLA YF . 68.12 -37.59 28.69
C2B CLA YF . 69.37 -37.05 28.13
C3B CLA YF . 69.41 -37.69 26.83
C4B CLA YF . 68.21 -38.56 26.77
CMB CLA YF . 70.33 -36.05 28.73
CAB CLA YF . 70.49 -37.51 25.83
CBB CLA YF . 70.29 -37.44 24.53
NC CLA YF . 65.79 -40.53 26.45
C1C CLA YF . 66.67 -40.32 25.47
C2C CLA YF . 66.45 -41.03 24.21
C3C CLA YF . 65.24 -41.76 24.51
C4C CLA YF . 64.91 -41.38 25.90
CMC CLA YF . 67.26 -41.01 22.95
CAC CLA YF . 64.46 -42.68 23.61
CBC CLA YF . 64.67 -44.09 24.08
ND CLA YF . 64.01 -40.42 28.55
C1D CLA YF . 63.27 -41.31 27.91
C2D CLA YF . 62.10 -41.80 28.66
C3D CLA YF . 62.28 -41.03 29.90
C4D CLA YF . 63.37 -40.29 29.77
CMD CLA YF . 60.96 -42.75 28.47
CAD CLA YF . 61.65 -40.85 31.22
OBD CLA YF . 60.97 -41.75 31.80
CBD CLA YF . 62.44 -39.81 31.96
CGD CLA YF . 61.54 -38.65 32.21
O1D CLA YF . 61.14 -38.42 33.33
O2D CLA YF . 61.11 -37.78 31.14
CED CLA YF . 60.83 -36.43 31.46
C1 CLA YF . 68.76 -41.86 33.81
C2 CLA YF . 69.21 -41.02 32.65
C3 CLA YF . 69.85 -41.55 31.60
C4 CLA YF . 70.13 -43.02 31.55
C5 CLA YF . 70.28 -40.66 30.45
C6 CLA YF . 69.96 -41.35 29.13
C7 CLA YF . 70.70 -40.69 27.98
C8 CLA YF . 71.24 -41.69 26.95
C9 CLA YF . 71.22 -41.06 25.57
C10 CLA YF . 70.46 -42.99 26.95
MG CLA ZF . 51.67 -34.11 21.76
CHA CLA ZF . 49.57 -32.93 24.23
CHB CLA ZF . 49.63 -36.88 21.57
CHC CLA ZF . 53.62 -35.22 19.28
CHD CLA ZF . 53.70 -31.20 22.05
NA CLA ZF . 49.81 -34.84 22.75
C1A CLA ZF . 49.17 -34.26 23.67
C2A CLA ZF . 47.97 -35.02 24.14
C3A CLA ZF . 48.09 -36.28 23.31
C4A CLA ZF . 49.26 -35.99 22.47
CMA CLA ZF . 48.25 -37.55 24.09
CAA CLA ZF . 46.70 -34.30 23.70
CBA CLA ZF . 46.65 -34.05 22.20
CGA CLA ZF . 45.85 -32.85 21.77
O1A CLA ZF . 45.07 -32.22 22.46
O2A CLA ZF . 45.96 -32.36 20.55
NB CLA ZF . 51.61 -35.79 20.59
C1B CLA ZF . 50.76 -36.81 20.65
C2B CLA ZF . 51.03 -37.87 19.67
C3B CLA ZF . 52.22 -37.36 19.00
C4B CLA ZF . 52.50 -36.08 19.65
CMB CLA ZF . 50.26 -39.12 19.46
CAB CLA ZF . 53.03 -37.92 17.90
CBB CLA ZF . 52.50 -38.61 16.92
NC CLA ZF . 53.36 -33.31 20.80
C1C CLA ZF . 54.01 -33.93 19.84
C2C CLA ZF . 55.19 -33.29 19.31
C3C CLA ZF . 55.23 -32.05 20.10
C4C CLA ZF . 54.05 -32.18 21.00
CMC CLA ZF . 56.01 -33.88 18.22
CAC CLA ZF . 56.22 -30.92 20.04
CBC CLA ZF . 57.39 -31.18 20.95
ND CLA ZF . 51.75 -32.41 22.81
C1D CLA ZF . 52.52 -31.33 22.90
C2D CLA ZF . 52.06 -30.34 23.92
C3D CLA ZF . 50.87 -31.04 24.41
C4D CLA ZF . 50.75 -32.20 23.75
CMD CLA ZF . 52.48 -29.00 24.44
CAD CLA ZF . 49.78 -30.90 25.39
OBD CLA ZF . 49.66 -29.98 26.26
CBD CLA ZF . 48.92 -32.13 25.33
CGD CLA ZF . 49.01 -32.90 26.60
O1D CLA ZF . 50.00 -32.88 27.29
O2D CLA ZF . 47.89 -33.72 27.01
CED CLA ZF . 47.21 -33.52 28.24
C1 CLA ZF . 44.78 -31.67 19.73
C2 CLA ZF . 43.50 -32.32 19.26
C3 CLA ZF . 43.17 -32.23 17.96
C4 CLA ZF . 44.10 -31.53 17.02
C5 CLA ZF . 41.91 -32.81 17.38
C6 CLA ZF . 41.14 -33.71 18.34
C7 CLA ZF . 39.84 -34.14 17.67
C8 CLA ZF . 39.27 -35.40 18.31
C9 CLA ZF . 40.18 -36.60 18.06
C10 CLA ZF . 37.87 -35.71 17.79
C11 CLA ZF . 37.03 -34.45 17.59
C12 CLA ZF . 35.79 -34.50 18.47
C13 CLA ZF . 34.54 -34.37 17.62
C14 CLA ZF . 34.54 -33.07 16.84
C15 CLA ZF . 33.30 -34.45 18.48
C16 CLA ZF . 33.43 -35.48 19.60
C17 CLA ZF . 32.45 -35.18 20.72
C18 CLA ZF . 32.15 -36.45 21.50
C19 CLA ZF . 31.28 -36.16 22.71
C20 CLA ZF . 31.46 -37.46 20.60
MG CLA AG . 56.70 -27.81 29.70
CHA CLA AG . 57.48 -28.00 33.09
CHB CLA AG . 54.68 -25.16 30.46
CHC CLA AG . 55.98 -27.64 26.41
CHD CLA AG . 58.81 -30.58 29.08
NA CLA AG . 56.14 -26.67 31.54
C1A CLA AG . 56.54 -26.89 32.73
C2A CLA AG . 55.96 -25.93 33.74
C3A CLA AG . 55.05 -25.07 32.86
C4A CLA AG . 55.31 -25.66 31.53
CMA CLA AG . 53.61 -24.81 33.29
CAA CLA AG . 57.07 -25.09 34.38
CBA CLA AG . 57.08 -23.60 34.05
CGA CLA AG . 58.03 -23.36 32.90
O1A CLA AG . 58.26 -24.18 32.02
O2A CLA AG . 58.70 -22.25 32.71
NB CLA AG . 55.50 -26.56 28.60
C1B CLA AG . 54.74 -25.56 29.05
C2B CLA AG . 53.97 -24.87 27.99
C3B CLA AG . 54.38 -25.62 26.80
C4B CLA AG . 55.32 -26.65 27.28
CMB CLA AG . 53.03 -23.71 28.10
CAB CLA AG . 53.93 -25.41 25.41
CBB CLA AG . 54.76 -25.01 24.48
NC CLA AG . 57.38 -28.87 28.00
C1C CLA AG . 56.94 -28.70 26.76
C2C CLA AG . 57.49 -29.61 25.75
C3C CLA AG . 58.36 -30.43 26.56
C4C CLA AG . 58.21 -29.91 27.92
CMC CLA AG . 57.21 -29.67 24.28
CAC CLA AG . 59.23 -31.58 26.14
CBC CLA AG . 60.67 -31.10 26.12
ND CLA AG . 57.91 -29.05 30.70
C1D CLA AG . 58.67 -30.10 30.45
C2D CLA AG . 59.31 -30.74 31.61
C3D CLA AG . 58.79 -29.84 32.64
C4D CLA AG . 58.02 -28.92 32.07
CMD CLA AG . 60.22 -31.90 31.88
CAD CLA AG . 58.85 -29.64 34.10
OBD CLA AG . 58.92 -30.62 34.92
CBD CLA AG . 58.03 -28.43 34.42
CGD CLA AG . 56.91 -28.90 35.28
O1D CLA AG . 57.10 -29.13 36.45
O2D CLA AG . 55.59 -29.10 34.73
CED CLA AG . 54.45 -28.90 35.56
CAA F6C BG . 47.52 -23.05 32.56
CAB F6C BG . 42.77 -22.75 24.51
CAC F6C BG . 49.43 -27.14 22.86
CAD F6C BG . 50.36 -26.74 31.11
NA F6C BG . 46.48 -24.41 29.72
CBA F6C BG . 46.86 -21.82 33.17
CBB F6C BG . 42.22 -23.66 23.76
CBC F6C BG . 48.94 -28.56 22.80
CBD F6C BG . 49.35 -25.93 31.82
NB F6C BG . 45.21 -24.00 27.04
OBD F6C BG . 51.09 -27.63 31.70
CGA F6C BG . 47.12 -20.63 32.29
CGD F6C BG . 48.59 -26.78 32.78
ND F6C BG . 48.61 -25.91 28.09
CED F6C BG . 49.32 -28.28 34.61
CHA F6C BG . 48.42 -25.48 30.70
CHB F6C BG . 44.48 -23.25 29.28
CHC F6C BG . 45.46 -24.47 24.62
CHD F6C BG . 49.52 -26.78 26.03
CMA F6C BG . 44.00 -23.83 32.19
CMB F6C BG . 42.13 -21.90 27.65
CMC F6C BG . 46.63 -25.60 21.90
CMD F6C BG . 51.81 -28.05 28.30
OMB F6C BG . 41.43 -21.26 26.92
C1A F6C BG . 47.16 -24.68 30.77
C1B F6C BG . 44.36 -23.35 27.83
C1C F6C BG . 46.70 -25.24 24.56
C1D F6C BG . 49.56 -26.61 27.49
O1A F6C BG . 48.21 -20.12 32.14
O1D F6C BG . 47.57 -27.32 32.43
C2A F6C BG . 46.58 -24.13 32.04
C2B F6C BG . 43.24 -22.71 27.10
C2C F6C BG . 47.22 -25.74 23.27
C2D F6C BG . 50.58 -27.20 28.39
O2A F6C BG . 46.20 -20.00 31.58
O2D F6C BG . 49.06 -26.96 34.13
C3A F6C BG . 45.32 -23.49 31.53
C3B F6C BG . 43.53 -23.09 25.72
C3C F6C BG . 48.44 -26.40 23.70
C3D F6C BG . 50.07 -26.71 29.68
C4A F6C BG . 45.43 -23.72 30.08
C4B F6C BG . 44.78 -23.89 25.79
C4C F6C BG . 48.48 -26.21 25.17
C4D F6C BG . 48.96 -25.99 29.43
NC F6C BG . 47.43 -25.51 25.63
MG F6C BG . 46.91 -25.01 27.62
MG CLA CG . 38.82 -30.62 24.87
CHA CLA CG . 42.19 -31.13 25.43
CHB CLA CG . 39.50 -27.25 24.79
CHC CLA CG . 35.59 -30.13 24.07
CHD CLA CG . 38.23 -34.11 25.08
NA CLA CG . 40.61 -29.31 25.06
C1A CLA CG . 41.80 -29.69 25.28
C2A CLA CG . 42.78 -28.54 25.45
C3A CLA CG . 41.87 -27.35 25.26
C4A CLA CG . 40.57 -28.00 25.02
CMA CLA CG . 41.93 -26.25 26.30
CAA CLA CG . 43.79 -28.49 24.32
CBA CLA CG . 43.16 -28.81 22.98
CGA CLA CG . 44.19 -28.55 21.91
O1A CLA CG . 45.21 -29.19 21.77
O2A CLA CG . 44.12 -27.57 21.03
NB CLA CG . 37.72 -28.92 24.48
C1B CLA CG . 38.11 -27.65 24.53
C2B CLA CG . 37.03 -26.67 24.28
C3B CLA CG . 35.89 -27.57 24.09
C4B CLA CG . 36.42 -28.93 24.21
CMB CLA CG . 37.09 -25.17 24.27
CAB CLA CG . 34.49 -27.27 23.78
CBB CLA CG . 34.15 -26.42 22.85
NC CLA CG . 37.17 -31.92 24.62
C1C CLA CG . 35.95 -31.53 24.30
C2C CLA CG . 34.95 -32.58 24.16
C3C CLA CG . 35.73 -33.77 24.46
C4C CLA CG . 37.08 -33.26 24.74
CMC CLA CG . 33.53 -32.46 23.79
CAC CLA CG . 35.24 -35.19 24.49
CBC CLA CG . 34.89 -35.58 25.90
ND CLA CG . 39.83 -32.31 25.16
C1D CLA CG . 39.60 -33.61 25.25
C2D CLA CG . 40.79 -34.45 25.52
C3D CLA CG . 41.79 -33.38 25.58
C4D CLA CG . 41.20 -32.21 25.37
CMD CLA CG . 41.13 -35.89 25.73
CAD CLA CG . 43.24 -33.19 25.80
OBD CLA CG . 44.11 -34.12 25.75
CBD CLA CG . 43.55 -31.74 25.68
CGD CLA CG . 44.08 -31.30 27.00
O1D CLA CG . 45.28 -31.17 27.17
O2D CLA CG . 43.20 -30.99 28.10
CED CLA CG . 43.42 -29.80 28.84
C1 CLA CG . 42.82 -27.31 20.14
C2 CLA CG . 42.13 -28.44 19.40
C3 CLA CG . 41.53 -28.22 18.23
C4 CLA CG . 41.53 -26.85 17.61
C5 CLA CG . 40.87 -29.39 17.54
C6 CLA CG . 39.75 -28.92 16.61
C7 CLA CG . 38.44 -28.77 17.37
C8 CLA CG . 37.32 -29.57 16.72
C9 CLA CG . 36.04 -29.39 17.51
C10 CLA CG . 37.71 -31.03 16.66
MG CLA DG . 46.58 -40.17 22.64
CHA CLA DG . 48.61 -42.53 21.12
CHB CLA DG . 45.87 -38.98 19.51
CHC CLA DG . 44.59 -37.90 24.13
CHD CLA DG . 47.39 -41.50 25.82
NA CLA DG . 47.14 -40.68 20.54
C1A CLA DG . 47.90 -41.63 20.14
C2A CLA DG . 48.04 -41.75 18.66
C3A CLA DG . 47.15 -40.61 18.19
C4A CLA DG . 46.68 -40.05 19.49
CMA CLA DG . 47.60 -39.69 17.07
CAA CLA DG . 47.42 -43.05 18.15
CBA CLA DG . 47.80 -43.38 16.73
CGA CLA DG . 48.36 -44.78 16.69
O1A CLA DG . 47.82 -45.72 16.13
O2A CLA DG . 49.50 -45.14 17.24
NB CLA DG . 45.39 -38.67 21.90
C1B CLA DG . 45.25 -38.29 20.65
C2B CLA DG . 44.37 -37.11 20.47
C3B CLA DG . 44.02 -36.82 21.86
C4B CLA DG . 44.70 -37.84 22.68
CMB CLA DG . 44.01 -36.45 19.19
CAB CLA DG . 43.17 -35.77 22.46
CBB CLA DG . 42.95 -34.62 21.89
NC CLA DG . 45.97 -39.85 24.66
C1C CLA DG . 45.25 -38.82 25.07
C2C CLA DG . 45.13 -38.65 26.52
C3C CLA DG . 45.91 -39.76 27.02
C4C CLA DG . 46.39 -40.43 25.79
CMC CLA DG . 44.38 -37.60 27.30
CAC CLA DG . 46.20 -40.14 28.44
CBC CLA DG . 45.27 -41.27 28.83
ND CLA DG . 47.67 -41.62 23.42
C1D CLA DG . 47.97 -42.09 24.62
C2D CLA DG . 48.92 -43.23 24.63
C3D CLA DG . 49.14 -43.35 23.19
C4D CLA DG . 48.42 -42.43 22.58
CMD CLA DG . 49.57 -44.11 25.63
CAD CLA DG . 49.89 -44.16 22.22
OBD CLA DG . 50.91 -44.86 22.53
CBD CLA DG . 49.59 -43.64 20.87
CGD CLA DG . 50.86 -43.09 20.30
O1D CLA DG . 51.05 -43.08 19.09
O2D CLA DG . 51.90 -42.57 21.16
CED CLA DG . 52.63 -41.42 20.74
C1 CLA DG . 49.79 -46.63 17.73
C2 CLA DG . 48.92 -47.33 18.75
C3 CLA DG . 49.46 -47.99 19.79
C4 CLA DG . 50.94 -48.03 19.91
C5 CLA DG . 48.60 -48.69 20.81
C6 CLA DG . 48.60 -47.90 22.11
C7 CLA DG . 47.72 -48.57 23.18
C8 CLA DG . 46.76 -47.63 23.89
C9 CLA DG . 46.68 -46.25 23.24
C10 CLA DG . 47.11 -47.50 25.37
C11 CLA DG . 45.89 -47.29 26.26
C12 CLA DG . 45.81 -48.35 27.34
C13 CLA DG . 44.84 -47.99 28.47
C14 CLA DG . 44.73 -49.10 29.49
C15 CLA DG . 43.46 -47.68 27.91
MG CLA EG . 37.77 -35.29 7.61
CHA CLA EG . 39.99 -33.96 5.31
CHB CLA EG . 38.77 -32.81 9.76
CHC CLA EG . 35.42 -36.38 9.74
CHD CLA EG . 36.93 -37.84 5.33
NA CLA EG . 39.19 -33.58 7.58
C1A CLA EG . 39.96 -33.25 6.63
C2A CLA EG . 40.81 -32.08 6.95
C3A CLA EG . 40.46 -31.79 8.38
C4A CLA EG . 39.40 -32.79 8.59
CMA CLA EG . 41.59 -31.73 9.37
CAA CLA EG . 40.12 -30.97 6.17
CBA CLA EG . 40.15 -29.59 6.83
CGA CLA EG . 39.49 -28.60 5.94
O1A CLA EG . 39.49 -28.62 4.73
O2A CLA EG . 38.83 -27.57 6.39
NB CLA EG . 37.19 -34.67 9.48
C1B CLA EG . 37.70 -33.69 10.20
C2B CLA EG . 37.08 -33.51 11.53
C3B CLA EG . 36.10 -34.59 11.51
C4B CLA EG . 36.23 -35.25 10.20
CMB CLA EG . 37.42 -32.50 12.58
CAB CLA EG . 35.13 -34.96 12.54
CBB CLA EG . 34.32 -34.04 13.01
NC CLA EG . 36.39 -36.89 7.54
C1C CLA EG . 35.51 -37.16 8.49
C2C CLA EG . 34.61 -38.29 8.22
C3C CLA EG . 35.06 -38.72 6.90
C4C CLA EG . 36.16 -37.79 6.58
CMC CLA EG . 33.51 -38.83 9.08
CAC CLA EG . 34.57 -39.86 6.06
CBC CLA EG . 33.76 -39.30 4.90
ND CLA EG . 38.25 -35.89 5.77
C1D CLA EG . 37.90 -36.84 4.91
C2D CLA EG . 38.59 -36.78 3.60
C3D CLA EG . 39.41 -35.60 3.83
C4D CLA EG . 39.17 -35.16 5.05
CMD CLA EG . 38.62 -37.54 2.31
CAD CLA EG . 40.41 -34.76 3.15
OBD CLA EG . 41.05 -35.08 2.10
CBD CLA EG . 40.82 -33.69 4.09
CGD CLA EG . 42.24 -33.89 4.44
O1D CLA EG . 42.56 -34.70 5.30
O2D CLA EG . 43.27 -33.13 3.80
CED CLA EG . 44.52 -33.75 3.59
C1 CLA EG . 39.30 -26.08 6.06
C2 CLA EG . 40.67 -25.52 6.35
C3 CLA EG . 40.77 -24.31 6.90
C4 CLA EG . 39.56 -23.52 7.22
C5 CLA EG . 42.13 -23.72 7.21
C6 CLA EG . 42.40 -23.70 8.70
C7 CLA EG . 43.89 -23.83 8.96
C8 CLA EG . 44.37 -22.83 10.01
C9 CLA EG . 43.95 -23.25 11.41
C10 CLA EG . 43.84 -21.44 9.68
MG CLA FG . 48.75 -29.84 4.01
CHA CLA FG . 45.95 -30.16 5.97
CHB CLA FG . 50.57 -29.45 6.90
CHC CLA FG . 51.42 -29.58 2.09
CHD CLA FG . 46.75 -30.38 1.09
NA CLA FG . 48.34 -29.82 6.20
C1A CLA FG . 47.21 -29.95 6.75
C2A CLA FG . 47.26 -29.83 8.24
C3A CLA FG . 48.73 -29.57 8.48
C4A CLA FG . 49.26 -29.62 7.10
CMA CLA FG . 49.11 -28.38 9.31
CAA CLA FG . 46.91 -31.15 8.92
CBA CLA FG . 45.96 -30.93 10.06
CGA CLA FG . 46.10 -32.01 11.11
O1A CLA FG . 45.61 -31.98 12.21
O2A CLA FG . 46.79 -33.11 10.94
NB CLA FG . 50.74 -29.56 4.45
C1B CLA FG . 51.32 -29.42 5.63
C2B CLA FG . 52.79 -29.24 5.56
C3B CLA FG . 53.01 -29.28 4.12
C4B CLA FG . 51.68 -29.49 3.53
CMB CLA FG . 53.76 -29.05 6.70
CAB CLA FG . 54.24 -29.16 3.32
CBB CLA FG . 55.41 -29.58 3.75
NC CLA FG . 49.04 -30.04 1.93
C1C CLA FG . 50.19 -29.82 1.34
C2C CLA FG . 50.17 -29.83 -0.11
C3C CLA FG . 48.78 -30.10 -0.43
C4C CLA FG . 48.18 -30.22 0.91
CMC CLA FG . 51.30 -29.60 -1.02
CAC CLA FG . 48.11 -30.24 -1.76
CBC CLA FG . 47.88 -28.89 -2.39
ND CLA FG . 46.88 -30.24 3.50
C1D CLA FG . 46.16 -30.37 2.41
C2D CLA FG . 44.70 -30.45 2.61
C3D CLA FG . 44.70 -30.37 4.07
C4D CLA FG . 45.95 -30.25 4.51
CMD CLA FG . 43.49 -30.58 1.76
CAD CLA FG . 43.76 -30.35 5.17
OBD CLA FG . 42.69 -29.68 5.00
CBD CLA FG . 44.53 -30.29 6.44
CGD CLA FG . 44.15 -29.03 7.14
O1D CLA FG . 44.23 -27.96 6.57
O2D CLA FG . 43.69 -29.04 8.51
CED CLA FG . 42.75 -28.06 8.92
C1 CLA FG . 46.37 -34.43 11.74
C2 CLA FG . 46.93 -34.84 13.08
C3 CLA FG . 47.05 -36.15 13.36
C4 CLA FG . 46.62 -37.16 12.35
C5 CLA FG . 47.58 -36.65 14.68
C6 CLA FG . 49.00 -36.20 14.95
C7 CLA FG . 49.08 -34.97 15.85
C8 CLA FG . 48.18 -35.03 17.06
C9 CLA FG . 47.03 -34.03 16.98
C10 CLA FG . 49.01 -34.73 18.31
C11 CLA FG . 49.83 -33.46 18.11
C12 CLA FG . 49.46 -32.40 19.13
C13 CLA FG . 50.51 -31.31 19.30
C14 CLA FG . 49.84 -29.99 19.60
C15 CLA FG . 51.39 -31.18 18.07
C16 CLA FG . 52.33 -29.99 18.22
C17 CLA FG . 52.79 -29.50 16.85
C18 CLA FG . 54.04 -30.23 16.40
C19 CLA FG . 53.74 -31.13 15.22
C20 CLA FG . 55.15 -29.25 16.07
MG CLA GG . 44.05 -51.56 -1.59
CHA CLA GG . 47.07 -53.26 -1.58
CHB CLA GG . 45.13 -50.00 -4.44
CHC CLA GG . 41.09 -50.01 -1.69
CHD CLA GG . 43.13 -53.14 1.43
NA CLA GG . 45.86 -51.59 -2.87
C1A CLA GG . 46.91 -52.28 -2.70
C2A CLA GG . 47.97 -52.03 -3.70
C3A CLA GG . 47.35 -50.94 -4.53
C4A CLA GG . 46.03 -50.81 -3.90
CMA CLA GG . 48.17 -49.68 -4.59
CAA CLA GG . 48.07 -53.21 -4.64
CBA CLA GG . 46.82 -53.59 -5.44
CGA CLA GG . 46.07 -54.75 -4.81
O1A CLA GG . 45.30 -54.68 -3.88
O2A CLA GG . 46.16 -55.99 -5.23
NB CLA GG . 43.25 -50.20 -2.89
C1B CLA GG . 43.79 -49.70 -3.99
C2B CLA GG . 42.91 -48.80 -4.76
C3B CLA GG . 41.73 -48.81 -3.92
C4B CLA GG . 42.02 -49.70 -2.78
CMB CLA GG . 43.20 -48.08 -6.05
CAB CLA GG . 40.44 -48.13 -4.12
CBB CLA GG . 39.81 -48.24 -5.25
NC CLA GG . 42.32 -51.64 -0.36
C1C CLA GG . 41.25 -50.87 -0.52
C2C CLA GG . 40.26 -50.95 0.55
C3C CLA GG . 40.86 -51.92 1.45
C4C CLA GG . 42.12 -52.27 0.80
CMC CLA GG . 38.95 -50.23 0.67
CAC CLA GG . 40.32 -52.43 2.77
CBC CLA GG . 39.78 -53.82 2.59
ND CLA GG . 44.80 -52.84 -0.27
C1D CLA GG . 44.41 -53.48 0.81
C2D CLA GG . 45.35 -54.51 1.31
C3D CLA GG . 46.40 -54.37 0.31
C4D CLA GG . 46.03 -53.42 -0.55
CMD CLA GG . 45.43 -55.50 2.42
CAD CLA GG . 47.71 -54.92 -0.06
OBD CLA GG . 48.45 -55.62 0.70
CBD CLA GG . 48.17 -54.25 -1.30
CGD CLA GG . 49.46 -53.58 -0.99
O1D CLA GG . 49.61 -53.06 0.08
O2D CLA GG . 50.55 -53.57 -1.94
CED CLA GG . 51.85 -53.89 -1.47
C1 CLA GG . 44.87 -56.92 -5.32
C2 CLA GG . 44.66 -58.04 -4.34
C3 CLA GG . 43.90 -59.09 -4.66
C4 CLA GG . 43.72 -60.21 -3.67
C5 CLA GG . 43.22 -59.16 -6.00
C6 CLA GG . 41.84 -59.77 -5.84
C7 CLA GG . 41.38 -60.42 -7.13
C8 CLA GG . 40.73 -61.79 -6.92
C9 CLA GG . 41.04 -62.39 -5.55
C10 CLA GG . 41.19 -62.72 -8.03
C11 CLA GG . 40.02 -63.41 -8.73
C12 CLA GG . 39.74 -64.76 -8.09
C13 CLA GG . 40.39 -65.90 -8.85
C14 CLA GG . 39.39 -67.02 -9.08
C15 CLA GG . 41.56 -66.43 -8.05
MG CLA HG . 50.29 -47.62 4.07
CHA CLA HG . 53.08 -46.88 2.14
CHB CLA HG . 49.92 -50.46 2.21
CHC CLA HG . 47.63 -48.36 6.02
CHD CLA HG . 50.75 -44.64 5.89
NA CLA HG . 51.35 -48.58 2.37
C1A CLA HG . 52.38 -48.15 1.75
C2A CLA HG . 52.78 -49.01 0.58
C3A CLA HG . 51.74 -50.09 0.62
C4A CLA HG . 50.94 -49.70 1.81
CMA CLA HG . 51.00 -50.31 -0.68
CAA CLA HG . 54.15 -49.64 0.79
CBA CLA HG . 54.13 -50.86 1.71
CGA CLA HG . 55.15 -50.70 2.79
O1A CLA HG . 55.26 -51.39 3.77
O2A CLA HG . 56.09 -49.78 2.78
NB CLA HG . 48.98 -49.19 4.10
C1B CLA HG . 48.98 -50.26 3.32
C2B CLA HG . 47.91 -51.24 3.64
C3B CLA HG . 47.26 -50.58 4.77
C4B CLA HG . 47.99 -49.33 4.98
CMB CLA HG . 47.64 -52.53 2.96
CAB CLA HG . 46.11 -50.96 5.62
CBB CLA HG . 45.49 -52.12 5.55
NC CLA HG . 49.41 -46.69 5.77
C1C CLA HG . 48.30 -47.09 6.37
C2C CLA HG . 47.76 -46.21 7.42
C3C CLA HG . 48.73 -45.13 7.39
C4C CLA HG . 49.69 -45.52 6.34
CMC CLA HG . 46.55 -46.39 8.28
CAC CLA HG . 48.76 -43.90 8.25
CBC CLA HG . 49.82 -44.05 9.31
ND CLA HG . 51.54 -46.08 4.14
C1D CLA HG . 51.68 -44.96 4.83
C2D CLA HG . 52.79 -44.10 4.40
C3D CLA HG . 53.32 -44.92 3.32
C4D CLA HG . 52.57 -46.02 3.21
CMD CLA HG . 53.34 -42.78 4.83
CAD CLA HG . 54.39 -44.93 2.31
OBD CLA HG . 55.35 -44.09 2.25
CBD CLA HG . 54.35 -46.24 1.62
CGD CLA HG . 54.27 -46.03 0.15
O1D CLA HG . 53.51 -45.21 -0.31
O2D CLA HG . 55.06 -46.82 -0.74
CED CLA HG . 55.24 -46.38 -2.09
C1 CLA HG . 56.51 -49.08 4.15
C2 CLA HG . 56.09 -47.67 4.47
C3 CLA HG . 57.02 -46.75 4.68
C4 CLA HG . 58.46 -47.14 4.57
C5 CLA HG . 56.66 -45.34 5.02
C6 CLA HG . 56.48 -45.23 6.52
C7 CLA HG . 56.46 -43.78 6.93
C8 CLA HG . 55.55 -43.57 8.12
C9 CLA HG . 55.26 -42.09 8.31
C10 CLA HG . 56.21 -44.15 9.36
C11 CLA HG . 55.15 -44.71 10.28
C12 CLA HG . 55.21 -44.10 11.67
C13 CLA HG . 54.38 -44.93 12.64
C14 CLA HG . 54.88 -46.36 12.71
C15 CLA HG . 52.92 -44.90 12.20
C16 CLA HG . 52.03 -44.41 13.33
C17 CLA HG . 51.94 -42.88 13.32
C18 CLA HG . 51.15 -42.36 14.51
C19 CLA HG . 51.68 -42.92 15.81
C20 CLA HG . 51.18 -40.84 14.52
MG CLA IG . 35.68 -52.61 15.07
CHA CLA IG . 33.08 -54.34 16.54
CHB CLA IG . 37.77 -54.12 17.33
CHC CLA IG . 38.23 -51.02 13.55
CHD CLA IG . 33.44 -50.97 12.92
NA CLA IG . 35.49 -54.08 16.74
C1A CLA IG . 34.42 -54.62 17.15
C2A CLA IG . 34.64 -55.54 18.32
C3A CLA IG . 36.11 -55.39 18.55
C4A CLA IG . 36.49 -54.48 17.46
CMA CLA IG . 36.44 -54.92 19.94
CAA CLA IG . 34.41 -56.99 17.93
CBA CLA IG . 35.10 -57.37 16.63
CGA CLA IG . 34.50 -58.65 16.15
O1A CLA IG . 33.32 -58.84 16.02
O2A CLA IG . 35.18 -59.73 15.82
NB CLA IG . 37.70 -52.58 15.38
C1B CLA IG . 38.36 -53.22 16.34
C2B CLA IG . 39.79 -52.94 16.31
C3B CLA IG . 39.94 -52.02 15.21
C4B CLA IG . 38.57 -51.86 14.69
CMB CLA IG . 40.74 -53.52 17.27
CAB CLA IG . 41.13 -51.34 14.64
CBB CLA IG . 42.23 -51.13 15.30
NC CLA IG . 35.81 -51.27 13.44
C1C CLA IG . 36.93 -50.79 12.94
C2C CLA IG . 36.82 -50.01 11.71
C3C CLA IG . 35.39 -50.05 11.48
C4C CLA IG . 34.87 -50.83 12.61
CMC CLA IG . 37.94 -49.38 10.94
CAC CLA IG . 34.59 -49.44 10.37
CBC CLA IG . 34.21 -50.51 9.38
ND CLA IG . 33.73 -52.56 14.70
C1D CLA IG . 32.92 -51.93 13.88
C2D CLA IG . 31.50 -52.26 14.06
C3D CLA IG . 31.63 -53.24 15.14
C4D CLA IG . 32.91 -53.36 15.46
CMD CLA IG . 30.21 -51.85 13.43
CAD CLA IG . 30.83 -54.13 15.99
OBD CLA IG . 29.55 -54.16 16.06
CBD CLA IG . 31.73 -54.94 16.82
CGD CLA IG . 31.27 -54.77 18.22
O1D CLA IG . 30.25 -55.30 18.59
O2D CLA IG . 32.01 -53.98 19.17
CED CLA IG . 31.81 -54.28 20.54
C1 CLA IG . 35.67 -59.92 14.31
C2 CLA IG . 34.75 -59.73 13.13
C3 CLA IG . 35.19 -59.97 11.90
C4 CLA IG . 36.61 -60.43 11.70
C5 CLA IG . 34.29 -59.79 10.71
C6 CLA IG . 35.12 -59.65 9.44
C7 CLA IG . 34.25 -59.49 8.21
C8 CLA IG . 34.68 -58.28 7.40
C9 CLA IG . 33.60 -57.21 7.45
C10 CLA IG . 34.97 -58.70 5.97
C11 CLA IG . 36.17 -57.95 5.41
C12 CLA IG . 36.11 -57.92 3.89
C13 CLA IG . 37.40 -58.43 3.29
C14 CLA IG . 38.53 -57.44 3.56
C15 CLA IG . 37.20 -58.63 1.79
MG CLA JG . 28.45 -27.08 21.47
CHA CLA JG . 28.35 -26.00 24.77
CHB CLA JG . 25.87 -24.91 20.86
CHC CLA JG . 28.63 -28.05 18.25
CHD CLA JG . 31.06 -29.32 22.27
NA CLA JG . 27.24 -25.61 22.64
C1A CLA JG . 27.35 -25.34 23.87
C2A CLA JG . 26.36 -24.34 24.37
C3A CLA JG . 25.58 -24.05 23.12
C4A CLA JG . 26.27 -24.91 22.13
CMA CLA JG . 24.08 -24.14 23.21
CAA CLA JG . 27.03 -23.03 24.73
CBA CLA JG . 28.17 -22.65 23.79
CGA CLA JG . 28.26 -21.16 23.67
O1A CLA JG . 27.29 -20.42 23.64
O2A CLA JG . 29.38 -20.48 23.59
NB CLA JG . 27.40 -26.54 19.80
C1B CLA JG . 26.39 -25.67 19.72
C2B CLA JG . 25.85 -25.52 18.36
C3B CLA JG . 26.67 -26.46 17.61
C4B CLA JG . 27.61 -27.05 18.58
CMB CLA JG . 24.74 -24.63 17.91
CAB CLA JG . 26.64 -26.79 16.17
CBB CLA JG . 26.90 -25.84 15.31
NC CLA JG . 29.72 -28.41 20.41
C1C CLA JG . 29.58 -28.73 19.13
C2C CLA JG . 30.45 -29.81 18.63
C3C CLA JG . 31.19 -30.15 19.84
C4C CLA JG . 30.66 -29.24 20.86
CMC CLA JG . 30.53 -30.39 17.26
CAC CLA JG . 32.25 -31.21 20.01
CBC CLA JG . 33.61 -30.56 20.04
ND CLA JG . 29.54 -27.61 23.04
C1D CLA JG . 30.49 -28.48 23.32
C2D CLA JG . 30.88 -28.52 24.75
C3D CLA JG . 29.99 -27.50 25.27
C4D CLA JG . 29.27 -27.02 24.27
CMD CLA JG . 31.82 -29.25 25.62
CAD CLA JG . 29.64 -26.84 26.53
OBD CLA JG . 29.85 -27.33 27.69
CBD CLA JG . 28.59 -25.83 26.25
CGD CLA JG . 27.40 -26.25 27.06
O1D CLA JG . 26.92 -25.50 27.88
O2D CLA JG . 26.78 -27.53 26.93
CED CLA JG . 25.49 -27.70 27.52
C1 CLA JG . 29.41 -19.07 22.82
C2 CLA JG . 29.07 -18.98 21.35
C3 CLA JG . 29.05 -17.79 20.73
C4 CLA JG . 28.72 -17.73 19.26
C5 CLA JG . 29.36 -16.51 21.47
MG CLA KG . 22.08 -21.46 15.82
CHA CLA KG . 21.49 -21.66 19.22
CHB CLA KG . 18.71 -21.96 15.39
CHC CLA KG . 22.60 -21.18 12.51
CHD CLA KG . 25.52 -21.00 16.41
NA CLA KG . 20.29 -21.76 17.12
C1A CLA KG . 20.25 -21.80 18.39
C2A CLA KG . 18.88 -22.03 18.96
C3A CLA KG . 18.07 -22.16 17.71
C4A CLA KG . 19.08 -21.94 16.67
CMA CLA KG . 17.23 -23.42 17.56
CAA CLA KG . 18.31 -20.78 19.64
CBA CLA KG . 19.01 -19.50 19.18
CGA CLA KG . 18.18 -18.27 19.36
O1A CLA KG . 17.41 -18.09 20.29
O2A CLA KG . 18.20 -17.26 18.53
NB CLA KG . 20.82 -21.55 14.20
C1B CLA KG . 19.52 -21.78 14.20
C2B CLA KG . 18.91 -21.86 12.85
C3B CLA KG . 20.09 -21.63 12.01
C4B CLA KG . 21.22 -21.44 12.93
CMB CLA KG . 17.47 -22.12 12.56
CAB CLA KG . 20.24 -21.56 10.55
CBB CLA KG . 19.23 -21.43 9.75
NC CLA KG . 23.80 -21.09 14.65
C1C CLA KG . 23.82 -21.08 13.32
C2C CLA KG . 25.14 -20.94 12.71
C3C CLA KG . 25.99 -20.86 13.88
C4C CLA KG . 25.07 -20.98 15.02
CMC CLA KG . 25.50 -20.88 11.25
CAC CLA KG . 27.48 -20.74 13.96
CBC CLA KG . 28.04 -22.14 13.96
ND CLA KG . 23.34 -21.33 17.35
C1D CLA KG . 24.63 -21.16 17.55
C2D CLA KG . 25.04 -21.17 18.97
C3D CLA KG . 23.72 -21.37 19.57
C4D CLA KG . 22.82 -21.46 18.62
CMD CLA KG . 26.28 -21.04 19.80
CAD CLA KG . 23.10 -21.51 20.89
OBD CLA KG . 23.62 -20.99 21.91
CBD CLA KG . 21.64 -21.68 20.72
CGD CLA KG . 21.22 -22.99 21.29
O1D CLA KG . 21.72 -24.03 20.91
O2D CLA KG . 20.20 -23.06 22.30
CED CLA KG . 20.39 -23.92 23.41
C1 CLA KG . 19.10 -15.95 18.76
C2 CLA KG . 19.29 -14.96 17.63
C3 CLA KG . 20.34 -14.13 17.56
C4 CLA KG . 21.40 -14.14 18.61
C5 CLA KG . 20.46 -13.17 16.40
C6 CLA KG . 21.92 -12.99 16.01
C7 CLA KG . 22.08 -12.89 14.50
C8 CLA KG . 23.47 -12.41 14.09
C9 CLA KG . 23.79 -12.80 12.66
C10 CLA KG . 24.54 -12.95 15.04
MG CLA LG . 20.77 -19.66 -0.57
CHA CLA LG . 19.31 -21.59 1.90
CHB CLA LG . 18.56 -21.12 -2.76
CHC CLA LG . 22.12 -17.73 -3.00
CHD CLA LG . 23.09 -18.38 1.74
NA CLA LG . 19.13 -21.17 -0.48
C1A CLA LG . 18.74 -21.81 0.55
C2A CLA LG . 17.69 -22.84 0.25
C3A CLA LG . 17.53 -22.68 -1.23
C4A CLA LG . 18.46 -21.58 -1.52
CMA CLA LG . 17.80 -23.91 -2.05
CAA CLA LG . 16.36 -22.47 0.90
CBA CLA LG . 15.18 -23.16 0.26
CGA CLA LG . 14.60 -24.09 1.28
O1A CLA LG . 13.45 -24.03 1.68
O2A CLA LG . 15.26 -25.07 1.86
NB CLA LG . 20.38 -19.48 -2.57
C1B CLA LG . 19.45 -20.09 -3.30
C2B CLA LG . 19.39 -19.66 -4.70
C3B CLA LG . 20.45 -18.68 -4.73
C4B CLA LG . 21.02 -18.62 -3.39
CMB CLA LG . 18.48 -20.13 -5.80
CAB CLA LG . 20.91 -17.86 -5.86
CBB CLA LG . 20.50 -16.62 -5.92
NC CLA LG . 22.30 -18.19 -0.61
C1C CLA LG . 22.74 -17.56 -1.69
C2C CLA LG . 23.88 -16.65 -1.48
C3C CLA LG . 24.10 -16.80 -0.05
C4C CLA LG . 23.09 -17.78 0.38
CMC CLA LG . 24.60 -15.79 -2.46
CAC CLA LG . 25.14 -16.15 0.79
CBC CLA LG . 26.39 -16.97 0.68
ND CLA LG . 21.24 -19.86 1.35
C1D CLA LG . 22.09 -19.33 2.22
C2D CLA LG . 21.91 -19.79 3.62
C3D CLA LG . 20.79 -20.70 3.43
C4D CLA LG . 20.45 -20.69 2.14
CMD CLA LG . 22.53 -19.57 4.97
CAD CLA LG . 19.90 -21.60 4.17
OBD CLA LG . 20.09 -22.02 5.36
CBD CLA LG . 18.95 -22.22 3.22
CGD CLA LG . 19.22 -23.67 3.17
O1D CLA LG . 20.17 -24.08 2.55
O2D CLA LG . 18.37 -24.62 3.84
CED CLA LG . 18.98 -25.61 4.65
C1 CLA LG . 14.90 -26.59 1.52
C2 CLA LG . 13.54 -27.06 1.05
C3 CLA LG . 12.84 -27.93 1.76
C4 CLA LG . 13.35 -28.44 3.07
C5 CLA LG . 11.49 -28.38 1.28
C6 CLA LG . 11.63 -29.29 0.07
C7 CLA LG . 10.48 -29.04 -0.88
C8 CLA LG . 9.35 -30.02 -0.66
C9 CLA LG . 8.96 -30.67 -1.97
C10 CLA LG . 8.17 -29.29 -0.04
C11 CLA LG . 7.14 -30.25 0.54
C12 CLA LG . 5.78 -29.58 0.60
C13 CLA LG . 4.86 -30.19 1.66
C14 CLA LG . 5.61 -30.43 2.96
C15 CLA LG . 4.22 -31.47 1.14
MG CLA MG . 18.88 -22.38 -10.26
CHA CLA MG . 18.32 -19.68 -12.36
CHB CLA MG . 20.91 -20.31 -8.40
CHC CLA MG . 19.30 -24.94 -8.12
CHD CLA MG . 16.82 -24.41 -12.29
NA CLA MG . 19.54 -20.26 -10.33
C1A CLA MG . 19.22 -19.39 -11.20
C2A CLA MG . 19.84 -18.06 -10.96
C3A CLA MG . 20.69 -18.30 -9.75
C4A CLA MG . 20.37 -19.72 -9.47
CMA CLA MG . 22.15 -17.91 -9.87
CAA CLA MG . 18.79 -17.05 -10.48
CBA CLA MG . 17.66 -17.67 -9.69
CGA CLA MG . 17.37 -16.83 -8.48
O1A CLA MG . 18.13 -16.00 -8.04
O2A CLA MG . 16.26 -16.87 -7.79
NB CLA MG . 19.94 -22.57 -8.51
C1B CLA MG . 20.73 -21.67 -7.92
C2B CLA MG . 21.39 -22.15 -6.69
C3B CLA MG . 20.90 -23.52 -6.65
C4B CLA MG . 20.01 -23.70 -7.81
CMB CLA MG . 22.32 -21.44 -5.76
CAB CLA MG . 21.18 -24.54 -5.63
CBB CLA MG . 20.68 -24.33 -4.44
NC CLA MG . 18.15 -24.37 -10.20
C1C CLA MG . 18.44 -25.26 -9.27
C2C CLA MG . 17.85 -26.60 -9.45
C3C CLA MG . 17.11 -26.41 -10.69
C4C CLA MG . 17.37 -25.01 -11.07
CMC CLA MG . 17.98 -27.80 -8.57
CAC CLA MG . 16.27 -27.40 -11.45
CBC CLA MG . 17.11 -28.43 -12.12
ND CLA MG . 17.79 -22.24 -11.92
C1D CLA MG . 17.01 -23.01 -12.66
C2D CLA MG . 16.39 -22.33 -13.83
C3D CLA MG . 16.96 -21.01 -13.65
C4D CLA MG . 17.73 -21.01 -12.56
CMD CLA MG . 15.46 -22.63 -14.96
CAD CLA MG . 16.95 -19.68 -14.27
OBD CLA MG . 16.39 -19.39 -15.38
CBD CLA MG . 17.84 -18.79 -13.48
CGD CLA MG . 18.92 -18.28 -14.37
O1D CLA MG . 18.63 -17.69 -15.38
O2D CLA MG . 20.32 -18.41 -14.11
CED CLA MG . 21.07 -17.21 -14.16
C1 CLA MG . 16.07 -15.94 -6.52
C2 CLA MG . 16.58 -16.32 -5.15
C3 CLA MG . 16.00 -15.82 -4.06
C4 CLA MG . 14.85 -14.87 -4.19
C5 CLA MG . 16.48 -16.18 -2.68
C6 CLA MG . 17.97 -15.98 -2.54
C7 CLA MG . 18.45 -16.68 -1.28
C8 CLA MG . 18.98 -15.66 -0.29
C9 CLA MG . 20.16 -14.93 -0.88
C10 CLA MG . 19.38 -16.39 0.98
C11 CLA MG . 20.21 -15.50 1.88
C12 CLA MG . 20.25 -16.08 3.29
C13 CLA MG . 21.00 -15.15 4.22
C14 CLA MG . 22.51 -15.30 4.03
C15 CLA MG . 20.61 -15.47 5.65
C16 CLA MG . 21.19 -14.44 6.61
C17 CLA MG . 20.07 -13.58 7.18
C18 CLA MG . 20.57 -12.37 7.96
C19 CLA MG . 20.71 -12.70 9.44
C20 CLA MG . 21.88 -11.82 7.41
MG CLA NG . 49.92 -21.97 5.09
CHA CLA NG . 53.38 -22.07 4.81
CHB CLA NG . 49.93 -25.36 4.50
CHC CLA NG . 46.59 -21.89 5.50
CHD CLA NG . 50.05 -18.46 5.59
NA CLA NG . 51.45 -23.55 4.71
C1A CLA NG . 52.71 -23.39 4.63
C2A CLA NG . 53.45 -24.65 4.31
C3A CLA NG . 52.33 -25.63 4.14
C4A CLA NG . 51.14 -24.81 4.47
CMA CLA NG . 52.30 -26.22 2.76
CAA CLA NG . 54.26 -25.14 5.52
CBA CLA NG . 53.43 -25.34 6.79
CGA CLA NG . 54.29 -25.23 8.02
O1A CLA NG . 55.44 -24.81 8.03
O2A CLA NG . 53.91 -25.55 9.26
NB CLA NG . 48.48 -23.42 5.01
C1B CLA NG . 48.63 -24.72 4.76
C2B CLA NG . 47.36 -25.48 4.80
C3B CLA NG . 46.40 -24.41 5.09
C4B CLA NG . 47.19 -23.18 5.21
CMB CLA NG . 47.16 -26.94 4.59
CAB CLA NG . 44.93 -24.41 5.27
CBB CLA NG . 44.16 -25.36 4.82
NC CLA NG . 48.54 -20.42 5.56
C1C CLA NG . 47.23 -20.58 5.66
C2C CLA NG . 46.44 -19.38 5.95
C3C CLA NG . 47.49 -18.37 6.02
C4C CLA NG . 48.74 -19.12 5.76
CMC CLA NG . 44.96 -19.23 6.11
CAC CLA NG . 47.35 -16.90 6.29
CBC CLA NG . 47.65 -16.66 7.74
ND CLA NG . 51.28 -20.51 5.21
C1D CLA NG . 51.30 -19.20 5.38
C2D CLA NG . 52.65 -18.58 5.33
C3D CLA NG . 53.44 -19.79 5.10
C4D CLA NG . 52.60 -20.84 5.04
CMD CLA NG . 53.29 -17.22 5.43
CAD CLA NG . 54.84 -20.22 4.91
OBD CLA NG . 55.75 -19.48 4.41
CBD CLA NG . 54.85 -21.70 4.84
CGD CLA NG . 55.58 -22.09 3.60
O1D CLA NG . 56.60 -22.74 3.66
O2D CLA NG . 55.10 -21.70 2.29
CED CLA NG . 55.04 -22.67 1.27
C1 CLA NG . 53.75 -27.07 9.74
C2 CLA NG . 52.66 -27.57 10.66
C3 CLA NG . 52.57 -28.88 10.92
C4 CLA NG . 53.52 -29.84 10.28
C5 CLA NG . 51.53 -29.49 11.83
C6 CLA NG . 50.72 -28.48 12.63
C7 CLA NG . 49.34 -29.06 12.93
C8 CLA NG . 49.22 -29.55 14.36
C9 CLA NG . 49.71 -30.99 14.52
C10 CLA NG . 47.77 -29.47 14.81
C11 CLA NG . 47.69 -29.23 16.31
C12 CLA NG . 48.05 -27.79 16.64
C13 CLA NG . 47.67 -27.34 18.05
C14 CLA NG . 46.60 -28.23 18.68
C15 CLA NG . 47.20 -25.90 17.99
MG CLA OG . 59.24 -18.03 9.09
CHA CLA OG . 62.22 -19.73 8.51
CHB CLA OG . 57.60 -20.99 8.42
CHC CLA OG . 56.35 -16.42 9.81
CHD CLA OG . 61.05 -15.03 9.73
NA CLA OG . 59.81 -20.12 8.54
C1A CLA OG . 60.99 -20.58 8.36
C2A CLA OG . 61.03 -22.03 7.98
C3A CLA OG . 59.55 -22.38 7.94
C4A CLA OG . 58.93 -21.08 8.32
CMA CLA OG . 59.00 -23.13 6.73
CAA CLA OG . 61.67 -22.87 9.08
CBA CLA OG . 60.94 -22.79 10.42
CGA CLA OG . 61.87 -22.60 11.58
O1A CLA OG . 62.77 -21.77 11.63
O2A CLA OG . 61.83 -23.32 12.69
NB CLA OG . 57.27 -18.63 9.11
C1B CLA OG . 56.78 -19.83 8.79
C2B CLA OG . 55.30 -19.92 8.87
C3B CLA OG . 54.95 -18.56 9.27
C4B CLA OG . 56.23 -17.83 9.40
CMB CLA OG . 54.47 -21.12 8.56
CAB CLA OG . 53.63 -17.92 9.54
CBB CLA OG . 52.54 -18.26 8.91
NC CLA OG . 58.78 -16.04 9.72
C1C CLA OG . 57.55 -15.57 9.93
C2C CLA OG . 57.44 -14.14 10.29
C3C CLA OG . 58.85 -13.74 10.29
C4C CLA OG . 59.58 -14.99 9.92
CMC CLA OG . 56.21 -13.34 10.60
CAC CLA OG . 59.44 -12.38 10.58
CBC CLA OG . 59.23 -11.48 9.39
ND CLA OG . 61.13 -17.38 9.15
C1D CLA OG . 61.80 -16.26 9.40
C2D CLA OG . 63.28 -16.37 9.31
C3D CLA OG . 63.39 -17.79 8.95
C4D CLA OG . 62.15 -18.30 8.88
CMD CLA OG . 64.50 -15.50 9.48
CAD CLA OG . 64.39 -18.82 8.65
OBD CLA OG . 65.66 -18.65 8.61
CBD CLA OG . 63.68 -20.08 8.28
CGD CLA OG . 63.91 -20.25 6.82
O1D CLA OG . 64.39 -19.34 6.17
O2D CLA OG . 63.55 -21.48 6.14
CED CLA OG . 62.86 -21.34 4.90
MG CLA PG . 42.03 -29.77 -1.78
CHA CLA PG . 43.65 -26.70 -1.64
CHB CLA PG . 40.51 -28.94 1.17
CHC CLA PG . 40.33 -32.65 -2.05
CHD CLA PG . 43.66 -30.49 -4.84
NA CLA PG . 42.05 -28.03 -0.39
C1A CLA PG . 42.74 -26.96 -0.47
C2A CLA PG . 42.59 -26.04 0.71
C3A CLA PG . 41.58 -26.81 1.55
C4A CLA PG . 41.34 -28.00 0.72
CMA CLA PG . 41.83 -27.09 3.01
CAA CLA PG . 42.17 -24.64 0.32
CBA CLA PG . 40.96 -24.11 1.04
CGA CLA PG . 41.33 -23.08 2.05
O1A CLA PG . 42.16 -23.21 2.92
O2A CLA PG . 40.74 -21.91 2.12
NB CLA PG . 40.61 -30.65 -0.60
C1B CLA PG . 40.13 -30.22 0.55
C2B CLA PG . 39.17 -31.16 1.18
C3B CLA PG . 39.16 -32.25 0.21
C4B CLA PG . 40.07 -31.83 -0.86
CMB CLA PG . 38.47 -30.97 2.48
CAB CLA PG . 38.43 -33.53 0.15
CBB CLA PG . 37.62 -33.95 1.08
NC CLA PG . 41.94 -31.28 -3.27
C1C CLA PG . 41.29 -32.42 -3.12
C2C CLA PG . 41.58 -33.48 -4.10
C3C CLA PG . 42.55 -32.82 -4.95
C4C CLA PG . 42.70 -31.48 -4.35
CMC CLA PG . 41.01 -34.86 -4.16
CAC CLA PG . 43.26 -33.39 -6.13
CBC CLA PG . 42.72 -32.80 -7.41
ND CLA PG . 43.30 -28.91 -3.05
C1D CLA PG . 43.94 -29.22 -4.16
C2D CLA PG . 44.94 -28.21 -4.60
C3D CLA PG . 44.75 -27.24 -3.55
C4D CLA PG . 43.83 -27.68 -2.71
CMD CLA PG . 45.93 -27.98 -5.69
CAD CLA PG . 45.28 -25.94 -3.16
OBD CLA PG . 46.43 -25.48 -3.48
CBD CLA PG . 44.53 -25.53 -1.95
CGD CLA PG . 45.54 -25.40 -0.87
O1D CLA PG . 46.04 -24.33 -0.60
O2D CLA PG . 45.93 -26.58 -0.15
CED CLA PG . 46.28 -26.40 1.20
C1 CLA PG . 40.79 -21.01 3.43
C2 CLA PG . 41.61 -19.76 3.42
C3 CLA PG . 41.37 -18.77 4.30
C4 CLA PG . 42.21 -17.53 4.26
C5 CLA PG . 40.27 -18.91 5.31
C6 CLA PG . 40.89 -19.14 6.69
C7 CLA PG . 40.75 -17.91 7.56
C8 CLA PG . 42.03 -17.61 8.33
C9 CLA PG . 42.00 -18.25 9.71
C10 CLA PG . 42.22 -16.10 8.44
C11 CLA PG . 43.59 -15.68 7.90
C12 CLA PG . 43.46 -14.39 7.10
C13 CLA PG . 44.74 -13.57 7.13
C14 CLA PG . 45.32 -13.48 8.55
C15 CLA PG . 44.45 -12.17 6.59
MG CLA QG . 33.01 -22.39 1.58
CHA CLA QG . 36.16 -22.73 0.17
CHB CLA QG . 33.53 -25.43 3.08
CHC CLA QG . 30.01 -22.02 3.06
CHD CLA QG . 32.59 -19.30 -0.07
NA CLA QG . 34.63 -23.92 1.66
C1A CLA QG . 35.75 -23.87 1.05
C2A CLA QG . 36.59 -25.07 1.27
C3A CLA QG . 35.73 -25.92 2.16
C4A CLA QG . 34.55 -25.04 2.33
CMA CLA QG . 35.54 -27.36 1.76
CAA CLA QG . 37.81 -24.69 2.10
CBA CLA QG . 37.55 -24.27 3.54
CGA CLA QG . 37.49 -22.79 3.75
O1A CLA QG . 37.75 -22.25 4.80
O2A CLA QG . 37.14 -21.88 2.88
NB CLA QG . 31.94 -23.56 2.89
C1B CLA QG . 32.28 -24.75 3.37
C2B CLA QG . 31.28 -25.35 4.27
C3B CLA QG . 30.23 -24.35 4.26
C4B CLA QG . 30.73 -23.26 3.37
CMB CLA QG . 31.33 -26.66 4.97
CAB CLA QG . 28.95 -24.43 4.99
CBB CLA QG . 28.56 -23.51 5.83
NC CLA QG . 31.53 -20.88 1.54
C1C CLA QG . 30.38 -20.91 2.19
C2C CLA QG . 29.50 -19.76 1.99
C3C CLA QG . 30.28 -18.95 1.08
C4C CLA QG . 31.51 -19.73 0.85
CMC CLA QG . 28.15 -19.51 2.60
CAC CLA QG . 29.94 -17.62 0.47
CBC CLA QG . 30.55 -16.53 1.32
ND CLA QG . 34.00 -21.20 0.34
C1D CLA QG . 33.84 -20.02 -0.24
C2D CLA QG . 35.00 -19.55 -1.05
C3D CLA QG . 35.89 -20.69 -0.84
C4D CLA QG . 35.27 -21.57 -0.06
CMD CLA QG . 35.40 -18.38 -1.88
CAD CLA QG . 37.23 -21.18 -1.19
OBD CLA QG . 38.16 -20.49 -1.74
CBD CLA QG . 37.43 -22.52 -0.61
CGD CLA QG . 37.51 -23.52 -1.69
O1D CLA QG . 36.64 -23.58 -2.54
O2D CLA QG . 38.62 -24.44 -1.79
CED CLA QG . 39.00 -24.89 -3.09
C1 CLA QG . 36.27 -20.64 3.37
C2 CLA QG . 35.01 -20.88 4.14
C3 CLA QG . 34.08 -19.93 4.27
C4 CLA QG . 34.27 -18.58 3.66
C5 CLA QG . 32.84 -20.25 5.06
C6 CLA QG . 31.88 -19.07 5.04
C7 CLA QG . 31.85 -18.41 6.41
C8 CLA QG . 30.63 -18.75 7.25
C9 CLA QG . 31.07 -19.35 8.57
C10 CLA QG . 29.67 -19.68 6.52
C11 CLA QG . 28.44 -19.98 7.35
C12 CLA QG . 27.49 -18.80 7.38
C13 CLA QG . 26.10 -19.25 6.99
C14 CLA QG . 26.12 -19.98 5.66
C15 CLA QG . 25.19 -18.03 6.93
C16 CLA QG . 24.81 -17.60 8.34
C17 CLA QG . 23.54 -18.30 8.79
C18 CLA QG . 22.74 -17.38 9.69
C19 CLA QG . 21.36 -17.95 9.94
C20 CLA QG . 23.46 -17.12 10.99
MG CLA RG . 31.62 -27.63 10.11
CHA CLA RG . 34.48 -27.93 8.20
CHB CLA RG . 32.38 -30.71 11.44
CHC CLA RG . 28.85 -27.35 11.98
CHD CLA RG . 30.93 -24.50 8.64
NA CLA RG . 33.24 -29.16 9.89
C1A CLA RG . 34.24 -29.09 9.10
C2A CLA RG . 35.07 -30.35 9.07
C3A CLA RG . 34.35 -31.20 10.09
C4A CLA RG . 33.25 -30.31 10.51
CMA CLA RG . 33.93 -32.56 9.63
CAA CLA RG . 36.51 -30.17 9.50
CBA CLA RG . 36.69 -29.16 10.61
CGA CLA RG . 37.98 -28.44 10.31
O1A CLA RG . 38.05 -27.33 9.85
O2A CLA RG . 39.18 -28.95 10.51
NB CLA RG . 30.76 -28.87 11.50
C1B CLA RG . 31.20 -30.04 11.97
C2B CLA RG . 30.35 -30.63 13.03
C3B CLA RG . 29.32 -29.60 13.14
C4B CLA RG . 29.66 -28.56 12.16
CMB CLA RG . 30.56 -31.92 13.74
CAB CLA RG . 28.13 -29.45 14.00
CBB CLA RG . 27.69 -30.41 14.75
NC CLA RG . 30.18 -26.11 10.35
C1C CLA RG . 29.10 -26.20 11.11
C2C CLA RG . 28.15 -25.09 11.04
C3C CLA RG . 28.81 -24.22 10.09
C4C CLA RG . 30.03 -24.94 9.72
CMC CLA RG . 26.85 -24.91 11.78
CAC CLA RG . 28.35 -22.89 9.57
CBC CLA RG . 29.04 -21.84 10.38
ND CLA RG . 32.38 -26.41 8.74
C1D CLA RG . 32.14 -25.21 8.25
C2D CLA RG . 33.16 -24.72 7.29
C3D CLA RG . 34.07 -25.85 7.33
C4D CLA RG . 33.58 -26.76 8.16
CMD CLA RG . 33.43 -23.51 6.46
CAD CLA RG . 35.33 -26.32 6.75
OBD CLA RG . 36.02 -25.71 5.88
CBD CLA RG . 35.56 -27.72 7.18
CGD CLA RG . 35.19 -28.64 6.07
O1D CLA RG . 34.08 -29.11 6.05
O2D CLA RG . 36.07 -29.06 5.02
CED CLA RG . 35.53 -30.08 4.21
C1 CLA RG . 40.04 -28.53 11.78
C2 CLA RG . 39.60 -27.42 12.68
C3 CLA RG . 40.27 -26.25 12.75
C4 CLA RG . 41.49 -26.04 11.90
C5 CLA RG . 39.80 -25.16 13.67
MG CLA SG . 20.06 -78.58 -0.06
CHA CLA SG . 17.35 -77.83 -2.10
CHB CLA SG . 19.55 -81.87 -0.87
CHC CLA SG . 22.71 -79.33 1.88
CHD CLA SG . 20.49 -75.15 0.68
NA CLA SG . 18.65 -79.74 -1.34
C1A CLA SG . 17.68 -79.29 -2.05
C2A CLA SG . 16.94 -80.37 -2.76
C3A CLA SG . 17.65 -81.62 -2.31
C4A CLA SG . 18.70 -81.04 -1.45
CMA CLA SG . 16.83 -82.73 -1.68
CAA CLA SG . 17.05 -80.34 -4.29
CBA CLA SG . 18.10 -79.43 -4.90
CGA CLA SG . 19.47 -80.00 -4.73
O1A CLA SG . 19.94 -80.91 -5.40
O2A CLA SG . 20.29 -79.56 -3.81
NB CLA SG . 20.97 -80.35 0.42
C1B CLA SG . 20.66 -81.58 0.03
C2B CLA SG . 21.51 -82.66 0.57
C3B CLA SG . 22.44 -81.87 1.39
C4B CLA SG . 22.03 -80.46 1.23
CMB CLA SG . 21.39 -84.13 0.31
CAB CLA SG . 23.57 -82.30 2.22
CBB CLA SG . 24.33 -83.31 1.88
NC CLA SG . 21.42 -77.40 1.06
C1C CLA SG . 22.44 -77.88 1.77
C2C CLA SG . 23.30 -76.89 2.41
C3C CLA SG . 22.66 -75.65 2.01
C4C CLA SG . 21.50 -76.08 1.20
CMC CLA SG . 24.53 -77.09 3.24
CAC CLA SG . 23.08 -74.26 2.37
CBC CLA SG . 23.90 -73.70 1.23
ND CLA SG . 19.23 -76.83 -0.53
C1D CLA SG . 19.40 -75.55 -0.21
C2D CLA SG . 18.40 -74.63 -0.82
C3D CLA SG . 17.61 -75.61 -1.57
C4D CLA SG . 18.12 -76.82 -1.35
CMD CLA SG . 18.10 -73.17 -0.82
CAD CLA SG . 16.44 -75.71 -2.45
OBD CLA SG . 15.75 -74.71 -2.85
CBD CLA SG . 16.25 -77.12 -2.88
CGD CLA SG . 14.86 -77.55 -2.51
O1D CLA SG . 14.18 -76.84 -1.81
O2D CLA SG . 14.30 -78.81 -2.95
CED CLA SG . 13.36 -78.93 -4.01
C1 CLA SG . 20.68 -78.02 -3.72
C2 CLA SG . 22.06 -77.68 -3.22
C3 CLA SG . 22.45 -76.46 -2.87
C4 CLA SG . 21.51 -75.30 -2.97
C5 CLA SG . 23.86 -76.24 -2.38
C6 CLA SG . 24.20 -77.26 -1.30
C7 CLA SG . 25.11 -78.35 -1.83
C8 CLA SG . 26.39 -78.48 -1.00
C9 CLA SG . 27.54 -78.92 -1.91
C10 CLA SG . 26.12 -79.46 0.14
C11 CLA SG . 27.24 -80.48 0.36
C12 CLA SG . 27.57 -80.61 1.84
C13 CLA SG . 28.51 -81.76 2.10
C14 CLA SG . 28.03 -83.04 1.45
C15 CLA SG . 28.67 -81.95 3.60
MG CLA TG . 23.35 -75.99 6.45
CHA CLA TG . 25.14 -78.95 6.68
CHB CLA TG . 26.07 -74.43 7.85
CHC CLA TG . 21.71 -73.12 5.95
CHD CLA TG . 20.61 -77.78 5.04
NA CLA TG . 25.38 -76.58 7.18
C1A CLA TG . 25.87 -77.76 7.22
C2A CLA TG . 27.24 -77.83 7.82
C3A CLA TG . 27.47 -76.41 8.21
C4A CLA TG . 26.23 -75.75 7.72
CMA CLA TG . 27.85 -76.18 9.66
CAA CLA TG . 28.22 -78.09 6.67
CBA CLA TG . 29.68 -77.89 7.05
CGA CLA TG . 30.47 -79.10 6.64
O1A CLA TG . 31.68 -79.18 6.63
O2A CLA TG . 29.92 -80.23 6.20
NB CLA TG . 23.84 -74.04 6.84
C1B CLA TG . 24.94 -73.58 7.45
C2B CLA TG . 24.94 -72.11 7.65
C3B CLA TG . 23.64 -71.74 7.10
C4B CLA TG . 23.02 -73.00 6.60
CMB CLA TG . 25.97 -71.24 8.29
CAB CLA TG . 23.10 -70.37 7.03
CBB CLA TG . 21.88 -70.07 7.42
NC CLA TG . 21.44 -75.53 5.65
C1C CLA TG . 20.97 -74.31 5.49
C2C CLA TG . 19.67 -74.20 4.80
C3C CLA TG . 19.36 -75.59 4.56
C4C CLA TG . 20.50 -76.32 5.12
CMC CLA TG . 18.89 -72.97 4.44
CAC CLA TG . 18.15 -76.16 3.86
CBC CLA TG . 17.18 -76.75 4.85
ND CLA TG . 22.84 -77.86 5.95
C1D CLA TG . 21.83 -78.50 5.40
C2D CLA TG . 22.02 -79.96 5.23
C3D CLA TG . 23.36 -80.07 5.77
C4D CLA TG . 23.77 -78.86 6.16
CMD CLA TG . 21.29 -81.14 4.70
CAD CLA TG . 24.40 -81.08 6.01
OBD CLA TG . 24.42 -82.23 5.47
CBD CLA TG . 25.60 -80.38 6.51
CGD CLA TG . 26.01 -80.96 7.81
O1D CLA TG . 25.25 -80.95 8.74
O2D CLA TG . 27.32 -81.55 7.96
CED CLA TG . 27.40 -82.83 8.57
MG CLA UG . 29.58 -63.41 0.76
CHA CLA UG . 30.29 -62.40 4.01
CHB CLA UG . 32.46 -61.83 -0.19
CHC CLA UG . 28.94 -64.50 -2.36
CHD CLA UG . 26.55 -64.88 1.87
NA CLA UG . 31.21 -62.27 1.76
C1A CLA UG . 31.31 -61.98 2.99
C2A CLA UG . 32.51 -61.15 3.34
C3A CLA UG . 33.14 -60.96 1.98
C4A CLA UG . 32.22 -61.73 1.12
CMA CLA UG . 33.48 -59.54 1.56
CAA CLA UG . 33.48 -61.89 4.26
CBA CLA UG . 34.42 -62.85 3.55
CGA CLA UG . 34.15 -64.27 3.97
O1A CLA UG . 34.81 -65.23 3.63
O2A CLA UG . 33.17 -64.62 4.78
NB CLA UG . 30.57 -63.19 -1.03
C1B CLA UG . 31.71 -62.53 -1.24
C2B CLA UG . 32.15 -62.54 -2.64
C3B CLA UG . 31.10 -63.31 -3.29
C4B CLA UG . 30.16 -63.69 -2.20
CMB CLA UG . 33.37 -61.90 -3.26
CAB CLA UG . 31.08 -63.64 -4.74
CBB CLA UG . 29.99 -63.84 -5.46
NC CLA UG . 28.03 -64.58 -0.09
C1C CLA UG . 27.92 -64.89 -1.37
C2C CLA UG . 26.72 -65.66 -1.75
C3C CLA UG . 26.05 -65.81 -0.48
C4C CLA UG . 26.93 -65.11 0.48
CMC CLA UG . 26.30 -66.18 -3.08
CAC CLA UG . 24.76 -66.51 -0.17
CBC CLA UG . 23.60 -65.55 -0.28
ND CLA UG . 28.55 -63.65 2.44
C1D CLA UG . 27.43 -64.23 2.85
C2D CLA UG . 27.15 -64.15 4.29
C3D CLA UG . 28.35 -63.41 4.70
C4D CLA UG . 29.08 -63.16 3.62
CMD CLA UG . 26.11 -64.60 5.26
CAD CLA UG . 28.99 -62.86 5.90
OBD CLA UG . 28.84 -63.35 7.07
CBD CLA UG . 30.20 -62.13 5.48
CGD CLA UG . 29.97 -60.67 5.69
O1D CLA UG . 29.13 -60.10 5.05
O2D CLA UG . 30.72 -59.92 6.67
CED CLA UG . 30.01 -59.08 7.57
C1 CLA UG . 32.30 -65.94 4.49
C2 CLA UG . 31.89 -66.28 3.07
C3 CLA UG . 30.74 -66.88 2.81
C4 CLA UG . 29.80 -67.23 3.92
C5 CLA UG . 30.40 -67.20 1.37
C6 CLA UG . 29.04 -67.88 1.26
C7 CLA UG . 29.18 -69.38 1.03
C8 CLA UG . 28.73 -69.87 -0.34
C9 CLA UG . 28.20 -68.76 -1.25
C10 CLA UG . 27.68 -70.96 -0.20
C11 CLA UG . 28.27 -72.37 -0.32
C12 CLA UG . 29.53 -72.41 -1.20
C13 CLA UG . 29.74 -73.75 -1.87
C14 CLA UG . 29.63 -74.88 -0.86
C15 CLA UG . 31.10 -73.72 -2.58
C16 CLA UG . 31.64 -75.12 -2.83
C17 CLA UG . 31.88 -75.38 -4.31
C18 CLA UG . 32.61 -76.70 -4.51
C19 CLA UG . 31.82 -77.87 -3.93
C20 CLA UG . 32.94 -76.93 -5.98
C1 PQN VG . 19.04 -62.17 2.63
O1 PQN VG . 19.06 -61.48 1.59
C2 PQN VG . 19.35 -63.61 2.54
C2M PQN VG . 19.64 -64.22 1.20
C3 PQN VG . 19.35 -64.43 3.77
C4 PQN VG . 19.05 -63.79 5.07
O4 PQN VG . 19.05 -64.46 6.10
C5 PQN VG . 18.76 -62.36 5.15
C6 PQN VG . 18.50 -61.76 6.37
C7 PQN VG . 18.23 -60.42 6.42
C8 PQN VG . 18.21 -59.64 5.27
C9 PQN VG . 18.48 -60.19 4.02
C10 PQN VG . 18.76 -61.53 3.93
C11 PQN VG . 19.65 -65.90 3.71
C12 PQN VG . 21.15 -66.02 3.74
C13 PQN VG . 21.76 -67.19 3.91
C14 PQN VG . 20.95 -68.43 4.11
C15 PQN VG . 23.26 -67.24 3.94
C16 PQN VG . 23.77 -68.21 2.90
C17 PQN VG . 25.18 -68.67 3.22
C18 PQN VG . 25.29 -70.15 2.93
C19 PQN VG . 24.21 -70.89 3.70
C20 PQN VG . 26.68 -70.65 3.30
C21 PQN VG . 26.68 -72.10 3.81
C22 PQN VG . 27.89 -72.91 3.37
C23 PQN VG . 27.65 -74.37 3.72
C24 PQN VG . 28.32 -74.71 5.04
C25 PQN VG . 28.11 -75.28 2.60
C26 PQN VG . 29.60 -75.60 2.70
C27 PQN VG . 29.88 -77.08 2.48
C28 PQN VG . 31.12 -77.28 1.61
C29 PQN VG . 32.26 -76.40 2.06
C30 PQN VG . 31.54 -78.75 1.57
FE1 SF4 WG . 12.53 -55.44 11.30
FE2 SF4 WG . 11.88 -52.84 11.76
FE3 SF4 WG . 12.57 -54.45 13.82
FE4 SF4 WG . 10.20 -54.81 12.55
S1 SF4 WG . 10.83 -52.99 13.76
S2 SF4 WG . 11.68 -56.43 13.15
S3 SF4 WG . 10.77 -54.30 10.41
S4 SF4 WG . 13.91 -53.82 12.10
C1 BCR XG . 62.48 -27.83 32.23
C2 BCR XG . 61.81 -26.59 32.79
C3 BCR XG . 61.49 -25.55 31.74
C4 BCR XG . 60.63 -26.16 30.66
C5 BCR XG . 61.40 -27.30 30.04
C6 BCR XG . 62.11 -28.15 30.80
C7 BCR XG . 62.49 -29.47 30.24
C8 BCR XG . 63.62 -29.76 29.62
C9 BCR XG . 63.78 -30.95 29.20
C10 BCR XG . 64.11 -31.15 28.00
C11 BCR XG . 64.72 -31.83 27.29
C33 BCR XG . 61.31 -27.46 28.56
C31 BCR XG . 62.10 -29.03 33.08
C32 BCR XG . 63.98 -27.68 32.34
C34 BCR XG . 63.63 -32.14 30.10
C12 BCR XG . 65.37 -32.54 26.48
C13 BCR XG . 66.18 -33.69 26.04
C14 BCR XG . 66.37 -33.85 24.74
C15 BCR XG . 67.15 -34.96 24.22
C16 BCR XG . 67.77 -35.61 23.25
C17 BCR XG . 68.26 -35.87 22.17
C18 BCR XG . 68.39 -35.86 20.85
C19 BCR XG . 69.42 -36.64 20.16
C20 BCR XG . 70.25 -36.72 19.12
C21 BCR XG . 71.09 -37.13 18.37
C22 BCR XG . 71.77 -37.27 17.22
C23 BCR XG . 72.95 -38.13 17.16
C24 BCR XG . 73.30 -38.76 16.04
C25 BCR XG . 74.51 -39.62 15.97
C26 BCR XG . 74.42 -40.91 16.25
C27 BCR XG . 75.58 -41.84 16.05
C28 BCR XG . 76.28 -41.37 14.80
C29 BCR XG . 76.84 -39.99 15.06
C30 BCR XG . 75.81 -38.98 15.55
C35 BCR XG . 66.77 -34.62 27.05
C36 BCR XG . 67.49 -34.97 20.05
C37 BCR XG . 71.33 -36.54 16.00
C38 BCR XG . 73.16 -41.51 16.79
C39 BCR XG . 75.51 -38.00 14.43
C40 BCR XG . 76.41 -38.27 16.75
C1 BCR YG . 62.79 -55.88 8.75
C2 BCR YG . 61.35 -56.29 8.49
C3 BCR YG . 60.87 -55.85 7.12
C4 BCR YG . 60.92 -54.33 7.05
C5 BCR YG . 62.29 -53.86 7.40
C6 BCR YG . 62.99 -54.42 8.39
C7 BCR YG . 63.96 -53.58 9.12
C8 BCR YG . 65.27 -53.78 8.97
C9 BCR YG . 66.13 -53.08 9.59
C10 BCR YG . 65.92 -52.40 10.59
C11 BCR YG . 66.50 -51.70 11.33
C33 BCR YG . 62.87 -52.71 6.62
C31 BCR YG . 63.72 -56.72 7.88
C32 BCR YG . 63.09 -56.11 10.21
C34 BCR YG . 67.57 -53.05 9.07
C12 BCR YG . 67.00 -50.90 12.16
C13 BCR YG . 68.07 -50.13 12.79
C14 BCR YG . 67.73 -49.17 13.64
C15 BCR YG . 68.70 -48.32 14.32
C16 BCR YG . 68.93 -47.35 15.18
C17 BCR YG . 69.39 -46.51 15.91
C18 BCR YG . 69.25 -45.52 16.79
C19 BCR YG . 70.35 -44.76 17.41
C20 BCR YG . 70.66 -43.93 18.38
C21 BCR YG . 71.24 -43.17 19.10
C22 BCR YG . 71.38 -42.21 20.02
C23 BCR YG . 72.71 -41.70 20.39
C24 BCR YG . 72.84 -41.02 21.52
C25 BCR YG . 74.15 -40.47 21.91
C26 BCR YG . 74.54 -39.32 21.38
C27 BCR YG . 75.97 -39.14 20.93
C28 BCR YG . 76.87 -39.67 22.03
C29 BCR YG . 76.49 -41.09 22.40
C30 BCR YG . 75.05 -41.15 22.91
C35 BCR YG . 69.51 -50.43 12.49
C36 BCR YG . 67.87 -45.13 17.17
C37 BCR YG . 70.17 -41.62 20.66
C38 BCR YG . 73.57 -38.19 21.22
C39 BCR YG . 74.94 -40.40 24.23
C40 BCR YG . 74.64 -42.61 23.13
C1 BCR ZG . 72.08 -47.63 20.49
C2 BCR ZG . 73.46 -47.73 21.14
C3 BCR ZG . 74.07 -49.11 20.98
C4 BCR ZG . 73.18 -50.14 21.64
C5 BCR ZG . 71.79 -50.03 21.05
C6 BCR ZG . 71.23 -48.84 20.87
C7 BCR ZG . 69.77 -48.70 21.05
C8 BCR ZG . 68.91 -48.62 20.04
C9 BCR ZG . 67.66 -48.50 20.27
C10 BCR ZG . 66.92 -47.88 19.48
C11 BCR ZG . 66.10 -47.96 18.64
C33 BCR ZG . 71.07 -51.29 20.67
C31 BCR ZG . 72.23 -47.64 18.98
C32 BCR ZG . 71.42 -46.36 20.97
C34 BCR ZG . 67.07 -49.16 21.49
C12 BCR ZG . 65.26 -48.02 17.72
C13 BCR ZG . 63.91 -48.13 17.15
C14 BCR ZG . 63.75 -48.01 15.83
C15 BCR ZG . 62.47 -48.08 15.14
C16 BCR ZG . 61.76 -47.95 14.02
C17 BCR ZG . 60.89 -47.92 13.21
C18 BCR ZG . 60.35 -47.71 11.99
C19 BCR ZG . 58.92 -47.94 11.75
C20 BCR ZG . 57.91 -48.14 10.91
C21 BCR ZG . 57.31 -48.25 9.88
C22 BCR ZG . 57.08 -48.55 8.60
C23 BCR ZG . 55.74 -48.43 8.01
C24 BCR ZG . 54.76 -49.20 8.45
C25 BCR ZG . 53.39 -49.18 7.89
C26 BCR ZG . 52.47 -48.32 8.33
C27 BCR ZG . 51.09 -48.85 8.61
C28 BCR ZG . 50.65 -49.61 7.38
C29 BCR ZG . 51.63 -50.71 7.04
C30 BCR ZG . 53.03 -50.18 6.82
C35 BCR ZG . 62.73 -48.36 18.04
C36 BCR ZG . 61.22 -47.25 10.87
C37 BCR ZG . 58.22 -49.00 7.74
C38 BCR ZG . 52.74 -46.87 8.56
C39 BCR ZG . 53.09 -49.49 5.48
C40 BCR ZG . 53.99 -51.35 6.86
C1 BCR AH . 36.01 -39.72 24.22
C2 BCR AH . 34.55 -39.91 24.55
C3 BCR AH . 33.84 -40.64 23.43
C4 BCR AH . 33.88 -39.78 22.19
C5 BCR AH . 35.32 -39.48 21.88
C6 BCR AH . 36.19 -39.17 22.83
C7 BCR AH . 37.35 -38.32 22.54
C8 BCR AH . 37.20 -37.03 22.29
C9 BCR AH . 38.18 -36.28 22.02
C10 BCR AH . 37.95 -35.21 21.45
C11 BCR AH . 38.17 -34.07 21.45
C33 BCR AH . 35.76 -39.56 20.46
C31 BCR AH . 36.68 -41.07 24.18
C32 BCR AH . 36.69 -38.84 25.25
C34 BCR AH . 39.59 -36.61 22.37
C12 BCR AH . 38.36 -32.84 21.42
C13 BCR AH . 39.14 -31.61 21.47
C14 BCR AH . 38.48 -30.48 21.24
C15 BCR AH . 39.12 -29.19 21.24
C16 BCR AH . 39.03 -27.89 21.10
C17 BCR AH . 39.31 -26.72 21.04
C18 BCR AH . 39.07 -25.43 20.91
C19 BCR AH . 37.69 -24.99 20.72
C20 BCR AH . 36.85 -24.11 20.23
C21 BCR AH . 35.82 -23.56 19.94
C22 BCR AH . 34.94 -22.58 19.76
C23 BCR AH . 33.64 -22.90 19.19
C24 BCR AH . 32.58 -22.23 19.61
C25 BCR AH . 31.25 -22.53 19.06
C26 BCR AH . 30.74 -21.68 18.16
C27 BCR AH . 29.66 -22.09 17.21
C28 BCR AH . 28.70 -23.08 17.84
C29 BCR AH . 29.00 -23.42 19.29
C30 BCR AH . 30.47 -23.73 19.52
C35 BCR AH . 40.60 -31.62 21.74
C36 BCR AH . 40.18 -24.42 20.95
C37 BCR AH . 35.28 -21.17 20.11
C38 BCR AH . 31.27 -20.27 18.07
C39 BCR AH . 30.91 -25.00 18.80
C40 BCR AH . 30.67 -23.94 21.00
C1 BCR BH . 33.19 -38.29 14.46
C2 BCR BH . 32.06 -39.04 15.14
C3 BCR BH . 32.21 -38.87 16.63
C4 BCR BH . 33.43 -39.65 17.07
C5 BCR BH . 34.63 -39.29 16.24
C6 BCR BH . 34.52 -38.73 15.03
C7 BCR BH . 35.74 -38.58 14.21
C8 BCR BH . 36.44 -37.46 14.19
C9 BCR BH . 37.49 -37.39 13.49
C10 BCR BH . 38.47 -36.78 13.91
C11 BCR BH . 39.16 -35.85 13.72
C33 BCR BH . 35.96 -39.62 16.82
C31 BCR BH . 32.99 -36.81 14.69
C32 BCR BH . 33.18 -38.60 12.98
C34 BCR BH . 37.60 -38.02 12.15
C12 BCR BH . 39.90 -34.87 13.60
C13 BCR BH . 40.94 -34.03 13.01
C14 BCR BH . 41.02 -32.80 13.48
C15 BCR BH . 42.00 -31.87 13.00
C16 BCR BH . 42.66 -30.74 13.19
C17 BCR BH . 43.37 -29.80 13.10
C18 BCR BH . 44.01 -28.73 13.57
C19 BCR BH . 44.81 -27.88 12.69
C20 BCR BH . 45.85 -27.08 12.64
C21 BCR BH . 46.66 -26.30 12.29
C22 BCR BH . 47.71 -25.50 12.35
C23 BCR BH . 48.02 -24.64 11.23
C24 BCR BH . 49.18 -24.00 11.23
C25 BCR BH . 49.52 -23.10 10.11
C26 BCR BH . 50.27 -23.54 9.10
C27 BCR BH . 51.26 -22.62 8.45
C28 BCR BH . 50.65 -21.23 8.34
C29 BCR BH . 50.11 -20.75 9.66
C30 BCR BH . 49.02 -21.69 10.14
C35 BCR BH . 41.87 -34.50 11.96
C36 BCR BH . 43.91 -28.40 15.01
C37 BCR BH . 48.57 -25.49 13.59
C38 BCR BH . 50.18 -24.94 8.58
C39 BCR BH . 47.81 -21.60 9.23
C40 BCR BH . 48.64 -21.26 11.55
C1 BCR CH . 40.53 -55.34 -4.37
C2 BCR CH . 39.77 -54.04 -4.55
C3 BCR CH . 39.86 -53.21 -3.28
C4 BCR CH . 39.23 -53.94 -2.12
C5 BCR CH . 39.93 -55.27 -2.02
C6 BCR CH . 40.08 -56.00 -3.10
C7 BCR CH . 39.87 -57.46 -3.03
C8 BCR CH . 38.68 -58.03 -3.14
C9 BCR CH . 38.64 -59.30 -3.05
C10 BCR CH . 37.80 -59.98 -3.67
C11 BCR CH . 37.09 -60.09 -4.59
C33 BCR CH . 40.47 -55.74 -0.71
C31 BCR CH . 42.00 -55.02 -4.18
C32 BCR CH . 40.33 -56.25 -5.57
C34 BCR CH . 39.61 -60.02 -2.17
C12 BCR CH . 36.35 -60.35 -5.56
C13 BCR CH . 35.17 -60.25 -6.42
C14 BCR CH . 34.77 -61.38 -6.99
C15 BCR CH . 33.60 -61.49 -7.86
C16 BCR CH . 32.69 -62.26 -8.45
C17 BCR CH . 31.77 -62.66 -9.10
C18 BCR CH . 30.91 -63.54 -9.60
C19 BCR CH . 31.01 -64.95 -9.25
C20 BCR CH . 30.64 -66.16 -9.62
C21 BCR CH . 30.46 -67.33 -9.70
C22 BCR CH . 29.78 -68.42 -9.96
C23 BCR CH . 30.36 -69.75 -9.78
C24 BCR CH . 29.72 -70.66 -9.07
C25 BCR CH . 30.24 -72.03 -8.89
C26 BCR CH . 29.48 -72.99 -9.38
C27 BCR CH . 29.58 -74.41 -8.87
C28 BCR CH . 31.04 -74.71 -8.58
C29 BCR CH . 31.54 -73.68 -7.59
C30 BCR CH . 31.58 -72.31 -8.23
C35 BCR CH . 34.43 -58.97 -6.62
C36 BCR CH . 29.81 -63.18 -10.53
C37 BCR CH . 28.39 -68.31 -10.47
C38 BCR CH . 28.46 -72.70 -10.44
C39 BCR CH . 32.67 -72.30 -9.29
C40 BCR CH . 31.90 -71.30 -7.14
O1 LHG DH . 25.06 -62.58 20.76
C1 LHG DH . 25.36 -61.30 20.19
C2 LHG DH . 25.62 -61.49 18.71
O2 LHG DH . 26.86 -60.88 18.35
C3 LHG DH . 24.49 -60.85 17.91
O3 LHG DH . 25.04 -59.99 16.93
P LHG DH . 24.78 -60.28 15.37
O4 LHG DH . 24.81 -61.76 15.15
O5 LHG DH . 23.55 -59.51 15.01
O6 LHG DH . 26.07 -59.63 14.67
C4 LHG DH . 26.51 -60.11 13.41
C5 LHG DH . 27.36 -59.08 12.67
C6 LHG DH . 27.76 -57.90 13.55
O7 LHG DH . 28.55 -59.70 12.23
C7 LHG DH . 28.29 -60.67 11.18
O9 LHG DH . 27.63 -60.34 10.21
C8 LHG DH . 28.84 -62.06 11.29
C9 LHG DH . 30.24 -62.05 10.71
C10 LHG DH . 30.63 -63.48 10.36
O8 LHG DH . 28.81 -57.14 12.95
C23 LHG DH . 30.20 -57.34 13.32
O10 LHG DH . 30.50 -58.32 13.97
C24 LHG DH . 31.27 -56.36 12.92
C11 LHG DH . 31.74 -63.51 9.33
C12 LHG DH . 31.83 -64.89 8.69
C13 LHG DH . 33.18 -65.14 8.02
C14 LHG DH . 34.27 -64.23 8.54
C15 LHG DH . 35.50 -64.23 7.63
C16 LHG DH . 35.95 -62.82 7.33
C17 LHG DH . 37.42 -62.77 6.93
C18 LHG DH . 38.02 -61.44 7.35
C19 LHG DH . 39.22 -61.07 6.50
C25 LHG DH . 31.30 -56.14 11.41
C26 LHG DH . 30.73 -54.76 11.05
C27 LHG DH . 31.38 -54.18 9.80
C28 LHG DH . 30.75 -54.74 8.52
C29 LHG DH . 31.07 -53.87 7.32
C30 LHG DH . 32.57 -53.71 7.10
C31 LHG DH . 32.89 -53.20 5.70
C32 LHG DH . 33.44 -54.31 4.81
C33 LHG DH . 34.67 -53.84 4.05
C34 LHG DH . 34.68 -54.33 2.61
C1 LMG EH . 29.51 -13.08 -10.68
O1 LMG EH . 29.65 -14.06 -9.66
C2 LMG EH . 29.84 -13.72 -12.02
O2 LMG EH . 31.22 -14.06 -12.01
C3 LMG EH . 29.58 -12.76 -13.17
O3 LMG EH . 29.64 -13.49 -14.41
C4 LMG EH . 28.22 -12.08 -13.06
O4 LMG EH . 27.18 -13.01 -13.30
C5 LMG EH . 28.05 -11.50 -11.65
O5 LMG EH . 26.43 -10.09 -12.70
C6 LMG EH . 26.67 -10.86 -11.53
O6 LMG EH . 28.17 -12.56 -10.71
C7 LMG EH . 28.58 -14.00 -8.72
C8 LMG EH . 28.88 -14.92 -7.55
C9 LMG EH . 30.17 -14.46 -6.89
O7 LMG EH . 27.79 -14.82 -6.63
C10 LMG EH . 26.80 -15.88 -6.77
O9 LMG EH . 26.29 -16.10 -7.85
C11 LMG EH . 26.41 -16.70 -5.57
C12 LMG EH . 25.70 -17.99 -5.96
C13 LMG EH . 25.38 -18.78 -4.71
C14 LMG EH . 26.65 -19.16 -3.94
C15 LMG EH . 26.35 -19.48 -2.48
C16 LMG EH . 26.72 -20.90 -2.10
C17 LMG EH . 28.20 -21.06 -1.79
C18 LMG EH . 28.43 -22.43 -1.20
O8 LMG EH . 31.25 -15.27 -7.36
C28 LMG EH . 32.60 -15.19 -6.79
O10 LMG EH . 33.54 -14.92 -7.53
C29 LMG EH . 32.87 -15.44 -5.32
C30 LMG EH . 32.59 -16.88 -4.88
C31 LMG EH . 31.10 -17.16 -4.70
C32 LMG EH . 30.64 -17.03 -3.25
C33 LMG EH . 29.61 -15.92 -3.08
C34 LMG EH . 30.26 -14.53 -2.99
C35 LMG EH . 31.47 -14.55 -2.06
C36 LMG EH . 32.47 -13.48 -2.45
C37 LMG EH . 33.60 -13.27 -1.78
C38 LMG EH . 33.96 -14.10 -0.57
C39 LMG EH . 33.33 -13.47 0.65
C40 LMG EH . 33.37 -14.10 1.81
C41 LMG EH . 32.73 -13.48 3.02
C42 LMG EH . 33.14 -14.24 4.25
C43 LMG EH . 34.39 -14.14 4.69
C44 LMG EH . 34.82 -14.91 5.92
C45 LMG EH . 33.77 -14.76 7.00
C1B LMT FH . 45.67 -15.73 -8.68
C2B LMT FH . 45.05 -16.20 -10.00
C3B LMT FH . 44.51 -17.62 -9.83
C4B LMT FH . 45.62 -18.56 -9.32
C5B LMT FH . 46.24 -17.92 -8.06
C6B LMT FH . 47.40 -18.77 -7.58
O1B LMT FH . 44.69 -15.72 -7.70
O2B LMT FH . 44.06 -15.34 -10.35
O3B LMT FH . 43.93 -18.08 -10.98
O4' LMT FH . 45.11 -19.80 -8.99
O5B LMT FH . 46.68 -16.60 -8.29
O6B LMT FH . 48.49 -18.60 -8.37
C1' LMT FH . 42.12 -13.59 -5.30
C2' LMT FH . 42.06 -13.30 -6.80
C3' LMT FH . 42.74 -14.44 -7.56
C4' LMT FH . 44.22 -14.50 -7.21
C5' LMT FH . 44.35 -14.51 -5.68
C6' LMT FH . 45.28 -13.49 -5.09
O1' LMT FH . 42.40 -12.46 -4.59
O2' LMT FH . 40.74 -13.28 -7.16
O3' LMT FH . 42.60 -14.26 -8.90
O5' LMT FH . 43.10 -14.57 -4.98
O6' LMT FH . 46.53 -13.91 -5.41
C1 LMT FH . 41.45 -12.13 -3.62
C2 LMT FH . 41.94 -12.78 -2.38
C3 LMT FH . 41.22 -12.43 -1.13
C4 LMT FH . 41.57 -13.47 -0.12
C5 LMT FH . 41.37 -12.94 1.25
C6 LMT FH . 42.67 -12.67 1.92
C7 LMT FH . 42.46 -12.48 3.39
C8 LMT FH . 41.80 -13.69 3.94
C1B LMT GH . 32.84 -26.08 12.87
C2B LMT GH . 31.64 -25.71 13.77
C3B LMT GH . 31.80 -26.34 15.15
C4B LMT GH . 32.52 -27.69 15.07
C5B LMT GH . 33.91 -27.46 14.46
C6B LMT GH . 34.41 -28.73 13.79
O1B LMT GH . 33.03 -25.10 11.89
O2B LMT GH . 31.56 -24.35 13.84
O3B LMT GH . 30.59 -26.42 15.77
O4' LMT GH . 32.70 -28.21 16.32
O5B LMT GH . 33.99 -26.35 13.60
O6B LMT GH . 34.51 -29.74 14.70
C1' LMT GH . 35.70 -22.92 9.83
C2' LMT GH . 36.38 -24.08 10.56
C3' LMT GH . 35.27 -25.05 11.05
C4' LMT GH . 34.19 -24.31 11.86
C5' LMT GH . 33.79 -23.05 11.06
C6' LMT GH . 32.71 -22.21 11.68
O1' LMT GH . 36.62 -22.03 9.37
O2' LMT GH . 37.17 -24.76 9.68
O3' LMT GH . 35.82 -26.05 11.78
O5' LMT GH . 34.90 -22.24 10.77
O6' LMT GH . 32.67 -21.04 10.97
C1 LMT GH . 36.52 -21.79 7.98
C2 LMT GH . 37.05 -20.42 7.79
C3 LMT GH . 36.19 -19.31 8.31
C4 LMT GH . 35.67 -18.57 7.12
C5 LMT GH . 36.79 -17.94 6.36
MG CLA HH . 23.80 -46.76 -15.78
CHA CLA HH . 20.81 -48.29 -16.65
CHB CLA HH . 22.90 -47.15 -12.53
CHC CLA HH . 26.79 -45.43 -14.98
CHD CLA HH . 24.54 -46.28 -19.19
NA CLA HH . 22.06 -47.61 -14.69
C1A CLA HH . 21.00 -48.08 -15.18
C2A CLA HH . 19.96 -48.38 -14.17
C3A CLA HH . 20.63 -47.92 -12.93
C4A CLA HH . 21.96 -47.54 -13.38
CMA CLA HH . 19.88 -46.71 -12.46
CAA CLA HH . 19.86 -49.88 -13.96
CBA CLA HH . 18.76 -50.15 -12.96
CGA CLA HH . 19.01 -51.51 -12.42
O1A CLA HH . 18.37 -52.06 -11.55
O2A CLA HH . 19.99 -52.26 -12.85
NB CLA HH . 24.71 -46.35 -13.99
C1B CLA HH . 24.25 -46.63 -12.77
C2B CLA HH . 25.22 -46.31 -11.69
C3B CLA HH . 26.34 -45.79 -12.47
C4B CLA HH . 25.94 -45.86 -13.87
CMB CLA HH . 25.04 -46.51 -10.23
CAB CLA HH . 27.67 -45.29 -12.06
CBB CLA HH . 27.91 -44.77 -10.88
NC CLA HH . 25.44 -46.06 -16.90
C1C CLA HH . 26.53 -45.51 -16.41
C2C CLA HH . 27.49 -45.01 -17.40
C3C CLA HH . 26.82 -45.32 -18.63
C4C CLA HH . 25.57 -45.95 -18.22
CMC CLA HH . 28.81 -44.36 -17.17
CAC CLA HH . 27.24 -45.06 -20.03
CBC CLA HH . 26.86 -43.63 -20.29
ND CLA HH . 22.99 -47.11 -17.56
C1D CLA HH . 23.30 -46.94 -18.81
C2D CLA HH . 22.31 -47.43 -19.78
C3D CLA HH . 21.31 -47.96 -18.86
C4D CLA HH . 21.76 -47.74 -17.62
CMD CLA HH . 22.20 -47.47 -21.26
CAD CLA HH . 20.01 -48.63 -18.82
OBD CLA HH . 19.36 -49.08 -19.82
CBD CLA HH . 19.79 -49.08 -17.43
CGD CLA HH . 18.36 -48.87 -17.11
O1D CLA HH . 17.74 -47.95 -17.60
O2D CLA HH . 17.65 -49.78 -16.25
CED CLA HH . 16.77 -50.68 -16.88
C1 CLA HH . 19.69 -53.65 -13.57
C2 CLA HH . 20.84 -54.31 -14.28
C3 CLA HH . 20.64 -54.98 -15.41
C4 CLA HH . 19.27 -55.10 -15.99
C5 CLA HH . 21.81 -55.62 -16.11
C6 CLA HH . 21.87 -54.92 -17.46
C7 CLA HH . 23.04 -55.34 -18.33
C8 CLA HH . 23.51 -56.75 -18.08
C9 CLA HH . 25.03 -56.81 -18.08
C10 CLA HH . 22.91 -57.63 -19.15
C11 CLA HH . 21.68 -58.33 -18.60
C12 CLA HH . 20.88 -59.01 -19.70
C13 CLA HH . 21.24 -60.48 -19.88
C14 CLA HH . 19.97 -61.25 -20.19
C15 CLA HH . 21.97 -61.05 -18.67
C16 CLA HH . 21.50 -62.43 -18.23
C17 CLA HH . 21.17 -62.39 -16.76
C18 CLA HH . 21.97 -63.41 -15.94
C19 CLA HH . 21.23 -64.73 -15.87
C20 CLA HH . 23.38 -63.62 -16.45
MG CLA IH . 21.47 -58.24 -11.22
CHA CLA IH . 24.10 -56.23 -12.19
CHB CLA IH . 23.09 -60.83 -12.75
CHC CLA IH . 19.02 -60.23 -10.06
CHD CLA IH . 19.87 -55.46 -9.74
NA CLA IH . 23.36 -58.52 -12.35
C1A CLA IH . 24.22 -57.64 -12.68
C2A CLA IH . 25.29 -58.13 -13.61
C3A CLA IH . 24.89 -59.58 -13.76
C4A CLA IH . 23.70 -59.66 -12.90
CMA CLA IH . 24.71 -60.09 -15.16
CAA CLA IH . 26.69 -58.12 -13.02
CBA CLA IH . 27.70 -58.12 -14.15
CGA CLA IH . 28.46 -59.42 -14.13
O1A CLA IH . 28.29 -60.32 -13.34
O2A CLA IH . 29.40 -59.75 -15.01
NB CLA IH . 21.12 -60.25 -11.40
C1B CLA IH . 21.88 -61.16 -12.00
C2B CLA IH . 21.38 -62.54 -11.89
C3B CLA IH . 20.18 -62.33 -11.11
C4B CLA IH . 20.09 -60.88 -10.84
CMB CLA IH . 21.94 -63.82 -12.42
CAB CLA IH . 19.25 -63.35 -10.64
CBB CLA IH . 19.65 -64.30 -9.85
NC CLA IH . 19.73 -57.90 -10.04
C1C CLA IH . 18.80 -58.81 -9.77
C2C CLA IH . 17.56 -58.29 -9.17
C3C CLA IH . 17.83 -56.87 -9.08
C4C CLA IH . 19.19 -56.74 -9.64
CMC CLA IH . 16.31 -58.99 -8.74
CAC CLA IH . 16.95 -55.76 -8.58
CBC CLA IH . 16.25 -55.06 -9.72
ND CLA IH . 21.73 -56.29 -11.01
C1D CLA IH . 21.17 -55.29 -10.35
C2D CLA IH . 21.95 -54.04 -10.30
C3D CLA IH . 23.12 -54.48 -11.07
C4D CLA IH . 22.93 -55.75 -11.44
CMD CLA IH . 21.79 -52.68 -9.71
CAD CLA IH . 24.41 -53.99 -11.54
OBD CLA IH . 25.11 -53.21 -10.82
CBD CLA IH . 25.09 -55.10 -12.25
CGD CLA IH . 25.48 -54.67 -13.63
O1D CLA IH . 26.54 -55.00 -14.10
O2D CLA IH . 24.63 -53.84 -14.42
CED CLA IH . 24.99 -53.74 -15.79
C1 CLA IH . 29.85 -61.28 -15.11
C2 CLA IH . 31.28 -61.79 -15.15
C3 CLA IH . 32.05 -61.75 -14.08
C4 CLA IH . 31.51 -61.16 -12.84
C5 CLA IH . 33.45 -62.29 -14.16
C6 CLA IH . 34.14 -62.08 -12.83
C7 CLA IH . 35.17 -63.18 -12.62
C8 CLA IH . 34.93 -63.83 -11.27
C9 CLA IH . 35.90 -63.25 -10.25
C10 CLA IH . 35.04 -65.34 -11.44
C11 CLA IH . 35.87 -66.00 -10.36
C12 CLA IH . 34.97 -66.80 -9.43
C13 CLA IH . 35.81 -67.47 -8.35
C14 CLA IH . 35.75 -68.99 -8.47
C15 CLA IH . 35.34 -67.02 -6.99
C16 CLA IH . 35.66 -65.55 -6.74
C17 CLA IH . 35.47 -65.20 -5.27
C18 CLA IH . 36.71 -64.54 -4.71
C19 CLA IH . 36.49 -64.14 -3.25
C20 CLA IH . 37.92 -65.45 -4.84
MG CLA JH . 20.38 -39.38 1.26
CHA CLA JH . 20.42 -37.36 4.08
CHB CLA JH . 19.27 -36.67 -0.51
CHC CLA JH . 20.70 -41.22 -1.49
CHD CLA JH . 21.26 -42.15 3.23
NA CLA JH . 19.90 -37.26 1.70
C1A CLA JH . 19.93 -36.68 2.83
C2A CLA JH . 19.43 -35.28 2.77
C3A CLA JH . 19.02 -35.14 1.32
C4A CLA JH . 19.43 -36.44 0.79
CMA CLA JH . 17.63 -34.67 1.00
CAA CLA JH . 20.64 -34.38 2.92
CBA CLA JH . 20.27 -32.91 3.03
CGA CLA JH . 20.53 -32.25 1.70
O1A CLA JH . 21.34 -32.64 0.89
O2A CLA JH . 19.89 -31.21 1.26
NB CLA JH . 20.05 -38.98 -0.73
C1B CLA JH . 19.58 -37.87 -1.27
C2B CLA JH . 19.41 -37.94 -2.75
C3B CLA JH . 19.82 -39.31 -2.99
C4B CLA JH . 20.21 -39.87 -1.69
CMB CLA JH . 18.91 -36.89 -3.69
CAB CLA JH . 19.92 -40.03 -4.26
CBB CLA JH . 20.68 -39.51 -5.18
NC CLA JH . 20.93 -41.38 0.94
C1C CLA JH . 20.96 -41.94 -0.25
C2C CLA JH . 21.27 -43.34 -0.29
C3C CLA JH . 21.45 -43.68 1.11
C4C CLA JH . 21.20 -42.38 1.79
CMC CLA JH . 21.39 -44.14 -1.53
CAC CLA JH . 21.76 -45.06 1.62
CBC CLA JH . 22.79 -45.15 2.71
ND CLA JH . 20.78 -39.80 3.16
C1D CLA JH . 21.10 -40.85 3.87
C2D CLA JH . 21.24 -40.63 5.32
C3D CLA JH . 20.96 -39.20 5.35
C4D CLA JH . 20.71 -38.80 4.10
CMD CLA JH . 21.57 -41.46 6.52
CAD CLA JH . 20.85 -38.07 6.28
OBD CLA JH . 21.16 -38.10 7.52
CBD CLA JH . 20.81 -36.83 5.45
CGD CLA JH . 19.84 -35.87 6.05
O1D CLA JH . 18.74 -36.23 6.39
O2D CLA JH . 20.22 -34.50 6.26
CED CLA JH . 19.70 -33.80 7.37
C1 CLA JH . 19.73 -31.05 -0.32
C2 CLA JH . 18.75 -31.87 -1.10
C3 CLA JH . 19.17 -32.59 -2.15
C4 CLA JH . 20.61 -32.62 -2.52
C5 CLA JH . 18.18 -33.39 -2.93
C6 CLA JH . 18.18 -32.88 -4.36
C7 CLA JH . 17.68 -31.44 -4.40
C8 CLA JH . 17.26 -31.08 -5.81
C9 CLA JH . 18.49 -30.98 -6.69
C10 CLA JH . 16.51 -29.77 -5.75
C11 CLA JH . 15.05 -29.99 -6.04
C12 CLA JH . 14.47 -28.77 -6.73
C13 CLA JH . 13.03 -28.55 -6.29
C14 CLA JH . 12.92 -28.54 -4.78
C15 CLA JH . 12.17 -29.65 -6.88
C16 CLA JH . 10.76 -29.55 -6.33
C17 CLA JH . 9.79 -29.14 -7.42
C18 CLA JH . 8.37 -29.61 -7.13
C19 CLA JH . 7.61 -29.74 -8.45
C20 CLA JH . 8.33 -30.93 -6.38
MG CLA KH . -9.52 -40.91 -5.62
CHA CLA KH . -11.46 -40.48 -2.79
CHB CLA KH . -12.35 -42.13 -7.19
CHC CLA KH . -7.71 -41.19 -8.43
CHD CLA KH . -6.67 -39.77 -3.88
NA CLA KH . -11.66 -41.26 -5.11
C1A CLA KH . -12.20 -41.06 -3.97
C2A CLA KH . -13.65 -41.39 -3.94
C3A CLA KH . -13.88 -41.95 -5.31
C4A CLA KH . -12.55 -41.77 -5.93
CMA CLA KH . -14.49 -43.33 -5.40
CAA CLA KH . -14.47 -40.10 -3.84
CBA CLA KH . -14.30 -39.09 -4.96
CGA CLA KH . -13.16 -38.15 -4.70
O1A CLA KH . -12.79 -37.79 -3.61
O2A CLA KH . -12.41 -37.61 -5.62
NB CLA KH . -9.98 -41.56 -7.53
C1B CLA KH . -11.13 -42.05 -7.99
C2B CLA KH . -11.10 -42.48 -9.40
C3B CLA KH . -9.70 -42.18 -9.74
C4B CLA KH . -9.10 -41.62 -8.52
CMB CLA KH . -12.23 -43.06 -10.21
CAB CLA KH . -8.93 -42.37 -11.00
CBB CLA KH . -9.32 -43.14 -11.98
NC CLA KH . -7.49 -40.53 -6.10
C1C CLA KH . -6.95 -40.66 -7.29
C2C CLA KH . -5.55 -40.25 -7.41
C3C CLA KH . -5.26 -39.82 -6.05
C4C CLA KH . -6.52 -40.04 -5.32
CMC CLA KH . -4.66 -40.26 -8.62
CAC CLA KH . -3.97 -39.26 -5.51
CBC CLA KH . -2.95 -40.36 -5.47
ND CLA KH . -9.03 -40.28 -3.81
C1D CLA KH . -7.95 -39.83 -3.18
C2D CLA KH . -8.19 -39.41 -1.78
C3D CLA KH . -9.62 -39.70 -1.69
C4D CLA KH . -10.03 -40.19 -2.85
CMD CLA KH . -7.42 -38.85 -0.61
CAD CLA KH . -10.73 -39.63 -0.73
OBD CLA KH . -10.71 -39.04 0.40
CBD CLA KH . -11.97 -40.05 -1.43
CGD CLA KH . -12.63 -41.12 -0.65
O1D CLA KH . -13.38 -40.82 0.25
O2D CLA KH . -12.43 -42.52 -0.93
CED CLA KH . -13.36 -43.43 -0.36
C1 CLA KH . -10.81 -37.67 -5.51
C2 CLA KH . -10.03 -36.68 -4.69
C3 CLA KH . -8.82 -36.29 -5.08
C4 CLA KH . -8.07 -35.30 -4.25
C5 CLA KH . -8.22 -36.84 -6.36
C6 CLA KH . -7.01 -36.03 -6.76
C7 CLA KH . -6.85 -36.02 -8.27
C8 CLA KH . -5.64 -35.19 -8.70
C9 CLA KH . -4.33 -35.91 -8.38
C10 CLA KH . -5.68 -33.82 -8.03
MG CLA LH . -11.69 -52.00 -10.15
CHA CLA LH . -11.76 -54.05 -12.94
CHB CLA LH . -10.79 -49.45 -12.24
CHC CLA LH . -11.76 -49.97 -7.45
CHD CLA LH . -12.60 -54.73 -8.12
NA CLA LH . -11.33 -51.75 -12.33
C1A CLA LH . -11.39 -52.63 -13.24
C2A CLA LH . -11.02 -52.13 -14.60
C3A CLA LH . -10.67 -50.71 -14.28
C4A CLA LH . -10.97 -50.61 -12.85
CMA CLA LH . -9.24 -50.36 -14.59
CAA CLA LH . -12.22 -52.11 -15.54
CBA CLA LH . -12.18 -51.04 -16.63
CGA CLA LH . -11.17 -51.32 -17.74
O1A CLA LH . -11.01 -50.62 -18.71
O2A CLA LH . -10.34 -52.34 -17.82
NB CLA LH . -11.34 -49.98 -9.90
C1B CLA LH . -10.96 -49.10 -10.82
C2B CLA LH . -10.73 -47.74 -10.30
C3B CLA LH . -11.03 -47.91 -8.90
C4B CLA LH . -11.39 -49.34 -8.72
CMB CLA LH . -10.32 -46.49 -11.00
CAB CLA LH . -10.94 -46.84 -7.89
CBB CLA LH . -11.90 -46.58 -7.05
NC CLA LH . -12.18 -52.30 -8.11
C1C CLA LH . -12.02 -51.39 -7.16
C2C CLA LH . -12.11 -51.89 -5.80
C3C CLA LH . -12.38 -53.30 -6.00
C4C CLA LH . -12.39 -53.44 -7.46
CMC CLA LH . -11.99 -51.15 -4.52
CAC CLA LH . -12.55 -54.37 -4.97
CBC CLA LH . -11.28 -55.16 -4.81
ND CLA LH . -12.11 -53.93 -10.32
C1D CLA LH . -12.44 -54.95 -9.54
C2D CLA LH . -12.63 -56.24 -10.23
C3D CLA LH . -12.33 -55.81 -11.59
C4D CLA LH . -12.05 -54.51 -11.58
CMD CLA LH . -12.98 -57.65 -9.89
CAD CLA LH . -12.26 -56.33 -12.94
OBD CLA LH . -12.34 -57.57 -13.25
CBD CLA LH . -11.88 -55.24 -13.86
CGD CLA LH . -10.55 -55.58 -14.44
O1D CLA LH . -10.48 -56.21 -15.47
O2D CLA LH . -9.33 -55.22 -13.79
CED CLA LH . -8.12 -55.35 -14.51
C1 CLA LH . -10.76 -53.60 -18.72
C2 CLA LH . -12.13 -54.20 -18.53
C3 CLA LH . -12.36 -55.50 -18.65
C4 CLA LH . -11.22 -56.40 -18.99
C5 CLA LH . -13.75 -56.04 -18.45
C6 CLA LH . -13.93 -56.51 -17.01
C7 CLA LH . -14.96 -55.68 -16.24
C8 CLA LH . -15.40 -56.42 -14.99
C9 CLA LH . -16.52 -57.39 -15.33
C10 CLA LH . -15.87 -55.47 -13.91
C11 CLA LH . -16.46 -56.20 -12.72
C12 CLA LH . -16.08 -55.51 -11.41
C13 CLA LH . -16.93 -55.89 -10.21
C14 CLA LH . -17.86 -57.06 -10.47
C15 CLA LH . -17.73 -54.69 -9.74
MG CLA MH . -5.52 -47.03 -15.02
CHA CLA MH . -5.79 -45.72 -11.80
CHB CLA MH . -5.63 -50.11 -13.60
CHC CLA MH . -5.49 -48.26 -18.13
CHD CLA MH . -5.41 -43.75 -16.32
NA CLA MH . -5.70 -47.85 -12.96
C1A CLA MH . -5.76 -47.21 -11.86
C2A CLA MH . -5.80 -48.09 -10.66
C3A CLA MH . -5.66 -49.44 -11.28
C4A CLA MH . -5.69 -49.12 -12.71
CMA CLA MH . -4.43 -50.20 -10.87
CAA CLA MH . -7.21 -48.15 -10.14
CBA CLA MH . -7.43 -47.41 -8.82
CGA CLA MH . -6.98 -48.26 -7.68
O1A CLA MH . -7.41 -49.37 -7.48
O2A CLA MH . -6.09 -47.93 -6.78
NB CLA MH . -5.58 -48.94 -15.75
C1B CLA MH . -5.59 -50.06 -15.06
C2B CLA MH . -5.55 -51.28 -15.91
C3B CLA MH . -5.50 -50.69 -17.24
C4B CLA MH . -5.53 -49.23 -17.04
CMB CLA MH . -5.56 -52.71 -15.48
CAB CLA MH . -5.46 -51.31 -18.56
CBB CLA MH . -6.27 -52.28 -18.88
NC CLA MH . -5.51 -46.13 -16.93
C1C CLA MH . -5.44 -46.80 -18.08
C2C CLA MH . -5.30 -45.97 -19.28
C3C CLA MH . -5.29 -44.65 -18.72
C4C CLA MH . -5.43 -44.85 -17.28
CMC CLA MH . -5.20 -46.40 -20.72
CAC CLA MH . -5.19 -43.33 -19.42
CBC CLA MH . -3.77 -42.85 -19.34
ND CLA MH . -5.61 -45.15 -14.38
C1D CLA MH . -5.51 -43.92 -14.89
C2D CLA MH . -5.50 -42.83 -13.90
C3D CLA MH . -5.62 -43.63 -12.70
C4D CLA MH . -5.67 -44.91 -13.02
CMD CLA MH . -5.42 -41.33 -13.89
CAD CLA MH . -5.69 -43.46 -11.26
OBD CLA MH . -5.77 -42.34 -10.68
CBD CLA MH . -5.93 -44.78 -10.64
CGD CLA MH . -4.88 -44.94 -9.60
O1D CLA MH . -5.10 -44.66 -8.44
O2D CLA MH . -3.56 -45.41 -9.97
CED CLA MH . -2.61 -45.63 -8.95
C1 CLA MH . -4.55 -48.17 -7.11
C2 CLA MH . -3.70 -49.20 -6.41
C3 CLA MH . -2.56 -49.60 -6.95
C4 CLA MH . -1.74 -50.61 -6.24
C5 CLA MH . -2.10 -49.08 -8.28
C6 CLA MH . -0.81 -49.75 -8.73
C7 CLA MH . -0.01 -48.81 -9.59
C8 CLA MH . 0.76 -49.56 -10.67
C9 CLA MH . 1.65 -48.59 -11.44
C10 CLA MH . -0.23 -50.26 -11.60
C11 CLA MH . 0.35 -50.49 -12.99
C12 CLA MH . -0.61 -51.28 -13.88
C13 CLA MH . -1.55 -50.42 -14.72
C14 CLA MH . -1.75 -51.06 -16.07
C15 CLA MH . -1.03 -49.02 -14.92
C16 CLA MH . -2.14 -48.01 -14.77
C17 CLA MH . -1.72 -46.67 -15.35
C18 CLA MH . -2.01 -45.56 -14.37
C19 CLA MH . -1.52 -45.90 -12.97
C20 CLA MH . -1.41 -44.25 -14.86
MG CLA NH . -4.40 -30.63 -23.33
CHA CLA NH . -2.08 -28.02 -23.50
CHB CLA NH . -1.87 -32.53 -22.08
CHC CLA NH . -6.61 -33.15 -23.10
CHD CLA NH . -6.82 -28.58 -24.78
NA CLA NH . -2.25 -30.35 -22.82
C1A CLA NH . -1.54 -29.31 -22.98
C2A CLA NH . -0.10 -29.46 -22.60
C3A CLA NH . -0.07 -30.91 -22.22
C4A CLA NH . -1.47 -31.30 -22.38
CMA CLA NH . 0.89 -31.69 -23.07
CAA CLA NH . 0.28 -28.69 -21.33
CBA CLA NH . -0.60 -28.92 -20.11
CGA CLA NH . -1.81 -28.01 -20.14
O1A CLA NH . -1.80 -26.82 -19.90
O2A CLA NH . -3.01 -28.42 -20.47
NB CLA NH . -4.24 -32.57 -22.69
C1B CLA NH . -3.17 -33.17 -22.18
C2B CLA NH . -3.42 -34.56 -21.72
C3B CLA NH . -4.82 -34.70 -22.07
C4B CLA NH . -5.25 -33.43 -22.64
CMB CLA NH . -2.47 -35.54 -21.11
CAB CLA NH . -5.69 -35.86 -21.85
CBB CLA NH . -5.92 -36.23 -20.63
NC CLA NH . -6.45 -30.80 -23.75
C1C CLA NH . -7.15 -31.94 -23.71
C2C CLA NH . -8.49 -31.89 -24.29
C3C CLA NH . -8.57 -30.51 -24.73
C4C CLA NH . -7.26 -29.93 -24.36
CMC CLA NH . -9.50 -32.99 -24.38
CAC CLA NH . -9.71 -29.84 -25.43
CBC CLA NH . -10.28 -28.76 -24.56
ND CLA NH . -4.54 -28.78 -24.05
C1D CLA NH . -5.50 -28.01 -24.51
C2D CLA NH . -5.10 -26.61 -24.75
C3D CLA NH . -3.71 -26.67 -24.33
C4D CLA NH . -3.47 -27.93 -23.93
CMD CLA NH . -5.73 -25.36 -25.26
CAD CLA NH . -2.51 -25.84 -24.18
OBD CLA NH . -2.55 -24.59 -23.95
CBD CLA NH . -1.39 -26.71 -23.75
CGD CLA NH . -0.45 -26.87 -24.89
O1D CLA NH . -0.85 -26.77 -26.03
O2D CLA NH . 0.95 -27.16 -24.69
CED CLA NH . 1.89 -26.59 -25.59
C1 CLA NH . -4.34 -27.72 -19.96
C2 CLA NH . -5.56 -28.58 -19.73
C3 CLA NH . -6.69 -28.36 -20.43
C4 CLA NH . -6.77 -27.29 -21.45
C5 CLA NH . -7.88 -29.23 -20.20
C6 CLA NH . -7.43 -30.64 -20.47
C7 CLA NH . -7.98 -31.52 -19.38
C8 CLA NH . -8.61 -32.73 -20.04
C9 CLA NH . -9.85 -32.31 -20.81
C10 CLA NH . -8.96 -33.71 -18.95
C11 CLA NH . -7.71 -34.08 -18.16
C12 CLA NH . -8.08 -34.56 -16.78
C13 CLA NH . -7.63 -36.01 -16.60
C14 CLA NH . -8.40 -36.95 -17.51
C15 CLA NH . -7.83 -36.40 -15.14
C16 CLA NH . -6.53 -36.92 -14.56
C17 CLA NH . -6.18 -36.14 -13.29
C18 CLA NH . -5.36 -36.99 -12.35
C19 CLA NH . -6.07 -38.30 -12.01
C20 CLA NH . -3.98 -37.27 -12.93
MG CLA OH . 4.18 -35.82 -23.66
CHA CLA OH . 2.83 -37.97 -26.01
CHB CLA OH . 1.00 -35.36 -22.45
CHC CLA OH . 5.51 -33.77 -21.36
CHD CLA OH . 7.39 -36.32 -25.03
NA CLA OH . 2.14 -36.55 -24.14
C1A CLA OH . 1.83 -37.33 -25.09
C2A CLA OH . 0.38 -37.64 -25.13
C3A CLA OH . -0.18 -36.75 -24.06
C4A CLA OH . 1.06 -36.17 -23.51
CMA CLA OH . -1.27 -35.80 -24.50
CAA CLA OH . 0.17 -39.07 -24.62
CBA CLA OH . 0.57 -39.41 -23.18
CGA CLA OH . 2.06 -39.59 -23.02
O1A CLA OH . 2.75 -40.30 -23.70
O2A CLA OH . 2.79 -38.96 -22.15
NB CLA OH . 3.36 -34.73 -22.14
C1B CLA OH . 2.08 -34.67 -21.77
C2B CLA OH . 1.85 -33.83 -20.56
C3B CLA OH . 3.20 -33.37 -20.28
C4B CLA OH . 4.06 -33.98 -21.30
CMB CLA OH . 0.55 -33.55 -19.88
CAB CLA OH . 3.72 -32.49 -19.22
CBB CLA OH . 2.98 -31.88 -18.34
NC CLA OH . 6.16 -35.22 -23.20
C1C CLA OH . 6.50 -34.39 -22.23
C2C CLA OH . 7.95 -34.17 -22.07
C3C CLA OH . 8.49 -34.99 -23.14
C4C CLA OH . 7.31 -35.56 -23.78
CMC CLA OH . 8.66 -33.35 -21.05
CAC CLA OH . 9.90 -35.21 -23.53
CBC CLA OH . 10.36 -36.50 -22.92
ND CLA OH . 5.03 -36.78 -25.17
C1D CLA OH . 6.26 -37.05 -25.58
C2D CLA OH . 6.37 -38.09 -26.60
C3D CLA OH . 4.95 -38.42 -26.75
C4D CLA OH . 4.25 -37.65 -25.92
CMD CLA OH . 7.48 -38.73 -27.36
CAD CLA OH . 4.07 -39.32 -27.50
OBD CLA OH . 4.46 -40.43 -27.97
CBD CLA OH . 2.68 -39.09 -27.02
CGD CLA OH . 1.75 -38.84 -28.15
O1D CLA OH . 1.36 -39.76 -28.83
O2D CLA OH . 1.26 -37.53 -28.50
CED CLA OH . -0.05 -37.43 -29.01
C1 CLA OH . 4.39 -39.09 -22.24
C2 CLA OH . 5.20 -38.44 -21.16
C3 CLA OH . 6.54 -38.38 -21.20
C4 CLA OH . 7.28 -39.00 -22.33
C5 CLA OH . 7.29 -37.72 -20.09
C6 CLA OH . 6.38 -36.72 -19.39
C7 CLA OH . 6.18 -37.11 -17.94
C8 CLA OH . 4.80 -36.69 -17.47
C9 CLA OH . 4.72 -36.78 -15.96
C10 CLA OH . 3.78 -37.61 -18.12
C11 CLA OH . 2.37 -37.07 -17.97
C12 CLA OH . 1.50 -37.57 -19.10
C13 CLA OH . 0.39 -38.48 -18.60
C14 CLA OH . 0.88 -39.91 -18.49
C15 CLA OH . -0.77 -38.40 -19.57
C16 CLA OH . -2.01 -39.03 -18.96
C17 CLA OH . -2.63 -38.10 -17.93
C18 CLA OH . -3.84 -38.72 -17.27
C19 CLA OH . -5.06 -38.65 -18.18
C20 CLA OH . -3.56 -40.16 -16.88
MG CLA PH . 11.02 -29.18 -19.71
CHA CLA PH . 7.97 -29.67 -21.27
CHB CLA PH . 9.28 -27.76 -17.12
CHC CLA PH . 13.94 -28.92 -18.06
CHD CLA PH . 12.71 -30.46 -22.51
NA CLA PH . 8.88 -28.76 -19.21
C1A CLA PH . 7.87 -28.99 -19.94
C2A CLA PH . 6.58 -28.54 -19.33
C3A CLA PH . 7.06 -27.86 -18.09
C4A CLA PH . 8.50 -28.15 -18.13
CMA CLA PH . 6.70 -26.40 -18.15
CAA CLA PH . 5.79 -29.78 -18.87
CBA CLA PH . 5.94 -30.19 -17.41
CGA CLA PH . 6.09 -31.68 -17.23
O1A CLA PH . 6.46 -32.45 -18.10
O2A CLA PH . 5.85 -32.32 -16.11
NB CLA PH . 11.52 -28.45 -17.86
C1B CLA PH . 10.72 -27.90 -16.97
C2B CLA PH . 11.40 -27.46 -15.75
C3B CLA PH . 12.78 -27.79 -16.04
C4B CLA PH . 12.76 -28.41 -17.37
CMB CLA PH . 10.77 -26.82 -14.57
CAB CLA PH . 14.01 -27.60 -15.24
CBB CLA PH . 14.12 -26.69 -14.30
NC CLA PH . 13.00 -29.67 -20.20
C1C CLA PH . 14.05 -29.42 -19.42
C2C CLA PH . 15.36 -29.68 -19.99
C3C CLA PH . 15.01 -30.16 -21.31
C4C CLA PH . 13.53 -30.10 -21.34
CMC CLA PH . 16.67 -29.49 -19.32
CAC CLA PH . 15.92 -30.57 -22.42
CBC CLA PH . 16.26 -29.32 -23.20
ND CLA PH . 10.60 -29.87 -21.52
C1D CLA PH . 11.25 -30.42 -22.52
C2D CLA PH . 10.39 -30.95 -23.60
C3D CLA PH . 9.08 -30.61 -23.04
C4D CLA PH . 9.27 -30.01 -21.87
CMD CLA PH . 10.58 -31.67 -24.90
CAD CLA PH . 7.64 -30.70 -23.32
OBD CLA PH . 7.10 -31.44 -24.20
CBD CLA PH . 6.88 -30.16 -22.17
CGD CLA PH . 6.00 -29.07 -22.62
O1D CLA PH . 6.39 -28.22 -23.38
O2D CLA PH . 4.64 -28.99 -22.13
CED CLA PH . 3.60 -28.75 -23.06
CAA F6C QH . 12.54 -18.33 -17.19
CAB F6C QH . 6.24 -25.09 -15.23
CAC F6C QH . 11.97 -25.93 -9.47
CAD F6C QH . 14.42 -18.61 -12.55
NA F6C QH . 10.79 -20.34 -15.04
CBA F6C QH . 13.25 -16.99 -17.19
CBB F6C QH . 6.33 -26.27 -14.67
CBC F6C QH . 12.98 -26.84 -10.10
CBD F6C QH . 13.68 -18.14 -13.75
NB F6C QH . 9.03 -22.69 -14.57
OBD F6C QH . 15.21 -17.92 -11.84
CGA F6C QH . 12.41 -15.73 -17.01
CGD F6C QH . 12.99 -16.87 -13.39
ND F6C QH . 12.36 -21.50 -12.65
CED F6C QH . 12.17 -15.34 -11.75
CHA F6C QH . 12.69 -19.25 -14.00
CHB F6C QH . 8.96 -21.00 -16.36
CHC F6C QH . 8.63 -24.57 -13.05
CHD F6C QH . 12.74 -23.16 -10.93
CMA F6C QH . 8.99 -18.26 -17.36
CMB F6C QH . 6.56 -22.64 -17.43
CMC F6C QH . 9.07 -26.78 -10.83
CMD F6C QH . 15.12 -20.84 -10.05
OMB F6C QH . 6.95 -23.04 -18.51
C1 F6C QH . 10.00 -15.09 -16.42
C1A F6C QH . 11.62 -19.38 -15.06
C1B F6C QH . 8.50 -22.20 -15.68
C1C F6C QH . 9.80 -24.59 -12.19
C1D F6C QH . 13.04 -21.89 -11.58
O1A F6C QH . 12.82 -14.70 -16.49
O1D F6C QH . 12.16 -16.34 -14.10
C2 F6C QH . 10.11 -14.05 -15.35
C2A F6C QH . 11.39 -18.42 -16.19
C2B F6C QH . 7.35 -22.95 -16.21
C2C F6C QH . 9.97 -25.63 -11.17
C2D F6C QH . 14.08 -20.95 -11.13
O2A F6C QH . 11.17 -15.58 -17.39
O2D F6C QH . 13.25 -16.14 -12.19
C3 F6C QH . 8.99 -13.51 -14.90
C3A F6C QH . 10.20 -19.04 -16.90
C3B F6C QH . 7.26 -24.01 -15.22
C3C F6C QH . 11.24 -25.24 -10.59
C3D F6C QH . 13.88 -19.91 -12.15
C4 F6C QH . 9.15 -12.46 -13.87
C4A F6C QH . 9.96 -20.20 -16.03
C4B F6C QH . 8.33 -23.77 -14.25
C4C F6C QH . 11.64 -24.03 -11.34
C4D F6C QH . 12.91 -20.28 -12.97
C5 F6C QH . 7.63 -13.92 -15.44
C6 F6C QH . 6.66 -14.27 -14.34
C7 F6C QH . 5.33 -14.74 -14.91
C8 F6C QH . 4.14 -14.00 -14.29
C9 F6C QH . 4.15 -12.54 -14.67
C10 F6C QH . 4.15 -14.18 -12.77
C11 F6C QH . 3.08 -13.33 -12.10
C12 F6C QH . 2.28 -14.15 -11.09
C13 F6C QH . 1.56 -13.25 -10.09
C14 F6C QH . 2.52 -12.79 -9.00
C15 F6C QH . 0.33 -13.96 -9.54
NC F6C QH . 10.77 -23.69 -12.28
MG F6C QH . 10.70 -22.04 -13.60
C16 F6C QH . 0.51 -14.58 -8.16
C17 F6C QH . 0.88 -16.05 -8.27
C18 F6C QH . 0.07 -16.99 -7.35
C19 F6C QH . 0.81 -17.31 -6.07
C20 F6C QH . -1.32 -16.45 -7.08
MG CLA RH . -27.43 -47.90 -17.31
CHA CLA RH . -30.59 -48.46 -16.03
CHB CLA RH . -26.55 -50.99 -16.08
CHC CLA RH . -24.38 -47.42 -18.69
CHD CLA RH . -28.44 -44.72 -18.48
NA CLA RH . -28.42 -49.54 -16.21
C1A CLA RH . -29.62 -49.58 -15.80
C2A CLA RH . -29.98 -50.80 -15.01
C3A CLA RH . -28.67 -51.53 -14.99
C4A CLA RH . -27.81 -50.63 -15.82
CMA CLA RH . -28.21 -51.79 -13.58
CAA CLA RH . -30.95 -51.72 -15.75
CBA CLA RH . -30.62 -51.86 -17.23
CGA CLA RH . -31.59 -52.80 -17.90
O1A CLA RH . -31.55 -53.09 -19.08
O2A CLA RH . -32.58 -53.42 -17.30
NB CLA RH . -25.73 -49.05 -17.37
C1B CLA RH . -25.53 -50.25 -16.85
C2B CLA RH . -24.17 -50.81 -17.08
C3B CLA RH . -23.56 -49.73 -17.84
C4B CLA RH . -24.59 -48.69 -17.98
CMB CLA RH . -23.63 -52.13 -16.62
CAB CLA RH . -22.21 -49.57 -18.43
CBB CLA RH . -21.18 -50.28 -18.07
NC CLA RH . -26.55 -46.32 -18.43
C1C CLA RH . -25.32 -46.30 -18.91
C2C CLA RH . -24.94 -45.11 -19.67
C3C CLA RH . -26.15 -44.33 -19.62
C4C CLA RH . -27.08 -45.15 -18.83
CMC CLA RH . -23.63 -44.80 -20.35
CAC CLA RH . -26.41 -42.98 -20.22
CBC CLA RH . -26.19 -41.92 -19.18
ND CLA RH . -29.05 -46.75 -17.34
C1D CLA RH . -29.40 -45.55 -17.77
C2D CLA RH . -30.81 -45.15 -17.44
C3D CLA RH . -31.22 -46.37 -16.74
C4D CLA RH . -30.20 -47.23 -16.73
CMD CLA RH . -31.71 -43.98 -17.64
CAD CLA RH . -32.39 -46.95 -16.06
OBD CLA RH . -33.58 -46.49 -16.14
CBD CLA RH . -32.04 -48.32 -15.60
CGD CLA RH . -32.10 -48.38 -14.12
O1D CLA RH . -31.20 -47.91 -13.45
O2D CLA RH . -33.20 -49.01 -13.44
CED CLA RH . -33.84 -48.32 -12.37
C1 CLA RH . -34.07 -52.83 -17.40
C2 CLA RH . -34.65 -51.93 -16.33
C3 CLA RH . -35.37 -50.85 -16.67
C4 CLA RH . -35.95 -49.97 -15.61
C5 CLA RH . -35.60 -50.52 -18.12
C6 CLA RH . -34.86 -49.22 -18.43
C7 CLA RH . -34.00 -49.35 -19.67
C8 CLA RH . -32.70 -48.59 -19.53
C9 CLA RH . -32.73 -47.30 -20.35
C10 CLA RH . -31.56 -49.49 -19.97
C11 CLA RH . -30.23 -48.77 -20.07
C12 CLA RH . -29.15 -49.78 -20.39
C13 CLA RH . -27.78 -49.11 -20.56
C14 CLA RH . -27.77 -48.23 -21.79
C15 CLA RH . -26.71 -50.19 -20.54
C16 CLA RH . -25.91 -50.29 -21.83
C17 CLA RH . -24.47 -50.73 -21.57
C18 CLA RH . -23.44 -49.65 -21.90
C19 CLA RH . -22.25 -50.25 -22.62
C20 CLA RH . -24.01 -48.50 -22.72
MG CLA SH . -29.48 -57.40 -22.28
CHA CLA SH . -30.25 -57.31 -18.89
CHB CLA SH . -31.30 -60.32 -22.41
CHC CLA SH . -28.85 -57.47 -25.59
CHD CLA SH . -27.64 -54.39 -21.98
NA CLA SH . -30.65 -58.67 -20.85
C1A CLA SH . -30.83 -58.47 -19.61
C2A CLA SH . -31.67 -59.51 -18.94
C3A CLA SH . -31.91 -60.47 -20.07
C4A CLA SH . -31.25 -59.77 -21.20
CMA CLA SH . -31.52 -61.91 -19.81
CAA CLA SH . -33.06 -58.94 -18.84
CBA CLA SH . -33.53 -58.40 -17.49
CGA CLA SH . -34.19 -57.07 -17.77
O1A CLA SH . -33.85 -56.31 -18.66
O2A CLA SH . -35.18 -56.57 -17.06
NB CLA SH . -30.02 -58.71 -23.78
C1B CLA SH . -30.72 -59.84 -23.67
C2B CLA SH . -30.90 -60.57 -24.94
C3B CLA SH . -30.17 -59.72 -25.85
C4B CLA SH . -29.65 -58.59 -25.05
CMB CLA SH . -31.64 -61.86 -25.19
CAB CLA SH . -29.97 -59.94 -27.31
CBB CLA SH . -30.47 -59.11 -28.19
NC CLA SH . -28.45 -56.10 -23.59
C1C CLA SH . -28.28 -56.31 -24.89
C2C CLA SH . -27.49 -55.28 -25.60
C3C CLA SH . -27.17 -54.37 -24.53
C4C CLA SH . -27.79 -54.96 -23.32
CMC CLA SH . -27.13 -55.20 -27.05
CAC CLA SH . -26.37 -53.10 -24.60
CBC CLA SH . -27.32 -51.94 -24.76
ND CLA SH . -29.01 -56.06 -20.89
C1D CLA SH . -28.27 -54.97 -20.78
C2D CLA SH . -28.14 -54.43 -19.39
C3D CLA SH . -28.97 -55.41 -18.69
C4D CLA SH . -29.42 -56.29 -19.58
CMD CLA SH . -27.47 -53.30 -18.67
CAD CLA SH . -29.44 -55.74 -17.34
OBD CLA SH . -28.97 -55.24 -16.26
CBD CLA SH . -30.30 -56.94 -17.43
CGD CLA SH . -29.72 -58.03 -16.59
O1D CLA SH . -29.07 -58.93 -17.10
O2D CLA SH . -29.90 -58.08 -15.16
CED CLA SH . -29.11 -59.00 -14.42
MG CLA TH . -21.52 -54.53 -18.18
CHA CLA TH . -18.80 -53.10 -16.59
CHB CLA TH . -20.23 -53.29 -21.12
CHC CLA TH . -24.06 -56.01 -19.74
CHD CLA TH . -22.69 -55.77 -15.09
NA CLA TH . -19.73 -53.36 -18.81
C1A CLA TH . -18.82 -52.89 -18.07
C2A CLA TH . -17.78 -52.11 -18.81
C3A CLA TH . -18.29 -52.15 -20.22
C4A CLA TH . -19.50 -53.00 -20.05
CMA CLA TH . -18.45 -50.86 -20.98
CAA CLA TH . -16.53 -52.95 -18.82
CBA CLA TH . -15.31 -52.09 -18.56
CGA CLA TH . -14.71 -51.72 -19.88
O1A CLA TH . -15.25 -51.03 -20.73
O2A CLA TH . -13.52 -52.09 -20.23
NB CLA TH . -22.04 -54.64 -20.16
C1B CLA TH . -21.45 -54.08 -21.22
C2B CLA TH . -22.13 -54.32 -22.51
C3B CLA TH . -23.27 -55.13 -22.08
C4B CLA TH . -23.13 -55.27 -20.61
CMB CLA TH . -21.70 -53.82 -23.86
CAB CLA TH . -24.37 -55.72 -22.85
CBB CLA TH . -24.24 -56.10 -24.10
NC CLA TH . -23.10 -55.78 -17.52
C1C CLA TH . -24.05 -56.23 -18.30
C2C CLA TH . -25.14 -56.96 -17.63
C3C CLA TH . -24.72 -56.94 -16.25
C4C CLA TH . -23.46 -56.17 -16.28
CMC CLA TH . -26.35 -57.59 -18.23
CAC CLA TH . -25.48 -57.53 -15.09
CBC CLA TH . -24.79 -58.73 -14.48
ND CLA TH . -20.99 -54.55 -16.26
C1D CLA TH . -21.45 -55.00 -15.11
C2D CLA TH . -20.64 -54.63 -13.92
C3D CLA TH . -19.59 -53.87 -14.59
C4D CLA TH . -19.83 -53.87 -15.89
CMD CLA TH . -20.65 -54.84 -12.43
CAD CLA TH . -18.35 -53.13 -14.30
OBD CLA TH . -17.94 -52.82 -13.13
CBD CLA TH . -17.85 -52.53 -15.56
CGD CLA TH . -18.20 -51.10 -15.45
O1D CLA TH . -18.99 -50.75 -14.63
O2D CLA TH . -17.64 -50.07 -16.28
CED CLA TH . -18.22 -48.79 -16.10
C1 CLA TH . -13.09 -52.36 -21.75
C2 CLA TH . -13.96 -53.01 -22.79
C3 CLA TH . -13.40 -53.85 -23.67
C4 CLA TH . -14.24 -54.49 -24.72
C5 CLA TH . -11.92 -54.14 -23.60
C6 CLA TH . -11.53 -55.17 -24.64
C7 CLA TH . -10.14 -55.68 -24.34
C8 CLA TH . -10.20 -57.00 -23.61
C9 CLA TH . -9.59 -56.83 -22.24
C10 CLA TH . -9.48 -58.07 -24.40
C11 CLA TH . -10.40 -58.75 -25.39
C12 CLA TH . -9.65 -59.83 -26.17
C13 CLA TH . -10.47 -61.10 -26.27
C14 CLA TH . -11.03 -61.49 -24.91
C15 CLA TH . -9.58 -62.19 -26.86
C16 CLA TH . -10.13 -63.60 -26.67
C17 CLA TH . -11.23 -63.92 -27.68
C18 CLA TH . -11.24 -65.40 -28.06
C19 CLA TH . -12.12 -65.63 -29.28
C20 CLA TH . -9.83 -65.92 -28.33
MG CLA UH . -16.47 -46.51 -37.20
CHA CLA UH . -15.33 -43.51 -38.53
CHB CLA UH . -14.07 -46.16 -34.78
CHC CLA UH . -17.65 -49.34 -35.83
CHD CLA UH . -18.86 -46.76 -39.80
NA CLA UH . -14.90 -45.02 -36.68
C1A CLA UH . -14.61 -43.95 -37.30
C2A CLA UH . -13.45 -43.19 -36.73
C3A CLA UH . -13.07 -44.09 -35.59
C4A CLA UH . -14.08 -45.16 -35.66
CMA CLA UH . -11.64 -44.55 -35.60
CAA CLA UH . -13.88 -41.85 -36.16
CBA CLA UH . -14.92 -41.96 -35.04
CGA CLA UH . -16.01 -40.96 -35.27
O1A CLA UH . -15.88 -39.75 -35.21
O2A CLA UH . -17.24 -41.35 -35.58
NB CLA UH . -15.93 -47.58 -35.52
C1B CLA UH . -14.95 -47.33 -34.68
C2B CLA UH . -14.80 -48.34 -33.60
C3B CLA UH . -15.87 -49.26 -33.94
C4B CLA UH . -16.51 -48.72 -35.15
CMB CLA UH . -13.79 -48.33 -32.48
CAB CLA UH . -16.31 -50.52 -33.30
CBB CLA UH . -15.59 -51.22 -32.45
NC CLA UH . -18.04 -47.82 -37.72
C1C CLA UH . -18.38 -48.91 -37.04
C2C CLA UH . -19.52 -49.67 -37.57
C3C CLA UH . -19.88 -48.87 -38.73
C4C CLA UH . -18.91 -47.77 -38.73
CMC CLA UH . -20.16 -50.91 -37.03
CAC CLA UH . -21.00 -49.10 -39.69
CBC CLA UH . -20.54 -50.19 -40.62
ND CLA UH . -17.06 -45.48 -38.81
C1D CLA UH . -17.98 -45.59 -39.77
C2D CLA UH . -17.98 -44.48 -40.75
C3D CLA UH . -16.89 -43.68 -40.19
C4D CLA UH . -16.43 -44.30 -39.11
CMD CLA UH . -18.72 -44.06 -41.98
CAD CLA UH . -16.15 -42.43 -40.43
OBD CLA UH . -16.41 -41.56 -41.33
CBD CLA UH . -15.07 -42.32 -39.43
CGD CLA UH . -13.76 -42.46 -40.13
O1D CLA UH . -13.06 -43.44 -39.97
O2D CLA UH . -13.30 -41.43 -41.03
CED CLA UH . -13.20 -41.73 -42.41
C1 CLA UH . -18.61 -40.68 -35.11
C2 CLA UH . -18.87 -39.22 -34.77
C3 CLA UH . -20.13 -38.76 -34.91
C4 CLA UH . -20.42 -37.33 -34.58
C5 CLA UH . -21.24 -39.66 -35.42
C6 CLA UH . -22.06 -40.24 -34.27
C7 CLA UH . -22.43 -41.69 -34.54
C8 CLA UH . -22.22 -42.53 -33.29
C9 CLA UH . -20.75 -42.51 -32.91
C10 CLA UH . -22.71 -43.96 -33.47
C11 CLA UH . -23.25 -44.53 -32.16
C12 CLA UH . -22.23 -45.40 -31.42
C13 CLA UH . -22.11 -45.04 -29.93
C14 CLA UH . -22.26 -43.55 -29.69
C15 CLA UH . -20.78 -45.54 -29.38
C16 CLA UH . -20.96 -46.79 -28.54
C17 CLA UH . -20.52 -46.58 -27.10
C18 CLA UH . -21.66 -46.84 -26.12
C19 CLA UH . -21.14 -47.24 -24.75
C20 CLA UH . -22.59 -45.64 -26.02
MG CLA VH . -22.35 -54.15 -43.00
CHA CLA VH . -24.05 -53.12 -45.86
CHB CLA VH . -24.19 -51.86 -41.25
CHC CLA VH . -20.82 -55.30 -40.23
CHD CLA VH . -20.45 -56.40 -44.97
NA CLA VH . -23.94 -52.66 -43.46
C1A CLA VH . -24.45 -52.39 -44.61
C2A CLA VH . -25.45 -51.26 -44.57
C3A CLA VH . -25.44 -50.89 -43.10
C4A CLA VH . -24.46 -51.87 -42.55
CMA CLA VH . -25.26 -49.44 -42.73
CAA CLA VH . -26.86 -51.72 -44.89
CBA CLA VH . -27.18 -53.07 -44.29
CGA CLA VH . -28.39 -52.97 -43.41
O1A CLA VH . -28.96 -53.91 -42.90
O2A CLA VH . -28.99 -51.83 -43.10
NB CLA VH . -22.49 -53.64 -41.03
C1B CLA VH . -23.27 -52.70 -40.47
C2B CLA VH . -23.11 -52.58 -39.00
C3B CLA VH . -22.10 -53.60 -38.75
C4B CLA VH . -21.78 -54.21 -40.05
CMB CLA VH . -23.81 -51.62 -38.08
CAB CLA VH . -21.48 -54.02 -37.48
CBB CLA VH . -22.21 -54.20 -36.40
NC CLA VH . -20.90 -55.67 -42.66
C1C CLA VH . -20.40 -55.97 -41.47
C2C CLA VH . -19.38 -57.04 -41.47
C3C CLA VH . -19.31 -57.38 -42.88
C4C CLA VH . -20.27 -56.47 -43.51
CMC CLA VH . -18.64 -57.63 -40.31
CAC CLA VH . -18.46 -58.42 -43.57
CBC CLA VH . -19.36 -59.59 -43.90
ND CLA VH . -22.20 -54.74 -44.90
C1D CLA VH . -21.46 -55.57 -45.62
C2D CLA VH . -21.69 -55.56 -47.07
C3D CLA VH . -22.75 -54.55 -47.11
C4D CLA VH . -22.99 -54.14 -45.86
CMD CLA VH . -21.14 -56.27 -48.27
CAD CLA VH . -23.63 -53.86 -48.06
OBD CLA VH . -23.44 -53.75 -49.31
CBD CLA VH . -24.59 -53.03 -47.27
CGD CLA VH . -24.61 -51.65 -47.83
O1D CLA VH . -25.65 -51.18 -48.24
O2D CLA VH . -23.42 -50.85 -47.88
CED CLA VH . -23.56 -49.46 -47.69
MG CLA WH . -15.00 -67.55 -42.80
CHA CLA WH . -13.15 -68.61 -45.54
CHB CLA WH . -16.71 -65.49 -44.97
CHC CLA WH . -16.92 -66.65 -40.19
CHD CLA WH . -13.13 -69.69 -40.69
NA CLA WH . -14.97 -67.09 -44.99
C1A CLA WH . -14.18 -67.58 -45.88
C2A CLA WH . -14.39 -67.01 -47.25
C3A CLA WH . -15.50 -66.01 -47.01
C4A CLA WH . -15.75 -66.20 -45.56
CMA CLA WH . -15.35 -64.61 -47.53
CAA CLA WH . -14.89 -68.06 -48.24
CBA CLA WH . -16.24 -68.64 -47.82
CGA CLA WH . -16.23 -70.13 -48.00
O1A CLA WH . -17.24 -70.83 -47.96
O2A CLA WH . -15.15 -70.86 -48.19
NB CLA WH . -16.58 -66.26 -42.62
C1B CLA WH . -17.14 -65.50 -43.57
C2B CLA WH . -18.25 -64.64 -43.08
C3B CLA WH . -18.28 -65.00 -41.67
C4B CLA WH . -17.22 -66.01 -41.47
CMB CLA WH . -19.08 -63.67 -43.88
CAB CLA WH . -19.17 -64.52 -40.59
CBB CLA WH . -20.46 -64.46 -40.75
NC CLA WH . -15.03 -68.09 -40.75
C1C CLA WH . -15.88 -67.63 -39.85
C2C CLA WH . -15.71 -68.15 -38.48
C3C CLA WH . -14.59 -69.05 -38.65
C4C CLA WH . -14.24 -68.94 -40.07
CMC CLA WH . -16.50 -67.85 -37.24
CAC CLA WH . -13.93 -69.90 -37.59
CBC CLA WH . -14.40 -71.33 -37.72
ND CLA WH . -13.51 -68.87 -42.92
C1D CLA WH . -12.82 -69.66 -42.12
C2D CLA WH . -11.75 -70.45 -42.77
C3D CLA WH . -11.94 -69.98 -44.14
C4D CLA WH . -12.94 -69.10 -44.16
CMD CLA WH . -10.70 -71.46 -42.41
CAD CLA WH . -11.38 -70.18 -45.48
OBD CLA WH . -10.54 -71.08 -45.81
CBD CLA WH . -12.17 -69.35 -46.43
CGD CLA WH . -11.19 -68.46 -47.11
O1D CLA WH . -10.36 -68.95 -47.86
O2D CLA WH . -11.18 -67.03 -46.92
CED CLA WH . -10.82 -66.23 -48.04
C1 CLA WH . -15.05 -72.34 -47.60
C2 CLA WH . -14.35 -72.72 -46.32
C3 CLA WH . -14.82 -72.41 -45.10
C4 CLA WH . -14.04 -72.85 -43.90
C5 CLA WH . -16.08 -71.61 -44.92
C6 CLA WH . -16.62 -71.79 -43.51
C7 CLA WH . -17.18 -70.50 -42.93
C8 CLA WH . -17.34 -70.54 -41.42
C9 CLA WH . -16.86 -71.83 -40.77
C10 CLA WH . -18.80 -70.28 -41.05
C11 CLA WH . -18.91 -69.99 -39.56
C12 CLA WH . -20.31 -70.24 -39.04
C13 CLA WH . -21.29 -69.14 -39.44
C14 CLA WH . -20.67 -67.75 -39.25
C15 CLA WH . -22.58 -69.32 -38.66
C16 CLA WH . -23.32 -68.01 -38.37
C17 CLA WH . -24.37 -67.69 -39.43
C18 CLA WH . -25.11 -66.41 -39.08
C19 CLA WH . -24.13 -65.27 -38.84
C20 CLA WH . -26.12 -66.05 -40.16
MG CLA XH . -6.66 -64.73 -36.09
CHA CLA XH . -3.67 -63.14 -35.38
CHB CLA XH . -6.48 -63.32 -39.21
CHC CLA XH . -9.41 -66.51 -36.87
CHD CLA XH . -6.77 -66.04 -32.80
NA CLA XH . -5.25 -63.42 -37.20
C1A CLA XH . -4.16 -62.90 -36.78
C2A CLA XH . -3.48 -62.00 -37.77
C3A CLA XH . -4.41 -62.08 -38.95
C4A CLA XH . -5.44 -63.01 -38.44
CMA CLA XH . -4.85 -60.78 -39.59
CAA CLA XH . -2.12 -62.53 -38.20
CBA CLA XH . -2.19 -64.00 -38.54
CGA CLA XH . -1.60 -64.12 -39.91
O1A CLA XH . -1.86 -63.37 -40.83
O2A CLA XH . -0.75 -65.05 -40.28
NB CLA XH . -7.75 -64.91 -37.80
C1B CLA XH . -7.61 -64.21 -38.93
C2B CLA XH . -8.69 -64.44 -39.90
C3B CLA XH . -9.53 -65.37 -39.19
C4B CLA XH . -8.88 -65.61 -37.91
CMB CLA XH . -8.92 -63.82 -41.23
CAB CLA XH . -10.78 -65.96 -39.67
CBB CLA XH . -10.72 -67.18 -40.13
NC CLA XH . -7.91 -66.06 -35.00
C1C CLA XH . -9.00 -66.64 -35.47
C2C CLA XH . -9.79 -67.45 -34.53
C3C CLA XH . -9.00 -67.30 -33.32
C4C CLA XH . -7.87 -66.43 -33.71
CMC CLA XH . -11.05 -68.22 -34.76
CAC CLA XH . -9.27 -67.88 -31.97
CBC CLA XH . -8.56 -69.21 -31.86
ND CLA XH . -5.57 -64.70 -34.42
C1D CLA XH . -5.64 -65.20 -33.19
C2D CLA XH . -4.51 -64.79 -32.31
C3D CLA XH . -3.76 -63.98 -33.26
C4D CLA XH . -4.40 -63.96 -34.42
CMD CLA XH . -4.05 -65.00 -30.89
CAD CLA XH . -2.55 -63.15 -33.33
OBD CLA XH . -2.07 -62.53 -32.32
CBD CLA XH . -2.46 -62.59 -34.70
CGD CLA XH . -2.58 -61.10 -34.63
O1D CLA XH . -3.52 -60.60 -34.06
O2D CLA XH . -1.60 -60.23 -35.24
CED CLA XH . -1.25 -59.00 -34.61
C1 CLA XH . -1.27 -66.37 -41.03
C2 CLA XH . -2.38 -67.22 -40.49
C3 CLA XH . -2.11 -68.25 -39.68
C4 CLA XH . -0.71 -68.54 -39.28
C5 CLA XH . -3.23 -69.10 -39.14
C6 CLA XH . -3.76 -68.43 -37.89
C7 CLA XH . -5.21 -68.02 -38.08
C8 CLA XH . -6.01 -68.23 -36.81
C9 CLA XH . -5.19 -67.90 -35.57
C10 CLA XH . -6.53 -69.66 -36.74
C11 CLA XH . -7.18 -70.11 -38.05
C12 CLA XH . -8.69 -70.28 -37.87
C13 CLA XH . -9.04 -71.69 -37.43
C14 CLA XH . -10.07 -72.30 -38.36
C15 CLA XH . -9.53 -71.63 -35.99
C16 CLA XH . -10.30 -72.89 -35.57
C17 CLA XH . -10.90 -72.70 -34.19
C18 CLA XH . -12.30 -72.11 -34.28
C19 CLA XH . -13.33 -73.17 -34.61
C20 CLA XH . -12.67 -71.38 -33.00
MG CLA YH . -8.71 -56.75 -32.07
CHA CLA YH . -7.21 -54.16 -33.80
CHB CLA YH . -6.08 -58.72 -33.05
CHC CLA YH . -10.10 -59.29 -30.31
CHD CLA YH . -11.41 -54.68 -31.20
NA CLA YH . -6.85 -56.51 -33.27
C1A CLA YH . -6.46 -55.46 -33.87
C2A CLA YH . -5.20 -55.66 -34.66
C3A CLA YH . -4.93 -57.13 -34.47
C4A CLA YH . -6.01 -57.49 -33.53
CMA CLA YH . -4.74 -58.01 -35.69
CAA CLA YH . -4.11 -54.92 -33.86
CBA CLA YH . -2.92 -55.72 -33.30
CGA CLA YH . -3.17 -56.25 -31.90
O1A CLA YH . -4.28 -56.18 -31.42
O2A CLA YH . -2.30 -56.89 -31.15
NB CLA YH . -8.16 -58.70 -31.74
C1B CLA YH . -7.06 -59.32 -32.16
C2B CLA YH . -6.91 -60.70 -31.69
C3B CLA YH . -8.11 -60.85 -30.89
C4B CLA YH . -8.82 -59.57 -30.97
CMB CLA YH . -5.83 -61.67 -31.95
CAB CLA YH . -8.46 -62.06 -30.15
CBB CLA YH . -9.53 -62.74 -30.42
NC CLA YH . -10.45 -56.94 -30.88
C1C CLA YH . -10.87 -58.05 -30.28
C2C CLA YH . -12.15 -57.96 -29.58
C3C CLA YH . -12.49 -56.57 -29.82
C4C CLA YH . -11.41 -56.04 -30.65
CMC CLA YH . -12.88 -59.01 -28.80
CAC CLA YH . -13.70 -55.84 -29.37
CBC CLA YH . -13.34 -54.97 -28.19
ND CLA YH . -9.32 -54.89 -32.38
C1D CLA YH . -10.31 -54.10 -31.98
C2D CLA YH . -10.19 -52.68 -32.40
C3D CLA YH . -8.92 -52.78 -33.13
C4D CLA YH . -8.49 -54.04 -33.07
CMD CLA YH . -10.96 -51.40 -32.23
CAD CLA YH . -7.99 -51.95 -33.89
OBD CLA YH . -7.99 -50.67 -33.97
CBD CLA YH . -6.89 -52.82 -34.39
CGD CLA YH . -6.93 -52.88 -35.88
O1D CLA YH . -7.96 -53.13 -36.46
O2D CLA YH . -5.75 -52.65 -36.66
CED CLA YH . -5.86 -51.87 -37.84
C1 CLA YH . -2.63 -58.29 -30.42
C2 CLA YH . -3.79 -58.39 -29.46
C3 CLA YH . -4.06 -59.45 -28.70
C4 CLA YH . -3.18 -60.65 -28.78
C5 CLA YH . -5.27 -59.44 -27.78
C6 CLA YH . -5.75 -58.02 -27.49
C7 CLA YH . -6.97 -57.59 -28.32
C8 CLA YH . -7.51 -56.23 -27.92
C9 CLA YH . -9.00 -56.28 -27.68
C10 CLA YH . -7.26 -55.16 -28.97
C11 CLA YH . -7.73 -53.82 -28.45
C12 CLA YH . -7.86 -52.79 -29.57
C13 CLA YH . -6.85 -51.66 -29.45
C14 CLA YH . -7.52 -50.33 -29.24
C15 CLA YH . -6.07 -51.59 -30.75
MG CLA ZH . -15.05 -69.58 -21.85
CHA CLA ZH . -15.56 -71.84 -19.26
CHB CLA ZH . -14.24 -67.27 -19.44
CHC CLA ZH . -14.44 -67.43 -24.35
CHD CLA ZH . -15.91 -72.09 -24.21
NA CLA ZH . -14.89 -69.53 -19.62
C1A CLA ZH . -15.13 -70.48 -18.82
C2A CLA ZH . -14.94 -70.09 -17.38
C3A CLA ZH . -14.59 -68.63 -17.48
C4A CLA ZH . -14.56 -68.46 -18.95
CMA CLA ZH . -15.47 -67.68 -16.71
CAA CLA ZH . -13.74 -70.87 -16.83
CBA CLA ZH . -12.42 -70.13 -16.90
CGA CLA ZH . -11.31 -70.92 -17.53
O1A CLA ZH . -11.31 -72.12 -17.70
O2A CLA ZH . -10.21 -70.34 -17.96
NB CLA ZH . -14.41 -67.64 -21.87
C1B CLA ZH . -14.16 -66.85 -20.83
C2B CLA ZH . -13.76 -65.47 -21.19
C3B CLA ZH . -13.81 -65.54 -22.64
C4B CLA ZH . -14.24 -66.91 -22.99
CMB CLA ZH . -13.38 -64.33 -20.30
CAB CLA ZH . -13.51 -64.42 -23.56
CBB CLA ZH . -12.65 -64.58 -24.51
NC CLA ZH . -15.13 -69.75 -23.95
C1C CLA ZH . -14.86 -68.77 -24.80
C2C CLA ZH . -15.00 -69.07 -26.23
C3C CLA ZH . -15.42 -70.47 -26.18
C4C CLA ZH . -15.47 -70.78 -24.74
CMC CLA ZH . -14.76 -68.17 -27.40
CAC CLA ZH . -15.74 -71.39 -27.33
CBC CLA ZH . -17.14 -71.12 -27.81
ND CLA ZH . -15.62 -71.50 -21.89
C1D CLA ZH . -15.92 -72.43 -22.79
C2D CLA ZH . -16.25 -73.77 -22.21
C3D CLA ZH . -16.09 -73.46 -20.80
C4D CLA ZH . -15.73 -72.17 -20.68
CMD CLA ZH . -16.65 -75.12 -22.72
CAD CLA ZH . -16.19 -74.09 -19.46
OBD CLA ZH . -16.24 -75.34 -19.24
CBD CLA ZH . -15.89 -73.07 -18.43
CGD CLA ZH . -17.11 -72.79 -17.62
O1D CLA ZH . -18.19 -73.13 -18.03
O2D CLA ZH . -17.02 -72.14 -16.33
CED CLA ZH . -17.31 -72.80 -15.10
C1 CLA ZH . -9.32 -70.98 -19.14
C2 CLA ZH . -8.38 -72.13 -18.89
C3 CLA ZH . -7.35 -72.34 -19.72
C4 CLA ZH . -6.43 -73.49 -19.46
C5 CLA ZH . -7.14 -71.42 -20.91
C6 CLA ZH . -6.18 -72.05 -21.90
C7 CLA ZH . -5.74 -71.03 -22.95
C8 CLA ZH . -6.28 -71.38 -24.34
C9 CLA ZH . -6.29 -72.88 -24.60
C10 CLA ZH . -5.42 -70.67 -25.37
C11 CLA ZH . -6.15 -70.58 -26.70
C12 CLA ZH . -5.25 -69.86 -27.70
C13 CLA ZH . -6.02 -69.37 -28.92
C14 CLA ZH . -5.34 -69.87 -30.18
C15 CLA ZH . -6.13 -67.85 -28.96
C16 CLA ZH . -5.43 -67.12 -27.82
C17 CLA ZH . -6.41 -66.29 -27.00
C18 CLA ZH . -5.73 -65.04 -26.47
C19 CLA ZH . -6.25 -63.80 -27.18
C20 CLA ZH . -5.94 -64.91 -24.96
MG CLA AI . -29.08 -64.13 -28.18
CHA CLA AI . -30.07 -65.26 -25.06
CHB CLA AI . -31.16 -66.51 -29.54
CHC CLA AI . -28.13 -62.99 -31.21
CHD CLA AI . -26.95 -61.75 -26.65
NA CLA AI . -30.48 -65.70 -27.42
C1A CLA AI . -30.73 -65.98 -26.21
C2A CLA AI . -31.72 -67.09 -26.02
C3A CLA AI . -32.00 -67.48 -27.46
C4A CLA AI . -31.18 -66.49 -28.20
CMA CLA AI . -31.90 -68.94 -27.86
CAA CLA AI . -33.00 -66.53 -25.38
CBA CLA AI . -34.21 -66.41 -26.30
CGA CLA AI . -35.00 -65.17 -26.00
O1A CLA AI . -36.12 -65.16 -25.51
O2A CLA AI . -34.61 -63.94 -26.24
NB CLA AI . -29.59 -64.68 -30.10
C1B CLA AI . -30.42 -65.66 -30.48
C2B CLA AI . -30.53 -65.80 -31.96
C3B CLA AI . -29.63 -64.76 -32.42
C4B CLA AI . -29.08 -64.10 -31.20
CMB CLA AI . -31.34 -66.77 -32.76
CAB CLA AI . -29.30 -64.40 -33.82
CBB CLA AI . -29.63 -63.23 -34.32
NC CLA AI . -27.81 -62.55 -28.83
C1C CLA AI . -27.50 -62.28 -30.10
C2C CLA AI . -26.50 -61.22 -30.31
C3C CLA AI . -26.19 -60.84 -28.93
C4C CLA AI . -27.03 -61.73 -28.11
CMC CLA AI . -25.94 -60.67 -31.59
CAC CLA AI . -25.24 -59.81 -28.42
CBC CLA AI . -25.98 -58.55 -28.11
ND CLA AI . -28.54 -63.53 -26.36
C1D CLA AI . -27.75 -62.63 -25.81
C2D CLA AI . -27.74 -62.62 -24.33
C3D CLA AI . -28.69 -63.70 -24.09
C4D CLA AI . -29.11 -64.17 -25.27
CMD CLA AI . -27.07 -61.87 -23.21
CAD CLA AI . -29.33 -64.42 -22.99
OBD CLA AI . -29.16 -64.19 -21.75
CBD CLA AI . -30.20 -65.48 -23.57
CGD CLA AI . -29.61 -66.81 -23.20
O1D CLA AI . -28.44 -67.04 -23.31
O2D CLA AI . -30.48 -67.85 -22.67
CED CLA AI . -30.57 -68.02 -21.26
C1 CLA AI . -34.88 -63.23 -27.66
C2 CLA AI . -33.98 -63.41 -28.84
C3 CLA AI . -33.63 -62.34 -29.60
C4 CLA AI . -34.17 -60.99 -29.25
C5 CLA AI . -32.72 -62.52 -30.79
C6 CLA AI . -31.75 -61.35 -30.87
C7 CLA AI . -31.98 -60.53 -32.13
C8 CLA AI . -30.67 -60.02 -32.74
C9 CLA AI . -29.87 -59.23 -31.72
C10 CLA AI . -31.00 -59.16 -33.95
MG CLA BI . -23.32 -76.91 -23.54
CHA CLA BI . -26.49 -77.77 -22.32
CHB CLA BI . -22.20 -79.86 -22.25
CHC CLA BI . -20.30 -76.08 -24.79
CHD CLA BI . -24.64 -73.90 -24.82
NA CLA BI . -24.21 -78.63 -22.43
C1A CLA BI . -25.43 -78.79 -22.06
C2A CLA BI . -25.68 -80.06 -21.29
C3A CLA BI . -24.29 -80.69 -21.29
C4A CLA BI . -23.50 -79.67 -22.04
CMA CLA BI . -23.73 -81.27 -20.00
CAA CLA BI . -26.63 -81.01 -22.00
CBA CLA BI . -26.26 -81.20 -23.46
CGA CLA BI . -27.47 -81.76 -24.17
O1A CLA BI . -27.49 -82.09 -25.35
O2A CLA BI . -28.63 -81.97 -23.60
NB CLA BI . -21.51 -77.86 -23.52
C1B CLA BI . -21.22 -79.03 -22.95
C2B CLA BI . -19.79 -79.42 -23.09
C3B CLA BI . -19.26 -78.27 -23.84
C4B CLA BI . -20.40 -77.36 -24.07
CMB CLA BI . -19.14 -80.66 -22.57
CAB CLA BI . -17.90 -77.96 -24.36
CBB CLA BI . -16.96 -78.87 -24.49
NC CLA BI . -22.61 -75.28 -24.70
C1C CLA BI . -21.35 -75.09 -25.07
C2C CLA BI . -21.06 -73.81 -25.78
C3C CLA BI . -22.38 -73.21 -25.82
C4C CLA BI . -23.25 -74.18 -25.13
CMC CLA BI . -19.77 -73.29 -26.32
CAC CLA BI . -22.82 -71.89 -26.40
CBC CLA BI . -23.48 -72.11 -27.74
ND CLA BI . -25.07 -75.97 -23.65
C1D CLA BI . -25.51 -74.82 -24.11
C2D CLA BI . -26.91 -74.52 -23.84
C3D CLA BI . -27.28 -75.75 -23.11
C4D CLA BI . -26.19 -76.52 -23.05
CMD CLA BI . -27.78 -73.35 -24.17
CAD CLA BI . -28.41 -76.41 -22.45
OBD CLA BI . -29.49 -75.83 -22.07
CBD CLA BI . -27.94 -77.72 -21.90
CGD CLA BI . -28.06 -77.61 -20.42
O1D CLA BI . -29.14 -77.77 -19.86
O2D CLA BI . -26.90 -77.32 -19.58
CED CLA BI . -26.72 -77.99 -18.35
MG CLA CI . -16.75 -81.61 -17.46
CHA CLA CI . -20.11 -80.86 -16.90
CHB CLA CI . -17.17 -84.28 -15.37
CHC CLA CI . -13.56 -82.46 -18.16
CHD CLA CI . -16.47 -78.78 -19.57
NA CLA CI . -18.41 -82.50 -16.27
C1A CLA CI . -19.61 -82.07 -16.15
C2A CLA CI . -20.45 -82.88 -15.19
C3A CLA CI . -19.46 -83.93 -14.72
C4A CLA CI . -18.26 -83.54 -15.50
CMA CLA CI . -19.27 -84.20 -13.24
CAA CLA CI . -21.63 -83.57 -15.87
CBA CLA CI . -21.25 -84.75 -16.78
CGA CLA CI . -20.83 -84.23 -18.13
O1A CLA CI . -19.99 -84.75 -18.85
O2A CLA CI . -21.31 -83.14 -18.68
NB CLA CI . -15.55 -83.16 -16.85
C1B CLA CI . -15.86 -84.14 -16.00
C2B CLA CI . -14.76 -85.11 -15.76
C3B CLA CI . -13.72 -84.56 -16.59
C4B CLA CI . -14.27 -83.35 -17.23
CMB CLA CI . -14.74 -86.33 -14.88
CAB CLA CI . -12.36 -85.11 -16.75
CBB CLA CI . -12.00 -85.62 -17.90
NC CLA CI . -15.26 -80.76 -18.72
C1C CLA CI . -14.01 -81.22 -18.81
C2C CLA CI . -13.08 -80.39 -19.60
C3C CLA CI . -13.95 -79.30 -20.04
C4C CLA CI . -15.27 -79.62 -19.43
CMC CLA CI . -11.63 -80.60 -19.90
CAC CLA CI . -13.55 -78.12 -20.87
CBC CLA CI . -14.22 -78.10 -22.24
ND CLA CI . -17.90 -80.13 -18.16
C1D CLA CI . -17.76 -79.06 -18.94
C2D CLA CI . -18.98 -78.23 -19.07
C3D CLA CI . -19.88 -79.00 -18.23
C4D CLA CI . -19.22 -80.06 -17.75
CMD CLA CI . -19.41 -76.97 -19.78
CAD CLA CI . -21.27 -79.00 -17.74
OBD CLA CI . -22.18 -78.14 -18.03
CBD CLA CI . -21.48 -80.23 -16.94
CGD CLA CI . -21.86 -79.87 -15.55
O1D CLA CI . -21.04 -79.34 -14.84
O2D CLA CI . -23.18 -80.17 -15.03
CED CLA CI . -23.89 -79.15 -14.32
MG CLA DI . -9.57 -75.62 -11.98
CHA CLA DI . -12.43 -74.71 -13.70
CHB CLA DI . -9.11 -78.09 -14.34
CHC CLA DI . -6.78 -76.49 -10.33
CHD CLA DI . -10.12 -73.02 -9.64
NA CLA DI . -10.62 -76.34 -13.81
C1A CLA DI . -11.69 -75.86 -14.30
C2A CLA DI . -12.14 -76.53 -15.55
C3A CLA DI . -11.09 -77.60 -15.73
C4A CLA DI . -10.21 -77.35 -14.55
CMA CLA DI . -11.53 -79.00 -16.12
CAA CLA DI . -11.91 -75.60 -16.71
CBA CLA DI . -13.16 -75.48 -17.56
CGA CLA DI . -12.69 -75.10 -18.94
O1A CLA DI . -13.41 -75.07 -19.92
O2A CLA DI . -11.46 -74.76 -19.23
NB CLA DI . -8.16 -77.09 -12.29
C1B CLA DI . -8.10 -78.00 -13.26
C2B CLA DI . -6.91 -78.88 -13.18
C3B CLA DI . -6.26 -78.38 -11.98
C4B CLA DI . -7.10 -77.27 -11.50
CMB CLA DI . -6.52 -79.99 -14.10
CAB CLA DI . -5.02 -78.78 -11.27
CBB CLA DI . -4.12 -79.61 -11.75
NC CLA DI . -8.57 -74.82 -10.30
C1C CLA DI . -7.48 -75.33 -9.75
C2C CLA DI . -6.99 -74.69 -8.54
C3C CLA DI . -7.96 -73.63 -8.36
C4C CLA DI . -8.89 -73.80 -9.49
CMC CLA DI . -5.79 -75.06 -7.73
CAC CLA DI . -8.01 -72.61 -7.26
CBC CLA DI . -7.60 -71.28 -7.81
ND CLA DI . -10.88 -74.17 -11.62
C1D CLA DI . -11.06 -73.19 -10.75
C2D CLA DI . -12.24 -72.33 -11.00
C3D CLA DI . -12.74 -72.99 -12.20
C4D CLA DI . -11.94 -74.01 -12.49
CMD CLA DI . -12.90 -71.12 -10.38
CAD CLA DI . -13.84 -72.90 -13.18
OBD CLA DI . -14.53 -71.84 -13.40
CBD CLA DI . -13.73 -74.06 -14.12
CGD CLA DI . -14.87 -75.00 -13.84
O1D CLA DI . -15.51 -74.92 -12.82
O2D CLA DI . -15.21 -76.04 -14.80
CED CLA DI . -16.56 -76.33 -15.13
C1 CLA DI . -11.16 -73.84 -20.49
C2 CLA DI . -11.23 -74.34 -21.92
C3 CLA DI . -11.85 -73.60 -22.83
C4 CLA DI . -12.44 -72.29 -22.41
C5 CLA DI . -11.95 -74.04 -24.27
C6 CLA DI . -12.30 -75.52 -24.34
C7 CLA DI . -13.58 -75.73 -25.14
C8 CLA DI . -13.47 -75.19 -26.56
C9 CLA DI . -14.81 -75.21 -27.26
C10 CLA DI . -12.44 -75.99 -27.33
MG CLA EI . -14.35 -65.21 -14.77
CHA CLA EI . -14.88 -62.13 -16.26
CHB CLA EI . -11.20 -65.15 -16.09
CHC CLA EI . -13.84 -68.18 -13.26
CHD CLA EI . -17.66 -65.15 -13.44
NA CLA EI . -13.15 -63.82 -16.01
C1A CLA EI . -13.51 -62.70 -16.48
C2A CLA EI . -12.45 -61.99 -17.26
C3A CLA EI . -11.32 -62.98 -17.18
C4A CLA EI . -11.92 -64.06 -16.37
CMA CLA EI . -10.54 -63.34 -18.42
CAA CLA EI . -11.95 -60.79 -16.47
CBA CLA EI . -11.87 -59.55 -17.34
CGA CLA EI . -11.01 -59.81 -18.54
O1A CLA EI . -9.81 -60.04 -18.51
O2A CLA EI . -11.45 -59.78 -19.78
NB CLA EI . -12.74 -66.47 -14.69
C1B CLA EI . -11.58 -66.33 -15.30
C2B CLA EI . -10.65 -67.46 -15.10
C3B CLA EI . -11.46 -68.34 -14.26
C4B CLA EI . -12.73 -67.64 -14.06
CMB CLA EI . -9.27 -67.61 -15.66
CAB CLA EI . -11.16 -69.66 -13.68
CBB CLA EI . -9.95 -70.01 -13.28
NC CLA EI . -15.54 -66.42 -13.48
C1C CLA EI . -15.17 -67.59 -12.99
C2C CLA EI . -16.15 -68.28 -12.16
C3C CLA EI . -17.27 -67.35 -12.18
C4C CLA EI . -16.78 -66.24 -13.01
CMC CLA EI . -16.03 -69.60 -11.48
CAC CLA EI . -18.59 -67.49 -11.49
CBC CLA EI . -18.56 -66.70 -10.20
ND CLA EI . -15.96 -64.03 -14.75
C1D CLA EI . -17.18 -64.03 -14.25
C2D CLA EI . -17.99 -62.85 -14.60
C3D CLA EI . -17.01 -62.12 -15.40
C4D CLA EI . -15.90 -62.84 -15.46
CMD CLA EI . -19.37 -62.36 -14.32
CAD CLA EI . -16.85 -60.88 -16.16
OBD CLA EI . -17.80 -60.15 -16.57
CBD CLA EI . -15.49 -60.86 -16.76
CGD CLA EI . -15.69 -60.88 -18.24
O1D CLA EI . -15.54 -59.87 -18.90
O2D CLA EI . -16.08 -62.08 -18.92
CED CLA EI . -16.15 -62.07 -20.33
C1 CLA EI . -10.51 -60.12 -21.04
C2 CLA EI . -9.95 -61.48 -21.32
C3 CLA EI . -8.71 -61.63 -21.81
C4 CLA EI . -7.88 -60.41 -22.04
C5 CLA EI . -8.14 -63.00 -22.10
C6 CLA EI . -9.09 -64.07 -21.61
C7 CLA EI . -8.94 -65.40 -22.33
C8 CLA EI . -9.73 -66.48 -21.63
C9 CLA EI . -9.51 -66.48 -20.12
C10 CLA EI . -9.32 -67.83 -22.18
C11 CLA EI . -10.45 -68.85 -21.98
C12 CLA EI . -11.31 -68.96 -23.22
C13 CLA EI . -10.47 -69.17 -24.48
C14 CLA EI . -10.74 -68.07 -25.50
C15 CLA EI . -10.80 -70.54 -25.06
C16 CLA EI . -10.15 -70.73 -26.43
C17 CLA EI . -10.92 -71.74 -27.26
C18 CLA EI . -11.55 -71.18 -28.53
C19 CLA EI . -11.18 -69.73 -28.82
C20 CLA EI . -11.20 -72.07 -29.72
MG CLA FI . 4.23 -65.08 -17.25
CHA CLA FI . 4.67 -64.84 -20.70
CHB CLA FI . 2.72 -68.08 -17.79
CHC CLA FI . 3.98 -65.36 -13.90
CHD CLA FI . 5.69 -61.89 -16.85
NA CLA FI . 3.75 -66.34 -19.01
C1A CLA FI . 3.97 -66.08 -20.24
C2A CLA FI . 3.49 -67.14 -21.16
C3A CLA FI . 2.82 -68.11 -20.22
C4A CLA FI . 3.12 -67.48 -18.92
CMA CLA FI . 1.39 -68.46 -20.49
CAA CLA FI . 4.77 -67.83 -21.57
CBA CLA FI . 4.64 -69.27 -22.03
CGA CLA FI . 6.01 -69.81 -21.83
O1A CLA FI . 6.68 -69.55 -20.86
O2A CLA FI . 6.68 -70.56 -22.68
NB CLA FI . 3.46 -66.54 -16.03
C1B CLA FI . 2.87 -67.67 -16.40
C2B CLA FI . 2.40 -68.51 -15.27
C3B CLA FI . 2.77 -67.67 -14.14
C4B CLA FI . 3.43 -66.47 -14.70
CMB CLA FI . 1.69 -69.83 -15.36
CAB CLA FI . 2.61 -67.87 -12.68
CBB CLA FI . 2.42 -69.05 -12.15
NC CLA FI . 4.84 -63.85 -15.63
C1C CLA FI . 4.65 -64.13 -14.35
C2C CLA FI . 5.13 -63.13 -13.39
C3C CLA FI . 5.70 -62.11 -14.28
C4C CLA FI . 5.45 -62.66 -15.63
CMC CLA FI . 5.06 -63.15 -11.90
CAC CLA FI . 6.36 -60.81 -13.92
CBC CLA FI . 7.82 -60.79 -14.29
ND CLA FI . 5.01 -63.64 -18.37
C1D CLA FI . 5.58 -62.45 -18.19
C2D CLA FI . 6.05 -61.78 -19.42
C3D CLA FI . 5.65 -62.80 -20.39
C4D CLA FI . 5.08 -63.81 -19.74
CMD CLA FI . 6.72 -60.51 -19.77
CAD CLA FI . 5.69 -63.06 -21.83
OBD CLA FI . 5.84 -62.18 -22.73
CBD CLA FI . 5.10 -64.39 -22.08
CGD CLA FI . 3.97 -64.19 -23.03
O1D CLA FI . 4.19 -64.10 -24.22
O2D CLA FI . 2.60 -64.09 -22.59
CED CLA FI . 1.60 -64.55 -23.49
C1 CLA FI . 6.08 -71.95 -23.17
C2 CLA FI . 6.43 -73.26 -22.52
C3 CLA FI . 6.47 -74.39 -23.24
C4 CLA FI . 6.84 -75.66 -22.53
C5 CLA FI . 6.19 -74.40 -24.72
C6 CLA FI . 4.71 -74.59 -25.04
C7 CLA FI . 4.26 -76.04 -25.02
C8 CLA FI . 3.88 -76.62 -26.37
C9 CLA FI . 4.51 -75.88 -27.55
C10 CLA FI . 2.36 -76.67 -26.49
C11 CLA FI . 1.92 -77.04 -27.90
C12 CLA FI . 2.07 -78.53 -28.14
C13 CLA FI . 1.05 -78.98 -29.17
C14 CLA FI . -0.26 -79.37 -28.50
C15 CLA FI . 1.63 -80.15 -29.96
C16 CLA FI . 0.67 -80.63 -31.03
C17 CLA FI . 0.36 -82.11 -30.85
C18 CLA FI . 0.65 -82.90 -32.11
C19 CLA FI . 2.11 -83.31 -32.15
C20 CLA FI . -0.26 -84.12 -32.21
MG CLA GI . 2.39 -66.67 -30.31
CHA CLA GI . 2.39 -67.40 -26.91
CHB CLA GI . -0.83 -67.84 -30.41
CHC CLA GI . 2.38 -65.84 -33.55
CHD CLA GI . 5.68 -65.36 -30.02
NA CLA GI . 0.92 -67.51 -28.86
C1A CLA GI . 1.10 -67.74 -27.62
C2A CLA GI . -0.09 -68.38 -26.93
C3A CLA GI . -1.05 -68.50 -28.10
C4A CLA GI . -0.27 -67.91 -29.20
CMA CLA GI . -1.70 -69.84 -28.38
CAA CLA GI . -0.66 -67.41 -25.90
CBA CLA GI . -2.13 -67.63 -25.58
CGA CLA GI . -2.24 -67.84 -24.09
O1A CLA GI . -1.42 -67.45 -23.28
O2A CLA GI . -3.24 -68.46 -23.51
NB CLA GI . 0.96 -66.82 -31.76
C1B CLA GI . -0.27 -67.31 -31.65
C2B CLA GI . -1.06 -67.29 -32.91
C3B CLA GI . -0.07 -66.70 -33.82
C4B CLA GI . 1.14 -66.44 -33.03
CMB CLA GI . -2.46 -67.78 -33.10
CAB CLA GI . -0.17 -66.38 -35.27
CBB CLA GI . -1.31 -66.09 -35.84
NC CLA GI . 3.81 -65.75 -31.59
C1C CLA GI . 3.65 -65.54 -32.88
C2C CLA GI . 4.81 -64.99 -33.60
C3C CLA GI . 5.78 -64.86 -32.52
C4C CLA GI . 5.07 -65.35 -31.35
CMC CLA GI . 4.94 -64.64 -35.05
CAC CLA GI . 7.20 -64.36 -32.54
CBC CLA GI . 8.15 -65.52 -32.60
ND CLA GI . 3.77 -66.35 -28.91
C1D CLA GI . 5.02 -65.91 -28.84
C2D CLA GI . 5.66 -66.05 -27.51
C3D CLA GI . 4.55 -66.64 -26.80
C4D CLA GI . 3.52 -66.80 -27.64
CMD CLA GI . 6.97 -65.75 -26.86
CAD CLA GI . 4.21 -67.13 -25.48
OBD CLA GI . 5.10 -67.48 -24.64
CBD CLA GI . 2.78 -67.52 -25.47
CGD CLA GI . 2.63 -68.91 -24.95
O1D CLA GI . 1.70 -69.20 -24.22
O2D CLA GI . 3.54 -69.97 -25.28
CED CLA GI . 3.05 -71.29 -25.15
C1 CLA GI . -4.22 -67.62 -22.60
C2 CLA GI . -4.04 -67.57 -21.10
C3 CLA GI . -4.65 -66.61 -20.39
C4 CLA GI . -5.49 -65.57 -21.07
C5 CLA GI . -4.48 -66.56 -18.90
C6 CLA GI . -5.57 -67.44 -18.30
C7 CLA GI . -4.98 -68.47 -17.36
C8 CLA GI . -5.79 -68.49 -16.07
C9 CLA GI . -5.19 -67.57 -15.02
C10 CLA GI . -5.98 -69.90 -15.53
C11 CLA GI . -4.97 -70.91 -16.04
C12 CLA GI . -3.98 -71.23 -14.94
C13 CLA GI . -2.96 -72.25 -15.40
C14 CLA GI . -3.65 -73.48 -15.95
C15 CLA GI . -2.03 -72.60 -14.24
C16 CLA GI . -0.82 -73.36 -14.74
C17 CLA GI . 0.36 -73.21 -13.79
C18 CLA GI . 1.69 -73.69 -14.37
C19 CLA GI . 2.30 -74.77 -13.48
C20 CLA GI . 1.59 -74.20 -15.79
MG CLA HI . 4.38 -46.20 -20.93
CHA CLA HI . 2.41 -44.08 -22.81
CHB CLA HI . 6.52 -46.32 -23.61
CHC CLA HI . 6.31 -48.26 -19.10
CHD CLA HI . 2.03 -46.09 -18.32
NA CLA HI . 4.49 -45.32 -22.98
C1A CLA HI . 3.63 -44.56 -23.53
C2A CLA HI . 3.93 -44.26 -24.97
C3A CLA HI . 5.20 -45.04 -25.18
C4A CLA HI . 5.42 -45.62 -23.84
CMA CLA HI . 5.18 -46.01 -26.35
CAA CLA HI . 4.29 -42.80 -25.23
CBA CLA HI . 5.28 -42.23 -24.22
CGA CLA HI . 6.61 -42.11 -24.89
O1A CLA HI . 6.84 -41.44 -25.86
O2A CLA HI . 7.69 -42.78 -24.52
NB CLA HI . 6.14 -47.16 -21.32
C1B CLA HI . 6.92 -47.03 -22.39
C2B CLA HI . 8.21 -47.73 -22.29
C3B CLA HI . 8.10 -48.30 -20.95
C4B CLA HI . 6.80 -47.89 -20.42
CMB CLA HI . 9.31 -47.81 -23.31
CAB CLA HI . 9.08 -49.10 -20.21
CBB CLA HI . 10.24 -48.59 -19.93
NC CLA HI . 4.27 -46.92 -18.94
C1C CLA HI . 5.07 -47.84 -18.42
C2C CLA HI . 4.67 -48.40 -17.13
C3C CLA HI . 3.43 -47.67 -16.87
C4C CLA HI . 3.28 -46.80 -18.04
CMC CLA HI . 5.32 -49.46 -16.31
CAC CLA HI . 2.49 -47.80 -15.70
CBC CLA HI . 2.61 -46.59 -14.80
ND CLA HI . 2.61 -45.41 -20.55
C1D CLA HI . 1.81 -45.29 -19.50
C2D CLA HI . 0.70 -44.33 -19.66
C3D CLA HI . 1.00 -43.88 -21.02
C4D CLA HI . 2.08 -44.52 -21.46
CMD CLA HI . -0.44 -43.84 -18.85
CAD CLA HI . 0.50 -42.96 -22.05
OBD CLA HI . -0.60 -42.33 -22.01
CBD CLA HI . 1.38 -43.08 -23.24
CGD CLA HI . 0.53 -43.59 -24.34
O1D CLA HI . -0.32 -44.39 -24.05
O2D CLA HI . 0.68 -43.14 -25.70
CED CLA HI . -0.37 -42.39 -26.27
C1 CLA HI . 8.58 -42.23 -23.32
C2 CLA HI . 9.22 -43.14 -22.32
C3 CLA HI . 8.76 -43.17 -21.06
C4 CLA HI . 9.42 -44.07 -20.08
C5 CLA HI . 7.57 -42.34 -20.64
C6 CLA HI . 6.34 -43.22 -20.46
C7 CLA HI . 5.14 -42.46 -19.91
C8 CLA HI . 5.11 -42.54 -18.39
C9 CLA HI . 5.47 -43.92 -17.86
C10 CLA HI . 3.75 -42.12 -17.87
C11 CLA HI . 3.68 -42.27 -16.36
C12 CLA HI . 2.25 -42.18 -15.86
C13 CLA HI . 2.17 -41.40 -14.57
C14 CLA HI . 1.75 -42.29 -13.42
C15 CLA HI . 1.20 -40.24 -14.73
C16 CLA HI . 1.92 -38.90 -14.66
C17 CLA HI . 1.43 -38.06 -13.49
C18 CLA HI . 0.60 -36.88 -13.96
C19 CLA HI . -0.32 -36.41 -12.84
C20 CLA HI . 1.46 -35.74 -14.46
MG CLA II . -2.41 -50.85 -24.74
CHA CLA II . -2.33 -50.08 -28.14
CHB CLA II . -1.48 -47.61 -24.17
CHC CLA II . -2.64 -51.54 -21.46
CHD CLA II . -3.39 -54.15 -25.50
NA CLA II . -1.96 -49.05 -25.98
C1A CLA II . -1.95 -48.95 -27.24
C2A CLA II . -1.52 -47.61 -27.74
C3A CLA II . -1.18 -46.89 -26.46
C4A CLA II . -1.56 -47.91 -25.46
CMA CLA II . 0.23 -46.40 -26.38
CAA CLA II . -2.72 -46.91 -28.40
CBA CLA II . -3.47 -45.88 -27.57
CGA CLA II . -4.93 -46.26 -27.51
O1A CLA II . -5.33 -47.38 -27.33
O2A CLA II . -5.94 -45.41 -27.65
NB CLA II . -2.11 -49.72 -23.06
C1B CLA II . -1.75 -48.45 -23.00
C2B CLA II . -1.62 -47.93 -21.63
C3B CLA II . -1.96 -49.11 -20.83
C4B CLA II . -2.25 -50.18 -21.81
CMB CLA II . -1.22 -46.54 -21.28
CAB CLA II . -2.04 -49.32 -19.37
CBB CLA II . -1.79 -48.38 -18.49
NC CLA II . -2.95 -52.58 -23.66
C1C CLA II . -2.99 -52.67 -22.34
C2C CLA II . -3.40 -53.97 -21.80
C3C CLA II . -3.64 -54.73 -23.00
C4C CLA II . -3.32 -53.79 -24.09
CMC CLA II . -3.56 -54.38 -20.36
CAC CLA II . -4.08 -56.16 -23.14
CBC CLA II . -5.57 -56.19 -23.40
ND CLA II . -2.82 -51.96 -26.33
C1D CLA II . -3.15 -53.20 -26.59
C2D CLA II . -3.24 -53.55 -28.02
C3D CLA II . -2.90 -52.25 -28.59
C4D CLA II . -2.67 -51.40 -27.59
CMD CLA II . -3.56 -54.75 -28.81
CAD CLA II . -2.72 -51.59 -29.88
OBD CLA II . -2.83 -52.13 -31.03
CBD CLA II . -2.45 -50.16 -29.64
CGD CLA II . -1.17 -49.75 -30.27
O1D CLA II . -0.19 -50.44 -30.16
O2D CLA II . -1.05 -48.49 -30.97
CED CLA II . -0.05 -48.33 -31.95
C1 CLA II . -7.32 -45.59 -26.83
C2 CLA II . -8.34 -46.66 -27.13
C3 CLA II . -9.61 -46.52 -26.72
C4 CLA II . -10.03 -45.32 -25.93
C5 CLA II . -10.65 -47.57 -27.00
C6 CLA II . -10.41 -48.20 -28.37
C7 CLA II . -11.71 -48.74 -28.94
C8 CLA II . -12.23 -49.94 -28.16
C9 CLA II . -11.18 -51.04 -28.06
C10 CLA II . -13.48 -50.47 -28.84
C11 CLA II . -14.72 -49.82 -28.25
C12 CLA II . -15.95 -50.59 -28.68
C13 CLA II . -16.96 -49.66 -29.34
C14 CLA II . -17.49 -48.65 -28.35
C15 CLA II . -18.09 -50.51 -29.90
C16 CLA II . -19.22 -49.64 -30.41
C17 CLA II . -20.02 -50.40 -31.45
C18 CLA II . -21.50 -50.29 -31.20
C19 CLA II . -22.22 -49.71 -32.42
C20 CLA II . -22.09 -51.64 -30.83
MG CLA JI . -3.96 -53.16 -6.26
CHA CLA JI . -4.09 -52.71 -2.86
CHB CLA JI . -7.25 -52.18 -6.34
CHC CLA JI . -3.87 -53.56 -9.63
CHD CLA JI . -0.65 -54.29 -6.07
NA CLA JI . -5.52 -52.50 -4.81
C1A CLA JI . -5.37 -52.38 -3.55
C2A CLA JI . -6.59 -51.92 -2.84
C3A CLA JI . -7.58 -51.81 -3.97
C4A CLA JI . -6.74 -52.18 -5.12
CMA CLA JI . -8.85 -52.57 -3.77
CAA CLA JI . -6.40 -50.52 -2.27
CBA CLA JI . -6.07 -49.47 -3.32
CGA CLA JI . -5.20 -48.43 -2.67
O1A CLA JI . -4.12 -48.66 -2.19
O2A CLA JI . -5.52 -47.16 -2.53
NB CLA JI . -5.35 -52.90 -7.75
C1B CLA JI . -6.61 -52.51 -7.61
C2B CLA JI . -7.33 -52.43 -8.88
C3B CLA JI . -6.33 -52.85 -9.84
C4B CLA JI . -5.13 -53.12 -9.05
CMB CLA JI . -8.74 -52.01 -9.00
CAB CLA JI . -6.38 -53.00 -11.30
CBB CLA JI . -7.49 -53.04 -11.98
NC CLA JI . -2.47 -53.75 -7.64
C1C CLA JI . -2.60 -53.78 -8.95
C2C CLA JI . -1.39 -54.03 -9.72
C3C CLA JI . -0.40 -54.17 -8.66
C4C CLA JI . -1.18 -54.00 -7.42
CMC CLA JI . -1.26 -54.07 -11.21
CAC CLA JI . 1.07 -54.45 -8.78
CBC CLA JI . 1.80 -53.16 -8.53
ND CLA JI . -2.58 -53.48 -4.88
C1D CLA JI . -1.33 -53.90 -4.83
C2D CLA JI . -0.76 -53.94 -3.48
C3D CLA JI . -1.92 -53.45 -2.72
C4D CLA JI . -2.90 -53.21 -3.57
CMD CLA JI . 0.55 -54.33 -2.86
CAD CLA JI . -2.35 -53.13 -1.34
OBD CLA JI . -1.59 -53.03 -0.33
CBD CLA JI . -3.77 -52.67 -1.39
CGD CLA JI . -4.65 -53.68 -0.73
O1D CLA JI . -4.81 -54.77 -1.22
O2D CLA JI . -5.34 -53.36 0.50
CED CLA JI . -5.32 -54.32 1.56
C1 CLA JI . -4.92 -46.07 -3.53
C2 CLA JI . -3.54 -46.25 -4.12
C3 CLA JI . -2.81 -45.20 -4.51
C4 CLA JI . -3.35 -43.82 -4.36
C5 CLA JI . -1.44 -45.44 -5.09
C6 CLA JI . -0.41 -44.54 -4.43
C7 CLA JI . 0.56 -43.98 -5.45
C8 CLA JI . 1.06 -45.05 -6.41
C9 CLA JI . 2.27 -45.78 -5.85
C10 CLA JI . 1.36 -44.43 -7.77
C11 CLA JI . 2.59 -43.53 -7.75
C12 CLA JI . 3.02 -43.18 -9.17
C13 CLA JI . 3.87 -41.92 -9.21
C14 CLA JI . 3.15 -40.77 -8.52
C15 CLA JI . 4.18 -41.55 -10.66
C16 CLA JI . 5.37 -40.60 -10.78
C17 CLA JI . 5.02 -39.38 -11.63
C18 CLA JI . 6.21 -38.84 -12.41
C19 CLA JI . 7.31 -38.32 -11.48
C20 CLA JI . 6.78 -39.88 -13.38
MG CLA KI . 0.09 -80.10 -6.97
CHA CLA KI . -2.05 -82.52 -5.69
CHB CLA KI . 2.67 -82.05 -5.82
CHC CLA KI . 2.21 -77.83 -8.31
CHD CLA KI . -2.66 -78.21 -8.11
NA CLA KI . 0.31 -82.05 -5.90
C1A CLA KI . -0.61 -82.82 -5.49
C2A CLA KI . -0.12 -84.06 -4.81
C3A CLA KI . 1.37 -83.85 -4.84
C4A CLA KI . 1.47 -82.57 -5.57
CMA CLA KI . 2.10 -83.99 -3.52
CAA CLA KI . -0.47 -85.29 -5.67
CBA CLA KI . 0.68 -86.23 -6.00
CGA CLA KI . 0.90 -86.20 -7.49
O1A CLA KI . 0.71 -85.23 -8.19
O2A CLA KI . 1.33 -87.23 -8.19
NB CLA KI . 2.15 -79.98 -7.05
C1B CLA KI . 3.03 -80.81 -6.52
C2B CLA KI . 4.44 -80.40 -6.72
C3B CLA KI . 4.26 -79.14 -7.45
C4B CLA KI . 2.81 -78.97 -7.62
CMB CLA KI . 5.69 -81.08 -6.26
CAB CLA KI . 5.27 -78.21 -7.96
CBB CLA KI . 6.18 -78.65 -8.81
NC CLA KI . -0.20 -78.31 -8.07
C1C CLA KI . 0.78 -77.51 -8.50
C2C CLA KI . 0.36 -76.29 -9.19
C3C CLA KI . -1.09 -76.41 -9.14
C4C CLA KI . -1.33 -77.69 -8.43
CMC CLA KI . 1.22 -75.22 -9.78
CAC CLA KI . -2.11 -75.45 -9.69
CBC CLA KI . -2.55 -75.93 -11.05
ND CLA KI . -1.89 -80.21 -6.97
C1D CLA KI . -2.90 -79.49 -7.41
C2D CLA KI . -4.24 -80.09 -7.13
C3D CLA KI . -3.82 -81.30 -6.44
C4D CLA KI . -2.50 -81.31 -6.38
CMD CLA KI . -5.68 -79.81 -7.35
CAD CLA KI . -4.39 -82.49 -5.80
OBD CLA KI . -5.64 -82.72 -5.57
CBD CLA KI . -3.27 -83.32 -5.27
CGD CLA KI . -3.38 -83.41 -3.79
O1D CLA KI . -3.51 -84.51 -3.26
O2D CLA KI . -3.33 -82.24 -2.93
CED CLA KI . -2.61 -82.29 -1.71
MG CLA LI . 9.83 -83.67 -7.07
CHA CLA LI . 7.36 -84.77 -4.93
CHB CLA LI . 12.04 -83.96 -4.46
CHC CLA LI . 12.26 -82.65 -9.18
CHD CLA LI . 7.44 -83.31 -9.66
NA CLA LI . 9.75 -84.30 -4.95
C1A CLA LI . 8.72 -84.69 -4.30
C2A CLA LI . 8.99 -85.03 -2.86
C3A CLA LI . 10.46 -84.73 -2.75
C4A CLA LI . 10.78 -84.31 -4.14
CMA CLA LI . 10.92 -83.81 -1.63
CAA CLA LI . 8.88 -86.53 -2.59
CBA CLA LI . 8.98 -87.39 -3.84
CGA CLA LI . 9.98 -88.50 -3.69
O1A CLA LI . 11.11 -88.35 -3.30
O2A CLA LI . 9.74 -89.76 -3.99
NB CLA LI . 11.84 -83.36 -6.83
C1B CLA LI . 12.58 -83.51 -5.74
C2B CLA LI . 14.02 -83.20 -5.92
C3B CLA LI . 14.05 -82.80 -7.32
C4B CLA LI . 12.66 -82.94 -7.81
CMB CLA LI . 15.10 -83.28 -4.89
CAB CLA LI . 15.17 -82.36 -8.19
CBB CLA LI . 16.36 -82.88 -8.10
NC CLA LI . 9.85 -83.16 -9.13
C1C CLA LI . 10.92 -82.73 -9.78
C2C CLA LI . 10.71 -82.32 -11.16
C3C CLA LI . 9.28 -82.56 -11.34
C4C CLA LI . 8.85 -83.06 -10.02
CMC CLA LI . 11.76 -81.81 -12.11
CAC CLA LI . 8.45 -82.32 -12.57
CBC CLA LI . 7.95 -83.62 -13.14
ND CLA LI . 7.87 -83.91 -7.37
C1D CLA LI . 6.99 -83.82 -8.36
C2D CLA LI . 5.61 -84.25 -8.02
C3D CLA LI . 5.84 -84.62 -6.63
C4D CLA LI . 7.11 -84.41 -6.33
CMD CLA LI . 4.27 -84.36 -8.68
CAD CLA LI . 5.11 -85.15 -5.46
OBD CLA LI . 4.01 -85.78 -5.52
CBD CLA LI . 6.06 -85.19 -4.31
CGD CLA LI . 5.67 -84.16 -3.31
O1D CLA LI . 5.26 -83.08 -3.66
O2D CLA LI . 5.75 -84.43 -1.89
CED CLA LI . 4.66 -84.06 -1.06
C1 CLA LI . 10.90 -90.64 -4.66
C2 CLA LI . 11.44 -90.34 -6.05
C3 CLA LI . 12.43 -91.05 -6.57
C4 CLA LI . 13.08 -92.16 -5.78
C5 CLA LI . 12.96 -90.73 -7.94
C6 CLA LI . 11.91 -91.06 -8.99
C7 CLA LI . 11.76 -89.91 -10.00
C8 CLA LI . 12.52 -90.13 -11.30
C9 CLA LI . 12.54 -91.60 -11.73
C10 CLA LI . 13.94 -89.58 -11.20
MG CLA MI . 24.82 -79.17 -12.48
CHA CLA MI . 22.67 -78.89 -9.75
CHB CLA MI . 27.08 -77.34 -10.66
CHC CLA MI . 26.96 -79.59 -15.03
CHD CLA MI . 22.35 -81.04 -14.21
NA CLA MI . 24.90 -78.23 -10.46
C1A CLA MI . 23.99 -78.22 -9.58
C2A CLA MI . 24.36 -77.49 -8.33
C3A CLA MI . 25.73 -76.97 -8.66
C4A CLA MI . 25.93 -77.54 -10.02
CMA CLA MI . 25.98 -75.49 -8.46
CAA CLA MI . 24.71 -78.61 -7.36
CBA CLA MI . 23.93 -78.57 -6.06
CGA CLA MI . 24.33 -79.80 -5.27
O1A CLA MI . 25.33 -80.46 -5.50
O2A CLA MI . 23.67 -80.32 -4.25
NB CLA MI . 26.74 -78.55 -12.78
C1B CLA MI . 27.51 -77.81 -11.98
C2B CLA MI . 28.86 -77.51 -12.51
C3B CLA MI . 28.79 -78.19 -13.81
C4B CLA MI . 27.44 -78.81 -13.89
CMB CLA MI . 29.94 -76.72 -11.83
CAB CLA MI . 29.79 -78.32 -14.88
CBB CLA MI . 31.03 -77.92 -14.78
NC CLA MI . 24.68 -80.17 -14.34
C1C CLA MI . 25.64 -80.22 -15.26
C2C CLA MI . 25.31 -80.95 -16.49
C3C CLA MI . 23.94 -81.38 -16.21
C4C CLA MI . 23.65 -80.85 -14.87
CMC CLA MI . 26.16 -81.19 -17.70
CAC CLA MI . 22.99 -82.16 -17.06
CBC CLA MI . 22.31 -81.22 -18.01
ND CLA MI . 22.96 -79.86 -12.20
C1D CLA MI . 22.06 -80.56 -12.86
C2D CLA MI . 20.78 -80.81 -12.13
C3D CLA MI . 21.10 -80.10 -10.89
C4D CLA MI . 22.33 -79.60 -10.99
CMD CLA MI . 19.46 -81.48 -12.35
CAD CLA MI . 20.50 -79.77 -9.59
OBD CLA MI . 19.25 -79.77 -9.34
CBD CLA MI . 21.50 -79.00 -8.81
CGD CLA MI . 20.95 -77.64 -8.52
O1D CLA MI . 20.96 -76.77 -9.35
O2D CLA MI . 20.39 -77.34 -7.23
CED CLA MI . 19.20 -76.57 -7.19
C1 CLA MI . 23.21 -81.85 -4.34
C2 CLA MI . 22.88 -82.39 -5.70
C3 CLA MI . 21.95 -83.31 -5.90
C4 CLA MI . 21.19 -83.88 -4.74
C5 CLA MI . 21.69 -83.78 -7.31
C6 CLA MI . 20.31 -84.38 -7.46
C7 CLA MI . 20.25 -85.17 -8.76
C8 CLA MI . 19.60 -86.54 -8.56
C9 CLA MI . 20.37 -87.61 -9.31
C10 CLA MI . 18.14 -86.48 -9.00
C11 CLA MI . 18.00 -86.51 -10.51
C12 CLA MI . 17.49 -85.17 -11.03
C13 CLA MI . 16.05 -85.26 -11.50
C14 CLA MI . 15.92 -86.29 -12.61
C15 CLA MI . 15.60 -83.88 -11.96
CAA F6C NI . 36.05 -78.09 -18.35
CAB F6C NI . 28.66 -73.35 -14.87
CAC F6C NI . 34.98 -68.62 -13.42
CAD F6C NI . 38.81 -73.98 -18.42
NA F6C NI . 34.30 -75.29 -17.72
CBA F6C NI . 36.07 -77.96 -16.83
CBB F6C NI . 27.68 -74.09 -14.40
CBC F6C NI . 35.82 -69.12 -12.28
CBD F6C NI . 38.01 -75.17 -18.79
NB F6C NI . 32.07 -74.06 -16.18
OBD F6C NI . 39.99 -73.71 -18.86
CGA F6C NI . 36.62 -79.23 -16.24
CGD F6C NI . 37.96 -75.23 -20.28
ND F6C NI . 35.88 -72.83 -16.74
CED F6C NI . 36.38 -75.31 -22.18
CHA F6C NI . 36.66 -74.89 -18.19
CHB F6C NI . 32.08 -76.07 -17.59
CHC F6C NI . 31.52 -72.16 -14.69
CHD F6C NI . 36.08 -70.70 -15.60
CMA F6C NI . 32.94 -77.78 -19.98
CMB F6C NI . 28.94 -76.07 -16.88
CMC F6C NI . 31.89 -69.69 -12.81
CMD F6C NI . 39.25 -70.94 -16.86
OMB F6C NI . 27.76 -75.78 -16.94
C1A F6C NI . 35.39 -75.68 -18.27
C1B F6C NI . 31.41 -75.06 -16.75
C1C F6C NI . 32.76 -71.38 -14.64
C1D F6C NI . 36.63 -71.78 -16.40
O1A F6C NI . 36.83 -79.41 -15.05
O1D F6C NI . 38.84 -75.81 -20.85
C2A F6C NI . 35.26 -76.97 -19.02
C2B F6C NI . 29.97 -75.10 -16.41
C2C F6C NI . 32.89 -70.22 -13.77
C2D F6C NI . 38.02 -71.81 -16.91
O2A F6C NI . 36.94 -80.30 -16.95
O2D F6C NI . 36.91 -74.61 -21.06
C3A F6C NI . 33.79 -77.31 -18.82
C3B F6C NI . 29.83 -73.93 -15.56
C3C F6C NI . 34.25 -69.78 -14.03
C3D F6C NI . 37.97 -73.08 -17.61
C4A F6C NI . 33.34 -76.15 -17.98
C4B F6C NI . 31.19 -73.34 -15.48
C4C F6C NI . 34.72 -70.74 -15.05
C4D F6C NI . 36.75 -73.61 -17.48
NC F6C NI . 33.82 -71.67 -15.37
MG F6C NI . 33.99 -73.43 -16.54
MG CLA OI . 3.12 -73.94 -34.01
CHA CLA OI . 1.11 -73.24 -36.77
CHB CLA OI . 2.58 -70.70 -33.00
CHC CLA OI . 4.83 -74.71 -31.22
CHD CLA OI . 3.68 -77.20 -35.25
NA CLA OI . 1.98 -72.17 -34.76
C1A CLA OI . 1.29 -72.09 -35.83
C2A CLA OI . 0.73 -70.73 -36.08
C3A CLA OI . 1.28 -69.96 -34.92
C4A CLA OI . 1.98 -71.01 -34.15
CMA CLA OI . 2.15 -68.82 -35.38
CAA CLA OI . -0.79 -70.70 -35.98
CBA CLA OI . -1.32 -70.93 -34.58
CGA CLA OI . -2.79 -71.25 -34.60
O1A CLA OI . -3.41 -71.54 -35.60
O2A CLA OI . -3.55 -71.27 -33.53
NB CLA OI . 3.60 -72.84 -32.35
C1B CLA OI . 3.36 -71.56 -32.10
C2B CLA OI . 3.94 -71.08 -30.82
C3B CLA OI . 4.61 -72.29 -30.34
C4B CLA OI . 4.35 -73.33 -31.35
CMB CLA OI . 3.87 -69.72 -30.21
CAB CLA OI . 5.39 -72.52 -29.12
CBB CLA OI . 4.89 -72.24 -27.94
NC CLA OI . 4.12 -75.68 -33.34
C1C CLA OI . 4.71 -75.83 -32.16
C2C CLA OI . 5.23 -77.17 -31.86
C3C CLA OI . 4.88 -77.89 -33.06
C4C CLA OI . 4.21 -76.89 -33.91
CMC CLA OI . 5.91 -77.69 -30.63
CAC CLA OI . 5.14 -79.34 -33.37
CBC CLA OI . 3.88 -80.12 -33.08
ND CLA OI . 2.60 -75.07 -35.57
C1D CLA OI . 2.83 -76.29 -36.02
C2D CLA OI . 2.21 -76.61 -37.32
C3D CLA OI . 1.53 -75.35 -37.57
C4D CLA OI . 1.78 -74.53 -36.55
CMD CLA OI . 2.15 -77.78 -38.26
CAD CLA OI . 0.67 -74.69 -38.56
OBD CLA OI . 0.33 -75.18 -39.70
CBD CLA OI . 0.33 -73.34 -38.06
CGD CLA OI . 0.85 -72.35 -39.04
O1D CLA OI . 2.04 -72.12 -39.11
O2D CLA OI . -0.03 -71.66 -39.95
CED CLA OI . 0.46 -71.41 -41.26
C1 CLA OI . -4.34 -72.59 -33.13
C2 CLA OI . -5.57 -73.05 -33.88
C3 CLA OI . -6.13 -74.23 -33.59
C4 CLA OI . -7.35 -74.68 -34.34
C5 CLA OI . -5.55 -75.12 -32.53
C6 CLA OI . -5.01 -76.39 -33.21
C7 CLA OI . -4.22 -77.21 -32.21
C8 CLA OI . -3.67 -78.48 -32.84
C9 CLA OI . -4.78 -79.27 -33.51
C10 CLA OI . -2.97 -79.32 -31.78
MG CLA PI . -2.24 -78.68 -37.96
CHA CLA PI . -4.84 -78.15 -40.20
CHB CLA PI . -2.90 -75.57 -36.69
CHC CLA PI . 0.15 -79.29 -35.66
CHD CLA PI . -1.59 -81.85 -39.44
NA CLA PI . -3.69 -77.04 -38.37
C1A CLA PI . -4.59 -76.99 -39.27
C2A CLA PI . -5.34 -75.68 -39.34
C3A CLA PI . -4.68 -74.90 -38.21
C4A CLA PI . -3.69 -75.89 -37.71
CMA CLA PI . -4.25 -73.48 -38.46
CAA CLA PI . -6.84 -75.79 -39.04
CBA CLA PI . -7.13 -76.28 -37.63
CGA CLA PI . -8.62 -76.49 -37.47
O1A CLA PI . -9.40 -76.52 -38.39
O2A CLA PI . -9.20 -76.68 -36.31
NB CLA PI . -1.51 -77.58 -36.40
C1B CLA PI . -1.86 -76.35 -36.02
C2B CLA PI . -1.11 -75.83 -34.86
C3B CLA PI . -0.21 -76.94 -34.58
C4B CLA PI . -0.52 -77.98 -35.59
CMB CLA PI . -1.28 -74.50 -34.20
CAB CLA PI . 0.82 -77.10 -33.54
CBB CLA PI . 0.66 -76.64 -32.31
NC CLA PI . -0.97 -80.34 -37.58
C1C CLA PI . -0.04 -80.38 -36.62
C2C CLA PI . 0.79 -81.60 -36.57
C3C CLA PI . 0.25 -82.36 -37.68
C4C CLA PI . -0.82 -81.50 -38.23
CMC CLA PI . 1.89 -81.95 -35.63
CAC CLA PI . 0.66 -83.72 -38.16
CBC CLA PI . -0.28 -84.74 -37.56
ND CLA PI . -2.93 -79.83 -39.44
C1D CLA PI . -2.68 -81.03 -39.97
C2D CLA PI . -3.57 -81.40 -41.10
C3D CLA PI . -4.40 -80.21 -41.14
C4D CLA PI . -4.00 -79.36 -40.18
CMD CLA PI . -3.78 -82.54 -42.05
CAD CLA PI . -5.54 -79.65 -41.88
OBD CLA PI . -6.35 -80.36 -42.57
CBD CLA PI . -5.88 -78.35 -41.27
CGD CLA PI . -5.79 -77.29 -42.32
O1D CLA PI . -4.75 -77.08 -42.90
O2D CLA PI . -6.96 -76.51 -42.63
CED CLA PI . -7.71 -76.85 -43.78
MG CLA QI . -7.70 -83.93 -40.53
CHA CLA QI . -10.75 -83.57 -42.18
CHB CLA QI . -8.26 -80.85 -39.14
CHC CLA QI . -4.79 -84.34 -38.87
CHD CLA QI . -7.28 -87.15 -42.01
NA CLA QI . -9.29 -82.38 -40.62
C1A CLA QI . -10.38 -82.41 -41.30
C2A CLA QI . -11.24 -81.19 -41.15
C3A CLA QI . -10.41 -80.35 -40.20
C4A CLA QI . -9.23 -81.24 -39.97
CMA CLA QI . -10.18 -78.88 -40.53
CAA CLA QI . -12.56 -81.54 -40.43
CBA CLA QI . -12.43 -81.91 -38.95
CGA CLA QI . -12.06 -83.35 -38.72
O1A CLA QI . -11.23 -83.73 -37.91
O2A CLA QI . -12.58 -84.39 -39.36
NB CLA QI . -6.70 -82.75 -39.20
C1B CLA QI . -7.02 -81.54 -38.75
C2B CLA QI . -6.05 -80.96 -37.79
C3B CLA QI . -5.05 -82.01 -37.74
C4B CLA QI . -5.52 -83.08 -38.63
CMB CLA QI . -6.07 -79.65 -37.07
CAB CLA QI . -3.80 -82.01 -36.94
CBB CLA QI . -3.65 -82.86 -35.95
NC CLA QI . -6.28 -85.52 -40.42
C1C CLA QI . -5.15 -85.48 -39.73
C2C CLA QI . -4.25 -86.63 -39.87
C3C CLA QI . -5.02 -87.47 -40.78
C4C CLA QI . -6.24 -86.69 -41.07
CMC CLA QI . -2.92 -86.89 -39.22
CAC CLA QI . -4.64 -88.82 -41.34
CBC CLA QI . -3.73 -88.63 -42.53
ND CLA QI . -8.67 -85.17 -41.77
C1D CLA QI . -8.49 -86.37 -42.32
C2D CLA QI . -9.57 -86.80 -43.26
C3D CLA QI . -10.45 -85.63 -43.15
C4D CLA QI . -9.89 -84.77 -42.30
CMD CLA QI . -9.90 -87.98 -44.14
CAD CLA QI . -11.73 -85.11 -43.68
OBD CLA QI . -12.29 -85.54 -44.74
CBD CLA QI . -11.94 -83.76 -43.09
CGD CLA QI . -11.87 -82.75 -44.19
O1D CLA QI . -11.12 -82.90 -45.13
O2D CLA QI . -12.69 -81.56 -44.15
CED CLA QI . -13.42 -81.15 -45.29
MG CLA RI . 10.67 -65.69 -26.95
CHA CLA RI . 10.54 -68.48 -29.01
CHB CLA RI . 9.04 -67.55 -24.60
CHC CLA RI . 10.93 -63.01 -24.94
CHD CLA RI . 12.41 -63.93 -29.49
NA CLA RI . 9.89 -67.77 -26.79
C1A CLA RI . 9.91 -68.68 -27.67
C2A CLA RI . 9.20 -69.93 -27.26
C3A CLA RI . 8.72 -69.57 -25.89
C4A CLA RI . 9.26 -68.21 -25.73
CMA CLA RI . 7.22 -69.68 -25.69
CAA CLA RI . 10.11 -71.14 -27.13
CBA CLA RI . 9.23 -72.36 -26.98
CGA CLA RI . 10.05 -73.62 -27.05
O1A CLA RI . 11.03 -73.73 -27.73
O2A CLA RI . 9.80 -74.72 -26.39
NB CLA RI . 10.07 -65.35 -25.02
C1B CLA RI . 9.43 -66.19 -24.22
C2B CLA RI . 9.10 -65.61 -22.90
C3B CLA RI . 9.65 -64.29 -23.03
C4B CLA RI . 10.24 -64.20 -24.38
CMB CLA RI . 8.37 -66.23 -21.75
CAB CLA RI . 9.64 -63.23 -22.01
CBB CLA RI . 8.87 -62.19 -22.14
NC CLA RI . 11.59 -63.79 -27.17
C1C CLA RI . 11.59 -62.84 -26.24
C2C CLA RI . 12.27 -61.60 -26.62
C3C CLA RI . 12.74 -61.89 -27.96
C4C CLA RI . 12.27 -63.26 -28.19
CMC CLA RI . 12.43 -60.36 -25.81
CAC CLA RI . 13.54 -61.02 -28.89
CBC CLA RI . 12.70 -60.46 -30.01
ND CLA RI . 11.43 -66.00 -28.77
C1D CLA RI . 11.97 -65.28 -29.73
C2D CLA RI . 12.04 -65.94 -31.06
C3D CLA RI . 11.47 -67.21 -30.69
C4D CLA RI . 11.15 -67.20 -29.40
CMD CLA RI . 12.50 -65.59 -32.45
CAD CLA RI . 11.13 -68.51 -31.27
OBD CLA RI . 11.24 -68.80 -32.50
CBD CLA RI . 10.64 -69.41 -30.20
CGD CLA RI . 9.29 -69.84 -30.59
O1D CLA RI . 8.90 -70.95 -30.35
O2D CLA RI . 8.39 -68.91 -31.25
CED CLA RI . 7.23 -68.55 -30.53
C1 CLA RI . 9.45 -76.05 -27.20
C2 CLA RI . 8.21 -76.86 -26.93
C3 CLA RI . 8.03 -78.04 -27.53
C4 CLA RI . 9.04 -78.55 -28.49
C5 CLA RI . 6.78 -78.85 -27.26
C6 CLA RI . 7.04 -79.85 -26.13
C7 CLA RI . 5.78 -80.64 -25.77
C8 CLA RI . 5.07 -80.13 -24.52
C9 CLA RI . 5.84 -79.05 -23.78
C10 CLA RI . 4.79 -81.31 -23.58
C11 CLA RI . 3.92 -80.90 -22.39
C12 CLA RI . 4.70 -80.97 -21.08
C13 CLA RI . 4.03 -81.85 -20.03
C14 CLA RI . 3.58 -81.01 -18.85
C15 CLA RI . 5.03 -82.92 -19.62
C16 CLA RI . 4.35 -84.20 -19.14
C17 CLA RI . 4.46 -84.33 -17.62
C18 CLA RI . 5.11 -85.64 -17.21
C19 CLA RI . 5.40 -85.70 -15.72
C20 CLA RI . 4.22 -86.80 -17.59
MG CLA SI . 15.69 -75.46 -21.36
CHA CLA SI . 14.75 -73.98 -24.33
CHB CLA SI . 13.32 -73.50 -19.81
CHC CLA SI . 16.56 -76.93 -18.46
CHD CLA SI . 18.12 -77.40 -23.06
NA CLA SI . 14.20 -73.92 -21.96
C1A CLA SI . 13.99 -73.48 -23.13
C2A CLA SI . 12.89 -72.48 -23.24
C3A CLA SI . 12.51 -72.32 -21.79
C4A CLA SI . 13.40 -73.30 -21.13
CMA CLA SI . 12.50 -70.90 -21.30
CAA CLA SI . 11.66 -73.10 -23.91
CBA CLA SI . 11.12 -74.38 -23.27
CGA CLA SI . 11.83 -75.61 -23.77
O1A CLA SI . 11.59 -76.18 -24.81
O2A CLA SI . 12.83 -76.21 -23.16
NB CLA SI . 15.03 -75.24 -19.42
C1B CLA SI . 14.09 -74.41 -18.96
C2B CLA SI . 13.84 -74.51 -17.52
C3B CLA SI . 14.82 -75.53 -17.13
C4B CLA SI . 15.50 -75.93 -18.38
CMB CLA SI . 12.84 -73.72 -16.71
CAB CLA SI . 15.14 -76.14 -15.82
CBB CLA SI . 14.32 -76.14 -14.81
NC CLA SI . 17.06 -77.00 -20.85
C1C CLA SI . 17.33 -77.41 -19.61
C2C CLA SI . 18.44 -78.37 -19.47
C3C CLA SI . 18.86 -78.52 -20.85
C4C CLA SI . 17.96 -77.64 -21.61
CMC CLA SI . 18.98 -79.01 -18.23
CAC CLA SI . 19.97 -79.37 -21.39
CBC CLA SI . 21.24 -78.56 -21.42
ND CLA SI . 16.38 -75.73 -23.21
C1D CLA SI . 17.28 -76.47 -23.83
C2D CLA SI . 17.34 -76.27 -25.30
C3D CLA SI . 16.29 -75.25 -25.43
C4D CLA SI . 15.80 -75.00 -24.22
CMD CLA SI . 18.13 -76.79 -26.46
CAD CLA SI . 15.61 -74.42 -26.43
OBD CLA SI . 15.67 -74.57 -27.70
CBD CLA SI . 14.61 -73.57 -25.77
CGD CLA SI . 15.03 -72.15 -25.93
O1D CLA SI . 16.17 -71.81 -25.72
O2D CLA SI . 14.12 -71.13 -26.36
CED CLA SI . 14.64 -70.05 -27.12
C1 CLA SI . 12.68 -77.18 -21.90
C2 CLA SI . 13.29 -78.55 -21.99
C3 CLA SI . 13.39 -79.36 -20.94
C4 CLA SI . 14.00 -80.71 -21.14
C5 CLA SI . 12.91 -78.96 -19.57
C6 CLA SI . 13.89 -79.53 -18.54
C7 CLA SI . 13.17 -80.13 -17.35
C8 CLA SI . 14.06 -81.12 -16.60
C9 CLA SI . 13.32 -81.72 -15.43
C10 CLA SI . 15.34 -80.45 -16.12
C11 CLA SI . 16.19 -81.43 -15.30
C12 CLA SI . 17.46 -81.82 -16.04
C13 CLA SI . 17.52 -83.32 -16.28
C14 CLA SI . 17.78 -84.07 -14.98
C15 CLA SI . 18.61 -83.63 -17.29
MG CLA TI . 7.73 -73.95 -14.57
CHA CLA TI . 7.88 -72.29 -17.61
CHB CLA TI . 5.58 -71.50 -13.53
CHC CLA TI . 7.49 -75.63 -11.67
CHD CLA TI . 10.01 -76.36 -15.77
NA CLA TI . 6.81 -72.12 -15.44
C1A CLA TI . 7.00 -71.64 -16.60
C2A CLA TI . 6.32 -70.33 -16.85
C3A CLA TI . 5.66 -70.10 -15.52
C4A CLA TI . 6.03 -71.32 -14.76
CMA CLA TI . 5.98 -68.79 -14.82
CAA CLA TI . 5.21 -70.49 -17.87
CBA CLA TI . 4.46 -71.81 -17.74
CGA CLA TI . 3.59 -72.04 -18.94
O1A CLA TI . 2.47 -71.60 -19.07
O2A CLA TI . 3.94 -72.77 -19.98
NB CLA TI . 6.67 -73.60 -12.84
C1B CLA TI . 5.85 -72.59 -12.59
C2B CLA TI . 5.22 -72.64 -11.26
C3B CLA TI . 5.79 -73.85 -10.71
C4B CLA TI . 6.69 -74.40 -11.76
CMB CLA TI . 4.24 -71.70 -10.62
CAB CLA TI . 5.44 -74.37 -9.36
CBB CLA TI . 6.20 -75.15 -8.64
NC CLA TI . 8.57 -75.76 -13.86
C1C CLA TI . 8.42 -76.24 -12.63
C2C CLA TI . 9.21 -77.43 -12.30
C3C CLA TI . 9.94 -77.64 -13.54
C4C CLA TI . 9.48 -76.56 -14.42
CMC CLA TI . 9.26 -78.19 -11.01
CAC CLA TI . 10.95 -78.69 -13.87
CBC CLA TI . 10.26 -79.77 -14.68
ND CLA TI . 8.80 -74.34 -16.21
C1D CLA TI . 9.58 -75.29 -16.67
C2D CLA TI . 9.97 -75.16 -18.09
C3D CLA TI . 9.27 -73.93 -18.41
C4D CLA TI . 8.62 -73.54 -17.32
CMD CLA TI . 10.81 -75.89 -19.09
CAD CLA TI . 9.02 -73.00 -19.52
OBD CLA TI . 9.39 -73.16 -20.73
CBD CLA TI . 8.26 -71.85 -19.00
CGD CLA TI . 9.18 -70.69 -18.86
O1D CLA TI . 9.91 -70.61 -17.91
O2D CLA TI . 9.25 -69.66 -19.87
CED CLA TI . 10.20 -68.62 -19.72
CAA F6C UI . 15.83 -23.05 9.46
CAB F6C UI . 6.41 -23.32 8.42
CAC F6C UI . 8.92 -30.24 5.48
CAD F6C UI . 16.13 -27.86 8.73
NA F6C UI . 12.79 -24.56 9.43
CBA F6C UI . 15.26 -22.59 8.14
CBB F6C UI . 5.76 -22.19 8.44
CBC F6C UI . 9.58 -30.07 4.13
CBD F6C UI . 16.13 -26.50 9.34
NB F6C UI . 9.89 -24.46 8.76
OBD F6C UI . 17.17 -28.48 8.35
CGA F6C UI . 16.35 -22.76 7.13
CGD F6C UI . 16.53 -26.59 10.78
ND F6C UI . 12.63 -27.37 8.19
CED F6C UI . 18.39 -25.82 12.25
CHA F6C UI . 14.69 -26.08 9.22
CHB F6C UI . 11.29 -22.79 9.88
CHC F6C UI . 8.05 -25.75 7.70
CHD F6C UI . 11.44 -29.16 7.12
CMA F6C UI . 13.45 -22.07 11.85
CMB F6C UI . 8.61 -21.12 9.98
CMC F6C UI . 6.55 -27.96 6.07
CMD F6C UI . 14.60 -30.51 7.17
OMB F6C UI . 7.54 -20.75 10.43
C1 F6C UI . 14.63 -23.12 5.38
C1A F6C UI . 14.03 -24.80 9.62
C1B F6C UI . 10.02 -23.27 9.34
C1C F6C UI . 8.71 -26.96 7.23
C1D F6C UI . 12.66 -28.58 7.65
O1A F6C UI . 17.52 -22.51 7.32
O1D F6C UI . 16.23 -27.55 11.45
C2 F6C UI . 13.72 -24.32 5.38
C2A F6C UI . 14.75 -23.69 10.32
C2B F6C UI . 8.77 -22.48 9.39
C2C F6C UI . 7.99 -27.97 6.47
C2D F6C UI . 14.00 -29.23 7.63
O2A F6C UI . 16.13 -23.19 5.91
O2D F6C UI . 17.29 -25.52 11.40
C3 F6C UI . 12.43 -24.16 5.11
C3A F6C UI . 13.64 -22.69 10.50
C3B F6C UI . 7.85 -23.40 8.74
C3C F6C UI . 9.03 -28.95 6.23
C3D F6C UI . 14.76 -28.17 8.29
C4 F6C UI . 11.54 -25.35 5.07
C4A F6C UI . 12.48 -23.38 9.90
C4B F6C UI . 8.63 -24.59 8.38
C4C F6C UI . 10.22 -28.39 6.88
C4D F6C UI . 13.94 -27.16 8.58
C5 F6C UI . 11.89 -22.77 4.85
C6 F6C UI . 10.37 -22.74 4.94
C7 F6C UI . 9.90 -21.42 5.51
C8 F6C UI . 8.40 -21.21 5.32
C9 F6C UI . 7.64 -22.54 5.33
C10 F6C UI . 8.17 -20.49 4.00
C11 F6C UI . 6.71 -20.53 3.57
C12 F6C UI . 6.57 -21.14 2.19
C13 F6C UI . 5.34 -20.66 1.42
C14 F6C UI . 4.37 -19.94 2.35
C15 F6C UI . 4.67 -21.86 0.77
NC F6C UI . 9.99 -27.21 7.45
MG F6C UI . 11.31 -25.91 8.48
C16 F6C UI . 3.67 -21.42 -0.30
C17 F6C UI . 2.24 -21.73 0.13
C18 F6C UI . 1.45 -22.40 -0.98
C19 F6C UI . 2.20 -23.62 -1.52
C20 F6C UI . 0.07 -22.79 -0.49
CAA F6C VI . 1.89 -27.69 5.43
CAB F6C VI . 6.95 -35.45 6.23
CAC F6C VI . 10.55 -29.96 11.01
CAD F6C VI . 3.69 -25.74 9.49
NA F6C VI . 3.63 -29.88 7.19
CBA F6C VI . 3.15 -27.84 4.61
CBB F6C VI . 6.39 -36.62 6.13
CBC F6C VI . 10.52 -30.64 12.35
CBD F6C VI . 2.74 -26.40 8.56
NB F6C VI . 5.56 -32.15 7.08
OBD F6C VI . 3.80 -24.48 9.57
CGA F6C VI . 3.88 -26.54 4.38
CGD F6C VI . 1.40 -26.62 9.17
ND F6C VI . 5.65 -28.73 9.19
CED F6C VI . -0.81 -25.73 9.77
CHA F6C VI . 3.40 -27.72 8.26
CHB F6C VI . 3.40 -31.86 5.94
CHC F6C VI . 7.75 -32.96 7.95
CHD F6C VI . 7.69 -28.79 10.45
CMA F6C VI . 0.50 -30.94 5.86
CMB F6C VI . 3.95 -34.69 4.81
CMC F6C VI . 10.63 -32.85 9.34
CMD F6C VI . 6.52 -25.68 11.31
OMB F6C VI . 3.49 -35.74 5.17
C1 F6C VI . 6.01 -25.74 3.27
C1A F6C VI . 2.96 -28.83 7.35
C1B F6C VI . 4.60 -32.60 6.29
C1C F6C VI . 8.20 -31.86 8.80
C1D F6C VI . 6.47 -28.12 10.02
O1A F6C VI . 3.98 -25.65 5.21
O1D F6C VI . 1.21 -27.60 9.85
C2 F6C VI . 6.77 -25.25 2.06
C2A F6C VI . 1.72 -28.75 6.52
C2B F6C VI . 4.85 -33.94 5.74
C2C F6C VI . 9.53 -31.84 9.44
C2D F6C VI . 6.05 -26.78 10.45
O2A F6C VI . 4.49 -26.23 3.25
O2D F6C VI . 0.33 -25.69 8.93
C3 F6C VI . 8.08 -25.54 1.92
C3A F6C VI . 1.74 -30.08 5.83
C3B F6C VI . 6.14 -34.25 6.34
C3C F6C VI . 9.49 -30.59 10.16
C3D F6C VI . 4.80 -26.68 9.71
C4 F6C VI . 8.78 -26.36 2.96
C4A F6C VI . 3.01 -30.66 6.33
C4B F6C VI . 6.51 -33.08 7.16
C4C F6C VI . 8.16 -30.05 9.88
C4D F6C VI . 4.64 -27.80 9.03
C5 F6C VI . 8.87 -25.07 0.73
C6 F6C VI . 8.97 -23.56 0.79
C7 F6C VI . 10.39 -23.05 0.66
C8 F6C VI . 10.33 -21.67 0.02
C9 F6C VI . 10.97 -21.69 -1.35
C10 F6C VI . 11.02 -20.63 0.89
C11 F6C VI . 10.52 -19.24 0.51
C12 F6C VI . 10.29 -18.43 1.77
C13 F6C VI . 10.24 -16.93 1.50
C14 F6C VI . 11.58 -16.42 1.01
C15 F6C VI . 9.82 -16.25 2.79
NC F6C VI . 7.43 -30.81 9.07
MG F6C VI . 5.56 -30.43 8.17
C16 F6C VI . 10.01 -14.74 2.72
C17 F6C VI . 8.73 -14.09 2.20
C18 F6C VI . 8.51 -12.73 2.86
C19 F6C VI . 7.16 -12.15 2.47
C20 F6C VI . 8.63 -12.86 4.37
MG CLA WI . 10.44 -38.12 -3.97
CHA CLA WI . 7.19 -39.34 -3.90
CHB CLA WI . 10.29 -38.41 -7.41
CHC CLA WI . 13.55 -36.86 -4.04
CHD CLA WI . 10.46 -37.90 -0.45
NA CLA WI . 8.93 -38.76 -5.50
C1A CLA WI . 7.76 -39.21 -5.28
C2A CLA WI . 7.04 -39.66 -6.51
C3A CLA WI . 8.05 -39.36 -7.58
C4A CLA WI . 9.17 -38.79 -6.79
CMA CLA WI . 8.38 -40.49 -8.52
CAA CLA WI . 5.81 -38.83 -6.81
CBA CLA WI . 6.09 -37.35 -6.60
CGA CLA WI . 4.75 -36.71 -6.46
O1A CLA WI . 4.13 -36.65 -5.42
O2A CLA WI . 4.10 -36.16 -7.46
NB CLA WI . 11.72 -37.69 -5.51
C1B CLA WI . 11.53 -37.86 -6.82
C2B CLA WI . 12.69 -37.48 -7.64
C3B CLA WI . 13.63 -37.04 -6.63
C4B CLA WI . 12.94 -37.20 -5.34
CMB CLA WI . 12.87 -37.54 -9.11
CAB CLA WI . 15.00 -36.52 -6.82
CBB CLA WI . 15.26 -35.25 -6.55
NC CLA WI . 11.79 -37.44 -2.48
C1C CLA WI . 13.01 -37.00 -2.70
C2C CLA WI . 13.81 -36.62 -1.53
C3C CLA WI . 12.86 -36.94 -0.45
C4C CLA WI . 11.66 -37.43 -1.16
CMC CLA WI . 15.21 -36.10 -1.58
CAC CLA WI . 12.89 -36.81 1.05
CBC CLA WI . 14.25 -36.82 1.69
ND CLA WI . 9.22 -38.48 -2.44
C1D CLA WI . 9.27 -38.40 -1.12
C2D CLA WI . 8.03 -38.85 -0.44
C3D CLA WI . 7.24 -39.21 -1.61
C4D CLA WI . 7.96 -38.98 -2.70
CMD CLA WI . 7.51 -38.99 0.95
CAD CLA WI . 5.92 -39.74 -1.96
OBD CLA WI . 5.13 -40.33 -1.15
CBD CLA WI . 5.84 -39.86 -3.44
CGD CLA WI . 5.73 -41.31 -3.77
O1D CLA WI . 6.73 -41.97 -3.92
O2D CLA WI . 4.45 -41.96 -3.91
CED CLA WI . 4.28 -43.26 -3.38
C1 CLA WI . 4.12 -34.57 -7.60
C2 CLA WI . 3.60 -33.70 -6.50
C3 CLA WI . 3.90 -32.39 -6.51
C4 CLA WI . 4.76 -31.83 -7.61
C5 CLA WI . 3.39 -31.50 -5.42
C6 CLA WI . 4.59 -30.98 -4.64
C7 CLA WI . 4.74 -29.48 -4.85
C8 CLA WI . 4.94 -28.80 -3.52
C9 CLA WI . 3.79 -29.13 -2.58
C10 CLA WI . 5.06 -27.31 -3.75
C11 CLA WI . 6.48 -26.89 -3.43
C12 CLA WI . 6.74 -25.48 -3.94
C13 CLA WI . 7.25 -24.62 -2.81
C14 CLA WI . 6.08 -23.87 -2.18
C15 CLA WI . 8.32 -23.67 -3.33
C16 CLA WI . 7.72 -22.44 -3.99
C17 CLA WI . 8.78 -21.39 -4.31
C18 CLA WI . 8.50 -20.02 -3.72
C19 CLA WI . 8.10 -19.04 -4.80
C20 CLA WI . 7.44 -20.05 -2.61
C1 PQN XI . 13.79 -42.08 4.48
O1 PQN XI . 14.66 -42.42 3.68
C2 PQN XI . 13.48 -40.67 4.66
C2M PQN XI . 14.26 -39.68 3.85
C3 PQN XI . 12.44 -40.25 5.63
C4 PQN XI . 11.72 -41.28 6.39
O4 PQN XI . 10.84 -40.98 7.22
C5 PQN XI . 12.03 -42.71 6.21
C6 PQN XI . 11.36 -43.66 6.92
C7 PQN XI . 11.68 -44.98 6.71
C8 PQN XI . 12.67 -45.35 5.83
C9 PQN XI . 13.35 -44.43 5.08
C10 PQN XI . 13.07 -43.10 5.25
C11 PQN XI . 12.09 -38.81 5.84
C12 PQN XI . 11.23 -38.39 4.68
C13 PQN XI . 10.27 -37.50 4.82
C14 PQN XI . 9.99 -36.91 6.15
C15 PQN XI . 9.46 -37.16 3.59
C16 PQN XI . 9.07 -35.70 3.62
C17 PQN XI . 9.88 -34.89 2.62
C18 PQN XI . 8.98 -33.91 1.89
C19 PQN XI . 8.03 -33.20 2.84
C20 PQN XI . 8.19 -34.70 0.87
C21 PQN XI . 8.87 -34.60 -0.49
C22 PQN XI . 7.88 -34.14 -1.54
C23 PQN XI . 7.90 -35.10 -2.72
C24 PQN XI . 8.83 -34.60 -3.80
C25 PQN XI . 6.50 -35.25 -3.25
C26 PQN XI . 5.52 -35.62 -2.15
C27 PQN XI . 4.16 -35.04 -2.48
C28 PQN XI . 3.08 -36.10 -2.38
C29 PQN XI . 2.69 -36.30 -0.93
C30 PQN XI . 1.86 -35.72 -3.20
C1 BCR YI . -24.07 -58.44 -41.56
C2 BCR YI . -24.69 -57.24 -42.25
C3 BCR YI . -24.85 -56.00 -41.39
C4 BCR YI . -25.49 -56.37 -40.07
C5 BCR YI . -24.54 -57.31 -39.40
C6 BCR YI . -24.05 -58.37 -40.05
C7 BCR YI . -23.47 -59.51 -39.32
C8 BCR YI . -24.17 -60.43 -38.64
C9 BCR YI . -23.54 -61.36 -38.04
C10 BCR YI . -23.87 -61.70 -36.88
C11 BCR YI . -24.17 -62.60 -36.17
C33 BCR YI . -24.14 -57.01 -37.98
C31 BCR YI . -22.64 -58.64 -42.01
C32 BCR YI . -24.90 -59.64 -41.95
C34 BCR YI . -22.41 -62.05 -38.73
C12 BCR YI . -24.51 -63.49 -35.36
C13 BCR YI . -24.47 -64.83 -34.72
C14 BCR YI . -25.30 -65.09 -33.71
C15 BCR YI . -25.35 -66.36 -33.00
C16 BCR YI . -25.97 -67.20 -32.18
C17 BCR YI . -26.28 -68.13 -31.48
C18 BCR YI . -27.14 -68.90 -30.82
C19 BCR YI . -26.77 -70.08 -30.02
C20 BCR YI . -27.24 -71.19 -29.48
C21 BCR YI . -27.41 -72.23 -28.91
C22 BCR YI . -28.15 -73.17 -28.32
C23 BCR YI . -27.55 -74.41 -27.80
C24 BCR YI . -28.10 -75.54 -28.19
C25 BCR YI . -27.61 -76.85 -27.75
C26 BCR YI . -26.37 -77.21 -28.07
C27 BCR YI . -25.49 -77.80 -27.00
C28 BCR YI . -26.30 -78.74 -26.11
C29 BCR YI . -27.70 -79.05 -26.64
C30 BCR YI . -28.49 -77.79 -26.99
C35 BCR YI . -23.51 -65.87 -35.20
C36 BCR YI . -28.59 -68.57 -30.91
C37 BCR YI . -29.62 -72.95 -28.20
C38 BCR YI . -25.86 -77.04 -29.46
C39 BCR YI . -29.01 -77.11 -25.75
C40 BCR YI . -29.66 -78.18 -27.88
C1 BCR ZI . -25.71 -54.00 -33.45
C2 BCR ZI . -25.61 -55.23 -34.36
C3 BCR ZI . -25.20 -56.46 -33.59
C4 BCR ZI . -26.21 -56.83 -32.52
C5 BCR ZI . -26.78 -55.60 -31.87
C6 BCR ZI . -26.28 -54.38 -32.11
C7 BCR ZI . -26.38 -53.33 -31.09
C8 BCR ZI . -25.58 -53.19 -30.03
C9 BCR ZI . -25.80 -52.21 -29.24
C10 BCR ZI . -25.11 -52.02 -28.21
C11 BCR ZI . -24.04 -51.96 -27.75
C33 BCR ZI . -27.94 -55.75 -30.95
C31 BCR ZI . -26.61 -52.94 -34.03
C32 BCR ZI . -24.32 -53.42 -33.27
C34 BCR ZI . -26.90 -51.22 -29.52
C12 BCR ZI . -22.93 -51.86 -27.19
C13 BCR ZI . -21.49 -52.05 -27.01
C14 BCR ZI . -20.87 -51.22 -26.18
C15 BCR ZI . -19.45 -51.26 -25.88
C16 BCR ZI . -18.42 -50.64 -25.34
C17 BCR ZI . -17.32 -50.31 -24.97
C18 BCR ZI . -16.41 -49.59 -24.31
C19 BCR ZI . -14.98 -49.81 -24.50
C20 BCR ZI . -13.77 -49.69 -24.02
C21 BCR ZI . -12.58 -49.72 -23.90
C22 BCR ZI . -11.41 -49.48 -23.31
C23 BCR ZI . -10.14 -49.94 -23.90
C24 BCR ZI . -9.10 -50.04 -23.08
C25 BCR ZI . -7.80 -50.47 -23.59
C26 BCR ZI . -7.62 -51.72 -23.98
C27 BCR ZI . -6.95 -51.99 -25.31
C28 BCR ZI . -6.28 -50.72 -25.80
C29 BCR ZI . -5.63 -49.97 -24.65
C30 BCR ZI . -6.66 -49.50 -23.64
C35 BCR ZI . -20.78 -53.15 -27.72
C36 BCR ZI . -16.86 -48.54 -23.35
C37 BCR ZI . -11.39 -48.75 -22.01
C38 BCR ZI . -8.06 -52.85 -23.11
C39 BCR ZI . -7.15 -48.12 -24.01
C40 BCR ZI . -6.04 -49.52 -22.26
C1 BCR AJ . -28.31 -52.98 -38.75
C2 BCR AJ . -29.18 -54.20 -38.48
C3 BCR AJ . -30.56 -54.05 -39.09
C4 BCR AJ . -31.26 -52.91 -38.38
C5 BCR AJ . -30.43 -51.67 -38.57
C6 BCR AJ . -29.15 -51.73 -38.94
C7 BCR AJ . -28.56 -50.53 -39.58
C8 BCR AJ . -27.69 -49.69 -39.01
C9 BCR AJ . -27.28 -48.68 -39.68
C10 BCR AJ . -26.22 -48.09 -39.39
C11 BCR AJ . -25.31 -47.97 -38.65
C33 BCR AJ . -31.10 -50.33 -38.36
C31 BCR AJ . -27.50 -53.19 -40.01
C32 BCR AJ . -27.39 -52.80 -37.56
C34 BCR AJ . -28.08 -48.18 -40.84
C12 BCR AJ . -24.31 -47.80 -37.92
C13 BCR AJ . -23.47 -47.88 -36.72
C14 BCR AJ . -22.42 -47.07 -36.64
C15 BCR AJ . -21.50 -47.04 -35.49
C16 BCR AJ . -20.46 -46.50 -34.88
C17 BCR AJ . -19.58 -46.25 -34.10
C18 BCR AJ . -18.52 -45.59 -33.60
C19 BCR AJ . -17.91 -45.99 -32.33
C20 BCR AJ . -16.92 -45.84 -31.44
C21 BCR AJ . -15.92 -45.46 -30.93
C22 BCR AJ . -14.99 -45.27 -29.98
C23 BCR AJ . -13.75 -44.56 -30.27
C24 BCR AJ . -13.32 -44.43 -31.52
C25 BCR AJ . -12.05 -43.73 -31.82
C26 BCR AJ . -12.07 -42.47 -32.24
C27 BCR AJ . -11.00 -41.93 -33.13
C28 BCR AJ . -9.67 -42.49 -32.70
C29 BCR AJ . -9.71 -44.01 -32.64
C30 BCR AJ . -10.76 -44.48 -31.65
C35 BCR AJ . -23.80 -48.83 -35.61
C36 BCR AJ . -17.96 -44.45 -34.37
C37 BCR AJ . -15.23 -45.79 -28.59
C38 BCR AJ . -13.19 -41.54 -31.85
C39 BCR AJ . -10.23 -44.26 -30.25
C40 BCR AJ . -10.96 -45.97 -31.90
C1 BCR BJ . -12.45 -80.87 -25.84
C2 BCR BJ . -13.36 -80.16 -26.83
C3 BCR BJ . -12.77 -80.15 -28.23
C4 BCR BJ . -11.44 -79.41 -28.22
C5 BCR BJ . -10.56 -80.01 -27.16
C6 BCR BJ . -11.04 -80.32 -25.96
C7 BCR BJ . -10.21 -80.13 -24.76
C8 BCR BJ . -9.57 -81.14 -24.17
C9 BCR BJ . -8.86 -80.95 -23.14
C10 BCR BJ . -8.64 -79.79 -22.71
C11 BCR BJ . -8.58 -79.15 -21.72
C33 BCR BJ . -9.12 -80.26 -27.50
C31 BCR BJ . -12.38 -82.36 -26.15
C32 BCR BJ . -12.99 -80.67 -24.44
C34 BCR BJ . -8.27 -82.12 -22.40
C12 BCR BJ . -8.52 -78.40 -20.73
C13 BCR BJ . -7.99 -78.02 -19.41
C14 BCR BJ . -8.44 -76.90 -18.83
C15 BCR BJ . -7.91 -76.47 -17.55
C16 BCR BJ . -7.81 -75.57 -16.59
C17 BCR BJ . -7.49 -74.97 -15.60
C18 BCR BJ . -7.57 -74.06 -14.63
C19 BCR BJ . -6.50 -73.91 -13.64
C20 BCR BJ . -6.02 -73.20 -12.64
C21 BCR BJ . -5.29 -72.79 -11.79
C22 BCR BJ . -4.81 -71.90 -10.93
C23 BCR BJ . -3.62 -72.20 -10.14
C24 BCR BJ . -3.05 -71.20 -9.47
C25 BCR BJ . -1.84 -71.43 -8.66
C26 BCR BJ . -1.94 -72.00 -7.47
C27 BCR BJ . -0.81 -72.83 -6.91
C28 BCR BJ . 0.56 -72.34 -7.37
C29 BCR BJ . 0.51 -71.00 -8.06
C30 BCR BJ . -0.51 -70.97 -9.19
C35 BCR BJ . -6.95 -78.84 -18.74
C36 BCR BJ . -8.76 -73.17 -14.55
C37 BCR BJ . -5.50 -70.57 -10.79
C38 BCR BJ . -3.18 -71.83 -6.65
C39 BCR BJ . -0.07 -71.85 -10.35
C40 BCR BJ . -0.63 -69.55 -9.69
C1 BCR CJ . -2.00 -74.20 -29.14
C2 BCR CJ . -1.94 -73.40 -30.43
C3 BCR CJ . -0.52 -73.28 -30.95
C4 BCR CJ . 0.29 -72.48 -29.94
C5 BCR CJ . 0.25 -73.25 -28.66
C6 BCR CJ . -0.89 -73.80 -28.21
C7 BCR CJ . -1.05 -74.05 -26.77
C8 BCR CJ . -1.24 -73.07 -25.90
C9 BCR CJ . -1.37 -73.35 -24.67
C10 BCR CJ . -1.86 -72.50 -23.91
C11 BCR CJ . -1.74 -72.00 -22.87
C33 BCR CJ . 1.53 -73.40 -27.90
C31 BCR CJ . -1.84 -75.68 -29.42
C32 BCR CJ . -3.35 -73.95 -28.49
C34 BCR CJ . -0.95 -74.66 -24.10
C12 BCR CJ . -1.63 -71.43 -21.77
C13 BCR CJ . -1.35 -71.32 -20.34
C14 BCR CJ . -1.65 -70.18 -19.72
C15 BCR CJ . -1.38 -70.06 -18.29
C16 BCR CJ . -1.28 -69.33 -17.21
C17 BCR CJ . -1.23 -68.33 -16.59
C18 BCR CJ . -1.24 -67.43 -15.61
C19 BCR CJ . -1.56 -67.75 -14.22
C20 BCR CJ . -2.11 -67.29 -13.10
C21 BCR CJ . -2.52 -67.19 -11.99
C22 BCR CJ . -2.89 -66.58 -10.87
C23 BCR CJ . -3.44 -67.36 -9.76
C24 BCR CJ . -3.82 -66.70 -8.67
C25 BCR CJ . -4.40 -67.35 -7.48
C26 BCR CJ . -3.57 -67.84 -6.54
C27 BCR CJ . -4.07 -68.58 -5.34
C28 BCR CJ . -5.47 -68.12 -5.01
C29 BCR CJ . -6.33 -68.31 -6.23
C30 BCR CJ . -5.89 -67.36 -7.32
C35 BCR CJ . -0.74 -72.47 -19.64
C36 BCR CJ . -0.94 -66.03 -15.96
C37 BCR CJ . -2.74 -65.10 -10.74
C38 BCR CJ . -2.09 -67.66 -6.64
C39 BCR CJ . -6.35 -65.96 -6.94
C40 BCR CJ . -6.59 -67.77 -8.59
C1 BCR DJ . 50.75 -75.31 -11.53
C2 BCR DJ . 51.61 -74.20 -12.12
C3 BCR DJ . 53.08 -74.41 -11.83
C4 BCR DJ . 53.32 -74.40 -10.33
C5 BCR DJ . 52.40 -75.40 -9.68
C6 BCR DJ . 51.13 -75.54 -10.07
C7 BCR DJ . 50.12 -75.99 -9.09
C8 BCR DJ . 49.60 -75.19 -8.16
C9 BCR DJ . 48.75 -75.65 -7.33
C10 BCR DJ . 48.48 -75.01 -6.28
C11 BCR DJ . 47.71 -74.32 -5.70
C33 BCR DJ . 52.93 -76.24 -8.55
C31 BCR DJ . 51.01 -76.60 -12.28
C32 BCR DJ . 49.28 -74.95 -11.63
C34 BCR DJ . 48.09 -76.98 -7.56
C12 BCR DJ . 46.96 -73.59 -5.01
C13 BCR DJ . 45.71 -73.00 -4.50
C14 BCR DJ . 45.69 -72.57 -3.23
C15 BCR DJ . 44.49 -71.98 -2.63
C16 BCR DJ . 43.78 -71.52 -1.61
C17 BCR DJ . 43.49 -71.21 -0.48
C18 BCR DJ . 42.73 -70.89 0.57
C19 BCR DJ . 43.37 -70.60 1.86
C20 BCR DJ . 43.41 -70.68 3.19
C21 BCR DJ . 43.11 -70.89 4.34
C22 BCR DJ . 43.22 -71.38 5.58
C23 BCR DJ . 42.22 -71.07 6.62
C24 BCR DJ . 42.20 -71.81 7.74
C25 BCR DJ . 41.25 -71.58 8.86
C26 BCR DJ . 41.74 -71.03 9.97
C27 BCR DJ . 40.98 -71.08 11.27
C28 BCR DJ . 40.08 -72.29 11.24
C29 BCR DJ . 39.12 -72.15 10.08
C30 BCR DJ . 39.81 -71.99 8.72
C35 BCR DJ . 44.49 -72.90 -5.36
C36 BCR DJ . 41.24 -70.85 0.44
C37 BCR DJ . 44.39 -72.26 5.92
C38 BCR DJ . 43.09 -70.38 9.98
C39 BCR DJ . 39.04 -70.95 7.93
C40 BCR DJ . 39.77 -73.32 8.01
C1 BCR EJ . 31.16 -82.58 -15.57
C2 BCR EJ . 31.51 -82.02 -16.93
C3 BCR EJ . 31.98 -80.57 -16.86
C4 BCR EJ . 33.23 -80.44 -16.00
C5 BCR EJ . 33.11 -81.29 -14.77
C6 BCR EJ . 31.98 -81.94 -14.48
C7 BCR EJ . 31.58 -82.10 -13.08
C8 BCR EJ . 31.14 -81.10 -12.31
C9 BCR EJ . 30.84 -81.34 -11.10
C10 BCR EJ . 31.01 -80.50 -10.22
C11 BCR EJ . 30.50 -79.88 -9.38
C33 BCR EJ . 34.29 -81.40 -13.85
C31 BCR EJ . 31.42 -84.06 -15.53
C32 BCR EJ . 29.69 -82.30 -15.30
C34 BCR EJ . 30.26 -82.67 -10.71
C12 BCR EJ . 30.02 -79.17 -8.47
C13 BCR EJ . 29.10 -78.78 -7.39
C14 BCR EJ . 29.14 -77.52 -7.00
C15 BCR EJ . 28.30 -76.98 -5.96
C16 BCR EJ . 27.83 -75.88 -5.40
C17 BCR EJ . 27.26 -75.06 -4.76
C18 BCR EJ . 27.03 -73.80 -4.37
C19 BCR EJ . 25.95 -73.46 -3.43
C20 BCR EJ . 25.09 -72.52 -3.09
C21 BCR EJ . 24.23 -71.90 -2.58
C22 BCR EJ . 23.59 -70.82 -2.12
C23 BCR EJ . 22.26 -70.91 -1.54
C24 BCR EJ . 21.81 -69.85 -0.87
C25 BCR EJ . 20.47 -69.76 -0.25
C26 BCR EJ . 20.18 -70.39 0.89
C27 BCR EJ . 18.79 -70.38 1.47
C28 BCR EJ . 18.13 -69.06 1.12
C29 BCR EJ . 18.10 -68.98 -0.38
C30 BCR EJ . 19.50 -68.83 -0.93
C35 BCR EJ . 28.20 -79.78 -6.75
C36 BCR EJ . 27.87 -72.71 -4.93
C37 BCR EJ . 24.27 -69.49 -2.21
C38 BCR EJ . 21.22 -71.15 1.67
C39 BCR EJ . 20.00 -67.42 -0.69
C40 BCR EJ . 19.45 -69.11 -2.42
C1 BCR FJ . 18.55 -87.16 -2.80
C2 BCR FJ . 19.94 -87.43 -2.26
C3 BCR FJ . 20.94 -87.32 -3.40
C4 BCR FJ . 20.70 -88.49 -4.35
C5 BCR FJ . 19.26 -88.54 -4.76
C6 BCR FJ . 18.28 -88.00 -4.03
C7 BCR FJ . 16.87 -88.24 -4.40
C8 BCR FJ . 16.20 -87.36 -5.14
C9 BCR FJ . 14.99 -87.57 -5.47
C10 BCR FJ . 14.54 -87.06 -6.51
C11 BCR FJ . 13.59 -86.93 -7.20
C33 BCR FJ . 18.94 -89.24 -6.04
C31 BCR FJ . 18.45 -85.69 -3.14
C32 BCR FJ . 17.52 -87.51 -1.74
C34 BCR FJ . 14.10 -88.40 -4.61
C12 BCR FJ . 12.63 -86.76 -7.98
C13 BCR FJ . 11.22 -86.77 -8.37
C14 BCR FJ . 10.86 -86.47 -9.62
C15 BCR FJ . 11.88 -86.14 -10.60
C16 BCR FJ . 12.31 -85.95 -11.84
C17 BCR FJ . 12.29 -85.92 -13.04
C18 BCR FJ . 11.83 -85.87 -14.29
C19 BCR FJ . 12.77 -85.80 -15.42
C20 BCR FJ . 13.12 -85.20 -16.55
C21 BCR FJ . 13.72 -84.91 -17.53
C22 BCR FJ . 13.93 -84.41 -18.75
C23 BCR FJ . 15.27 -84.46 -19.34
C24 BCR FJ . 15.45 -84.23 -20.64
C25 BCR FJ . 16.79 -84.26 -21.27
C26 BCR FJ . 17.41 -85.41 -21.60
C27 BCR FJ . 18.22 -85.47 -22.87
C28 BCR FJ . 19.10 -84.24 -23.03
C29 BCR FJ . 18.93 -83.22 -21.92
C30 BCR FJ . 17.46 -82.95 -21.60
C35 BCR FJ . 10.17 -87.12 -7.37
C36 BCR FJ . 10.36 -85.92 -14.57
C37 BCR FJ . 12.82 -83.76 -19.49
C38 BCR FJ . 17.38 -86.66 -20.77
C39 BCR FJ . 16.77 -82.28 -22.79
C40 BCR FJ . 17.41 -81.99 -20.42
C1 BCR GJ . 10.76 -32.54 -17.09
C2 BCR GJ . 11.83 -32.50 -18.15
C3 BCR GJ . 11.78 -33.72 -19.06
C4 BCR GJ . 12.01 -34.96 -18.22
C5 BCR GJ . 10.86 -35.04 -17.26
C6 BCR GJ . 10.41 -33.95 -16.63
C7 BCR GJ . 9.49 -34.13 -15.49
C8 BCR GJ . 9.84 -34.40 -14.22
C9 BCR GJ . 8.87 -34.51 -13.40
C10 BCR GJ . 8.98 -34.09 -12.23
C11 BCR GJ . 9.48 -34.18 -11.19
C33 BCR GJ . 10.22 -36.36 -17.05
C31 BCR GJ . 9.52 -31.93 -17.69
C32 BCR GJ . 11.16 -31.71 -15.91
C34 BCR GJ . 7.58 -35.14 -13.82
C12 BCR GJ . 10.05 -34.20 -10.08
C13 BCR GJ . 10.03 -34.23 -8.62
C14 BCR GJ . 11.12 -33.85 -7.96
C15 BCR GJ . 11.17 -33.81 -6.51
C16 BCR GJ . 11.81 -33.45 -5.42
C17 BCR GJ . 12.12 -33.27 -4.27
C18 BCR GJ . 12.93 -33.02 -3.26
C19 BCR GJ . 12.42 -32.91 -1.90
C20 BCR GJ . 12.67 -32.80 -0.60
C21 BCR GJ . 13.22 -32.84 0.45
C22 BCR GJ . 13.98 -32.53 1.50
C23 BCR GJ . 13.91 -33.36 2.70
C24 BCR GJ . 14.10 -32.80 3.88
C25 BCR GJ . 14.04 -33.60 5.11
C26 BCR GJ . 12.90 -33.69 5.78
C27 BCR GJ . 12.70 -34.66 6.92
C28 BCR GJ . 13.98 -35.35 7.36
C29 BCR GJ . 15.20 -34.50 7.06
C30 BCR GJ . 15.30 -34.28 5.57
C35 BCR GJ . 8.80 -34.64 -7.86
C36 BCR GJ . 14.40 -32.86 -3.50
C37 BCR GJ . 14.92 -31.38 1.43
C38 BCR GJ . 11.76 -32.78 5.44
C39 BCR GJ . 15.50 -35.61 4.87
C40 BCR GJ . 16.47 -33.37 5.28
C1 LMG HJ . -2.64 -49.98 5.08
O1 LMG HJ . -1.33 -49.68 4.59
C2 LMG HJ . -2.77 -51.48 5.36
O2 LMG HJ . -2.95 -52.21 4.15
C3 LMG HJ . -3.98 -51.79 6.23
O3 LMG HJ . -3.88 -53.14 6.70
C4 LMG HJ . -4.04 -50.86 7.43
O4 LMG HJ . -2.88 -51.05 8.23
C5 LMG HJ . -4.04 -49.44 6.94
O5 LMG HJ . -3.12 -48.77 9.05
C6 LMG HJ . -4.16 -48.47 8.11
O6 LMG HJ . -2.80 -49.23 6.28
C7 LMG HJ . -1.22 -49.75 3.18
C8 LMG HJ . 0.04 -49.01 2.77
C9 LMG HJ . 0.39 -49.34 1.32
O7 LMG HJ . -0.23 -47.62 2.90
C10 LMG HJ . 0.99 -46.91 3.16
O9 LMG HJ . 1.55 -47.09 4.22
C11 LMG HJ . 1.58 -45.98 2.13
C12 LMG HJ . 1.50 -44.56 2.65
C13 LMG HJ . 1.17 -43.60 1.51
C14 LMG HJ . 2.14 -43.73 0.35
C15 LMG HJ . 1.49 -43.21 -0.92
C16 LMG HJ . 1.49 -41.69 -0.99
C17 LMG HJ . 0.98 -41.26 -2.35
C18 LMG HJ . 1.32 -39.81 -2.61
C19 LMG HJ . 1.18 -39.29 -3.82
C20 LMG HJ . 0.67 -40.13 -4.96
C21 LMG HJ . 0.75 -39.35 -6.25
C22 LMG HJ . 0.43 -38.06 -6.27
C23 LMG HJ . 0.50 -37.28 -7.56
C24 LMG HJ . -0.73 -37.51 -8.38
O8 LMG HJ . -0.81 -49.39 0.56
C28 LMG HJ . -0.76 -49.35 -0.90
O10 LMG HJ . -1.34 -48.46 -1.48
C29 LMG HJ . 0.01 -50.39 -1.68
C30 LMG HJ . 0.07 -49.97 -3.14
C31 LMG HJ . 1.08 -50.83 -3.90
C32 LMG HJ . 1.57 -50.10 -5.13
C33 LMG HJ . 2.81 -50.71 -5.76
C34 LMG HJ . 3.49 -49.64 -6.58
C35 LMG HJ . 4.57 -50.18 -7.50
C36 LMG HJ . 5.24 -49.01 -8.15
C37 LMG HJ . 4.55 -48.17 -8.94
C38 LMG HJ . 5.26 -47.01 -9.57
C39 LMG HJ . 4.46 -46.44 -10.71
O1 LHG IJ . -5.90 -91.77 -9.92
C1 LHG IJ . -5.58 -91.49 -8.55
C2 LHG IJ . -6.82 -90.94 -7.86
O2 LHG IJ . -7.77 -90.58 -8.87
C3 LHG IJ . -6.42 -89.73 -7.05
O3 LHG IJ . -7.54 -88.98 -6.60
P LHG IJ . -8.09 -87.78 -7.51
O4 LHG IJ . -8.84 -88.39 -8.67
O5 LHG IJ . -8.73 -86.76 -6.62
O6 LHG IJ . -6.74 -87.15 -8.12
C4 LHG IJ . -6.76 -86.66 -9.46
C5 LHG IJ . -5.82 -85.48 -9.61
C6 LHG IJ . -4.87 -85.36 -8.42
O7 LHG IJ . -5.05 -85.62 -10.79
C7 LHG IJ . -5.64 -84.88 -11.89
O9 LHG IJ . -6.37 -83.93 -11.66
C8 LHG IJ . -5.34 -85.30 -13.31
C9 LHG IJ . -4.00 -84.70 -13.69
C10 LHG IJ . -4.07 -84.17 -15.11
O8 LHG IJ . -3.55 -85.13 -8.89
C23 LHG IJ . -3.11 -83.79 -9.23
O10 LHG IJ . -3.90 -82.87 -9.18
C24 LHG IJ . -1.68 -83.53 -9.63
C11 LHG IJ . -3.93 -82.66 -15.13
C12 LHG IJ . -3.00 -82.23 -16.25
C13 LHG IJ . -3.50 -82.75 -17.58
C14 LHG IJ . -4.37 -81.71 -18.28
C15 LHG IJ . -4.78 -82.19 -19.66
C16 LHG IJ . -4.35 -81.20 -20.72
C17 LHG IJ . -4.63 -81.73 -22.12
C25 LHG IJ . -1.68 -82.41 -10.67
C26 LHG IJ . -0.82 -81.25 -10.20
C27 LHG IJ . 0.64 -81.65 -10.10
C28 LHG IJ . 1.51 -80.68 -10.88
C29 LHG IJ . 2.98 -81.10 -10.83
C30 LHG IJ . 3.89 -80.21 -11.67
C31 LHG IJ . 3.22 -78.93 -12.14
C32 LHG IJ . 4.24 -77.92 -12.66
C33 LHG IJ . 4.84 -78.42 -13.97
C34 LHG IJ . 5.78 -77.39 -14.56
C35 LHG IJ . 5.05 -76.43 -15.48
C36 LHG IJ . 5.45 -76.76 -16.91
C37 LHG IJ . 5.50 -75.52 -17.76
C38 LHG IJ . 5.42 -75.89 -19.22
FE1 SF4 JJ . 5.48 -52.63 24.44
FE2 SF4 JJ . 4.16 -53.17 26.76
FE3 SF4 JJ . 3.96 -54.88 24.66
FE4 SF4 JJ . 2.76 -52.45 24.55
S1 SF4 JJ . 2.26 -54.15 25.98
S2 SF4 JJ . 4.00 -53.43 22.90
S3 SF4 JJ . 4.25 -51.16 25.69
S4 SF4 JJ . 5.85 -54.38 25.84
FE1 SF4 KJ . 3.67 -64.64 28.15
FE2 SF4 KJ . 3.06 -62.90 30.16
FE3 SF4 KJ . 4.25 -65.28 30.73
FE4 SF4 KJ . 1.66 -65.23 29.91
S1 SF4 KJ . 2.49 -64.35 31.83
S2 SF4 KJ . 3.30 -66.64 29.18
S3 SF4 KJ . 1.72 -63.50 28.42
S4 SF4 KJ . 5.14 -63.56 29.52
C1 BCR LJ . -2.90 -33.53 -16.77
C2 BCR LJ . -3.70 -33.59 -18.06
C3 BCR LJ . -4.31 -32.30 -18.59
C4 BCR LJ . -3.39 -31.13 -18.31
C5 BCR LJ . -3.30 -31.11 -16.83
C6 BCR LJ . -2.66 -32.12 -16.26
C7 BCR LJ . -1.70 -31.91 -15.17
C8 BCR LJ . -2.05 -31.83 -13.89
C9 BCR LJ . -1.13 -31.67 -13.03
C10 BCR LJ . -0.56 -30.56 -12.95
C11 BCR LJ . 0.27 -29.98 -12.36
C33 BCR LJ . -3.92 -29.98 -16.06
C31 BCR LJ . -1.54 -34.15 -16.97
C32 BCR LJ . -3.65 -34.31 -15.71
C34 BCR LJ . -0.75 -32.79 -12.12
C12 BCR LJ . 1.12 -29.31 -11.74
C13 BCR LJ . 2.00 -29.05 -10.60
C14 BCR LJ . 2.73 -27.95 -10.61
C15 BCR LJ . 3.59 -27.63 -9.49
C16 BCR LJ . 4.53 -26.94 -8.88
C17 BCR LJ . 5.44 -26.18 -8.70
C18 BCR LJ . 6.11 -25.05 -8.55
C19 BCR LJ . 7.50 -25.06 -8.12
C20 BCR LJ . 8.53 -24.41 -7.62
C21 BCR LJ . 9.63 -24.20 -7.25
C22 BCR LJ . 10.74 -23.47 -7.09
C23 BCR LJ . 11.91 -24.04 -6.41
C24 BCR LJ . 12.97 -23.27 -6.25
C25 BCR LJ . 14.17 -23.81 -5.61
C26 BCR LJ . 14.17 -24.15 -4.33
C27 BCR LJ . 14.81 -25.45 -3.91
C28 BCR LJ . 16.00 -25.77 -4.80
C29 BCR LJ . 16.51 -24.54 -5.55
C30 BCR LJ . 15.41 -23.99 -6.43
C35 BCR LJ . 2.06 -29.99 -9.46
C36 BCR LJ . 5.45 -23.75 -8.88
C37 BCR LJ . 10.79 -22.10 -7.64
C38 BCR LJ . 13.55 -23.25 -3.32
C39 BCR LJ . 15.11 -24.94 -7.56
C40 BCR LJ . 15.83 -22.64 -6.97
C1 BCR MJ . 8.57 -19.21 -11.18
C2 BCR MJ . 7.09 -19.02 -11.35
C3 BCR MJ . 6.86 -17.66 -11.98
C4 BCR MJ . 7.16 -16.62 -10.94
C5 BCR MJ . 8.53 -16.86 -10.39
C6 BCR MJ . 9.15 -18.05 -10.42
C7 BCR MJ . 10.46 -18.21 -9.75
C8 BCR MJ . 10.59 -18.44 -8.45
C9 BCR MJ . 11.72 -18.56 -7.92
C10 BCR MJ . 11.77 -19.00 -6.76
C11 BCR MJ . 12.35 -18.99 -5.76
C33 BCR MJ . 9.19 -15.66 -9.81
C31 BCR MJ . 9.20 -19.17 -12.55
C32 BCR MJ . 8.85 -20.54 -10.52
C34 BCR MJ . 12.98 -18.19 -8.63
C12 BCR MJ . 12.89 -19.01 -4.64
C13 BCR MJ . 13.96 -19.21 -3.67
C14 BCR MJ . 13.68 -18.92 -2.42
C15 BCR MJ . 14.63 -19.07 -1.34
C16 BCR MJ . 14.89 -18.98 -0.06
C17 BCR MJ . 15.40 -18.97 1.00
C18 BCR MJ . 15.51 -19.07 2.31
C19 BCR MJ . 16.79 -18.77 2.93
C20 BCR MJ . 17.55 -18.69 3.99
C21 BCR MJ . 17.95 -18.79 5.10
C22 BCR MJ . 18.09 -18.62 6.39
C23 BCR MJ . 17.00 -18.04 7.17
C24 BCR MJ . 17.19 -17.84 8.46
C25 BCR MJ . 16.13 -17.26 9.30
C26 BCR MJ . 16.08 -15.95 9.48
C27 BCR MJ . 14.95 -15.26 10.18
C28 BCR MJ . 13.82 -16.24 10.48
C29 BCR MJ . 14.41 -17.49 11.06
C30 BCR MJ . 15.15 -18.21 9.95
C35 BCR MJ . 15.30 -19.74 -4.06
C36 BCR MJ . 14.37 -19.53 3.15
C37 BCR MJ . 19.32 -19.10 7.06
C38 BCR MJ . 17.21 -15.09 9.00
C39 BCR MJ . 14.13 -18.74 8.96
C40 BCR MJ . 15.95 -19.34 10.54
C1 LMG NJ . -3.76 -13.42 -30.30
O1 LMG NJ . -4.49 -12.61 -29.39
C2 LMG NJ . -4.31 -13.24 -31.71
O2 LMG NJ . -5.67 -13.66 -31.75
C3 LMG NJ . -3.52 -14.09 -32.70
O3 LMG NJ . -3.91 -13.72 -34.03
C4 LMG NJ . -2.01 -13.87 -32.54
O4 LMG NJ . -1.66 -12.57 -33.03
C5 LMG NJ . -1.61 -13.99 -31.08
O5 LMG NJ . 0.61 -14.73 -31.60
C6 LMG NJ . -0.12 -13.72 -30.90
O6 LMG NJ . -2.37 -13.07 -30.29
C7 LMG NJ . -5.19 -13.41 -28.45
C8 LMG NJ . -6.47 -12.71 -28.02
C9 LMG NJ . -7.43 -12.68 -29.20
O7 LMG NJ . -7.09 -13.40 -26.94
C10 LMG NJ . -6.76 -12.79 -25.67
O9 LMG NJ . -5.78 -12.07 -25.59
C11 LMG NJ . -7.60 -13.03 -24.44
C12 LMG NJ . -8.77 -13.97 -24.74
C13 LMG NJ . -9.37 -14.46 -23.43
C14 LMG NJ . -8.31 -15.14 -22.58
C15 LMG NJ . -8.91 -15.94 -21.43
C16 LMG NJ . -7.83 -16.71 -20.69
C17 LMG NJ . -8.43 -17.61 -19.62
O8 LMG NJ . -7.53 -13.98 -29.77
C28 LMG NJ . -8.51 -14.20 -30.82
O10 LMG NJ . -8.12 -14.56 -31.91
C29 LMG NJ . -9.97 -13.98 -30.54
C30 LMG NJ . -10.48 -15.09 -29.62
C31 LMG NJ . -11.52 -14.54 -28.64
C32 LMG NJ . -12.58 -15.58 -28.31
C33 LMG NJ . -11.95 -16.86 -27.76
C34 LMG NJ . -11.28 -16.64 -26.41
C35 LMG NJ . -10.58 -17.93 -25.99
C36 LMG NJ . -10.49 -18.03 -24.48
C37 LMG NJ . -10.12 -19.18 -23.93
MG CLA OJ . 78.09 -31.11 25.76
CHA CLA OJ . 79.84 -28.19 26.50
CHB CLA OJ . 78.61 -32.06 29.02
CHC CLA OJ . 76.29 -33.88 25.06
CHD CLA OJ . 77.61 -29.98 22.42
NA CLA OJ . 79.08 -30.25 27.57
C1A CLA OJ . 79.70 -29.13 27.67
C2A CLA OJ . 80.28 -28.86 29.03
C3A CLA OJ . 79.87 -30.12 29.79
C4A CLA OJ . 79.14 -30.87 28.74
CMA CLA OJ . 80.89 -30.85 30.66
CAA CLA OJ . 79.69 -27.61 29.69
CBA CLA OJ . 78.50 -27.86 30.62
CGA CLA OJ . 77.24 -27.44 29.91
O1A CLA OJ . 77.20 -26.67 28.98
O2A CLA OJ . 76.04 -27.87 30.22
NB CLA OJ . 77.53 -32.73 26.90
C1B CLA OJ . 77.84 -32.99 28.18
C2B CLA OJ . 77.32 -34.29 28.67
C3B CLA OJ . 76.65 -34.80 27.48
C4B CLA OJ . 76.83 -33.77 26.43
CMB CLA OJ . 77.47 -34.92 30.03
CAB CLA OJ . 75.93 -36.08 27.32
CBB CLA OJ . 76.38 -37.02 26.52
NC CLA OJ . 77.04 -31.77 24.03
C1C CLA OJ . 76.42 -32.95 23.93
C2C CLA OJ . 75.86 -33.28 22.60
C3C CLA OJ . 76.22 -32.10 21.83
C4C CLA OJ . 76.94 -31.23 22.81
CMC CLA OJ . 75.11 -34.51 22.15
CAC CLA OJ . 75.92 -31.81 20.38
CBC CLA OJ . 74.67 -30.98 20.28
ND CLA OJ . 78.54 -29.53 24.61
C1D CLA OJ . 78.34 -29.12 23.36
C2D CLA OJ . 78.93 -27.79 23.03
C3D CLA OJ . 79.52 -27.47 24.34
C4D CLA OJ . 79.26 -28.48 25.18
CMD CLA OJ . 79.05 -26.86 21.86
CAD CLA OJ . 80.28 -26.41 25.01
OBD CLA OJ . 80.43 -25.22 24.59
CBD CLA OJ . 80.61 -26.90 26.39
CGD CLA OJ . 82.09 -27.17 26.40
O1D CLA OJ . 82.88 -26.27 26.20
O2D CLA OJ . 82.60 -28.51 26.66
CED CLA OJ . 83.68 -28.69 27.57
CA CA PJ . 22.54 -14.61 -18.31
MG CLA QJ . 13.16 -1.56 12.19
CHA CLA QJ . 10.89 0.76 11.00
CHB CLA QJ . 13.69 -2.51 8.94
CHC CLA QJ . 15.36 -3.83 13.36
CHD CLA QJ . 12.61 -0.43 15.49
NA CLA QJ . 12.40 -0.96 10.18
C1A CLA QJ . 11.55 -0.06 9.92
C2A CLA QJ . 11.23 0.07 8.46
C3A CLA QJ . 12.14 -0.98 7.86
C4A CLA QJ . 12.80 -1.52 9.07
CMA CLA QJ . 11.61 -1.98 6.86
CAA CLA QJ . 11.51 1.45 7.87
CBA CLA QJ . 12.97 1.84 7.89
CGA CLA QJ . 13.31 2.54 9.18
O1A CLA QJ . 12.63 3.41 9.69
O2A CLA QJ . 14.38 2.29 9.87
NB CLA QJ . 14.35 -2.95 11.27
C1B CLA QJ . 14.45 -3.21 9.97
C2B CLA QJ . 15.41 -4.30 9.65
C3B CLA QJ . 15.88 -4.66 10.98
C4B CLA QJ . 15.16 -3.78 11.91
CMB CLA QJ . 15.75 -4.84 8.28
CAB CLA QJ . 16.85 -5.66 11.47
CBB CLA QJ . 17.71 -6.27 10.69
NC CLA QJ . 13.91 -2.01 14.13
C1C CLA QJ . 14.78 -2.98 14.40
C2C CLA QJ . 15.15 -3.13 15.82
C3C CLA QJ . 14.35 -2.09 16.43
C4C CLA QJ . 13.63 -1.48 15.31
CMC CLA QJ . 16.10 -4.10 16.44
CAC CLA QJ . 14.25 -1.70 17.88
CBC CLA QJ . 15.06 -0.45 18.13
ND CLA QJ . 12.07 -0.21 13.16
C1D CLA QJ . 11.90 0.20 14.40
C2D CLA QJ . 10.92 1.30 14.57
C3D CLA QJ . 10.55 1.48 13.17
C4D CLA QJ . 11.24 0.61 12.43
CMD CLA QJ . 10.39 2.09 15.72
CAD CLA QJ . 9.70 2.30 12.31
OBD CLA QJ . 8.73 3.02 12.73
CBD CLA QJ . 9.81 1.80 10.91
CGD CLA QJ . 8.53 1.11 10.58
O1D CLA QJ . 7.81 0.72 11.46
O2D CLA QJ . 8.16 0.86 9.20
CED CLA QJ . 6.79 0.96 8.80
C1 CLA QJ . 14.36 2.26 11.46
C2 CLA QJ . 15.29 1.31 12.17
C3 CLA QJ . 15.51 1.39 13.49
C4 CLA QJ . 14.84 2.45 14.30
C5 CLA QJ . 16.44 0.44 14.16
C6 CLA QJ . 17.33 -0.22 13.14
C7 CLA QJ . 18.46 -0.96 13.83
C8 CLA QJ . 18.65 -2.31 13.16
C9 CLA QJ . 19.62 -3.18 13.95
C10 CLA QJ . 19.09 -2.08 11.71
C11 CLA QJ . 20.59 -2.09 11.57
C12 CLA QJ . 20.99 -2.08 10.11
C13 CLA QJ . 22.49 -1.98 9.93
C14 CLA QJ . 23.16 -1.05 10.94
C15 CLA QJ . 22.74 -1.48 8.51
C16 CLA QJ . 22.55 -2.64 7.54
C17 CLA QJ . 21.67 -2.21 6.37
C18 CLA QJ . 22.44 -1.30 5.42
C19 CLA QJ . 23.85 -1.80 5.11
C20 CLA QJ . 21.67 -1.19 4.13
MG CLA RJ . 13.56 -13.12 7.84
CHA CLA RJ . 13.25 -10.65 10.24
CHB CLA RJ . 16.38 -11.48 6.75
CHC CLA RJ . 13.85 -15.50 5.49
CHD CLA RJ . 10.61 -14.63 9.02
NA CLA RJ . 14.71 -11.31 8.40
C1A CLA RJ . 14.44 -10.50 9.35
C2A CLA RJ . 15.41 -9.36 9.48
C3A CLA RJ . 16.32 -9.64 8.33
C4A CLA RJ . 15.78 -10.89 7.78
CMA CLA RJ . 16.45 -8.48 7.35
CAA CLA RJ . 16.26 -9.56 10.73
CBA CLA RJ . 16.65 -11.02 10.91
CGA CLA RJ . 17.46 -11.34 12.12
O1A CLA RJ . 18.60 -10.97 12.31
O2A CLA RJ . 17.01 -12.07 13.10
NB CLA RJ . 14.92 -13.43 6.34
C1B CLA RJ . 15.99 -12.69 6.04
C2B CLA RJ . 16.78 -13.22 4.92
C3B CLA RJ . 16.01 -14.39 4.57
C4B CLA RJ . 14.87 -14.46 5.49
CMB CLA RJ . 18.02 -12.69 4.30
CAB CLA RJ . 16.29 -15.34 3.49
CBB CLA RJ . 15.57 -15.29 2.40
NC CLA RJ . 12.46 -14.88 7.40
C1C CLA RJ . 12.74 -15.73 6.43
C2C CLA RJ . 11.88 -16.92 6.37
C3C CLA RJ . 10.98 -16.68 7.48
C4C CLA RJ . 11.41 -15.39 8.04
CMC CLA RJ . 11.91 -18.08 5.42
CAC CLA RJ . 9.86 -17.56 7.96
CBC CLA RJ . 10.31 -18.18 9.26
ND CLA RJ . 12.18 -12.84 9.26
C1D CLA RJ . 11.07 -13.42 9.69
C2D CLA RJ . 10.38 -12.73 10.81
C3D CLA RJ . 11.32 -11.61 10.99
C4D CLA RJ . 12.30 -11.75 10.08
CMD CLA RJ . 9.16 -12.89 11.66
CAD CLA RJ . 11.55 -10.41 11.80
OBD CLA RJ . 10.69 -9.86 12.56
CBD CLA RJ . 12.76 -9.72 11.31
CGD CLA RJ . 12.30 -8.49 10.61
O1D CLA RJ . 11.29 -8.51 9.96
O2D CLA RJ . 13.06 -7.27 10.65
CED CLA RJ . 12.47 -6.12 10.08
C1 CLA RJ . 17.90 -13.22 13.76
C2 CLA RJ . 18.39 -14.44 13.03
C3 CLA RJ . 17.87 -15.64 13.33
C4 CLA RJ . 16.80 -15.74 14.37
C5 CLA RJ . 18.34 -16.89 12.63
C6 CLA RJ . 19.76 -17.24 13.07
C7 CLA RJ . 19.80 -17.68 14.52
C8 CLA RJ . 21.18 -18.08 15.01
C9 CLA RJ . 21.16 -18.10 16.52
C10 CLA RJ . 22.26 -17.13 14.49
C11 CLA RJ . 23.55 -17.25 15.31
C12 CLA RJ . 24.78 -17.22 14.43
C13 CLA RJ . 25.93 -16.52 15.12
C14 CLA RJ . 27.15 -16.45 14.20
C15 CLA RJ . 26.27 -17.23 16.42
MG CLA SJ . 20.93 -7.52 -1.58
CHA CLA SJ . 20.73 -4.15 -2.38
CHB CLA SJ . 21.81 -8.10 -4.84
CHC CLA SJ . 21.18 -10.78 -0.77
CHD CLA SJ . 20.08 -6.76 1.78
NA CLA SJ . 21.25 -6.30 -3.40
C1A CLA SJ . 21.11 -5.04 -3.51
C2A CLA SJ . 21.33 -4.53 -4.90
C3A CLA SJ . 21.63 -5.80 -5.64
C4A CLA SJ . 21.57 -6.81 -4.56
CMA CLA SJ . 20.81 -6.01 -6.85
CAA CLA SJ . 22.58 -3.68 -4.98
CBA CLA SJ . 22.19 -2.44 -5.75
CGA CLA SJ . 23.41 -1.60 -5.91
O1A CLA SJ . 24.54 -2.06 -6.02
O2A CLA SJ . 23.40 -0.29 -5.98
NB CLA SJ . 21.44 -9.20 -2.67
C1B CLA SJ . 21.78 -9.27 -3.95
C2B CLA SJ . 22.11 -10.64 -4.40
C3B CLA SJ . 21.91 -11.40 -3.17
C4B CLA SJ . 21.49 -10.43 -2.16
CMB CLA SJ . 22.54 -11.12 -5.74
CAB CLA SJ . 22.07 -12.85 -2.91
CBB CLA SJ . 21.84 -13.77 -3.80
NC CLA SJ . 20.70 -8.59 0.23
C1C CLA SJ . 20.84 -9.91 0.36
C2C CLA SJ . 20.66 -10.45 1.71
C3C CLA SJ . 20.35 -9.24 2.47
C4C CLA SJ . 20.39 -8.17 1.47
CMC CLA SJ . 20.77 -11.87 2.14
CAC CLA SJ . 20.06 -9.11 3.94
CBC CLA SJ . 18.56 -9.01 4.17
ND CLA SJ . 20.51 -5.94 -0.45
C1D CLA SJ . 20.18 -5.68 0.81
C2D CLA SJ . 19.90 -4.26 1.11
C3D CLA SJ . 20.15 -3.70 -0.22
C4D CLA SJ . 20.48 -4.69 -1.04
CMD CLA SJ . 19.51 -3.43 2.29
CAD CLA SJ . 20.14 -2.41 -0.93
OBD CLA SJ . 19.93 -1.27 -0.41
CBD CLA SJ . 20.45 -2.67 -2.36
CGD CLA SJ . 19.22 -2.41 -3.17
O1D CLA SJ . 18.22 -3.07 -3.01
O2D CLA SJ . 19.20 -1.37 -4.18
CED CLA SJ . 18.03 -0.59 -4.30
C1 CLA SJ . 22.30 0.57 -5.19
C2 CLA SJ . 22.40 0.86 -3.72
C3 CLA SJ . 21.50 1.66 -3.12
C4 CLA SJ . 20.40 2.27 -3.92
C5 CLA SJ . 21.61 1.95 -1.65
C6 CLA SJ . 20.97 3.28 -1.31
C7 CLA SJ . 20.73 3.40 0.19
C8 CLA SJ . 19.54 2.55 0.62
C9 CLA SJ . 18.23 3.24 0.26
C10 CLA SJ . 19.61 2.30 2.11
C11 CLA SJ . 18.87 1.02 2.50
C12 CLA SJ . 17.65 1.32 3.35
C13 CLA SJ . 18.05 1.78 4.75
C14 CLA SJ . 19.07 0.84 5.37
C15 CLA SJ . 16.80 1.90 5.62
C16 CLA SJ . 17.08 1.67 7.10
C17 CLA SJ . 16.30 0.47 7.61
C18 CLA SJ . 17.04 -0.24 8.74
C19 CLA SJ . 17.97 -1.31 8.20
C20 CLA SJ . 17.81 0.74 9.61
C1 BCR TJ . -2.84 -34.98 -3.57
C2 BCR TJ . -4.27 -35.50 -3.66
C3 BCR TJ . -4.98 -35.73 -2.34
C4 BCR TJ . -4.79 -34.54 -1.42
C5 BCR TJ . -3.31 -34.47 -1.20
C6 BCR TJ . -2.52 -34.29 -2.26
C7 BCR TJ . -1.31 -33.45 -2.15
C8 BCR TJ . -1.43 -32.15 -1.88
C9 BCR TJ . -0.43 -31.38 -1.79
C10 BCR TJ . -0.62 -30.21 -1.37
C11 BCR TJ . -0.27 -29.37 -0.64
C33 BCR TJ . -2.76 -34.60 0.19
C31 BCR TJ . -2.57 -34.01 -4.71
C32 BCR TJ . -1.89 -36.16 -3.68
C34 BCR TJ . 0.94 -31.81 -2.18
C12 BCR TJ . 0.03 -28.44 0.14
C13 BCR TJ . 0.88 -27.38 0.67
C14 BCR TJ . 0.40 -26.53 1.59
C15 BCR TJ . 1.26 -25.49 2.08
C16 BCR TJ . 1.68 -24.53 2.90
C17 BCR TJ . 1.79 -23.76 3.81
C18 BCR TJ . 1.70 -23.20 5.01
C19 BCR TJ . 2.40 -21.94 5.27
C20 BCR TJ . 3.05 -21.18 6.13
C21 BCR TJ . 3.65 -20.26 6.58
C22 BCR TJ . 4.05 -19.39 7.50
C23 BCR TJ . 5.00 -18.32 7.18
C24 BCR TJ . 4.87 -17.24 7.92
C25 BCR TJ . 5.61 -15.97 7.87
C26 BCR TJ . 5.75 -15.36 9.03
C27 BCR TJ . 6.96 -14.52 9.32
C28 BCR TJ . 7.27 -13.61 8.15
C29 BCR TJ . 6.39 -13.85 6.93
C30 BCR TJ . 6.16 -15.31 6.62
C35 BCR TJ . 2.27 -27.21 0.16
C36 BCR TJ . 0.85 -23.81 6.08
C37 BCR TJ . 3.50 -19.51 8.88
C38 BCR TJ . 4.70 -15.50 10.08
C39 BCR TJ . 7.40 -16.00 6.08
C40 BCR TJ . 5.18 -15.31 5.45
C1 BCR UJ . -14.73 -18.55 -13.40
C2 BCR UJ . -14.58 -19.92 -12.73
C3 BCR UJ . -14.39 -19.83 -11.22
C4 BCR UJ . -15.54 -19.06 -10.58
C5 BCR UJ . -15.70 -17.75 -11.29
C6 BCR UJ . -14.99 -17.48 -12.37
C7 BCR UJ . -14.49 -16.12 -12.57
C8 BCR UJ . -13.50 -15.58 -11.88
C9 BCR UJ . -13.21 -14.39 -12.19
C10 BCR UJ . -12.04 -14.06 -12.42
C11 BCR UJ . -11.10 -13.48 -12.02
C33 BCR UJ . -16.68 -16.74 -10.79
C31 BCR UJ . -15.93 -18.56 -14.34
C32 BCR UJ . -13.47 -18.22 -14.18
C34 BCR UJ . -14.31 -13.38 -12.30
C12 BCR UJ . -10.07 -12.89 -11.63
C13 BCR UJ . -9.25 -11.77 -11.18
C14 BCR UJ . -8.09 -12.05 -10.59
C15 BCR UJ . -7.20 -11.03 -10.10
C16 BCR UJ . -6.12 -10.72 -9.42
C17 BCR UJ . -5.24 -10.16 -8.87
C18 BCR UJ . -4.08 -10.07 -8.24
C19 BCR UJ . -3.56 -8.83 -7.70
C20 BCR UJ . -2.48 -8.27 -7.22
C21 BCR UJ . -1.68 -7.52 -6.75
C22 BCR UJ . -0.55 -7.16 -6.19
C23 BCR UJ . -0.28 -5.76 -5.91
C24 BCR UJ . 0.87 -5.44 -5.33
C25 BCR UJ . 1.30 -4.07 -5.00
C26 BCR UJ . 0.82 -3.41 -3.93
C27 BCR UJ . 1.22 -2.00 -3.61
C28 BCR UJ . 2.58 -1.70 -4.20
C29 BCR UJ . 2.50 -1.99 -5.68
C30 BCR UJ . 2.36 -3.48 -5.90
C35 BCR UJ . -9.68 -10.36 -11.39
C36 BCR UJ . -3.22 -11.29 -8.11
C37 BCR UJ . 0.47 -8.21 -5.88
C38 BCR UJ . -0.13 -4.06 -2.97
C39 BCR UJ . 3.65 -4.20 -5.62
C40 BCR UJ . 2.06 -3.71 -7.36
C1 LMG VJ . 24.16 -1.50 -12.26
O1 LMG VJ . 25.31 -2.11 -11.70
C2 LMG VJ . 24.34 -1.35 -13.76
O2 LMG VJ . 25.48 -0.54 -14.04
C3 LMG VJ . 23.10 -0.72 -14.36
O3 LMG VJ . 23.23 -0.65 -15.78
C4 LMG VJ . 21.89 -1.56 -13.99
O4 LMG VJ . 22.04 -2.87 -14.53
C5 LMG VJ . 21.81 -1.68 -12.47
O5 LMG VJ . 19.43 -1.96 -12.67
C6 LMG VJ . 20.60 -2.52 -12.07
O6 LMG VJ . 23.00 -2.29 -12.00
C7 LMG VJ . 25.23 -2.19 -10.28
C8 LMG VJ . 26.61 -2.52 -9.75
C9 LMG VJ . 27.35 -1.21 -9.49
O7 LMG VJ . 26.53 -3.24 -8.53
C10 LMG VJ . 26.11 -4.62 -8.68
O9 LMG VJ . 26.22 -5.18 -9.76
C11 LMG VJ . 25.54 -5.37 -7.50
C12 LMG VJ . 26.56 -6.42 -7.06
C13 LMG VJ . 25.99 -7.29 -5.95
C14 LMG VJ . 25.71 -6.46 -4.71
C15 LMG VJ . 25.28 -7.36 -3.56
C16 LMG VJ . 24.94 -6.54 -2.34
C17 LMG VJ . 24.44 -7.47 -1.25
C18 LMG VJ . 24.46 -6.79 0.09
C19 LMG VJ . 24.16 -7.51 1.15
C20 LMG VJ . 24.15 -6.92 2.54
C21 LMG VJ . 23.49 -5.56 2.50
C22 LMG VJ . 23.08 -5.00 3.62
C23 LMG VJ . 23.26 -5.69 4.96
O8 LMG VJ . 27.23 -0.34 -10.63
C28 LMG VJ . 28.42 0.29 -11.20
O10 LMG VJ . 29.49 -0.28 -11.10
C29 LMG VJ . 28.31 1.63 -11.90
C30 LMG VJ . 28.86 2.72 -10.98
C31 LMG VJ . 28.21 2.62 -9.61
C32 LMG VJ . 29.05 3.28 -8.53
C33 LMG VJ . 28.62 2.82 -7.16
C34 LMG VJ . 28.92 1.34 -6.99
C35 LMG VJ . 27.94 0.67 -6.06
C36 LMG VJ . 28.14 1.20 -4.67
C37 LMG VJ . 27.49 0.64 -3.64
C38 LMG VJ . 26.57 -0.53 -3.88
C39 LMG VJ . 26.00 -0.97 -2.57
C40 LMG VJ . 25.32 -2.12 -2.52
C41 LMG VJ . 24.74 -2.56 -1.21
C42 LMG VJ . 24.08 -1.35 -0.64
C43 LMG VJ . 23.61 -1.35 0.60
C44 LMG VJ . 22.97 -0.07 1.08
C1 BCR WJ . -10.86 -37.78 -10.28
C2 BCR WJ . -11.25 -38.53 -9.04
C3 BCR WJ . -12.69 -38.24 -8.69
C4 BCR WJ . -13.65 -38.73 -9.75
C5 BCR WJ . -13.05 -38.62 -11.11
C6 BCR WJ . -11.91 -37.99 -11.35
C7 BCR WJ . -11.66 -37.53 -12.73
C8 BCR WJ . -12.04 -36.34 -13.17
C9 BCR WJ . -11.80 -36.06 -14.38
C10 BCR WJ . -11.28 -34.97 -14.68
C11 BCR WJ . -11.44 -33.94 -15.23
C33 BCR WJ . -13.78 -39.26 -12.24
C31 BCR WJ . -9.53 -38.28 -10.82
C32 BCR WJ . -10.77 -36.31 -9.94
C34 BCR WJ . -12.18 -37.02 -15.45
C12 BCR WJ . -11.59 -32.84 -15.80
C13 BCR WJ . -11.84 -31.97 -16.95
C14 BCR WJ . -11.55 -30.67 -16.85
C15 BCR WJ . -11.77 -29.77 -17.96
C16 BCR WJ . -11.75 -28.59 -18.57
C17 BCR WJ . -11.72 -27.40 -18.80
C18 BCR WJ . -11.30 -26.27 -19.37
C19 BCR WJ . -11.94 -24.97 -19.16
C20 BCR WJ . -12.41 -23.86 -19.69
C21 BCR WJ . -12.80 -23.06 -20.48
C22 BCR WJ . -12.89 -21.89 -21.12
C23 BCR WJ . -13.95 -21.66 -22.12
C24 BCR WJ . -14.28 -20.40 -22.40
C25 BCR WJ . -15.33 -19.97 -23.36
C26 BCR WJ . -16.58 -19.78 -22.94
C27 BCR WJ . -17.54 -18.85 -23.64
C28 BCR WJ . -17.34 -18.83 -25.15
C29 BCR WJ . -16.21 -19.70 -25.67
C30 BCR WJ . -14.96 -19.69 -24.80
C35 BCR WJ . -12.40 -32.54 -18.22
C36 BCR WJ . -10.10 -26.27 -20.25
C37 BCR WJ . -11.88 -20.82 -20.85
C38 BCR WJ . -17.11 -20.47 -21.71
C39 BCR WJ . -14.31 -18.32 -24.88
C40 BCR WJ . -13.98 -20.71 -25.37
MG CLA XJ . 10.32 -83.69 -21.82
CHA CLA XJ . 11.50 -82.38 -24.82
CHB CLA XJ . 11.59 -86.72 -22.80
CHC CLA XJ . 9.31 -84.89 -18.83
CHD CLA XJ . 8.99 -80.50 -20.97
NA CLA XJ . 11.43 -84.48 -23.58
C1A CLA XJ . 11.79 -83.84 -24.63
C2A CLA XJ . 12.50 -84.69 -25.66
C3A CLA XJ . 12.47 -86.06 -24.98
C4A CLA XJ . 11.80 -85.75 -23.71
CMA CLA XJ . 11.98 -87.27 -25.77
CAA CLA XJ . 13.95 -84.22 -25.76
CBA CLA XJ . 14.92 -85.27 -26.27
CGA CLA XJ . 16.19 -84.59 -26.69
O1A CLA XJ . 16.31 -83.96 -27.72
O2A CLA XJ . 17.30 -84.59 -25.99
NB CLA XJ . 10.45 -85.55 -20.96
C1B CLA XJ . 10.95 -86.67 -21.48
C2B CLA XJ . 10.82 -87.86 -20.61
C3B CLA XJ . 10.13 -87.28 -19.45
C4B CLA XJ . 9.95 -85.85 -19.76
CMB CLA XJ . 11.27 -89.26 -20.91
CAB CLA XJ . 9.67 -87.89 -18.19
CBB CLA XJ . 10.25 -88.94 -17.64
NC CLA XJ . 9.33 -82.81 -20.15
C1C CLA XJ . 9.00 -83.47 -19.04
C2C CLA XJ . 8.29 -82.67 -18.02
C3C CLA XJ . 8.20 -81.38 -18.65
C4C CLA XJ . 8.88 -81.57 -19.96
CMC CLA XJ . 7.78 -83.08 -16.68
CAC CLA XJ . 7.57 -80.12 -18.10
CBC CLA XJ . 8.58 -79.08 -17.75
ND CLA XJ . 10.20 -81.85 -22.57
C1D CLA XJ . 9.69 -80.67 -22.22
C2D CLA XJ . 9.88 -79.59 -23.22
C3D CLA XJ . 10.61 -80.34 -24.23
C4D CLA XJ . 10.76 -81.60 -23.80
CMD CLA XJ . 9.52 -78.14 -23.39
CAD CLA XJ . 11.23 -80.16 -25.55
OBD CLA XJ . 11.47 -79.03 -26.09
CBD CLA XJ . 11.83 -81.45 -25.97
CGD CLA XJ . 11.14 -81.89 -27.21
O1D CLA XJ . 9.94 -82.12 -27.22
O2D CLA XJ . 11.87 -82.02 -28.44
CED CLA XJ . 11.56 -81.11 -29.50
C1 CLA XJ . 18.72 -84.93 -26.66
C2 CLA XJ . 18.93 -86.10 -27.59
C3 CLA XJ . 19.22 -87.30 -27.09
C4 CLA XJ . 19.44 -88.46 -28.01
C5 CLA XJ . 19.29 -87.48 -25.59
C6 CLA XJ . 19.92 -88.79 -25.14
C7 CLA XJ . 20.41 -88.64 -23.70
C8 CLA XJ . 19.96 -89.78 -22.80
C9 CLA XJ . 20.40 -89.57 -21.37
C10 CLA XJ . 20.53 -91.09 -23.35
MG CL0 YJ . -42.81 13.18 -36.84
CHA CL0 YJ . -43.60 9.78 -36.89
CHB CL0 YJ . -44.45 13.35 -33.86
CHC CL0 YJ . -42.02 16.44 -36.78
CHD CL0 YJ . -41.25 12.86 -39.96
NA CL0 YJ . -43.88 11.76 -35.51
C1A CL0 YJ . -44.11 10.53 -35.70
C2A CL0 YJ . -44.97 9.89 -34.66
C3A CL0 YJ . -45.27 11.08 -33.84
C4A CL0 YJ . -44.46 12.14 -34.41
CMA CL0 YJ . -46.70 11.41 -34.07
CAA CL0 YJ . -44.15 9.01 -33.72
CBA CL0 YJ . -44.81 8.79 -32.37
CGA CL0 YJ . -43.93 7.96 -31.51
O1A CL0 YJ . -43.86 8.02 -30.31
O2A CL0 YJ . -43.12 7.03 -31.96
NB CL0 YJ . -43.19 14.69 -35.49
C1B CL0 YJ . -43.80 14.58 -34.33
C2B CL0 YJ . -43.84 15.83 -33.55
C3B CL0 YJ . -43.14 16.75 -34.42
C4B CL0 YJ . -42.76 15.95 -35.62
CMB CL0 YJ . -44.43 16.10 -32.22
CAB CL0 YJ . -42.91 18.16 -34.06
CBB CL0 YJ . -42.52 19.12 -34.85
NC CL0 YJ . -41.67 14.42 -38.11
C1C CL0 YJ . -41.53 15.73 -37.95
C2C CL0 YJ . -40.84 16.44 -39.04
C3C CL0 YJ . -40.55 15.33 -39.94
C4C CL0 YJ . -41.11 14.15 -39.27
CMC CL0 YJ . -40.53 17.90 -39.17
CAC CL0 YJ . -39.87 15.34 -41.26
CBC CL0 YJ . -40.98 15.59 -42.23
ND CL0 YJ . -42.44 11.77 -38.19
C1D CL0 YJ . -41.86 11.69 -39.36
C2D CL0 YJ . -41.91 10.35 -39.99
C3D CL0 YJ . -42.63 9.62 -38.95
C4D CL0 YJ . -42.89 10.48 -37.96
CMD CL0 YJ . -41.44 9.74 -41.25
CAD CL0 YJ . -43.15 8.29 -38.62
OBD CL0 YJ . -42.95 7.23 -39.31
CBD CL0 YJ . -43.73 8.32 -37.26
CGD CL0 YJ . -42.90 7.47 -36.36
O1D CL0 YJ . -41.83 7.85 -35.94
O2D CL0 YJ . -43.35 6.17 -35.93
CED CL0 YJ . -42.69 5.54 -34.84
C1 CL0 YJ . -41.79 6.60 -31.17
C2 CL0 YJ . -40.47 7.17 -31.57
C3 CL0 YJ . -39.55 6.37 -32.13
C4 CL0 YJ . -39.85 4.93 -32.37
C5 CL0 YJ . -38.23 6.94 -32.52
C6 CL0 YJ . -37.99 6.66 -34.00
C7 CL0 YJ . -36.84 7.52 -34.51
C8 CL0 YJ . -35.64 7.42 -33.60
C9 CL0 YJ . -34.72 8.62 -33.79
C10 CL0 YJ . -34.92 6.12 -33.92
C11 CL0 YJ . -33.78 5.90 -32.94
C12 CL0 YJ . -33.02 4.64 -33.33
C13 CL0 YJ . -32.53 3.90 -32.11
C14 CL0 YJ . -31.78 2.66 -32.55
C15 CL0 YJ . -33.75 3.50 -31.30
C16 CL0 YJ . -33.49 3.62 -29.81
C17 CL0 YJ . -34.83 3.57 -29.12
C18 CL0 YJ . -35.33 2.15 -29.04
C19 CL0 YJ . -34.95 1.54 -27.69
C20 CL0 YJ . -36.82 2.13 -29.24
MG CLA ZJ . -38.63 6.87 -27.05
CHA CLA ZJ . -37.96 9.67 -28.89
CHB CLA ZJ . -35.23 6.34 -26.98
CHC CLA ZJ . -39.23 4.23 -25.05
CHD CLA ZJ . -42.10 7.40 -27.36
NA CLA ZJ . -36.80 7.86 -27.83
C1A CLA ZJ . -36.75 8.90 -28.56
C2A CLA ZJ . -35.39 9.25 -29.05
C3A CLA ZJ . -34.58 8.12 -28.46
C4A CLA ZJ . -35.60 7.39 -27.71
CMA CLA ZJ . -33.82 7.33 -29.50
CAA CLA ZJ . -34.84 10.51 -28.39
CBA CLA ZJ . -33.76 11.14 -29.25
CGA CLA ZJ . -32.45 10.75 -28.65
O1A CLA ZJ . -32.32 10.24 -27.57
O2A CLA ZJ . -31.29 10.91 -29.22
NB CLA ZJ . -37.40 5.50 -26.16
C1B CLA ZJ . -36.07 5.44 -26.20
C2B CLA ZJ . -35.51 4.36 -25.38
C3B CLA ZJ . -36.71 3.76 -24.85
C4B CLA ZJ . -37.83 4.52 -25.37
CMB CLA ZJ . -34.11 3.94 -25.14
CAB CLA ZJ . -36.78 2.63 -23.94
CBB CLA ZJ . -36.31 2.72 -22.73
NC CLA ZJ . -40.40 5.99 -26.27
C1C CLA ZJ . -40.44 4.86 -25.56
C2C CLA ZJ . -41.77 4.30 -25.32
C3C CLA ZJ . -42.61 5.26 -26.00
C4C CLA ZJ . -41.67 6.25 -26.54
CMC CLA ZJ . -42.16 3.04 -24.58
CAC CLA ZJ . -44.10 5.26 -26.14
CBC CLA ZJ . -44.43 4.49 -27.38
ND CLA ZJ . -39.88 8.10 -27.97
C1D CLA ZJ . -41.17 8.38 -27.91
C2D CLA ZJ . -41.54 9.72 -28.43
C3D CLA ZJ . -40.20 10.17 -28.82
C4D CLA ZJ . -39.32 9.22 -28.53
CMD CLA ZJ . -42.77 10.54 -28.61
CAD CLA ZJ . -39.50 11.33 -29.40
OBD CLA ZJ . -39.82 12.53 -29.10
CBD CLA ZJ . -38.08 10.99 -29.58
CGD CLA ZJ . -37.76 10.87 -31.03
O1D CLA ZJ . -38.33 10.08 -31.74
O2D CLA ZJ . -36.79 11.72 -31.62
CED CLA ZJ . -37.12 12.17 -32.91
C1 CLA ZJ . -29.91 10.65 -28.45
C2 CLA ZJ . -29.51 11.39 -27.21
C3 CLA ZJ . -28.48 12.23 -27.24
C4 CLA ZJ . -27.70 12.45 -28.49
C5 CLA ZJ . -28.09 12.95 -25.99
C6 CLA ZJ . -27.33 11.94 -25.15
C7 CLA ZJ . -27.07 12.52 -23.78
C8 CLA ZJ . -26.96 11.40 -22.77
C9 CLA ZJ . -28.22 10.58 -22.76
C10 CLA ZJ . -26.75 12.04 -21.42
C11 CLA ZJ . -25.43 12.77 -21.40
C12 CLA ZJ . -25.05 13.07 -19.96
C13 CLA ZJ . -24.53 14.48 -19.89
C14 CLA ZJ . -23.35 14.59 -20.82
C15 CLA ZJ . -24.15 14.79 -18.47
C16 CLA ZJ . -23.42 16.11 -18.39
C17 CLA ZJ . -23.85 16.86 -17.14
C18 CLA ZJ . -22.64 17.33 -16.38
C19 CLA ZJ . -21.88 18.34 -17.22
C20 CLA ZJ . -23.05 17.94 -15.05
MG CLA AK . -56.28 19.63 -25.03
CHA CLA AK . -58.96 21.43 -23.68
CHB CLA AK . -57.86 19.77 -28.01
CHC CLA AK . -53.57 18.11 -26.36
CHD CLA AK . -54.84 19.47 -21.85
NA CLA AK . -58.18 20.49 -25.79
C1A CLA AK . -59.10 21.08 -25.14
C2A CLA AK . -60.29 21.37 -25.98
C3A CLA AK . -59.90 20.75 -27.29
C4A CLA AK . -58.55 20.31 -27.02
CMA CLA AK . -60.84 19.66 -27.78
CAA CLA AK . -60.46 22.89 -26.12
CBA CLA AK . -59.99 23.54 -27.40
CGA CLA AK . -61.13 23.51 -28.37
O1A CLA AK . -62.29 23.37 -28.04
O2A CLA AK . -61.01 23.56 -29.68
NB CLA AK . -55.79 19.04 -26.94
C1B CLA AK . -56.53 19.19 -28.00
C2B CLA AK . -55.94 18.70 -29.25
C3B CLA AK . -54.67 18.19 -28.76
C4B CLA AK . -54.66 18.44 -27.30
CMB CLA AK . -56.60 18.77 -30.59
CAB CLA AK . -53.55 17.57 -29.50
CBB CLA AK . -53.48 17.53 -30.81
NC CLA AK . -54.44 18.98 -24.23
C1C CLA AK . -53.51 18.32 -24.91
C2C CLA AK . -52.39 17.83 -24.08
C3C CLA AK . -52.75 18.30 -22.77
C4C CLA AK . -54.03 18.97 -22.97
CMC CLA AK . -51.18 17.06 -24.47
CAC CLA AK . -52.03 18.11 -21.46
CBC CLA AK . -52.69 16.95 -20.77
ND CLA AK . -56.65 20.26 -23.18
C1D CLA AK . -56.11 20.13 -21.99
C2D CLA AK . -56.86 20.70 -20.86
C3D CLA AK . -58.01 21.21 -21.60
C4D CLA AK . -57.83 20.93 -22.89
CMD CLA AK . -56.65 20.78 -19.39
CAD CLA AK . -59.29 21.92 -21.40
OBD CLA AK . -59.68 22.45 -20.31
CBD CLA AK . -59.78 22.30 -22.75
CGD CLA AK . -61.25 22.07 -22.88
O1D CLA AK . -61.72 20.95 -22.77
O2D CLA AK . -62.14 23.15 -23.20
CED CLA AK . -63.44 23.15 -22.62
C1 CLA AK . -61.97 22.68 -30.60
C2 CLA AK . -61.88 21.18 -30.68
C3 CLA AK . -60.88 20.60 -31.34
C4 CLA AK . -59.82 21.43 -31.99
C5 CLA AK . -60.81 19.10 -31.43
C6 CLA AK . -60.93 18.71 -32.88
C7 CLA AK . -62.38 18.48 -33.28
C8 CLA AK . -62.56 17.04 -33.74
C9 CLA AK . -61.48 16.66 -34.75
C10 CLA AK . -63.98 16.87 -34.28
C11 CLA AK . -64.07 15.82 -35.38
C12 CLA AK . -64.37 14.43 -34.81
C13 CLA AK . -64.66 13.44 -35.93
C14 CLA AK . -64.73 12.02 -35.41
C15 CLA AK . -63.58 13.56 -36.99
MG CLA BK . -73.59 1.92 -30.10
CHA CLA BK . -74.04 5.01 -28.59
CHB CLA BK . -70.95 3.30 -31.79
CHC CLA BK . -73.08 -1.11 -31.46
CHD CLA BK . -76.34 0.61 -28.26
NA CLA BK . -72.59 3.90 -30.19
C1A CLA BK . -72.89 4.95 -29.55
C2A CLA BK . -72.01 6.12 -29.84
C3A CLA BK . -71.07 5.56 -30.88
C4A CLA BK . -71.55 4.16 -30.96
CMA CLA BK . -70.85 6.33 -32.16
CAA CLA BK . -71.16 6.38 -28.61
CBA CLA BK . -70.40 7.70 -28.71
CGA CLA BK . -71.38 8.84 -28.67
O1A CLA BK . -71.92 9.34 -29.64
O2A CLA BK . -71.75 9.44 -27.57
NB CLA BK . -72.19 1.21 -31.43
C1B CLA BK . -71.22 1.90 -32.05
C2B CLA BK . -70.44 1.09 -33.01
C3B CLA BK . -71.10 -0.20 -32.90
C4B CLA BK . -72.17 -0.04 -31.90
CMB CLA BK . -69.29 1.50 -33.89
CAB CLA BK . -70.73 -1.43 -33.64
CBB CLA BK . -71.60 -2.03 -34.41
NC CLA BK . -74.52 0.03 -29.84
C1C CLA BK . -74.20 -1.06 -30.51
C2C CLA BK . -75.04 -2.24 -30.26
C3C CLA BK . -75.98 -1.73 -29.27
C4C CLA BK . -75.57 -0.32 -29.09
CMC CLA BK . -74.94 -3.61 -30.86
CAC CLA BK . -77.11 -2.45 -28.60
CBC CLA BK . -78.35 -2.31 -29.44
ND CLA BK . -74.92 2.51 -28.73
C1D CLA BK . -75.96 2.02 -28.08
C2D CLA BK . -76.67 2.98 -27.19
C3D CLA BK . -75.85 4.16 -27.45
C4D CLA BK . -74.89 3.83 -28.31
CMD CLA BK . -77.85 3.01 -26.27
CAD CLA BK . -75.74 5.57 -27.06
OBD CLA BK . -76.61 6.24 -26.41
CBD CLA BK . -74.57 6.16 -27.77
CGD CLA BK . -75.07 7.26 -28.65
O1D CLA BK . -75.38 8.33 -28.19
O2D CLA BK . -75.18 7.09 -30.08
CED CLA BK . -74.80 8.22 -30.87
MG CLA CK . -71.32 -7.33 -30.94
CHA CLA CK . -73.96 -8.34 -28.92
CHB CLA CK . -71.32 -10.49 -32.25
CHC CLA CK . -68.79 -6.34 -32.95
CHD CLA CK . -71.36 -4.13 -29.44
NA CLA CK . -72.48 -9.20 -30.65
C1A CLA CK . -73.45 -9.41 -29.84
C2A CLA CK . -73.98 -10.80 -29.88
C3A CLA CK . -73.09 -11.44 -30.92
C4A CLA CK . -72.24 -10.30 -31.32
CMA CLA CK . -72.33 -12.70 -30.59
CAA CLA CK . -75.43 -10.84 -30.40
CBA CLA CK . -75.58 -10.71 -31.91
CGA CLA CK . -77.04 -10.49 -32.20
O1A CLA CK . -77.81 -9.95 -31.43
O2A CLA CK . -77.66 -10.86 -33.29
NB CLA CK . -70.23 -8.29 -32.39
C1B CLA CK . -70.34 -9.55 -32.80
C2B CLA CK . -69.40 -9.96 -33.86
C3B CLA CK . -68.66 -8.71 -34.05
C4B CLA CK . -69.24 -7.74 -33.10
CMB CLA CK . -69.30 -11.31 -34.50
CAB CLA CK . -67.54 -8.36 -34.96
CBB CLA CK . -66.89 -9.24 -35.67
NC CLA CK . -70.31 -5.48 -31.23
C1C CLA CK . -69.27 -5.29 -32.04
C2C CLA CK . -68.63 -3.98 -31.97
C3C CLA CK . -69.44 -3.32 -30.96
C4C CLA CK . -70.44 -4.32 -30.57
CMC CLA CK . -67.46 -3.45 -32.74
CAC CLA CK . -69.29 -1.92 -30.42
CBC CLA CK . -68.31 -1.94 -29.28
ND CLA CK . -72.31 -6.35 -29.52
C1D CLA CK . -72.35 -5.13 -29.02
C2D CLA CK . -73.41 -4.91 -28.01
C3D CLA CK . -74.02 -6.24 -28.02
C4D CLA CK . -73.36 -7.00 -28.89
CMD CLA CK . -73.91 -3.81 -27.14
CAD CLA CK . -75.11 -6.99 -27.39
OBD CLA CK . -75.97 -6.52 -26.58
CBD CLA CK . -75.05 -8.40 -27.88
CGD CLA CK . -74.64 -9.28 -26.74
O1D CLA CK . -73.70 -9.00 -26.03
O2D CLA CK . -75.37 -10.48 -26.41
CED CLA CK . -75.43 -10.85 -25.04
C1 CLA CK . -76.93 -11.07 -34.69
C2 CLA CK . -76.65 -9.94 -35.67
C3 CLA CK . -77.05 -10.03 -36.93
C4 CLA CK . -77.79 -11.23 -37.42
C5 CLA CK . -76.76 -8.90 -37.89
C6 CLA CK . -77.84 -7.85 -37.80
C7 CLA CK . -77.25 -6.52 -37.34
C8 CLA CK . -77.80 -5.36 -38.15
C9 CLA CK . -76.66 -4.54 -38.76
C10 CLA CK . -78.69 -4.50 -37.27
C11 CLA CK . -79.58 -3.60 -38.10
C12 CLA CK . -81.02 -4.09 -38.10
C13 CLA CK . -81.35 -4.84 -39.40
C14 CLA CK . -82.25 -4.01 -40.29
C15 CLA CK . -82.01 -6.18 -39.05
MG CLA DK . -63.00 -15.62 -29.74
CHA CLA DK . -60.57 -17.39 -31.43
CHB CLA DK . -63.70 -14.07 -32.71
CHC CLA DK . -65.47 -14.01 -28.14
CHD CLA DK . -62.16 -17.30 -26.73
NA CLA DK . -62.26 -15.71 -31.82
C1A CLA DK . -61.32 -16.43 -32.27
C2A CLA DK . -61.07 -16.27 -33.73
C3A CLA DK . -62.01 -15.16 -34.06
C4A CLA DK . -62.73 -14.97 -32.79
CMA CLA DK . -61.29 -13.93 -34.52
CAA CLA DK . -61.76 -17.45 -34.38
CBA CLA DK . -60.83 -18.21 -35.33
CGA CLA DK . -60.60 -17.32 -36.52
O1A CLA DK . -61.50 -16.81 -37.16
O2A CLA DK . -59.40 -17.01 -36.99
NB CLA DK . -64.39 -14.24 -30.36
C1B CLA DK . -64.53 -13.69 -31.55
C2B CLA DK . -65.60 -12.66 -31.63
C3B CLA DK . -66.09 -12.67 -30.26
C4B CLA DK . -65.29 -13.68 -29.55
CMB CLA DK . -66.01 -11.84 -32.81
CAB CLA DK . -67.16 -11.90 -29.60
CBB CLA DK . -68.25 -11.54 -30.23
NC CLA DK . -63.72 -15.69 -27.75
C1C CLA DK . -64.64 -14.85 -27.29
C2C CLA DK . -64.76 -14.79 -25.84
C3C CLA DK . -63.79 -15.78 -25.42
C4C CLA DK . -63.20 -16.26 -26.67
CMC CLA DK . -65.69 -13.95 -25.03
CAC CLA DK . -63.43 -16.16 -24.01
CBC CLA DK . -62.19 -15.39 -23.62
ND CLA DK . -61.73 -17.00 -29.09
C1D CLA DK . -61.43 -17.63 -27.96
C2D CLA DK . -60.34 -18.63 -28.06
C3D CLA DK . -60.05 -18.47 -29.48
C4D CLA DK . -60.85 -17.55 -30.00
CMD CLA DK . -59.61 -19.60 -27.21
CAD CLA DK . -59.15 -19.00 -30.52
OBD CLA DK . -58.19 -19.80 -30.32
CBD CLA DK . -59.45 -18.32 -31.80
CGD CLA DK . -58.21 -17.59 -32.23
O1D CLA DK . -58.05 -17.24 -33.38
O2D CLA DK . -57.15 -17.31 -31.31
CED CLA DK . -56.24 -16.28 -31.66
C1 CLA DK . -59.25 -16.54 -38.50
C2 CLA DK . -59.53 -17.46 -39.66
C3 CLA DK . -59.73 -16.93 -40.88
C4 CLA DK . -59.70 -15.45 -41.03
C5 CLA DK . -60.00 -17.81 -42.08
C6 CLA DK . -60.96 -17.12 -43.04
C7 CLA DK . -61.73 -18.12 -43.89
C8 CLA DK . -60.86 -18.76 -44.97
C9 CLA DK . -60.11 -17.68 -45.74
C10 CLA DK . -61.70 -19.58 -45.93
C11 CLA DK . -60.83 -20.24 -47.01
C12 CLA DK . -61.66 -21.08 -47.97
C13 CLA DK . -62.45 -22.18 -47.26
C14 CLA DK . -61.98 -23.56 -47.66
C15 CLA DK . -63.93 -22.02 -47.57
MG CLA EK . -60.97 -9.47 -36.49
CHA CLA EK . -63.21 -7.98 -34.26
CHB CLA EK . -59.46 -10.90 -33.79
CHC CLA EK . -59.00 -11.10 -38.67
CHD CLA EK . -62.66 -7.92 -39.16
NA CLA EK . -61.28 -9.46 -34.29
C1A CLA EK . -62.15 -8.83 -33.63
C2A CLA EK . -62.00 -8.97 -32.15
C3A CLA EK . -60.78 -9.84 -32.05
C4A CLA EK . -60.50 -10.11 -33.47
CMA CLA EK . -59.62 -9.22 -31.32
CAA CLA EK . -63.14 -9.82 -31.65
CBA CLA EK . -63.01 -10.07 -30.16
CGA CLA EK . -63.78 -9.05 -29.37
O1A CLA EK . -64.85 -8.58 -29.68
O2A CLA EK . -63.39 -8.55 -28.22
NB CLA EK . -59.45 -10.83 -36.24
C1B CLA EK . -58.94 -11.28 -35.09
C2B CLA EK . -57.78 -12.19 -35.28
C3B CLA EK . -57.68 -12.22 -36.74
C4B CLA EK . -58.75 -11.36 -37.24
CMB CLA EK . -56.96 -12.88 -34.23
CAB CLA EK . -56.74 -12.94 -37.64
CBB CLA EK . -56.39 -14.18 -37.42
NC CLA EK . -60.88 -9.55 -38.59
C1C CLA EK . -59.97 -10.20 -39.29
C2C CLA EK . -59.97 -9.96 -40.74
C3C CLA EK . -61.09 -9.04 -40.84
C4C CLA EK . -61.57 -8.84 -39.47
CMC CLA EK . -59.09 -10.54 -41.79
CAC CLA EK . -61.67 -8.35 -42.02
CBC CLA EK . -60.97 -7.04 -42.18
ND CLA EK . -62.54 -8.28 -36.79
C1D CLA EK . -63.13 -7.66 -37.81
C2D CLA EK . -64.24 -6.75 -37.47
C3D CLA EK . -64.22 -6.93 -36.02
C4D CLA EK . -63.25 -7.79 -35.71
CMD CLA EK . -65.21 -5.84 -38.15
CAD CLA EK . -64.91 -6.46 -34.82
OBD CLA EK . -65.60 -5.40 -34.74
CBD CLA EK . -64.38 -7.22 -33.66
CGD CLA EK . -63.99 -6.21 -32.63
O1D CLA EK . -64.68 -6.06 -31.64
O2D CLA EK . -62.79 -5.42 -32.79
CED CLA EK . -62.11 -4.98 -31.64
C1 CLA EK . -62.65 -7.13 -28.17
C2 CLA EK . -61.23 -6.95 -28.66
C3 CLA EK . -60.45 -6.03 -28.13
C4 CLA EK . -60.95 -5.15 -27.02
C5 CLA EK . -59.04 -5.86 -28.61
C6 CLA EK . -58.96 -4.83 -29.72
C7 CLA EK . -57.55 -4.84 -30.26
C8 CLA EK . -57.38 -4.17 -31.62
C9 CLA EK . -58.66 -4.16 -32.43
C10 CLA EK . -56.28 -4.91 -32.38
C11 CLA EK . -56.61 -6.40 -32.47
C12 CLA EK . -55.81 -7.09 -33.56
C13 CLA EK . -56.75 -7.67 -34.59
C14 CLA EK . -56.05 -8.66 -35.48
C15 CLA EK . -57.29 -6.54 -35.43
C16 CLA EK . -58.62 -6.91 -36.05
C17 CLA EK . -58.88 -6.03 -37.25
C18 CLA EK . -60.22 -5.34 -37.12
C19 CLA EK . -60.43 -4.79 -35.72
C20 CLA EK . -60.37 -4.26 -38.17
MG CLA FK . -67.49 -2.33 -51.74
CHA CLA FK . -67.89 0.41 -53.83
CHB CLA FK . -65.41 -0.36 -49.83
CHC CLA FK . -67.17 -4.94 -49.66
CHD CLA FK . -69.66 -4.21 -53.78
NA CLA FK . -66.73 -0.23 -51.79
C1A CLA FK . -66.99 0.66 -52.66
C2A CLA FK . -66.32 1.98 -52.40
C3A CLA FK . -65.51 1.67 -51.17
C4A CLA FK . -65.90 0.27 -50.90
CMA CLA FK . -64.03 1.99 -51.24
CAA CLA FK . -67.31 3.04 -51.96
CBA CLA FK . -68.51 2.46 -51.22
CGA CLA FK . -69.18 3.50 -50.37
O1A CLA FK . -69.41 4.64 -50.73
O2A CLA FK . -69.60 3.30 -49.14
NB CLA FK . -66.44 -2.59 -49.99
C1B CLA FK . -65.64 -1.73 -49.37
C2B CLA FK . -65.00 -2.27 -48.14
C3B CLA FK . -65.55 -3.62 -48.12
C4B CLA FK . -66.41 -3.73 -49.30
CMB CLA FK . -64.07 -1.56 -47.20
CAB CLA FK . -65.35 -4.73 -47.18
CBB CLA FK . -64.21 -4.94 -46.57
NC CLA FK . -68.32 -4.27 -51.71
C1C CLA FK . -68.05 -5.20 -50.81
C2C CLA FK . -68.66 -6.51 -51.01
C3C CLA FK . -69.42 -6.29 -52.23
C4C CLA FK . -69.12 -4.88 -52.58
CMC CLA FK . -68.54 -7.75 -50.16
CAC CLA FK . -70.27 -7.27 -52.97
CBC CLA FK . -71.72 -6.97 -52.68
ND CLA FK . -68.58 -2.10 -53.40
C1D CLA FK . -69.38 -2.83 -54.16
C2D CLA FK . -69.92 -2.13 -55.36
C3D CLA FK . -69.28 -0.83 -55.16
C4D CLA FK . -68.55 -0.88 -54.05
CMD CLA FK . -70.82 -2.41 -56.53
CAD CLA FK . -69.18 0.50 -55.78
OBD CLA FK . -69.72 0.85 -56.90
CBD CLA FK . -68.30 1.35 -54.93
CGD CLA FK . -67.10 1.79 -55.71
O1D CLA FK . -66.07 1.17 -55.65
O2D CLA FK . -67.15 2.96 -56.56
CED CLA FK . -66.41 2.96 -57.76
MG CLA GK . -58.22 2.28 -49.14
CHA CLA GK . -57.15 -0.95 -49.87
CHB CLA GK . -61.36 0.97 -48.68
CHC CLA GK . -59.20 5.35 -48.26
CHD CLA GK . -54.92 3.48 -49.67
NA CLA GK . -59.16 0.27 -49.25
C1A CLA GK . -58.60 -0.82 -49.56
C2A CLA GK . -59.53 -1.98 -49.52
C3A CLA GK . -60.85 -1.34 -49.22
C4A CLA GK . -60.44 0.06 -49.03
CMA CLA GK . -61.97 -1.63 -50.20
CAA CLA GK . -59.11 -2.74 -48.26
CBA CLA GK . -60.11 -2.78 -47.11
CGA CLA GK . -59.43 -2.31 -45.86
O1A CLA GK . -58.56 -1.46 -45.83
O2A CLA GK . -59.73 -2.77 -44.67
NB CLA GK . -60.03 3.03 -48.54
C1B CLA GK . -61.20 2.41 -48.43
C2B CLA GK . -62.33 3.28 -48.02
C3B CLA GK . -61.65 4.57 -47.92
C4B CLA GK . -60.24 4.31 -48.25
CMB CLA GK . -63.76 2.87 -47.81
CAB CLA GK . -62.13 5.92 -47.55
CBB CLA GK . -63.33 6.14 -47.08
NC CLA GK . -57.20 4.13 -48.97
C1C CLA GK . -57.78 5.28 -48.63
C2C CLA GK . -56.91 6.46 -48.65
C3C CLA GK . -55.64 5.88 -49.06
C4C CLA GK . -55.94 4.45 -49.24
CMC CLA GK . -57.23 7.88 -48.31
CAC CLA GK . -54.32 6.56 -49.29
CBC CLA GK . -54.18 6.86 -50.77
ND CLA GK . -56.42 1.59 -49.65
C1D CLA GK . -55.19 2.06 -49.83
C2D CLA GK . -54.17 1.04 -50.21
C3D CLA GK . -55.03 -0.13 -50.21
C4D CLA GK . -56.27 0.23 -49.89
CMD CLA GK . -52.70 1.00 -50.52
CAD CLA GK . -54.95 -1.58 -50.45
OBD CLA GK . -53.86 -2.24 -50.54
CBD CLA GK . -56.28 -2.16 -50.15
CGD CLA GK . -56.72 -3.03 -51.29
O1D CLA GK . -56.19 -4.10 -51.45
O2D CLA GK . -57.76 -2.63 -52.21
CED CLA GK . -58.61 -3.64 -52.71
C1 CLA GK . -61.13 -2.40 -44.02
C2 CLA GK . -61.65 -3.25 -42.89
C3 CLA GK . -62.85 -3.00 -42.35
C4 CLA GK . -63.70 -1.87 -42.82
C5 CLA GK . -63.32 -3.88 -41.22
C6 CLA GK . -64.76 -4.27 -41.48
C7 CLA GK . -64.85 -5.29 -42.60
C8 CLA GK . -66.24 -5.30 -43.20
C9 CLA GK . -66.81 -3.90 -43.34
C10 CLA GK . -67.13 -6.17 -42.32
C11 CLA GK . -68.60 -6.03 -42.70
C12 CLA GK . -69.45 -5.71 -41.48
C13 CLA GK . -70.67 -6.62 -41.37
C14 CLA GK . -71.28 -6.94 -42.73
C15 CLA GK . -71.70 -5.93 -40.49
MG CLA HK . -63.46 10.87 -49.28
CHA CLA HK . -64.22 7.82 -50.77
CHB CLA HK . -66.83 11.38 -48.97
CHC CLA HK . -62.71 13.82 -47.84
CHD CLA HK . -60.00 10.22 -49.69
NA CLA HK . -65.33 9.75 -49.79
C1A CLA HK . -65.43 8.63 -50.36
C2A CLA HK . -66.83 8.19 -50.63
C3A CLA HK . -67.61 9.36 -50.08
C4A CLA HK . -66.53 10.23 -49.57
CMA CLA HK . -68.61 10.00 -51.01
CAA CLA HK . -67.25 6.97 -49.82
CBA CLA HK . -66.62 6.95 -48.44
CGA CLA HK . -67.02 5.69 -47.73
O1A CLA HK . -67.16 4.61 -48.27
O2A CLA HK . -67.26 5.60 -46.44
NB CLA HK . -64.62 12.38 -48.51
C1B CLA HK . -65.95 12.42 -48.42
C2B CLA HK . -66.47 13.63 -47.73
C3B CLA HK . -65.22 14.31 -47.43
C4B CLA HK . -64.13 13.48 -47.94
CMB CLA HK . -67.88 14.04 -47.40
CAB CLA HK . -65.03 15.59 -46.73
CBB CLA HK . -64.71 16.66 -47.42
NC CLA HK . -61.64 11.81 -48.75
C1C CLA HK . -61.54 13.00 -48.18
C2C CLA HK . -60.17 13.49 -47.92
C3C CLA HK . -59.37 12.38 -48.42
C4C CLA HK . -60.38 11.41 -48.91
CMC CLA HK . -59.72 14.77 -47.29
CAC CLA HK . -57.88 12.24 -48.44
CBC CLA HK . -57.43 11.40 -47.28
ND CLA HK . -62.28 9.45 -50.00
C1D CLA HK . -60.98 9.24 -50.15
C2D CLA HK . -60.63 7.97 -50.83
C3D CLA HK . -61.98 7.44 -51.05
C4D CLA HK . -62.86 8.33 -50.56
CMD CLA HK . -59.41 7.23 -51.26
CAD CLA HK . -62.67 6.29 -51.63
OBD CLA HK . -62.11 5.31 -52.22
CBD CLA HK . -64.14 6.49 -51.45
CGD CLA HK . -64.75 6.59 -52.81
O1D CLA HK . -64.57 7.58 -53.48
O2D CLA HK . -65.57 5.53 -53.33
CED CLA HK . -65.26 4.93 -54.58
MG CLA IK . -72.78 -27.82 -37.84
CHA CLA IK . -75.01 -30.19 -36.67
CHB CLA IK . -70.60 -28.89 -35.40
CHC CLA IK . -70.54 -25.62 -39.05
CHD CLA IK . -75.16 -26.72 -40.23
NA CLA IK . -72.76 -29.35 -36.23
C1A CLA IK . -73.71 -30.15 -35.93
C2A CLA IK . -73.41 -31.03 -34.76
C3A CLA IK . -72.03 -30.56 -34.36
C4A CLA IK . -71.77 -29.53 -35.39
CMA CLA IK . -71.87 -30.16 -32.92
CAA CLA IK . -73.23 -32.48 -35.20
CBA CLA IK . -72.41 -32.63 -36.48
CGA CLA IK . -71.83 -34.02 -36.57
O1A CLA IK . -71.14 -34.42 -37.49
O2A CLA IK . -72.02 -34.96 -35.66
NB CLA IK . -70.85 -27.34 -37.30
C1B CLA IK . -70.13 -27.84 -36.30
C2B CLA IK . -68.77 -27.27 -36.18
C3B CLA IK . -68.79 -26.30 -37.27
C4B CLA IK . -70.11 -26.41 -37.90
CMB CLA IK . -67.72 -27.64 -35.16
CAB CLA IK . -67.75 -25.36 -37.75
CBB CLA IK . -66.64 -25.11 -37.11
NC CLA IK . -72.83 -26.41 -39.43
C1C CLA IK . -71.82 -25.63 -39.78
C2C CLA IK . -72.05 -24.80 -40.96
C3C CLA IK . -73.41 -25.15 -41.31
C4C CLA IK . -73.81 -26.14 -40.30
CMC CLA IK . -71.11 -23.84 -41.62
CAC CLA IK . -74.25 -24.64 -42.46
CBC CLA IK . -74.94 -23.38 -42.04
ND CLA IK . -74.64 -28.24 -38.43
C1D CLA IK . -75.52 -27.80 -39.32
C2D CLA IK . -76.84 -28.51 -39.29
C3D CLA IK . -76.57 -29.44 -38.20
C4D CLA IK . -75.32 -29.25 -37.76
CMD CLA IK . -78.16 -28.45 -40.00
CAD CLA IK . -77.22 -30.52 -37.44
OBD CLA IK . -78.48 -30.74 -37.40
CBD CLA IK . -76.21 -31.09 -36.49
CGD CLA IK . -76.77 -30.96 -35.11
O1D CLA IK . -77.45 -30.01 -34.82
O2D CLA IK . -76.48 -31.97 -34.12
CED CLA IK . -77.55 -32.69 -33.53
MG CLA JK . -78.68 -13.76 -31.59
CHA CLA JK . -78.16 -13.37 -28.18
CHB CLA JK . -81.80 -12.43 -31.12
CHC CLA JK . -79.12 -13.99 -34.92
CHD CLA JK . -75.47 -15.20 -31.93
NA CLA JK . -79.86 -12.97 -29.88
C1A CLA JK . -79.51 -12.93 -28.66
C2A CLA JK . -80.56 -12.38 -27.75
C3A CLA JK . -81.71 -12.15 -28.69
C4A CLA JK . -81.10 -12.54 -30.00
CMA CLA JK . -83.04 -12.75 -28.28
CAA CLA JK . -80.07 -11.03 -27.23
CBA CLA JK . -80.24 -9.87 -28.19
CGA CLA JK . -78.95 -9.13 -28.38
O1A CLA JK . -77.90 -9.68 -28.64
O2A CLA JK . -78.80 -7.82 -28.25
NB CLA JK . -80.24 -13.26 -32.83
C1B CLA JK . -81.43 -12.76 -32.50
C2B CLA JK . -82.34 -12.54 -33.64
C3B CLA JK . -81.51 -13.02 -34.74
C4B CLA JK . -80.24 -13.45 -34.15
CMB CLA JK . -83.74 -11.99 -33.64
CAB CLA JK . -81.80 -13.10 -36.19
CBB CLA JK . -82.31 -12.07 -36.82
NC CLA JK . -77.46 -14.46 -33.18
C1C CLA JK . -77.80 -14.43 -34.47
C2C CLA JK . -76.76 -14.84 -35.41
C3C CLA JK . -75.66 -15.17 -34.51
C4C CLA JK . -76.21 -14.91 -33.17
CMC CLA JK . -76.82 -14.88 -36.91
CAC CLA JK . -74.30 -15.66 -34.86
CBC CLA JK . -73.32 -14.51 -34.70
ND CLA JK . -77.10 -14.22 -30.46
C1D CLA JK . -75.91 -14.78 -30.60
C2D CLA JK . -75.13 -14.93 -29.34
C3D CLA JK . -76.09 -14.35 -28.41
C4D CLA JK . -77.17 -13.97 -29.10
CMD CLA JK . -73.81 -15.47 -28.89
CAD CLA JK . -76.24 -14.06 -26.98
OBD CLA JK . -75.24 -13.94 -26.18
CBD CLA JK . -77.53 -13.33 -26.80
CGD CLA JK . -78.37 -14.02 -25.77
O1D CLA JK . -78.66 -15.19 -25.84
O2D CLA JK . -78.86 -13.27 -24.64
CED CLA JK . -78.73 -13.81 -23.34
C1 CLA JK . -78.01 -6.94 -29.32
C2 CLA JK . -78.61 -6.45 -30.61
C3 CLA JK . -77.88 -6.36 -31.73
C4 CLA JK . -78.52 -5.85 -32.98
C5 CLA JK . -76.43 -6.78 -31.73
C6 CLA JK . -75.86 -6.75 -33.14
C7 CLA JK . -74.38 -6.45 -33.14
C8 CLA JK . -73.76 -7.00 -34.41
C9 CLA JK . -73.61 -8.51 -34.33
C10 CLA JK . -72.44 -6.29 -34.67
C11 CLA JK . -71.55 -7.13 -35.58
C12 CLA JK . -71.24 -6.44 -36.89
C13 CLA JK . -70.56 -5.10 -36.67
C14 CLA JK . -71.35 -4.00 -37.36
C15 CLA JK . -69.11 -5.22 -37.16
C16 CLA JK . -68.67 -4.03 -38.01
C17 CLA JK . -67.85 -3.04 -37.19
C18 CLA JK . -67.36 -1.91 -38.08
C19 CLA JK . -68.32 -0.73 -38.07
C20 CLA JK . -65.96 -1.48 -37.69
MG CLA KK . -65.44 -36.37 -37.45
CHA CLA KK . -67.18 -35.75 -34.51
CHB CLA KK . -64.31 -39.25 -35.98
CHC CLA KK . -63.84 -37.00 -40.33
CHD CLA KK . -66.69 -33.35 -38.81
NA CLA KK . -65.70 -37.41 -35.50
C1A CLA KK . -66.40 -37.02 -34.49
C2A CLA KK . -66.30 -37.92 -33.29
C3A CLA KK . -65.35 -38.98 -33.79
C4A CLA KK . -65.11 -38.53 -35.18
CMA CLA KK . -64.15 -39.23 -32.91
CAA CLA KK . -67.60 -38.61 -32.93
CBA CLA KK . -68.48 -38.88 -34.14
CGA CLA KK . -69.91 -38.89 -33.68
O1A CLA KK . -70.31 -39.51 -32.71
O2A CLA KK . -70.89 -38.24 -34.28
NB CLA KK . -64.26 -37.92 -38.06
C1B CLA KK . -63.89 -39.00 -37.36
C2B CLA KK . -63.00 -39.93 -38.09
C3B CLA KK . -62.88 -39.24 -39.37
C4B CLA KK . -63.68 -38.01 -39.26
CMB CLA KK . -62.41 -41.22 -37.63
CAB CLA KK . -62.08 -39.70 -40.53
CBB CLA KK . -62.63 -39.91 -41.69
NC CLA KK . -65.34 -35.35 -39.30
C1C CLA KK . -64.61 -35.75 -40.35
C2C CLA KK . -64.62 -34.86 -41.52
C3C CLA KK . -65.50 -33.79 -41.06
C4C CLA KK . -65.88 -34.20 -39.68
CMC CLA KK . -63.92 -35.01 -42.83
CAC CLA KK . -65.93 -32.55 -41.79
CBC CLA KK . -67.32 -32.76 -42.33
ND CLA KK . -66.64 -34.85 -36.94
C1D CLA KK . -67.08 -33.72 -37.45
C2D CLA KK . -67.95 -32.90 -36.56
C3D CLA KK . -67.95 -33.79 -35.40
C4D CLA KK . -67.20 -34.86 -35.67
CMD CLA KK . -68.69 -31.61 -36.59
CAD CLA KK . -68.49 -33.86 -34.03
OBD CLA KK . -68.99 -32.87 -33.40
CBD CLA KK . -68.02 -35.13 -33.42
CGD CLA KK . -67.20 -34.84 -32.20
O1D CLA KK . -65.99 -34.83 -32.24
O2D CLA KK . -67.84 -34.55 -30.95
CED CLA KK . -67.08 -33.85 -29.98
MG CLA LK . -63.99 -27.13 -35.75
CHA CLA LK . -63.81 -23.75 -34.97
CHB CLA LK . -62.99 -26.28 -38.92
CHC CLA LK . -64.04 -30.39 -36.47
CHD CLA LK . -64.96 -27.84 -32.41
NA CLA LK . -63.44 -25.26 -36.84
C1A CLA LK . -63.45 -24.07 -36.39
C2A CLA LK . -63.10 -23.04 -37.42
C3A CLA LK . -62.89 -23.88 -38.65
C4A CLA LK . -63.11 -25.23 -38.10
CMA CLA LK . -63.70 -23.51 -39.86
CAA CLA LK . -61.75 -22.41 -37.12
CBA CLA LK . -61.57 -21.11 -37.86
CGA CLA LK . -60.22 -21.17 -38.52
O1A CLA LK . -59.19 -21.45 -37.95
O2A CLA LK . -60.00 -20.89 -39.79
NB CLA LK . -63.55 -28.17 -37.45
C1B CLA LK . -63.19 -27.70 -38.64
C2B CLA LK . -62.98 -28.73 -39.68
C3B CLA LK . -63.31 -29.94 -38.93
C4B CLA LK . -63.65 -29.50 -37.55
CMB CLA LK . -62.57 -28.52 -41.10
CAB CLA LK . -63.31 -31.35 -39.35
CBB CLA LK . -62.43 -31.82 -40.19
NC CLA LK . -64.40 -28.85 -34.59
C1C CLA LK . -64.40 -30.09 -35.07
C2C CLA LK . -64.79 -31.14 -34.12
C3C CLA LK . -65.04 -30.38 -32.91
C4C CLA LK . -64.79 -28.98 -33.32
CMC CLA LK . -64.87 -32.61 -34.34
CAC CLA LK . -65.50 -30.91 -31.58
CBC CLA LK . -64.34 -31.10 -30.64
ND CLA LK . -64.31 -26.17 -34.02
C1D CLA LK . -64.71 -26.46 -32.79
C2D CLA LK . -64.90 -25.28 -31.90
C3D CLA LK . -64.51 -24.23 -32.85
C4D CLA LK . -64.19 -24.79 -34.00
CMD CLA LK . -65.32 -24.99 -30.49
CAD CLA LK . -64.37 -22.78 -32.91
OBD CLA LK . -64.95 -21.96 -32.12
CBD CLA LK . -63.86 -22.43 -34.26
CGD CLA LK . -64.87 -21.55 -34.92
O1D CLA LK . -64.54 -20.73 -35.76
O2D CLA LK . -66.26 -21.66 -34.62
CED CLA LK . -67.14 -21.47 -35.71
C1 CLA LK . -61.23 -20.92 -40.82
C2 CLA LK . -61.31 -21.92 -41.94
C3 CLA LK . -62.41 -21.93 -42.70
C4 CLA LK . -61.64 -23.03 -43.35
C5 CLA LK . -63.39 -22.34 -43.77
C6 CLA LK . -64.77 -22.51 -43.15
C7 CLA LK . -65.55 -23.56 -43.92
C8 CLA LK . -66.37 -24.50 -43.03
C9 CLA LK . -66.88 -23.80 -41.78
C10 CLA LK . -65.52 -25.71 -42.65
C11 CLA LK . -65.02 -26.45 -43.88
C12 CLA LK . -66.14 -27.26 -44.52
C13 CLA LK . -65.60 -28.48 -45.26
C14 CLA LK . -65.65 -28.26 -46.77
C15 CLA LK . -66.40 -29.70 -44.87
MG CLA MK . -59.57 -24.71 -56.75
CHA CLA MK . -60.56 -22.34 -59.08
CHB CLA MK . -59.41 -22.16 -54.45
CHC CLA MK . -58.70 -27.00 -54.46
CHD CLA MK . -59.62 -27.23 -59.24
NA CLA MK . -59.94 -22.51 -56.73
C1A CLA MK . -60.30 -21.78 -57.71
C2A CLA MK . -60.40 -20.32 -57.36
C3A CLA MK . -60.00 -20.32 -55.90
C4A CLA MK . -59.77 -21.76 -55.67
CMA CLA MK . -58.93 -19.35 -55.43
CAA CLA MK . -61.82 -19.77 -57.49
CBA CLA MK . -62.76 -20.12 -56.36
CGA CLA MK . -64.16 -19.89 -56.86
O1A CLA MK . -64.52 -20.15 -58.00
O2A CLA MK . -65.16 -19.37 -56.18
NB CLA MK . -59.13 -24.58 -54.75
C1B CLA MK . -59.11 -23.50 -53.96
C2B CLA MK . -58.74 -23.76 -52.54
C3B CLA MK . -58.53 -25.20 -52.58
C4B CLA MK . -58.79 -25.62 -53.98
CMB CLA MK . -58.64 -22.76 -51.44
CAB CLA MK . -58.14 -26.16 -51.52
CBB CLA MK . -58.33 -25.94 -50.24
NC CLA MK . -59.35 -26.82 -56.81
C1C CLA MK . -58.94 -27.55 -55.79
C2C CLA MK . -58.74 -28.98 -56.06
C3C CLA MK . -59.09 -29.05 -57.47
C4C CLA MK . -59.44 -27.67 -57.84
CMC CLA MK . -58.29 -30.02 -55.09
CAC CLA MK . -59.11 -30.26 -58.38
CBC CLA MK . -57.73 -30.48 -58.96
ND CLA MK . -59.95 -24.89 -58.69
C1D CLA MK . -59.99 -25.86 -59.60
C2D CLA MK . -60.41 -25.42 -60.96
C3D CLA MK . -60.61 -23.99 -60.68
C4D CLA MK . -60.34 -23.76 -59.40
CMD CLA MK . -60.62 -26.00 -62.32
CAD CLA MK . -61.02 -22.75 -61.35
OBD CLA MK . -61.41 -22.65 -62.56
CBD CLA MK . -61.06 -21.67 -60.34
CGD CLA MK . -60.13 -20.58 -60.77
O1D CLA MK . -60.57 -19.59 -61.32
O2D CLA MK . -58.71 -20.69 -60.56
CED CLA MK . -57.99 -19.52 -60.17
C1 CLA MK . -66.47 -20.20 -55.84
C2 CLA MK . -66.57 -21.67 -56.14
C3 CLA MK . -67.64 -22.23 -56.72
C4 CLA MK . -68.81 -21.38 -57.12
C5 CLA MK . -67.67 -23.71 -56.99
C6 CLA MK . -66.75 -24.44 -56.02
C7 CLA MK . -67.47 -24.81 -54.74
C8 CLA MK . -66.68 -25.83 -53.95
C9 CLA MK . -67.34 -27.20 -54.03
C10 CLA MK . -66.52 -25.38 -52.50
MG CLA NK . -54.73 -35.06 -58.69
CHA CLA NK . -55.31 -36.32 -61.86
CHB CLA NK . -58.11 -34.52 -58.46
CHC CLA NK . -54.15 -33.87 -55.60
CHD CLA NK . -51.24 -35.67 -59.09
NA CLA NK . -56.52 -35.38 -59.98
C1A CLA NK . -56.55 -35.87 -61.15
C2A CLA NK . -57.92 -35.90 -61.76
C3A CLA NK . -58.77 -35.31 -60.66
C4A CLA NK . -57.74 -35.05 -59.62
CMA CLA NK . -59.78 -34.23 -61.00
CAA CLA NK . -58.43 -37.33 -61.97
CBA CLA NK . -57.88 -38.33 -60.97
CGA CLA NK . -58.91 -38.74 -59.95
O1A CLA NK . -60.08 -38.99 -60.21
O2A CLA NK . -58.68 -38.84 -58.66
NB CLA NK . -55.96 -34.30 -57.24
C1B CLA NK . -57.28 -34.17 -57.29
C2B CLA NK . -57.89 -33.61 -56.07
C3B CLA NK . -56.73 -33.42 -55.23
C4B CLA NK . -55.56 -33.88 -56.04
CMB CLA NK . -59.35 -33.34 -55.81
CAB CLA NK . -56.72 -32.87 -53.86
CBB CLA NK . -56.13 -33.46 -52.86
NC CLA NK . -52.98 -34.88 -57.51
C1C CLA NK . -52.95 -34.38 -56.28
C2C CLA NK . -51.63 -34.38 -55.63
C3C CLA NK . -50.79 -34.96 -56.66
C4C CLA NK . -51.71 -35.22 -57.78
CMC CLA NK . -51.27 -33.91 -54.26
CAC CLA NK . -49.31 -35.24 -56.61
CBC CLA NK . -49.10 -36.60 -56.01
ND CLA NK . -53.46 -35.80 -60.04
C1D CLA NK . -52.16 -36.01 -60.18
C2D CLA NK . -51.73 -36.56 -61.49
C3D CLA NK . -53.06 -36.66 -62.11
C4D CLA NK . -53.98 -36.23 -61.25
CMD CLA NK . -50.47 -36.97 -62.19
CAD CLA NK . -53.67 -37.09 -63.37
OBD CLA NK . -53.14 -37.96 -64.13
CBD CLA NK . -55.14 -36.91 -63.24
CGD CLA NK . -55.61 -35.99 -64.32
O1D CLA NK . -56.75 -36.05 -64.74
O2D CLA NK . -54.74 -34.98 -64.87
CED CLA NK . -55.32 -33.76 -65.29
MG CLA OK . -65.10 -25.43 -62.94
CHA CLA OK . -66.67 -23.20 -65.09
CHB CLA OK . -64.91 -22.85 -60.67
CHC CLA OK . -63.67 -27.59 -60.77
CHD CLA OK . -65.43 -28.03 -65.32
NA CLA OK . -65.72 -23.29 -62.86
C1A CLA OK . -66.29 -22.60 -63.77
C2A CLA OK . -66.50 -21.17 -63.40
C3A CLA OK . -65.88 -21.11 -62.02
C4A CLA OK . -65.49 -22.51 -61.82
CMA CLA OK . -64.77 -20.11 -61.78
CAA CLA OK . -67.99 -20.80 -63.33
CBA CLA OK . -68.65 -20.99 -61.96
CGA CLA OK . -70.14 -20.90 -62.14
O1A CLA OK . -70.72 -19.93 -62.56
O2A CLA OK . -70.98 -21.88 -61.85
NB CLA OK . -64.40 -25.24 -61.00
C1B CLA OK . -64.40 -24.14 -60.25
C2B CLA OK . -63.79 -24.34 -58.91
C3B CLA OK . -63.43 -25.74 -58.96
C4B CLA OK . -63.85 -26.22 -60.29
CMB CLA OK . -63.62 -23.34 -57.83
CAB CLA OK . -62.77 -26.53 -57.89
CBB CLA OK . -63.38 -27.53 -57.31
NC CLA OK . -64.64 -27.49 -63.04
C1C CLA OK . -64.03 -28.18 -62.07
C2C CLA OK . -63.72 -29.58 -62.34
C3C CLA OK . -64.25 -29.71 -63.70
C4C CLA OK . -64.79 -28.37 -64.03
CMC CLA OK . -63.06 -30.58 -61.43
CAC CLA OK . -64.24 -30.94 -64.56
CBC CLA OK . -62.81 -31.23 -64.94
ND CLA OK . -65.86 -25.72 -64.75
C1D CLA OK . -65.92 -26.69 -65.65
C2D CLA OK . -66.50 -26.28 -66.97
C3D CLA OK . -66.78 -24.87 -66.67
C4D CLA OK . -66.40 -24.62 -65.41
CMD CLA OK . -66.81 -26.87 -68.31
CAD CLA OK . -67.34 -23.66 -67.30
OBD CLA OK . -67.76 -23.57 -68.50
CBD CLA OK . -67.37 -22.58 -66.28
CGD CLA OK . -66.63 -21.41 -66.84
O1D CLA OK . -67.17 -20.65 -67.62
O2D CLA OK . -65.25 -21.13 -66.46
CED CLA OK . -64.84 -19.77 -66.35
MG CLA PK . -41.27 -36.12 -51.30
CHA CLA PK . -38.37 -35.96 -53.23
CHB CLA PK . -42.94 -37.00 -54.16
CHC CLA PK . -44.06 -36.31 -49.41
CHD CLA PK . -39.42 -35.15 -48.45
NA CLA PK . -40.74 -36.47 -53.43
C1A CLA PK . -39.60 -36.37 -53.99
C2A CLA PK . -39.61 -36.65 -55.46
C3A CLA PK . -41.07 -36.92 -55.71
C4A CLA PK . -41.63 -36.80 -54.34
CMA CLA PK . -41.76 -36.14 -56.81
CAA CLA PK . -38.91 -37.93 -55.92
CBA CLA PK . -38.20 -38.85 -54.92
CGA CLA PK . -39.16 -39.55 -53.99
O1A CLA PK . -40.35 -39.71 -54.20
O2A CLA PK . -38.80 -40.07 -52.83
NB CLA PK . -43.21 -36.60 -51.74
C1B CLA PK . -43.72 -36.93 -52.92
C2B CLA PK . -45.18 -37.24 -52.89
C3B CLA PK . -45.47 -37.01 -51.47
C4B CLA PK . -44.20 -36.63 -50.84
CMB CLA PK . -46.03 -37.64 -54.06
CAB CLA PK . -46.72 -37.13 -50.70
CBB CLA PK . -47.78 -37.78 -51.12
NC CLA PK . -41.66 -35.85 -49.23
C1C CLA PK . -42.85 -35.96 -48.65
C2C CLA PK . -42.89 -35.72 -47.20
C3C CLA PK . -41.49 -35.43 -46.92
C4C CLA PK . -40.83 -35.52 -48.24
CMC CLA PK . -44.05 -35.78 -46.25
CAC CLA PK . -40.86 -35.11 -45.59
CBC CLA PK . -40.63 -33.62 -45.46
ND CLA PK . -39.40 -35.64 -50.80
C1D CLA PK . -38.71 -35.29 -49.71
C2D CLA PK . -37.26 -35.06 -49.92
C3D CLA PK . -37.20 -35.35 -51.35
C4D CLA PK . -38.42 -35.67 -51.78
CMD CLA PK . -36.06 -34.67 -49.12
CAD CLA PK . -36.23 -35.41 -52.45
OBD CLA PK . -34.96 -35.33 -52.32
CBD CLA PK . -36.95 -35.79 -53.69
CGD CLA PK . -36.75 -34.69 -54.68
O1D CLA PK . -35.64 -34.36 -55.00
O2D CLA PK . -37.86 -34.00 -55.30
CED CLA PK . -37.80 -33.67 -56.68
C1 CLA PK . -39.52 -39.63 -51.47
C2 CLA PK . -38.76 -39.08 -50.30
C3 CLA PK . -39.22 -39.26 -49.06
C4 CLA PK . -38.46 -38.72 -47.89
C5 CLA PK . -40.52 -40.00 -48.86
C6 CLA PK . -41.48 -39.13 -48.04
C7 CLA PK . -41.79 -39.78 -46.71
C8 CLA PK . -43.14 -40.49 -46.72
C9 CLA PK . -44.19 -39.70 -47.49
C10 CLA PK . -43.59 -40.73 -45.29
C11 CLA PK . -43.74 -39.41 -44.55
C12 CLA PK . -43.51 -39.60 -43.06
C13 CLA PK . -42.62 -38.49 -42.51
C14 CLA PK . -41.17 -38.91 -42.47
C15 CLA PK . -43.11 -38.09 -41.13
C16 CLA PK . -43.42 -36.60 -41.09
C17 CLA PK . -42.55 -35.87 -40.07
C18 CLA PK . -41.42 -35.08 -40.71
C19 CLA PK . -41.81 -34.48 -42.05
C20 CLA PK . -40.93 -33.98 -39.78
MG CLA QK . -41.09 -26.06 -46.49
CHA CLA QK . -40.90 -22.61 -46.65
CHB CLA QK . -40.54 -26.08 -49.88
CHC CLA QK . -41.26 -29.43 -46.34
CHD CLA QK . -41.75 -25.88 -43.02
NA CLA QK . -40.75 -24.56 -48.09
C1A CLA QK . -40.72 -23.30 -47.97
C2A CLA QK . -40.52 -22.57 -49.27
C3A CLA QK . -40.50 -23.70 -50.26
C4A CLA QK . -40.59 -24.86 -49.35
CMA CLA QK . -41.55 -23.58 -51.33
CAA CLA QK . -39.12 -21.98 -49.28
CBA CLA QK . -38.08 -22.48 -50.26
CGA CLA QK . -37.19 -23.47 -49.56
O1A CLA QK . -36.19 -23.99 -50.05
O2A CLA QK . -37.38 -23.89 -48.33
NB CLA QK . -40.92 -27.52 -47.91
C1B CLA QK . -40.67 -27.37 -49.22
C2B CLA QK . -40.56 -28.64 -49.96
C3B CLA QK . -40.79 -29.61 -48.91
C4B CLA QK . -41.00 -28.84 -47.66
CMB CLA QK . -40.30 -28.82 -51.43
CAB CLA QK . -40.80 -31.07 -49.00
CBB CLA QK . -39.67 -31.65 -49.31
NC CLA QK . -41.32 -27.44 -44.90
C1C CLA QK . -41.48 -28.77 -45.05
C2C CLA QK . -41.89 -29.50 -43.85
C3C CLA QK . -41.96 -28.43 -42.87
C4C CLA QK . -41.60 -27.22 -43.61
CMC CLA QK . -42.18 -30.96 -43.67
CAC CLA QK . -42.33 -28.48 -41.41
CBC CLA QK . -41.21 -29.16 -40.65
ND CLA QK . -41.32 -24.69 -45.07
C1D CLA QK . -41.53 -24.64 -43.76
C2D CLA QK . -41.53 -23.27 -43.17
C3D CLA QK . -41.26 -22.51 -44.38
C4D CLA QK . -41.16 -23.36 -45.40
CMD CLA QK . -41.71 -22.62 -41.84
CAD CLA QK . -41.09 -21.13 -44.83
OBD CLA QK . -41.17 -20.08 -44.11
CBD CLA QK . -40.90 -21.14 -46.31
CGD CLA QK . -42.06 -20.48 -46.94
O1D CLA QK . -43.18 -20.94 -46.77
O2D CLA QK . -41.92 -19.28 -47.73
CED CLA QK . -42.77 -18.18 -47.50
C1 CLA QK . -36.55 -25.10 -47.69
C2 CLA QK . -37.11 -26.49 -47.51
C3 CLA QK . -37.08 -27.08 -46.31
C4 CLA QK . -36.48 -26.36 -45.14
C5 CLA QK . -37.64 -28.47 -46.11
C6 CLA QK . -37.72 -28.82 -44.64
C7 CLA QK . -37.68 -30.33 -44.43
C8 CLA QK . -38.24 -30.69 -43.06
C9 CLA QK . -37.51 -29.94 -41.96
C10 CLA QK . -38.16 -32.19 -42.84
MG CLA RK . -49.78 -22.39 -47.05
CHA CLA RK . -49.99 -20.32 -49.82
CHB CLA RK . -46.43 -21.60 -46.89
CHC CLA RK . -49.55 -24.38 -44.34
CHD CLA RK . -53.22 -23.18 -47.34
NA CLA RK . -48.35 -21.12 -48.19
C1A CLA RK . -48.60 -20.43 -49.22
C2A CLA RK . -47.42 -19.70 -49.74
C3A CLA RK . -46.30 -20.20 -48.87
C4A CLA RK . -47.07 -21.03 -47.91
CMA CLA RK . -45.06 -20.77 -49.52
CAA CLA RK . -47.69 -18.23 -49.37
CBA CLA RK . -46.84 -17.58 -48.28
CGA CLA RK . -47.30 -17.83 -46.87
O1A CLA RK . -48.26 -18.50 -46.57
O2A CLA RK . -46.65 -17.37 -45.83
NB CLA RK . -48.22 -22.91 -45.82
C1B CLA RK . -46.96 -22.50 -45.86
C2B CLA RK . -46.11 -23.02 -44.76
C3B CLA RK . -47.06 -23.83 -44.03
C4B CLA RK . -48.34 -23.70 -44.76
CMB CLA RK . -44.66 -22.72 -44.54
CAB CLA RK . -46.93 -24.66 -42.81
CBB CLA RK . -45.80 -24.86 -42.18
NC CLA RK . -51.18 -23.54 -45.97
C1C CLA RK . -50.89 -24.28 -44.92
C2C CLA RK . -51.99 -25.04 -44.34
C3C CLA RK . -53.10 -24.66 -45.20
C4C CLA RK . -52.49 -23.74 -46.18
CMC CLA RK . -51.92 -25.94 -43.16
CAC CLA RK . -54.52 -25.11 -45.13
CBC CLA RK . -55.23 -24.33 -44.06
ND CLA RK . -51.33 -21.99 -48.24
C1D CLA RK . -52.63 -22.23 -48.28
C2D CLA RK . -53.37 -21.49 -49.33
C3D CLA RK . -52.25 -20.74 -49.91
C4D CLA RK . -51.13 -21.06 -49.26
CMD CLA RK . -54.77 -21.35 -49.83
CAD CLA RK . -51.97 -19.76 -50.97
OBD CLA RK . -52.84 -19.13 -51.64
CBD CLA RK . -50.51 -19.47 -50.98
CGD CLA RK . -49.98 -19.79 -52.34
O1D CLA RK . -50.66 -19.55 -53.32
O2D CLA RK . -48.67 -20.32 -52.60
CED CLA RK . -47.84 -19.63 -53.54
C1 CLA RK . -45.69 -18.34 -44.99
C2 CLA RK . -46.23 -19.21 -43.89
C3 CLA RK . -45.47 -19.50 -42.83
C4 CLA RK . -44.09 -18.97 -42.73
C5 CLA RK . -45.99 -20.37 -41.71
C6 CLA RK . -47.44 -20.77 -41.98
C7 CLA RK . -48.19 -21.05 -40.70
C8 CLA RK . -48.53 -22.52 -40.57
C9 CLA RK . -50.03 -22.73 -40.40
C10 CLA RK . -47.75 -23.08 -39.39
C11 CLA RK . -48.32 -24.40 -38.90
C12 CLA RK . -47.59 -24.83 -37.64
C13 CLA RK . -46.37 -25.65 -37.97
C14 CLA RK . -46.53 -27.07 -37.50
C15 CLA RK . -45.18 -25.03 -37.26
C16 CLA RK . -44.07 -24.73 -38.24
C17 CLA RK . -43.07 -23.78 -37.61
C18 CLA RK . -42.96 -22.52 -38.45
C19 CLA RK . -44.26 -21.75 -38.50
C20 CLA RK . -41.85 -21.62 -37.93
MG CLA SK . -58.21 -41.25 -39.72
CHA CLA SK . -59.00 -41.81 -36.38
CHB CLA SK . -57.24 -44.52 -39.88
CHC CLA SK . -57.46 -40.69 -42.95
CHD CLA SK . -59.15 -37.86 -39.38
NA CLA SK . -58.13 -42.99 -38.33
C1A CLA SK . -58.48 -43.03 -37.10
C2A CLA SK . -58.29 -44.36 -36.43
C3A CLA SK . -57.71 -45.17 -37.59
C4A CLA SK . -57.70 -44.18 -38.68
CMA CLA SK . -56.47 -46.00 -37.38
CAA CLA SK . -59.60 -45.06 -36.09
CBA CLA SK . -60.74 -44.63 -36.98
CGA CLA SK . -61.95 -45.51 -36.82
O1A CLA SK . -62.03 -46.41 -35.99
O2A CLA SK . -63.07 -45.40 -37.51
NB CLA SK . -57.46 -42.45 -41.20
C1B CLA SK . -57.12 -43.73 -41.11
C2B CLA SK . -56.61 -44.32 -42.37
C3B CLA SK . -56.66 -43.17 -43.27
C4B CLA SK . -57.21 -42.05 -42.47
CMB CLA SK . -56.14 -45.71 -42.64
CAB CLA SK . -56.27 -43.21 -44.70
CBB CLA SK . -55.65 -42.23 -45.31
NC CLA SK . -58.41 -39.56 -40.99
C1C CLA SK . -57.99 -39.51 -42.25
C2C CLA SK . -58.06 -38.21 -42.93
C3C CLA SK . -58.63 -37.38 -41.87
C4C CLA SK . -58.80 -38.31 -40.73
CMC CLA SK . -57.66 -37.84 -44.32
CAC CLA SK . -58.96 -35.93 -41.93
CBC CLA SK . -60.45 -35.76 -41.98
ND CLA SK . -58.88 -40.00 -38.31
C1D CLA SK . -59.28 -38.74 -38.23
C2D CLA SK . -59.83 -38.36 -36.90
C3D CLA SK . -59.68 -39.63 -36.21
C4D CLA SK . -59.15 -40.52 -37.05
CMD CLA SK . -60.40 -37.15 -36.25
CAD CLA SK . -59.95 -40.25 -34.90
OBD CLA SK . -60.88 -39.85 -34.12
CBD CLA SK . -59.47 -41.66 -34.95
CGD CLA SK . -58.38 -41.80 -33.94
O1D CLA SK . -58.56 -42.43 -32.91
O2D CLA SK . -57.08 -41.19 -34.14
CED CLA SK . -55.96 -41.82 -33.55
C1 CLA SK . -63.16 -45.79 -39.06
C2 CLA SK . -61.99 -45.62 -40.02
C3 CLA SK . -62.15 -45.05 -41.22
C4 CLA SK . -63.50 -44.56 -41.65
C5 CLA SK . -60.96 -44.91 -42.13
C6 CLA SK . -60.98 -43.52 -42.76
C7 CLA SK . -60.05 -43.44 -43.95
C8 CLA SK . -60.60 -42.64 -45.13
C9 CLA SK . -59.48 -41.94 -45.87
C10 CLA SK . -61.64 -41.62 -44.68
MG CLA TK . -48.32 -30.77 -31.88
CHA CLA TK . -47.90 -31.72 -28.60
CHB CLA TK . -50.36 -28.25 -30.74
CHC CLA TK . -48.62 -29.74 -35.05
CHD CLA TK . -46.17 -33.40 -32.95
NA CLA TK . -49.05 -30.05 -29.92
C1A CLA TK . -48.79 -30.54 -28.78
C2A CLA TK . -49.47 -29.82 -27.65
C3A CLA TK . -50.27 -28.79 -28.39
C4A CLA TK . -49.87 -29.03 -29.79
CMA CLA TK . -51.76 -28.87 -28.21
CAA CLA TK . -48.41 -29.08 -26.81
CBA CLA TK . -47.57 -28.12 -27.65
CGA CLA TK . -46.18 -27.88 -27.13
O1A CLA TK . -45.77 -28.16 -26.03
O2A CLA TK . -45.27 -27.32 -27.90
NB CLA TK . -49.34 -29.22 -32.75
C1B CLA TK . -50.11 -28.32 -32.18
C2B CLA TK . -50.71 -27.35 -33.12
C3B CLA TK . -50.19 -27.81 -34.39
C4B CLA TK . -49.35 -28.97 -34.06
CMB CLA TK . -51.61 -26.22 -32.79
CAB CLA TK . -50.37 -27.30 -35.77
CBB CLA TK . -50.49 -26.03 -36.02
NC CLA TK . -47.49 -31.45 -33.70
C1C CLA TK . -47.77 -30.91 -34.87
C2C CLA TK . -47.18 -31.52 -36.03
C3C CLA TK . -46.41 -32.61 -35.43
C4C CLA TK . -46.68 -32.48 -33.98
CMC CLA TK . -47.40 -31.00 -37.40
CAC CLA TK . -45.55 -33.64 -36.11
CBC CLA TK . -46.35 -34.84 -36.52
ND CLA TK . -47.25 -32.26 -31.10
C1D CLA TK . -46.44 -33.23 -31.51
C2D CLA TK . -45.89 -34.08 -30.43
C3D CLA TK . -46.53 -33.42 -29.27
C4D CLA TK . -47.26 -32.41 -29.72
CMD CLA TK . -44.99 -35.28 -30.28
CAD CLA TK . -46.61 -33.50 -27.81
OBD CLA TK . -46.12 -34.43 -27.08
CBD CLA TK . -47.53 -32.44 -27.33
CGD CLA TK . -48.76 -33.03 -26.71
O1D CLA TK . -49.19 -34.10 -27.08
O2D CLA TK . -49.47 -32.30 -25.69
CED CLA TK . -49.67 -32.82 -24.39
C1 CLA TK . -44.10 -26.35 -27.37
C2 CLA TK . -44.28 -25.00 -26.72
C3 CLA TK . -43.60 -23.95 -27.24
C4 CLA TK . -42.75 -24.16 -28.45
C5 CLA TK . -43.67 -22.56 -26.67
C6 CLA TK . -44.73 -22.38 -25.59
C7 CLA TK . -44.62 -20.96 -25.03
C8 CLA TK . -45.92 -20.54 -24.35
C9 CLA TK . -47.04 -20.39 -25.37
C10 CLA TK . -45.73 -19.23 -23.59
C11 CLA TK . -44.38 -19.12 -22.90
C12 CLA TK . -44.57 -18.98 -21.40
C13 CLA TK . -43.90 -17.70 -20.91
C14 CLA TK . -42.40 -17.73 -21.21
C15 CLA TK . -44.11 -17.54 -19.42
C16 CLA TK . -45.51 -17.93 -18.97
C17 CLA TK . -45.53 -18.25 -17.49
C18 CLA TK . -46.94 -18.06 -16.94
C19 CLA TK . -47.02 -18.50 -15.50
C20 CLA TK . -47.35 -16.61 -17.06
MG CLA UK . -46.80 -41.88 -30.27
CHA CLA UK . -48.50 -44.57 -28.89
CHB CLA UK . -44.39 -42.34 -27.90
CHC CLA UK . -45.17 -39.26 -31.67
CHD CLA UK . -49.40 -41.51 -32.66
NA CLA UK . -46.45 -43.29 -28.60
C1A CLA UK . -47.20 -44.24 -28.21
C2A CLA UK . -46.66 -45.00 -27.03
C3A CLA UK . -45.38 -44.23 -26.74
C4A CLA UK . -45.39 -43.22 -27.82
CMA CLA UK . -45.07 -43.78 -25.31
CAA CLA UK . -46.36 -46.45 -27.41
CBA CLA UK . -44.90 -46.86 -27.44
CGA CLA UK . -44.37 -46.74 -28.85
O1A CLA UK . -44.77 -45.93 -29.66
O2A CLA UK . -43.41 -47.49 -29.36
NB CLA UK . -45.03 -40.94 -29.84
C1B CLA UK . -44.18 -41.24 -28.86
C2B CLA UK . -42.99 -40.34 -28.80
C3B CLA UK . -43.26 -39.46 -29.92
C4B CLA UK . -44.54 -39.90 -30.51
CMB CLA UK . -41.84 -40.37 -27.84
CAB CLA UK . -42.42 -38.32 -30.38
CBB CLA UK . -41.82 -38.35 -31.54
NC CLA UK . -47.17 -40.65 -31.97
C1C CLA UK . -46.43 -39.62 -32.35
C2C CLA UK . -46.93 -38.85 -33.50
C3C CLA UK . -48.15 -39.58 -33.81
C4C CLA UK . -48.22 -40.65 -32.81
CMC CLA UK . -46.33 -37.67 -34.18
CAC CLA UK . -49.15 -39.32 -34.89
CBC CLA UK . -48.96 -40.36 -35.97
ND CLA UK . -48.53 -42.74 -30.79
C1D CLA UK . -49.50 -42.56 -31.67
C2D CLA UK . -50.66 -43.47 -31.55
C3D CLA UK . -50.19 -44.25 -30.41
C4D CLA UK . -48.99 -43.80 -30.03
CMD CLA UK . -51.97 -43.69 -32.25
CAD CLA UK . -50.62 -45.37 -29.55
OBD CLA UK . -51.85 -45.54 -29.24
CBD CLA UK . -49.53 -45.62 -28.57
CGD CLA UK . -50.11 -45.34 -27.23
O1D CLA UK . -50.83 -46.17 -26.69
O2D CLA UK . -49.84 -44.11 -26.53
CED CLA UK . -49.81 -44.08 -25.11
CAA F6C VK . -42.14 -40.44 -20.73
CAB F6C VK . -37.73 -32.26 -21.79
CAC F6C VK . -42.14 -33.18 -28.59
CAD F6C VK . -45.34 -39.55 -24.30
NA F6C VK . -42.01 -37.30 -21.79
CBA F6C VK . -41.18 -40.99 -19.69
CBB F6C VK . -38.15 -31.03 -21.92
CBC F6C VK . -43.30 -32.23 -28.42
CBD F6C VK . -44.71 -39.78 -22.98
NB F6C VK . -40.32 -34.90 -22.34
OBD F6C VK . -46.50 -39.99 -24.62
CGA F6C VK . -39.79 -41.06 -20.28
CGD F6C VK . -45.75 -39.63 -21.91
ND F6C VK . -43.05 -36.80 -24.63
CED F6C VK . -47.97 -40.67 -21.56
CHA F6C VK . -43.71 -38.67 -22.86
CHB F6C VK . -40.43 -36.32 -20.33
CHC F6C VK . -39.79 -33.18 -24.06
CHD F6C VK . -43.13 -35.56 -26.70
CMA F6C VK . -42.08 -37.78 -18.27
CMB F6C VK . -38.16 -34.40 -19.29
CMC F6C VK . -39.88 -31.53 -26.76
CMD F6C VK . -45.60 -37.92 -27.30
OMB F6C VK . -37.16 -33.75 -19.09
C1A F6C VK . -42.80 -38.30 -21.73
C1B F6C VK . -39.91 -35.21 -21.12
C1C F6C VK . -40.66 -33.55 -25.18
C1D F6C VK . -43.59 -36.65 -25.83
O1A F6C VK . -39.45 -41.82 -21.16
O1D F6C VK . -45.91 -38.55 -21.37
C2A F6C VK . -42.74 -39.06 -20.44
C2B F6C VK . -38.85 -34.32 -20.60
C2C F6C VK . -40.68 -32.76 -26.41
C2D F6C VK . -44.67 -37.62 -26.16
O2A F6C VK . -38.78 -40.29 -19.89
O2D F6C VK . -46.55 -40.75 -21.49
C3A F6C VK . -41.72 -38.25 -19.66
C3B F6C VK . -38.68 -33.39 -21.71
C3C F6C VK . -41.66 -33.49 -27.20
C3D F6C VK . -44.66 -38.40 -24.93
C4A F6C VK . -41.35 -37.22 -20.65
C4B F6C VK . -39.63 -33.82 -22.76
C4C F6C VK . -42.09 -34.60 -26.33
C4D F6C VK . -43.74 -37.90 -24.12
NC F6C VK . -41.47 -34.60 -25.14
MG F6C VK . -41.75 -35.86 -23.46
MG CLA WK . -44.24 -26.80 -19.45
CHA CLA WK . -45.52 -28.96 -21.82
CHB CLA WK . -41.32 -28.59 -19.60
CHC CLA WK . -42.92 -24.56 -17.33
CHD CLA WK . -47.36 -25.11 -19.28
NA CLA WK . -43.47 -28.56 -20.58
C1A CLA WK . -44.10 -29.25 -21.43
C2A CLA WK . -43.32 -30.42 -21.96
C3A CLA WK . -42.01 -30.27 -21.21
C4A CLA WK . -42.27 -29.05 -20.41
CMA CLA WK . -41.46 -31.49 -20.49
CAA CLA WK . -42.98 -30.28 -23.43
CBA CLA WK . -42.61 -28.85 -23.78
CGA CLA WK . -42.11 -28.84 -25.20
O1A CLA WK . -42.81 -29.06 -26.18
O2A CLA WK . -40.86 -28.62 -25.56
NB CLA WK . -42.39 -26.62 -18.60
C1B CLA WK . -41.33 -27.42 -18.73
C2B CLA WK . -40.17 -27.03 -17.89
C3B CLA WK . -40.69 -25.84 -17.23
C4B CLA WK . -42.05 -25.66 -17.74
CMB CLA WK . -38.83 -27.70 -17.78
CAB CLA WK . -40.06 -24.93 -16.27
CBB CLA WK . -38.86 -24.45 -16.46
NC CLA WK . -45.02 -25.10 -18.46
C1C CLA WK . -44.34 -24.33 -17.65
C2C CLA WK . -45.06 -23.20 -17.06
C3C CLA WK . -46.37 -23.35 -17.64
C4C CLA WK . -46.25 -24.56 -18.48
CMC CLA WK . -44.55 -22.14 -16.15
CAC CLA WK . -47.56 -22.47 -17.42
CBC CLA WK . -48.43 -23.07 -16.34
ND CLA WK . -46.06 -26.88 -20.27
C1D CLA WK . -47.22 -26.24 -20.20
C2D CLA WK . -48.29 -26.78 -21.08
C3D CLA WK . -47.53 -27.86 -21.70
C4D CLA WK . -46.29 -27.87 -21.21
CMD CLA WK . -49.72 -26.50 -21.41
CAD CLA WK . -47.70 -28.94 -22.69
OBD CLA WK . -48.66 -29.03 -23.52
CBD CLA WK . -46.41 -29.66 -22.82
CGD CLA WK . -46.64 -31.08 -22.39
O1D CLA WK . -46.81 -31.95 -23.22
O2D CLA WK . -46.67 -31.44 -21.01
CED CLA WK . -45.95 -32.59 -20.58
C1 CLA WK . -40.03 -27.34 -25.03
C2 CLA WK . -40.62 -25.95 -25.08
C3 CLA WK . -39.84 -24.88 -25.28
C4 CLA WK . -38.37 -25.05 -25.48
C5 CLA WK . -40.48 -23.52 -25.32
C6 CLA WK . -39.50 -22.43 -24.93
C7 CLA WK . -39.45 -22.24 -23.43
C8 CLA WK . -39.70 -20.79 -23.04
C9 CLA WK . -39.64 -20.64 -21.53
C10 CLA WK . -41.05 -20.36 -23.57
MG CLA XK . -53.22 -25.77 -28.10
CHA CLA XK . -55.06 -24.91 -30.91
CHB CLA XK . -50.75 -23.71 -29.27
CHC CLA XK . -51.47 -26.59 -25.35
CHD CLA XK . -55.86 -27.85 -26.99
NA CLA XK . -52.92 -24.44 -29.87
C1A CLA XK . -53.73 -24.22 -30.83
C2A CLA XK . -53.25 -23.22 -31.85
C3A CLA XK . -51.88 -22.87 -31.28
C4A CLA XK . -51.83 -23.72 -30.06
CMA CLA XK . -50.68 -22.76 -32.20
CAA CLA XK . -54.10 -21.97 -31.82
CBA CLA XK . -53.88 -21.07 -33.03
CGA CLA XK . -55.21 -20.78 -33.66
O1A CLA XK . -55.73 -19.68 -33.69
O2A CLA XK . -55.95 -21.67 -34.28
NB CLA XK . -51.37 -25.21 -27.42
C1B CLA XK . -50.49 -24.42 -28.02
C2B CLA XK . -49.22 -24.30 -27.28
C3B CLA XK . -49.46 -25.16 -26.13
C4B CLA XK . -50.82 -25.69 -26.30
CMB CLA XK . -48.03 -23.48 -27.68
CAB CLA XK . -48.62 -25.52 -24.97
CBB CLA XK . -47.31 -25.49 -25.00
NC CLA XK . -53.66 -26.92 -26.37
C1C CLA XK . -52.79 -27.22 -25.41
C2C CLA XK . -53.20 -28.23 -24.42
C3C CLA XK . -54.54 -28.55 -24.88
C4C CLA XK . -54.72 -27.70 -26.08
CMC CLA XK . -52.46 -28.76 -23.24
CAC CLA XK . -55.52 -29.52 -24.29
CBC CLA XK . -56.52 -28.77 -23.46
ND CLA XK . -55.03 -26.33 -28.67
C1D CLA XK . -56.00 -27.12 -28.24
C2D CLA XK . -57.18 -27.20 -29.12
C3D CLA XK . -56.74 -26.30 -30.18
C4D CLA XK . -55.53 -25.85 -29.86
CMD CLA XK . -58.50 -27.91 -29.14
CAD CLA XK . -57.19 -25.74 -31.45
OBD CLA XK . -58.12 -26.25 -32.17
CBD CLA XK . -56.12 -24.86 -31.97
CGD CLA XK . -55.62 -25.44 -33.25
O1D CLA XK . -55.14 -24.73 -34.12
O2D CLA XK . -55.68 -26.86 -33.49
CED CLA XK . -54.61 -27.51 -34.17
C1 CLA XK . -57.55 -21.55 -34.39
C2 CLA XK . -58.44 -21.43 -33.18
C3 CLA XK . -59.55 -22.17 -33.06
C4 CLA XK . -59.89 -23.12 -34.15
C5 CLA XK . -60.45 -22.06 -31.86
C6 CLA XK . -60.28 -23.29 -30.96
C7 CLA XK . -61.16 -23.22 -29.72
C8 CLA XK . -60.45 -23.54 -28.40
C9 CLA XK . -58.94 -23.64 -28.56
C10 CLA XK . -61.00 -24.82 -27.78
C11 CLA XK . -60.96 -24.79 -26.26
C12 CLA XK . -62.35 -25.03 -25.67
C13 CLA XK . -62.32 -25.38 -24.18
C14 CLA XK . -63.71 -25.55 -23.61
C15 CLA XK . -61.57 -24.32 -23.40
MG CLA YK . -41.16 -12.37 -29.60
CHA CLA YK . -39.41 -12.69 -32.56
CHB CLA YK . -39.98 -15.50 -28.78
CHC CLA YK . -42.60 -11.97 -26.61
CHD CLA YK . -42.36 -9.23 -30.63
NA CLA YK . -39.86 -13.92 -30.52
C1A CLA YK . -39.31 -13.87 -31.66
C2A CLA YK . -38.54 -15.09 -31.99
C3A CLA YK . -38.80 -15.98 -30.81
C4A CLA YK . -39.60 -15.07 -29.98
CMA CLA YK . -39.36 -17.36 -31.10
CAA CLA YK . -37.10 -14.63 -31.78
CBA CLA YK . -36.15 -15.68 -31.23
CGA CLA YK . -34.77 -15.10 -31.13
O1A CLA YK . -34.30 -14.26 -31.86
O2A CLA YK . -33.92 -15.48 -30.21
NB CLA YK . -41.26 -13.57 -27.94
C1B CLA YK . -40.78 -14.80 -27.78
C2B CLA YK . -41.05 -15.41 -26.47
C3B CLA YK . -41.84 -14.36 -25.84
C4B CLA YK . -41.92 -13.25 -26.83
CMB CLA YK . -40.64 -16.77 -25.98
CAB CLA YK . -42.43 -14.34 -24.50
CBB CLA YK . -41.65 -14.57 -23.47
NC CLA YK . -42.32 -10.82 -28.75
C1C CLA YK . -42.81 -10.84 -27.51
C2C CLA YK . -43.55 -9.64 -27.11
C3C CLA YK . -43.47 -8.83 -28.32
C4C CLA YK . -42.70 -9.65 -29.26
CMC CLA YK . -44.19 -9.35 -25.79
CAC CLA YK . -44.05 -7.47 -28.57
CBC CLA YK . -42.94 -6.44 -28.57
ND CLA YK . -41.01 -11.14 -31.15
C1D CLA YK . -41.46 -9.95 -31.52
C2D CLA YK . -40.99 -9.47 -32.85
C3D CLA YK . -40.17 -10.62 -33.21
C4D CLA YK . -40.23 -11.51 -32.22
CMD CLA YK . -41.14 -8.28 -33.74
CAD CLA YK . -39.31 -11.11 -34.29
OBD CLA YK . -39.27 -10.63 -35.48
CBD CLA YK . -38.81 -12.45 -33.92
CGD CLA YK . -39.38 -13.45 -34.86
O1D CLA YK . -40.50 -13.86 -34.70
O2D CLA YK . -38.60 -13.94 -35.96
CED CLA YK . -39.29 -14.27 -37.15
C1 CLA YK . -32.53 -16.15 -30.59
C2 CLA YK . -32.39 -17.40 -31.42
C3 CLA YK . -31.56 -18.37 -31.02
C4 CLA YK . -30.76 -18.20 -29.77
C5 CLA YK . -31.38 -19.62 -31.83
C6 CLA YK . -32.03 -20.81 -31.14
C7 CLA YK . -32.51 -21.82 -32.18
C8 CLA YK . -32.13 -23.25 -31.80
C9 CLA YK . -33.01 -23.77 -30.67
C10 CLA YK . -30.66 -23.31 -31.41
MG CLA ZK . -36.70 -18.73 -39.75
CHA CLA ZK . -37.30 -18.28 -36.39
CHB CLA ZK . -37.84 -21.94 -39.39
CHC CLA ZK . -36.13 -19.10 -42.97
CHD CLA ZK . -35.64 -15.32 -39.99
NA CLA ZK . -37.50 -19.98 -38.10
C1A CLA ZK . -37.66 -19.65 -36.89
C2A CLA ZK . -38.17 -20.75 -36.01
C3A CLA ZK . -38.28 -21.88 -37.00
C4A CLA ZK . -37.85 -21.23 -38.26
CMA CLA ZK . -37.63 -23.19 -36.64
CAA CLA ZK . -39.57 -20.44 -35.50
CBA CLA ZK . -39.68 -20.76 -34.02
CGA CLA ZK . -41.09 -21.10 -33.65
O1A CLA ZK . -41.43 -21.56 -32.59
O2A CLA ZK . -42.14 -20.91 -34.43
NB CLA ZK . -36.97 -20.31 -41.01
C1B CLA ZK . -37.44 -21.53 -40.74
C2B CLA ZK . -37.50 -22.43 -41.92
C3B CLA ZK . -36.97 -21.55 -42.96
C4B CLA ZK . -36.69 -20.27 -42.30
CMB CLA ZK . -37.95 -23.85 -41.98
CAB CLA ZK . -36.75 -21.79 -44.41
CBB CLA ZK . -37.50 -22.60 -45.12
NC CLA ZK . -36.07 -17.38 -41.25
C1C CLA ZK . -35.82 -17.76 -42.47
C2C CLA ZK . -35.23 -16.74 -43.34
C3C CLA ZK . -35.11 -15.60 -42.47
C4C CLA ZK . -35.65 -16.11 -41.20
CMC CLA ZK . -34.85 -16.90 -44.75
CAC CLA ZK . -34.57 -14.23 -42.76
CBC CLA ZK . -33.06 -14.23 -42.79
ND CLA ZK . -36.52 -17.10 -38.63
C1D CLA ZK . -36.05 -15.87 -38.73
C2D CLA ZK . -35.96 -15.12 -37.47
C3D CLA ZK . -36.49 -16.15 -36.58
C4D CLA ZK . -36.78 -17.24 -37.28
CMD CLA ZK . -35.52 -13.76 -37.05
CAD CLA ZK . -36.76 -16.35 -35.17
OBD CLA ZK . -35.91 -15.90 -34.35
CBD CLA ZK . -37.37 -17.71 -35.01
CGD CLA ZK . -36.46 -18.50 -34.13
O1D CLA ZK . -35.28 -18.62 -34.40
O2D CLA ZK . -36.95 -19.16 -32.94
CED CLA ZK . -36.08 -19.30 -31.82
C1 CLA ZK . -43.57 -20.64 -33.78
C2 CLA ZK . -44.58 -21.72 -33.46
C3 CLA ZK . -45.89 -21.42 -33.56
C4 CLA ZK . -46.30 -20.04 -33.95
C5 CLA ZK . -46.98 -22.42 -33.24
C6 CLA ZK . -46.92 -23.64 -34.15
C7 CLA ZK . -46.21 -24.83 -33.51
C8 CLA ZK . -46.61 -25.10 -32.07
C9 CLA ZK . -45.47 -24.79 -31.10
C10 CLA ZK . -46.98 -26.57 -31.94
C11 CLA ZK . -45.92 -27.46 -32.56
C12 CLA ZK . -45.32 -28.39 -31.51
C13 CLA ZK . -44.60 -29.60 -32.11
C14 CLA ZK . -43.42 -29.97 -31.22
C15 CLA ZK . -44.13 -29.33 -33.53
C16 CLA ZK . -43.29 -30.50 -34.04
C17 CLA ZK . -42.36 -30.05 -35.16
C18 CLA ZK . -43.05 -30.16 -36.50
C19 CLA ZK . -43.31 -28.78 -37.09
C20 CLA ZK . -42.22 -31.01 -37.46
MG CLA AL . -53.02 -2.83 -42.11
CHA CLA AL . -55.08 -3.89 -44.70
CHB CLA AL . -50.64 -2.19 -44.49
CHC CLA AL . -51.07 -1.67 -39.65
CHD CLA AL . -55.52 -3.68 -39.78
NA CLA AL . -52.83 -3.00 -44.32
C1A CLA AL . -53.71 -3.45 -45.13
C2A CLA AL . -53.25 -3.50 -46.54
C3A CLA AL . -51.84 -3.03 -46.42
C4A CLA AL . -51.75 -2.72 -44.98
CMA CLA AL . -50.81 -4.00 -46.94
CAA CLA AL . -53.95 -2.40 -47.34
CBA CLA AL . -53.74 -0.96 -46.87
CGA CLA AL . -54.90 -0.45 -46.05
O1A CLA AL . -55.09 -0.65 -44.86
O2A CLA AL . -55.86 0.31 -46.53
NB CLA AL . -51.13 -2.05 -42.10
C1B CLA AL . -50.33 -1.82 -43.12
C2B CLA AL . -49.06 -1.16 -42.78
C3B CLA AL . -49.21 -1.03 -41.35
C4B CLA AL . -50.52 -1.60 -41.00
CMB CLA AL . -47.93 -0.76 -43.70
CAB CLA AL . -48.29 -0.43 -40.38
CBB CLA AL . -47.81 0.77 -40.57
NC CLA AL . -53.30 -2.61 -40.03
C1C CLA AL . -52.36 -2.20 -39.18
C2C CLA AL . -52.70 -2.31 -37.76
C3C CLA AL . -54.04 -2.87 -37.81
C4C CLA AL . -54.31 -3.02 -39.24
CMC CLA AL . -51.88 -1.93 -36.57
CAC CLA AL . -54.95 -3.23 -36.66
CBC CLA AL . -56.04 -2.19 -36.51
ND CLA AL . -54.84 -3.63 -42.08
C1D CLA AL . -55.80 -3.86 -41.19
C2D CLA AL . -57.08 -4.31 -41.77
C3D CLA AL . -56.72 -4.30 -43.18
C4D CLA AL . -55.46 -3.91 -43.28
CMD CLA AL . -58.43 -4.70 -41.28
CAD CLA AL . -57.29 -4.59 -44.50
OBD CLA AL . -58.35 -5.26 -44.71
CBD CLA AL . -56.26 -4.30 -45.52
CGD CLA AL . -56.02 -5.56 -46.27
O1D CLA AL . -56.01 -6.61 -45.68
O2D CLA AL . -55.80 -5.57 -47.70
CED CLA AL . -56.50 -6.52 -48.48
C1 CLA AL . -56.44 1.54 -45.68
C2 CLA AL . -57.81 1.47 -45.07
C3 CLA AL . -58.48 2.58 -44.79
C4 CLA AL . -59.85 2.49 -44.18
C5 CLA AL . -57.87 3.93 -45.07
C6 CLA AL . -58.24 4.89 -43.96
C7 CLA AL . -58.22 6.35 -44.44
C8 CLA AL . -59.41 7.17 -43.98
C9 CLA AL . -60.57 6.31 -43.48
C10 CLA AL . -59.87 8.05 -45.13
C11 CLA AL . -60.00 9.51 -44.72
C12 CLA AL . -61.43 9.82 -44.28
C13 CLA AL . -62.25 10.44 -45.39
C14 CLA AL . -62.99 11.67 -44.89
C15 CLA AL . -63.25 9.43 -45.91
MG CLA BL . -52.90 -12.07 -43.13
CHA CLA BL . -51.93 -12.72 -46.41
CHB CLA BL . -54.61 -9.37 -44.31
CHC CLA BL . -53.90 -11.52 -39.96
CHD CLA BL . -51.05 -14.86 -42.03
NA CLA BL . -53.25 -11.12 -45.12
C1A CLA BL . -52.78 -11.49 -46.25
C2A CLA BL . -53.14 -10.56 -47.38
C3A CLA BL . -53.93 -9.50 -46.67
C4A CLA BL . -53.94 -10.01 -45.27
CMA CLA BL . -53.48 -8.08 -46.90
CAA CLA BL . -54.03 -11.24 -48.40
CBA CLA BL . -55.50 -11.33 -47.99
CGA CLA BL . -55.97 -12.74 -48.13
O1A CLA BL . -57.01 -13.18 -47.70
O2A CLA BL . -55.30 -13.68 -48.74
NB CLA BL . -54.09 -10.64 -42.28
C1B CLA BL . -54.74 -9.65 -42.88
C2B CLA BL . -55.55 -8.82 -41.97
C3B CLA BL . -55.31 -9.49 -40.69
C4B CLA BL . -54.40 -10.60 -40.98
CMB CLA BL . -56.38 -7.64 -42.33
CAB CLA BL . -55.81 -9.23 -39.32
CBB CLA BL . -56.70 -8.32 -39.01
NC CLA BL . -52.61 -13.11 -41.30
C1C CLA BL . -53.03 -12.69 -40.11
C2C CLA BL . -52.58 -13.47 -38.95
C3C CLA BL . -51.77 -14.49 -39.59
C4C CLA BL . -51.85 -14.16 -41.03
CMC CLA BL . -52.88 -13.27 -37.50
CAC CLA BL . -51.01 -15.62 -38.95
CBC CLA BL . -51.78 -16.90 -39.16
ND CLA BL . -51.76 -13.50 -43.89
C1D CLA BL . -51.07 -14.53 -43.45
C2D CLA BL . -50.31 -15.27 -44.46
C3D CLA BL . -50.70 -14.50 -45.64
C4D CLA BL . -51.51 -13.52 -45.25
CMD CLA BL . -49.40 -16.46 -44.48
CAD CLA BL . -50.47 -14.43 -47.09
OBD CLA BL . -49.87 -15.32 -47.78
CBD CLA BL . -51.36 -13.38 -47.64
CGD CLA BL . -50.55 -12.41 -48.43
O1D CLA BL . -49.51 -12.00 -48.01
O2D CLA BL . -51.03 -11.93 -49.70
CED CLA BL . -50.12 -11.30 -50.59
C1 CLA BL . -55.30 -15.16 -48.18
C2 CLA BL . -54.11 -15.74 -47.47
C3 CLA BL . -53.54 -16.84 -47.97
C4 CLA BL . -54.08 -17.44 -49.22
C5 CLA BL . -52.35 -17.45 -47.30
C6 CLA BL . -52.84 -18.42 -46.25
C7 CLA BL . -51.70 -19.31 -45.80
C8 CLA BL . -51.84 -19.68 -44.34
C9 CLA BL . -50.55 -20.27 -43.80
C10 CLA BL . -52.98 -20.67 -44.18
C11 CLA BL . -53.68 -20.43 -42.86
C12 CLA BL . -53.72 -21.67 -42.00
C13 CLA BL . -54.71 -21.50 -40.86
C14 CLA BL . -56.11 -21.22 -41.39
C15 CLA BL . -54.25 -20.35 -39.97
C16 CLA BL . -54.13 -20.81 -38.52
C17 CLA BL . -52.75 -21.39 -38.27
C18 CLA BL . -52.62 -21.96 -36.87
C19 CLA BL . -53.75 -22.93 -36.56
C20 CLA BL . -51.28 -22.64 -36.70
MG CLA CL . -59.37 -8.83 -25.61
CHA CLA CL . -61.07 -7.56 -22.90
CHB CLA CL . -62.00 -10.97 -26.09
CHC CLA CL . -57.76 -9.98 -28.35
CHD CLA CL . -56.63 -6.74 -24.94
NA CLA CL . -61.33 -9.24 -24.64
C1A CLA CL . -61.80 -8.67 -23.62
C2A CLA CL . -63.14 -9.18 -23.20
C3A CLA CL . -63.36 -10.28 -24.20
C4A CLA CL . -62.17 -10.15 -25.05
CMA CLA CL . -63.56 -11.63 -23.57
CAA CLA CL . -64.24 -8.16 -23.43
CBA CLA CL . -64.17 -7.52 -24.81
CGA CLA CL . -65.02 -6.28 -24.79
O1A CLA CL . -64.93 -5.41 -23.96
O2A CLA CL . -65.96 -6.01 -25.66
NB CLA CL . -59.83 -10.26 -27.01
C1B CLA CL . -60.89 -11.02 -27.04
C2B CLA CL . -60.87 -11.98 -28.15
C3B CLA CL . -59.62 -11.70 -28.82
C4B CLA CL . -59.03 -10.60 -28.03
CMB CLA CL . -61.96 -12.93 -28.40
CAB CLA CL . -58.98 -12.30 -30.01
CBB CLA CL . -59.27 -13.49 -30.45
NC CLA CL . -57.52 -8.37 -26.53
C1C CLA CL . -57.07 -8.89 -27.66
C2C CLA CL . -55.86 -8.32 -28.22
C3C CLA CL . -55.55 -7.30 -27.22
C4C CLA CL . -56.63 -7.43 -26.23
CMC CLA CL . -55.16 -8.72 -29.48
CAC CLA CL . -54.40 -6.33 -27.19
CBC CLA CL . -54.89 -4.97 -27.62
ND CLA CL . -58.83 -7.45 -24.30
C1D CLA CL . -57.79 -6.69 -24.06
C2D CLA CL . -57.92 -5.82 -22.88
C3D CLA CL . -59.26 -6.22 -22.46
C4D CLA CL . -59.72 -7.14 -23.29
CMD CLA CL . -57.06 -4.81 -22.19
CAD CLA CL . -60.26 -5.95 -21.41
OBD CLA CL . -60.10 -5.22 -20.38
CBD CLA CL . -61.49 -6.71 -21.74
CGD CLA CL . -61.83 -7.46 -20.51
O1D CLA CL . -62.29 -6.89 -19.55
O2D CLA CL . -61.64 -8.88 -20.42
CED CLA CL . -62.44 -9.58 -19.48
C1 CLA CL . -65.59 -5.18 -26.97
C2 CLA CL . -64.78 -3.91 -26.93
C3 CLA CL . -64.57 -3.22 -28.06
C4 CLA CL . -65.14 -3.73 -29.35
C5 CLA CL . -63.76 -1.95 -28.04
C6 CLA CL . -63.26 -1.64 -29.45
C7 CLA CL . -62.46 -0.35 -29.48
C8 CLA CL . -61.12 -0.57 -30.16
C9 CLA CL . -60.00 -0.43 -29.15
C10 CLA CL . -60.95 0.42 -31.29
C11 CLA CL . -60.26 -0.23 -32.48
C12 CLA CL . -59.60 0.84 -33.35
C13 CLA CL . -60.03 0.70 -34.79
C14 CLA CL . -59.45 -0.57 -35.40
C15 CLA CL . -59.56 1.93 -35.57
MG CLA DL . -37.89 -19.87 -12.88
CHA CLA DL . -38.27 -22.53 -10.67
CHB CLA DL . -35.26 -18.86 -10.94
CHC CLA DL . -37.47 -17.35 -15.07
CHD CLA DL . -40.68 -21.00 -14.73
NA CLA DL . -36.86 -20.58 -11.05
C1A CLA DL . -37.14 -21.61 -10.34
C2A CLA DL . -36.27 -21.80 -9.14
C3A CLA DL . -35.37 -20.60 -9.24
C4A CLA DL . -35.85 -19.96 -10.49
CMA CLA DL . -35.23 -19.74 -8.01
CAA CLA DL . -35.36 -23.00 -9.29
CBA CLA DL . -34.83 -23.19 -10.70
CGA CLA DL . -33.46 -23.80 -10.65
O1A CLA DL . -32.62 -23.52 -9.83
O2A CLA DL . -33.01 -24.69 -11.51
NB CLA DL . -36.54 -18.33 -12.98
C1B CLA DL . -35.56 -18.05 -12.13
C2B CLA DL . -34.77 -16.87 -12.51
C3B CLA DL . -35.45 -16.45 -13.72
C4B CLA DL . -36.54 -17.41 -13.95
CMB CLA DL . -33.61 -16.29 -11.79
CAB CLA DL . -35.15 -15.30 -14.60
CBB CLA DL . -33.99 -15.27 -15.20
NC CLA DL . -38.87 -19.32 -14.68
C1C CLA DL . -38.61 -18.23 -15.38
C2C CLA DL . -39.52 -17.94 -16.50
C3C CLA DL . -40.45 -19.05 -16.40
C4C CLA DL . -39.96 -19.83 -15.25
CMC CLA DL . -39.48 -16.80 -17.46
CAC CLA DL . -41.65 -19.35 -17.26
CBC CLA DL . -41.31 -20.45 -18.23
ND CLA DL . -39.20 -21.36 -12.86
C1D CLA DL . -40.26 -21.75 -13.55
C2D CLA DL . -40.95 -22.93 -13.00
C3D CLA DL . -40.10 -23.20 -11.85
C4D CLA DL . -39.13 -22.29 -11.83
CMD CLA DL . -42.13 -23.77 -13.31
CAD CLA DL . -39.96 -24.14 -10.74
OBD CLA DL . -40.92 -24.84 -10.27
CBD CLA DL . -38.77 -23.76 -9.95
CGD CLA DL . -39.27 -23.43 -8.58
O1D CLA DL . -38.85 -24.03 -7.62
O2D CLA DL . -40.26 -22.42 -8.33
CED CLA DL . -40.42 -22.00 -6.98
C1 CLA DL . -31.45 -24.78 -11.81
C2 CLA DL . -30.70 -23.62 -12.43
C3 CLA DL . -29.37 -23.69 -12.65
C4 CLA DL . -28.66 -22.52 -13.25
C5 CLA DL . -28.59 -24.92 -12.28
MG CLA EL . -29.45 -14.64 -10.55
CHA CLA EL . -30.91 -16.54 -8.07
CHB CLA EL . -29.14 -12.14 -8.22
CHC CLA EL . -27.93 -12.81 -12.92
CHD CLA EL . -29.87 -17.28 -12.85
NA CLA EL . -29.94 -14.35 -8.40
C1A CLA EL . -30.49 -15.17 -7.62
C2A CLA EL . -30.69 -14.67 -6.22
C3A CLA EL . -30.16 -13.27 -6.34
C4A CLA EL . -29.69 -13.25 -7.74
CMA CLA EL . -31.08 -12.14 -5.93
CAA CLA EL . -29.76 -15.33 -5.20
CBA CLA EL . -28.54 -15.96 -5.87
CGA CLA EL . -27.37 -16.13 -4.94
O1A CLA EL . -27.46 -16.40 -3.76
O2A CLA EL . -26.12 -16.00 -5.33
NB CLA EL . -28.63 -12.75 -10.55
C1B CLA EL . -28.63 -11.88 -9.56
C2B CLA EL . -28.03 -10.58 -9.90
C3B CLA EL . -27.69 -10.79 -11.30
C4B CLA EL . -28.10 -12.17 -11.62
CMB CLA EL . -27.90 -9.41 -8.97
CAB CLA EL . -27.06 -9.91 -12.29
CBB CLA EL . -26.43 -8.82 -11.95
NC CLA EL . -28.93 -15.02 -12.57
C1C CLA EL . -28.37 -14.12 -13.38
C2C CLA EL . -28.23 -14.55 -14.78
C3C CLA EL . -28.79 -15.88 -14.73
C4C CLA EL . -29.20 -16.07 -13.34
CMC CLA EL . -27.64 -13.79 -15.93
CAC CLA EL . -28.96 -16.88 -15.84
CBC CLA EL . -30.31 -16.60 -16.47
ND CLA EL . -30.17 -16.48 -10.61
C1D CLA EL . -30.33 -17.47 -11.48
C2D CLA EL . -30.99 -18.68 -10.95
C3D CLA EL . -31.19 -18.22 -9.58
C4D CLA EL . -30.71 -17.00 -9.45
CMD CLA EL . -31.43 -20.04 -11.42
CAD CLA EL . -31.75 -18.69 -8.31
OBD CLA EL . -31.79 -19.92 -8.04
CBD CLA EL . -31.57 -17.64 -7.28
CGD CLA EL . -32.91 -17.21 -6.78
O1D CLA EL . -33.78 -16.81 -7.53
O2D CLA EL . -33.22 -17.28 -5.37
CED CLA EL . -34.49 -17.78 -4.96
C1 CLA EL . -25.20 -17.25 -5.75
C2 CLA EL . -23.89 -17.02 -6.45
C3 CLA EL . -23.30 -17.94 -7.22
C4 CLA EL . -23.92 -19.29 -7.42
C5 CLA EL . -21.99 -17.63 -7.90
C6 CLA EL . -21.92 -18.30 -9.26
C7 CLA EL . -21.24 -17.41 -10.29
C8 CLA EL . -20.87 -18.16 -11.57
C9 CLA EL . -20.68 -17.20 -12.73
C10 CLA EL . -21.93 -19.21 -11.91
MG CLA FL . -20.87 -3.43 -19.16
CHA CLA FL . -23.37 -3.44 -16.78
CHB CLA FL . -20.89 0.00 -18.93
CHC CLA FL . -18.38 -3.38 -21.46
CHD CLA FL . -21.08 -6.92 -19.45
NA CLA FL . -21.97 -1.87 -18.01
C1A CLA FL . -22.90 -2.07 -17.17
C2A CLA FL . -23.52 -0.80 -16.64
C3A CLA FL . -22.74 0.23 -17.39
C4A CLA FL . -21.80 -0.59 -18.16
CMA CLA FL . -23.56 1.16 -18.25
CAA CLA FL . -23.23 -0.63 -15.16
CBA CLA FL . -23.37 0.80 -14.70
CGA CLA FL . -24.53 0.84 -13.74
O1A CLA FL . -24.44 1.22 -12.59
O2A CLA FL . -25.76 0.48 -14.04
NB CLA FL . -19.82 -1.91 -20.06
C1B CLA FL . -19.90 -0.60 -19.82
C2B CLA FL . -18.93 0.22 -20.57
C3B CLA FL . -18.22 -0.81 -21.31
C4B CLA FL . -18.83 -2.09 -20.93
CMB CLA FL . -18.75 1.70 -20.56
CAB CLA FL . -17.11 -0.65 -22.25
CBB CLA FL . -15.90 -0.89 -21.81
NC CLA FL . -19.80 -4.93 -20.21
C1C CLA FL . -18.87 -4.72 -21.13
C2C CLA FL . -18.34 -5.92 -21.79
C3C CLA FL . -19.11 -6.96 -21.14
C4C CLA FL . -19.99 -6.25 -20.20
CMC CLA FL . -17.29 -6.04 -22.85
CAC CLA FL . -19.04 -8.44 -21.36
CBC CLA FL . -19.94 -8.76 -22.51
ND CLA FL . -21.92 -4.94 -18.40
C1D CLA FL . -21.95 -6.26 -18.49
C2D CLA FL . -22.90 -6.92 -17.57
C3D CLA FL . -23.44 -5.72 -16.91
C4D CLA FL . -22.84 -4.65 -17.42
CMD CLA FL . -23.37 -8.29 -17.20
CAD CLA FL . -24.41 -5.33 -15.88
OBD CLA FL . -25.30 -6.08 -15.36
CBD CLA FL . -24.41 -3.86 -15.77
CGD CLA FL . -25.73 -3.35 -16.20
O1D CLA FL . -26.01 -3.32 -17.37
O2D CLA FL . -26.72 -2.90 -15.24
CED CLA FL . -28.04 -3.40 -15.35
C1 CLA FL . -26.92 1.57 -14.15
C2 CLA FL . -26.91 2.90 -13.43
C3 CLA FL . -27.86 3.19 -12.54
C4 CLA FL . -28.95 2.22 -12.23
C5 CLA FL . -27.84 4.52 -11.83
C6 CLA FL . -28.18 5.64 -12.78
C7 CLA FL . -27.37 6.88 -12.42
C8 CLA FL . -28.15 7.81 -11.51
C9 CLA FL . -28.12 9.22 -12.07
C10 CLA FL . -27.53 7.77 -10.12
C11 CLA FL . -28.46 8.39 -9.08
C12 CLA FL . -27.65 8.86 -7.87
C13 CLA FL . -28.46 8.94 -6.60
C14 CLA FL . -29.35 7.72 -6.44
C15 CLA FL . -29.29 10.23 -6.57
MG CLA GL . -19.00 5.48 -23.85
CHA CLA GL . -15.62 6.10 -24.34
CHB CLA GL . -18.26 2.13 -24.08
CHC CLA GL . -22.24 4.87 -23.22
CHD CLA GL . -19.62 8.97 -23.71
NA CLA GL . -17.18 4.23 -24.15
C1A CLA GL . -16.00 4.64 -24.32
C2A CLA GL . -15.01 3.54 -24.50
C3A CLA GL . -15.87 2.32 -24.47
C4A CLA GL . -17.20 2.92 -24.23
CMA CLA GL . -15.72 1.37 -25.64
CAA CLA GL . -14.12 3.41 -23.27
CBA CLA GL . -14.81 3.80 -21.97
CGA CLA GL . -14.49 2.79 -20.91
O1A CLA GL . -14.07 1.68 -21.13
O2A CLA GL . -14.62 2.98 -19.63
NB CLA GL . -20.07 3.74 -23.67
C1B CLA GL . -19.65 2.49 -23.82
C2B CLA GL . -20.70 1.47 -23.65
C3B CLA GL . -21.84 2.31 -23.41
C4B CLA GL . -21.38 3.70 -23.43
CMB CLA GL . -20.60 -0.03 -23.74
CAB CLA GL . -23.22 1.89 -23.16
CBB CLA GL . -23.45 1.27 -22.02
NC CLA GL . -20.67 6.73 -23.50
C1C CLA GL . -21.90 6.30 -23.28
C2C CLA GL . -22.92 7.34 -23.08
C3C CLA GL . -22.13 8.55 -23.23
C4C CLA GL . -20.77 8.07 -23.48
CMC CLA GL . -24.39 7.17 -22.81
CAC CLA GL . -22.55 9.99 -23.14
CBC CLA GL . -23.35 10.38 -24.34
ND CLA GL . -18.00 7.20 -23.98
C1D CLA GL . -18.25 8.50 -23.90
C2D CLA GL . -17.05 9.38 -24.03
C3D CLA GL . -16.04 8.34 -24.21
C4D CLA GL . -16.63 7.15 -24.17
CMD CLA GL . -16.71 10.83 -24.02
CAD CLA GL . -14.60 8.21 -24.41
OBD CLA GL . -13.78 9.17 -24.61
CBD CLA GL . -14.27 6.76 -24.53
CGD CLA GL . -13.64 6.52 -25.86
O1D CLA GL . -12.66 7.13 -26.17
O2D CLA GL . -14.11 5.57 -26.82
CED CLA GL . -13.15 4.65 -27.29
C1 CLA GL . -14.28 1.83 -18.58
C2 CLA GL . -15.28 0.76 -18.22
C3 CLA GL . -15.17 0.13 -17.03
C4 CLA GL . -14.08 0.50 -16.09
C5 CLA GL . -16.15 -0.94 -16.63
C6 CLA GL . -16.29 -2.00 -17.70
C7 CLA GL . -17.51 -2.85 -17.39
C8 CLA GL . -17.10 -4.27 -17.10
C9 CLA GL . -16.40 -4.88 -18.29
C10 CLA GL . -18.34 -5.07 -16.73
C11 CLA GL . -18.06 -6.56 -16.73
C12 CLA GL . -19.16 -7.30 -16.00
C13 CLA GL . -18.84 -8.77 -15.91
C14 CLA GL . -19.16 -9.47 -17.22
C15 CLA GL . -19.64 -9.38 -14.77
C16 CLA GL . -19.22 -10.83 -14.53
C17 CLA GL . -18.50 -10.92 -13.20
C18 CLA GL . -17.82 -12.27 -12.97
C19 CLA GL . -18.75 -13.21 -12.22
C20 CLA GL . -17.33 -12.90 -14.26
MG CLA HL . -30.29 -23.53 -39.03
CHA CLA HL . -30.87 -25.34 -41.94
CHB CLA HL . -33.08 -21.67 -39.82
CHC CLA HL . -29.81 -21.87 -36.15
CHD CLA HL . -27.38 -25.43 -38.40
NA CLA HL . -31.81 -23.49 -40.66
C1A CLA HL . -31.87 -24.25 -41.69
C2A CLA HL . -32.99 -23.93 -42.62
C3A CLA HL . -33.59 -22.73 -41.95
C4A CLA HL . -32.79 -22.61 -40.72
CMA CLA HL . -33.55 -21.52 -42.84
CAA CLA HL . -34.05 -25.03 -42.58
CBA CLA HL . -34.60 -25.32 -41.20
CGA CLA HL . -35.17 -26.72 -41.12
O1A CLA HL . -34.99 -27.58 -41.96
O2A CLA HL . -35.90 -27.21 -40.11
NB CLA HL . -31.31 -22.00 -38.13
C1B CLA HL . -32.39 -21.36 -38.55
C2B CLA HL . -32.87 -20.30 -37.62
C3B CLA HL . -31.87 -20.39 -36.57
C4B CLA HL . -30.95 -21.47 -36.96
CMB CLA HL . -34.06 -19.41 -37.78
CAB CLA HL . -31.69 -19.65 -35.30
CBB CLA HL . -32.22 -18.49 -35.07
NC CLA HL . -28.87 -23.70 -37.48
C1C CLA HL . -28.82 -22.92 -36.39
C2C CLA HL . -27.72 -23.17 -35.46
C3C CLA HL . -27.03 -24.26 -36.11
C4C CLA HL . -27.81 -24.51 -37.34
CMC CLA HL . -27.41 -22.47 -34.17
CAC CLA HL . -25.81 -24.99 -35.65
CBC CLA HL . -26.25 -26.27 -34.98
ND CLA HL . -29.27 -25.03 -39.85
C1D CLA HL . -28.17 -25.72 -39.61
C2D CLA HL . -27.83 -26.74 -40.63
C3D CLA HL . -28.95 -26.53 -41.54
C4D CLA HL . -29.73 -25.56 -41.04
CMD CLA HL . -26.77 -27.78 -40.90
CAD CLA HL . -29.50 -27.05 -42.80
OBD CLA HL . -28.79 -27.57 -43.73
CBD CLA HL . -30.81 -26.38 -43.03
CGD CLA HL . -30.77 -25.79 -44.41
O1D CLA HL . -31.55 -26.17 -45.26
O2D CLA HL . -29.79 -24.79 -44.77
CED CLA HL . -30.23 -23.63 -45.46
C1 CLA HL . -37.43 -26.78 -39.89
C2 CLA HL . -38.07 -26.55 -38.53
C3 CLA HL . -39.34 -26.12 -38.47
C4 CLA HL . -40.10 -25.83 -39.73
C5 CLA HL . -40.07 -25.87 -37.18
C6 CLA HL . -39.35 -26.37 -35.94
C7 CLA HL . -39.76 -25.51 -34.74
C8 CLA HL . -40.78 -26.21 -33.84
C9 CLA HL . -42.20 -25.99 -34.31
C10 CLA HL . -40.63 -25.69 -32.42
C11 CLA HL . -41.02 -26.78 -31.42
C12 CLA HL . -39.92 -27.83 -31.33
C13 CLA HL . -40.04 -28.75 -30.12
C14 CLA HL . -40.91 -28.19 -29.00
C15 CLA HL . -38.65 -29.06 -29.60
MG CLA IL . -30.01 -33.45 -43.48
CHA CLA IL . -31.81 -34.09 -46.39
CHB CLA IL . -32.10 -30.75 -42.96
CHC CLA IL . -28.38 -32.92 -40.57
CHD CLA IL . -27.91 -36.24 -44.14
NA CLA IL . -31.76 -32.51 -44.52
C1A CLA IL . -32.31 -32.89 -45.61
C2A CLA IL . -33.45 -32.03 -46.05
C3A CLA IL . -33.49 -30.98 -44.96
C4A CLA IL . -32.38 -31.43 -44.08
CMA CLA IL . -33.57 -29.51 -45.36
CAA CLA IL . -34.78 -32.81 -46.01
CBA CLA IL . -35.12 -33.32 -44.61
CGA CLA IL . -35.59 -34.75 -44.63
O1A CLA IL . -35.02 -35.67 -45.19
O2A CLA IL . -36.68 -35.18 -44.01
NB CLA IL . -30.22 -32.05 -41.99
C1B CLA IL . -31.08 -31.01 -41.94
C2B CLA IL . -30.94 -30.16 -40.75
C3B CLA IL . -29.82 -30.82 -40.06
C4B CLA IL . -29.45 -31.98 -40.89
CMB CLA IL . -31.75 -28.94 -40.42
CAB CLA IL . -29.14 -30.49 -38.77
CBB CLA IL . -29.00 -29.27 -38.34
NC CLA IL . -28.42 -34.46 -42.49
C1C CLA IL . -27.86 -34.07 -41.34
C2C CLA IL . -26.72 -34.88 -40.86
C3C CLA IL . -26.61 -35.87 -41.92
C4C CLA IL . -27.69 -35.52 -42.87
CMC CLA IL . -25.90 -34.70 -39.60
CAC CLA IL . -25.61 -37.01 -42.04
CBC CLA IL . -24.27 -36.45 -42.47
ND CLA IL . -29.79 -34.89 -44.86
C1D CLA IL . -28.99 -35.93 -45.09
C2D CLA IL . -29.32 -36.70 -46.33
C3D CLA IL . -30.46 -35.91 -46.80
C4D CLA IL . -30.67 -34.90 -45.93
CMD CLA IL . -28.82 -37.90 -47.08
CAD CLA IL . -31.44 -35.86 -47.90
OBD CLA IL . -31.48 -36.66 -48.91
CBD CLA IL . -32.28 -34.63 -47.72
CGD CLA IL . -31.87 -33.70 -48.81
O1D CLA IL . -30.88 -33.93 -49.47
O2D CLA IL . -32.63 -32.50 -49.10
CED CLA IL . -31.89 -31.31 -49.26
MG CLA JL . -33.09 -10.82 -37.93
CHA CLA JL . -30.67 -13.19 -38.73
CHB CLA JL . -33.30 -12.30 -34.85
CHC CLA JL . -35.27 -8.41 -37.10
CHD CLA JL . -32.75 -9.39 -41.14
NA CLA JL . -32.11 -12.53 -36.88
C1A CLA JL . -31.23 -13.33 -37.35
C2A CLA JL . -30.87 -14.45 -36.40
C3A CLA JL . -31.73 -14.11 -35.19
C4A CLA JL . -32.42 -12.89 -35.66
CMA CLA JL . -32.63 -15.14 -34.55
CAA CLA JL . -29.38 -14.54 -36.13
CBA CLA JL . -29.00 -14.54 -34.68
CGA CLA JL . -28.55 -15.90 -34.23
O1A CLA JL . -29.17 -16.92 -34.38
O2A CLA JL . -27.42 -16.09 -33.57
NB CLA JL . -34.11 -10.42 -36.20
C1B CLA JL . -34.12 -11.10 -35.07
C2B CLA JL . -35.06 -10.58 -34.06
C3B CLA JL . -35.63 -9.43 -34.76
C4B CLA JL . -34.98 -9.41 -36.08
CMB CLA JL . -35.31 -11.13 -32.70
CAB CLA JL . -36.63 -8.41 -34.38
CBB CLA JL . -37.26 -8.39 -33.24
NC CLA JL . -33.81 -9.10 -38.93
C1C CLA JL . -34.79 -8.33 -38.47
C2C CLA JL . -35.38 -7.39 -39.42
C3C CLA JL . -34.61 -7.65 -40.62
C4C CLA JL . -33.68 -8.73 -40.21
CMC CLA JL . -36.49 -6.41 -39.19
CAC CLA JL . -34.75 -7.02 -41.97
CBC CLA JL . -33.61 -6.10 -42.24
ND CLA JL . -32.02 -11.08 -39.58
C1D CLA JL . -31.95 -10.56 -40.80
C2D CLA JL . -31.04 -11.27 -41.72
C3D CLA JL . -30.57 -12.30 -40.83
C4D CLA JL . -31.15 -12.15 -39.64
CMD CLA JL . -30.55 -11.22 -43.12
CAD CLA JL . -29.65 -13.45 -40.84
OBD CLA JL . -29.32 -14.10 -41.89
CBD CLA JL . -29.65 -14.00 -39.48
CGD CLA JL . -30.16 -15.39 -39.61
O1D CLA JL . -29.41 -16.33 -39.69
O2D CLA JL . -31.58 -15.62 -39.61
CED CLA JL . -32.03 -16.83 -39.05
C1 CLA JL . -27.18 -17.40 -32.72
C2 CLA JL . -26.19 -18.42 -33.21
C3 CLA JL . -25.63 -19.30 -32.37
C4 CLA JL . -24.65 -20.29 -32.90
C5 CLA JL . -25.98 -19.29 -30.91
C6 CLA JL . -26.86 -20.49 -30.60
C7 CLA JL . -26.09 -21.54 -29.80
C8 CLA JL . -26.36 -22.94 -30.32
C9 CLA JL . -27.49 -23.60 -29.54
C10 CLA JL . -25.09 -23.77 -30.21
C11 CLA JL . -24.73 -24.40 -31.55
C12 CLA JL . -23.23 -24.33 -31.78
C13 CLA JL . -22.72 -25.46 -32.67
C14 CLA JL . -23.32 -26.80 -32.27
C15 CLA JL . -21.19 -25.51 -32.60
MG CLA KL . -26.31 -10.95 -27.87
CHA CLA KL . -26.58 -11.71 -31.24
CHB CLA KL . -29.74 -10.99 -27.76
CHC CLA KL . -26.08 -10.36 -24.55
CHD CLA KL . -22.79 -10.90 -28.13
NA CLA KL . -27.99 -11.32 -29.28
C1A CLA KL . -27.89 -11.57 -30.53
C2A CLA KL . -29.20 -11.71 -31.21
C3A CLA KL . -30.18 -11.45 -30.10
C4A CLA KL . -29.25 -11.24 -28.97
CMA CLA KL . -31.27 -10.45 -30.38
CAA CLA KL . -29.40 -13.16 -31.62
CBA CLA KL . -29.58 -14.17 -30.50
CGA CLA KL . -28.33 -14.92 -30.14
O1A CLA KL . -28.33 -16.03 -29.64
O2A CLA KL . -27.10 -14.50 -30.28
NB CLA KL . -27.71 -10.72 -26.38
C1B CLA KL . -29.03 -10.74 -26.51
C2B CLA KL . -29.77 -10.50 -25.26
C3B CLA KL . -28.69 -10.32 -24.31
C4B CLA KL . -27.44 -10.46 -25.10
CMB CLA KL . -31.24 -10.47 -25.03
CAB CLA KL . -28.83 -10.02 -22.87
CBB CLA KL . -28.28 -10.76 -21.94
NC CLA KL . -24.68 -10.70 -26.54
C1C CLA KL . -24.78 -10.45 -25.25
C2C CLA KL . -23.51 -10.29 -24.52
C3C CLA KL . -22.55 -10.47 -25.59
C4C CLA KL . -23.37 -10.71 -26.79
CMC CLA KL . -23.30 -10.02 -23.07
CAC CLA KL . -21.05 -10.43 -25.52
CBC CLA KL . -20.53 -11.83 -25.35
ND CLA KL . -24.90 -11.20 -29.25
C1D CLA KL . -23.58 -11.21 -29.33
C2D CLA KL . -23.03 -11.55 -30.67
C3D CLA KL . -24.30 -11.74 -31.38
C4D CLA KL . -25.29 -11.53 -30.54
CMD CLA KL . -21.70 -11.71 -31.33
CAD CLA KL . -24.81 -12.07 -32.71
OBD CLA KL . -24.13 -12.53 -33.69
CBD CLA KL . -26.29 -12.01 -32.68
CGD CLA KL . -26.75 -10.89 -33.52
O1D CLA KL . -26.31 -9.77 -33.36
O2D CLA KL . -27.73 -11.08 -34.57
CED CLA KL . -27.66 -10.23 -35.72
C1 CLA KL . -26.04 -14.85 -29.15
C2 CLA KL . -26.35 -14.54 -27.71
C3 CLA KL . -25.40 -14.49 -26.78
C4 CLA KL . -23.98 -14.76 -27.14
C5 CLA KL . -25.78 -14.15 -25.38
C6 CLA KL . -24.56 -14.08 -24.48
C7 CLA KL . -24.53 -15.28 -23.56
C8 CLA KL . -24.97 -14.99 -22.12
C9 CLA KL . -26.13 -15.89 -21.75
C10 CLA KL . -25.34 -13.53 -21.93
C11 CLA KL . -25.74 -13.24 -20.49
C12 CLA KL . -24.52 -13.20 -19.57
C13 CLA KL . -24.53 -11.91 -18.77
C14 CLA KL . -24.64 -10.70 -19.67
C15 CLA KL . -23.26 -11.87 -17.94
C16 CLA KL . -23.39 -12.79 -16.74
C17 CLA KL . -23.98 -12.05 -15.55
C18 CLA KL . -23.37 -12.58 -14.26
C19 CLA KL . -23.77 -11.70 -13.10
C20 CLA KL . -23.81 -14.01 -14.01
MG CLA LL . -34.27 -13.73 -22.29
CHA CLA LL . -34.24 -13.99 -25.73
CHB CLA LL . -37.71 -13.77 -22.48
CHC CLA LL . -34.31 -13.50 -18.94
CHD CLA LL . -30.74 -13.65 -22.24
NA CLA LL . -35.82 -13.88 -23.89
C1A CLA LL . -35.62 -13.95 -25.14
C2A CLA LL . -36.87 -13.89 -25.97
C3A CLA LL . -37.92 -13.81 -24.89
C4A CLA LL . -37.11 -13.82 -23.67
CMA CLA LL . -38.89 -12.65 -25.02
CAA CLA LL . -37.13 -15.12 -26.83
CBA CLA LL . -36.71 -16.42 -26.17
CGA CLA LL . -36.18 -17.28 -27.28
O1A CLA LL . -34.99 -17.49 -27.47
O2A CLA LL . -36.92 -17.89 -28.17
NB CLA LL . -35.79 -13.65 -20.93
C1B CLA LL . -37.11 -13.72 -21.14
C2B CLA LL . -37.93 -13.69 -19.91
C3B CLA LL . -36.88 -13.60 -18.89
C4B CLA LL . -35.60 -13.58 -19.62
CMB CLA LL . -39.42 -13.76 -19.79
CAB CLA LL . -36.89 -13.54 -17.42
CBB CLA LL . -37.99 -13.39 -16.74
NC CLA LL . -32.75 -13.70 -20.81
C1C CLA LL . -32.96 -13.54 -19.52
C2C CLA LL . -31.78 -13.41 -18.67
C3C CLA LL . -30.72 -13.51 -19.66
C4C CLA LL . -31.43 -13.68 -20.94
CMC CLA LL . -31.70 -13.21 -17.19
CAC CLA LL . -29.24 -13.46 -19.44
CBC CLA LL . -28.75 -14.87 -19.38
ND CLA LL . -32.74 -13.77 -23.56
C1D CLA LL . -31.42 -13.80 -23.51
C2D CLA LL . -30.76 -13.96 -24.84
C3D CLA LL . -31.96 -14.03 -25.67
C4D CLA LL . -33.03 -13.92 -24.91
CMD CLA LL . -29.39 -14.07 -25.40
CAD CLA LL . -32.35 -14.18 -27.08
OBD CLA LL . -31.57 -14.26 -28.07
CBD CLA LL . -33.82 -14.01 -27.17
CGD CLA LL . -34.14 -12.65 -27.66
O1D CLA LL . -34.34 -11.77 -26.86
O2D CLA LL . -34.21 -12.26 -29.03
CED CLA LL . -34.70 -10.95 -29.22
C1 CLA LL . -37.21 -19.46 -28.03
C2 CLA LL . -36.50 -20.29 -27.00
C3 CLA LL . -35.61 -21.23 -27.34
C4 CLA LL . -35.28 -21.46 -28.79
C5 CLA LL . -34.92 -22.04 -26.28
MG CLA ML . -73.70 21.86 -25.65
CHA CLA ML . -71.72 24.55 -24.65
CHB CLA ML . -76.23 24.13 -26.15
CHC CLA ML . -75.63 19.28 -26.67
CHD CLA ML . -71.01 19.64 -25.11
NA CLA ML . -73.97 24.05 -25.46
C1A CLA ML . -73.11 24.92 -25.06
C2A CLA ML . -73.65 26.32 -25.04
C3A CLA ML . -75.08 26.12 -25.48
C4A CLA ML . -75.10 24.67 -25.72
CMA CLA ML . -76.18 26.64 -24.60
CAA CLA ML . -73.02 27.29 -26.05
CBA CLA ML . -72.14 26.69 -27.13
CGA CLA ML . -72.95 26.00 -28.17
O1A CLA ML . -73.57 26.57 -29.06
O2A CLA ML . -73.08 24.71 -28.21
NB CLA ML . -75.65 21.75 -26.31
C1B CLA ML . -76.52 22.73 -26.44
C2B CLA ML . -77.86 22.32 -26.92
C3B CLA ML . -77.66 20.88 -27.06
C4B CLA ML . -76.26 20.61 -26.66
CMB CLA ML . -79.05 23.20 -27.17
CAB CLA ML . -78.58 19.82 -27.51
CBB CLA ML . -79.46 20.03 -28.45
NC CLA ML . -73.35 19.78 -25.90
C1C CLA ML . -74.24 18.91 -26.35
C2C CLA ML . -73.76 17.53 -26.51
C3C CLA ML . -72.38 17.66 -26.09
C4C CLA ML . -72.22 19.07 -25.72
CMC CLA ML . -74.49 16.32 -27.00
CAC CLA ML . -71.34 16.57 -26.03
CBC CLA ML . -70.53 16.62 -27.29
ND CLA ML . -71.80 21.91 -25.06
C1D CLA ML . -70.81 21.06 -24.84
C2D CLA ML . -69.57 21.66 -24.30
C3D CLA ML . -70.01 23.06 -24.26
C4D CLA ML . -71.26 23.14 -24.69
CMD CLA ML . -68.21 21.22 -23.89
CAD CLA ML . -69.52 24.41 -23.88
OBD CLA ML . -68.35 24.66 -23.46
CBD CLA ML . -70.58 25.41 -24.17
CGD CLA ML . -70.88 26.16 -22.90
O1D CLA ML . -70.42 25.77 -21.85
O2D CLA ML . -71.73 27.34 -22.88
CED CLA ML . -71.24 28.66 -22.79
C1 CLA ML . -71.80 23.76 -28.27
C2 CLA ML . -71.94 22.45 -29.02
C3 CLA ML . -71.06 21.46 -28.96
C4 CLA ML . -69.81 21.59 -28.14
C5 CLA ML . -71.32 20.19 -29.75
C6 CLA ML . -72.72 19.70 -29.50
C7 CLA ML . -73.65 19.99 -30.67
C8 CLA ML . -74.31 18.72 -31.19
C9 CLA ML . -74.53 18.85 -32.70
C10 CLA ML . -75.62 18.51 -30.42
C11 CLA ML . -76.81 18.15 -31.29
C12 CLA ML . -77.59 16.99 -30.68
C13 CLA ML . -78.90 16.75 -31.41
C14 CLA ML . -79.69 18.04 -31.59
C15 CLA ML . -79.71 15.71 -30.65
MG CLA NL . -74.63 14.35 -24.00
CHA CLA NL . -77.69 14.40 -25.64
CHB CLA NL . -74.27 11.12 -25.10
CHC CLA NL . -71.57 14.44 -22.65
CHD CLA NL . -75.17 17.70 -22.91
NA CLA NL . -75.81 12.91 -25.23
C1A CLA NL . -76.96 13.10 -25.74
C2A CLA NL . -77.51 11.91 -26.48
C3A CLA NL . -76.43 10.89 -26.23
C4A CLA NL . -75.43 11.69 -25.47
CMA CLA NL . -76.90 9.58 -25.63
CAA CLA NL . -77.45 12.22 -27.96
CBA CLA NL . -77.66 11.02 -28.87
CGA CLA NL . -78.71 11.36 -29.89
O1A CLA NL . -79.00 10.68 -30.86
O2A CLA NL . -79.45 12.45 -29.86
NB CLA NL . -73.12 12.97 -23.91
C1B CLA NL . -73.16 11.70 -24.35
C2B CLA NL . -71.93 10.94 -24.04
C3B CLA NL . -71.15 11.93 -23.30
C4B CLA NL . -71.96 13.15 -23.27
CMB CLA NL . -71.58 9.51 -24.36
CAB CLA NL . -69.79 11.70 -22.75
CBB CLA NL . -69.46 12.03 -21.52
NC CLA NL . -73.56 15.83 -22.91
C1C CLA NL . -72.32 15.69 -22.49
C2C CLA NL . -71.71 16.88 -21.87
C3C CLA NL . -72.80 17.83 -21.94
C4C CLA NL . -73.88 17.10 -22.60
CMC CLA NL . -70.33 17.06 -21.32
CAC CLA NL . -72.82 19.27 -21.48
CBC CLA NL . -73.58 19.40 -20.19
ND CLA NL . -76.01 15.79 -24.14
C1D CLA NL . -76.18 17.04 -23.74
C2D CLA NL . -77.45 17.67 -24.19
C3D CLA NL . -78.00 16.55 -24.93
C4D CLA NL . -77.15 15.53 -24.87
CMD CLA NL . -78.16 18.96 -24.07
CAD CLA NL . -79.19 16.21 -25.72
OBD CLA NL . -80.00 17.06 -26.22
CBD CLA NL . -78.97 14.86 -26.29
CGD CLA NL . -80.10 13.98 -25.90
O1D CLA NL . -80.33 13.79 -24.73
O2D CLA NL . -80.91 13.36 -26.91
CED CLA NL . -82.31 13.44 -26.76
MG CLA OL . -62.10 9.19 -30.77
CHA CLA OL . -62.66 6.12 -29.26
CHB CLA OL . -60.79 7.46 -33.42
CHC CLA OL . -61.67 12.17 -32.27
CHD CLA OL . -63.34 10.84 -27.90
NA CLA OL . -61.77 7.04 -31.31
C1A CLA OL . -62.05 6.02 -30.62
C2A CLA OL . -61.63 4.72 -31.24
C3A CLA OL . -61.02 5.19 -32.53
C4A CLA OL . -61.20 6.66 -32.43
CMA CLA OL . -59.64 4.67 -32.88
CAA CLA OL . -62.85 3.84 -31.54
CBA CLA OL . -63.58 4.18 -32.84
CGA CLA OL . -64.97 4.65 -32.53
O1A CLA OL . -65.81 4.92 -33.39
O2A CLA OL . -65.45 4.84 -31.32
NB CLA OL . -61.34 9.72 -32.60
C1B CLA OL . -60.85 8.92 -33.54
C2B CLA OL . -60.36 9.62 -34.74
C3B CLA OL . -60.61 11.01 -34.40
C4B CLA OL . -61.23 10.99 -33.05
CMB CLA OL . -59.76 9.05 -35.98
CAB CLA OL . -60.30 12.16 -35.29
CBB CLA OL . -60.00 13.37 -34.89
NC CLA OL . -62.54 11.18 -30.21
C1C CLA OL . -62.27 12.26 -30.93
C2C CLA OL . -62.59 13.56 -30.31
C3C CLA OL . -63.14 13.13 -29.03
C4C CLA OL . -63.04 11.67 -29.06
CMC CLA OL . -62.43 14.94 -30.84
CAC CLA OL . -63.66 13.98 -27.91
CBC CLA OL . -62.56 14.35 -26.95
ND CLA OL . -62.83 8.75 -28.97
C1D CLA OL . -63.32 9.38 -27.92
C2D CLA OL . -63.80 8.52 -26.83
C3D CLA OL . -63.50 7.22 -27.43
C4D CLA OL . -62.97 7.41 -28.63
CMD CLA OL . -64.42 8.66 -25.47
CAD CLA OL . -63.62 5.78 -27.14
OBD CLA OL . -64.50 5.28 -26.38
CBD CLA OL . -63.00 5.03 -28.26
CGD CLA OL . -61.74 4.41 -27.77
O1D CLA OL . -60.82 5.10 -27.42
O2D CLA OL . -61.60 2.98 -27.67
CED CLA OL . -61.09 2.42 -26.47
C1 CLA OL . -66.36 6.11 -30.98
C2 CLA OL . -66.02 7.46 -31.56
C3 CLA OL . -66.25 8.59 -30.88
C4 CLA OL . -66.86 8.52 -29.51
C5 CLA OL . -65.89 9.90 -31.52
C6 CLA OL . -66.21 11.07 -30.59
C7 CLA OL . -67.49 11.78 -31.03
C8 CLA OL . -67.28 13.20 -31.57
C9 CLA OL . -65.83 13.66 -31.55
C10 CLA OL . -68.14 14.20 -30.79
C11 CLA OL . -69.45 14.53 -31.51
C12 CLA OL . -69.33 14.40 -33.03
C13 CLA OL . -70.30 15.31 -33.76
C14 CLA OL . -71.71 15.18 -33.21
C15 CLA OL . -70.22 14.99 -35.26
C16 CLA OL . -71.46 15.43 -36.01
C17 CLA OL . -71.13 16.42 -37.13
C18 CLA OL . -72.35 16.69 -37.99
C19 CLA OL . -73.50 17.25 -37.17
C20 CLA OL . -72.01 17.60 -39.16
C1 PQN PL . -59.94 13.60 -21.19
O1 PQN PL . -58.91 14.01 -21.73
C2 PQN PL . -61.25 14.10 -21.66
C2M PQN PL . -61.29 15.11 -22.77
C3 PQN PL . -62.48 13.60 -21.02
C4 PQN PL . -62.39 12.61 -19.93
O4 PQN PL . -63.42 12.19 -19.38
C5 PQN PL . -61.09 12.12 -19.46
C6 PQN PL . -61.03 11.19 -18.45
C7 PQN PL . -59.78 10.74 -18.03
C8 PQN PL . -58.62 11.19 -18.62
C9 PQN PL . -58.65 12.13 -19.65
C10 PQN PL . -59.86 12.60 -20.09
C11 PQN PL . -63.82 14.09 -21.47
C12 PQN PL . -64.22 13.24 -22.66
C13 PQN PL . -65.43 13.26 -23.18
C14 PQN PL . -66.48 14.13 -22.57
C15 PQN PL . -65.75 12.37 -24.35
C16 PQN PL . -66.27 13.20 -25.50
C17 PQN PL . -67.06 12.35 -26.48
C18 PQN PL . -68.29 13.11 -26.92
C19 PQN PL . -69.07 13.54 -25.69
C20 PQN PL . -69.13 12.25 -27.85
C21 PQN PL . -70.62 12.52 -27.73
C22 PQN PL . -71.39 12.46 -29.05
C23 PQN PL . -72.79 12.98 -28.83
C24 PQN PL . -73.75 11.83 -28.61
C25 PQN PL . -73.24 13.87 -29.99
C26 PQN PL . -73.81 13.06 -31.14
C27 PQN PL . -75.10 13.68 -31.68
C28 PQN PL . -75.13 13.64 -33.20
C29 PQN PL . -74.73 12.26 -33.73
C30 PQN PL . -76.50 14.03 -33.74
FE1 SF4 QL . -56.35 8.62 -9.98
FE2 SF4 QL . -54.11 7.58 -8.88
FE3 SF4 QL . -56.52 6.45 -8.38
FE4 SF4 QL . -55.90 8.88 -7.32
S1 SF4 QL . -54.89 6.90 -6.86
S2 SF4 QL . -57.86 8.28 -8.33
S3 SF4 QL . -54.66 9.78 -8.99
S4 SF4 QL . -55.47 6.58 -10.39
C1 BCR RL . -48.86 -47.01 -33.32
C2 BCR RL . -47.87 -47.52 -32.29
C3 BCR RL . -46.45 -47.06 -32.56
C4 BCR RL . -46.41 -45.55 -32.60
C5 BCR RL . -47.30 -45.10 -33.72
C6 BCR RL . -48.50 -45.67 -33.93
C7 BCR RL . -49.51 -44.95 -34.72
C8 BCR RL . -49.72 -45.06 -36.03
C9 BCR RL . -50.63 -44.36 -36.57
C10 BCR RL . -50.37 -43.66 -37.56
C11 BCR RL . -50.80 -43.23 -38.57
C33 BCR RL . -46.81 -43.96 -34.57
C31 BCR RL . -50.21 -46.85 -32.66
C32 BCR RL . -49.03 -48.04 -34.42
C34 BCR RL . -52.03 -44.38 -36.04
C12 BCR RL . -51.22 -42.76 -39.64
C13 BCR RL . -52.19 -42.45 -40.68
C14 BCR RL . -51.84 -41.60 -41.65
C15 BCR RL . -52.75 -41.23 -42.71
C16 BCR RL . -53.05 -40.65 -43.87
C17 BCR RL . -52.92 -40.09 -44.93
C18 BCR RL . -52.39 -39.28 -45.83
C19 BCR RL . -52.98 -39.07 -47.17
C20 BCR RL . -52.78 -38.82 -48.45
C21 BCR RL . -52.96 -38.62 -49.62
C22 BCR RL . -52.74 -38.18 -50.86
C23 BCR RL . -53.69 -38.47 -51.94
C24 BCR RL . -53.85 -37.64 -52.96
C25 BCR RL . -54.80 -37.93 -54.06
C26 BCR RL . -56.07 -37.52 -53.99
C27 BCR RL . -57.01 -37.68 -55.14
C28 BCR RL . -56.20 -37.43 -56.38
C29 BCR RL . -55.16 -38.53 -56.50
C30 BCR RL . -54.29 -38.68 -55.26
C35 BCR RL . -53.55 -43.07 -40.67
C36 BCR RL . -51.11 -38.57 -45.49
C37 BCR RL . -51.51 -37.40 -51.16
C38 BCR RL . -56.60 -36.89 -52.74
C39 BCR RL . -52.90 -38.17 -55.58
C40 BCR RL . -54.25 -40.16 -54.94
C1 BCR SL . -64.37 -19.11 -51.21
C2 BCR SL . -64.38 -17.91 -50.28
C3 BCR SL . -63.34 -16.88 -50.68
C4 BCR SL . -61.96 -17.51 -50.56
C5 BCR SL . -61.92 -18.76 -51.37
C6 BCR SL . -62.95 -19.60 -51.40
C7 BCR SL . -62.67 -21.05 -51.62
C8 BCR SL . -63.01 -21.64 -52.76
C9 BCR SL . -62.79 -22.86 -52.99
C10 BCR SL . -62.56 -23.70 -52.12
C11 BCR SL . -62.33 -24.86 -52.06
C33 BCR SL . -60.67 -19.07 -52.15
C31 BCR SL . -64.93 -18.72 -52.57
C32 BCR SL . -65.24 -20.19 -50.59
C34 BCR SL . -62.79 -23.36 -54.42
C12 BCR SL . -62.04 -26.07 -51.85
C13 BCR SL . -61.80 -27.46 -52.21
C14 BCR SL . -61.23 -28.25 -51.32
C15 BCR SL . -60.91 -29.65 -51.56
C16 BCR SL . -60.43 -30.80 -51.11
C17 BCR SL . -60.06 -31.92 -50.92
C18 BCR SL . -59.52 -32.87 -50.16
C19 BCR SL . -59.29 -34.26 -50.56
C20 BCR SL . -58.99 -35.46 -50.11
C21 BCR SL . -58.70 -36.62 -50.04
C22 BCR SL . -58.24 -37.74 -49.49
C23 BCR SL . -58.17 -39.00 -50.24
C24 BCR SL . -58.05 -40.15 -49.58
C25 BCR SL . -57.95 -41.43 -50.31
C26 BCR SL . -56.76 -41.78 -50.80
C27 BCR SL . -56.67 -42.40 -52.17
C28 BCR SL . -57.75 -43.45 -52.29
C29 BCR SL . -59.11 -42.87 -51.93
C30 BCR SL . -59.13 -42.35 -50.50
C35 BCR SL . -62.19 -27.97 -53.58
C36 BCR SL . -59.09 -32.48 -48.79
C37 BCR SL . -57.78 -37.72 -48.07
C38 BCR SL . -55.52 -41.58 -49.99
C39 BCR SL . -58.97 -43.50 -49.53
C40 BCR SL . -60.44 -41.63 -50.23
C1 BCR TL . -63.42 -36.17 -50.44
C2 BCR TL . -64.01 -37.38 -51.13
C3 BCR TL . -65.29 -37.04 -51.88
C4 BCR TL . -66.34 -36.53 -50.91
C5 BCR TL . -65.75 -35.35 -50.17
C6 BCR TL . -64.50 -35.41 -49.69
C7 BCR TL . -64.20 -34.73 -48.40
C8 BCR TL . -63.56 -33.57 -48.32
C9 BCR TL . -63.35 -33.04 -47.18
C10 BCR TL . -62.33 -32.32 -47.00
C11 BCR TL . -61.93 -31.23 -46.87
C33 BCR TL . -66.59 -34.13 -49.98
C31 BCR TL . -62.83 -35.22 -51.46
C32 BCR TL . -62.36 -36.65 -49.44
C34 BCR TL . -64.32 -33.23 -46.07
C12 BCR TL . -61.44 -30.07 -46.77
C13 BCR TL . -61.08 -28.84 -46.06
C14 BCR TL . -60.39 -27.90 -46.71
C15 BCR TL . -59.96 -26.64 -46.12
C16 BCR TL . -59.26 -25.51 -46.23
C17 BCR TL . -58.74 -24.45 -46.03
C18 BCR TL . -57.97 -23.39 -46.30
C19 BCR TL . -57.83 -22.28 -45.35
C20 BCR TL . -57.49 -21.02 -45.10
C21 BCR TL . -57.06 -19.93 -45.26
C22 BCR TL . -56.77 -18.78 -45.87
C23 BCR TL . -56.18 -17.64 -45.16
C24 BCR TL . -56.89 -17.02 -44.23
C25 BCR TL . -56.40 -15.85 -43.48
C26 BCR TL . -55.65 -15.97 -42.38
C27 BCR TL . -56.01 -15.13 -41.19
C28 BCR TL . -56.10 -13.70 -41.67
C29 BCR TL . -57.12 -13.57 -42.79
C30 BCR TL . -56.79 -14.47 -43.95
C35 BCR TL . -61.45 -28.65 -44.62
C36 BCR TL . -57.24 -23.33 -47.60
C37 BCR TL . -57.01 -18.67 -47.35
C38 BCR TL . -54.50 -16.90 -42.27
C39 BCR TL . -55.63 -13.88 -44.73
C40 BCR TL . -58.02 -14.57 -44.84
C1 BCR UL . -51.65 -20.80 -18.75
C2 BCR UL . -51.69 -20.10 -17.42
C3 BCR UL . -51.77 -18.59 -17.63
C4 BCR UL . -50.50 -18.12 -18.31
C5 BCR UL . -50.35 -18.90 -19.59
C6 BCR UL . -50.62 -20.19 -19.66
C7 BCR UL . -49.94 -21.05 -20.65
C8 BCR UL . -48.65 -21.34 -20.52
C9 BCR UL . -48.03 -22.06 -21.36
C10 BCR UL . -46.80 -21.98 -21.39
C11 BCR UL . -45.83 -22.60 -21.42
C33 BCR UL . -49.91 -18.15 -20.81
C31 BCR UL . -52.95 -20.59 -19.48
C32 BCR UL . -51.40 -22.28 -18.56
C34 BCR UL . -48.72 -22.98 -22.30
C12 BCR UL . -44.75 -23.22 -21.44
C13 BCR UL . -43.80 -24.24 -21.87
C14 BCR UL . -42.58 -24.17 -21.35
C15 BCR UL . -41.53 -25.11 -21.70
C16 BCR UL . -40.29 -25.52 -21.55
C17 BCR UL . -39.27 -26.14 -21.65
C18 BCR UL . -38.02 -26.47 -21.38
C19 BCR UL . -37.31 -25.70 -20.36
C20 BCR UL . -36.18 -25.25 -19.87
C21 BCR UL . -35.39 -24.68 -19.17
C22 BCR UL . -34.29 -24.45 -18.47
C23 BCR UL . -34.11 -23.16 -17.81
C24 BCR UL . -33.50 -23.11 -16.64
C25 BCR UL . -33.31 -21.81 -15.96
C26 BCR UL . -32.09 -21.27 -16.01
C27 BCR UL . -31.89 -19.80 -15.78
C28 BCR UL . -32.87 -19.24 -14.77
C29 BCR UL . -33.82 -20.27 -14.17
C30 BCR UL . -34.44 -21.16 -15.22
C35 BCR UL . -44.18 -25.29 -22.86
C36 BCR UL . -37.32 -27.58 -22.10
C37 BCR UL . -33.23 -25.50 -18.34
C38 BCR UL . -30.89 -22.11 -16.30
C39 BCR UL . -35.37 -20.39 -16.16
C40 BCR UL . -35.27 -22.21 -14.52
C1 BCR VL . -45.87 -13.07 -22.24
C2 BCR VL . -46.61 -12.55 -21.03
C3 BCR VL . -47.11 -13.74 -20.23
C4 BCR VL . -48.19 -14.42 -21.01
C5 BCR VL . -47.74 -14.70 -22.42
C6 BCR VL . -46.73 -14.06 -22.99
C7 BCR VL . -46.47 -14.28 -24.42
C8 BCR VL . -45.58 -15.17 -24.85
C9 BCR VL . -45.40 -15.33 -26.09
C10 BCR VL . -45.19 -16.47 -26.54
C11 BCR VL . -44.42 -17.14 -27.08
C33 BCR VL . -48.50 -15.76 -23.16
C31 BCR VL . -44.60 -13.75 -21.76
C32 BCR VL . -45.53 -11.92 -23.16
C34 BCR VL . -45.44 -14.21 -27.06
C12 BCR VL . -43.61 -17.91 -27.61
C13 BCR VL . -42.79 -18.48 -28.68
C14 BCR VL . -41.90 -19.37 -28.31
C15 BCR VL . -41.03 -20.03 -29.25
C16 BCR VL . -40.23 -21.03 -29.52
C17 BCR VL . -39.47 -21.79 -30.02
C18 BCR VL . -38.81 -22.93 -30.12
C19 BCR VL . -37.84 -23.18 -31.16
C20 BCR VL . -37.27 -24.10 -31.91
C21 BCR VL . -36.56 -24.67 -32.66
C22 BCR VL . -36.07 -25.68 -33.35
C23 BCR VL . -34.88 -25.46 -34.17
C24 BCR VL . -34.50 -26.42 -35.01
C25 BCR VL . -33.31 -26.24 -35.84
C26 BCR VL . -33.40 -25.80 -37.08
C27 BCR VL . -32.49 -26.34 -38.14
C28 BCR VL . -31.09 -26.49 -37.57
C29 BCR VL . -31.12 -27.28 -36.28
C30 BCR VL . -31.95 -26.57 -35.24
C35 BCR VL . -42.94 -18.10 -30.12
C36 BCR VL . -39.08 -24.01 -29.12
C37 BCR VL . -36.71 -27.03 -33.29
C38 BCR VL . -34.43 -24.80 -37.51
C39 BCR VL . -31.30 -25.26 -34.83
C40 BCR VL . -32.10 -27.49 -34.04
C1 BCR WL . -54.65 2.78 -41.49
C2 BCR WL . -53.29 2.79 -40.84
C3 BCR WL . -53.08 1.52 -40.04
C4 BCR WL . -54.11 1.40 -38.93
C5 BCR WL . -55.46 1.49 -39.58
C6 BCR WL . -55.69 2.46 -40.46
C7 BCR WL . -56.99 3.15 -40.43
C8 BCR WL . -57.26 4.18 -39.62
C9 BCR WL . -58.42 4.68 -39.69
C10 BCR WL . -58.63 5.88 -39.49
C11 BCR WL . -58.22 6.99 -39.50
C33 BCR WL . -56.51 0.48 -39.29
C31 BCR WL . -54.70 1.64 -42.49
C32 BCR WL . -54.94 4.10 -42.17
C34 BCR WL . -59.60 3.81 -40.02
C12 BCR WL . -57.92 8.20 -39.54
C13 BCR WL . -57.29 9.44 -39.10
C14 BCR WL . -58.00 10.56 -39.28
C15 BCR WL . -57.54 11.89 -38.89
C16 BCR WL . -57.82 13.15 -38.63
C17 BCR WL . -57.75 14.31 -38.34
C18 BCR WL . -58.19 15.54 -38.07
C19 BCR WL . -59.62 15.85 -38.12
C20 BCR WL . -60.47 16.83 -38.20
C21 BCR WL . -61.47 17.49 -38.26
C22 BCR WL . -62.23 18.54 -38.01
C23 BCR WL . -63.58 18.65 -38.53
C24 BCR WL . -64.57 18.92 -37.71
C25 BCR WL . -65.96 19.08 -38.19
C26 BCR WL . -66.50 20.29 -38.00
C27 BCR WL . -67.99 20.48 -37.94
C28 BCR WL . -68.63 19.55 -38.95
C29 BCR WL . -68.20 18.13 -38.63
C30 BCR WL . -66.72 17.96 -38.87
C35 BCR WL . -55.93 9.47 -38.50
C36 BCR WL . -57.29 16.67 -37.73
C37 BCR WL . -61.67 19.67 -37.20
C38 BCR WL . -65.61 21.47 -37.79
C39 BCR WL . -66.45 18.04 -40.37
C40 BCR WL . -66.31 16.60 -38.34
O1 LHG XL . -68.80 -2.19 -15.05
C1 LHG XL . -67.47 -2.53 -15.48
C2 LHG XL . -67.08 -1.58 -16.60
O2 LHG XL . -66.59 -2.34 -17.71
C3 LHG XL . -65.99 -0.64 -16.11
O3 LHG XL . -64.90 -0.66 -17.02
P LHG XL . -64.48 0.68 -17.79
O4 LHG XL . -65.72 1.44 -18.14
O5 LHG XL . -63.42 1.33 -16.95
O6 LHG XL . -63.83 0.12 -19.15
C4 LHG XL . -63.81 0.94 -20.32
C5 LHG XL . -62.74 0.49 -21.30
C6 LHG XL . -62.11 -0.85 -20.93
O7 LHG XL . -63.32 0.36 -22.59
C7 LHG XL . -63.70 1.64 -23.13
O9 LHG XL . -62.90 2.55 -23.16
C8 LHG XL . -65.09 1.83 -23.68
C9 LHG XL . -65.10 1.41 -25.13
C10 LHG XL . -66.29 2.03 -25.82
O8 LHG XL . -61.37 -1.38 -22.04
C23 LHG XL . -61.93 -2.37 -22.94
O10 LHG XL . -63.13 -2.57 -22.91
C24 LHG XL . -61.08 -3.16 -23.90
C11 LHG XL . -66.09 2.09 -27.33
C12 LHG XL . -67.08 3.06 -27.96
C13 LHG XL . -67.26 2.84 -29.45
C14 LHG XL . -66.85 1.44 -29.89
C15 LHG XL . -66.68 1.34 -31.40
C16 LHG XL . -65.37 0.67 -31.76
C17 LHG XL . -65.42 0.06 -33.15
C18 LHG XL . -64.50 -1.15 -33.21
C19 LHG XL . -64.03 -1.43 -34.62
C25 LHG XL . -60.26 -2.24 -24.80
C26 LHG XL . -58.79 -2.24 -24.41
C27 LHG XL . -57.86 -2.01 -25.59
C28 LHG XL . -57.73 -0.53 -25.94
C29 LHG XL . -56.52 -0.26 -26.80
C30 LHG XL . -56.53 -1.07 -28.09
C31 LHG XL . -55.57 -0.52 -29.13
C32 LHG XL . -56.29 0.24 -30.24
C33 LHG XL . -55.76 -0.17 -31.61
C34 LHG XL . -55.60 1.02 -32.55
C1 LMG YL . -12.33 -4.48 -31.33
O1 LMG YL . -13.65 -4.85 -30.94
C2 LMG YL . -12.41 -3.49 -32.48
O2 LMG YL . -12.96 -4.17 -33.61
C3 LMG YL . -11.04 -2.96 -32.85
O3 LMG YL . -11.18 -1.84 -33.73
C4 LMG YL . -10.24 -2.53 -31.63
O4 LMG YL . -10.80 -1.34 -31.07
C5 LMG YL . -10.27 -3.63 -30.57
O5 LMG YL . -8.30 -2.56 -29.75
C6 LMG YL . -9.52 -3.19 -29.34
O6 LMG YL . -11.63 -3.89 -30.23
C7 LMG YL . -13.80 -4.88 -29.53
C8 LMG YL . -15.15 -5.47 -29.17
C9 LMG YL . -15.25 -6.88 -29.75
O7 LMG YL . -15.26 -5.49 -27.75
C10 LMG YL . -15.99 -4.36 -27.20
O9 LMG YL . -15.65 -3.23 -27.47
C11 LMG YL . -17.14 -4.61 -26.26
C12 LMG YL . -18.01 -3.37 -26.10
C13 LMG YL . -19.18 -3.70 -25.18
C14 LMG YL . -20.05 -4.80 -25.77
C15 LMG YL . -20.88 -5.49 -24.70
C16 LMG YL . -22.38 -5.37 -24.94
C17 LMG YL . -22.90 -6.38 -25.94
C18 LMG YL . -24.41 -6.34 -25.94
O8 LMG YL . -15.96 -6.86 -30.98
C28 LMG YL . -16.36 -8.07 -31.69
O10 LMG YL . -15.97 -8.22 -32.84
C29 LMG YL . -17.23 -9.12 -31.05
C30 LMG YL . -18.64 -8.64 -30.75
C31 LMG YL . -18.72 -7.77 -29.49
C32 LMG YL . -19.11 -8.55 -28.25
C33 LMG YL . -18.01 -8.54 -27.18
C34 LMG YL . -16.92 -9.57 -27.47
C35 LMG YL . -17.53 -10.91 -27.87
C36 LMG YL . -16.58 -11.69 -28.76
C37 LMG YL . -16.86 -12.91 -29.22
C38 LMG YL . -18.16 -13.59 -28.88
C39 LMG YL . -17.99 -14.32 -27.57
C40 LMG YL . -19.04 -14.87 -26.98
C41 LMG YL . -18.87 -15.59 -25.67
C42 LMG YL . -20.14 -16.36 -25.35
C43 LMG YL . -20.45 -17.43 -26.06
C44 LMG YL . -21.70 -18.19 -25.75
C45 LMG YL . -21.84 -18.39 -24.25
C1B LMT ZL . -18.32 -14.27 -43.19
C2B LMT ZL . -18.09 -12.79 -43.57
C3B LMT ZL . -19.33 -11.98 -43.22
C4B LMT ZL . -20.58 -12.59 -43.90
C5B LMT ZL . -20.63 -14.08 -43.55
C6B LMT ZL . -21.80 -14.74 -44.27
O1B LMT ZL . -18.55 -14.35 -41.83
O2B LMT ZL . -17.00 -12.34 -42.88
O3B LMT ZL . -19.17 -10.66 -43.51
O4' LMT ZL . -21.73 -11.98 -43.45
O5B LMT ZL . -19.43 -14.75 -43.86
O6B LMT ZL . -21.49 -14.90 -45.59
C1' LMT ZL . -17.18 -15.40 -38.10
C2' LMT ZL . -16.29 -14.46 -38.91
C3' LMT ZL . -17.11 -13.85 -40.05
C4' LMT ZL . -17.55 -14.94 -41.02
C5' LMT ZL . -18.23 -16.06 -40.20
C6' LMT ZL . -17.72 -17.45 -40.45
O1' LMT ZL . -16.50 -16.52 -37.75
O2' LMT ZL . -15.90 -13.43 -38.10
O3' LMT ZL . -16.39 -12.93 -40.73
O5' LMT ZL . -18.36 -15.78 -38.81
O6' LMT ZL . -18.18 -17.78 -41.68
C1 LMT ZL . -16.44 -16.77 -36.38
C2 LMT ZL . -17.62 -17.64 -36.10
C3 LMT ZL . -17.69 -18.21 -34.73
C4 LMT ZL . -19.11 -18.66 -34.52
C5 LMT ZL . -19.16 -19.71 -33.48
C6 LMT ZL . -19.42 -21.05 -34.06
C7 LMT ZL . -19.81 -22.02 -33.00
C8 LMT ZL . -21.01 -21.48 -32.29
C1B LMT AM . -34.23 -16.99 -21.39
C2B LMT AM . -34.05 -17.06 -19.86
C3B LMT AM . -35.21 -17.84 -19.23
C4B LMT AM . -36.53 -17.63 -20.02
C5B LMT AM . -36.31 -18.13 -21.45
C6B LMT AM . -37.24 -17.43 -22.41
O1B LMT AM . -32.98 -16.86 -22.00
O2B LMT AM . -32.86 -17.66 -19.58
O3B LMT AM . -35.33 -17.51 -17.92
O4' LMT AM . -37.52 -18.36 -19.46
O5B LMT AM . -34.97 -18.06 -21.89
O6B LMT AM . -38.53 -17.67 -22.07
C1' LMT AM . -30.64 -17.96 -25.08
C2' LMT AM . -32.10 -18.37 -25.33
C3' LMT AM . -32.97 -17.63 -24.28
C4' LMT AM . -32.47 -17.87 -22.84
C5' LMT AM . -30.93 -17.62 -22.85
C6' LMT AM . -30.26 -17.77 -21.52
O1' LMT AM . -29.80 -18.57 -25.98
O2' LMT AM . -32.48 -17.95 -26.57
O3' LMT AM . -34.26 -18.03 -24.39
O5' LMT AM . -30.28 -18.42 -23.80
O6' LMT AM . -28.91 -17.76 -21.78
C1 LMT AM . -29.01 -17.66 -26.69
C2 LMT AM . -27.80 -18.45 -27.06
C3 LMT AM . -26.88 -18.76 -25.94
C4 LMT AM . -25.62 -17.95 -26.15
C5 LMT AM . -24.93 -18.36 -27.41
MG CLA BM . -39.40 16.79 -34.10
CHA CLA BM . -39.89 19.81 -32.45
CHB CLA BM . -40.93 15.25 -31.48
CHC CLA BM . -39.06 13.90 -35.81
CHD CLA BM . -37.71 18.49 -36.68
NA CLA BM . -40.31 17.42 -32.18
C1A CLA BM . -40.35 18.60 -31.70
C2A CLA BM . -40.85 18.65 -30.31
C3A CLA BM . -41.06 17.21 -30.03
C4A CLA BM . -40.77 16.57 -31.31
CMA CLA BM . -40.05 16.81 -29.00
CAA CLA BM . -42.26 19.20 -30.28
CBA CLA BM . -42.73 19.29 -28.84
CGA CLA BM . -44.21 19.36 -28.90
O1A CLA BM . -44.94 19.37 -27.94
O2A CLA BM . -44.88 19.38 -30.01
NB CLA BM . -39.93 14.86 -33.69
C1B CLA BM . -40.60 14.41 -32.63
C2B CLA BM . -40.92 12.97 -32.70
C3B CLA BM . -40.35 12.60 -33.99
C4B CLA BM . -39.76 13.83 -34.52
CMB CLA BM . -41.68 12.15 -31.70
CAB CLA BM . -40.29 11.33 -34.73
CBB CLA BM . -40.35 10.15 -34.15
NC CLA BM . -38.59 16.29 -35.98
C1C CLA BM . -38.51 15.07 -36.48
C2C CLA BM . -37.81 14.96 -37.76
C3C CLA BM . -37.46 16.34 -38.02
C4C CLA BM . -37.97 17.07 -36.87
CMC CLA BM . -37.55 13.76 -38.59
CAC CLA BM . -36.72 16.94 -39.16
CBC CLA BM . -35.27 16.73 -38.84
ND CLA BM . -38.85 18.64 -34.58
C1D CLA BM . -38.23 19.24 -35.55
C2D CLA BM . -38.10 20.69 -35.42
C3D CLA BM . -38.79 20.88 -34.15
C4D CLA BM . -39.18 19.67 -33.72
CMD CLA BM . -37.51 21.78 -36.23
CAD CLA BM . -39.17 21.90 -33.19
OBD CLA BM . -39.05 23.17 -33.32
CBD CLA BM . -40.12 21.28 -32.22
CGD CLA BM . -39.80 21.82 -30.88
O1D CLA BM . -38.67 22.12 -30.57
O2D CLA BM . -40.85 22.04 -29.92
CED CLA BM . -41.25 23.38 -29.71
C1 CLA BM . -45.77 20.64 -30.40
C2 CLA BM . -46.26 20.74 -31.81
C3 CLA BM . -46.37 21.92 -32.42
C4 CLA BM . -46.00 23.17 -31.70
C5 CLA BM . -46.85 21.98 -33.83
C6 CLA BM . -45.68 22.57 -34.61
C7 CLA BM . -45.90 22.66 -36.10
C8 CLA BM . -47.35 22.81 -36.49
C9 CLA BM . -47.66 21.94 -37.71
C10 CLA BM . -47.60 24.27 -36.78
C11 CLA BM . -48.25 24.92 -35.57
C12 CLA BM . -48.26 26.43 -35.68
C13 CLA BM . -49.56 26.98 -36.26
C14 CLA BM . -49.90 28.27 -35.54
C15 CLA BM . -50.69 25.97 -36.17
C16 CLA BM . -52.02 26.53 -35.71
C17 CLA BM . -52.54 25.69 -34.57
C18 CLA BM . -53.92 25.12 -34.83
C19 CLA BM . -55.01 26.06 -34.37
C20 CLA BM . -54.14 24.71 -36.28
MG CLA CM . -51.16 19.96 -30.95
CHA CLA CM . -49.40 18.21 -33.36
CHB CLA CM . -53.11 21.15 -33.47
CHC CLA CM . -52.99 21.46 -28.56
CHD CLA CM . -48.99 18.70 -28.45
NA CLA CM . -51.26 19.74 -33.16
C1A CLA CM . -50.49 19.07 -33.92
C2A CLA CM . -50.73 19.28 -35.38
C3A CLA CM . -51.88 20.24 -35.34
C4A CLA CM . -52.11 20.39 -33.90
CMA CLA CM . -51.74 21.53 -36.10
CAA CLA CM . -51.21 18.07 -36.13
CBA CLA CM . -50.92 18.22 -37.61
CGA CLA CM . -52.22 18.32 -38.36
O1A CLA CM . -53.32 18.27 -37.85
O2A CLA CM . -52.32 18.51 -39.66
NB CLA CM . -52.83 21.15 -31.03
C1B CLA CM . -53.51 21.50 -32.11
C2B CLA CM . -54.71 22.31 -31.82
C3B CLA CM . -54.63 22.39 -30.38
C4B CLA CM . -53.43 21.64 -29.96
CMB CLA CM . -55.73 22.88 -32.74
CAB CLA CM . -55.57 23.06 -29.48
CBB CLA CM . -56.83 22.69 -29.44
NC CLA CM . -51.03 20.03 -28.82
C1C CLA CM . -51.80 20.78 -28.04
C2C CLA CM . -51.36 20.88 -26.64
C3C CLA CM . -50.17 20.05 -26.62
C4C CLA CM . -50.06 19.59 -28.01
CMC CLA CM . -51.95 21.62 -25.49
CAC CLA CM . -49.23 19.76 -25.49
CBC CLA CM . -48.02 20.65 -25.53
ND CLA CM . -49.54 18.82 -30.79
C1D CLA CM . -48.82 18.28 -29.82
C2D CLA CM . -47.86 17.25 -30.25
C3D CLA CM . -48.14 17.27 -31.68
C4D CLA CM . -49.09 18.18 -31.93
CMD CLA CM . -46.85 16.35 -29.61
CAD CLA CM . -47.73 16.62 -32.93
OBD CLA CM . -47.44 15.39 -32.95
CBD CLA CM . -48.54 17.19 -34.03
CGD CLA CM . -47.65 17.71 -35.11
O1D CLA CM . -47.94 17.55 -36.28
O2D CLA CM . -46.44 18.39 -34.81
CED CLA CM . -45.86 19.07 -35.91
C1 CLA CM . -53.72 18.97 -40.28
C2 CLA CM . -54.39 18.38 -41.49
C3 CLA CM . -54.94 17.18 -41.45
C4 CLA CM . -54.83 16.38 -40.20
C5 CLA CM . -55.63 16.63 -42.66
C6 CLA CM . -56.11 15.22 -42.39
C7 CLA CM . -57.36 14.94 -43.21
C8 CLA CM . -58.44 14.44 -42.29
C9 CLA CM . -58.52 12.92 -42.36
C10 CLA CM . -59.74 15.14 -42.67
C11 CLA CM . -60.93 14.19 -42.74
C12 CLA CM . -61.89 14.43 -41.58
C13 CLA CM . -63.07 13.48 -41.68
C14 CLA CM . -64.36 14.24 -41.89
C15 CLA CM . -63.14 12.63 -40.42
C16 CLA CM . -61.98 11.64 -40.35
C17 CLA CM . -62.24 10.60 -39.27
C18 CLA CM . -62.10 9.19 -39.83
C19 CLA CM . -62.30 8.17 -38.72
C20 CLA CM . -63.06 8.96 -40.98
MG CLA DM . -39.20 3.98 -20.21
CHA CLA DM . -38.56 1.17 -18.30
CHB CLA DM . -35.86 4.69 -20.08
CHC CLA DM . -39.78 6.48 -22.36
CHD CLA DM . -42.65 3.30 -20.07
NA CLA DM . -37.40 3.07 -19.32
C1A CLA DM . -37.35 2.03 -18.58
C2A CLA DM . -35.99 1.76 -18.05
C3A CLA DM . -35.21 2.94 -18.58
C4A CLA DM . -36.22 3.61 -19.40
CMA CLA DM . -34.42 3.78 -17.61
CAA CLA DM . -35.45 0.57 -18.81
CBA CLA DM . -34.12 0.08 -18.27
CGA CLA DM . -33.03 0.55 -19.18
O1A CLA DM . -33.20 0.79 -20.36
O2A CLA DM . -31.80 0.79 -18.82
NB CLA DM . -37.98 5.38 -21.10
C1B CLA DM . -36.68 5.56 -20.93
C2B CLA DM . -36.10 6.69 -21.68
C3B CLA DM . -37.30 7.20 -22.34
C4B CLA DM . -38.40 6.33 -21.92
CMB CLA DM . -34.69 7.18 -21.73
CAB CLA DM . -37.44 8.32 -23.26
CBB CLA DM . -36.72 8.28 -24.35
NC CLA DM . -40.96 4.75 -21.09
C1C CLA DM . -40.97 5.77 -21.90
C2C CLA DM . -42.27 6.21 -22.34
C3C CLA DM . -43.18 5.30 -21.69
C4C CLA DM . -42.26 4.42 -20.92
CMC CLA DM . -42.49 7.33 -23.28
CAC CLA DM . -44.68 5.36 -21.80
CBC CLA DM . -45.39 4.04 -21.96
ND CLA DM . -40.43 2.63 -19.44
C1D CLA DM . -41.73 2.40 -19.40
C2D CLA DM . -42.14 1.23 -18.61
C3D CLA DM . -40.82 0.78 -18.19
C4D CLA DM . -39.91 1.60 -18.69
CMD CLA DM . -43.44 0.58 -18.25
CAD CLA DM . -40.18 -0.29 -17.41
OBD CLA DM . -40.77 -1.30 -16.90
CBD CLA DM . -38.72 -0.21 -17.71
CGD CLA DM . -37.95 -0.47 -16.47
O1D CLA DM . -38.20 0.10 -15.44
O2D CLA DM . -36.86 -1.42 -16.48
CED CLA DM . -36.60 -2.18 -15.31
C1 CLA DM . -31.00 1.89 -19.62
C2 CLA DM . -31.23 3.36 -19.43
C3 CLA DM . -31.52 4.13 -20.48
C4 CLA DM . -31.64 3.54 -21.84
C5 CLA DM . -31.74 5.60 -20.25
C6 CLA DM . -30.70 6.36 -21.06
C7 CLA DM . -29.31 6.06 -20.51
C8 CLA DM . -28.34 7.11 -20.98
C9 CLA DM . -28.10 6.95 -22.48
C10 CLA DM . -27.06 6.95 -20.20
C11 CLA DM . -26.88 8.12 -19.24
C12 CLA DM . -25.41 8.42 -19.05
C13 CLA DM . -25.14 8.86 -17.63
C14 CLA DM . -25.73 7.89 -16.62
C15 CLA DM . -25.73 10.25 -17.43
C16 CLA DM . -25.63 10.65 -15.98
C17 CLA DM . -24.66 11.80 -15.82
C18 CLA DM . -24.94 12.65 -14.59
C19 CLA DM . -24.38 14.04 -14.80
C20 CLA DM . -26.42 12.72 -14.27
MG CLA EM . -32.61 27.02 -0.98
CHA CLA EM . -33.04 26.04 2.31
CHB CLA EM . -32.55 30.28 0.15
CHC CLA EM . -32.01 27.98 -4.15
CHD CLA EM . -32.78 23.65 -2.04
NA CLA EM . -32.75 28.07 0.97
C1A CLA EM . -32.94 27.52 2.11
C2A CLA EM . -33.00 28.50 3.23
C3A CLA EM . -32.90 29.82 2.51
C4A CLA EM . -32.72 29.37 1.12
CMA CLA EM . -33.99 30.83 2.77
CAA CLA EM . -31.75 28.37 4.09
CBA CLA EM . -30.40 28.60 3.40
CGA CLA EM . -29.87 27.34 2.79
O1A CLA EM . -30.06 26.22 3.19
O2A CLA EM . -29.13 27.29 1.71
NB CLA EM . -32.31 28.86 -1.85
C1B CLA EM . -32.35 30.06 -1.28
C2B CLA EM . -32.17 31.21 -2.21
C3B CLA EM . -32.01 30.49 -3.48
C4B CLA EM . -32.11 29.05 -3.15
CMB CLA EM . -32.16 32.67 -1.88
CAB CLA EM . -31.79 30.96 -4.86
CBB CLA EM . -32.01 32.19 -5.25
NC CLA EM . -32.40 25.97 -2.81
C1C CLA EM . -32.13 26.53 -3.98
C2C CLA EM . -31.95 25.61 -5.11
C3C CLA EM . -32.17 24.32 -4.47
C4C CLA EM . -32.46 24.66 -3.06
CMC CLA EM . -31.61 25.91 -6.54
CAC CLA EM . -32.12 22.95 -5.09
CBC CLA EM . -33.30 22.78 -6.00
ND CLA EM . -32.86 25.20 -0.20
C1D CLA EM . -32.89 23.94 -0.61
C2D CLA EM . -33.06 22.95 0.47
C3D CLA EM . -33.11 23.85 1.61
C4D CLA EM . -33.00 25.10 1.17
CMD CLA EM . -33.16 21.46 0.63
CAD CLA EM . -33.25 23.83 3.08
OBD CLA EM . -33.18 22.78 3.81
CBD CLA EM . -33.12 25.22 3.57
CGD CLA EM . -34.29 25.53 4.44
O1D CLA EM . -34.27 25.24 5.61
O2D CLA EM . -35.46 26.21 3.94
CED CLA EM . -36.35 26.75 4.90
C1 CLA EM . -29.52 26.32 0.50
C2 CLA EM . -29.11 24.87 0.51
C3 CLA EM . -28.80 24.25 -0.64
C4 CLA EM . -28.39 22.82 -0.59
C5 CLA EM . -28.87 25.00 -1.94
C6 CLA EM . -28.19 24.21 -3.04
C7 CLA EM . -27.59 25.15 -4.08
C8 CLA EM . -26.88 24.38 -5.18
C9 CLA EM . -27.87 23.69 -6.11
C10 CLA EM . -25.91 23.35 -4.57
MG CLA FM . -40.28 36.13 -3.39
CHA CLA FM . -40.97 38.97 -5.27
CHB CLA FM . -37.30 35.94 -5.04
CHC CLA FM . -39.57 33.46 -1.45
CHD CLA FM . -43.42 36.45 -1.78
NA CLA FM . -39.23 37.30 -4.94
C1A CLA FM . -39.64 38.34 -5.55
C2A CLA FM . -38.69 38.84 -6.60
C3A CLA FM . -37.61 37.81 -6.52
C4A CLA FM . -38.06 36.96 -5.41
CMA CLA FM . -37.41 37.02 -7.78
CAA CLA FM . -38.09 40.19 -6.22
CBA CLA FM . -36.68 40.44 -6.78
CGA CLA FM . -36.65 40.73 -8.28
O1A CLA FM . -35.64 40.99 -8.90
O2A CLA FM . -37.67 40.74 -9.11
NB CLA FM . -38.64 34.88 -3.26
C1B CLA FM . -37.55 34.93 -4.00
C2B CLA FM . -36.57 33.85 -3.69
C3B CLA FM . -37.26 33.13 -2.64
C4B CLA FM . -38.54 33.84 -2.43
CMB CLA FM . -35.23 33.55 -4.29
CAB CLA FM . -36.72 31.93 -1.96
CBB CLA FM . -36.66 31.82 -0.67
NC CLA FM . -41.31 35.17 -1.81
C1C CLA FM . -40.91 34.03 -1.25
C2C CLA FM . -41.90 33.36 -0.41
C3C CLA FM . -43.03 34.25 -0.50
C4C CLA FM . -42.56 35.32 -1.39
CMC CLA FM . -41.79 32.09 0.35
CAC CLA FM . -44.39 34.10 0.13
CBC CLA FM . -45.38 33.59 -0.88
ND CLA FM . -41.87 37.32 -3.40
C1D CLA FM . -43.04 37.42 -2.79
C2D CLA FM . -43.89 38.56 -3.22
C3D CLA FM . -42.99 39.13 -4.22
C4D CLA FM . -41.88 38.40 -4.26
CMD CLA FM . -45.23 39.13 -2.91
CAD CLA FM . -42.93 40.23 -5.16
OBD CLA FM . -43.89 41.02 -5.44
CBD CLA FM . -41.62 40.17 -5.87
CGD CLA FM . -41.93 39.93 -7.32
O1D CLA FM . -42.06 40.86 -8.06
O2D CLA FM . -42.07 38.61 -7.84
CED CLA FM . -42.11 38.44 -9.24
C1 CLA FM . -38.36 42.12 -9.48
C2 CLA FM . -38.73 43.06 -8.36
C3 CLA FM . -39.80 43.84 -8.41
C4 CLA FM . -40.67 43.79 -9.62
C5 CLA FM . -40.13 44.76 -7.25
C6 CLA FM . -41.12 44.09 -6.31
C7 CLA FM . -40.51 43.81 -4.93
C8 CLA FM . -41.62 43.53 -3.92
C9 CLA FM . -42.15 44.84 -3.36
C10 CLA FM . -41.12 42.66 -2.79
C11 CLA FM . -42.17 42.51 -1.69
C12 CLA FM . -42.15 41.10 -1.12
C13 CLA FM . -42.83 40.93 0.23
C14 CLA FM . -43.62 42.16 0.66
C15 CLA FM . -41.82 40.57 1.29
MG CLA GM . -34.90 33.69 -10.56
CHA CLA GM . -35.01 31.09 -8.25
CHB CLA GM . -38.22 34.11 -10.00
CHC CLA GM . -34.73 36.34 -12.61
CHD CLA GM . -31.44 33.12 -11.02
NA CLA GM . -36.44 32.74 -9.28
C1A CLA GM . -36.32 31.75 -8.49
C2A CLA GM . -37.60 31.33 -7.84
C3A CLA GM . -38.57 32.26 -8.49
C4A CLA GM . -37.69 33.11 -9.29
CMA CLA GM . -39.63 31.57 -9.32
CAA CLA GM . -37.61 31.83 -6.42
CBA CLA GM . -37.46 30.74 -5.37
CGA CLA GM . -38.78 30.06 -5.14
O1A CLA GM . -39.76 30.65 -4.82
O2A CLA GM . -38.98 28.78 -5.27
NB CLA GM . -36.29 35.04 -11.19
C1B CLA GM . -37.59 35.06 -10.91
C2B CLA GM . -38.33 36.15 -11.60
C3B CLA GM . -37.26 36.77 -12.36
C4B CLA GM . -36.03 36.03 -12.05
CMB CLA GM . -39.79 36.47 -11.52
CAB CLA GM . -37.29 37.92 -13.29
CBB CLA GM . -37.88 39.04 -12.95
NC CLA GM . -33.31 34.62 -11.61
C1C CLA GM . -33.45 35.64 -12.44
C2C CLA GM . -32.24 36.03 -13.18
C3C CLA GM . -31.28 35.08 -12.67
C4C CLA GM . -32.04 34.26 -11.72
CMC CLA GM . -32.04 37.13 -14.17
CAC CLA GM . -29.84 34.93 -13.00
CBC CLA GM . -29.68 33.83 -14.02
ND CLA GM . -33.45 32.50 -9.87
C1D CLA GM . -32.17 32.27 -10.10
C2D CLA GM . -31.60 31.13 -9.38
C3D CLA GM . -32.79 30.71 -8.66
C4D CLA GM . -33.80 31.51 -8.97
CMD CLA GM . -30.27 30.42 -9.25
CAD CLA GM . -33.22 29.70 -7.72
OBD CLA GM . -32.44 28.87 -7.17
CBD CLA GM . -34.61 29.97 -7.31
CGD CLA GM . -35.37 28.71 -7.54
O1D CLA GM . -35.56 27.93 -6.63
O2D CLA GM . -35.86 28.39 -8.86
CED CLA GM . -36.64 27.22 -9.02
C1 CLA GM . -39.34 28.19 -6.71
C2 CLA GM . -40.70 27.66 -7.07
C3 CLA GM . -41.03 27.53 -8.35
C4 CLA GM . -42.37 26.99 -8.69
C5 CLA GM . -40.09 27.94 -9.46
C6 CLA GM . -40.74 27.78 -10.82
C7 CLA GM . -39.67 27.50 -11.86
C8 CLA GM . -40.03 28.10 -13.21
C9 CLA GM . -39.01 27.68 -14.25
C10 CLA GM . -40.11 29.61 -13.08
C11 CLA GM . -39.85 30.33 -14.39
C12 CLA GM . -40.02 31.83 -14.27
C13 CLA GM . -38.74 32.60 -13.93
C14 CLA GM . -38.73 33.92 -14.67
C15 CLA GM . -37.49 31.82 -14.29
C16 CLA GM . -36.45 31.96 -13.20
C17 CLA GM . -35.10 31.52 -13.71
C18 CLA GM . -34.46 30.55 -12.75
C19 CLA GM . -35.42 29.44 -12.34
C20 CLA GM . -33.19 29.98 -13.36
MG CLA HM . -16.99 31.70 -14.41
CHA CLA HM . -14.99 29.34 -16.01
CHB CLA HM . -19.65 30.16 -15.88
CHC CLA HM . -18.97 33.93 -12.84
CHD CLA HM . -14.15 33.24 -13.11
NA CLA HM . -17.33 29.97 -15.77
C1A CLA HM . -16.45 29.21 -16.29
C2A CLA HM . -17.00 28.17 -17.20
C3A CLA HM . -18.45 28.51 -17.19
C4A CLA HM . -18.50 29.61 -16.21
CMA CLA HM . -18.97 28.86 -18.55
CAA CLA HM . -16.89 26.74 -16.64
CBA CLA HM . -17.44 26.52 -15.24
CGA CLA HM . -16.42 26.87 -14.20
O1A CLA HM . -15.44 26.20 -13.91
O2A CLA HM . -16.43 27.98 -13.50
NB CLA HM . -19.02 32.00 -14.39
C1B CLA HM . -19.96 31.28 -14.99
C2B CLA HM . -21.34 31.71 -14.71
C3B CLA HM . -21.09 32.83 -13.82
C4B CLA HM . -19.63 32.93 -13.67
CMB CLA HM . -22.64 31.16 -15.20
CAB CLA HM . -22.06 33.70 -13.16
CBB CLA HM . -22.85 33.15 -12.27
NC CLA HM . -16.62 33.28 -13.06
C1C CLA HM . -17.53 34.14 -12.63
C2C CLA HM . -17.02 35.31 -11.92
C3C CLA HM . -15.59 35.07 -11.95
C4C CLA HM . -15.45 33.79 -12.69
CMC CLA HM . -17.79 36.44 -11.31
CAC CLA HM . -14.51 35.94 -11.38
CBC CLA HM . -13.80 35.21 -10.27
ND CLA HM . -15.03 31.49 -14.49
C1D CLA HM . -13.97 32.05 -13.93
C2D CLA HM . -12.68 31.37 -14.20
C3D CLA HM . -13.17 30.29 -15.06
C4D CLA HM . -14.48 30.42 -15.16
CMD CLA HM . -11.25 31.55 -13.85
CAD CLA HM . -12.69 29.12 -15.80
OBD CLA HM . -11.65 28.45 -15.48
CBD CLA HM . -13.84 28.54 -16.54
CGD CLA HM . -13.67 28.83 -17.99
O1D CLA HM . -13.05 29.80 -18.35
O2D CLA HM . -14.25 27.99 -19.01
CED CLA HM . -13.54 27.81 -20.22
C1 CLA HM . -15.79 28.12 -12.06
C2 CLA HM . -16.44 29.04 -11.07
C3 CLA HM . -15.77 30.10 -10.57
C4 CLA HM . -14.37 30.38 -10.99
C5 CLA HM . -16.43 31.02 -9.60
C6 CLA HM . -17.66 31.54 -10.29
C7 CLA HM . -18.80 31.50 -9.31
C8 CLA HM . -19.50 32.83 -9.35
C9 CLA HM . -18.60 33.92 -8.80
C10 CLA HM . -20.78 32.71 -8.55
C11 CLA HM . -21.64 31.60 -9.11
C12 CLA HM . -22.58 31.07 -8.04
C13 CLA HM . -24.02 31.30 -8.48
C14 CLA HM . -24.36 32.79 -8.54
C15 CLA HM . -24.93 30.60 -7.48
C16 CLA HM . -25.86 29.65 -8.22
C17 CLA HM . -25.75 28.25 -7.64
C18 CLA HM . -27.04 27.48 -7.83
C19 CLA HM . -28.22 28.23 -7.22
C20 CLA HM . -27.29 27.18 -9.30
MG CLA IM . -22.99 29.08 -22.02
CHA CLA IM . -23.71 32.41 -22.62
CHB CLA IM . -22.52 29.94 -18.73
CHC CLA IM . -22.33 25.84 -21.42
CHD CLA IM . -23.43 28.34 -25.43
NA CLA IM . -23.09 30.93 -20.79
C1A CLA IM . -23.34 32.10 -21.20
C2A CLA IM . -23.35 33.12 -20.13
C3A CLA IM . -22.91 32.33 -18.93
C4A CLA IM . -22.82 30.97 -19.50
CMA CLA IM . -21.68 32.86 -18.23
CAA CLA IM . -24.81 33.49 -19.84
CBA CLA IM . -25.78 32.44 -19.33
CGA CLA IM . -26.26 31.51 -20.43
O1A CLA IM . -26.74 31.88 -21.47
O2A CLA IM . -26.18 30.22 -20.41
NB CLA IM . -22.50 28.06 -20.32
C1B CLA IM . -22.37 28.52 -19.08
C2B CLA IM . -22.07 27.49 -18.06
C3B CLA IM . -22.01 26.30 -18.90
C4B CLA IM . -22.29 26.75 -20.27
CMB CLA IM . -21.89 27.67 -16.60
CAB CLA IM . -21.75 24.89 -18.57
CBB CLA IM . -21.44 24.46 -17.38
NC CLA IM . -22.97 27.35 -23.23
C1C CLA IM . -22.71 26.13 -22.81
C2C CLA IM . -22.82 25.07 -23.82
C3C CLA IM . -23.20 25.83 -25.00
C4C CLA IM . -23.25 27.21 -24.52
CMC CLA IM . -22.62 23.59 -23.67
CAC CLA IM . -23.47 25.35 -26.38
CBC CLA IM . -24.97 25.21 -26.53
ND CLA IM . -23.38 30.03 -23.72
C1D CLA IM . -23.66 29.70 -24.96
C2D CLA IM . -24.19 30.78 -25.79
C3D CLA IM . -24.17 31.85 -24.81
C4D CLA IM . -23.71 31.37 -23.66
CMD CLA IM . -24.65 30.91 -27.20
CAD CLA IM . -24.53 33.27 -24.67
OBD CLA IM . -25.39 33.84 -25.41
CBD CLA IM . -24.28 33.67 -23.26
CGD CLA IM . -23.42 34.88 -23.18
O1D CLA IM . -23.90 35.97 -23.40
O2D CLA IM . -22.02 34.84 -22.83
CED CLA IM . -21.49 35.93 -22.10
C1 CLA IM . -26.53 29.39 -21.72
C2 CLA IM . -26.53 27.89 -21.64
C3 CLA IM . -26.70 27.11 -22.70
C4 CLA IM . -26.92 27.70 -24.06
C5 CLA IM . -26.69 25.62 -22.55
C6 CLA IM . -25.93 25.25 -21.29
C7 CLA IM . -26.84 24.54 -20.31
C8 CLA IM . -26.42 24.86 -18.89
C9 CLA IM . -27.11 23.91 -17.92
C10 CLA IM . -26.80 26.29 -18.58
C11 CLA IM . -26.13 26.79 -17.31
C12 CLA IM . -25.96 28.30 -17.38
C13 CLA IM . -26.78 28.99 -16.31
C14 CLA IM . -28.20 29.25 -16.80
C15 CLA IM . -26.12 30.31 -15.96
C16 CLA IM . -26.72 30.90 -14.70
C17 CLA IM . -26.21 30.16 -13.48
C18 CLA IM . -26.82 30.70 -12.20
C19 CLA IM . -26.17 32.00 -11.77
C20 CLA IM . -28.32 30.87 -12.37
MG CLA JM . -19.84 19.50 -24.19
CHA CLA JM . -19.13 22.57 -22.80
CHB CLA JM . -19.34 18.15 -21.09
CHC CLA JM . -20.79 16.55 -25.47
CHD CLA JM . -20.14 20.97 -27.37
NA CLA JM . -19.30 20.25 -22.17
C1A CLA JM . -19.05 21.44 -21.83
C2A CLA JM . -18.67 21.59 -20.40
C3A CLA JM . -18.64 20.17 -19.94
C4A CLA JM . -19.14 19.47 -21.14
CMA CLA JM . -17.26 19.79 -19.51
CAA CLA JM . -19.82 22.27 -19.66
CBA CLA JM . -20.82 21.36 -18.94
CGA CLA JM . -22.25 21.78 -19.13
O1A CLA JM . -22.65 22.48 -20.04
O2A CLA JM . -23.25 21.42 -18.34
NB CLA JM . -20.04 17.63 -23.39
C1B CLA JM . -19.78 17.26 -22.15
C2B CLA JM . -20.00 15.82 -21.90
C3B CLA JM . -20.42 15.35 -23.21
C4B CLA JM . -20.41 16.54 -24.07
CMB CLA JM . -19.80 15.12 -20.61
CAB CLA JM . -20.79 14.00 -23.67
CBB CLA JM . -20.37 12.91 -23.08
NC CLA JM . -20.43 18.88 -26.12
C1C CLA JM . -20.70 17.63 -26.44
C2C CLA JM . -20.92 17.35 -27.86
C3C CLA JM . -20.74 18.67 -28.43
C4C CLA JM . -20.44 19.53 -27.28
CMC CLA JM . -21.25 16.03 -28.46
CAC CLA JM . -20.82 19.06 -29.87
CBC CLA JM . -19.45 18.86 -30.45
ND CLA JM . -19.65 21.28 -25.05
C1D CLA JM . -19.85 21.82 -26.24
C2D CLA JM . -19.73 23.30 -26.27
C3D CLA JM . -19.42 23.53 -24.86
C4D CLA JM . -19.39 22.37 -24.23
CMD CLA JM . -19.86 24.37 -27.30
CAD CLA JM . -19.14 24.62 -23.90
OBD CLA JM . -19.34 25.85 -24.10
CBD CLA JM . -19.00 24.05 -22.55
CGD CLA JM . -17.68 24.41 -21.98
O1D CLA JM . -16.68 24.33 -22.64
O2D CLA JM . -17.57 24.84 -20.61
CED CLA JM . -16.81 25.99 -20.31
CAA F6C KM . -11.43 12.24 -22.52
CAB F6C KM . -17.20 17.51 -17.22
CAC F6C KM . -21.30 10.55 -18.38
CAD F6C KM . -13.91 8.07 -21.25
NA F6C KM . -13.81 12.65 -20.11
CBA F6C KM . -10.34 11.24 -22.93
CBB F6C KM . -18.50 17.58 -17.11
CBC F6C KM . -22.04 10.77 -19.67
CBD F6C KM . -12.87 9.13 -21.34
NB F6C KM . -15.79 14.39 -18.73
OBD F6C KM . -13.72 6.82 -21.37
CGA F6C KM . -9.16 11.08 -22.00
CGD F6C KM . -11.75 8.75 -20.42
ND F6C KM . -16.11 10.60 -20.04
CED F6C KM . -10.92 7.45 -18.58
CHA F6C KM . -13.58 10.36 -20.84
CHB F6C KM . -13.54 14.93 -19.54
CHC F6C KM . -18.04 14.39 -17.74
CHD F6C KM . -18.36 9.89 -19.52
CMA F6C KM . -10.69 14.42 -19.82
CMB F6C KM . -14.16 17.78 -18.49
CMC F6C KM . -21.01 13.54 -17.01
CMD F6C KM . -17.05 6.90 -20.58
OMB F6C KM . -14.14 18.45 -19.50
C1 F6C KM . -8.41 11.83 -19.66
C1A F6C KM . -13.09 11.76 -20.65
C1B F6C KM . -14.81 15.25 -18.92
C1C F6C KM . -18.62 13.11 -18.14
C1D F6C KM . -17.01 9.63 -20.00
O1A F6C KM . -8.52 10.04 -21.88
O1D F6C KM . -10.86 9.49 -20.13
C2 F6C KM . -7.93 10.58 -18.97
C2A F6C KM . -11.72 12.27 -21.03
C2B F6C KM . -15.08 16.60 -18.42
C2C F6C KM . -19.99 12.76 -17.79
C2D F6C KM . -16.52 8.29 -20.42
O2A F6C KM . -8.64 12.01 -21.23
O2D F6C KM . -11.65 7.47 -19.79
C3 F6C KM . -7.44 10.71 -17.75
C3A F6C KM . -11.77 13.72 -20.60
C3B F6C KM . -16.42 16.44 -17.88
C3C F6C KM . -20.10 11.44 -18.38
C3D F6C KM . -15.15 8.67 -20.75
C4 F6C KM . -6.96 9.45 -17.13
C4A F6C KM . -13.13 13.78 -20.04
C4B F6C KM . -16.79 15.03 -18.12
C4C F6C KM . -18.79 11.20 -19.00
C4D F6C KM . -14.98 9.97 -20.52
C5 F6C KM . -7.36 12.05 -17.06
C6 F6C KM . -7.96 12.02 -15.67
C7 F6C KM . -7.91 13.40 -15.02
C8 F6C KM . -7.30 13.36 -13.62
C9 F6C KM . -5.84 12.99 -13.68
C10 F6C KM . -8.08 12.40 -12.73
C11 F6C KM . -7.42 12.20 -11.38
C12 F6C KM . -8.43 12.33 -10.24
C13 F6C KM . -7.91 11.69 -8.97
C14 F6C KM . -8.11 10.18 -9.01
C15 F6C KM . -8.56 12.34 -7.75
NC F6C KM . -17.94 12.22 -18.84
MG F6C KM . -15.91 12.46 -19.38
C16 F6C KM . -9.71 11.55 -7.14
C17 F6C KM . -11.05 12.04 -7.67
C18 F6C KM . -12.12 12.30 -6.60
C19 F6C KM . -13.06 11.11 -6.45
C20 F6C KM . -11.51 12.70 -5.27
MG CLA LM . -30.95 48.57 5.22
CHA CLA LM . -31.43 49.81 8.42
CHB CLA LM . -34.36 48.53 4.88
CHC CLA LM . -30.48 47.52 2.05
CHD CLA LM . -27.45 48.61 5.72
NA CLA LM . -32.71 49.11 6.47
C1A CLA LM . -32.69 49.55 7.66
C2A CLA LM . -34.06 49.75 8.25
C3A CLA LM . -34.94 49.27 7.14
C4A CLA LM . -33.95 48.96 6.09
CMA CLA LM . -35.83 48.15 7.60
CAA CLA LM . -34.41 51.22 8.47
CBA CLA LM . -33.99 52.09 7.30
CGA CLA LM . -34.38 53.53 7.53
O1A CLA LM . -34.16 54.44 6.75
O2A CLA LM . -35.01 53.97 8.61
NB CLA LM . -32.25 48.10 3.71
C1B CLA LM . -33.58 48.14 3.71
C2B CLA LM . -34.22 47.74 2.43
C3B CLA LM . -33.03 47.43 1.63
C4B CLA LM . -31.87 47.69 2.49
CMB CLA LM . -35.69 47.67 2.12
CAB CLA LM . -32.89 46.97 0.22
CBB CLA LM . -33.86 46.42 -0.45
NC CLA LM . -29.23 48.15 4.05
C1C CLA LM . -29.24 47.74 2.79
C2C CLA LM . -27.93 47.52 2.18
C3C CLA LM . -27.03 47.87 3.28
C4C CLA LM . -27.94 48.23 4.38
CMC CLA LM . -27.59 47.09 0.79
CAC CLA LM . -25.53 47.86 3.29
CBC CLA LM . -25.04 46.56 3.87
ND CLA LM . -29.64 49.06 6.63
C1D CLA LM . -28.32 49.04 6.81
C2D CLA LM . -27.87 49.48 8.15
C3D CLA LM . -29.17 49.77 8.75
C4D CLA LM . -30.11 49.52 7.84
CMD CLA LM . -26.57 49.65 8.88
CAD CLA LM . -29.76 50.25 10.00
OBD CLA LM . -29.12 50.80 10.96
CBD CLA LM . -31.24 50.30 9.83
CGD CLA LM . -31.90 49.35 10.77
O1D CLA LM . -31.90 48.16 10.53
O2D CLA LM . -32.54 49.80 11.97
CED CLA LM . -32.25 49.16 13.20
C1 CLA LM . -34.18 54.67 9.79
C2 CLA LM . -33.71 53.89 11.00
C3 CLA LM . -32.49 54.09 11.50
C4 CLA LM . -32.04 53.33 12.71
C5 CLA LM . -31.56 55.07 10.85
C6 CLA LM . -30.39 54.29 10.25
C7 CLA LM . -30.15 54.70 8.80
C8 CLA LM . -29.74 53.49 7.96
C9 CLA LM . -28.25 53.53 7.65
C10 CLA LM . -30.57 53.51 6.69
C11 CLA LM . -30.11 52.49 5.66
C12 CLA LM . -31.08 52.50 4.49
C13 CLA LM . -30.64 51.51 3.41
C14 CLA LM . -29.34 51.98 2.75
C15 CLA LM . -31.80 51.34 2.42
C16 CLA LM . -31.50 51.79 1.00
C17 CLA LM . -32.26 50.95 -0.03
C18 CLA LM . -31.33 50.12 -0.90
C19 CLA LM . -31.77 50.16 -2.35
C20 CLA LM . -29.85 50.51 -0.80
MG CLA MM . -37.07 57.26 2.67
CHA CLA MM . -38.24 55.34 5.32
CHB CLA MM . -39.31 59.66 3.66
CHC CLA MM . -35.88 59.17 0.17
CHD CLA MM . -34.82 54.67 1.77
NA CLA MM . -38.58 57.51 4.28
C1A CLA MM . -38.89 56.68 5.19
C2A CLA MM . -39.96 57.16 6.14
C3A CLA MM . -40.31 58.48 5.53
C4A CLA MM . -39.34 58.58 4.42
CMA CLA MM . -41.77 58.69 5.20
CAA CLA MM . -39.24 57.67 7.37
CBA CLA MM . -39.23 56.80 8.61
CGA CLA MM . -37.81 56.79 9.14
O1A CLA MM . -36.82 56.89 8.43
O2A CLA MM . -37.48 56.68 10.41
NB CLA MM . -37.53 59.15 2.03
C1B CLA MM . -38.46 59.98 2.50
C2B CLA MM . -38.57 61.27 1.78
C3B CLA MM . -37.55 61.09 0.77
C4B CLA MM . -36.96 59.76 0.98
CMB CLA MM . -39.48 62.42 2.05
CAB CLA MM . -37.18 62.06 -0.30
CBB CLA MM . -35.99 62.61 -0.32
NC CLA MM . -35.54 56.98 1.23
C1C CLA MM . -35.22 57.86 0.28
C2C CLA MM . -34.15 57.45 -0.64
C3C CLA MM . -33.83 56.12 -0.14
C4C CLA MM . -34.74 55.92 1.01
CMC CLA MM . -33.54 58.20 -1.79
CAC CLA MM . -32.80 55.16 -0.65
CBC CLA MM . -31.53 55.34 0.15
ND CLA MM . -36.52 55.44 3.30
C1D CLA MM . -35.71 54.46 2.92
C2D CLA MM . -35.83 53.21 3.72
C3D CLA MM . -36.85 53.64 4.67
C4D CLA MM . -37.19 54.89 4.38
CMD CLA MM . -35.22 51.84 3.76
CAD CLA MM . -37.62 53.13 5.81
OBD CLA MM . -37.70 51.90 6.17
CBD CLA MM . -38.51 54.21 6.29
CGD CLA MM . -39.93 53.77 6.20
O1D CLA MM . -40.63 54.12 5.27
O2D CLA MM . -40.53 52.91 7.20
CED CLA MM . -41.79 52.33 6.91
MG CLA NM . -37.55 48.52 -0.79
CHA CLA NM . -37.40 45.21 -1.80
CHB CLA NM . -35.46 49.24 -3.42
CHC CLA NM . -37.80 51.72 0.09
CHD CLA NM . -39.74 47.62 1.86
NA CLA NM . -36.55 47.39 -2.43
C1A CLA NM . -36.59 46.15 -2.64
C2A CLA NM . -35.77 45.71 -3.80
C3A CLA NM . -35.15 47.00 -4.26
C4A CLA NM . -35.76 47.94 -3.32
CMA CLA NM . -33.65 47.05 -4.43
CAA CLA NM . -36.73 45.34 -4.91
CBA CLA NM . -36.29 44.07 -5.60
CGA CLA NM . -35.51 44.45 -6.83
O1A CLA NM . -34.46 45.07 -6.83
O2A CLA NM . -35.91 44.15 -8.03
NB CLA NM . -36.75 50.24 -1.58
C1B CLA NM . -35.92 50.36 -2.61
C2B CLA NM . -35.49 51.75 -2.89
C3B CLA NM . -36.19 52.47 -1.83
C4B CLA NM . -36.93 51.45 -1.07
CMB CLA NM . -34.56 52.21 -3.97
CAB CLA NM . -36.22 53.91 -1.50
CBB CLA NM . -36.07 54.85 -2.40
NC CLA NM . -38.67 49.53 0.71
C1C CLA NM . -38.59 50.82 0.93
C2C CLA NM . -39.33 51.32 2.10
C3C CLA NM . -39.95 50.11 2.60
C4C CLA NM . -39.47 49.07 1.68
CMC CLA NM . -39.45 52.71 2.61
CAC CLA NM . -40.82 50.03 3.81
CBC CLA NM . -42.27 49.70 3.51
ND CLA NM . -38.44 46.90 -0.05
C1D CLA NM . -39.25 46.57 0.95
C2D CLA NM . -39.55 45.12 1.08
C3D CLA NM . -38.77 44.63 -0.06
C4D CLA NM . -38.19 45.67 -0.66
CMD CLA NM . -40.34 44.20 1.96
CAD CLA NM . -38.44 43.39 -0.77
OBD CLA NM . -38.72 42.22 -0.35
CBD CLA NM . -37.47 43.71 -1.85
CGD CLA NM . -36.18 43.21 -1.33
O1D CLA NM . -36.06 42.98 -0.16
O2D CLA NM . -35.01 43.01 -2.14
CED CLA NM . -33.83 42.68 -1.42
C1 CLA NM . -35.60 45.05 -9.31
C2 CLA NM . -35.60 46.55 -9.34
C3 CLA NM . -36.08 47.18 -10.41
C4 CLA NM . -36.08 48.68 -10.46
C5 CLA NM . -36.63 46.39 -11.56
C6 CLA NM . -37.20 47.31 -12.63
C7 CLA NM . -38.01 46.51 -13.61
C8 CLA NM . -39.48 46.61 -13.28
C9 CLA NM . -40.00 45.23 -12.92
C10 CLA NM . -40.24 47.17 -14.47
C11 CLA NM . -40.28 48.69 -14.42
C12 CLA NM . -41.06 49.24 -15.61
C13 CLA NM . -42.01 50.34 -15.19
C14 CLA NM . -42.83 49.91 -13.98
C15 CLA NM . -42.91 50.67 -16.38
C16 CLA NM . -44.14 51.48 -16.01
C17 CLA NM . -43.83 52.95 -15.79
C18 CLA NM . -44.99 53.85 -16.20
C19 CLA NM . -44.55 55.31 -16.26
C20 CLA NM . -45.59 53.43 -17.53
MG CLA OM . -23.43 55.12 -15.22
CHA CLA OM . -20.39 54.07 -16.55
CHB CLA OM . -24.52 51.89 -15.61
CHC CLA OM . -26.31 56.09 -13.82
CHD CLA OM . -22.17 58.41 -14.93
NA CLA OM . -22.58 53.19 -15.96
C1A CLA OM . -21.42 52.99 -16.43
C2A CLA OM . -21.18 51.59 -16.90
C3A CLA OM . -22.51 50.97 -16.63
C4A CLA OM . -23.27 52.08 -16.01
CMA CLA OM . -23.17 50.33 -17.83
CAA CLA OM . -20.13 50.88 -16.05
CBA CLA OM . -20.51 50.78 -14.58
CGA CLA OM . -19.33 51.16 -13.73
O1A CLA OM . -18.30 50.52 -13.64
O2A CLA OM . -19.35 52.25 -13.01
NB CLA OM . -25.16 54.11 -14.77
C1B CLA OM . -25.46 52.83 -15.00
C2B CLA OM . -26.83 52.44 -14.60
C3B CLA OM . -27.34 53.71 -14.08
C4B CLA OM . -26.24 54.69 -14.22
CMB CLA OM . -27.46 51.09 -14.73
CAB CLA OM . -28.64 54.07 -13.50
CBB CLA OM . -29.74 53.36 -13.64
NC CLA OM . -24.12 56.96 -14.46
C1C CLA OM . -25.31 57.16 -13.93
C2C CLA OM . -25.57 58.52 -13.43
C3C CLA OM . -24.33 59.19 -13.74
C4C CLA OM . -23.50 58.15 -14.38
CMC CLA OM . -26.81 59.06 -12.76
CAC CLA OM . -23.94 60.60 -13.48
CBC CLA OM . -24.61 61.44 -14.53
ND CLA OM . -21.75 56.13 -15.60
C1D CLA OM . -21.29 57.37 -15.46
C2D CLA OM . -19.89 57.57 -15.91
C3D CLA OM . -19.59 56.20 -16.34
C4D CLA OM . -20.67 55.45 -16.13
CMD CLA OM . -18.87 58.67 -16.03
CAD CLA OM . -18.50 55.40 -16.91
OBD CLA OM . -17.31 55.79 -17.14
CBD CLA OM . -19.00 54.02 -17.14
CGD CLA OM . -19.07 53.78 -18.62
O1D CLA OM . -20.12 53.68 -19.20
O2D CLA OM . -17.86 53.69 -19.39
CED CLA OM . -17.57 54.71 -20.35
C1 CLA OM . -18.69 52.46 -11.56
C2 CLA OM . -17.49 51.76 -10.96
C3 CLA OM . -16.81 52.39 -9.99
C4 CLA OM . -15.61 51.72 -9.39
C5 CLA OM . -17.20 53.78 -9.53
C6 CLA OM . -18.05 53.73 -8.27
C7 CLA OM . -19.18 54.76 -8.32
C8 CLA OM . -20.48 54.13 -7.84
C9 CLA OM . -20.86 52.99 -8.77
C10 CLA OM . -21.60 55.15 -7.74
C11 CLA OM . -22.56 54.83 -6.58
C12 CLA OM . -23.81 54.09 -7.06
C13 CLA OM . -24.13 52.85 -6.22
C14 CLA OM . -22.86 52.12 -5.76
C15 CLA OM . -25.03 51.90 -7.00
C16 CLA OM . -26.46 51.97 -6.50
C17 CLA OM . -26.94 50.62 -5.96
C18 CLA OM . -27.39 50.75 -4.50
C19 CLA OM . -28.39 49.66 -4.14
C20 CLA OM . -26.19 50.70 -3.56
MG CLA PM . -26.87 65.83 -15.04
CHA CLA PM . -24.47 68.35 -15.28
CHB CLA PM . -25.22 64.73 -12.24
CHC CLA PM . -29.29 63.53 -14.72
CHD CLA PM . -28.41 67.01 -17.99
NA CLA PM . -25.07 66.44 -13.87
C1A CLA PM . -24.27 67.41 -14.12
C2A CLA PM . -23.11 67.49 -13.18
C3A CLA PM . -23.38 66.32 -12.26
C4A CLA PM . -24.65 65.78 -12.81
CMA CLA PM . -22.26 65.34 -11.99
CAA CLA PM . -23.13 68.75 -12.32
CBA CLA PM . -24.55 69.09 -11.87
CGA CLA PM . -24.60 69.17 -10.37
O1A CLA PM . -25.56 69.56 -9.73
O2A CLA PM . -23.60 68.82 -9.57
NB CLA PM . -27.20 64.35 -13.66
C1B CLA PM . -26.45 64.02 -12.61
C2B CLA PM . -26.97 62.86 -11.84
C3B CLA PM . -28.17 62.54 -12.60
C4B CLA PM . -28.23 63.51 -13.71
CMB CLA PM . -26.38 62.24 -10.60
CAB CLA PM . -29.17 61.48 -12.37
CBB CLA PM . -29.65 61.25 -11.17
NC CLA PM . -28.61 65.38 -16.16
C1C CLA PM . -29.47 64.40 -15.88
C2C CLA PM . -30.60 64.26 -16.81
C3C CLA PM . -30.33 65.33 -17.76
C4C CLA PM . -29.10 65.95 -17.27
CMC CLA PM . -31.72 63.29 -16.78
CAC CLA PM . -31.12 65.74 -18.97
CBC CLA PM . -31.88 67.01 -18.62
ND CLA PM . -26.64 67.29 -16.37
C1D CLA PM . -27.22 67.70 -17.50
C2D CLA PM . -26.57 68.83 -18.18
C3D CLA PM . -25.47 69.05 -17.25
C4D CLA PM . -25.57 68.15 -16.26
CMD CLA PM . -26.80 69.62 -19.43
CAD CLA PM . -24.30 69.92 -17.03
OBD CLA PM . -23.73 70.62 -17.93
CBD CLA PM . -23.73 69.58 -15.70
CGD CLA PM . -22.26 69.40 -15.84
O1D CLA PM . -21.49 70.09 -15.21
O2D CLA PM . -21.73 68.38 -16.72
CED CLA PM . -20.53 67.74 -16.32
MG CLA QM . -40.21 67.09 -22.39
CHA CLA QM . -40.36 68.31 -25.63
CHB CLA QM . -37.19 68.69 -22.08
CHC CLA QM . -40.15 66.04 -19.18
CHD CLA QM . -43.32 65.45 -22.85
NA CLA QM . -38.92 68.37 -23.66
C1A CLA QM . -39.12 68.72 -24.87
C2A CLA QM . -38.01 69.53 -25.47
C3A CLA QM . -37.03 69.60 -24.33
C4A CLA QM . -37.75 68.84 -23.28
CMA CLA QM . -35.56 69.27 -24.58
CAA CLA QM . -38.45 70.96 -25.81
CBA CLA QM . -38.91 71.72 -24.56
CGA CLA QM . -40.18 72.47 -24.87
O1A CLA QM . -40.63 73.33 -24.13
O2A CLA QM . -40.93 72.28 -25.93
NB CLA QM . -38.86 67.35 -20.86
C1B CLA QM . -37.70 68.00 -20.90
C2B CLA QM . -36.93 67.96 -19.62
C3B CLA QM . -37.83 67.15 -18.79
C4B CLA QM . -39.00 66.83 -19.64
CMB CLA QM . -35.59 68.57 -19.33
CAB CLA QM . -37.69 66.74 -17.39
CBB CLA QM . -37.35 67.59 -16.46
NC CLA QM . -41.54 65.94 -21.19
C1C CLA QM . -41.34 65.62 -19.92
C2C CLA QM . -42.40 64.81 -19.29
C3C CLA QM . -43.33 64.64 -20.39
C4C CLA QM . -42.71 65.36 -21.51
CMC CLA QM . -42.50 64.30 -17.88
CAC CLA QM . -44.64 63.90 -20.38
CBC CLA QM . -45.79 64.86 -20.27
ND CLA QM . -41.60 66.85 -23.79
C1D CLA QM . -42.76 66.23 -23.95
C2D CLA QM . -43.38 66.38 -25.28
C3D CLA QM . -42.37 67.23 -25.90
C4D CLA QM . -41.40 67.46 -25.02
CMD CLA QM . -44.62 65.95 -26.02
CAD CLA QM . -42.09 67.91 -27.17
OBD CLA QM . -42.91 68.02 -28.15
CBD CLA QM . -40.82 68.66 -27.03
CGD CLA QM . -39.92 68.17 -28.10
O1D CLA QM . -40.18 68.40 -29.26
O2D CLA QM . -38.71 67.43 -27.80
CED CLA QM . -37.60 67.64 -28.66
C1 CLA QM . -42.52 72.46 -25.83
C2 CLA QM . -43.51 71.32 -25.65
C3 CLA QM . -43.65 70.63 -24.52
C4 CLA QM . -44.68 69.54 -24.46
C5 CLA QM . -42.80 70.92 -23.31
C6 CLA QM . -43.44 70.34 -22.05
C7 CLA QM . -42.43 69.73 -21.11
C8 CLA QM . -43.05 68.80 -20.07
C9 CLA QM . -44.56 68.62 -20.22
C10 CLA QM . -42.73 69.30 -18.67
C11 CLA QM . -43.05 68.22 -17.66
C12 CLA QM . -43.25 68.80 -16.26
C13 CLA QM . -41.93 69.18 -15.60
C14 CLA QM . -40.88 68.10 -15.79
C15 CLA QM . -42.19 69.48 -14.12
C16 CLA QM . -41.01 69.16 -13.22
C17 CLA QM . -40.11 70.37 -12.99
C18 CLA QM . -38.98 70.02 -12.03
C19 CLA QM . -38.23 68.79 -12.51
C20 CLA QM . -38.04 71.19 -11.84
MG CLA RM . -41.89 56.36 -24.56
CHA CLA RM . -41.26 53.43 -26.30
CHB CLA RM . -39.38 57.78 -26.41
CHC CLA RM . -42.68 59.29 -23.08
CHD CLA RM . -44.40 54.73 -22.65
NA CLA RM . -40.49 55.73 -26.18
C1A CLA RM . -40.39 54.58 -26.71
C2A CLA RM . -39.31 54.45 -27.74
C3A CLA RM . -38.72 55.85 -27.73
C4A CLA RM . -39.59 56.51 -26.71
CMA CLA RM . -37.22 55.99 -27.60
CAA CLA RM . -39.83 54.18 -29.13
CBA CLA RM . -41.01 55.08 -29.47
CGA CLA RM . -40.64 55.73 -30.77
O1A CLA RM . -39.55 56.19 -31.03
O2A CLA RM . -41.47 55.89 -31.78
NB CLA RM . -41.15 58.25 -24.75
C1B CLA RM . -40.09 58.64 -25.46
C2B CLA RM . -39.70 60.04 -25.22
C3B CLA RM . -40.68 60.46 -24.25
C4B CLA RM . -41.55 59.29 -24.01
CMB CLA RM . -38.57 60.82 -25.76
CAB CLA RM . -40.81 61.77 -23.62
CBB CLA RM . -41.71 62.57 -24.09
NC CLA RM . -43.32 56.92 -23.08
C1C CLA RM . -43.45 58.14 -22.58
C2C CLA RM . -44.42 58.30 -21.49
C3C CLA RM . -44.92 56.95 -21.37
C4C CLA RM . -44.18 56.17 -22.39
CMC CLA RM . -44.80 59.54 -20.72
CAC CLA RM . -45.95 56.44 -20.41
CBC CLA RM . -47.30 56.50 -21.07
ND CLA RM . -42.74 54.56 -24.41
C1D CLA RM . -43.68 53.97 -23.68
C2D CLA RM . -43.87 52.53 -23.98
C3D CLA RM . -42.87 52.39 -25.05
C4D CLA RM . -42.28 53.56 -25.23
CMD CLA RM . -44.72 51.38 -23.52
CAD CLA RM . -42.31 51.37 -25.95
OBD CLA RM . -42.26 50.13 -25.63
CBD CLA RM . -41.26 52.01 -26.78
CGD CLA RM . -39.94 51.40 -26.45
O1D CLA RM . -39.57 51.34 -25.30
O2D CLA RM . -39.07 50.87 -27.47
CED CLA RM . -38.30 49.70 -27.22
C1 CLA RM . -42.26 57.26 -31.99
C2 CLA RM . -43.05 57.92 -30.88
C3 CLA RM . -44.34 57.64 -30.74
C4 CLA RM . -45.01 56.66 -31.65
C5 CLA RM . -45.14 58.30 -29.65
C6 CLA RM . -44.96 57.48 -28.39
C7 CLA RM . -44.26 58.27 -27.31
C8 CLA RM . -44.83 57.98 -25.94
C9 CLA RM . -45.19 56.50 -25.81
C10 CLA RM . -46.06 58.84 -25.67
C11 CLA RM . -45.81 60.31 -25.99
C12 CLA RM . -45.77 61.15 -24.73
C13 CLA RM . -47.16 61.66 -24.36
C14 CLA RM . -47.15 63.17 -24.18
C15 CLA RM . -47.61 60.94 -23.10
C16 CLA RM . -48.77 61.65 -22.41
C17 CLA RM . -49.08 60.98 -21.06
C18 CLA RM . -48.27 61.61 -19.95
C19 CLA RM . -48.90 62.90 -19.46
C20 CLA RM . -48.07 60.64 -18.79
MG CLA SM . -36.04 51.40 -19.53
CHA CLA SM . -33.28 50.60 -21.43
CHB CLA SM . -37.86 51.36 -22.44
CHC CLA SM . -38.81 52.11 -17.68
CHD CLA SM . -34.08 51.52 -16.62
NA CLA SM . -35.66 51.03 -21.69
C1A CLA SM . -34.54 50.77 -22.22
C2A CLA SM . -34.61 50.63 -23.72
C3A CLA SM . -36.05 50.98 -24.00
C4A CLA SM . -36.57 51.14 -22.62
CMA CLA SM . -36.36 52.08 -24.99
CAA CLA SM . -34.46 49.13 -24.01
CBA CLA SM . -35.62 48.38 -24.70
CGA CLA SM . -36.62 47.81 -23.73
O1A CLA SM . -36.56 48.10 -22.56
O2A CLA SM . -37.65 47.05 -24.04
NB CLA SM . -38.02 51.69 -20.01
C1B CLA SM . -38.59 51.60 -21.20
C2B CLA SM . -40.04 51.77 -21.20
C3B CLA SM . -40.31 52.01 -19.81
C4B CLA SM . -39.00 51.94 -19.13
CMB CLA SM . -41.00 51.73 -22.34
CAB CLA SM . -41.64 52.22 -19.23
CBB CLA SM . -41.94 53.33 -18.63
NC CLA SM . -36.40 51.71 -17.47
C1C CLA SM . -37.56 52.02 -16.91
C2C CLA SM . -37.55 52.24 -15.47
C3C CLA SM . -36.15 52.02 -15.17
C4C CLA SM . -35.52 51.71 -16.46
CMC CLA SM . -38.68 52.60 -14.55
CAC CLA SM . -35.47 52.11 -13.85
CBC CLA SM . -35.24 50.73 -13.32
ND CLA SM . -34.15 51.19 -19.00
C1D CLA SM . -33.44 51.16 -17.88
C2D CLA SM . -32.02 50.76 -18.05
C3D CLA SM . -32.01 50.56 -19.50
C4D CLA SM . -33.24 50.81 -19.97
CMD CLA SM . -30.80 50.56 -17.18
CAD CLA SM . -31.12 50.17 -20.60
OBD CLA SM . -29.95 49.68 -20.47
CBD CLA SM . -31.88 50.23 -21.88
CGD CLA SM . -31.33 51.31 -22.74
O1D CLA SM . -31.13 52.42 -22.31
O2D CLA SM . -31.00 51.05 -24.12
CED CLA SM . -29.79 51.58 -24.64
C1 CLA SM . -39.14 47.35 -23.52
C2 CLA SM . -39.43 47.42 -22.04
C3 CLA SM . -40.64 47.51 -21.50
C4 CLA SM . -41.84 47.56 -22.39
C5 CLA SM . -40.81 47.59 -19.99
C6 CLA SM . -39.56 47.08 -19.26
C7 CLA SM . -38.64 48.18 -18.75
C8 CLA SM . -37.49 47.63 -17.90
C9 CLA SM . -37.38 48.38 -16.60
C10 CLA SM . -36.15 47.75 -18.61
C11 CLA SM . -35.07 47.10 -17.75
C12 CLA SM . -33.67 47.50 -18.20
C13 CLA SM . -32.88 46.34 -18.79
C14 CLA SM . -31.66 46.02 -17.96
C15 CLA SM . -32.42 46.73 -20.18
MG CLA TM . -50.64 53.66 -9.97
CHA CLA TM . -53.64 53.14 -8.29
CHB CLA TM . -49.70 50.52 -8.87
CHC CLA TM . -47.79 54.08 -11.69
CHD CLA TM . -51.76 56.85 -11.03
NA CLA TM . -51.52 52.01 -8.75
C1A CLA TM . -52.67 52.00 -8.19
C2A CLA TM . -52.94 50.74 -7.43
C3A CLA TM . -51.66 49.98 -7.59
C4A CLA TM . -50.91 50.89 -8.46
CMA CLA TM . -50.97 49.56 -6.32
CAA CLA TM . -54.07 50.00 -8.15
CBA CLA TM . -53.61 48.93 -9.14
CGA CLA TM . -54.25 49.06 -10.49
O1A CLA TM . -55.26 49.69 -10.73
O2A CLA TM . -53.75 48.45 -11.54
NB CLA TM . -48.99 52.46 -10.24
C1B CLA TM . -48.76 51.26 -9.72
C2B CLA TM . -47.45 50.68 -10.09
C3B CLA TM . -46.91 51.72 -10.93
C4B CLA TM . -47.92 52.81 -10.97
CMB CLA TM . -46.86 49.36 -9.71
CAB CLA TM . -45.59 51.69 -11.57
CBB CLA TM . -45.47 51.91 -12.85
NC CLA TM . -49.91 55.21 -11.21
C1C CLA TM . -48.73 55.21 -11.80
C2C CLA TM . -48.38 56.40 -12.58
C3C CLA TM . -49.58 57.21 -12.40
C4C CLA TM . -50.45 56.39 -11.52
CMC CLA TM . -47.14 56.66 -13.37
CAC CLA TM . -49.88 58.58 -12.95
CBC CLA TM . -49.20 59.62 -12.11
ND CLA TM . -52.24 54.82 -9.79
C1D CLA TM . -52.65 56.02 -10.20
C2D CLA TM . -54.02 56.40 -9.77
C3D CLA TM . -54.36 55.20 -9.00
C4D CLA TM . -53.32 54.36 -9.06
CMD CLA TM . -54.96 57.55 -9.93
CAD CLA TM . -55.45 54.62 -8.20
OBD CLA TM . -56.66 55.03 -8.18
CBD CLA TM . -55.01 53.30 -7.69
CGD CLA TM . -54.90 53.34 -6.19
O1D CLA TM . -54.84 54.41 -5.63
O2D CLA TM . -54.85 52.12 -5.41
CED CLA TM . -55.89 51.74 -4.53
C1 CLA TM . -53.99 49.00 -13.02
C2 CLA TM . -55.27 48.78 -13.77
C3 CLA TM . -55.30 48.83 -15.10
C4 CLA TM . -56.59 48.59 -15.82
C5 CLA TM . -54.03 49.12 -15.86
C6 CLA TM . -54.35 49.49 -17.31
C7 CLA TM . -53.09 49.52 -18.15
C8 CLA TM . -52.74 50.94 -18.60
C9 CLA TM . -53.97 51.76 -18.95
C10 CLA TM . -51.83 50.83 -19.82
C11 CLA TM . -51.07 52.13 -20.03
C12 CLA TM . -50.17 51.99 -21.25
C13 CLA TM . -49.10 53.07 -21.32
C14 CLA TM . -49.15 53.75 -22.69
C15 CLA TM . -47.70 52.50 -21.06
C16 CLA TM . -47.65 50.99 -20.85
C17 CLA TM . -47.06 50.66 -19.48
C18 CLA TM . -46.28 49.36 -19.54
C19 CLA TM . -44.78 49.62 -19.40
C20 CLA TM . -46.75 48.41 -18.45
MG CLA UM . -40.74 63.94 -2.05
CHA CLA UM . -42.86 62.86 0.49
CHB CLA UM . -41.95 67.10 -1.52
CHC CLA UM . -38.63 64.96 -4.47
CHD CLA UM . -39.59 60.60 -2.50
NA CLA UM . -42.20 64.91 -0.68
C1A CLA UM . -42.92 64.35 0.21
C2A CLA UM . -43.82 65.28 0.96
C3A CLA UM . -43.53 66.60 0.27
C4A CLA UM . -42.48 66.19 -0.71
CMA CLA UM . -44.69 67.43 -0.23
CAA CLA UM . -43.36 65.36 2.44
CBA CLA UM . -42.67 66.65 2.84
CGA CLA UM . -41.53 66.39 3.81
O1A CLA UM . -41.55 66.70 4.99
O2A CLA UM . -40.40 65.79 3.50
NB CLA UM . -40.35 65.78 -2.86
C1B CLA UM . -40.92 66.94 -2.57
C2B CLA UM . -40.43 68.09 -3.38
C3B CLA UM . -39.46 67.42 -4.25
C4B CLA UM . -39.46 66.00 -3.86
CMB CLA UM . -40.83 69.54 -3.35
CAB CLA UM . -38.62 68.03 -5.30
CBB CLA UM . -37.31 68.06 -5.19
NC CLA UM . -39.29 62.95 -3.24
C1C CLA UM . -38.56 63.51 -4.21
C2C CLA UM . -37.70 62.62 -5.00
C3C CLA UM . -37.98 61.34 -4.37
C4C CLA UM . -38.96 61.65 -3.32
CMC CLA UM . -36.77 62.93 -6.14
CAC CLA UM . -37.43 59.97 -4.69
CBC CLA UM . -36.29 59.67 -3.75
ND CLA UM . -41.04 62.12 -1.30
C1D CLA UM . -40.60 60.88 -1.48
C2D CLA UM . -41.20 59.86 -0.59
C3D CLA UM . -42.09 60.72 0.17
C4D CLA UM . -41.96 61.97 -0.27
CMD CLA UM . -41.10 58.38 -0.36
CAD CLA UM . -43.08 60.66 1.25
OBD CLA UM . -43.42 59.60 1.88
CBD CLA UM . -43.65 62.01 1.45
CGD CLA UM . -45.09 61.99 1.05
O1D CLA UM . -45.45 61.47 0.02
O2D CLA UM . -46.09 62.57 1.91
CED CLA UM . -46.80 61.73 2.81
C1 CLA UM . -39.14 66.61 2.96
C2 CLA UM . -38.96 66.96 1.50
C3 CLA UM . -37.77 66.83 0.92
C4 CLA UM . -36.61 66.32 1.71
C5 CLA UM . -37.59 67.18 -0.54
C6 CLA UM . -36.68 66.16 -1.22
C7 CLA UM . -35.39 66.81 -1.69
C8 CLA UM . -34.90 66.24 -3.02
C9 CLA UM . -34.75 64.72 -2.94
C10 CLA UM . -33.58 66.88 -3.40
MG CLA VM . -55.08 62.82 -5.38
CHA CLA VM . -55.79 64.22 -2.25
CHB CLA VM . -58.44 62.54 -5.86
CHC CLA VM . -54.33 61.54 -8.41
CHD CLA VM . -51.62 63.19 -4.73
NA CLA VM . -56.92 63.33 -4.22
C1A CLA VM . -57.01 63.86 -3.06
C2A CLA VM . -58.41 64.02 -2.56
C3A CLA VM . -59.22 63.47 -3.73
C4A CLA VM . -58.13 63.09 -4.68
CMA CLA VM . -60.36 62.51 -3.48
CAA CLA VM . -58.80 65.47 -2.36
CBA CLA VM . -58.44 66.34 -3.55
CGA CLA VM . -58.45 67.78 -3.10
O1A CLA VM . -58.24 68.74 -3.83
O2A CLA VM . -58.66 68.16 -1.86
NB CLA VM . -56.25 62.14 -6.91
C1B CLA VM . -57.57 62.08 -6.96
C2B CLA VM . -58.11 61.51 -8.22
C3B CLA VM . -56.86 61.21 -8.94
C4B CLA VM . -55.76 61.65 -8.06
CMB CLA VM . -59.56 61.30 -8.57
CAB CLA VM . -56.61 60.63 -10.27
CBB CLA VM . -57.53 60.55 -11.21
NC CLA VM . -53.26 62.50 -6.44
C1C CLA VM . -53.15 61.92 -7.63
C2C CLA VM . -51.77 61.70 -8.12
C3C CLA VM . -50.99 62.24 -7.03
C4C CLA VM . -52.00 62.70 -6.06
CMC CLA VM . -51.30 61.08 -9.40
CAC CLA VM . -49.50 62.33 -6.88
CBC CLA VM . -49.03 63.74 -7.19
ND CLA VM . -53.88 63.53 -3.96
C1D CLA VM . -52.59 63.61 -3.75
C2D CLA VM . -52.20 64.13 -2.43
C3D CLA VM . -53.52 64.37 -1.85
C4D CLA VM . -54.43 64.02 -2.78
CMD CLA VM . -50.86 64.36 -1.79
CAD CLA VM . -54.20 64.87 -0.65
OBD CLA VM . -53.65 65.00 0.50
CBD CLA VM . -55.67 64.78 -0.85
CGD CLA VM . -56.17 63.78 0.15
O1D CLA VM . -56.35 64.11 1.31
O2D CLA VM . -56.45 62.41 -0.22
CED CLA VM . -57.59 61.74 0.29
MG CLA WM . -62.91 56.79 -7.49
CHA CLA WM . -61.90 58.07 -4.40
CHB CLA WM . -66.09 56.76 -6.23
CHC CLA WM . -63.94 55.76 -10.53
CHD CLA WM . -59.56 56.86 -8.62
NA CLA WM . -63.91 57.34 -5.56
C1A CLA WM . -63.37 57.79 -4.50
C2A CLA WM . -64.35 57.96 -3.36
C3A CLA WM . -65.65 57.52 -3.99
C4A CLA WM . -65.19 57.17 -5.36
CMA CLA WM . -66.53 56.51 -3.27
CAA CLA WM . -64.48 59.43 -2.93
CBA CLA WM . -65.23 60.33 -3.92
CGA CLA WM . -64.28 60.78 -5.01
O1A CLA WM . -64.59 61.00 -6.16
O2A CLA WM . -62.99 60.97 -4.81
NB CLA WM . -64.76 56.34 -8.26
C1B CLA WM . -65.94 56.35 -7.63
C2B CLA WM . -67.09 55.95 -8.46
C3B CLA WM . -66.44 55.67 -9.72
C4B CLA WM . -64.99 55.92 -9.51
CMB CLA WM . -68.55 55.87 -8.10
CAB CLA WM . -67.10 55.22 -10.95
CBB CLA WM . -67.14 56.01 -12.01
NC CLA WM . -61.90 56.42 -9.31
C1C CLA WM . -62.48 55.93 -10.42
C2C CLA WM . -61.57 55.58 -11.52
C3C CLA WM . -60.27 55.92 -10.96
C4C CLA WM . -60.58 56.42 -9.60
CMC CLA WM . -61.89 55.02 -12.87
CAC CLA WM . -58.93 55.75 -11.64
CBC CLA WM . -58.25 57.06 -11.92
ND CLA WM . -61.10 57.31 -6.82
C1D CLA WM . -59.85 57.32 -7.27
C2D CLA WM . -58.83 57.77 -6.27
C3D CLA WM . -59.72 58.06 -5.15
C4D CLA WM . -60.98 57.78 -5.52
CMD CLA WM . -57.34 57.97 -6.21
CAD CLA WM . -59.68 58.54 -3.76
OBD CLA WM . -58.64 58.90 -3.12
CBD CLA WM . -61.08 58.65 -3.27
CGD CLA WM . -61.25 57.76 -2.09
O1D CLA WM . -61.23 56.57 -2.25
O2D CLA WM . -61.51 58.31 -0.77
CED CLA WM . -60.77 57.81 0.34
MG CLA XM . -61.04 46.25 -9.10
CHA CLA XM . -59.02 48.71 -7.76
CHB CLA XM . -62.36 48.65 -11.19
CHC CLA XM . -62.98 43.83 -10.40
CHD CLA XM . -59.58 43.85 -6.93
NA CLA XM . -60.75 48.42 -9.47
C1A CLA XM . -59.93 49.18 -8.86
C2A CLA XM . -59.95 50.59 -9.34
C3A CLA XM . -61.01 50.55 -10.41
C4A CLA XM . -61.43 49.11 -10.36
CMA CLA XM . -62.03 51.67 -10.47
CAA CLA XM . -58.67 50.85 -10.10
CBA CLA XM . -58.00 52.12 -9.62
CGA CLA XM . -57.17 52.63 -10.76
O1A CLA XM . -56.63 53.71 -10.78
O2A CLA XM . -56.97 51.95 -11.88
NB CLA XM . -62.47 46.26 -10.58
C1B CLA XM . -62.89 47.27 -11.32
C2B CLA XM . -63.93 46.89 -12.32
C3B CLA XM . -64.09 45.47 -12.06
C4B CLA XM . -63.14 45.17 -10.97
CMB CLA XM . -64.61 47.76 -13.32
CAB CLA XM . -64.94 44.42 -12.65
CBB CLA XM . -65.64 44.57 -13.75
NC CLA XM . -61.18 44.15 -8.77
C1C CLA XM . -62.06 43.37 -9.38
C2C CLA XM . -62.07 41.97 -8.95
C3C CLA XM . -61.03 41.96 -7.94
C4C CLA XM . -60.56 43.36 -7.91
CMC CLA XM . -62.94 40.86 -9.45
CAC CLA XM . -60.55 40.81 -7.11
CBC CLA XM . -59.20 40.36 -7.60
ND CLA XM . -59.67 46.15 -7.66
C1D CLA XM . -59.11 45.24 -6.88
C2D CLA XM . -58.04 45.74 -5.99
C3D CLA XM . -58.05 47.15 -6.40
C4D CLA XM . -58.98 47.31 -7.34
CMD CLA XM . -57.10 45.19 -4.96
CAD CLA XM . -57.38 48.42 -6.12
OBD CLA XM . -56.22 48.53 -5.59
CBD CLA XM . -58.05 49.49 -6.91
CGD CLA XM . -58.81 50.38 -5.97
O1D CLA XM . -59.04 50.02 -4.83
O2D CLA XM . -59.28 51.68 -6.40
CED CLA XM . -59.17 52.83 -5.57
C1 CLA XM . -55.68 52.24 -12.75
C2 CLA XM . -55.53 53.48 -13.62
C3 CLA XM . -54.38 54.15 -13.59
C4 CLA XM . -53.28 53.65 -12.70
C5 CLA XM . -54.17 55.38 -14.42
C6 CLA XM . -55.40 56.27 -14.38
C7 CLA XM . -55.05 57.67 -13.88
C8 CLA XM . -53.99 58.33 -14.75
C9 CLA XM . -53.49 59.62 -14.12
C10 CLA XM . -54.57 58.60 -16.13
MG CLA YM . -49.75 46.52 -5.71
CHA CLA YM . -46.30 46.54 -5.81
CHB CLA YM . -49.71 45.54 -8.99
CHC CLA YM . -53.12 46.46 -5.57
CHD CLA YM . -49.68 47.53 -2.30
NA CLA YM . -48.20 46.07 -7.23
C1A CLA YM . -46.95 46.12 -7.09
C2A CLA YM . -46.17 45.72 -8.31
C3A CLA YM . -47.29 45.42 -9.28
C4A CLA YM . -48.49 45.69 -8.45
CMA CLA YM . -47.24 45.96 -10.68
CAA CLA YM . -45.51 44.38 -8.07
CBA CLA YM . -44.05 44.38 -8.51
CGA CLA YM . -43.94 44.81 -9.95
O1A CLA YM . -44.36 44.19 -10.91
O2A CLA YM . -43.33 45.92 -10.35
NB CLA YM . -51.18 46.05 -7.09
C1B CLA YM . -51.01 45.73 -8.37
C2B CLA YM . -52.28 45.53 -9.12
C3B CLA YM . -53.26 45.80 -8.08
C4B CLA YM . -52.50 46.12 -6.86
CMB CLA YM . -52.42 45.15 -10.55
CAB CLA YM . -54.74 45.80 -8.12
CBB CLA YM . -55.42 44.96 -8.87
NC CLA YM . -51.16 46.85 -4.15
C1C CLA YM . -52.47 46.80 -4.30
C2C CLA YM . -53.25 47.11 -3.11
C3C CLA YM . -52.23 47.39 -2.12
C4C CLA YM . -50.97 47.20 -2.87
CMC CLA YM . -54.74 47.14 -2.95
CAC CLA YM . -52.40 47.76 -0.67
CBC CLA YM . -52.24 46.52 0.16
ND CLA YM . -48.43 46.95 -4.29
C1D CLA YM . -48.42 47.33 -3.03
C2D CLA YM . -47.08 47.53 -2.45
C3D CLA YM . -46.27 47.20 -3.61
C4D CLA YM . -47.09 46.89 -4.62
CMD CLA YM . -46.52 47.96 -1.13
CAD CLA YM . -44.87 47.10 -4.05
OBD CLA YM . -43.89 47.62 -3.43
CBD CLA YM . -44.83 46.69 -5.47
CGD CLA YM . -44.21 47.83 -6.21
O1D CLA YM . -43.07 47.76 -6.60
O2D CLA YM . -44.95 49.05 -6.46
CED CLA YM . -44.34 50.05 -7.25
C1 CLA YM . -43.28 46.36 -11.87
C2 CLA YM . -44.48 46.82 -12.67
C3 CLA YM . -44.63 46.46 -13.96
C4 CLA YM . -43.59 45.62 -14.60
C5 CLA YM . -45.83 46.92 -14.75
C6 CLA YM . -46.83 47.61 -13.84
C7 CLA YM . -47.75 48.57 -14.56
C8 CLA YM . -48.88 49.02 -13.64
C9 CLA YM . -49.52 47.86 -12.91
C10 CLA YM . -49.93 49.75 -14.46
C11 CLA YM . -50.72 50.70 -13.59
C12 CLA YM . -50.16 52.11 -13.67
C13 CLA YM . -49.98 52.57 -15.11
C14 CLA YM . -48.53 52.96 -15.38
C15 CLA YM . -50.91 53.75 -15.38
C16 CLA YM . -50.62 54.37 -16.74
C17 CLA YM . -51.06 55.84 -16.75
C18 CLA YM . -49.93 56.84 -16.95
C19 CLA YM . -48.56 56.19 -17.25
C20 CLA YM . -50.29 57.82 -18.05
MG CLA ZM . -51.82 37.18 -21.83
CHA CLA ZM . -50.27 39.19 -24.23
CHB CLA ZM . -54.02 39.73 -21.35
CHC CLA ZM . -53.41 35.17 -19.68
CHD CLA ZM . -49.38 34.70 -22.35
NA CLA ZM . -52.14 39.22 -22.68
C1A CLA ZM . -51.45 39.82 -23.56
C2A CLA ZM . -51.93 41.19 -23.87
C3A CLA ZM . -53.07 41.35 -22.90
C4A CLA ZM . -53.09 40.01 -22.26
CMA CLA ZM . -53.02 42.54 -21.97
CAA CLA ZM . -52.60 41.01 -25.21
CBA CLA ZM . -53.68 42.02 -25.56
CGA CLA ZM . -54.47 41.30 -26.60
O1A CLA ZM . -54.76 40.13 -26.50
O2A CLA ZM . -54.92 41.80 -27.72
NB CLA ZM . -53.50 37.43 -20.68
C1B CLA ZM . -54.25 38.51 -20.58
C2B CLA ZM . -55.38 38.38 -19.63
C3B CLA ZM . -55.16 37.02 -19.13
C4B CLA ZM . -53.98 36.51 -19.84
CMB CLA ZM . -56.42 39.42 -19.29
CAB CLA ZM . -55.92 36.22 -18.15
CBB CLA ZM . -57.17 36.45 -17.83
NC CLA ZM . -51.49 35.19 -21.19
C1C CLA ZM . -52.23 34.55 -20.30
C2C CLA ZM . -51.81 33.18 -19.99
C3C CLA ZM . -50.64 33.02 -20.84
C4C CLA ZM . -50.53 34.33 -21.52
CMC CLA ZM . -52.44 32.21 -19.04
CAC CLA ZM . -49.73 31.83 -20.98
CBC CLA ZM . -49.81 31.21 -22.35
ND CLA ZM . -50.20 36.87 -22.94
C1D CLA ZM . -49.32 35.92 -23.14
C2D CLA ZM . -48.29 36.19 -24.17
C3D CLA ZM . -48.74 37.52 -24.57
C4D CLA ZM . -49.81 37.85 -23.86
CMD CLA ZM . -47.13 35.48 -24.75
CAD CLA ZM . -48.38 38.60 -25.49
OBD CLA ZM . -47.24 38.75 -26.05
CBD CLA ZM . -49.38 39.69 -25.35
CGD CLA ZM . -48.61 40.91 -25.00
O1D CLA ZM . -48.08 41.56 -25.88
O2D CLA ZM . -48.46 41.38 -23.65
CED CLA ZM . -48.33 42.77 -23.46
C1 CLA ZM . -55.86 43.09 -27.72
C2 CLA ZM . -57.36 42.99 -27.77
C3 CLA ZM . -58.08 43.94 -28.38
C4 CLA ZM . -59.58 43.79 -28.40
C5 CLA ZM . -57.44 45.13 -29.05
C6 CLA ZM . -57.21 46.32 -28.10
C7 CLA ZM . -58.45 47.17 -27.91
C8 CLA ZM . -58.34 48.59 -28.50
C9 CLA ZM . -57.30 48.70 -29.62
C10 CLA ZM . -58.07 49.58 -27.38
C11 CLA ZM . -57.74 50.96 -27.93
C12 CLA ZM . -59.01 51.67 -28.37
C13 CLA ZM . -58.82 53.17 -28.25
C14 CLA ZM . -59.22 53.65 -26.86
C15 CLA ZM . -59.64 53.87 -29.33
C16 CLA ZM . -59.47 55.38 -29.28
C17 CLA ZM . -60.81 56.07 -29.10
C18 CLA ZM . -61.05 57.10 -30.19
C19 CLA ZM . -61.65 56.44 -31.43
C20 CLA ZM . -61.93 58.23 -29.68
MG CLA AN . -47.55 47.89 -28.46
CHA CLA AN . -49.60 45.88 -26.49
CHB CLA AN . -48.01 50.35 -26.12
CHC CLA AN . -45.48 49.77 -30.30
CHD CLA AN . -47.08 45.18 -30.71
NA CLA AN . -48.66 48.13 -26.53
C1A CLA AN . -49.40 47.27 -25.95
C2A CLA AN . -50.04 47.78 -24.69
C3A CLA AN . -49.51 49.19 -24.63
C4A CLA AN . -48.67 49.23 -25.84
CMA CLA AN . -50.49 50.35 -24.46
CAA CLA AN . -49.51 47.00 -23.49
CBA CLA AN . -49.59 47.74 -22.16
CGA CLA AN . -50.37 46.87 -21.21
O1A CLA AN . -50.49 45.67 -21.31
O2A CLA AN . -50.99 47.33 -20.15
NB CLA AN . -46.85 49.80 -28.22
C1B CLA AN . -47.12 50.67 -27.25
C2B CLA AN . -46.45 51.97 -27.38
C3B CLA AN . -45.72 51.76 -28.63
C4B CLA AN . -46.02 50.40 -29.08
CMB CLA AN . -46.56 53.14 -26.45
CAB CLA AN . -44.82 52.67 -29.38
CBB CLA AN . -44.14 53.62 -28.79
NC CLA AN . -46.45 47.53 -30.23
C1C CLA AN . -45.71 48.43 -30.85
C2C CLA AN . -45.11 48.00 -32.13
C3C CLA AN . -45.61 46.63 -32.24
C4C CLA AN . -46.42 46.46 -31.02
CMC CLA AN . -44.23 48.76 -33.07
CAC CLA AN . -45.41 45.59 -33.30
CBC CLA AN . -46.59 45.57 -34.23
ND CLA AN . -48.09 45.99 -28.66
C1D CLA AN . -47.93 45.01 -29.55
C2D CLA AN . -48.71 43.78 -29.27
C3D CLA AN . -49.34 44.22 -28.04
C4D CLA AN . -48.97 45.45 -27.75
CMD CLA AN . -48.94 42.44 -29.87
CAD CLA AN . -50.27 43.71 -27.04
OBD CLA AN . -51.07 42.76 -27.27
CBD CLA AN . -50.38 44.71 -25.95
CGD CLA AN . -51.81 45.04 -25.69
O1D CLA AN . -52.20 45.21 -24.56
O2D CLA AN . -52.78 45.18 -26.75
CED CLA AN . -53.92 45.96 -26.45
C1 CLA AN . -50.44 46.92 -18.72
C2 CLA AN . -51.03 45.77 -17.94
C3 CLA AN . -50.37 45.23 -16.92
C4 CLA AN . -49.01 45.76 -16.53
C5 CLA AN . -50.98 44.10 -16.16
C6 CLA AN . -51.81 44.70 -15.05
C7 CLA AN . -53.22 44.15 -15.07
C8 CLA AN . -53.63 43.76 -13.65
C9 CLA AN . -53.34 42.29 -13.39
C10 CLA AN . -55.09 44.10 -13.35
C11 CLA AN . -55.96 44.29 -14.59
C12 CLA AN . -56.87 43.08 -14.75
C13 CLA AN . -57.75 43.24 -15.96
C14 CLA AN . -58.53 44.55 -15.89
C15 CLA AN . -58.71 42.04 -16.02
C16 CLA AN . -59.40 42.00 -17.38
C17 CLA AN . -59.85 40.59 -17.72
C18 CLA AN . -60.28 40.40 -19.18
C19 CLA AN . -61.71 39.89 -19.26
C20 CLA AN . -60.13 41.66 -20.02
MG CLA BN . -33.43 31.54 -21.82
CHA CLA BN . -30.42 33.08 -21.14
CHB CLA BN . -32.82 32.16 -25.14
CHC CLA BN . -36.37 30.03 -22.49
CHD CLA BN . -34.01 31.10 -18.38
NA CLA BN . -31.83 32.51 -23.03
C1A CLA BN . -30.78 33.06 -22.60
C2A CLA BN . -29.96 33.74 -23.66
C3A CLA BN . -30.80 33.47 -24.89
C4A CLA BN . -31.89 32.66 -24.32
CMA CLA BN . -31.16 34.69 -25.70
CAA CLA BN . -28.61 33.08 -23.92
CBA CLA BN . -28.68 31.57 -24.02
CGA CLA BN . -28.53 31.18 -25.46
O1A CLA BN . -27.57 31.42 -26.14
O2A CLA BN . -29.47 30.58 -26.17
NB CLA BN . -34.44 31.17 -23.57
C1B CLA BN . -34.02 31.40 -24.81
C2B CLA BN . -34.91 30.86 -25.85
C3B CLA BN . -35.95 30.25 -25.04
C4B CLA BN . -35.57 30.49 -23.64
CMB CLA BN . -34.75 30.94 -27.34
CAB CLA BN . -37.14 29.52 -25.45
CBB CLA BN . -37.00 28.41 -26.14
NC CLA BN . -34.88 30.54 -20.62
C1C CLA BN . -36.05 30.11 -21.06
C2C CLA BN . -37.01 29.71 -20.03
C3C CLA BN . -36.26 29.95 -18.82
C4C CLA BN . -34.97 30.46 -19.29
CMC CLA BN . -38.41 29.21 -20.19
CAC CLA BN . -36.69 29.75 -17.38
CBC CLA BN . -36.00 28.56 -16.79
ND CLA BN . -32.58 31.98 -20.09
C1D CLA BN . -32.77 31.70 -18.82
C2D CLA BN . -31.65 32.05 -17.93
C3D CLA BN . -30.73 32.61 -18.92
C4D CLA BN . -31.32 32.54 -20.11
CMD CLA BN . -31.34 31.95 -16.47
CAD CLA BN . -29.41 33.21 -19.04
OBD CLA BN . -28.67 33.56 -18.06
CBD CLA BN . -29.17 33.56 -20.46
CGD CLA BN . -29.04 35.03 -20.51
O1D CLA BN . -29.72 35.67 -19.77
O2D CLA BN . -28.10 35.67 -21.39
CED CLA BN . -27.01 36.38 -20.81
C1 CLA BN . -29.62 29.00 -26.08
C2 CLA BN . -30.96 28.32 -26.09
C3 CLA BN . -31.42 27.75 -24.97
C4 CLA BN . -32.75 27.07 -25.01
C5 CLA BN . -30.65 27.80 -23.69
C6 CLA BN . -31.29 28.79 -22.72
C7 CLA BN . -30.64 28.79 -21.34
C8 CLA BN . -31.32 27.80 -20.41
C9 CLA BN . -32.84 27.83 -20.54
C10 CLA BN . -30.93 28.08 -18.97
C11 CLA BN . -31.68 27.15 -18.03
C12 CLA BN . -31.55 27.62 -16.58
C13 CLA BN . -31.37 26.44 -15.65
C14 CLA BN . -32.57 26.27 -14.75
C15 CLA BN . -30.09 26.63 -14.83
C16 CLA BN . -29.05 25.58 -15.19
C17 CLA BN . -28.70 24.70 -14.00
C18 CLA BN . -27.30 25.01 -13.47
C19 CLA BN . -27.18 24.59 -12.02
C20 CLA BN . -26.22 24.35 -14.32
MG CLA CN . -34.85 40.14 -19.35
CHA CLA CN . -32.79 42.10 -21.36
CHB CLA CN . -32.37 37.81 -19.34
CHC CLA CN . -36.78 38.34 -17.27
CHD CLA CN . -37.34 42.65 -19.44
NA CLA CN . -32.82 39.95 -20.22
C1A CLA CN . -32.20 40.77 -20.98
C2A CLA CN . -30.88 40.28 -21.44
C3A CLA CN . -30.82 38.91 -20.85
C4A CLA CN . -32.08 38.88 -20.07
CMA CLA CN . -30.65 37.80 -21.86
CAA CLA CN . -29.78 41.14 -20.82
CBA CLA CN . -29.06 40.58 -19.59
CGA CLA CN . -29.17 41.57 -18.45
O1A CLA CN . -30.19 42.17 -18.16
O2A CLA CN . -28.18 41.89 -17.63
NB CLA CN . -34.59 38.33 -18.43
C1B CLA CN . -33.54 37.54 -18.52
C2B CLA CN . -33.67 36.31 -17.73
C3B CLA CN . -34.99 36.47 -17.13
C4B CLA CN . -35.48 37.76 -17.63
CMB CLA CN . -32.63 35.24 -17.65
CAB CLA CN . -35.76 35.61 -16.22
CBB CLA CN . -35.32 34.45 -15.76
NC CLA CN . -36.76 40.46 -18.47
C1C CLA CN . -37.37 39.62 -17.67
C2C CLA CN . -38.68 40.05 -17.18
C3C CLA CN . -38.83 41.34 -17.81
C4C CLA CN . -37.60 41.49 -18.60
CMC CLA CN . -39.62 39.34 -16.24
CAC CLA CN . -39.98 42.30 -17.72
CBC CLA CN . -39.64 43.38 -16.72
ND CLA CN . -35.13 41.95 -20.12
C1D CLA CN . -36.08 42.85 -20.17
C2D CLA CN . -35.78 44.03 -21.00
C3D CLA CN . -34.45 43.67 -21.45
C4D CLA CN . -34.14 42.49 -20.93
CMD CLA CN . -36.48 45.28 -21.37
CAD CLA CN . -33.36 44.17 -22.29
OBD CLA CN . -33.35 45.25 -22.97
CBD CLA CN . -32.21 43.24 -22.18
CGD CLA CN . -31.82 42.72 -23.52
O1D CLA CN . -32.64 42.38 -24.31
O2D CLA CN . -30.42 42.60 -23.87
CED CLA CN . -30.05 42.61 -25.24
C1 CLA CN . -28.45 42.22 -16.08
C2 CLA CN . -29.09 43.49 -15.58
C3 CLA CN . -28.94 43.90 -14.32
C4 CLA CN . -28.10 43.08 -13.36
C5 CLA CN . -29.58 45.16 -13.80
C6 CLA CN . -29.62 46.22 -14.89
C7 CLA CN . -29.64 47.61 -14.28
C8 CLA CN . -30.94 47.89 -13.55
C9 CLA CN . -32.15 47.68 -14.45
C10 CLA CN . -30.93 49.32 -13.03
C11 CLA CN . -30.37 49.38 -11.63
C12 CLA CN . -30.67 50.73 -11.01
C13 CLA CN . -29.40 51.38 -10.50
C14 CLA CN . -28.81 50.58 -9.35
C15 CLA CN . -29.74 52.79 -10.04
C16 CLA CN . -28.55 53.43 -9.35
C17 CLA CN . -28.65 54.94 -9.45
C18 CLA CN . -28.41 55.59 -8.10
C19 CLA CN . -27.27 56.60 -8.20
C20 CLA CN . -29.67 56.27 -7.59
MG CLA DN . -44.25 29.41 -7.27
CHA CLA DN . -45.23 26.96 -5.07
CHB CLA DN . -42.77 30.98 -4.61
CHC CLA DN . -43.24 31.82 -9.42
CHD CLA DN . -45.91 27.80 -9.91
NA CLA DN . -43.99 29.04 -5.10
C1A CLA DN . -44.43 28.06 -4.45
C2A CLA DN . -44.09 28.09 -2.98
C3A CLA DN . -43.36 29.40 -2.87
C4A CLA DN . -43.36 29.85 -4.28
CMA CLA DN . -43.91 30.34 -1.85
CAA CLA DN . -43.11 26.99 -2.61
CBA CLA DN . -41.80 27.05 -3.38
CGA CLA DN . -41.28 25.66 -3.54
O1A CLA DN . -41.86 24.79 -4.14
O2A CLA DN . -40.14 25.22 -3.05
NB CLA DN . -43.17 31.13 -7.04
C1B CLA DN . -42.66 31.61 -5.93
C2B CLA DN . -41.95 32.87 -6.10
C3B CLA DN . -42.09 33.12 -7.53
C4B CLA DN . -42.87 31.99 -8.02
CMB CLA DN . -41.28 33.61 -5.02
CAB CLA DN . -41.62 34.22 -8.40
CBB CLA DN . -41.18 35.35 -7.92
NC CLA DN . -44.47 29.72 -9.36
C1C CLA DN . -43.93 30.70 -10.05
C2C CLA DN . -44.05 30.62 -11.50
C3C CLA DN . -44.79 29.38 -11.66
C4C CLA DN . -45.01 28.91 -10.26
CMC CLA DN . -43.50 31.59 -12.49
CAC CLA DN . -45.24 28.71 -12.91
CBC CLA DN . -44.31 27.55 -13.19
ND CLA DN . -45.35 27.79 -7.57
C1D CLA DN . -45.95 27.19 -8.59
C2D CLA DN . -46.65 25.94 -8.22
C3D CLA DN . -46.32 25.90 -6.80
C4D CLA DN . -45.58 26.95 -6.50
CMD CLA DN . -47.48 24.91 -8.93
CAD CLA DN . -46.54 25.08 -5.58
OBD CLA DN . -46.98 23.88 -5.56
CBD CLA DN . -45.86 25.76 -4.44
CGD CLA DN . -46.88 26.24 -3.46
O1D CLA DN . -47.62 27.15 -3.77
O2D CLA DN . -46.98 25.69 -2.15
CED CLA DN . -48.27 25.35 -1.65
C1 CLA DN . -38.87 25.07 -3.99
C2 CLA DN . -39.03 24.73 -5.46
C3 CLA DN . -38.05 24.12 -6.14
C4 CLA DN . -36.78 23.74 -5.46
C5 CLA DN . -38.26 23.82 -7.60
C6 CLA DN . -37.89 22.37 -7.89
C7 CLA DN . -37.14 22.25 -9.21
C8 CLA DN . -37.80 23.08 -10.31
C9 CLA DN . -38.88 22.28 -11.03
C10 CLA DN . -36.74 23.56 -11.29
C11 CLA DN . -36.16 22.43 -12.14
C12 CLA DN . -35.33 23.00 -13.29
C13 CLA DN . -34.33 22.00 -13.83
C14 CLA DN . -33.46 21.45 -12.70
C15 CLA DN . -33.46 22.65 -14.90
C16 CLA DN . -32.76 21.62 -15.79
C17 CLA DN . -31.26 21.87 -15.87
C18 CLA DN . -30.66 21.47 -17.22
C19 CLA DN . -30.77 19.97 -17.45
C20 CLA DN . -31.29 22.25 -18.37
MG CLA EN . -68.79 39.02 -14.26
CHA CLA EN . -71.11 40.45 -12.09
CHB CLA EN . -71.44 37.54 -15.84
CHC CLA EN . -66.56 37.72 -16.44
CHD CLA EN . -66.14 40.62 -12.53
NA CLA EN . -71.00 39.00 -14.04
C1A CLA EN . -71.70 39.59 -13.16
C2A CLA EN . -73.18 39.37 -13.27
C3A CLA EN . -73.23 38.42 -14.44
C4A CLA EN . -71.80 38.31 -14.81
CMA CLA EN . -74.02 37.15 -14.25
CAA CLA EN . -73.86 40.68 -13.68
CBA CLA EN . -74.77 40.64 -14.90
CGA CLA EN . -74.17 41.52 -15.97
O1A CLA EN . -72.98 41.69 -16.12
O2A CLA EN . -74.88 42.18 -16.86
NB CLA EN . -68.99 37.81 -15.91
C1B CLA EN . -70.11 37.29 -16.39
C2B CLA EN . -69.90 36.42 -17.57
C3B CLA EN . -68.45 36.48 -17.71
C4B CLA EN . -67.97 37.38 -16.65
CMB CLA EN . -70.92 35.66 -18.36
CAB CLA EN . -67.58 35.83 -18.71
CBB CLA EN . -67.78 36.07 -19.99
NC CLA EN . -66.68 39.19 -14.47
C1C CLA EN . -65.95 38.57 -15.40
C2C CLA EN . -64.50 38.75 -15.33
C3C CLA EN . -64.38 39.63 -14.17
C4C CLA EN . -65.77 39.83 -13.72
CMC CLA EN . -63.45 38.18 -16.24
CAC CLA EN . -63.12 40.20 -13.57
CBC CLA EN . -62.91 41.60 -14.12
ND CLA EN . -68.53 40.24 -12.71
C1D CLA EN . -67.52 40.83 -12.09
C2D CLA EN . -67.96 41.68 -10.94
C3D CLA EN . -69.39 41.49 -11.00
C4D CLA EN . -69.65 40.66 -12.02
CMD CLA EN . -67.37 42.56 -9.90
CAD CLA EN . -70.63 41.89 -10.31
OBD CLA EN . -70.70 42.58 -9.23
CBD CLA EN . -71.77 41.22 -10.99
CGD CLA EN . -72.45 40.31 -10.01
O1D CLA EN . -73.62 40.50 -9.73
O2D CLA EN . -71.76 39.21 -9.40
CED CLA EN . -72.43 37.95 -9.23
MG CLA FN . -73.60 34.88 -22.44
CHA CLA FN . -75.05 35.34 -19.35
CHB CLA FN . -75.34 31.91 -22.64
CHC CLA FN . -72.24 34.45 -25.50
CHD CLA FN . -71.81 37.90 -22.07
NA CLA FN . -75.04 33.74 -21.17
C1A CLA FN . -75.47 34.06 -20.02
C2A CLA FN . -76.42 33.07 -19.42
C3A CLA FN . -76.44 31.99 -20.48
C4A CLA FN . -75.55 32.58 -21.51
CMA CLA FN . -76.17 30.57 -20.03
CAA CLA FN . -77.85 33.59 -19.35
CBA CLA FN . -78.12 34.76 -20.30
CGA CLA FN . -79.35 34.54 -21.13
O1A CLA FN . -79.57 33.53 -21.76
O2A CLA FN . -80.32 35.42 -21.28
NB CLA FN . -73.77 33.39 -23.85
C1B CLA FN . -74.49 32.27 -23.79
C2B CLA FN . -74.39 31.41 -24.99
C3B CLA FN . -73.46 32.19 -25.82
C4B CLA FN . -73.14 33.39 -25.02
CMB CLA FN . -75.07 30.10 -25.24
CAB CLA FN . -72.90 31.93 -27.15
CBB CLA FN . -73.61 31.39 -28.12
NC CLA FN . -72.31 36.05 -23.63
C1C CLA FN . -71.84 35.68 -24.81
C2C CLA FN . -70.88 36.58 -25.44
C3C CLA FN . -70.77 37.64 -24.44
C4C CLA FN . -71.69 37.21 -23.36
CMC CLA FN . -70.21 36.38 -26.77
CAC CLA FN . -69.90 38.87 -24.50
CBC CLA FN . -70.75 40.12 -24.60
ND CLA FN . -73.37 36.34 -21.11
C1D CLA FN . -72.72 37.49 -21.00
C2D CLA FN . -73.01 38.26 -19.76
C3D CLA FN . -73.95 37.33 -19.14
C4D CLA FN . -74.11 36.28 -19.95
CMD CLA FN . -72.61 39.56 -19.11
CAD CLA FN . -74.78 37.19 -17.93
OBD CLA FN . -75.14 38.15 -17.18
CBD CLA FN . -75.46 35.86 -18.00
CGD CLA FN . -74.88 34.97 -16.95
O1D CLA FN . -73.70 34.99 -16.70
O2D CLA FN . -75.73 34.06 -16.20
CED CLA FN . -75.54 33.98 -14.79
C1 CLA FN . -81.02 35.58 -22.70
C2 CLA FN . -80.28 36.08 -23.91
C3 CLA FN . -80.89 36.14 -25.11
C4 CLA FN . -82.30 35.71 -25.28
C5 CLA FN . -80.11 36.64 -26.32
C6 CLA FN . -79.79 38.13 -26.16
C7 CLA FN . -78.33 38.40 -26.50
C8 CLA FN . -78.11 38.94 -27.92
C9 CLA FN . -79.26 39.85 -28.37
C10 CLA FN . -77.91 37.80 -28.90
MG CLA GN . -69.95 27.80 -36.96
CHA CLA GN . -70.45 27.08 -33.59
CHB CLA GN . -69.45 24.43 -37.42
CHC CLA GN . -69.64 28.47 -40.23
CHD CLA GN . -70.48 31.24 -36.29
NA CLA GN . -69.95 25.96 -35.69
C1A CLA GN . -70.15 25.88 -34.44
C2A CLA GN . -70.08 24.51 -33.89
C3A CLA GN . -69.70 23.70 -35.10
C4A CLA GN . -69.69 24.76 -36.15
CMA CLA GN . -68.50 22.79 -35.00
CAA CLA GN . -71.52 24.11 -33.71
CBA CLA GN . -71.90 23.67 -32.32
CGA CLA GN . -73.39 23.42 -32.30
O1A CLA GN . -74.06 23.27 -33.31
O2A CLA GN . -74.15 23.34 -31.24
NB CLA GN . -69.60 26.60 -38.58
C1B CLA GN . -69.40 25.28 -38.60
C2B CLA GN . -69.15 24.73 -39.95
C3B CLA GN . -69.21 25.94 -40.76
C4B CLA GN . -69.49 27.06 -39.84
CMB CLA GN . -68.89 23.28 -40.30
CAB CLA GN . -69.05 26.15 -42.22
CBB CLA GN . -68.94 25.17 -43.09
NC CLA GN . -70.06 29.58 -38.09
C1C CLA GN . -69.89 29.65 -39.41
C2C CLA GN . -69.98 31.01 -39.98
C3C CLA GN . -70.24 31.81 -38.79
C4C CLA GN . -70.26 30.84 -37.69
CMC CLA GN . -69.85 31.44 -41.41
CAC CLA GN . -70.44 33.29 -38.66
CBC CLA GN . -69.07 33.95 -38.56
ND CLA GN . -70.36 28.99 -35.41
C1D CLA GN . -70.57 30.28 -35.18
C2D CLA GN . -70.86 30.64 -33.76
C3D CLA GN . -70.80 29.31 -33.18
C4D CLA GN . -70.52 28.44 -34.15
CMD CLA GN . -71.15 31.86 -32.95
CAD CLA GN . -70.93 28.63 -31.89
OBD CLA GN . -70.80 29.20 -30.75
CBD CLA GN . -70.73 27.17 -32.11
CGD CLA GN . -69.54 26.72 -31.33
O1D CLA GN . -68.42 26.91 -31.73
O2D CLA GN . -69.70 26.04 -30.07
CED CLA GN . -68.82 26.38 -29.02
C1 CLA GN . -75.41 24.31 -31.11
C2 CLA GN . -75.28 25.68 -31.75
C3 CLA GN . -75.86 26.77 -31.25
C4 CLA GN . -76.72 26.66 -30.02
C5 CLA GN . -75.66 28.08 -31.95
C6 CLA GN . -75.90 29.26 -31.03
C7 CLA GN . -76.06 30.51 -31.86
C8 CLA GN . -77.25 31.34 -31.39
C9 CLA GN . -78.04 31.87 -32.59
C10 CLA GN . -76.78 32.49 -30.51
C11 CLA GN . -76.15 33.62 -31.31
C12 CLA GN . -74.65 33.70 -31.06
C13 CLA GN . -74.28 34.91 -30.21
C14 CLA GN . -74.72 36.19 -30.91
C15 CLA GN . -72.78 34.90 -29.96
CAA F6C HN . -68.50 24.72 -49.20
CAB F6C HN . -64.41 24.68 -40.70
CAC F6C HN . -61.86 17.93 -44.22
CAD F6C HN . -65.27 21.38 -50.92
NA F6C HN . -65.96 24.13 -47.11
CBA F6C HN . -69.02 23.63 -48.30
CBB F6C HN . -65.11 25.25 -39.73
CBC F6C HN . -62.92 16.86 -44.25
CBD F6C HN . -66.06 22.62 -50.66
NB F6C HN . -65.10 23.86 -44.27
OBD F6C HN . -65.05 20.87 -52.08
CGA F6C HN . -70.49 23.43 -48.54
CGD F6C HN . -65.48 23.68 -51.52
ND F6C HN . -64.42 21.46 -47.45
CED F6C HN . -64.50 25.95 -51.44
CHA F6C HN . -65.81 22.88 -49.20
CHB F6C HN . -66.32 25.69 -45.37
CHC F6C HN . -63.92 22.35 -42.70
CHD F6C HN . -63.02 19.66 -46.66
CMA F6C HN . -67.02 27.54 -47.71
CMB F6C HN . -66.08 27.06 -42.47
CMC F6C HN . -62.55 19.79 -41.55
CMD F6C HN . -63.27 18.75 -49.95
OMB F6C HN . -65.59 27.67 -41.54
C1A F6C HN . -66.26 24.03 -48.34
C1B F6C HN . -65.65 25.07 -44.22
C1C F6C HN . -63.46 21.26 -43.55
C1D F6C HN . -63.76 20.34 -47.72
O1A F6C HN . -71.17 22.58 -48.00
O1D F6C HN . -65.90 23.81 -52.64
C2A F6C HN . -67.09 25.17 -48.86
C2B F6C HN . -65.57 25.72 -42.87
C2C F6C HN . -62.80 20.08 -42.98
C2D F6C HN . -63.81 19.89 -49.12
O2A F6C HN . -71.22 24.18 -49.34
O2D F6C HN . -64.42 24.58 -51.09
C3A F6C HN . -67.22 26.03 -47.61
C3B F6C HN . -64.85 24.69 -42.11
C3C F6C HN . -62.53 19.28 -44.16
C3D F6C HN . -64.66 20.95 -49.66
C4A F6C HN . -66.46 25.24 -46.62
C4B F6C HN . -64.61 23.60 -43.06
C4C F6C HN . -63.06 20.10 -45.26
C4D F6C HN . -64.97 21.79 -48.68
NC F6C HN . -63.60 21.26 -44.87
MG F6C HN . -64.72 22.71 -45.92
MG CLA IN . -52.67 53.10 -32.17
CHA CLA IN . -50.56 55.88 -32.15
CHB CLA IN . -50.10 51.35 -30.72
CHC CLA IN . -54.80 50.52 -31.93
CHD CLA IN . -55.17 55.01 -33.77
NA CLA IN . -50.59 53.53 -31.50
C1A CLA IN . -49.96 54.64 -31.59
C2A CLA IN . -48.53 54.56 -31.13
C3A CLA IN . -48.41 53.11 -30.77
C4A CLA IN . -49.80 52.62 -30.99
CMA CLA IN . -47.36 52.42 -31.59
CAA CLA IN . -48.29 55.38 -29.87
CBA CLA IN . -48.98 54.82 -28.62
CGA CLA IN . -49.00 55.84 -27.53
O1A CLA IN . -48.75 57.02 -27.68
O2A CLA IN . -49.32 55.58 -26.29
NB CLA IN . -52.46 51.21 -31.41
C1B CLA IN . -51.37 50.63 -30.91
C2B CLA IN . -51.56 49.21 -30.54
C3B CLA IN . -52.96 49.01 -30.93
C4B CLA IN . -53.43 50.30 -31.45
CMB CLA IN . -50.58 48.24 -29.95
CAB CLA IN . -53.80 47.81 -30.83
CBB CLA IN . -53.95 47.18 -29.69
NC CLA IN . -54.68 52.81 -32.76
C1C CLA IN . -55.39 51.71 -32.54
C2C CLA IN . -56.81 51.77 -32.94
C3C CLA IN . -56.91 53.11 -33.48
C4C CLA IN . -55.54 53.65 -33.33
CMC CLA IN . -57.90 50.75 -32.80
CAC CLA IN . -58.12 53.79 -34.05
CBC CLA IN . -58.72 54.66 -32.97
ND CLA IN . -52.95 54.96 -32.83
C1D CLA IN . -53.90 55.65 -33.45
C2D CLA IN . -53.55 57.05 -33.77
C3D CLA IN . -52.20 57.08 -33.23
C4D CLA IN . -51.93 55.88 -32.71
CMD CLA IN . -54.19 58.24 -34.44
CAD CLA IN . -51.06 58.00 -33.06
OBD CLA IN . -50.96 59.18 -33.55
CBD CLA IN . -49.99 57.27 -32.33
CGD CLA IN . -48.79 57.21 -33.21
O1D CLA IN . -48.76 56.46 -34.16
O2D CLA IN . -47.64 58.06 -32.97
CED CLA IN . -46.97 58.56 -34.11
C1 CLA IN . -50.53 56.34 -25.58
C2 CLA IN . -50.43 57.77 -25.13
C3 CLA IN . -51.51 58.41 -24.66
C4 CLA IN . -51.39 59.83 -24.20
C5 CLA IN . -52.84 57.72 -24.59
C6 CLA IN . -53.79 58.40 -25.57
C7 CLA IN . -55.08 57.60 -25.70
C8 CLA IN . -56.05 58.26 -26.68
C9 CLA IN . -56.29 59.71 -26.30
C10 CLA IN . -57.35 57.48 -26.69
MG CLA JN . -54.36 61.00 -30.91
CHA CLA JN . -52.53 63.84 -30.15
CHB CLA JN . -51.99 59.19 -29.23
CHC CLA JN . -56.27 58.28 -31.49
CHD CLA JN . -56.71 62.99 -32.71
NA CLA JN . -52.48 61.44 -29.81
C1A CLA JN . -51.92 62.57 -29.63
C2A CLA JN . -50.58 62.49 -28.92
C3A CLA JN . -50.46 61.01 -28.66
C4A CLA JN . -51.72 60.50 -29.27
CMA CLA JN . -49.16 60.31 -28.98
CAA CLA JN . -50.54 63.22 -27.58
CBA CLA JN . -51.52 62.64 -26.57
CGA CLA JN . -51.52 63.49 -25.32
O1A CLA JN . -51.03 64.60 -25.25
O2A CLA JN . -52.05 63.14 -24.17
NB CLA JN . -54.16 59.03 -30.42
C1B CLA JN . -53.15 58.46 -29.76
C2B CLA JN . -53.29 57.00 -29.57
C3B CLA JN . -54.55 56.75 -30.27
C4B CLA JN . -55.02 58.06 -30.74
CMB CLA JN . -52.34 56.08 -28.88
CAB CLA JN . -55.30 55.48 -30.46
CBB CLA JN . -55.36 54.55 -29.54
NC CLA JN . -56.23 60.70 -31.90
C1C CLA JN . -56.82 59.52 -32.05
C2C CLA JN . -58.07 59.51 -32.83
C3C CLA JN . -58.21 60.92 -33.16
C4C CLA JN . -57.03 61.55 -32.55
CMC CLA JN . -58.97 58.36 -33.17
CAC CLA JN . -59.29 61.58 -33.95
CBC CLA JN . -60.30 62.16 -32.98
ND CLA JN . -54.68 62.91 -31.40
C1D CLA JN . -55.57 63.64 -32.06
C2D CLA JN . -55.29 65.10 -32.10
C3D CLA JN . -54.06 65.10 -31.31
C4D CLA JN . -53.77 63.84 -30.95
CMD CLA JN . -55.87 66.37 -32.64
CAD CLA JN . -53.07 66.05 -30.80
OBD CLA JN . -53.27 67.30 -30.66
CBD CLA JN . -52.08 65.27 -29.99
CGD CLA JN . -50.72 65.48 -30.57
O1D CLA JN . -50.48 65.18 -31.71
O2D CLA JN . -49.69 66.06 -29.74
CED CLA JN . -49.40 67.44 -29.88
MG CLA KN . -57.08 68.24 -28.82
CHA CLA KN . -55.55 71.00 -27.35
CHB CLA KN . -54.78 66.30 -27.14
CHC CLA KN . -58.62 65.55 -30.15
CHD CLA KN . -59.41 70.37 -30.43
NA CLA KN . -55.37 68.57 -27.41
C1A CLA KN . -54.94 69.69 -26.97
C2A CLA KN . -53.76 69.57 -26.04
C3A CLA KN . -53.53 68.08 -26.03
C4A CLA KN . -54.63 67.60 -26.92
CMA CLA KN . -52.13 67.53 -26.22
CAA CLA KN . -54.13 70.02 -24.62
CBA CLA KN . -55.09 69.08 -23.88
CGA CLA KN . -56.55 69.32 -24.22
O1A CLA KN . -57.37 68.44 -24.43
O2A CLA KN . -57.11 70.50 -24.31
NB CLA KN . -56.74 66.22 -28.64
C1B CLA KN . -55.78 65.59 -27.97
C2B CLA KN . -55.82 64.11 -28.09
C3B CLA KN . -56.96 63.93 -28.97
C4B CLA KN . -57.47 65.28 -29.28
CMB CLA KN . -54.94 63.07 -27.48
CAB CLA KN . -57.49 62.66 -29.47
CBB CLA KN . -58.69 62.25 -29.11
NC CLA KN . -58.79 68.00 -30.06
C1C CLA KN . -59.22 66.83 -30.53
C2C CLA KN . -60.36 66.90 -31.47
C3C CLA KN . -60.60 68.34 -31.52
C4C CLA KN . -59.58 68.93 -30.63
CMC CLA KN . -61.09 65.78 -32.16
CAC CLA KN . -61.65 69.07 -32.32
CBC CLA KN . -61.14 69.27 -33.73
ND CLA KN . -57.51 70.18 -28.94
C1D CLA KN . -58.38 70.98 -29.57
C2D CLA KN . -58.20 72.43 -29.34
C3D CLA KN . -57.04 72.37 -28.43
C4D CLA KN . -56.72 71.09 -28.25
CMD CLA KN . -58.83 73.73 -29.76
CAD CLA KN . -56.14 73.26 -27.68
OBD CLA KN . -55.99 74.51 -27.92
CBD CLA KN . -55.13 72.41 -26.98
CGD CLA KN . -53.78 72.69 -27.58
O1D CLA KN . -53.66 72.96 -28.75
O2D CLA KN . -52.60 72.63 -26.75
CED CLA KN . -51.63 73.68 -26.82
MG CLA LN . -49.49 40.28 -32.84
CHA CLA LN . -51.12 42.96 -34.33
CHB CLA LN . -51.84 40.44 -30.37
CHC CLA LN . -47.97 37.61 -31.49
CHD CLA LN . -47.17 40.24 -35.51
NA CLA LN . -51.28 41.52 -32.38
C1A CLA LN . -51.75 42.50 -33.05
C2A CLA LN . -52.90 43.19 -32.39
C3A CLA LN . -53.06 42.37 -31.14
C4A CLA LN . -52.01 41.36 -31.31
CMA CLA LN . -52.98 43.16 -29.86
CAA CLA LN . -54.20 43.07 -33.19
CBA CLA LN . -55.20 44.01 -32.55
CGA CLA LN . -56.44 44.11 -33.39
O1A CLA LN . -56.43 44.04 -34.60
O2A CLA LN . -57.65 44.29 -32.94
NB CLA LN . -49.88 39.17 -31.17
C1B CLA LN . -50.85 39.37 -30.28
C2B CLA LN . -50.82 38.42 -29.15
C3B CLA LN . -49.67 37.61 -29.50
C4B CLA LN . -49.14 38.14 -30.77
CMB CLA LN . -51.72 38.31 -27.96
CAB CLA LN . -49.14 36.46 -28.75
CBB CLA LN . -48.03 36.56 -28.08
NC CLA LN . -47.86 39.08 -33.46
C1C CLA LN . -47.38 38.04 -32.78
C2C CLA LN . -46.23 37.37 -33.39
C3C CLA LN . -46.03 38.13 -34.60
C4C CLA LN . -47.08 39.15 -34.54
CMC CLA LN . -45.48 36.18 -32.87
CAC CLA LN . -45.02 37.92 -35.69
CBC CLA LN . -43.91 38.94 -35.63
ND CLA LN . -49.16 41.21 -34.57
C1D CLA LN . -48.21 41.26 -35.49
C2D CLA LN . -48.26 42.39 -36.43
C3D CLA LN . -49.46 43.03 -35.90
C4D CLA LN . -49.91 42.32 -34.87
CMD CLA LN . -47.46 42.92 -37.59
CAD CLA LN . -50.32 44.18 -36.15
OBD CLA LN . -50.09 45.08 -37.01
CBD CLA LN . -51.48 44.11 -35.23
CGD CLA LN . -51.46 45.37 -34.46
O1D CLA LN . -52.50 45.92 -34.14
O2D CLA LN . -50.22 45.96 -34.03
CED CLA LN . -49.99 45.99 -32.65
C1 CLA LN . -58.45 45.62 -33.31
C2 CLA LN . -59.08 46.51 -32.27
C3 CLA LN . -59.86 47.53 -32.63
C4 CLA LN . -60.10 47.82 -34.08
C5 CLA LN . -60.48 48.42 -31.59
C6 CLA LN . -61.88 47.93 -31.25
C7 CLA LN . -62.51 48.76 -30.13
C8 CLA LN . -62.45 48.11 -28.75
C9 CLA LN . -61.92 46.69 -28.79
C10 CLA LN . -63.84 48.13 -28.13
C11 CLA LN . -63.82 47.66 -26.67
C12 CLA LN . -64.55 46.33 -26.48
C13 CLA LN . -65.66 46.39 -25.45
C14 CLA LN . -65.31 45.48 -24.27
C15 CLA LN . -66.96 45.98 -26.12
C16 CLA LN . -68.18 46.58 -25.46
C17 CLA LN . -68.95 45.55 -24.64
C18 CLA LN . -70.39 45.43 -25.09
C19 CLA LN . -71.11 44.27 -24.41
C20 CLA LN . -71.12 46.72 -24.74
MG CLA MN . -61.41 37.67 -34.65
CHA CLA MN . -58.69 39.63 -35.50
CHB CLA MN . -59.87 37.18 -31.61
CHC CLA MN . -64.07 35.81 -33.77
CHD CLA MN . -62.85 38.23 -37.82
NA CLA MN . -59.52 38.30 -33.64
C1A CLA MN . -58.61 39.05 -34.13
C2A CLA MN . -57.48 39.34 -33.20
C3A CLA MN . -57.86 38.50 -32.02
C4A CLA MN . -59.17 37.95 -32.44
CMA CLA MN . -56.79 37.57 -31.52
CAA CLA MN . -57.55 40.79 -32.71
CBA CLA MN . -58.86 41.23 -32.05
CGA CLA MN . -59.89 41.67 -33.07
O1A CLA MN . -59.92 42.77 -33.59
O2A CLA MN . -60.84 40.92 -33.57
NB CLA MN . -61.89 36.64 -32.93
C1B CLA MN . -61.17 36.54 -31.81
C2B CLA MN . -61.82 35.73 -30.75
C3B CLA MN . -63.05 35.34 -31.42
C4B CLA MN . -63.00 35.95 -32.76
CMB CLA MN . -61.27 35.44 -29.39
CAB CLA MN . -64.19 34.50 -30.96
CBB CLA MN . -64.46 34.30 -29.70
NC CLA MN . -63.23 37.18 -35.61
C1C CLA MN . -64.14 36.35 -35.13
C2C CLA MN . -65.25 36.00 -36.03
C3C CLA MN . -64.90 36.77 -37.22
C4C CLA MN . -63.64 37.44 -36.86
CMC CLA MN . -66.44 35.11 -35.79
CAC CLA MN . -65.63 36.85 -38.53
CBC CLA MN . -65.11 35.77 -39.44
ND CLA MN . -61.00 38.64 -36.34
C1D CLA MN . -61.57 38.87 -37.51
C2D CLA MN . -60.79 39.74 -38.42
C3D CLA MN . -59.64 40.01 -37.55
C4D CLA MN . -59.83 39.38 -36.40
CMD CLA MN . -60.91 40.30 -39.81
CAD CLA MN . -58.37 40.75 -37.52
OBD CLA MN . -57.99 41.64 -38.33
CBD CLA MN . -57.70 40.52 -36.21
CGD CLA MN . -56.45 39.77 -36.46
O1D CLA MN . -56.43 38.82 -37.19
O2D CLA MN . -55.20 40.17 -35.87
CED CLA MN . -54.01 39.93 -36.62
C1 CLA MN . -62.20 40.56 -32.82
C2 CLA MN . -63.50 40.84 -33.52
C3 CLA MN . -64.67 40.42 -33.06
C4 CLA MN . -65.89 40.78 -33.83
C5 CLA MN . -64.79 39.58 -31.81
C6 CLA MN . -65.88 38.55 -32.03
C7 CLA MN . -66.79 38.41 -30.82
C8 CLA MN . -68.13 37.80 -31.20
C9 CLA MN . -69.04 37.70 -29.98
C10 CLA MN . -67.96 36.43 -31.84
C11 CLA MN . -69.32 35.79 -32.14
C12 CLA MN . -69.58 35.72 -33.63
C13 CLA MN . -70.85 36.49 -34.01
C14 CLA MN . -72.10 35.76 -33.53
C15 CLA MN . -70.90 36.67 -35.52
MG CLA NN . -61.47 37.09 -24.09
CHA CLA NN . -58.76 38.36 -25.84
CHB CLA NN . -59.33 36.59 -21.46
CHC CLA NN . -64.12 35.97 -22.37
CHD CLA NN . -63.52 37.59 -26.92
NA CLA NN . -59.31 37.44 -23.66
C1A CLA NN . -58.44 37.92 -24.45
C2A CLA NN . -57.05 37.93 -23.90
C3A CLA NN . -57.27 37.31 -22.55
C4A CLA NN . -58.73 37.09 -22.55
CMA CLA NN . -56.44 36.08 -22.23
CAA CLA NN . -56.58 39.35 -23.66
CBA CLA NN . -57.69 40.26 -23.16
CGA CLA NN . -57.25 41.71 -23.21
O1A CLA NN . -56.60 42.27 -22.36
O2A CLA NN . -57.53 42.53 -24.22
NB CLA NN . -61.68 36.37 -22.18
C1B CLA NN . -60.74 36.27 -21.25
C2B CLA NN . -61.22 35.75 -19.95
C3B CLA NN . -62.64 35.55 -20.22
C4B CLA NN . -62.84 35.97 -21.63
CMB CLA NN . -60.47 35.48 -18.68
CAB CLA NN . -63.59 35.06 -19.21
CBB CLA NN . -64.72 34.45 -19.47
NC CLA NN . -63.53 36.88 -24.56
C1C CLA NN . -64.43 36.34 -23.75
C2C CLA NN . -65.76 36.14 -24.33
C3C CLA NN . -65.58 36.66 -25.67
C4C CLA NN . -64.17 37.07 -25.71
CMC CLA NN . -67.00 35.57 -23.69
CAC CLA NN . -66.56 36.74 -26.80
CBC CLA NN . -67.07 38.16 -26.88
ND CLA NN . -61.32 37.75 -25.96
C1D CLA NN . -62.13 38.00 -26.99
C2D CLA NN . -61.49 38.68 -28.14
C3D CLA NN . -60.14 38.79 -27.60
C4D CLA NN . -60.12 38.26 -26.39
CMD CLA NN . -61.88 39.20 -29.49
CAD CLA NN . -58.81 39.30 -27.97
OBD CLA NN . -58.51 39.98 -29.01
CBD CLA NN . -57.85 38.91 -26.91
CGD CLA NN . -57.03 37.78 -27.42
O1D CLA NN . -57.48 36.65 -27.40
O2D CLA NN . -55.71 37.98 -27.95
CED CLA NN . -55.00 36.88 -28.47
CAA F6C ON . -27.17 -5.93 -9.65
CAB F6C ON . -25.37 0.47 -2.90
CAC F6C ON . -30.78 3.96 -7.50
CAD F6C ON . -31.23 -3.54 -10.93
NA F6C ON . -28.00 -3.46 -7.47
CBA F6C ON . -26.13 -4.88 -9.96
CBB F6C ON . -24.25 0.36 -2.22
CBC F6C ON . -30.19 4.42 -8.82
CBD F6C ON . -30.27 -4.54 -10.40
NB F6C ON . -27.13 -1.33 -5.57
OBD F6C ON . -31.82 -3.64 -12.07
CGA F6C ON . -26.05 -4.76 -11.44
CGD F6C ON . -31.01 -5.72 -9.86
ND F6C ON . -29.98 -1.32 -8.44
CED F6C ON . -31.23 -8.15 -10.34
CHA F6C ON . -29.60 -3.79 -9.28
CHB F6C ON . -26.33 -3.64 -5.79
CHC F6C ON . -27.52 1.02 -4.92
CHD F6C ON . -30.92 0.89 -8.37
CMA F6C ON . -26.88 -6.57 -6.22
CMB F6C ON . -24.42 -2.84 -3.41
CMC F6C ON . -28.57 3.98 -5.00
CMD F6C ON . -32.71 -0.43 -11.00
OMB F6C ON . -24.08 -2.68 -2.25
C1 F6C ON . -25.35 -2.40 -11.18
C1A F6C ON . -28.50 -4.22 -8.36
C1B F6C ON . -26.32 -2.31 -5.17
C1C F6C ON . -28.53 1.47 -5.88
C1D F6C ON . -30.83 -0.45 -8.95
O1A F6C ON . -26.10 -5.69 -12.20
O1D F6C ON . -32.09 -5.59 -9.33
C2 F6C ON . -26.27 -1.33 -10.61
C2A F6C ON . -27.92 -5.60 -8.37
C2B F6C ON . -25.42 -1.96 -4.07
C2C F6C ON . -29.00 2.86 -5.88
C2D F6C ON . -31.64 -0.95 -10.08
O2A F6C ON . -25.89 -3.61 -12.05
O2D F6C ON . -30.43 -7.05 -9.95
C3 F6C ON . -25.79 -0.46 -9.73
C3A F6C ON . -26.91 -5.49 -7.26
C3B F6C ON . -25.82 -0.57 -3.85
C3C F6C ON . -29.95 2.84 -6.98
C3D F6C ON . -31.10 -2.30 -10.16
C4 F6C ON . -26.69 0.59 -9.21
C4A F6C ON . -27.08 -4.10 -6.80
C4B F6C ON . -26.87 -0.27 -4.81
C4C F6C ON . -29.92 1.45 -7.46
C4D F6C ON . -30.17 -2.44 -9.21
C5 F6C ON . -24.35 -0.56 -9.30
C6 F6C ON . -24.10 0.26 -8.04
C7 F6C ON . -23.07 -0.42 -7.15
C8 F6C ON . -22.54 0.51 -6.06
C9 F6C ON . -23.60 1.52 -5.62
C10 F6C ON . -21.32 1.23 -6.59
C11 F6C ON . -20.93 2.40 -5.70
C12 F6C ON . -20.88 3.70 -6.50
C13 F6C ON . -19.93 4.74 -5.93
C14 F6C ON . -19.49 4.38 -4.51
C15 F6C ON . -20.62 6.10 -5.94
NC F6C ON . -29.06 0.67 -6.79
MG F6C ON . -28.55 -1.36 -7.04
C16 F6C ON . -19.62 7.24 -5.74
C17 F6C ON . -19.82 7.93 -4.39
C18 F6C ON . -19.82 9.43 -4.53
C19 F6C ON . -20.82 9.88 -5.60
C20 F6C ON . -20.14 10.08 -3.20
CAA F6C PN . -27.26 7.04 -1.67
CAB F6C PN . -35.41 6.83 -6.15
CAC F6C PN . -33.09 -0.91 -5.42
CAD F6C PN . -27.50 2.38 -0.40
NA F6C PN . -30.26 5.76 -2.26
CBA F6C PN . -27.28 6.94 -3.19
CBB F6C PN . -36.32 7.74 -5.91
CBC F6C PN . -34.24 -1.52 -4.68
CBD F6C PN . -27.54 3.86 -0.30
NB F6C PN . -32.57 5.66 -4.13
OBD F6C PN . -26.42 1.73 -0.29
CGA F6C PN . -26.15 6.10 -3.73
CGD F6C PN . -27.77 4.32 1.10
ND F6C PN . -30.40 2.70 -2.50
CED F6C PN . -26.83 4.85 3.32
CHA F6C PN . -28.72 4.24 -1.16
CHB F6C PN . -31.46 7.60 -3.08
CHC F6C PN . -34.03 4.12 -5.43
CHD F6C PN . -31.32 0.65 -3.36
CMA F6C PN . -30.11 8.97 -0.72
CMB F6C PN . -33.64 9.25 -4.55
CMC F6C PN . -35.00 1.42 -6.86
CMD F6C PN . -28.69 -0.57 -1.54
OMB F6C PN . -34.65 9.73 -4.09
C1 F6C PN . -25.35 5.26 -5.98
C1A F6C PN . -29.26 5.59 -1.50
C1B F6C PN . -32.48 6.96 -3.91
C1C F6C PN . -33.48 2.80 -5.14
C1D F6C PN . -30.34 1.39 -2.58
O1A F6C PN . -25.71 5.10 -3.20
O1D F6C PN . -28.89 4.38 1.54
C2 F6C PN . -24.54 5.44 -7.26
C2A F6C PN . -28.63 6.85 -1.01
C2B F6C PN . -33.50 7.77 -4.60
C2C F6C PN . -33.95 1.58 -5.80
C2D F6C PN . -29.23 0.78 -1.82
O2A F6C PN . -25.52 6.38 -4.85
O2D F6C PN . -26.65 4.72 1.91
C3 F6C PN . -24.97 4.88 -8.40
C3A F6C PN . -29.55 7.90 -1.62
C3B F6C PN . -34.24 6.72 -5.29
C3C F6C PN . -33.13 0.56 -5.18
C3D F6C PN . -28.63 1.98 -1.26
C4 F6C PN . -26.25 4.09 -8.42
C4A F6C PN . -30.50 7.03 -2.38
C4B F6C PN . -33.60 5.45 -4.94
C4C F6C PN . -32.28 1.31 -4.24
C4D F6C PN . -29.33 3.01 -1.68
C5 F6C PN . -24.20 5.03 -9.68
C6 F6C PN . -22.89 4.29 -9.53
C7 F6C PN . -22.62 3.30 -10.67
C8 F6C PN . -21.11 3.19 -10.84
C9 F6C PN . -20.66 3.76 -12.17
C10 F6C PN . -20.65 1.75 -10.72
C11 F6C PN . -19.17 1.71 -10.39
C12 F6C PN . -18.93 0.63 -9.35
C13 F6C PN . -17.47 0.21 -9.28
C14 F6C PN . -17.04 -0.47 -10.57
C15 F6C PN . -17.31 -0.72 -8.09
NC F6C PN . -32.52 2.63 -4.24
MG F6C PN . -31.48 4.18 -3.26
C16 F6C PN . -15.96 -1.43 -8.08
C17 F6C PN . -14.95 -0.60 -7.32
C18 F6C PN . -13.97 -1.50 -6.58
C19 F6C PN . -13.06 -0.69 -5.68
C20 F6C PN . -14.72 -2.55 -5.78
MG CLA QN . -34.21 12.90 -15.38
CHA CLA QN . -34.78 15.29 -12.92
CHB CLA QN . -33.04 15.46 -17.36
CHC CLA QN . -33.59 10.57 -17.72
CHD CLA QN . -35.47 10.38 -13.25
NA CLA QN . -33.91 15.10 -15.20
C1A CLA QN . -34.20 15.84 -14.19
C2A CLA QN . -33.96 17.31 -14.41
C3A CLA QN . -33.44 17.31 -15.83
C4A CLA QN . -33.45 15.87 -16.16
CMA CLA QN . -34.11 18.24 -16.79
CAA CLA QN . -32.88 17.88 -13.52
CBA CLA QN . -31.70 16.94 -13.43
CGA CLA QN . -30.95 17.36 -12.22
O1A CLA QN . -31.21 16.99 -11.09
O2A CLA QN . -29.93 18.19 -12.24
NB CLA QN . -33.42 13.01 -17.26
C1B CLA QN . -33.01 14.10 -17.91
C2B CLA QN . -32.53 13.80 -19.28
C3B CLA QN . -32.71 12.37 -19.36
C4B CLA QN . -33.26 11.95 -18.06
CMB CLA QN . -32.00 14.73 -20.31
CAB CLA QN . -32.39 11.47 -20.49
CBB CLA QN . -31.43 10.59 -20.38
NC CLA QN . -34.44 10.80 -15.45
C1C CLA QN . -34.18 10.03 -16.50
C2C CLA QN . -34.47 8.61 -16.38
C3C CLA QN . -35.03 8.56 -15.01
C4C CLA QN . -34.95 9.96 -14.56
CMC CLA QN . -34.22 7.57 -17.45
CAC CLA QN . -35.54 7.46 -14.13
CBC CLA QN . -36.04 6.22 -14.82
ND CLA QN . -34.96 12.71 -13.54
C1D CLA QN . -35.43 11.76 -12.77
C2D CLA QN . -35.90 12.21 -11.44
C3D CLA QN . -35.61 13.64 -11.56
C4D CLA QN . -35.08 13.86 -12.77
CMD CLA QN . -36.51 11.63 -10.21
CAD CLA QN . -35.71 14.89 -10.81
OBD CLA QN . -36.45 15.05 -9.77
CBD CLA QN . -35.20 15.99 -11.65
CGD CLA QN . -36.34 16.91 -11.94
O1D CLA QN . -37.05 16.70 -12.90
O2D CLA QN . -36.64 18.04 -11.09
CED CLA QN . -38.01 18.33 -10.79
C1 CLA QN . -28.46 17.59 -12.15
C2 CLA QN . -28.04 16.77 -10.96
C3 CLA QN . -26.92 16.05 -11.04
C4 CLA QN . -26.12 16.05 -12.30
C5 CLA QN . -26.47 15.21 -9.86
C6 CLA QN . -26.53 13.76 -10.28
C7 CLA QN . -25.14 13.18 -10.34
C8 CLA QN . -25.12 11.85 -9.61
C9 CLA QN . -25.60 12.03 -8.17
C10 CLA QN . -23.70 11.30 -9.66
C11 CLA QN . -23.70 10.06 -10.52
C12 CLA QN . -22.28 9.65 -10.87
C13 CLA QN . -22.05 8.22 -10.48
C14 CLA QN . -21.45 8.15 -9.08
C15 CLA QN . -21.18 7.54 -11.52
C16 CLA QN . -19.70 7.80 -11.29
C17 CLA QN . -18.82 6.95 -12.19
C18 CLA QN . -17.78 6.13 -11.43
C19 CLA QN . -16.39 6.69 -11.65
C20 CLA QN . -18.08 6.01 -9.94
C1 PQN RN . -41.82 6.84 -13.42
O1 PQN RN . -41.94 7.02 -14.64
C2 PQN RN . -40.57 6.29 -12.89
C2M PQN RN . -39.49 5.96 -13.87
C3 PQN RN . -40.42 6.06 -11.44
C4 PQN RN . -41.53 6.40 -10.54
O4 PQN RN . -41.44 6.23 -9.31
C5 PQN RN . -42.77 6.96 -11.07
C6 PQN RN . -43.81 7.27 -10.23
C7 PQN RN . -44.96 7.79 -10.78
C8 PQN RN . -45.10 7.98 -12.14
C9 PQN RN . -44.09 7.68 -13.01
C10 PQN RN . -42.92 7.17 -12.52
C11 PQN RN . -39.14 5.50 -10.86
C12 PQN RN . -38.15 6.63 -10.82
C13 PQN RN . -37.24 6.73 -9.87
C14 PQN RN . -37.21 5.72 -8.77
C15 PQN RN . -36.30 7.88 -9.93
C16 PQN RN . -34.92 7.48 -9.42
C17 PQN RN . -33.94 7.32 -10.56
C18 PQN RN . -32.61 7.96 -10.17
C19 PQN RN . -32.19 7.56 -8.76
C20 PQN RN . -32.76 9.46 -10.27
C21 PQN RN . -32.22 9.94 -11.61
C22 PQN RN . -31.21 11.04 -11.40
C23 PQN RN . -31.59 12.25 -12.25
C24 PQN RN . -30.85 12.22 -13.57
C25 PQN RN . -31.26 13.51 -11.48
C26 PQN RN . -31.88 13.50 -10.09
C27 PQN RN . -30.99 14.27 -9.14
C28 PQN RN . -31.80 15.29 -8.37
C29 PQN RN . -32.51 14.62 -7.21
C30 PQN RN . -30.90 16.41 -7.85
C1 BCR SN . -31.00 67.69 -13.35
C2 BCR SN . -29.53 68.02 -13.13
C3 BCR SN . -28.75 66.99 -12.33
C4 BCR SN . -29.51 66.62 -11.07
C5 BCR SN . -30.80 66.00 -11.53
C6 BCR SN . -31.56 66.62 -12.44
C7 BCR SN . -32.99 66.26 -12.60
C8 BCR SN . -33.97 66.60 -11.75
C9 BCR SN . -35.16 66.22 -12.01
C10 BCR SN . -35.89 65.77 -11.09
C11 BCR SN . -36.92 65.83 -10.53
C33 BCR SN . -31.19 64.67 -10.95
C31 BCR SN . -31.25 67.24 -14.78
C32 BCR SN . -31.77 68.96 -13.07
C34 BCR SN . -35.69 66.32 -13.41
C12 BCR SN . -38.00 65.88 -9.89
C13 BCR SN . -39.46 65.98 -9.71
C14 BCR SN . -39.97 65.88 -8.47
C15 BCR SN . -41.40 65.98 -8.17
C16 BCR SN . -42.38 66.15 -7.29
C17 BCR SN . -43.44 66.25 -6.75
C18 BCR SN . -44.25 66.63 -5.75
C19 BCR SN . -45.70 66.37 -5.72
C20 BCR SN . -46.84 66.75 -5.16
C21 BCR SN . -47.97 66.91 -4.81
C22 BCR SN . -48.93 67.35 -3.99
C23 BCR SN . -50.35 67.16 -4.30
C24 BCR SN . -51.11 68.25 -4.24
C25 BCR SN . -52.56 68.21 -4.54
C26 BCR SN . -52.96 67.85 -5.75
C27 BCR SN . -54.07 66.85 -5.87
C28 BCR SN . -55.14 67.13 -4.82
C29 BCR SN . -54.96 68.44 -4.07
C30 BCR SN . -53.56 68.62 -3.49
C35 BCR SN . -40.37 66.19 -10.88
C36 BCR SN . -43.67 67.41 -4.62
C37 BCR SN . -48.53 68.04 -2.73
C38 BCR SN . -52.31 68.43 -6.97
C39 BCR SN . -53.36 67.79 -2.25
C40 BCR SN . -53.33 70.08 -3.15
C1 BCR TN . -30.09 61.21 -6.62
C2 BCR TN . -30.82 62.30 -7.39
C3 BCR TN . -32.32 62.06 -7.40
C4 BCR TN . -32.90 62.09 -6.01
C5 BCR TN . -31.97 61.45 -5.01
C6 BCR TN . -30.88 60.80 -5.40
C7 BCR TN . -30.34 59.70 -4.57
C8 BCR TN . -30.79 58.45 -4.55
C9 BCR TN . -30.20 57.62 -3.79
C10 BCR TN . -30.57 56.43 -3.69
C11 BCR TN . -30.89 55.46 -4.25
C33 BCR TN . -32.29 61.56 -3.56
C31 BCR TN . -28.74 61.70 -6.11
C32 BCR TN . -29.88 60.02 -7.53
C34 BCR TN . -29.00 58.02 -2.97
C12 BCR TN . -31.21 54.37 -4.77
C13 BCR TN . -31.71 53.48 -5.82
C14 BCR TN . -31.41 52.19 -5.70
C15 BCR TN . -31.81 51.16 -6.65
C16 BCR TN . -31.67 49.90 -7.05
C17 BCR TN . -31.70 48.87 -7.65
C18 BCR TN . -31.49 47.58 -7.88
C19 BCR TN . -31.86 46.97 -9.16
C20 BCR TN . -32.16 45.86 -9.81
C21 BCR TN . -32.44 45.08 -10.68
C22 BCR TN . -32.67 43.90 -11.22
C23 BCR TN . -33.06 43.74 -12.63
C24 BCR TN . -33.66 42.62 -12.97
C25 BCR TN . -34.06 42.37 -14.36
C26 BCR TN . -35.05 43.08 -14.90
C27 BCR TN . -34.86 43.70 -16.24
C28 BCR TN . -33.64 43.10 -16.91
C29 BCR TN . -33.56 41.61 -16.64
C30 BCR TN . -33.38 41.32 -15.17
C35 BCR TN . -32.53 54.02 -6.94
C36 BCR TN . -30.87 46.73 -6.82
C37 BCR TN . -32.55 42.68 -10.36
C38 BCR TN . -36.34 43.22 -14.16
C39 BCR TN . -31.90 41.28 -14.83
C40 BCR TN . -34.06 40.02 -14.82
C1 BCR UN . -26.54 65.94 -7.62
C2 BCR UN . -27.60 66.79 -6.93
C3 BCR UN . -26.98 67.96 -6.19
C4 BCR UN . -26.12 67.39 -5.07
C5 BCR UN . -25.07 66.51 -5.68
C6 BCR UN . -25.20 66.03 -6.93
C7 BCR UN . -23.96 65.60 -7.62
C8 BCR UN . -23.60 64.34 -7.87
C9 BCR UN . -22.49 64.13 -8.47
C10 BCR UN . -22.26 63.05 -9.05
C11 BCR UN . -22.62 61.95 -9.30
C33 BCR UN . -23.85 66.19 -4.87
C31 BCR UN . -26.35 66.40 -9.06
C32 BCR UN . -27.03 64.50 -7.61
C34 BCR UN . -21.42 65.18 -8.46
C12 BCR UN . -22.93 60.79 -9.64
C13 BCR UN . -23.64 59.50 -9.58
C14 BCR UN . -23.14 58.47 -10.26
C15 BCR UN . -23.73 57.15 -10.29
C16 BCR UN . -23.68 55.88 -10.69
C17 BCR UN . -23.93 54.71 -10.87
C18 BCR UN . -23.74 53.48 -11.33
C19 BCR UN . -24.71 52.41 -11.09
C20 BCR UN . -25.11 51.16 -11.31
C21 BCR UN . -25.17 50.05 -11.76
C22 BCR UN . -25.54 48.78 -11.89
C23 BCR UN . -25.00 47.93 -12.95
C24 BCR UN . -24.45 48.48 -14.02
C25 BCR UN . -23.92 47.64 -15.12
C26 BCR UN . -22.61 47.39 -15.19
C27 BCR UN . -21.95 47.14 -16.52
C28 BCR UN . -22.86 46.29 -17.37
C29 BCR UN . -24.23 46.94 -17.50
C30 BCR UN . -24.88 47.08 -16.14
C35 BCR UN . -24.90 59.36 -8.77
C36 BCR UN . -22.48 53.17 -12.09
C37 BCR UN . -26.53 48.18 -10.93
C38 BCR UN . -21.75 47.40 -13.97
C39 BCR UN . -25.34 45.71 -15.67
C40 BCR UN . -26.07 48.00 -16.30
C1 BCR VN . -59.55 59.68 -15.84
C2 BCR VN . -58.35 60.58 -15.62
C3 BCR VN . -57.87 61.19 -16.93
C4 BCR VN . -57.45 60.09 -17.88
C5 BCR VN . -58.57 59.09 -18.02
C6 BCR VN . -59.25 58.69 -16.94
C7 BCR VN . -59.71 57.29 -16.86
C8 BCR VN . -60.97 56.94 -17.12
C9 BCR VN . -61.35 55.73 -17.05
C10 BCR VN . -60.53 54.82 -16.81
C11 BCR VN . -60.37 53.84 -16.20
C33 BCR VN . -58.90 58.58 -19.39
C31 BCR VN . -60.77 60.49 -16.25
C32 BCR VN . -59.85 58.94 -14.54
C34 BCR VN . -62.80 55.38 -17.21
C12 BCR VN . -60.12 52.80 -15.54
C13 BCR VN . -60.41 51.42 -15.13
C14 BCR VN . -59.57 50.81 -14.28
C15 BCR VN . -59.81 49.44 -13.87
C16 BCR VN . -59.41 48.33 -13.25
C17 BCR VN . -59.33 47.21 -12.83
C18 BCR VN . -58.90 46.20 -12.08
C19 BCR VN . -59.37 44.84 -12.31
C20 BCR VN . -59.22 43.56 -12.00
C21 BCR VN . -59.31 42.37 -12.00
C22 BCR VN . -58.96 41.12 -11.75
C23 BCR VN . -59.76 40.00 -12.25
C24 BCR VN . -59.25 38.78 -12.18
C25 BCR VN . -59.98 37.61 -12.67
C26 BCR VN . -60.97 37.09 -11.95
C27 BCR VN . -62.13 36.41 -12.60
C28 BCR VN . -61.75 35.71 -13.90
C29 BCR VN . -60.25 35.63 -14.11
C30 BCR VN . -59.58 37.00 -13.98
C35 BCR VN . -61.60 50.69 -15.64
C36 BCR VN . -57.94 46.47 -10.97
C37 BCR VN . -57.72 40.86 -10.97
C38 BCR VN . -60.94 37.20 -10.46
C39 BCR VN . -59.98 37.90 -15.13
C40 BCR VN . -58.09 36.80 -14.01
C1 BCR WN . -54.02 52.91 -25.23
C2 BCR WN . -52.79 53.42 -25.96
C3 BCR WN . -52.71 52.87 -27.37
C4 BCR WN . -52.56 51.37 -27.30
C5 BCR WN . -53.76 50.84 -26.59
C6 BCR WN . -54.24 51.45 -25.50
C7 BCR WN . -55.03 50.67 -24.53
C8 BCR WN . -54.47 49.76 -23.73
C9 BCR WN . -55.21 49.11 -22.92
C10 BCR WN . -54.68 48.51 -21.97
C11 BCR WN . -54.68 47.52 -21.39
C33 BCR WN . -54.43 49.63 -27.17
C31 BCR WN . -55.26 53.64 -25.70
C32 BCR WN . -53.84 53.15 -23.75
C34 BCR WN . -56.68 49.04 -23.08
C12 BCR WN . -54.62 46.46 -20.74
C13 BCR WN . -55.17 45.27 -20.08
C14 BCR WN . -54.36 44.53 -19.33
C15 BCR WN . -54.88 43.35 -18.67
C16 BCR WN . -54.70 42.23 -18.01
C17 BCR WN . -54.06 41.35 -17.53
C18 BCR WN . -53.66 40.31 -16.83
C19 BCR WN . -54.46 39.68 -15.77
C20 BCR WN . -54.41 39.05 -14.62
C21 BCR WN . -54.70 38.49 -13.62
C22 BCR WN . -54.56 37.68 -12.57
C23 BCR WN . -55.62 37.57 -11.57
C24 BCR WN . -55.41 36.78 -10.53
C25 BCR WN . -56.39 36.56 -9.44
C26 BCR WN . -57.35 35.65 -9.59
C27 BCR WN . -58.42 35.44 -8.56
C28 BCR WN . -57.90 35.84 -7.19
C29 BCR WN . -57.43 37.27 -7.28
C30 BCR WN . -56.20 37.35 -8.15
C35 BCR WN . -56.60 44.92 -20.28
C36 BCR WN . -52.30 39.77 -17.11
C37 BCR WN . -53.32 36.86 -12.43
C38 BCR WN . -57.41 34.76 -10.79
C39 BCR WN . -55.02 36.76 -7.41
C40 BCR WN . -55.92 38.81 -8.43
C1 BCR XN . -71.35 10.18 -56.35
C2 BCR XN . -70.26 9.61 -57.24
C3 BCR XN . -70.83 8.63 -58.26
C4 BCR XN . -71.48 7.45 -57.55
C5 BCR XN . -72.47 7.98 -56.54
C6 BCR XN . -72.22 9.07 -55.80
C7 BCR XN . -72.85 9.18 -54.47
C8 BCR XN . -72.43 8.51 -53.39
C9 BCR XN . -73.04 8.64 -52.28
C10 BCR XN . -72.85 7.81 -51.36
C11 BCR XN . -72.35 7.58 -50.31
C33 BCR XN . -73.77 7.25 -56.39
C31 BCR XN . -72.25 11.10 -57.16
C32 BCR XN . -70.73 10.97 -55.21
C34 BCR XN . -74.02 9.75 -52.07
C12 BCR XN . -71.84 7.22 -49.22
C13 BCR XN . -71.31 7.37 -47.85
C14 BCR XN . -71.44 6.32 -47.01
C15 BCR XN . -70.96 6.37 -45.64
C16 BCR XN . -70.83 5.89 -44.41
C17 BCR XN . -70.97 5.16 -43.46
C18 BCR XN . -70.99 4.75 -42.18
C19 BCR XN . -71.37 3.35 -41.87
C20 BCR XN . -71.99 2.46 -41.12
C21 BCR XN . -72.60 1.95 -40.22
C22 BCR XN . -73.57 1.24 -39.62
C23 BCR XN . -73.55 0.99 -38.17
C24 BCR XN . -74.66 0.54 -37.57
C25 BCR XN . -74.76 0.25 -36.12
C26 BCR XN . -74.81 -1.04 -35.75
C27 BCR XN . -75.24 -1.46 -34.38
C28 BCR XN . -76.17 -0.39 -33.84
C29 BCR XN . -75.40 0.92 -33.77
C30 BCR XN . -74.82 1.37 -35.10
C35 BCR XN . -70.64 8.63 -47.40
C36 BCR XN . -70.63 5.70 -41.08
C37 BCR XN . -74.70 0.70 -40.44
C38 BCR XN . -74.46 -2.11 -36.75
C39 BCR XN . -73.43 1.93 -34.85
C40 BCR XN . -75.72 2.45 -35.66
C1 BCR YN . -72.81 27.62 -44.24
C2 BCR YN . -71.82 28.11 -45.27
C3 BCR YN . -70.64 27.17 -45.43
C4 BCR YN . -71.09 25.78 -45.86
C5 BCR YN . -72.33 25.38 -45.13
C6 BCR YN . -72.83 26.12 -44.16
C7 BCR YN . -73.50 25.46 -43.01
C8 BCR YN . -72.83 24.77 -42.09
C9 BCR YN . -73.50 24.23 -41.15
C10 BCR YN . -73.14 23.16 -40.64
C11 BCR YN . -72.84 22.62 -39.65
C33 BCR YN . -73.01 24.10 -45.53
C31 BCR YN . -74.21 28.08 -44.61
C32 BCR YN . -72.43 28.19 -42.88
C34 BCR YN . -74.74 24.87 -40.62
C12 BCR YN . -72.49 21.99 -38.64
C13 BCR YN . -72.44 21.62 -37.23
C14 BCR YN . -71.47 20.79 -36.86
C15 BCR YN . -71.26 20.34 -35.50
C16 BCR YN . -70.43 19.76 -34.66
C17 BCR YN . -69.86 19.32 -33.72
C18 BCR YN . -68.86 18.66 -33.14
C19 BCR YN . -68.75 18.49 -31.69
C20 BCR YN . -67.90 18.37 -30.69
C21 BCR YN . -67.40 18.26 -29.61
C22 BCR YN . -66.52 17.86 -28.71
C23 BCR YN . -66.61 18.29 -27.32
C24 BCR YN . -65.85 17.65 -26.43
C25 BCR YN . -65.80 17.96 -24.99
C26 BCR YN . -66.79 17.63 -24.16
C27 BCR YN . -66.77 18.05 -22.71
C28 BCR YN . -65.34 18.10 -22.23
C29 BCR YN . -64.63 19.13 -23.09
C30 BCR YN . -64.52 18.62 -24.52
C35 BCR YN . -73.43 22.14 -36.24
C36 BCR YN . -67.79 18.07 -34.02
C37 BCR YN . -65.40 16.95 -29.13
C38 BCR YN . -67.96 16.82 -24.59
C39 BCR YN . -63.44 17.56 -24.58
C40 BCR YN . -64.16 19.78 -25.41
C1 BCR ZN . -80.00 28.29 -27.18
C2 BCR ZN . -80.70 27.22 -27.99
C3 BCR ZN . -80.31 27.36 -29.45
C4 BCR ZN . -80.92 28.65 -29.98
C5 BCR ZN . -80.55 29.80 -29.09
C6 BCR ZN . -80.19 29.65 -27.80
C7 BCR ZN . -80.02 30.85 -26.96
C8 BCR ZN . -78.81 31.38 -26.76
C9 BCR ZN . -78.66 32.40 -26.03
C10 BCR ZN . -77.69 33.17 -26.23
C11 BCR ZN . -77.11 34.13 -25.90
C33 BCR ZN . -80.60 31.18 -29.70
C31 BCR ZN . -78.52 27.96 -27.12
C32 BCR ZN . -80.56 28.32 -25.78
C34 BCR ZN . -79.60 32.69 -24.91
C12 BCR ZN . -76.49 35.16 -25.59
C13 BCR ZN . -76.08 36.27 -24.71
C14 BCR ZN . -75.25 37.21 -25.14
C15 BCR ZN . -74.73 37.14 -26.49
C16 BCR ZN . -74.12 37.66 -27.55
C17 BCR ZN . -73.59 38.47 -28.25
C18 BCR ZN . -72.97 39.58 -28.64
C19 BCR ZN . -72.60 39.76 -30.05
C20 BCR ZN . -71.66 40.07 -30.93
C21 BCR ZN . -71.09 40.27 -31.96
C22 BCR ZN . -70.19 40.76 -32.80
C23 BCR ZN . -70.22 40.39 -34.22
C24 BCR ZN . -69.51 41.08 -35.12
C25 BCR ZN . -69.51 40.74 -36.56
C26 BCR ZN . -70.50 41.08 -37.40
C27 BCR ZN . -70.18 41.50 -38.79
C28 BCR ZN . -69.16 40.56 -39.45
C29 BCR ZN . -68.67 39.47 -38.50
C30 BCR ZN . -68.31 40.00 -37.12
C35 BCR ZN . -76.63 36.35 -23.31
C36 BCR ZN . -72.64 40.65 -27.66
C37 BCR ZN . -69.11 41.65 -32.30
C38 BCR ZN . -71.96 41.07 -37.02
C39 BCR ZN . -67.10 40.93 -37.21
C40 BCR ZN . -67.93 38.82 -36.25
C1 BCR AO . -23.89 19.30 -22.84
C2 BCR AO . -23.60 19.38 -24.32
C3 BCR AO . -24.30 20.55 -24.97
C4 BCR AO . -25.80 20.37 -24.81
C5 BCR AO . -26.08 20.42 -23.33
C6 BCR AO . -25.28 19.80 -22.46
C7 BCR AO . -25.75 19.62 -21.07
C8 BCR AO . -26.57 18.68 -20.62
C9 BCR AO . -26.83 18.73 -19.37
C10 BCR AO . -26.95 17.70 -18.69
C11 BCR AO . -27.56 16.72 -18.48
C33 BCR AO . -27.23 21.22 -22.86
C31 BCR AO . -22.89 20.18 -22.14
C32 BCR AO . -23.69 17.89 -22.34
C34 BCR AO . -27.01 20.05 -18.69
C12 BCR AO . -28.14 15.64 -18.27
C13 BCR AO . -28.76 14.66 -17.36
C14 BCR AO . -28.87 13.41 -17.79
C15 BCR AO . -29.44 12.37 -16.95
C16 BCR AO . -29.69 11.07 -16.75
C17 BCR AO . -30.04 10.05 -16.27
C18 BCR AO . -30.38 8.76 -16.27
C19 BCR AO . -30.74 8.08 -15.03
C20 BCR AO . -31.23 7.00 -14.44
C21 BCR AO . -31.79 5.98 -14.25
C22 BCR AO . -32.07 4.67 -14.17
C23 BCR AO . -33.29 4.25 -13.50
C24 BCR AO . -33.31 3.09 -12.87
C25 BCR AO . -34.53 2.62 -12.18
C26 BCR AO . -34.69 2.87 -10.89
C27 BCR AO . -35.99 2.63 -10.16
C28 BCR AO . -37.00 1.87 -10.99
C29 BCR AO . -36.33 0.98 -12.03
C30 BCR AO . -35.54 1.85 -12.98
C35 BCR AO . -29.22 15.05 -15.99
C36 BCR AO . -30.38 8.00 -17.55
C37 BCR AO . -31.17 3.67 -14.82
C38 BCR AO . -33.54 3.40 -10.08
C39 BCR AO . -36.48 2.79 -13.73
C40 BCR AO . -34.80 0.98 -13.97
C1 LMG BO . -46.31 19.50 -1.09
O1 LMG BO . -46.05 18.93 -2.37
C2 LMG BO . -47.73 20.02 -1.00
O2 LMG BO . -47.85 21.27 -1.69
C3 LMG BO . -48.16 20.28 0.43
O3 LMG BO . -49.58 20.48 0.47
C4 LMG BO . -47.81 19.10 1.32
O4 LMG BO . -48.51 17.95 0.86
C5 LMG BO . -46.33 18.83 1.20
O5 LMG BO . -46.76 16.55 1.83
C6 LMG BO . -45.94 17.68 2.12
O6 LMG BO . -46.09 18.46 -0.15
C7 LMG BO . -45.55 19.87 -3.32
C8 LMG BO . -44.94 19.09 -4.47
C9 LMG BO . -44.70 20.01 -5.66
O7 LMG BO . -43.71 18.56 -4.01
C10 LMG BO . -43.39 17.36 -4.73
O9 LMG BO . -44.08 16.38 -4.55
C11 LMG BO . -42.24 17.32 -5.70
C12 LMG BO . -41.16 16.41 -5.15
C13 LMG BO . -39.77 16.97 -5.45
C14 LMG BO . -39.58 17.24 -6.93
C15 LMG BO . -38.48 18.27 -7.12
C16 LMG BO . -37.10 17.67 -6.97
C17 LMG BO . -36.06 18.72 -7.34
C18 LMG BO . -34.72 18.07 -7.58
C19 LMG BO . -33.73 18.76 -8.14
C20 LMG BO . -33.92 20.21 -8.53
C21 LMG BO . -32.70 20.71 -9.26
C22 LMG BO . -31.49 20.36 -8.85
C23 LMG BO . -30.27 20.85 -9.59
C24 LMG BO . -29.93 22.25 -9.15
O8 LMG BO . -44.23 21.27 -5.19
C28 LMG BO . -43.60 22.21 -6.11
O10 LMG BO . -42.47 22.58 -5.89
C29 LMG BO . -44.34 22.74 -7.30
C30 LMG BO . -43.38 23.53 -8.17
C31 LMG BO . -44.00 23.82 -9.53
C32 LMG BO . -42.93 24.05 -10.57
C33 LMG BO . -43.44 24.01 -12.01
C34 LMG BO . -42.25 23.71 -12.91
C35 LMG BO . -42.54 23.94 -14.38
C36 LMG BO . -41.34 23.49 -15.15
C37 LMG BO . -40.16 24.07 -14.97
C38 LMG BO . -38.97 23.59 -15.78
C39 LMG BO . -37.85 24.61 -15.76
O1 LHG CO . -76.98 49.57 -12.76
C1 LHG CO . -77.35 48.33 -12.16
C2 LHG CO . -76.93 48.36 -10.70
O2 LHG CO . -76.03 49.45 -10.51
C3 LHG CO . -76.24 47.04 -10.38
O3 LHG CO . -75.56 47.08 -9.13
P LHG CO . -74.02 47.51 -9.10
O4 LHG CO . -73.96 49.01 -9.27
O5 LHG CO . -73.36 46.84 -7.92
O6 LHG CO . -73.43 46.86 -10.44
C4 LHG CO . -72.44 47.58 -11.17
C5 LHG CO . -71.48 46.62 -11.86
C6 LHG CO . -72.04 45.20 -11.88
O7 LHG CO . -71.26 47.03 -13.19
C7 LHG CO . -70.05 47.83 -13.30
O9 LHG CO . -69.17 47.69 -12.47
C8 LHG CO . -69.89 48.80 -14.43
C9 LHG CO . -69.43 48.02 -15.66
C10 LHG CO . -68.35 48.80 -16.39
O8 LHG CO . -71.86 44.64 -13.17
C23 LHG CO . -70.60 44.04 -13.56
O10 LHG CO . -69.66 44.07 -12.80
C24 LHG CO . -70.45 43.36 -14.89
C11 LHG CO . -67.03 48.08 -16.31
C12 LHG CO . -66.34 48.12 -17.67
C13 LHG CO . -66.17 49.55 -18.14
C14 LHG CO . -64.80 50.08 -17.76
C15 LHG CO . -64.59 51.49 -18.32
C16 LHG CO . -63.34 51.53 -19.18
C17 LHG CO . -63.20 52.87 -19.87
C25 LHG CO . -69.02 43.59 -15.38
C26 LHG CO . -68.32 42.27 -15.62
C27 LHG CO . -68.97 41.52 -16.77
C28 LHG CO . -67.93 41.11 -17.80
C29 LHG CO . -68.58 40.40 -18.98
C30 LHG CO . -67.60 40.04 -20.10
C31 LHG CO . -66.14 40.22 -19.70
C32 LHG CO . -65.21 39.54 -20.69
C33 LHG CO . -65.22 40.29 -22.01
C34 LHG CO . -64.22 39.70 -22.98
C35 LHG CO . -62.86 40.35 -22.84
C36 LHG CO . -62.64 41.23 -24.06
C37 LHG CO . -61.17 41.26 -24.45
C38 LHG CO . -60.90 42.45 -25.31
FE1 SF4 DO . -58.11 2.55 3.92
FE2 SF4 DO . -59.31 1.96 6.30
FE3 SF4 DO . -59.94 4.26 4.97
FE4 SF4 DO . -57.51 3.99 6.15
S1 SF4 DO . -59.52 4.05 7.20
S2 SF4 DO . -57.93 4.81 4.06
S3 SF4 DO . -57.10 1.78 5.81
S4 SF4 DO . -60.33 2.13 4.26
FE1 SF4 EO . -70.04 6.29 6.16
FE2 SF4 EO . -69.21 4.52 8.06
FE3 SF4 EO . -71.78 4.46 7.17
FE4 SF4 EO . -70.93 6.53 8.72
S1 SF4 EO . -71.09 4.35 9.34
S2 SF4 EO . -72.18 6.67 6.83
S3 SF4 EO . -68.78 6.76 8.00
S4 SF4 EO . -69.92 4.02 5.95
C1 BCR FO . -22.72 27.31 -12.14
C2 BCR FO . -22.12 28.70 -12.30
C3 BCR FO . -20.65 28.89 -11.97
C4 BCR FO . -19.84 27.68 -12.37
C5 BCR FO . -20.45 26.59 -11.54
C6 BCR FO . -21.69 26.24 -11.84
C7 BCR FO . -22.11 24.83 -11.90
C8 BCR FO . -22.49 24.12 -10.85
C9 BCR FO . -22.84 22.92 -11.03
C10 BCR FO . -21.96 22.07 -11.30
C11 BCR FO . -21.81 20.92 -11.50
C33 BCR FO . -19.64 25.96 -10.44
C31 BCR FO . -23.41 26.89 -13.42
C32 BCR FO . -23.73 27.36 -11.02
C34 BCR FO . -24.27 22.52 -10.94
C12 BCR FO . -21.59 19.71 -11.71
C13 BCR FO . -21.96 18.30 -11.68
C14 BCR FO . -21.07 17.41 -12.12
C15 BCR FO . -21.38 15.99 -12.07
C16 BCR FO . -21.14 14.72 -12.34
C17 BCR FO . -20.69 13.74 -12.85
C18 BCR FO . -19.83 12.78 -13.14
C19 BCR FO . -20.24 11.65 -13.98
C20 BCR FO . -20.01 10.42 -14.40
C21 BCR FO . -20.15 9.42 -15.01
C22 BCR FO . -19.75 8.35 -15.69
C23 BCR FO . -20.71 7.43 -16.27
C24 BCR FO . -20.25 6.36 -16.91
C25 BCR FO . -21.19 5.43 -17.54
C26 BCR FO . -22.01 4.68 -16.82
C27 BCR FO . -23.44 4.55 -17.23
C28 BCR FO . -23.57 4.59 -18.75
C29 BCR FO . -22.25 4.29 -19.44
C30 BCR FO . -21.21 5.32 -19.03
C35 BCR FO . -23.28 17.86 -11.16
C36 BCR FO . -18.42 12.85 -12.65
C37 BCR FO . -18.28 8.13 -15.88
C38 BCR FO . -21.51 4.00 -15.60
C39 BCR FO . -21.57 6.67 -19.61
C40 BCR FO . -19.84 4.89 -19.50
C1 BCR GO . -13.91 10.70 -15.89
C2 BCR GO . -13.43 11.62 -14.80
C3 BCR GO . -11.92 11.62 -14.82
C4 BCR GO . -11.44 10.30 -14.29
C5 BCR GO . -12.10 9.20 -15.07
C6 BCR GO . -13.26 9.35 -15.73
C7 BCR GO . -13.88 8.17 -16.38
C8 BCR GO . -14.63 7.30 -15.72
C9 BCR GO . -15.14 6.30 -16.32
C10 BCR GO . -16.00 5.66 -15.71
C11 BCR GO . -16.50 4.62 -15.56
C33 BCR GO . -11.35 7.92 -15.07
C31 BCR GO . -13.42 11.25 -17.20
C32 BCR GO . -15.41 10.63 -15.89
C34 BCR GO . -14.70 5.88 -17.68
C12 BCR GO . -17.06 3.54 -15.31
C13 BCR GO . -17.80 2.32 -15.60
C14 BCR GO . -18.00 1.51 -14.57
C15 BCR GO . -18.71 0.26 -14.69
C16 BCR GO . -19.19 -0.80 -14.10
C17 BCR GO . -19.70 -1.86 -13.88
C18 BCR GO . -20.34 -2.78 -13.19
C19 BCR GO . -20.51 -4.09 -13.77
C20 BCR GO . -21.00 -5.31 -13.73
C21 BCR GO . -21.59 -6.27 -13.38
C22 BCR GO . -21.99 -7.31 -12.69
C23 BCR GO . -21.62 -7.42 -11.29
C24 BCR GO . -21.98 -8.52 -10.62
C25 BCR GO . -21.63 -8.70 -9.21
C26 BCR GO . -20.51 -9.34 -8.89
C27 BCR GO . -20.01 -9.43 -7.49
C28 BCR GO . -20.82 -8.55 -6.56
C29 BCR GO . -22.29 -8.79 -6.83
C30 BCR GO . -22.59 -8.17 -8.17
C35 BCR GO . -18.32 2.00 -16.95
C36 BCR GO . -20.91 -2.49 -11.84
C37 BCR GO . -22.89 -8.30 -13.33
C38 BCR GO . -19.72 -10.04 -9.96
C39 BCR GO . -22.51 -6.65 -8.04
C40 BCR GO . -23.98 -8.58 -8.60
C1 LMG HO . 1.00 28.80 -16.97
O1 LMG HO . 1.48 28.27 -15.73
C2 LMG HO . 1.82 30.02 -17.36
O2 LMG HO . 1.68 31.03 -16.37
C3 LMG HO . 1.34 30.58 -18.69
O3 LMG HO . 2.26 31.57 -19.13
C4 LMG HO . 1.24 29.48 -19.75
O4 LMG HO . 2.54 29.06 -20.15
C5 LMG HO . 0.47 28.28 -19.20
O5 LMG HO . -0.35 27.63 -21.36
C6 LMG HO . 0.40 27.17 -20.23
O6 LMG HO . 1.10 27.82 -18.00
C7 LMG HO . 0.49 28.37 -14.72
C8 LMG HO . 1.15 28.55 -13.36
C9 LMG HO . 1.80 29.92 -13.32
O7 LMG HO . 0.19 28.47 -12.32
C10 LMG HO . 0.18 27.15 -11.72
O9 LMG HO . 0.64 26.21 -12.35
C11 LMG HO . -0.40 26.91 -10.35
C12 LMG HO . -0.95 28.19 -9.74
C13 LMG HO . -1.83 27.87 -8.54
C14 LMG HO . -2.95 26.92 -8.97
C15 LMG HO . -4.03 26.83 -7.90
C16 LMG HO . -5.19 25.98 -8.40
C17 LMG HO . -6.34 25.98 -7.40
O8 LMG HO . 0.88 30.92 -13.75
C28 LMG HO . 1.26 32.32 -13.64
O10 LMG HO . 1.32 32.98 -14.65
C29 LMG HO . 1.58 32.90 -12.30
C30 LMG HO . 0.29 33.03 -11.48
C31 LMG HO . 0.55 32.77 -10.01
C32 LMG HO . -0.35 33.59 -9.11
C33 LMG HO . -1.82 33.36 -9.44
C34 LMG HO . -2.28 31.94 -9.13
C35 LMG HO . -3.72 31.76 -9.60
C36 LMG HO . -4.43 30.73 -8.77
C37 LMG HO . -5.74 30.60 -8.89
MG CLA IO . -51.84 -50.30 -49.92
CHA CLA IO . -49.88 -53.12 -50.50
CHB CLA IO . -54.16 -52.40 -48.47
CHC CLA IO . -53.69 -47.55 -49.25
CHD CLA IO . -49.34 -48.24 -51.41
NA CLA IO . -52.02 -52.49 -49.51
C1A CLA IO . -51.17 -53.41 -49.79
C2A CLA IO . -51.62 -54.80 -49.41
C3A CLA IO . -52.98 -54.52 -48.78
C4A CLA IO . -53.07 -53.04 -48.92
CMA CLA IO . -54.17 -55.39 -49.14
CAA CLA IO . -50.67 -55.46 -48.38
CBA CLA IO . -51.06 -55.28 -46.92
CGA CLA IO . -50.17 -54.24 -46.30
O1A CLA IO . -49.07 -53.93 -46.74
O2A CLA IO . -50.46 -53.56 -45.22
NB CLA IO . -53.66 -50.03 -48.98
C1B CLA IO . -54.48 -50.97 -48.49
C2B CLA IO . -55.75 -50.43 -47.94
C3B CLA IO . -55.59 -49.00 -48.20
C4B CLA IO . -54.26 -48.84 -48.83
CMB CLA IO . -56.91 -51.16 -47.32
CAB CLA IO . -56.52 -47.90 -47.87
CBB CLA IO . -57.10 -47.21 -48.83
NC CLA IO . -51.51 -48.21 -50.21
C1C CLA IO . -52.41 -47.26 -49.93
C2C CLA IO . -52.04 -45.88 -50.32
C3C CLA IO . -50.73 -46.10 -50.92
C4C CLA IO . -50.51 -47.56 -50.81
CMC CLA IO . -52.81 -44.60 -50.15
CAC CLA IO . -49.82 -45.06 -51.54
CBC CLA IO . -48.81 -44.63 -50.50
ND CLA IO . -50.04 -50.47 -50.77
C1D CLA IO . -49.11 -49.69 -51.31
C2D CLA IO . -47.90 -50.40 -51.83
C3D CLA IO . -48.28 -51.76 -51.46
C4D CLA IO . -49.48 -51.74 -50.87
CMD CLA IO . -46.60 -50.09 -52.50
CAD CLA IO . -47.75 -53.15 -51.52
OBD CLA IO . -46.54 -53.48 -51.75
CBD CLA IO . -48.82 -54.06 -51.02
CGD CLA IO . -49.34 -54.82 -52.21
O1D CLA IO . -48.59 -55.54 -52.85
O2D CLA IO . -50.73 -54.71 -52.61
CED CLA IO . -51.46 -55.88 -52.93
CA CA JO . -9.37 5.51 -30.63
MG CLA KO . -8.60 -15.41 -3.23
CHA CLA KO . -5.64 -14.26 -1.87
CHB CLA KO . -8.20 -13.09 -5.71
CHC CLA KO . -11.49 -16.55 -4.55
CHD CLA KO . -8.85 -17.83 -0.66
NA CLA KO . -7.10 -13.85 -3.77
C1A CLA KO . -6.05 -13.55 -3.13
C2A CLA KO . -5.27 -12.42 -3.74
C3A CLA KO . -6.12 -12.09 -4.96
C4A CLA KO . -7.22 -13.08 -4.82
CMA CLA KO . -6.51 -10.67 -5.28
CAA CLA KO . -3.85 -12.77 -4.15
CBA CLA KO . -3.76 -13.81 -5.24
CGA CLA KO . -3.71 -15.19 -4.65
O1A CLA KO . -3.03 -15.52 -3.70
O2A CLA KO . -4.41 -16.19 -5.11
NB CLA KO . -9.67 -14.88 -4.90
C1B CLA KO . -9.39 -13.95 -5.80
C2B CLA KO . -10.39 -13.83 -6.87
C3B CLA KO . -11.34 -14.86 -6.49
C4B CLA KO . -10.81 -15.46 -5.26
CMB CLA KO . -10.37 -12.87 -8.03
CAB CLA KO . -12.61 -15.33 -7.09
CBB CLA KO . -12.99 -15.06 -8.31
NC CLA KO . -9.93 -16.98 -2.71
C1C CLA KO . -11.06 -17.28 -3.36
C2C CLA KO . -11.85 -18.39 -2.81
C3C CLA KO . -11.02 -18.79 -1.68
C4C CLA KO . -9.89 -17.86 -1.70
CMC CLA KO . -13.13 -18.97 -3.31
CAC CLA KO . -11.25 -19.88 -0.67
CBC CLA KO . -10.38 -21.07 -1.01
ND CLA KO . -7.61 -16.01 -1.62
C1D CLA KO . -7.72 -16.93 -0.68
C2D CLA KO . -6.64 -16.94 0.32
C3D CLA KO . -5.83 -15.84 -0.21
C4D CLA KO . -6.43 -15.36 -1.29
CMD CLA KO . -6.31 -17.75 1.54
CAD CLA KO . -4.59 -15.10 0.05
OBD CLA KO . -3.95 -15.13 1.15
CBD CLA KO . -4.49 -13.99 -0.94
CGD CLA KO . -4.75 -12.72 -0.22
O1D CLA KO . -5.34 -12.72 0.85
O2D CLA KO . -4.34 -11.45 -0.79
CED CLA KO . -3.86 -10.41 0.06
C1 CLA KO . -5.09 -17.26 -4.14
C2 CLA KO . -6.39 -17.88 -4.56
C3 CLA KO . -6.90 -18.95 -3.93
C4 CLA KO . -6.17 -19.56 -2.77
C5 CLA KO . -8.19 -19.55 -4.38
C6 CLA KO . -8.50 -19.10 -5.79
C7 CLA KO . -9.65 -19.92 -6.34
C8 CLA KO . -10.62 -18.99 -7.07
C9 CLA KO . -11.88 -19.74 -7.47
C10 CLA KO . -9.90 -18.36 -8.25
C11 CLA KO . -10.10 -19.14 -9.53
C12 CLA KO . -9.56 -18.38 -10.72
C13 CLA KO . -9.65 -19.19 -12.00
C14 CLA KO . -9.35 -20.67 -11.81
C15 CLA KO . -8.67 -18.58 -12.98
C16 CLA KO . -9.27 -17.31 -13.57
C17 CLA KO . -8.27 -16.18 -13.54
C18 CLA KO . -7.19 -16.37 -14.59
C19 CLA KO . -7.74 -16.78 -15.95
C20 CLA KO . -6.42 -15.08 -14.74
MG CLA LO . -17.23 -7.72 -7.60
CHA CLA LO . -15.95 -10.24 -5.61
CHB CLA LO . -15.79 -9.34 -10.28
CHC CLA LO . -18.45 -5.26 -9.54
CHD CLA LO . -18.56 -6.15 -4.76
NA CLA LO . -16.04 -9.56 -7.95
C1A CLA LO . -15.65 -10.40 -7.06
C2A CLA LO . -14.87 -11.55 -7.61
C3A CLA LO . -14.79 -11.19 -9.06
C4A CLA LO . -15.59 -9.95 -9.11
CMA CLA LO . -13.38 -11.08 -9.60
CAA CLA LO . -15.71 -12.83 -7.55
CBA CLA LO . -17.15 -12.55 -7.94
CGA CLA LO . -18.06 -13.72 -7.88
O1A CLA LO . -18.02 -14.68 -8.62
O2A CLA LO . -19.05 -13.81 -7.02
NB CLA LO . -17.12 -7.36 -9.62
C1B CLA LO . -16.52 -8.11 -10.55
C2B CLA LO . -16.67 -7.58 -11.92
C3B CLA LO . -17.45 -6.38 -11.67
C4B CLA LO . -17.69 -6.32 -10.22
CMB CLA LO . -16.15 -8.12 -13.21
CAB CLA LO . -17.91 -5.41 -12.65
CBB CLA LO . -17.28 -4.26 -12.74
NC CLA LO . -18.43 -6.02 -7.23
C1C CLA LO . -18.85 -5.15 -8.14
C2C CLA LO . -19.73 -4.09 -7.64
C3C CLA LO . -19.82 -4.42 -6.23
C4C CLA LO . -18.97 -5.62 -6.08
CMC CLA LO . -20.39 -2.98 -8.38
CAC CLA LO . -20.62 -3.73 -5.17
CBC CLA LO . -21.78 -4.61 -4.82
ND CLA LO . -17.33 -8.00 -5.63
C1D CLA LO . -17.83 -7.40 -4.57
C2D CLA LO . -17.55 -8.05 -3.26
C3D CLA LO . -16.79 -9.19 -3.76
C4D CLA LO . -16.71 -9.11 -5.08
CMD CLA LO . -17.83 -7.84 -1.81
CAD CLA LO . -16.09 -10.41 -3.29
OBD CLA LO . -15.75 -10.65 -2.10
CBD CLA LO . -15.47 -11.08 -4.46
CGD CLA LO . -14.01 -10.86 -4.38
O1D CLA LO . -13.59 -9.82 -3.96
O2D CLA LO . -13.06 -11.86 -4.80
CED CLA LO . -11.70 -11.61 -4.52
C1 CLA LO . -20.49 -14.29 -7.47
C2 CLA LO . -21.38 -13.56 -8.45
C3 CLA LO . -22.49 -12.94 -8.02
C4 CLA LO . -22.82 -12.98 -6.55
C5 CLA LO . -23.40 -12.21 -8.97
C6 CLA LO . -24.13 -13.20 -9.86
C7 CLA LO . -25.13 -14.02 -9.07
C8 CLA LO . -25.93 -15.01 -9.92
C9 CLA LO . -26.56 -16.03 -9.00
C10 CLA LO . -25.05 -15.69 -10.96
C11 CLA LO . -25.72 -16.97 -11.49
C12 CLA LO . -25.55 -17.10 -12.99
C13 CLA LO . -25.39 -18.55 -13.40
C14 CLA LO . -25.17 -18.67 -14.90
C15 CLA LO . -26.63 -19.33 -12.97
MG CLA MO . -9.62 -8.01 -18.39
CHA CLA MO . -6.23 -8.80 -18.30
CHB CLA MO . -8.95 -6.06 -21.12
CHC CLA MO . -12.91 -7.34 -18.51
CHD CLA MO . -10.18 -10.15 -15.61
NA CLA MO . -7.84 -7.49 -19.59
C1A CLA MO . -6.63 -7.87 -19.40
C2A CLA MO . -5.65 -7.27 -20.33
C3A CLA MO . -6.52 -6.41 -21.18
C4A CLA MO . -7.86 -6.66 -20.60
CMA CLA MO . -6.07 -4.99 -21.29
CAA CLA MO . -5.07 -8.31 -21.26
CBA CLA MO . -3.57 -8.09 -21.26
CGA CLA MO . -2.97 -9.06 -22.22
O1A CLA MO . -3.53 -9.46 -23.24
O2A CLA MO . -1.76 -9.57 -22.09
NB CLA MO . -10.75 -6.87 -19.66
C1B CLA MO . -10.36 -6.15 -20.71
C2B CLA MO . -11.45 -5.46 -21.40
C3B CLA MO . -12.61 -5.85 -20.61
C4B CLA MO . -12.07 -6.71 -19.54
CMB CLA MO . -11.40 -4.59 -22.62
CAB CLA MO . -14.04 -5.51 -20.75
CBB CLA MO . -14.46 -4.36 -21.23
NC CLA MO . -11.29 -8.67 -17.26
C1C CLA MO . -12.54 -8.28 -17.45
C2C CLA MO . -13.54 -8.86 -16.56
C3C CLA MO . -12.72 -9.71 -15.71
C4C CLA MO . -11.36 -9.52 -16.22
CMC CLA MO . -15.01 -8.62 -16.57
CAC CLA MO . -13.17 -10.60 -14.57
CBC CLA MO . -12.92 -9.93 -13.25
ND CLA MO . -8.59 -9.23 -17.18
C1D CLA MO . -8.81 -10.00 -16.13
C2D CLA MO . -7.62 -10.66 -15.56
C3D CLA MO . -6.62 -10.14 -16.48
C4D CLA MO . -7.23 -9.35 -17.37
CMD CLA MO . -7.30 -11.58 -14.43
CAD CLA MO . -5.18 -10.19 -16.75
OBD CLA MO . -4.33 -10.92 -16.12
CBD CLA MO . -4.87 -9.28 -17.88
CGD CLA MO . -4.10 -8.11 -17.37
O1D CLA MO . -4.57 -7.34 -16.57
O2D CLA MO . -2.75 -7.85 -17.83
CED CLA MO . -1.80 -7.41 -16.87
C1 CLA MO . -1.12 -9.83 -20.65
C2 CLA MO . -1.48 -11.02 -19.79
C3 CLA MO . -0.86 -11.24 -18.63
C4 CLA MO . 0.20 -10.30 -18.15
C5 CLA MO . -1.23 -12.44 -17.79
C6 CLA MO . -0.07 -12.86 -16.91
C7 CLA MO . -0.55 -13.79 -15.81
C8 CLA MO . -1.27 -13.02 -14.71
C9 CLA MO . -0.28 -12.30 -13.82
C10 CLA MO . -2.12 -13.98 -13.90
C11 CLA MO . -3.29 -13.26 -13.25
C12 CLA MO . -3.17 -13.25 -11.73
C13 CLA MO . -3.39 -14.64 -11.15
C14 CLA MO . -4.66 -15.26 -11.69
C15 CLA MO . -3.43 -14.54 -9.63
C16 CLA MO . -4.29 -15.62 -8.98
C17 CLA MO . -5.45 -15.00 -8.21
C18 CLA MO . -6.67 -15.90 -8.20
C19 CLA MO . -7.56 -15.62 -9.39
C20 CLA MO . -6.28 -17.38 -8.16
C1 BCR NO . -29.29 19.12 -4.28
C2 BCR NO . -29.46 20.25 -3.28
C3 BCR NO . -30.08 19.86 -1.94
C4 BCR NO . -29.43 18.61 -1.38
C5 BCR NO . -29.71 17.56 -2.41
C6 BCR NO . -29.25 17.75 -3.64
C7 BCR NO . -28.76 16.60 -4.43
C8 BCR NO . -27.69 15.92 -4.01
C9 BCR NO . -27.20 14.94 -4.65
C10 BCR NO . -26.30 14.27 -4.11
C11 BCR NO . -25.90 13.20 -3.84
C33 BCR NO . -30.49 16.35 -2.02
C31 BCR NO . -27.99 19.33 -5.05
C32 BCR NO . -30.45 19.13 -5.25
C34 BCR NO . -27.66 14.58 -6.03
C12 BCR NO . -25.45 12.10 -3.49
C13 BCR NO . -24.85 10.77 -3.71
C14 BCR NO . -24.41 10.07 -2.67
C15 BCR NO . -23.80 8.76 -2.92
C16 BCR NO . -23.37 7.55 -2.64
C17 BCR NO . -23.07 6.53 -2.08
C18 BCR NO . -23.04 5.54 -1.21
C19 BCR NO . -22.15 4.39 -1.45
C20 BCR NO . -21.93 3.10 -1.36
C21 BCR NO . -21.39 2.04 -1.44
C22 BCR NO . -21.06 0.81 -1.10
C23 BCR NO . -20.14 0.01 -1.90
C24 BCR NO . -19.45 -0.88 -1.22
C25 BCR NO . -18.43 -1.83 -1.68
C26 BCR NO . -18.38 -2.97 -1.01
C27 BCR NO . -17.95 -4.24 -1.68
C28 BCR NO . -16.71 -4.01 -2.53
C29 BCR NO . -16.27 -2.56 -2.59
C30 BCR NO . -17.41 -1.57 -2.78
C35 BCR NO . -24.73 10.23 -5.09
C36 BCR NO . -23.88 5.56 0.02
C37 BCR NO . -21.64 0.24 0.16
C38 BCR NO . -18.75 -3.00 0.44
C39 BCR NO . -18.01 -1.65 -4.17
C40 BCR NO . -16.76 -0.20 -2.71
C1 BCR OO . -8.49 25.84 1.23
C2 BCR OO . -10.00 25.88 1.34
C3 BCR OO . -10.58 24.69 2.11
C4 BCR OO . -9.96 24.61 3.49
C5 BCR OO . -8.47 24.63 3.37
C6 BCR OO . -7.90 24.82 2.19
C7 BCR OO . -6.69 24.09 1.84
C8 BCR OO . -6.66 22.80 1.53
C9 BCR OO . -5.52 22.33 1.27
C10 BCR OO . -5.32 21.65 0.25
C11 BCR OO . -5.13 20.58 -0.18
C33 BCR OO . -7.60 24.43 4.56
C31 BCR OO . -7.90 27.19 1.61
C32 BCR OO . -8.08 25.50 -0.19
C34 BCR OO . -4.38 22.62 2.20
C12 BCR OO . -4.95 19.45 -0.67
C13 BCR OO . -4.26 18.18 -0.91
C14 BCR OO . -4.97 17.22 -1.50
C15 BCR OO . -4.40 15.92 -1.78
C16 BCR OO . -4.59 14.69 -2.19
C17 BCR OO . -4.47 13.54 -2.48
C18 BCR OO . -4.85 12.39 -3.01
C19 BCR OO . -4.05 11.18 -2.93
C20 BCR OO . -3.93 9.98 -3.43
C21 BCR OO . -3.59 8.87 -3.67
C22 BCR OO . -3.70 7.66 -4.19
C23 BCR OO . -2.59 6.71 -4.06
C24 BCR OO . -2.75 5.49 -4.57
C25 BCR OO . -1.73 4.43 -4.54
C26 BCR OO . -1.51 3.70 -3.44
C27 BCR OO . -0.44 2.64 -3.39
C28 BCR OO . -0.16 2.11 -4.77
C29 BCR OO . 0.20 3.29 -5.65
C30 BCR OO . -1.02 4.17 -5.85
C35 BCR OO . -2.84 17.97 -0.53
C36 BCR OO . -6.13 12.31 -3.75
C37 BCR OO . -4.93 7.29 -4.94
C38 BCR OO . -2.32 3.89 -2.19
C39 BCR OO . -2.00 3.52 -6.80
C40 BCR OO . -0.57 5.44 -6.54
C1 LMG PO . -0.39 -5.20 -26.63
O1 LMG PO . -1.37 -6.01 -27.27
C2 LMG PO . 0.32 -4.34 -27.65
O2 LMG PO . 0.98 -5.18 -28.62
C3 LMG PO . 1.35 -3.46 -26.95
O3 LMG PO . 1.97 -2.60 -27.91
C4 LMG PO . 0.66 -2.66 -25.87
O4 LMG PO . -0.32 -1.81 -26.49
C5 LMG PO . -0.06 -3.59 -24.91
O5 LMG PO . 0.18 -1.93 -23.20
C6 LMG PO . -0.77 -2.79 -23.84
O6 LMG PO . -1.01 -4.36 -25.65
C7 LMG PO . -2.01 -6.89 -26.36
C8 LMG PO . -2.75 -7.93 -27.17
C9 LMG PO . -1.81 -9.10 -27.44
O7 LMG PO . -3.89 -8.41 -26.46
C10 LMG PO . -4.99 -7.46 -26.39
O9 LMG PO . -5.07 -6.55 -27.20
C11 LMG PO . -6.05 -7.62 -25.33
C12 LMG PO . -7.35 -8.06 -25.99
C13 LMG PO . -8.49 -8.13 -24.99
C14 LMG PO . -8.21 -9.17 -23.91
C15 LMG PO . -9.40 -9.30 -23.00
C16 LMG PO . -9.12 -10.30 -21.88
C17 LMG PO . -10.32 -10.35 -20.96
C18 LMG PO . -10.25 -11.58 -20.08
C19 LMG PO . -11.29 -11.80 -19.29
C20 LMG PO . -11.32 -13.00 -18.38
C21 LMG PO . -9.99 -13.16 -17.72
C22 LMG PO . -9.87 -13.93 -16.64
C23 LMG PO . -11.07 -14.65 -16.06
O8 LMG PO . -0.56 -8.63 -27.92
C28 LMG PO . 0.03 -9.21 -29.12
O10 LMG PO . -0.70 -9.66 -29.97
C29 LMG PO . 1.54 -9.24 -29.29
C30 LMG PO . 2.05 -10.66 -29.04
C31 LMG PO . 1.50 -11.17 -27.71
C32 LMG PO . 1.51 -12.69 -27.64
C33 LMG PO . 0.60 -13.18 -26.52
C34 LMG PO . -0.84 -12.83 -26.85
C35 LMG PO . -1.65 -12.61 -25.60
C36 LMG PO . -1.79 -13.89 -24.85
C37 LMG PO . -2.60 -13.98 -23.80
C38 LMG PO . -3.38 -12.77 -23.36
C39 LMG PO . -4.22 -13.14 -22.17
C40 LMG PO . -5.14 -12.28 -21.75
C41 LMG PO . -5.99 -12.65 -20.56
C42 LMG PO . -5.02 -13.18 -19.54
C43 LMG PO . -5.45 -13.74 -18.43
C44 LMG PO . -4.40 -14.25 -17.47
C1 BCR QO . -27.65 29.67 -2.35
C2 BCR QO . -28.77 29.37 -1.38
C3 BCR QO . -28.39 29.85 0.00
C4 BCR QO . -28.24 31.35 0.06
C5 BCR QO . -27.69 31.88 -1.23
C6 BCR QO . -27.22 31.10 -2.20
C7 BCR QO . -26.28 31.69 -3.16
C8 BCR QO . -24.96 31.72 -2.98
C9 BCR QO . -24.25 32.28 -3.86
C10 BCR QO . -23.25 31.70 -4.32
C11 BCR QO . -22.08 31.74 -4.39
C33 BCR QO . -27.66 33.36 -1.42
C31 BCR QO . -28.11 29.46 -3.79
C32 BCR QO . -26.48 28.74 -2.04
C34 BCR QO . -24.62 33.65 -4.33
C12 BCR QO . -20.83 31.75 -4.48
C13 BCR QO . -19.53 32.31 -4.87
C14 BCR QO . -18.47 31.51 -4.87
C15 BCR QO . -17.15 32.01 -5.26
C16 BCR QO . -15.85 31.91 -5.49
C17 BCR QO . -14.71 31.54 -5.50
C18 BCR QO . -13.53 31.20 -6.03
C19 BCR QO . -12.35 30.87 -5.23
C20 BCR QO . -11.05 31.04 -5.05
C21 BCR QO . -9.93 31.47 -5.11
C22 BCR QO . -8.62 31.46 -5.28
C23 BCR QO . -7.82 32.67 -5.02
C24 BCR QO . -6.52 32.52 -4.77
C25 BCR QO . -5.56 33.61 -4.47
C26 BCR QO . -5.35 33.98 -3.20
C27 BCR QO . -4.06 34.63 -2.75
C28 BCR QO . -3.45 35.52 -3.82
C29 BCR QO . -4.21 35.59 -5.14
C30 BCR QO . -4.77 34.25 -5.59
C35 BCR QO . -19.43 33.75 -5.26
C36 BCR QO . -13.38 31.09 -7.51
C37 BCR QO . -7.95 30.23 -5.78
C38 BCR QO . -6.37 33.74 -2.13
C39 BCR QO . -3.62 33.33 -5.98
C40 BCR QO . -5.62 34.50 -6.83
MG CLA RO . -67.69 44.73 -31.74
CHA CLA RO . -65.48 45.52 -34.32
CHB CLA RO . -70.21 45.96 -33.72
CHC CLA RO . -69.82 43.79 -29.30
CHD CLA RO . -64.96 43.55 -29.77
NA CLA RO . -67.86 45.61 -33.78
C1A CLA RO . -66.92 45.85 -34.60
C2A CLA RO . -67.38 46.50 -35.89
C3A CLA RO . -68.87 46.64 -35.64
C4A CLA RO . -69.00 46.03 -34.29
CMA CLA RO . -69.55 47.98 -35.88
CAA CLA RO . -67.17 45.52 -37.04
CBA CLA RO . -68.06 45.75 -38.24
CGA CLA RO . -67.50 44.99 -39.42
O1A CLA RO . -66.53 45.35 -40.06
O2A CLA RO . -67.98 43.86 -39.88
NB CLA RO . -69.72 44.86 -31.56
C1B CLA RO . -70.59 45.41 -32.41
C2B CLA RO . -72.01 45.40 -31.93
C3B CLA RO . -71.84 44.76 -30.62
C4B CLA RO . -70.41 44.45 -30.48
CMB CLA RO . -73.21 45.94 -32.64
CAB CLA RO . -72.84 44.43 -29.58
CBB CLA RO . -74.09 44.16 -29.83
NC CLA RO . -67.43 43.78 -29.85
C1C CLA RO . -68.40 43.50 -29.00
C2C CLA RO . -67.99 42.89 -27.73
C3C CLA RO . -66.56 42.80 -27.88
C4C CLA RO . -66.31 43.39 -29.22
CMC CLA RO . -68.83 42.45 -26.57
CAC CLA RO . -65.56 42.27 -26.89
CBC CLA RO . -64.95 40.97 -27.34
ND CLA RO . -65.71 44.51 -31.87
C1D CLA RO . -64.71 44.08 -31.11
C2D CLA RO . -63.36 44.17 -31.72
C3D CLA RO . -63.75 44.76 -33.00
C4D CLA RO . -65.07 44.92 -33.03
CMD CLA RO . -61.94 43.87 -31.36
CAD CLA RO . -63.15 45.22 -34.26
OBD CLA RO . -61.96 44.96 -34.63
CBD CLA RO . -64.24 45.71 -35.14
CGD CLA RO . -63.99 47.16 -35.40
O1D CLA RO . -63.99 47.96 -34.49
O2D CLA RO . -63.72 47.63 -36.74
CED CLA RO . -62.42 48.13 -37.01
C1 CLA RO . -68.25 43.63 -41.44
C2 CLA RO . -68.95 44.64 -42.31
C3 CLA RO . -70.29 44.65 -42.39
C4 CLA RO . -70.97 45.65 -43.25
C5 CLA RO . -71.08 43.66 -41.56
C6 CLA RO . -72.54 43.54 -41.95
C7 CLA RO . -73.08 42.20 -41.45
C8 CLA RO . -74.40 42.36 -40.71
C9 CLA RO . -74.87 41.01 -40.16
C10 CLA RO . -75.43 42.95 -41.65
#